data_9GSX
#
_entry.id   9GSX
#
_cell.length_a   1.00
_cell.length_b   1.00
_cell.length_c   1.00
_cell.angle_alpha   90.00
_cell.angle_beta   90.00
_cell.angle_gamma   90.00
#
_symmetry.space_group_name_H-M   'P 1'
#
loop_
_entity.id
_entity.type
_entity.pdbx_description
1 polymer Flagellin
2 polymer 'Flagellar hook-associated protein 1'
3 polymer 'Flagellar hook-associated protein 2'
#
loop_
_entity_poly.entity_id
_entity_poly.type
_entity_poly.pdbx_seq_one_letter_code
_entity_poly.pdbx_strand_id
1 'polypeptide(L)'
;MRITNKLNFTNSVNNSMGGQSALYQISQQLASGLKIQNSYEDASTYIDNTRLEYEIKTLEQVKESTSRAQEMTQNSMKAL
QDMVKLLEDFKVKVTQAASDSNSQTSREAIAKELERIKESIVQLANTSVNGQYLFAGSQVANKPFDSNGNYYGDKNNINV
VTGAGTESPYNIPGWDLFFKADGDYKKQISTNVSFTDNRWDLNKDPDKTKYLTGDSKWQQLIGQGYVKDNSLDADKDFEY
DDSKLDFPPTTLYVQGTKPDGTSFKSAVLVKPEDTLEDVMENIGALYGNTPNNKVVEVSMNDSGQIQITDLKQGNNKLDF
HAVAFTPQADTKDELKNIIEAANQEGISMNEVTNRVMQASTAAPSNGDITKLNNPVTVTINNQQFTIDLKQTDFIKSKMT
DTDGNAANGADYDNVYFEKNGNTVYGNVSQVIKGSNAYATDSTKLSEVMAGDSLNGTTLNLKVNSKGGNSYDVTINLQTS
TVSYPDPNNPGQTISFPIMHTNPATGNSGVVTGSNDITYGQINDIIGMFAADKIPTTTIQANNGQINNADYTQIQQLMKD
SQATVDVSMDYKGRISVTDKLSSGTNIEISLSDSQSGQFPAPPFTTTSTVQNGPNFSFSANNSLTIDEPNVDIIKDLDSM
IDAVLKGNMRADSESENPRNTGMQGALERLDHLADHVSKLNTTMGAYHNTIEGVNTRTSFLSVNVQSIKSNVIDVDYGEA
MMNLMQVQLAYQASLKASTTISQLSLLNYM
;
A,B,C,D,E,F,G,H,I,J,K
2 'polypeptide(L)'
;MGIFGTLYTGVTGLKASEVQIATTGNNISNANATFYTRQRVVQTTNGYITTGGVQVGTGTAVESIVRLHDEYSYYKLKGA
SNQLEYTKYMASTLQEIAQRFPDLQNTGILQDLENYNKAWNDFASNPNENATKIALVKASQTLTESVNNTFATLDKIQKK
VNDDIKNTVDEINKIGEEIATINKQIYGQEALPTEHANELRDRRDELELTLSKLVSAVASKNEINQDNRLDTTITDPGHQ
YNLSIEGFSIVDGINFHPLKLDYDDKNKSYSIYYETPDEKVRDLTAKISGGQLGAQLDLRGRNYSKSEGKYEDGIIQGYM
DSLDTFAKTMINETNNLYASSAKSSVTSDYLSGLKGDIPLVNYDRTIQPGSFDIVIYDDKGDKKLTKTITIDVNTTMNDI
MRQINANTDDNDNKNSNDDVDDHINASFSYDAKTGDGLFQINAKSGFKVAIEDKGTNFAGAFSIGGFFSGTDASDMKVKD
SILNDPSTVRASSNGVDSGNDMANKIIQLQYDKVNFYNEDGTIDNLTMEEYYRKLTGKIASDGENNNVVNSSNETLYNSV
YSEYQSKSGVNTNEELAALIQYQSSYGAAAKIVSTVDQMLDTLLGLKS
;
L,M,N,O,P,Q,R,S,T,U,V
3 'polypeptide(L)'
;MAFGSLSSLGFGSGVLTQDTIDKLKEAEQKARIDPYTKKIEENTTKQKDLTEIKTKLLSFQTAVSSLADATVFAKRKVVG
SISDNPPASLTVNSGVALQSMNINVTQLAQKDVYQSKGLANDGGFVNAQLNGTADLTFFSNGKEYTVTVDKNTTYRDLAD
KINEASGGEIVAKIVNTGEKGTPYRLTLTSKETGEDSAISFYAGKKDSNGKYQKDINAEKIFDDLGWGLDVSASIDPDKD
KKGYGIKDASLHIQTAQNAEFTLDGIKMFRSSNTVTDLGVGMTLTLNKTGEINFDVQQDFEGVTKAMQDLVDAYNDLVTN
LNAATDYNSETGTKGTLQGISEVNSIRSSILADLFDSQVVDGTTEDANGNKVNTKVMLSMQDFGLSLNDAGTLSFDSSKF
EQKVKEDPDSTESFFSNITKYEDINHTGEVIKTGSLSKYLNSNGGNTNGLEFKPGDFTIVFNNQTYDLSKNSDGTNFKLT
GKTEEELLQNLANHINSKGIEGLKVKVESYNQNNVTGFRLNFSGDGSSDFSIKGDANILKELGLSDVNITSKPIEGKGIF
SKLKATLQEMTGKDGSITKYDESLTNDIKSLNTSKDSTQAMIDTRYDTMANQWLQYESILNKLNQQLNTVTNMINAANNS
NN
;
W,X,Y,Z,a
#
# COMPACT_ATOMS: atom_id res chain seq x y z
N LEU A 7 56.52 2.04 25.06
CA LEU A 7 56.82 2.45 23.70
C LEU A 7 55.87 1.77 22.73
N ASN A 8 55.60 0.49 22.96
CA ASN A 8 54.77 -0.26 22.01
C ASN A 8 53.38 0.33 21.88
N PHE A 9 52.68 0.50 23.00
CA PHE A 9 51.32 1.00 22.90
C PHE A 9 51.35 2.50 22.73
N THR A 10 52.51 3.12 22.95
CA THR A 10 52.60 4.55 22.69
C THR A 10 52.50 4.68 21.19
N ASN A 11 53.20 3.80 20.48
CA ASN A 11 53.13 3.80 19.02
C ASN A 11 51.74 3.37 18.59
N SER A 12 51.13 2.49 19.37
CA SER A 12 49.79 2.05 19.04
C SER A 12 48.85 3.25 19.04
N VAL A 13 49.01 4.12 20.03
CA VAL A 13 48.17 5.29 20.15
C VAL A 13 48.51 6.29 19.07
N ASN A 14 49.78 6.36 18.72
CA ASN A 14 50.18 7.23 17.63
C ASN A 14 49.40 6.82 16.41
N ASN A 15 49.30 5.51 16.18
CA ASN A 15 48.57 5.01 15.03
C ASN A 15 47.11 5.35 15.15
N SER A 16 46.53 5.08 16.32
CA SER A 16 45.13 5.40 16.56
C SER A 16 44.78 6.81 16.13
N MET A 17 45.61 7.80 16.46
CA MET A 17 45.36 9.16 16.03
C MET A 17 45.22 9.24 14.52
N GLY A 18 46.14 8.61 13.79
CA GLY A 18 46.06 8.62 12.34
C GLY A 18 44.77 8.01 11.84
N GLY A 19 44.40 6.85 12.38
CA GLY A 19 43.17 6.21 11.95
C GLY A 19 41.94 7.00 12.34
N GLN A 20 41.92 7.54 13.56
CA GLN A 20 40.80 8.38 13.96
C GLN A 20 40.54 9.47 12.93
N SER A 21 41.59 10.22 12.61
CA SER A 21 41.45 11.25 11.58
C SER A 21 41.13 10.63 10.24
N ALA A 22 42.08 9.86 9.68
CA ALA A 22 42.02 9.50 8.28
C ALA A 22 40.68 8.89 7.92
N LEU A 23 40.17 7.99 8.76
CA LEU A 23 38.87 7.40 8.50
C LEU A 23 37.79 8.46 8.48
N TYR A 24 37.84 9.40 9.42
CA TYR A 24 36.79 10.41 9.46
C TYR A 24 36.85 11.32 8.24
N GLN A 25 38.03 11.82 7.89
CA GLN A 25 38.10 12.77 6.78
C GLN A 25 37.55 12.15 5.50
N ILE A 26 37.83 10.87 5.29
CA ILE A 26 37.25 10.19 4.13
C ILE A 26 35.73 10.18 4.23
N SER A 27 35.22 10.05 5.45
CA SER A 27 33.77 9.99 5.63
C SER A 27 33.08 11.24 5.12
N GLN A 28 33.73 12.39 5.21
CA GLN A 28 33.11 13.62 4.71
C GLN A 28 32.98 13.60 3.19
N GLN A 29 33.96 13.00 2.50
CA GLN A 29 33.78 12.80 1.07
C GLN A 29 32.51 12.01 0.80
N LEU A 30 32.23 11.01 1.65
CA LEU A 30 30.95 10.32 1.57
C LEU A 30 29.80 11.23 1.97
N ALA A 31 29.92 11.90 3.12
CA ALA A 31 28.86 12.78 3.58
C ALA A 31 28.64 13.92 2.59
N SER A 32 29.73 14.55 2.16
CA SER A 32 29.62 15.60 1.15
C SER A 32 29.32 15.03 -0.23
N GLY A 33 29.64 13.76 -0.45
CA GLY A 33 29.59 13.20 -1.78
C GLY A 33 30.57 13.84 -2.72
N LEU A 34 31.64 14.42 -2.20
CA LEU A 34 32.55 15.23 -2.99
C LEU A 34 33.95 14.69 -2.81
N LYS A 35 34.77 14.73 -3.87
CA LYS A 35 36.11 14.18 -3.79
C LYS A 35 36.88 14.77 -2.61
N ILE A 36 36.73 16.08 -2.40
CA ILE A 36 37.60 16.84 -1.51
C ILE A 36 36.82 18.05 -1.00
N GLN A 37 37.25 18.58 0.15
CA GLN A 37 36.43 19.52 0.90
C GLN A 37 37.12 20.82 1.29
N ASN A 38 38.44 20.89 1.27
CA ASN A 38 39.13 22.11 1.64
C ASN A 38 40.33 22.33 0.72
N SER A 39 40.53 23.61 0.37
CA SER A 39 41.40 23.98 -0.76
C SER A 39 42.71 23.21 -0.75
N TYR A 40 43.27 22.96 0.42
CA TYR A 40 44.62 22.44 0.55
C TYR A 40 44.70 20.95 0.29
N GLU A 41 43.66 20.37 -0.30
CA GLU A 41 43.60 18.94 -0.51
C GLU A 41 43.84 18.56 -1.96
N ASP A 42 43.14 19.18 -2.90
CA ASP A 42 43.61 19.25 -4.28
C ASP A 42 43.13 20.57 -4.86
N ALA A 43 43.99 21.60 -4.76
CA ALA A 43 43.58 22.93 -5.18
C ALA A 43 43.24 22.97 -6.66
N SER A 44 43.98 22.23 -7.48
CA SER A 44 43.69 22.20 -8.91
C SER A 44 42.25 21.77 -9.15
N THR A 45 41.85 20.64 -8.57
CA THR A 45 40.46 20.19 -8.70
C THR A 45 39.52 21.26 -8.19
N TYR A 46 39.79 21.79 -6.99
CA TYR A 46 38.99 22.87 -6.44
C TYR A 46 38.93 24.04 -7.41
N ILE A 47 40.07 24.68 -7.64
CA ILE A 47 40.09 25.97 -8.31
C ILE A 47 39.72 25.85 -9.77
N ASP A 48 40.21 24.80 -10.44
CA ASP A 48 39.73 24.52 -11.78
C ASP A 48 38.22 24.49 -11.81
N ASN A 49 37.61 23.80 -10.82
CA ASN A 49 36.17 23.68 -10.79
C ASN A 49 35.52 25.05 -10.61
N THR A 50 36.07 25.89 -9.74
CA THR A 50 35.50 27.21 -9.51
C THR A 50 35.32 27.96 -10.82
N ARG A 51 36.26 27.80 -11.75
CA ARG A 51 36.11 28.42 -13.06
C ARG A 51 34.81 27.95 -13.72
N LEU A 52 34.53 26.66 -13.64
CA LEU A 52 33.29 26.13 -14.22
C LEU A 52 32.07 26.77 -13.58
N GLU A 53 32.09 26.95 -12.26
CA GLU A 53 30.98 27.62 -11.60
C GLU A 53 30.82 29.05 -12.09
N TYR A 54 31.93 29.80 -12.19
CA TYR A 54 31.82 31.15 -12.73
C TYR A 54 31.18 31.13 -14.10
N GLU A 55 31.49 30.12 -14.91
CA GLU A 55 30.85 29.97 -16.20
C GLU A 55 29.34 29.86 -16.04
N ILE A 56 28.88 28.93 -15.20
CA ILE A 56 27.45 28.84 -14.92
C ILE A 56 26.97 30.11 -14.27
N LYS A 57 27.70 30.58 -13.26
CA LYS A 57 27.36 31.80 -12.56
C LYS A 57 27.15 32.96 -13.53
N THR A 58 28.03 33.07 -14.53
CA THR A 58 27.85 34.09 -15.55
C THR A 58 26.71 33.72 -16.50
N LEU A 59 26.65 32.45 -16.90
CA LEU A 59 25.60 32.02 -17.82
C LEU A 59 24.21 32.38 -17.27
N GLU A 60 24.03 32.27 -15.96
CA GLU A 60 22.74 32.60 -15.37
C GLU A 60 22.40 34.07 -15.60
N GLN A 61 23.40 34.95 -15.45
CA GLN A 61 23.17 36.38 -15.66
C GLN A 61 22.65 36.64 -17.08
N VAL A 62 23.18 35.93 -18.06
CA VAL A 62 22.70 36.10 -19.43
C VAL A 62 21.25 35.65 -19.55
N LYS A 63 20.92 34.49 -18.98
CA LYS A 63 19.59 33.92 -19.16
C LYS A 63 18.52 34.89 -18.66
N GLU A 64 18.70 35.42 -17.44
CA GLU A 64 17.76 36.42 -16.96
C GLU A 64 17.78 37.65 -17.84
N SER A 65 18.96 38.07 -18.29
CA SER A 65 19.04 39.24 -19.17
C SER A 65 18.26 39.00 -20.45
N THR A 66 18.48 37.84 -21.08
CA THR A 66 17.71 37.49 -22.26
C THR A 66 16.23 37.42 -21.93
N SER A 67 15.89 36.88 -20.76
CA SER A 67 14.50 36.72 -20.39
C SER A 67 13.78 38.06 -20.34
N ARG A 68 14.38 39.05 -19.69
CA ARG A 68 13.68 40.31 -19.47
C ARG A 68 13.48 41.08 -20.76
N ALA A 69 14.39 40.92 -21.73
CA ALA A 69 14.19 41.54 -23.02
C ALA A 69 13.14 40.78 -23.85
N GLN A 70 13.16 39.46 -23.78
CA GLN A 70 12.22 38.67 -24.58
C GLN A 70 10.79 39.09 -24.32
N GLU A 71 10.42 39.28 -23.06
CA GLU A 71 9.08 39.73 -22.73
C GLU A 71 8.78 41.08 -23.36
N MET A 72 9.73 42.01 -23.29
CA MET A 72 9.50 43.31 -23.88
C MET A 72 9.27 43.19 -25.37
N THR A 73 9.96 42.24 -26.02
CA THR A 73 9.72 42.00 -27.44
C THR A 73 8.27 41.62 -27.69
N GLN A 74 7.77 40.61 -26.97
CA GLN A 74 6.41 40.15 -27.23
C GLN A 74 5.40 41.27 -27.01
N ASN A 75 5.58 42.04 -25.94
CA ASN A 75 4.75 43.23 -25.77
C ASN A 75 5.06 44.27 -26.83
N SER A 76 6.32 44.36 -27.24
CA SER A 76 6.68 45.29 -28.30
C SER A 76 6.08 44.86 -29.64
N MET A 77 6.22 43.58 -30.00
CA MET A 77 5.55 43.08 -31.19
C MET A 77 4.04 43.28 -31.07
N LYS A 78 3.50 42.97 -29.88
CA LYS A 78 2.08 43.17 -29.65
C LYS A 78 1.69 44.62 -29.92
N ALA A 79 2.41 45.57 -29.33
CA ALA A 79 2.05 46.98 -29.48
C ALA A 79 2.13 47.40 -30.95
N LEU A 80 3.16 46.98 -31.66
CA LEU A 80 3.36 47.44 -33.04
C LEU A 80 2.15 47.09 -33.90
N GLN A 81 1.74 45.82 -33.88
CA GLN A 81 0.60 45.43 -34.68
C GLN A 81 -0.68 46.10 -34.19
N ASP A 82 -0.78 46.34 -32.88
CA ASP A 82 -1.92 47.11 -32.37
C ASP A 82 -1.99 48.46 -33.07
N MET A 83 -0.85 49.13 -33.22
CA MET A 83 -0.80 50.32 -34.05
C MET A 83 -1.23 50.02 -35.48
N VAL A 84 -0.79 48.89 -36.03
CA VAL A 84 -1.15 48.55 -37.40
C VAL A 84 -2.66 48.47 -37.56
N LYS A 85 -3.33 47.87 -36.57
CA LYS A 85 -4.78 47.76 -36.64
C LYS A 85 -5.42 49.14 -36.76
N LEU A 86 -4.95 50.11 -35.99
CA LEU A 86 -5.48 51.46 -36.14
C LEU A 86 -5.18 52.02 -37.51
N LEU A 87 -4.01 51.70 -38.08
CA LEU A 87 -3.79 51.98 -39.50
C LEU A 87 -4.82 51.26 -40.34
N GLU A 88 -5.06 49.98 -40.05
CA GLU A 88 -6.06 49.23 -40.79
C GLU A 88 -7.44 49.85 -40.62
N ASP A 89 -7.79 50.20 -39.37
CA ASP A 89 -9.07 50.86 -39.13
C ASP A 89 -9.10 52.25 -39.74
N PHE A 90 -7.94 52.91 -39.85
CA PHE A 90 -7.90 54.24 -40.43
C PHE A 90 -8.39 54.22 -41.88
N LYS A 91 -7.81 53.34 -42.70
CA LYS A 91 -8.09 53.38 -44.13
C LYS A 91 -9.45 52.80 -44.46
N VAL A 92 -9.96 51.88 -43.63
CA VAL A 92 -11.28 51.31 -43.89
C VAL A 92 -12.34 52.41 -43.86
N LYS A 93 -12.33 53.23 -42.82
CA LYS A 93 -13.25 54.36 -42.77
C LYS A 93 -13.00 55.30 -43.93
N VAL A 94 -11.73 55.49 -44.30
CA VAL A 94 -11.40 56.26 -45.49
C VAL A 94 -12.01 55.59 -46.73
N THR A 95 -12.02 54.27 -46.77
CA THR A 95 -12.46 53.57 -47.98
C THR A 95 -13.90 53.95 -48.33
N GLN A 96 -14.81 53.88 -47.35
CA GLN A 96 -16.17 54.30 -47.63
C GLN A 96 -16.28 55.81 -47.79
N ALA A 97 -15.33 56.56 -47.21
CA ALA A 97 -15.38 58.02 -47.33
C ALA A 97 -15.24 58.48 -48.76
N ALA A 98 -14.74 57.62 -49.66
CA ALA A 98 -14.48 58.03 -51.03
C ALA A 98 -15.76 58.39 -51.77
N SER A 99 -16.92 58.01 -51.23
CA SER A 99 -18.20 58.30 -51.87
C SER A 99 -18.36 59.80 -52.11
N ASP A 100 -19.32 60.17 -52.97
CA ASP A 100 -19.39 61.52 -53.51
C ASP A 100 -20.67 62.29 -53.18
N SER A 101 -21.80 61.62 -52.98
CA SER A 101 -23.03 62.34 -52.70
C SER A 101 -23.04 62.99 -51.33
N ASN A 102 -21.98 62.80 -50.54
CA ASN A 102 -22.01 63.14 -49.13
C ASN A 102 -22.00 64.65 -48.90
N SER A 103 -22.53 65.04 -47.75
CA SER A 103 -22.53 66.43 -47.32
C SER A 103 -21.20 66.77 -46.66
N GLN A 104 -21.05 68.05 -46.31
CA GLN A 104 -19.83 68.49 -45.65
C GLN A 104 -19.68 67.85 -44.27
N THR A 105 -20.74 67.88 -43.46
CA THR A 105 -20.67 67.25 -42.15
C THR A 105 -20.43 65.76 -42.28
N SER A 106 -20.92 65.14 -43.35
CA SER A 106 -20.56 63.75 -43.63
C SER A 106 -19.05 63.62 -43.78
N ARG A 107 -18.43 64.54 -44.52
CA ARG A 107 -16.97 64.57 -44.57
C ARG A 107 -16.39 64.74 -43.18
N GLU A 108 -16.97 65.66 -42.40
CA GLU A 108 -16.62 65.73 -40.98
C GLU A 108 -16.93 64.41 -40.30
N ALA A 109 -18.13 63.86 -40.56
CA ALA A 109 -18.64 62.75 -39.79
C ALA A 109 -17.64 61.60 -39.73
N ILE A 110 -17.02 61.28 -40.87
CA ILE A 110 -15.97 60.27 -40.88
C ILE A 110 -14.66 60.87 -40.37
N ALA A 111 -14.26 62.01 -40.93
CA ALA A 111 -12.93 62.55 -40.66
C ALA A 111 -12.67 62.72 -39.18
N LYS A 112 -13.71 63.04 -38.40
CA LYS A 112 -13.50 63.34 -36.99
C LYS A 112 -12.99 62.12 -36.23
N GLU A 113 -13.57 60.95 -36.48
CA GLU A 113 -13.05 59.74 -35.87
C GLU A 113 -11.61 59.51 -36.29
N LEU A 114 -11.32 59.71 -37.57
CA LEU A 114 -9.96 59.53 -38.06
C LEU A 114 -9.02 60.53 -37.40
N GLU A 115 -9.52 61.74 -37.12
CA GLU A 115 -8.70 62.71 -36.41
C GLU A 115 -8.31 62.19 -35.03
N ARG A 116 -9.25 61.59 -34.32
CA ARG A 116 -8.90 61.04 -33.01
C ARG A 116 -7.94 59.87 -33.15
N ILE A 117 -8.13 59.04 -34.17
CA ILE A 117 -7.15 57.98 -34.41
C ILE A 117 -5.78 58.58 -34.65
N LYS A 118 -5.72 59.70 -35.39
CA LYS A 118 -4.45 60.39 -35.58
C LYS A 118 -3.80 60.71 -34.25
N GLU A 119 -4.43 61.59 -33.47
CA GLU A 119 -3.87 61.98 -32.19
C GLU A 119 -3.74 60.80 -31.25
N SER A 120 -4.70 59.86 -31.29
CA SER A 120 -4.59 58.69 -30.44
C SER A 120 -3.32 57.90 -30.76
N ILE A 121 -3.06 57.68 -32.05
CA ILE A 121 -1.80 57.05 -32.44
C ILE A 121 -0.62 57.84 -31.90
N VAL A 122 -0.74 59.17 -31.89
CA VAL A 122 0.31 59.99 -31.31
C VAL A 122 0.45 59.69 -29.82
N GLN A 123 -0.67 59.47 -29.12
CA GLN A 123 -0.58 59.06 -27.73
C GLN A 123 0.18 57.75 -27.60
N LEU A 124 -0.23 56.75 -28.36
CA LEU A 124 0.37 55.43 -28.23
C LEU A 124 1.82 55.44 -28.69
N ALA A 125 2.15 56.31 -29.64
CA ALA A 125 3.54 56.44 -30.08
C ALA A 125 4.42 57.01 -28.98
N ASN A 126 3.89 57.93 -28.19
CA ASN A 126 4.69 58.57 -27.14
C ASN A 126 4.83 57.70 -25.91
N THR A 127 4.26 56.49 -25.92
CA THR A 127 4.21 55.64 -24.74
C THR A 127 5.60 55.35 -24.19
N SER A 128 5.68 55.25 -22.87
CA SER A 128 6.85 54.71 -22.19
C SER A 128 6.41 53.67 -21.16
N VAL A 129 7.27 52.67 -20.99
CA VAL A 129 7.18 51.81 -19.81
C VAL A 129 8.14 52.37 -18.77
N ASN A 130 7.58 52.89 -17.67
CA ASN A 130 8.38 53.46 -16.60
C ASN A 130 9.25 54.60 -17.08
N GLY A 131 8.71 55.44 -17.97
CA GLY A 131 9.48 56.53 -18.52
C GLY A 131 10.49 56.11 -19.57
N GLN A 132 10.50 54.83 -19.93
CA GLN A 132 11.39 54.32 -20.98
C GLN A 132 10.58 54.35 -22.27
N TYR A 133 10.76 55.43 -23.03
CA TYR A 133 9.87 55.72 -24.15
C TYR A 133 10.20 54.82 -25.34
N LEU A 134 9.23 53.99 -25.71
CA LEU A 134 9.48 52.79 -26.49
C LEU A 134 10.09 53.04 -27.86
N PHE A 135 10.27 54.30 -28.28
CA PHE A 135 10.77 54.55 -29.63
C PHE A 135 11.76 55.71 -29.71
N ALA A 136 12.53 55.99 -28.66
CA ALA A 136 13.46 57.11 -28.66
C ALA A 136 14.90 56.66 -28.92
N GLY A 137 15.07 55.61 -29.72
CA GLY A 137 16.40 55.25 -30.21
C GLY A 137 17.32 54.79 -29.09
N SER A 138 18.58 55.21 -29.15
CA SER A 138 19.53 54.91 -28.10
C SER A 138 19.36 55.81 -26.88
N GLN A 139 18.33 56.66 -26.88
CA GLN A 139 18.21 57.75 -25.92
C GLN A 139 16.79 57.80 -25.34
N VAL A 140 16.31 56.67 -24.83
CA VAL A 140 14.90 56.36 -24.59
C VAL A 140 14.25 57.03 -23.37
N ALA A 141 14.99 57.86 -22.65
CA ALA A 141 14.39 58.47 -21.46
C ALA A 141 13.45 59.62 -21.80
N ASN A 142 13.05 59.76 -23.07
CA ASN A 142 12.43 61.00 -23.56
C ASN A 142 11.08 60.74 -24.21
N LYS A 143 10.08 61.55 -23.83
CA LYS A 143 8.83 61.63 -24.57
C LYS A 143 9.20 61.89 -26.02
N PRO A 144 8.89 60.97 -26.94
CA PRO A 144 9.54 61.02 -28.27
C PRO A 144 8.86 61.90 -29.31
N PHE A 145 7.57 62.21 -29.19
CA PHE A 145 6.86 62.76 -30.33
C PHE A 145 5.95 63.91 -29.91
N ASP A 146 5.37 64.54 -30.93
CA ASP A 146 4.33 65.55 -30.77
C ASP A 146 3.22 65.27 -31.78
N SER A 147 2.18 66.10 -31.72
CA SER A 147 1.02 65.92 -32.60
C SER A 147 1.30 66.32 -34.04
N ASN A 148 2.45 66.91 -34.36
CA ASN A 148 2.82 67.20 -35.74
C ASN A 148 3.84 66.20 -36.28
N GLY A 149 4.12 65.14 -35.53
CA GLY A 149 5.04 64.12 -35.97
C GLY A 149 6.50 64.40 -35.71
N ASN A 150 6.83 65.56 -35.16
CA ASN A 150 8.23 65.85 -34.88
C ASN A 150 8.70 65.01 -33.70
N TYR A 151 10.00 64.75 -33.68
CA TYR A 151 10.59 63.67 -32.91
C TYR A 151 11.37 64.21 -31.72
N TYR A 152 11.41 63.43 -30.65
CA TYR A 152 12.04 63.87 -29.41
C TYR A 152 12.83 62.75 -28.76
N GLY A 153 13.42 61.89 -29.59
CA GLY A 153 14.39 60.91 -29.11
C GLY A 153 15.71 61.11 -29.84
N ASP A 154 16.37 60.02 -30.23
CA ASP A 154 17.54 60.09 -31.09
C ASP A 154 17.42 59.03 -32.20
N LYS A 155 18.44 58.98 -33.05
CA LYS A 155 18.44 58.14 -34.23
C LYS A 155 19.18 56.82 -34.03
N ASN A 156 19.79 56.60 -32.86
CA ASN A 156 20.54 55.38 -32.61
C ASN A 156 19.64 54.33 -31.97
N ASN A 157 20.22 53.25 -31.44
CA ASN A 157 19.45 52.09 -31.00
C ASN A 157 20.06 51.55 -29.72
N ILE A 158 19.28 51.49 -28.64
CA ILE A 158 19.80 50.86 -27.43
C ILE A 158 20.19 49.42 -27.71
N ASN A 159 21.11 48.91 -26.91
CA ASN A 159 21.68 47.60 -27.09
C ASN A 159 22.13 47.09 -25.73
N VAL A 160 22.31 45.77 -25.63
CA VAL A 160 22.87 45.18 -24.42
C VAL A 160 23.68 43.96 -24.83
N VAL A 161 24.77 43.74 -24.12
CA VAL A 161 25.85 42.87 -24.57
C VAL A 161 25.56 41.44 -24.16
N THR A 162 25.67 40.52 -25.12
CA THR A 162 25.50 39.08 -24.88
C THR A 162 26.40 38.35 -25.87
N GLY A 163 27.56 37.92 -25.41
CA GLY A 163 28.45 37.11 -26.22
C GLY A 163 29.82 37.05 -25.60
N ALA A 164 30.74 36.37 -26.28
CA ALA A 164 32.14 36.43 -25.91
C ALA A 164 32.68 37.77 -26.37
N GLY A 165 32.13 38.85 -25.82
CA GLY A 165 32.37 40.18 -26.35
C GLY A 165 31.50 40.49 -27.55
N THR A 166 30.18 40.50 -27.35
CA THR A 166 29.24 40.82 -28.42
C THR A 166 28.15 41.74 -27.89
N GLU A 167 27.59 42.54 -28.80
CA GLU A 167 26.55 43.50 -28.48
C GLU A 167 25.24 43.08 -29.15
N SER A 168 24.12 43.58 -28.62
CA SER A 168 22.80 43.24 -29.15
C SER A 168 21.92 44.49 -29.17
N PRO A 169 21.86 45.21 -30.30
CA PRO A 169 20.97 46.38 -30.39
C PRO A 169 19.58 46.04 -30.86
N TYR A 170 18.56 46.66 -30.26
CA TYR A 170 17.19 46.34 -30.58
C TYR A 170 16.27 47.55 -30.74
N ASN A 171 16.56 48.64 -30.03
CA ASN A 171 15.56 49.68 -29.81
C ASN A 171 15.36 50.54 -31.06
N ILE A 172 14.11 50.97 -31.26
CA ILE A 172 13.73 51.77 -32.42
C ILE A 172 14.08 53.24 -32.21
N PRO A 173 14.83 53.87 -33.13
CA PRO A 173 14.83 55.34 -33.18
C PRO A 173 13.60 55.87 -33.88
N GLY A 174 12.77 56.62 -33.17
CA GLY A 174 11.52 57.09 -33.75
C GLY A 174 11.71 57.94 -34.99
N TRP A 175 12.81 58.70 -35.04
CA TRP A 175 13.08 59.51 -36.22
C TRP A 175 13.06 58.66 -37.48
N ASP A 176 13.99 57.71 -37.56
CA ASP A 176 14.07 56.86 -38.75
C ASP A 176 12.74 56.15 -38.98
N LEU A 177 12.10 55.72 -37.91
CA LEU A 177 10.74 55.20 -38.03
C LEU A 177 9.84 56.21 -38.74
N PHE A 178 9.94 57.48 -38.35
CA PHE A 178 9.08 58.49 -38.98
C PHE A 178 9.70 59.08 -40.23
N PHE A 179 10.98 58.87 -40.47
CA PHE A 179 11.65 59.61 -41.53
C PHE A 179 12.67 58.82 -42.33
N LYS A 180 12.76 57.50 -42.17
CA LYS A 180 13.70 56.72 -42.95
C LYS A 180 13.12 56.50 -44.35
N ALA A 181 13.91 55.91 -45.24
CA ALA A 181 13.51 55.69 -46.62
C ALA A 181 13.69 54.22 -46.98
N ASP A 182 13.00 53.81 -48.05
CA ASP A 182 13.01 52.42 -48.51
C ASP A 182 13.50 52.36 -49.95
N GLY A 183 14.19 51.28 -50.28
CA GLY A 183 14.74 51.09 -51.62
C GLY A 183 13.77 50.52 -52.63
N ASP A 184 12.68 49.88 -52.20
CA ASP A 184 11.68 49.45 -53.16
C ASP A 184 11.06 50.61 -53.91
N TYR A 185 11.18 51.82 -53.38
CA TYR A 185 10.32 52.91 -53.79
C TYR A 185 11.08 53.98 -54.54
N LYS A 186 10.30 54.90 -55.10
CA LYS A 186 10.77 55.95 -55.98
C LYS A 186 9.88 57.16 -55.71
N LYS A 187 10.25 58.29 -56.28
CA LYS A 187 9.54 59.53 -56.00
C LYS A 187 8.61 59.89 -57.15
N GLN A 188 7.33 59.99 -56.84
CA GLN A 188 6.30 60.38 -57.79
C GLN A 188 6.25 61.89 -57.88
N ILE A 189 5.82 62.39 -59.04
CA ILE A 189 5.84 63.82 -59.30
C ILE A 189 4.87 64.14 -60.44
N SER A 190 4.21 65.29 -60.33
CA SER A 190 3.11 65.62 -61.24
C SER A 190 2.94 67.14 -61.32
N THR A 191 2.17 67.58 -62.30
CA THR A 191 1.82 68.99 -62.44
C THR A 191 0.59 69.32 -61.60
N ASN A 192 0.38 70.61 -61.37
CA ASN A 192 -0.81 71.10 -60.69
C ASN A 192 -1.71 71.91 -61.61
N VAL A 193 -1.15 72.72 -62.52
CA VAL A 193 -1.98 73.33 -63.53
C VAL A 193 -2.65 72.22 -64.33
N SER A 194 -3.90 72.43 -64.70
CA SER A 194 -4.70 71.42 -65.39
C SER A 194 -5.28 72.04 -66.66
N PHE A 195 -5.60 71.17 -67.62
CA PHE A 195 -5.78 71.64 -69.00
C PHE A 195 -6.97 70.95 -69.65
N THR A 196 -7.51 71.62 -70.67
CA THR A 196 -8.85 71.36 -71.15
C THR A 196 -8.95 71.84 -72.60
N ASP A 197 -9.97 71.34 -73.30
CA ASP A 197 -10.26 71.82 -74.65
C ASP A 197 -11.12 73.08 -74.60
N ASN A 198 -10.49 74.25 -74.76
CA ASN A 198 -11.19 75.52 -74.62
C ASN A 198 -11.76 75.99 -75.95
N ARG A 199 -12.00 75.06 -76.89
CA ARG A 199 -12.47 75.44 -78.22
C ARG A 199 -13.85 76.09 -78.19
N TRP A 200 -14.43 76.21 -77.01
CA TRP A 200 -15.65 77.00 -76.82
C TRP A 200 -15.55 77.70 -75.47
N ASP A 201 -16.42 78.68 -75.26
CA ASP A 201 -16.41 79.43 -74.00
C ASP A 201 -16.91 78.50 -72.91
N LEU A 202 -15.99 77.96 -72.13
CA LEU A 202 -16.35 77.03 -71.09
C LEU A 202 -16.97 77.69 -69.90
N ASN A 203 -17.19 79.02 -69.95
CA ASN A 203 -18.14 79.63 -69.04
C ASN A 203 -19.57 79.30 -69.45
N LYS A 204 -19.85 79.36 -70.75
CA LYS A 204 -21.07 78.73 -71.27
C LYS A 204 -20.96 77.21 -71.19
N ASP A 205 -19.75 76.68 -71.31
CA ASP A 205 -19.57 75.26 -71.53
C ASP A 205 -18.70 74.61 -70.46
N PRO A 206 -18.96 74.86 -69.17
CA PRO A 206 -18.32 74.02 -68.15
C PRO A 206 -18.93 72.63 -68.10
N ASP A 207 -20.22 72.53 -68.42
CA ASP A 207 -20.86 71.23 -68.53
C ASP A 207 -20.26 70.42 -69.67
N LYS A 208 -19.93 71.08 -70.78
CA LYS A 208 -19.42 70.39 -71.96
C LYS A 208 -17.93 70.08 -71.85
N THR A 209 -17.31 70.35 -70.70
CA THR A 209 -15.86 70.36 -70.60
C THR A 209 -15.26 68.98 -70.82
N LYS A 210 -14.09 68.96 -71.44
CA LYS A 210 -13.25 67.76 -71.54
C LYS A 210 -11.81 68.12 -71.21
N TYR A 211 -11.21 67.38 -70.29
CA TYR A 211 -9.82 67.62 -69.93
C TYR A 211 -8.89 66.81 -70.82
N LEU A 212 -7.80 67.44 -71.22
CA LEU A 212 -6.97 66.92 -72.30
C LEU A 212 -6.19 65.68 -71.87
N THR A 213 -5.81 64.88 -72.86
CA THR A 213 -4.94 63.74 -72.69
C THR A 213 -3.86 63.82 -73.76
N GLY A 214 -2.99 62.79 -73.80
CA GLY A 214 -1.91 62.80 -74.78
C GLY A 214 -2.41 62.99 -76.20
N ASP A 215 -3.65 62.58 -76.47
CA ASP A 215 -4.23 62.77 -77.78
C ASP A 215 -4.31 64.24 -78.16
N SER A 216 -4.65 65.09 -77.20
CA SER A 216 -5.09 66.45 -77.50
C SER A 216 -4.05 67.20 -78.32
N LYS A 217 -4.47 67.73 -79.46
CA LYS A 217 -3.66 68.69 -80.19
C LYS A 217 -3.48 69.93 -79.33
N TRP A 218 -2.33 70.60 -79.51
CA TRP A 218 -2.01 71.73 -78.67
C TRP A 218 -3.13 72.77 -78.68
N GLN A 219 -3.81 72.94 -79.82
CA GLN A 219 -4.77 74.02 -79.94
C GLN A 219 -6.04 73.78 -79.14
N GLN A 220 -6.28 72.55 -78.67
CA GLN A 220 -7.51 72.29 -77.92
C GLN A 220 -7.70 73.30 -76.80
N LEU A 221 -6.65 73.49 -75.99
CA LEU A 221 -6.73 74.45 -74.90
C LEU A 221 -6.74 75.89 -75.42
N ILE A 222 -6.14 76.13 -76.58
CA ILE A 222 -6.00 77.48 -77.07
C ILE A 222 -7.19 77.85 -77.97
N GLY A 223 -8.14 76.93 -78.16
CA GLY A 223 -9.14 77.10 -79.19
C GLY A 223 -9.75 78.49 -79.21
N GLN A 224 -10.54 78.82 -78.19
CA GLN A 224 -11.12 80.16 -78.16
C GLN A 224 -10.10 81.20 -77.72
N GLY A 225 -9.03 80.77 -77.06
CA GLY A 225 -8.02 81.71 -76.61
C GLY A 225 -7.35 82.45 -77.75
N TYR A 226 -7.31 81.84 -78.94
CA TYR A 226 -6.60 82.46 -80.06
C TYR A 226 -7.20 83.81 -80.43
N VAL A 227 -8.52 83.96 -80.32
CA VAL A 227 -9.20 85.18 -80.73
C VAL A 227 -10.02 85.71 -79.56
N LYS A 228 -9.94 87.01 -79.31
CA LYS A 228 -10.65 87.63 -78.21
C LYS A 228 -12.16 87.59 -78.41
N ASP A 229 -12.63 87.53 -79.66
CA ASP A 229 -14.05 87.36 -79.92
C ASP A 229 -14.55 85.98 -79.52
N ASN A 230 -13.66 85.00 -79.37
CA ASN A 230 -14.02 83.65 -78.97
C ASN A 230 -15.11 83.05 -79.85
N SER A 231 -15.19 83.50 -81.11
CA SER A 231 -16.24 83.07 -82.03
C SER A 231 -15.79 81.94 -82.94
N LEU A 232 -14.86 81.11 -82.49
CA LEU A 232 -14.32 80.04 -83.33
C LEU A 232 -15.19 78.80 -83.22
N ASP A 233 -15.32 78.06 -84.33
CA ASP A 233 -16.31 77.01 -84.46
C ASP A 233 -15.64 75.65 -84.58
N ALA A 234 -16.37 74.62 -84.14
CA ALA A 234 -15.79 73.35 -83.69
C ALA A 234 -14.76 72.74 -84.63
N ASP A 235 -15.05 72.68 -85.92
CA ASP A 235 -14.11 72.07 -86.86
C ASP A 235 -13.95 72.93 -88.11
N LYS A 236 -15.00 73.69 -88.44
CA LYS A 236 -14.99 74.52 -89.64
C LYS A 236 -13.86 75.52 -89.56
N ASP A 237 -13.78 76.27 -88.47
CA ASP A 237 -12.63 77.13 -88.24
C ASP A 237 -11.46 76.34 -87.69
N PHE A 238 -11.73 75.33 -86.88
CA PHE A 238 -10.70 74.79 -86.00
C PHE A 238 -9.81 73.75 -86.67
N GLU A 239 -10.39 72.80 -87.41
CA GLU A 239 -9.69 71.53 -87.63
C GLU A 239 -9.29 71.27 -89.08
N TYR A 240 -10.21 71.29 -90.03
CA TYR A 240 -9.95 70.75 -91.36
C TYR A 240 -9.73 71.88 -92.37
N ASP A 241 -8.65 71.74 -93.15
CA ASP A 241 -8.19 72.84 -94.01
C ASP A 241 -9.29 73.40 -94.89
N ASP A 242 -10.15 72.54 -95.45
CA ASP A 242 -11.15 72.99 -96.40
C ASP A 242 -11.87 74.24 -95.92
N SER A 243 -12.02 74.40 -94.61
CA SER A 243 -12.46 75.67 -94.03
C SER A 243 -11.65 76.10 -92.83
N LYS A 244 -10.78 75.25 -92.28
CA LYS A 244 -10.03 75.62 -91.10
C LYS A 244 -9.10 76.78 -91.39
N LEU A 245 -8.99 77.68 -90.42
CA LEU A 245 -7.98 78.73 -90.46
C LEU A 245 -6.71 78.21 -89.81
N ASP A 246 -5.57 78.44 -90.45
CA ASP A 246 -4.29 78.05 -89.87
C ASP A 246 -4.05 78.87 -88.61
N PHE A 247 -3.52 78.18 -87.50
CA PHE A 247 -3.52 78.86 -86.21
C PHE A 247 -2.11 79.18 -85.74
N PRO A 248 -1.99 80.20 -84.87
CA PRO A 248 -0.65 80.70 -84.48
C PRO A 248 0.18 79.62 -83.80
N PRO A 249 1.50 79.70 -83.93
CA PRO A 249 2.38 78.80 -83.16
C PRO A 249 2.53 79.28 -81.73
N THR A 250 3.34 78.55 -80.97
CA THR A 250 3.63 78.83 -79.58
C THR A 250 5.11 78.63 -79.30
N THR A 251 5.62 79.37 -78.32
CA THR A 251 7.02 79.30 -77.94
C THR A 251 7.12 78.93 -76.47
N LEU A 252 8.15 78.15 -76.13
CA LEU A 252 8.31 77.57 -74.81
C LEU A 252 9.72 77.82 -74.30
N TYR A 253 9.84 78.01 -72.99
CA TYR A 253 11.12 78.24 -72.34
C TYR A 253 11.19 77.42 -71.06
N VAL A 254 12.40 77.03 -70.68
CA VAL A 254 12.59 75.92 -69.76
C VAL A 254 13.69 76.22 -68.77
N GLN A 255 13.49 75.75 -67.54
CA GLN A 255 14.57 75.48 -66.61
C GLN A 255 14.40 74.07 -66.07
N GLY A 256 15.50 73.37 -65.88
CA GLY A 256 15.44 71.99 -65.43
C GLY A 256 16.73 71.56 -64.78
N THR A 257 16.63 70.51 -63.98
CA THR A 257 17.78 69.88 -63.35
C THR A 257 17.59 68.39 -63.43
N LYS A 258 18.69 67.65 -63.50
CA LYS A 258 18.65 66.24 -63.84
C LYS A 258 18.89 65.36 -62.61
N PRO A 259 18.59 64.07 -62.71
CA PRO A 259 18.63 63.21 -61.53
C PRO A 259 19.99 63.15 -60.85
N ASP A 260 21.04 63.67 -61.48
CA ASP A 260 22.35 63.73 -60.84
C ASP A 260 22.60 65.04 -60.12
N GLY A 261 21.75 66.05 -60.35
CA GLY A 261 21.97 67.36 -59.78
C GLY A 261 22.81 68.25 -60.67
N THR A 262 22.39 68.40 -61.93
CA THR A 262 22.98 69.37 -62.84
C THR A 262 21.87 70.20 -63.45
N SER A 263 22.01 71.51 -63.35
CA SER A 263 20.96 72.46 -63.73
C SER A 263 21.08 72.77 -65.22
N PHE A 264 19.93 72.88 -65.88
CA PHE A 264 19.88 73.15 -67.30
C PHE A 264 18.63 73.96 -67.62
N LYS A 265 18.61 74.52 -68.82
CA LYS A 265 17.54 75.39 -69.28
C LYS A 265 17.36 75.17 -70.77
N SER A 266 16.20 75.55 -71.29
CA SER A 266 15.94 75.35 -72.70
C SER A 266 14.80 76.24 -73.18
N ALA A 267 14.67 76.33 -74.49
CA ALA A 267 13.53 76.98 -75.13
C ALA A 267 13.28 76.28 -76.47
N VAL A 268 12.05 76.41 -76.96
CA VAL A 268 11.64 75.67 -78.15
C VAL A 268 10.38 76.31 -78.70
N LEU A 269 10.13 76.08 -79.99
CA LEU A 269 8.92 76.55 -80.65
C LEU A 269 7.88 75.45 -80.67
N VAL A 270 6.61 75.87 -80.68
CA VAL A 270 5.47 74.97 -80.53
C VAL A 270 4.42 75.33 -81.56
N LYS A 271 3.56 74.36 -81.89
CA LYS A 271 2.56 74.53 -82.94
C LYS A 271 1.20 74.09 -82.43
N PRO A 272 0.13 74.60 -83.02
CA PRO A 272 -1.22 74.13 -82.63
C PRO A 272 -1.39 72.63 -82.75
N GLU A 273 -0.88 72.04 -83.84
CA GLU A 273 -1.19 70.65 -84.15
C GLU A 273 -0.51 69.68 -83.20
N ASP A 274 0.43 70.16 -82.39
CA ASP A 274 1.20 69.27 -81.53
C ASP A 274 0.29 68.50 -80.58
N THR A 275 0.25 67.19 -80.75
CA THR A 275 -0.39 66.34 -79.76
C THR A 275 0.46 66.33 -78.49
N LEU A 276 -0.20 66.30 -77.34
CA LEU A 276 0.53 66.31 -76.09
C LEU A 276 1.40 65.07 -75.93
N GLU A 277 1.02 63.98 -76.61
CA GLU A 277 1.91 62.82 -76.65
C GLU A 277 3.27 63.18 -77.23
N ASP A 278 3.27 63.92 -78.33
CA ASP A 278 4.53 64.29 -78.96
C ASP A 278 5.43 65.01 -77.98
N VAL A 279 4.86 65.94 -77.21
CA VAL A 279 5.64 66.67 -76.21
C VAL A 279 6.21 65.71 -75.18
N MET A 280 5.39 64.76 -74.72
CA MET A 280 5.84 63.86 -73.66
C MET A 280 7.10 63.13 -74.08
N GLU A 281 7.17 62.68 -75.33
CA GLU A 281 8.41 62.12 -75.84
C GLU A 281 9.55 63.11 -75.68
N ASN A 282 9.35 64.34 -76.12
CA ASN A 282 10.45 65.30 -76.13
C ASN A 282 10.96 65.55 -74.72
N ILE A 283 10.05 65.79 -73.77
CA ILE A 283 10.47 66.01 -72.39
C ILE A 283 11.10 64.75 -71.82
N GLY A 284 10.51 63.59 -72.09
CA GLY A 284 11.11 62.35 -71.61
C GLY A 284 12.49 62.13 -72.20
N ALA A 285 12.61 62.31 -73.52
CA ALA A 285 13.91 62.27 -74.15
C ALA A 285 14.78 63.41 -73.65
N LEU A 286 14.17 64.57 -73.38
CA LEU A 286 14.93 65.71 -72.88
C LEU A 286 15.75 65.33 -71.65
N TYR A 287 15.14 64.59 -70.72
CA TYR A 287 15.91 64.11 -69.58
C TYR A 287 16.71 62.87 -69.94
N GLY A 288 16.38 62.23 -71.06
CA GLY A 288 17.23 61.19 -71.58
C GLY A 288 16.51 59.99 -72.17
N ASN A 289 15.23 59.81 -71.85
CA ASN A 289 14.54 58.59 -72.26
C ASN A 289 14.67 58.37 -73.75
N THR A 290 15.25 57.23 -74.10
CA THR A 290 15.69 56.89 -75.45
C THR A 290 15.86 55.39 -75.53
N PRO A 291 16.16 54.82 -76.70
CA PRO A 291 16.67 53.45 -76.71
C PRO A 291 17.92 53.32 -75.87
N ASN A 292 18.75 54.35 -75.85
CA ASN A 292 19.96 54.33 -75.03
C ASN A 292 19.62 54.29 -73.55
N ASN A 293 18.64 55.09 -73.13
CA ASN A 293 18.29 55.18 -71.72
C ASN A 293 16.82 55.52 -71.58
N LYS A 294 16.27 55.20 -70.41
CA LYS A 294 14.89 55.53 -70.05
C LYS A 294 14.92 55.96 -68.60
N VAL A 295 15.07 57.27 -68.37
CA VAL A 295 15.38 57.78 -67.04
C VAL A 295 14.19 58.37 -66.32
N VAL A 296 13.11 58.71 -67.02
CA VAL A 296 11.97 59.38 -66.41
C VAL A 296 10.68 58.71 -66.85
N GLU A 297 9.66 58.81 -66.00
CA GLU A 297 8.31 58.36 -66.31
C GLU A 297 7.41 59.57 -66.52
N VAL A 298 6.68 59.57 -67.63
CA VAL A 298 5.85 60.72 -67.99
C VAL A 298 4.52 60.25 -68.55
N SER A 299 3.43 60.71 -67.95
CA SER A 299 2.09 60.36 -68.40
C SER A 299 1.13 61.48 -68.05
N MET A 300 0.16 61.69 -68.94
CA MET A 300 -0.91 62.65 -68.71
C MET A 300 -2.02 61.99 -67.92
N ASN A 301 -2.81 62.80 -67.24
CA ASN A 301 -3.77 62.33 -66.27
C ASN A 301 -5.19 62.70 -66.69
N ASP A 302 -6.14 62.40 -65.79
CA ASP A 302 -7.53 62.81 -65.94
C ASP A 302 -7.65 64.28 -66.33
N SER A 303 -6.95 65.16 -65.61
CA SER A 303 -7.08 66.59 -65.79
C SER A 303 -6.01 67.16 -66.71
N GLY A 304 -5.35 66.31 -67.48
CA GLY A 304 -4.32 66.79 -68.39
C GLY A 304 -2.97 66.96 -67.71
N GLN A 305 -2.95 66.84 -66.39
CA GLN A 305 -1.69 66.98 -65.66
C GLN A 305 -0.75 65.84 -66.02
N ILE A 306 0.49 66.20 -66.31
CA ILE A 306 1.55 65.22 -66.53
C ILE A 306 1.95 64.69 -65.18
N GLN A 307 2.10 63.37 -65.07
CA GLN A 307 2.37 62.73 -63.79
C GLN A 307 3.53 61.77 -63.95
N ILE A 308 4.50 61.89 -63.05
CA ILE A 308 5.88 61.49 -63.32
C ILE A 308 6.39 60.64 -62.17
N THR A 309 7.46 59.88 -62.46
CA THR A 309 8.27 59.25 -61.43
C THR A 309 9.70 59.19 -61.95
N ASP A 310 10.66 59.21 -61.03
CA ASP A 310 12.08 59.20 -61.36
C ASP A 310 12.55 57.75 -61.40
N LEU A 311 13.02 57.32 -62.57
CA LEU A 311 13.35 55.92 -62.77
C LEU A 311 14.64 55.49 -62.09
N LYS A 312 15.39 56.43 -61.50
CA LYS A 312 16.38 56.03 -60.51
C LYS A 312 15.69 55.77 -59.19
N GLN A 313 16.11 54.71 -58.49
CA GLN A 313 15.40 54.27 -57.32
C GLN A 313 15.51 55.30 -56.20
N GLY A 314 14.36 55.70 -55.66
CA GLY A 314 14.33 56.63 -54.55
C GLY A 314 15.26 57.81 -54.73
N ASN A 315 15.38 58.30 -55.96
CA ASN A 315 16.32 59.37 -56.24
C ASN A 315 15.88 60.69 -55.62
N ASN A 316 16.83 61.61 -55.46
CA ASN A 316 16.62 62.83 -54.69
C ASN A 316 17.30 64.03 -55.35
N LYS A 317 17.21 64.14 -56.69
CA LYS A 317 18.04 65.15 -57.35
C LYS A 317 17.43 65.87 -58.54
N LEU A 318 16.11 65.82 -58.77
CA LEU A 318 15.54 66.33 -60.02
C LEU A 318 14.38 67.28 -59.77
N ASP A 319 14.26 68.28 -60.64
CA ASP A 319 13.09 69.14 -60.73
C ASP A 319 13.07 69.79 -62.12
N PHE A 320 11.90 70.33 -62.48
CA PHE A 320 11.71 70.95 -63.78
C PHE A 320 10.61 72.00 -63.69
N HIS A 321 10.77 73.10 -64.44
CA HIS A 321 9.76 74.14 -64.51
C HIS A 321 9.93 74.90 -65.82
N ALA A 322 8.80 75.30 -66.42
CA ALA A 322 8.85 75.94 -67.73
C ALA A 322 7.56 76.72 -67.96
N VAL A 323 7.57 77.53 -69.03
CA VAL A 323 6.44 78.37 -69.40
C VAL A 323 6.45 78.58 -70.91
N ALA A 324 5.28 78.47 -71.53
CA ALA A 324 5.08 78.76 -72.94
C ALA A 324 4.23 80.01 -73.09
N PHE A 325 4.25 80.58 -74.28
CA PHE A 325 3.51 81.81 -74.57
C PHE A 325 2.91 81.73 -75.95
N THR A 326 1.75 82.37 -76.11
CA THR A 326 1.01 82.33 -77.36
C THR A 326 0.48 83.72 -77.66
N PRO A 327 0.41 84.13 -78.92
CA PRO A 327 -0.16 85.44 -79.24
C PRO A 327 -1.67 85.38 -79.39
N GLN A 328 -2.32 86.54 -79.38
CA GLN A 328 -3.77 86.61 -79.55
C GLN A 328 -4.10 87.91 -80.27
N ALA A 329 -4.61 87.80 -81.50
CA ALA A 329 -4.99 88.98 -82.26
C ALA A 329 -6.22 89.64 -81.62
N ASP A 330 -6.41 90.91 -81.96
CA ASP A 330 -7.56 91.63 -81.42
C ASP A 330 -8.87 90.97 -81.82
N THR A 331 -8.97 90.46 -83.04
CA THR A 331 -10.20 89.86 -83.51
C THR A 331 -9.89 88.67 -84.41
N LYS A 332 -10.89 87.81 -84.57
CA LYS A 332 -10.80 86.70 -85.49
C LYS A 332 -10.41 87.18 -86.89
N ASP A 333 -10.99 88.30 -87.33
CA ASP A 333 -10.64 88.85 -88.64
C ASP A 333 -9.26 89.50 -88.60
N GLU A 334 -8.98 90.29 -87.56
CA GLU A 334 -7.66 90.89 -87.44
C GLU A 334 -6.58 89.84 -87.57
N LEU A 335 -6.84 88.64 -87.04
CA LEU A 335 -5.94 87.52 -87.28
C LEU A 335 -5.86 87.19 -88.77
N LYS A 336 -7.00 87.14 -89.46
CA LYS A 336 -6.99 86.85 -90.88
C LYS A 336 -6.42 88.01 -91.68
N ASN A 337 -6.62 89.24 -91.21
CA ASN A 337 -5.93 90.36 -91.80
C ASN A 337 -4.43 90.25 -91.57
N ILE A 338 -4.04 89.72 -90.41
CA ILE A 338 -2.63 89.57 -90.08
C ILE A 338 -1.96 88.56 -91.00
N ILE A 339 -2.59 87.39 -91.17
CA ILE A 339 -1.93 86.30 -91.89
C ILE A 339 -1.62 86.73 -93.32
N GLU A 340 -2.59 87.36 -93.99
CA GLU A 340 -2.36 87.78 -95.37
C GLU A 340 -1.27 88.84 -95.44
N ALA A 341 -1.28 89.79 -94.51
CA ALA A 341 -0.20 90.77 -94.45
C ALA A 341 1.16 90.08 -94.37
N ALA A 342 1.27 89.04 -93.55
CA ALA A 342 2.50 88.27 -93.53
C ALA A 342 2.68 87.48 -94.81
N ASN A 343 1.58 86.97 -95.39
CA ASN A 343 1.67 86.34 -96.70
C ASN A 343 2.13 87.34 -97.76
N GLN A 344 1.62 88.57 -97.69
CA GLN A 344 2.15 89.62 -98.56
C GLN A 344 3.63 89.80 -98.32
N GLU A 345 4.04 89.84 -97.05
CA GLU A 345 5.46 89.83 -96.74
C GLU A 345 6.12 88.54 -97.23
N GLY A 346 5.34 87.46 -97.33
CA GLY A 346 5.83 86.25 -97.94
C GLY A 346 6.93 85.56 -97.17
N ILE A 347 6.83 85.46 -95.85
CA ILE A 347 7.89 84.96 -95.00
C ILE A 347 7.30 83.97 -94.00
N SER A 348 8.17 83.15 -93.42
CA SER A 348 7.77 82.19 -92.40
C SER A 348 7.09 82.92 -91.24
N MET A 349 5.96 82.37 -90.78
CA MET A 349 5.21 83.03 -89.72
C MET A 349 5.95 82.98 -88.40
N ASN A 350 6.69 81.91 -88.12
CA ASN A 350 7.32 81.75 -86.82
C ASN A 350 8.29 82.89 -86.54
N GLU A 351 9.00 83.38 -87.55
CA GLU A 351 9.82 84.57 -87.35
C GLU A 351 8.93 85.75 -86.96
N VAL A 352 7.78 85.87 -87.62
CA VAL A 352 6.83 86.89 -87.22
C VAL A 352 6.45 86.71 -85.77
N THR A 353 6.25 85.46 -85.35
CA THR A 353 6.11 85.18 -83.92
C THR A 353 7.33 85.68 -83.16
N ASN A 354 8.52 85.43 -83.70
CA ASN A 354 9.74 85.88 -83.03
C ASN A 354 9.78 87.39 -82.91
N ARG A 355 9.33 88.12 -83.94
CA ARG A 355 9.32 89.58 -83.85
C ARG A 355 8.86 90.04 -82.47
N VAL A 356 7.86 89.37 -81.91
CA VAL A 356 7.43 89.69 -80.55
C VAL A 356 8.50 89.28 -79.55
N MET A 357 8.92 88.02 -79.59
CA MET A 357 10.01 87.59 -78.72
C MET A 357 11.26 88.41 -78.99
N GLN A 358 11.62 88.55 -80.26
CA GLN A 358 12.69 89.44 -80.67
C GLN A 358 12.50 90.82 -80.06
N ALA A 359 11.29 91.37 -80.18
CA ALA A 359 11.02 92.69 -79.63
C ALA A 359 10.98 92.65 -78.11
N SER A 360 10.30 91.66 -77.54
CA SER A 360 10.16 91.59 -76.09
C SER A 360 11.54 91.59 -75.42
N THR A 361 12.45 90.78 -75.94
CA THR A 361 13.80 90.73 -75.39
C THR A 361 14.63 91.94 -75.76
N ALA A 362 14.24 92.64 -76.83
CA ALA A 362 15.07 93.72 -77.37
C ALA A 362 15.56 94.66 -76.29
N ALA A 363 14.76 94.88 -75.25
CA ALA A 363 15.17 95.69 -74.12
C ALA A 363 14.34 95.29 -72.91
N PRO A 364 14.94 95.27 -71.71
CA PRO A 364 14.15 95.00 -70.51
C PRO A 364 13.01 96.00 -70.38
N SER A 365 13.22 97.20 -70.91
CA SER A 365 12.16 98.21 -70.92
C SER A 365 10.89 97.65 -71.54
N ASN A 366 11.02 96.80 -72.57
CA ASN A 366 9.88 96.09 -73.12
C ASN A 366 9.72 94.72 -72.48
N GLY A 367 10.82 94.03 -72.22
CA GLY A 367 10.76 92.74 -71.59
C GLY A 367 12.14 92.13 -71.48
N ASP A 368 12.27 91.19 -70.56
CA ASP A 368 13.52 90.49 -70.33
C ASP A 368 13.22 89.02 -70.06
N ILE A 369 14.23 88.18 -70.31
CA ILE A 369 14.10 86.75 -70.04
C ILE A 369 13.67 86.53 -68.59
N THR A 370 14.18 87.35 -67.68
CA THR A 370 13.74 87.26 -66.29
C THR A 370 12.28 87.67 -66.14
N LYS A 371 11.86 88.72 -66.85
CA LYS A 371 10.49 89.21 -66.73
C LYS A 371 10.15 90.04 -67.96
N LEU A 372 9.17 89.59 -68.74
CA LEU A 372 8.58 90.40 -69.79
C LEU A 372 7.67 91.44 -69.18
N ASN A 373 7.46 92.55 -69.89
CA ASN A 373 6.82 93.71 -69.29
C ASN A 373 5.75 94.38 -70.14
N ASN A 374 5.41 93.84 -71.32
CA ASN A 374 4.43 94.55 -72.15
C ASN A 374 3.84 93.67 -73.24
N PRO A 375 2.52 93.70 -73.44
CA PRO A 375 1.97 93.21 -74.71
C PRO A 375 2.25 94.20 -75.82
N VAL A 376 2.47 93.70 -77.03
CA VAL A 376 3.08 94.46 -78.10
C VAL A 376 2.17 94.53 -79.31
N THR A 377 2.25 95.66 -80.01
CA THR A 377 1.66 95.81 -81.34
C THR A 377 2.74 95.65 -82.39
N VAL A 378 2.33 95.17 -83.57
CA VAL A 378 3.27 94.67 -84.57
C VAL A 378 2.99 95.30 -85.92
N THR A 379 4.01 95.26 -86.78
CA THR A 379 3.89 95.72 -88.15
C THR A 379 4.14 94.53 -89.08
N ILE A 380 3.17 94.25 -89.95
CA ILE A 380 3.20 93.08 -90.82
C ILE A 380 2.94 93.53 -92.24
N ASN A 381 3.68 92.96 -93.19
CA ASN A 381 3.93 93.65 -94.45
C ASN A 381 4.44 95.05 -94.16
N ASN A 382 5.08 95.19 -93.00
CA ASN A 382 5.32 96.48 -92.36
C ASN A 382 4.09 97.37 -92.41
N GLN A 383 2.91 96.75 -92.31
CA GLN A 383 1.69 97.42 -91.91
C GLN A 383 1.41 97.08 -90.46
N GLN A 384 0.94 98.06 -89.70
CA GLN A 384 0.78 97.89 -88.27
C GLN A 384 -0.43 97.01 -87.96
N PHE A 385 -0.31 96.26 -86.86
CA PHE A 385 -1.38 95.40 -86.38
C PHE A 385 -1.34 95.37 -84.86
N THR A 386 -2.49 95.08 -84.27
CA THR A 386 -2.68 95.14 -82.83
C THR A 386 -3.00 93.76 -82.30
N ILE A 387 -2.27 93.34 -81.26
CA ILE A 387 -2.29 91.96 -80.80
C ILE A 387 -2.01 91.98 -79.29
N ASP A 388 -2.46 90.93 -78.60
CA ASP A 388 -2.12 90.71 -77.21
C ASP A 388 -1.47 89.34 -77.05
N LEU A 389 -0.61 89.23 -76.04
CA LEU A 389 0.26 88.09 -75.86
C LEU A 389 -0.22 87.27 -74.68
N LYS A 390 -0.14 85.94 -74.80
CA LYS A 390 -0.67 85.03 -73.80
C LYS A 390 0.44 84.17 -73.22
N GLN A 391 0.29 83.80 -71.95
CA GLN A 391 1.24 82.99 -71.22
C GLN A 391 0.64 81.63 -70.92
N THR A 392 1.52 80.63 -70.78
CA THR A 392 1.10 79.27 -70.41
C THR A 392 2.24 78.67 -69.60
N ASP A 393 2.07 78.60 -68.28
CA ASP A 393 3.14 78.26 -67.36
C ASP A 393 2.87 76.93 -66.67
N PHE A 394 3.96 76.30 -66.22
CA PHE A 394 3.86 74.99 -65.60
C PHE A 394 3.17 75.05 -64.26
N ILE A 395 3.48 76.04 -63.43
CA ILE A 395 3.00 76.09 -62.06
C ILE A 395 2.44 77.47 -61.76
N LYS A 396 1.27 77.49 -61.10
CA LYS A 396 0.80 78.64 -60.35
C LYS A 396 0.65 78.22 -58.88
N SER A 397 0.92 79.16 -57.98
CA SER A 397 0.89 78.87 -56.56
C SER A 397 0.39 80.09 -55.78
N LYS A 398 0.59 80.08 -54.47
CA LYS A 398 0.04 81.14 -53.64
C LYS A 398 1.09 82.13 -53.13
N MET A 399 2.32 82.10 -53.63
CA MET A 399 3.34 83.05 -53.23
C MET A 399 3.29 84.29 -54.11
N THR A 400 4.11 85.28 -53.77
CA THR A 400 4.37 86.42 -54.63
C THR A 400 5.86 86.72 -54.64
N ASP A 401 6.33 87.29 -55.73
CA ASP A 401 7.73 87.63 -55.84
C ASP A 401 8.00 88.95 -55.11
N THR A 402 9.22 89.47 -55.28
CA THR A 402 9.64 90.65 -54.53
C THR A 402 8.67 91.80 -54.72
N ASP A 403 8.36 92.15 -55.97
CA ASP A 403 7.41 93.21 -56.26
C ASP A 403 5.98 92.71 -56.27
N GLY A 404 5.71 91.59 -55.61
CA GLY A 404 4.34 91.16 -55.36
C GLY A 404 3.70 90.37 -56.47
N ASN A 405 4.42 90.04 -57.54
CA ASN A 405 3.84 89.22 -58.59
C ASN A 405 3.51 87.85 -58.02
N ALA A 406 2.23 87.50 -58.03
CA ALA A 406 1.82 86.19 -57.56
C ALA A 406 2.63 85.12 -58.27
N ALA A 407 3.12 84.15 -57.51
CA ALA A 407 4.03 83.15 -58.06
C ALA A 407 3.39 82.47 -59.25
N ASN A 408 4.13 82.43 -60.36
CA ASN A 408 3.64 81.89 -61.62
C ASN A 408 4.81 81.34 -62.42
N GLY A 409 4.61 81.13 -63.72
CA GLY A 409 5.69 80.70 -64.58
C GLY A 409 6.94 81.54 -64.39
N ALA A 410 6.84 82.85 -64.65
CA ALA A 410 8.00 83.72 -64.52
C ALA A 410 8.45 83.85 -63.08
N ASP A 411 7.51 84.09 -62.15
CA ASP A 411 7.84 84.21 -60.73
C ASP A 411 7.99 82.81 -60.14
N TYR A 412 9.18 82.25 -60.33
CA TYR A 412 9.48 80.87 -59.94
C TYR A 412 10.36 80.80 -58.69
N ASP A 413 11.44 81.55 -58.66
CA ASP A 413 12.42 81.51 -57.56
C ASP A 413 12.45 82.78 -56.74
N ASN A 414 11.98 83.91 -57.28
CA ASN A 414 12.06 85.19 -56.57
C ASN A 414 10.97 85.30 -55.51
N VAL A 415 10.23 84.22 -55.28
CA VAL A 415 9.15 84.25 -54.29
C VAL A 415 9.73 84.56 -52.92
N TYR A 416 8.92 85.20 -52.08
CA TYR A 416 9.34 85.50 -50.72
C TYR A 416 9.49 84.22 -49.91
N PHE A 417 10.48 84.22 -49.02
CA PHE A 417 10.75 83.04 -48.20
C PHE A 417 9.55 82.74 -47.31
N GLU A 418 9.32 81.46 -47.06
CA GLU A 418 8.10 80.99 -46.42
C GLU A 418 8.13 81.31 -44.93
N LYS A 419 6.95 81.54 -44.37
CA LYS A 419 6.84 82.22 -43.09
C LYS A 419 5.88 81.47 -42.16
N ASN A 420 6.25 81.35 -40.90
CA ASN A 420 5.35 80.95 -39.83
C ASN A 420 5.63 81.81 -38.61
N GLY A 421 4.74 82.77 -38.34
CA GLY A 421 4.94 83.64 -37.20
C GLY A 421 6.34 84.21 -37.21
N ASN A 422 7.03 84.08 -36.08
CA ASN A 422 8.43 84.47 -36.01
C ASN A 422 9.34 83.50 -36.75
N THR A 423 8.81 82.36 -37.17
CA THR A 423 9.62 81.30 -37.76
C THR A 423 9.46 81.33 -39.28
N VAL A 424 10.56 81.05 -39.99
CA VAL A 424 10.58 81.09 -41.44
C VAL A 424 11.37 79.89 -41.91
N TYR A 425 11.07 79.41 -43.11
CA TYR A 425 11.54 78.09 -43.50
C TYR A 425 11.61 77.96 -45.01
N GLY A 426 12.50 77.09 -45.46
CA GLY A 426 12.66 76.78 -46.87
C GLY A 426 12.38 75.30 -47.09
N ASN A 427 11.72 74.99 -48.21
CA ASN A 427 11.17 73.66 -48.42
C ASN A 427 12.10 72.71 -49.16
N VAL A 428 13.13 73.21 -49.83
CA VAL A 428 13.96 72.36 -50.68
C VAL A 428 14.91 71.55 -49.81
N SER A 429 15.01 70.24 -50.11
CA SER A 429 15.96 69.37 -49.45
C SER A 429 17.32 69.50 -50.13
N GLN A 430 18.23 70.27 -49.53
CA GLN A 430 19.55 70.43 -50.11
C GLN A 430 20.32 69.11 -50.03
N VAL A 431 20.91 68.72 -51.15
CA VAL A 431 21.54 67.41 -51.29
C VAL A 431 22.93 67.59 -51.88
N ILE A 432 23.91 66.91 -51.27
CA ILE A 432 25.26 66.92 -51.81
C ILE A 432 25.23 66.34 -53.22
N LYS A 433 25.95 66.98 -54.13
CA LYS A 433 25.84 66.67 -55.55
C LYS A 433 25.98 65.17 -55.79
N GLY A 434 24.95 64.59 -56.40
CA GLY A 434 24.97 63.18 -56.75
C GLY A 434 24.63 62.27 -55.59
N SER A 435 25.11 62.63 -54.39
CA SER A 435 25.09 61.72 -53.26
C SER A 435 23.69 61.22 -52.93
N ASN A 436 22.67 62.04 -53.19
CA ASN A 436 21.34 61.84 -52.60
C ASN A 436 21.42 62.07 -51.09
N ALA A 437 22.58 62.51 -50.61
CA ALA A 437 22.75 62.83 -49.20
C ALA A 437 22.50 64.31 -48.98
N TYR A 438 21.72 64.62 -47.95
CA TYR A 438 21.35 66.00 -47.70
C TYR A 438 22.61 66.85 -47.52
N ALA A 439 22.39 68.16 -47.52
CA ALA A 439 23.41 69.10 -47.09
C ALA A 439 23.09 69.60 -45.68
N THR A 440 24.09 70.20 -45.04
CA THR A 440 23.91 70.82 -43.74
C THR A 440 24.74 72.09 -43.68
N ASP A 441 24.57 72.81 -42.58
CA ASP A 441 25.36 74.00 -42.30
C ASP A 441 26.83 73.74 -42.61
N SER A 442 27.38 72.67 -42.05
CA SER A 442 28.78 72.33 -42.28
C SER A 442 29.04 71.82 -43.70
N THR A 443 28.00 71.49 -44.46
CA THR A 443 28.22 71.06 -45.84
C THR A 443 28.77 72.23 -46.65
N LYS A 444 29.80 71.97 -47.44
CA LYS A 444 30.37 73.00 -48.27
C LYS A 444 29.38 73.41 -49.35
N LEU A 445 29.53 74.65 -49.81
CA LEU A 445 28.84 75.05 -51.03
C LEU A 445 29.27 74.17 -52.18
N SER A 446 30.56 73.82 -52.24
CA SER A 446 31.06 72.96 -53.29
C SER A 446 30.41 71.59 -53.27
N GLU A 447 30.18 71.04 -52.08
CA GLU A 447 29.68 69.67 -51.99
C GLU A 447 28.32 69.51 -52.63
N VAL A 448 27.58 70.61 -52.79
CA VAL A 448 26.18 70.54 -53.18
C VAL A 448 25.92 71.11 -54.56
N MET A 449 26.80 71.98 -55.06
CA MET A 449 26.53 72.74 -56.28
C MET A 449 26.03 71.84 -57.41
N ALA A 450 25.16 72.39 -58.23
CA ALA A 450 24.65 71.69 -59.41
C ALA A 450 25.55 71.91 -60.62
N GLY A 451 25.97 73.14 -60.87
CA GLY A 451 26.95 73.42 -61.89
C GLY A 451 28.32 72.91 -61.49
N ASP A 452 29.35 73.53 -62.06
CA ASP A 452 30.72 73.14 -61.79
C ASP A 452 31.63 74.35 -61.63
N SER A 453 31.06 75.48 -61.20
CA SER A 453 31.86 76.63 -60.82
C SER A 453 31.13 77.41 -59.73
N LEU A 454 31.82 77.60 -58.60
CA LEU A 454 31.38 78.54 -57.58
C LEU A 454 32.13 79.86 -57.63
N ASN A 455 33.34 79.88 -58.16
CA ASN A 455 33.90 81.11 -58.66
C ASN A 455 33.17 81.51 -59.94
N GLY A 456 33.19 82.81 -60.24
CA GLY A 456 32.38 83.33 -61.30
C GLY A 456 30.91 83.24 -60.96
N THR A 457 30.60 83.12 -59.67
CA THR A 457 29.24 82.96 -59.19
C THR A 457 28.85 84.14 -58.31
N THR A 458 27.58 84.56 -58.42
CA THR A 458 27.07 85.70 -57.69
C THR A 458 25.61 85.48 -57.36
N LEU A 459 25.22 85.87 -56.14
CA LEU A 459 23.84 85.81 -55.70
C LEU A 459 23.37 87.20 -55.29
N ASN A 460 22.08 87.43 -55.44
CA ASN A 460 21.48 88.73 -55.17
C ASN A 460 20.16 88.51 -54.46
N LEU A 461 19.93 89.27 -53.39
CA LEU A 461 18.85 88.95 -52.47
C LEU A 461 18.38 90.20 -51.75
N LYS A 462 17.09 90.23 -51.44
CA LYS A 462 16.47 91.28 -50.66
C LYS A 462 16.27 90.80 -49.22
N VAL A 463 16.43 91.71 -48.27
CA VAL A 463 16.41 91.36 -46.86
C VAL A 463 15.77 92.46 -46.02
N ASN A 464 15.08 92.04 -44.97
CA ASN A 464 14.71 92.89 -43.85
C ASN A 464 15.38 92.38 -42.59
N SER A 465 15.82 93.30 -41.75
CA SER A 465 16.15 92.92 -40.39
C SER A 465 14.86 92.74 -39.59
N LYS A 466 15.00 92.28 -38.34
CA LYS A 466 13.81 92.08 -37.51
C LYS A 466 13.03 93.37 -37.33
N GLY A 467 13.67 94.52 -37.54
CA GLY A 467 12.98 95.78 -37.55
C GLY A 467 12.26 96.09 -38.85
N GLY A 468 12.22 95.14 -39.77
CA GLY A 468 11.54 95.33 -41.03
C GLY A 468 12.23 96.27 -42.00
N ASN A 469 13.30 96.93 -41.58
CA ASN A 469 14.03 97.82 -42.47
C ASN A 469 14.44 97.07 -43.73
N SER A 470 14.19 97.68 -44.89
CA SER A 470 14.35 96.98 -46.17
C SER A 470 15.59 97.49 -46.89
N TYR A 471 16.24 96.57 -47.60
CA TYR A 471 17.60 96.75 -48.11
C TYR A 471 17.97 95.48 -48.84
N ASP A 472 19.12 95.49 -49.49
CA ASP A 472 19.63 94.31 -50.16
C ASP A 472 20.92 93.82 -49.52
N VAL A 473 21.31 92.61 -49.90
CA VAL A 473 22.68 92.13 -49.76
C VAL A 473 22.99 91.38 -51.04
N THR A 474 24.22 91.48 -51.51
CA THR A 474 24.60 90.85 -52.76
C THR A 474 26.00 90.28 -52.62
N ILE A 475 26.18 89.08 -53.15
CA ILE A 475 27.35 88.26 -52.83
C ILE A 475 27.96 87.77 -54.13
N ASN A 476 29.26 87.98 -54.29
CA ASN A 476 30.02 87.45 -55.41
C ASN A 476 30.97 86.38 -54.90
N LEU A 477 30.82 85.17 -55.40
CA LEU A 477 31.69 84.06 -55.03
C LEU A 477 32.83 83.87 -56.02
N GLN A 478 32.84 84.63 -57.12
CA GLN A 478 34.08 84.83 -57.85
C GLN A 478 35.14 85.41 -56.94
N THR A 479 34.71 86.07 -55.86
CA THR A 479 35.60 86.79 -54.97
C THR A 479 35.44 86.40 -53.51
N SER A 480 34.54 85.47 -53.20
CA SER A 480 34.25 85.11 -51.82
C SER A 480 33.98 86.38 -51.01
N THR A 481 33.01 87.15 -51.50
CA THR A 481 32.79 88.49 -51.00
C THR A 481 31.28 88.76 -50.90
N VAL A 482 30.93 89.65 -49.99
CA VAL A 482 29.54 90.05 -49.76
C VAL A 482 29.44 91.56 -49.90
N SER A 483 28.26 92.03 -50.26
CA SER A 483 28.01 93.46 -50.42
C SER A 483 26.63 93.80 -49.90
N TYR A 484 26.43 95.03 -49.44
CA TYR A 484 25.12 95.45 -48.94
C TYR A 484 25.10 96.96 -48.96
N PRO A 485 23.93 97.58 -48.70
CA PRO A 485 23.92 99.04 -48.86
C PRO A 485 24.79 99.76 -47.87
N ASP A 486 25.27 100.91 -48.16
CA ASP A 486 26.05 101.68 -47.22
C ASP A 486 25.12 102.70 -46.58
N PRO A 487 24.56 102.38 -45.41
CA PRO A 487 23.58 103.28 -44.81
C PRO A 487 24.21 104.59 -44.39
N ASN A 488 25.39 104.52 -43.79
CA ASN A 488 26.07 105.72 -43.35
C ASN A 488 26.40 106.58 -44.56
N ASN A 489 26.69 105.94 -45.69
CA ASN A 489 26.97 106.67 -46.91
C ASN A 489 25.94 106.30 -47.97
N PRO A 490 24.75 106.89 -47.88
CA PRO A 490 23.76 106.62 -48.93
C PRO A 490 24.35 106.89 -50.28
N GLY A 491 24.03 106.08 -51.27
CA GLY A 491 24.62 106.22 -52.58
C GLY A 491 25.84 105.33 -52.67
N GLN A 492 26.07 104.53 -51.64
CA GLN A 492 27.18 103.60 -51.64
C GLN A 492 26.72 102.24 -51.15
N THR A 493 27.56 101.23 -51.29
CA THR A 493 27.21 99.90 -50.80
C THR A 493 28.40 99.30 -50.06
N ILE A 494 28.18 98.90 -48.83
CA ILE A 494 29.25 98.30 -48.04
C ILE A 494 29.47 96.85 -48.38
N SER A 495 30.72 96.40 -48.33
CA SER A 495 31.06 95.01 -48.63
C SER A 495 32.16 94.55 -47.68
N PHE A 496 32.31 93.23 -47.59
CA PHE A 496 33.34 92.60 -46.78
C PHE A 496 33.81 91.34 -47.49
N PRO A 497 35.06 90.94 -47.30
CA PRO A 497 35.52 89.68 -47.87
C PRO A 497 35.13 88.51 -47.00
N ILE A 498 34.64 87.43 -47.60
CA ILE A 498 34.13 86.29 -46.84
C ILE A 498 35.33 85.55 -46.27
N MET A 499 35.52 85.65 -44.95
CA MET A 499 36.75 85.22 -44.31
C MET A 499 36.50 84.11 -43.31
N HIS A 500 37.20 82.98 -43.50
CA HIS A 500 37.56 82.11 -42.40
C HIS A 500 38.81 82.73 -41.81
N THR A 501 39.59 81.99 -41.03
CA THR A 501 40.70 82.66 -40.35
C THR A 501 42.02 81.88 -40.35
N ASN A 502 42.21 80.88 -41.19
CA ASN A 502 43.41 80.03 -41.26
C ASN A 502 43.79 79.55 -39.85
N PRO A 503 44.68 78.56 -39.73
CA PRO A 503 44.75 77.80 -38.47
C PRO A 503 45.41 78.50 -37.29
N ALA A 504 46.40 79.36 -37.50
CA ALA A 504 47.35 79.66 -36.43
C ALA A 504 47.52 81.16 -36.23
N THR A 505 48.20 81.49 -35.13
CA THR A 505 48.79 82.80 -34.82
C THR A 505 47.78 83.82 -34.27
N GLY A 506 46.54 83.42 -34.03
CA GLY A 506 45.60 84.26 -33.31
C GLY A 506 45.16 85.56 -33.96
N ASN A 507 45.82 85.98 -35.04
CA ASN A 507 45.45 87.22 -35.72
C ASN A 507 44.28 86.98 -36.66
N SER A 508 43.14 86.61 -36.09
CA SER A 508 42.08 85.95 -36.84
C SER A 508 41.60 86.73 -38.05
N GLY A 509 41.20 86.02 -39.10
CA GLY A 509 40.58 86.60 -40.27
C GLY A 509 41.32 86.38 -41.57
N VAL A 510 40.76 85.53 -42.43
CA VAL A 510 41.37 85.19 -43.72
C VAL A 510 40.27 84.78 -44.69
N VAL A 511 40.36 85.28 -45.94
CA VAL A 511 39.34 84.95 -46.93
C VAL A 511 39.27 83.44 -47.12
N THR A 512 38.06 82.94 -47.34
CA THR A 512 37.82 81.52 -47.52
C THR A 512 37.67 81.17 -48.99
N GLY A 513 38.18 79.99 -49.35
CA GLY A 513 37.99 79.50 -50.70
C GLY A 513 36.52 79.39 -51.04
N SER A 514 36.16 79.84 -52.25
CA SER A 514 34.77 79.82 -52.67
C SER A 514 34.16 78.44 -52.51
N ASN A 515 34.96 77.38 -52.72
CA ASN A 515 34.48 76.03 -52.49
C ASN A 515 34.38 75.71 -51.01
N ASP A 516 35.37 76.15 -50.22
CA ASP A 516 35.50 75.69 -48.85
C ASP A 516 34.32 76.14 -47.99
N ILE A 517 33.65 77.23 -48.38
CA ILE A 517 32.59 77.78 -47.56
C ILE A 517 31.48 76.74 -47.39
N THR A 518 30.86 76.73 -46.22
CA THR A 518 29.77 75.80 -45.93
C THR A 518 28.56 76.61 -45.50
N TYR A 519 27.40 75.94 -45.52
CA TYR A 519 26.14 76.63 -45.28
C TYR A 519 26.06 77.20 -43.87
N GLY A 520 26.87 76.69 -42.94
CA GLY A 520 26.83 77.22 -41.59
C GLY A 520 27.24 78.67 -41.52
N GLN A 521 28.33 79.01 -42.20
CA GLN A 521 28.75 80.41 -42.25
C GLN A 521 27.66 81.29 -42.83
N ILE A 522 26.92 80.78 -43.82
CA ILE A 522 25.80 81.54 -44.36
C ILE A 522 24.77 81.80 -43.29
N ASN A 523 24.42 80.76 -42.52
CA ASN A 523 23.47 80.92 -41.44
C ASN A 523 23.98 81.91 -40.40
N ASP A 524 25.27 81.86 -40.10
CA ASP A 524 25.87 82.86 -39.21
C ASP A 524 25.69 84.26 -39.79
N ILE A 525 26.06 84.43 -41.06
CA ILE A 525 25.91 85.72 -41.71
C ILE A 525 24.45 86.15 -41.67
N ILE A 526 23.53 85.22 -41.91
CA ILE A 526 22.12 85.54 -41.86
C ILE A 526 21.75 86.07 -40.48
N GLY A 527 22.14 85.36 -39.44
CA GLY A 527 21.81 85.79 -38.09
C GLY A 527 22.45 87.13 -37.74
N MET A 528 23.68 87.34 -38.21
CA MET A 528 24.41 88.54 -37.83
C MET A 528 23.64 89.80 -38.20
N PHE A 529 23.14 89.87 -39.44
CA PHE A 529 22.59 91.13 -39.92
C PHE A 529 21.07 91.11 -39.94
N ALA A 530 20.45 89.93 -40.01
CA ALA A 530 19.03 89.85 -39.72
C ALA A 530 18.75 90.39 -38.32
N ALA A 531 19.61 90.08 -37.36
CA ALA A 531 19.61 90.71 -36.04
C ALA A 531 20.58 91.88 -35.98
N ASP A 532 20.81 92.50 -37.14
CA ASP A 532 21.45 93.79 -37.31
C ASP A 532 22.64 94.06 -36.37
N LYS A 533 23.49 93.05 -36.16
CA LYS A 533 24.83 93.28 -35.59
C LYS A 533 25.84 92.90 -36.67
N ILE A 534 26.51 93.89 -37.24
CA ILE A 534 27.47 93.65 -38.32
C ILE A 534 28.72 94.52 -38.23
N PRO A 535 29.80 94.14 -38.92
CA PRO A 535 30.87 95.09 -39.20
C PRO A 535 30.36 96.23 -40.06
N THR A 536 31.00 97.39 -39.93
CA THR A 536 30.45 98.63 -40.45
C THR A 536 31.09 99.10 -41.76
N THR A 537 32.39 98.96 -41.92
CA THR A 537 33.12 99.72 -42.94
C THR A 537 33.91 98.79 -43.83
N THR A 538 33.98 99.14 -45.12
CA THR A 538 34.52 98.27 -46.16
C THR A 538 36.04 98.20 -46.13
N ILE A 539 36.60 97.69 -45.03
CA ILE A 539 38.00 97.29 -45.04
C ILE A 539 38.09 95.82 -45.44
N GLN A 540 38.95 95.52 -46.39
CA GLN A 540 39.05 94.20 -46.99
C GLN A 540 40.31 93.50 -46.50
N ALA A 541 40.56 92.31 -47.05
CA ALA A 541 41.70 91.50 -46.63
C ALA A 541 43.00 92.26 -46.80
N ASN A 542 43.85 92.23 -45.77
CA ASN A 542 45.20 92.73 -45.92
C ASN A 542 45.97 91.70 -46.74
N ASN A 543 45.95 91.86 -48.07
CA ASN A 543 46.35 90.80 -48.98
C ASN A 543 45.40 89.63 -48.83
N GLY A 544 45.47 88.92 -47.70
CA GLY A 544 44.57 87.81 -47.45
C GLY A 544 44.06 87.72 -46.02
N GLN A 545 44.53 88.61 -45.15
CA GLN A 545 44.27 88.50 -43.71
C GLN A 545 43.72 89.82 -43.18
N ILE A 546 42.86 89.71 -42.18
CA ILE A 546 42.61 90.80 -41.26
C ILE A 546 43.05 90.34 -39.88
N ASN A 547 43.39 91.29 -39.02
CA ASN A 547 43.86 90.93 -37.70
C ASN A 547 42.71 90.45 -36.83
N ASN A 548 43.05 89.97 -35.63
CA ASN A 548 42.05 89.38 -34.75
C ASN A 548 40.99 90.39 -34.37
N ALA A 549 41.39 91.61 -34.00
CA ALA A 549 40.43 92.61 -33.55
C ALA A 549 39.36 92.84 -34.62
N ASP A 550 39.78 92.96 -35.87
CA ASP A 550 38.81 93.07 -36.96
C ASP A 550 37.92 91.85 -37.01
N TYR A 551 38.53 90.66 -37.01
CA TYR A 551 37.76 89.43 -36.97
C TYR A 551 36.96 89.32 -35.68
N THR A 552 37.50 89.89 -34.59
CA THR A 552 36.82 89.80 -33.30
C THR A 552 35.47 90.48 -33.34
N GLN A 553 35.42 91.71 -33.87
CA GLN A 553 34.16 92.45 -33.86
C GLN A 553 33.14 91.80 -34.78
N ILE A 554 33.59 91.08 -35.80
CA ILE A 554 32.70 90.13 -36.46
C ILE A 554 32.22 89.10 -35.45
N GLN A 555 33.17 88.45 -34.78
CA GLN A 555 32.86 87.27 -33.98
C GLN A 555 31.95 87.62 -32.82
N GLN A 556 32.23 88.73 -32.13
CA GLN A 556 31.35 89.13 -31.03
C GLN A 556 29.96 89.46 -31.53
N LEU A 557 29.87 90.21 -32.63
CA LEU A 557 28.56 90.60 -33.15
C LEU A 557 27.74 89.40 -33.56
N MET A 558 28.40 88.33 -34.01
CA MET A 558 27.71 87.05 -34.20
C MET A 558 26.85 86.73 -33.00
N LYS A 559 27.48 86.64 -31.83
CA LYS A 559 26.74 86.26 -30.63
C LYS A 559 25.73 87.33 -30.25
N ASP A 560 26.09 88.60 -30.43
CA ASP A 560 25.18 89.69 -30.11
C ASP A 560 23.92 89.60 -30.97
N SER A 561 24.11 89.43 -32.28
CA SER A 561 22.98 89.28 -33.19
C SER A 561 22.22 87.99 -32.94
N GLN A 562 22.94 86.87 -32.86
CA GLN A 562 22.29 85.57 -32.74
C GLN A 562 21.51 85.45 -31.44
N ALA A 563 21.74 86.36 -30.50
CA ALA A 563 20.99 86.35 -29.24
C ALA A 563 19.50 86.43 -29.47
N THR A 564 19.06 86.93 -30.63
CA THR A 564 17.64 87.15 -30.91
C THR A 564 17.11 86.42 -32.14
N VAL A 565 17.97 85.79 -32.95
CA VAL A 565 17.54 85.04 -34.12
C VAL A 565 18.24 83.70 -34.14
N ASP A 566 17.50 82.65 -34.49
CA ASP A 566 18.05 81.32 -34.66
C ASP A 566 17.91 80.89 -36.11
N VAL A 567 18.94 80.23 -36.62
CA VAL A 567 19.00 79.75 -38.00
C VAL A 567 19.43 78.29 -37.95
N SER A 568 18.77 77.45 -38.74
CA SER A 568 19.04 76.02 -38.65
C SER A 568 18.72 75.35 -39.98
N MET A 569 19.30 74.16 -40.15
CA MET A 569 18.97 73.27 -41.25
C MET A 569 17.84 72.37 -40.78
N ASP A 570 16.79 72.26 -41.59
CA ASP A 570 15.58 71.56 -41.19
C ASP A 570 15.70 70.08 -41.53
N TYR A 571 15.26 69.24 -40.59
CA TYR A 571 15.66 67.83 -40.56
C TYR A 571 15.68 67.19 -41.94
N LYS A 572 14.78 67.59 -42.83
CA LYS A 572 14.69 67.00 -44.16
C LYS A 572 15.82 67.46 -45.11
N GLY A 573 16.88 68.07 -44.59
CA GLY A 573 17.80 68.78 -45.47
C GLY A 573 17.26 70.11 -45.88
N ARG A 574 16.16 70.54 -45.29
CA ARG A 574 15.48 71.78 -45.63
C ARG A 574 16.00 72.90 -44.72
N ILE A 575 15.31 74.04 -44.73
CA ILE A 575 15.79 75.25 -44.08
C ILE A 575 14.83 75.65 -42.98
N SER A 576 15.38 76.06 -41.84
CA SER A 576 14.58 76.51 -40.70
C SER A 576 15.25 77.71 -40.05
N VAL A 577 14.45 78.70 -39.67
CA VAL A 577 14.96 79.93 -39.09
C VAL A 577 13.90 80.49 -38.14
N THR A 578 14.37 81.13 -37.06
CA THR A 578 13.48 81.62 -36.02
C THR A 578 13.97 82.95 -35.48
N ASP A 579 13.04 83.87 -35.26
CA ASP A 579 13.27 85.04 -34.42
C ASP A 579 12.88 84.64 -33.01
N LYS A 580 13.83 84.75 -32.10
CA LYS A 580 13.76 84.09 -30.80
C LYS A 580 12.86 84.80 -29.79
N LEU A 581 11.98 85.76 -30.11
CA LEU A 581 11.37 86.59 -29.09
C LEU A 581 9.87 86.80 -29.25
N SER A 582 9.25 86.32 -30.32
CA SER A 582 7.96 86.87 -30.71
C SER A 582 7.03 85.79 -31.25
N SER A 583 5.76 86.15 -31.32
CA SER A 583 4.79 85.43 -32.13
C SER A 583 4.87 85.79 -33.60
N GLY A 584 5.62 86.84 -33.94
CA GLY A 584 5.77 87.27 -35.32
C GLY A 584 6.87 88.29 -35.42
N THR A 585 7.30 88.55 -36.66
CA THR A 585 8.42 89.45 -36.89
C THR A 585 8.28 90.08 -38.27
N ASN A 586 8.96 91.21 -38.43
CA ASN A 586 9.00 91.92 -39.71
C ASN A 586 10.31 91.60 -40.42
N ILE A 587 10.34 90.38 -40.97
CA ILE A 587 11.48 89.92 -41.77
C ILE A 587 10.92 89.24 -43.00
N GLU A 588 11.06 89.90 -44.16
CA GLU A 588 10.49 89.43 -45.41
C GLU A 588 11.64 89.28 -46.40
N ILE A 589 11.89 88.05 -46.82
CA ILE A 589 13.13 87.71 -47.53
C ILE A 589 12.77 87.11 -48.89
N SER A 590 13.54 87.47 -49.90
CA SER A 590 13.58 86.75 -51.16
C SER A 590 14.97 86.86 -51.74
N LEU A 591 15.64 85.72 -51.90
CA LEU A 591 16.94 85.65 -52.53
C LEU A 591 16.78 85.30 -54.00
N SER A 592 17.65 85.87 -54.83
CA SER A 592 17.74 85.51 -56.23
C SER A 592 19.18 85.14 -56.54
N ASP A 593 19.35 84.30 -57.55
CA ASP A 593 20.65 83.97 -58.07
C ASP A 593 20.93 84.83 -59.30
N SER A 594 22.22 85.03 -59.59
CA SER A 594 22.58 85.71 -60.82
C SER A 594 21.98 84.98 -62.02
N GLN A 595 21.81 83.67 -61.92
CA GLN A 595 21.20 82.85 -62.96
C GLN A 595 19.68 82.86 -62.88
N SER A 596 19.09 83.56 -61.91
CA SER A 596 17.65 83.56 -61.74
C SER A 596 16.97 84.18 -62.96
N GLY A 597 15.88 83.57 -63.39
CA GLY A 597 15.02 84.11 -64.42
C GLY A 597 15.57 84.08 -65.83
N GLN A 598 16.83 83.71 -66.02
CA GLN A 598 17.41 83.75 -67.36
C GLN A 598 16.87 82.62 -68.21
N PHE A 599 16.67 82.92 -69.50
CA PHE A 599 16.22 81.94 -70.47
C PHE A 599 17.00 82.10 -71.77
N PRO A 600 17.04 81.08 -72.62
CA PRO A 600 17.76 81.22 -73.90
C PRO A 600 17.13 82.28 -74.78
N ALA A 601 17.96 82.90 -75.62
CA ALA A 601 17.49 83.87 -76.60
C ALA A 601 17.29 83.19 -77.95
N PRO A 602 16.44 83.75 -78.81
CA PRO A 602 16.22 83.14 -80.13
C PRO A 602 17.46 83.25 -80.99
N PRO A 603 17.50 82.57 -82.13
CA PRO A 603 16.45 81.72 -82.72
C PRO A 603 16.39 80.33 -82.14
N PHE A 604 15.20 79.73 -82.14
CA PHE A 604 15.01 78.33 -81.81
C PHE A 604 14.58 77.59 -83.07
N THR A 605 14.23 76.32 -82.89
CA THR A 605 13.50 75.54 -83.86
C THR A 605 12.19 75.11 -83.20
N THR A 606 11.45 74.22 -83.87
CA THR A 606 10.41 73.48 -83.16
C THR A 606 11.08 72.29 -82.50
N THR A 607 12.19 72.56 -81.81
CA THR A 607 12.97 71.57 -81.08
C THR A 607 13.80 72.34 -80.06
N SER A 608 14.38 71.61 -79.13
CA SER A 608 14.99 72.24 -77.96
C SER A 608 16.28 72.96 -78.32
N THR A 609 16.50 74.08 -77.61
CA THR A 609 17.81 74.66 -77.42
C THR A 609 18.11 74.60 -75.93
N VAL A 610 19.39 74.67 -75.55
CA VAL A 610 19.80 74.33 -74.20
C VAL A 610 20.56 75.49 -73.57
N GLN A 611 20.32 75.69 -72.27
CA GLN A 611 21.03 76.67 -71.46
C GLN A 611 21.19 76.08 -70.06
N ASN A 612 22.17 76.59 -69.32
CA ASN A 612 22.46 76.08 -67.99
C ASN A 612 21.67 76.85 -66.94
N GLY A 613 21.37 76.18 -65.84
CA GLY A 613 20.62 76.77 -64.75
C GLY A 613 21.46 77.05 -63.52
N PRO A 614 20.82 77.53 -62.45
CA PRO A 614 21.56 77.91 -61.25
C PRO A 614 22.29 76.76 -60.57
N ASN A 615 23.24 77.11 -59.71
CA ASN A 615 23.96 76.09 -58.93
C ASN A 615 23.12 75.55 -57.77
N PHE A 616 22.18 76.33 -57.25
CA PHE A 616 21.47 75.98 -56.03
C PHE A 616 20.03 76.45 -56.11
N SER A 617 19.21 75.88 -55.23
CA SER A 617 17.86 76.37 -54.99
C SER A 617 17.43 75.93 -53.60
N PHE A 618 16.58 76.73 -52.97
CA PHE A 618 16.13 76.47 -51.60
C PHE A 618 14.62 76.54 -51.44
N SER A 619 13.92 77.30 -52.27
CA SER A 619 12.47 77.26 -52.38
C SER A 619 12.10 77.81 -53.75
N ALA A 620 11.06 77.25 -54.35
CA ALA A 620 10.75 77.58 -55.74
C ALA A 620 9.30 77.26 -56.04
N ASN A 621 8.81 77.82 -57.14
CA ASN A 621 7.53 77.44 -57.71
C ASN A 621 7.69 76.11 -58.43
N ASN A 622 8.11 75.09 -57.69
CA ASN A 622 8.52 73.83 -58.27
C ASN A 622 7.31 72.97 -58.64
N SER A 623 7.61 71.81 -59.21
CA SER A 623 6.60 70.81 -59.49
C SER A 623 6.19 70.10 -58.20
N LEU A 624 5.29 69.13 -58.34
CA LEU A 624 4.66 68.48 -57.19
C LEU A 624 5.09 67.03 -57.05
N THR A 625 5.50 66.67 -55.84
CA THR A 625 5.64 65.28 -55.41
C THR A 625 4.88 65.07 -54.11
N ILE A 626 4.08 64.02 -54.05
CA ILE A 626 3.36 63.70 -52.81
C ILE A 626 3.57 62.24 -52.44
N ASP A 627 4.72 61.68 -52.81
CA ASP A 627 5.14 60.39 -52.27
C ASP A 627 6.63 60.23 -52.52
N GLU A 628 7.39 59.96 -51.46
CA GLU A 628 8.84 59.85 -51.56
C GLU A 628 9.36 59.03 -50.39
N PRO A 629 10.40 58.20 -50.59
CA PRO A 629 10.86 57.30 -49.52
C PRO A 629 10.94 57.91 -48.13
N ASN A 630 11.57 59.07 -47.98
CA ASN A 630 11.71 59.66 -46.65
C ASN A 630 10.34 59.93 -46.06
N VAL A 631 10.07 59.34 -44.90
CA VAL A 631 8.74 59.41 -44.32
C VAL A 631 8.53 60.73 -43.59
N ASP A 632 7.28 61.20 -43.61
CA ASP A 632 6.88 62.41 -42.89
C ASP A 632 5.51 62.23 -42.24
N ILE A 633 5.36 61.17 -41.44
CA ILE A 633 4.04 60.55 -41.23
C ILE A 633 2.97 61.60 -40.96
N ILE A 634 3.10 62.36 -39.87
CA ILE A 634 1.97 63.16 -39.40
C ILE A 634 1.62 64.23 -40.41
N LYS A 635 2.61 64.96 -40.92
CA LYS A 635 2.33 66.00 -41.90
C LYS A 635 1.63 65.41 -43.13
N ASP A 636 1.93 64.16 -43.47
CA ASP A 636 1.17 63.49 -44.51
C ASP A 636 -0.29 63.41 -44.14
N LEU A 637 -0.57 62.95 -42.91
CA LEU A 637 -1.93 62.92 -42.41
C LEU A 637 -2.52 64.33 -42.33
N ASP A 638 -1.69 65.32 -42.00
CA ASP A 638 -2.17 66.69 -41.94
C ASP A 638 -2.67 67.16 -43.30
N SER A 639 -1.90 66.88 -44.36
CA SER A 639 -2.34 67.24 -45.70
C SER A 639 -3.57 66.43 -46.11
N MET A 640 -3.64 65.17 -45.66
CA MET A 640 -4.78 64.33 -46.03
C MET A 640 -6.08 64.91 -45.52
N ILE A 641 -6.13 65.27 -44.23
CA ILE A 641 -7.35 65.85 -43.67
C ILE A 641 -7.73 67.10 -44.45
N ASP A 642 -6.74 67.88 -44.86
CA ASP A 642 -7.01 69.06 -45.67
C ASP A 642 -7.81 68.70 -46.91
N ALA A 643 -7.33 67.72 -47.68
CA ALA A 643 -8.05 67.30 -48.87
C ALA A 643 -9.38 66.65 -48.53
N VAL A 644 -9.42 65.87 -47.44
CA VAL A 644 -10.64 65.18 -47.05
C VAL A 644 -11.77 66.18 -46.80
N LEU A 645 -11.48 67.23 -46.03
CA LEU A 645 -12.54 68.16 -45.65
C LEU A 645 -13.16 68.82 -46.87
N LYS A 646 -12.34 69.27 -47.82
CA LYS A 646 -12.89 69.90 -49.02
C LYS A 646 -13.48 68.88 -49.98
N GLY A 647 -13.01 67.64 -49.94
CA GLY A 647 -13.38 66.66 -50.94
C GLY A 647 -12.48 66.65 -52.15
N ASN A 648 -11.18 66.83 -51.95
CA ASN A 648 -10.22 67.00 -53.05
C ASN A 648 -9.64 65.63 -53.40
N MET A 649 -10.16 65.02 -54.47
CA MET A 649 -9.44 63.95 -55.13
C MET A 649 -8.47 64.49 -56.18
N ARG A 650 -8.48 65.80 -56.41
CA ARG A 650 -7.62 66.45 -57.39
C ARG A 650 -7.41 67.90 -56.96
N ALA A 651 -6.18 68.38 -57.12
CA ALA A 651 -5.83 69.78 -56.88
C ALA A 651 -5.42 70.42 -58.20
N ASP A 652 -5.47 71.75 -58.21
CA ASP A 652 -5.00 72.53 -59.35
C ASP A 652 -4.13 73.66 -58.87
N SER A 653 -3.26 74.14 -59.76
CA SER A 653 -2.38 75.25 -59.43
C SER A 653 -3.16 76.41 -58.83
N GLU A 654 -4.35 76.69 -59.38
CA GLU A 654 -5.11 77.85 -58.95
C GLU A 654 -5.88 77.59 -57.66
N SER A 655 -5.99 76.34 -57.23
CA SER A 655 -6.81 76.01 -56.07
C SER A 655 -6.25 76.68 -54.81
N GLU A 656 -7.16 76.95 -53.86
CA GLU A 656 -6.76 77.61 -52.62
C GLU A 656 -5.59 76.86 -51.98
N ASN A 657 -5.66 75.54 -51.98
CA ASN A 657 -4.46 74.74 -51.75
C ASN A 657 -3.96 74.35 -53.13
N PRO A 658 -3.04 75.13 -53.71
CA PRO A 658 -2.74 74.98 -55.14
C PRO A 658 -2.17 73.63 -55.52
N ARG A 659 -1.83 72.78 -54.56
CA ARG A 659 -1.01 71.62 -54.85
C ARG A 659 -1.58 70.33 -54.26
N ASN A 660 -2.33 70.43 -53.17
CA ASN A 660 -2.70 69.24 -52.41
C ASN A 660 -3.80 68.41 -53.06
N THR A 661 -3.43 67.46 -53.91
CA THR A 661 -4.34 66.40 -54.31
C THR A 661 -4.27 65.30 -53.25
N GLY A 662 -4.75 65.61 -52.05
CA GLY A 662 -4.43 64.77 -50.91
C GLY A 662 -4.98 63.35 -51.03
N MET A 663 -6.27 63.23 -51.32
CA MET A 663 -6.95 61.95 -51.11
C MET A 663 -6.38 60.86 -52.00
N GLN A 664 -6.31 61.10 -53.32
CA GLN A 664 -5.78 60.07 -54.21
C GLN A 664 -4.34 59.72 -53.87
N GLY A 665 -3.47 60.73 -53.77
CA GLY A 665 -2.08 60.47 -53.46
C GLY A 665 -1.90 59.81 -52.11
N ALA A 666 -2.79 60.13 -51.16
CA ALA A 666 -2.74 59.49 -49.85
C ALA A 666 -2.75 57.99 -49.96
N LEU A 667 -3.67 57.43 -50.76
CA LEU A 667 -3.73 55.99 -50.92
C LEU A 667 -2.36 55.44 -51.31
N GLU A 668 -1.74 56.04 -52.33
CA GLU A 668 -0.38 55.67 -52.70
C GLU A 668 0.59 55.92 -51.55
N ARG A 669 0.52 57.11 -50.96
CA ARG A 669 1.44 57.46 -49.88
C ARG A 669 1.27 56.52 -48.70
N LEU A 670 0.04 56.26 -48.30
CA LEU A 670 -0.21 55.41 -47.14
C LEU A 670 0.31 54.00 -47.37
N ASP A 671 0.03 53.42 -48.54
CA ASP A 671 0.48 52.06 -48.80
C ASP A 671 2.00 51.97 -48.78
N HIS A 672 2.66 52.95 -49.40
CA HIS A 672 4.12 53.02 -49.33
C HIS A 672 4.59 53.02 -47.88
N LEU A 673 3.99 53.87 -47.05
CA LEU A 673 4.41 53.96 -45.66
C LEU A 673 4.00 52.73 -44.87
N ALA A 674 2.82 52.18 -45.16
CA ALA A 674 2.41 50.95 -44.48
C ALA A 674 3.43 49.84 -44.70
N ASP A 675 4.00 49.75 -45.89
CA ASP A 675 5.03 48.76 -46.15
C ASP A 675 6.21 48.93 -45.21
N HIS A 676 6.59 50.18 -44.93
CA HIS A 676 7.69 50.43 -44.00
C HIS A 676 7.40 49.80 -42.66
N VAL A 677 6.15 49.90 -42.19
CA VAL A 677 5.76 49.28 -40.94
C VAL A 677 5.92 47.76 -41.02
N SER A 678 5.51 47.18 -42.15
CA SER A 678 5.49 45.72 -42.26
C SER A 678 6.87 45.13 -42.05
N LYS A 679 7.88 45.62 -42.77
CA LYS A 679 9.22 45.07 -42.62
C LYS A 679 9.76 45.29 -41.22
N LEU A 680 9.33 46.37 -40.56
CA LEU A 680 9.74 46.58 -39.18
C LEU A 680 9.23 45.47 -38.28
N ASN A 681 8.00 45.00 -38.53
CA ASN A 681 7.53 43.80 -37.85
C ASN A 681 8.54 42.67 -38.02
N THR A 682 9.00 42.48 -39.26
CA THR A 682 9.93 41.38 -39.54
C THR A 682 11.22 41.54 -38.75
N THR A 683 11.77 42.75 -38.72
CA THR A 683 12.92 43.01 -37.88
C THR A 683 12.58 42.76 -36.41
N MET A 684 11.44 43.28 -35.97
CA MET A 684 11.06 43.17 -34.57
C MET A 684 10.83 41.71 -34.17
N GLY A 685 10.03 40.99 -34.95
CA GLY A 685 9.87 39.57 -34.69
C GLY A 685 11.20 38.84 -34.76
N ALA A 686 12.05 39.24 -35.69
CA ALA A 686 13.37 38.62 -35.81
C ALA A 686 14.17 38.79 -34.53
N TYR A 687 14.04 39.93 -33.85
CA TYR A 687 14.64 40.08 -32.53
C TYR A 687 14.35 38.87 -31.67
N HIS A 688 13.07 38.64 -31.41
CA HIS A 688 12.68 37.68 -30.38
C HIS A 688 13.22 36.30 -30.70
N ASN A 689 13.12 35.87 -31.95
CA ASN A 689 13.69 34.58 -32.32
C ASN A 689 15.18 34.55 -32.05
N THR A 690 15.87 35.65 -32.35
CA THR A 690 17.31 35.71 -32.12
C THR A 690 17.62 35.62 -30.63
N ILE A 691 17.10 36.56 -29.84
CA ILE A 691 17.35 36.55 -28.41
C ILE A 691 16.86 35.26 -27.77
N GLU A 692 15.70 34.76 -28.19
CA GLU A 692 15.20 33.50 -27.67
C GLU A 692 16.26 32.41 -27.82
N GLY A 693 16.90 32.34 -28.99
CA GLY A 693 17.97 31.38 -29.16
C GLY A 693 19.12 31.61 -28.20
N VAL A 694 19.47 32.88 -27.97
CA VAL A 694 20.55 33.19 -27.05
C VAL A 694 20.26 32.63 -25.67
N ASN A 695 19.06 32.90 -25.15
CA ASN A 695 18.67 32.32 -23.88
C ASN A 695 18.73 30.79 -23.95
N THR A 696 18.25 30.23 -25.07
CA THR A 696 18.38 28.78 -25.28
C THR A 696 19.85 28.40 -25.34
N ARG A 697 20.64 29.10 -26.15
CA ARG A 697 22.07 28.86 -26.21
C ARG A 697 22.67 28.91 -24.82
N THR A 698 22.33 29.94 -24.06
CA THR A 698 22.83 30.06 -22.70
C THR A 698 22.36 28.90 -21.83
N SER A 699 21.09 28.52 -21.96
CA SER A 699 20.50 27.57 -21.02
C SER A 699 21.22 26.23 -21.07
N PHE A 700 21.36 25.65 -22.27
CA PHE A 700 22.00 24.34 -22.37
C PHE A 700 23.41 24.36 -21.83
N LEU A 701 24.21 25.34 -22.24
CA LEU A 701 25.61 25.36 -21.89
C LEU A 701 25.79 25.26 -20.38
N SER A 702 25.03 26.05 -19.64
CA SER A 702 25.09 25.95 -18.18
C SER A 702 24.73 24.54 -17.73
N VAL A 703 23.68 23.96 -18.32
CA VAL A 703 23.30 22.60 -17.97
C VAL A 703 24.47 21.66 -18.17
N ASN A 704 25.12 21.74 -19.33
CA ASN A 704 26.23 20.83 -19.60
C ASN A 704 27.40 21.10 -18.65
N VAL A 705 27.69 22.37 -18.38
CA VAL A 705 28.73 22.68 -17.41
C VAL A 705 28.36 22.12 -16.05
N GLN A 706 27.08 22.15 -15.71
CA GLN A 706 26.64 21.61 -14.42
C GLN A 706 26.98 20.13 -14.31
N SER A 707 26.83 19.39 -15.41
CA SER A 707 27.30 18.01 -15.43
C SER A 707 28.81 17.95 -15.26
N ILE A 708 29.52 18.83 -15.96
CA ILE A 708 30.98 18.76 -15.96
C ILE A 708 31.54 19.16 -14.60
N LYS A 709 31.04 20.26 -14.02
CA LYS A 709 31.48 20.64 -12.68
C LYS A 709 31.31 19.48 -11.72
N SER A 710 30.19 18.76 -11.82
CA SER A 710 30.02 17.56 -11.02
C SER A 710 31.15 16.58 -11.29
N ASN A 711 31.40 16.28 -12.57
CA ASN A 711 32.45 15.32 -12.91
C ASN A 711 33.77 15.70 -12.24
N VAL A 712 34.02 17.00 -12.12
CA VAL A 712 35.25 17.46 -11.48
C VAL A 712 35.28 17.01 -10.02
N ILE A 713 34.14 17.09 -9.34
CA ILE A 713 34.16 17.01 -7.89
C ILE A 713 33.59 15.68 -7.39
N ASP A 714 32.74 15.03 -8.17
CA ASP A 714 32.03 13.85 -7.67
C ASP A 714 33.01 12.79 -7.18
N VAL A 715 32.75 12.25 -6.00
CA VAL A 715 33.55 11.16 -5.44
C VAL A 715 32.79 9.85 -5.64
N ASP A 716 33.48 8.83 -6.12
CA ASP A 716 32.88 7.52 -6.25
C ASP A 716 32.73 6.88 -4.88
N TYR A 717 31.49 6.78 -4.41
CA TYR A 717 31.26 6.18 -3.11
C TYR A 717 31.82 4.76 -3.05
N GLY A 718 31.76 4.02 -4.17
CA GLY A 718 32.34 2.68 -4.16
C GLY A 718 33.81 2.72 -3.83
N GLU A 719 34.57 3.56 -4.54
CA GLU A 719 35.99 3.70 -4.26
C GLU A 719 36.23 4.26 -2.87
N ALA A 720 35.60 5.40 -2.55
CA ALA A 720 35.88 6.05 -1.28
C ALA A 720 35.49 5.16 -0.10
N MET A 721 34.25 4.67 -0.09
CA MET A 721 33.83 3.81 1.01
C MET A 721 34.66 2.54 1.06
N MET A 722 34.92 1.93 -0.10
CA MET A 722 35.79 0.77 -0.14
C MET A 722 37.11 1.07 0.54
N ASN A 723 37.76 2.15 0.13
CA ASN A 723 39.01 2.55 0.78
C ASN A 723 38.76 2.89 2.24
N LEU A 724 37.69 3.63 2.53
CA LEU A 724 37.38 3.96 3.90
C LEU A 724 37.21 2.70 4.74
N MET A 725 36.35 1.79 4.29
CA MET A 725 36.18 0.54 4.99
C MET A 725 37.48 -0.24 5.02
N GLN A 726 38.11 -0.38 3.84
CA GLN A 726 39.39 -1.08 3.75
C GLN A 726 40.30 -0.66 4.89
N VAL A 727 40.48 0.65 5.08
CA VAL A 727 41.31 1.13 6.18
C VAL A 727 40.63 0.84 7.51
N GLN A 728 39.33 1.15 7.61
CA GLN A 728 38.64 1.05 8.88
C GLN A 728 38.65 -0.38 9.40
N LEU A 729 38.37 -1.35 8.53
CA LEU A 729 38.33 -2.74 8.95
C LEU A 729 39.62 -3.13 9.64
N ALA A 730 40.74 -3.05 8.92
CA ALA A 730 42.02 -3.39 9.53
C ALA A 730 42.31 -2.49 10.73
N TYR A 731 42.03 -1.20 10.57
CA TYR A 731 42.25 -0.26 11.68
C TYR A 731 41.47 -0.68 12.91
N GLN A 732 40.16 -0.88 12.76
CA GLN A 732 39.36 -1.25 13.91
C GLN A 732 39.81 -2.60 14.46
N ALA A 733 40.08 -3.56 13.58
CA ALA A 733 40.63 -4.83 14.04
C ALA A 733 41.90 -4.60 14.85
N SER A 734 42.78 -3.71 14.36
CA SER A 734 43.99 -3.40 15.10
C SER A 734 43.67 -2.81 16.47
N LEU A 735 42.58 -2.05 16.57
CA LEU A 735 42.14 -1.58 17.88
C LEU A 735 41.82 -2.77 18.78
N LYS A 736 40.98 -3.68 18.29
CA LYS A 736 40.57 -4.82 19.09
C LYS A 736 41.78 -5.65 19.51
N ALA A 737 42.70 -5.89 18.58
CA ALA A 737 43.92 -6.63 18.91
C ALA A 737 44.72 -5.90 19.98
N SER A 738 44.95 -4.60 19.78
CA SER A 738 45.69 -3.82 20.77
C SER A 738 45.05 -3.91 22.13
N THR A 739 43.72 -3.93 22.18
CA THR A 739 43.02 -4.09 23.45
C THR A 739 43.54 -5.32 24.18
N THR A 740 43.54 -6.46 23.49
CA THR A 740 43.86 -7.72 24.14
C THR A 740 45.36 -7.81 24.44
N ILE A 741 46.19 -7.36 23.49
CA ILE A 741 47.64 -7.46 23.67
C ILE A 741 48.06 -6.77 24.95
N SER A 742 47.57 -5.55 25.18
CA SER A 742 47.98 -4.81 26.36
C SER A 742 47.76 -5.63 27.61
N GLN A 743 46.56 -6.19 27.78
CA GLN A 743 46.28 -6.95 28.99
C GLN A 743 46.96 -8.32 28.95
N LEU A 744 47.04 -8.97 27.78
CA LEU A 744 47.71 -10.26 27.75
C LEU A 744 49.16 -10.13 28.18
N SER A 745 49.88 -9.15 27.64
CA SER A 745 51.29 -9.00 27.97
C SER A 745 51.48 -8.59 29.43
N LEU A 746 50.57 -7.79 29.96
CA LEU A 746 50.74 -7.26 31.31
C LEU A 746 50.71 -8.37 32.35
N LEU A 747 50.02 -9.47 32.06
CA LEU A 747 49.72 -10.47 33.09
C LEU A 747 50.95 -11.26 33.51
N ASN A 748 51.92 -11.43 32.60
CA ASN A 748 52.95 -12.45 32.75
C ASN A 748 53.98 -12.07 33.82
N TYR A 749 53.50 -12.04 35.07
CA TYR A 749 54.37 -11.83 36.22
C TYR A 749 53.92 -12.71 37.38
N MET A 750 53.68 -13.97 37.08
CA MET A 750 53.21 -14.93 38.06
C MET A 750 53.41 -16.35 37.55
N MET B 1 73.23 -6.10 59.63
CA MET B 1 73.91 -4.78 59.54
C MET B 1 72.90 -3.71 59.15
N ARG B 2 73.29 -2.44 59.31
CA ARG B 2 72.33 -1.33 59.32
C ARG B 2 72.36 -0.48 58.06
N ILE B 3 73.51 0.10 57.73
CA ILE B 3 73.51 1.30 56.90
C ILE B 3 72.91 1.03 55.52
N THR B 4 73.57 0.17 54.73
CA THR B 4 73.14 0.00 53.36
C THR B 4 71.69 -0.45 53.29
N ASN B 5 71.24 -1.22 54.27
CA ASN B 5 69.82 -1.49 54.41
C ASN B 5 69.04 -0.20 54.64
N LYS B 6 69.59 0.70 55.45
CA LYS B 6 68.88 1.92 55.80
C LYS B 6 68.55 2.73 54.55
N LEU B 7 69.55 2.94 53.69
CA LEU B 7 69.34 3.70 52.46
C LEU B 7 68.18 3.13 51.66
N ASN B 8 68.13 1.80 51.54
CA ASN B 8 67.29 1.18 50.52
C ASN B 8 65.81 1.46 50.76
N PHE B 9 65.31 1.16 51.97
CA PHE B 9 63.88 1.35 52.19
C PHE B 9 63.50 2.81 52.09
N THR B 10 64.43 3.70 52.47
CA THR B 10 64.13 5.12 52.43
C THR B 10 63.81 5.57 51.01
N ASN B 11 64.57 5.04 50.03
CA ASN B 11 64.28 5.34 48.63
C ASN B 11 62.95 4.76 48.21
N SER B 12 62.73 3.47 48.48
CA SER B 12 61.47 2.83 48.12
C SER B 12 60.30 3.58 48.73
N VAL B 13 60.45 4.08 49.95
CA VAL B 13 59.40 4.91 50.54
C VAL B 13 59.09 6.07 49.61
N ASN B 14 60.13 6.78 49.16
CA ASN B 14 59.92 7.86 48.20
C ASN B 14 59.34 7.32 46.91
N ASN B 15 59.90 6.22 46.40
CA ASN B 15 59.40 5.66 45.15
C ASN B 15 57.93 5.27 45.27
N SER B 16 57.56 4.67 46.41
CA SER B 16 56.16 4.38 46.65
C SER B 16 55.31 5.64 46.58
N MET B 17 55.79 6.72 47.22
CA MET B 17 55.03 7.97 47.21
C MET B 17 54.96 8.56 45.81
N GLY B 18 55.99 8.37 44.99
CA GLY B 18 55.95 8.90 43.64
C GLY B 18 54.89 8.24 42.79
N GLY B 19 54.80 6.91 42.86
CA GLY B 19 53.89 6.20 41.97
C GLY B 19 52.44 6.57 42.19
N GLN B 20 52.01 6.58 43.45
CA GLN B 20 50.61 6.92 43.73
C GLN B 20 50.26 8.28 43.15
N SER B 21 51.19 9.23 43.20
CA SER B 21 50.96 10.51 42.55
C SER B 21 50.73 10.33 41.06
N ALA B 22 51.74 9.82 40.34
CA ALA B 22 51.62 9.61 38.91
C ALA B 22 50.28 8.97 38.56
N LEU B 23 49.87 7.98 39.34
CA LEU B 23 48.58 7.35 39.09
C LEU B 23 47.45 8.35 39.20
N TYR B 24 47.50 9.22 40.22
CA TYR B 24 46.41 10.18 40.41
C TYR B 24 46.32 11.17 39.24
N GLN B 25 47.43 11.83 38.91
CA GLN B 25 47.36 12.88 37.91
C GLN B 25 46.74 12.36 36.63
N ILE B 26 47.00 11.10 36.30
CA ILE B 26 46.27 10.44 35.22
C ILE B 26 44.78 10.47 35.51
N SER B 27 44.41 10.18 36.77
CA SER B 27 43.00 10.09 37.13
C SER B 27 42.29 11.42 36.95
N GLN B 28 42.82 12.49 37.56
CA GLN B 28 42.18 13.79 37.43
C GLN B 28 42.08 14.23 35.99
N GLN B 29 43.12 13.98 35.19
CA GLN B 29 43.05 14.29 33.77
C GLN B 29 41.92 13.49 33.12
N LEU B 30 41.79 12.21 33.49
CA LEU B 30 40.67 11.42 33.00
C LEU B 30 39.35 12.03 33.43
N ALA B 31 39.25 12.46 34.69
CA ALA B 31 38.05 13.15 35.13
C ALA B 31 37.70 14.28 34.18
N SER B 32 38.70 15.04 33.74
CA SER B 32 38.45 16.12 32.79
C SER B 32 38.28 15.59 31.37
N GLY B 33 39.05 14.58 31.00
CA GLY B 33 39.13 14.20 29.60
C GLY B 33 39.87 15.21 28.76
N LEU B 34 40.71 16.03 29.37
CA LEU B 34 41.47 17.07 28.69
C LEU B 34 42.96 16.84 28.90
N LYS B 35 43.76 17.34 27.95
CA LYS B 35 45.19 17.13 28.01
C LYS B 35 45.77 17.64 29.33
N ILE B 36 45.39 18.85 29.72
CA ILE B 36 46.05 19.55 30.82
C ILE B 36 44.99 20.30 31.62
N GLN B 37 45.39 20.77 32.80
CA GLN B 37 44.42 21.20 33.80
C GLN B 37 44.77 22.48 34.56
N ASN B 38 45.95 23.08 34.36
CA ASN B 38 46.33 24.27 35.11
C ASN B 38 47.18 25.19 34.25
N SER B 39 46.92 26.49 34.40
CA SER B 39 47.58 27.53 33.60
C SER B 39 49.06 27.22 33.36
N TYR B 40 49.82 27.02 34.43
CA TYR B 40 51.24 26.77 34.28
C TYR B 40 51.54 25.52 33.46
N GLU B 41 50.60 24.59 33.37
CA GLU B 41 50.87 23.36 32.64
C GLU B 41 51.23 23.64 31.19
N ASP B 42 50.47 24.53 30.54
CA ASP B 42 50.94 25.15 29.30
C ASP B 42 50.26 26.50 29.18
N ALA B 43 50.94 27.54 29.67
CA ALA B 43 50.37 28.88 29.63
C ALA B 43 49.98 29.26 28.21
N SER B 44 50.77 28.84 27.23
CA SER B 44 50.44 29.11 25.84
C SER B 44 49.07 28.55 25.50
N THR B 45 48.85 27.27 25.79
CA THR B 45 47.56 26.64 25.48
C THR B 45 46.43 27.37 26.20
N TYR B 46 46.41 27.30 27.52
CA TYR B 46 45.31 27.90 28.29
C TYR B 46 45.08 29.33 27.86
N ILE B 47 46.08 30.18 28.04
CA ILE B 47 45.86 31.61 27.91
C ILE B 47 45.53 31.98 26.47
N ASP B 48 46.07 31.23 25.51
CA ASP B 48 45.59 31.39 24.14
C ASP B 48 44.10 31.14 24.06
N ASN B 49 43.65 30.02 24.64
CA ASN B 49 42.23 29.70 24.61
C ASN B 49 41.39 30.82 25.17
N THR B 50 41.93 31.58 26.13
CA THR B 50 41.23 32.73 26.67
C THR B 50 40.65 33.58 25.55
N ARG B 51 41.53 34.11 24.69
CA ARG B 51 41.06 34.84 23.53
C ARG B 51 40.09 34.01 22.71
N LEU B 52 40.40 32.72 22.53
CA LEU B 52 39.53 31.87 21.74
C LEU B 52 38.14 31.78 22.37
N GLU B 53 38.08 31.61 23.69
CA GLU B 53 36.79 31.60 24.36
C GLU B 53 36.08 32.93 24.17
N TYR B 54 36.75 34.03 24.52
CA TYR B 54 36.17 35.35 24.28
C TYR B 54 35.77 35.50 22.83
N GLU B 55 36.65 35.12 21.91
CA GLU B 55 36.32 35.15 20.50
C GLU B 55 35.02 34.42 20.23
N ILE B 56 34.90 33.19 20.73
CA ILE B 56 33.71 32.39 20.45
C ILE B 56 32.48 33.01 21.08
N LYS B 57 32.47 33.12 22.42
CA LYS B 57 31.23 33.50 23.10
C LYS B 57 30.75 34.87 22.65
N THR B 58 31.65 35.73 22.18
CA THR B 58 31.22 36.97 21.56
C THR B 58 30.45 36.69 20.29
N LEU B 59 31.02 35.86 19.40
CA LEU B 59 30.35 35.53 18.15
C LEU B 59 28.95 34.96 18.39
N GLU B 60 28.80 34.15 19.45
CA GLU B 60 27.51 33.55 19.72
C GLU B 60 26.45 34.62 19.93
N GLN B 61 26.79 35.65 20.70
CA GLN B 61 25.87 36.77 20.89
C GLN B 61 25.63 37.48 19.57
N VAL B 62 26.67 37.64 18.74
CA VAL B 62 26.53 38.38 17.50
C VAL B 62 25.46 37.74 16.63
N LYS B 63 25.53 36.42 16.44
CA LYS B 63 24.53 35.72 15.66
C LYS B 63 23.15 35.85 16.28
N GLU B 64 23.03 35.55 17.57
CA GLU B 64 21.78 35.76 18.27
C GLU B 64 21.26 37.16 18.03
N SER B 65 22.14 38.16 18.09
CA SER B 65 21.74 39.52 17.81
C SER B 65 21.19 39.65 16.40
N THR B 66 21.93 39.16 15.40
CA THR B 66 21.44 39.22 14.03
C THR B 66 20.13 38.46 13.90
N SER B 67 19.97 37.36 14.64
CA SER B 67 18.69 36.67 14.68
C SER B 67 17.60 37.58 15.21
N ARG B 68 17.92 38.37 16.24
CA ARG B 68 16.96 39.34 16.75
C ARG B 68 16.64 40.40 15.70
N ALA B 69 17.61 40.77 14.86
CA ALA B 69 17.34 41.72 13.80
C ALA B 69 16.58 41.07 12.65
N GLN B 70 16.96 39.84 12.31
CA GLN B 70 16.32 39.17 11.17
C GLN B 70 14.83 39.02 11.39
N GLU B 71 14.42 38.61 12.60
CA GLU B 71 13.00 38.43 12.89
C GLU B 71 12.23 39.72 12.67
N MET B 72 12.72 40.83 13.23
CA MET B 72 12.01 42.10 13.04
C MET B 72 11.96 42.48 11.57
N THR B 73 13.04 42.22 10.82
CA THR B 73 13.04 42.53 9.41
C THR B 73 11.96 41.74 8.67
N GLN B 74 11.80 40.45 9.01
CA GLN B 74 10.66 39.69 8.50
C GLN B 74 9.36 40.43 8.72
N ASN B 75 9.15 40.95 9.93
CA ASN B 75 7.92 41.69 10.21
C ASN B 75 7.78 42.86 9.24
N SER B 76 8.87 43.61 9.06
CA SER B 76 8.80 44.79 8.21
C SER B 76 8.65 44.43 6.74
N MET B 77 9.43 43.45 6.25
CA MET B 77 9.26 43.05 4.85
C MET B 77 7.84 42.61 4.58
N LYS B 78 7.32 41.68 5.39
CA LYS B 78 5.97 41.20 5.16
C LYS B 78 4.98 42.34 5.21
N ALA B 79 5.09 43.21 6.23
CA ALA B 79 4.20 44.36 6.30
C ALA B 79 4.31 45.20 5.04
N LEU B 80 5.53 45.44 4.57
CA LEU B 80 5.70 46.20 3.33
C LEU B 80 5.19 45.42 2.14
N GLN B 81 5.47 44.11 2.08
CA GLN B 81 4.93 43.31 0.99
C GLN B 81 3.42 43.42 0.94
N ASP B 82 2.79 43.63 2.09
CA ASP B 82 1.33 43.81 2.11
C ASP B 82 0.94 45.20 1.64
N MET B 83 1.79 46.20 1.92
CA MET B 83 1.41 47.58 1.63
C MET B 83 1.40 47.88 0.14
N VAL B 84 2.28 47.24 -0.63
CA VAL B 84 2.22 47.43 -2.08
C VAL B 84 0.83 47.08 -2.59
N LYS B 85 0.28 45.96 -2.15
CA LYS B 85 -1.03 45.55 -2.61
C LYS B 85 -2.06 46.63 -2.27
N LEU B 86 -1.87 47.32 -1.15
CA LEU B 86 -2.78 48.38 -0.78
C LEU B 86 -2.72 49.54 -1.76
N LEU B 87 -1.57 49.76 -2.41
CA LEU B 87 -1.52 50.84 -3.39
C LEU B 87 -2.01 50.38 -4.75
N GLU B 88 -2.01 49.07 -5.01
CA GLU B 88 -2.87 48.54 -6.05
C GLU B 88 -4.33 48.82 -5.69
N ASP B 89 -4.67 48.62 -4.43
CA ASP B 89 -6.05 48.77 -3.98
C ASP B 89 -6.55 50.19 -4.24
N PHE B 90 -5.78 51.18 -3.79
CA PHE B 90 -6.19 52.56 -3.95
C PHE B 90 -6.29 52.92 -5.43
N LYS B 91 -5.29 52.53 -6.21
CA LYS B 91 -5.29 52.87 -7.62
C LYS B 91 -6.47 52.24 -8.33
N VAL B 92 -6.73 50.97 -8.05
CA VAL B 92 -7.87 50.28 -8.65
C VAL B 92 -9.18 50.90 -8.16
N LYS B 93 -9.26 51.17 -6.86
CA LYS B 93 -10.52 51.64 -6.29
C LYS B 93 -10.89 53.02 -6.80
N VAL B 94 -9.92 53.92 -6.93
CA VAL B 94 -10.23 55.22 -7.53
C VAL B 94 -10.68 55.03 -8.97
N THR B 95 -10.11 54.06 -9.68
CA THR B 95 -10.56 53.78 -11.04
C THR B 95 -12.03 53.41 -11.05
N GLN B 96 -12.43 52.52 -10.15
CA GLN B 96 -13.86 52.23 -10.01
C GLN B 96 -14.63 53.49 -9.64
N ALA B 97 -14.10 54.26 -8.70
CA ALA B 97 -14.70 55.56 -8.39
C ALA B 97 -14.69 56.46 -9.61
N ALA B 98 -13.70 56.31 -10.49
CA ALA B 98 -13.59 57.16 -11.66
C ALA B 98 -14.55 56.76 -12.78
N SER B 99 -15.23 55.62 -12.65
CA SER B 99 -16.20 55.23 -13.66
C SER B 99 -17.24 56.33 -13.83
N ASP B 100 -17.54 56.65 -15.09
CA ASP B 100 -18.27 57.88 -15.39
C ASP B 100 -19.71 57.84 -14.88
N SER B 101 -20.39 56.71 -15.02
CA SER B 101 -21.83 56.66 -14.78
C SER B 101 -22.19 56.85 -13.31
N ASN B 102 -21.22 57.01 -12.41
CA ASN B 102 -21.53 57.12 -10.99
C ASN B 102 -22.32 58.38 -10.69
N SER B 103 -23.31 58.25 -9.82
CA SER B 103 -23.85 59.42 -9.14
C SER B 103 -22.88 59.85 -8.06
N GLN B 104 -23.04 61.08 -7.59
CA GLN B 104 -22.13 61.54 -6.54
C GLN B 104 -22.25 60.65 -5.31
N THR B 105 -23.46 60.47 -4.80
CA THR B 105 -23.64 59.58 -3.65
C THR B 105 -23.06 58.20 -3.94
N SER B 106 -23.16 57.74 -5.19
CA SER B 106 -22.49 56.51 -5.55
C SER B 106 -20.98 56.64 -5.35
N ARG B 107 -20.42 57.79 -5.69
CA ARG B 107 -18.98 58.00 -5.51
C ARG B 107 -18.59 57.92 -4.04
N GLU B 108 -19.25 58.69 -3.19
CA GLU B 108 -18.89 58.67 -1.78
C GLU B 108 -19.16 57.31 -1.14
N ALA B 109 -20.12 56.55 -1.69
CA ALA B 109 -20.31 55.19 -1.22
C ALA B 109 -19.02 54.39 -1.37
N ILE B 110 -18.38 54.50 -2.54
CA ILE B 110 -17.10 53.84 -2.74
C ILE B 110 -16.04 54.44 -1.82
N ALA B 111 -15.96 55.78 -1.80
CA ALA B 111 -14.95 56.44 -0.98
C ALA B 111 -15.09 56.04 0.48
N LYS B 112 -16.31 55.71 0.91
CA LYS B 112 -16.56 55.51 2.33
C LYS B 112 -15.78 54.32 2.86
N GLU B 113 -15.51 53.32 2.01
CA GLU B 113 -14.65 52.22 2.42
C GLU B 113 -13.18 52.61 2.38
N LEU B 114 -12.80 53.49 1.45
CA LEU B 114 -11.40 53.86 1.34
C LEU B 114 -10.89 54.49 2.63
N GLU B 115 -11.71 55.32 3.28
CA GLU B 115 -11.27 55.94 4.51
C GLU B 115 -11.02 54.90 5.60
N ARG B 116 -11.66 53.73 5.51
CA ARG B 116 -11.25 52.63 6.36
C ARG B 116 -9.83 52.21 6.04
N ILE B 117 -9.48 52.13 4.76
CA ILE B 117 -8.14 51.73 4.37
C ILE B 117 -7.13 52.77 4.80
N LYS B 118 -7.51 54.05 4.76
CA LYS B 118 -6.63 55.10 5.28
C LYS B 118 -6.22 54.79 6.71
N GLU B 119 -7.19 54.76 7.62
CA GLU B 119 -6.88 54.59 9.03
C GLU B 119 -6.17 53.27 9.29
N SER B 120 -6.57 52.20 8.59
CA SER B 120 -5.87 50.94 8.71
C SER B 120 -4.38 51.15 8.48
N ILE B 121 -4.02 51.92 7.45
CA ILE B 121 -2.61 52.23 7.21
C ILE B 121 -2.07 53.12 8.31
N VAL B 122 -2.89 54.04 8.81
CA VAL B 122 -2.47 54.83 9.98
C VAL B 122 -2.11 53.89 11.13
N GLN B 123 -2.93 52.86 11.34
CA GLN B 123 -2.55 51.82 12.28
C GLN B 123 -1.28 51.13 11.84
N LEU B 124 -1.16 50.82 10.54
CA LEU B 124 0.06 50.19 10.05
C LEU B 124 1.28 51.02 10.43
N ALA B 125 1.16 52.34 10.35
CA ALA B 125 2.27 53.20 10.75
C ALA B 125 2.46 53.20 12.26
N ASN B 126 1.37 53.37 13.01
CA ASN B 126 1.47 53.34 14.46
C ASN B 126 1.74 51.93 14.99
N THR B 127 1.82 50.95 14.09
CA THR B 127 2.15 49.58 14.43
C THR B 127 3.43 49.52 15.26
N SER B 128 3.64 48.41 15.95
CA SER B 128 4.85 48.22 16.73
C SER B 128 5.06 46.72 16.93
N VAL B 129 6.28 46.35 17.31
CA VAL B 129 6.58 45.02 17.79
C VAL B 129 7.44 45.15 19.03
N ASN B 130 7.14 44.34 20.05
CA ASN B 130 7.76 44.41 21.36
C ASN B 130 7.41 45.69 22.10
N GLY B 131 6.41 46.44 21.63
CA GLY B 131 6.19 47.78 22.09
C GLY B 131 7.14 48.78 21.50
N GLN B 132 8.14 48.33 20.75
CA GLN B 132 9.08 49.19 20.06
C GLN B 132 8.48 49.55 18.72
N TYR B 133 8.00 50.80 18.59
CA TYR B 133 7.39 51.23 17.35
C TYR B 133 8.41 51.15 16.23
N LEU B 134 8.13 50.31 15.23
CA LEU B 134 9.10 50.04 14.18
C LEU B 134 9.17 51.18 13.18
N PHE B 135 8.62 52.34 13.53
CA PHE B 135 8.30 53.37 12.55
C PHE B 135 8.67 54.79 12.97
N ALA B 136 9.12 55.03 14.19
CA ALA B 136 9.37 56.37 14.70
C ALA B 136 10.82 56.80 14.55
N GLY B 137 11.52 56.35 13.51
CA GLY B 137 12.92 56.70 13.34
C GLY B 137 13.73 56.07 14.44
N SER B 138 14.65 56.85 15.02
CA SER B 138 15.38 56.35 16.18
C SER B 138 14.49 56.26 17.40
N GLN B 139 13.48 57.14 17.49
CA GLN B 139 12.63 57.20 18.66
C GLN B 139 11.52 56.15 18.60
N VAL B 140 11.89 54.89 18.52
CA VAL B 140 10.95 53.79 18.26
C VAL B 140 10.09 53.45 19.47
N ALA B 141 10.32 54.12 20.59
CA ALA B 141 9.47 53.94 21.76
C ALA B 141 8.27 54.88 21.72
N ASN B 142 8.13 55.67 20.66
CA ASN B 142 7.09 56.69 20.57
C ASN B 142 5.98 56.22 19.64
N LYS B 143 4.73 56.41 20.06
CA LYS B 143 3.62 56.32 19.13
C LYS B 143 3.91 57.34 18.03
N PRO B 144 4.09 56.92 16.79
CA PRO B 144 4.74 57.82 15.81
C PRO B 144 3.85 58.88 15.18
N PHE B 145 2.56 58.61 15.01
CA PHE B 145 1.76 59.37 14.05
C PHE B 145 0.34 59.54 14.53
N ASP B 146 -0.44 60.26 13.72
CA ASP B 146 -1.87 60.45 13.93
C ASP B 146 -2.58 60.37 12.58
N SER B 147 -3.84 60.78 12.55
CA SER B 147 -4.68 60.63 11.36
C SER B 147 -4.48 61.73 10.33
N ASN B 148 -3.71 62.77 10.63
CA ASN B 148 -3.28 63.74 9.63
C ASN B 148 -1.89 63.44 9.10
N GLY B 149 -1.29 62.33 9.51
CA GLY B 149 0.09 62.06 9.17
C GLY B 149 1.09 62.82 10.01
N ASN B 150 0.61 63.59 10.99
CA ASN B 150 1.51 64.35 11.84
C ASN B 150 2.37 63.40 12.66
N TYR B 151 3.64 63.75 12.80
CA TYR B 151 4.67 62.81 13.22
C TYR B 151 5.04 63.03 14.67
N TYR B 152 5.38 61.92 15.32
CA TYR B 152 5.78 61.94 16.73
C TYR B 152 7.03 61.10 16.96
N GLY B 153 7.84 60.91 15.93
CA GLY B 153 9.14 60.28 16.03
C GLY B 153 10.20 61.23 15.52
N ASP B 154 11.34 60.71 15.09
CA ASP B 154 12.42 61.56 14.59
C ASP B 154 12.88 61.08 13.21
N LYS B 155 14.01 61.62 12.76
CA LYS B 155 14.46 61.41 11.40
C LYS B 155 15.51 60.32 11.27
N ASN B 156 15.78 59.55 12.33
CA ASN B 156 17.01 58.78 12.35
C ASN B 156 16.75 57.28 12.15
N ASN B 157 17.78 56.62 11.65
CA ASN B 157 17.82 55.18 11.49
C ASN B 157 18.32 54.53 12.77
N ILE B 158 18.31 53.20 12.83
CA ILE B 158 18.81 52.46 13.98
C ILE B 158 19.63 51.29 13.47
N ASN B 159 20.56 50.84 14.29
CA ASN B 159 21.72 50.11 13.83
C ASN B 159 21.92 48.84 14.64
N VAL B 160 22.54 47.84 14.02
CA VAL B 160 23.13 46.72 14.75
C VAL B 160 24.63 46.73 14.50
N VAL B 161 25.38 46.29 15.52
CA VAL B 161 26.83 46.27 15.47
C VAL B 161 27.27 45.02 14.73
N THR B 162 28.14 45.19 13.74
CA THR B 162 28.50 44.10 12.85
C THR B 162 29.93 44.21 12.38
N GLY B 163 30.83 43.46 13.00
CA GLY B 163 32.22 43.42 12.59
C GLY B 163 33.12 44.22 13.51
N ALA B 164 34.41 43.91 13.44
CA ALA B 164 35.38 44.42 14.40
C ALA B 164 35.38 45.94 14.49
N GLY B 165 34.87 46.64 13.48
CA GLY B 165 34.83 48.09 13.53
C GLY B 165 33.58 48.66 12.89
N THR B 166 32.52 47.87 12.80
CA THR B 166 31.43 48.17 11.89
C THR B 166 30.08 47.94 12.55
N GLU B 167 29.08 48.66 12.04
CA GLU B 167 27.71 48.62 12.55
C GLU B 167 26.78 48.93 11.39
N SER B 168 25.64 48.24 11.33
CA SER B 168 24.88 48.14 10.09
C SER B 168 23.45 48.61 10.29
N PRO B 169 22.96 49.55 9.46
CA PRO B 169 21.56 50.03 9.58
C PRO B 169 20.51 48.96 9.33
N TYR B 170 19.31 49.12 9.90
CA TYR B 170 18.17 48.32 9.49
C TYR B 170 16.85 49.07 9.46
N ASN B 171 16.81 50.34 9.87
CA ASN B 171 15.58 50.98 10.32
C ASN B 171 14.96 51.83 9.22
N ILE B 172 13.66 52.04 9.35
CA ILE B 172 12.91 52.95 8.50
C ILE B 172 12.24 54.00 9.39
N PRO B 173 12.43 55.29 9.13
CA PRO B 173 11.79 56.32 9.95
C PRO B 173 10.48 56.81 9.36
N GLY B 174 9.69 57.50 10.19
CA GLY B 174 8.38 57.95 9.77
C GLY B 174 8.42 58.96 8.65
N TRP B 175 9.33 59.93 8.72
CA TRP B 175 9.34 61.01 7.74
C TRP B 175 9.43 60.45 6.33
N ASP B 176 10.41 59.60 6.07
CA ASP B 176 10.45 58.91 4.78
C ASP B 176 9.13 58.22 4.52
N LEU B 177 8.56 57.61 5.55
CA LEU B 177 7.35 56.82 5.37
C LEU B 177 6.18 57.71 4.95
N PHE B 178 5.96 58.82 5.66
CA PHE B 178 4.87 59.71 5.28
C PHE B 178 5.33 60.94 4.51
N PHE B 179 6.53 61.47 4.79
CA PHE B 179 6.98 62.62 4.02
C PHE B 179 8.43 62.51 3.57
N LYS B 180 8.77 61.41 2.92
CA LYS B 180 10.04 61.33 2.20
C LYS B 180 10.16 62.46 1.19
N ALA B 181 11.40 62.83 0.88
CA ALA B 181 11.67 63.78 -0.20
C ALA B 181 11.88 63.00 -1.50
N ASP B 182 10.76 62.63 -2.11
CA ASP B 182 10.77 62.00 -3.42
C ASP B 182 11.00 63.04 -4.52
N GLY B 183 12.15 63.70 -4.48
CA GLY B 183 12.53 64.69 -5.46
C GLY B 183 12.49 64.17 -6.89
N ASP B 184 12.39 62.86 -7.04
CA ASP B 184 12.37 62.19 -8.33
C ASP B 184 11.39 62.82 -9.31
N TYR B 185 10.38 63.51 -8.81
CA TYR B 185 9.25 63.90 -9.64
C TYR B 185 9.42 65.31 -10.18
N LYS B 186 8.40 65.79 -10.88
CA LYS B 186 8.56 66.88 -11.85
C LYS B 186 7.39 67.83 -11.70
N LYS B 187 7.69 69.13 -11.71
CA LYS B 187 6.66 70.14 -11.52
C LYS B 187 5.78 70.29 -12.75
N GLN B 188 4.50 70.58 -12.51
CA GLN B 188 3.61 71.11 -13.52
C GLN B 188 2.67 72.09 -12.85
N ILE B 189 2.34 73.18 -13.55
CA ILE B 189 1.55 74.24 -12.99
C ILE B 189 0.43 74.60 -13.96
N SER B 190 -0.66 75.14 -13.41
CA SER B 190 -1.92 75.17 -14.13
C SER B 190 -2.78 76.34 -13.70
N THR B 191 -3.78 76.65 -14.52
CA THR B 191 -4.90 77.49 -14.09
C THR B 191 -5.88 76.66 -13.26
N ASN B 192 -6.75 77.36 -12.55
CA ASN B 192 -7.97 76.74 -12.06
C ASN B 192 -9.08 76.89 -13.09
N VAL B 193 -9.11 78.03 -13.77
CA VAL B 193 -10.15 78.31 -14.76
C VAL B 193 -10.21 77.19 -15.78
N SER B 194 -11.40 76.64 -15.96
CA SER B 194 -11.70 75.83 -17.13
C SER B 194 -12.13 76.73 -18.27
N PHE B 195 -12.02 76.22 -19.50
CA PHE B 195 -12.10 77.05 -20.69
C PHE B 195 -13.04 76.42 -21.71
N THR B 196 -13.94 77.23 -22.25
CA THR B 196 -15.04 76.76 -23.08
C THR B 196 -15.42 77.84 -24.08
N ASP B 197 -15.84 77.43 -25.27
CA ASP B 197 -16.25 78.40 -26.28
C ASP B 197 -17.44 79.19 -25.78
N ASN B 198 -17.39 80.51 -26.02
CA ASN B 198 -18.35 81.42 -25.39
C ASN B 198 -18.96 82.40 -26.37
N ARG B 199 -19.37 81.93 -27.54
CA ARG B 199 -20.17 82.76 -28.43
C ARG B 199 -21.67 82.64 -28.15
N TRP B 200 -22.00 82.27 -26.92
CA TRP B 200 -23.38 82.12 -26.49
C TRP B 200 -23.47 82.38 -24.99
N ASP B 201 -24.68 82.69 -24.52
CA ASP B 201 -24.94 82.83 -23.09
C ASP B 201 -25.07 81.43 -22.51
N LEU B 202 -23.93 80.90 -22.06
CA LEU B 202 -23.85 79.50 -21.66
C LEU B 202 -24.77 79.16 -20.51
N ASN B 203 -25.23 80.14 -19.73
CA ASN B 203 -26.22 79.87 -18.70
C ASN B 203 -27.46 79.22 -19.31
N LYS B 204 -27.92 79.73 -20.44
CA LYS B 204 -28.95 79.08 -21.22
C LYS B 204 -28.41 78.34 -22.43
N ASP B 205 -27.10 78.40 -22.66
CA ASP B 205 -26.46 77.70 -23.77
C ASP B 205 -25.35 76.81 -23.24
N PRO B 206 -25.61 76.01 -22.22
CA PRO B 206 -24.52 75.19 -21.65
C PRO B 206 -23.95 74.18 -22.65
N ASP B 207 -24.69 73.86 -23.71
CA ASP B 207 -24.18 72.90 -24.68
C ASP B 207 -23.10 73.50 -25.57
N LYS B 208 -23.08 74.83 -25.70
CA LYS B 208 -22.21 75.45 -26.70
C LYS B 208 -20.79 75.65 -26.17
N THR B 209 -20.44 74.94 -25.09
CA THR B 209 -19.21 75.17 -24.33
C THR B 209 -17.92 74.72 -25.01
N LYS B 210 -17.95 74.39 -26.30
CA LYS B 210 -16.83 73.73 -26.95
C LYS B 210 -15.49 74.21 -26.42
N TYR B 211 -14.64 73.27 -26.02
CA TYR B 211 -13.40 73.59 -25.32
C TYR B 211 -12.51 74.52 -26.14
N LEU B 212 -11.58 75.18 -25.46
CA LEU B 212 -10.58 76.02 -26.12
C LEU B 212 -9.25 75.26 -26.17
N THR B 213 -9.07 74.50 -27.24
CA THR B 213 -7.81 73.86 -27.56
C THR B 213 -7.00 74.77 -28.48
N GLY B 214 -5.89 74.24 -29.00
CA GLY B 214 -5.09 74.94 -29.97
C GLY B 214 -5.91 75.63 -31.05
N ASP B 215 -6.90 74.93 -31.58
CA ASP B 215 -7.72 75.46 -32.65
C ASP B 215 -8.45 76.73 -32.23
N SER B 216 -9.04 76.73 -31.04
CA SER B 216 -9.94 77.79 -30.61
C SER B 216 -9.15 79.08 -30.42
N LYS B 217 -9.63 80.15 -31.03
CA LYS B 217 -8.97 81.44 -30.92
C LYS B 217 -9.52 82.25 -29.75
N TRP B 218 -8.72 83.23 -29.33
CA TRP B 218 -9.14 84.20 -28.32
C TRP B 218 -10.55 84.70 -28.58
N GLN B 219 -10.97 84.74 -29.84
CA GLN B 219 -12.27 85.30 -30.20
C GLN B 219 -13.43 84.46 -29.69
N GLN B 220 -13.23 83.15 -29.53
CA GLN B 220 -14.33 82.28 -29.12
C GLN B 220 -14.83 82.67 -27.73
N LEU B 221 -13.95 82.63 -26.73
CA LEU B 221 -14.30 83.14 -25.41
C LEU B 221 -14.88 84.55 -25.52
N ILE B 222 -14.26 85.37 -26.36
CA ILE B 222 -14.70 86.73 -26.64
C ILE B 222 -16.07 86.76 -27.27
N GLY B 223 -16.56 85.59 -27.72
CA GLY B 223 -17.75 85.54 -28.53
C GLY B 223 -18.80 86.56 -28.16
N GLN B 224 -19.25 86.55 -26.91
CA GLN B 224 -20.15 87.58 -26.42
C GLN B 224 -19.42 88.62 -25.57
N GLY B 225 -18.15 88.34 -25.25
CA GLY B 225 -17.45 89.17 -24.28
C GLY B 225 -17.27 90.61 -24.70
N TYR B 226 -16.82 90.86 -25.93
CA TYR B 226 -16.56 92.23 -26.36
C TYR B 226 -17.77 93.12 -26.11
N VAL B 227 -18.97 92.64 -26.43
CA VAL B 227 -20.15 93.47 -26.34
C VAL B 227 -20.72 93.40 -24.94
N LYS B 228 -21.06 94.57 -24.38
CA LYS B 228 -21.94 94.60 -23.22
C LYS B 228 -23.39 94.43 -23.66
N ASP B 229 -23.74 94.98 -24.83
CA ASP B 229 -25.10 94.83 -25.33
C ASP B 229 -25.44 93.38 -25.63
N ASN B 230 -24.43 92.53 -25.84
CA ASN B 230 -24.62 91.12 -26.15
C ASN B 230 -25.45 90.90 -27.41
N SER B 231 -25.54 91.91 -28.27
CA SER B 231 -26.27 91.80 -29.53
C SER B 231 -25.48 91.07 -30.61
N LEU B 232 -24.32 90.51 -30.28
CA LEU B 232 -23.54 89.78 -31.26
C LEU B 232 -24.24 88.48 -31.64
N ASP B 233 -24.42 88.26 -32.93
CA ASP B 233 -24.64 86.90 -33.39
C ASP B 233 -23.38 86.08 -33.13
N ALA B 234 -23.58 84.82 -32.76
CA ALA B 234 -22.44 84.00 -32.36
C ALA B 234 -21.34 83.97 -33.41
N ASP B 235 -21.69 83.89 -34.70
CA ASP B 235 -20.68 83.76 -35.73
C ASP B 235 -20.82 84.74 -36.89
N LYS B 236 -22.06 85.02 -37.31
CA LYS B 236 -22.24 85.71 -38.57
C LYS B 236 -21.70 87.12 -38.55
N ASP B 237 -21.54 87.74 -37.38
CA ASP B 237 -20.94 89.06 -37.33
C ASP B 237 -19.48 89.05 -37.73
N PHE B 238 -18.71 88.05 -37.29
CA PHE B 238 -17.26 88.18 -37.32
C PHE B 238 -16.53 86.93 -37.80
N GLU B 239 -17.10 85.75 -37.61
CA GLU B 239 -16.35 84.53 -37.94
C GLU B 239 -15.89 84.51 -39.38
N TYR B 240 -16.77 84.78 -40.33
CA TYR B 240 -16.40 84.61 -41.73
C TYR B 240 -15.43 85.69 -42.14
N ASP B 241 -14.35 85.28 -42.81
CA ASP B 241 -13.31 86.23 -43.19
C ASP B 241 -13.86 87.40 -43.97
N ASP B 242 -14.88 87.18 -44.81
CA ASP B 242 -15.56 88.30 -45.45
C ASP B 242 -16.38 89.10 -44.43
N SER B 243 -16.92 88.43 -43.41
CA SER B 243 -17.66 89.09 -42.35
C SER B 243 -16.75 89.77 -41.34
N LYS B 244 -15.43 89.70 -41.53
CA LYS B 244 -14.52 90.17 -40.50
C LYS B 244 -14.22 91.66 -40.65
N LEU B 245 -14.14 92.32 -39.51
CA LEU B 245 -13.64 93.68 -39.36
C LEU B 245 -12.40 93.62 -38.48
N ASP B 246 -11.88 94.79 -38.11
CA ASP B 246 -10.95 94.84 -37.00
C ASP B 246 -11.72 94.76 -35.70
N PHE B 247 -11.18 94.00 -34.75
CA PHE B 247 -11.82 93.79 -33.47
C PHE B 247 -10.81 94.04 -32.36
N PRO B 248 -11.28 94.45 -31.18
CA PRO B 248 -10.41 95.04 -30.17
C PRO B 248 -9.06 94.35 -30.09
N PRO B 249 -7.96 95.11 -30.15
CA PRO B 249 -6.66 94.53 -29.84
C PRO B 249 -6.56 94.24 -28.36
N THR B 250 -6.12 93.05 -28.02
CA THR B 250 -5.99 92.64 -26.62
C THR B 250 -4.54 92.71 -26.20
N THR B 251 -4.32 92.98 -24.92
CA THR B 251 -2.99 93.08 -24.35
C THR B 251 -2.96 92.32 -23.04
N LEU B 252 -1.80 91.79 -22.70
CA LEU B 252 -1.64 90.90 -21.56
C LEU B 252 -0.37 91.24 -20.80
N TYR B 253 -0.46 91.19 -19.47
CA TYR B 253 0.67 91.42 -18.58
C TYR B 253 1.01 90.11 -17.86
N VAL B 254 2.28 89.97 -17.48
CA VAL B 254 2.78 88.73 -16.91
C VAL B 254 3.82 89.02 -15.85
N GLN B 255 3.83 88.18 -14.82
CA GLN B 255 5.00 87.95 -14.01
C GLN B 255 5.17 86.45 -13.82
N GLY B 256 6.41 86.00 -13.88
CA GLY B 256 6.70 84.59 -13.70
C GLY B 256 8.16 84.39 -13.38
N THR B 257 8.52 83.16 -13.05
CA THR B 257 9.90 82.76 -12.84
C THR B 257 10.20 81.48 -13.61
N LYS B 258 11.38 81.44 -14.20
CA LYS B 258 11.84 80.27 -14.91
C LYS B 258 12.25 79.20 -13.92
N PRO B 259 12.20 77.92 -14.31
CA PRO B 259 12.43 76.83 -13.34
C PRO B 259 13.76 76.94 -12.63
N ASP B 260 14.74 77.62 -13.23
CA ASP B 260 15.95 77.95 -12.51
C ASP B 260 15.65 78.81 -11.29
N GLY B 261 14.67 79.71 -11.42
CA GLY B 261 14.39 80.71 -10.40
C GLY B 261 14.56 82.13 -10.87
N THR B 262 14.88 82.37 -12.13
CA THR B 262 14.96 83.72 -12.66
C THR B 262 13.55 84.26 -12.83
N SER B 263 13.25 85.34 -12.10
CA SER B 263 11.92 85.94 -12.11
C SER B 263 11.83 86.96 -13.22
N PHE B 264 10.62 87.15 -13.74
CA PHE B 264 10.41 88.08 -14.84
C PHE B 264 9.01 88.66 -14.78
N LYS B 265 8.90 89.91 -15.15
CA LYS B 265 7.63 90.52 -15.55
C LYS B 265 7.62 90.65 -17.06
N SER B 266 6.43 90.67 -17.65
CA SER B 266 6.35 90.73 -19.10
C SER B 266 5.00 91.31 -19.53
N ALA B 267 4.98 91.82 -20.76
CA ALA B 267 3.78 92.34 -21.38
C ALA B 267 3.86 92.10 -22.88
N VAL B 268 2.69 91.95 -23.53
CA VAL B 268 2.64 91.61 -24.94
C VAL B 268 1.26 91.94 -25.49
N LEU B 269 1.19 92.18 -26.79
CA LEU B 269 -0.05 92.49 -27.46
C LEU B 269 -0.72 91.21 -27.94
N VAL B 270 -2.04 91.27 -28.14
CA VAL B 270 -2.85 90.09 -28.41
C VAL B 270 -3.92 90.44 -29.44
N LYS B 271 -4.05 89.60 -30.47
CA LYS B 271 -5.12 89.74 -31.45
C LYS B 271 -6.39 89.06 -30.95
N PRO B 272 -7.55 89.45 -31.48
CA PRO B 272 -8.73 88.57 -31.36
C PRO B 272 -8.52 87.23 -32.03
N GLU B 273 -7.72 87.21 -33.10
CA GLU B 273 -7.58 86.02 -33.94
C GLU B 273 -6.46 85.12 -33.45
N ASP B 274 -6.15 85.17 -32.16
CA ASP B 274 -5.02 84.43 -31.60
C ASP B 274 -5.48 83.05 -31.17
N THR B 275 -4.89 82.03 -31.79
CA THR B 275 -5.01 80.66 -31.29
C THR B 275 -4.00 80.46 -30.16
N LEU B 276 -4.04 79.28 -29.55
CA LEU B 276 -3.00 78.93 -28.58
C LEU B 276 -1.64 78.87 -29.25
N GLU B 277 -1.60 78.42 -30.50
CA GLU B 277 -0.32 78.23 -31.17
C GLU B 277 0.40 79.55 -31.35
N ASP B 278 -0.32 80.59 -31.77
CA ASP B 278 0.26 81.93 -31.77
C ASP B 278 0.83 82.26 -30.41
N VAL B 279 0.07 81.96 -29.36
CA VAL B 279 0.54 82.20 -27.99
C VAL B 279 1.72 81.30 -27.67
N MET B 280 1.73 80.08 -28.19
CA MET B 280 2.84 79.17 -27.90
C MET B 280 4.17 79.76 -28.34
N GLU B 281 4.20 80.39 -29.53
CA GLU B 281 5.42 81.04 -29.98
C GLU B 281 5.95 82.02 -28.94
N ASN B 282 5.07 82.88 -28.42
CA ASN B 282 5.48 83.80 -27.37
C ASN B 282 5.95 83.03 -26.14
N ILE B 283 5.21 81.99 -25.76
CA ILE B 283 5.52 81.24 -24.55
C ILE B 283 6.90 80.62 -24.66
N GLY B 284 7.16 79.91 -25.75
CA GLY B 284 8.43 79.22 -25.87
C GLY B 284 9.61 80.17 -25.83
N ALA B 285 9.51 81.28 -26.57
CA ALA B 285 10.57 82.28 -26.56
C ALA B 285 10.72 82.89 -25.17
N LEU B 286 9.60 83.23 -24.53
CA LEU B 286 9.67 83.93 -23.26
C LEU B 286 10.39 83.09 -22.20
N TYR B 287 10.03 81.81 -22.11
CA TYR B 287 10.62 80.97 -21.06
C TYR B 287 11.86 80.25 -21.55
N GLY B 288 12.33 80.57 -22.76
CA GLY B 288 13.55 79.96 -23.26
C GLY B 288 13.38 78.55 -23.75
N ASN B 289 12.16 78.15 -24.13
CA ASN B 289 11.92 76.81 -24.66
C ASN B 289 12.50 76.75 -26.07
N THR B 290 13.82 76.70 -26.13
CA THR B 290 14.49 76.59 -27.41
C THR B 290 14.09 75.28 -28.06
N PRO B 291 14.08 75.19 -29.38
CA PRO B 291 13.79 73.87 -30.00
C PRO B 291 14.74 72.80 -29.53
N ASN B 292 16.04 73.10 -29.54
CA ASN B 292 17.03 72.20 -28.97
C ASN B 292 16.75 71.94 -27.50
N ASN B 293 16.22 72.92 -26.78
CA ASN B 293 16.01 72.76 -25.35
C ASN B 293 14.73 73.53 -24.96
N LYS B 294 13.61 72.80 -24.95
CA LYS B 294 12.43 73.29 -24.25
C LYS B 294 12.78 73.51 -22.79
N VAL B 295 11.93 74.25 -22.08
CA VAL B 295 12.03 74.28 -20.63
C VAL B 295 10.74 73.81 -19.98
N VAL B 296 9.65 73.72 -20.74
CA VAL B 296 8.37 73.24 -20.22
C VAL B 296 7.57 72.64 -21.37
N GLU B 297 6.53 71.88 -21.03
CA GLU B 297 5.56 71.37 -21.99
C GLU B 297 4.18 71.88 -21.62
N VAL B 298 3.45 72.37 -22.61
CA VAL B 298 2.15 73.02 -22.42
C VAL B 298 1.05 72.05 -22.78
N SER B 299 -0.09 72.15 -22.09
CA SER B 299 -1.20 71.23 -22.30
C SER B 299 -2.49 71.84 -21.76
N MET B 300 -3.61 71.40 -22.34
CA MET B 300 -4.94 71.68 -21.82
C MET B 300 -5.55 70.34 -21.42
N ASN B 301 -6.05 70.26 -20.19
CA ASN B 301 -6.41 68.96 -19.63
C ASN B 301 -7.86 68.60 -19.91
N ASP B 302 -8.23 67.38 -19.50
CA ASP B 302 -9.61 66.92 -19.65
C ASP B 302 -10.58 67.85 -18.92
N SER B 303 -10.16 68.42 -17.79
CA SER B 303 -11.04 69.25 -16.98
C SER B 303 -11.07 70.71 -17.42
N GLY B 304 -10.47 71.03 -18.56
CA GLY B 304 -10.62 72.33 -19.16
C GLY B 304 -9.54 73.33 -18.85
N GLN B 305 -8.79 73.16 -17.76
CA GLN B 305 -7.70 74.08 -17.49
C GLN B 305 -6.56 73.84 -18.48
N ILE B 306 -5.65 74.80 -18.53
CA ILE B 306 -4.38 74.65 -19.24
C ILE B 306 -3.29 74.54 -18.19
N GLN B 307 -2.41 73.55 -18.38
CA GLN B 307 -1.40 73.24 -17.39
C GLN B 307 -0.11 72.92 -18.12
N ILE B 308 1.00 73.26 -17.48
CA ILE B 308 2.32 73.22 -18.12
C ILE B 308 3.26 72.43 -17.21
N THR B 309 3.97 71.46 -17.79
CA THR B 309 4.83 70.56 -17.05
C THR B 309 6.29 70.94 -17.26
N ASP B 310 7.10 70.66 -16.24
CA ASP B 310 8.49 71.10 -16.19
C ASP B 310 9.42 69.95 -16.55
N LEU B 311 10.42 70.24 -17.38
CA LEU B 311 11.46 69.27 -17.70
C LEU B 311 12.34 68.97 -16.50
N LYS B 312 12.35 69.85 -15.50
CA LYS B 312 13.29 69.73 -14.39
C LYS B 312 12.72 68.83 -13.28
N GLN B 313 13.58 67.97 -12.75
CA GLN B 313 13.20 67.12 -11.63
C GLN B 313 13.14 67.94 -10.34
N GLY B 314 12.15 67.62 -9.50
CA GLY B 314 12.09 68.20 -8.18
C GLY B 314 12.05 69.73 -8.19
N ASN B 315 11.62 70.30 -9.30
CA ASN B 315 11.74 71.75 -9.48
C ASN B 315 10.81 72.48 -8.51
N ASN B 316 11.32 73.55 -7.91
CA ASN B 316 10.52 74.42 -7.07
C ASN B 316 10.33 75.79 -7.71
N LYS B 317 11.24 76.16 -8.60
CA LYS B 317 11.47 77.57 -8.92
C LYS B 317 10.84 78.00 -10.25
N LEU B 318 9.76 77.38 -10.69
CA LEU B 318 9.01 77.86 -11.84
C LEU B 318 7.69 78.49 -11.40
N ASP B 319 7.24 79.49 -12.15
CA ASP B 319 5.92 80.06 -11.91
C ASP B 319 5.46 80.88 -13.10
N PHE B 320 4.14 81.01 -13.22
CA PHE B 320 3.50 81.98 -14.09
C PHE B 320 2.31 82.59 -13.36
N HIS B 321 1.92 83.78 -13.80
CA HIS B 321 0.60 84.33 -13.47
C HIS B 321 0.43 85.57 -14.34
N ALA B 322 -0.74 85.72 -14.95
CA ALA B 322 -0.89 86.73 -15.99
C ALA B 322 -2.34 87.13 -16.13
N VAL B 323 -2.55 88.24 -16.84
CA VAL B 323 -3.87 88.83 -17.02
C VAL B 323 -3.92 89.53 -18.37
N ALA B 324 -5.02 89.35 -19.09
CA ALA B 324 -5.25 90.02 -20.36
C ALA B 324 -6.36 91.05 -20.20
N PHE B 325 -6.15 92.23 -20.76
CA PHE B 325 -7.10 93.32 -20.70
C PHE B 325 -7.42 93.81 -22.10
N THR B 326 -8.61 94.40 -22.24
CA THR B 326 -9.02 95.05 -23.46
C THR B 326 -10.00 96.14 -23.09
N PRO B 327 -9.94 97.31 -23.74
CA PRO B 327 -10.98 98.32 -23.50
C PRO B 327 -12.32 97.87 -24.04
N GLN B 328 -13.40 98.41 -23.49
CA GLN B 328 -14.73 97.94 -23.87
C GLN B 328 -15.70 99.12 -23.86
N ALA B 329 -16.73 99.00 -24.69
CA ALA B 329 -17.80 99.99 -24.75
C ALA B 329 -19.13 99.24 -24.75
N ASP B 330 -20.21 99.98 -24.54
CA ASP B 330 -21.50 99.35 -24.32
C ASP B 330 -22.01 98.66 -25.60
N THR B 331 -22.00 99.37 -26.72
CA THR B 331 -22.77 98.94 -27.89
C THR B 331 -21.87 98.57 -29.06
N LYS B 332 -22.33 97.57 -29.78
CA LYS B 332 -21.66 97.06 -30.99
C LYS B 332 -21.37 98.19 -31.97
N ASP B 333 -22.37 99.01 -32.28
CA ASP B 333 -22.18 100.10 -33.22
C ASP B 333 -21.19 101.13 -32.69
N GLU B 334 -21.37 101.56 -31.44
CA GLU B 334 -20.47 102.54 -30.84
C GLU B 334 -19.03 102.11 -31.03
N LEU B 335 -18.76 100.83 -30.78
CA LEU B 335 -17.43 100.30 -31.02
C LEU B 335 -17.02 100.51 -32.48
N LYS B 336 -17.94 100.28 -33.41
CA LYS B 336 -17.62 100.56 -34.80
C LYS B 336 -17.57 102.06 -35.05
N ASN B 337 -18.52 102.81 -34.49
CA ASN B 337 -18.40 104.26 -34.53
C ASN B 337 -17.03 104.69 -34.04
N ILE B 338 -16.55 104.04 -32.99
CA ILE B 338 -15.19 104.23 -32.53
C ILE B 338 -14.21 103.78 -33.61
N ILE B 339 -14.49 102.66 -34.28
CA ILE B 339 -13.64 102.22 -35.37
C ILE B 339 -13.52 103.33 -36.41
N GLU B 340 -14.65 103.95 -36.74
CA GLU B 340 -14.64 105.03 -37.72
C GLU B 340 -13.64 106.11 -37.33
N ALA B 341 -13.75 106.61 -36.10
CA ALA B 341 -12.84 107.66 -35.65
C ALA B 341 -11.39 107.22 -35.80
N ALA B 342 -11.09 105.96 -35.47
CA ALA B 342 -9.74 105.46 -35.67
C ALA B 342 -9.37 105.43 -37.16
N ASN B 343 -10.31 105.02 -38.02
CA ASN B 343 -10.03 104.99 -39.44
C ASN B 343 -9.60 106.35 -39.95
N GLN B 344 -10.38 107.39 -39.62
CA GLN B 344 -10.02 108.74 -40.01
C GLN B 344 -8.79 109.23 -39.26
N GLU B 345 -8.66 108.82 -37.99
CA GLU B 345 -7.39 109.03 -37.31
C GLU B 345 -6.27 108.26 -37.99
N GLY B 346 -6.62 107.23 -38.76
CA GLY B 346 -5.63 106.47 -39.49
C GLY B 346 -4.60 105.80 -38.62
N ILE B 347 -5.01 105.18 -37.52
CA ILE B 347 -4.10 104.77 -36.47
C ILE B 347 -4.02 103.25 -36.42
N SER B 348 -2.96 102.76 -35.78
CA SER B 348 -2.93 101.37 -35.36
C SER B 348 -3.89 101.18 -34.19
N MET B 349 -4.72 100.15 -34.27
CA MET B 349 -5.74 99.93 -33.24
C MET B 349 -5.13 99.80 -31.85
N ASN B 350 -3.87 99.36 -31.76
CA ASN B 350 -3.28 99.07 -30.47
C ASN B 350 -3.21 100.30 -29.58
N GLU B 351 -2.83 101.45 -30.13
CA GLU B 351 -2.44 102.56 -29.26
C GLU B 351 -3.61 103.09 -28.44
N VAL B 352 -4.83 103.08 -29.00
CA VAL B 352 -6.00 103.41 -28.19
C VAL B 352 -6.08 102.48 -26.99
N THR B 353 -5.97 101.17 -27.25
CA THR B 353 -5.88 100.21 -26.17
C THR B 353 -4.75 100.58 -25.22
N ASN B 354 -3.57 100.89 -25.77
CA ASN B 354 -2.47 101.35 -24.93
C ASN B 354 -2.88 102.60 -24.17
N ARG B 355 -3.38 103.61 -24.88
CA ARG B 355 -3.72 104.88 -24.26
C ARG B 355 -4.67 104.69 -23.10
N VAL B 356 -5.71 103.87 -23.29
CA VAL B 356 -6.77 103.77 -22.30
C VAL B 356 -6.22 103.26 -20.98
N MET B 357 -5.48 102.16 -21.01
CA MET B 357 -4.84 101.68 -19.78
C MET B 357 -3.67 102.56 -19.40
N GLN B 358 -2.89 103.01 -20.38
CA GLN B 358 -1.80 103.93 -20.10
C GLN B 358 -2.30 105.16 -19.35
N ALA B 359 -3.56 105.56 -19.59
CA ALA B 359 -4.15 106.65 -18.84
C ALA B 359 -4.51 106.21 -17.42
N SER B 360 -5.05 105.00 -17.26
CA SER B 360 -5.41 104.52 -15.94
C SER B 360 -4.24 104.66 -14.97
N THR B 361 -3.04 104.33 -15.45
CA THR B 361 -1.84 104.54 -14.64
C THR B 361 -1.48 106.02 -14.57
N ALA B 362 -1.73 106.77 -15.65
CA ALA B 362 -1.19 108.12 -15.77
C ALA B 362 -1.35 108.90 -14.46
N ALA B 363 -2.58 109.12 -14.03
CA ALA B 363 -2.82 109.48 -12.64
C ALA B 363 -2.94 108.19 -11.85
N PRO B 364 -2.00 107.88 -10.94
CA PRO B 364 -2.09 106.58 -10.25
C PRO B 364 -3.43 106.37 -9.60
N SER B 365 -4.06 107.45 -9.13
CA SER B 365 -5.45 107.39 -8.71
C SER B 365 -6.32 106.81 -9.81
N ASN B 366 -5.99 107.11 -11.07
CA ASN B 366 -6.85 106.75 -12.19
C ASN B 366 -6.79 105.27 -12.55
N GLY B 367 -6.21 104.42 -11.72
CA GLY B 367 -6.10 103.03 -12.14
C GLY B 367 -4.71 102.44 -12.24
N ASP B 368 -3.82 102.73 -11.30
CA ASP B 368 -2.44 102.29 -11.44
C ASP B 368 -2.33 100.78 -11.35
N ILE B 369 -2.90 100.09 -12.34
CA ILE B 369 -2.79 98.65 -12.57
C ILE B 369 -3.24 97.83 -11.36
N THR B 370 -2.68 98.10 -10.19
CA THR B 370 -3.06 97.32 -9.01
C THR B 370 -4.57 97.26 -8.88
N LYS B 371 -5.22 98.41 -8.98
CA LYS B 371 -6.63 98.49 -9.33
C LYS B 371 -6.77 99.56 -10.40
N LEU B 372 -7.61 99.29 -11.39
CA LEU B 372 -7.77 100.18 -12.54
C LEU B 372 -8.79 101.29 -12.30
N ASN B 373 -9.72 101.08 -11.36
CA ASN B 373 -10.34 102.16 -10.61
C ASN B 373 -11.39 102.98 -11.35
N ASN B 374 -11.54 102.82 -12.67
CA ASN B 374 -12.38 103.74 -13.40
C ASN B 374 -12.86 103.17 -14.72
N PRO B 375 -14.07 103.57 -15.16
CA PRO B 375 -14.38 103.47 -16.59
C PRO B 375 -13.79 104.66 -17.33
N VAL B 376 -12.96 104.37 -18.32
CA VAL B 376 -12.06 105.37 -18.90
C VAL B 376 -12.80 106.16 -19.96
N THR B 377 -12.26 107.32 -20.31
CA THR B 377 -12.92 108.27 -21.19
C THR B 377 -11.88 109.01 -22.01
N VAL B 378 -11.80 108.68 -23.31
CA VAL B 378 -10.76 109.22 -24.18
C VAL B 378 -11.39 109.71 -25.48
N THR B 379 -10.58 110.37 -26.29
CA THR B 379 -11.00 110.89 -27.58
C THR B 379 -10.22 110.22 -28.70
N ILE B 380 -10.90 110.05 -29.84
CA ILE B 380 -10.25 109.62 -31.08
C ILE B 380 -10.58 110.64 -32.15
N ASN B 381 -9.55 111.23 -32.74
CA ASN B 381 -9.72 112.14 -33.86
C ASN B 381 -10.73 113.23 -33.53
N ASN B 382 -10.67 113.74 -32.30
CA ASN B 382 -11.58 114.75 -31.79
C ASN B 382 -13.00 114.21 -31.59
N GLN B 383 -13.16 112.90 -31.56
CA GLN B 383 -14.38 112.26 -31.09
C GLN B 383 -14.12 111.73 -29.70
N GLN B 384 -14.95 112.14 -28.74
CA GLN B 384 -14.72 111.89 -27.33
C GLN B 384 -15.60 110.74 -26.87
N PHE B 385 -15.02 109.82 -26.10
CA PHE B 385 -15.71 108.61 -25.70
C PHE B 385 -15.44 108.30 -24.23
N THR B 386 -16.40 107.61 -23.61
CA THR B 386 -16.24 107.01 -22.30
C THR B 386 -16.20 105.50 -22.47
N ILE B 387 -15.42 104.82 -21.62
CA ILE B 387 -14.90 103.50 -21.93
C ILE B 387 -15.15 102.55 -20.78
N ASP B 388 -15.35 101.27 -21.11
CA ASP B 388 -15.35 100.17 -20.17
C ASP B 388 -14.07 99.38 -20.33
N LEU B 389 -13.68 98.68 -19.26
CA LEU B 389 -12.47 97.87 -19.25
C LEU B 389 -12.83 96.42 -19.04
N LYS B 390 -11.99 95.53 -19.54
CA LYS B 390 -12.24 94.09 -19.53
C LYS B 390 -11.12 93.40 -18.77
N GLN B 391 -11.47 92.43 -17.94
CA GLN B 391 -10.51 91.69 -17.13
C GLN B 391 -10.55 90.20 -17.44
N THR B 392 -9.36 89.61 -17.60
CA THR B 392 -9.22 88.16 -17.66
C THR B 392 -7.88 87.81 -17.01
N ASP B 393 -7.92 87.44 -15.74
CA ASP B 393 -6.75 86.94 -15.02
C ASP B 393 -7.00 85.45 -14.78
N PHE B 394 -6.16 84.62 -15.39
CA PHE B 394 -6.45 83.20 -15.54
C PHE B 394 -6.20 82.42 -14.25
N ILE B 395 -5.72 83.08 -13.21
CA ILE B 395 -5.88 82.65 -11.83
C ILE B 395 -6.38 83.83 -11.01
N LYS B 396 -7.46 83.62 -10.26
CA LYS B 396 -8.00 84.64 -9.38
C LYS B 396 -8.73 83.93 -8.26
N SER B 397 -8.62 84.47 -7.05
CA SER B 397 -9.13 83.80 -5.87
C SER B 397 -10.06 84.72 -5.12
N LYS B 398 -11.13 84.13 -4.59
CA LYS B 398 -11.98 84.86 -3.66
C LYS B 398 -11.30 85.09 -2.32
N MET B 399 -10.15 84.47 -2.09
CA MET B 399 -9.30 84.89 -0.97
C MET B 399 -8.97 86.36 -1.11
N THR B 400 -8.99 87.04 0.03
CA THR B 400 -8.83 88.49 0.02
C THR B 400 -7.46 88.88 -0.51
N ASP B 401 -7.39 90.11 -1.00
CA ASP B 401 -6.11 90.80 -1.09
C ASP B 401 -5.80 91.35 0.28
N THR B 402 -4.82 92.24 0.39
CA THR B 402 -4.58 92.95 1.63
C THR B 402 -5.30 94.29 1.70
N ASP B 403 -5.92 94.76 0.62
CA ASP B 403 -6.78 95.93 0.62
C ASP B 403 -8.24 95.57 0.91
N GLY B 404 -8.48 94.32 1.32
CA GLY B 404 -9.82 93.86 1.61
C GLY B 404 -10.56 93.29 0.43
N ASN B 405 -10.07 93.50 -0.79
CA ASN B 405 -10.74 92.97 -1.97
C ASN B 405 -10.49 91.47 -2.08
N ALA B 406 -11.52 90.74 -2.53
CA ALA B 406 -11.30 89.37 -2.94
C ALA B 406 -10.17 89.37 -3.96
N ALA B 407 -9.04 88.74 -3.63
CA ALA B 407 -7.80 88.93 -4.36
C ALA B 407 -8.02 88.84 -5.86
N ASN B 408 -7.81 89.96 -6.55
CA ASN B 408 -7.85 89.97 -8.01
C ASN B 408 -6.49 89.53 -8.55
N GLY B 409 -6.42 89.40 -9.88
CA GLY B 409 -5.16 89.06 -10.50
C GLY B 409 -4.06 90.05 -10.17
N ALA B 410 -4.37 91.35 -10.19
CA ALA B 410 -3.40 92.36 -9.82
C ALA B 410 -2.93 92.20 -8.38
N ASP B 411 -3.72 91.55 -7.54
CA ASP B 411 -3.31 91.18 -6.19
C ASP B 411 -2.51 89.90 -6.32
N TYR B 412 -1.28 90.03 -6.81
CA TYR B 412 -0.47 88.90 -7.22
C TYR B 412 0.11 88.16 -6.02
N ASP B 413 0.97 88.84 -5.26
CA ASP B 413 1.44 88.30 -3.99
C ASP B 413 0.76 88.97 -2.81
N ASN B 414 -0.39 89.61 -3.03
CA ASN B 414 -0.92 90.62 -2.13
C ASN B 414 -2.13 90.13 -1.35
N VAL B 415 -2.34 88.82 -1.26
CA VAL B 415 -3.34 88.30 -0.34
C VAL B 415 -2.78 88.31 1.08
N TYR B 416 -3.66 88.42 2.06
CA TYR B 416 -3.19 88.26 3.43
C TYR B 416 -2.58 86.88 3.60
N PHE B 417 -1.50 86.81 4.37
CA PHE B 417 -0.77 85.56 4.49
C PHE B 417 -1.63 84.51 5.20
N GLU B 418 -1.28 83.25 4.95
CA GLU B 418 -2.19 82.12 5.12
C GLU B 418 -2.35 81.79 6.60
N LYS B 419 -3.61 81.77 7.06
CA LYS B 419 -3.95 81.48 8.45
C LYS B 419 -4.54 80.07 8.53
N ASN B 420 -3.93 79.22 9.33
CA ASN B 420 -4.54 77.93 9.71
C ASN B 420 -4.86 78.00 11.19
N GLY B 421 -6.12 78.26 11.50
CA GLY B 421 -6.53 78.36 12.89
C GLY B 421 -5.72 79.41 13.62
N ASN B 422 -4.86 78.98 14.52
CA ASN B 422 -3.93 79.86 15.21
C ASN B 422 -2.60 79.95 14.49
N THR B 423 -2.47 79.31 13.34
CA THR B 423 -1.22 79.29 12.59
C THR B 423 -1.33 80.19 11.36
N VAL B 424 -0.32 81.03 11.18
CA VAL B 424 -0.14 81.78 9.94
C VAL B 424 1.07 81.21 9.23
N TYR B 425 1.03 81.23 7.90
CA TYR B 425 2.09 80.55 7.17
C TYR B 425 2.15 81.07 5.74
N GLY B 426 3.27 80.79 5.10
CA GLY B 426 3.47 81.06 3.69
C GLY B 426 3.76 79.77 2.96
N ASN B 427 2.87 79.40 2.04
CA ASN B 427 2.96 78.11 1.38
C ASN B 427 4.30 77.90 0.70
N VAL B 428 4.95 78.97 0.26
CA VAL B 428 6.15 78.86 -0.58
C VAL B 428 7.21 78.05 0.17
N SER B 429 7.59 76.91 -0.42
CA SER B 429 8.73 76.16 0.09
C SER B 429 10.01 76.91 -0.21
N GLN B 430 10.79 77.17 0.83
CA GLN B 430 11.98 77.99 0.71
C GLN B 430 13.14 77.08 0.32
N VAL B 431 13.56 77.18 -0.93
CA VAL B 431 14.49 76.22 -1.53
C VAL B 431 15.59 77.02 -2.21
N ILE B 432 16.79 76.47 -2.19
CA ILE B 432 18.01 77.26 -2.33
C ILE B 432 18.26 77.58 -3.80
N LYS B 433 18.70 78.81 -4.05
CA LYS B 433 19.14 79.24 -5.37
C LYS B 433 19.98 78.16 -6.03
N GLY B 434 19.61 77.78 -7.25
CA GLY B 434 20.41 76.87 -8.03
C GLY B 434 20.34 75.43 -7.55
N SER B 435 20.89 75.18 -6.36
CA SER B 435 20.95 73.80 -5.84
C SER B 435 19.58 73.17 -5.71
N ASN B 436 18.53 73.98 -5.56
CA ASN B 436 17.19 73.48 -5.31
C ASN B 436 17.13 72.71 -4.00
N ALA B 437 18.02 73.03 -3.06
CA ALA B 437 17.95 72.47 -1.73
C ALA B 437 17.15 73.40 -0.80
N TYR B 438 16.57 72.81 0.23
CA TYR B 438 15.71 73.58 1.13
C TYR B 438 16.57 74.42 2.07
N ALA B 439 15.90 75.18 2.93
CA ALA B 439 16.55 76.12 3.81
C ALA B 439 15.96 76.01 5.21
N THR B 440 16.56 76.74 6.14
CA THR B 440 16.11 76.77 7.52
C THR B 440 16.32 78.18 8.06
N ASP B 441 15.84 78.40 9.29
CA ASP B 441 16.08 79.67 9.94
C ASP B 441 17.56 80.00 9.98
N SER B 442 18.39 78.99 10.26
CA SER B 442 19.84 79.18 10.20
C SER B 442 20.29 79.58 8.80
N THR B 443 19.54 79.20 7.77
CA THR B 443 19.88 79.63 6.42
C THR B 443 19.74 81.14 6.31
N LYS B 444 20.52 81.71 5.39
CA LYS B 444 20.68 83.16 5.34
C LYS B 444 20.28 83.67 3.97
N LEU B 445 20.29 84.99 3.83
CA LEU B 445 19.60 85.64 2.72
C LEU B 445 20.08 85.13 1.37
N SER B 446 21.39 85.08 1.17
CA SER B 446 21.93 84.85 -0.16
C SER B 446 21.42 83.54 -0.76
N GLU B 447 21.02 82.59 0.08
CA GLU B 447 20.91 81.20 -0.35
C GLU B 447 19.66 80.96 -1.19
N VAL B 448 18.52 81.57 -0.83
CA VAL B 448 17.25 81.14 -1.38
C VAL B 448 16.71 82.07 -2.47
N MET B 449 17.38 83.19 -2.71
CA MET B 449 16.83 84.25 -3.56
C MET B 449 16.47 83.75 -4.96
N ALA B 450 15.61 84.48 -5.66
CA ALA B 450 15.34 84.22 -7.08
C ALA B 450 16.23 85.13 -7.94
N GLY B 451 16.02 86.44 -7.82
CA GLY B 451 16.98 87.42 -8.26
C GLY B 451 18.01 87.61 -7.16
N ASP B 452 18.99 88.49 -7.34
CA ASP B 452 20.10 88.56 -6.39
C ASP B 452 20.28 89.91 -5.71
N SER B 453 20.32 90.97 -6.51
CA SER B 453 20.97 92.21 -6.08
C SER B 453 20.36 92.77 -4.80
N LEU B 454 21.22 93.10 -3.85
CA LEU B 454 20.80 93.88 -2.69
C LEU B 454 20.13 95.16 -3.15
N ASN B 455 20.77 95.87 -4.07
CA ASN B 455 20.10 96.92 -4.82
C ASN B 455 18.82 96.35 -5.39
N GLY B 456 17.68 96.90 -4.96
CA GLY B 456 16.40 96.32 -5.30
C GLY B 456 15.90 95.31 -4.30
N THR B 457 16.57 95.17 -3.15
CA THR B 457 16.14 94.27 -2.09
C THR B 457 15.77 95.15 -0.89
N THR B 458 14.48 95.43 -0.74
CA THR B 458 14.00 96.34 0.28
C THR B 458 12.54 96.03 0.54
N LEU B 459 12.20 95.66 1.77
CA LEU B 459 10.92 95.05 2.08
C LEU B 459 10.07 95.95 2.95
N ASN B 460 8.76 95.72 2.90
CA ASN B 460 7.79 96.54 3.58
C ASN B 460 6.60 95.68 3.98
N LEU B 461 5.90 96.10 5.03
CA LEU B 461 5.09 95.16 5.79
C LEU B 461 3.72 95.75 6.13
N LYS B 462 2.76 94.87 6.34
CA LYS B 462 1.53 95.17 7.02
C LYS B 462 1.52 94.49 8.38
N VAL B 463 1.33 95.27 9.43
CA VAL B 463 1.32 94.77 10.80
C VAL B 463 -0.11 94.81 11.32
N ASN B 464 -0.48 93.80 12.09
CA ASN B 464 -1.68 93.83 12.91
C ASN B 464 -1.30 93.44 14.33
N SER B 465 -1.47 94.36 15.26
CA SER B 465 -1.33 93.99 16.66
C SER B 465 -2.48 93.06 17.06
N LYS B 466 -2.23 92.24 18.07
CA LYS B 466 -3.29 91.41 18.61
C LYS B 466 -4.46 92.26 19.08
N GLY B 467 -4.21 93.51 19.45
CA GLY B 467 -5.27 94.46 19.72
C GLY B 467 -5.69 95.18 18.45
N GLY B 468 -5.29 94.62 17.31
CA GLY B 468 -5.65 95.20 16.02
C GLY B 468 -4.73 96.30 15.55
N ASN B 469 -4.10 97.01 16.49
CA ASN B 469 -3.23 98.13 16.12
C ASN B 469 -2.30 97.71 14.99
N SER B 470 -2.43 98.36 13.84
CA SER B 470 -1.83 97.90 12.61
C SER B 470 -0.86 98.95 12.08
N TYR B 471 0.24 98.48 11.49
CA TYR B 471 1.33 99.37 11.12
C TYR B 471 2.14 98.72 10.01
N ASP B 472 3.02 99.52 9.43
CA ASP B 472 4.04 99.04 8.51
C ASP B 472 5.38 98.92 9.23
N VAL B 473 6.24 98.07 8.70
CA VAL B 473 7.67 98.14 8.97
C VAL B 473 8.37 97.98 7.63
N THR B 474 9.14 98.99 7.25
CA THR B 474 9.82 99.01 5.97
C THR B 474 11.30 98.75 6.19
N ILE B 475 11.86 97.92 5.30
CA ILE B 475 13.18 97.36 5.53
C ILE B 475 14.00 97.48 4.25
N ASN B 476 14.96 98.39 4.24
CA ASN B 476 15.87 98.52 3.12
C ASN B 476 17.06 97.61 3.34
N LEU B 477 17.10 96.52 2.58
CA LEU B 477 18.16 95.53 2.72
C LEU B 477 19.28 95.73 1.71
N GLN B 478 19.04 96.50 0.65
CA GLN B 478 20.13 97.14 -0.06
C GLN B 478 21.04 97.80 0.96
N THR B 479 20.45 98.57 1.88
CA THR B 479 21.19 99.23 2.94
C THR B 479 21.18 98.45 4.25
N SER B 480 20.37 97.40 4.34
CA SER B 480 20.20 96.65 5.59
C SER B 480 19.69 97.59 6.69
N THR B 481 18.49 98.12 6.44
CA THR B 481 17.90 99.14 7.30
C THR B 481 16.45 98.79 7.55
N VAL B 482 15.92 99.24 8.69
CA VAL B 482 14.53 99.03 9.06
C VAL B 482 13.92 100.36 9.48
N SER B 483 12.65 100.56 9.14
CA SER B 483 11.91 101.75 9.53
C SER B 483 10.44 101.38 9.68
N TYR B 484 9.72 102.21 10.42
CA TYR B 484 8.31 101.95 10.67
C TYR B 484 7.64 103.24 11.14
N PRO B 485 6.31 103.36 10.98
CA PRO B 485 5.65 104.66 11.16
C PRO B 485 5.40 105.03 12.61
N ASP B 486 4.85 106.19 12.87
CA ASP B 486 4.66 106.64 14.25
C ASP B 486 3.37 106.10 14.88
N PRO B 487 3.51 105.14 15.82
CA PRO B 487 2.32 104.60 16.49
C PRO B 487 2.11 105.27 17.82
N ASN B 488 3.03 106.13 18.23
CA ASN B 488 2.94 106.75 19.55
C ASN B 488 2.73 108.25 19.42
N ASN B 489 3.73 108.94 18.89
CA ASN B 489 3.64 110.38 18.71
C ASN B 489 2.78 110.67 17.48
N PRO B 490 2.47 111.95 17.24
CA PRO B 490 1.58 112.23 16.11
C PRO B 490 2.08 111.68 14.80
N GLY B 491 3.34 111.96 14.46
CA GLY B 491 3.88 111.50 13.19
C GLY B 491 5.37 111.65 13.06
N GLN B 492 6.03 110.65 12.48
CA GLN B 492 7.47 110.66 12.29
C GLN B 492 7.82 109.29 11.81
N THR B 493 9.08 109.07 11.43
CA THR B 493 9.46 107.71 11.10
C THR B 493 10.31 107.15 12.24
N ILE B 494 9.90 106.00 12.74
CA ILE B 494 10.56 105.36 13.88
C ILE B 494 11.26 104.12 13.38
N SER B 495 12.42 103.82 13.95
CA SER B 495 13.37 102.94 13.30
C SER B 495 14.31 102.31 14.32
N PHE B 496 15.10 101.37 13.84
CA PHE B 496 16.21 100.78 14.56
C PHE B 496 17.23 100.29 13.55
N PRO B 497 18.51 100.26 13.90
CA PRO B 497 19.52 99.75 12.97
C PRO B 497 19.66 98.24 13.03
N ILE B 498 20.08 97.62 11.93
CA ILE B 498 20.22 96.17 11.87
C ILE B 498 21.62 95.75 12.28
N MET B 499 21.84 95.59 13.58
CA MET B 499 23.07 95.05 14.10
C MET B 499 22.91 93.58 14.45
N HIS B 500 23.99 92.99 14.95
CA HIS B 500 23.90 91.67 15.57
C HIS B 500 25.09 91.50 16.50
N THR B 501 24.99 90.50 17.36
CA THR B 501 25.86 90.36 18.52
C THR B 501 27.25 89.90 18.10
N ASN B 502 28.26 90.67 18.52
CA ASN B 502 29.65 90.23 18.39
C ASN B 502 30.40 90.52 19.69
N PRO B 503 29.92 90.00 20.82
CA PRO B 503 30.72 90.06 22.05
C PRO B 503 32.01 89.26 21.90
N ALA B 504 32.05 88.37 20.89
CA ALA B 504 33.29 87.68 20.57
C ALA B 504 34.45 88.66 20.51
N THR B 505 34.19 89.88 20.08
CA THR B 505 35.13 90.99 20.18
C THR B 505 34.53 92.10 21.04
N GLY B 506 33.79 91.70 22.08
CA GLY B 506 33.07 92.62 22.92
C GLY B 506 31.95 93.38 22.24
N ASN B 507 31.74 93.18 20.95
CA ASN B 507 30.86 94.03 20.14
C ASN B 507 29.47 93.43 19.97
N SER B 508 28.72 93.27 21.05
CA SER B 508 27.32 92.91 20.89
C SER B 508 26.60 94.04 20.18
N GLY B 509 26.19 93.78 18.94
CA GLY B 509 25.57 94.81 18.13
C GLY B 509 26.49 95.32 17.05
N VAL B 510 27.20 94.42 16.38
CA VAL B 510 27.97 94.77 15.20
C VAL B 510 27.05 94.66 13.99
N VAL B 511 27.35 95.40 12.94
CA VAL B 511 26.49 95.50 11.78
C VAL B 511 26.32 94.11 11.18
N THR B 512 25.11 93.79 10.76
CA THR B 512 24.81 92.49 10.20
C THR B 512 24.96 92.56 8.68
N GLY B 513 25.79 91.69 8.12
CA GLY B 513 26.12 91.79 6.71
C GLY B 513 24.88 91.68 5.84
N SER B 514 24.87 92.45 4.75
CA SER B 514 23.68 92.52 3.90
C SER B 514 23.30 91.15 3.36
N ASN B 515 24.29 90.27 3.14
CA ASN B 515 24.00 88.96 2.59
C ASN B 515 23.84 87.89 3.66
N ASP B 516 24.46 88.08 4.82
CA ASP B 516 24.61 86.98 5.76
C ASP B 516 23.45 86.84 6.74
N ILE B 517 22.42 87.69 6.64
CA ILE B 517 21.38 87.64 7.66
C ILE B 517 20.67 86.30 7.62
N THR B 518 20.53 85.68 8.79
CA THR B 518 19.79 84.44 8.91
C THR B 518 18.29 84.70 8.82
N TYR B 519 17.60 83.79 8.16
CA TYR B 519 16.14 83.82 8.19
C TYR B 519 15.63 83.72 9.62
N GLY B 520 16.41 83.09 10.51
CA GLY B 520 16.04 83.09 11.91
C GLY B 520 16.03 84.49 12.50
N GLN B 521 17.08 85.28 12.23
CA GLN B 521 17.11 86.65 12.70
C GLN B 521 15.88 87.41 12.20
N ILE B 522 15.47 87.13 10.97
CA ILE B 522 14.21 87.66 10.47
C ILE B 522 13.05 87.13 11.30
N ASN B 523 13.13 85.87 11.73
CA ASN B 523 11.97 85.23 12.32
C ASN B 523 11.62 85.81 13.67
N ASP B 524 12.61 86.19 14.48
CA ASP B 524 12.27 86.88 15.72
C ASP B 524 11.89 88.34 15.44
N ILE B 525 12.58 88.98 14.51
CA ILE B 525 12.10 90.27 14.02
C ILE B 525 10.60 90.19 13.77
N ILE B 526 10.16 89.06 13.22
CA ILE B 526 8.73 88.76 13.16
C ILE B 526 8.19 88.49 14.56
N GLY B 527 8.81 87.53 15.26
CA GLY B 527 8.26 87.12 16.54
C GLY B 527 8.15 88.26 17.52
N MET B 528 9.22 89.05 17.64
CA MET B 528 9.19 90.20 18.54
C MET B 528 8.06 91.15 18.20
N PHE B 529 7.97 91.60 16.96
CA PHE B 529 6.94 92.58 16.62
C PHE B 529 5.59 91.90 16.51
N ALA B 530 5.57 90.61 16.19
CA ALA B 530 4.36 89.83 16.39
C ALA B 530 3.94 89.89 17.85
N ALA B 531 4.91 89.99 18.76
CA ALA B 531 4.62 90.26 20.16
C ALA B 531 4.43 91.76 20.37
N ASP B 532 4.21 92.49 19.27
CA ASP B 532 3.92 93.92 19.30
C ASP B 532 4.97 94.70 20.07
N LYS B 533 6.19 94.17 20.18
CA LYS B 533 7.29 94.90 20.79
C LYS B 533 7.92 95.82 19.76
N ILE B 534 8.16 97.08 20.15
CA ILE B 534 8.78 98.05 19.26
C ILE B 534 9.78 98.89 20.04
N PRO B 535 10.87 99.34 19.42
CA PRO B 535 11.59 100.49 20.01
C PRO B 535 10.81 101.76 19.74
N THR B 536 10.11 102.27 20.75
CA THR B 536 9.32 103.48 20.54
C THR B 536 10.20 104.61 20.04
N THR B 537 11.45 104.63 20.48
CA THR B 537 12.42 105.58 19.95
C THR B 537 12.76 105.23 18.51
N THR B 538 13.00 106.26 17.71
CA THR B 538 13.72 106.04 16.46
C THR B 538 15.20 105.85 16.78
N ILE B 539 15.77 104.76 16.26
CA ILE B 539 17.12 104.37 16.62
C ILE B 539 17.93 104.12 15.37
N GLN B 540 19.15 104.61 15.36
CA GLN B 540 20.13 104.28 14.33
C GLN B 540 21.51 104.25 14.96
N ALA B 541 22.46 103.66 14.24
CA ALA B 541 23.69 103.17 14.84
C ALA B 541 24.89 104.05 14.50
N ASN B 542 25.95 103.84 15.27
CA ASN B 542 27.27 104.35 14.91
C ASN B 542 27.88 103.48 13.81
N ASN B 543 28.89 104.03 13.15
CA ASN B 543 29.59 103.31 12.11
C ASN B 543 29.98 101.92 12.58
N GLY B 544 29.42 100.89 11.94
CA GLY B 544 29.82 99.52 12.18
C GLY B 544 29.38 98.93 13.51
N GLN B 545 28.85 99.74 14.43
CA GLN B 545 28.58 99.22 15.76
C GLN B 545 27.60 100.10 16.51
N ILE B 546 26.83 99.46 17.40
CA ILE B 546 26.21 100.11 18.54
C ILE B 546 26.74 99.45 19.79
N ASN B 547 26.75 100.18 20.89
CA ASN B 547 27.37 99.69 22.10
C ASN B 547 26.71 98.39 22.55
N ASN B 548 27.54 97.48 23.06
CA ASN B 548 27.03 96.23 23.60
C ASN B 548 25.91 96.49 24.60
N ALA B 549 26.12 97.46 25.50
CA ALA B 549 25.06 97.83 26.43
C ALA B 549 23.83 98.29 25.68
N ASP B 550 24.00 99.21 24.74
CA ASP B 550 22.87 99.64 23.92
C ASP B 550 22.24 98.45 23.21
N TYR B 551 23.06 97.69 22.50
CA TYR B 551 22.58 96.47 21.86
C TYR B 551 21.97 95.54 22.89
N THR B 552 22.64 95.39 24.03
CA THR B 552 22.15 94.50 25.07
C THR B 552 20.71 94.84 25.45
N GLN B 553 20.41 96.13 25.55
CA GLN B 553 19.08 96.53 25.98
C GLN B 553 18.01 95.99 25.04
N ILE B 554 18.27 96.00 23.73
CA ILE B 554 17.34 95.35 22.81
C ILE B 554 17.22 93.87 23.16
N GLN B 555 18.34 93.26 23.56
CA GLN B 555 18.32 91.82 23.73
C GLN B 555 17.28 91.41 24.75
N GLN B 556 17.18 92.16 25.84
CA GLN B 556 16.12 91.94 26.81
C GLN B 556 14.76 91.91 26.13
N LEU B 557 14.48 92.92 25.29
CA LEU B 557 13.23 92.93 24.55
C LEU B 557 13.08 91.65 23.74
N MET B 558 14.19 91.17 23.17
CA MET B 558 14.11 90.01 22.29
C MET B 558 13.68 88.77 23.04
N LYS B 559 14.30 88.51 24.19
CA LYS B 559 13.95 87.32 24.95
C LYS B 559 12.51 87.36 25.41
N ASP B 560 11.91 88.55 25.49
CA ASP B 560 10.49 88.65 25.79
C ASP B 560 9.67 87.98 24.70
N SER B 561 10.15 88.00 23.46
CA SER B 561 9.40 87.42 22.35
C SER B 561 9.25 85.91 22.51
N GLN B 562 10.09 85.28 23.33
CA GLN B 562 10.10 83.82 23.42
C GLN B 562 8.76 83.26 23.87
N ALA B 563 7.98 84.03 24.63
CA ALA B 563 6.88 83.46 25.40
C ALA B 563 5.86 82.75 24.49
N THR B 564 5.19 83.51 23.62
CA THR B 564 3.97 83.03 22.98
C THR B 564 4.05 82.91 21.47
N VAL B 565 5.03 83.50 20.81
CA VAL B 565 5.05 83.60 19.36
C VAL B 565 5.97 82.54 18.78
N ASP B 566 5.47 81.84 17.76
CA ASP B 566 6.30 80.95 16.95
C ASP B 566 6.50 81.57 15.57
N VAL B 567 7.76 81.63 15.15
CA VAL B 567 8.12 81.97 13.77
C VAL B 567 9.17 80.96 13.34
N SER B 568 8.92 80.29 12.22
CA SER B 568 9.74 79.13 11.91
C SER B 568 9.69 78.83 10.41
N MET B 569 10.77 78.21 9.93
CA MET B 569 10.82 77.59 8.61
C MET B 569 10.56 76.10 8.80
N ASP B 570 9.60 75.57 8.04
CA ASP B 570 8.91 74.36 8.46
C ASP B 570 9.07 73.16 7.54
N TYR B 571 8.28 72.12 7.82
CA TYR B 571 8.43 70.78 7.25
C TYR B 571 8.75 70.75 5.77
N LYS B 572 8.33 71.75 4.98
CA LYS B 572 8.77 71.87 3.59
C LYS B 572 9.75 73.02 3.43
N GLY B 573 10.44 73.39 4.50
CA GLY B 573 11.23 74.59 4.48
C GLY B 573 10.40 75.80 4.14
N ARG B 574 9.08 75.67 4.12
CA ARG B 574 8.21 76.80 3.82
C ARG B 574 7.93 77.55 5.12
N ILE B 575 7.03 78.53 5.05
CA ILE B 575 6.95 79.58 6.04
C ILE B 575 5.96 79.16 7.12
N SER B 576 6.35 79.31 8.39
CA SER B 576 5.53 78.88 9.52
C SER B 576 5.55 79.91 10.63
N VAL B 577 4.36 80.13 11.21
CA VAL B 577 4.18 81.01 12.35
C VAL B 577 2.97 80.50 13.13
N THR B 578 3.01 80.61 14.45
CA THR B 578 1.94 80.05 15.27
C THR B 578 1.73 80.89 16.52
N ASP B 579 0.46 80.98 16.93
CA ASP B 579 0.06 81.54 18.22
C ASP B 579 -0.13 80.41 19.20
N LYS B 580 0.74 80.34 20.20
CA LYS B 580 0.68 79.26 21.18
C LYS B 580 -0.55 79.34 22.07
N LEU B 581 -1.15 80.52 22.21
CA LEU B 581 -2.32 80.70 23.06
C LEU B 581 -3.60 80.80 22.24
N SER B 582 -3.72 80.02 21.18
CA SER B 582 -4.89 80.12 20.32
C SER B 582 -5.04 78.84 19.51
N SER B 583 -6.25 78.63 19.01
CA SER B 583 -6.52 77.74 17.90
C SER B 583 -7.11 78.49 16.72
N GLY B 584 -7.65 79.69 16.96
CA GLY B 584 -7.96 80.65 15.92
C GLY B 584 -7.54 82.02 16.41
N THR B 585 -6.61 82.66 15.71
CA THR B 585 -5.92 83.83 16.23
C THR B 585 -6.24 85.09 15.44
N ASN B 586 -5.86 86.24 16.00
CA ASN B 586 -6.38 87.52 15.55
C ASN B 586 -5.30 88.55 15.22
N ILE B 587 -4.25 88.13 14.52
CA ILE B 587 -3.29 89.04 13.91
C ILE B 587 -3.13 88.60 12.47
N GLU B 588 -3.29 89.53 11.53
CA GLU B 588 -3.19 89.16 10.12
C GLU B 588 -2.12 90.04 9.50
N ILE B 589 -1.24 89.43 8.72
CA ILE B 589 0.01 90.07 8.32
C ILE B 589 0.22 89.88 6.83
N SER B 590 0.99 90.80 6.24
CA SER B 590 1.48 90.65 4.88
C SER B 590 2.73 91.49 4.73
N LEU B 591 3.67 90.97 3.93
CA LEU B 591 4.92 91.66 3.62
C LEU B 591 5.08 91.74 2.11
N SER B 592 5.67 92.85 1.66
CA SER B 592 5.93 93.08 0.26
C SER B 592 7.37 93.54 0.08
N ASP B 593 7.79 93.57 -1.18
CA ASP B 593 9.11 94.06 -1.56
C ASP B 593 8.98 95.39 -2.28
N SER B 594 10.06 96.16 -2.28
CA SER B 594 10.12 97.39 -3.04
C SER B 594 9.78 97.12 -4.49
N GLN B 595 10.06 95.89 -4.94
CA GLN B 595 9.78 95.49 -6.31
C GLN B 595 8.33 95.12 -6.54
N SER B 596 7.52 95.05 -5.48
CA SER B 596 6.15 94.59 -5.59
C SER B 596 5.27 95.62 -6.30
N GLY B 597 4.19 95.14 -6.89
CA GLY B 597 3.12 96.00 -7.38
C GLY B 597 3.13 96.50 -8.80
N GLN B 598 4.19 97.19 -9.22
CA GLN B 598 4.19 97.94 -10.46
C GLN B 598 4.80 97.12 -11.59
N PHE B 599 4.51 97.54 -12.83
CA PHE B 599 4.71 96.68 -13.99
C PHE B 599 5.24 97.44 -15.20
N PRO B 600 5.53 96.74 -16.32
CA PRO B 600 6.26 97.36 -17.43
C PRO B 600 5.66 98.65 -17.97
N ALA B 601 6.40 99.32 -18.86
CA ALA B 601 6.06 100.65 -19.34
C ALA B 601 5.52 100.59 -20.76
N PRO B 602 4.25 100.91 -21.00
CA PRO B 602 3.69 100.82 -22.35
C PRO B 602 4.19 101.96 -23.22
N PRO B 603 3.92 101.91 -24.54
CA PRO B 603 3.23 100.84 -25.27
C PRO B 603 4.16 99.67 -25.55
N PHE B 604 3.69 98.63 -26.22
CA PHE B 604 4.45 97.40 -26.38
C PHE B 604 4.17 96.79 -27.73
N THR B 605 4.79 95.64 -27.98
CA THR B 605 4.66 94.90 -29.22
C THR B 605 3.91 93.60 -29.01
N THR B 606 3.41 93.03 -30.11
CA THR B 606 3.01 91.64 -30.09
C THR B 606 4.20 90.74 -29.77
N THR B 607 5.41 91.20 -30.07
CA THR B 607 6.59 90.57 -29.52
C THR B 607 6.56 90.69 -28.01
N SER B 608 6.96 89.63 -27.33
CA SER B 608 6.99 89.67 -25.87
C SER B 608 7.97 90.74 -25.40
N THR B 609 7.51 91.59 -24.49
CA THR B 609 8.36 92.56 -23.82
C THR B 609 8.56 92.10 -22.37
N VAL B 610 9.78 91.67 -22.06
CA VAL B 610 10.06 90.96 -20.82
C VAL B 610 10.87 91.86 -19.90
N GLN B 611 10.60 91.70 -18.61
CA GLN B 611 11.25 92.48 -17.56
C GLN B 611 11.41 91.58 -16.35
N ASN B 612 12.37 91.92 -15.51
CA ASN B 612 12.74 91.06 -14.40
C ASN B 612 11.71 91.13 -13.28
N GLY B 613 11.60 90.03 -12.54
CA GLY B 613 10.80 90.00 -11.34
C GLY B 613 11.64 90.34 -10.13
N PRO B 614 11.16 90.01 -8.94
CA PRO B 614 11.86 90.37 -7.71
C PRO B 614 12.93 89.35 -7.35
N ASN B 615 13.54 89.56 -6.18
CA ASN B 615 14.49 88.61 -5.62
C ASN B 615 13.87 87.68 -4.58
N PHE B 616 12.71 88.05 -4.02
CA PHE B 616 12.02 87.19 -3.06
C PHE B 616 10.52 87.46 -3.13
N SER B 617 9.75 86.49 -2.65
CA SER B 617 8.32 86.67 -2.40
C SER B 617 7.89 85.56 -1.44
N PHE B 618 6.61 85.57 -1.05
CA PHE B 618 6.23 84.85 0.16
C PHE B 618 5.04 83.94 -0.07
N SER B 619 4.11 84.37 -0.90
CA SER B 619 2.90 83.64 -1.23
C SER B 619 2.13 84.49 -2.22
N ALA B 620 1.28 83.86 -3.03
CA ALA B 620 0.75 84.57 -4.19
C ALA B 620 -0.60 84.05 -4.61
N ASN B 621 -1.26 84.86 -5.44
CA ASN B 621 -2.47 84.52 -6.17
C ASN B 621 -2.07 83.89 -7.49
N ASN B 622 -0.90 83.26 -7.51
CA ASN B 622 -0.19 82.89 -8.72
C ASN B 622 -0.75 81.58 -9.29
N SER B 623 -0.07 81.03 -10.29
CA SER B 623 -0.45 79.76 -10.91
C SER B 623 -0.63 78.66 -9.88
N LEU B 624 -1.43 77.65 -10.23
CA LEU B 624 -1.54 76.42 -9.48
C LEU B 624 -0.51 75.40 -9.93
N THR B 625 -0.22 74.47 -9.04
CA THR B 625 0.76 73.41 -9.28
C THR B 625 0.11 72.07 -9.01
N ILE B 626 0.47 71.08 -9.82
CA ILE B 626 0.11 69.68 -9.57
C ILE B 626 1.42 68.89 -9.61
N ASP B 627 2.09 68.82 -8.46
CA ASP B 627 3.27 68.01 -8.29
C ASP B 627 3.69 68.05 -6.84
N GLU B 628 4.28 66.98 -6.35
CA GLU B 628 4.63 66.93 -4.94
C GLU B 628 5.74 65.91 -4.72
N PRO B 629 6.91 66.15 -5.31
CA PRO B 629 7.98 65.18 -5.20
C PRO B 629 8.44 65.06 -3.75
N ASN B 630 8.61 66.17 -3.08
CA ASN B 630 9.15 66.12 -1.72
C ASN B 630 8.07 65.91 -0.67
N VAL B 631 6.87 65.55 -1.11
CA VAL B 631 5.76 65.30 -0.18
C VAL B 631 5.24 63.89 -0.43
N ASP B 632 4.64 63.25 0.58
CA ASP B 632 4.23 61.84 0.39
C ASP B 632 2.74 61.51 0.70
N ILE B 633 2.22 61.57 1.93
CA ILE B 633 0.76 61.24 2.09
C ILE B 633 -0.03 61.59 3.36
N ILE B 634 -1.27 61.10 3.45
CA ILE B 634 -2.16 61.33 4.61
C ILE B 634 -2.95 62.62 4.44
N LYS B 635 -2.26 63.75 4.42
CA LYS B 635 -2.93 65.03 4.19
C LYS B 635 -3.39 65.15 2.75
N ASP B 636 -2.72 64.46 1.83
CA ASP B 636 -3.22 64.39 0.46
C ASP B 636 -4.62 63.81 0.44
N LEU B 637 -4.81 62.66 1.10
CA LEU B 637 -6.12 62.02 1.15
C LEU B 637 -7.19 63.01 1.57
N ASP B 638 -6.91 63.79 2.61
CA ASP B 638 -7.82 64.85 2.99
C ASP B 638 -8.07 65.80 1.82
N SER B 639 -7.00 66.23 1.16
CA SER B 639 -7.16 67.04 -0.03
C SER B 639 -7.94 66.30 -1.11
N MET B 640 -7.63 65.03 -1.33
CA MET B 640 -8.37 64.25 -2.30
C MET B 640 -9.86 64.27 -1.98
N ILE B 641 -10.20 63.96 -0.74
CA ILE B 641 -11.60 63.86 -0.35
C ILE B 641 -12.35 65.13 -0.76
N ASP B 642 -11.72 66.28 -0.60
CA ASP B 642 -12.34 67.54 -1.01
C ASP B 642 -12.79 67.46 -2.46
N ALA B 643 -11.86 67.09 -3.36
CA ALA B 643 -12.23 66.98 -4.77
C ALA B 643 -13.19 65.82 -5.00
N VAL B 644 -12.97 64.69 -4.31
CA VAL B 644 -13.86 63.54 -4.48
C VAL B 644 -15.29 63.91 -4.11
N LEU B 645 -15.45 64.61 -2.99
CA LEU B 645 -16.79 65.01 -2.58
C LEU B 645 -17.47 65.83 -3.66
N LYS B 646 -16.76 66.82 -4.22
CA LYS B 646 -17.35 67.66 -5.25
C LYS B 646 -17.75 66.85 -6.48
N GLY B 647 -17.05 65.76 -6.77
CA GLY B 647 -17.05 65.26 -8.12
C GLY B 647 -16.27 66.14 -9.06
N ASN B 648 -15.45 67.04 -8.51
CA ASN B 648 -14.64 67.98 -9.29
C ASN B 648 -13.45 67.23 -9.84
N MET B 649 -13.49 66.93 -11.15
CA MET B 649 -12.37 66.22 -11.77
C MET B 649 -11.05 66.87 -11.40
N ARG B 650 -10.82 68.11 -11.86
CA ARG B 650 -9.69 68.86 -11.33
C ARG B 650 -10.10 70.17 -10.65
N ALA B 651 -10.66 71.11 -11.40
CA ALA B 651 -10.71 72.48 -10.92
C ALA B 651 -11.57 73.35 -11.82
N ASP B 652 -11.86 74.54 -11.31
CA ASP B 652 -12.44 75.62 -12.09
C ASP B 652 -12.12 76.92 -11.38
N SER B 653 -12.34 78.04 -12.08
CA SER B 653 -12.21 79.34 -11.46
C SER B 653 -12.97 79.35 -10.13
N GLU B 654 -14.23 78.92 -10.18
CA GLU B 654 -15.15 79.05 -9.05
C GLU B 654 -15.60 77.70 -8.51
N SER B 655 -14.70 76.72 -8.48
CA SER B 655 -14.87 75.66 -7.50
C SER B 655 -14.94 76.32 -6.13
N GLU B 656 -15.92 75.90 -5.31
CA GLU B 656 -16.12 76.63 -4.05
C GLU B 656 -14.82 76.71 -3.27
N ASN B 657 -13.98 75.69 -3.38
CA ASN B 657 -12.55 75.84 -3.16
C ASN B 657 -11.94 76.20 -4.50
N PRO B 658 -11.65 77.47 -4.77
CA PRO B 658 -11.31 77.89 -6.14
C PRO B 658 -10.07 77.22 -6.68
N ARG B 659 -9.24 76.66 -5.81
CA ARG B 659 -7.99 76.01 -6.17
C ARG B 659 -8.03 74.50 -5.96
N ASN B 660 -9.23 73.92 -5.87
CA ASN B 660 -9.35 72.48 -5.80
C ASN B 660 -8.83 71.85 -7.08
N THR B 661 -7.99 70.81 -6.92
CA THR B 661 -7.37 70.16 -8.08
C THR B 661 -7.28 68.65 -7.95
N GLY B 662 -8.10 68.01 -7.12
CA GLY B 662 -7.75 66.69 -6.60
C GLY B 662 -7.92 65.55 -7.59
N MET B 663 -9.16 65.24 -7.95
CA MET B 663 -9.50 63.88 -8.35
C MET B 663 -8.56 63.34 -9.43
N GLN B 664 -8.43 64.06 -10.54
CA GLN B 664 -7.51 63.58 -11.58
C GLN B 664 -6.07 63.63 -11.08
N GLY B 665 -5.70 64.69 -10.36
CA GLY B 665 -4.36 64.77 -9.83
C GLY B 665 -4.04 63.64 -8.88
N ALA B 666 -5.04 63.19 -8.12
CA ALA B 666 -4.87 62.00 -7.29
C ALA B 666 -4.34 60.86 -8.13
N LEU B 667 -4.90 60.68 -9.33
CA LEU B 667 -4.52 59.54 -10.14
C LEU B 667 -3.03 59.56 -10.42
N GLU B 668 -2.51 60.74 -10.78
CA GLU B 668 -1.07 60.94 -10.90
C GLU B 668 -0.37 60.73 -9.56
N ARG B 669 -0.90 61.34 -8.50
CA ARG B 669 -0.27 61.19 -7.19
C ARG B 669 -0.18 59.73 -6.80
N LEU B 670 -1.24 58.96 -7.02
CA LEU B 670 -1.19 57.55 -6.73
C LEU B 670 -0.06 56.88 -7.51
N ASP B 671 0.12 57.29 -8.77
CA ASP B 671 1.30 56.85 -9.52
C ASP B 671 2.57 57.31 -8.81
N HIS B 672 2.59 58.56 -8.34
CA HIS B 672 3.70 59.03 -7.52
C HIS B 672 3.85 58.15 -6.28
N LEU B 673 2.74 57.76 -5.67
CA LEU B 673 2.80 57.03 -4.41
C LEU B 673 3.18 55.57 -4.64
N ALA B 674 2.54 54.91 -5.61
CA ALA B 674 2.84 53.51 -5.87
C ALA B 674 4.32 53.32 -6.14
N ASP B 675 4.96 54.32 -6.75
CA ASP B 675 6.40 54.27 -6.93
C ASP B 675 7.12 54.24 -5.59
N HIS B 676 6.71 55.10 -4.66
CA HIS B 676 7.40 55.21 -3.39
C HIS B 676 7.36 53.90 -2.62
N VAL B 677 6.18 53.28 -2.55
CA VAL B 677 6.05 52.07 -1.74
C VAL B 677 7.01 51.01 -2.24
N SER B 678 7.17 50.92 -3.57
CA SER B 678 8.15 50.00 -4.15
C SER B 678 9.54 50.27 -3.59
N LYS B 679 9.97 51.53 -3.57
CA LYS B 679 11.29 51.86 -3.04
C LYS B 679 11.47 51.28 -1.65
N LEU B 680 10.47 51.48 -0.78
CA LEU B 680 10.57 51.01 0.59
C LEU B 680 10.73 49.49 0.62
N ASN B 681 9.98 48.80 -0.23
CA ASN B 681 10.00 47.35 -0.26
C ASN B 681 11.37 46.81 -0.64
N THR B 682 11.91 47.27 -1.77
CA THR B 682 13.20 46.78 -2.23
C THR B 682 14.29 47.09 -1.22
N THR B 683 14.32 48.34 -0.74
CA THR B 683 15.34 48.72 0.22
C THR B 683 15.21 47.95 1.52
N MET B 684 13.98 47.65 1.96
CA MET B 684 13.81 46.90 3.18
C MET B 684 14.44 45.52 3.06
N GLY B 685 14.19 44.82 1.95
CA GLY B 685 14.79 43.52 1.76
C GLY B 685 16.29 43.57 1.78
N ALA B 686 16.86 44.66 1.23
CA ALA B 686 18.31 44.83 1.25
C ALA B 686 18.85 44.80 2.67
N TYR B 687 18.19 45.49 3.60
CA TYR B 687 18.56 45.36 5.00
C TYR B 687 18.69 43.90 5.40
N HIS B 688 17.60 43.13 5.27
CA HIS B 688 17.62 41.74 5.69
C HIS B 688 18.66 40.93 4.95
N ASN B 689 18.71 41.05 3.62
CA ASN B 689 19.67 40.26 2.86
C ASN B 689 21.06 40.48 3.42
N THR B 690 21.35 41.69 3.89
CA THR B 690 22.60 41.94 4.59
C THR B 690 22.68 41.13 5.87
N ILE B 691 21.67 41.23 6.72
CA ILE B 691 21.78 40.67 8.07
C ILE B 691 21.81 39.16 8.02
N GLU B 692 20.91 38.56 7.25
CA GLU B 692 20.81 37.11 7.21
C GLU B 692 22.13 36.47 6.82
N GLY B 693 22.78 37.02 5.78
CA GLY B 693 24.09 36.50 5.40
C GLY B 693 25.10 36.65 6.51
N VAL B 694 25.13 37.82 7.15
CA VAL B 694 26.08 38.06 8.23
C VAL B 694 25.90 37.03 9.33
N ASN B 695 24.66 36.82 9.76
CA ASN B 695 24.38 35.80 10.75
C ASN B 695 24.92 34.45 10.27
N THR B 696 24.71 34.14 8.99
CA THR B 696 25.17 32.87 8.45
C THR B 696 26.68 32.79 8.44
N ARG B 697 27.36 33.81 7.90
CA ARG B 697 28.81 33.79 7.93
C ARG B 697 29.32 33.57 9.34
N THR B 698 28.83 34.37 10.29
CA THR B 698 29.19 34.17 11.68
C THR B 698 28.81 32.76 12.15
N SER B 699 27.76 32.18 11.57
CA SER B 699 27.25 30.91 12.07
C SER B 699 28.33 29.84 12.07
N PHE B 700 28.81 29.45 10.89
CA PHE B 700 29.81 28.41 10.82
C PHE B 700 31.15 28.87 11.37
N LEU B 701 31.50 30.14 11.19
CA LEU B 701 32.79 30.64 11.64
C LEU B 701 33.05 30.27 13.10
N SER B 702 32.20 30.75 14.00
CA SER B 702 32.38 30.42 15.41
C SER B 702 32.33 28.92 15.63
N VAL B 703 31.40 28.24 14.97
CA VAL B 703 31.32 26.79 15.10
C VAL B 703 32.65 26.15 14.76
N ASN B 704 33.26 26.58 13.65
CA ASN B 704 34.57 26.07 13.29
C ASN B 704 35.60 26.38 14.37
N VAL B 705 35.55 27.60 14.90
CA VAL B 705 36.51 27.99 15.93
C VAL B 705 36.34 27.11 17.16
N GLN B 706 35.09 26.87 17.56
CA GLN B 706 34.82 26.01 18.71
C GLN B 706 35.51 24.66 18.53
N SER B 707 35.36 24.06 17.36
CA SER B 707 36.00 22.77 17.09
C SER B 707 37.52 22.88 17.18
N ILE B 708 38.08 23.94 16.60
CA ILE B 708 39.53 24.05 16.51
C ILE B 708 40.14 24.16 17.91
N LYS B 709 39.62 25.08 18.73
CA LYS B 709 40.15 25.23 20.07
C LYS B 709 39.97 23.96 20.88
N SER B 710 38.92 23.19 20.59
CA SER B 710 38.72 21.92 21.28
C SER B 710 39.89 20.98 21.02
N ASN B 711 40.38 20.96 19.77
CA ASN B 711 41.54 20.14 19.44
C ASN B 711 42.72 20.47 20.33
N VAL B 712 42.81 21.72 20.79
CA VAL B 712 43.99 22.17 21.51
C VAL B 712 44.03 21.54 22.91
N ILE B 713 42.86 21.31 23.50
CA ILE B 713 42.81 20.96 24.92
C ILE B 713 42.43 19.50 25.14
N ASP B 714 41.62 18.94 24.24
CA ASP B 714 40.99 17.65 24.50
C ASP B 714 42.00 16.51 24.40
N VAL B 715 41.66 15.39 25.04
CA VAL B 715 42.49 14.20 25.02
C VAL B 715 41.59 12.97 25.08
N ASP B 716 42.05 11.89 24.46
CA ASP B 716 41.37 10.61 24.56
C ASP B 716 41.61 10.00 25.93
N TYR B 717 40.72 9.08 26.32
CA TYR B 717 40.86 8.41 27.62
C TYR B 717 41.69 7.14 27.50
N GLY B 718 41.71 6.52 26.33
CA GLY B 718 42.25 5.17 26.22
C GLY B 718 43.68 5.05 26.69
N GLU B 719 44.58 5.83 26.08
CA GLU B 719 46.00 5.67 26.39
C GLU B 719 46.27 5.92 27.86
N ALA B 720 45.63 6.93 28.45
CA ALA B 720 45.84 7.21 29.86
C ALA B 720 45.67 5.94 30.69
N MET B 721 44.63 5.17 30.40
CA MET B 721 44.49 3.86 31.03
C MET B 721 45.61 2.93 30.59
N MET B 722 45.83 2.83 29.29
CA MET B 722 46.87 1.93 28.79
C MET B 722 48.22 2.27 29.43
N ASN B 723 48.52 3.55 29.55
CA ASN B 723 49.67 3.96 30.34
C ASN B 723 49.49 3.54 31.79
N LEU B 724 48.27 3.69 32.31
CA LEU B 724 48.03 3.29 33.69
C LEU B 724 48.27 1.79 33.87
N MET B 725 48.01 0.99 32.83
CA MET B 725 48.17 -0.45 32.94
C MET B 725 49.60 -0.83 33.31
N GLN B 726 50.57 -0.25 32.60
CA GLN B 726 51.97 -0.63 32.82
C GLN B 726 52.46 -0.15 34.18
N VAL B 727 52.17 1.10 34.53
CA VAL B 727 52.71 1.66 35.77
C VAL B 727 52.10 0.95 36.98
N GLN B 728 50.79 0.69 36.94
CA GLN B 728 50.11 0.19 38.14
C GLN B 728 50.68 -1.15 38.58
N LEU B 729 50.89 -2.07 37.64
CA LEU B 729 51.50 -3.34 38.01
C LEU B 729 52.96 -3.15 38.39
N ALA B 730 53.73 -2.45 37.55
CA ALA B 730 55.10 -2.13 37.91
C ALA B 730 55.15 -1.45 39.28
N TYR B 731 54.18 -0.59 39.56
CA TYR B 731 54.08 0.02 40.87
C TYR B 731 53.98 -1.06 41.95
N GLN B 732 53.10 -2.04 41.73
CA GLN B 732 52.98 -3.14 42.69
C GLN B 732 54.24 -3.98 42.73
N ALA B 733 54.71 -4.41 41.55
CA ALA B 733 55.88 -5.29 41.50
C ALA B 733 57.06 -4.63 42.20
N SER B 734 57.28 -3.35 41.93
CA SER B 734 58.33 -2.63 42.64
C SER B 734 58.13 -2.68 44.14
N LEU B 735 56.91 -2.39 44.60
CA LEU B 735 56.62 -2.49 46.03
C LEU B 735 56.81 -3.92 46.50
N LYS B 736 56.28 -4.89 45.75
CA LYS B 736 56.48 -6.28 46.12
C LYS B 736 57.97 -6.63 46.16
N ALA B 737 58.73 -6.15 45.18
CA ALA B 737 60.15 -6.44 45.13
C ALA B 737 60.87 -5.84 46.34
N SER B 738 60.58 -4.58 46.65
CA SER B 738 61.28 -3.92 47.75
C SER B 738 61.13 -4.71 49.04
N THR B 739 59.97 -5.31 49.27
CA THR B 739 59.80 -6.15 50.45
C THR B 739 60.89 -7.19 50.55
N THR B 740 61.12 -7.93 49.45
CA THR B 740 62.10 -9.01 49.45
C THR B 740 63.37 -8.63 50.19
N ILE B 741 63.77 -7.37 50.11
CA ILE B 741 64.99 -6.92 50.80
C ILE B 741 64.91 -7.31 52.26
N SER B 742 63.76 -7.08 52.88
CA SER B 742 63.58 -7.46 54.28
C SER B 742 63.68 -8.98 54.44
N GLN B 743 62.99 -9.74 53.59
CA GLN B 743 62.95 -11.19 53.75
C GLN B 743 64.33 -11.81 53.60
N LEU B 744 65.15 -11.31 52.67
CA LEU B 744 66.49 -11.86 52.52
C LEU B 744 67.29 -11.68 53.80
N SER B 745 67.31 -10.47 54.36
CA SER B 745 67.91 -10.27 55.67
C SER B 745 67.13 -11.01 56.74
N LEU B 746 65.81 -11.10 56.56
CA LEU B 746 64.99 -11.91 57.47
C LEU B 746 65.51 -13.35 57.51
N LEU B 747 65.46 -14.03 56.37
CA LEU B 747 65.92 -15.41 56.32
C LEU B 747 67.31 -15.55 56.92
N ASN B 748 68.05 -14.45 57.04
CA ASN B 748 69.38 -14.52 57.65
C ASN B 748 69.30 -14.70 59.16
N TYR B 749 68.40 -14.00 59.85
CA TYR B 749 68.37 -14.12 61.30
C TYR B 749 68.11 -15.55 61.73
N MET B 750 67.49 -16.35 60.87
CA MET B 750 67.01 -17.69 61.21
C MET B 750 68.01 -18.44 62.07
N MET C 1 80.68 -28.01 32.26
CA MET C 1 79.57 -28.26 33.22
C MET C 1 78.97 -26.95 33.67
N ARG C 2 79.78 -25.89 33.66
CA ARG C 2 79.33 -24.60 34.19
C ARG C 2 78.23 -23.97 33.34
N ILE C 3 77.83 -24.64 32.24
CA ILE C 3 76.60 -24.26 31.58
C ILE C 3 75.42 -24.43 32.53
N THR C 4 75.42 -25.54 33.27
CA THR C 4 74.19 -25.99 33.93
C THR C 4 73.67 -24.96 34.91
N ASN C 5 74.57 -24.34 35.69
CA ASN C 5 74.11 -23.45 36.75
C ASN C 5 73.82 -22.05 36.23
N LYS C 6 74.76 -21.47 35.48
CA LYS C 6 74.69 -20.05 35.15
C LYS C 6 73.78 -19.77 33.95
N LEU C 7 73.75 -20.67 32.97
CA LEU C 7 73.09 -20.36 31.70
C LEU C 7 71.62 -20.06 31.89
N ASN C 8 71.01 -20.57 32.96
CA ASN C 8 69.56 -20.55 33.08
C ASN C 8 69.01 -19.14 32.93
N PHE C 9 69.54 -18.19 33.69
CA PHE C 9 69.06 -16.82 33.55
C PHE C 9 69.50 -16.20 32.24
N THR C 10 70.55 -16.74 31.62
CA THR C 10 70.87 -16.34 30.25
C THR C 10 69.72 -16.71 29.32
N ASN C 11 69.27 -17.97 29.41
CA ASN C 11 68.13 -18.40 28.61
C ASN C 11 66.90 -17.56 28.93
N SER C 12 66.74 -17.15 30.18
CA SER C 12 65.67 -16.23 30.53
C SER C 12 65.72 -14.99 29.65
N VAL C 13 66.91 -14.40 29.50
CA VAL C 13 67.07 -13.27 28.58
C VAL C 13 66.80 -13.74 27.16
N ASN C 14 67.38 -14.88 26.78
CA ASN C 14 67.26 -15.34 25.40
C ASN C 14 65.81 -15.63 25.03
N ASN C 15 65.08 -16.27 25.93
CA ASN C 15 63.67 -16.57 25.65
C ASN C 15 62.81 -15.32 25.78
N SER C 16 63.07 -14.50 26.81
CA SER C 16 62.27 -13.30 27.01
C SER C 16 62.37 -12.36 25.82
N MET C 17 63.58 -12.17 25.30
CA MET C 17 63.74 -11.29 24.14
C MET C 17 62.96 -11.80 22.94
N GLY C 18 62.96 -13.12 22.73
CA GLY C 18 62.30 -13.67 21.56
C GLY C 18 60.81 -13.40 21.55
N GLY C 19 60.16 -13.60 22.71
CA GLY C 19 58.71 -13.43 22.76
C GLY C 19 58.28 -12.03 22.38
N GLN C 20 58.92 -11.02 22.99
CA GLN C 20 58.55 -9.64 22.70
C GLN C 20 58.77 -9.32 21.23
N SER C 21 59.90 -9.75 20.67
CA SER C 21 60.20 -9.43 19.28
C SER C 21 59.13 -9.98 18.35
N ALA C 22 58.82 -11.27 18.46
CA ALA C 22 57.77 -11.84 17.63
C ALA C 22 56.44 -11.17 17.91
N LEU C 23 56.16 -10.86 19.18
CA LEU C 23 54.89 -10.26 19.56
C LEU C 23 54.59 -9.03 18.70
N TYR C 24 55.53 -8.09 18.64
CA TYR C 24 55.29 -6.93 17.79
C TYR C 24 55.29 -7.32 16.32
N GLN C 25 56.21 -8.21 15.91
CA GLN C 25 56.23 -8.64 14.53
C GLN C 25 54.81 -8.94 14.04
N ILE C 26 54.01 -9.57 14.90
CA ILE C 26 52.58 -9.69 14.62
C ILE C 26 51.96 -8.31 14.51
N SER C 27 52.27 -7.43 15.46
CA SER C 27 51.69 -6.09 15.44
C SER C 27 52.04 -5.35 14.16
N GLN C 28 53.20 -5.63 13.58
CA GLN C 28 53.58 -4.98 12.33
C GLN C 28 52.47 -5.11 11.30
N GLN C 29 51.95 -6.32 11.12
CA GLN C 29 50.83 -6.52 10.21
C GLN C 29 49.62 -5.73 10.67
N LEU C 30 49.36 -5.74 11.98
CA LEU C 30 48.23 -4.99 12.51
C LEU C 30 48.42 -3.50 12.28
N ALA C 31 49.57 -2.97 12.70
CA ALA C 31 49.87 -1.56 12.47
C ALA C 31 49.95 -1.26 10.98
N SER C 32 50.64 -2.11 10.23
CA SER C 32 50.82 -1.86 8.80
C SER C 32 49.56 -2.22 8.01
N GLY C 33 48.87 -3.29 8.37
CA GLY C 33 47.92 -3.89 7.48
C GLY C 33 48.56 -4.60 6.32
N LEU C 34 49.88 -4.68 6.30
CA LEU C 34 50.63 -5.29 5.21
C LEU C 34 51.04 -6.70 5.60
N LYS C 35 51.29 -7.52 4.58
CA LYS C 35 51.95 -8.80 4.83
C LYS C 35 53.34 -8.57 5.41
N ILE C 36 54.08 -7.62 4.84
CA ILE C 36 55.44 -7.33 5.23
C ILE C 36 55.56 -5.85 5.52
N GLN C 37 56.61 -5.49 6.27
CA GLN C 37 56.78 -4.11 6.73
C GLN C 37 58.22 -3.62 6.63
N ASN C 38 59.11 -4.37 5.98
CA ASN C 38 60.44 -3.89 5.66
C ASN C 38 60.84 -4.41 4.28
N SER C 39 61.67 -3.62 3.60
CA SER C 39 62.10 -3.99 2.25
C SER C 39 62.88 -5.29 2.25
N TYR C 40 63.83 -5.43 3.18
CA TYR C 40 64.64 -6.64 3.26
C TYR C 40 63.82 -7.87 3.62
N GLU C 41 62.54 -7.71 3.96
CA GLU C 41 61.71 -8.89 4.18
C GLU C 41 61.47 -9.64 2.89
N ASP C 42 61.26 -8.93 1.77
CA ASP C 42 61.46 -9.54 0.46
C ASP C 42 61.61 -8.45 -0.60
N ALA C 43 62.82 -8.33 -1.17
CA ALA C 43 63.05 -7.32 -2.19
C ALA C 43 62.22 -7.61 -3.44
N SER C 44 62.23 -8.85 -3.90
CA SER C 44 61.54 -9.18 -5.15
C SER C 44 60.07 -8.79 -5.06
N THR C 45 59.38 -9.24 -4.02
CA THR C 45 58.01 -8.81 -3.81
C THR C 45 57.96 -7.29 -3.69
N TYR C 46 58.75 -6.73 -2.78
CA TYR C 46 58.77 -5.29 -2.63
C TYR C 46 59.02 -4.61 -3.97
N ILE C 47 59.91 -5.19 -4.77
CA ILE C 47 60.26 -4.56 -6.05
C ILE C 47 59.07 -4.55 -6.99
N ASP C 48 58.42 -5.70 -7.16
CA ASP C 48 57.30 -5.76 -8.08
C ASP C 48 56.14 -4.92 -7.59
N ASN C 49 55.92 -4.86 -6.28
CA ASN C 49 54.93 -3.94 -5.72
C ASN C 49 55.21 -2.52 -6.16
N THR C 50 56.48 -2.13 -6.14
CA THR C 50 56.83 -0.73 -6.40
C THR C 50 56.33 -0.28 -7.76
N ARG C 51 56.66 -1.03 -8.82
CA ARG C 51 56.16 -0.66 -10.13
C ARG C 51 54.65 -0.81 -10.20
N LEU C 52 54.09 -1.81 -9.53
CA LEU C 52 52.64 -2.00 -9.56
C LEU C 52 51.93 -0.75 -9.07
N GLU C 53 52.40 -0.19 -7.96
CA GLU C 53 51.88 1.11 -7.52
C GLU C 53 52.13 2.16 -8.59
N TYR C 54 53.34 2.19 -9.15
CA TYR C 54 53.62 3.11 -10.24
C TYR C 54 52.69 2.85 -11.41
N GLU C 55 52.49 1.59 -11.78
CA GLU C 55 51.58 1.26 -12.86
C GLU C 55 50.18 1.79 -12.55
N ILE C 56 49.72 1.58 -11.32
CA ILE C 56 48.35 1.93 -10.97
C ILE C 56 48.14 3.44 -11.11
N LYS C 57 49.05 4.24 -10.56
CA LYS C 57 48.91 5.68 -10.71
C LYS C 57 49.09 6.10 -12.16
N THR C 58 50.01 5.43 -12.87
CA THR C 58 50.11 5.63 -14.31
C THR C 58 48.78 5.32 -14.98
N LEU C 59 48.16 4.21 -14.60
CA LEU C 59 46.88 3.83 -15.18
C LEU C 59 45.84 4.92 -14.97
N GLU C 60 45.88 5.59 -13.83
CA GLU C 60 44.87 6.61 -13.54
C GLU C 60 44.99 7.79 -14.49
N GLN C 61 46.21 8.31 -14.65
CA GLN C 61 46.39 9.49 -15.50
C GLN C 61 45.75 9.28 -16.86
N VAL C 62 45.96 8.10 -17.44
CA VAL C 62 45.39 7.82 -18.76
C VAL C 62 43.87 7.90 -18.70
N LYS C 63 43.28 7.34 -17.66
CA LYS C 63 41.83 7.43 -17.51
C LYS C 63 41.37 8.88 -17.52
N GLU C 64 41.75 9.61 -16.48
CA GLU C 64 41.30 10.98 -16.29
C GLU C 64 41.63 11.85 -17.50
N SER C 65 42.83 11.70 -18.05
CA SER C 65 43.19 12.49 -19.21
C SER C 65 42.21 12.25 -20.35
N THR C 66 41.90 10.98 -20.60
CA THR C 66 40.85 10.66 -21.57
C THR C 66 39.52 11.24 -21.14
N SER C 67 39.24 11.24 -19.82
CA SER C 67 38.00 11.81 -19.34
C SER C 67 37.88 13.27 -19.75
N ARG C 68 38.98 14.03 -19.66
CA ARG C 68 38.95 15.40 -20.15
C ARG C 68 38.61 15.46 -21.63
N ALA C 69 39.26 14.61 -22.43
CA ALA C 69 39.06 14.68 -23.87
C ALA C 69 37.65 14.28 -24.26
N GLN C 70 37.09 13.26 -23.61
CA GLN C 70 35.78 12.77 -23.97
C GLN C 70 34.73 13.86 -23.80
N GLU C 71 34.77 14.57 -22.68
CA GLU C 71 33.72 15.53 -22.36
C GLU C 71 33.78 16.75 -23.28
N MET C 72 34.98 17.18 -23.68
CA MET C 72 35.04 18.30 -24.61
C MET C 72 34.66 17.86 -26.02
N THR C 73 35.01 16.63 -26.40
CA THR C 73 34.67 16.14 -27.72
C THR C 73 33.16 16.11 -27.95
N GLN C 74 32.41 15.61 -26.98
CA GLN C 74 30.95 15.66 -27.08
C GLN C 74 30.48 17.09 -27.28
N ASN C 75 31.12 18.05 -26.60
CA ASN C 75 30.82 19.45 -26.88
C ASN C 75 31.16 19.80 -28.31
N SER C 76 32.32 19.34 -28.79
CA SER C 76 32.78 19.72 -30.11
C SER C 76 31.78 19.29 -31.18
N MET C 77 31.39 18.02 -31.17
CA MET C 77 30.38 17.57 -32.13
C MET C 77 29.06 18.27 -31.87
N LYS C 78 28.66 18.38 -30.60
CA LYS C 78 27.42 19.08 -30.28
C LYS C 78 27.34 20.40 -31.02
N ALA C 79 28.44 21.16 -30.99
CA ALA C 79 28.52 22.38 -31.78
C ALA C 79 28.31 22.06 -33.25
N LEU C 80 28.93 20.99 -33.74
CA LEU C 80 28.79 20.62 -35.15
C LEU C 80 27.32 20.38 -35.53
N GLN C 81 26.60 19.57 -34.75
CA GLN C 81 25.18 19.42 -35.08
C GLN C 81 24.46 20.75 -34.97
N ASP C 82 24.83 21.59 -34.01
CA ASP C 82 24.13 22.87 -33.85
C ASP C 82 24.07 23.63 -35.17
N MET C 83 25.17 23.63 -35.91
CA MET C 83 25.18 24.29 -37.21
C MET C 83 24.27 23.58 -38.19
N VAL C 84 24.10 22.26 -38.04
CA VAL C 84 23.22 21.52 -38.94
C VAL C 84 21.83 22.13 -38.92
N LYS C 85 21.32 22.44 -37.72
CA LYS C 85 20.02 23.10 -37.64
C LYS C 85 20.07 24.44 -38.37
N LEU C 86 21.15 25.19 -38.19
CA LEU C 86 21.27 26.46 -38.90
C LEU C 86 21.40 26.22 -40.40
N LEU C 87 22.01 25.10 -40.80
CA LEU C 87 21.98 24.70 -42.20
C LEU C 87 20.54 24.49 -42.67
N GLU C 88 19.74 23.82 -41.84
CA GLU C 88 18.33 23.63 -42.17
C GLU C 88 17.60 24.95 -42.22
N ASP C 89 17.87 25.83 -41.26
CA ASP C 89 17.09 27.06 -41.15
C ASP C 89 17.35 28.01 -42.31
N PHE C 90 18.64 28.24 -42.62
CA PHE C 90 18.97 29.23 -43.63
C PHE C 90 18.43 28.82 -45.00
N LYS C 91 18.52 27.52 -45.32
CA LYS C 91 18.08 27.07 -46.64
C LYS C 91 16.59 27.33 -46.84
N VAL C 92 15.77 26.96 -45.84
CA VAL C 92 14.34 27.20 -45.95
C VAL C 92 14.05 28.69 -45.86
N LYS C 93 14.74 29.39 -44.97
CA LYS C 93 14.62 30.84 -44.90
C LYS C 93 14.93 31.46 -46.25
N VAL C 94 15.99 30.99 -46.89
CA VAL C 94 16.31 31.44 -48.24
C VAL C 94 15.18 31.08 -49.20
N THR C 95 14.67 29.84 -49.07
CA THR C 95 13.61 29.39 -49.97
C THR C 95 12.44 30.37 -49.97
N GLN C 96 12.06 30.85 -48.79
CA GLN C 96 10.99 31.85 -48.72
C GLN C 96 11.48 33.19 -49.24
N ALA C 97 12.75 33.52 -49.02
CA ALA C 97 13.29 34.80 -49.48
C ALA C 97 13.29 34.90 -51.00
N ALA C 98 13.23 33.76 -51.70
CA ALA C 98 13.40 33.75 -53.14
C ALA C 98 12.12 34.05 -53.91
N SER C 99 10.98 34.16 -53.24
CA SER C 99 9.72 34.27 -53.96
C SER C 99 9.68 35.51 -54.83
N ASP C 100 9.23 35.33 -56.08
CA ASP C 100 9.10 36.45 -57.00
C ASP C 100 8.02 37.42 -56.55
N SER C 101 6.89 36.90 -56.08
CA SER C 101 5.77 37.74 -55.70
C SER C 101 6.18 38.87 -54.77
N ASN C 102 7.23 38.67 -53.97
CA ASN C 102 7.71 39.71 -53.08
C ASN C 102 8.26 40.89 -53.87
N SER C 103 8.04 42.09 -53.32
CA SER C 103 8.91 43.19 -53.68
C SER C 103 10.33 42.83 -53.26
N GLN C 104 11.30 43.58 -53.78
CA GLN C 104 12.68 43.20 -53.50
C GLN C 104 12.99 43.33 -52.01
N THR C 105 12.62 44.45 -51.40
CA THR C 105 12.80 44.58 -49.95
C THR C 105 11.88 43.61 -49.22
N SER C 106 10.73 43.27 -49.81
CA SER C 106 9.89 42.24 -49.23
C SER C 106 10.64 40.92 -49.14
N ARG C 107 11.43 40.59 -50.16
CA ARG C 107 12.35 39.47 -50.04
C ARG C 107 13.37 39.72 -48.93
N GLU C 108 13.86 40.95 -48.83
CA GLU C 108 14.78 41.29 -47.75
C GLU C 108 14.07 41.29 -46.40
N ALA C 109 12.73 41.36 -46.41
CA ALA C 109 11.99 41.18 -45.15
C ALA C 109 12.36 39.84 -44.53
N ILE C 110 12.42 38.80 -45.36
CA ILE C 110 12.90 37.49 -44.94
C ILE C 110 14.39 37.55 -44.60
N ALA C 111 15.16 38.41 -45.28
CA ALA C 111 16.57 38.52 -44.96
C ALA C 111 16.80 38.89 -43.50
N LYS C 112 15.83 39.55 -42.87
CA LYS C 112 15.98 39.97 -41.49
C LYS C 112 16.55 38.85 -40.63
N GLU C 113 15.92 37.68 -40.66
CA GLU C 113 16.38 36.57 -39.84
C GLU C 113 17.63 35.93 -40.44
N LEU C 114 17.67 35.81 -41.77
CA LEU C 114 18.86 35.24 -42.41
C LEU C 114 20.12 35.96 -41.98
N GLU C 115 20.05 37.27 -41.81
CA GLU C 115 21.17 38.00 -41.23
C GLU C 115 21.60 37.37 -39.92
N ARG C 116 20.64 37.15 -39.03
CA ARG C 116 20.97 36.61 -37.71
C ARG C 116 21.43 35.17 -37.82
N ILE C 117 20.78 34.39 -38.68
CA ILE C 117 21.20 33.01 -38.87
C ILE C 117 22.64 32.97 -39.35
N LYS C 118 22.96 33.79 -40.35
CA LYS C 118 24.35 33.99 -40.73
C LYS C 118 25.18 34.40 -39.52
N GLU C 119 24.74 35.45 -38.84
CA GLU C 119 25.44 35.94 -37.66
C GLU C 119 25.46 34.89 -36.56
N SER C 120 24.38 34.13 -36.43
CA SER C 120 24.33 33.07 -35.43
C SER C 120 25.42 32.04 -35.68
N ILE C 121 25.58 31.61 -36.93
CA ILE C 121 26.68 30.73 -37.28
C ILE C 121 28.00 31.39 -36.91
N VAL C 122 28.11 32.69 -37.17
CA VAL C 122 29.35 33.41 -36.91
C VAL C 122 29.73 33.30 -35.44
N GLN C 123 28.78 33.60 -34.54
CA GLN C 123 29.09 33.61 -33.12
C GLN C 123 29.31 32.19 -32.59
N LEU C 124 28.56 31.23 -33.13
CA LEU C 124 28.69 29.84 -32.70
C LEU C 124 30.06 29.27 -33.08
N ALA C 125 30.61 29.69 -34.22
CA ALA C 125 31.96 29.28 -34.57
C ALA C 125 33.01 29.93 -33.66
N ASN C 126 32.80 31.19 -33.27
CA ASN C 126 33.79 31.92 -32.50
C ASN C 126 33.85 31.46 -31.04
N THR C 127 32.96 30.58 -30.62
CA THR C 127 32.78 30.25 -29.21
C THR C 127 34.09 29.88 -28.51
N SER C 128 34.40 30.59 -27.42
CA SER C 128 35.53 30.26 -26.56
C SER C 128 35.04 29.25 -25.52
N VAL C 129 34.84 28.01 -25.95
CA VAL C 129 34.27 27.01 -25.08
C VAL C 129 35.12 26.93 -23.81
N ASN C 130 34.51 27.17 -22.66
CA ASN C 130 35.23 27.28 -21.40
C ASN C 130 36.32 28.35 -21.51
N GLY C 131 36.06 29.38 -22.32
CA GLY C 131 37.05 30.39 -22.58
C GLY C 131 38.10 29.91 -23.56
N GLN C 132 38.00 28.63 -23.93
CA GLN C 132 38.97 28.01 -24.83
C GLN C 132 38.32 27.86 -26.20
N TYR C 133 38.91 28.50 -27.20
CA TYR C 133 38.39 28.43 -28.57
C TYR C 133 38.70 27.07 -29.18
N LEU C 134 37.81 26.10 -29.00
CA LEU C 134 38.05 24.79 -29.60
C LEU C 134 38.26 24.90 -31.09
N PHE C 135 37.67 25.92 -31.71
CA PHE C 135 37.65 26.08 -33.16
C PHE C 135 38.83 26.88 -33.68
N ALA C 136 39.73 27.32 -32.81
CA ALA C 136 40.94 28.00 -33.21
C ALA C 136 42.12 27.04 -33.38
N GLY C 137 41.84 25.78 -33.69
CA GLY C 137 42.91 24.80 -33.83
C GLY C 137 43.61 24.58 -32.50
N SER C 138 44.89 24.24 -32.59
CA SER C 138 45.73 24.06 -31.40
C SER C 138 45.78 25.31 -30.53
N GLN C 139 45.59 26.49 -31.10
CA GLN C 139 45.67 27.74 -30.35
C GLN C 139 44.26 28.17 -29.94
N VAL C 140 43.72 27.45 -28.95
CA VAL C 140 42.36 27.71 -28.48
C VAL C 140 42.24 28.97 -27.66
N ALA C 141 43.36 29.62 -27.31
CA ALA C 141 43.29 30.92 -26.66
C ALA C 141 42.99 32.03 -27.66
N ASN C 142 43.30 31.83 -28.93
CA ASN C 142 43.08 32.84 -29.95
C ASN C 142 41.64 32.82 -30.42
N LYS C 143 41.00 33.98 -30.46
CA LYS C 143 39.67 34.05 -31.02
C LYS C 143 39.76 33.75 -32.51
N PRO C 144 39.12 32.69 -33.00
CA PRO C 144 39.49 32.17 -34.32
C PRO C 144 39.19 33.12 -35.47
N PHE C 145 38.12 33.90 -35.41
CA PHE C 145 37.67 34.63 -36.59
C PHE C 145 37.39 36.09 -36.26
N ASP C 146 37.26 36.88 -37.33
CA ASP C 146 36.91 38.29 -37.22
C ASP C 146 35.41 38.52 -37.06
N SER C 147 34.62 37.46 -37.10
CA SER C 147 33.16 37.45 -37.17
C SER C 147 32.69 37.73 -38.58
N ASN C 148 33.60 37.92 -39.55
CA ASN C 148 33.25 37.93 -40.95
C ASN C 148 33.79 36.72 -41.68
N GLY C 149 34.32 35.74 -40.97
CA GLY C 149 34.80 34.52 -41.55
C GLY C 149 36.28 34.48 -41.88
N ASN C 150 37.07 35.40 -41.35
CA ASN C 150 38.51 35.40 -41.57
C ASN C 150 39.20 34.95 -40.29
N TYR C 151 40.11 33.99 -40.43
CA TYR C 151 40.47 33.10 -39.35
C TYR C 151 41.81 33.47 -38.72
N TYR C 152 41.93 33.21 -37.42
CA TYR C 152 43.13 33.55 -36.66
C TYR C 152 43.56 32.46 -35.70
N GLY C 153 42.82 31.36 -35.59
CA GLY C 153 43.31 30.21 -34.88
C GLY C 153 44.37 29.54 -35.72
N ASP C 154 44.45 28.22 -35.70
CA ASP C 154 45.45 27.51 -36.49
C ASP C 154 44.80 26.35 -37.24
N LYS C 155 45.57 25.81 -38.19
CA LYS C 155 45.17 24.66 -38.98
C LYS C 155 45.54 23.33 -38.31
N ASN C 156 46.13 23.41 -37.12
CA ASN C 156 46.65 22.20 -36.48
C ASN C 156 45.74 21.49 -35.50
N ASN C 157 45.20 20.36 -35.91
CA ASN C 157 44.45 19.57 -34.98
C ASN C 157 45.59 18.83 -34.31
N ILE C 158 46.01 19.28 -33.13
CA ILE C 158 47.20 18.68 -32.49
C ILE C 158 46.90 17.50 -31.57
N ASN C 159 47.93 16.71 -31.26
CA ASN C 159 47.75 15.47 -30.48
C ASN C 159 47.63 15.48 -28.96
N VAL C 160 47.41 14.29 -28.39
CA VAL C 160 47.36 14.11 -26.94
C VAL C 160 47.94 12.73 -26.77
N VAL C 161 48.75 12.48 -25.73
CA VAL C 161 49.45 11.17 -25.64
C VAL C 161 48.69 9.97 -25.06
N THR C 162 48.74 8.83 -25.77
CA THR C 162 48.10 7.59 -25.31
C THR C 162 49.01 6.42 -25.71
N GLY C 163 49.89 6.03 -24.81
CA GLY C 163 50.68 4.83 -24.97
C GLY C 163 52.13 5.14 -25.28
N ALA C 164 52.90 4.07 -25.49
CA ALA C 164 54.33 4.15 -25.76
C ALA C 164 54.55 4.54 -27.21
N GLY C 165 54.51 5.83 -27.48
CA GLY C 165 54.72 6.35 -28.81
C GLY C 165 53.45 6.60 -29.59
N THR C 166 52.34 6.89 -28.91
CA THR C 166 51.05 7.00 -29.56
C THR C 166 50.31 8.21 -29.01
N GLU C 167 49.54 8.86 -29.88
CA GLU C 167 48.84 10.09 -29.53
C GLU C 167 47.57 10.17 -30.37
N SER C 168 46.77 11.20 -30.13
CA SER C 168 45.54 11.39 -30.90
C SER C 168 45.18 12.87 -31.00
N PRO C 169 45.13 13.43 -32.22
CA PRO C 169 44.61 14.80 -32.36
C PRO C 169 43.10 14.84 -32.43
N TYR C 170 42.49 15.82 -31.77
CA TYR C 170 41.04 15.87 -31.68
C TYR C 170 40.47 17.29 -31.85
N ASN C 171 41.32 18.31 -31.81
CA ASN C 171 40.80 19.66 -31.80
C ASN C 171 40.51 20.14 -33.23
N ILE C 172 39.83 21.28 -33.31
CA ILE C 172 39.22 21.75 -34.54
C ILE C 172 40.02 22.94 -35.06
N PRO C 173 40.80 22.78 -36.12
CA PRO C 173 41.33 23.96 -36.82
C PRO C 173 40.26 24.67 -37.63
N GLY C 174 40.01 25.94 -37.32
CA GLY C 174 38.93 26.65 -37.98
C GLY C 174 39.06 26.71 -39.49
N TRP C 175 40.29 26.88 -39.99
CA TRP C 175 40.49 26.88 -41.44
C TRP C 175 39.81 25.68 -42.06
N ASP C 176 40.22 24.48 -41.64
CA ASP C 176 39.65 23.27 -42.22
C ASP C 176 38.13 23.27 -42.13
N LEU C 177 37.59 23.85 -41.07
CA LEU C 177 36.14 24.01 -41.00
C LEU C 177 35.65 25.04 -42.00
N PHE C 178 36.12 26.28 -41.86
CA PHE C 178 35.67 27.37 -42.72
C PHE C 178 36.24 27.27 -44.13
N PHE C 179 37.44 26.72 -44.27
CA PHE C 179 38.24 26.79 -45.48
C PHE C 179 38.74 25.41 -45.88
N LYS C 180 37.86 24.42 -45.79
CA LYS C 180 38.22 23.09 -46.28
C LYS C 180 38.27 23.08 -47.79
N ALA C 181 39.02 22.11 -48.32
CA ALA C 181 38.94 21.72 -49.72
C ALA C 181 38.35 20.32 -49.80
N ASP C 182 37.19 20.20 -50.46
CA ASP C 182 36.39 18.99 -50.41
C ASP C 182 36.48 18.22 -51.73
N GLY C 183 36.72 16.92 -51.63
CA GLY C 183 37.32 16.15 -52.71
C GLY C 183 36.47 15.72 -53.88
N ASP C 184 35.24 16.21 -53.99
CA ASP C 184 34.38 15.86 -55.13
C ASP C 184 33.52 17.00 -55.67
N TYR C 185 32.86 17.74 -54.79
CA TYR C 185 32.07 18.87 -55.25
C TYR C 185 32.98 19.77 -56.05
N LYS C 186 32.58 20.17 -57.26
CA LYS C 186 33.53 20.94 -58.07
C LYS C 186 33.11 21.67 -59.36
N LYS C 187 34.09 22.28 -60.03
CA LYS C 187 33.89 23.01 -61.29
C LYS C 187 32.62 23.03 -62.15
N GLN C 188 31.77 24.05 -62.00
CA GLN C 188 30.68 24.25 -62.93
C GLN C 188 30.72 25.72 -63.32
N ILE C 189 30.74 25.99 -64.63
CA ILE C 189 30.99 27.34 -65.11
C ILE C 189 29.91 27.69 -66.13
N SER C 190 29.65 28.99 -66.27
CA SER C 190 28.41 29.42 -66.91
C SER C 190 28.62 30.70 -67.69
N THR C 191 27.73 30.93 -68.65
CA THR C 191 27.58 32.25 -69.24
C THR C 191 26.68 33.11 -68.38
N ASN C 192 27.08 34.37 -68.17
CA ASN C 192 26.21 35.33 -67.51
C ASN C 192 25.32 36.04 -68.51
N VAL C 193 25.83 36.30 -69.71
CA VAL C 193 25.03 36.84 -70.79
C VAL C 193 23.90 35.86 -71.08
N SER C 194 22.67 36.37 -71.12
CA SER C 194 21.52 35.54 -71.43
C SER C 194 21.21 35.63 -72.93
N PHE C 195 20.23 34.84 -73.36
CA PHE C 195 19.85 34.78 -74.77
C PHE C 195 18.33 34.87 -74.88
N THR C 196 17.86 35.54 -75.93
CA THR C 196 16.44 35.70 -76.19
C THR C 196 16.19 35.71 -77.69
N ASP C 197 14.91 35.70 -78.07
CA ASP C 197 14.52 35.76 -79.46
C ASP C 197 14.53 37.20 -79.95
N ASN C 198 15.71 37.71 -80.29
CA ASN C 198 15.85 39.14 -80.57
C ASN C 198 15.64 39.47 -82.04
N ARG C 199 14.90 38.63 -82.76
CA ARG C 199 14.18 39.15 -83.90
C ARG C 199 13.05 40.05 -83.43
N TRP C 200 12.57 39.84 -82.21
CA TRP C 200 11.91 40.88 -81.46
C TRP C 200 12.93 41.96 -81.09
N ASP C 201 12.46 43.18 -80.95
CA ASP C 201 13.22 44.25 -80.32
C ASP C 201 12.61 44.48 -78.95
N LEU C 202 13.34 44.11 -77.90
CA LEU C 202 12.79 44.11 -76.57
C LEU C 202 12.55 45.52 -76.03
N ASN C 203 13.00 46.55 -76.76
CA ASN C 203 12.41 47.87 -76.57
C ASN C 203 10.96 47.84 -77.03
N LYS C 204 10.72 47.33 -78.24
CA LYS C 204 9.35 47.06 -78.67
C LYS C 204 8.77 45.88 -77.91
N ASP C 205 9.61 44.94 -77.49
CA ASP C 205 9.16 43.62 -77.09
C ASP C 205 9.71 43.18 -75.74
N PRO C 206 9.76 44.06 -74.74
CA PRO C 206 10.29 43.62 -73.44
C PRO C 206 9.46 42.49 -72.85
N ASP C 207 8.15 42.56 -73.06
CA ASP C 207 7.24 41.53 -72.58
C ASP C 207 7.41 40.21 -73.34
N LYS C 208 7.80 40.27 -74.62
CA LYS C 208 7.89 39.05 -75.42
C LYS C 208 9.05 38.16 -74.98
N THR C 209 10.28 38.67 -75.05
CA THR C 209 11.45 37.96 -74.56
C THR C 209 11.69 36.62 -75.26
N LYS C 210 11.20 35.51 -74.67
CA LYS C 210 11.55 34.17 -75.14
C LYS C 210 13.05 33.91 -75.06
N TYR C 211 13.58 33.68 -73.86
CA TYR C 211 14.92 33.12 -73.76
C TYR C 211 15.15 32.08 -74.86
N LEU C 212 16.32 32.17 -75.50
CA LEU C 212 16.66 31.16 -76.49
C LEU C 212 16.94 29.82 -75.80
N THR C 213 17.04 28.77 -76.61
CA THR C 213 17.31 27.43 -76.12
C THR C 213 18.00 26.65 -77.22
N GLY C 214 18.15 25.34 -76.99
CA GLY C 214 18.75 24.44 -77.96
C GLY C 214 18.24 24.66 -79.36
N ASP C 215 16.94 24.88 -79.48
CA ASP C 215 16.31 25.09 -80.79
C ASP C 215 16.86 26.33 -81.49
N SER C 216 17.05 27.40 -80.75
CA SER C 216 17.24 28.73 -81.32
C SER C 216 18.46 28.73 -82.24
N LYS C 217 18.28 29.24 -83.45
CA LYS C 217 19.40 29.38 -84.38
C LYS C 217 20.10 30.72 -84.19
N TRP C 218 21.40 30.72 -84.48
CA TRP C 218 22.21 31.92 -84.34
C TRP C 218 21.54 33.13 -84.97
N GLN C 219 20.92 32.92 -86.14
CA GLN C 219 20.33 34.01 -86.89
C GLN C 219 19.25 34.75 -86.11
N GLN C 220 18.38 34.01 -85.41
CA GLN C 220 17.20 34.62 -84.81
C GLN C 220 17.58 35.76 -83.86
N LEU C 221 18.60 35.54 -83.04
CA LEU C 221 19.04 36.60 -82.13
C LEU C 221 19.31 37.89 -82.89
N ILE C 222 20.06 37.79 -83.99
CA ILE C 222 20.42 39.00 -84.72
C ILE C 222 19.22 39.57 -85.49
N GLY C 223 18.06 38.90 -85.40
CA GLY C 223 16.90 39.34 -86.16
C GLY C 223 16.71 40.84 -86.21
N GLN C 224 16.90 41.51 -85.08
CA GLN C 224 16.83 42.97 -85.07
C GLN C 224 18.18 43.63 -85.32
N GLY C 225 19.27 42.89 -85.15
CA GLY C 225 20.58 43.51 -85.13
C GLY C 225 21.32 43.50 -86.46
N TYR C 226 20.80 42.77 -87.45
CA TYR C 226 21.57 42.54 -88.67
C TYR C 226 22.10 43.84 -89.29
N VAL C 227 21.29 44.89 -89.33
CA VAL C 227 21.66 46.10 -90.05
C VAL C 227 21.44 47.31 -89.17
N LYS C 228 22.21 48.37 -89.45
CA LYS C 228 22.08 49.61 -88.71
C LYS C 228 20.66 50.15 -88.81
N ASP C 229 20.08 50.08 -90.00
CA ASP C 229 18.76 50.65 -90.26
C ASP C 229 17.65 49.99 -89.46
N ASN C 230 17.80 48.73 -89.04
CA ASN C 230 16.71 47.98 -88.42
C ASN C 230 15.51 47.88 -89.35
N SER C 231 15.77 47.79 -90.66
CA SER C 231 14.73 47.72 -91.68
C SER C 231 14.38 46.27 -91.97
N LEU C 232 14.48 45.42 -90.95
CA LEU C 232 14.52 43.98 -91.12
C LEU C 232 13.10 43.42 -91.04
N ASP C 233 12.75 42.56 -92.00
CA ASP C 233 11.34 42.28 -92.31
C ASP C 233 10.79 41.11 -91.49
N ALA C 234 11.18 41.13 -90.21
CA ALA C 234 10.46 40.60 -89.06
C ALA C 234 10.17 39.10 -89.06
N ASP C 235 9.99 38.48 -90.23
CA ASP C 235 10.03 37.03 -90.31
C ASP C 235 10.38 36.53 -91.70
N LYS C 236 10.00 37.29 -92.71
CA LYS C 236 9.79 36.74 -94.04
C LYS C 236 11.12 36.51 -94.73
N ASP C 237 11.86 37.58 -94.97
CA ASP C 237 13.25 37.43 -95.35
C ASP C 237 14.08 36.77 -94.26
N PHE C 238 13.59 36.76 -93.02
CA PHE C 238 14.32 36.09 -91.95
C PHE C 238 14.29 34.58 -92.12
N GLU C 239 13.11 33.98 -91.99
CA GLU C 239 13.03 32.55 -91.70
C GLU C 239 12.07 31.81 -92.61
N TYR C 240 11.29 32.53 -93.40
CA TYR C 240 10.48 31.87 -94.41
C TYR C 240 11.43 31.37 -95.49
N ASP C 241 11.82 30.10 -95.36
CA ASP C 241 12.83 29.54 -96.25
C ASP C 241 12.48 29.78 -97.72
N ASP C 242 11.19 29.75 -98.05
CA ASP C 242 10.76 30.15 -99.37
C ASP C 242 11.22 31.56 -99.70
N SER C 243 11.34 32.43 -98.70
CA SER C 243 11.72 33.82 -98.92
C SER C 243 12.94 34.26 -98.12
N LYS C 244 13.71 33.34 -97.57
CA LYS C 244 14.83 33.70 -96.70
C LYS C 244 16.00 34.25 -97.51
N LEU C 245 16.73 35.18 -96.90
CA LEU C 245 17.94 35.71 -97.49
C LEU C 245 19.16 34.93 -97.01
N ASP C 246 20.31 35.22 -97.63
CA ASP C 246 21.58 34.83 -97.06
C ASP C 246 21.97 35.80 -95.96
N PHE C 247 22.62 35.29 -94.92
CA PHE C 247 22.94 36.07 -93.74
C PHE C 247 24.38 35.81 -93.34
N PRO C 248 25.02 36.76 -92.65
CA PRO C 248 26.48 36.76 -92.53
C PRO C 248 27.01 35.45 -91.99
N PRO C 249 27.89 34.77 -92.73
CA PRO C 249 28.70 33.72 -92.10
C PRO C 249 29.56 34.35 -91.01
N THR C 250 29.29 33.97 -89.77
CA THR C 250 29.75 34.71 -88.60
C THR C 250 31.11 34.19 -88.12
N THR C 251 31.86 35.07 -87.47
CA THR C 251 33.21 34.81 -87.01
C THR C 251 33.20 34.34 -85.55
N LEU C 252 34.31 33.72 -85.13
CA LEU C 252 34.44 33.26 -83.75
C LEU C 252 35.90 32.91 -83.46
N TYR C 253 36.42 33.47 -82.36
CA TYR C 253 37.73 33.09 -81.82
C TYR C 253 37.55 32.58 -80.41
N VAL C 254 38.49 31.74 -79.97
CA VAL C 254 38.36 31.04 -78.70
C VAL C 254 39.71 30.91 -78.02
N GLN C 255 39.68 30.86 -76.69
CA GLN C 255 40.77 30.35 -75.88
C GLN C 255 40.18 29.46 -74.80
N GLY C 256 40.89 28.41 -74.44
CA GLY C 256 40.38 27.45 -73.49
C GLY C 256 41.48 26.76 -72.72
N THR C 257 41.10 26.18 -71.58
CA THR C 257 41.99 25.36 -70.78
C THR C 257 41.19 24.19 -70.24
N LYS C 258 41.88 23.09 -69.99
CA LYS C 258 41.27 21.77 -69.87
C LYS C 258 41.45 21.20 -68.46
N PRO C 259 40.75 20.11 -68.14
CA PRO C 259 40.85 19.55 -66.78
C PRO C 259 42.26 19.19 -66.35
N ASP C 260 43.11 18.74 -67.27
CA ASP C 260 44.51 18.54 -66.92
C ASP C 260 45.22 19.86 -66.68
N GLY C 261 44.66 20.95 -67.18
CA GLY C 261 45.27 22.26 -67.07
C GLY C 261 45.96 22.75 -68.32
N THR C 262 45.97 21.95 -69.40
CA THR C 262 46.55 22.41 -70.65
C THR C 262 45.64 23.45 -71.28
N SER C 263 46.26 24.50 -71.83
CA SER C 263 45.55 25.62 -72.43
C SER C 263 45.68 25.55 -73.94
N PHE C 264 44.79 26.27 -74.62
CA PHE C 264 44.78 26.26 -76.07
C PHE C 264 44.02 27.48 -76.58
N LYS C 265 44.23 27.77 -77.86
CA LYS C 265 43.73 29.00 -78.48
C LYS C 265 43.34 28.67 -79.92
N SER C 266 42.12 29.04 -80.31
CA SER C 266 41.55 28.52 -81.54
C SER C 266 40.71 29.58 -82.24
N ALA C 267 40.25 29.23 -83.45
CA ALA C 267 39.41 30.10 -84.25
C ALA C 267 38.60 29.23 -85.21
N VAL C 268 37.31 29.55 -85.38
CA VAL C 268 36.41 28.71 -86.15
C VAL C 268 35.27 29.57 -86.68
N LEU C 269 34.60 29.07 -87.70
CA LEU C 269 33.55 29.81 -88.39
C LEU C 269 32.19 29.60 -87.74
N VAL C 270 31.24 30.47 -88.09
CA VAL C 270 29.86 30.42 -87.60
C VAL C 270 28.93 30.75 -88.77
N LYS C 271 27.70 30.24 -88.69
CA LYS C 271 26.68 30.54 -89.68
C LYS C 271 25.40 31.02 -89.01
N PRO C 272 24.58 31.78 -89.73
CA PRO C 272 23.31 32.25 -89.16
C PRO C 272 22.43 31.11 -88.66
N GLU C 273 22.48 29.99 -89.38
CA GLU C 273 21.56 28.87 -89.18
C GLU C 273 21.93 28.02 -87.97
N ASP C 274 22.88 28.45 -87.15
CA ASP C 274 23.42 27.60 -86.10
C ASP C 274 22.46 27.52 -84.93
N THR C 275 21.90 26.33 -84.71
CA THR C 275 21.29 26.03 -83.43
C THR C 275 22.39 25.79 -82.39
N LEU C 276 21.99 25.68 -81.13
CA LEU C 276 22.98 25.48 -80.08
C LEU C 276 23.71 24.15 -80.25
N GLU C 277 23.03 23.14 -80.81
CA GLU C 277 23.64 21.83 -80.94
C GLU C 277 24.79 21.84 -81.93
N ASP C 278 24.67 22.63 -83.00
CA ASP C 278 25.67 22.59 -84.07
C ASP C 278 27.08 22.79 -83.51
N VAL C 279 27.22 23.73 -82.58
CA VAL C 279 28.54 24.03 -82.03
C VAL C 279 28.85 23.07 -80.89
N MET C 280 27.84 22.70 -80.10
CA MET C 280 28.06 21.86 -78.93
C MET C 280 28.84 20.61 -79.29
N GLU C 281 28.50 19.96 -80.40
CA GLU C 281 29.29 18.82 -80.85
C GLU C 281 30.73 19.23 -81.09
N ASN C 282 30.94 20.38 -81.72
CA ASN C 282 32.30 20.85 -81.95
C ASN C 282 32.95 21.35 -80.66
N ILE C 283 32.16 21.89 -79.73
CA ILE C 283 32.71 22.32 -78.46
C ILE C 283 33.36 21.14 -77.74
N GLY C 284 32.58 20.09 -77.48
CA GLY C 284 33.11 18.96 -76.76
C GLY C 284 34.27 18.31 -77.48
N ALA C 285 34.13 18.10 -78.78
CA ALA C 285 35.17 17.43 -79.56
C ALA C 285 36.50 18.16 -79.42
N LEU C 286 36.49 19.46 -79.66
CA LEU C 286 37.72 20.25 -79.50
C LEU C 286 38.25 20.13 -78.09
N TYR C 287 37.36 20.02 -77.10
CA TYR C 287 37.80 19.79 -75.73
C TYR C 287 38.23 18.35 -75.53
N GLY C 288 37.63 17.43 -76.28
CA GLY C 288 38.02 16.02 -76.21
C GLY C 288 36.85 15.08 -76.09
N ASN C 289 35.63 15.59 -76.25
CA ASN C 289 34.44 14.77 -76.08
C ASN C 289 34.23 13.87 -77.30
N THR C 290 34.91 12.74 -77.29
CA THR C 290 34.46 11.62 -78.08
C THR C 290 33.26 11.01 -77.38
N PRO C 291 32.39 10.31 -78.10
CA PRO C 291 31.33 9.56 -77.40
C PRO C 291 31.93 8.56 -76.42
N ASN C 292 33.09 8.01 -76.77
CA ASN C 292 33.81 7.14 -75.85
C ASN C 292 34.22 7.88 -74.60
N ASN C 293 34.54 9.17 -74.72
CA ASN C 293 34.93 9.97 -73.56
C ASN C 293 34.49 11.42 -73.78
N LYS C 294 33.45 11.83 -73.07
CA LYS C 294 33.12 13.25 -72.98
C LYS C 294 33.97 13.88 -71.89
N VAL C 295 34.95 14.70 -72.28
CA VAL C 295 35.79 15.34 -71.27
C VAL C 295 35.02 16.42 -70.53
N VAL C 296 34.05 17.06 -71.18
CA VAL C 296 33.38 18.24 -70.64
C VAL C 296 31.87 18.01 -70.68
N GLU C 297 31.15 18.87 -69.96
CA GLU C 297 29.70 18.86 -69.95
C GLU C 297 29.19 20.28 -70.18
N VAL C 298 28.02 20.39 -70.82
CA VAL C 298 27.44 21.67 -71.18
C VAL C 298 25.92 21.58 -71.02
N SER C 299 25.28 22.70 -70.70
CA SER C 299 23.84 22.71 -70.46
C SER C 299 23.25 24.08 -70.76
N MET C 300 22.20 24.09 -71.59
CA MET C 300 21.37 25.28 -71.80
C MET C 300 20.35 25.32 -70.67
N ASN C 301 20.13 26.50 -70.11
CA ASN C 301 19.51 26.58 -68.79
C ASN C 301 18.42 27.63 -68.74
N ASP C 302 17.87 27.78 -67.53
CA ASP C 302 16.70 28.61 -67.28
C ASP C 302 16.90 30.06 -67.66
N SER C 303 18.06 30.63 -67.31
CA SER C 303 18.29 32.07 -67.42
C SER C 303 18.60 32.49 -68.84
N GLY C 304 18.22 31.69 -69.83
CA GLY C 304 18.65 31.97 -71.19
C GLY C 304 20.16 31.97 -71.30
N GLN C 305 20.81 31.05 -70.59
CA GLN C 305 22.26 30.96 -70.51
C GLN C 305 22.67 29.50 -70.72
N ILE C 306 23.97 29.25 -70.59
CA ILE C 306 24.52 27.91 -70.67
C ILE C 306 25.47 27.71 -69.51
N GLN C 307 25.48 26.49 -68.95
CA GLN C 307 26.45 26.08 -67.96
C GLN C 307 27.36 24.99 -68.52
N ILE C 308 28.53 24.88 -67.92
CA ILE C 308 29.55 23.91 -68.32
C ILE C 308 30.18 23.34 -67.06
N THR C 309 30.42 22.04 -67.05
CA THR C 309 31.02 21.39 -65.90
C THR C 309 32.12 20.45 -66.36
N ASP C 310 33.18 20.39 -65.55
CA ASP C 310 34.25 19.42 -65.72
C ASP C 310 33.82 18.13 -65.02
N LEU C 311 33.73 17.05 -65.78
CA LEU C 311 33.14 15.83 -65.24
C LEU C 311 33.99 15.22 -64.12
N LYS C 312 35.22 15.68 -63.94
CA LYS C 312 36.08 15.17 -62.87
C LYS C 312 35.69 15.80 -61.54
N GLN C 313 35.25 14.97 -60.60
CA GLN C 313 34.96 15.45 -59.26
C GLN C 313 36.20 16.06 -58.63
N GLY C 314 36.01 17.14 -57.89
CA GLY C 314 37.11 17.74 -57.16
C GLY C 314 38.09 18.53 -57.99
N ASN C 315 37.75 18.91 -59.21
CA ASN C 315 38.68 19.58 -60.12
C ASN C 315 38.21 20.98 -60.45
N ASN C 316 39.16 21.82 -60.85
CA ASN C 316 38.91 23.23 -61.12
C ASN C 316 39.63 23.74 -62.36
N LYS C 317 40.21 22.86 -63.17
CA LYS C 317 41.21 23.25 -64.15
C LYS C 317 40.66 23.60 -65.52
N LEU C 318 39.35 23.57 -65.72
CA LEU C 318 38.76 23.87 -67.02
C LEU C 318 38.19 25.28 -67.00
N ASP C 319 38.60 26.10 -67.97
CA ASP C 319 38.09 27.45 -68.07
C ASP C 319 38.04 27.85 -69.54
N PHE C 320 37.44 29.00 -69.82
CA PHE C 320 37.01 29.33 -71.16
C PHE C 320 36.90 30.83 -71.39
N HIS C 321 37.09 31.21 -72.65
CA HIS C 321 36.52 32.43 -73.20
C HIS C 321 36.57 32.36 -74.72
N ALA C 322 35.71 33.17 -75.35
CA ALA C 322 35.66 33.25 -76.81
C ALA C 322 34.79 34.43 -77.19
N VAL C 323 34.71 34.70 -78.49
CA VAL C 323 34.04 35.89 -79.00
C VAL C 323 33.61 35.64 -80.44
N ALA C 324 32.47 36.19 -80.82
CA ALA C 324 31.97 36.13 -82.19
C ALA C 324 31.68 37.54 -82.70
N PHE C 325 31.86 37.72 -84.00
CA PHE C 325 31.86 39.03 -84.63
C PHE C 325 30.86 39.06 -85.75
N THR C 326 30.24 40.23 -85.96
CA THR C 326 29.17 40.36 -86.93
C THR C 326 29.14 41.79 -87.42
N PRO C 327 28.85 42.02 -88.70
CA PRO C 327 28.72 43.40 -89.21
C PRO C 327 27.28 43.89 -89.28
N GLN C 328 27.10 45.19 -89.47
CA GLN C 328 25.89 45.75 -90.05
C GLN C 328 26.25 46.46 -91.35
N ALA C 329 25.55 46.13 -92.43
CA ALA C 329 25.69 46.91 -93.64
C ALA C 329 25.08 48.30 -93.43
N ASP C 330 25.46 49.24 -94.30
CA ASP C 330 24.80 50.54 -94.26
C ASP C 330 23.30 50.37 -94.24
N THR C 331 22.76 49.66 -95.21
CA THR C 331 21.33 49.44 -95.31
C THR C 331 21.07 48.00 -95.74
N LYS C 332 19.89 47.52 -95.35
CA LYS C 332 19.47 46.17 -95.70
C LYS C 332 19.48 45.96 -97.22
N ASP C 333 19.03 46.96 -97.97
CA ASP C 333 19.06 46.85 -99.42
C ASP C 333 20.49 46.89 -99.95
N GLU C 334 21.28 47.85 -99.50
CA GLU C 334 22.67 47.92 -99.92
C GLU C 334 23.40 46.64 -99.59
N LEU C 335 23.04 46.01 -98.47
CA LEU C 335 23.51 44.66 -98.19
C LEU C 335 23.18 43.72 -99.34
N LYS C 336 21.93 43.75 -99.82
CA LYS C 336 21.54 42.85 -100.89
C LYS C 336 22.38 43.07 -102.14
N ASN C 337 22.62 44.33 -102.50
CA ASN C 337 23.47 44.62 -103.64
C ASN C 337 24.78 43.87 -103.54
N ILE C 338 25.27 43.65 -102.32
CA ILE C 338 26.41 42.76 -102.13
C ILE C 338 26.03 41.34 -102.55
N ILE C 339 24.82 40.91 -102.21
CA ILE C 339 24.39 39.57 -102.57
C ILE C 339 24.49 39.37 -104.07
N GLU C 340 24.03 40.36 -104.84
CA GLU C 340 24.26 40.33 -106.28
C GLU C 340 25.75 40.38 -106.57
N ALA C 341 26.49 41.21 -105.83
CA ALA C 341 27.93 41.31 -106.05
C ALA C 341 28.60 39.96 -105.86
N ALA C 342 28.23 39.22 -104.82
CA ALA C 342 28.76 37.88 -104.65
C ALA C 342 28.36 36.97 -105.80
N ASN C 343 27.11 37.06 -106.24
CA ASN C 343 26.69 36.27 -107.40
C ASN C 343 27.45 36.67 -108.65
N GLN C 344 27.70 37.97 -108.83
CA GLN C 344 28.56 38.40 -109.93
C GLN C 344 29.92 37.73 -109.84
N GLU C 345 30.52 37.75 -108.66
CA GLU C 345 31.73 36.97 -108.43
C GLU C 345 31.43 35.48 -108.40
N GLY C 346 30.20 35.11 -108.02
CA GLY C 346 29.85 33.71 -107.90
C GLY C 346 30.59 33.01 -106.79
N ILE C 347 30.68 33.62 -105.62
CA ILE C 347 31.48 33.10 -104.51
C ILE C 347 30.71 33.30 -103.21
N SER C 348 31.32 32.87 -102.11
CA SER C 348 30.65 32.82 -100.82
C SER C 348 30.93 34.08 -100.00
N MET C 349 29.99 34.41 -99.12
CA MET C 349 30.19 35.52 -98.19
C MET C 349 31.27 35.20 -97.19
N ASN C 350 31.36 33.95 -96.73
CA ASN C 350 32.37 33.57 -95.76
C ASN C 350 33.76 33.95 -96.24
N GLU C 351 34.07 33.63 -97.49
CA GLU C 351 35.33 34.08 -98.05
C GLU C 351 35.46 35.59 -97.92
N VAL C 352 34.38 36.32 -98.21
CA VAL C 352 34.38 37.76 -97.97
C VAL C 352 34.58 38.03 -96.48
N THR C 353 33.88 37.28 -95.63
CA THR C 353 34.12 37.39 -94.20
C THR C 353 35.60 37.23 -93.90
N ASN C 354 36.25 36.29 -94.57
CA ASN C 354 37.70 36.14 -94.41
C ASN C 354 38.42 37.40 -94.86
N ARG C 355 37.99 37.99 -95.98
CA ARG C 355 38.57 39.26 -96.41
C ARG C 355 38.44 40.31 -95.32
N VAL C 356 37.20 40.67 -94.98
CA VAL C 356 36.96 41.85 -94.16
C VAL C 356 37.62 41.69 -92.80
N MET C 357 37.41 40.54 -92.15
CA MET C 357 37.94 40.35 -90.81
C MET C 357 39.45 40.40 -90.81
N GLN C 358 40.08 39.67 -91.74
CA GLN C 358 41.54 39.68 -91.81
C GLN C 358 42.06 41.05 -92.18
N ALA C 359 41.30 41.83 -92.96
CA ALA C 359 41.73 43.18 -93.31
C ALA C 359 41.90 44.04 -92.06
N SER C 360 40.94 43.98 -91.14
CA SER C 360 41.08 44.73 -89.90
C SER C 360 42.34 44.32 -89.16
N THR C 361 42.59 43.01 -89.06
CA THR C 361 43.84 42.55 -88.47
C THR C 361 45.02 42.86 -89.36
N ALA C 362 44.82 42.92 -90.68
CA ALA C 362 45.92 43.03 -91.63
C ALA C 362 47.01 43.96 -91.12
N ALA C 363 46.61 45.09 -90.53
CA ALA C 363 47.50 45.86 -89.71
C ALA C 363 46.86 46.10 -88.36
N PRO C 364 47.54 45.74 -87.26
CA PRO C 364 47.01 46.14 -85.95
C PRO C 364 46.76 47.64 -85.89
N SER C 365 47.59 48.44 -86.57
CA SER C 365 47.23 49.83 -86.80
C SER C 365 46.44 49.94 -88.11
N ASN C 366 45.51 49.01 -88.31
CA ASN C 366 44.35 49.21 -89.17
C ASN C 366 43.13 48.76 -88.38
N GLY C 367 43.32 47.66 -87.66
CA GLY C 367 42.46 47.25 -86.59
C GLY C 367 43.25 46.29 -85.72
N ASP C 368 43.34 46.58 -84.43
CA ASP C 368 44.13 45.71 -83.56
C ASP C 368 43.42 44.38 -83.38
N ILE C 369 44.21 43.30 -83.30
CA ILE C 369 43.64 41.97 -83.17
C ILE C 369 42.72 41.89 -81.96
N THR C 370 42.87 42.80 -81.01
CA THR C 370 41.86 42.99 -79.97
C THR C 370 40.98 44.20 -80.31
N LYS C 371 41.60 45.34 -80.58
CA LYS C 371 40.87 46.55 -80.98
C LYS C 371 40.86 46.66 -82.51
N LEU C 372 39.97 45.87 -83.12
CA LEU C 372 39.78 45.88 -84.56
C LEU C 372 38.87 47.00 -85.02
N ASN C 373 38.31 47.80 -84.11
CA ASN C 373 37.18 48.67 -84.43
C ASN C 373 37.53 49.59 -85.60
N ASN C 374 36.58 49.73 -86.53
CA ASN C 374 36.68 50.67 -87.62
C ASN C 374 35.36 50.72 -88.37
N PRO C 375 34.87 51.90 -88.74
CA PRO C 375 33.83 51.97 -89.77
C PRO C 375 34.44 51.69 -91.13
N VAL C 376 33.75 50.88 -91.92
CA VAL C 376 34.41 50.12 -92.97
C VAL C 376 33.66 50.24 -94.29
N THR C 377 34.42 50.18 -95.39
CA THR C 377 33.90 49.84 -96.70
C THR C 377 34.88 48.92 -97.39
N VAL C 378 34.36 47.87 -98.02
CA VAL C 378 35.19 46.79 -98.54
C VAL C 378 34.73 46.44 -99.95
N THR C 379 35.70 46.12 -100.80
CA THR C 379 35.48 45.95 -102.23
C THR C 379 34.96 44.55 -102.52
N ILE C 380 33.83 44.47 -103.18
CA ILE C 380 33.17 43.21 -103.52
C ILE C 380 32.78 43.28 -104.99
N ASN C 381 33.04 42.21 -105.73
CA ASN C 381 33.15 42.28 -107.18
C ASN C 381 34.13 43.36 -107.59
N ASN C 382 35.10 43.65 -106.73
CA ASN C 382 35.99 44.81 -106.83
C ASN C 382 35.19 46.11 -106.86
N GLN C 383 34.07 46.14 -106.13
CA GLN C 383 33.35 47.36 -105.83
C GLN C 383 33.02 47.39 -104.35
N GLN C 384 33.22 48.54 -103.72
CA GLN C 384 33.30 48.62 -102.27
C GLN C 384 31.96 49.02 -101.66
N PHE C 385 31.58 48.26 -100.62
CA PHE C 385 30.36 48.45 -99.86
C PHE C 385 30.75 48.79 -98.43
N THR C 386 29.97 49.65 -97.77
CA THR C 386 30.36 50.27 -96.51
C THR C 386 29.63 49.62 -95.34
N ILE C 387 30.31 49.53 -94.19
CA ILE C 387 29.92 48.65 -93.10
C ILE C 387 30.36 49.26 -91.77
N ASP C 388 29.75 48.77 -90.70
CA ASP C 388 30.30 48.91 -89.35
C ASP C 388 30.07 47.59 -88.63
N LEU C 389 30.85 47.36 -87.58
CA LEU C 389 31.03 46.02 -87.01
C LEU C 389 30.21 45.82 -85.75
N LYS C 390 29.90 44.55 -85.48
CA LYS C 390 29.06 44.15 -84.35
C LYS C 390 29.73 43.01 -83.61
N GLN C 391 29.30 42.80 -82.37
CA GLN C 391 30.08 42.07 -81.38
C GLN C 391 29.20 41.08 -80.63
N THR C 392 29.82 40.00 -80.16
CA THR C 392 29.19 39.03 -79.26
C THR C 392 30.11 38.79 -78.07
N ASP C 393 29.65 39.15 -76.87
CA ASP C 393 30.37 38.86 -75.64
C ASP C 393 29.76 37.64 -74.97
N PHE C 394 30.57 36.59 -74.82
CA PHE C 394 30.09 35.40 -74.15
C PHE C 394 30.04 35.58 -72.63
N ILE C 395 31.01 36.31 -72.08
CA ILE C 395 30.99 36.72 -70.68
C ILE C 395 31.63 38.09 -70.60
N LYS C 396 31.19 38.89 -69.63
CA LYS C 396 31.91 40.10 -69.27
C LYS C 396 31.61 40.47 -67.82
N SER C 397 32.60 41.10 -67.20
CA SER C 397 32.42 41.82 -65.95
C SER C 397 33.15 43.15 -66.10
N LYS C 398 32.81 44.10 -65.24
CA LYS C 398 33.05 45.51 -65.52
C LYS C 398 34.20 46.04 -64.67
N MET C 399 35.32 46.32 -65.32
CA MET C 399 36.42 47.10 -64.75
C MET C 399 37.19 47.71 -65.91
N THR C 400 38.35 48.30 -65.62
CA THR C 400 39.13 48.94 -66.66
C THR C 400 40.01 47.92 -67.39
N ASP C 401 40.29 48.21 -68.65
CA ASP C 401 41.36 47.51 -69.34
C ASP C 401 42.70 48.11 -68.93
N THR C 402 43.79 47.43 -69.31
CA THR C 402 45.10 47.99 -69.00
C THR C 402 45.33 49.30 -69.71
N ASP C 403 44.56 49.60 -70.76
CA ASP C 403 44.66 50.89 -71.42
C ASP C 403 44.13 52.01 -70.55
N GLY C 404 43.50 51.69 -69.42
CA GLY C 404 42.79 52.68 -68.64
C GLY C 404 41.38 52.90 -69.11
N ASN C 405 41.01 52.37 -70.27
CA ASN C 405 39.64 52.38 -70.73
C ASN C 405 38.85 51.38 -69.90
N ALA C 406 37.54 51.33 -70.10
CA ALA C 406 36.77 50.22 -69.56
C ALA C 406 37.32 48.91 -70.12
N ALA C 407 36.93 47.80 -69.50
CA ALA C 407 37.28 46.51 -70.06
C ALA C 407 36.42 46.31 -71.30
N ASN C 408 36.93 46.75 -72.46
CA ASN C 408 36.14 46.75 -73.68
C ASN C 408 35.87 45.31 -74.11
N GLY C 409 35.15 45.18 -75.23
CA GLY C 409 35.00 43.86 -75.83
C GLY C 409 36.32 43.27 -76.26
N ALA C 410 37.37 44.08 -76.32
CA ALA C 410 38.68 43.61 -76.76
C ALA C 410 39.57 43.16 -75.61
N ASP C 411 39.11 43.29 -74.37
CA ASP C 411 39.94 43.11 -73.18
C ASP C 411 39.52 41.88 -72.41
N TYR C 412 40.40 40.87 -72.37
CA TYR C 412 40.18 39.67 -71.57
C TYR C 412 41.33 39.47 -70.60
N ASP C 413 42.55 39.63 -71.09
CA ASP C 413 43.72 39.71 -70.20
C ASP C 413 44.13 41.16 -70.01
N ASN C 414 43.75 42.03 -70.95
CA ASN C 414 44.03 43.45 -70.86
C ASN C 414 43.11 44.12 -69.85
N VAL C 415 43.34 43.82 -68.57
CA VAL C 415 42.63 44.47 -67.48
C VAL C 415 43.57 44.58 -66.29
N TYR C 416 43.23 45.45 -65.35
CA TYR C 416 44.08 45.70 -64.20
C TYR C 416 43.84 44.69 -63.09
N PHE C 417 44.73 44.73 -62.09
CA PHE C 417 44.64 43.84 -60.95
C PHE C 417 43.51 44.29 -60.02
N GLU C 418 43.23 43.44 -59.04
CA GLU C 418 42.14 43.70 -58.09
C GLU C 418 42.70 44.32 -56.82
N LYS C 419 41.85 45.07 -56.12
CA LYS C 419 42.32 45.93 -55.05
C LYS C 419 41.38 45.86 -53.85
N ASN C 420 41.95 46.13 -52.68
CA ASN C 420 41.18 46.37 -51.46
C ASN C 420 42.01 47.34 -50.61
N GLY C 421 41.72 48.63 -50.76
CA GLY C 421 42.51 49.63 -50.08
C GLY C 421 43.97 49.51 -50.50
N ASN C 422 44.86 49.44 -49.51
CA ASN C 422 46.27 49.21 -49.78
C ASN C 422 46.56 47.77 -50.20
N THR C 423 45.56 46.89 -50.13
CA THR C 423 45.71 45.50 -50.49
C THR C 423 45.27 45.28 -51.93
N VAL C 424 46.09 44.56 -52.69
CA VAL C 424 45.83 44.29 -54.10
C VAL C 424 45.94 42.79 -54.29
N TYR C 425 45.16 42.26 -55.23
CA TYR C 425 45.21 40.84 -55.52
C TYR C 425 44.97 40.57 -57.00
N GLY C 426 45.48 39.42 -57.43
CA GLY C 426 45.29 38.90 -58.77
C GLY C 426 44.62 37.55 -58.65
N ASN C 427 43.58 37.31 -59.45
CA ASN C 427 42.58 36.32 -59.07
C ASN C 427 42.84 34.91 -59.57
N VAL C 428 43.85 34.67 -60.40
CA VAL C 428 44.11 33.29 -60.82
C VAL C 428 44.80 32.57 -59.67
N SER C 429 44.11 31.58 -59.10
CA SER C 429 44.73 30.71 -58.11
C SER C 429 45.85 29.92 -58.79
N GLN C 430 47.09 30.14 -58.38
CA GLN C 430 48.17 29.31 -58.88
C GLN C 430 48.02 27.92 -58.30
N VAL C 431 47.58 26.99 -59.15
CA VAL C 431 47.01 25.72 -58.73
C VAL C 431 47.79 24.60 -59.41
N ILE C 432 48.59 23.88 -58.62
CA ILE C 432 49.64 23.06 -59.18
C ILE C 432 49.05 21.99 -60.10
N LYS C 433 49.79 21.69 -61.16
CA LYS C 433 49.34 20.72 -62.16
C LYS C 433 49.04 19.39 -61.50
N GLY C 434 47.94 18.77 -61.93
CA GLY C 434 47.53 17.50 -61.38
C GLY C 434 46.96 17.62 -59.98
N SER C 435 47.83 17.97 -59.02
CA SER C 435 47.43 18.02 -57.63
C SER C 435 46.38 19.09 -57.36
N ASN C 436 46.29 20.10 -58.21
CA ASN C 436 45.53 21.32 -57.93
C ASN C 436 45.98 22.00 -56.66
N ALA C 437 47.20 21.71 -56.19
CA ALA C 437 47.67 22.34 -54.96
C ALA C 437 47.98 23.81 -55.20
N TYR C 438 47.45 24.67 -54.32
CA TYR C 438 47.80 26.07 -54.39
C TYR C 438 49.31 26.23 -54.28
N ALA C 439 49.88 27.02 -55.19
CA ALA C 439 51.33 27.15 -55.25
C ALA C 439 51.80 28.16 -54.21
N THR C 440 52.74 27.72 -53.38
CA THR C 440 53.43 28.62 -52.47
C THR C 440 54.44 29.47 -53.24
N ASP C 441 54.77 30.63 -52.66
CA ASP C 441 55.86 31.46 -53.17
C ASP C 441 57.02 30.59 -53.61
N SER C 442 57.39 29.62 -52.78
CA SER C 442 58.54 28.74 -53.03
C SER C 442 58.30 27.74 -54.14
N THR C 443 57.08 27.58 -54.64
CA THR C 443 56.83 26.63 -55.70
C THR C 443 57.62 27.01 -56.93
N LYS C 444 58.36 26.06 -57.47
CA LYS C 444 59.15 26.32 -58.66
C LYS C 444 58.22 26.59 -59.84
N LEU C 445 58.82 26.97 -60.97
CA LEU C 445 58.02 27.45 -62.08
C LEU C 445 57.26 26.32 -62.77
N SER C 446 57.82 25.12 -62.79
CA SER C 446 57.24 24.04 -63.59
C SER C 446 55.89 23.58 -63.06
N GLU C 447 55.67 23.69 -61.75
CA GLU C 447 54.60 22.93 -61.11
C GLU C 447 53.22 23.37 -61.55
N VAL C 448 53.00 24.66 -61.81
CA VAL C 448 51.67 25.14 -62.11
C VAL C 448 51.46 25.44 -63.59
N MET C 449 52.52 25.41 -64.39
CA MET C 449 52.47 25.94 -65.75
C MET C 449 51.37 25.28 -66.58
N ALA C 450 50.57 26.11 -67.27
CA ALA C 450 49.50 25.65 -68.14
C ALA C 450 49.99 25.36 -69.55
N GLY C 451 51.28 25.54 -69.82
CA GLY C 451 51.86 25.23 -71.11
C GLY C 451 53.23 24.66 -70.87
N ASP C 452 53.70 23.88 -71.84
CA ASP C 452 54.76 22.91 -71.61
C ASP C 452 56.16 23.44 -71.94
N SER C 453 56.33 24.75 -72.09
CA SER C 453 57.65 25.33 -72.35
C SER C 453 57.78 26.66 -71.64
N LEU C 454 58.33 26.64 -70.43
CA LEU C 454 58.83 27.88 -69.83
C LEU C 454 59.96 28.44 -70.67
N ASN C 455 60.83 27.56 -71.17
CA ASN C 455 61.85 27.97 -72.12
C ASN C 455 61.21 28.67 -73.30
N GLY C 456 61.88 29.73 -73.77
CA GLY C 456 61.37 30.50 -74.88
C GLY C 456 60.41 31.58 -74.44
N THR C 457 59.57 31.27 -73.45
CA THR C 457 58.47 32.13 -73.09
C THR C 457 58.97 33.52 -72.68
N THR C 458 58.04 34.47 -72.68
CA THR C 458 58.35 35.86 -72.35
C THR C 458 57.12 36.48 -71.70
N LEU C 459 57.36 37.51 -70.88
CA LEU C 459 56.29 38.23 -70.21
C LEU C 459 56.63 39.72 -70.20
N ASN C 460 55.62 40.54 -69.91
CA ASN C 460 55.81 41.98 -69.86
C ASN C 460 54.79 42.58 -68.88
N LEU C 461 55.30 43.34 -67.92
CA LEU C 461 54.51 43.92 -66.85
C LEU C 461 54.46 45.44 -66.99
N LYS C 462 53.33 46.03 -66.59
CA LYS C 462 53.11 47.46 -66.68
C LYS C 462 52.48 47.94 -65.37
N VAL C 463 53.04 49.01 -64.80
CA VAL C 463 52.87 49.29 -63.38
C VAL C 463 52.56 50.77 -63.13
N ASN C 464 51.84 51.00 -62.03
CA ASN C 464 51.78 52.29 -61.34
C ASN C 464 52.00 52.02 -59.86
N SER C 465 52.67 52.94 -59.18
CA SER C 465 53.09 52.72 -57.81
C SER C 465 52.40 53.69 -56.85
N LYS C 466 52.79 53.60 -55.57
CA LYS C 466 52.21 54.45 -54.53
C LYS C 466 52.35 55.92 -54.85
N GLY C 467 53.45 56.33 -55.45
CA GLY C 467 53.58 57.68 -55.93
C GLY C 467 52.92 57.89 -57.28
N GLY C 468 52.20 56.90 -57.77
CA GLY C 468 51.68 56.95 -59.13
C GLY C 468 52.74 56.60 -60.13
N ASN C 469 53.99 56.50 -59.68
CA ASN C 469 55.12 56.28 -60.58
C ASN C 469 54.85 55.05 -61.43
N SER C 470 54.77 55.26 -62.74
CA SER C 470 54.41 54.21 -63.68
C SER C 470 55.63 53.83 -64.49
N TYR C 471 55.72 52.55 -64.83
CA TYR C 471 56.84 52.02 -65.59
C TYR C 471 56.42 50.76 -66.32
N ASP C 472 57.17 50.44 -67.37
CA ASP C 472 56.89 49.34 -68.27
C ASP C 472 58.07 48.35 -68.21
N VAL C 473 57.75 47.06 -68.13
CA VAL C 473 58.76 46.02 -68.01
C VAL C 473 58.45 44.89 -68.97
N THR C 474 59.52 44.26 -69.46
CA THR C 474 59.42 43.06 -70.29
C THR C 474 60.39 42.02 -69.76
N ILE C 475 59.99 40.76 -69.88
CA ILE C 475 60.75 39.66 -69.29
C ILE C 475 60.75 38.47 -70.24
N ASN C 476 61.89 38.17 -70.83
CA ASN C 476 62.09 36.93 -71.57
C ASN C 476 62.38 35.82 -70.58
N LEU C 477 61.79 34.66 -70.81
CA LEU C 477 61.88 33.57 -69.87
C LEU C 477 62.64 32.37 -70.42
N GLN C 478 63.08 32.42 -71.68
CA GLN C 478 64.18 31.58 -72.11
C GLN C 478 65.45 31.98 -71.38
N THR C 479 65.79 33.27 -71.45
CA THR C 479 66.98 33.80 -70.81
C THR C 479 66.81 34.01 -69.32
N SER C 480 65.58 33.95 -68.81
CA SER C 480 65.30 34.29 -67.42
C SER C 480 65.87 35.67 -67.10
N THR C 481 65.37 36.65 -67.85
CA THR C 481 65.96 37.98 -67.83
C THR C 481 64.86 39.02 -67.95
N VAL C 482 65.14 40.22 -67.43
CA VAL C 482 64.18 41.32 -67.38
C VAL C 482 64.80 42.53 -68.05
N SER C 483 63.95 43.43 -68.52
CA SER C 483 64.42 44.67 -69.14
C SER C 483 63.33 45.73 -69.06
N TYR C 484 63.73 46.98 -69.27
CA TYR C 484 62.82 48.10 -69.20
C TYR C 484 63.42 49.28 -69.96
N PRO C 485 62.60 50.26 -70.35
CA PRO C 485 63.14 51.42 -71.06
C PRO C 485 63.77 52.45 -70.14
N ASP C 486 64.53 53.39 -70.68
CA ASP C 486 65.29 54.29 -69.82
C ASP C 486 64.47 55.33 -69.09
N PRO C 487 64.57 55.37 -67.75
CA PRO C 487 63.88 56.41 -66.99
C PRO C 487 64.74 57.65 -66.91
N ASN C 488 66.05 57.47 -66.90
CA ASN C 488 66.96 58.60 -66.80
C ASN C 488 66.76 59.51 -67.99
N ASN C 489 66.58 58.91 -69.16
CA ASN C 489 66.34 59.69 -70.36
C ASN C 489 65.34 58.91 -71.19
N PRO C 490 64.64 59.59 -72.10
CA PRO C 490 63.60 58.90 -72.87
C PRO C 490 64.21 58.11 -74.03
N GLY C 491 65.03 57.12 -73.73
CA GLY C 491 65.65 56.34 -74.77
C GLY C 491 66.45 55.15 -74.30
N GLN C 492 66.36 54.03 -75.00
CA GLN C 492 67.14 52.82 -74.67
C GLN C 492 66.46 51.91 -73.66
N THR C 493 66.64 50.60 -73.82
CA THR C 493 66.09 49.62 -72.89
C THR C 493 67.22 49.01 -72.08
N ILE C 494 66.92 48.74 -70.81
CA ILE C 494 67.94 48.38 -69.83
C ILE C 494 67.55 47.05 -69.21
N SER C 495 68.47 46.09 -69.26
CA SER C 495 68.14 44.68 -69.05
C SER C 495 68.92 44.11 -67.88
N PHE C 496 68.33 43.09 -67.25
CA PHE C 496 68.82 42.55 -65.98
C PHE C 496 68.50 41.07 -65.87
N PRO C 497 69.50 40.18 -66.04
CA PRO C 497 69.20 38.74 -65.99
C PRO C 497 68.99 38.23 -64.57
N ILE C 498 68.53 36.98 -64.45
CA ILE C 498 68.16 36.39 -63.18
C ILE C 498 69.28 35.47 -62.71
N MET C 499 69.40 35.31 -61.40
CA MET C 499 70.56 34.63 -60.83
C MET C 499 70.10 34.00 -59.52
N HIS C 500 70.91 33.13 -58.92
CA HIS C 500 70.62 32.68 -57.56
C HIS C 500 71.90 32.62 -56.75
N THR C 501 71.72 32.38 -55.45
CA THR C 501 72.79 32.47 -54.48
C THR C 501 73.46 31.11 -54.34
N ASN C 502 74.78 31.07 -54.55
CA ASN C 502 75.59 29.90 -54.25
C ASN C 502 76.81 30.34 -53.44
N PRO C 503 76.61 30.74 -52.18
CA PRO C 503 77.75 31.19 -51.37
C PRO C 503 78.73 30.07 -50.99
N ALA C 504 78.30 28.81 -51.05
CA ALA C 504 79.22 27.73 -50.76
C ALA C 504 80.48 27.88 -51.59
N THR C 505 80.33 28.25 -52.86
CA THR C 505 81.43 28.71 -53.70
C THR C 505 81.49 30.23 -53.77
N GLY C 506 81.05 30.91 -52.72
CA GLY C 506 81.02 32.36 -52.68
C GLY C 506 80.06 33.02 -53.65
N ASN C 507 79.47 32.23 -54.55
CA ASN C 507 78.73 32.79 -55.68
C ASN C 507 77.32 33.16 -55.22
N SER C 508 77.22 34.27 -54.53
CA SER C 508 75.91 34.88 -54.26
C SER C 508 75.49 35.53 -55.57
N GLY C 509 74.64 34.85 -56.32
CA GLY C 509 74.23 35.34 -57.62
C GLY C 509 74.81 34.51 -58.74
N VAL C 510 74.89 33.19 -58.53
CA VAL C 510 75.20 32.30 -59.64
C VAL C 510 73.91 31.99 -60.40
N VAL C 511 74.06 31.57 -61.65
CA VAL C 511 72.94 31.48 -62.59
C VAL C 511 71.79 30.66 -62.04
N THR C 512 70.57 31.04 -62.39
CA THR C 512 69.38 30.22 -62.19
C THR C 512 68.46 30.43 -63.38
N GLY C 513 67.82 29.35 -63.83
CA GLY C 513 67.23 29.35 -65.16
C GLY C 513 65.75 29.02 -65.29
N SER C 514 65.36 28.67 -66.52
CA SER C 514 63.97 28.77 -66.93
C SER C 514 63.03 28.03 -65.98
N ASN C 515 63.25 26.73 -65.79
CA ASN C 515 62.26 25.94 -65.08
C ASN C 515 62.49 25.92 -63.58
N ASP C 516 63.71 26.21 -63.14
CA ASP C 516 64.10 26.00 -61.75
C ASP C 516 63.67 27.10 -60.80
N ILE C 517 63.34 28.29 -61.31
CA ILE C 517 63.05 29.44 -60.45
C ILE C 517 61.71 29.17 -59.75
N THR C 518 61.38 29.99 -58.75
CA THR C 518 60.13 29.88 -58.02
C THR C 518 59.31 31.16 -58.17
N TYR C 519 58.00 31.02 -57.98
CA TYR C 519 57.12 32.18 -58.08
C TYR C 519 57.48 33.22 -57.04
N GLY C 520 57.79 32.79 -55.82
CA GLY C 520 58.07 33.72 -54.75
C GLY C 520 59.17 34.69 -55.08
N GLN C 521 60.22 34.21 -55.74
CA GLN C 521 61.31 35.10 -56.13
C GLN C 521 60.76 36.32 -56.86
N ILE C 522 59.92 36.08 -57.87
CA ILE C 522 59.38 37.22 -58.61
C ILE C 522 58.49 38.06 -57.72
N ASN C 523 57.80 37.44 -56.76
CA ASN C 523 56.83 38.16 -55.95
C ASN C 523 57.48 39.35 -55.25
N ASP C 524 58.41 39.10 -54.34
CA ASP C 524 59.09 40.21 -53.69
C ASP C 524 59.83 41.06 -54.71
N ILE C 525 60.49 40.43 -55.68
CA ILE C 525 61.12 41.16 -56.77
C ILE C 525 60.16 42.21 -57.32
N ILE C 526 58.87 41.92 -57.32
CA ILE C 526 57.92 42.93 -57.75
C ILE C 526 57.81 44.04 -56.71
N GLY C 527 57.65 43.65 -55.45
CA GLY C 527 57.66 44.65 -54.38
C GLY C 527 58.80 45.63 -54.50
N MET C 528 59.92 45.20 -55.11
CA MET C 528 61.02 46.13 -55.29
C MET C 528 60.73 47.18 -56.35
N PHE C 529 60.23 46.77 -57.52
CA PHE C 529 59.95 47.77 -58.55
C PHE C 529 58.92 48.78 -58.04
N ALA C 530 57.89 48.29 -57.37
CA ALA C 530 56.91 49.20 -56.77
C ALA C 530 57.58 50.19 -55.84
N ALA C 531 58.63 49.76 -55.12
CA ALA C 531 59.45 50.68 -54.35
C ALA C 531 60.26 51.62 -55.24
N ASP C 532 60.11 51.50 -56.57
CA ASP C 532 60.76 52.36 -57.54
C ASP C 532 62.17 52.78 -57.11
N LYS C 533 62.94 51.79 -56.66
CA LYS C 533 64.38 51.92 -56.47
C LYS C 533 65.04 50.79 -57.24
N ILE C 534 65.94 51.13 -58.16
CA ILE C 534 66.71 50.14 -58.91
C ILE C 534 68.03 50.77 -59.36
N PRO C 535 69.05 49.97 -59.67
CA PRO C 535 70.19 50.50 -60.43
C PRO C 535 69.80 50.62 -61.90
N THR C 536 69.61 51.85 -62.36
CA THR C 536 69.13 52.08 -63.71
C THR C 536 70.24 51.85 -64.74
N THR C 537 70.82 50.65 -64.73
CA THR C 537 72.01 50.36 -65.51
C THR C 537 72.06 48.87 -65.79
N THR C 538 72.09 48.51 -67.08
CA THR C 538 72.07 47.11 -67.49
C THR C 538 73.14 46.32 -66.75
N ILE C 539 72.90 45.01 -66.61
CA ILE C 539 73.77 44.12 -65.84
C ILE C 539 74.04 42.85 -66.63
N GLN C 540 75.22 42.28 -66.41
CA GLN C 540 75.62 41.02 -67.02
C GLN C 540 76.38 40.19 -65.99
N ALA C 541 76.38 38.87 -66.21
CA ALA C 541 76.75 37.90 -65.17
C ALA C 541 78.07 37.20 -65.45
N ASN C 542 78.90 37.74 -66.35
CA ASN C 542 80.28 37.30 -66.49
C ASN C 542 80.38 35.79 -66.69
N ASN C 543 79.54 35.24 -67.56
CA ASN C 543 79.51 33.82 -67.87
C ASN C 543 79.28 32.94 -66.66
N GLY C 544 78.35 33.33 -65.77
CA GLY C 544 78.01 32.45 -64.66
C GLY C 544 77.68 33.13 -63.33
N GLN C 545 78.09 34.37 -63.13
CA GLN C 545 77.78 35.07 -61.89
C GLN C 545 77.91 36.57 -62.05
N ILE C 546 76.87 37.29 -61.66
CA ILE C 546 77.04 38.69 -61.29
C ILE C 546 77.70 38.73 -59.92
N ASN C 547 78.77 39.51 -59.81
CA ASN C 547 79.63 39.42 -58.64
C ASN C 547 78.79 39.39 -57.36
N ASN C 548 79.26 38.60 -56.39
CA ASN C 548 78.56 38.49 -55.12
C ASN C 548 78.26 39.86 -54.54
N ALA C 549 79.22 40.77 -54.61
CA ALA C 549 78.99 42.13 -54.15
C ALA C 549 77.84 42.77 -54.92
N ASP C 550 77.92 42.73 -56.26
CA ASP C 550 76.85 43.28 -57.07
C ASP C 550 75.52 42.63 -56.72
N TYR C 551 75.50 41.30 -56.73
CA TYR C 551 74.32 40.57 -56.29
C TYR C 551 73.94 40.98 -54.88
N THR C 552 74.93 41.11 -54.00
CA THR C 552 74.66 41.43 -52.60
C THR C 552 73.99 42.79 -52.46
N GLN C 553 74.48 43.79 -53.21
CA GLN C 553 73.95 45.14 -53.08
C GLN C 553 72.45 45.16 -53.32
N ILE C 554 71.98 44.41 -54.31
CA ILE C 554 70.56 44.37 -54.60
C ILE C 554 69.80 43.78 -53.41
N GLN C 555 70.36 42.73 -52.79
CA GLN C 555 69.68 42.13 -51.66
C GLN C 555 69.41 43.14 -50.55
N GLN C 556 70.42 43.94 -50.19
CA GLN C 556 70.16 45.07 -49.32
C GLN C 556 69.04 45.91 -49.88
N LEU C 557 69.17 46.29 -51.15
CA LEU C 557 68.12 47.02 -51.82
C LEU C 557 66.80 46.28 -51.71
N MET C 558 66.82 44.95 -51.77
CA MET C 558 65.58 44.19 -51.60
C MET C 558 65.06 44.28 -50.17
N LYS C 559 65.94 44.49 -49.19
CA LYS C 559 65.49 44.72 -47.82
C LYS C 559 64.57 45.93 -47.73
N ASP C 560 64.78 46.92 -48.60
CA ASP C 560 63.93 48.11 -48.57
C ASP C 560 62.49 47.75 -48.88
N SER C 561 62.27 47.03 -49.97
CA SER C 561 60.91 46.64 -50.33
C SER C 561 60.30 45.77 -49.25
N GLN C 562 61.10 44.87 -48.67
CA GLN C 562 60.62 44.05 -47.58
C GLN C 562 60.13 44.89 -46.41
N ALA C 563 60.66 46.10 -46.26
CA ALA C 563 60.18 46.98 -45.19
C ALA C 563 58.87 47.67 -45.56
N THR C 564 58.55 47.76 -46.85
CA THR C 564 57.46 48.61 -47.31
C THR C 564 56.31 47.86 -47.94
N VAL C 565 56.55 47.02 -48.95
CA VAL C 565 55.50 46.48 -49.80
C VAL C 565 55.60 44.97 -49.83
N ASP C 566 54.44 44.30 -49.82
CA ASP C 566 54.34 42.86 -49.72
C ASP C 566 53.83 42.26 -51.02
N VAL C 567 54.37 41.09 -51.37
CA VAL C 567 53.89 40.31 -52.51
C VAL C 567 53.96 38.84 -52.10
N SER C 568 52.84 38.12 -52.24
CA SER C 568 52.78 36.75 -51.76
C SER C 568 51.70 35.98 -52.50
N MET C 569 51.83 34.65 -52.47
CA MET C 569 50.83 33.75 -53.01
C MET C 569 49.81 33.48 -51.91
N ASP C 570 48.52 33.70 -52.23
CA ASP C 570 47.57 33.95 -51.17
C ASP C 570 47.10 32.65 -50.51
N TYR C 571 46.19 32.83 -49.55
CA TYR C 571 45.54 31.72 -48.85
C TYR C 571 45.10 30.61 -49.78
N LYS C 572 44.64 30.93 -50.99
CA LYS C 572 44.15 29.95 -51.94
C LYS C 572 44.84 30.12 -53.29
N GLY C 573 46.16 30.28 -53.25
CA GLY C 573 46.98 30.16 -54.44
C GLY C 573 46.91 31.33 -55.39
N ARG C 574 46.02 32.29 -55.12
CA ARG C 574 45.92 33.47 -55.97
C ARG C 574 47.01 34.45 -55.58
N ILE C 575 46.96 35.67 -56.10
CA ILE C 575 48.01 36.65 -55.91
C ILE C 575 47.61 37.56 -54.74
N SER C 576 48.50 37.66 -53.76
CA SER C 576 48.30 38.50 -52.58
C SER C 576 49.36 39.61 -52.55
N VAL C 577 48.91 40.82 -52.23
CA VAL C 577 49.77 42.00 -52.22
C VAL C 577 49.32 42.92 -51.10
N THR C 578 50.28 43.61 -50.49
CA THR C 578 49.97 44.61 -49.48
C THR C 578 51.00 45.72 -49.52
N ASP C 579 50.52 46.96 -49.54
CA ASP C 579 51.34 48.13 -49.28
C ASP C 579 51.32 48.32 -47.77
N LYS C 580 52.36 47.82 -47.11
CA LYS C 580 52.37 47.79 -45.65
C LYS C 580 52.23 49.17 -45.04
N LEU C 581 52.55 50.20 -45.80
CA LEU C 581 52.61 51.57 -45.27
C LEU C 581 51.28 52.29 -45.40
N SER C 582 50.24 51.67 -45.96
CA SER C 582 49.09 52.40 -46.45
C SER C 582 47.80 51.68 -46.08
N SER C 583 46.69 52.34 -46.40
CA SER C 583 45.37 51.72 -46.43
C SER C 583 44.67 51.97 -47.77
N GLY C 584 45.27 52.74 -48.67
CA GLY C 584 44.77 53.00 -50.00
C GLY C 584 45.87 53.66 -50.81
N THR C 585 46.09 53.21 -52.04
CA THR C 585 47.34 53.51 -52.71
C THR C 585 47.14 53.78 -54.19
N ASN C 586 48.10 54.49 -54.77
CA ASN C 586 48.18 54.68 -56.22
C ASN C 586 48.83 53.50 -56.92
N ILE C 587 49.19 52.46 -56.17
CA ILE C 587 49.79 51.25 -56.72
C ILE C 587 48.72 50.56 -57.56
N GLU C 588 48.88 50.62 -58.89
CA GLU C 588 47.90 50.02 -59.79
C GLU C 588 48.67 49.44 -60.98
N ILE C 589 48.45 48.16 -61.26
CA ILE C 589 49.33 47.38 -62.11
C ILE C 589 48.54 46.37 -62.91
N SER C 590 49.09 45.99 -64.05
CA SER C 590 48.60 44.85 -64.82
C SER C 590 49.77 44.17 -65.50
N LEU C 591 49.71 42.84 -65.51
CA LEU C 591 50.67 42.03 -66.24
C LEU C 591 50.11 41.67 -67.61
N SER C 592 51.00 41.49 -68.57
CA SER C 592 50.63 41.04 -69.89
C SER C 592 51.60 39.94 -70.34
N ASP C 593 51.16 39.14 -71.28
CA ASP C 593 51.99 38.09 -71.86
C ASP C 593 52.59 38.57 -73.17
N SER C 594 53.65 37.90 -73.60
CA SER C 594 54.30 38.21 -74.86
C SER C 594 53.29 38.13 -76.00
N GLN C 595 52.29 37.27 -75.86
CA GLN C 595 51.27 37.07 -76.90
C GLN C 595 49.94 37.72 -76.53
N SER C 596 49.96 38.70 -75.64
CA SER C 596 48.72 39.32 -75.19
C SER C 596 47.93 39.87 -76.37
N GLY C 597 46.65 39.48 -76.44
CA GLY C 597 45.75 40.00 -77.45
C GLY C 597 45.95 39.47 -78.85
N GLN C 598 46.69 38.37 -79.01
CA GLN C 598 47.00 37.81 -80.32
C GLN C 598 46.49 36.37 -80.39
N PHE C 599 46.04 35.96 -81.58
CA PHE C 599 45.28 34.72 -81.72
C PHE C 599 45.63 33.93 -82.98
N PRO C 600 45.07 32.72 -83.15
CA PRO C 600 45.37 31.90 -84.31
C PRO C 600 45.34 32.62 -85.65
N ALA C 601 46.07 32.08 -86.60
CA ALA C 601 46.18 32.67 -87.93
C ALA C 601 44.86 32.54 -88.67
N PRO C 602 44.27 33.62 -89.15
CA PRO C 602 43.10 33.51 -90.02
C PRO C 602 43.51 33.26 -91.46
N PRO C 603 42.62 32.75 -92.31
CA PRO C 603 41.24 32.32 -92.02
C PRO C 603 41.16 30.83 -91.68
N PHE C 604 39.95 30.28 -91.72
CA PHE C 604 39.70 28.93 -91.26
C PHE C 604 38.31 28.52 -91.74
N THR C 605 37.81 27.40 -91.24
CA THR C 605 36.49 26.90 -91.63
C THR C 605 35.77 26.45 -90.37
N THR C 606 34.66 25.72 -90.55
CA THR C 606 34.12 24.93 -89.46
C THR C 606 35.23 24.18 -88.74
N THR C 607 36.27 23.78 -89.46
CA THR C 607 37.51 23.27 -88.90
C THR C 607 38.38 24.48 -88.53
N SER C 608 39.11 24.37 -87.45
CA SER C 608 39.70 25.53 -86.81
C SER C 608 41.18 25.69 -87.13
N THR C 609 41.69 26.88 -86.89
CA THR C 609 43.12 27.14 -86.77
C THR C 609 43.43 27.34 -85.29
N VAL C 610 44.27 26.47 -84.75
CA VAL C 610 44.44 26.35 -83.30
C VAL C 610 45.87 26.69 -82.92
N GLN C 611 46.02 27.57 -81.93
CA GLN C 611 47.29 27.83 -81.30
C GLN C 611 47.18 27.52 -79.83
N ASN C 612 48.30 27.13 -79.23
CA ASN C 612 48.31 26.70 -77.84
C ASN C 612 48.12 27.89 -76.92
N GLY C 613 47.65 27.61 -75.70
CA GLY C 613 47.50 28.64 -74.71
C GLY C 613 48.80 28.89 -73.97
N PRO C 614 48.74 29.75 -72.95
CA PRO C 614 49.95 30.20 -72.29
C PRO C 614 50.52 29.16 -71.34
N ASN C 615 51.79 29.35 -70.98
CA ASN C 615 52.38 28.56 -69.91
C ASN C 615 51.76 28.89 -68.56
N PHE C 616 51.13 30.06 -68.42
CA PHE C 616 50.66 30.52 -67.13
C PHE C 616 49.58 31.59 -67.33
N SER C 617 48.92 31.95 -66.23
CA SER C 617 48.04 33.11 -66.21
C SER C 617 47.88 33.57 -64.77
N PHE C 618 47.42 34.81 -64.62
CA PHE C 618 47.37 35.50 -63.34
C PHE C 618 46.01 36.08 -62.99
N SER C 619 45.28 36.63 -63.96
CA SER C 619 43.96 37.21 -63.72
C SER C 619 43.34 37.56 -65.07
N ALA C 620 42.07 37.24 -65.26
CA ALA C 620 41.42 37.48 -66.54
C ALA C 620 39.92 37.40 -66.38
N ASN C 621 39.21 37.87 -67.40
CA ASN C 621 37.74 37.94 -67.38
C ASN C 621 37.15 36.62 -67.88
N ASN C 622 37.16 35.64 -66.99
CA ASN C 622 36.84 34.27 -67.35
C ASN C 622 35.34 34.02 -67.45
N SER C 623 34.96 32.75 -67.54
CA SER C 623 33.57 32.34 -67.41
C SER C 623 33.14 32.59 -65.95
N LEU C 624 31.88 32.29 -65.65
CA LEU C 624 31.36 32.42 -64.29
C LEU C 624 31.28 31.04 -63.67
N THR C 625 32.03 30.85 -62.58
CA THR C 625 32.10 29.59 -61.86
C THR C 625 31.54 29.76 -60.46
N ILE C 626 30.53 28.96 -60.13
CA ILE C 626 30.24 28.74 -58.71
C ILE C 626 30.01 27.25 -58.46
N ASP C 627 31.12 26.53 -58.28
CA ASP C 627 31.17 25.22 -57.64
C ASP C 627 32.64 24.83 -57.62
N GLU C 628 33.09 24.25 -56.52
CA GLU C 628 34.47 23.84 -56.39
C GLU C 628 34.67 23.19 -55.03
N PRO C 629 35.79 22.51 -54.82
CA PRO C 629 36.02 21.82 -53.54
C PRO C 629 35.85 22.69 -52.30
N ASN C 630 36.42 23.90 -52.33
CA ASN C 630 36.70 24.64 -51.12
C ASN C 630 35.47 25.32 -50.52
N VAL C 631 35.68 25.93 -49.35
CA VAL C 631 34.63 26.54 -48.55
C VAL C 631 35.01 27.98 -48.24
N ASP C 632 34.04 28.90 -48.37
CA ASP C 632 34.27 30.32 -48.07
C ASP C 632 33.07 30.95 -47.37
N ILE C 633 32.59 30.31 -46.30
CA ILE C 633 31.17 30.41 -45.92
C ILE C 633 30.72 31.87 -45.77
N ILE C 634 31.25 32.57 -44.77
CA ILE C 634 30.59 33.80 -44.33
C ILE C 634 30.56 34.83 -45.44
N LYS C 635 31.67 35.05 -46.14
CA LYS C 635 31.62 35.93 -47.29
C LYS C 635 30.58 35.47 -48.29
N ASP C 636 30.40 34.15 -48.41
CA ASP C 636 29.40 33.64 -49.34
C ASP C 636 27.99 34.02 -48.90
N LEU C 637 27.70 33.88 -47.60
CA LEU C 637 26.37 34.20 -47.11
C LEU C 637 25.97 35.62 -47.47
N ASP C 638 26.87 36.57 -47.23
CA ASP C 638 26.57 37.96 -47.58
C ASP C 638 26.33 38.09 -49.07
N SER C 639 27.14 37.42 -49.89
CA SER C 639 26.89 37.40 -51.33
C SER C 639 25.55 36.75 -51.64
N MET C 640 25.21 35.66 -50.94
CA MET C 640 23.89 35.09 -51.11
C MET C 640 22.80 36.08 -50.71
N ILE C 641 23.02 36.83 -49.63
CA ILE C 641 22.08 37.86 -49.26
C ILE C 641 21.98 38.90 -50.37
N ASP C 642 23.10 39.20 -51.03
CA ASP C 642 23.05 40.02 -52.23
C ASP C 642 22.17 39.37 -53.28
N ALA C 643 22.22 38.04 -53.39
CA ALA C 643 21.37 37.35 -54.37
C ALA C 643 19.90 37.58 -54.06
N VAL C 644 19.52 37.49 -52.78
CA VAL C 644 18.15 37.84 -52.40
C VAL C 644 17.88 39.30 -52.71
N LEU C 645 18.82 40.18 -52.35
CA LEU C 645 18.72 41.57 -52.73
C LEU C 645 18.61 41.72 -54.25
N LYS C 646 19.39 40.92 -54.98
CA LYS C 646 19.28 40.91 -56.43
C LYS C 646 18.00 40.23 -56.89
N GLY C 647 17.55 39.21 -56.19
CA GLY C 647 16.63 38.27 -56.80
C GLY C 647 17.27 37.50 -57.92
N ASN C 648 18.60 37.51 -57.98
CA ASN C 648 19.34 36.94 -59.11
C ASN C 648 19.37 35.43 -59.01
N MET C 649 18.64 34.77 -59.88
CA MET C 649 18.97 33.38 -60.19
C MET C 649 20.44 33.32 -60.58
N ARG C 650 20.83 34.21 -61.48
CA ARG C 650 22.15 34.20 -62.08
C ARG C 650 22.48 35.64 -62.48
N ALA C 651 23.77 35.91 -62.65
CA ALA C 651 24.21 37.25 -63.01
C ALA C 651 24.13 37.46 -64.52
N ASP C 652 24.34 38.69 -64.95
CA ASP C 652 24.52 39.01 -66.35
C ASP C 652 25.79 39.83 -66.50
N SER C 653 26.41 39.72 -67.67
CA SER C 653 27.71 40.35 -67.88
C SER C 653 27.63 41.85 -67.65
N GLU C 654 26.45 42.44 -67.80
CA GLU C 654 26.27 43.87 -67.61
C GLU C 654 25.34 44.23 -66.46
N SER C 655 24.84 43.25 -65.72
CA SER C 655 24.10 43.54 -64.49
C SER C 655 24.93 44.47 -63.64
N GLU C 656 24.28 45.35 -62.87
CA GLU C 656 25.03 46.38 -62.15
C GLU C 656 26.13 45.75 -61.30
N ASN C 657 25.89 44.55 -60.80
CA ASN C 657 26.97 43.66 -60.40
C ASN C 657 27.03 42.56 -61.45
N PRO C 658 28.03 42.55 -62.34
CA PRO C 658 28.01 41.59 -63.45
C PRO C 658 27.97 40.14 -63.02
N ARG C 659 28.23 39.82 -61.75
CA ARG C 659 28.53 38.44 -61.40
C ARG C 659 27.89 37.98 -60.10
N ASN C 660 26.76 38.57 -59.68
CA ASN C 660 25.98 37.98 -58.59
C ASN C 660 25.10 36.87 -59.15
N THR C 661 25.43 35.63 -58.80
CA THR C 661 24.88 34.45 -59.45
C THR C 661 24.42 33.42 -58.41
N GLY C 662 23.62 33.85 -57.44
CA GLY C 662 23.54 33.12 -56.18
C GLY C 662 22.49 32.02 -56.16
N MET C 663 21.22 32.37 -56.42
CA MET C 663 20.11 31.64 -55.82
C MET C 663 20.19 30.14 -56.09
N GLN C 664 20.29 29.73 -57.36
CA GLN C 664 20.44 28.30 -57.62
C GLN C 664 21.77 27.79 -57.12
N GLY C 665 22.85 28.55 -57.32
CA GLY C 665 24.14 28.13 -56.81
C GLY C 665 24.16 28.00 -55.30
N ALA C 666 23.46 28.90 -54.61
CA ALA C 666 23.34 28.76 -53.17
C ALA C 666 22.84 27.37 -52.81
N LEU C 667 21.83 26.88 -53.52
CA LEU C 667 21.25 25.58 -53.20
C LEU C 667 22.32 24.49 -53.20
N GLU C 668 23.10 24.41 -54.28
CA GLU C 668 24.09 23.34 -54.38
C GLU C 668 25.24 23.56 -53.42
N ARG C 669 25.65 24.81 -53.21
CA ARG C 669 26.67 25.08 -52.20
C ARG C 669 26.16 24.78 -50.81
N LEU C 670 24.89 25.10 -50.54
CA LEU C 670 24.33 24.71 -49.25
C LEU C 670 24.39 23.19 -49.07
N ASP C 671 23.99 22.44 -50.10
CA ASP C 671 24.05 20.97 -50.02
C ASP C 671 25.48 20.51 -49.81
N HIS C 672 26.43 21.10 -50.56
CA HIS C 672 27.85 21.02 -50.20
C HIS C 672 28.06 21.21 -48.71
N LEU C 673 27.65 22.36 -48.18
CA LEU C 673 28.08 22.76 -46.85
C LEU C 673 27.42 21.89 -45.79
N ALA C 674 26.14 21.55 -45.98
CA ALA C 674 25.51 20.62 -45.06
C ALA C 674 26.20 19.26 -45.09
N ASP C 675 26.51 18.76 -46.28
CA ASP C 675 27.21 17.48 -46.39
C ASP C 675 28.55 17.54 -45.68
N HIS C 676 29.27 18.65 -45.85
CA HIS C 676 30.58 18.79 -45.25
C HIS C 676 30.50 18.66 -43.75
N VAL C 677 29.50 19.30 -43.13
CA VAL C 677 29.30 19.18 -41.69
C VAL C 677 29.06 17.73 -41.31
N SER C 678 28.20 17.04 -42.06
CA SER C 678 27.96 15.64 -41.79
C SER C 678 29.25 14.83 -41.87
N LYS C 679 30.03 15.07 -42.93
CA LYS C 679 31.30 14.37 -43.07
C LYS C 679 32.17 14.57 -41.83
N LEU C 680 32.36 15.84 -41.44
CA LEU C 680 33.15 16.12 -40.25
C LEU C 680 32.55 15.46 -39.03
N ASN C 681 31.26 15.71 -38.78
CA ASN C 681 30.60 15.17 -37.60
C ASN C 681 30.70 13.65 -37.55
N THR C 682 30.60 13.00 -38.70
CA THR C 682 30.76 11.54 -38.75
C THR C 682 32.11 11.12 -38.17
N THR C 683 33.19 11.72 -38.66
CA THR C 683 34.52 11.30 -38.25
C THR C 683 34.75 11.54 -36.77
N MET C 684 34.32 12.69 -36.26
CA MET C 684 34.61 13.04 -34.88
C MET C 684 34.02 12.03 -33.90
N GLY C 685 32.82 11.52 -34.18
CA GLY C 685 32.27 10.48 -33.34
C GLY C 685 33.24 9.33 -33.19
N ALA C 686 33.80 8.87 -34.31
CA ALA C 686 34.81 7.83 -34.24
C ALA C 686 36.06 8.32 -33.52
N TYR C 687 36.47 9.57 -33.74
CA TYR C 687 37.48 10.16 -32.87
C TYR C 687 37.07 10.01 -31.42
N HIS C 688 35.97 10.65 -31.04
CA HIS C 688 35.54 10.63 -29.66
C HIS C 688 35.32 9.20 -29.19
N ASN C 689 34.37 8.48 -29.81
CA ASN C 689 34.02 7.16 -29.33
C ASN C 689 35.23 6.27 -29.20
N THR C 690 36.25 6.49 -30.04
CA THR C 690 37.51 5.78 -29.83
C THR C 690 38.07 6.09 -28.46
N ILE C 691 37.91 7.34 -27.99
CA ILE C 691 38.44 7.71 -26.68
C ILE C 691 37.70 6.96 -25.59
N GLU C 692 36.36 6.88 -25.70
CA GLU C 692 35.59 6.12 -24.72
C GLU C 692 36.16 4.72 -24.54
N GLY C 693 36.37 4.01 -25.65
CA GLY C 693 36.87 2.65 -25.55
C GLY C 693 38.18 2.57 -24.80
N VAL C 694 39.11 3.45 -25.13
CA VAL C 694 40.40 3.45 -24.44
C VAL C 694 40.18 3.63 -22.94
N ASN C 695 39.39 4.62 -22.56
CA ASN C 695 39.19 4.91 -21.15
C ASN C 695 38.54 3.72 -20.44
N THR C 696 37.43 3.23 -21.00
CA THR C 696 36.74 2.10 -20.37
C THR C 696 37.60 0.84 -20.42
N ARG C 697 38.18 0.55 -21.57
CA ARG C 697 39.14 -0.55 -21.63
C ARG C 697 40.25 -0.29 -20.62
N THR C 698 40.76 0.93 -20.59
CA THR C 698 41.74 1.31 -19.58
C THR C 698 41.14 1.19 -18.19
N SER C 699 39.85 1.49 -18.07
CA SER C 699 39.21 1.52 -16.76
C SER C 699 39.30 0.17 -16.06
N PHE C 700 38.56 -0.82 -16.57
CA PHE C 700 38.44 -2.07 -15.83
C PHE C 700 39.70 -2.92 -15.93
N LEU C 701 40.50 -2.74 -16.99
CA LEU C 701 41.76 -3.48 -17.06
C LEU C 701 42.67 -3.11 -15.89
N SER C 702 42.77 -1.81 -15.57
CA SER C 702 43.56 -1.42 -14.41
C SER C 702 43.00 -2.04 -13.13
N VAL C 703 41.68 -2.14 -13.04
CA VAL C 703 41.08 -2.75 -11.86
C VAL C 703 41.65 -4.14 -11.63
N ASN C 704 42.02 -4.83 -12.72
CA ASN C 704 42.74 -6.08 -12.57
C ASN C 704 44.03 -5.87 -11.80
N VAL C 705 44.82 -4.89 -12.23
CA VAL C 705 46.10 -4.62 -11.57
C VAL C 705 45.88 -4.27 -10.11
N GLN C 706 44.93 -3.38 -9.84
CA GLN C 706 44.66 -3.00 -8.46
C GLN C 706 44.22 -4.20 -7.64
N SER C 707 43.22 -4.93 -8.14
CA SER C 707 42.74 -6.12 -7.42
C SER C 707 43.86 -7.14 -7.28
N ILE C 708 44.59 -7.39 -8.35
CA ILE C 708 45.73 -8.30 -8.28
C ILE C 708 46.73 -7.80 -7.24
N LYS C 709 47.07 -6.51 -7.33
CA LYS C 709 48.03 -5.94 -6.39
C LYS C 709 47.54 -6.08 -4.96
N SER C 710 46.27 -5.79 -4.71
CA SER C 710 45.72 -5.95 -3.38
C SER C 710 45.91 -7.36 -2.88
N ASN C 711 45.60 -8.35 -3.73
CA ASN C 711 45.83 -9.74 -3.38
C ASN C 711 47.28 -9.96 -2.95
N VAL C 712 48.21 -9.31 -3.62
CA VAL C 712 49.63 -9.56 -3.36
C VAL C 712 50.02 -9.08 -1.98
N ILE C 713 49.43 -7.96 -1.52
CA ILE C 713 50.04 -7.22 -0.43
C ILE C 713 49.27 -7.39 0.88
N ASP C 714 47.95 -7.50 0.81
CA ASP C 714 47.14 -7.37 2.00
C ASP C 714 47.34 -8.56 2.94
N VAL C 715 47.00 -8.35 4.21
CA VAL C 715 47.25 -9.32 5.28
C VAL C 715 45.95 -9.65 5.98
N ASP C 716 45.78 -10.93 6.32
CA ASP C 716 44.69 -11.41 7.17
C ASP C 716 45.25 -11.73 8.54
N TYR C 717 44.56 -11.27 9.58
CA TYR C 717 45.06 -11.40 10.94
C TYR C 717 44.62 -12.68 11.63
N GLY C 718 43.85 -13.54 10.94
CA GLY C 718 43.29 -14.70 11.62
C GLY C 718 44.34 -15.58 12.27
N GLU C 719 45.21 -16.17 11.46
CA GLU C 719 46.16 -17.15 11.99
C GLU C 719 47.10 -16.50 13.00
N ALA C 720 47.49 -15.25 12.75
CA ALA C 720 48.50 -14.63 13.60
C ALA C 720 48.12 -14.70 15.07
N MET C 721 46.88 -14.34 15.40
CA MET C 721 46.49 -14.39 16.80
C MET C 721 46.45 -15.82 17.31
N MET C 722 46.11 -16.78 16.45
CA MET C 722 46.29 -18.18 16.84
C MET C 722 47.71 -18.39 17.36
N ASN C 723 48.69 -17.88 16.63
CA ASN C 723 50.06 -17.92 17.11
C ASN C 723 50.20 -17.11 18.40
N LEU C 724 49.52 -15.96 18.47
CA LEU C 724 49.57 -15.16 19.69
C LEU C 724 49.17 -16.00 20.89
N MET C 725 48.05 -16.71 20.79
CA MET C 725 47.65 -17.56 21.90
C MET C 725 48.70 -18.62 22.17
N GLN C 726 49.25 -19.22 21.11
CA GLN C 726 50.35 -20.16 21.29
C GLN C 726 51.49 -19.51 22.05
N VAL C 727 51.84 -18.28 21.67
CA VAL C 727 52.98 -17.61 22.29
C VAL C 727 52.67 -17.21 23.72
N GLN C 728 51.52 -16.56 23.94
CA GLN C 728 51.21 -16.04 25.26
C GLN C 728 51.22 -17.16 26.30
N LEU C 729 50.64 -18.31 25.96
CA LEU C 729 50.74 -19.47 26.83
C LEU C 729 52.20 -19.88 27.01
N ALA C 730 52.93 -20.01 25.90
CA ALA C 730 54.32 -20.42 25.98
C ALA C 730 55.14 -19.43 26.80
N TYR C 731 54.92 -18.13 26.57
CA TYR C 731 55.63 -17.12 27.33
C TYR C 731 55.36 -17.27 28.82
N GLN C 732 54.09 -17.37 29.20
CA GLN C 732 53.76 -17.62 30.59
C GLN C 732 54.27 -18.98 31.05
N ALA C 733 54.13 -19.99 30.19
CA ALA C 733 54.62 -21.32 30.55
C ALA C 733 56.12 -21.27 30.83
N SER C 734 56.88 -20.60 29.97
CA SER C 734 58.31 -20.44 30.23
C SER C 734 58.56 -19.86 31.61
N LEU C 735 57.74 -18.89 32.03
CA LEU C 735 57.88 -18.37 33.38
C LEU C 735 57.73 -19.47 34.41
N LYS C 736 56.74 -20.35 34.22
CA LYS C 736 56.56 -21.44 35.16
C LYS C 736 57.82 -22.29 35.27
N ALA C 737 58.43 -22.64 34.15
CA ALA C 737 59.67 -23.40 34.19
C ALA C 737 60.77 -22.61 34.88
N SER C 738 61.00 -21.38 34.43
CA SER C 738 62.04 -20.55 35.04
C SER C 738 61.75 -20.34 36.52
N THR C 739 60.51 -20.00 36.87
CA THR C 739 60.12 -20.03 38.27
C THR C 739 60.40 -21.38 38.87
N THR C 740 59.81 -22.44 38.32
CA THR C 740 59.97 -23.78 38.86
C THR C 740 61.40 -24.01 39.33
N ILE C 741 62.37 -23.59 38.53
CA ILE C 741 63.76 -23.65 38.97
C ILE C 741 63.95 -22.84 40.25
N SER C 742 63.25 -21.72 40.36
CA SER C 742 63.37 -20.87 41.54
C SER C 742 62.82 -21.53 42.79
N GLN C 743 61.68 -22.24 42.71
CA GLN C 743 61.13 -22.85 43.93
C GLN C 743 62.15 -23.75 44.59
N LEU C 744 63.10 -24.28 43.82
CA LEU C 744 64.17 -25.09 44.37
C LEU C 744 64.77 -24.45 45.61
N SER C 745 64.89 -23.12 45.61
CA SER C 745 65.81 -22.45 46.53
C SER C 745 65.73 -23.02 47.93
N LEU C 746 64.60 -22.85 48.61
CA LEU C 746 64.52 -23.38 49.97
C LEU C 746 64.64 -24.89 49.98
N LEU C 747 63.65 -25.57 49.41
CA LEU C 747 63.59 -27.02 49.55
C LEU C 747 64.79 -27.70 48.92
N ASN C 748 65.31 -27.13 47.83
CA ASN C 748 66.53 -27.67 47.24
C ASN C 748 67.76 -27.19 48.00
N TYR C 749 67.92 -25.87 48.13
CA TYR C 749 69.18 -25.35 48.66
C TYR C 749 69.21 -25.33 50.17
N MET C 750 68.14 -25.76 50.85
CA MET C 750 68.12 -25.72 52.31
C MET C 750 69.41 -26.32 52.87
N MET D 1 47.83 -35.32 7.07
CA MET D 1 46.80 -34.35 7.46
C MET D 1 45.76 -34.98 8.35
N ARG D 2 45.31 -36.18 8.00
CA ARG D 2 44.32 -36.88 8.81
C ARG D 2 44.94 -37.26 10.14
N ILE D 3 46.26 -37.17 10.25
CA ILE D 3 46.90 -37.44 11.52
C ILE D 3 48.13 -36.58 11.70
N THR D 4 48.05 -35.61 12.61
CA THR D 4 49.22 -34.79 12.92
C THR D 4 48.86 -34.18 14.25
N ASN D 5 49.83 -34.08 15.14
CA ASN D 5 49.52 -33.59 16.48
C ASN D 5 49.50 -32.08 16.53
N LYS D 6 49.79 -31.38 15.43
CA LYS D 6 49.67 -29.93 15.46
C LYS D 6 49.61 -29.03 14.22
N LEU D 7 50.29 -29.34 13.11
CA LEU D 7 50.30 -28.33 12.05
C LEU D 7 48.91 -28.17 11.46
N ASN D 8 48.17 -29.27 11.37
CA ASN D 8 46.84 -29.23 10.79
C ASN D 8 45.97 -28.19 11.46
N PHE D 9 46.11 -28.02 12.77
CA PHE D 9 45.34 -26.99 13.46
C PHE D 9 45.65 -25.62 12.90
N THR D 10 46.93 -25.26 12.83
CA THR D 10 47.30 -24.01 12.19
C THR D 10 46.93 -24.05 10.71
N ASN D 11 47.12 -25.19 10.05
CA ASN D 11 46.71 -25.32 8.66
C ASN D 11 45.20 -25.21 8.51
N SER D 12 44.45 -25.78 9.46
CA SER D 12 42.99 -25.74 9.36
C SER D 12 42.49 -24.31 9.17
N VAL D 13 43.14 -23.35 9.84
CA VAL D 13 42.80 -21.94 9.60
C VAL D 13 42.99 -21.62 8.12
N ASN D 14 44.14 -22.02 7.57
CA ASN D 14 44.36 -21.83 6.14
C ASN D 14 43.32 -22.58 5.33
N ASN D 15 42.95 -23.78 5.77
CA ASN D 15 41.91 -24.53 5.08
C ASN D 15 40.63 -23.71 5.05
N SER D 16 40.25 -23.13 6.19
CA SER D 16 39.09 -22.27 6.24
C SER D 16 39.28 -21.03 5.38
N MET D 17 40.50 -20.51 5.29
CA MET D 17 40.76 -19.40 4.37
C MET D 17 40.48 -19.82 2.94
N GLY D 18 40.94 -21.00 2.54
CA GLY D 18 40.64 -21.48 1.20
C GLY D 18 39.15 -21.58 0.94
N GLY D 19 38.37 -21.90 1.97
CA GLY D 19 36.93 -21.97 1.80
C GLY D 19 36.34 -20.65 1.33
N GLN D 20 36.75 -19.55 1.97
CA GLN D 20 36.20 -18.25 1.60
C GLN D 20 36.50 -17.90 0.17
N SER D 21 37.74 -18.13 -0.28
CA SER D 21 38.07 -17.89 -1.68
C SER D 21 37.15 -18.68 -2.60
N ALA D 22 37.00 -19.98 -2.33
CA ALA D 22 36.03 -20.78 -3.07
C ALA D 22 34.63 -20.24 -2.88
N LEU D 23 34.28 -19.87 -1.65
CA LEU D 23 32.97 -19.30 -1.40
C LEU D 23 32.76 -18.04 -2.23
N TYR D 24 33.76 -17.15 -2.25
CA TYR D 24 33.66 -15.96 -3.10
C TYR D 24 33.58 -16.34 -4.57
N GLN D 25 34.49 -17.22 -5.01
CA GLN D 25 34.52 -17.57 -6.43
C GLN D 25 33.23 -18.25 -6.85
N ILE D 26 32.50 -18.82 -5.91
CA ILE D 26 31.11 -19.19 -6.16
C ILE D 26 30.23 -17.94 -6.19
N SER D 27 30.50 -17.01 -5.29
CA SER D 27 29.65 -15.82 -5.18
C SER D 27 29.63 -15.03 -6.48
N GLN D 28 30.79 -14.91 -7.15
CA GLN D 28 30.82 -14.21 -8.43
C GLN D 28 29.83 -14.80 -9.41
N GLN D 29 29.65 -16.13 -9.39
CA GLN D 29 28.54 -16.72 -10.13
C GLN D 29 27.22 -16.15 -9.64
N LEU D 30 27.02 -16.12 -8.33
CA LEU D 30 25.77 -15.62 -7.78
C LEU D 30 25.57 -14.15 -8.11
N ALA D 31 26.63 -13.35 -8.04
CA ALA D 31 26.54 -11.97 -8.52
C ALA D 31 26.27 -11.94 -10.02
N SER D 32 27.06 -12.70 -10.79
CA SER D 32 26.93 -12.68 -12.24
C SER D 32 25.66 -13.36 -12.71
N GLY D 33 25.36 -14.54 -12.15
CA GLY D 33 24.41 -15.45 -12.75
C GLY D 33 24.96 -16.21 -13.93
N LEU D 34 26.17 -15.89 -14.38
CA LEU D 34 26.81 -16.61 -15.47
C LEU D 34 27.34 -17.95 -14.95
N LYS D 35 27.50 -18.90 -15.87
CA LYS D 35 28.16 -20.15 -15.49
C LYS D 35 29.53 -19.88 -14.90
N ILE D 36 30.28 -18.95 -15.50
CA ILE D 36 31.68 -18.76 -15.17
C ILE D 36 32.02 -17.28 -15.20
N GLN D 37 33.18 -16.95 -14.64
CA GLN D 37 33.78 -15.63 -14.75
C GLN D 37 35.19 -15.68 -15.33
N ASN D 38 35.70 -16.86 -15.67
CA ASN D 38 37.04 -17.00 -16.21
C ASN D 38 37.07 -18.18 -17.17
N SER D 39 38.01 -18.14 -18.11
CA SER D 39 38.22 -19.26 -19.02
C SER D 39 38.99 -20.40 -18.36
N TYR D 40 39.67 -20.13 -17.25
CA TYR D 40 40.27 -21.19 -16.45
C TYR D 40 39.31 -21.72 -15.40
N GLU D 41 38.12 -21.12 -15.30
CA GLU D 41 37.01 -21.69 -14.57
C GLU D 41 36.27 -22.72 -15.42
N ASP D 42 35.95 -22.37 -16.66
CA ASP D 42 35.49 -23.34 -17.65
C ASP D 42 35.80 -22.78 -19.03
N ALA D 43 36.89 -23.25 -19.64
CA ALA D 43 37.22 -22.81 -20.98
C ALA D 43 36.13 -23.24 -21.97
N SER D 44 35.58 -24.43 -21.77
CA SER D 44 34.64 -24.98 -22.74
C SER D 44 33.44 -24.06 -22.95
N THR D 45 32.83 -23.60 -21.86
CA THR D 45 31.63 -22.78 -21.98
C THR D 45 31.89 -21.58 -22.89
N TYR D 46 32.95 -20.83 -22.61
CA TYR D 46 33.29 -19.70 -23.45
C TYR D 46 33.70 -20.16 -24.84
N ILE D 47 34.52 -21.21 -24.92
CA ILE D 47 35.01 -21.66 -26.21
C ILE D 47 33.86 -21.96 -27.16
N ASP D 48 32.89 -22.75 -26.70
CA ASP D 48 31.72 -23.03 -27.53
C ASP D 48 30.99 -21.74 -27.87
N ASN D 49 30.81 -20.86 -26.87
CA ASN D 49 30.22 -19.57 -27.14
C ASN D 49 30.97 -18.84 -28.25
N THR D 50 32.29 -18.72 -28.10
CA THR D 50 33.09 -17.92 -29.04
C THR D 50 32.74 -18.21 -30.49
N ARG D 51 32.34 -19.44 -30.82
CA ARG D 51 31.86 -19.70 -32.17
C ARG D 51 30.67 -18.82 -32.49
N LEU D 52 29.80 -18.62 -31.51
CA LEU D 52 28.54 -17.93 -31.75
C LEU D 52 28.73 -16.42 -31.89
N GLU D 53 29.81 -15.87 -31.32
CA GLU D 53 30.09 -14.45 -31.55
C GLU D 53 30.29 -14.16 -33.03
N TYR D 54 31.14 -14.96 -33.68
CA TYR D 54 31.45 -14.70 -35.08
C TYR D 54 30.19 -14.69 -35.92
N GLU D 55 29.29 -15.65 -35.67
CA GLU D 55 28.04 -15.68 -36.41
C GLU D 55 27.22 -14.42 -36.15
N ILE D 56 27.06 -14.05 -34.88
CA ILE D 56 26.23 -12.90 -34.56
C ILE D 56 26.81 -11.64 -35.18
N LYS D 57 28.11 -11.39 -34.98
CA LYS D 57 28.72 -10.25 -35.63
C LYS D 57 28.68 -10.41 -37.15
N THR D 58 28.76 -11.65 -37.63
CA THR D 58 28.62 -11.90 -39.06
C THR D 58 27.23 -11.55 -39.54
N LEU D 59 26.19 -11.98 -38.80
CA LEU D 59 24.83 -11.84 -39.28
C LEU D 59 24.25 -10.47 -38.98
N GLU D 60 24.65 -9.84 -37.87
CA GLU D 60 24.12 -8.53 -37.54
C GLU D 60 24.30 -7.56 -38.72
N GLN D 61 25.45 -7.63 -39.38
CA GLN D 61 25.63 -6.84 -40.59
C GLN D 61 24.62 -7.23 -41.66
N VAL D 62 24.39 -8.53 -41.82
CA VAL D 62 23.40 -9.00 -42.80
C VAL D 62 22.04 -8.39 -42.50
N LYS D 63 21.61 -8.49 -41.24
CA LYS D 63 20.32 -7.91 -40.86
C LYS D 63 20.29 -6.43 -41.19
N GLU D 64 21.28 -5.68 -40.73
CA GLU D 64 21.28 -4.23 -40.95
C GLU D 64 21.33 -3.90 -42.44
N SER D 65 22.27 -4.51 -43.15
CA SER D 65 22.40 -4.22 -44.58
C SER D 65 21.13 -4.56 -45.32
N THR D 66 20.54 -5.73 -45.02
CA THR D 66 19.29 -6.11 -45.68
C THR D 66 18.19 -5.09 -45.39
N SER D 67 18.13 -4.59 -44.15
CA SER D 67 17.15 -3.56 -43.82
C SER D 67 17.30 -2.38 -44.76
N ARG D 68 18.53 -2.02 -45.10
CA ARG D 68 18.75 -0.92 -46.04
C ARG D 68 18.43 -1.35 -47.46
N ALA D 69 18.79 -2.58 -47.82
CA ALA D 69 18.43 -3.09 -49.14
C ALA D 69 16.94 -2.98 -49.37
N GLN D 70 16.14 -3.27 -48.34
CA GLN D 70 14.70 -3.08 -48.42
C GLN D 70 14.36 -1.62 -48.70
N GLU D 71 15.08 -0.70 -48.07
CA GLU D 71 14.82 0.72 -48.31
C GLU D 71 15.17 1.11 -49.73
N MET D 72 16.33 0.70 -50.24
CA MET D 72 16.67 1.06 -51.62
C MET D 72 15.67 0.47 -52.60
N THR D 73 15.28 -0.79 -52.39
CA THR D 73 14.29 -1.39 -53.30
C THR D 73 12.98 -0.62 -53.25
N GLN D 74 12.54 -0.22 -52.05
CA GLN D 74 11.29 0.52 -51.92
C GLN D 74 11.32 1.79 -52.74
N ASN D 75 12.38 2.60 -52.57
CA ASN D 75 12.47 3.84 -53.31
C ASN D 75 12.61 3.59 -54.81
N SER D 76 13.39 2.59 -55.18
CA SER D 76 13.43 2.16 -56.58
C SER D 76 12.02 1.83 -57.06
N MET D 77 11.31 1.00 -56.28
CA MET D 77 9.94 0.65 -56.60
C MET D 77 9.05 1.89 -56.63
N LYS D 78 9.33 2.86 -55.75
CA LYS D 78 8.56 4.10 -55.73
C LYS D 78 8.65 4.82 -57.07
N ALA D 79 9.88 5.11 -57.51
CA ALA D 79 10.07 5.86 -58.74
C ALA D 79 9.51 5.09 -59.94
N LEU D 80 9.71 3.78 -59.96
CA LEU D 80 9.20 2.97 -61.07
C LEU D 80 7.71 3.16 -61.25
N GLN D 81 6.94 3.08 -60.18
CA GLN D 81 5.49 3.22 -60.31
C GLN D 81 5.14 4.57 -60.93
N ASP D 82 5.75 5.64 -60.41
CA ASP D 82 5.41 6.98 -60.86
C ASP D 82 5.63 7.13 -62.37
N MET D 83 6.72 6.55 -62.87
CA MET D 83 7.03 6.64 -64.29
C MET D 83 6.06 5.80 -65.11
N VAL D 84 5.54 4.71 -64.53
CA VAL D 84 4.47 3.97 -65.20
C VAL D 84 3.24 4.87 -65.34
N LYS D 85 2.92 5.64 -64.31
CA LYS D 85 1.80 6.56 -64.38
C LYS D 85 2.00 7.55 -65.52
N LEU D 86 3.23 8.05 -65.68
CA LEU D 86 3.49 9.00 -66.74
C LEU D 86 3.29 8.37 -68.12
N LEU D 87 3.68 7.10 -68.27
CA LEU D 87 3.50 6.44 -69.57
C LEU D 87 2.02 6.31 -69.91
N GLU D 88 1.20 5.87 -68.96
CA GLU D 88 -0.24 5.86 -69.20
C GLU D 88 -0.77 7.28 -69.40
N ASP D 89 -0.38 8.20 -68.51
CA ASP D 89 -0.78 9.59 -68.70
C ASP D 89 -0.35 10.09 -70.06
N PHE D 90 0.87 9.75 -70.48
CA PHE D 90 1.35 10.19 -71.77
C PHE D 90 0.46 9.69 -72.90
N LYS D 91 0.14 8.39 -72.88
CA LYS D 91 -0.68 7.83 -73.97
C LYS D 91 -2.07 8.44 -73.97
N VAL D 92 -2.72 8.51 -72.80
CA VAL D 92 -4.05 9.13 -72.74
C VAL D 92 -4.04 10.46 -73.46
N LYS D 93 -2.98 11.25 -73.24
CA LYS D 93 -2.84 12.48 -74.02
C LYS D 93 -2.71 12.17 -75.50
N VAL D 94 -1.93 11.14 -75.84
CA VAL D 94 -1.82 10.74 -77.23
C VAL D 94 -3.18 10.31 -77.75
N THR D 95 -3.97 9.64 -76.91
CA THR D 95 -5.33 9.30 -77.31
C THR D 95 -6.13 10.56 -77.63
N GLN D 96 -6.05 11.58 -76.76
CA GLN D 96 -6.73 12.83 -77.05
C GLN D 96 -6.19 13.45 -78.34
N ALA D 97 -4.86 13.45 -78.50
CA ALA D 97 -4.29 13.93 -79.74
C ALA D 97 -4.79 13.14 -80.94
N ALA D 98 -5.02 11.83 -80.76
CA ALA D 98 -5.44 11.00 -81.87
C ALA D 98 -6.89 11.29 -82.29
N SER D 99 -7.70 11.82 -81.37
CA SER D 99 -9.05 12.18 -81.74
C SER D 99 -9.04 13.38 -82.70
N ASP D 100 -10.19 13.60 -83.34
CA ASP D 100 -10.34 14.72 -84.26
C ASP D 100 -10.40 16.07 -83.56
N SER D 101 -10.19 16.11 -82.25
CA SER D 101 -10.38 17.29 -81.40
C SER D 101 -9.18 18.22 -81.37
N ASN D 102 -8.24 18.22 -82.31
CA ASN D 102 -6.97 18.92 -82.13
C ASN D 102 -6.71 19.91 -83.27
N SER D 103 -6.94 21.19 -83.00
CA SER D 103 -6.39 22.24 -83.86
C SER D 103 -4.88 22.27 -83.70
N GLN D 104 -4.21 22.94 -84.64
CA GLN D 104 -2.75 23.02 -84.55
C GLN D 104 -2.33 23.65 -83.24
N THR D 105 -2.99 24.74 -82.84
CA THR D 105 -2.74 25.30 -81.51
C THR D 105 -2.96 24.24 -80.44
N SER D 106 -4.02 23.46 -80.58
CA SER D 106 -4.23 22.33 -79.67
C SER D 106 -3.11 21.32 -79.80
N ARG D 107 -2.70 21.02 -81.04
CA ARG D 107 -1.59 20.10 -81.25
C ARG D 107 -0.32 20.64 -80.63
N GLU D 108 -0.03 21.92 -80.87
CA GLU D 108 1.10 22.56 -80.23
C GLU D 108 1.01 22.45 -78.70
N ALA D 109 -0.12 22.86 -78.14
CA ALA D 109 -0.28 22.81 -76.69
C ALA D 109 0.07 21.42 -76.16
N ILE D 110 -0.70 20.39 -76.56
CA ILE D 110 -0.56 19.07 -75.96
C ILE D 110 0.89 18.60 -76.05
N ALA D 111 1.51 18.77 -77.21
CA ALA D 111 2.89 18.35 -77.39
C ALA D 111 3.78 18.98 -76.31
N LYS D 112 3.49 20.21 -75.92
CA LYS D 112 4.35 20.89 -74.96
C LYS D 112 4.22 20.30 -73.57
N GLU D 113 3.02 19.91 -73.14
CA GLU D 113 2.91 19.13 -71.92
C GLU D 113 3.67 17.81 -72.07
N LEU D 114 3.48 17.14 -73.22
CA LEU D 114 4.12 15.86 -73.42
C LEU D 114 5.64 15.97 -73.36
N GLU D 115 6.19 17.01 -73.98
CA GLU D 115 7.64 17.20 -73.93
C GLU D 115 8.12 17.41 -72.50
N ARG D 116 7.38 18.21 -71.72
CA ARG D 116 7.75 18.39 -70.32
C ARG D 116 7.70 17.06 -69.57
N ILE D 117 6.81 16.16 -69.96
CA ILE D 117 6.80 14.85 -69.34
C ILE D 117 8.04 14.06 -69.74
N LYS D 118 8.49 14.18 -70.98
CA LYS D 118 9.79 13.62 -71.34
C LYS D 118 10.86 14.18 -70.42
N GLU D 119 10.86 15.49 -70.22
CA GLU D 119 11.79 16.12 -69.29
C GLU D 119 11.64 15.52 -67.90
N SER D 120 10.40 15.35 -67.44
CA SER D 120 10.17 14.78 -66.12
C SER D 120 10.76 13.38 -66.02
N ILE D 121 10.52 12.55 -67.04
CA ILE D 121 11.00 11.17 -67.02
C ILE D 121 12.52 11.13 -66.99
N VAL D 122 13.17 11.89 -67.87
CA VAL D 122 14.63 11.84 -67.93
C VAL D 122 15.22 12.26 -66.59
N GLN D 123 14.64 13.29 -65.97
CA GLN D 123 15.09 13.68 -64.64
C GLN D 123 14.88 12.56 -63.64
N LEU D 124 13.66 12.02 -63.59
CA LEU D 124 13.35 10.99 -62.61
C LEU D 124 14.32 9.82 -62.72
N ALA D 125 14.61 9.39 -63.94
CA ALA D 125 15.59 8.32 -64.11
C ALA D 125 16.96 8.73 -63.58
N ASN D 126 17.29 10.02 -63.69
CA ASN D 126 18.62 10.48 -63.31
C ASN D 126 18.70 10.94 -61.86
N THR D 127 17.62 10.81 -61.10
CA THR D 127 17.58 11.28 -59.72
C THR D 127 18.76 10.75 -58.92
N SER D 128 19.45 11.63 -58.22
CA SER D 128 20.60 11.25 -57.40
C SER D 128 20.13 10.85 -56.01
N VAL D 129 19.36 9.77 -55.92
CA VAL D 129 18.86 9.27 -54.65
C VAL D 129 20.03 9.10 -53.69
N ASN D 130 19.86 9.61 -52.46
CA ASN D 130 20.88 9.53 -51.42
C ASN D 130 22.27 9.86 -51.96
N GLY D 131 22.34 10.77 -52.92
CA GLY D 131 23.60 11.09 -53.57
C GLY D 131 24.06 10.10 -54.61
N GLN D 132 23.23 9.11 -54.96
CA GLN D 132 23.58 8.13 -55.97
C GLN D 132 22.32 7.78 -56.75
N TYR D 133 22.47 6.80 -57.65
CA TYR D 133 21.49 6.57 -58.72
C TYR D 133 21.13 5.10 -58.75
N LEU D 134 19.83 4.80 -58.67
CA LEU D 134 19.34 3.43 -58.58
C LEU D 134 19.42 2.68 -59.91
N PHE D 135 19.52 3.39 -61.04
CA PHE D 135 19.60 2.75 -62.34
C PHE D 135 20.85 3.16 -63.11
N ALA D 136 21.97 3.32 -62.42
CA ALA D 136 23.25 3.50 -63.06
C ALA D 136 23.89 2.13 -63.32
N GLY D 137 23.07 1.08 -63.38
CA GLY D 137 23.57 -0.26 -63.50
C GLY D 137 24.12 -0.75 -62.18
N SER D 138 25.45 -0.88 -62.11
CA SER D 138 26.14 -1.20 -60.88
C SER D 138 26.96 -0.03 -60.33
N GLN D 139 27.11 1.04 -61.11
CA GLN D 139 28.00 2.14 -60.76
C GLN D 139 27.18 3.22 -60.04
N VAL D 140 27.30 3.21 -58.71
CA VAL D 140 26.32 3.90 -57.86
C VAL D 140 26.31 5.39 -58.14
N ALA D 141 27.48 6.01 -58.20
CA ALA D 141 27.58 7.47 -58.16
C ALA D 141 27.45 8.11 -59.54
N ASN D 142 27.31 7.33 -60.61
CA ASN D 142 27.21 7.89 -61.95
C ASN D 142 25.79 8.35 -62.20
N LYS D 143 25.62 9.63 -62.50
CA LYS D 143 24.36 10.12 -63.01
C LYS D 143 24.05 9.37 -64.31
N PRO D 144 22.96 8.62 -64.40
CA PRO D 144 22.89 7.53 -65.38
C PRO D 144 22.72 7.93 -66.83
N PHE D 145 21.96 8.97 -67.19
CA PHE D 145 21.69 9.20 -68.60
C PHE D 145 21.76 10.70 -68.87
N ASP D 146 21.35 11.09 -70.08
CA ASP D 146 21.13 12.48 -70.46
C ASP D 146 20.00 12.51 -71.49
N SER D 147 19.47 13.72 -71.75
CA SER D 147 18.33 13.84 -72.64
C SER D 147 18.65 13.36 -74.05
N ASN D 148 19.83 13.75 -74.58
CA ASN D 148 20.18 13.34 -75.93
C ASN D 148 20.28 11.83 -76.05
N GLY D 149 20.62 11.14 -74.96
CA GLY D 149 20.48 9.70 -74.91
C GLY D 149 21.71 8.90 -74.54
N ASN D 150 22.76 9.55 -74.06
CA ASN D 150 23.95 8.81 -73.65
C ASN D 150 23.73 8.12 -72.31
N TYR D 151 24.06 6.84 -72.25
CA TYR D 151 24.10 6.12 -70.99
C TYR D 151 25.36 6.46 -70.21
N TYR D 152 25.23 6.43 -68.89
CA TYR D 152 26.36 6.71 -68.00
C TYR D 152 26.50 5.71 -66.87
N GLY D 153 25.49 4.91 -66.57
CA GLY D 153 25.68 3.73 -65.76
C GLY D 153 26.31 2.64 -66.59
N ASP D 154 26.25 1.42 -66.07
CA ASP D 154 26.64 0.24 -66.82
C ASP D 154 25.45 -0.70 -66.97
N LYS D 155 25.69 -1.81 -67.66
CA LYS D 155 24.65 -2.80 -67.92
C LYS D 155 24.65 -3.91 -66.87
N ASN D 156 25.11 -3.61 -65.66
CA ASN D 156 25.19 -4.55 -64.55
C ASN D 156 24.25 -4.10 -63.44
N ASN D 157 24.32 -4.79 -62.30
CA ASN D 157 23.43 -4.55 -61.18
C ASN D 157 24.21 -4.10 -59.95
N ILE D 158 23.48 -3.42 -59.06
CA ILE D 158 24.00 -3.15 -57.72
C ILE D 158 23.91 -4.43 -56.90
N ASN D 159 25.01 -4.77 -56.24
CA ASN D 159 25.17 -6.11 -55.69
C ASN D 159 25.76 -6.02 -54.28
N VAL D 160 25.53 -7.08 -53.51
CA VAL D 160 26.04 -7.16 -52.15
C VAL D 160 26.17 -8.62 -51.76
N VAL D 161 27.09 -8.89 -50.85
CA VAL D 161 27.40 -10.25 -50.38
C VAL D 161 26.75 -10.45 -49.02
N THR D 162 25.88 -11.46 -48.93
CA THR D 162 25.43 -11.98 -47.63
C THR D 162 25.42 -13.49 -47.74
N GLY D 163 26.56 -14.11 -47.46
CA GLY D 163 26.67 -15.55 -47.43
C GLY D 163 28.06 -15.99 -47.79
N ALA D 164 28.50 -17.08 -47.19
CA ALA D 164 29.80 -17.65 -47.51
C ALA D 164 29.79 -18.14 -48.95
N GLY D 165 30.43 -17.38 -49.84
CA GLY D 165 30.44 -17.70 -51.25
C GLY D 165 29.19 -17.33 -52.01
N THR D 166 28.51 -16.23 -51.65
CA THR D 166 27.29 -15.82 -52.33
C THR D 166 27.24 -14.30 -52.45
N GLU D 167 26.96 -13.83 -53.66
CA GLU D 167 26.66 -12.43 -53.94
C GLU D 167 25.16 -12.20 -53.87
N SER D 168 24.74 -10.98 -54.18
CA SER D 168 23.33 -10.68 -54.35
C SER D 168 23.14 -9.42 -55.19
N PRO D 169 22.91 -9.57 -56.51
CA PRO D 169 22.61 -8.39 -57.34
C PRO D 169 21.16 -7.98 -57.20
N TYR D 170 20.91 -6.74 -56.78
CA TYR D 170 19.57 -6.34 -56.35
C TYR D 170 19.11 -5.00 -56.90
N ASN D 171 19.37 -4.72 -58.18
CA ASN D 171 18.66 -3.63 -58.86
C ASN D 171 18.47 -3.98 -60.33
N ILE D 172 17.96 -3.03 -61.11
CA ILE D 172 17.79 -3.22 -62.55
C ILE D 172 18.67 -2.20 -63.26
N PRO D 173 19.42 -2.58 -64.30
CA PRO D 173 20.27 -1.59 -64.97
C PRO D 173 19.45 -0.55 -65.70
N GLY D 174 19.89 0.70 -65.61
CA GLY D 174 19.33 1.73 -66.46
C GLY D 174 19.48 1.39 -67.92
N TRP D 175 20.54 0.64 -68.26
CA TRP D 175 20.74 0.24 -69.64
C TRP D 175 19.53 -0.54 -70.17
N ASP D 176 19.21 -1.67 -69.55
CA ASP D 176 18.12 -2.48 -70.03
C ASP D 176 16.81 -1.71 -70.03
N LEU D 177 16.56 -0.94 -68.97
CA LEU D 177 15.35 -0.15 -68.91
C LEU D 177 15.19 0.70 -70.16
N PHE D 178 16.23 1.44 -70.55
CA PHE D 178 16.08 2.33 -71.69
C PHE D 178 16.69 1.74 -72.96
N PHE D 179 17.63 0.81 -72.86
CA PHE D 179 18.48 0.52 -74.03
C PHE D 179 18.63 -0.94 -74.42
N LYS D 180 18.24 -1.93 -73.61
CA LYS D 180 18.50 -3.28 -74.06
C LYS D 180 17.35 -3.90 -74.84
N ALA D 181 16.22 -4.17 -74.20
CA ALA D 181 15.22 -4.95 -74.92
C ALA D 181 13.97 -5.16 -74.08
N ASP D 182 12.87 -5.43 -74.79
CA ASP D 182 11.68 -6.10 -74.27
C ASP D 182 11.37 -7.19 -75.29
N GLY D 183 11.99 -8.37 -75.11
CA GLY D 183 12.19 -9.32 -76.20
C GLY D 183 10.93 -9.87 -76.82
N ASP D 184 9.81 -9.90 -76.10
CA ASP D 184 8.61 -10.55 -76.60
C ASP D 184 7.82 -9.69 -77.57
N TYR D 185 8.41 -8.63 -78.12
CA TYR D 185 7.68 -7.78 -79.04
C TYR D 185 8.07 -8.08 -80.49
N LYS D 186 7.13 -7.80 -81.38
CA LYS D 186 7.22 -8.18 -82.79
C LYS D 186 7.79 -7.00 -83.59
N LYS D 187 7.77 -7.11 -84.92
CA LYS D 187 8.08 -6.01 -85.82
C LYS D 187 6.90 -5.80 -86.76
N GLN D 188 6.56 -4.53 -86.99
CA GLN D 188 5.58 -4.16 -87.99
C GLN D 188 6.16 -3.07 -88.88
N ILE D 189 5.88 -3.17 -90.18
CA ILE D 189 6.41 -2.22 -91.15
C ILE D 189 5.29 -1.81 -92.10
N SER D 190 5.36 -0.56 -92.56
CA SER D 190 4.37 0.00 -93.46
C SER D 190 5.06 0.78 -94.58
N THR D 191 4.42 0.79 -95.75
CA THR D 191 4.89 1.64 -96.82
C THR D 191 4.60 3.10 -96.49
N ASN D 192 5.62 3.95 -96.62
CA ASN D 192 5.38 5.38 -96.51
C ASN D 192 4.53 5.87 -97.68
N VAL D 193 4.56 5.15 -98.79
CA VAL D 193 3.77 5.50 -99.97
C VAL D 193 2.32 5.10 -99.76
N SER D 194 1.46 6.08 -99.49
CA SER D 194 0.03 5.86 -99.61
C SER D 194 -0.31 5.67 -101.10
N PHE D 195 -1.20 4.73 -101.38
CA PHE D 195 -1.39 4.29 -102.76
C PHE D 195 -2.86 4.37 -103.15
N THR D 196 -3.09 4.39 -104.45
CA THR D 196 -4.38 4.74 -105.01
C THR D 196 -4.73 3.83 -106.18
N ASP D 197 -6.04 3.67 -106.39
CA ASP D 197 -6.53 3.24 -107.69
C ASP D 197 -6.38 4.39 -108.67
N ASN D 198 -5.80 4.11 -109.83
CA ASN D 198 -5.48 5.16 -110.78
C ASN D 198 -6.21 4.95 -112.10
N ARG D 199 -7.48 4.61 -112.02
CA ARG D 199 -8.40 4.80 -113.13
C ARG D 199 -8.76 6.28 -113.31
N TRP D 200 -8.28 7.14 -112.43
CA TRP D 200 -8.52 8.57 -112.48
C TRP D 200 -7.22 9.29 -112.83
N ASP D 201 -7.36 10.49 -113.38
CA ASP D 201 -6.25 11.44 -113.51
C ASP D 201 -6.42 12.44 -112.38
N LEU D 202 -5.60 12.30 -111.35
CA LEU D 202 -5.85 13.02 -110.11
C LEU D 202 -5.52 14.48 -110.20
N ASN D 203 -4.90 14.94 -111.28
CA ASN D 203 -4.91 16.36 -111.59
C ASN D 203 -6.29 16.77 -112.11
N LYS D 204 -6.88 15.96 -112.98
CA LYS D 204 -8.30 16.09 -113.26
C LYS D 204 -9.13 15.68 -112.07
N ASP D 205 -8.64 14.73 -111.27
CA ASP D 205 -9.46 14.07 -110.28
C ASP D 205 -8.86 14.12 -108.89
N PRO D 206 -8.37 15.28 -108.44
CA PRO D 206 -7.93 15.36 -107.04
C PRO D 206 -9.10 15.21 -106.07
N ASP D 207 -10.32 15.41 -106.56
CA ASP D 207 -11.51 15.25 -105.73
C ASP D 207 -12.10 13.84 -105.91
N LYS D 208 -12.05 13.32 -107.14
CA LYS D 208 -12.62 11.99 -107.39
C LYS D 208 -11.69 10.88 -106.92
N THR D 209 -10.56 11.24 -106.32
CA THR D 209 -9.53 10.30 -105.91
C THR D 209 -10.06 9.07 -105.19
N LYS D 210 -9.45 7.91 -105.45
CA LYS D 210 -9.67 6.69 -104.69
C LYS D 210 -8.34 6.20 -104.15
N TYR D 211 -8.35 5.69 -102.93
CA TYR D 211 -7.19 4.97 -102.40
C TYR D 211 -7.37 3.47 -102.60
N LEU D 212 -6.28 2.73 -102.53
CA LEU D 212 -6.30 1.31 -102.88
C LEU D 212 -7.24 0.53 -101.98
N THR D 213 -7.89 -0.48 -102.55
CA THR D 213 -8.75 -1.39 -101.82
C THR D 213 -8.57 -2.80 -102.39
N GLY D 214 -9.30 -3.75 -101.81
CA GLY D 214 -9.13 -5.13 -102.21
C GLY D 214 -9.36 -5.37 -103.69
N ASP D 215 -10.37 -4.72 -104.26
CA ASP D 215 -10.63 -4.87 -105.69
C ASP D 215 -9.51 -4.29 -106.54
N SER D 216 -8.70 -3.40 -105.99
CA SER D 216 -7.80 -2.59 -106.80
C SER D 216 -6.92 -3.49 -107.65
N LYS D 217 -6.84 -3.17 -108.94
CA LYS D 217 -6.33 -4.08 -109.96
C LYS D 217 -5.05 -3.55 -110.58
N TRP D 218 -4.22 -4.47 -111.06
CA TRP D 218 -3.12 -4.08 -111.93
C TRP D 218 -3.63 -3.24 -113.09
N GLN D 219 -4.69 -3.71 -113.75
CA GLN D 219 -5.22 -2.99 -114.90
C GLN D 219 -5.80 -1.64 -114.49
N GLN D 220 -6.20 -1.50 -113.23
CA GLN D 220 -6.70 -0.21 -112.76
C GLN D 220 -5.59 0.82 -112.67
N LEU D 221 -4.58 0.55 -111.85
CA LEU D 221 -3.59 1.56 -111.50
C LEU D 221 -2.87 2.07 -112.75
N ILE D 222 -2.31 1.17 -113.55
CA ILE D 222 -1.68 1.58 -114.79
C ILE D 222 -2.69 1.72 -115.91
N GLY D 223 -3.96 1.38 -115.65
CA GLY D 223 -5.00 1.67 -116.63
C GLY D 223 -4.84 3.05 -117.24
N GLN D 224 -4.83 4.08 -116.40
CA GLN D 224 -4.45 5.40 -116.89
C GLN D 224 -2.96 5.46 -117.21
N GLY D 225 -2.13 4.76 -116.44
CA GLY D 225 -0.70 4.78 -116.69
C GLY D 225 -0.32 4.32 -118.08
N TYR D 226 -1.18 3.51 -118.71
CA TYR D 226 -0.90 3.07 -120.08
C TYR D 226 -0.92 4.22 -121.08
N VAL D 227 -1.46 5.38 -120.70
CA VAL D 227 -1.60 6.49 -121.64
C VAL D 227 -1.04 7.78 -121.05
N LYS D 228 -0.75 8.75 -121.92
CA LYS D 228 -0.53 10.13 -121.52
C LYS D 228 -1.82 10.92 -121.42
N ASP D 229 -2.69 10.79 -122.42
CA ASP D 229 -3.95 11.53 -122.40
C ASP D 229 -4.73 11.25 -121.13
N ASN D 230 -4.69 9.99 -120.66
CA ASN D 230 -5.52 9.58 -119.54
C ASN D 230 -6.98 9.92 -119.81
N SER D 231 -7.37 9.83 -121.08
CA SER D 231 -8.72 10.12 -121.52
C SER D 231 -9.64 8.91 -121.39
N LEU D 232 -9.35 8.04 -120.44
CA LEU D 232 -9.94 6.71 -120.37
C LEU D 232 -11.07 6.70 -119.35
N ASP D 233 -12.26 6.27 -119.79
CA ASP D 233 -13.43 6.27 -118.92
C ASP D 233 -13.13 5.51 -117.63
N ALA D 234 -13.55 6.08 -116.51
CA ALA D 234 -13.18 5.59 -115.19
C ALA D 234 -13.57 4.14 -114.97
N ASP D 235 -14.63 3.66 -115.63
CA ASP D 235 -15.00 2.26 -115.53
C ASP D 235 -15.30 1.58 -116.85
N LYS D 236 -15.76 2.29 -117.87
CA LYS D 236 -16.09 1.63 -119.13
C LYS D 236 -14.82 1.20 -119.85
N ASP D 237 -13.84 2.08 -119.92
CA ASP D 237 -12.56 1.70 -120.49
C ASP D 237 -11.82 0.72 -119.59
N PHE D 238 -12.04 0.82 -118.28
CA PHE D 238 -11.28 0.06 -117.31
C PHE D 238 -11.99 -1.19 -116.81
N GLU D 239 -13.18 -1.05 -116.22
CA GLU D 239 -13.80 -2.16 -115.52
C GLU D 239 -14.98 -2.79 -116.25
N TYR D 240 -15.57 -2.11 -117.23
CA TYR D 240 -16.52 -2.78 -118.11
C TYR D 240 -15.77 -3.78 -118.98
N ASP D 241 -15.89 -5.06 -118.66
CA ASP D 241 -15.43 -6.06 -119.62
C ASP D 241 -16.16 -5.89 -120.94
N ASP D 242 -17.35 -5.30 -120.90
CA ASP D 242 -18.03 -4.90 -122.12
C ASP D 242 -17.17 -3.97 -122.96
N SER D 243 -16.41 -3.09 -122.32
CA SER D 243 -15.60 -2.12 -123.05
C SER D 243 -14.14 -2.06 -122.63
N LYS D 244 -13.68 -2.97 -121.77
CA LYS D 244 -12.26 -3.06 -121.48
C LYS D 244 -11.59 -4.01 -122.47
N LEU D 245 -10.27 -4.09 -122.42
CA LEU D 245 -9.49 -4.99 -123.26
C LEU D 245 -8.53 -5.78 -122.39
N ASP D 246 -7.82 -6.72 -123.02
CA ASP D 246 -6.74 -7.40 -122.35
C ASP D 246 -5.62 -6.42 -122.02
N PHE D 247 -5.11 -6.48 -120.80
CA PHE D 247 -4.19 -5.46 -120.29
C PHE D 247 -2.78 -6.02 -120.22
N PRO D 248 -1.79 -5.37 -120.83
CA PRO D 248 -0.43 -5.93 -120.86
C PRO D 248 0.10 -6.18 -119.46
N PRO D 249 0.86 -7.26 -119.25
CA PRO D 249 1.51 -7.48 -117.95
C PRO D 249 2.69 -6.55 -117.73
N THR D 250 3.45 -6.76 -116.65
CA THR D 250 4.51 -5.83 -116.25
C THR D 250 5.59 -6.54 -115.47
N THR D 251 6.79 -5.97 -115.53
CA THR D 251 7.99 -6.51 -114.90
C THR D 251 8.10 -6.03 -113.46
N LEU D 252 8.64 -6.89 -112.60
CA LEU D 252 8.78 -6.60 -111.19
C LEU D 252 10.09 -7.17 -110.68
N TYR D 253 10.81 -6.38 -109.87
CA TYR D 253 12.00 -6.82 -109.17
C TYR D 253 11.75 -6.77 -107.66
N VAL D 254 12.55 -7.54 -106.92
CA VAL D 254 12.26 -7.82 -105.52
C VAL D 254 13.53 -7.78 -104.69
N GLN D 255 13.41 -7.22 -103.49
CA GLN D 255 14.45 -7.28 -102.48
C GLN D 255 13.74 -7.50 -101.15
N GLY D 256 14.12 -8.55 -100.42
CA GLY D 256 13.44 -8.88 -99.18
C GLY D 256 14.35 -9.56 -98.19
N THR D 257 14.13 -9.23 -96.92
CA THR D 257 14.75 -9.94 -95.80
C THR D 257 13.64 -10.27 -94.80
N LYS D 258 13.80 -11.38 -94.12
CA LYS D 258 12.69 -12.12 -93.54
C LYS D 258 12.61 -12.02 -92.03
N PRO D 259 11.48 -12.45 -91.45
CA PRO D 259 11.42 -12.63 -89.99
C PRO D 259 12.55 -13.51 -89.50
N ASP D 260 12.67 -14.70 -90.07
CA ASP D 260 13.78 -15.58 -89.71
C ASP D 260 15.11 -14.86 -89.90
N GLY D 261 15.16 -13.92 -90.84
CA GLY D 261 16.36 -13.13 -91.05
C GLY D 261 17.05 -13.36 -92.37
N THR D 262 16.64 -14.35 -93.15
CA THR D 262 17.26 -14.59 -94.44
C THR D 262 16.83 -13.52 -95.45
N SER D 263 17.70 -13.28 -96.43
CA SER D 263 17.50 -12.27 -97.45
C SER D 263 17.28 -12.93 -98.80
N PHE D 264 16.48 -12.29 -99.65
CA PHE D 264 16.05 -12.90 -100.89
C PHE D 264 15.68 -11.82 -101.89
N LYS D 265 15.95 -12.09 -103.17
CA LYS D 265 15.64 -11.18 -104.25
C LYS D 265 15.01 -11.98 -105.39
N SER D 266 14.24 -11.30 -106.24
CA SER D 266 13.46 -12.01 -107.25
C SER D 266 13.13 -11.10 -108.41
N ALA D 267 12.70 -11.71 -109.50
CA ALA D 267 12.16 -11.01 -110.67
C ALA D 267 10.96 -11.80 -111.18
N VAL D 268 9.85 -11.11 -111.42
CA VAL D 268 8.58 -11.76 -111.72
C VAL D 268 7.70 -10.80 -112.51
N LEU D 269 6.75 -11.37 -113.26
CA LEU D 269 5.81 -10.60 -114.07
C LEU D 269 4.53 -10.32 -113.30
N VAL D 270 3.85 -9.25 -113.69
CA VAL D 270 2.56 -8.86 -113.13
C VAL D 270 1.49 -9.17 -114.17
N LYS D 271 0.54 -10.03 -113.82
CA LYS D 271 -0.45 -10.49 -114.77
C LYS D 271 -1.54 -9.46 -115.00
N PRO D 272 -2.33 -9.61 -116.06
CA PRO D 272 -3.21 -8.52 -116.50
C PRO D 272 -4.20 -8.01 -115.46
N GLU D 273 -4.67 -8.84 -114.54
CA GLU D 273 -5.64 -8.37 -113.55
C GLU D 273 -5.01 -8.06 -112.20
N ASP D 274 -4.44 -9.07 -111.53
CA ASP D 274 -3.60 -8.87 -110.37
C ASP D 274 -4.17 -7.84 -109.39
N THR D 275 -5.30 -8.16 -108.76
CA THR D 275 -5.95 -7.26 -107.83
C THR D 275 -5.33 -7.36 -106.44
N LEU D 276 -5.69 -6.42 -105.57
CA LEU D 276 -5.02 -6.31 -104.28
C LEU D 276 -5.10 -7.60 -103.49
N GLU D 277 -6.31 -8.19 -103.40
CA GLU D 277 -6.48 -9.38 -102.57
C GLU D 277 -5.69 -10.56 -103.11
N ASP D 278 -5.84 -10.85 -104.40
CA ASP D 278 -5.12 -12.00 -104.97
C ASP D 278 -3.64 -11.70 -105.14
N VAL D 279 -3.28 -10.43 -105.31
CA VAL D 279 -1.88 -10.05 -105.28
C VAL D 279 -1.31 -10.29 -103.89
N MET D 280 -2.12 -10.07 -102.86
CA MET D 280 -1.63 -10.27 -101.49
C MET D 280 -1.25 -11.72 -101.22
N GLU D 281 -2.03 -12.68 -101.74
CA GLU D 281 -1.60 -14.07 -101.62
C GLU D 281 -0.46 -14.38 -102.58
N ASN D 282 -0.49 -13.80 -103.77
CA ASN D 282 0.72 -13.79 -104.60
C ASN D 282 1.87 -13.21 -103.81
N ILE D 283 1.62 -12.10 -103.12
CA ILE D 283 2.64 -11.53 -102.23
C ILE D 283 3.02 -12.54 -101.16
N GLY D 284 2.03 -13.21 -100.56
CA GLY D 284 2.34 -14.20 -99.55
C GLY D 284 3.22 -15.31 -100.09
N ALA D 285 2.89 -15.82 -101.28
CA ALA D 285 3.74 -16.83 -101.90
C ALA D 285 5.13 -16.28 -102.13
N LEU D 286 5.25 -15.01 -102.53
CA LEU D 286 6.56 -14.43 -102.80
C LEU D 286 7.38 -14.25 -101.54
N TYR D 287 6.74 -14.05 -100.38
CA TYR D 287 7.48 -14.13 -99.13
C TYR D 287 7.86 -15.56 -98.78
N GLY D 288 7.26 -16.53 -99.48
CA GLY D 288 7.39 -17.92 -99.11
C GLY D 288 6.27 -18.43 -98.24
N ASN D 289 5.29 -17.59 -97.91
CA ASN D 289 4.10 -18.08 -97.21
C ASN D 289 3.33 -19.02 -98.13
N THR D 290 2.98 -20.17 -97.60
CA THR D 290 2.29 -21.21 -98.37
C THR D 290 1.31 -21.91 -97.44
N PRO D 291 0.54 -22.89 -97.92
CA PRO D 291 -0.26 -23.70 -97.01
C PRO D 291 0.59 -24.40 -95.96
N ASN D 292 1.90 -24.39 -96.19
CA ASN D 292 2.85 -24.91 -95.22
C ASN D 292 3.75 -23.84 -94.62
N ASN D 293 3.44 -22.55 -94.82
CA ASN D 293 4.36 -21.50 -94.40
C ASN D 293 3.61 -20.19 -94.18
N LYS D 294 3.92 -19.52 -93.07
CA LYS D 294 3.54 -18.12 -92.85
C LYS D 294 4.65 -17.47 -92.04
N VAL D 295 5.59 -16.82 -92.72
CA VAL D 295 6.60 -16.07 -92.00
C VAL D 295 6.09 -14.68 -91.62
N VAL D 296 5.25 -14.08 -92.47
CA VAL D 296 4.83 -12.70 -92.30
C VAL D 296 3.32 -12.63 -92.20
N GLU D 297 2.84 -11.55 -91.57
CA GLU D 297 1.47 -11.12 -91.67
C GLU D 297 1.41 -9.87 -92.55
N VAL D 298 0.29 -9.70 -93.25
CA VAL D 298 0.14 -8.62 -94.22
C VAL D 298 -1.22 -7.96 -94.01
N SER D 299 -1.26 -6.64 -94.11
CA SER D 299 -2.49 -5.89 -93.93
C SER D 299 -2.44 -4.60 -94.72
N MET D 300 -3.55 -4.29 -95.38
CA MET D 300 -3.77 -3.01 -96.03
C MET D 300 -4.45 -2.06 -95.05
N ASN D 301 -4.03 -0.80 -95.06
CA ASN D 301 -4.63 0.19 -94.19
C ASN D 301 -5.52 1.13 -95.01
N ASP D 302 -6.14 2.07 -94.30
CA ASP D 302 -7.23 2.88 -94.88
C ASP D 302 -6.80 3.73 -96.05
N SER D 303 -5.50 4.03 -96.19
CA SER D 303 -5.06 4.99 -97.20
C SER D 303 -4.09 4.36 -98.20
N GLY D 304 -4.23 3.07 -98.44
CA GLY D 304 -3.45 2.41 -99.48
C GLY D 304 -2.08 1.94 -99.06
N GLN D 305 -1.58 2.39 -97.91
CA GLN D 305 -0.32 1.87 -97.42
C GLN D 305 -0.50 0.41 -96.99
N ILE D 306 0.40 -0.45 -97.45
CA ILE D 306 0.36 -1.87 -97.16
C ILE D 306 1.37 -2.15 -96.05
N GLN D 307 1.01 -3.05 -95.15
CA GLN D 307 1.77 -3.29 -93.93
C GLN D 307 2.21 -4.75 -93.86
N ILE D 308 3.41 -4.96 -93.33
CA ILE D 308 3.95 -6.29 -93.10
C ILE D 308 4.39 -6.37 -91.64
N THR D 309 4.20 -7.52 -91.02
CA THR D 309 4.44 -7.67 -89.59
C THR D 309 5.13 -9.01 -89.35
N ASP D 310 5.87 -9.08 -88.24
CA ASP D 310 6.77 -10.18 -87.94
C ASP D 310 6.14 -11.12 -86.92
N LEU D 311 6.29 -12.43 -87.14
CA LEU D 311 5.81 -13.42 -86.19
C LEU D 311 6.87 -13.78 -85.15
N LYS D 312 8.15 -13.77 -85.53
CA LYS D 312 9.22 -14.15 -84.61
C LYS D 312 9.53 -12.98 -83.70
N GLN D 313 8.93 -12.98 -82.51
CA GLN D 313 9.33 -12.03 -81.49
C GLN D 313 10.78 -12.29 -81.11
N GLY D 314 11.54 -11.21 -80.99
CA GLY D 314 12.99 -11.32 -80.89
C GLY D 314 13.72 -11.13 -82.20
N ASN D 315 13.00 -11.03 -83.32
CA ASN D 315 13.62 -10.75 -84.60
C ASN D 315 14.01 -9.28 -84.71
N ASN D 316 14.95 -9.01 -85.59
CA ASN D 316 15.37 -7.66 -85.93
C ASN D 316 15.60 -7.45 -87.42
N LYS D 317 15.09 -8.36 -88.26
CA LYS D 317 15.57 -8.48 -89.64
C LYS D 317 14.47 -8.39 -90.69
N LEU D 318 13.28 -7.93 -90.35
CA LEU D 318 12.19 -7.85 -91.33
C LEU D 318 12.25 -6.53 -92.10
N ASP D 319 12.24 -6.63 -93.43
CA ASP D 319 12.06 -5.48 -94.30
C ASP D 319 11.92 -5.97 -95.74
N PHE D 320 11.43 -5.08 -96.62
CA PHE D 320 11.11 -5.45 -98.00
C PHE D 320 11.06 -4.23 -98.92
N HIS D 321 11.30 -4.49 -100.21
CA HIS D 321 11.21 -3.49 -101.28
C HIS D 321 11.03 -4.17 -102.64
N ALA D 322 10.48 -3.41 -103.58
CA ALA D 322 10.18 -3.90 -104.92
C ALA D 322 9.97 -2.71 -105.84
N VAL D 323 10.11 -2.95 -107.14
CA VAL D 323 9.93 -1.93 -108.16
C VAL D 323 9.37 -2.58 -109.41
N ALA D 324 8.51 -1.84 -110.12
CA ALA D 324 7.85 -2.34 -111.33
C ALA D 324 8.18 -1.47 -112.52
N PHE D 325 8.37 -2.11 -113.68
CA PHE D 325 8.68 -1.42 -114.94
C PHE D 325 7.53 -1.63 -115.91
N THR D 326 6.88 -0.54 -116.29
CA THR D 326 5.55 -0.55 -116.89
C THR D 326 5.58 0.11 -118.26
N PRO D 327 4.72 -0.34 -119.20
CA PRO D 327 4.65 0.32 -120.51
C PRO D 327 3.61 1.44 -120.56
N GLN D 328 3.69 2.29 -121.58
CA GLN D 328 2.75 3.40 -121.73
C GLN D 328 2.79 3.91 -123.16
N ALA D 329 1.66 3.78 -123.87
CA ALA D 329 1.52 4.35 -125.21
C ALA D 329 0.87 5.73 -125.10
N ASP D 330 0.75 6.43 -126.23
CA ASP D 330 0.37 7.83 -126.18
C ASP D 330 -1.04 8.03 -125.64
N THR D 331 -2.05 7.52 -126.35
CA THR D 331 -3.42 7.95 -126.09
C THR D 331 -4.36 6.75 -126.10
N LYS D 332 -5.65 7.08 -125.93
CA LYS D 332 -6.71 6.08 -125.88
C LYS D 332 -6.78 5.25 -127.15
N ASP D 333 -7.08 5.90 -128.28
CA ASP D 333 -7.43 5.17 -129.50
C ASP D 333 -6.26 4.34 -130.02
N GLU D 334 -5.09 4.98 -130.19
CA GLU D 334 -3.95 4.27 -130.75
C GLU D 334 -3.58 3.06 -129.90
N LEU D 335 -3.80 3.16 -128.58
CA LEU D 335 -3.46 2.05 -127.69
C LEU D 335 -4.26 0.81 -128.02
N LYS D 336 -5.56 0.95 -128.30
CA LYS D 336 -6.35 -0.20 -128.70
C LYS D 336 -5.79 -0.84 -129.95
N ASN D 337 -5.45 -0.02 -130.95
CA ASN D 337 -4.82 -0.54 -132.16
C ASN D 337 -3.62 -1.39 -131.80
N ILE D 338 -2.84 -0.97 -130.82
CA ILE D 338 -1.70 -1.75 -130.37
C ILE D 338 -2.17 -3.07 -129.78
N ILE D 339 -3.19 -3.03 -128.92
CA ILE D 339 -3.77 -4.27 -128.41
C ILE D 339 -4.26 -5.12 -129.57
N GLU D 340 -4.91 -4.49 -130.55
CA GLU D 340 -5.33 -5.23 -131.73
C GLU D 340 -4.15 -5.79 -132.48
N ALA D 341 -3.05 -5.03 -132.57
CA ALA D 341 -1.84 -5.55 -133.20
C ALA D 341 -1.34 -6.79 -132.49
N ALA D 342 -1.32 -6.78 -131.16
CA ALA D 342 -1.02 -7.99 -130.42
C ALA D 342 -2.02 -9.09 -130.74
N ASN D 343 -3.31 -8.73 -130.79
CA ASN D 343 -4.32 -9.71 -131.17
C ASN D 343 -4.10 -10.20 -132.60
N GLN D 344 -3.72 -9.31 -133.51
CA GLN D 344 -3.50 -9.71 -134.89
C GLN D 344 -2.38 -10.74 -134.99
N GLU D 345 -1.26 -10.48 -134.31
CA GLU D 345 -0.18 -11.46 -134.28
C GLU D 345 -0.60 -12.71 -133.53
N GLY D 346 -1.71 -12.66 -132.80
CA GLY D 346 -2.21 -13.81 -132.09
C GLY D 346 -1.33 -14.29 -130.97
N ILE D 347 -0.79 -13.38 -130.14
CA ILE D 347 0.23 -13.71 -129.16
C ILE D 347 -0.25 -13.27 -127.78
N SER D 348 0.20 -14.02 -126.76
CA SER D 348 -0.10 -13.65 -125.39
C SER D 348 0.61 -12.36 -125.00
N MET D 349 -0.06 -11.54 -124.18
CA MET D 349 0.51 -10.26 -123.79
C MET D 349 1.81 -10.44 -123.03
N ASN D 350 1.97 -11.56 -122.32
CA ASN D 350 3.20 -11.82 -121.59
C ASN D 350 4.42 -11.67 -122.50
N GLU D 351 4.35 -12.26 -123.70
CA GLU D 351 5.41 -12.09 -124.67
C GLU D 351 5.57 -10.62 -125.05
N VAL D 352 4.45 -9.92 -125.25
CA VAL D 352 4.50 -8.51 -125.61
C VAL D 352 5.26 -7.72 -124.55
N THR D 353 4.88 -7.90 -123.28
CA THR D 353 5.58 -7.20 -122.21
C THR D 353 7.05 -7.59 -122.20
N ASN D 354 7.36 -8.82 -122.57
CA ASN D 354 8.75 -9.23 -122.66
C ASN D 354 9.51 -8.35 -123.65
N ARG D 355 8.97 -8.23 -124.87
CA ARG D 355 9.67 -7.48 -125.90
C ARG D 355 9.85 -6.01 -125.51
N VAL D 356 8.79 -5.37 -125.02
CA VAL D 356 8.89 -3.97 -124.63
C VAL D 356 9.90 -3.80 -123.51
N MET D 357 9.86 -4.71 -122.52
CA MET D 357 10.82 -4.61 -121.43
C MET D 357 12.23 -5.01 -121.87
N GLN D 358 12.34 -6.03 -122.73
CA GLN D 358 13.62 -6.29 -123.36
C GLN D 358 14.11 -5.08 -124.12
N ALA D 359 13.20 -4.38 -124.80
CA ALA D 359 13.57 -3.16 -125.50
C ALA D 359 14.14 -2.13 -124.53
N SER D 360 13.64 -2.10 -123.30
CA SER D 360 14.20 -1.18 -122.31
C SER D 360 15.65 -1.52 -122.00
N THR D 361 15.92 -2.78 -121.66
CA THR D 361 17.27 -3.15 -121.28
C THR D 361 18.19 -3.27 -122.50
N ALA D 362 17.62 -3.21 -123.70
CA ALA D 362 18.43 -3.36 -124.92
C ALA D 362 19.73 -2.59 -124.83
N ALA D 363 19.68 -1.36 -124.33
CA ALA D 363 20.86 -0.62 -123.94
C ALA D 363 20.65 -0.12 -122.52
N PRO D 364 21.65 -0.27 -121.63
CA PRO D 364 21.43 0.11 -120.23
C PRO D 364 20.86 1.52 -120.06
N SER D 365 21.29 2.47 -120.89
CA SER D 365 20.83 3.85 -120.77
C SER D 365 19.34 3.96 -121.12
N ASN D 366 18.75 2.88 -121.63
CA ASN D 366 17.35 2.86 -122.01
C ASN D 366 16.49 1.96 -121.13
N GLY D 367 16.86 1.75 -119.87
CA GLY D 367 16.17 0.74 -119.08
C GLY D 367 17.07 -0.29 -118.43
N ASP D 368 18.31 0.11 -118.10
CA ASP D 368 19.27 -0.80 -117.50
C ASP D 368 18.64 -1.60 -116.36
N ILE D 369 19.22 -2.77 -116.08
CA ILE D 369 18.78 -3.58 -114.95
C ILE D 369 18.53 -2.71 -113.73
N THR D 370 19.35 -1.68 -113.54
CA THR D 370 19.16 -0.79 -112.40
C THR D 370 17.83 -0.03 -112.49
N LYS D 371 17.50 0.49 -113.67
CA LYS D 371 16.37 1.41 -113.77
C LYS D 371 15.74 1.41 -115.16
N LEU D 372 14.41 1.40 -115.20
CA LEU D 372 13.69 1.80 -116.40
C LEU D 372 14.00 3.26 -116.71
N ASN D 373 14.34 3.54 -117.97
CA ASN D 373 14.87 4.86 -118.30
C ASN D 373 14.05 5.62 -119.34
N ASN D 374 13.76 5.00 -120.48
CA ASN D 374 13.40 5.76 -121.66
C ASN D 374 12.40 4.98 -122.49
N PRO D 375 11.77 5.63 -123.46
CA PRO D 375 10.82 4.92 -124.34
C PRO D 375 11.49 3.84 -125.17
N VAL D 376 10.68 3.23 -126.04
CA VAL D 376 11.11 2.12 -126.89
C VAL D 376 10.33 2.17 -128.19
N THR D 377 10.94 1.62 -129.24
CA THR D 377 10.29 1.43 -130.53
C THR D 377 10.47 -0.02 -130.95
N VAL D 378 9.36 -0.70 -131.24
CA VAL D 378 9.35 -2.14 -131.36
C VAL D 378 8.47 -2.56 -132.53
N THR D 379 8.70 -3.75 -133.08
CA THR D 379 7.93 -4.20 -134.24
C THR D 379 6.79 -5.14 -133.85
N ILE D 380 5.96 -4.72 -132.90
CA ILE D 380 4.84 -5.55 -132.46
C ILE D 380 3.87 -5.81 -133.59
N ASN D 381 3.36 -7.04 -133.68
CA ASN D 381 2.47 -7.39 -134.79
C ASN D 381 3.23 -7.23 -136.07
N ASN D 382 4.55 -7.39 -136.01
CA ASN D 382 5.37 -7.19 -137.20
C ASN D 382 5.06 -5.80 -137.69
N GLN D 383 4.77 -4.89 -136.76
CA GLN D 383 4.45 -3.52 -137.13
C GLN D 383 5.16 -2.61 -136.15
N GLN D 384 5.88 -1.63 -136.67
CA GLN D 384 6.67 -0.78 -135.79
C GLN D 384 5.80 0.19 -135.00
N PHE D 385 5.94 0.17 -133.69
CA PHE D 385 5.23 1.13 -132.84
C PHE D 385 6.17 1.60 -131.75
N THR D 386 5.92 2.81 -131.26
CA THR D 386 6.82 3.49 -130.34
C THR D 386 6.08 3.80 -129.05
N ILE D 387 6.75 3.57 -127.92
CA ILE D 387 6.09 3.55 -126.62
C ILE D 387 6.99 4.25 -125.61
N ASP D 388 6.35 4.86 -124.62
CA ASP D 388 7.02 5.31 -123.42
C ASP D 388 6.84 4.28 -122.31
N LEU D 389 7.77 4.27 -121.36
CA LEU D 389 7.77 3.31 -120.26
C LEU D 389 7.67 4.03 -118.93
N LYS D 390 7.03 3.35 -117.97
CA LYS D 390 6.79 3.87 -116.63
C LYS D 390 7.38 2.95 -115.59
N GLN D 391 7.85 3.54 -114.49
CA GLN D 391 8.30 2.81 -113.32
C GLN D 391 7.40 3.14 -112.13
N THR D 392 7.33 2.21 -111.18
CA THR D 392 6.55 2.41 -109.96
C THR D 392 7.33 1.88 -108.77
N ASP D 393 7.29 2.63 -107.67
CA ASP D 393 7.98 2.27 -106.44
C ASP D 393 7.01 2.35 -105.28
N PHE D 394 7.28 1.56 -104.24
CA PHE D 394 6.36 1.36 -103.13
C PHE D 394 6.89 1.89 -101.80
N ILE D 395 8.21 2.11 -101.70
CA ILE D 395 8.80 2.87 -100.60
C ILE D 395 9.84 3.80 -101.22
N LYS D 396 9.71 5.10 -100.95
CA LYS D 396 10.63 6.09 -101.51
C LYS D 396 11.07 7.03 -100.39
N SER D 397 12.38 7.06 -100.15
CA SER D 397 12.94 7.84 -99.06
C SER D 397 13.34 9.24 -99.55
N LYS D 398 14.10 9.94 -98.72
CA LYS D 398 14.63 11.26 -99.03
C LYS D 398 16.16 11.23 -99.00
N MET D 399 16.71 10.10 -99.45
CA MET D 399 18.14 9.97 -99.70
C MET D 399 18.32 9.52 -101.14
N THR D 400 19.53 9.69 -101.66
CA THR D 400 19.79 9.46 -103.07
C THR D 400 20.82 8.35 -103.27
N ASP D 401 20.66 7.63 -104.38
CA ASP D 401 21.61 6.62 -104.79
C ASP D 401 22.91 7.26 -105.28
N THR D 402 23.83 6.44 -105.78
CA THR D 402 25.08 6.96 -106.33
C THR D 402 24.81 8.05 -107.35
N ASP D 403 23.80 7.84 -108.21
CA ASP D 403 23.51 8.74 -109.31
C ASP D 403 22.59 9.88 -108.91
N GLY D 404 22.47 10.15 -107.61
CA GLY D 404 21.69 11.28 -107.15
C GLY D 404 20.20 11.13 -107.30
N ASN D 405 19.72 9.97 -107.75
CA ASN D 405 18.28 9.75 -107.88
C ASN D 405 17.66 9.67 -106.49
N ALA D 406 16.52 10.33 -106.30
CA ALA D 406 15.82 10.22 -105.03
C ALA D 406 15.53 8.76 -104.79
N ALA D 407 16.16 8.19 -103.76
CA ALA D 407 16.15 6.74 -103.58
C ALA D 407 14.71 6.23 -103.43
N ASN D 408 14.49 5.03 -103.93
CA ASN D 408 13.14 4.51 -104.12
C ASN D 408 13.17 3.00 -103.92
N GLY D 409 12.11 2.31 -104.36
CA GLY D 409 12.09 0.87 -104.28
C GLY D 409 13.26 0.23 -105.00
N ALA D 410 13.57 0.72 -106.20
CA ALA D 410 14.73 0.23 -106.92
C ALA D 410 16.02 0.58 -106.19
N ASP D 411 16.19 1.85 -105.82
CA ASP D 411 17.34 2.29 -105.03
C ASP D 411 17.18 1.95 -103.55
N TYR D 412 17.04 0.66 -103.25
CA TYR D 412 16.82 0.18 -101.90
C TYR D 412 17.98 0.46 -100.95
N ASP D 413 19.20 0.13 -101.35
CA ASP D 413 20.28 0.04 -100.37
C ASP D 413 21.62 0.60 -100.83
N ASN D 414 21.67 1.44 -101.87
CA ASN D 414 22.92 2.04 -102.34
C ASN D 414 23.10 3.49 -101.87
N VAL D 415 22.15 4.04 -101.13
CA VAL D 415 22.12 5.50 -100.94
C VAL D 415 23.39 5.99 -100.23
N TYR D 416 23.69 7.27 -100.43
CA TYR D 416 24.77 7.92 -99.70
C TYR D 416 24.43 7.98 -98.22
N PHE D 417 25.46 7.88 -97.37
CA PHE D 417 25.24 7.74 -95.95
C PHE D 417 24.86 9.07 -95.31
N GLU D 418 24.42 9.00 -94.05
CA GLU D 418 23.72 10.08 -93.39
C GLU D 418 24.72 10.97 -92.66
N LYS D 419 24.80 12.23 -93.09
CA LYS D 419 25.84 13.15 -92.69
C LYS D 419 25.34 14.02 -91.54
N ASN D 420 26.24 14.34 -90.61
CA ASN D 420 25.87 15.05 -89.38
C ASN D 420 27.06 15.90 -88.96
N GLY D 421 27.07 17.17 -89.38
CA GLY D 421 28.18 18.03 -89.03
C GLY D 421 29.49 17.39 -89.47
N ASN D 422 30.41 17.24 -88.52
CA ASN D 422 31.68 16.59 -88.79
C ASN D 422 31.57 15.07 -88.83
N THR D 423 30.37 14.51 -88.67
CA THR D 423 30.17 13.09 -88.48
C THR D 423 29.09 12.56 -89.40
N VAL D 424 29.24 11.30 -89.79
CA VAL D 424 28.26 10.56 -90.57
C VAL D 424 27.85 9.36 -89.75
N TYR D 425 26.59 8.94 -89.88
CA TYR D 425 26.18 7.63 -89.37
C TYR D 425 25.63 6.79 -90.51
N GLY D 426 26.08 5.56 -90.59
CA GLY D 426 25.40 4.56 -91.40
C GLY D 426 24.27 3.97 -90.58
N ASN D 427 23.02 4.24 -90.98
CA ASN D 427 21.89 3.92 -90.13
C ASN D 427 21.73 2.43 -89.87
N VAL D 428 22.14 1.59 -90.82
CA VAL D 428 21.80 0.17 -90.77
C VAL D 428 22.42 -0.44 -89.51
N SER D 429 21.55 -0.89 -88.61
CA SER D 429 21.97 -1.70 -87.46
C SER D 429 22.47 -3.06 -87.92
N GLN D 430 23.73 -3.37 -87.66
CA GLN D 430 24.28 -4.67 -88.02
C GLN D 430 23.84 -5.71 -87.00
N VAL D 431 22.91 -6.58 -87.40
CA VAL D 431 22.36 -7.59 -86.51
C VAL D 431 23.10 -8.89 -86.75
N ILE D 432 23.72 -9.42 -85.69
CA ILE D 432 24.30 -10.76 -85.77
C ILE D 432 23.20 -11.77 -86.05
N LYS D 433 23.47 -12.68 -86.98
CA LYS D 433 22.51 -13.71 -87.33
C LYS D 433 22.19 -14.57 -86.12
N GLY D 434 21.23 -15.47 -86.27
CA GLY D 434 20.86 -16.31 -85.16
C GLY D 434 20.30 -15.49 -84.02
N SER D 435 21.13 -15.26 -83.01
CA SER D 435 20.76 -14.52 -81.82
C SER D 435 19.92 -13.29 -82.11
N ASN D 436 20.07 -12.71 -83.31
CA ASN D 436 19.55 -11.39 -83.65
C ASN D 436 20.30 -10.31 -82.89
N ALA D 437 21.49 -10.65 -82.41
CA ALA D 437 22.33 -9.70 -81.70
C ALA D 437 23.02 -8.78 -82.70
N TYR D 438 24.00 -8.01 -82.25
CA TYR D 438 24.67 -7.03 -83.09
C TYR D 438 26.17 -7.17 -82.96
N ALA D 439 26.87 -6.77 -84.03
CA ALA D 439 28.32 -6.88 -84.07
C ALA D 439 28.99 -5.65 -83.44
N THR D 440 30.30 -5.72 -83.34
CA THR D 440 31.14 -4.63 -82.85
C THR D 440 32.33 -4.50 -83.81
N ASP D 441 33.16 -3.49 -83.57
CA ASP D 441 34.30 -3.27 -84.44
C ASP D 441 35.23 -4.48 -84.47
N SER D 442 35.54 -5.02 -83.29
CA SER D 442 36.36 -6.22 -83.21
C SER D 442 35.60 -7.48 -83.61
N THR D 443 34.27 -7.45 -83.60
CA THR D 443 33.52 -8.53 -84.20
C THR D 443 33.97 -8.70 -85.64
N LYS D 444 33.64 -9.84 -86.23
CA LYS D 444 34.16 -10.20 -87.53
C LYS D 444 33.03 -10.40 -88.53
N LEU D 445 33.41 -10.48 -89.80
CA LEU D 445 32.43 -10.41 -90.87
C LEU D 445 31.45 -11.58 -90.83
N SER D 446 31.88 -12.73 -90.32
CA SER D 446 31.01 -13.90 -90.30
C SER D 446 29.75 -13.65 -89.48
N GLU D 447 29.90 -12.96 -88.35
CA GLU D 447 28.81 -12.85 -87.39
C GLU D 447 27.56 -12.22 -87.99
N VAL D 448 27.72 -11.36 -89.00
CA VAL D 448 26.59 -10.60 -89.53
C VAL D 448 26.31 -11.01 -90.98
N MET D 449 27.20 -11.79 -91.58
CA MET D 449 27.11 -12.10 -93.00
C MET D 449 25.70 -12.53 -93.39
N ALA D 450 25.04 -11.72 -94.22
CA ALA D 450 23.70 -12.08 -94.68
C ALA D 450 23.76 -13.29 -95.61
N GLY D 451 24.78 -13.36 -96.45
CA GLY D 451 25.08 -14.57 -97.17
C GLY D 451 26.04 -15.41 -96.36
N ASP D 452 25.64 -16.62 -96.02
CA ASP D 452 26.40 -17.44 -95.07
C ASP D 452 27.77 -17.84 -95.60
N SER D 453 28.17 -17.45 -96.79
CA SER D 453 29.51 -17.71 -97.30
C SER D 453 29.99 -16.49 -98.06
N LEU D 454 31.27 -16.16 -97.91
CA LEU D 454 31.86 -15.02 -98.59
C LEU D 454 32.26 -15.35 -100.03
N ASN D 455 32.07 -16.58 -100.47
CA ASN D 455 32.40 -16.95 -101.83
C ASN D 455 31.59 -16.11 -102.81
N GLY D 456 32.27 -15.65 -103.87
CA GLY D 456 31.67 -14.77 -104.84
C GLY D 456 31.41 -13.37 -104.31
N THR D 457 31.55 -13.18 -103.00
CA THR D 457 31.15 -11.91 -102.39
C THR D 457 32.13 -10.81 -102.77
N THR D 458 31.61 -9.64 -103.08
CA THR D 458 32.42 -8.51 -103.51
C THR D 458 31.69 -7.22 -103.19
N LEU D 459 32.46 -6.18 -102.83
CA LEU D 459 31.92 -4.87 -102.47
C LEU D 459 32.60 -3.79 -103.30
N ASN D 460 31.85 -2.74 -103.61
CA ASN D 460 32.37 -1.59 -104.35
C ASN D 460 31.96 -0.32 -103.62
N LEU D 461 32.91 0.60 -103.48
CA LEU D 461 32.79 1.69 -102.52
C LEU D 461 33.23 3.02 -103.12
N LYS D 462 32.56 4.09 -102.71
CA LYS D 462 32.92 5.46 -103.07
C LYS D 462 33.18 6.26 -101.81
N VAL D 463 34.25 7.07 -101.81
CA VAL D 463 34.58 7.91 -100.67
C VAL D 463 35.18 9.22 -101.15
N ASN D 464 35.06 10.22 -100.29
CA ASN D 464 35.83 11.45 -100.37
C ASN D 464 36.53 11.66 -99.05
N SER D 465 37.59 12.47 -99.06
CA SER D 465 38.42 12.66 -97.88
C SER D 465 38.15 14.02 -97.25
N LYS D 466 38.81 14.25 -96.11
CA LYS D 466 38.78 15.57 -95.50
C LYS D 466 39.49 16.59 -96.39
N GLY D 467 40.44 16.14 -97.21
CA GLY D 467 40.96 16.98 -98.26
C GLY D 467 40.02 17.18 -99.42
N GLY D 468 38.86 16.54 -99.39
CA GLY D 468 37.88 16.65 -100.45
C GLY D 468 38.13 15.75 -101.63
N ASN D 469 39.29 15.10 -101.69
CA ASN D 469 39.58 14.22 -102.81
C ASN D 469 38.81 12.91 -102.67
N SER D 470 38.51 12.29 -103.82
CA SER D 470 37.70 11.09 -103.88
C SER D 470 38.56 9.85 -103.71
N TYR D 471 37.98 8.81 -103.10
CA TYR D 471 38.72 7.58 -102.79
C TYR D 471 37.73 6.42 -102.87
N ASP D 472 37.71 5.73 -104.00
CA ASP D 472 36.74 4.69 -104.27
C ASP D 472 37.44 3.33 -104.36
N VAL D 473 36.76 2.28 -103.91
CA VAL D 473 37.42 1.01 -103.65
C VAL D 473 36.58 -0.15 -104.20
N THR D 474 37.25 -1.27 -104.48
CA THR D 474 36.62 -2.52 -104.87
C THR D 474 37.16 -3.62 -103.97
N ILE D 475 36.25 -4.42 -103.41
CA ILE D 475 36.61 -5.41 -102.40
C ILE D 475 35.97 -6.75 -102.71
N ASN D 476 36.79 -7.81 -102.80
CA ASN D 476 36.29 -9.17 -102.93
C ASN D 476 36.48 -9.90 -101.61
N LEU D 477 35.38 -10.19 -100.92
CA LEU D 477 35.44 -10.95 -99.68
C LEU D 477 35.64 -12.43 -99.93
N GLN D 478 35.40 -12.90 -101.16
CA GLN D 478 35.60 -14.29 -101.49
C GLN D 478 37.06 -14.71 -101.37
N THR D 479 37.98 -13.76 -101.38
CA THR D 479 39.41 -14.05 -101.33
C THR D 479 40.16 -13.24 -100.29
N SER D 480 39.47 -12.45 -99.48
CA SER D 480 40.12 -11.55 -98.52
C SER D 480 41.00 -10.53 -99.24
N THR D 481 40.44 -9.86 -100.25
CA THR D 481 41.22 -9.00 -101.13
C THR D 481 40.54 -7.65 -101.27
N VAL D 482 41.37 -6.61 -101.40
CA VAL D 482 40.92 -5.26 -101.69
C VAL D 482 41.69 -4.76 -102.90
N SER D 483 41.08 -3.84 -103.65
CA SER D 483 41.73 -3.22 -104.79
C SER D 483 41.33 -1.75 -104.87
N TYR D 484 42.24 -0.92 -105.37
CA TYR D 484 41.97 0.51 -105.47
C TYR D 484 42.87 1.10 -106.54
N PRO D 485 42.52 2.28 -107.09
CA PRO D 485 43.12 2.73 -108.36
C PRO D 485 44.38 3.58 -108.22
N ASP D 486 45.13 3.72 -109.30
CA ASP D 486 46.41 4.41 -109.18
C ASP D 486 46.45 5.80 -109.80
N PRO D 487 46.28 6.84 -108.98
CA PRO D 487 46.41 8.19 -109.49
C PRO D 487 47.88 8.56 -109.53
N ASN D 488 48.69 7.83 -108.78
CA ASN D 488 50.12 8.12 -108.73
C ASN D 488 50.65 7.92 -110.12
N ASN D 489 50.20 6.85 -110.78
CA ASN D 489 50.61 6.60 -112.15
C ASN D 489 49.45 7.05 -113.02
N PRO D 490 49.61 6.96 -114.35
CA PRO D 490 48.44 7.32 -115.16
C PRO D 490 47.26 6.47 -114.75
N GLY D 491 47.49 5.19 -114.53
CA GLY D 491 46.42 4.30 -114.09
C GLY D 491 46.94 2.94 -113.69
N GLN D 492 46.41 2.39 -112.61
CA GLN D 492 46.81 1.05 -112.17
C GLN D 492 45.90 0.56 -111.09
N THR D 493 45.74 -0.76 -110.98
CA THR D 493 44.96 -1.31 -109.89
C THR D 493 45.90 -1.53 -108.73
N ILE D 494 45.48 -1.15 -107.53
CA ILE D 494 46.32 -1.31 -106.35
C ILE D 494 45.54 -2.13 -105.35
N SER D 495 46.17 -3.16 -104.79
CA SER D 495 45.42 -4.16 -104.05
C SER D 495 46.06 -4.43 -102.70
N PHE D 496 45.21 -4.82 -101.74
CA PHE D 496 45.60 -5.25 -100.41
C PHE D 496 44.71 -6.38 -99.92
N PRO D 497 45.23 -7.59 -99.71
CA PRO D 497 44.49 -8.56 -98.89
C PRO D 497 44.74 -8.34 -97.41
N ILE D 498 43.74 -8.64 -96.57
CA ILE D 498 43.72 -8.15 -95.20
C ILE D 498 44.64 -8.99 -94.33
N MET D 499 45.06 -8.41 -93.20
CA MET D 499 46.28 -8.85 -92.53
C MET D 499 46.09 -8.74 -91.02
N HIS D 500 47.00 -9.35 -90.26
CA HIS D 500 47.15 -9.02 -88.84
C HIS D 500 48.57 -9.36 -88.42
N THR D 501 48.81 -9.26 -87.10
CA THR D 501 50.15 -9.49 -86.56
C THR D 501 50.53 -10.95 -86.65
N ASN D 502 49.74 -11.82 -85.99
CA ASN D 502 50.06 -13.22 -85.79
C ASN D 502 51.37 -13.37 -85.04
N PRO D 503 51.46 -14.29 -84.08
CA PRO D 503 52.78 -14.63 -83.52
C PRO D 503 53.73 -15.19 -84.57
N ALA D 504 53.21 -15.73 -85.67
CA ALA D 504 54.07 -16.25 -86.72
C ALA D 504 55.11 -15.23 -87.14
N THR D 505 54.70 -13.97 -87.31
CA THR D 505 55.66 -12.93 -87.65
C THR D 505 56.59 -12.60 -86.50
N GLY D 506 56.19 -12.87 -85.26
CA GLY D 506 56.97 -12.43 -84.11
C GLY D 506 56.82 -10.93 -83.98
N ASN D 507 57.19 -10.25 -85.07
CA ASN D 507 56.71 -8.92 -85.38
C ASN D 507 55.28 -9.10 -85.89
N SER D 508 54.75 -8.12 -86.61
CA SER D 508 53.37 -8.20 -87.09
C SER D 508 53.37 -8.30 -88.60
N GLY D 509 52.26 -8.75 -89.19
CA GLY D 509 52.16 -8.82 -90.63
C GLY D 509 51.70 -10.10 -91.31
N VAL D 510 50.98 -10.99 -90.61
CA VAL D 510 50.48 -12.22 -91.22
C VAL D 510 48.95 -12.20 -91.27
N VAL D 511 48.41 -12.88 -92.29
CA VAL D 511 47.06 -12.70 -92.81
C VAL D 511 45.96 -13.05 -91.82
N THR D 512 44.79 -12.42 -92.01
CA THR D 512 43.54 -12.83 -91.39
C THR D 512 42.58 -13.33 -92.46
N GLY D 513 41.81 -14.38 -92.14
CA GLY D 513 40.82 -14.86 -93.07
C GLY D 513 39.70 -13.86 -93.28
N SER D 514 39.05 -13.95 -94.45
CA SER D 514 38.05 -12.95 -94.81
C SER D 514 36.98 -12.83 -93.73
N ASN D 515 36.37 -13.95 -93.34
CA ASN D 515 35.44 -13.91 -92.21
C ASN D 515 36.14 -13.52 -90.93
N ASP D 516 37.37 -14.00 -90.71
CA ASP D 516 38.10 -13.67 -89.50
C ASP D 516 38.37 -12.18 -89.39
N ILE D 517 38.30 -11.44 -90.49
CA ILE D 517 38.56 -10.01 -90.47
C ILE D 517 37.60 -9.36 -89.49
N THR D 518 38.15 -8.61 -88.53
CA THR D 518 37.31 -7.74 -87.71
C THR D 518 36.76 -6.61 -88.58
N TYR D 519 35.55 -6.15 -88.23
CA TYR D 519 35.07 -4.92 -88.83
C TYR D 519 36.03 -3.78 -88.56
N GLY D 520 36.72 -3.83 -87.42
CA GLY D 520 37.67 -2.79 -87.08
C GLY D 520 38.82 -2.67 -88.06
N GLN D 521 39.32 -3.80 -88.54
CA GLN D 521 40.42 -3.76 -89.51
C GLN D 521 40.08 -2.85 -90.68
N ILE D 522 38.87 -2.98 -91.22
CA ILE D 522 38.46 -2.12 -92.32
C ILE D 522 38.17 -0.72 -91.83
N ASN D 523 37.69 -0.57 -90.59
CA ASN D 523 37.23 0.72 -90.11
C ASN D 523 38.32 1.78 -90.25
N ASP D 524 39.51 1.51 -89.72
CA ASP D 524 40.58 2.49 -89.84
C ASP D 524 41.17 2.51 -91.23
N ILE D 525 41.07 1.39 -91.96
CA ILE D 525 41.52 1.38 -93.35
C ILE D 525 40.76 2.42 -94.16
N ILE D 526 39.44 2.45 -94.01
CA ILE D 526 38.64 3.45 -94.69
C ILE D 526 38.89 4.82 -94.07
N GLY D 527 39.15 4.87 -92.77
CA GLY D 527 39.54 6.12 -92.14
C GLY D 527 40.79 6.72 -92.76
N MET D 528 41.69 5.86 -93.24
CA MET D 528 42.84 6.34 -94.00
C MET D 528 42.39 7.05 -95.28
N PHE D 529 41.38 6.52 -95.96
CA PHE D 529 40.91 7.15 -97.18
C PHE D 529 40.31 8.52 -96.89
N ALA D 530 39.56 8.63 -95.80
CA ALA D 530 39.19 9.95 -95.30
C ALA D 530 40.43 10.78 -95.01
N ALA D 531 41.53 10.12 -94.64
CA ALA D 531 42.82 10.77 -94.47
C ALA D 531 43.62 10.83 -95.77
N ASP D 532 42.93 10.80 -96.91
CA ASP D 532 43.54 11.11 -98.20
C ASP D 532 44.66 10.19 -98.63
N LYS D 533 44.35 8.92 -98.93
CA LYS D 533 45.39 7.99 -99.37
C LYS D 533 44.87 7.01 -100.40
N ILE D 534 45.55 6.94 -101.55
CA ILE D 534 45.54 5.77 -102.43
C ILE D 534 46.89 5.70 -103.17
N PRO D 535 47.99 5.51 -102.46
CA PRO D 535 49.28 5.40 -103.13
C PRO D 535 49.34 4.14 -103.99
N THR D 536 50.22 4.17 -104.98
CA THR D 536 50.43 3.07 -105.93
C THR D 536 51.05 1.84 -105.28
N THR D 537 51.22 1.86 -103.95
CA THR D 537 51.96 0.83 -103.24
C THR D 537 51.18 -0.47 -103.09
N THR D 538 51.17 -1.30 -104.13
CA THR D 538 50.89 -2.71 -103.95
C THR D 538 52.16 -3.39 -103.46
N ILE D 539 52.13 -3.93 -102.25
CA ILE D 539 53.34 -4.37 -101.57
C ILE D 539 53.20 -5.85 -101.22
N GLN D 540 54.34 -6.53 -101.15
CA GLN D 540 54.38 -7.98 -101.20
C GLN D 540 53.92 -8.59 -99.87
N ALA D 541 52.81 -9.32 -99.91
CA ALA D 541 52.42 -10.19 -98.81
C ALA D 541 53.02 -11.57 -99.04
N ASN D 542 54.31 -11.68 -98.72
CA ASN D 542 55.07 -12.88 -99.01
C ASN D 542 54.38 -14.08 -98.39
N ASN D 543 53.81 -14.95 -99.22
CA ASN D 543 53.11 -16.15 -98.79
C ASN D 543 52.01 -15.81 -97.79
N GLY D 544 51.61 -14.54 -97.75
CA GLY D 544 50.73 -14.02 -96.72
C GLY D 544 51.44 -13.17 -95.69
N GLN D 545 52.77 -13.21 -95.65
CA GLN D 545 53.54 -12.39 -94.73
C GLN D 545 53.98 -11.13 -95.45
N ILE D 546 53.37 -10.00 -95.10
CA ILE D 546 53.97 -8.71 -95.40
C ILE D 546 55.07 -8.44 -94.38
N ASN D 547 56.15 -7.81 -94.83
CA ASN D 547 57.20 -7.42 -93.91
C ASN D 547 56.64 -6.46 -92.86
N ASN D 548 57.06 -6.66 -91.62
CA ASN D 548 56.56 -5.81 -90.55
C ASN D 548 56.75 -4.34 -90.86
N ALA D 549 57.84 -4.00 -91.56
CA ALA D 549 58.00 -2.63 -92.03
C ALA D 549 56.85 -2.24 -92.94
N ASP D 550 56.44 -3.13 -93.83
CA ASP D 550 55.22 -2.88 -94.62
C ASP D 550 54.03 -2.74 -93.70
N TYR D 551 53.90 -3.65 -92.73
CA TYR D 551 52.92 -3.48 -91.68
C TYR D 551 53.10 -2.14 -90.98
N THR D 552 54.36 -1.75 -90.75
CA THR D 552 54.62 -0.52 -90.01
C THR D 552 54.27 0.71 -90.84
N GLN D 553 54.86 0.82 -92.04
CA GLN D 553 54.61 2.00 -92.87
C GLN D 553 53.12 2.22 -93.06
N ILE D 554 52.40 1.16 -93.40
CA ILE D 554 50.94 1.25 -93.50
C ILE D 554 50.37 1.73 -92.17
N GLN D 555 50.87 1.17 -91.06
CA GLN D 555 50.30 1.48 -89.76
C GLN D 555 50.45 2.95 -89.41
N GLN D 556 51.54 3.57 -89.84
CA GLN D 556 51.64 5.01 -89.64
C GLN D 556 50.56 5.73 -90.42
N LEU D 557 50.39 5.35 -91.69
CA LEU D 557 49.28 5.89 -92.47
C LEU D 557 47.95 5.60 -91.79
N MET D 558 47.85 4.47 -91.09
CA MET D 558 46.71 4.25 -90.20
C MET D 558 46.65 5.33 -89.14
N LYS D 559 47.79 5.65 -88.53
CA LYS D 559 47.77 6.62 -87.44
C LYS D 559 47.44 8.02 -87.93
N ASP D 560 47.54 8.25 -89.25
CA ASP D 560 46.98 9.47 -89.80
C ASP D 560 45.47 9.49 -89.61
N SER D 561 44.81 8.37 -89.88
CA SER D 561 43.39 8.24 -89.60
C SER D 561 43.13 8.35 -88.10
N GLN D 562 43.94 7.67 -87.30
CA GLN D 562 43.81 7.81 -85.84
C GLN D 562 44.08 9.25 -85.42
N ALA D 563 44.93 9.95 -86.16
CA ALA D 563 45.22 11.35 -85.87
C ALA D 563 44.19 12.30 -86.46
N THR D 564 43.35 11.83 -87.38
CA THR D 564 42.42 12.72 -88.07
C THR D 564 40.99 12.22 -88.15
N VAL D 565 40.73 10.93 -87.94
CA VAL D 565 39.38 10.38 -88.11
C VAL D 565 39.04 9.53 -86.89
N ASP D 566 37.75 9.52 -86.55
CA ASP D 566 37.23 8.67 -85.49
C ASP D 566 36.08 7.83 -86.06
N VAL D 567 36.08 6.55 -85.69
CA VAL D 567 35.17 5.57 -86.27
C VAL D 567 34.70 4.62 -85.19
N SER D 568 33.49 4.11 -85.36
CA SER D 568 32.95 3.11 -84.44
C SER D 568 31.69 2.50 -85.05
N MET D 569 31.37 1.28 -84.59
CA MET D 569 30.12 0.62 -84.94
C MET D 569 29.32 0.37 -83.67
N ASP D 570 28.03 0.69 -83.72
CA ASP D 570 27.22 0.84 -82.53
C ASP D 570 26.84 -0.50 -81.92
N TYR D 571 26.45 -0.46 -80.64
CA TYR D 571 26.00 -1.65 -79.93
C TYR D 571 24.78 -2.28 -80.58
N LYS D 572 23.93 -1.48 -81.24
CA LYS D 572 22.97 -2.01 -82.19
C LYS D 572 23.57 -2.11 -83.58
N GLY D 573 24.89 -2.28 -83.68
CA GLY D 573 25.52 -2.52 -84.96
C GLY D 573 25.52 -1.34 -85.90
N ARG D 574 24.92 -0.22 -85.53
CA ARG D 574 24.89 0.93 -86.42
C ARG D 574 26.29 1.50 -86.57
N ILE D 575 26.42 2.52 -87.42
CA ILE D 575 27.72 2.96 -87.93
C ILE D 575 27.88 4.45 -87.69
N SER D 576 29.13 4.88 -87.49
CA SER D 576 29.45 6.29 -87.33
C SER D 576 30.91 6.54 -87.72
N VAL D 577 31.15 7.65 -88.41
CA VAL D 577 32.50 8.12 -88.70
C VAL D 577 32.56 9.59 -88.33
N THR D 578 33.66 9.98 -87.70
CA THR D 578 33.72 11.28 -87.05
C THR D 578 35.02 11.99 -87.42
N ASP D 579 34.96 13.31 -87.47
CA ASP D 579 36.12 14.16 -87.68
C ASP D 579 36.39 14.91 -86.39
N LYS D 580 37.67 15.08 -86.05
CA LYS D 580 38.05 15.40 -84.69
C LYS D 580 37.95 16.88 -84.36
N LEU D 581 38.24 17.78 -85.30
CA LEU D 581 38.37 19.20 -84.99
C LEU D 581 37.51 20.06 -85.89
N SER D 582 36.31 19.62 -86.22
CA SER D 582 35.44 20.36 -87.13
C SER D 582 33.99 20.17 -86.72
N SER D 583 33.15 21.11 -87.15
CA SER D 583 31.71 20.93 -87.13
C SER D 583 31.17 20.50 -88.49
N GLY D 584 32.06 20.24 -89.45
CA GLY D 584 31.68 19.83 -90.79
C GLY D 584 32.91 19.46 -91.60
N THR D 585 32.78 18.49 -92.50
CA THR D 585 33.92 18.00 -93.25
C THR D 585 33.48 17.60 -94.67
N ASN D 586 34.47 17.22 -95.47
CA ASN D 586 34.32 17.15 -96.93
C ASN D 586 34.14 15.74 -97.45
N ILE D 587 33.44 14.87 -96.73
CA ILE D 587 33.41 13.44 -97.02
C ILE D 587 31.99 13.04 -97.42
N GLU D 588 31.89 12.30 -98.54
CA GLU D 588 30.65 11.69 -99.00
C GLU D 588 30.95 10.27 -99.46
N ILE D 589 30.03 9.35 -99.19
CA ILE D 589 30.28 7.93 -99.38
C ILE D 589 29.00 7.23 -99.86
N SER D 590 29.17 6.26 -100.76
CA SER D 590 28.11 5.35 -101.15
C SER D 590 28.72 3.97 -101.41
N LEU D 591 27.90 2.93 -101.26
CA LEU D 591 28.39 1.56 -101.32
C LEU D 591 27.46 0.71 -102.19
N SER D 592 28.06 -0.26 -102.88
CA SER D 592 27.32 -1.26 -103.63
C SER D 592 27.89 -2.63 -103.35
N ASP D 593 27.01 -3.58 -103.03
CA ASP D 593 27.38 -4.97 -102.84
C ASP D 593 26.89 -5.79 -104.03
N SER D 594 27.44 -6.99 -104.17
CA SER D 594 27.10 -7.90 -105.25
C SER D 594 25.62 -7.87 -105.59
N GLN D 595 24.76 -7.65 -104.60
CA GLN D 595 23.33 -7.59 -104.80
C GLN D 595 22.68 -6.44 -104.06
N SER D 596 23.48 -5.49 -103.56
CA SER D 596 22.99 -4.22 -103.04
C SER D 596 23.59 -3.12 -103.90
N GLY D 597 22.73 -2.31 -104.51
CA GLY D 597 23.15 -1.47 -105.61
C GLY D 597 23.27 -2.29 -106.87
N GLN D 598 22.80 -3.53 -106.82
CA GLN D 598 22.74 -4.36 -108.00
C GLN D 598 21.30 -4.84 -108.02
N PHE D 599 20.84 -5.47 -109.09
CA PHE D 599 19.42 -5.84 -109.18
C PHE D 599 19.14 -7.30 -109.51
N PRO D 600 17.91 -7.75 -109.24
CA PRO D 600 17.56 -9.14 -109.56
C PRO D 600 17.63 -9.35 -111.06
N ALA D 601 18.07 -10.52 -111.49
CA ALA D 601 18.23 -10.78 -112.91
C ALA D 601 16.97 -10.50 -113.72
N PRO D 602 17.12 -9.89 -114.90
CA PRO D 602 15.94 -9.65 -115.78
C PRO D 602 15.03 -10.80 -116.28
N PRO D 603 15.57 -12.03 -116.41
CA PRO D 603 14.75 -13.05 -117.06
C PRO D 603 13.80 -13.68 -116.07
N PHE D 604 12.52 -13.79 -116.41
CA PHE D 604 11.53 -14.39 -115.52
C PHE D 604 10.19 -14.48 -116.23
N THR D 605 9.12 -14.73 -115.48
CA THR D 605 7.79 -14.84 -116.07
C THR D 605 6.74 -14.56 -115.01
N THR D 606 5.46 -14.77 -115.32
CA THR D 606 4.42 -14.59 -114.31
C THR D 606 4.91 -15.34 -113.10
N THR D 607 5.61 -16.44 -113.32
CA THR D 607 6.21 -17.16 -112.21
C THR D 607 7.47 -16.44 -111.78
N SER D 608 7.61 -16.18 -110.49
CA SER D 608 8.76 -15.43 -110.01
C SER D 608 10.07 -16.21 -110.13
N THR D 609 11.17 -15.50 -110.30
CA THR D 609 12.48 -16.14 -110.40
C THR D 609 13.27 -15.94 -109.13
N VAL D 610 14.39 -16.63 -109.02
CA VAL D 610 15.19 -16.55 -107.81
C VAL D 610 16.43 -15.71 -107.97
N GLN D 611 16.55 -14.66 -107.17
CA GLN D 611 17.76 -13.86 -107.19
C GLN D 611 18.30 -13.73 -105.77
N ASN D 612 19.62 -13.63 -105.65
CA ASN D 612 20.31 -13.90 -104.41
C ASN D 612 20.34 -12.69 -103.50
N GLY D 613 20.26 -12.96 -102.20
CA GLY D 613 20.28 -11.92 -101.20
C GLY D 613 21.67 -11.33 -100.99
N PRO D 614 21.73 -10.04 -100.64
CA PRO D 614 23.01 -9.41 -100.36
C PRO D 614 23.83 -10.16 -99.33
N ASN D 615 25.01 -9.63 -98.97
CA ASN D 615 25.71 -10.10 -97.76
C ASN D 615 25.81 -9.02 -96.69
N PHE D 616 26.10 -7.77 -97.06
CA PHE D 616 26.08 -6.67 -96.11
C PHE D 616 25.64 -5.39 -96.80
N SER D 617 25.10 -4.48 -96.00
CA SER D 617 24.92 -3.08 -96.37
C SER D 617 24.83 -2.28 -95.07
N PHE D 618 25.16 -0.99 -95.16
CA PHE D 618 25.36 -0.21 -93.96
C PHE D 618 24.60 1.11 -93.95
N SER D 619 24.11 1.57 -95.10
CA SER D 619 23.07 2.59 -95.17
C SER D 619 21.97 2.05 -96.08
N ALA D 620 20.72 2.23 -95.67
CA ALA D 620 19.60 1.58 -96.34
C ALA D 620 18.44 2.54 -96.48
N ASN D 621 17.68 2.35 -97.57
CA ASN D 621 16.40 3.02 -97.78
C ASN D 621 15.31 2.03 -97.41
N ASN D 622 14.84 2.13 -96.16
CA ASN D 622 13.97 1.11 -95.59
C ASN D 622 12.55 1.63 -95.41
N SER D 623 11.68 0.72 -94.97
CA SER D 623 10.26 1.01 -94.77
C SER D 623 10.03 1.73 -93.45
N LEU D 624 8.76 1.91 -93.09
CA LEU D 624 8.39 2.55 -91.83
C LEU D 624 8.09 1.45 -90.82
N THR D 625 9.03 1.21 -89.92
CA THR D 625 8.91 0.15 -88.93
C THR D 625 8.74 0.76 -87.55
N ILE D 626 7.60 0.47 -86.92
CA ILE D 626 7.45 0.81 -85.50
C ILE D 626 6.99 -0.41 -84.74
N ASP D 627 7.96 -1.24 -84.35
CA ASP D 627 7.85 -2.22 -83.27
C ASP D 627 9.17 -2.97 -83.26
N GLU D 628 9.54 -3.51 -82.10
CA GLU D 628 10.77 -4.27 -82.01
C GLU D 628 10.83 -4.96 -80.67
N PRO D 629 11.55 -6.08 -80.58
CA PRO D 629 11.84 -6.66 -79.26
C PRO D 629 12.84 -5.86 -78.46
N ASN D 630 13.46 -4.84 -79.05
CA ASN D 630 14.52 -4.09 -78.39
C ASN D 630 13.99 -2.77 -77.84
N VAL D 631 14.86 -2.03 -77.13
CA VAL D 631 14.41 -0.79 -76.50
C VAL D 631 15.18 0.42 -77.00
N ASP D 632 14.48 1.37 -77.61
CA ASP D 632 15.11 2.59 -78.10
C ASP D 632 14.41 3.78 -77.47
N ILE D 633 15.16 4.75 -76.97
CA ILE D 633 14.58 5.89 -76.27
C ILE D 633 15.12 7.21 -76.78
N ILE D 634 14.45 8.32 -76.46
CA ILE D 634 14.88 9.66 -76.88
C ILE D 634 14.54 9.93 -78.34
N LYS D 635 15.16 9.19 -79.26
CA LYS D 635 14.87 9.35 -80.67
C LYS D 635 13.44 8.97 -80.93
N ASP D 636 13.00 7.87 -80.32
CA ASP D 636 11.64 7.41 -80.51
C ASP D 636 10.67 8.48 -80.08
N LEU D 637 11.05 9.23 -79.05
CA LEU D 637 10.16 10.25 -78.52
C LEU D 637 10.21 11.49 -79.38
N ASP D 638 11.40 11.85 -79.84
CA ASP D 638 11.54 13.10 -80.59
C ASP D 638 10.78 13.04 -81.91
N SER D 639 10.91 11.93 -82.63
CA SER D 639 10.23 11.79 -83.91
C SER D 639 8.72 11.80 -83.72
N MET D 640 8.23 11.14 -82.67
CA MET D 640 6.79 11.07 -82.45
C MET D 640 6.19 12.47 -82.29
N ILE D 641 6.84 13.32 -81.50
CA ILE D 641 6.30 14.65 -81.24
C ILE D 641 6.27 15.48 -82.52
N ASP D 642 7.25 15.25 -83.41
CA ASP D 642 7.29 15.99 -84.67
C ASP D 642 6.01 15.77 -85.46
N ALA D 643 5.66 14.51 -85.72
CA ALA D 643 4.42 14.21 -86.43
C ALA D 643 3.23 14.68 -85.61
N VAL D 644 3.35 14.64 -84.28
CA VAL D 644 2.25 15.11 -83.44
C VAL D 644 1.95 16.55 -83.75
N LEU D 645 2.98 17.37 -83.89
CA LEU D 645 2.78 18.79 -84.14
C LEU D 645 2.05 18.99 -85.47
N LYS D 646 2.42 18.21 -86.49
CA LYS D 646 1.66 18.25 -87.74
C LYS D 646 0.25 17.72 -87.55
N GLY D 647 0.07 16.77 -86.64
CA GLY D 647 -1.10 15.92 -86.70
C GLY D 647 -1.00 14.95 -87.87
N ASN D 648 0.18 14.35 -88.07
CA ASN D 648 0.44 13.53 -89.25
C ASN D 648 -0.28 12.20 -89.14
N MET D 649 -1.61 12.24 -89.21
CA MET D 649 -2.42 11.03 -89.19
C MET D 649 -2.09 10.09 -90.34
N ARG D 650 -1.72 10.62 -91.50
CA ARG D 650 -1.22 9.81 -92.61
C ARG D 650 0.00 10.48 -93.17
N ALA D 651 1.11 9.74 -93.25
CA ALA D 651 2.32 10.24 -93.88
C ALA D 651 2.51 9.52 -95.21
N ASP D 652 2.18 10.19 -96.30
CA ASP D 652 2.60 9.72 -97.61
C ASP D 652 4.12 9.74 -97.67
N SER D 653 4.68 9.14 -98.71
CA SER D 653 6.14 9.04 -98.78
C SER D 653 6.80 10.39 -98.98
N GLU D 654 6.04 11.44 -99.28
CA GLU D 654 6.57 12.79 -99.38
C GLU D 654 5.93 13.75 -98.39
N SER D 655 5.19 13.25 -97.40
CA SER D 655 4.40 14.10 -96.52
C SER D 655 5.29 15.06 -95.75
N GLU D 656 4.68 15.99 -95.01
CA GLU D 656 5.43 17.02 -94.31
C GLU D 656 6.49 16.40 -93.40
N ASN D 657 6.25 15.19 -92.92
CA ASN D 657 7.32 14.30 -92.47
C ASN D 657 7.21 13.04 -93.33
N PRO D 658 8.03 12.93 -94.37
CA PRO D 658 7.83 11.83 -95.34
C PRO D 658 8.00 10.44 -94.76
N ARG D 659 8.39 10.32 -93.49
CA ARG D 659 8.60 9.00 -92.89
C ARG D 659 8.08 8.95 -91.46
N ASN D 660 6.97 9.63 -91.16
CA ASN D 660 6.48 9.65 -89.78
C ASN D 660 4.96 9.87 -89.78
N THR D 661 4.22 8.76 -89.68
CA THR D 661 2.81 8.80 -89.29
C THR D 661 2.72 8.46 -87.81
N GLY D 662 3.30 9.30 -86.96
CA GLY D 662 3.57 8.89 -85.59
C GLY D 662 2.35 8.54 -84.77
N MET D 663 1.18 9.07 -85.14
CA MET D 663 0.03 8.97 -84.24
C MET D 663 -0.32 7.52 -83.94
N GLN D 664 -0.30 6.65 -84.96
CA GLN D 664 -0.62 5.25 -84.72
C GLN D 664 0.50 4.55 -83.96
N GLY D 665 1.75 4.79 -84.39
CA GLY D 665 2.88 4.28 -83.63
C GLY D 665 2.96 4.85 -82.24
N ALA D 666 2.51 6.11 -82.07
CA ALA D 666 2.52 6.72 -80.75
C ALA D 666 1.73 5.88 -79.76
N LEU D 667 0.51 5.51 -80.11
CA LEU D 667 -0.32 4.71 -79.21
C LEU D 667 0.27 3.31 -79.03
N GLU D 668 0.74 2.70 -80.12
CA GLU D 668 1.21 1.32 -80.05
C GLU D 668 2.45 1.20 -79.16
N ARG D 669 3.48 2.00 -79.44
CA ARG D 669 4.75 1.80 -78.76
C ARG D 669 4.67 2.15 -77.28
N LEU D 670 3.78 3.07 -76.90
CA LEU D 670 3.62 3.41 -75.50
C LEU D 670 3.18 2.20 -74.69
N ASP D 671 2.29 1.38 -75.25
CA ASP D 671 1.97 0.11 -74.60
C ASP D 671 3.22 -0.74 -74.46
N HIS D 672 4.05 -0.80 -75.50
CA HIS D 672 5.31 -1.51 -75.38
C HIS D 672 6.15 -0.94 -74.25
N LEU D 673 6.30 0.39 -74.20
CA LEU D 673 7.10 1.00 -73.15
C LEU D 673 6.46 0.81 -71.79
N ALA D 674 5.17 1.14 -71.68
CA ALA D 674 4.47 0.90 -70.43
C ALA D 674 4.57 -0.56 -70.02
N ASP D 675 4.43 -1.47 -71.00
CA ASP D 675 4.61 -2.88 -70.71
C ASP D 675 6.02 -3.16 -70.20
N HIS D 676 7.02 -2.62 -70.90
CA HIS D 676 8.41 -2.86 -70.50
C HIS D 676 8.66 -2.33 -69.09
N VAL D 677 8.21 -1.10 -68.81
CA VAL D 677 8.45 -0.53 -67.49
C VAL D 677 7.63 -1.26 -66.44
N SER D 678 6.35 -1.49 -66.70
CA SER D 678 5.51 -2.18 -65.73
C SER D 678 6.02 -3.59 -65.45
N LYS D 679 6.45 -4.30 -66.50
CA LYS D 679 7.08 -5.59 -66.29
C LYS D 679 8.22 -5.50 -65.29
N LEU D 680 9.13 -4.56 -65.53
CA LEU D 680 10.26 -4.38 -64.63
C LEU D 680 9.79 -3.95 -63.25
N ASN D 681 8.74 -3.14 -63.19
CA ASN D 681 8.23 -2.65 -61.90
C ASN D 681 7.90 -3.81 -60.98
N THR D 682 7.15 -4.80 -61.48
CA THR D 682 6.82 -5.96 -60.67
C THR D 682 8.08 -6.71 -60.26
N THR D 683 9.01 -6.89 -61.21
CA THR D 683 10.23 -7.62 -60.91
C THR D 683 11.02 -6.95 -59.80
N MET D 684 11.11 -5.61 -59.84
CA MET D 684 11.82 -4.90 -58.79
C MET D 684 11.19 -5.18 -57.43
N GLY D 685 9.87 -5.17 -57.35
CA GLY D 685 9.21 -5.55 -56.12
C GLY D 685 9.55 -6.97 -55.72
N ALA D 686 9.67 -7.86 -56.70
CA ALA D 686 9.99 -9.26 -56.39
C ALA D 686 11.29 -9.36 -55.61
N TYR D 687 12.27 -8.52 -55.95
CA TYR D 687 13.49 -8.45 -55.15
C TYR D 687 13.16 -8.16 -53.70
N HIS D 688 12.33 -7.14 -53.47
CA HIS D 688 12.13 -6.62 -52.12
C HIS D 688 11.63 -7.71 -51.17
N ASN D 689 10.56 -8.39 -51.54
CA ASN D 689 9.97 -9.38 -50.64
C ASN D 689 10.98 -10.49 -50.34
N THR D 690 11.68 -10.98 -51.35
CA THR D 690 12.74 -11.94 -51.10
C THR D 690 13.79 -11.36 -50.18
N ILE D 691 14.19 -10.10 -50.41
CA ILE D 691 15.05 -9.41 -49.47
C ILE D 691 14.37 -9.32 -48.11
N GLU D 692 13.09 -8.95 -48.11
CA GLU D 692 12.34 -8.87 -46.86
C GLU D 692 12.35 -10.22 -46.15
N GLY D 693 12.07 -11.30 -46.87
CA GLY D 693 12.11 -12.61 -46.27
C GLY D 693 13.49 -12.99 -45.77
N VAL D 694 14.52 -12.65 -46.54
CA VAL D 694 15.88 -13.00 -46.15
C VAL D 694 16.22 -12.33 -44.81
N ASN D 695 15.89 -11.05 -44.68
CA ASN D 695 16.08 -10.40 -43.39
C ASN D 695 15.22 -11.06 -42.32
N THR D 696 13.99 -11.44 -42.69
CA THR D 696 13.11 -12.08 -41.72
C THR D 696 13.72 -13.37 -41.19
N ARG D 697 14.13 -14.27 -42.10
CA ARG D 697 14.80 -15.48 -41.65
C ARG D 697 16.12 -15.13 -40.94
N THR D 698 16.86 -14.18 -41.50
CA THR D 698 18.05 -13.70 -40.80
C THR D 698 17.70 -13.28 -39.39
N SER D 699 16.64 -12.49 -39.23
CA SER D 699 16.24 -12.05 -37.91
C SER D 699 15.90 -13.23 -37.01
N PHE D 700 15.00 -14.11 -37.47
CA PHE D 700 14.56 -15.22 -36.65
C PHE D 700 15.73 -16.10 -36.25
N LEU D 701 16.55 -16.50 -37.22
CA LEU D 701 17.68 -17.38 -36.94
C LEU D 701 18.51 -16.83 -35.80
N SER D 702 18.74 -15.52 -35.80
CA SER D 702 19.47 -14.89 -34.70
C SER D 702 18.73 -15.06 -33.38
N VAL D 703 17.40 -14.97 -33.40
CA VAL D 703 16.64 -15.10 -32.17
C VAL D 703 16.97 -16.41 -31.47
N ASN D 704 17.02 -17.50 -32.23
CA ASN D 704 17.36 -18.79 -31.63
C ASN D 704 18.76 -18.76 -31.04
N VAL D 705 19.71 -18.16 -31.77
CA VAL D 705 21.09 -18.14 -31.30
C VAL D 705 21.20 -17.37 -29.98
N GLN D 706 20.55 -16.21 -29.90
CA GLN D 706 20.58 -15.43 -28.67
C GLN D 706 20.06 -16.25 -27.51
N SER D 707 18.89 -16.86 -27.67
CA SER D 707 18.38 -17.75 -26.64
C SER D 707 19.34 -18.91 -26.41
N ILE D 708 19.88 -19.46 -27.49
CA ILE D 708 20.84 -20.56 -27.37
C ILE D 708 22.09 -20.08 -26.66
N LYS D 709 22.51 -18.84 -26.93
CA LYS D 709 23.64 -18.29 -26.19
C LYS D 709 23.34 -18.25 -24.70
N SER D 710 22.13 -17.85 -24.32
CA SER D 710 21.73 -17.93 -22.92
C SER D 710 21.86 -19.36 -22.41
N ASN D 711 21.36 -20.32 -23.20
CA ASN D 711 21.52 -21.73 -22.83
C ASN D 711 22.99 -22.06 -22.62
N VAL D 712 23.87 -21.46 -23.42
CA VAL D 712 25.29 -21.78 -23.34
C VAL D 712 25.88 -21.34 -22.00
N ILE D 713 25.43 -20.18 -21.50
CA ILE D 713 26.20 -19.51 -20.45
C ILE D 713 25.48 -19.56 -19.11
N ASP D 714 24.15 -19.65 -19.10
CA ASP D 714 23.40 -19.51 -17.86
C ASP D 714 23.63 -20.70 -16.93
N VAL D 715 23.58 -20.43 -15.63
CA VAL D 715 23.72 -21.44 -14.59
C VAL D 715 22.65 -21.22 -13.53
N ASP D 716 22.35 -22.29 -12.80
CA ASP D 716 21.35 -22.23 -11.74
C ASP D 716 21.91 -21.50 -10.52
N TYR D 717 21.17 -20.50 -10.03
CA TYR D 717 21.55 -19.85 -8.79
C TYR D 717 21.51 -20.82 -7.62
N GLY D 718 20.38 -21.51 -7.44
CA GLY D 718 20.24 -22.39 -6.29
C GLY D 718 21.28 -23.49 -6.27
N GLU D 719 21.64 -24.02 -7.44
CA GLU D 719 22.64 -25.07 -7.50
C GLU D 719 23.92 -24.66 -6.81
N ALA D 720 24.46 -23.49 -7.17
CA ALA D 720 25.67 -23.00 -6.51
C ALA D 720 25.41 -22.65 -5.05
N MET D 721 24.29 -21.98 -4.77
CA MET D 721 24.02 -21.53 -3.42
C MET D 721 23.94 -22.70 -2.45
N MET D 722 23.23 -23.77 -2.83
CA MET D 722 23.19 -24.94 -1.98
C MET D 722 24.58 -25.38 -1.60
N ASN D 723 25.48 -25.46 -2.58
CA ASN D 723 26.88 -25.79 -2.28
C ASN D 723 27.50 -24.71 -1.41
N LEU D 724 27.36 -23.45 -1.82
CA LEU D 724 27.82 -22.36 -0.96
C LEU D 724 27.24 -22.45 0.44
N MET D 725 25.93 -22.65 0.55
CA MET D 725 25.29 -22.64 1.85
C MET D 725 25.81 -23.78 2.73
N GLN D 726 25.86 -24.98 2.17
CA GLN D 726 26.28 -26.14 2.98
C GLN D 726 27.76 -26.06 3.36
N VAL D 727 28.64 -25.70 2.42
CA VAL D 727 30.05 -25.62 2.76
C VAL D 727 30.29 -24.53 3.79
N GLN D 728 29.54 -23.43 3.70
CA GLN D 728 29.64 -22.38 4.70
C GLN D 728 29.29 -22.92 6.08
N LEU D 729 28.42 -23.93 6.15
CA LEU D 729 28.12 -24.55 7.43
C LEU D 729 29.36 -25.17 8.04
N ALA D 730 30.13 -25.91 7.24
CA ALA D 730 31.43 -26.39 7.72
C ALA D 730 32.33 -25.20 8.03
N TYR D 731 32.21 -24.13 7.25
CA TYR D 731 33.04 -22.96 7.49
C TYR D 731 32.76 -22.36 8.86
N GLN D 732 31.49 -22.10 9.16
CA GLN D 732 31.14 -21.58 10.47
C GLN D 732 31.38 -22.60 11.56
N ALA D 733 31.16 -23.89 11.25
CA ALA D 733 31.44 -24.93 12.24
C ALA D 733 32.89 -24.88 12.68
N SER D 734 33.80 -24.65 11.73
CA SER D 734 35.21 -24.52 12.08
C SER D 734 35.41 -23.40 13.11
N LEU D 735 34.60 -22.34 13.01
CA LEU D 735 34.77 -21.20 13.89
C LEU D 735 34.55 -21.58 15.35
N LYS D 736 33.40 -22.19 15.64
CA LYS D 736 33.15 -22.62 17.02
C LYS D 736 34.17 -23.66 17.47
N ALA D 737 34.56 -24.56 16.57
CA ALA D 737 35.63 -25.49 16.88
C ALA D 737 36.89 -24.74 17.29
N SER D 738 37.26 -23.72 16.51
CA SER D 738 38.48 -22.97 16.81
C SER D 738 38.43 -22.38 18.21
N THR D 739 37.33 -21.70 18.54
CA THR D 739 37.22 -21.08 19.86
C THR D 739 37.23 -22.13 20.96
N THR D 740 36.50 -23.23 20.77
CA THR D 740 36.44 -24.26 21.80
C THR D 740 37.80 -24.91 22.01
N ILE D 741 38.57 -25.12 20.93
CA ILE D 741 39.89 -25.71 21.06
C ILE D 741 40.79 -24.82 21.90
N SER D 742 40.76 -23.51 21.63
CA SER D 742 41.57 -22.59 22.43
C SER D 742 41.18 -22.64 23.91
N GLN D 743 39.87 -22.64 24.19
CA GLN D 743 39.42 -22.83 25.56
C GLN D 743 39.89 -24.18 26.09
N LEU D 744 39.81 -25.22 25.25
CA LEU D 744 40.37 -26.51 25.61
C LEU D 744 41.85 -26.40 25.91
N SER D 745 42.61 -25.79 25.00
CA SER D 745 44.06 -25.77 25.13
C SER D 745 44.49 -25.19 26.47
N LEU D 746 43.98 -24.00 26.81
CA LEU D 746 44.31 -23.41 28.10
C LEU D 746 43.82 -24.29 29.25
N LEU D 747 42.52 -24.50 29.33
CA LEU D 747 41.95 -25.16 30.51
C LEU D 747 42.51 -26.56 30.68
N ASN D 748 42.89 -27.22 29.58
CA ASN D 748 43.47 -28.55 29.69
C ASN D 748 44.98 -28.53 29.81
N TYR D 749 45.59 -27.34 29.82
CA TYR D 749 46.99 -27.23 30.23
C TYR D 749 47.11 -26.66 31.63
N MET D 750 46.03 -26.07 32.16
CA MET D 750 46.05 -25.47 33.49
C MET D 750 45.58 -26.45 34.55
N MET E 1 55.64 -53.42 43.78
CA MET E 1 55.57 -52.61 42.53
C MET E 1 56.78 -51.68 42.49
N ARG E 2 57.25 -51.32 41.33
CA ARG E 2 58.31 -50.34 41.24
C ARG E 2 57.65 -49.31 40.36
N ILE E 3 56.34 -49.43 40.15
CA ILE E 3 55.63 -48.60 39.17
C ILE E 3 55.08 -47.22 39.48
N THR E 4 54.94 -46.85 40.75
CA THR E 4 54.30 -45.57 41.07
C THR E 4 54.87 -44.42 40.26
N ASN E 5 56.18 -44.36 40.11
CA ASN E 5 56.82 -43.23 39.43
C ASN E 5 56.68 -43.16 37.92
N LYS E 6 56.84 -44.28 37.21
CA LYS E 6 56.86 -44.24 35.74
C LYS E 6 55.52 -44.46 35.05
N LEU E 7 54.82 -45.52 35.40
CA LEU E 7 53.57 -45.87 34.74
C LEU E 7 52.63 -44.67 34.70
N ASN E 8 52.40 -44.06 35.86
CA ASN E 8 51.24 -43.20 36.01
C ASN E 8 51.40 -41.90 35.24
N PHE E 9 52.50 -41.19 35.47
CA PHE E 9 52.72 -39.94 34.75
C PHE E 9 52.75 -40.18 33.26
N THR E 10 53.46 -41.21 32.83
CA THR E 10 53.64 -41.47 31.41
C THR E 10 52.30 -41.71 30.73
N ASN E 11 51.46 -42.53 31.35
CA ASN E 11 50.28 -43.01 30.65
C ASN E 11 49.09 -42.10 30.89
N SER E 12 49.05 -41.43 32.04
CA SER E 12 48.19 -40.26 32.16
C SER E 12 48.46 -39.31 31.00
N VAL E 13 49.73 -39.16 30.62
CA VAL E 13 50.07 -38.39 29.43
C VAL E 13 49.65 -39.15 28.17
N ASN E 14 49.97 -40.44 28.08
CA ASN E 14 49.63 -41.18 26.87
C ASN E 14 48.12 -41.17 26.64
N ASN E 15 47.34 -41.28 27.71
CA ASN E 15 45.90 -41.12 27.57
C ASN E 15 45.54 -39.72 27.09
N SER E 16 46.27 -38.71 27.56
CA SER E 16 45.97 -37.34 27.18
C SER E 16 46.05 -37.16 25.67
N MET E 17 47.12 -37.68 25.06
CA MET E 17 47.24 -37.62 23.61
C MET E 17 46.09 -38.35 22.93
N GLY E 18 45.64 -39.46 23.52
CA GLY E 18 44.43 -40.09 23.03
C GLY E 18 43.25 -39.13 23.09
N GLY E 19 43.08 -38.46 24.22
CA GLY E 19 42.06 -37.44 24.31
C GLY E 19 42.33 -36.29 23.36
N GLN E 20 43.55 -35.77 23.39
CA GLN E 20 43.94 -34.79 22.38
C GLN E 20 43.65 -35.31 20.99
N SER E 21 44.05 -36.54 20.71
CA SER E 21 43.71 -37.15 19.43
C SER E 21 42.20 -37.21 19.24
N ALA E 22 41.48 -37.75 20.23
CA ALA E 22 40.03 -37.90 20.08
C ALA E 22 39.38 -36.58 19.70
N LEU E 23 39.68 -35.51 20.44
CA LEU E 23 39.20 -34.20 20.06
C LEU E 23 39.66 -33.84 18.66
N TYR E 24 40.88 -34.26 18.31
CA TYR E 24 41.45 -33.93 17.01
C TYR E 24 40.65 -34.53 15.87
N GLN E 25 40.28 -35.81 15.96
CA GLN E 25 39.53 -36.44 14.88
C GLN E 25 38.15 -35.83 14.73
N ILE E 26 37.41 -35.73 15.83
CA ILE E 26 36.03 -35.22 15.73
C ILE E 26 36.02 -33.86 15.08
N SER E 27 37.02 -33.03 15.37
CA SER E 27 37.15 -31.77 14.65
C SER E 27 37.31 -32.03 13.15
N GLN E 28 38.16 -32.99 12.79
CA GLN E 28 38.38 -33.28 11.37
C GLN E 28 37.10 -33.79 10.71
N GLN E 29 36.41 -34.73 11.36
CA GLN E 29 35.14 -35.20 10.81
C GLN E 29 34.18 -34.03 10.62
N LEU E 30 34.07 -33.17 11.63
CA LEU E 30 33.25 -31.97 11.48
C LEU E 30 33.77 -31.09 10.36
N ALA E 31 35.09 -30.91 10.28
CA ALA E 31 35.66 -30.16 9.16
C ALA E 31 35.26 -30.79 7.84
N SER E 32 35.25 -32.12 7.78
CA SER E 32 34.87 -32.80 6.55
C SER E 32 33.36 -32.74 6.32
N GLY E 33 32.58 -32.92 7.38
CA GLY E 33 31.16 -33.08 7.21
C GLY E 33 30.74 -34.38 6.57
N LEU E 34 31.60 -35.39 6.63
CA LEU E 34 31.33 -36.69 6.01
C LEU E 34 31.07 -37.73 7.10
N LYS E 35 30.26 -38.73 6.77
CA LYS E 35 30.09 -39.85 7.70
C LYS E 35 31.41 -40.57 7.92
N ILE E 36 32.22 -40.74 6.86
CA ILE E 36 33.58 -41.25 7.00
C ILE E 36 34.49 -40.35 6.19
N GLN E 37 35.79 -40.42 6.50
CA GLN E 37 36.76 -39.54 5.87
C GLN E 37 37.81 -40.26 5.04
N ASN E 38 37.97 -41.58 5.19
CA ASN E 38 39.01 -42.28 4.46
C ASN E 38 38.60 -43.72 4.21
N SER E 39 39.27 -44.31 3.21
CA SER E 39 39.00 -45.69 2.81
C SER E 39 39.42 -46.69 3.89
N TYR E 40 40.43 -46.38 4.68
CA TYR E 40 40.83 -47.26 5.78
C TYR E 40 39.95 -47.02 7.00
N GLU E 41 38.66 -46.88 6.79
CA GLU E 41 37.66 -46.83 7.85
C GLU E 41 36.52 -47.75 7.45
N ASP E 42 36.20 -47.76 6.17
CA ASP E 42 35.26 -48.70 5.56
C ASP E 42 35.38 -48.56 4.05
N ALA E 43 35.36 -49.70 3.36
CA ALA E 43 35.60 -49.66 1.92
C ALA E 43 34.32 -49.36 1.14
N SER E 44 33.20 -49.94 1.55
CA SER E 44 32.00 -49.93 0.72
C SER E 44 31.53 -48.50 0.43
N THR E 45 31.45 -47.66 1.45
CA THR E 45 30.70 -46.41 1.33
C THR E 45 31.21 -45.54 0.18
N TYR E 46 32.52 -45.52 -0.05
CA TYR E 46 33.03 -44.75 -1.19
C TYR E 46 32.97 -45.57 -2.46
N ILE E 47 33.13 -46.89 -2.34
CA ILE E 47 33.13 -47.75 -3.52
C ILE E 47 31.83 -47.56 -4.29
N ASP E 48 30.71 -47.64 -3.59
CA ASP E 48 29.42 -47.51 -4.25
C ASP E 48 29.16 -46.07 -4.70
N ASN E 49 29.37 -45.11 -3.81
CA ASN E 49 29.10 -43.72 -4.19
C ASN E 49 30.05 -43.28 -5.30
N THR E 50 31.24 -43.86 -5.33
CA THR E 50 32.12 -43.67 -6.47
C THR E 50 31.40 -44.02 -7.76
N ARG E 51 30.67 -45.14 -7.75
CA ARG E 51 29.84 -45.50 -8.89
C ARG E 51 28.79 -44.42 -9.15
N LEU E 52 28.22 -43.86 -8.08
CA LEU E 52 27.14 -42.89 -8.25
C LEU E 52 27.61 -41.68 -9.04
N GLU E 53 28.72 -41.07 -8.61
CA GLU E 53 29.26 -39.93 -9.35
C GLU E 53 29.70 -40.35 -10.74
N TYR E 54 30.27 -41.54 -10.88
CA TYR E 54 30.54 -42.09 -12.20
C TYR E 54 29.25 -42.18 -13.00
N GLU E 55 28.13 -42.46 -12.32
CA GLU E 55 26.85 -42.40 -13.00
C GLU E 55 26.42 -40.96 -13.23
N ILE E 56 26.62 -40.10 -12.23
CA ILE E 56 26.09 -38.75 -12.30
C ILE E 56 26.69 -38.01 -13.50
N LYS E 57 28.00 -38.17 -13.71
CA LYS E 57 28.59 -37.63 -14.93
C LYS E 57 27.80 -38.08 -16.15
N THR E 58 27.37 -39.35 -16.15
CA THR E 58 26.70 -39.89 -17.32
C THR E 58 25.39 -39.15 -17.57
N LEU E 59 24.58 -38.98 -16.55
CA LEU E 59 23.30 -38.28 -16.72
C LEU E 59 23.53 -36.85 -17.18
N GLU E 60 24.53 -36.18 -16.63
CA GLU E 60 24.92 -34.88 -17.18
C GLU E 60 25.29 -35.01 -18.64
N GLN E 61 26.09 -36.03 -18.97
CA GLN E 61 26.60 -36.18 -20.32
C GLN E 61 25.47 -36.36 -21.33
N VAL E 62 24.58 -37.32 -21.08
CA VAL E 62 23.43 -37.50 -21.96
C VAL E 62 22.58 -36.24 -21.95
N LYS E 63 22.41 -35.65 -20.77
CA LYS E 63 21.50 -34.52 -20.61
C LYS E 63 21.95 -33.32 -21.42
N GLU E 64 23.25 -33.01 -21.40
CA GLU E 64 23.74 -31.83 -22.11
C GLU E 64 23.68 -32.02 -23.63
N SER E 65 24.27 -33.12 -24.13
CA SER E 65 24.30 -33.32 -25.57
C SER E 65 22.89 -33.42 -26.14
N THR E 66 22.00 -34.12 -25.44
CA THR E 66 20.62 -34.21 -25.91
C THR E 66 19.99 -32.82 -26.01
N SER E 67 20.16 -32.00 -24.98
CA SER E 67 19.65 -30.63 -25.06
C SER E 67 20.11 -29.95 -26.32
N ARG E 68 21.39 -30.08 -26.66
CA ARG E 68 21.91 -29.45 -27.87
C ARG E 68 21.08 -29.85 -29.09
N ALA E 69 20.86 -31.15 -29.28
CA ALA E 69 20.08 -31.61 -30.41
C ALA E 69 18.67 -31.02 -30.36
N GLN E 70 18.13 -30.84 -29.16
CA GLN E 70 16.73 -30.44 -29.03
C GLN E 70 16.47 -29.08 -29.68
N GLU E 71 17.28 -28.08 -29.34
CA GLU E 71 17.08 -26.78 -29.96
C GLU E 71 17.30 -26.86 -31.47
N MET E 72 18.28 -27.64 -31.90
CA MET E 72 18.51 -27.81 -33.33
C MET E 72 17.29 -28.43 -34.00
N THR E 73 16.83 -29.57 -33.48
CA THR E 73 15.58 -30.12 -33.98
C THR E 73 14.45 -29.12 -33.85
N GLN E 74 14.32 -28.51 -32.67
CA GLN E 74 13.36 -27.43 -32.51
C GLN E 74 13.52 -26.40 -33.61
N ASN E 75 14.77 -25.98 -33.87
CA ASN E 75 15.02 -25.12 -35.02
C ASN E 75 14.68 -25.84 -36.31
N SER E 76 15.04 -27.12 -36.40
CA SER E 76 14.78 -27.88 -37.62
C SER E 76 13.29 -27.93 -37.91
N MET E 77 12.48 -28.35 -36.92
CA MET E 77 11.05 -28.38 -37.13
C MET E 77 10.53 -27.00 -37.52
N LYS E 78 10.86 -25.99 -36.72
CA LYS E 78 10.26 -24.67 -36.90
C LYS E 78 10.45 -24.19 -38.33
N ALA E 79 11.67 -24.33 -38.85
CA ALA E 79 11.91 -23.94 -40.24
C ALA E 79 11.02 -24.73 -41.19
N LEU E 80 10.79 -26.01 -40.89
CA LEU E 80 10.08 -26.86 -41.82
C LEU E 80 8.67 -26.34 -42.10
N GLN E 81 7.93 -25.98 -41.06
CA GLN E 81 6.59 -25.44 -41.29
C GLN E 81 6.67 -24.25 -42.23
N ASP E 82 7.72 -23.44 -42.07
CA ASP E 82 7.89 -22.28 -42.93
C ASP E 82 8.14 -22.70 -44.37
N MET E 83 9.06 -23.65 -44.57
CA MET E 83 9.26 -24.19 -45.91
C MET E 83 7.97 -24.78 -46.45
N VAL E 84 7.26 -25.56 -45.62
CA VAL E 84 5.96 -26.08 -46.04
C VAL E 84 5.07 -24.93 -46.48
N LYS E 85 4.79 -24.01 -45.55
CA LYS E 85 3.97 -22.84 -45.89
C LYS E 85 4.37 -22.29 -47.25
N LEU E 86 5.66 -22.27 -47.53
CA LEU E 86 6.09 -21.81 -48.84
C LEU E 86 5.59 -22.76 -49.92
N LEU E 87 5.44 -24.04 -49.59
CA LEU E 87 4.93 -24.99 -50.57
C LEU E 87 3.52 -24.62 -51.00
N GLU E 88 2.66 -24.30 -50.03
CA GLU E 88 1.36 -23.77 -50.37
C GLU E 88 1.50 -22.45 -51.12
N ASP E 89 2.51 -21.65 -50.75
CA ASP E 89 2.75 -20.39 -51.44
C ASP E 89 3.19 -20.63 -52.88
N PHE E 90 4.01 -21.66 -53.14
CA PHE E 90 4.12 -22.14 -54.51
C PHE E 90 2.75 -22.49 -55.07
N LYS E 91 1.99 -23.29 -54.34
CA LYS E 91 0.87 -23.98 -54.95
C LYS E 91 -0.18 -22.99 -55.43
N VAL E 92 -0.54 -22.02 -54.59
CA VAL E 92 -1.56 -21.06 -54.99
C VAL E 92 -1.06 -20.20 -56.13
N LYS E 93 0.23 -19.86 -56.15
CA LYS E 93 0.79 -19.14 -57.28
C LYS E 93 0.62 -19.92 -58.57
N VAL E 94 0.91 -21.23 -58.52
CA VAL E 94 0.62 -22.07 -59.67
C VAL E 94 -0.88 -22.11 -59.94
N THR E 95 -1.67 -22.21 -58.88
CA THR E 95 -3.12 -22.05 -59.02
C THR E 95 -3.43 -20.73 -59.73
N GLN E 96 -2.74 -19.66 -59.34
CA GLN E 96 -2.84 -18.42 -60.08
C GLN E 96 -2.34 -18.58 -61.51
N ALA E 97 -1.20 -19.26 -61.67
CA ALA E 97 -0.60 -19.40 -62.99
C ALA E 97 -1.47 -20.21 -63.94
N ALA E 98 -2.36 -21.04 -63.41
CA ALA E 98 -3.05 -22.05 -64.20
C ALA E 98 -4.15 -21.45 -65.08
N SER E 99 -4.19 -20.13 -65.21
CA SER E 99 -5.25 -19.43 -65.93
C SER E 99 -4.82 -19.10 -67.35
N ASP E 100 -5.71 -19.35 -68.30
CA ASP E 100 -5.45 -18.95 -69.68
C ASP E 100 -5.56 -17.44 -69.84
N SER E 101 -6.46 -16.80 -69.09
CA SER E 101 -6.72 -15.38 -69.27
C SER E 101 -5.49 -14.52 -69.06
N ASN E 102 -4.48 -15.03 -68.34
CA ASN E 102 -3.24 -14.28 -68.17
C ASN E 102 -2.64 -13.96 -69.52
N SER E 103 -2.25 -12.70 -69.72
CA SER E 103 -1.29 -12.43 -70.77
C SER E 103 -0.02 -13.20 -70.47
N GLN E 104 0.62 -13.69 -71.53
CA GLN E 104 1.85 -14.45 -71.32
C GLN E 104 2.79 -13.68 -70.40
N THR E 105 3.03 -12.41 -70.74
CA THR E 105 3.81 -11.55 -69.86
C THR E 105 3.27 -11.60 -68.45
N SER E 106 1.94 -11.53 -68.30
CA SER E 106 1.36 -11.69 -66.97
C SER E 106 1.76 -13.03 -66.37
N ARG E 107 1.68 -14.09 -67.17
CA ARG E 107 2.03 -15.42 -66.65
C ARG E 107 3.44 -15.43 -66.10
N GLU E 108 4.39 -14.81 -66.81
CA GLU E 108 5.75 -14.77 -66.29
C GLU E 108 5.83 -13.90 -65.04
N ALA E 109 4.93 -12.93 -64.89
CA ALA E 109 4.90 -12.15 -63.66
C ALA E 109 4.64 -13.06 -62.46
N ILE E 110 3.71 -14.00 -62.59
CA ILE E 110 3.54 -15.01 -61.55
C ILE E 110 4.82 -15.84 -61.41
N ALA E 111 5.46 -16.16 -62.54
CA ALA E 111 6.66 -16.98 -62.47
C ALA E 111 7.71 -16.35 -61.57
N LYS E 112 7.76 -15.03 -61.52
CA LYS E 112 8.74 -14.36 -60.64
C LYS E 112 8.62 -14.89 -59.22
N GLU E 113 7.41 -14.86 -58.66
CA GLU E 113 7.22 -15.37 -57.32
C GLU E 113 7.53 -16.85 -57.24
N LEU E 114 7.06 -17.63 -58.20
CA LEU E 114 7.43 -19.03 -58.27
C LEU E 114 8.95 -19.16 -58.30
N GLU E 115 9.62 -18.27 -59.04
CA GLU E 115 11.07 -18.21 -58.99
C GLU E 115 11.55 -17.70 -57.64
N ARG E 116 10.95 -16.60 -57.17
CA ARG E 116 11.31 -16.11 -55.85
C ARG E 116 11.27 -17.24 -54.85
N ILE E 117 10.16 -17.93 -54.80
CA ILE E 117 9.94 -18.91 -53.75
C ILE E 117 10.84 -20.10 -53.98
N LYS E 118 10.98 -20.49 -55.24
CA LYS E 118 11.87 -21.57 -55.58
C LYS E 118 13.27 -21.29 -55.02
N GLU E 119 13.82 -20.13 -55.38
CA GLU E 119 15.19 -19.81 -54.98
C GLU E 119 15.31 -19.78 -53.47
N SER E 120 14.29 -19.24 -52.79
CA SER E 120 14.25 -19.31 -51.33
C SER E 120 14.43 -20.74 -50.84
N ILE E 121 13.70 -21.68 -51.43
CA ILE E 121 13.81 -23.07 -51.00
C ILE E 121 15.23 -23.57 -51.21
N VAL E 122 15.82 -23.24 -52.36
CA VAL E 122 17.22 -23.63 -52.60
C VAL E 122 18.09 -23.10 -51.48
N GLN E 123 17.90 -21.84 -51.10
CA GLN E 123 18.62 -21.29 -49.96
C GLN E 123 18.24 -22.00 -48.67
N LEU E 124 16.94 -22.22 -48.45
CA LEU E 124 16.49 -22.86 -47.23
C LEU E 124 17.02 -24.29 -47.13
N ALA E 125 17.03 -25.02 -48.24
CA ALA E 125 17.51 -26.40 -48.20
C ALA E 125 19.00 -26.46 -47.87
N ASN E 126 19.79 -25.53 -48.41
CA ASN E 126 21.24 -25.60 -48.26
C ASN E 126 21.70 -25.06 -46.91
N THR E 127 20.78 -24.62 -46.05
CA THR E 127 21.11 -24.01 -44.77
C THR E 127 22.02 -24.90 -43.93
N SER E 128 22.79 -24.29 -43.03
CA SER E 128 23.61 -25.00 -42.07
C SER E 128 23.43 -24.37 -40.70
N VAL E 129 23.78 -25.13 -39.66
CA VAL E 129 23.83 -24.62 -38.29
C VAL E 129 25.21 -24.94 -37.72
N ASN E 130 25.82 -23.94 -37.10
CA ASN E 130 27.23 -23.98 -36.73
C ASN E 130 28.12 -24.22 -37.94
N GLY E 131 27.62 -23.93 -39.14
CA GLY E 131 28.26 -24.36 -40.36
C GLY E 131 28.00 -25.81 -40.71
N GLN E 132 27.55 -26.61 -39.75
CA GLN E 132 27.27 -28.02 -39.97
C GLN E 132 26.03 -28.11 -40.86
N TYR E 133 26.24 -28.36 -42.15
CA TYR E 133 25.13 -28.35 -43.08
C TYR E 133 24.12 -29.43 -42.71
N LEU E 134 22.85 -29.09 -42.82
CA LEU E 134 21.79 -29.84 -42.13
C LEU E 134 21.44 -31.13 -42.86
N PHE E 135 21.05 -31.03 -44.13
CA PHE E 135 20.27 -32.07 -44.78
C PHE E 135 21.13 -32.97 -45.66
N ALA E 136 22.42 -33.08 -45.38
CA ALA E 136 23.35 -33.96 -46.10
C ALA E 136 23.36 -35.39 -45.54
N GLY E 137 22.54 -35.70 -44.54
CA GLY E 137 22.55 -37.01 -43.92
C GLY E 137 23.65 -37.15 -42.90
N SER E 138 24.89 -37.24 -43.37
CA SER E 138 26.04 -37.15 -42.49
C SER E 138 27.20 -36.39 -43.10
N GLN E 139 27.06 -35.88 -44.32
CA GLN E 139 28.06 -35.00 -44.92
C GLN E 139 27.77 -33.52 -44.60
N VAL E 140 27.65 -33.21 -43.32
CA VAL E 140 27.20 -31.89 -42.86
C VAL E 140 28.27 -30.84 -43.12
N ALA E 141 29.49 -31.29 -43.45
CA ALA E 141 30.56 -30.36 -43.73
C ALA E 141 30.28 -29.52 -44.98
N ASN E 142 29.37 -29.96 -45.84
CA ASN E 142 29.21 -29.33 -47.14
C ASN E 142 27.77 -28.92 -47.39
N LYS E 143 27.63 -27.83 -48.13
CA LYS E 143 26.38 -27.38 -48.73
C LYS E 143 25.69 -28.58 -49.39
N PRO E 144 24.50 -28.96 -48.92
CA PRO E 144 23.95 -30.27 -49.29
C PRO E 144 23.40 -30.37 -50.71
N PHE E 145 23.12 -29.26 -51.38
CA PHE E 145 22.38 -29.29 -52.63
C PHE E 145 23.04 -28.29 -53.58
N ASP E 146 22.32 -27.87 -54.61
CA ASP E 146 22.76 -26.75 -55.44
C ASP E 146 21.54 -26.07 -56.03
N SER E 147 21.79 -25.16 -56.99
CA SER E 147 20.68 -24.46 -57.64
C SER E 147 19.71 -25.43 -58.29
N ASN E 148 20.21 -26.54 -58.83
CA ASN E 148 19.39 -27.54 -59.48
C ASN E 148 18.87 -28.60 -58.51
N GLY E 149 19.15 -28.45 -57.21
CA GLY E 149 18.77 -29.48 -56.28
C GLY E 149 19.61 -30.72 -56.37
N ASN E 150 20.73 -30.65 -57.07
CA ASN E 150 21.65 -31.79 -57.12
C ASN E 150 22.22 -32.02 -55.72
N TYR E 151 22.28 -33.29 -55.33
CA TYR E 151 22.49 -33.66 -53.94
C TYR E 151 23.97 -33.76 -53.62
N TYR E 152 24.37 -33.21 -52.47
CA TYR E 152 25.73 -33.30 -51.95
C TYR E 152 25.62 -33.84 -50.52
N GLY E 153 25.57 -35.16 -50.40
CA GLY E 153 25.41 -35.79 -49.10
C GLY E 153 25.35 -37.29 -49.24
N ASP E 154 24.98 -37.93 -48.13
CA ASP E 154 24.92 -39.38 -48.02
C ASP E 154 23.49 -39.79 -47.67
N LYS E 155 23.27 -41.08 -47.42
CA LYS E 155 21.99 -41.62 -46.99
C LYS E 155 22.00 -41.93 -45.50
N ASN E 156 22.68 -41.10 -44.71
CA ASN E 156 22.97 -41.41 -43.33
C ASN E 156 22.16 -40.54 -42.36
N ASN E 157 22.09 -41.02 -41.13
CA ASN E 157 21.43 -40.33 -40.04
C ASN E 157 22.34 -40.37 -38.83
N ILE E 158 22.47 -39.24 -38.13
CA ILE E 158 23.55 -39.01 -37.19
C ILE E 158 23.08 -39.36 -35.78
N ASN E 159 23.95 -40.02 -35.02
CA ASN E 159 23.59 -40.73 -33.81
C ASN E 159 24.20 -40.11 -32.56
N VAL E 160 23.56 -40.39 -31.43
CA VAL E 160 24.10 -40.12 -30.10
C VAL E 160 23.84 -41.36 -29.25
N VAL E 161 24.65 -41.52 -28.21
CA VAL E 161 24.54 -42.66 -27.30
C VAL E 161 23.56 -42.24 -26.21
N THR E 162 22.33 -42.75 -26.33
CA THR E 162 21.25 -42.39 -25.41
C THR E 162 21.22 -43.36 -24.23
N GLY E 163 22.19 -43.18 -23.34
CA GLY E 163 22.29 -44.01 -22.16
C GLY E 163 23.13 -45.25 -22.39
N ALA E 164 22.94 -46.23 -21.50
CA ALA E 164 23.76 -47.42 -21.47
C ALA E 164 23.29 -48.40 -22.54
N GLY E 165 24.22 -48.86 -23.38
CA GLY E 165 23.88 -49.78 -24.44
C GLY E 165 22.85 -49.25 -25.41
N THR E 166 22.73 -47.94 -25.54
CA THR E 166 21.63 -47.34 -26.30
C THR E 166 22.15 -46.18 -27.13
N GLU E 167 21.55 -46.00 -28.31
CA GLU E 167 21.85 -44.89 -29.19
C GLU E 167 20.61 -44.53 -29.97
N SER E 168 20.59 -43.32 -30.52
CA SER E 168 19.48 -42.90 -31.33
C SER E 168 19.93 -41.84 -32.32
N PRO E 169 19.94 -42.12 -33.62
CA PRO E 169 20.21 -41.06 -34.60
C PRO E 169 18.93 -40.38 -35.04
N TYR E 170 18.97 -39.06 -35.18
CA TYR E 170 17.77 -38.24 -35.12
C TYR E 170 17.67 -37.23 -36.25
N ASN E 171 18.19 -37.56 -37.44
CA ASN E 171 18.08 -36.66 -38.58
C ASN E 171 17.85 -37.52 -39.82
N ILE E 172 17.94 -36.89 -40.99
CA ILE E 172 17.55 -37.55 -42.23
C ILE E 172 18.55 -37.16 -43.33
N PRO E 173 18.81 -38.01 -44.32
CA PRO E 173 19.69 -37.63 -45.42
C PRO E 173 18.96 -36.94 -46.56
N GLY E 174 19.75 -36.28 -47.40
CA GLY E 174 19.18 -35.55 -48.53
C GLY E 174 18.73 -36.44 -49.66
N TRP E 175 19.25 -37.66 -49.72
CA TRP E 175 18.75 -38.62 -50.71
C TRP E 175 17.25 -38.80 -50.58
N ASP E 176 16.73 -38.79 -49.35
CA ASP E 176 15.34 -39.13 -49.14
C ASP E 176 14.42 -38.16 -49.87
N LEU E 177 14.58 -36.86 -49.61
CA LEU E 177 13.64 -35.88 -50.12
C LEU E 177 13.53 -35.97 -51.63
N PHE E 178 14.67 -36.05 -52.30
CA PHE E 178 14.65 -36.27 -53.74
C PHE E 178 14.32 -37.71 -54.08
N PHE E 179 14.84 -38.67 -53.29
CA PHE E 179 14.93 -40.03 -53.80
C PHE E 179 14.51 -41.11 -52.81
N LYS E 180 13.63 -40.82 -51.86
CA LYS E 180 12.96 -41.94 -51.19
C LYS E 180 11.66 -42.24 -51.91
N ALA E 181 11.12 -43.42 -51.65
CA ALA E 181 9.92 -43.90 -52.33
C ALA E 181 8.72 -43.81 -51.37
N ASP E 182 7.89 -42.79 -51.55
CA ASP E 182 6.63 -42.70 -50.83
C ASP E 182 5.72 -43.83 -51.29
N GLY E 183 5.50 -44.81 -50.42
CA GLY E 183 4.75 -45.99 -50.81
C GLY E 183 3.31 -45.73 -51.17
N ASP E 184 2.73 -44.61 -50.71
CA ASP E 184 1.34 -44.32 -51.02
C ASP E 184 1.11 -44.03 -52.49
N TYR E 185 2.14 -44.00 -53.32
CA TYR E 185 2.06 -43.42 -54.64
C TYR E 185 2.36 -44.46 -55.72
N LYS E 186 2.03 -44.09 -56.94
CA LYS E 186 1.81 -45.04 -58.02
C LYS E 186 2.18 -44.39 -59.34
N LYS E 187 1.68 -44.91 -60.46
CA LYS E 187 1.89 -44.33 -61.77
C LYS E 187 0.60 -43.75 -62.32
N GLN E 188 0.70 -42.54 -62.87
CA GLN E 188 -0.34 -41.96 -63.70
C GLN E 188 0.29 -41.54 -65.00
N ILE E 189 -0.23 -42.05 -66.11
CA ILE E 189 0.42 -41.95 -67.40
C ILE E 189 -0.59 -41.45 -68.43
N SER E 190 -0.08 -40.89 -69.52
CA SER E 190 -0.95 -40.25 -70.50
C SER E 190 -0.27 -40.17 -71.85
N THR E 191 -1.06 -39.92 -72.88
CA THR E 191 -0.53 -39.49 -74.16
C THR E 191 -0.07 -38.04 -74.08
N ASN E 192 0.61 -37.59 -75.13
CA ASN E 192 0.88 -36.16 -75.30
C ASN E 192 0.04 -35.55 -76.41
N VAL E 193 -0.37 -36.35 -77.39
CA VAL E 193 -1.32 -35.88 -78.39
C VAL E 193 -2.72 -35.85 -77.79
N SER E 194 -3.50 -34.85 -78.20
CA SER E 194 -4.89 -34.69 -77.78
C SER E 194 -5.78 -34.77 -79.00
N PHE E 195 -7.07 -35.01 -78.77
CA PHE E 195 -7.94 -35.63 -79.77
C PHE E 195 -9.22 -34.83 -79.93
N THR E 196 -9.49 -34.42 -81.17
CA THR E 196 -10.70 -33.68 -81.54
C THR E 196 -11.40 -34.39 -82.69
N ASP E 197 -12.58 -33.88 -83.03
CA ASP E 197 -13.19 -34.25 -84.31
C ASP E 197 -12.50 -33.46 -85.42
N ASN E 198 -11.95 -34.19 -86.38
CA ASN E 198 -11.04 -33.59 -87.35
C ASN E 198 -11.43 -34.01 -88.76
N ARG E 199 -12.70 -33.85 -89.11
CA ARG E 199 -13.16 -34.06 -90.46
C ARG E 199 -12.98 -32.82 -91.33
N TRP E 200 -12.11 -31.90 -90.91
CA TRP E 200 -11.90 -30.64 -91.61
C TRP E 200 -10.41 -30.33 -91.58
N ASP E 201 -10.01 -29.35 -92.40
CA ASP E 201 -8.69 -28.74 -92.30
C ASP E 201 -8.82 -27.46 -91.49
N LEU E 202 -8.13 -27.40 -90.36
CA LEU E 202 -8.29 -26.28 -89.44
C LEU E 202 -7.56 -25.03 -89.92
N ASN E 203 -6.68 -25.14 -90.91
CA ASN E 203 -6.25 -23.96 -91.63
C ASN E 203 -7.46 -23.23 -92.20
N LYS E 204 -8.51 -23.98 -92.52
CA LYS E 204 -9.78 -23.42 -92.95
C LYS E 204 -10.74 -23.25 -91.78
N ASP E 205 -10.79 -24.24 -90.88
CA ASP E 205 -11.83 -24.35 -89.87
C ASP E 205 -11.19 -24.52 -88.49
N PRO E 206 -10.56 -23.47 -87.96
CA PRO E 206 -9.88 -23.61 -86.66
C PRO E 206 -10.81 -24.02 -85.54
N ASP E 207 -12.12 -23.77 -85.69
CA ASP E 207 -13.07 -24.05 -84.61
C ASP E 207 -13.18 -25.54 -84.30
N LYS E 208 -12.81 -26.41 -85.24
CA LYS E 208 -13.16 -27.83 -85.13
C LYS E 208 -12.36 -28.55 -84.05
N THR E 209 -11.61 -27.81 -83.22
CA THR E 209 -10.78 -28.42 -82.18
C THR E 209 -11.60 -29.00 -81.03
N LYS E 210 -12.93 -29.08 -81.18
CA LYS E 210 -13.76 -29.70 -80.16
C LYS E 210 -13.16 -31.05 -79.75
N TYR E 211 -12.78 -31.18 -78.48
CA TYR E 211 -12.20 -32.43 -78.01
C TYR E 211 -13.23 -33.54 -78.07
N LEU E 212 -12.77 -34.74 -78.42
CA LEU E 212 -13.63 -35.90 -78.56
C LEU E 212 -14.21 -36.29 -77.20
N THR E 213 -14.96 -37.39 -77.19
CA THR E 213 -15.51 -37.98 -75.98
C THR E 213 -15.49 -39.50 -76.12
N GLY E 214 -15.90 -40.18 -75.04
CA GLY E 214 -15.87 -41.64 -75.06
C GLY E 214 -16.59 -42.22 -76.25
N ASP E 215 -17.74 -41.65 -76.60
CA ASP E 215 -18.51 -42.11 -77.75
C ASP E 215 -17.77 -41.91 -79.06
N SER E 216 -16.77 -41.03 -79.09
CA SER E 216 -16.29 -40.46 -80.34
C SER E 216 -15.88 -41.55 -81.33
N LYS E 217 -16.24 -41.34 -82.59
CA LYS E 217 -16.05 -42.33 -83.63
C LYS E 217 -14.68 -42.19 -84.27
N TRP E 218 -14.08 -43.33 -84.63
CA TRP E 218 -12.77 -43.32 -85.27
C TRP E 218 -12.80 -42.56 -86.58
N GLN E 219 -13.93 -42.59 -87.28
CA GLN E 219 -14.02 -41.95 -88.59
C GLN E 219 -13.69 -40.46 -88.53
N GLN E 220 -14.03 -39.80 -87.42
CA GLN E 220 -13.88 -38.36 -87.34
C GLN E 220 -12.47 -37.92 -87.70
N LEU E 221 -11.48 -38.55 -87.08
CA LEU E 221 -10.10 -38.21 -87.38
C LEU E 221 -9.76 -38.53 -88.83
N ILE E 222 -10.24 -39.66 -89.33
CA ILE E 222 -9.86 -40.10 -90.67
C ILE E 222 -10.64 -39.37 -91.74
N GLY E 223 -11.72 -38.66 -91.38
CA GLY E 223 -12.51 -37.96 -92.37
C GLY E 223 -11.66 -37.25 -93.39
N GLN E 224 -10.66 -36.51 -92.93
CA GLN E 224 -9.70 -35.90 -93.84
C GLN E 224 -8.55 -36.86 -94.13
N GLY E 225 -8.27 -37.78 -93.21
CA GLY E 225 -7.16 -38.69 -93.39
C GLY E 225 -7.28 -39.54 -94.63
N TYR E 226 -8.50 -39.92 -95.01
CA TYR E 226 -8.67 -40.76 -96.18
C TYR E 226 -8.15 -40.11 -97.44
N VAL E 227 -8.39 -38.81 -97.62
CA VAL E 227 -8.34 -38.19 -98.93
C VAL E 227 -7.53 -36.91 -98.84
N LYS E 228 -6.73 -36.64 -99.89
CA LYS E 228 -6.18 -35.30 -100.07
C LYS E 228 -7.19 -34.35 -100.71
N ASP E 229 -8.25 -34.88 -101.35
CA ASP E 229 -9.26 -34.02 -101.93
C ASP E 229 -10.16 -33.38 -100.88
N ASN E 230 -10.16 -33.89 -99.65
CA ASN E 230 -10.87 -33.30 -98.53
C ASN E 230 -12.38 -33.28 -98.76
N SER E 231 -12.89 -34.06 -99.71
CA SER E 231 -14.23 -33.89 -100.25
C SER E 231 -15.29 -34.68 -99.49
N LEU E 232 -14.98 -35.17 -98.29
CA LEU E 232 -15.96 -35.92 -97.52
C LEU E 232 -16.82 -34.97 -96.70
N ASP E 233 -18.12 -34.99 -96.96
CA ASP E 233 -19.05 -34.25 -96.12
C ASP E 233 -19.06 -34.87 -94.72
N ALA E 234 -18.73 -34.07 -93.73
CA ALA E 234 -18.33 -34.59 -92.41
C ALA E 234 -19.41 -35.37 -91.71
N ASP E 235 -20.68 -35.18 -92.04
CA ASP E 235 -21.75 -35.85 -91.31
C ASP E 235 -22.57 -36.73 -92.23
N LYS E 236 -22.89 -36.22 -93.42
CA LYS E 236 -23.71 -36.98 -94.34
C LYS E 236 -23.02 -38.28 -94.73
N ASP E 237 -21.73 -38.22 -95.00
CA ASP E 237 -20.97 -39.42 -95.27
C ASP E 237 -20.69 -40.24 -94.01
N PHE E 238 -21.11 -39.77 -92.83
CA PHE E 238 -20.58 -40.33 -91.60
C PHE E 238 -21.62 -40.81 -90.59
N GLU E 239 -22.83 -40.26 -90.55
CA GLU E 239 -23.67 -40.40 -89.37
C GLU E 239 -25.05 -41.00 -89.61
N TYR E 240 -25.42 -41.33 -90.84
CA TYR E 240 -26.64 -42.08 -91.10
C TYR E 240 -26.39 -42.97 -92.31
N ASP E 241 -26.80 -44.24 -92.20
CA ASP E 241 -26.34 -45.25 -93.15
C ASP E 241 -26.80 -44.98 -94.57
N ASP E 242 -27.78 -44.09 -94.78
CA ASP E 242 -28.09 -43.69 -96.14
C ASP E 242 -26.86 -43.14 -96.86
N SER E 243 -25.96 -42.49 -96.11
CA SER E 243 -24.65 -42.15 -96.67
C SER E 243 -23.53 -42.40 -95.67
N LYS E 244 -23.82 -42.89 -94.47
CA LYS E 244 -22.77 -43.33 -93.57
C LYS E 244 -22.26 -44.69 -94.04
N LEU E 245 -20.95 -44.80 -94.23
CA LEU E 245 -20.39 -45.92 -94.97
C LEU E 245 -19.11 -46.38 -94.29
N ASP E 246 -18.75 -47.65 -94.57
CA ASP E 246 -17.52 -48.24 -94.05
C ASP E 246 -16.35 -47.90 -94.98
N PHE E 247 -15.94 -46.64 -94.90
CA PHE E 247 -14.73 -46.24 -95.61
C PHE E 247 -13.54 -46.99 -95.03
N PRO E 248 -12.51 -47.27 -95.82
CA PRO E 248 -11.59 -48.39 -95.51
C PRO E 248 -11.18 -48.43 -94.05
N PRO E 249 -11.05 -49.62 -93.48
CA PRO E 249 -10.75 -49.73 -92.04
C PRO E 249 -9.28 -49.43 -91.74
N THR E 250 -9.00 -49.33 -90.44
CA THR E 250 -7.69 -48.99 -89.92
C THR E 250 -7.08 -50.19 -89.20
N THR E 251 -5.74 -50.19 -89.11
CA THR E 251 -5.02 -51.14 -88.28
C THR E 251 -4.22 -50.38 -87.23
N LEU E 252 -3.96 -51.04 -86.10
CA LEU E 252 -3.33 -50.41 -84.95
C LEU E 252 -2.31 -51.36 -84.32
N TYR E 253 -1.11 -50.86 -84.07
CA TYR E 253 -0.06 -51.59 -83.38
C TYR E 253 0.05 -51.11 -81.93
N VAL E 254 0.37 -52.04 -81.04
CA VAL E 254 0.57 -51.74 -79.62
C VAL E 254 1.74 -52.55 -79.10
N GLN E 255 2.58 -51.91 -78.29
CA GLN E 255 3.62 -52.59 -77.54
C GLN E 255 3.75 -51.90 -76.19
N GLY E 256 3.60 -52.66 -75.11
CA GLY E 256 3.62 -52.08 -73.78
C GLY E 256 3.92 -53.14 -72.75
N THR E 257 4.16 -52.69 -71.52
CA THR E 257 4.40 -53.57 -70.39
C THR E 257 3.36 -53.30 -69.30
N LYS E 258 3.13 -54.32 -68.49
CA LYS E 258 2.04 -54.31 -67.53
C LYS E 258 2.53 -53.85 -66.17
N PRO E 259 1.63 -53.36 -65.30
CA PRO E 259 2.10 -52.71 -64.07
C PRO E 259 2.90 -53.63 -63.17
N ASP E 260 2.77 -54.94 -63.32
CA ASP E 260 3.74 -55.85 -62.73
C ASP E 260 5.11 -55.66 -63.37
N GLY E 261 5.12 -55.44 -64.69
CA GLY E 261 6.34 -55.28 -65.44
C GLY E 261 6.48 -56.30 -66.54
N THR E 262 5.35 -56.87 -66.96
CA THR E 262 5.33 -57.88 -68.01
C THR E 262 4.99 -57.24 -69.34
N SER E 263 5.79 -57.55 -70.35
CA SER E 263 5.73 -56.89 -71.65
C SER E 263 4.74 -57.59 -72.57
N PHE E 264 4.15 -56.81 -73.47
CA PHE E 264 3.26 -57.36 -74.48
C PHE E 264 3.27 -56.45 -75.71
N LYS E 265 2.87 -57.02 -76.84
CA LYS E 265 2.45 -56.24 -77.99
C LYS E 265 1.05 -56.67 -78.38
N SER E 266 0.27 -55.74 -78.92
CA SER E 266 -1.08 -56.06 -79.37
C SER E 266 -1.32 -55.43 -80.73
N ALA E 267 -2.15 -56.11 -81.52
CA ALA E 267 -2.52 -55.66 -82.85
C ALA E 267 -4.02 -55.84 -83.02
N VAL E 268 -4.62 -54.96 -83.80
CA VAL E 268 -6.08 -54.96 -83.99
C VAL E 268 -6.40 -54.25 -85.29
N LEU E 269 -7.43 -54.72 -85.97
CA LEU E 269 -8.00 -54.02 -87.11
C LEU E 269 -9.08 -53.07 -86.61
N VAL E 270 -9.17 -51.91 -87.23
CA VAL E 270 -9.93 -50.78 -86.70
C VAL E 270 -10.85 -50.28 -87.80
N LYS E 271 -11.98 -49.71 -87.40
CA LYS E 271 -13.05 -49.36 -88.33
C LYS E 271 -13.57 -47.97 -87.99
N PRO E 272 -14.36 -47.38 -88.87
CA PRO E 272 -14.88 -46.03 -88.62
C PRO E 272 -15.64 -45.87 -87.30
N GLU E 273 -16.51 -46.82 -86.95
CA GLU E 273 -17.47 -46.56 -85.89
C GLU E 273 -16.80 -46.39 -84.53
N ASP E 274 -16.33 -47.48 -83.94
CA ASP E 274 -15.31 -47.47 -82.90
C ASP E 274 -15.39 -46.32 -81.91
N THR E 275 -16.44 -46.27 -81.09
CA THR E 275 -16.43 -45.33 -79.97
C THR E 275 -15.14 -45.48 -79.17
N LEU E 276 -14.82 -44.44 -78.39
CA LEU E 276 -13.63 -44.53 -77.55
C LEU E 276 -13.88 -45.41 -76.33
N GLU E 277 -15.13 -45.49 -75.86
CA GLU E 277 -15.46 -46.47 -74.84
C GLU E 277 -14.98 -47.85 -75.27
N ASP E 278 -15.27 -48.21 -76.52
CA ASP E 278 -14.76 -49.45 -77.07
C ASP E 278 -13.24 -49.48 -76.97
N VAL E 279 -12.60 -48.39 -77.37
CA VAL E 279 -11.14 -48.34 -77.41
C VAL E 279 -10.58 -48.44 -76.00
N MET E 280 -11.10 -47.62 -75.08
CA MET E 280 -10.44 -47.45 -73.79
C MET E 280 -10.40 -48.75 -72.99
N GLU E 281 -11.50 -49.51 -72.97
CA GLU E 281 -11.45 -50.77 -72.25
C GLU E 281 -10.68 -51.83 -73.02
N ASN E 282 -10.72 -51.80 -74.35
CA ASN E 282 -9.84 -52.67 -75.12
C ASN E 282 -8.40 -52.48 -74.65
N ILE E 283 -8.03 -51.23 -74.36
CA ILE E 283 -6.73 -50.95 -73.75
C ILE E 283 -6.69 -51.51 -72.33
N GLY E 284 -7.73 -51.21 -71.54
CA GLY E 284 -7.72 -51.63 -70.16
C GLY E 284 -7.66 -53.14 -70.01
N ALA E 285 -8.52 -53.86 -70.74
CA ALA E 285 -8.47 -55.31 -70.72
C ALA E 285 -7.14 -55.82 -71.27
N LEU E 286 -6.67 -55.21 -72.36
CA LEU E 286 -5.38 -55.59 -72.92
C LEU E 286 -4.29 -55.52 -71.86
N TYR E 287 -4.34 -54.50 -71.00
CA TYR E 287 -3.31 -54.35 -69.98
C TYR E 287 -3.59 -55.24 -68.78
N GLY E 288 -4.78 -55.81 -68.69
CA GLY E 288 -5.06 -56.80 -67.67
C GLY E 288 -6.32 -56.56 -66.87
N ASN E 289 -7.12 -55.57 -67.27
CA ASN E 289 -8.37 -55.34 -66.58
C ASN E 289 -9.29 -56.54 -66.77
N THR E 290 -10.08 -56.81 -65.74
CA THR E 290 -11.03 -57.90 -65.74
C THR E 290 -12.32 -57.40 -65.10
N PRO E 291 -13.43 -58.13 -65.19
CA PRO E 291 -14.67 -57.64 -64.59
C PRO E 291 -14.51 -57.29 -63.12
N ASN E 292 -13.72 -58.07 -62.38
CA ASN E 292 -13.42 -57.77 -60.99
C ASN E 292 -12.10 -57.02 -60.85
N ASN E 293 -11.00 -57.60 -61.33
CA ASN E 293 -9.70 -56.96 -61.21
C ASN E 293 -9.51 -55.96 -62.34
N LYS E 294 -9.28 -54.71 -61.97
CA LYS E 294 -8.85 -53.67 -62.90
C LYS E 294 -7.39 -53.36 -62.60
N VAL E 295 -6.55 -53.46 -63.61
CA VAL E 295 -5.15 -53.10 -63.44
C VAL E 295 -4.91 -51.65 -63.86
N VAL E 296 -5.81 -51.09 -64.67
CA VAL E 296 -5.62 -49.76 -65.23
C VAL E 296 -6.98 -49.11 -65.46
N GLU E 297 -6.97 -47.77 -65.45
CA GLU E 297 -8.06 -46.98 -66.00
C GLU E 297 -7.63 -46.43 -67.36
N VAL E 298 -8.60 -46.09 -68.19
CA VAL E 298 -8.34 -45.46 -69.47
C VAL E 298 -9.38 -44.37 -69.68
N SER E 299 -8.92 -43.13 -69.84
CA SER E 299 -9.84 -42.01 -69.90
C SER E 299 -9.19 -40.83 -70.60
N MET E 300 -10.04 -39.97 -71.17
CA MET E 300 -9.65 -38.73 -71.81
C MET E 300 -9.95 -37.56 -70.87
N ASN E 301 -9.21 -36.46 -71.04
CA ASN E 301 -9.19 -35.39 -70.05
C ASN E 301 -9.53 -34.05 -70.68
N ASP E 302 -9.49 -33.01 -69.86
CA ASP E 302 -9.81 -31.66 -70.30
C ASP E 302 -8.99 -31.26 -71.51
N SER E 303 -7.68 -31.55 -71.48
CA SER E 303 -6.79 -31.18 -72.57
C SER E 303 -6.86 -32.15 -73.75
N GLY E 304 -7.71 -33.16 -73.66
CA GLY E 304 -7.95 -34.04 -74.79
C GLY E 304 -6.98 -35.21 -74.87
N GLN E 305 -5.87 -35.17 -74.13
CA GLN E 305 -5.04 -36.36 -74.04
C GLN E 305 -5.83 -37.46 -73.36
N ILE E 306 -5.26 -38.66 -73.35
CA ILE E 306 -5.92 -39.82 -72.74
C ILE E 306 -5.00 -40.39 -71.67
N GLN E 307 -5.61 -40.94 -70.63
CA GLN E 307 -4.94 -41.16 -69.36
C GLN E 307 -5.04 -42.62 -68.93
N ILE E 308 -4.04 -43.07 -68.19
CA ILE E 308 -4.07 -44.37 -67.54
C ILE E 308 -3.43 -44.25 -66.17
N THR E 309 -3.95 -45.01 -65.22
CA THR E 309 -3.43 -45.07 -63.86
C THR E 309 -2.90 -46.45 -63.55
N ASP E 310 -1.87 -46.50 -62.72
CA ASP E 310 -1.34 -47.76 -62.20
C ASP E 310 -2.00 -48.03 -60.86
N LEU E 311 -3.03 -48.88 -60.87
CA LEU E 311 -3.74 -49.18 -59.64
C LEU E 311 -2.86 -49.95 -58.66
N LYS E 312 -1.74 -50.49 -59.12
CA LYS E 312 -0.70 -50.91 -58.17
C LYS E 312 -0.07 -49.66 -57.56
N GLN E 313 0.44 -49.82 -56.35
CA GLN E 313 0.83 -48.70 -55.51
C GLN E 313 2.29 -48.86 -55.11
N GLY E 314 2.97 -47.74 -54.95
CA GLY E 314 4.40 -47.76 -54.76
C GLY E 314 5.07 -48.46 -55.93
N ASN E 315 4.45 -48.38 -57.10
CA ASN E 315 4.87 -49.15 -58.26
C ASN E 315 4.79 -48.29 -59.51
N ASN E 316 5.69 -48.58 -60.46
CA ASN E 316 5.75 -47.80 -61.69
C ASN E 316 6.02 -48.65 -62.93
N LYS E 317 5.76 -49.95 -62.91
CA LYS E 317 6.19 -50.86 -63.97
C LYS E 317 5.26 -50.90 -65.18
N LEU E 318 4.43 -49.87 -65.38
CA LEU E 318 3.51 -49.83 -66.51
C LEU E 318 4.05 -48.90 -67.61
N ASP E 319 3.77 -49.27 -68.87
CA ASP E 319 4.08 -48.39 -70.00
C ASP E 319 3.28 -48.82 -71.21
N PHE E 320 3.13 -47.89 -72.15
CA PHE E 320 2.51 -48.17 -73.44
C PHE E 320 3.27 -47.50 -74.56
N HIS E 321 3.06 -48.01 -75.77
CA HIS E 321 3.59 -47.41 -76.99
C HIS E 321 2.75 -47.93 -78.15
N ALA E 322 2.09 -47.02 -78.86
CA ALA E 322 1.11 -47.46 -79.85
C ALA E 322 1.02 -46.44 -80.98
N VAL E 323 0.53 -46.91 -82.13
CA VAL E 323 0.36 -46.08 -83.31
C VAL E 323 -0.60 -46.79 -84.26
N ALA E 324 -1.57 -46.06 -84.81
CA ALA E 324 -2.49 -46.62 -85.79
C ALA E 324 -2.18 -46.05 -87.16
N PHE E 325 -2.60 -46.78 -88.20
CA PHE E 325 -2.25 -46.42 -89.56
C PHE E 325 -3.43 -46.66 -90.50
N THR E 326 -3.52 -45.82 -91.51
CA THR E 326 -4.53 -45.94 -92.55
C THR E 326 -3.88 -45.55 -93.87
N PRO E 327 -4.29 -46.16 -94.99
CA PRO E 327 -3.82 -45.66 -96.29
C PRO E 327 -4.66 -44.48 -96.77
N GLN E 328 -4.09 -43.63 -97.61
CA GLN E 328 -4.77 -42.43 -98.07
C GLN E 328 -4.82 -42.41 -99.59
N ALA E 329 -5.85 -41.76 -100.11
CA ALA E 329 -6.00 -41.46 -101.52
C ALA E 329 -6.08 -39.96 -101.70
N ASP E 330 -6.22 -39.54 -102.97
CA ASP E 330 -6.52 -38.15 -103.24
C ASP E 330 -8.01 -37.93 -103.38
N THR E 331 -8.62 -38.58 -104.36
CA THR E 331 -9.99 -38.30 -104.77
C THR E 331 -10.95 -39.30 -104.13
N LYS E 332 -12.08 -38.77 -103.65
CA LYS E 332 -13.13 -39.62 -103.11
C LYS E 332 -13.66 -40.58 -104.16
N ASP E 333 -13.46 -40.27 -105.45
CA ASP E 333 -13.99 -41.11 -106.52
C ASP E 333 -13.15 -42.38 -106.68
N GLU E 334 -11.84 -42.24 -106.76
CA GLU E 334 -10.99 -43.44 -106.84
C GLU E 334 -11.16 -44.28 -105.60
N LEU E 335 -11.41 -43.64 -104.46
CA LEU E 335 -11.72 -44.36 -103.24
C LEU E 335 -12.92 -45.28 -103.44
N LYS E 336 -14.02 -44.73 -103.92
CA LYS E 336 -15.21 -45.55 -104.15
C LYS E 336 -14.99 -46.50 -105.33
N ASN E 337 -14.33 -46.03 -106.38
CA ASN E 337 -14.03 -46.90 -107.50
C ASN E 337 -13.35 -48.18 -107.04
N ILE E 338 -12.38 -48.04 -106.14
CA ILE E 338 -11.70 -49.21 -105.59
C ILE E 338 -12.66 -50.00 -104.69
N ILE E 339 -13.50 -49.30 -103.92
CA ILE E 339 -14.47 -49.99 -103.09
C ILE E 339 -15.41 -50.82 -103.95
N GLU E 340 -15.83 -50.26 -105.08
CA GLU E 340 -16.67 -51.03 -106.00
C GLU E 340 -15.96 -52.30 -106.45
N ALA E 341 -14.67 -52.19 -106.75
CA ALA E 341 -13.88 -53.37 -107.08
C ALA E 341 -14.01 -54.41 -105.98
N ALA E 342 -13.89 -53.98 -104.72
CA ALA E 342 -14.11 -54.89 -103.61
C ALA E 342 -15.54 -55.40 -103.59
N ASN E 343 -16.51 -54.53 -103.89
CA ASN E 343 -17.90 -54.97 -103.95
C ASN E 343 -18.09 -56.00 -105.07
N GLN E 344 -17.49 -55.74 -106.23
CA GLN E 344 -17.43 -56.79 -107.25
C GLN E 344 -16.73 -58.02 -106.69
N GLU E 345 -15.65 -57.81 -105.95
CA GLU E 345 -15.01 -58.91 -105.25
C GLU E 345 -15.89 -59.41 -104.10
N GLY E 346 -16.76 -58.56 -103.58
CA GLY E 346 -17.75 -58.99 -102.60
C GLY E 346 -17.17 -59.45 -101.28
N ILE E 347 -16.30 -58.64 -100.66
CA ILE E 347 -15.55 -59.05 -99.48
C ILE E 347 -15.60 -57.98 -98.41
N SER E 348 -15.21 -58.38 -97.20
CA SER E 348 -15.07 -57.43 -96.10
C SER E 348 -13.72 -56.71 -96.21
N MET E 349 -13.72 -55.40 -95.97
CA MET E 349 -12.54 -54.59 -96.26
C MET E 349 -11.41 -54.85 -95.27
N ASN E 350 -11.74 -55.13 -94.01
CA ASN E 350 -10.69 -55.31 -93.01
C ASN E 350 -9.69 -56.39 -93.44
N GLU E 351 -10.16 -57.45 -94.10
CA GLU E 351 -9.23 -58.42 -94.65
C GLU E 351 -8.36 -57.78 -95.73
N VAL E 352 -8.94 -56.96 -96.59
CA VAL E 352 -8.15 -56.28 -97.60
C VAL E 352 -7.04 -55.48 -96.93
N THR E 353 -7.34 -54.89 -95.77
CA THR E 353 -6.31 -54.21 -95.00
C THR E 353 -5.17 -55.16 -94.65
N ASN E 354 -5.48 -56.45 -94.49
CA ASN E 354 -4.42 -57.42 -94.24
C ASN E 354 -3.61 -57.68 -95.52
N ARG E 355 -4.28 -57.75 -96.66
CA ARG E 355 -3.58 -57.98 -97.91
C ARG E 355 -2.56 -56.88 -98.19
N VAL E 356 -2.99 -55.63 -98.08
CA VAL E 356 -2.07 -54.51 -98.26
C VAL E 356 -0.93 -54.61 -97.25
N MET E 357 -1.28 -54.89 -95.99
CA MET E 357 -0.26 -55.16 -94.98
C MET E 357 0.69 -56.25 -95.48
N GLN E 358 0.13 -57.38 -95.91
CA GLN E 358 0.96 -58.43 -96.47
C GLN E 358 1.77 -57.92 -97.65
N ALA E 359 1.15 -57.09 -98.50
CA ALA E 359 1.86 -56.57 -99.66
C ALA E 359 3.09 -55.78 -99.25
N SER E 360 2.96 -54.95 -98.21
CA SER E 360 4.04 -54.05 -97.84
C SER E 360 4.95 -54.68 -96.78
N THR E 361 4.36 -55.40 -95.83
CA THR E 361 5.09 -55.75 -94.61
C THR E 361 6.08 -56.89 -94.82
N ALA E 362 5.96 -57.62 -95.95
CA ALA E 362 6.63 -58.91 -96.05
C ALA E 362 8.11 -58.84 -95.71
N ALA E 363 8.82 -57.83 -96.20
CA ALA E 363 10.27 -57.81 -96.02
C ALA E 363 10.85 -56.47 -96.43
N PRO E 364 12.12 -56.20 -96.14
CA PRO E 364 12.73 -54.97 -96.66
C PRO E 364 12.64 -54.86 -98.16
N SER E 365 12.65 -55.99 -98.87
CA SER E 365 12.36 -55.99 -100.30
C SER E 365 10.95 -55.50 -100.58
N ASN E 366 10.08 -55.49 -99.58
CA ASN E 366 8.71 -55.03 -99.71
C ASN E 366 8.37 -53.87 -98.79
N GLY E 367 9.31 -53.43 -97.95
CA GLY E 367 9.00 -52.55 -96.85
C GLY E 367 9.07 -53.34 -95.57
N ASP E 368 10.19 -53.24 -94.86
CA ASP E 368 10.41 -54.12 -93.72
C ASP E 368 9.46 -53.76 -92.59
N ILE E 369 9.19 -54.76 -91.74
CA ILE E 369 8.40 -54.54 -90.53
C ILE E 369 8.94 -53.31 -89.81
N THR E 370 10.26 -53.22 -89.69
CA THR E 370 10.86 -52.07 -89.02
C THR E 370 10.52 -50.77 -89.75
N LYS E 371 10.56 -50.80 -91.08
CA LYS E 371 10.36 -49.58 -91.87
C LYS E 371 9.66 -49.98 -93.16
N LEU E 372 8.33 -49.81 -93.17
CA LEU E 372 7.53 -50.01 -94.36
C LEU E 372 7.38 -48.69 -95.12
N ASN E 373 8.51 -48.06 -95.46
CA ASN E 373 8.50 -46.70 -95.98
C ASN E 373 8.25 -46.66 -97.48
N ASN E 374 7.02 -46.96 -97.91
CA ASN E 374 6.74 -46.93 -99.34
C ASN E 374 5.35 -46.36 -99.62
N PRO E 375 5.17 -45.65 -100.73
CA PRO E 375 3.83 -45.50 -101.31
C PRO E 375 3.47 -46.75 -102.08
N VAL E 376 2.33 -47.34 -101.75
CA VAL E 376 2.05 -48.72 -102.10
C VAL E 376 1.30 -48.80 -103.42
N THR E 377 1.51 -49.90 -104.13
CA THR E 377 0.82 -50.22 -105.36
C THR E 377 0.29 -51.65 -105.26
N VAL E 378 -0.83 -51.91 -105.94
CA VAL E 378 -1.53 -53.18 -105.78
C VAL E 378 -2.15 -53.59 -107.11
N THR E 379 -2.64 -54.83 -107.14
CA THR E 379 -3.47 -55.36 -108.23
C THR E 379 -4.52 -56.25 -107.55
N ILE E 380 -5.65 -55.66 -107.19
CA ILE E 380 -6.62 -56.30 -106.31
C ILE E 380 -7.94 -56.41 -107.05
N ASN E 381 -8.61 -57.54 -106.87
CA ASN E 381 -9.68 -57.94 -107.77
C ASN E 381 -9.12 -57.87 -109.19
N ASN E 382 -7.81 -58.13 -109.30
CA ASN E 382 -7.05 -58.04 -110.54
C ASN E 382 -6.96 -56.58 -110.99
N GLN E 383 -7.51 -55.65 -110.22
CA GLN E 383 -7.48 -54.25 -110.55
C GLN E 383 -6.33 -53.58 -109.81
N GLN E 384 -5.57 -52.75 -110.53
CA GLN E 384 -4.27 -52.27 -110.09
C GLN E 384 -4.37 -50.81 -109.67
N PHE E 385 -3.74 -50.49 -108.55
CA PHE E 385 -3.85 -49.18 -107.94
C PHE E 385 -2.56 -48.84 -107.22
N THR E 386 -2.33 -47.54 -107.00
CA THR E 386 -1.19 -47.04 -106.25
C THR E 386 -1.72 -46.23 -105.07
N ILE E 387 -0.98 -46.25 -103.96
CA ILE E 387 -1.55 -45.92 -102.66
C ILE E 387 -0.64 -44.97 -101.90
N ASP E 388 -1.23 -44.22 -100.98
CA ASP E 388 -0.52 -43.45 -99.97
C ASP E 388 -0.75 -44.09 -98.61
N LEU E 389 0.17 -43.81 -97.68
CA LEU E 389 0.10 -44.33 -96.32
C LEU E 389 -0.04 -43.18 -95.33
N LYS E 390 -0.76 -43.42 -94.23
CA LYS E 390 -0.97 -42.41 -93.21
C LYS E 390 -0.71 -43.02 -91.84
N GLN E 391 -0.05 -42.26 -90.97
CA GLN E 391 0.29 -42.69 -89.62
C GLN E 391 -0.44 -41.83 -88.60
N THR E 392 -0.61 -42.39 -87.40
CA THR E 392 -1.30 -41.69 -86.31
C THR E 392 -0.57 -42.00 -85.01
N ASP E 393 0.20 -41.03 -84.53
CA ASP E 393 1.03 -41.19 -83.34
C ASP E 393 0.35 -40.51 -82.15
N PHE E 394 0.23 -41.25 -81.05
CA PHE E 394 -0.32 -40.70 -79.82
C PHE E 394 0.76 -40.10 -78.94
N ILE E 395 1.97 -40.66 -79.01
CA ILE E 395 3.20 -39.96 -78.70
C ILE E 395 4.10 -40.08 -79.90
N LYS E 396 4.60 -38.96 -80.40
CA LYS E 396 5.44 -38.92 -81.59
C LYS E 396 6.83 -38.48 -81.19
N SER E 397 7.85 -39.16 -81.72
CA SER E 397 9.22 -38.94 -81.26
C SER E 397 9.66 -37.51 -81.56
N LYS E 398 10.81 -37.15 -80.98
CA LYS E 398 11.37 -35.82 -81.14
C LYS E 398 12.80 -35.91 -81.66
N MET E 399 13.07 -36.82 -82.59
CA MET E 399 14.44 -37.12 -82.97
C MET E 399 14.42 -38.07 -84.17
N THR E 400 15.59 -38.23 -84.78
CA THR E 400 15.79 -39.34 -85.69
C THR E 400 15.78 -40.65 -84.91
N ASP E 401 15.74 -41.75 -85.64
CA ASP E 401 15.75 -43.07 -85.04
C ASP E 401 17.12 -43.71 -85.24
N THR E 402 17.32 -44.93 -84.76
CA THR E 402 18.62 -45.58 -84.91
C THR E 402 19.02 -45.75 -86.37
N ASP E 403 18.08 -46.18 -87.23
CA ASP E 403 18.43 -46.49 -88.61
C ASP E 403 18.58 -45.25 -89.47
N GLY E 404 18.71 -44.07 -88.87
CA GLY E 404 18.97 -42.85 -89.60
C GLY E 404 17.71 -42.25 -90.19
N ASN E 405 16.57 -42.90 -89.99
CA ASN E 405 15.29 -42.36 -90.42
C ASN E 405 14.76 -41.43 -89.32
N ALA E 406 13.53 -40.95 -89.50
CA ALA E 406 12.91 -40.07 -88.51
C ALA E 406 12.17 -40.93 -87.50
N ALA E 407 12.61 -40.91 -86.24
CA ALA E 407 11.86 -41.56 -85.19
C ALA E 407 10.48 -40.93 -85.10
N ASN E 408 9.48 -41.76 -84.81
CA ASN E 408 8.10 -41.31 -84.77
C ASN E 408 7.40 -42.03 -83.62
N GLY E 409 6.08 -41.95 -83.59
CA GLY E 409 5.31 -42.64 -82.57
C GLY E 409 5.27 -44.14 -82.74
N ALA E 410 5.73 -44.65 -83.89
CA ALA E 410 5.87 -46.09 -84.06
C ALA E 410 7.20 -46.60 -83.53
N ASP E 411 8.27 -45.84 -83.75
CA ASP E 411 9.60 -46.26 -83.33
C ASP E 411 9.65 -46.35 -81.81
N TYR E 412 9.69 -47.56 -81.27
CA TYR E 412 9.60 -47.74 -79.83
C TYR E 412 10.95 -47.50 -79.16
N ASP E 413 11.93 -48.38 -79.42
CA ASP E 413 13.26 -48.22 -78.86
C ASP E 413 14.21 -47.51 -79.80
N ASN E 414 13.72 -47.11 -80.99
CA ASN E 414 14.59 -46.85 -82.13
C ASN E 414 15.05 -45.39 -82.10
N VAL E 415 16.07 -45.14 -81.27
CA VAL E 415 16.78 -43.86 -81.23
C VAL E 415 18.19 -44.12 -80.70
N TYR E 416 19.08 -43.16 -80.95
CA TYR E 416 20.40 -43.22 -80.32
C TYR E 416 20.26 -42.89 -78.84
N PHE E 417 21.29 -43.25 -78.06
CA PHE E 417 21.21 -42.98 -76.64
C PHE E 417 21.19 -41.48 -76.39
N GLU E 418 20.69 -41.09 -75.22
CA GLU E 418 20.38 -39.71 -74.92
C GLU E 418 21.54 -39.07 -74.17
N LYS E 419 21.79 -37.79 -74.47
CA LYS E 419 23.06 -37.16 -74.19
C LYS E 419 22.85 -35.83 -73.49
N ASN E 420 23.69 -35.55 -72.49
CA ASN E 420 23.74 -34.24 -71.83
C ASN E 420 25.21 -33.82 -71.80
N GLY E 421 25.65 -33.13 -72.85
CA GLY E 421 27.05 -32.73 -72.92
C GLY E 421 27.95 -33.95 -72.93
N ASN E 422 28.88 -33.99 -71.97
CA ASN E 422 29.77 -35.14 -71.84
C ASN E 422 29.09 -36.32 -71.17
N THR E 423 27.84 -36.18 -70.74
CA THR E 423 27.10 -37.24 -70.08
C THR E 423 26.03 -37.80 -71.01
N VAL E 424 25.87 -39.12 -70.98
CA VAL E 424 24.89 -39.83 -71.79
C VAL E 424 24.15 -40.80 -70.87
N TYR E 425 22.94 -41.18 -71.27
CA TYR E 425 22.12 -42.06 -70.46
C TYR E 425 21.19 -42.88 -71.34
N GLY E 426 20.90 -44.09 -70.88
CA GLY E 426 19.83 -44.90 -71.43
C GLY E 426 18.62 -44.83 -70.51
N ASN E 427 17.60 -44.10 -70.94
CA ASN E 427 16.56 -43.66 -70.03
C ASN E 427 15.72 -44.80 -69.45
N VAL E 428 15.80 -46.01 -69.99
CA VAL E 428 15.03 -47.11 -69.41
C VAL E 428 15.66 -47.44 -68.05
N SER E 429 14.97 -47.05 -66.98
CA SER E 429 15.41 -47.38 -65.64
C SER E 429 15.28 -48.89 -65.44
N GLN E 430 16.42 -49.59 -65.38
CA GLN E 430 16.40 -51.04 -65.34
C GLN E 430 16.00 -51.51 -63.94
N VAL E 431 14.81 -51.12 -63.51
CA VAL E 431 14.33 -51.42 -62.17
C VAL E 431 14.31 -52.92 -61.95
N ILE E 432 14.70 -53.35 -60.75
CA ILE E 432 14.62 -54.77 -60.42
C ILE E 432 13.16 -55.16 -60.22
N LYS E 433 12.78 -56.29 -60.80
CA LYS E 433 11.42 -56.78 -60.67
C LYS E 433 11.14 -57.17 -59.23
N GLY E 434 9.88 -57.06 -58.83
CA GLY E 434 9.48 -57.39 -57.46
C GLY E 434 9.78 -56.30 -56.46
N SER E 435 11.07 -56.04 -56.19
CA SER E 435 11.42 -54.92 -55.34
C SER E 435 10.94 -53.61 -55.95
N ASN E 436 10.78 -53.57 -57.27
CA ASN E 436 10.48 -52.34 -57.99
C ASN E 436 11.50 -51.25 -57.68
N ALA E 437 12.70 -51.65 -57.29
CA ALA E 437 13.78 -50.72 -56.99
C ALA E 437 14.83 -50.77 -58.10
N TYR E 438 15.57 -49.69 -58.23
CA TYR E 438 16.63 -49.64 -59.23
C TYR E 438 17.61 -50.78 -59.05
N ALA E 439 18.01 -51.39 -60.16
CA ALA E 439 19.08 -52.35 -60.14
C ALA E 439 20.41 -51.62 -60.01
N THR E 440 21.51 -52.37 -60.13
CA THR E 440 22.84 -51.82 -59.97
C THR E 440 23.76 -52.41 -61.02
N ASP E 441 24.99 -51.89 -61.07
CA ASP E 441 26.01 -52.45 -61.93
C ASP E 441 26.27 -53.91 -61.56
N SER E 442 26.39 -54.18 -60.26
CA SER E 442 26.63 -55.53 -59.78
C SER E 442 25.40 -56.40 -59.97
N THR E 443 24.27 -55.79 -60.29
CA THR E 443 23.05 -56.57 -60.50
C THR E 443 23.23 -57.51 -61.69
N LYS E 444 22.78 -58.75 -61.52
CA LYS E 444 23.00 -59.77 -62.50
C LYS E 444 21.91 -59.72 -63.57
N LEU E 445 22.04 -60.60 -64.56
CA LEU E 445 21.11 -60.57 -65.68
C LEU E 445 19.69 -60.87 -65.23
N SER E 446 19.53 -61.86 -64.35
CA SER E 446 18.20 -62.34 -63.99
C SER E 446 17.36 -61.26 -63.33
N GLU E 447 17.99 -60.34 -62.59
CA GLU E 447 17.24 -59.47 -61.69
C GLU E 447 16.23 -58.61 -62.43
N VAL E 448 16.67 -57.88 -63.45
CA VAL E 448 15.73 -57.08 -64.23
C VAL E 448 14.95 -57.96 -65.19
N MET E 449 15.64 -58.61 -66.13
CA MET E 449 15.03 -59.60 -67.01
C MET E 449 13.67 -59.11 -67.50
N ALA E 450 13.66 -58.01 -68.25
CA ALA E 450 12.40 -57.37 -68.62
C ALA E 450 11.38 -58.39 -69.11
N GLY E 451 11.83 -59.43 -69.81
CA GLY E 451 10.94 -60.50 -70.19
C GLY E 451 11.08 -61.69 -69.26
N ASP E 452 11.46 -62.84 -69.82
CA ASP E 452 11.60 -64.05 -69.03
C ASP E 452 12.88 -64.81 -69.36
N SER E 453 13.42 -64.62 -70.55
CA SER E 453 14.35 -65.57 -71.15
C SER E 453 15.72 -64.95 -71.39
N LEU E 454 16.75 -65.74 -71.07
CA LEU E 454 18.10 -65.54 -71.57
C LEU E 454 18.36 -66.29 -72.86
N ASN E 455 17.39 -67.08 -73.31
CA ASN E 455 17.61 -68.11 -74.31
C ASN E 455 17.05 -67.64 -75.64
N GLY E 456 17.92 -67.53 -76.63
CA GLY E 456 17.56 -66.89 -77.88
C GLY E 456 17.63 -65.39 -77.78
N THR E 457 17.57 -64.88 -76.54
CA THR E 457 17.66 -63.44 -76.33
C THR E 457 19.05 -62.96 -76.70
N THR E 458 19.10 -61.90 -77.50
CA THR E 458 20.35 -61.44 -78.08
C THR E 458 20.24 -59.94 -78.32
N LEU E 459 21.33 -59.22 -78.07
CA LEU E 459 21.34 -57.77 -78.18
C LEU E 459 22.21 -57.36 -79.36
N ASN E 460 21.73 -56.37 -80.10
CA ASN E 460 22.37 -55.94 -81.34
C ASN E 460 22.65 -54.45 -81.20
N LEU E 461 23.88 -54.04 -81.51
CA LEU E 461 24.40 -52.80 -80.98
C LEU E 461 25.23 -52.07 -82.03
N LYS E 462 25.04 -50.75 -82.09
CA LYS E 462 25.90 -49.84 -82.83
C LYS E 462 26.33 -48.71 -81.92
N VAL E 463 27.59 -48.32 -82.02
CA VAL E 463 28.14 -47.25 -81.20
C VAL E 463 29.37 -46.66 -81.85
N ASN E 464 29.55 -45.36 -81.65
CA ASN E 464 30.74 -44.63 -82.03
C ASN E 464 31.63 -44.51 -80.80
N SER E 465 32.92 -44.76 -80.97
CA SER E 465 33.81 -44.44 -79.86
C SER E 465 33.89 -42.92 -79.71
N LYS E 466 34.60 -42.47 -78.68
CA LYS E 466 34.52 -41.07 -78.27
C LYS E 466 34.81 -40.11 -79.40
N GLY E 467 35.52 -40.53 -80.45
CA GLY E 467 35.84 -39.66 -81.55
C GLY E 467 34.97 -39.92 -82.76
N GLY E 468 33.78 -40.47 -82.55
CA GLY E 468 32.92 -40.84 -83.65
C GLY E 468 33.28 -42.14 -84.32
N ASN E 469 34.29 -42.85 -83.83
CA ASN E 469 34.76 -44.07 -84.48
C ASN E 469 33.67 -45.13 -84.39
N SER E 470 33.15 -45.55 -85.55
CA SER E 470 31.88 -46.26 -85.63
C SER E 470 32.09 -47.70 -86.08
N TYR E 471 31.72 -48.65 -85.22
CA TYR E 471 31.69 -50.07 -85.54
C TYR E 471 30.54 -50.71 -84.78
N ASP E 472 30.36 -52.02 -84.96
CA ASP E 472 29.17 -52.73 -84.51
C ASP E 472 29.50 -53.83 -83.51
N VAL E 473 28.45 -54.31 -82.83
CA VAL E 473 28.57 -55.42 -81.89
C VAL E 473 27.22 -56.12 -81.76
N THR E 474 27.27 -57.44 -81.54
CA THR E 474 26.11 -58.23 -81.14
C THR E 474 26.49 -59.11 -79.96
N ILE E 475 25.52 -59.36 -79.09
CA ILE E 475 25.72 -60.22 -77.93
C ILE E 475 24.57 -61.22 -77.86
N ASN E 476 24.89 -62.51 -77.87
CA ASN E 476 23.92 -63.56 -77.61
C ASN E 476 23.93 -63.85 -76.12
N LEU E 477 22.82 -63.55 -75.45
CA LEU E 477 22.78 -63.63 -74.00
C LEU E 477 22.79 -65.07 -73.52
N GLN E 478 22.09 -65.96 -74.22
CA GLN E 478 22.08 -67.37 -73.82
C GLN E 478 23.50 -67.91 -73.68
N THR E 479 24.36 -67.58 -74.64
CA THR E 479 25.72 -68.10 -74.66
C THR E 479 26.72 -67.17 -73.99
N SER E 480 26.27 -66.02 -73.48
CA SER E 480 27.19 -65.03 -72.93
C SER E 480 28.28 -64.69 -73.94
N THR E 481 27.89 -64.65 -75.21
CA THR E 481 28.83 -64.53 -76.32
C THR E 481 28.68 -63.16 -76.98
N VAL E 482 29.81 -62.54 -77.28
CA VAL E 482 29.85 -61.27 -77.98
C VAL E 482 30.39 -61.52 -79.38
N SER E 483 29.99 -60.67 -80.32
CA SER E 483 30.46 -60.75 -81.69
C SER E 483 30.59 -59.34 -82.24
N TYR E 484 31.43 -59.14 -83.24
CA TYR E 484 31.51 -57.83 -83.88
C TYR E 484 32.26 -57.93 -85.18
N PRO E 485 31.86 -57.11 -86.17
CA PRO E 485 32.50 -57.19 -87.48
C PRO E 485 33.94 -56.73 -87.39
N ASP E 486 34.82 -57.36 -88.16
CA ASP E 486 36.21 -56.96 -88.16
C ASP E 486 36.40 -55.90 -89.22
N PRO E 487 36.98 -54.76 -88.84
CA PRO E 487 37.27 -53.76 -89.86
C PRO E 487 38.12 -54.38 -90.96
N ASN E 488 38.92 -55.37 -90.62
CA ASN E 488 39.72 -56.06 -91.62
C ASN E 488 38.79 -56.61 -92.66
N ASN E 489 37.74 -57.28 -92.20
CA ASN E 489 36.74 -57.88 -93.13
C ASN E 489 35.48 -58.53 -92.51
N PRO E 490 34.46 -58.77 -93.34
CA PRO E 490 33.29 -59.46 -92.81
C PRO E 490 33.69 -60.82 -92.31
N GLY E 491 34.49 -61.54 -93.09
CA GLY E 491 34.96 -62.85 -92.68
C GLY E 491 35.92 -62.69 -91.53
N GLN E 492 36.62 -61.56 -91.49
CA GLN E 492 37.58 -61.33 -90.43
C GLN E 492 36.89 -61.12 -89.10
N THR E 493 35.57 -60.92 -89.12
CA THR E 493 34.79 -60.73 -87.90
C THR E 493 35.27 -61.55 -86.70
N ILE E 494 34.95 -61.12 -85.50
CA ILE E 494 35.45 -61.79 -84.30
C ILE E 494 34.41 -61.94 -83.20
N SER E 495 34.60 -62.93 -82.33
CA SER E 495 33.71 -63.11 -81.20
C SER E 495 34.47 -63.74 -80.05
N PHE E 496 33.85 -63.71 -78.86
CA PHE E 496 34.41 -64.35 -77.69
C PHE E 496 33.29 -64.64 -76.71
N PRO E 497 33.41 -65.69 -75.89
CA PRO E 497 32.48 -65.87 -74.77
C PRO E 497 33.03 -65.23 -73.52
N ILE E 498 32.15 -64.69 -72.69
CA ILE E 498 32.57 -63.89 -71.55
C ILE E 498 33.09 -64.80 -70.44
N MET E 499 34.19 -64.39 -69.81
CA MET E 499 34.86 -65.16 -68.77
C MET E 499 35.09 -64.27 -67.56
N HIS E 500 35.75 -64.83 -66.56
CA HIS E 500 36.18 -64.10 -65.38
C HIS E 500 37.32 -64.87 -64.73
N THR E 501 38.09 -64.17 -63.90
CA THR E 501 39.06 -64.82 -63.02
C THR E 501 38.28 -65.56 -61.95
N ASN E 502 38.22 -66.88 -62.06
CA ASN E 502 37.67 -67.61 -60.94
C ASN E 502 38.56 -67.30 -59.73
N PRO E 503 38.08 -66.50 -58.78
CA PRO E 503 38.97 -66.04 -57.72
C PRO E 503 39.25 -67.11 -56.68
N ALA E 504 38.34 -68.06 -56.51
CA ALA E 504 38.63 -69.19 -55.63
C ALA E 504 39.88 -69.93 -56.06
N THR E 505 40.24 -69.84 -57.34
CA THR E 505 41.49 -70.38 -57.84
C THR E 505 42.31 -69.32 -58.57
N GLY E 506 41.83 -68.09 -58.65
CA GLY E 506 42.54 -67.05 -59.35
C GLY E 506 42.72 -67.37 -60.81
N ASN E 507 41.92 -68.30 -61.34
CA ASN E 507 42.03 -68.71 -62.73
C ASN E 507 41.47 -67.62 -63.62
N SER E 508 42.34 -66.67 -63.96
CA SER E 508 42.08 -65.79 -65.09
C SER E 508 41.61 -66.62 -66.27
N GLY E 509 40.39 -66.35 -66.74
CA GLY E 509 39.86 -67.05 -67.88
C GLY E 509 38.82 -68.12 -67.57
N VAL E 510 38.04 -67.95 -66.51
CA VAL E 510 36.97 -68.89 -66.20
C VAL E 510 35.65 -68.30 -66.67
N VAL E 511 34.83 -69.13 -67.32
CA VAL E 511 33.56 -68.70 -67.89
C VAL E 511 32.70 -68.06 -66.81
N THR E 512 31.84 -67.14 -67.21
CA THR E 512 30.83 -66.54 -66.34
C THR E 512 29.44 -66.93 -66.84
N GLY E 513 28.65 -67.54 -65.96
CA GLY E 513 27.35 -68.04 -66.37
C GLY E 513 26.44 -66.94 -66.85
N SER E 514 25.57 -67.28 -67.80
CA SER E 514 24.73 -66.26 -68.42
C SER E 514 23.86 -65.56 -67.38
N ASN E 515 23.13 -66.33 -66.58
CA ASN E 515 22.20 -65.73 -65.62
C ASN E 515 22.92 -64.76 -64.70
N ASP E 516 24.12 -65.09 -64.26
CA ASP E 516 24.71 -64.41 -63.12
C ASP E 516 25.53 -63.19 -63.50
N ILE E 517 25.83 -62.98 -64.79
CA ILE E 517 26.63 -61.83 -65.20
C ILE E 517 26.04 -60.56 -64.64
N THR E 518 26.86 -59.76 -63.98
CA THR E 518 26.45 -58.47 -63.48
C THR E 518 26.51 -57.41 -64.57
N TYR E 519 25.75 -56.33 -64.34
CA TYR E 519 25.77 -55.23 -65.27
C TYR E 519 27.07 -54.45 -65.18
N GLY E 520 27.78 -54.59 -64.06
CA GLY E 520 29.07 -53.94 -63.91
C GLY E 520 30.08 -54.47 -64.90
N GLN E 521 30.12 -55.78 -65.09
CA GLN E 521 30.98 -56.35 -66.12
C GLN E 521 30.68 -55.72 -67.47
N ILE E 522 29.39 -55.53 -67.77
CA ILE E 522 29.02 -54.93 -69.05
C ILE E 522 29.61 -53.54 -69.17
N ASN E 523 29.62 -52.79 -68.06
CA ASN E 523 30.19 -51.45 -68.08
C ASN E 523 31.64 -51.49 -68.59
N ASP E 524 32.36 -52.56 -68.28
CA ASP E 524 33.70 -52.73 -68.85
C ASP E 524 33.61 -52.93 -70.36
N ILE E 525 32.71 -53.80 -70.80
CA ILE E 525 32.51 -54.00 -72.24
C ILE E 525 32.15 -52.68 -72.89
N ILE E 526 31.26 -51.91 -72.24
CA ILE E 526 30.88 -50.61 -72.76
C ILE E 526 32.11 -49.71 -72.87
N GLY E 527 32.89 -49.63 -71.79
CA GLY E 527 34.11 -48.86 -71.84
C GLY E 527 35.13 -49.45 -72.80
N MET E 528 35.20 -50.79 -72.85
CA MET E 528 36.23 -51.44 -73.65
C MET E 528 36.06 -51.10 -75.12
N PHE E 529 34.85 -51.25 -75.65
CA PHE E 529 34.66 -50.84 -77.04
C PHE E 529 34.60 -49.32 -77.15
N ALA E 530 34.09 -48.64 -76.13
CA ALA E 530 34.15 -47.18 -76.14
C ALA E 530 35.58 -46.70 -76.32
N ALA E 531 36.54 -47.49 -75.84
CA ALA E 531 37.95 -47.28 -76.13
C ALA E 531 38.43 -48.21 -77.24
N ASP E 532 37.50 -48.65 -78.09
CA ASP E 532 37.79 -49.41 -79.29
C ASP E 532 38.58 -50.68 -79.02
N LYS E 533 38.36 -51.31 -77.87
CA LYS E 533 39.01 -52.58 -77.57
C LYS E 533 38.25 -53.70 -78.26
N ILE E 534 38.90 -54.37 -79.21
CA ILE E 534 38.31 -55.50 -79.91
C ILE E 534 39.24 -56.70 -79.78
N PRO E 535 38.72 -57.90 -79.50
CA PRO E 535 39.58 -59.10 -79.52
C PRO E 535 40.32 -59.23 -80.84
N THR E 536 41.65 -59.14 -80.81
CA THR E 536 42.43 -59.23 -82.03
C THR E 536 42.24 -60.56 -82.75
N THR E 537 41.87 -61.62 -82.02
CA THR E 537 41.42 -62.87 -82.59
C THR E 537 40.17 -63.32 -81.85
N THR E 538 39.44 -64.24 -82.46
CA THR E 538 38.37 -64.90 -81.74
C THR E 538 38.97 -65.83 -80.68
N ILE E 539 38.43 -65.75 -79.47
CA ILE E 539 38.93 -66.52 -78.34
C ILE E 539 37.75 -67.24 -77.72
N GLN E 540 37.96 -68.49 -77.32
CA GLN E 540 36.86 -69.35 -76.90
C GLN E 540 37.26 -70.12 -75.65
N ALA E 541 36.26 -70.48 -74.86
CA ALA E 541 36.45 -71.14 -73.57
C ALA E 541 36.78 -72.61 -73.80
N ASN E 542 38.07 -72.93 -73.71
CA ASN E 542 38.49 -74.32 -73.86
C ASN E 542 37.97 -75.13 -72.70
N ASN E 543 36.94 -75.94 -72.95
CA ASN E 543 36.24 -76.65 -71.88
C ASN E 543 35.90 -75.71 -70.73
N GLY E 544 35.51 -74.48 -71.07
CA GLY E 544 35.19 -73.49 -70.07
C GLY E 544 36.37 -72.68 -69.59
N GLN E 545 37.55 -72.82 -70.19
CA GLN E 545 38.74 -72.10 -69.75
C GLN E 545 39.52 -71.54 -70.92
N ILE E 546 40.07 -70.36 -70.71
CA ILE E 546 41.19 -69.84 -71.48
C ILE E 546 42.31 -69.56 -70.48
N ASN E 547 43.55 -69.61 -70.97
CA ASN E 547 44.68 -69.50 -70.08
C ASN E 547 44.64 -68.20 -69.29
N ASN E 548 45.25 -68.23 -68.10
CA ASN E 548 45.28 -67.04 -67.27
C ASN E 548 45.92 -65.88 -67.99
N ALA E 549 47.06 -66.12 -68.64
CA ALA E 549 47.70 -65.06 -69.41
C ALA E 549 46.77 -64.54 -70.49
N ASP E 550 46.09 -65.44 -71.19
CA ASP E 550 45.10 -65.01 -72.17
C ASP E 550 44.11 -64.04 -71.53
N TYR E 551 43.36 -64.51 -70.54
CA TYR E 551 42.40 -63.66 -69.87
C TYR E 551 43.08 -62.47 -69.20
N THR E 552 44.16 -62.74 -68.47
CA THR E 552 44.85 -61.66 -67.79
C THR E 552 45.34 -60.61 -68.77
N GLN E 553 45.85 -61.03 -69.92
CA GLN E 553 46.17 -60.07 -70.98
C GLN E 553 44.93 -59.27 -71.33
N ILE E 554 43.79 -59.94 -71.48
CA ILE E 554 42.55 -59.22 -71.74
C ILE E 554 42.23 -58.30 -70.58
N GLN E 555 42.50 -58.74 -69.35
CA GLN E 555 42.30 -57.86 -68.20
C GLN E 555 43.07 -56.56 -68.38
N GLN E 556 44.28 -56.64 -68.92
CA GLN E 556 45.00 -55.42 -69.25
C GLN E 556 44.20 -54.58 -70.23
N LEU E 557 43.66 -55.21 -71.27
CA LEU E 557 42.77 -54.49 -72.18
C LEU E 557 41.59 -53.88 -71.43
N MET E 558 41.07 -54.57 -70.42
CA MET E 558 40.01 -53.99 -69.62
C MET E 558 40.51 -52.79 -68.83
N LYS E 559 41.66 -52.91 -68.18
CA LYS E 559 42.24 -51.77 -67.49
C LYS E 559 42.54 -50.63 -68.45
N ASP E 560 42.95 -50.95 -69.68
CA ASP E 560 43.26 -49.91 -70.65
C ASP E 560 42.05 -49.02 -70.90
N SER E 561 40.89 -49.61 -71.12
CA SER E 561 39.70 -48.84 -71.43
C SER E 561 39.21 -48.05 -70.23
N GLN E 562 39.38 -48.59 -69.02
CA GLN E 562 38.86 -47.93 -67.83
C GLN E 562 39.39 -46.51 -67.69
N ALA E 563 40.56 -46.23 -68.26
CA ALA E 563 41.15 -44.90 -68.17
C ALA E 563 40.36 -43.86 -68.95
N THR E 564 39.40 -44.26 -69.78
CA THR E 564 38.78 -43.38 -70.75
C THR E 564 37.39 -42.90 -70.36
N VAL E 565 36.46 -43.82 -70.08
CA VAL E 565 35.05 -43.46 -69.93
C VAL E 565 34.53 -44.03 -68.63
N ASP E 566 33.40 -43.50 -68.18
CA ASP E 566 32.75 -43.92 -66.95
C ASP E 566 31.36 -44.45 -67.26
N VAL E 567 31.04 -45.62 -66.70
CA VAL E 567 29.78 -46.30 -66.96
C VAL E 567 29.21 -46.83 -65.65
N SER E 568 27.93 -46.54 -65.40
CA SER E 568 27.28 -47.01 -64.18
C SER E 568 25.78 -46.91 -64.35
N MET E 569 25.05 -47.68 -63.54
CA MET E 569 23.61 -47.55 -63.40
C MET E 569 23.35 -46.59 -62.25
N ASP E 570 22.46 -45.63 -62.47
CA ASP E 570 22.52 -44.37 -61.75
C ASP E 570 21.43 -44.25 -60.68
N TYR E 571 21.39 -43.06 -60.08
CA TYR E 571 20.52 -42.75 -58.96
C TYR E 571 19.03 -42.85 -59.30
N LYS E 572 18.67 -42.86 -60.58
CA LYS E 572 17.28 -43.03 -61.00
C LYS E 572 17.02 -44.40 -61.60
N GLY E 573 17.96 -45.34 -61.48
CA GLY E 573 17.80 -46.63 -62.10
C GLY E 573 18.07 -46.57 -63.58
N ARG E 574 18.29 -45.37 -64.10
CA ARG E 574 18.72 -45.23 -65.48
C ARG E 574 20.18 -45.68 -65.58
N ILE E 575 20.72 -45.55 -66.78
CA ILE E 575 22.14 -45.75 -67.01
C ILE E 575 22.79 -44.38 -67.11
N SER E 576 23.81 -44.14 -66.28
CA SER E 576 24.60 -42.93 -66.35
C SER E 576 25.98 -43.29 -66.88
N VAL E 577 26.32 -42.73 -68.03
CA VAL E 577 27.65 -42.88 -68.62
C VAL E 577 28.19 -41.48 -68.86
N THR E 578 29.46 -41.28 -68.49
CA THR E 578 30.04 -39.95 -68.53
C THR E 578 31.45 -40.04 -69.10
N ASP E 579 31.81 -39.01 -69.86
CA ASP E 579 33.17 -38.85 -70.38
C ASP E 579 33.98 -38.13 -69.30
N LYS E 580 35.05 -38.76 -68.85
CA LYS E 580 35.89 -38.21 -67.81
C LYS E 580 36.32 -36.79 -68.14
N LEU E 581 36.60 -36.55 -69.42
CA LEU E 581 37.53 -35.50 -69.83
C LEU E 581 36.88 -34.15 -70.12
N SER E 582 35.57 -34.09 -70.34
CA SER E 582 35.00 -32.94 -71.03
C SER E 582 33.66 -32.58 -70.41
N SER E 583 33.05 -31.52 -70.97
CA SER E 583 31.65 -31.23 -70.80
C SER E 583 30.85 -31.59 -72.03
N GLY E 584 31.52 -31.91 -73.13
CA GLY E 584 30.87 -32.44 -74.32
C GLY E 584 31.75 -33.50 -74.93
N THR E 585 31.14 -34.37 -75.73
CA THR E 585 31.86 -35.51 -76.27
C THR E 585 31.22 -35.93 -77.58
N ASN E 586 31.82 -36.95 -78.20
CA ASN E 586 31.42 -37.45 -79.51
C ASN E 586 31.30 -38.96 -79.49
N ILE E 587 30.58 -39.48 -78.49
CA ILE E 587 30.30 -40.91 -78.37
C ILE E 587 28.79 -41.11 -78.53
N GLU E 588 28.40 -41.95 -79.48
CA GLU E 588 26.99 -42.12 -79.83
C GLU E 588 26.69 -43.59 -80.04
N ILE E 589 25.46 -44.00 -79.73
CA ILE E 589 25.13 -45.42 -79.65
C ILE E 589 23.74 -45.66 -80.22
N SER E 590 23.55 -46.86 -80.78
CA SER E 590 22.23 -47.43 -81.00
C SER E 590 22.27 -48.89 -80.57
N LEU E 591 21.16 -49.36 -80.01
CA LEU E 591 21.08 -50.73 -79.51
C LEU E 591 19.73 -51.31 -79.86
N SER E 592 19.68 -52.64 -79.93
CA SER E 592 18.43 -53.35 -80.15
C SER E 592 18.49 -54.72 -79.51
N ASP E 593 17.35 -55.19 -79.02
CA ASP E 593 17.18 -56.54 -78.51
C ASP E 593 16.47 -57.38 -79.57
N SER E 594 16.49 -58.70 -79.37
CA SER E 594 15.90 -59.64 -80.31
C SER E 594 14.54 -59.15 -80.83
N GLN E 595 13.72 -58.57 -79.96
CA GLN E 595 12.39 -58.14 -80.33
C GLN E 595 12.17 -56.64 -80.17
N SER E 596 13.23 -55.86 -79.98
CA SER E 596 13.08 -54.41 -79.85
C SER E 596 12.41 -53.84 -81.09
N GLY E 597 11.19 -53.35 -80.91
CA GLY E 597 10.47 -52.70 -82.00
C GLY E 597 9.84 -53.68 -82.97
N GLN E 598 10.19 -54.96 -82.86
CA GLN E 598 9.70 -55.94 -83.81
C GLN E 598 8.19 -56.13 -83.62
N PHE E 599 7.57 -56.73 -84.64
CA PHE E 599 6.11 -56.76 -84.72
C PHE E 599 5.56 -58.16 -84.45
N PRO E 600 4.34 -58.24 -83.93
CA PRO E 600 3.62 -59.52 -83.92
C PRO E 600 3.37 -60.03 -85.33
N ALA E 601 3.25 -61.35 -85.46
CA ALA E 601 2.99 -61.96 -86.76
C ALA E 601 1.52 -61.79 -87.15
N PRO E 602 1.20 -61.11 -88.25
CA PRO E 602 -0.20 -60.90 -88.61
C PRO E 602 -0.72 -62.04 -89.48
N PRO E 603 -2.00 -62.01 -89.88
CA PRO E 603 -3.05 -61.02 -89.57
C PRO E 603 -3.49 -61.00 -88.11
N PHE E 604 -4.45 -60.12 -87.80
CA PHE E 604 -5.04 -60.04 -86.47
C PHE E 604 -6.50 -59.64 -86.62
N THR E 605 -7.23 -59.65 -85.51
CA THR E 605 -8.67 -59.47 -85.52
C THR E 605 -9.05 -58.00 -85.45
N THR E 606 -10.35 -57.75 -85.56
CA THR E 606 -10.89 -56.39 -85.51
C THR E 606 -11.01 -55.90 -84.08
N THR E 607 -10.53 -56.70 -83.13
CA THR E 607 -10.49 -56.29 -81.73
C THR E 607 -9.15 -56.70 -81.17
N SER E 608 -8.92 -56.33 -79.91
CA SER E 608 -7.65 -56.55 -79.24
C SER E 608 -7.09 -57.94 -79.51
N THR E 609 -5.88 -58.01 -80.07
CA THR E 609 -5.18 -59.26 -80.30
C THR E 609 -3.72 -59.05 -79.97
N VAL E 610 -3.05 -60.10 -79.50
CA VAL E 610 -1.81 -59.94 -78.74
C VAL E 610 -0.73 -60.90 -79.22
N GLN E 611 0.48 -60.38 -79.36
CA GLN E 611 1.71 -61.16 -79.23
C GLN E 611 2.69 -60.30 -78.44
N ASN E 612 3.49 -60.94 -77.61
CA ASN E 612 4.09 -60.25 -76.47
C ASN E 612 5.35 -59.48 -76.83
N GLY E 613 5.81 -58.67 -75.87
CA GLY E 613 6.88 -57.72 -76.07
C GLY E 613 8.27 -58.33 -75.97
N PRO E 614 9.30 -57.48 -76.09
CA PRO E 614 10.68 -57.96 -76.01
C PRO E 614 11.06 -58.33 -74.59
N ASN E 615 12.28 -58.85 -74.46
CA ASN E 615 12.82 -59.26 -73.17
C ASN E 615 13.77 -58.25 -72.55
N PHE E 616 14.20 -57.23 -73.30
CA PHE E 616 15.12 -56.23 -72.77
C PHE E 616 15.01 -54.95 -73.59
N SER E 617 15.47 -53.85 -73.01
CA SER E 617 15.39 -52.54 -73.65
C SER E 617 16.33 -51.57 -72.97
N PHE E 618 16.57 -50.43 -73.63
CA PHE E 618 17.51 -49.42 -73.16
C PHE E 618 16.86 -48.03 -73.10
N SER E 619 16.03 -47.73 -74.10
CA SER E 619 15.34 -46.45 -74.19
C SER E 619 14.12 -46.67 -75.07
N ALA E 620 13.20 -45.70 -75.04
CA ALA E 620 11.97 -45.91 -75.78
C ALA E 620 11.26 -44.59 -76.07
N ASN E 621 10.54 -44.57 -77.18
CA ASN E 621 9.47 -43.61 -77.43
C ASN E 621 8.17 -44.22 -76.92
N ASN E 622 7.52 -43.53 -75.98
CA ASN E 622 6.46 -44.17 -75.22
C ASN E 622 5.61 -43.16 -74.45
N SER E 623 4.81 -43.67 -73.52
CA SER E 623 3.87 -42.88 -72.74
C SER E 623 4.49 -41.69 -72.04
N LEU E 624 3.64 -40.73 -71.65
CA LEU E 624 3.98 -39.72 -70.67
C LEU E 624 3.54 -40.21 -69.29
N THR E 625 4.15 -39.66 -68.25
CA THR E 625 3.84 -40.07 -66.90
C THR E 625 4.29 -39.00 -65.91
N ILE E 626 3.42 -38.66 -64.97
CA ILE E 626 3.86 -37.98 -63.77
C ILE E 626 3.23 -38.63 -62.54
N ASP E 627 3.89 -39.67 -62.02
CA ASP E 627 3.67 -40.14 -60.67
C ASP E 627 4.68 -41.22 -60.39
N GLU E 628 5.41 -41.09 -59.31
CA GLU E 628 6.32 -42.12 -58.86
C GLU E 628 6.86 -41.73 -57.49
N PRO E 629 7.14 -42.71 -56.63
CA PRO E 629 7.44 -42.38 -55.22
C PRO E 629 8.61 -41.43 -55.02
N ASN E 630 9.49 -41.25 -56.01
CA ASN E 630 10.71 -40.45 -55.79
C ASN E 630 10.84 -39.16 -56.62
N VAL E 631 9.84 -38.29 -56.56
CA VAL E 631 9.90 -37.02 -57.31
C VAL E 631 11.00 -36.08 -56.80
N ASP E 632 11.73 -35.45 -57.71
CA ASP E 632 12.72 -34.45 -57.30
C ASP E 632 12.04 -33.10 -57.42
N ILE E 633 11.99 -32.35 -56.34
CA ILE E 633 11.26 -31.09 -56.36
C ILE E 633 11.93 -29.99 -57.18
N ILE E 634 13.23 -29.82 -57.01
CA ILE E 634 13.91 -28.71 -57.70
C ILE E 634 13.87 -28.86 -59.20
N LYS E 635 14.22 -30.03 -59.70
CA LYS E 635 14.21 -30.26 -61.13
C LYS E 635 12.80 -30.12 -61.66
N ASP E 636 11.82 -30.55 -60.88
CA ASP E 636 10.43 -30.47 -61.31
C ASP E 636 10.01 -29.05 -61.63
N LEU E 637 10.56 -28.08 -60.91
CA LEU E 637 10.14 -26.71 -61.10
C LEU E 637 10.46 -26.21 -62.50
N ASP E 638 11.67 -26.42 -62.99
CA ASP E 638 12.07 -25.88 -64.27
C ASP E 638 11.12 -26.34 -65.38
N SER E 639 10.65 -27.58 -65.30
CA SER E 639 9.61 -28.02 -66.22
C SER E 639 8.36 -27.18 -66.07
N MET E 640 8.01 -26.80 -64.84
CA MET E 640 6.82 -25.97 -64.64
C MET E 640 7.00 -24.61 -65.31
N ILE E 641 8.15 -23.98 -65.11
CA ILE E 641 8.40 -22.69 -65.77
C ILE E 641 8.34 -22.84 -67.27
N ASP E 642 8.83 -23.95 -67.81
CA ASP E 642 8.64 -24.23 -69.22
C ASP E 642 7.16 -24.21 -69.59
N ALA E 643 6.34 -24.89 -68.79
CA ALA E 643 4.92 -24.98 -69.10
C ALA E 643 4.26 -23.61 -69.05
N VAL E 644 4.64 -22.78 -68.08
CA VAL E 644 4.06 -21.44 -67.98
C VAL E 644 4.30 -20.67 -69.26
N LEU E 645 5.54 -20.68 -69.75
CA LEU E 645 5.82 -20.06 -71.03
C LEU E 645 5.00 -20.71 -72.14
N LYS E 646 4.94 -22.04 -72.15
CA LYS E 646 4.07 -22.74 -73.09
C LYS E 646 2.61 -22.50 -72.76
N GLY E 647 2.31 -22.12 -71.53
CA GLY E 647 0.93 -22.17 -71.07
C GLY E 647 0.40 -23.57 -70.99
N ASN E 648 1.29 -24.56 -70.84
CA ASN E 648 0.94 -25.97 -70.97
C ASN E 648 0.15 -26.40 -69.74
N MET E 649 -1.14 -26.09 -69.77
CA MET E 649 -2.08 -26.74 -68.86
C MET E 649 -1.77 -28.23 -68.86
N ARG E 650 -1.81 -28.81 -70.04
CA ARG E 650 -1.16 -30.08 -70.35
C ARG E 650 -0.29 -29.89 -71.59
N ALA E 651 0.32 -30.96 -72.06
CA ALA E 651 1.51 -30.88 -72.90
C ALA E 651 1.16 -30.49 -74.33
N ASP E 652 1.87 -29.50 -74.86
CA ASP E 652 1.99 -29.30 -76.30
C ASP E 652 3.13 -30.17 -76.79
N SER E 653 2.80 -31.35 -77.32
CA SER E 653 3.82 -32.36 -77.61
C SER E 653 4.83 -31.88 -78.65
N GLU E 654 4.47 -30.92 -79.49
CA GLU E 654 5.37 -30.44 -80.52
C GLU E 654 6.09 -29.15 -80.15
N SER E 655 5.62 -28.44 -79.14
CA SER E 655 6.46 -27.46 -78.49
C SER E 655 7.74 -28.15 -78.05
N GLU E 656 8.86 -27.42 -78.10
CA GLU E 656 10.17 -28.06 -77.96
C GLU E 656 10.19 -29.12 -76.87
N ASN E 657 9.47 -28.90 -75.78
CA ASN E 657 9.30 -29.95 -74.79
C ASN E 657 8.07 -30.78 -75.17
N PRO E 658 8.24 -32.06 -75.51
CA PRO E 658 7.09 -32.86 -75.94
C PRO E 658 6.35 -33.56 -74.82
N ARG E 659 6.87 -33.54 -73.60
CA ARG E 659 6.35 -34.37 -72.52
C ARG E 659 5.92 -33.57 -71.28
N ASN E 660 5.59 -32.29 -71.43
CA ASN E 660 5.35 -31.42 -70.28
C ASN E 660 3.85 -31.10 -70.18
N THR E 661 3.13 -31.96 -69.48
CA THR E 661 1.76 -31.64 -69.07
C THR E 661 1.82 -30.82 -67.79
N GLY E 662 2.61 -29.74 -67.82
CA GLY E 662 3.06 -29.14 -66.58
C GLY E 662 1.94 -28.58 -65.73
N MET E 663 1.30 -27.51 -66.20
CA MET E 663 0.65 -26.58 -65.29
C MET E 663 -0.51 -27.24 -64.55
N GLN E 664 -1.15 -28.24 -65.16
CA GLN E 664 -2.09 -29.06 -64.43
C GLN E 664 -1.38 -30.19 -63.70
N GLY E 665 -0.45 -30.87 -64.38
CA GLY E 665 0.23 -31.99 -63.77
C GLY E 665 0.99 -31.61 -62.52
N ALA E 666 1.56 -30.40 -62.52
CA ALA E 666 2.40 -29.99 -61.39
C ALA E 666 1.64 -29.98 -60.09
N LEU E 667 0.40 -29.47 -60.11
CA LEU E 667 -0.41 -29.47 -58.89
C LEU E 667 -0.52 -30.88 -58.32
N GLU E 668 -0.91 -31.83 -59.16
CA GLU E 668 -1.11 -33.20 -58.71
C GLU E 668 0.19 -33.79 -58.17
N ARG E 669 1.28 -33.64 -58.93
CA ARG E 669 2.58 -34.09 -58.45
C ARG E 669 3.01 -33.34 -57.20
N LEU E 670 2.79 -32.02 -57.17
CA LEU E 670 3.19 -31.24 -56.02
C LEU E 670 2.42 -31.65 -54.77
N ASP E 671 1.17 -32.07 -54.92
CA ASP E 671 0.41 -32.52 -53.77
C ASP E 671 1.09 -33.68 -53.08
N HIS E 672 1.59 -34.65 -53.84
CA HIS E 672 2.49 -35.65 -53.27
C HIS E 672 3.52 -34.98 -52.39
N LEU E 673 4.29 -34.05 -52.96
CA LEU E 673 5.35 -33.41 -52.19
C LEU E 673 4.81 -32.76 -50.93
N ALA E 674 3.62 -32.16 -51.00
CA ALA E 674 3.04 -31.54 -49.81
C ALA E 674 2.81 -32.57 -48.72
N ASP E 675 2.11 -33.66 -49.05
CA ASP E 675 1.99 -34.77 -48.11
C ASP E 675 3.36 -35.37 -47.82
N HIS E 676 4.14 -35.61 -48.88
CA HIS E 676 5.50 -36.10 -48.74
C HIS E 676 6.24 -35.36 -47.64
N VAL E 677 6.34 -34.04 -47.77
CA VAL E 677 7.11 -33.26 -46.79
C VAL E 677 6.42 -33.26 -45.44
N SER E 678 5.09 -33.21 -45.42
CA SER E 678 4.37 -33.17 -44.15
C SER E 678 4.84 -34.30 -43.24
N LYS E 679 5.03 -35.49 -43.80
CA LYS E 679 5.58 -36.59 -43.03
C LYS E 679 6.96 -36.24 -42.51
N LEU E 680 7.78 -35.61 -43.35
CA LEU E 680 9.14 -35.25 -42.95
C LEU E 680 9.12 -34.43 -41.68
N ASN E 681 8.30 -33.37 -41.65
CA ASN E 681 8.22 -32.55 -40.45
C ASN E 681 7.73 -33.38 -39.28
N THR E 682 6.88 -34.38 -39.54
CA THR E 682 6.40 -35.25 -38.47
C THR E 682 7.55 -35.98 -37.80
N THR E 683 8.42 -36.59 -38.60
CA THR E 683 9.55 -37.32 -38.03
C THR E 683 10.49 -36.39 -37.27
N MET E 684 10.82 -35.24 -37.85
CA MET E 684 11.73 -34.32 -37.18
C MET E 684 11.14 -33.85 -35.85
N GLY E 685 9.85 -33.52 -35.84
CA GLY E 685 9.18 -33.27 -34.58
C GLY E 685 9.21 -34.50 -33.69
N ALA E 686 8.89 -35.66 -34.26
CA ALA E 686 8.95 -36.89 -33.48
C ALA E 686 10.33 -37.08 -32.89
N TYR E 687 11.39 -36.81 -33.67
CA TYR E 687 12.74 -36.86 -33.12
C TYR E 687 12.82 -36.09 -31.82
N HIS E 688 12.46 -34.80 -31.86
CA HIS E 688 12.54 -33.98 -30.66
C HIS E 688 11.67 -34.53 -29.55
N ASN E 689 10.43 -34.89 -29.87
CA ASN E 689 9.50 -35.32 -28.83
C ASN E 689 10.10 -36.44 -27.99
N THR E 690 10.62 -37.47 -28.65
CA THR E 690 11.20 -38.59 -27.93
C THR E 690 12.37 -38.13 -27.06
N ILE E 691 13.35 -37.48 -27.69
CA ILE E 691 14.57 -37.14 -26.96
C ILE E 691 14.26 -36.18 -25.82
N GLU E 692 13.30 -35.27 -26.03
CA GLU E 692 12.93 -34.35 -24.96
C GLU E 692 12.55 -35.12 -23.71
N GLY E 693 11.68 -36.12 -23.86
CA GLY E 693 11.33 -36.94 -22.71
C GLY E 693 12.54 -37.59 -22.07
N VAL E 694 13.47 -38.06 -22.89
CA VAL E 694 14.66 -38.72 -22.37
C VAL E 694 15.47 -37.75 -21.51
N ASN E 695 15.79 -36.59 -22.08
CA ASN E 695 16.67 -35.65 -21.37
C ASN E 695 16.00 -35.14 -20.11
N THR E 696 14.75 -34.67 -20.23
CA THR E 696 14.02 -34.24 -19.04
C THR E 696 14.01 -35.35 -18.00
N ARG E 697 13.73 -36.58 -18.42
CA ARG E 697 13.83 -37.70 -17.49
C ARG E 697 15.26 -37.88 -17.02
N THR E 698 16.22 -37.73 -17.94
CA THR E 698 17.62 -37.75 -17.54
C THR E 698 17.89 -36.70 -16.49
N SER E 699 17.36 -35.49 -16.70
CA SER E 699 17.54 -34.42 -15.73
C SER E 699 17.00 -34.84 -14.37
N PHE E 700 15.77 -35.35 -14.33
CA PHE E 700 15.19 -35.77 -13.07
C PHE E 700 15.96 -36.93 -12.47
N LEU E 701 16.39 -37.88 -13.31
CA LEU E 701 17.01 -39.10 -12.81
C LEU E 701 18.22 -38.77 -11.93
N SER E 702 19.07 -37.87 -12.39
CA SER E 702 20.26 -37.52 -11.63
C SER E 702 19.89 -37.05 -10.23
N VAL E 703 18.72 -36.45 -10.08
CA VAL E 703 18.32 -35.91 -8.77
C VAL E 703 18.33 -37.02 -7.72
N ASN E 704 17.68 -38.14 -8.04
CA ASN E 704 17.61 -39.24 -7.09
C ASN E 704 19.00 -39.76 -6.76
N VAL E 705 19.85 -39.89 -7.78
CA VAL E 705 21.22 -40.35 -7.56
C VAL E 705 21.96 -39.37 -6.65
N GLN E 706 21.87 -38.08 -6.96
CA GLN E 706 22.60 -37.09 -6.18
C GLN E 706 22.10 -37.04 -4.75
N SER E 707 20.79 -37.06 -4.57
CA SER E 707 20.23 -37.10 -3.22
C SER E 707 20.75 -38.29 -2.46
N ILE E 708 20.48 -39.50 -2.96
CA ILE E 708 20.90 -40.70 -2.25
C ILE E 708 22.40 -40.70 -2.06
N LYS E 709 23.16 -40.29 -3.08
CA LYS E 709 24.60 -40.19 -2.91
C LYS E 709 24.94 -39.35 -1.69
N SER E 710 24.35 -38.16 -1.61
CA SER E 710 24.55 -37.31 -0.44
C SER E 710 24.00 -37.97 0.82
N ASN E 711 22.81 -38.56 0.73
CA ASN E 711 22.22 -39.19 1.89
C ASN E 711 23.15 -40.21 2.50
N VAL E 712 23.91 -40.91 1.65
CA VAL E 712 24.76 -42.00 2.11
C VAL E 712 25.97 -41.47 2.87
N ILE E 713 26.57 -40.39 2.37
CA ILE E 713 27.97 -40.11 2.71
C ILE E 713 28.07 -39.09 3.84
N ASP E 714 27.19 -38.09 3.87
CA ASP E 714 27.35 -36.94 4.73
C ASP E 714 26.74 -37.16 6.11
N VAL E 715 27.22 -36.40 7.09
CA VAL E 715 26.94 -36.65 8.50
C VAL E 715 26.29 -35.42 9.12
N ASP E 716 25.56 -35.64 10.21
CA ASP E 716 25.01 -34.53 10.98
C ASP E 716 26.06 -34.01 11.97
N TYR E 717 26.12 -32.68 12.09
CA TYR E 717 27.08 -32.06 12.98
C TYR E 717 26.58 -32.06 14.43
N GLY E 718 25.27 -31.91 14.63
CA GLY E 718 24.75 -31.80 15.98
C GLY E 718 25.05 -33.02 16.82
N GLU E 719 24.84 -34.21 16.27
CA GLU E 719 25.13 -35.42 17.02
C GLU E 719 26.60 -35.43 17.46
N ALA E 720 27.50 -35.10 16.53
CA ALA E 720 28.92 -35.04 16.88
C ALA E 720 29.17 -33.95 17.91
N MET E 721 28.47 -32.82 17.79
CA MET E 721 28.62 -31.76 18.78
C MET E 721 28.37 -32.28 20.18
N MET E 722 27.27 -33.01 20.37
CA MET E 722 27.00 -33.60 21.68
C MET E 722 28.18 -34.41 22.16
N ASN E 723 28.68 -35.32 21.32
CA ASN E 723 29.87 -36.07 21.68
C ASN E 723 31.07 -35.15 21.86
N LEU E 724 31.21 -34.16 20.98
CA LEU E 724 32.31 -33.22 21.10
C LEU E 724 32.24 -32.47 22.43
N MET E 725 31.05 -31.99 22.79
CA MET E 725 30.85 -31.47 24.13
C MET E 725 31.17 -32.53 25.17
N GLN E 726 30.65 -33.75 24.96
CA GLN E 726 30.81 -34.80 25.95
C GLN E 726 32.29 -35.08 26.22
N VAL E 727 33.07 -35.27 25.16
CA VAL E 727 34.46 -35.68 25.35
C VAL E 727 35.27 -34.55 25.97
N GLN E 728 35.02 -33.31 25.56
CA GLN E 728 35.86 -32.21 26.03
C GLN E 728 35.82 -32.10 27.55
N LEU E 729 34.66 -32.32 28.15
CA LEU E 729 34.57 -32.33 29.62
C LEU E 729 35.38 -33.48 30.21
N ALA E 730 35.16 -34.69 29.69
CA ALA E 730 35.93 -35.83 30.18
C ALA E 730 37.43 -35.59 30.01
N TYR E 731 37.82 -35.12 28.82
CA TYR E 731 39.20 -34.73 28.62
C TYR E 731 39.59 -33.60 29.57
N GLN E 732 38.66 -32.68 29.82
CA GLN E 732 38.91 -31.67 30.85
C GLN E 732 39.10 -32.30 32.21
N ALA E 733 38.20 -33.20 32.60
CA ALA E 733 38.37 -33.90 33.87
C ALA E 733 39.73 -34.57 33.95
N SER E 734 40.23 -35.06 32.80
CA SER E 734 41.51 -35.75 32.79
C SER E 734 42.62 -34.84 33.32
N LEU E 735 42.64 -33.57 32.91
CA LEU E 735 43.64 -32.68 33.45
C LEU E 735 43.54 -32.58 34.96
N LYS E 736 42.34 -32.31 35.47
CA LYS E 736 42.17 -32.19 36.91
C LYS E 736 42.68 -33.43 37.62
N ALA E 737 42.45 -34.60 37.03
CA ALA E 737 43.01 -35.82 37.58
C ALA E 737 44.53 -35.76 37.61
N SER E 738 45.14 -35.32 36.50
CA SER E 738 46.59 -35.19 36.47
C SER E 738 47.06 -34.17 37.50
N THR E 739 46.40 -33.01 37.57
CA THR E 739 46.76 -32.04 38.58
C THR E 739 46.70 -32.66 39.97
N THR E 740 45.77 -33.59 40.20
CA THR E 740 45.74 -34.31 41.46
C THR E 740 47.03 -35.10 41.65
N ILE E 741 47.62 -35.60 40.56
CA ILE E 741 48.84 -36.39 40.66
C ILE E 741 49.93 -35.58 41.35
N SER E 742 49.93 -34.26 41.18
CA SER E 742 50.90 -33.42 41.86
C SER E 742 50.91 -33.71 43.36
N GLN E 743 49.73 -33.83 43.96
CA GLN E 743 49.65 -34.15 45.38
C GLN E 743 50.03 -35.60 45.64
N LEU E 744 49.66 -36.50 44.72
CA LEU E 744 50.06 -37.88 44.84
C LEU E 744 51.58 -38.03 44.84
N SER E 745 52.29 -37.03 44.29
CA SER E 745 53.72 -37.16 44.09
C SER E 745 54.50 -37.11 45.40
N LEU E 746 53.83 -36.76 46.51
CA LEU E 746 54.54 -36.55 47.77
C LEU E 746 54.93 -37.86 48.46
N LEU E 747 54.27 -38.96 48.14
CA LEU E 747 54.35 -40.15 49.00
C LEU E 747 55.47 -41.09 48.59
N ASN E 748 55.70 -41.25 47.28
CA ASN E 748 56.37 -42.42 46.73
C ASN E 748 57.53 -42.96 47.55
N TYR E 749 58.35 -42.09 48.14
CA TYR E 749 59.64 -42.51 48.65
C TYR E 749 59.87 -42.05 50.08
N MET E 750 58.81 -41.95 50.87
CA MET E 750 58.90 -41.30 52.16
C MET E 750 58.82 -42.29 53.30
N MET F 1 56.84 -57.63 73.57
CA MET F 1 56.48 -57.56 72.16
C MET F 1 57.36 -56.52 71.51
N ARG F 2 57.66 -56.66 70.21
CA ARG F 2 58.63 -55.74 69.60
C ARG F 2 58.50 -55.36 68.12
N ILE F 3 58.25 -56.31 67.23
CA ILE F 3 58.30 -56.00 65.81
C ILE F 3 57.20 -55.00 65.42
N THR F 4 56.11 -54.94 66.20
CA THR F 4 54.92 -54.22 65.75
C THR F 4 55.22 -52.76 65.41
N ASN F 5 55.97 -52.06 66.26
CA ASN F 5 56.21 -50.64 65.99
C ASN F 5 56.87 -50.47 64.63
N LYS F 6 57.83 -51.34 64.32
CA LYS F 6 58.58 -51.21 63.08
C LYS F 6 57.69 -51.41 61.86
N LEU F 7 56.68 -52.28 61.97
CA LEU F 7 55.87 -52.60 60.80
C LEU F 7 54.81 -51.54 60.52
N ASN F 8 54.37 -50.80 61.53
CA ASN F 8 53.51 -49.65 61.22
C ASN F 8 54.21 -48.72 60.25
N PHE F 9 55.54 -48.62 60.34
CA PHE F 9 56.32 -47.99 59.29
C PHE F 9 55.96 -48.59 57.93
N THR F 10 55.98 -49.93 57.84
CA THR F 10 55.58 -50.59 56.61
C THR F 10 54.10 -50.35 56.31
N ASN F 11 53.26 -50.45 57.33
CA ASN F 11 51.82 -50.52 57.11
C ASN F 11 51.27 -49.22 56.57
N SER F 12 51.63 -48.09 57.20
CA SER F 12 51.06 -46.81 56.79
C SER F 12 51.28 -46.55 55.31
N VAL F 13 52.49 -46.85 54.82
CA VAL F 13 52.77 -46.71 53.39
C VAL F 13 51.82 -47.59 52.60
N ASN F 14 51.66 -48.84 53.04
CA ASN F 14 50.68 -49.72 52.40
C ASN F 14 49.30 -49.10 52.44
N ASN F 15 48.91 -48.56 53.59
CA ASN F 15 47.57 -48.02 53.74
C ASN F 15 47.38 -46.80 52.85
N SER F 16 48.29 -45.83 52.93
CA SER F 16 48.18 -44.65 52.08
C SER F 16 48.31 -45.02 50.61
N MET F 17 49.24 -45.93 50.28
CA MET F 17 49.37 -46.36 48.90
C MET F 17 48.08 -46.98 48.38
N GLY F 18 47.46 -47.84 49.18
CA GLY F 18 46.19 -48.41 48.78
C GLY F 18 45.14 -47.35 48.50
N GLY F 19 45.03 -46.38 49.40
CA GLY F 19 44.14 -45.26 49.13
C GLY F 19 44.52 -44.54 47.85
N GLN F 20 45.81 -44.35 47.63
CA GLN F 20 46.27 -43.80 46.35
C GLN F 20 45.84 -44.69 45.20
N SER F 21 45.98 -46.01 45.36
CA SER F 21 45.56 -46.92 44.30
C SER F 21 44.06 -46.77 44.02
N ALA F 22 43.25 -46.70 45.07
CA ALA F 22 41.82 -46.48 44.87
C ALA F 22 41.58 -45.17 44.15
N LEU F 23 42.25 -44.10 44.59
CA LEU F 23 42.23 -42.87 43.82
C LEU F 23 42.64 -43.12 42.38
N TYR F 24 43.74 -43.85 42.20
CA TYR F 24 44.16 -44.21 40.85
C TYR F 24 43.08 -45.01 40.13
N GLN F 25 42.46 -45.95 40.83
CA GLN F 25 41.40 -46.75 40.23
C GLN F 25 40.24 -45.88 39.79
N ILE F 26 39.86 -44.92 40.63
CA ILE F 26 38.81 -43.98 40.24
C ILE F 26 39.22 -43.24 38.97
N SER F 27 40.47 -42.78 38.92
CA SER F 27 40.95 -42.07 37.73
C SER F 27 40.85 -42.94 36.49
N GLN F 28 41.04 -44.25 36.62
CA GLN F 28 40.86 -45.13 35.47
C GLN F 28 39.42 -45.11 34.99
N GLN F 29 38.45 -45.02 35.90
CA GLN F 29 37.07 -44.84 35.47
C GLN F 29 36.90 -43.53 34.72
N LEU F 30 37.62 -42.48 35.12
CA LEU F 30 37.66 -41.27 34.31
C LEU F 30 38.17 -41.59 32.91
N ALA F 31 39.27 -42.34 32.83
CA ALA F 31 39.79 -42.74 31.53
C ALA F 31 38.76 -43.57 30.78
N SER F 32 38.13 -44.53 31.46
CA SER F 32 37.12 -45.34 30.81
C SER F 32 35.83 -44.57 30.62
N GLY F 33 35.48 -43.71 31.58
CA GLY F 33 34.16 -43.13 31.60
C GLY F 33 33.07 -44.18 31.73
N LEU F 34 33.36 -45.27 32.43
CA LEU F 34 32.47 -46.41 32.52
C LEU F 34 32.45 -46.91 33.96
N LYS F 35 31.39 -47.65 34.31
CA LYS F 35 31.36 -48.29 35.62
C LYS F 35 32.48 -49.32 35.76
N ILE F 36 32.61 -50.21 34.78
CA ILE F 36 33.65 -51.24 34.79
C ILE F 36 34.22 -51.35 33.38
N GLN F 37 35.36 -52.04 33.29
CA GLN F 37 36.01 -52.28 32.00
C GLN F 37 36.40 -53.74 31.79
N ASN F 38 36.20 -54.60 32.78
CA ASN F 38 36.47 -56.02 32.66
C ASN F 38 35.44 -56.77 33.49
N SER F 39 35.64 -58.08 33.64
CA SER F 39 34.75 -58.92 34.43
C SER F 39 35.14 -59.00 35.90
N TYR F 40 36.43 -58.81 36.23
CA TYR F 40 36.84 -58.96 37.62
C TYR F 40 36.21 -57.90 38.52
N GLU F 41 35.62 -56.86 37.96
CA GLU F 41 34.82 -55.94 38.76
C GLU F 41 33.45 -56.55 39.04
N ASP F 42 32.64 -56.75 37.99
CA ASP F 42 31.35 -57.40 38.13
C ASP F 42 31.01 -58.16 36.86
N ALA F 43 31.32 -59.46 36.84
CA ALA F 43 31.02 -60.27 35.67
C ALA F 43 29.52 -60.32 35.42
N SER F 44 28.72 -60.46 36.47
CA SER F 44 27.28 -60.52 36.29
C SER F 44 26.78 -59.33 35.49
N THR F 45 27.14 -58.12 35.93
CA THR F 45 26.84 -56.93 35.12
C THR F 45 27.59 -57.00 33.79
N TYR F 46 28.85 -57.40 33.83
CA TYR F 46 29.62 -57.57 32.60
C TYR F 46 28.89 -58.49 31.63
N ILE F 47 28.49 -59.66 32.10
CA ILE F 47 27.73 -60.59 31.27
C ILE F 47 26.35 -60.03 30.99
N ASP F 48 25.70 -59.49 32.02
CA ASP F 48 24.37 -58.91 31.84
C ASP F 48 24.36 -57.92 30.70
N ASN F 49 25.39 -57.07 30.62
CA ASN F 49 25.48 -56.13 29.53
C ASN F 49 25.57 -56.82 28.18
N THR F 50 26.37 -57.88 28.10
CA THR F 50 26.66 -58.49 26.80
C THR F 50 25.39 -58.95 26.09
N ARG F 51 24.36 -59.32 26.84
CA ARG F 51 23.09 -59.65 26.21
C ARG F 51 22.65 -58.50 25.31
N LEU F 52 22.65 -57.29 25.85
CA LEU F 52 22.12 -56.14 25.13
C LEU F 52 22.97 -55.83 23.90
N GLU F 53 24.29 -55.95 24.00
CA GLU F 53 25.13 -55.87 22.81
C GLU F 53 24.53 -56.67 21.67
N TYR F 54 24.35 -57.97 21.88
CA TYR F 54 23.87 -58.80 20.77
C TYR F 54 22.45 -58.42 20.39
N GLU F 55 21.58 -58.22 21.38
CA GLU F 55 20.21 -57.82 21.07
C GLU F 55 20.19 -56.55 20.24
N ILE F 56 20.97 -55.55 20.65
CA ILE F 56 21.21 -54.41 19.78
C ILE F 56 21.78 -54.89 18.45
N LYS F 57 22.82 -55.72 18.55
CA LYS F 57 23.50 -56.21 17.35
C LYS F 57 22.50 -56.78 16.35
N THR F 58 21.61 -57.65 16.83
CA THR F 58 20.59 -58.21 15.95
C THR F 58 19.69 -57.11 15.38
N LEU F 59 19.21 -56.22 16.24
CA LEU F 59 18.30 -55.18 15.79
C LEU F 59 18.95 -54.26 14.77
N GLU F 60 20.26 -54.05 14.87
CA GLU F 60 20.92 -53.09 13.99
C GLU F 60 20.78 -53.51 12.53
N GLN F 61 21.14 -54.75 12.21
CA GLN F 61 21.03 -55.21 10.84
C GLN F 61 19.58 -55.23 10.39
N VAL F 62 18.65 -55.51 11.30
CA VAL F 62 17.23 -55.55 10.94
C VAL F 62 16.80 -54.21 10.37
N LYS F 63 16.90 -53.16 11.18
CA LYS F 63 16.49 -51.83 10.72
C LYS F 63 17.31 -51.37 9.53
N GLU F 64 18.63 -51.60 9.59
CA GLU F 64 19.49 -51.14 8.49
C GLU F 64 19.16 -51.85 7.19
N SER F 65 18.98 -53.16 7.24
CA SER F 65 18.64 -53.91 6.02
C SER F 65 17.34 -53.38 5.43
N THR F 66 16.33 -53.18 6.26
CA THR F 66 15.07 -52.63 5.79
C THR F 66 15.25 -51.25 5.18
N SER F 67 16.33 -50.55 5.51
CA SER F 67 16.60 -49.27 4.88
C SER F 67 16.77 -49.44 3.38
N ARG F 68 17.52 -50.47 2.96
CA ARG F 68 17.74 -50.70 1.55
C ARG F 68 16.45 -51.12 0.84
N ALA F 69 15.61 -51.90 1.52
CA ALA F 69 14.36 -52.34 0.91
C ALA F 69 13.46 -51.15 0.58
N GLN F 70 13.21 -50.29 1.57
CA GLN F 70 12.28 -49.18 1.36
C GLN F 70 12.75 -48.25 0.26
N GLU F 71 14.04 -47.90 0.27
CA GLU F 71 14.56 -47.01 -0.77
C GLU F 71 14.44 -47.66 -2.13
N MET F 72 14.67 -48.97 -2.22
CA MET F 72 14.55 -49.63 -3.51
C MET F 72 13.13 -49.55 -4.04
N THR F 73 12.13 -49.77 -3.17
CA THR F 73 10.75 -49.72 -3.60
C THR F 73 10.41 -48.35 -4.18
N GLN F 74 10.68 -47.28 -3.43
CA GLN F 74 10.37 -45.93 -3.92
C GLN F 74 11.01 -45.69 -5.28
N ASN F 75 12.21 -46.21 -5.49
CA ASN F 75 12.82 -46.13 -6.81
C ASN F 75 11.93 -46.81 -7.85
N SER F 76 11.48 -48.03 -7.55
CA SER F 76 10.60 -48.74 -8.46
C SER F 76 9.27 -48.01 -8.59
N MET F 77 8.70 -47.56 -7.47
CA MET F 77 7.39 -46.94 -7.50
C MET F 77 7.34 -45.77 -8.47
N LYS F 78 8.35 -44.90 -8.41
CA LYS F 78 8.34 -43.71 -9.25
C LYS F 78 8.19 -44.07 -10.72
N ALA F 79 8.97 -45.04 -11.19
CA ALA F 79 8.88 -45.43 -12.59
C ALA F 79 7.47 -45.89 -12.94
N LEU F 80 6.80 -46.56 -12.01
CA LEU F 80 5.51 -47.17 -12.30
C LEU F 80 4.49 -46.12 -12.75
N GLN F 81 4.44 -44.99 -12.06
CA GLN F 81 3.52 -43.94 -12.49
C GLN F 81 3.83 -43.50 -13.91
N ASP F 82 5.10 -43.57 -14.30
CA ASP F 82 5.49 -43.14 -15.63
C ASP F 82 5.00 -44.11 -16.69
N MET F 83 5.16 -45.42 -16.46
CA MET F 83 4.64 -46.39 -17.41
C MET F 83 3.13 -46.20 -17.60
N VAL F 84 2.43 -45.83 -16.53
CA VAL F 84 0.99 -45.68 -16.60
C VAL F 84 0.61 -44.62 -17.63
N LYS F 85 1.35 -43.51 -17.66
CA LYS F 85 1.01 -42.42 -18.56
C LYS F 85 1.06 -42.85 -20.02
N LEU F 86 1.93 -43.81 -20.34
CA LEU F 86 1.96 -44.33 -21.70
C LEU F 86 0.65 -45.03 -22.04
N LEU F 87 0.05 -45.72 -21.08
CA LEU F 87 -1.27 -46.30 -21.31
C LEU F 87 -2.29 -45.22 -21.65
N GLU F 88 -2.37 -44.18 -20.81
CA GLU F 88 -3.26 -43.07 -21.11
C GLU F 88 -2.85 -42.38 -22.41
N ASP F 89 -1.55 -42.30 -22.68
CA ASP F 89 -1.09 -41.83 -23.98
C ASP F 89 -1.77 -42.62 -25.10
N PHE F 90 -1.92 -43.93 -24.90
CA PHE F 90 -2.63 -44.74 -25.89
C PHE F 90 -4.11 -44.42 -25.91
N LYS F 91 -4.69 -44.12 -24.74
CA LYS F 91 -6.08 -43.68 -24.72
C LYS F 91 -6.28 -42.44 -25.58
N VAL F 92 -5.28 -41.55 -25.61
CA VAL F 92 -5.32 -40.45 -26.56
C VAL F 92 -5.34 -40.99 -27.99
N LYS F 93 -4.55 -42.03 -28.25
CA LYS F 93 -4.56 -42.64 -29.57
C LYS F 93 -5.92 -43.25 -29.89
N VAL F 94 -6.71 -43.56 -28.85
CA VAL F 94 -8.11 -43.89 -29.08
C VAL F 94 -8.87 -42.63 -29.49
N THR F 95 -8.59 -41.51 -28.83
CA THR F 95 -9.32 -40.28 -29.10
C THR F 95 -8.95 -39.71 -30.47
N GLN F 96 -7.69 -39.83 -30.88
CA GLN F 96 -7.31 -39.33 -32.20
C GLN F 96 -8.06 -40.05 -33.30
N ALA F 97 -8.61 -41.23 -33.01
CA ALA F 97 -9.29 -42.01 -34.03
C ALA F 97 -10.29 -41.18 -34.82
N ALA F 98 -10.79 -40.10 -34.25
CA ALA F 98 -11.66 -39.18 -34.98
C ALA F 98 -10.85 -38.36 -35.97
N SER F 99 -10.29 -39.02 -36.98
CA SER F 99 -9.45 -38.35 -37.98
C SER F 99 -9.54 -39.14 -39.27
N ASP F 100 -10.00 -38.50 -40.34
CA ASP F 100 -10.30 -39.21 -41.58
C ASP F 100 -9.14 -39.17 -42.56
N SER F 101 -8.45 -38.04 -42.66
CA SER F 101 -7.51 -37.79 -43.74
C SER F 101 -6.23 -38.57 -43.63
N ASN F 102 -6.12 -39.57 -42.76
CA ASN F 102 -4.86 -40.29 -42.57
C ASN F 102 -4.67 -41.27 -43.72
N SER F 103 -3.83 -40.90 -44.68
CA SER F 103 -3.36 -41.88 -45.65
C SER F 103 -2.61 -42.99 -44.92
N GLN F 104 -2.34 -44.08 -45.64
CA GLN F 104 -1.61 -45.16 -45.01
C GLN F 104 -0.29 -44.64 -44.41
N THR F 105 0.58 -44.09 -45.25
CA THR F 105 1.85 -43.55 -44.76
C THR F 105 1.62 -42.57 -43.61
N SER F 106 0.51 -41.84 -43.61
CA SER F 106 0.19 -41.00 -42.45
C SER F 106 0.07 -41.86 -41.20
N ARG F 107 -0.54 -43.04 -41.33
CA ARG F 107 -0.79 -43.86 -40.15
C ARG F 107 0.49 -44.47 -39.59
N GLU F 108 1.43 -44.87 -40.45
CA GLU F 108 2.74 -45.23 -39.94
C GLU F 108 3.39 -44.07 -39.19
N ALA F 109 3.43 -42.88 -39.81
CA ALA F 109 4.07 -41.75 -39.14
C ALA F 109 3.51 -41.56 -37.75
N ILE F 110 2.20 -41.70 -37.59
CA ILE F 110 1.60 -41.74 -36.26
C ILE F 110 2.09 -42.98 -35.51
N ALA F 111 2.08 -44.13 -36.18
CA ALA F 111 2.48 -45.37 -35.53
C ALA F 111 3.95 -45.32 -35.10
N LYS F 112 4.78 -44.60 -35.83
CA LYS F 112 6.20 -44.55 -35.50
C LYS F 112 6.41 -44.12 -34.05
N GLU F 113 5.74 -43.05 -33.63
CA GLU F 113 5.92 -42.62 -32.25
C GLU F 113 5.45 -43.68 -31.27
N LEU F 114 4.32 -44.32 -31.56
CA LEU F 114 3.91 -45.46 -30.75
C LEU F 114 4.98 -46.53 -30.74
N GLU F 115 5.61 -46.78 -31.89
CA GLU F 115 6.73 -47.72 -31.93
C GLU F 115 7.87 -47.22 -31.04
N ARG F 116 8.19 -45.94 -31.12
CA ARG F 116 9.10 -45.36 -30.14
C ARG F 116 8.57 -45.56 -28.73
N ILE F 117 7.27 -45.28 -28.54
CA ILE F 117 6.67 -45.49 -27.24
C ILE F 117 6.69 -46.96 -26.85
N LYS F 118 6.51 -47.86 -27.83
CA LYS F 118 6.66 -49.27 -27.54
C LYS F 118 8.03 -49.55 -26.95
N GLU F 119 9.09 -49.10 -27.64
CA GLU F 119 10.43 -49.28 -27.11
C GLU F 119 10.62 -48.51 -25.82
N SER F 120 9.96 -47.35 -25.69
CA SER F 120 9.97 -46.64 -24.42
C SER F 120 9.56 -47.57 -23.30
N ILE F 121 8.51 -48.36 -23.52
CA ILE F 121 8.09 -49.34 -22.52
C ILE F 121 9.15 -50.43 -22.39
N VAL F 122 9.71 -50.89 -23.51
CA VAL F 122 10.76 -51.89 -23.45
C VAL F 122 11.95 -51.36 -22.67
N GLN F 123 12.36 -50.13 -22.95
CA GLN F 123 13.43 -49.50 -22.17
C GLN F 123 13.05 -49.50 -20.69
N LEU F 124 11.86 -48.98 -20.38
CA LEU F 124 11.36 -49.00 -19.02
C LEU F 124 11.33 -50.43 -18.49
N ALA F 125 10.86 -51.36 -19.31
CA ALA F 125 10.84 -52.76 -18.90
C ALA F 125 12.24 -53.29 -18.63
N ASN F 126 13.26 -52.69 -19.25
CA ASN F 126 14.63 -53.13 -19.02
C ASN F 126 15.30 -52.36 -17.90
N THR F 127 14.57 -51.51 -17.20
CA THR F 127 15.17 -50.57 -16.27
C THR F 127 15.81 -51.29 -15.08
N SER F 128 16.85 -50.67 -14.54
CA SER F 128 17.49 -51.12 -13.32
C SER F 128 17.86 -49.92 -12.46
N VAL F 129 18.17 -50.20 -11.21
CA VAL F 129 18.84 -49.24 -10.34
C VAL F 129 20.31 -49.66 -10.33
N ASN F 130 21.10 -49.10 -11.26
CA ASN F 130 22.51 -49.44 -11.41
C ASN F 130 22.76 -50.94 -11.34
N GLY F 131 22.07 -51.70 -12.19
CA GLY F 131 22.19 -53.14 -12.22
C GLY F 131 21.21 -53.86 -11.32
N GLN F 132 20.64 -53.17 -10.35
CA GLN F 132 19.52 -53.72 -9.60
C GLN F 132 18.27 -53.66 -10.46
N TYR F 133 18.19 -54.54 -11.45
CA TYR F 133 17.09 -54.55 -12.39
C TYR F 133 15.77 -54.75 -11.64
N LEU F 134 14.80 -53.89 -11.93
CA LEU F 134 13.52 -53.93 -11.22
C LEU F 134 12.76 -55.21 -11.52
N PHE F 135 13.09 -55.88 -12.61
CA PHE F 135 12.30 -56.97 -13.16
C PHE F 135 12.94 -58.33 -12.98
N ALA F 136 14.10 -58.40 -12.35
CA ALA F 136 14.95 -59.57 -12.32
C ALA F 136 14.39 -60.71 -11.51
N GLY F 137 13.21 -60.68 -10.91
CA GLY F 137 12.91 -61.73 -9.96
C GLY F 137 13.58 -61.42 -8.65
N SER F 138 14.68 -62.12 -8.37
CA SER F 138 15.43 -61.88 -7.15
C SER F 138 16.89 -61.54 -7.40
N GLN F 139 17.35 -61.54 -8.66
CA GLN F 139 18.77 -61.46 -8.99
C GLN F 139 19.08 -60.17 -9.75
N VAL F 140 19.68 -59.23 -9.05
CA VAL F 140 19.77 -57.82 -9.45
C VAL F 140 20.12 -57.63 -10.92
N ALA F 141 21.24 -58.22 -11.36
CA ALA F 141 21.85 -57.80 -12.63
C ALA F 141 21.16 -58.36 -13.86
N ASN F 142 19.97 -58.94 -13.72
CA ASN F 142 19.29 -59.54 -14.86
C ASN F 142 18.65 -58.49 -15.76
N LYS F 143 19.25 -58.24 -16.93
CA LYS F 143 18.63 -57.36 -17.91
C LYS F 143 17.46 -58.10 -18.56
N PRO F 144 16.23 -57.60 -18.40
CA PRO F 144 15.07 -58.49 -18.55
C PRO F 144 14.44 -58.59 -19.93
N PHE F 145 14.66 -57.66 -20.85
CA PHE F 145 13.89 -57.69 -22.09
C PHE F 145 14.69 -57.07 -23.23
N ASP F 146 14.09 -57.15 -24.42
CA ASP F 146 14.51 -56.40 -25.59
C ASP F 146 13.29 -56.19 -26.48
N SER F 147 13.48 -55.44 -27.56
CA SER F 147 12.36 -55.13 -28.45
C SER F 147 11.66 -56.38 -28.96
N ASN F 148 12.41 -57.46 -29.18
CA ASN F 148 11.85 -58.69 -29.69
C ASN F 148 12.01 -59.86 -28.72
N GLY F 149 12.36 -59.60 -27.46
CA GLY F 149 12.79 -60.63 -26.56
C GLY F 149 11.72 -61.08 -25.58
N ASN F 150 12.13 -61.99 -24.71
CA ASN F 150 11.31 -62.55 -23.66
C ASN F 150 11.72 -61.92 -22.32
N TYR F 151 11.02 -62.30 -21.26
CA TYR F 151 11.42 -61.88 -19.92
C TYR F 151 12.71 -62.60 -19.52
N TYR F 152 13.65 -61.85 -18.97
CA TYR F 152 14.94 -62.40 -18.55
C TYR F 152 15.15 -62.04 -17.08
N GLY F 153 14.63 -62.88 -16.20
CA GLY F 153 14.80 -62.68 -14.78
C GLY F 153 14.18 -63.83 -14.00
N ASP F 154 14.60 -63.95 -12.74
CA ASP F 154 14.09 -64.98 -11.86
C ASP F 154 12.62 -64.68 -11.56
N LYS F 155 11.97 -65.56 -10.80
CA LYS F 155 10.62 -65.27 -10.34
C LYS F 155 10.51 -65.21 -8.82
N ASN F 156 11.53 -65.60 -8.07
CA ASN F 156 11.60 -65.19 -6.68
C ASN F 156 11.56 -63.66 -6.62
N ASN F 157 11.30 -63.15 -5.43
CA ASN F 157 11.45 -61.72 -5.21
C ASN F 157 12.84 -61.43 -4.69
N ILE F 158 13.33 -60.23 -5.02
CA ILE F 158 14.45 -59.70 -4.27
C ILE F 158 14.03 -59.64 -2.81
N ASN F 159 14.90 -60.14 -1.94
CA ASN F 159 14.53 -60.45 -0.58
C ASN F 159 15.68 -60.08 0.33
N VAL F 160 15.37 -59.70 1.56
CA VAL F 160 16.40 -59.47 2.56
C VAL F 160 15.92 -60.05 3.89
N VAL F 161 16.83 -60.71 4.58
CA VAL F 161 16.51 -61.39 5.84
C VAL F 161 16.69 -60.42 7.00
N THR F 162 15.63 -60.27 7.78
CA THR F 162 15.69 -59.63 9.10
C THR F 162 14.62 -60.34 9.93
N GLY F 163 15.02 -61.39 10.64
CA GLY F 163 14.03 -62.28 11.22
C GLY F 163 14.61 -63.33 12.12
N ALA F 164 13.73 -63.89 12.95
CA ALA F 164 13.90 -65.24 13.51
C ALA F 164 13.38 -66.28 12.52
N GLY F 165 13.86 -66.17 11.28
CA GLY F 165 13.38 -66.97 10.18
C GLY F 165 12.41 -66.22 9.29
N THR F 166 12.82 -65.03 8.83
CA THR F 166 11.97 -64.17 8.03
C THR F 166 12.77 -63.58 6.87
N GLU F 167 12.21 -63.69 5.67
CA GLU F 167 12.69 -62.97 4.49
C GLU F 167 11.87 -61.69 4.31
N SER F 168 12.23 -60.90 3.32
CA SER F 168 11.54 -59.64 3.03
C SER F 168 11.50 -59.38 1.54
N PRO F 169 10.42 -59.76 0.83
CA PRO F 169 10.36 -59.53 -0.62
C PRO F 169 9.91 -58.12 -0.99
N TYR F 170 10.63 -57.47 -1.91
CA TYR F 170 10.30 -56.09 -2.27
C TYR F 170 10.47 -55.83 -3.76
N ASN F 171 9.93 -56.70 -4.60
CA ASN F 171 9.79 -56.33 -6.01
C ASN F 171 8.61 -57.10 -6.63
N ILE F 172 8.62 -57.18 -7.95
CA ILE F 172 7.81 -58.09 -8.75
C ILE F 172 8.71 -58.62 -9.87
N PRO F 173 8.74 -59.93 -10.13
CA PRO F 173 9.47 -60.41 -11.30
C PRO F 173 8.85 -59.93 -12.60
N GLY F 174 9.71 -59.79 -13.62
CA GLY F 174 9.28 -59.16 -14.86
C GLY F 174 8.12 -59.86 -15.54
N TRP F 175 8.14 -61.19 -15.58
CA TRP F 175 7.01 -61.91 -16.18
C TRP F 175 5.70 -61.46 -15.56
N ASP F 176 5.69 -61.27 -14.25
CA ASP F 176 4.45 -60.96 -13.55
C ASP F 176 3.89 -59.61 -13.99
N LEU F 177 4.61 -58.89 -14.84
CA LEU F 177 3.99 -57.88 -15.69
C LEU F 177 3.99 -58.33 -17.14
N PHE F 178 5.10 -58.92 -17.57
CA PHE F 178 5.37 -59.09 -19.00
C PHE F 178 4.42 -60.10 -19.63
N PHE F 179 4.21 -61.24 -18.98
CA PHE F 179 3.28 -62.27 -19.46
C PHE F 179 2.30 -62.68 -18.37
N LYS F 180 1.84 -61.75 -17.54
CA LYS F 180 1.12 -62.12 -16.32
C LYS F 180 -0.35 -62.40 -16.60
N ALA F 181 -0.86 -63.43 -15.92
CA ALA F 181 -2.27 -63.82 -16.02
C ALA F 181 -3.15 -62.87 -15.23
N ASP F 182 -3.66 -61.82 -15.88
CA ASP F 182 -4.60 -60.90 -15.26
C ASP F 182 -6.00 -61.52 -15.33
N GLY F 183 -6.21 -62.50 -14.45
CA GLY F 183 -7.29 -63.47 -14.58
C GLY F 183 -8.71 -62.94 -14.64
N ASP F 184 -8.90 -61.63 -14.49
CA ASP F 184 -10.26 -61.10 -14.48
C ASP F 184 -10.88 -61.12 -15.86
N TYR F 185 -10.04 -61.16 -16.91
CA TYR F 185 -10.53 -60.84 -18.24
C TYR F 185 -10.88 -62.10 -19.02
N LYS F 186 -11.53 -61.89 -20.16
CA LYS F 186 -12.34 -62.92 -20.80
C LYS F 186 -12.13 -62.85 -22.31
N LYS F 187 -12.60 -63.89 -22.99
CA LYS F 187 -12.32 -64.05 -24.42
C LYS F 187 -13.20 -63.14 -25.26
N GLN F 188 -12.61 -62.58 -26.32
CA GLN F 188 -13.32 -61.78 -27.31
C GLN F 188 -13.21 -62.50 -28.65
N ILE F 189 -14.23 -63.31 -28.98
CA ILE F 189 -14.20 -64.15 -30.17
C ILE F 189 -15.16 -63.56 -31.20
N SER F 190 -14.68 -63.44 -32.43
CA SER F 190 -15.40 -62.76 -33.49
C SER F 190 -15.27 -63.52 -34.80
N THR F 191 -16.25 -63.33 -35.67
CA THR F 191 -16.15 -63.84 -37.04
C THR F 191 -15.32 -62.88 -37.89
N ASN F 192 -14.29 -63.42 -38.54
CA ASN F 192 -13.55 -62.60 -39.49
C ASN F 192 -14.40 -62.25 -40.70
N VAL F 193 -15.42 -63.07 -41.00
CA VAL F 193 -16.33 -62.74 -42.07
C VAL F 193 -17.32 -61.68 -41.60
N SER F 194 -17.89 -60.95 -42.56
CA SER F 194 -18.95 -59.99 -42.31
C SER F 194 -20.12 -60.32 -43.21
N PHE F 195 -21.31 -59.85 -42.81
CA PHE F 195 -22.55 -60.32 -43.40
C PHE F 195 -23.41 -59.16 -43.85
N THR F 196 -24.16 -59.37 -44.94
CA THR F 196 -24.98 -58.33 -45.54
C THR F 196 -26.14 -58.99 -46.27
N ASP F 197 -27.13 -58.17 -46.62
CA ASP F 197 -28.08 -58.57 -47.65
C ASP F 197 -27.36 -58.61 -49.00
N ASN F 198 -27.78 -59.53 -49.86
CA ASN F 198 -27.06 -59.83 -51.08
C ASN F 198 -28.06 -60.00 -52.23
N ARG F 199 -29.11 -59.19 -52.20
CA ARG F 199 -30.01 -59.16 -53.35
C ARG F 199 -29.25 -58.13 -54.10
N TRP F 200 -28.82 -57.09 -53.40
CA TRP F 200 -27.92 -56.11 -54.00
C TRP F 200 -26.62 -56.85 -53.90
N ASP F 201 -25.56 -56.40 -54.54
CA ASP F 201 -24.32 -57.19 -54.50
C ASP F 201 -23.15 -56.45 -53.85
N LEU F 202 -23.27 -55.14 -53.64
CA LEU F 202 -22.23 -54.38 -52.95
C LEU F 202 -20.93 -54.24 -53.73
N ASN F 203 -20.79 -54.96 -54.85
CA ASN F 203 -19.92 -54.47 -55.91
C ASN F 203 -20.73 -53.62 -56.86
N LYS F 204 -22.00 -53.99 -57.03
CA LYS F 204 -22.99 -53.04 -57.51
C LYS F 204 -23.09 -51.85 -56.56
N ASP F 205 -22.86 -52.09 -55.27
CA ASP F 205 -23.26 -51.18 -54.21
C ASP F 205 -22.21 -51.09 -53.10
N PRO F 206 -20.93 -50.89 -53.43
CA PRO F 206 -19.92 -50.80 -52.36
C PRO F 206 -20.18 -49.64 -51.41
N ASP F 207 -20.70 -48.53 -51.92
CA ASP F 207 -21.04 -47.41 -51.06
C ASP F 207 -22.07 -47.81 -50.01
N LYS F 208 -22.92 -48.78 -50.34
CA LYS F 208 -24.04 -49.10 -49.47
C LYS F 208 -23.60 -49.96 -48.29
N THR F 209 -23.13 -51.18 -48.57
CA THR F 209 -22.56 -52.05 -47.55
C THR F 209 -23.39 -52.09 -46.28
N LYS F 210 -24.62 -52.59 -46.36
CA LYS F 210 -25.48 -52.73 -45.19
C LYS F 210 -25.27 -54.09 -44.54
N TYR F 211 -25.17 -54.12 -43.21
CA TYR F 211 -24.92 -55.36 -42.50
C TYR F 211 -26.22 -56.00 -42.02
N LEU F 212 -26.16 -57.29 -41.74
CA LEU F 212 -27.34 -58.03 -41.31
C LEU F 212 -27.81 -57.58 -39.94
N THR F 213 -29.12 -57.62 -39.73
CA THR F 213 -29.73 -57.41 -38.42
C THR F 213 -30.95 -58.31 -38.32
N GLY F 214 -31.71 -58.15 -37.23
CA GLY F 214 -32.88 -58.98 -37.02
C GLY F 214 -33.86 -58.91 -38.18
N ASP F 215 -33.93 -57.76 -38.85
CA ASP F 215 -34.82 -57.63 -40.00
C ASP F 215 -34.35 -58.44 -41.19
N SER F 216 -33.08 -58.81 -41.24
CA SER F 216 -32.49 -59.43 -42.43
C SER F 216 -32.87 -60.91 -42.49
N LYS F 217 -34.03 -61.17 -43.09
CA LYS F 217 -34.49 -62.54 -43.29
C LYS F 217 -33.54 -63.29 -44.20
N TRP F 218 -33.44 -64.60 -43.98
CA TRP F 218 -32.40 -65.39 -44.64
C TRP F 218 -32.55 -65.38 -46.16
N GLN F 219 -33.79 -65.28 -46.66
CA GLN F 219 -34.00 -65.30 -48.11
C GLN F 219 -33.19 -64.21 -48.82
N GLN F 220 -32.99 -63.08 -48.16
CA GLN F 220 -32.52 -61.88 -48.85
C GLN F 220 -31.07 -62.04 -49.32
N LEU F 221 -30.18 -62.47 -48.44
CA LEU F 221 -28.78 -62.56 -48.83
C LEU F 221 -28.52 -63.77 -49.71
N ILE F 222 -29.28 -64.86 -49.54
CA ILE F 222 -29.22 -65.94 -50.52
C ILE F 222 -29.90 -65.52 -51.81
N GLY F 223 -30.60 -64.38 -51.81
CA GLY F 223 -31.32 -63.96 -53.00
C GLY F 223 -30.52 -64.15 -54.28
N GLN F 224 -29.42 -63.43 -54.42
CA GLN F 224 -28.56 -63.66 -55.57
C GLN F 224 -27.71 -64.91 -55.37
N GLY F 225 -27.46 -65.28 -54.12
CA GLY F 225 -26.66 -66.48 -53.86
C GLY F 225 -27.25 -67.72 -54.50
N TYR F 226 -28.57 -67.75 -54.65
CA TYR F 226 -29.21 -68.89 -55.31
C TYR F 226 -28.63 -69.13 -56.69
N VAL F 227 -28.18 -68.07 -57.36
CA VAL F 227 -28.11 -68.03 -58.81
C VAL F 227 -26.73 -67.59 -59.26
N LYS F 228 -26.52 -67.68 -60.58
CA LYS F 228 -25.43 -66.99 -61.26
C LYS F 228 -25.93 -65.80 -62.07
N ASP F 229 -27.19 -65.84 -62.53
CA ASP F 229 -27.74 -64.70 -63.25
C ASP F 229 -27.81 -63.45 -62.38
N ASN F 230 -27.82 -63.62 -61.06
CA ASN F 230 -27.70 -62.52 -60.10
C ASN F 230 -28.61 -61.35 -60.46
N SER F 231 -29.84 -61.65 -60.86
CA SER F 231 -30.78 -60.62 -61.33
C SER F 231 -32.10 -60.65 -60.57
N LEU F 232 -32.17 -61.34 -59.44
CA LEU F 232 -33.44 -61.50 -58.75
C LEU F 232 -33.96 -60.16 -58.24
N ASP F 233 -35.27 -59.96 -58.37
CA ASP F 233 -35.91 -58.72 -57.96
C ASP F 233 -36.06 -58.72 -56.45
N ALA F 234 -35.55 -57.65 -55.81
CA ALA F 234 -35.39 -57.67 -54.36
C ALA F 234 -36.72 -57.77 -53.62
N ASP F 235 -37.75 -57.07 -54.08
CA ASP F 235 -39.00 -57.03 -53.33
C ASP F 235 -40.03 -58.01 -53.86
N LYS F 236 -40.31 -57.99 -55.16
CA LYS F 236 -41.43 -58.76 -55.68
C LYS F 236 -41.19 -60.26 -55.62
N ASP F 237 -39.92 -60.68 -55.61
CA ASP F 237 -39.60 -62.09 -55.40
C ASP F 237 -39.53 -62.47 -53.93
N PHE F 238 -39.25 -61.50 -53.05
CA PHE F 238 -38.93 -61.81 -51.66
C PHE F 238 -39.90 -61.16 -50.68
N GLU F 239 -40.24 -59.89 -50.93
CA GLU F 239 -41.01 -59.13 -49.96
C GLU F 239 -42.34 -58.60 -50.50
N TYR F 240 -42.36 -58.05 -51.71
CA TYR F 240 -43.61 -57.71 -52.40
C TYR F 240 -44.10 -59.00 -53.04
N ASP F 241 -44.67 -59.87 -52.20
CA ASP F 241 -44.81 -61.28 -52.50
C ASP F 241 -45.93 -61.58 -53.51
N ASP F 242 -46.38 -60.58 -54.27
CA ASP F 242 -47.30 -60.85 -55.36
C ASP F 242 -46.81 -62.00 -56.24
N SER F 243 -45.50 -62.24 -56.27
CA SER F 243 -44.91 -63.26 -57.14
C SER F 243 -43.84 -64.09 -56.44
N LYS F 244 -43.98 -64.37 -55.15
CA LYS F 244 -42.90 -65.01 -54.40
C LYS F 244 -42.91 -66.53 -54.61
N LEU F 245 -41.78 -67.15 -54.33
CA LEU F 245 -41.50 -68.54 -54.67
C LEU F 245 -41.45 -69.42 -53.42
N ASP F 246 -41.06 -70.68 -53.61
CA ASP F 246 -40.72 -71.59 -52.52
C ASP F 246 -39.20 -71.66 -52.37
N PHE F 247 -38.74 -72.04 -51.18
CA PHE F 247 -37.33 -71.84 -50.84
C PHE F 247 -36.80 -72.98 -49.96
N PRO F 248 -35.55 -73.39 -50.16
CA PRO F 248 -34.98 -74.49 -49.35
C PRO F 248 -34.15 -73.98 -48.19
N PRO F 249 -33.66 -74.87 -47.34
CA PRO F 249 -32.87 -74.46 -46.17
C PRO F 249 -31.37 -74.39 -46.48
N THR F 250 -30.61 -74.11 -45.42
CA THR F 250 -29.15 -74.08 -45.46
C THR F 250 -28.59 -74.94 -44.32
N THR F 251 -27.34 -75.37 -44.48
CA THR F 251 -26.70 -76.31 -43.56
C THR F 251 -25.53 -75.64 -42.86
N LEU F 252 -25.19 -76.15 -41.67
CA LEU F 252 -24.13 -75.59 -40.85
C LEU F 252 -23.55 -76.65 -39.92
N TYR F 253 -22.22 -76.72 -39.88
CA TYR F 253 -21.49 -77.37 -38.80
C TYR F 253 -21.04 -76.32 -37.79
N VAL F 254 -20.77 -76.76 -36.57
CA VAL F 254 -20.23 -75.89 -35.53
C VAL F 254 -19.30 -76.69 -34.64
N GLN F 255 -18.16 -76.10 -34.32
CA GLN F 255 -17.25 -76.62 -33.30
C GLN F 255 -16.77 -75.46 -32.44
N GLY F 256 -16.74 -75.67 -31.13
CA GLY F 256 -16.29 -74.65 -30.22
C GLY F 256 -16.05 -75.24 -28.85
N THR F 257 -15.48 -74.44 -27.97
CA THR F 257 -15.23 -74.86 -26.59
C THR F 257 -16.32 -74.28 -25.71
N LYS F 258 -17.05 -75.16 -25.04
CA LYS F 258 -18.02 -74.70 -24.05
C LYS F 258 -17.26 -74.02 -22.90
N PRO F 259 -17.80 -72.93 -22.35
CA PRO F 259 -16.99 -72.13 -21.43
C PRO F 259 -16.41 -72.92 -20.27
N ASP F 260 -17.11 -73.96 -19.81
CA ASP F 260 -16.53 -74.86 -18.82
C ASP F 260 -15.30 -75.56 -19.40
N GLY F 261 -15.40 -76.01 -20.64
CA GLY F 261 -14.29 -76.68 -21.29
C GLY F 261 -14.70 -77.92 -22.06
N THR F 262 -15.96 -78.30 -21.98
CA THR F 262 -16.42 -79.54 -22.60
C THR F 262 -16.45 -79.41 -24.11
N SER F 263 -16.28 -80.54 -24.79
CA SER F 263 -16.26 -80.61 -26.24
C SER F 263 -17.58 -81.15 -26.78
N PHE F 264 -17.86 -80.82 -28.03
CA PHE F 264 -19.11 -81.26 -28.67
C PHE F 264 -18.92 -81.25 -30.19
N LYS F 265 -19.58 -82.20 -30.84
CA LYS F 265 -19.66 -82.24 -32.29
C LYS F 265 -21.12 -82.09 -32.69
N SER F 266 -21.40 -81.10 -33.55
CA SER F 266 -22.78 -80.71 -33.79
C SER F 266 -22.98 -80.32 -35.25
N ALA F 267 -24.22 -80.47 -35.70
CA ALA F 267 -24.65 -80.01 -37.01
C ALA F 267 -26.08 -79.52 -36.90
N VAL F 268 -26.48 -78.61 -37.78
CA VAL F 268 -27.81 -78.00 -37.72
C VAL F 268 -28.12 -77.37 -39.07
N LEU F 269 -29.41 -77.18 -39.33
CA LEU F 269 -29.89 -76.56 -40.56
C LEU F 269 -30.42 -75.16 -40.29
N VAL F 270 -30.55 -74.37 -41.35
CA VAL F 270 -31.14 -73.04 -41.29
C VAL F 270 -32.27 -72.99 -42.32
N LYS F 271 -33.42 -72.49 -41.88
CA LYS F 271 -34.61 -72.49 -42.73
C LYS F 271 -34.63 -71.26 -43.63
N PRO F 272 -35.42 -71.29 -44.70
CA PRO F 272 -35.26 -70.29 -45.78
C PRO F 272 -35.44 -68.84 -45.34
N GLU F 273 -36.30 -68.55 -44.36
CA GLU F 273 -36.63 -67.18 -44.01
C GLU F 273 -36.10 -66.78 -42.64
N ASP F 274 -35.01 -67.40 -42.17
CA ASP F 274 -34.59 -67.23 -40.80
C ASP F 274 -34.06 -65.81 -40.55
N THR F 275 -34.05 -65.44 -39.28
CA THR F 275 -33.65 -64.11 -38.83
C THR F 275 -32.64 -64.26 -37.70
N LEU F 276 -32.26 -63.12 -37.11
CA LEU F 276 -31.35 -63.13 -35.98
C LEU F 276 -31.97 -63.87 -34.79
N GLU F 277 -33.27 -63.70 -34.57
CA GLU F 277 -33.92 -64.28 -33.40
C GLU F 277 -33.91 -65.81 -33.46
N ASP F 278 -34.10 -66.38 -34.65
CA ASP F 278 -34.03 -67.82 -34.79
C ASP F 278 -32.64 -68.33 -34.40
N VAL F 279 -31.59 -67.58 -34.79
CA VAL F 279 -30.23 -67.97 -34.46
C VAL F 279 -30.03 -67.93 -32.95
N MET F 280 -30.53 -66.88 -32.29
CA MET F 280 -30.27 -66.71 -30.88
C MET F 280 -30.89 -67.82 -30.04
N GLU F 281 -32.14 -68.19 -30.32
CA GLU F 281 -32.80 -69.22 -29.53
C GLU F 281 -32.06 -70.55 -29.63
N ASN F 282 -31.58 -70.89 -30.83
CA ASN F 282 -30.77 -72.09 -30.99
C ASN F 282 -29.40 -71.92 -30.36
N ILE F 283 -28.83 -70.72 -30.40
CA ILE F 283 -27.55 -70.47 -29.74
C ILE F 283 -27.67 -70.73 -28.24
N GLY F 284 -28.75 -70.24 -27.63
CA GLY F 284 -28.95 -70.52 -26.22
C GLY F 284 -29.01 -72.00 -25.93
N ALA F 285 -29.71 -72.75 -26.78
CA ALA F 285 -29.74 -74.20 -26.65
C ALA F 285 -28.37 -74.81 -26.86
N LEU F 286 -27.65 -74.33 -27.88
CA LEU F 286 -26.40 -74.98 -28.29
C LEU F 286 -25.32 -74.85 -27.22
N TYR F 287 -25.10 -73.63 -26.71
CA TYR F 287 -24.02 -73.41 -25.77
C TYR F 287 -24.47 -73.56 -24.32
N GLY F 288 -25.76 -73.74 -24.08
CA GLY F 288 -26.26 -73.57 -22.73
C GLY F 288 -26.35 -72.13 -22.31
N ASN F 289 -26.33 -71.19 -23.25
CA ASN F 289 -26.54 -69.77 -22.98
C ASN F 289 -28.02 -69.53 -22.67
N THR F 290 -28.47 -70.17 -21.60
CA THR F 290 -29.89 -70.34 -21.35
C THR F 290 -30.55 -69.01 -20.99
N PRO F 291 -31.85 -68.86 -21.26
CA PRO F 291 -32.58 -67.71 -20.73
C PRO F 291 -32.49 -67.62 -19.21
N ASN F 292 -32.52 -68.76 -18.53
CA ASN F 292 -32.38 -68.77 -17.08
C ASN F 292 -30.99 -68.33 -16.64
N ASN F 293 -29.96 -68.60 -17.43
CA ASN F 293 -28.61 -68.20 -17.09
C ASN F 293 -27.72 -68.17 -18.32
N LYS F 294 -27.21 -66.98 -18.67
CA LYS F 294 -26.31 -66.85 -19.79
C LYS F 294 -24.88 -67.21 -19.37
N VAL F 295 -24.06 -67.55 -20.36
CA VAL F 295 -22.63 -67.76 -20.15
C VAL F 295 -21.77 -66.92 -21.09
N VAL F 296 -22.28 -66.51 -22.25
CA VAL F 296 -21.57 -65.60 -23.14
C VAL F 296 -22.60 -64.66 -23.76
N GLU F 297 -22.12 -63.49 -24.20
CA GLU F 297 -22.98 -62.48 -24.80
C GLU F 297 -22.72 -62.43 -26.30
N VAL F 298 -23.77 -62.11 -27.06
CA VAL F 298 -23.72 -62.14 -28.52
C VAL F 298 -24.02 -60.74 -29.03
N SER F 299 -23.31 -60.31 -30.07
CA SER F 299 -23.41 -58.94 -30.56
C SER F 299 -23.09 -58.88 -32.04
N MET F 300 -23.61 -57.85 -32.69
CA MET F 300 -23.16 -57.43 -34.02
C MET F 300 -22.37 -56.15 -33.83
N ASN F 301 -21.13 -56.15 -34.30
CA ASN F 301 -20.11 -55.26 -33.78
C ASN F 301 -20.02 -53.96 -34.60
N ASP F 302 -19.04 -53.13 -34.21
CA ASP F 302 -18.83 -51.83 -34.82
C ASP F 302 -18.50 -51.94 -36.31
N SER F 303 -17.91 -53.05 -36.75
CA SER F 303 -17.41 -53.18 -38.10
C SER F 303 -18.30 -54.04 -39.01
N GLY F 304 -19.40 -54.58 -38.50
CA GLY F 304 -20.29 -55.39 -39.29
C GLY F 304 -20.14 -56.88 -39.13
N GLN F 305 -19.24 -57.33 -38.27
CA GLN F 305 -19.09 -58.75 -37.99
C GLN F 305 -20.02 -59.16 -36.85
N ILE F 306 -19.98 -60.44 -36.50
CA ILE F 306 -20.70 -60.97 -35.35
C ILE F 306 -19.68 -61.35 -34.30
N GLN F 307 -19.84 -60.83 -33.09
CA GLN F 307 -18.88 -61.00 -32.02
C GLN F 307 -19.56 -61.61 -30.80
N ILE F 308 -18.77 -62.39 -30.04
CA ILE F 308 -19.21 -62.95 -28.78
C ILE F 308 -18.16 -62.66 -27.73
N THR F 309 -18.63 -62.30 -26.53
CA THR F 309 -17.77 -62.04 -25.39
C THR F 309 -18.15 -62.99 -24.27
N ASP F 310 -17.14 -63.50 -23.57
CA ASP F 310 -17.33 -64.53 -22.56
C ASP F 310 -17.59 -63.90 -21.20
N LEU F 311 -18.52 -64.48 -20.45
CA LEU F 311 -18.80 -64.04 -19.09
C LEU F 311 -17.90 -64.70 -18.06
N LYS F 312 -17.19 -65.76 -18.42
CA LYS F 312 -16.35 -66.48 -17.49
C LYS F 312 -15.06 -65.71 -17.27
N GLN F 313 -14.79 -65.34 -16.02
CA GLN F 313 -13.56 -64.64 -15.68
C GLN F 313 -12.35 -65.51 -16.00
N GLY F 314 -11.35 -64.92 -16.63
CA GLY F 314 -10.09 -65.59 -16.89
C GLY F 314 -10.18 -66.81 -17.78
N ASN F 315 -11.10 -66.84 -18.74
CA ASN F 315 -11.23 -67.97 -19.66
C ASN F 315 -10.34 -67.70 -20.87
N ASN F 316 -9.24 -68.43 -20.96
CA ASN F 316 -8.29 -68.20 -22.04
C ASN F 316 -8.57 -69.08 -23.26
N LYS F 317 -9.20 -70.23 -23.08
CA LYS F 317 -9.31 -71.23 -24.14
C LYS F 317 -10.74 -71.34 -24.69
N LEU F 318 -11.42 -70.21 -24.86
CA LEU F 318 -12.63 -70.20 -25.68
C LEU F 318 -12.26 -70.00 -27.14
N ASP F 319 -12.75 -70.88 -28.01
CA ASP F 319 -12.40 -70.84 -29.42
C ASP F 319 -13.61 -71.21 -30.25
N PHE F 320 -13.57 -70.86 -31.53
CA PHE F 320 -14.67 -71.15 -32.42
C PHE F 320 -14.21 -71.27 -33.87
N HIS F 321 -14.88 -72.14 -34.61
CA HIS F 321 -14.77 -72.23 -36.05
C HIS F 321 -16.04 -72.90 -36.57
N ALA F 322 -16.55 -72.42 -37.70
CA ALA F 322 -17.80 -72.93 -38.23
C ALA F 322 -17.76 -72.89 -39.74
N VAL F 323 -18.61 -73.71 -40.36
CA VAL F 323 -18.71 -73.83 -41.81
C VAL F 323 -20.17 -74.06 -42.17
N ALA F 324 -20.64 -73.36 -43.20
CA ALA F 324 -22.00 -73.52 -43.71
C ALA F 324 -21.97 -73.84 -45.19
N PHE F 325 -22.89 -74.72 -45.60
CA PHE F 325 -22.97 -75.15 -46.99
C PHE F 325 -24.40 -74.94 -47.48
N THR F 326 -24.51 -74.59 -48.77
CA THR F 326 -25.79 -74.20 -49.33
C THR F 326 -25.79 -74.59 -50.80
N PRO F 327 -26.94 -74.95 -51.38
CA PRO F 327 -26.98 -75.20 -52.82
C PRO F 327 -27.14 -73.92 -53.63
N GLN F 328 -26.84 -73.98 -54.93
CA GLN F 328 -26.95 -72.81 -55.80
C GLN F 328 -27.51 -73.25 -57.14
N ALA F 329 -28.67 -72.70 -57.50
CA ALA F 329 -29.16 -72.83 -58.86
C ALA F 329 -28.39 -71.89 -59.78
N ASP F 330 -28.71 -71.93 -61.06
CA ASP F 330 -28.12 -71.00 -62.01
C ASP F 330 -28.98 -69.76 -62.19
N THR F 331 -30.26 -69.95 -62.48
CA THR F 331 -31.11 -68.87 -62.95
C THR F 331 -32.31 -68.67 -62.05
N LYS F 332 -32.59 -67.38 -61.80
CA LYS F 332 -33.90 -66.96 -61.34
C LYS F 332 -35.00 -67.75 -62.03
N ASP F 333 -34.86 -67.97 -63.34
CA ASP F 333 -35.80 -68.81 -64.07
C ASP F 333 -35.78 -70.24 -63.55
N GLU F 334 -34.59 -70.78 -63.26
CA GLU F 334 -34.51 -72.16 -62.83
C GLU F 334 -35.23 -72.37 -61.50
N LEU F 335 -35.22 -71.34 -60.64
CA LEU F 335 -35.76 -71.52 -59.29
C LEU F 335 -37.27 -71.75 -59.31
N LYS F 336 -38.00 -70.96 -60.09
CA LYS F 336 -39.45 -71.16 -60.15
C LYS F 336 -39.79 -72.57 -60.61
N ASN F 337 -38.97 -73.14 -61.48
CA ASN F 337 -39.20 -74.50 -61.94
C ASN F 337 -39.21 -75.47 -60.77
N ILE F 338 -38.29 -75.30 -59.82
CA ILE F 338 -38.17 -76.26 -58.73
C ILE F 338 -39.40 -76.22 -57.84
N ILE F 339 -40.08 -75.06 -57.78
CA ILE F 339 -41.38 -75.04 -57.13
C ILE F 339 -42.26 -76.12 -57.72
N GLU F 340 -42.49 -76.06 -59.03
CA GLU F 340 -43.34 -77.04 -59.67
C GLU F 340 -42.66 -78.40 -59.72
N ALA F 341 -41.36 -78.42 -60.02
CA ALA F 341 -40.63 -79.68 -60.03
C ALA F 341 -40.72 -80.37 -58.67
N ALA F 342 -40.52 -79.59 -57.60
CA ALA F 342 -40.54 -80.17 -56.27
C ALA F 342 -41.97 -80.42 -55.80
N ASN F 343 -42.84 -79.41 -55.91
CA ASN F 343 -44.11 -79.48 -55.20
C ASN F 343 -45.10 -80.43 -55.89
N GLN F 344 -45.13 -80.47 -57.21
CA GLN F 344 -45.93 -81.52 -57.86
C GLN F 344 -45.31 -82.88 -57.64
N GLU F 345 -43.99 -82.95 -57.43
CA GLU F 345 -43.40 -84.18 -56.91
C GLU F 345 -43.93 -84.47 -55.52
N GLY F 346 -44.45 -83.44 -54.84
CA GLY F 346 -45.03 -83.61 -53.52
C GLY F 346 -44.13 -83.08 -52.42
N ILE F 347 -43.13 -82.28 -52.81
CA ILE F 347 -42.09 -81.83 -51.90
C ILE F 347 -41.83 -80.35 -52.12
N SER F 348 -41.57 -79.63 -51.04
CA SER F 348 -41.11 -78.26 -51.17
C SER F 348 -39.66 -78.25 -51.66
N MET F 349 -39.10 -77.04 -51.76
CA MET F 349 -37.67 -76.93 -52.06
C MET F 349 -36.84 -77.69 -51.04
N ASN F 350 -37.29 -77.75 -49.79
CA ASN F 350 -36.41 -78.11 -48.69
C ASN F 350 -35.88 -79.52 -48.82
N GLU F 351 -36.68 -80.43 -49.37
CA GLU F 351 -36.19 -81.79 -49.59
C GLU F 351 -34.98 -81.79 -50.51
N VAL F 352 -34.94 -80.88 -51.48
CA VAL F 352 -33.88 -80.87 -52.47
C VAL F 352 -32.52 -80.62 -51.80
N THR F 353 -32.47 -79.70 -50.83
CA THR F 353 -31.23 -79.45 -50.11
C THR F 353 -30.67 -80.75 -49.54
N ASN F 354 -31.55 -81.64 -49.08
CA ASN F 354 -31.10 -82.89 -48.47
C ASN F 354 -30.41 -83.78 -49.50
N ARG F 355 -30.94 -83.82 -50.72
CA ARG F 355 -30.52 -84.82 -51.70
C ARG F 355 -29.06 -84.62 -52.11
N VAL F 356 -28.69 -83.39 -52.46
CA VAL F 356 -27.37 -83.16 -53.06
C VAL F 356 -26.26 -83.46 -52.06
N MET F 357 -26.41 -83.01 -50.80
CA MET F 357 -25.33 -83.15 -49.84
C MET F 357 -25.03 -84.60 -49.55
N GLN F 358 -26.06 -85.41 -49.27
CA GLN F 358 -25.83 -86.81 -48.95
C GLN F 358 -25.20 -87.54 -50.12
N ALA F 359 -25.69 -87.28 -51.34
CA ALA F 359 -25.11 -87.91 -52.52
C ALA F 359 -23.63 -87.58 -52.64
N SER F 360 -23.22 -86.38 -52.23
CA SER F 360 -21.82 -86.02 -52.31
C SER F 360 -20.95 -86.99 -51.52
N THR F 361 -21.36 -87.29 -50.29
CA THR F 361 -20.62 -88.25 -49.48
C THR F 361 -20.86 -89.69 -49.93
N ALA F 362 -22.04 -89.98 -50.48
CA ALA F 362 -22.36 -91.36 -50.83
C ALA F 362 -21.25 -91.96 -51.67
N ALA F 363 -20.71 -91.21 -52.62
CA ALA F 363 -19.40 -91.47 -53.19
C ALA F 363 -18.56 -90.24 -52.88
N PRO F 364 -17.69 -90.29 -51.85
CA PRO F 364 -16.94 -89.08 -51.47
C PRO F 364 -16.30 -88.39 -52.65
N SER F 365 -16.05 -89.14 -53.72
CA SER F 365 -15.61 -88.53 -54.97
C SER F 365 -16.59 -87.46 -55.42
N ASN F 366 -17.87 -87.63 -55.09
CA ASN F 366 -18.89 -86.61 -55.33
C ASN F 366 -18.92 -85.55 -54.24
N GLY F 367 -17.84 -85.40 -53.48
CA GLY F 367 -17.82 -84.48 -52.35
C GLY F 367 -17.66 -85.23 -51.04
N ASP F 368 -16.46 -85.20 -50.49
CA ASP F 368 -16.10 -86.05 -49.37
C ASP F 368 -16.86 -85.69 -48.10
N ILE F 369 -16.89 -86.64 -47.15
CA ILE F 369 -17.56 -86.48 -45.87
C ILE F 369 -17.32 -85.08 -45.31
N THR F 370 -16.09 -84.60 -45.41
CA THR F 370 -15.77 -83.25 -44.97
C THR F 370 -15.55 -82.28 -46.13
N LYS F 371 -14.97 -82.73 -47.23
CA LYS F 371 -14.81 -81.89 -48.42
C LYS F 371 -15.96 -82.14 -49.39
N LEU F 372 -17.08 -81.49 -49.09
CA LEU F 372 -18.40 -81.75 -49.67
C LEU F 372 -18.71 -80.91 -50.90
N ASN F 373 -17.70 -80.36 -51.58
CA ASN F 373 -17.91 -79.16 -52.39
C ASN F 373 -18.32 -79.40 -53.84
N ASN F 374 -18.75 -80.62 -54.17
CA ASN F 374 -19.02 -80.93 -55.56
C ASN F 374 -20.35 -80.32 -56.04
N PRO F 375 -20.38 -79.73 -57.23
CA PRO F 375 -21.67 -79.51 -57.90
C PRO F 375 -22.25 -80.85 -58.36
N VAL F 376 -23.56 -80.97 -58.26
CA VAL F 376 -24.21 -82.27 -58.46
C VAL F 376 -25.43 -82.10 -59.36
N THR F 377 -25.78 -83.17 -60.05
CA THR F 377 -26.99 -83.24 -60.86
C THR F 377 -27.95 -84.23 -60.22
N VAL F 378 -29.22 -83.84 -60.13
CA VAL F 378 -30.19 -84.58 -59.33
C VAL F 378 -31.53 -84.57 -60.04
N THR F 379 -32.48 -85.32 -59.49
CA THR F 379 -33.78 -85.52 -60.09
C THR F 379 -34.87 -84.95 -59.18
N ILE F 380 -35.72 -84.08 -59.75
CA ILE F 380 -36.85 -83.49 -59.03
C ILE F 380 -38.06 -83.55 -59.96
N ASN F 381 -39.17 -84.10 -59.47
CA ASN F 381 -40.21 -84.67 -60.32
C ASN F 381 -39.61 -85.65 -61.32
N ASN F 382 -38.43 -86.18 -60.98
CA ASN F 382 -37.61 -86.94 -61.92
C ASN F 382 -37.41 -86.15 -63.21
N GLN F 383 -37.44 -84.83 -63.11
CA GLN F 383 -36.80 -83.96 -64.08
C GLN F 383 -35.35 -83.78 -63.67
N GLN F 384 -34.46 -83.77 -64.65
CA GLN F 384 -33.03 -83.75 -64.37
C GLN F 384 -32.53 -82.32 -64.27
N PHE F 385 -31.69 -82.08 -63.26
CA PHE F 385 -31.13 -80.76 -63.01
C PHE F 385 -29.70 -80.92 -62.52
N THR F 386 -28.91 -79.87 -62.70
CA THR F 386 -27.57 -79.79 -62.15
C THR F 386 -27.46 -78.55 -61.28
N ILE F 387 -26.75 -78.68 -60.17
CA ILE F 387 -26.78 -77.68 -59.12
C ILE F 387 -25.37 -77.46 -58.60
N ASP F 388 -25.09 -76.23 -58.19
CA ASP F 388 -23.82 -75.87 -57.57
C ASP F 388 -23.98 -75.80 -56.05
N LEU F 389 -22.89 -76.06 -55.35
CA LEU F 389 -22.87 -76.05 -53.90
C LEU F 389 -22.09 -74.85 -53.38
N LYS F 390 -22.54 -74.31 -52.25
CA LYS F 390 -21.91 -73.16 -51.63
C LYS F 390 -20.99 -73.60 -50.50
N GLN F 391 -19.92 -72.85 -50.30
CA GLN F 391 -18.97 -73.07 -49.22
C GLN F 391 -18.87 -71.79 -48.40
N THR F 392 -18.85 -71.95 -47.08
CA THR F 392 -18.87 -70.80 -46.18
C THR F 392 -17.87 -71.03 -45.07
N ASP F 393 -16.94 -70.09 -44.90
CA ASP F 393 -15.88 -70.22 -43.92
C ASP F 393 -15.95 -69.08 -42.93
N PHE F 394 -16.36 -69.38 -41.70
CA PHE F 394 -16.45 -68.35 -40.68
C PHE F 394 -15.06 -67.93 -40.20
N ILE F 395 -14.04 -68.70 -40.55
CA ILE F 395 -12.66 -68.20 -40.65
C ILE F 395 -12.20 -68.47 -42.08
N LYS F 396 -12.41 -67.49 -42.96
CA LYS F 396 -11.99 -67.58 -44.35
C LYS F 396 -10.74 -66.71 -44.57
N SER F 397 -9.85 -67.18 -45.43
CA SER F 397 -8.59 -66.49 -45.61
C SER F 397 -7.94 -66.97 -46.91
N LYS F 398 -6.69 -66.56 -47.13
CA LYS F 398 -5.90 -66.96 -48.29
C LYS F 398 -5.34 -68.36 -48.07
N MET F 399 -6.22 -69.34 -47.83
CA MET F 399 -5.80 -70.58 -47.18
C MET F 399 -5.65 -71.70 -48.19
N THR F 400 -4.51 -72.39 -48.15
CA THR F 400 -4.35 -73.72 -48.70
C THR F 400 -4.02 -74.67 -47.56
N ASP F 401 -4.80 -75.75 -47.43
CA ASP F 401 -4.77 -76.58 -46.23
C ASP F 401 -3.43 -77.31 -46.12
N THR F 402 -3.27 -78.05 -45.01
CA THR F 402 -2.10 -78.90 -44.87
C THR F 402 -1.96 -79.83 -46.07
N ASP F 403 -3.09 -80.32 -46.58
CA ASP F 403 -3.07 -81.18 -47.75
C ASP F 403 -2.53 -80.45 -48.98
N GLY F 404 -2.45 -79.13 -48.93
CA GLY F 404 -2.06 -78.35 -50.08
C GLY F 404 -3.22 -77.99 -50.99
N ASN F 405 -4.41 -78.54 -50.76
CA ASN F 405 -5.57 -78.10 -51.50
C ASN F 405 -5.81 -76.62 -51.27
N ALA F 406 -6.53 -76.00 -52.18
CA ALA F 406 -7.22 -74.78 -51.80
C ALA F 406 -8.21 -75.15 -50.70
N ALA F 407 -7.87 -74.80 -49.47
CA ALA F 407 -8.45 -75.48 -48.32
C ALA F 407 -9.96 -75.41 -48.36
N ASN F 408 -10.62 -76.55 -48.18
CA ASN F 408 -12.06 -76.56 -48.05
C ASN F 408 -12.44 -76.26 -46.60
N GLY F 409 -13.55 -75.54 -46.45
CA GLY F 409 -13.98 -75.04 -45.15
C GLY F 409 -13.88 -76.03 -44.01
N ALA F 410 -13.95 -77.33 -44.29
CA ALA F 410 -13.78 -78.31 -43.23
C ALA F 410 -12.37 -78.30 -42.67
N ASP F 411 -11.45 -77.60 -43.35
CA ASP F 411 -10.06 -77.52 -42.93
C ASP F 411 -9.91 -76.63 -41.70
N TYR F 412 -10.27 -77.16 -40.53
CA TYR F 412 -10.08 -76.46 -39.27
C TYR F 412 -8.74 -76.82 -38.65
N ASP F 413 -8.57 -78.08 -38.29
CA ASP F 413 -7.26 -78.57 -37.87
C ASP F 413 -6.41 -78.99 -39.06
N ASN F 414 -6.91 -78.82 -40.28
CA ASN F 414 -6.14 -79.08 -41.49
C ASN F 414 -5.26 -77.88 -41.80
N VAL F 415 -4.51 -77.43 -40.80
CA VAL F 415 -3.51 -76.38 -40.94
C VAL F 415 -2.33 -76.75 -40.04
N TYR F 416 -1.13 -76.45 -40.51
CA TYR F 416 0.08 -76.88 -39.82
C TYR F 416 0.37 -75.97 -38.63
N PHE F 417 1.50 -76.24 -37.97
CA PHE F 417 2.00 -75.35 -36.94
C PHE F 417 2.39 -74.01 -37.56
N GLU F 418 2.27 -72.95 -36.76
CA GLU F 418 2.52 -71.59 -37.24
C GLU F 418 4.00 -71.27 -37.12
N LYS F 419 4.57 -70.74 -38.19
CA LYS F 419 6.01 -70.68 -38.39
C LYS F 419 6.57 -69.34 -37.95
N ASN F 420 7.66 -69.39 -37.19
CA ASN F 420 8.42 -68.19 -36.80
C ASN F 420 9.88 -68.61 -36.66
N GLY F 421 10.68 -68.27 -37.67
CA GLY F 421 12.08 -68.69 -37.66
C GLY F 421 12.16 -70.21 -37.61
N ASN F 422 13.04 -70.72 -36.76
CA ASN F 422 13.13 -72.15 -36.54
C ASN F 422 12.04 -72.67 -35.61
N THR F 423 11.08 -71.82 -35.25
CA THR F 423 10.01 -72.20 -34.33
C THR F 423 8.69 -72.31 -35.07
N VAL F 424 7.98 -73.41 -34.83
CA VAL F 424 6.61 -73.61 -35.32
C VAL F 424 5.76 -74.07 -34.15
N TYR F 425 4.54 -73.56 -34.08
CA TYR F 425 3.65 -73.87 -32.96
C TYR F 425 2.21 -73.92 -33.44
N GLY F 426 1.44 -74.85 -32.86
CA GLY F 426 0.01 -74.82 -33.01
C GLY F 426 -0.57 -73.69 -32.18
N ASN F 427 -1.08 -72.65 -32.85
CA ASN F 427 -1.59 -71.50 -32.11
C ASN F 427 -2.74 -71.89 -31.19
N VAL F 428 -3.37 -73.03 -31.45
CA VAL F 428 -4.44 -73.53 -30.58
C VAL F 428 -3.78 -74.12 -29.35
N SER F 429 -3.63 -73.28 -28.33
CA SER F 429 -2.84 -73.63 -27.16
C SER F 429 -3.47 -74.78 -26.39
N GLN F 430 -2.64 -75.44 -25.58
CA GLN F 430 -3.10 -76.34 -24.54
C GLN F 430 -2.93 -75.62 -23.20
N VAL F 431 -4.03 -75.50 -22.47
CA VAL F 431 -4.14 -74.53 -21.39
C VAL F 431 -4.67 -75.24 -20.15
N ILE F 432 -4.38 -74.69 -18.98
CA ILE F 432 -4.68 -75.34 -17.71
C ILE F 432 -6.17 -75.20 -17.39
N LYS F 433 -6.71 -76.24 -16.76
CA LYS F 433 -8.10 -76.26 -16.30
C LYS F 433 -8.20 -75.46 -15.01
N GLY F 434 -7.90 -74.16 -15.08
CA GLY F 434 -7.66 -73.38 -13.89
C GLY F 434 -7.04 -72.04 -14.23
N SER F 435 -5.89 -71.74 -13.62
CA SER F 435 -5.16 -70.52 -13.92
C SER F 435 -4.95 -70.31 -15.41
N ASN F 436 -5.16 -71.33 -16.23
CA ASN F 436 -5.00 -71.23 -17.69
C ASN F 436 -3.56 -70.91 -18.07
N ALA F 437 -2.62 -71.30 -17.21
CA ALA F 437 -1.24 -71.44 -17.64
C ALA F 437 -1.17 -72.75 -18.40
N TYR F 438 0.03 -73.26 -18.68
CA TYR F 438 0.19 -74.25 -19.74
C TYR F 438 0.91 -75.49 -19.22
N ALA F 439 0.98 -76.49 -20.10
CA ALA F 439 1.10 -77.89 -19.69
C ALA F 439 2.47 -78.23 -19.12
N THR F 440 2.55 -79.41 -18.53
CA THR F 440 3.76 -79.96 -17.95
C THR F 440 3.91 -81.42 -18.36
N ASP F 441 5.14 -81.92 -18.33
CA ASP F 441 5.45 -83.21 -18.92
C ASP F 441 4.68 -84.35 -18.27
N SER F 442 4.73 -84.43 -16.94
CA SER F 442 4.24 -85.59 -16.22
C SER F 442 2.71 -85.66 -16.14
N THR F 443 2.00 -84.77 -16.85
CA THR F 443 0.55 -84.80 -16.85
C THR F 443 0.05 -86.07 -17.52
N LYS F 444 -0.49 -87.01 -16.72
CA LYS F 444 -0.99 -88.24 -17.30
C LYS F 444 -2.14 -87.93 -18.27
N LEU F 445 -2.62 -88.99 -18.92
CA LEU F 445 -3.86 -88.87 -19.68
C LEU F 445 -5.06 -88.77 -18.75
N SER F 446 -4.92 -89.28 -17.52
CA SER F 446 -6.01 -89.21 -16.57
C SER F 446 -6.41 -87.76 -16.28
N GLU F 447 -5.42 -86.88 -16.08
CA GLU F 447 -5.74 -85.49 -15.77
C GLU F 447 -6.46 -84.81 -16.92
N VAL F 448 -6.25 -85.30 -18.14
CA VAL F 448 -6.69 -84.60 -19.34
C VAL F 448 -8.08 -85.04 -19.78
N MET F 449 -8.30 -86.34 -19.90
CA MET F 449 -9.41 -86.86 -20.68
C MET F 449 -10.75 -86.61 -20.00
N ALA F 450 -11.82 -86.72 -20.80
CA ALA F 450 -13.19 -86.73 -20.32
C ALA F 450 -13.71 -88.16 -20.39
N GLY F 451 -13.44 -88.92 -19.33
CA GLY F 451 -13.89 -90.29 -19.26
C GLY F 451 -13.15 -91.12 -18.22
N ASP F 452 -13.78 -92.22 -17.76
CA ASP F 452 -13.14 -93.07 -16.78
C ASP F 452 -11.90 -93.75 -17.34
N SER F 453 -11.98 -94.24 -18.57
CA SER F 453 -10.84 -94.82 -19.26
C SER F 453 -10.85 -94.26 -20.68
N LEU F 454 -9.69 -94.35 -21.34
CA LEU F 454 -9.54 -93.67 -22.62
C LEU F 454 -10.33 -94.42 -23.68
N ASN F 455 -11.65 -94.43 -23.53
CA ASN F 455 -12.49 -95.31 -24.32
C ASN F 455 -12.66 -94.75 -25.73
N GLY F 456 -12.39 -95.58 -26.73
CA GLY F 456 -12.50 -95.17 -28.11
C GLY F 456 -11.61 -93.99 -28.43
N THR F 457 -10.68 -93.67 -27.53
CA THR F 457 -9.83 -92.50 -27.71
C THR F 457 -8.63 -92.86 -28.58
N THR F 458 -8.43 -92.09 -29.65
CA THR F 458 -7.44 -92.38 -30.65
C THR F 458 -7.08 -91.09 -31.37
N LEU F 459 -5.84 -91.00 -31.85
CA LEU F 459 -5.30 -89.75 -32.39
C LEU F 459 -4.59 -89.99 -33.70
N ASN F 460 -4.50 -88.94 -34.52
CA ASN F 460 -3.82 -88.96 -35.80
C ASN F 460 -2.80 -87.84 -35.84
N LEU F 461 -1.76 -88.02 -36.64
CA LEU F 461 -0.62 -87.10 -36.67
C LEU F 461 -0.15 -86.88 -38.10
N LYS F 462 0.32 -85.66 -38.37
CA LYS F 462 0.89 -85.29 -39.66
C LYS F 462 2.21 -84.58 -39.42
N VAL F 463 3.27 -85.06 -40.07
CA VAL F 463 4.60 -84.48 -39.89
C VAL F 463 5.30 -84.33 -41.22
N ASN F 464 5.56 -83.09 -41.62
CA ASN F 464 6.46 -82.78 -42.73
C ASN F 464 7.85 -82.66 -42.10
N SER F 465 8.66 -83.69 -42.28
CA SER F 465 9.82 -83.88 -41.43
C SER F 465 10.97 -82.94 -41.82
N LYS F 466 11.95 -82.88 -40.91
CA LYS F 466 13.22 -82.24 -41.21
C LYS F 466 13.96 -82.92 -42.36
N GLY F 467 13.60 -84.16 -42.68
CA GLY F 467 14.16 -84.86 -43.82
C GLY F 467 13.34 -84.62 -45.07
N GLY F 468 12.48 -83.59 -45.04
CA GLY F 468 11.67 -83.25 -46.18
C GLY F 468 10.39 -84.05 -46.27
N ASN F 469 10.51 -85.35 -46.49
CA ASN F 469 9.34 -86.19 -46.68
C ASN F 469 8.45 -86.15 -45.45
N SER F 470 7.15 -86.35 -45.68
CA SER F 470 6.15 -86.28 -44.63
C SER F 470 5.95 -87.67 -44.03
N TYR F 471 5.83 -87.71 -42.70
CA TYR F 471 5.62 -88.95 -41.97
C TYR F 471 4.41 -88.76 -41.05
N ASP F 472 3.32 -89.45 -41.36
CA ASP F 472 2.06 -89.30 -40.66
C ASP F 472 1.72 -90.60 -39.96
N VAL F 473 1.28 -90.50 -38.70
CA VAL F 473 1.09 -91.66 -37.84
C VAL F 473 -0.25 -91.55 -37.12
N THR F 474 -0.78 -92.71 -36.73
CA THR F 474 -2.02 -92.79 -35.98
C THR F 474 -1.78 -93.64 -34.73
N ILE F 475 -2.41 -93.24 -33.63
CA ILE F 475 -2.11 -93.82 -32.32
C ILE F 475 -3.40 -94.07 -31.55
N ASN F 476 -3.56 -95.28 -31.03
CA ASN F 476 -4.64 -95.60 -30.10
C ASN F 476 -4.03 -95.70 -28.70
N LEU F 477 -4.04 -94.57 -27.99
CA LEU F 477 -3.55 -94.57 -26.62
C LEU F 477 -4.45 -95.36 -25.69
N GLN F 478 -5.70 -95.63 -26.11
CA GLN F 478 -6.56 -96.50 -25.34
C GLN F 478 -5.88 -97.84 -25.05
N THR F 479 -5.10 -98.33 -26.01
CA THR F 479 -4.28 -99.53 -25.82
C THR F 479 -2.80 -99.20 -25.68
N SER F 480 -2.47 -97.94 -25.42
CA SER F 480 -1.09 -97.48 -25.34
C SER F 480 -0.30 -97.85 -26.59
N THR F 481 -0.96 -97.84 -27.75
CA THR F 481 -0.43 -98.46 -28.96
C THR F 481 -0.10 -97.41 -30.01
N VAL F 482 1.07 -97.55 -30.62
CA VAL F 482 1.50 -96.71 -31.74
C VAL F 482 1.75 -97.64 -32.93
N SER F 483 1.65 -97.08 -34.14
CA SER F 483 1.60 -97.91 -35.33
C SER F 483 2.28 -97.24 -36.53
N TYR F 484 2.71 -98.08 -37.47
CA TYR F 484 3.08 -97.66 -38.82
C TYR F 484 3.16 -98.88 -39.75
N PRO F 485 2.43 -98.90 -40.87
CA PRO F 485 2.62 -99.99 -41.85
C PRO F 485 3.58 -99.62 -42.97
N ASP F 486 4.10 -100.63 -43.65
CA ASP F 486 5.08 -100.37 -44.70
C ASP F 486 4.39 -99.94 -45.98
N PRO F 487 4.94 -98.93 -46.66
CA PRO F 487 4.35 -98.52 -47.93
C PRO F 487 4.41 -99.66 -48.93
N ASN F 488 5.54 -100.34 -49.00
CA ASN F 488 5.71 -101.42 -49.95
C ASN F 488 4.84 -102.60 -49.55
N ASN F 489 4.74 -102.85 -48.25
CA ASN F 489 3.94 -103.96 -47.77
C ASN F 489 3.34 -103.64 -46.40
N PRO F 490 2.23 -102.89 -46.40
CA PRO F 490 1.64 -102.48 -45.12
C PRO F 490 1.26 -103.68 -44.27
N GLY F 491 1.19 -104.86 -44.87
CA GLY F 491 0.91 -106.06 -44.11
C GLY F 491 1.89 -106.10 -42.96
N GLN F 492 3.16 -105.83 -43.22
CA GLN F 492 4.13 -105.79 -42.15
C GLN F 492 3.88 -104.51 -41.38
N THR F 493 3.96 -104.58 -40.05
CA THR F 493 3.64 -103.41 -39.25
C THR F 493 4.60 -103.21 -38.08
N ILE F 494 4.73 -101.97 -37.64
CA ILE F 494 5.65 -101.63 -36.55
C ILE F 494 4.84 -101.49 -35.26
N SER F 495 5.26 -102.24 -34.24
CA SER F 495 4.50 -102.38 -32.99
C SER F 495 5.29 -101.77 -31.85
N PHE F 496 4.63 -100.94 -31.05
CA PHE F 496 5.22 -100.37 -29.85
C PHE F 496 4.15 -100.00 -28.84
N PRO F 497 4.13 -100.63 -27.67
CA PRO F 497 3.34 -100.08 -26.56
C PRO F 497 4.16 -99.13 -25.70
N ILE F 498 3.49 -98.22 -25.00
CA ILE F 498 4.18 -97.12 -24.33
C ILE F 498 4.77 -97.59 -22.99
N MET F 499 5.86 -96.95 -22.58
CA MET F 499 6.74 -97.51 -21.56
C MET F 499 7.14 -96.45 -20.54
N HIS F 500 8.04 -96.85 -19.63
CA HIS F 500 8.08 -96.28 -18.28
C HIS F 500 9.34 -96.70 -17.51
N THR F 501 9.34 -96.51 -16.19
CA THR F 501 10.42 -96.95 -15.30
C THR F 501 9.84 -97.90 -14.21
N ASN F 502 10.75 -98.55 -13.44
CA ASN F 502 10.45 -99.51 -12.37
C ASN F 502 10.27 -98.84 -11.01
N PRO F 503 9.93 -99.58 -9.95
CA PRO F 503 9.97 -98.98 -8.60
C PRO F 503 11.34 -98.90 -7.96
N ALA F 504 12.14 -99.97 -8.06
CA ALA F 504 13.41 -99.99 -7.35
C ALA F 504 14.53 -100.72 -8.08
N THR F 505 14.28 -101.19 -9.30
CA THR F 505 15.20 -102.14 -9.91
C THR F 505 15.13 -102.04 -11.43
N GLY F 506 16.06 -102.71 -12.09
CA GLY F 506 16.02 -102.86 -13.53
C GLY F 506 15.18 -104.06 -13.95
N ASN F 507 14.16 -104.35 -13.17
CA ASN F 507 13.23 -105.45 -13.43
C ASN F 507 12.07 -104.90 -14.24
N SER F 508 12.28 -104.82 -15.55
CA SER F 508 11.59 -103.87 -16.41
C SER F 508 10.72 -104.56 -17.46
N GLY F 509 9.62 -103.90 -17.84
CA GLY F 509 9.02 -104.17 -19.14
C GLY F 509 7.53 -104.42 -19.27
N VAL F 510 6.71 -104.15 -18.25
CA VAL F 510 5.27 -104.38 -18.36
C VAL F 510 4.59 -103.05 -18.68
N VAL F 511 3.94 -103.00 -19.85
CA VAL F 511 3.49 -101.78 -20.52
C VAL F 511 2.74 -100.82 -19.61
N THR F 512 2.86 -99.51 -19.92
CA THR F 512 2.13 -98.48 -19.20
C THR F 512 0.64 -98.78 -19.15
N GLY F 513 0.01 -98.37 -18.06
CA GLY F 513 -1.44 -98.23 -18.02
C GLY F 513 -1.87 -97.08 -18.92
N SER F 514 -3.01 -97.21 -19.58
CA SER F 514 -3.41 -96.22 -20.58
C SER F 514 -3.56 -94.83 -19.97
N ASN F 515 -4.34 -94.73 -18.88
CA ASN F 515 -4.67 -93.42 -18.33
C ASN F 515 -3.42 -92.71 -17.81
N ASP F 516 -2.36 -93.46 -17.50
CA ASP F 516 -1.21 -92.87 -16.82
C ASP F 516 -0.30 -92.11 -17.77
N ILE F 517 -0.29 -92.49 -19.05
CA ILE F 517 0.66 -91.92 -20.00
C ILE F 517 0.64 -90.40 -19.90
N THR F 518 1.81 -89.79 -20.01
CA THR F 518 1.98 -88.37 -19.68
C THR F 518 2.43 -87.55 -20.88
N TYR F 519 2.39 -86.23 -20.70
CA TYR F 519 2.73 -85.30 -21.77
C TYR F 519 4.18 -85.42 -22.19
N GLY F 520 5.11 -85.59 -21.24
CA GLY F 520 6.51 -85.68 -21.59
C GLY F 520 6.76 -86.69 -22.68
N GLN F 521 6.00 -87.80 -22.66
CA GLN F 521 6.13 -88.80 -23.70
C GLN F 521 5.72 -88.26 -25.07
N ILE F 522 4.82 -87.28 -25.10
CA ILE F 522 4.51 -86.60 -26.35
C ILE F 522 5.77 -85.95 -26.91
N ASN F 523 6.34 -85.02 -26.16
CA ASN F 523 7.56 -84.35 -26.60
C ASN F 523 8.62 -85.36 -26.99
N ASP F 524 8.68 -86.48 -26.26
CA ASP F 524 9.54 -87.57 -26.65
C ASP F 524 9.20 -88.06 -28.05
N ILE F 525 7.91 -88.13 -28.37
CA ILE F 525 7.51 -88.65 -29.68
C ILE F 525 8.00 -87.74 -30.79
N ILE F 526 7.96 -86.42 -30.57
CA ILE F 526 8.54 -85.51 -31.55
C ILE F 526 10.04 -85.79 -31.71
N GLY F 527 10.70 -86.16 -30.61
CA GLY F 527 12.10 -86.53 -30.71
C GLY F 527 12.34 -87.63 -31.72
N MET F 528 11.37 -88.53 -31.90
CA MET F 528 11.51 -89.60 -32.88
C MET F 528 11.48 -89.05 -34.30
N PHE F 529 10.71 -87.98 -34.53
CA PHE F 529 10.63 -87.39 -35.86
C PHE F 529 11.77 -86.42 -35.93
N ALA F 530 12.99 -86.92 -35.86
CA ALA F 530 14.14 -86.03 -35.80
C ALA F 530 14.97 -85.95 -37.06
N ALA F 531 15.62 -87.05 -37.45
CA ALA F 531 16.58 -86.93 -38.55
C ALA F 531 17.13 -88.23 -39.12
N ASP F 532 17.28 -88.25 -40.45
CA ASP F 532 18.21 -89.13 -41.14
C ASP F 532 18.10 -90.59 -40.71
N LYS F 533 18.97 -91.03 -39.79
CA LYS F 533 19.02 -92.43 -39.40
C LYS F 533 17.95 -92.70 -38.36
N ILE F 534 16.69 -92.70 -38.79
CA ILE F 534 15.54 -92.73 -37.89
C ILE F 534 15.22 -94.16 -37.46
N PRO F 535 14.55 -94.35 -36.33
CA PRO F 535 14.38 -95.70 -35.76
C PRO F 535 13.08 -96.38 -36.14
N THR F 536 12.98 -97.65 -35.72
CA THR F 536 11.79 -98.48 -35.88
C THR F 536 11.78 -99.52 -34.76
N THR F 537 10.65 -100.22 -34.60
CA THR F 537 10.48 -101.13 -33.46
C THR F 537 9.63 -102.34 -33.85
N THR F 538 9.54 -103.28 -32.90
CA THR F 538 8.54 -104.33 -32.91
C THR F 538 8.54 -105.00 -31.55
N ILE F 539 7.36 -105.23 -31.00
CA ILE F 539 7.22 -105.65 -29.61
C ILE F 539 5.97 -106.51 -29.47
N GLN F 540 5.97 -107.37 -28.44
CA GLN F 540 4.78 -108.10 -28.04
C GLN F 540 4.53 -107.87 -26.55
N ALA F 541 3.31 -107.45 -26.22
CA ALA F 541 2.94 -107.15 -24.83
C ALA F 541 2.56 -108.45 -24.12
N ASN F 542 3.59 -109.19 -23.74
CA ASN F 542 3.42 -110.47 -23.06
C ASN F 542 2.92 -110.18 -21.65
N ASN F 543 1.62 -110.32 -21.44
CA ASN F 543 1.00 -109.84 -20.19
C ASN F 543 1.43 -108.40 -19.92
N GLY F 544 1.64 -107.65 -21.00
CA GLY F 544 2.25 -106.35 -20.93
C GLY F 544 3.76 -106.37 -20.91
N GLN F 545 4.37 -107.50 -20.56
CA GLN F 545 5.83 -107.57 -20.49
C GLN F 545 6.43 -107.46 -21.88
N ILE F 546 7.57 -106.75 -21.97
CA ILE F 546 8.30 -106.59 -23.22
C ILE F 546 9.78 -106.57 -22.90
N ASN F 547 10.60 -106.44 -23.94
CA ASN F 547 12.07 -106.41 -23.79
C ASN F 547 12.52 -104.96 -23.59
N ASN F 548 13.05 -104.66 -22.41
CA ASN F 548 13.53 -103.32 -22.13
C ASN F 548 14.69 -102.94 -23.04
N ALA F 549 15.53 -103.90 -23.42
CA ALA F 549 16.65 -103.60 -24.31
C ALA F 549 16.16 -102.90 -25.56
N ASP F 550 15.00 -103.30 -26.09
CA ASP F 550 14.39 -102.55 -27.18
C ASP F 550 14.09 -101.12 -26.74
N TYR F 551 13.47 -100.98 -25.58
CA TYR F 551 13.22 -99.65 -25.04
C TYR F 551 14.52 -98.91 -24.78
N THR F 552 15.49 -99.59 -24.18
CA THR F 552 16.76 -98.95 -23.89
C THR F 552 17.48 -98.49 -25.15
N GLN F 553 17.50 -99.34 -26.18
CA GLN F 553 18.08 -98.92 -27.45
C GLN F 553 17.33 -97.72 -28.01
N ILE F 554 16.01 -97.75 -27.94
CA ILE F 554 15.22 -96.58 -28.34
C ILE F 554 15.61 -95.38 -27.50
N GLN F 555 15.78 -95.60 -26.19
CA GLN F 555 16.17 -94.51 -25.30
C GLN F 555 17.49 -93.90 -25.73
N GLN F 556 18.48 -94.75 -26.03
CA GLN F 556 19.80 -94.24 -26.41
C GLN F 556 19.71 -93.38 -27.66
N LEU F 557 18.99 -93.85 -28.68
CA LEU F 557 18.81 -93.04 -29.88
C LEU F 557 18.14 -91.71 -29.54
N MET F 558 17.21 -91.73 -28.58
CA MET F 558 16.60 -90.49 -28.12
C MET F 558 17.61 -89.58 -27.45
N LYS F 559 18.47 -90.14 -26.59
CA LYS F 559 19.43 -89.31 -25.87
C LYS F 559 20.46 -88.71 -26.81
N ASP F 560 20.71 -89.36 -27.95
CA ASP F 560 21.47 -88.71 -29.01
C ASP F 560 20.61 -87.71 -29.76
N SER F 561 19.30 -87.96 -29.83
CA SER F 561 18.38 -87.07 -30.54
C SER F 561 18.19 -85.74 -29.83
N GLN F 562 18.72 -85.60 -28.60
CA GLN F 562 18.55 -84.38 -27.84
C GLN F 562 18.84 -83.13 -28.66
N ALA F 563 19.86 -83.20 -29.53
CA ALA F 563 20.35 -81.99 -30.20
C ALA F 563 19.45 -81.54 -31.34
N THR F 564 18.64 -82.44 -31.89
CA THR F 564 18.03 -82.17 -33.20
C THR F 564 16.98 -81.07 -33.11
N VAL F 565 15.90 -81.30 -32.36
CA VAL F 565 14.72 -80.46 -32.46
C VAL F 565 14.16 -80.23 -31.06
N ASP F 566 13.35 -79.17 -30.94
CA ASP F 566 12.77 -78.76 -29.67
C ASP F 566 11.25 -78.91 -29.69
N VAL F 567 10.69 -79.22 -28.53
CA VAL F 567 9.26 -79.12 -28.27
C VAL F 567 9.07 -78.19 -27.08
N SER F 568 8.16 -77.22 -27.23
CA SER F 568 7.97 -76.23 -26.19
C SER F 568 6.47 -75.96 -26.00
N MET F 569 6.14 -75.50 -24.80
CA MET F 569 4.77 -75.17 -24.40
C MET F 569 4.83 -73.70 -23.99
N ASP F 570 4.60 -72.81 -24.96
CA ASP F 570 5.04 -71.43 -24.84
C ASP F 570 4.22 -70.65 -23.82
N TYR F 571 4.54 -69.36 -23.71
CA TYR F 571 3.87 -68.42 -22.82
C TYR F 571 2.42 -68.15 -23.21
N LYS F 572 2.00 -68.55 -24.41
CA LYS F 572 0.60 -68.58 -24.78
C LYS F 572 0.02 -69.98 -24.74
N GLY F 573 0.79 -70.97 -24.30
CA GLY F 573 0.34 -72.34 -24.35
C GLY F 573 0.33 -72.93 -25.73
N ARG F 574 0.75 -72.19 -26.75
CA ARG F 574 0.72 -72.69 -28.11
C ARG F 574 1.67 -73.87 -28.24
N ILE F 575 1.21 -74.90 -28.94
CA ILE F 575 1.85 -76.21 -28.98
C ILE F 575 3.07 -76.05 -29.89
N SER F 576 4.23 -75.83 -29.28
CA SER F 576 5.37 -75.25 -29.98
C SER F 576 6.50 -76.25 -30.19
N VAL F 577 7.19 -76.05 -31.32
CA VAL F 577 8.34 -76.86 -31.72
C VAL F 577 9.36 -75.91 -32.33
N THR F 578 10.64 -76.12 -32.02
CA THR F 578 11.71 -75.32 -32.60
C THR F 578 12.76 -76.22 -33.23
N ASP F 579 13.27 -75.82 -34.39
CA ASP F 579 14.27 -76.56 -35.13
C ASP F 579 15.63 -76.12 -34.62
N LYS F 580 16.17 -76.88 -33.65
CA LYS F 580 17.42 -76.48 -33.02
C LYS F 580 18.55 -76.38 -34.03
N LEU F 581 18.71 -77.39 -34.88
CA LEU F 581 19.78 -77.37 -35.87
C LEU F 581 19.37 -76.52 -37.05
N SER F 582 18.93 -75.30 -36.77
CA SER F 582 18.47 -74.36 -37.78
C SER F 582 18.04 -73.09 -37.06
N SER F 583 18.05 -71.98 -37.79
CA SER F 583 17.37 -70.76 -37.39
C SER F 583 16.10 -70.53 -38.19
N GLY F 584 15.90 -71.32 -39.24
CA GLY F 584 14.64 -71.39 -39.96
C GLY F 584 14.27 -72.85 -40.15
N THR F 585 13.09 -73.24 -39.66
CA THR F 585 12.76 -74.65 -39.55
C THR F 585 12.34 -75.20 -40.90
N ASN F 586 12.97 -76.32 -41.30
CA ASN F 586 12.53 -77.13 -42.43
C ASN F 586 11.58 -78.23 -41.99
N ILE F 587 10.53 -77.88 -41.24
CA ILE F 587 9.65 -78.86 -40.62
C ILE F 587 8.24 -78.26 -40.54
N GLU F 588 7.23 -79.13 -40.59
CA GLU F 588 5.86 -78.73 -40.36
C GLU F 588 5.09 -79.89 -39.75
N ILE F 589 4.05 -79.56 -38.98
CA ILE F 589 3.31 -80.53 -38.17
C ILE F 589 1.83 -80.20 -38.21
N SER F 590 1.00 -81.24 -38.08
CA SER F 590 -0.44 -81.05 -37.92
C SER F 590 -1.01 -82.31 -37.28
N LEU F 591 -2.01 -82.13 -36.41
CA LEU F 591 -2.55 -83.22 -35.62
C LEU F 591 -4.07 -83.17 -35.62
N SER F 592 -4.69 -84.30 -35.30
CA SER F 592 -6.15 -84.42 -35.28
C SER F 592 -6.58 -85.59 -34.41
N ASP F 593 -7.87 -85.64 -34.11
CA ASP F 593 -8.49 -86.70 -33.35
C ASP F 593 -9.36 -87.57 -34.26
N SER F 594 -9.59 -88.82 -33.86
CA SER F 594 -10.28 -89.78 -34.71
C SER F 594 -11.55 -90.35 -34.07
N GLN F 595 -11.91 -89.94 -32.86
CA GLN F 595 -13.30 -90.04 -32.48
C GLN F 595 -14.13 -88.99 -33.19
N SER F 596 -13.49 -87.90 -33.61
CA SER F 596 -13.97 -87.15 -34.75
C SER F 596 -13.85 -88.03 -35.99
N GLY F 597 -14.60 -87.67 -37.03
CA GLY F 597 -14.85 -88.60 -38.11
C GLY F 597 -16.13 -89.35 -37.81
N GLN F 598 -16.40 -89.55 -36.53
CA GLN F 598 -17.72 -89.90 -36.04
C GLN F 598 -18.42 -88.61 -35.61
N PHE F 599 -19.69 -88.49 -35.98
CA PHE F 599 -20.34 -87.19 -36.05
C PHE F 599 -21.58 -87.17 -35.17
N PRO F 600 -22.24 -86.02 -35.00
CA PRO F 600 -23.53 -86.01 -34.34
C PRO F 600 -24.53 -86.90 -35.05
N ALA F 601 -25.64 -87.16 -34.38
CA ALA F 601 -26.59 -88.17 -34.84
C ALA F 601 -27.39 -87.64 -36.02
N PRO F 602 -27.34 -88.29 -37.19
CA PRO F 602 -28.28 -87.96 -38.26
C PRO F 602 -29.61 -88.66 -38.04
N PRO F 603 -30.66 -88.28 -38.79
CA PRO F 603 -30.67 -87.26 -39.84
C PRO F 603 -30.59 -85.87 -39.25
N PHE F 604 -29.77 -85.01 -39.84
CA PHE F 604 -29.54 -83.68 -39.28
C PHE F 604 -30.67 -82.74 -39.69
N THR F 605 -31.15 -81.95 -38.73
CA THR F 605 -32.37 -81.17 -38.89
C THR F 605 -32.11 -79.74 -38.46
N THR F 606 -33.16 -78.93 -38.45
CA THR F 606 -33.06 -77.56 -37.96
C THR F 606 -32.82 -77.53 -36.46
N THR F 607 -33.37 -78.49 -35.72
CA THR F 607 -33.01 -78.65 -34.33
C THR F 607 -31.60 -79.21 -34.22
N SER F 608 -30.78 -78.58 -33.37
CA SER F 608 -29.36 -78.90 -33.33
C SER F 608 -29.14 -80.37 -32.99
N THR F 609 -28.25 -81.02 -33.75
CA THR F 609 -27.75 -82.34 -33.42
C THR F 609 -26.42 -82.17 -32.71
N VAL F 610 -26.30 -82.76 -31.52
CA VAL F 610 -25.12 -82.54 -30.69
C VAL F 610 -24.70 -83.85 -30.03
N GLN F 611 -23.44 -84.24 -30.22
CA GLN F 611 -22.89 -85.43 -29.61
C GLN F 611 -21.51 -85.11 -29.05
N ASN F 612 -21.07 -85.93 -28.10
CA ASN F 612 -19.75 -85.81 -27.50
C ASN F 612 -18.87 -86.95 -28.00
N GLY F 613 -17.60 -86.93 -27.58
CA GLY F 613 -16.71 -88.04 -27.80
C GLY F 613 -15.29 -87.68 -28.23
N PRO F 614 -15.11 -86.64 -29.04
CA PRO F 614 -13.74 -86.14 -29.28
C PRO F 614 -13.19 -85.49 -28.02
N ASN F 615 -11.93 -85.78 -27.71
CA ASN F 615 -11.39 -85.52 -26.39
C ASN F 615 -10.20 -84.58 -26.34
N PHE F 616 -9.68 -84.10 -27.47
CA PHE F 616 -8.48 -83.27 -27.44
C PHE F 616 -8.49 -82.34 -28.65
N SER F 617 -7.65 -81.31 -28.58
CA SER F 617 -7.57 -80.28 -29.61
C SER F 617 -6.16 -80.23 -30.16
N PHE F 618 -6.01 -79.55 -31.29
CA PHE F 618 -4.77 -79.54 -32.06
C PHE F 618 -4.64 -78.21 -32.78
N SER F 619 -3.50 -78.05 -33.44
CA SER F 619 -3.30 -76.88 -34.31
C SER F 619 -4.43 -76.79 -35.31
N ALA F 620 -5.03 -75.60 -35.41
CA ALA F 620 -6.23 -75.49 -36.23
C ALA F 620 -6.49 -74.04 -36.62
N ASN F 621 -7.50 -73.87 -37.47
CA ASN F 621 -7.88 -72.58 -38.04
C ASN F 621 -8.81 -71.87 -37.05
N ASN F 622 -8.21 -71.38 -35.98
CA ASN F 622 -8.99 -71.04 -34.80
C ASN F 622 -9.60 -69.65 -34.94
N SER F 623 -10.49 -69.33 -34.00
CA SER F 623 -11.11 -68.01 -33.96
C SER F 623 -10.04 -66.94 -33.72
N LEU F 624 -10.47 -65.69 -33.83
CA LEU F 624 -9.59 -64.54 -33.74
C LEU F 624 -9.90 -63.76 -32.46
N THR F 625 -8.85 -63.29 -31.79
CA THR F 625 -9.02 -62.61 -30.51
C THR F 625 -7.68 -62.04 -30.07
N ILE F 626 -7.71 -60.82 -29.53
CA ILE F 626 -6.64 -60.36 -28.65
C ILE F 626 -7.25 -59.70 -27.41
N ASP F 627 -7.50 -60.49 -26.37
CA ASP F 627 -7.53 -60.03 -25.00
C ASP F 627 -7.69 -61.24 -24.11
N GLU F 628 -6.91 -61.30 -23.04
CA GLU F 628 -7.02 -62.39 -22.08
C GLU F 628 -6.08 -62.08 -20.92
N PRO F 629 -6.30 -62.69 -19.75
CA PRO F 629 -5.44 -62.48 -18.59
C PRO F 629 -3.96 -62.37 -18.92
N ASN F 630 -3.41 -63.37 -19.59
CA ASN F 630 -1.99 -63.40 -19.88
C ASN F 630 -1.65 -62.40 -20.98
N VAL F 631 -0.60 -61.62 -20.76
CA VAL F 631 -0.19 -60.58 -21.69
C VAL F 631 0.90 -61.11 -22.62
N ASP F 632 1.06 -60.46 -23.76
CA ASP F 632 2.21 -60.71 -24.63
C ASP F 632 2.44 -59.49 -25.53
N ILE F 633 3.62 -58.88 -25.39
CA ILE F 633 3.86 -57.56 -25.97
C ILE F 633 3.77 -57.63 -27.50
N ILE F 634 4.50 -58.58 -28.10
CA ILE F 634 4.63 -58.58 -29.55
C ILE F 634 3.28 -58.77 -30.22
N LYS F 635 2.49 -59.75 -29.75
CA LYS F 635 1.18 -59.96 -30.33
C LYS F 635 0.27 -58.76 -30.11
N ASP F 636 0.27 -58.23 -28.89
CA ASP F 636 -0.67 -57.15 -28.56
C ASP F 636 -0.35 -55.88 -29.34
N LEU F 637 0.93 -55.50 -29.39
CA LEU F 637 1.28 -54.24 -30.03
C LEU F 637 1.37 -54.39 -31.55
N ASP F 638 2.19 -55.33 -32.01
CA ASP F 638 2.47 -55.39 -33.45
C ASP F 638 1.23 -55.76 -34.24
N SER F 639 0.41 -56.67 -33.73
CA SER F 639 -0.83 -57.01 -34.43
C SER F 639 -1.73 -55.80 -34.54
N MET F 640 -1.81 -54.99 -33.48
CA MET F 640 -2.69 -53.83 -33.49
C MET F 640 -2.11 -52.68 -34.31
N ILE F 641 -0.77 -52.61 -34.42
CA ILE F 641 -0.17 -51.63 -35.31
C ILE F 641 -0.56 -51.91 -36.76
N ASP F 642 -0.52 -53.19 -37.15
CA ASP F 642 -0.85 -53.56 -38.52
C ASP F 642 -2.24 -53.07 -38.91
N ALA F 643 -3.20 -53.18 -38.01
CA ALA F 643 -4.57 -52.77 -38.33
C ALA F 643 -4.64 -51.27 -38.52
N VAL F 644 -3.92 -50.51 -37.69
CA VAL F 644 -3.85 -49.07 -37.87
C VAL F 644 -3.18 -48.75 -39.21
N LEU F 645 -2.07 -49.42 -39.52
CA LEU F 645 -1.38 -49.16 -40.77
C LEU F 645 -2.30 -49.41 -41.96
N LYS F 646 -2.93 -50.58 -42.00
CA LYS F 646 -3.92 -50.85 -43.03
C LYS F 646 -5.18 -50.01 -42.83
N GLY F 647 -5.35 -49.44 -41.63
CA GLY F 647 -6.57 -48.75 -41.30
C GLY F 647 -7.73 -49.68 -41.00
N ASN F 648 -7.54 -50.99 -41.12
CA ASN F 648 -8.59 -51.95 -40.86
C ASN F 648 -9.07 -51.79 -39.42
N MET F 649 -10.33 -51.42 -39.23
CA MET F 649 -10.88 -51.23 -37.89
C MET F 649 -10.48 -52.42 -37.02
N ARG F 650 -10.64 -53.63 -37.53
CA ARG F 650 -10.05 -54.78 -36.86
C ARG F 650 -9.14 -55.59 -37.78
N ALA F 651 -9.65 -56.03 -38.93
CA ALA F 651 -9.03 -57.17 -39.61
C ALA F 651 -9.18 -57.06 -41.12
N ASP F 652 -8.49 -57.95 -41.81
CA ASP F 652 -8.76 -58.30 -43.19
C ASP F 652 -8.04 -59.61 -43.49
N SER F 653 -8.80 -60.62 -43.89
CA SER F 653 -8.22 -61.94 -44.14
C SER F 653 -7.35 -61.94 -45.40
N GLU F 654 -7.80 -61.25 -46.46
CA GLU F 654 -7.03 -61.16 -47.68
C GLU F 654 -5.79 -60.31 -47.51
N SER F 655 -5.77 -59.41 -46.53
CA SER F 655 -4.57 -58.66 -46.22
C SER F 655 -3.46 -59.62 -45.86
N GLU F 656 -2.23 -59.28 -46.29
CA GLU F 656 -1.08 -60.16 -46.10
C GLU F 656 -1.11 -60.83 -44.74
N ASN F 657 -1.47 -60.06 -43.71
CA ASN F 657 -1.75 -60.64 -42.41
C ASN F 657 -3.20 -61.08 -42.40
N PRO F 658 -3.48 -62.38 -42.57
CA PRO F 658 -4.87 -62.83 -42.55
C PRO F 658 -5.50 -62.81 -41.17
N ARG F 659 -4.71 -62.58 -40.13
CA ARG F 659 -5.21 -62.45 -38.77
C ARG F 659 -4.90 -61.07 -38.22
N ASN F 660 -5.10 -60.05 -39.05
CA ASN F 660 -4.90 -58.70 -38.60
C ASN F 660 -5.88 -58.47 -37.48
N THR F 661 -5.37 -58.19 -36.28
CA THR F 661 -6.26 -58.05 -35.13
C THR F 661 -5.88 -56.84 -34.29
N GLY F 662 -6.75 -55.85 -34.24
CA GLY F 662 -6.48 -54.66 -33.47
C GLY F 662 -7.42 -53.51 -33.71
N MET F 663 -6.89 -52.29 -33.60
CA MET F 663 -7.71 -51.09 -33.77
C MET F 663 -8.97 -51.15 -32.90
N GLN F 664 -10.11 -51.68 -33.36
CA GLN F 664 -11.25 -51.69 -32.44
C GLN F 664 -11.01 -52.64 -31.27
N GLY F 665 -10.32 -53.76 -31.53
CA GLY F 665 -9.99 -54.67 -30.44
C GLY F 665 -9.09 -54.02 -29.40
N ALA F 666 -8.34 -53.00 -29.79
CA ALA F 666 -7.44 -52.34 -28.84
C ALA F 666 -8.21 -51.70 -27.69
N LEU F 667 -9.46 -51.29 -27.92
CA LEU F 667 -10.20 -50.56 -26.90
C LEU F 667 -10.22 -51.33 -25.58
N GLU F 668 -10.80 -52.52 -25.57
CA GLU F 668 -10.91 -53.25 -24.31
C GLU F 668 -9.56 -53.83 -23.90
N ARG F 669 -8.71 -54.20 -24.86
CA ARG F 669 -7.35 -54.57 -24.51
C ARG F 669 -6.69 -53.46 -23.70
N LEU F 670 -7.00 -52.20 -24.02
CA LEU F 670 -6.62 -51.10 -23.14
C LEU F 670 -7.37 -51.19 -21.83
N ASP F 671 -8.66 -51.50 -21.85
CA ASP F 671 -9.40 -51.69 -20.61
C ASP F 671 -8.71 -52.73 -19.74
N HIS F 672 -8.24 -53.81 -20.35
CA HIS F 672 -7.50 -54.81 -19.61
C HIS F 672 -6.20 -54.25 -19.06
N LEU F 673 -5.45 -53.52 -19.89
CA LEU F 673 -4.07 -53.19 -19.53
C LEU F 673 -4.01 -52.11 -18.47
N ALA F 674 -4.91 -51.12 -18.53
CA ALA F 674 -4.95 -50.12 -17.48
C ALA F 674 -5.09 -50.77 -16.11
N ASP F 675 -6.00 -51.75 -16.01
CA ASP F 675 -6.15 -52.49 -14.76
C ASP F 675 -4.92 -53.34 -14.48
N HIS F 676 -4.45 -54.08 -15.49
CA HIS F 676 -3.34 -55.01 -15.28
C HIS F 676 -2.15 -54.30 -14.63
N VAL F 677 -1.77 -53.15 -15.18
CA VAL F 677 -0.63 -52.42 -14.62
C VAL F 677 -0.99 -51.83 -13.27
N SER F 678 -2.17 -51.21 -13.16
CA SER F 678 -2.55 -50.55 -11.91
C SER F 678 -2.46 -51.52 -10.75
N LYS F 679 -2.91 -52.77 -10.94
CA LYS F 679 -2.71 -53.78 -9.92
C LYS F 679 -1.25 -53.87 -9.53
N LEU F 680 -0.37 -53.95 -10.53
CA LEU F 680 1.05 -54.04 -10.26
C LEU F 680 1.56 -52.74 -9.62
N ASN F 681 1.02 -51.60 -10.04
CA ASN F 681 1.47 -50.33 -9.49
C ASN F 681 1.21 -50.26 -7.98
N THR F 682 -0.03 -50.53 -7.57
CA THR F 682 -0.37 -50.38 -6.17
C THR F 682 0.30 -51.44 -5.30
N THR F 683 0.74 -52.55 -5.92
CA THR F 683 1.34 -53.63 -5.16
C THR F 683 2.64 -53.19 -4.47
N MET F 684 3.47 -52.44 -5.19
CA MET F 684 4.81 -52.14 -4.69
C MET F 684 4.76 -51.31 -3.41
N GLY F 685 3.96 -50.25 -3.40
CA GLY F 685 3.89 -49.40 -2.23
C GLY F 685 3.50 -50.16 -0.98
N ALA F 686 2.73 -51.25 -1.15
CA ALA F 686 2.37 -52.07 -0.02
C ALA F 686 3.62 -52.61 0.67
N TYR F 687 4.58 -53.11 -0.11
CA TYR F 687 5.89 -53.41 0.46
C TYR F 687 6.45 -52.18 1.17
N HIS F 688 6.57 -51.08 0.43
CA HIS F 688 7.31 -49.92 0.93
C HIS F 688 6.75 -49.44 2.26
N ASN F 689 5.45 -49.19 2.32
CA ASN F 689 4.86 -48.71 3.56
C ASN F 689 4.87 -49.81 4.62
N THR F 690 4.70 -51.06 4.22
CA THR F 690 4.83 -52.16 5.16
C THR F 690 6.21 -52.18 5.78
N ILE F 691 7.25 -52.10 4.96
CA ILE F 691 8.60 -52.16 5.47
C ILE F 691 8.89 -50.96 6.36
N GLU F 692 8.34 -49.79 6.01
CA GLU F 692 8.54 -48.61 6.83
C GLU F 692 8.14 -48.88 8.27
N GLY F 693 6.93 -49.43 8.47
CA GLY F 693 6.48 -49.72 9.81
C GLY F 693 7.42 -50.67 10.54
N VAL F 694 7.82 -51.75 9.86
CA VAL F 694 8.71 -52.72 10.48
C VAL F 694 10.01 -52.04 10.91
N ASN F 695 10.63 -51.30 9.98
CA ASN F 695 11.87 -50.63 10.31
C ASN F 695 11.69 -49.63 11.44
N THR F 696 10.59 -48.87 11.40
CA THR F 696 10.40 -47.81 12.38
C THR F 696 10.36 -48.37 13.80
N ARG F 697 9.50 -49.36 14.04
CA ARG F 697 9.47 -49.97 15.37
C ARG F 697 10.79 -50.64 15.68
N THR F 698 11.39 -51.29 14.67
CA THR F 698 12.74 -51.81 14.85
C THR F 698 13.69 -50.69 15.25
N SER F 699 13.63 -49.56 14.56
CA SER F 699 14.47 -48.43 14.91
C SER F 699 14.23 -48.02 16.36
N PHE F 700 12.97 -47.84 16.73
CA PHE F 700 12.65 -47.46 18.10
C PHE F 700 13.10 -48.52 19.09
N LEU F 701 12.91 -49.79 18.75
CA LEU F 701 13.15 -50.87 19.69
C LEU F 701 14.56 -50.81 20.25
N SER F 702 15.55 -50.74 19.36
CA SER F 702 16.95 -50.79 19.81
C SER F 702 17.30 -49.59 20.69
N VAL F 703 16.63 -48.46 20.50
CA VAL F 703 16.93 -47.28 21.29
C VAL F 703 16.82 -47.61 22.77
N ASN F 704 15.75 -48.30 23.15
CA ASN F 704 15.58 -48.70 24.54
C ASN F 704 16.75 -49.56 25.00
N VAL F 705 17.11 -50.57 24.20
CA VAL F 705 18.16 -51.49 24.60
C VAL F 705 19.47 -50.72 24.75
N GLN F 706 19.78 -49.84 23.80
CA GLN F 706 20.97 -49.01 23.93
C GLN F 706 20.90 -48.17 25.18
N SER F 707 19.80 -47.43 25.37
CA SER F 707 19.65 -46.63 26.58
C SER F 707 19.73 -47.50 27.81
N ILE F 708 19.06 -48.65 27.79
CA ILE F 708 19.19 -49.61 28.88
C ILE F 708 20.64 -50.03 29.01
N LYS F 709 21.27 -50.35 27.87
CA LYS F 709 22.68 -50.73 27.87
C LYS F 709 23.53 -49.64 28.50
N SER F 710 23.30 -48.39 28.12
CA SER F 710 24.06 -47.29 28.71
C SER F 710 23.87 -47.26 30.21
N ASN F 711 22.62 -47.31 30.69
CA ASN F 711 22.35 -47.14 32.10
C ASN F 711 23.08 -48.18 32.94
N VAL F 712 23.20 -49.41 32.43
CA VAL F 712 23.91 -50.44 33.16
C VAL F 712 25.40 -50.11 33.24
N ILE F 713 25.95 -49.54 32.16
CA ILE F 713 27.39 -49.40 32.05
C ILE F 713 27.86 -48.00 32.44
N ASP F 714 26.98 -47.01 32.36
CA ASP F 714 27.42 -45.62 32.41
C ASP F 714 27.81 -45.21 33.82
N VAL F 715 28.79 -44.32 33.91
CA VAL F 715 29.18 -43.66 35.15
C VAL F 715 29.25 -42.17 34.89
N ASP F 716 28.73 -41.38 35.83
CA ASP F 716 28.85 -39.93 35.73
C ASP F 716 30.21 -39.49 36.20
N TYR F 717 30.87 -38.67 35.39
CA TYR F 717 32.17 -38.13 35.79
C TYR F 717 32.02 -37.26 37.03
N GLY F 718 30.92 -36.51 37.13
CA GLY F 718 30.66 -35.81 38.38
C GLY F 718 30.61 -36.76 39.55
N GLU F 719 29.85 -37.84 39.40
CA GLU F 719 29.84 -38.90 40.41
C GLU F 719 31.26 -39.34 40.73
N ALA F 720 32.10 -39.42 39.71
CA ALA F 720 33.48 -39.87 39.94
C ALA F 720 34.26 -38.87 40.77
N MET F 721 34.20 -37.58 40.42
CA MET F 721 35.07 -36.62 41.10
C MET F 721 34.76 -36.51 42.58
N MET F 722 33.48 -36.56 42.95
CA MET F 722 33.13 -36.46 44.37
C MET F 722 33.81 -37.57 45.17
N ASN F 723 33.83 -38.79 44.64
CA ASN F 723 34.50 -39.89 45.33
C ASN F 723 35.99 -39.64 45.41
N LEU F 724 36.61 -39.29 44.29
CA LEU F 724 38.06 -39.12 44.24
C LEU F 724 38.53 -38.14 45.29
N MET F 725 37.93 -36.94 45.30
CA MET F 725 38.38 -35.91 46.24
C MET F 725 38.25 -36.39 47.68
N GLN F 726 37.18 -37.13 47.97
CA GLN F 726 36.99 -37.61 49.34
C GLN F 726 38.09 -38.58 49.72
N VAL F 727 38.24 -39.67 48.97
CA VAL F 727 39.31 -40.60 49.27
C VAL F 727 40.65 -39.89 49.16
N GLN F 728 40.74 -38.84 48.35
CA GLN F 728 41.93 -37.98 48.38
C GLN F 728 42.13 -37.39 49.76
N LEU F 729 41.07 -36.83 50.34
CA LEU F 729 41.18 -36.26 51.67
C LEU F 729 41.58 -37.32 52.69
N ALA F 730 40.94 -38.50 52.63
CA ALA F 730 41.31 -39.58 53.53
C ALA F 730 42.76 -39.98 53.35
N TYR F 731 43.20 -40.08 52.10
CA TYR F 731 44.59 -40.44 51.83
C TYR F 731 45.54 -39.42 52.44
N GLN F 732 45.21 -38.13 52.32
CA GLN F 732 46.03 -37.10 52.95
C GLN F 732 46.02 -37.25 54.47
N ALA F 733 44.88 -37.59 55.06
CA ALA F 733 44.84 -37.81 56.50
C ALA F 733 45.81 -38.91 56.91
N SER F 734 45.86 -40.00 56.14
CA SER F 734 46.84 -41.04 56.39
C SER F 734 48.24 -40.46 56.35
N LEU F 735 48.51 -39.52 55.44
CA LEU F 735 49.82 -38.91 55.37
C LEU F 735 50.15 -38.19 56.68
N LYS F 736 49.20 -37.43 57.22
CA LYS F 736 49.44 -36.80 58.50
C LYS F 736 49.65 -37.84 59.59
N ALA F 737 48.85 -38.91 59.58
CA ALA F 737 49.15 -40.05 60.44
C ALA F 737 50.50 -40.66 60.09
N SER F 738 50.92 -40.55 58.83
CA SER F 738 52.25 -41.02 58.46
C SER F 738 53.33 -40.11 59.05
N THR F 739 53.11 -38.79 59.01
CA THR F 739 54.00 -37.90 59.73
C THR F 739 54.03 -38.26 61.21
N THR F 740 52.89 -38.70 61.74
CA THR F 740 52.79 -38.99 63.17
C THR F 740 53.79 -40.05 63.60
N ILE F 741 53.93 -41.12 62.82
CA ILE F 741 54.88 -42.17 63.19
C ILE F 741 56.30 -41.61 63.24
N SER F 742 56.62 -40.71 62.32
CA SER F 742 57.92 -40.02 62.40
C SER F 742 58.02 -39.21 63.68
N GLN F 743 56.97 -38.47 64.01
CA GLN F 743 56.96 -37.74 65.28
C GLN F 743 57.17 -38.71 66.43
N LEU F 744 56.55 -39.89 66.36
CA LEU F 744 56.73 -40.90 67.40
C LEU F 744 58.15 -41.41 67.44
N SER F 745 58.94 -41.16 66.40
CA SER F 745 60.32 -41.65 66.39
C SER F 745 61.27 -40.65 67.04
N LEU F 746 61.04 -39.36 66.83
CA LEU F 746 62.00 -38.36 67.29
C LEU F 746 62.12 -38.36 68.81
N LEU F 747 61.00 -38.25 69.52
CA LEU F 747 61.06 -37.83 70.92
C LEU F 747 61.36 -39.00 71.86
N ASN F 748 61.22 -40.24 71.38
CA ASN F 748 61.71 -41.37 72.16
C ASN F 748 63.24 -41.38 72.21
N TYR F 749 63.90 -40.54 71.43
CA TYR F 749 65.34 -40.37 71.56
C TYR F 749 65.72 -39.75 72.90
N MET F 750 64.79 -39.02 73.52
CA MET F 750 65.11 -38.29 74.74
C MET F 750 65.76 -39.19 75.77
N MET G 1 27.49 -39.35 62.74
CA MET G 1 28.68 -38.51 62.45
C MET G 1 29.69 -39.26 61.62
N ARG G 2 30.07 -40.44 62.10
CA ARG G 2 31.36 -41.00 61.73
C ARG G 2 31.32 -41.69 60.36
N ILE G 3 30.57 -42.78 60.21
CA ILE G 3 30.44 -43.32 58.85
C ILE G 3 29.40 -42.52 58.08
N THR G 4 28.62 -41.69 58.78
CA THR G 4 27.90 -40.65 58.05
C THR G 4 28.86 -39.91 57.13
N ASN G 5 30.06 -39.62 57.63
CA ASN G 5 31.08 -39.03 56.78
C ASN G 5 31.25 -39.85 55.51
N LYS G 6 31.35 -41.16 55.65
CA LYS G 6 31.73 -42.00 54.51
C LYS G 6 30.65 -42.02 53.44
N LEU G 7 29.38 -41.84 53.82
CA LEU G 7 28.32 -41.94 52.83
C LEU G 7 27.58 -40.63 52.63
N ASN G 8 27.58 -39.74 53.64
CA ASN G 8 26.78 -38.53 53.51
C ASN G 8 27.06 -37.82 52.19
N PHE G 9 28.34 -37.65 51.86
CA PHE G 9 28.67 -37.14 50.53
C PHE G 9 28.17 -38.08 49.46
N THR G 10 28.35 -39.39 49.66
CA THR G 10 27.77 -40.35 48.74
C THR G 10 26.26 -40.20 48.69
N ASN G 11 25.64 -40.02 49.85
CA ASN G 11 24.19 -39.84 49.91
C ASN G 11 23.77 -38.59 49.17
N SER G 12 24.50 -37.50 49.36
CA SER G 12 24.25 -36.29 48.58
C SER G 12 24.25 -36.61 47.09
N VAL G 13 25.26 -37.34 46.62
CA VAL G 13 25.29 -37.74 45.22
C VAL G 13 24.09 -38.61 44.90
N ASN G 14 23.77 -39.56 45.79
CA ASN G 14 22.56 -40.35 45.61
C ASN G 14 21.35 -39.43 45.54
N ASN G 15 21.27 -38.48 46.47
CA ASN G 15 20.19 -37.51 46.43
C ASN G 15 20.20 -36.76 45.10
N SER G 16 21.38 -36.36 44.64
CA SER G 16 21.45 -35.60 43.39
C SER G 16 20.92 -36.40 42.22
N MET G 17 21.30 -37.68 42.15
CA MET G 17 20.85 -38.51 41.03
C MET G 17 19.34 -38.51 40.92
N GLY G 18 18.65 -38.76 42.03
CA GLY G 18 17.19 -38.77 41.99
C GLY G 18 16.62 -37.46 41.50
N GLY G 19 17.12 -36.35 42.05
CA GLY G 19 16.66 -35.05 41.59
C GLY G 19 17.05 -34.77 40.16
N GLN G 20 18.30 -35.10 39.80
CA GLN G 20 18.74 -34.93 38.42
C GLN G 20 17.81 -35.66 37.47
N SER G 21 17.58 -36.95 37.73
CA SER G 21 16.73 -37.74 36.85
C SER G 21 15.32 -37.16 36.79
N ALA G 22 14.77 -36.80 37.95
CA ALA G 22 13.42 -36.24 37.99
C ALA G 22 13.34 -34.98 37.15
N LEU G 23 14.26 -34.04 37.36
CA LEU G 23 14.31 -32.86 36.51
C LEU G 23 14.57 -33.27 35.06
N TYR G 24 15.56 -34.14 34.85
CA TYR G 24 15.82 -34.65 33.51
C TYR G 24 14.58 -35.33 32.94
N GLN G 25 13.79 -35.98 33.79
CA GLN G 25 12.54 -36.56 33.32
C GLN G 25 11.59 -35.47 32.85
N ILE G 26 11.24 -34.55 33.75
CA ILE G 26 10.31 -33.48 33.39
C ILE G 26 10.77 -32.82 32.10
N SER G 27 12.08 -32.71 31.92
CA SER G 27 12.59 -32.27 30.63
C SER G 27 12.06 -33.15 29.51
N GLN G 28 11.99 -34.46 29.75
CA GLN G 28 11.43 -35.36 28.75
C GLN G 28 9.95 -35.09 28.55
N GLN G 29 9.18 -35.04 29.65
CA GLN G 29 7.77 -34.72 29.53
C GLN G 29 7.56 -33.39 28.82
N LEU G 30 8.42 -32.41 29.08
CA LEU G 30 8.39 -31.18 28.30
C LEU G 30 8.73 -31.46 26.84
N ALA G 31 9.85 -32.14 26.60
CA ALA G 31 10.23 -32.46 25.22
C ALA G 31 9.09 -33.16 24.50
N SER G 32 8.45 -34.13 25.16
CA SER G 32 7.26 -34.75 24.59
C SER G 32 6.07 -33.81 24.62
N GLY G 33 5.96 -32.99 25.66
CA GLY G 33 4.81 -32.12 25.81
C GLY G 33 3.57 -32.81 26.32
N LEU G 34 3.71 -33.88 27.09
CA LEU G 34 2.59 -34.64 27.61
C LEU G 34 2.71 -34.73 29.12
N LYS G 35 1.55 -34.72 29.80
CA LYS G 35 1.57 -34.85 31.25
C LYS G 35 2.25 -36.14 31.69
N ILE G 36 2.11 -37.21 30.91
CA ILE G 36 2.84 -38.45 31.13
C ILE G 36 3.33 -38.95 29.79
N GLN G 37 4.13 -40.03 29.83
CA GLN G 37 4.75 -40.57 28.64
C GLN G 37 4.72 -42.08 28.53
N ASN G 38 4.37 -42.81 29.60
CA ASN G 38 4.40 -44.26 29.56
C ASN G 38 3.27 -44.83 30.41
N SER G 39 2.98 -46.11 30.15
CA SER G 39 1.90 -46.80 30.83
C SER G 39 2.12 -46.83 32.34
N TYR G 40 3.35 -47.12 32.75
CA TYR G 40 3.68 -47.33 34.15
C TYR G 40 3.65 -46.04 34.96
N GLU G 41 3.29 -44.93 34.32
CA GLU G 41 3.29 -43.62 34.95
C GLU G 41 1.91 -43.22 35.47
N ASP G 42 0.90 -43.22 34.61
CA ASP G 42 -0.50 -43.20 35.06
C ASP G 42 -1.27 -44.07 34.07
N ALA G 43 -1.42 -45.34 34.42
CA ALA G 43 -1.99 -46.31 33.49
C ALA G 43 -3.36 -45.84 33.00
N SER G 44 -4.26 -45.53 33.92
CA SER G 44 -5.62 -45.16 33.52
C SER G 44 -5.56 -44.06 32.48
N THR G 45 -4.80 -43.00 32.74
CA THR G 45 -4.61 -41.97 31.74
C THR G 45 -4.07 -42.57 30.44
N TYR G 46 -3.00 -43.35 30.56
CA TYR G 46 -2.35 -43.90 29.37
C TYR G 46 -3.30 -44.80 28.59
N ILE G 47 -3.89 -45.79 29.26
CA ILE G 47 -4.74 -46.75 28.56
C ILE G 47 -6.04 -46.08 28.12
N ASP G 48 -6.72 -45.41 29.05
CA ASP G 48 -8.04 -44.88 28.70
C ASP G 48 -7.95 -43.89 27.55
N ASN G 49 -6.99 -42.97 27.61
CA ASN G 49 -6.86 -41.98 26.55
C ASN G 49 -6.36 -42.61 25.27
N THR G 50 -5.53 -43.66 25.36
CA THR G 50 -5.20 -44.42 24.17
C THR G 50 -6.45 -44.97 23.52
N ARG G 51 -7.38 -45.48 24.32
CA ARG G 51 -8.66 -45.94 23.79
C ARG G 51 -9.40 -44.78 23.13
N LEU G 52 -9.36 -43.59 23.73
CA LEU G 52 -10.03 -42.45 23.13
C LEU G 52 -9.60 -42.25 21.68
N GLU G 53 -8.29 -42.29 21.44
CA GLU G 53 -7.84 -42.16 20.05
C GLU G 53 -8.26 -43.36 19.22
N TYR G 54 -8.24 -44.56 19.80
CA TYR G 54 -8.88 -45.67 19.11
C TYR G 54 -10.31 -45.31 18.75
N GLU G 55 -11.00 -44.64 19.67
CA GLU G 55 -12.34 -44.14 19.39
C GLU G 55 -12.28 -43.02 18.36
N ILE G 56 -11.37 -42.06 18.54
CA ILE G 56 -11.26 -40.98 17.57
C ILE G 56 -11.02 -41.56 16.19
N LYS G 57 -10.02 -42.43 16.06
CA LYS G 57 -9.83 -43.10 14.79
C LYS G 57 -11.01 -44.01 14.49
N THR G 58 -11.67 -44.53 15.52
CA THR G 58 -12.91 -45.26 15.29
C THR G 58 -13.92 -44.38 14.54
N LEU G 59 -13.93 -43.08 14.83
CA LEU G 59 -14.75 -42.17 14.04
C LEU G 59 -14.23 -42.03 12.62
N GLU G 60 -12.90 -42.12 12.43
CA GLU G 60 -12.34 -41.92 11.10
C GLU G 60 -12.82 -42.96 10.11
N GLN G 61 -13.03 -44.21 10.53
CA GLN G 61 -13.63 -45.18 9.60
C GLN G 61 -14.91 -44.60 9.01
N VAL G 62 -15.76 -44.07 9.87
CA VAL G 62 -17.03 -43.50 9.41
C VAL G 62 -16.77 -42.35 8.45
N LYS G 63 -15.85 -41.46 8.82
CA LYS G 63 -15.60 -40.27 8.02
C LYS G 63 -15.28 -40.66 6.58
N GLU G 64 -14.18 -41.39 6.39
CA GLU G 64 -13.76 -41.78 5.06
C GLU G 64 -14.84 -42.62 4.38
N SER G 65 -15.42 -43.57 5.10
CA SER G 65 -16.49 -44.37 4.52
C SER G 65 -17.68 -43.49 4.15
N THR G 66 -18.15 -42.68 5.10
CA THR G 66 -19.22 -41.75 4.80
C THR G 66 -18.85 -40.84 3.65
N SER G 67 -17.58 -40.45 3.57
CA SER G 67 -17.13 -39.67 2.43
C SER G 67 -17.37 -40.43 1.14
N ARG G 68 -16.89 -41.68 1.06
CA ARG G 68 -17.02 -42.45 -0.17
C ARG G 68 -18.47 -42.56 -0.59
N ALA G 69 -19.34 -42.96 0.33
CA ALA G 69 -20.75 -43.12 -0.01
C ALA G 69 -21.32 -41.86 -0.63
N GLN G 70 -20.90 -40.70 -0.15
CA GLN G 70 -21.55 -39.45 -0.53
C GLN G 70 -21.39 -39.17 -2.02
N GLU G 71 -20.16 -39.25 -2.54
CA GLU G 71 -20.01 -39.01 -3.98
C GLU G 71 -20.69 -40.11 -4.77
N MET G 72 -20.65 -41.34 -4.26
CA MET G 72 -21.29 -42.46 -4.95
C MET G 72 -22.77 -42.21 -5.12
N THR G 73 -23.47 -41.90 -4.02
CA THR G 73 -24.88 -41.59 -4.12
C THR G 73 -25.11 -40.25 -4.81
N GLN G 74 -24.26 -39.26 -4.53
CA GLN G 74 -24.29 -38.03 -5.30
C GLN G 74 -24.23 -38.33 -6.79
N ASN G 75 -23.25 -39.15 -7.20
CA ASN G 75 -23.18 -39.56 -8.59
C ASN G 75 -24.42 -40.36 -8.98
N SER G 76 -24.92 -41.19 -8.06
CA SER G 76 -26.16 -41.91 -8.33
C SER G 76 -27.31 -40.95 -8.58
N MET G 77 -27.48 -39.95 -7.71
CA MET G 77 -28.48 -38.92 -7.98
C MET G 77 -28.17 -38.18 -9.27
N LYS G 78 -26.89 -37.86 -9.49
CA LYS G 78 -26.49 -37.32 -10.78
C LYS G 78 -26.95 -38.25 -11.90
N ALA G 79 -26.66 -39.54 -11.78
CA ALA G 79 -27.14 -40.50 -12.76
C ALA G 79 -28.66 -40.47 -12.84
N LEU G 80 -29.33 -40.41 -11.69
CA LEU G 80 -30.78 -40.33 -11.69
C LEU G 80 -31.26 -39.14 -12.51
N GLN G 81 -30.69 -37.96 -12.25
CA GLN G 81 -31.04 -36.80 -13.06
C GLN G 81 -30.86 -37.09 -14.54
N ASP G 82 -29.79 -37.81 -14.89
CA ASP G 82 -29.56 -38.15 -16.29
C ASP G 82 -30.68 -39.03 -16.82
N MET G 83 -31.16 -39.97 -16.02
CA MET G 83 -32.40 -40.65 -16.36
C MET G 83 -33.53 -39.65 -16.55
N VAL G 84 -33.68 -38.72 -15.61
CA VAL G 84 -34.81 -37.80 -15.68
C VAL G 84 -34.79 -37.05 -17.01
N LYS G 85 -33.60 -36.64 -17.45
CA LYS G 85 -33.49 -36.03 -18.76
C LYS G 85 -33.98 -36.99 -19.85
N LEU G 86 -33.58 -38.27 -19.76
CA LEU G 86 -34.16 -39.25 -20.65
C LEU G 86 -35.65 -39.43 -20.41
N LEU G 87 -36.06 -39.48 -19.13
CA LEU G 87 -37.48 -39.50 -18.82
C LEU G 87 -38.20 -38.35 -19.50
N GLU G 88 -37.65 -37.13 -19.36
CA GLU G 88 -38.22 -35.98 -20.03
C GLU G 88 -38.16 -36.13 -21.54
N ASP G 89 -37.05 -36.65 -22.06
CA ASP G 89 -36.87 -36.72 -23.51
C ASP G 89 -37.97 -37.53 -24.16
N PHE G 90 -38.26 -38.72 -23.64
CA PHE G 90 -39.27 -39.58 -24.25
C PHE G 90 -40.61 -38.88 -24.34
N LYS G 91 -40.97 -38.13 -23.30
CA LYS G 91 -42.21 -37.35 -23.34
C LYS G 91 -42.24 -36.46 -24.57
N VAL G 92 -41.14 -35.75 -24.83
CA VAL G 92 -41.06 -34.91 -26.02
C VAL G 92 -41.31 -35.75 -27.27
N LYS G 93 -40.70 -36.93 -27.32
CA LYS G 93 -40.89 -37.79 -28.49
C LYS G 93 -42.36 -38.15 -28.64
N VAL G 94 -43.00 -38.55 -27.53
CA VAL G 94 -44.43 -38.82 -27.58
C VAL G 94 -45.19 -37.55 -27.92
N THR G 95 -44.66 -36.39 -27.53
CA THR G 95 -45.30 -35.14 -27.90
C THR G 95 -45.36 -35.00 -29.41
N GLN G 96 -44.30 -35.41 -30.10
CA GLN G 96 -44.30 -35.36 -31.56
C GLN G 96 -45.16 -36.46 -32.16
N ALA G 97 -45.34 -37.56 -31.43
CA ALA G 97 -45.88 -38.78 -32.02
C ALA G 97 -47.28 -38.61 -32.59
N ALA G 98 -48.10 -37.75 -31.98
CA ALA G 98 -49.54 -37.75 -32.21
C ALA G 98 -49.99 -36.79 -33.31
N SER G 99 -49.13 -36.49 -34.29
CA SER G 99 -49.40 -35.42 -35.24
C SER G 99 -49.33 -35.92 -36.68
N ASP G 100 -49.99 -35.16 -37.55
CA ASP G 100 -49.86 -35.32 -39.00
C ASP G 100 -48.42 -35.28 -39.47
N SER G 101 -47.53 -34.59 -38.75
CA SER G 101 -46.14 -34.52 -39.16
C SER G 101 -45.50 -35.89 -39.19
N ASN G 102 -46.08 -36.86 -38.49
CA ASN G 102 -45.43 -38.14 -38.27
C ASN G 102 -45.47 -39.03 -39.50
N SER G 103 -44.91 -38.56 -40.61
CA SER G 103 -44.77 -39.41 -41.78
C SER G 103 -43.99 -40.66 -41.39
N GLN G 104 -44.17 -41.77 -42.13
CA GLN G 104 -43.49 -43.00 -41.74
C GLN G 104 -42.00 -42.78 -41.61
N THR G 105 -41.42 -41.96 -42.48
CA THR G 105 -40.04 -41.52 -42.27
C THR G 105 -39.90 -40.79 -40.95
N SER G 106 -40.84 -39.89 -40.65
CA SER G 106 -40.84 -39.24 -39.35
C SER G 106 -41.05 -40.26 -38.23
N ARG G 107 -41.98 -41.19 -38.44
CA ARG G 107 -42.24 -42.20 -37.41
C ARG G 107 -41.01 -43.08 -37.19
N GLU G 108 -40.30 -43.40 -38.27
CA GLU G 108 -38.99 -44.03 -38.09
C GLU G 108 -38.01 -43.04 -37.47
N ALA G 109 -37.93 -41.83 -38.04
CA ALA G 109 -37.08 -40.81 -37.46
C ALA G 109 -37.30 -40.70 -35.96
N ILE G 110 -38.52 -40.35 -35.56
CA ILE G 110 -38.82 -40.17 -34.14
C ILE G 110 -38.44 -41.42 -33.35
N ALA G 111 -38.67 -42.59 -33.93
CA ALA G 111 -38.21 -43.82 -33.28
C ALA G 111 -36.72 -43.76 -33.01
N LYS G 112 -35.94 -43.35 -34.02
CA LYS G 112 -34.48 -43.40 -33.92
C LYS G 112 -33.95 -42.56 -32.76
N GLU G 113 -34.76 -41.64 -32.24
CA GLU G 113 -34.46 -41.08 -30.92
C GLU G 113 -34.56 -42.15 -29.84
N LEU G 114 -35.59 -42.99 -29.91
CA LEU G 114 -35.85 -43.95 -28.84
C LEU G 114 -34.69 -44.92 -28.68
N GLU G 115 -34.18 -45.45 -29.80
CA GLU G 115 -32.96 -46.26 -29.73
C GLU G 115 -31.84 -45.52 -29.01
N ARG G 116 -31.60 -44.26 -29.35
CA ARG G 116 -30.61 -43.51 -28.60
C ARG G 116 -31.00 -43.36 -27.14
N ILE G 117 -32.28 -43.11 -26.86
CA ILE G 117 -32.75 -43.22 -25.48
C ILE G 117 -32.48 -44.61 -24.96
N LYS G 118 -32.81 -45.64 -25.75
CA LYS G 118 -32.55 -47.01 -25.37
C LYS G 118 -31.07 -47.26 -25.17
N GLU G 119 -30.25 -46.78 -26.11
CA GLU G 119 -28.80 -46.96 -26.01
C GLU G 119 -28.28 -46.29 -24.75
N SER G 120 -28.61 -45.01 -24.56
CA SER G 120 -28.14 -44.29 -23.39
C SER G 120 -28.54 -45.00 -22.10
N ILE G 121 -29.82 -45.35 -21.97
CA ILE G 121 -30.27 -46.03 -20.76
C ILE G 121 -29.47 -47.31 -20.57
N VAL G 122 -29.22 -48.05 -21.64
CA VAL G 122 -28.39 -49.24 -21.54
C VAL G 122 -26.98 -48.86 -21.09
N GLN G 123 -26.44 -47.78 -21.66
CA GLN G 123 -25.11 -47.32 -21.25
C GLN G 123 -25.09 -47.02 -19.76
N LEU G 124 -26.01 -46.18 -19.31
CA LEU G 124 -25.98 -45.77 -17.91
C LEU G 124 -26.28 -46.95 -17.00
N ALA G 125 -27.13 -47.87 -17.45
CA ALA G 125 -27.39 -49.09 -16.69
C ALA G 125 -26.12 -49.92 -16.53
N ASN G 126 -25.37 -50.08 -17.63
CA ASN G 126 -24.19 -50.93 -17.58
C ASN G 126 -22.97 -50.17 -17.07
N THR G 127 -23.15 -48.91 -16.68
CA THR G 127 -22.06 -48.06 -16.24
C THR G 127 -21.20 -48.74 -15.18
N SER G 128 -19.91 -48.91 -15.48
CA SER G 128 -18.99 -49.63 -14.60
C SER G 128 -18.19 -48.67 -13.72
N VAL G 129 -18.91 -47.83 -12.97
CA VAL G 129 -18.22 -46.96 -12.02
C VAL G 129 -17.52 -47.86 -11.00
N ASN G 130 -16.30 -47.47 -10.64
CA ASN G 130 -15.38 -48.25 -9.80
C ASN G 130 -15.47 -49.74 -10.10
N GLY G 131 -15.67 -50.08 -11.36
CA GLY G 131 -15.76 -51.46 -11.80
C GLY G 131 -17.14 -52.06 -11.69
N GLN G 132 -18.02 -51.49 -10.88
CA GLN G 132 -19.35 -52.08 -10.68
C GLN G 132 -20.28 -51.58 -11.78
N TYR G 133 -20.90 -52.52 -12.48
CA TYR G 133 -22.03 -52.16 -13.32
C TYR G 133 -23.12 -51.74 -12.35
N LEU G 134 -23.25 -50.43 -12.14
CA LEU G 134 -23.79 -49.89 -10.90
C LEU G 134 -25.14 -50.48 -10.49
N PHE G 135 -25.83 -51.17 -11.40
CA PHE G 135 -27.19 -51.59 -11.09
C PHE G 135 -27.50 -53.02 -11.54
N ALA G 136 -26.53 -53.93 -11.50
CA ALA G 136 -26.87 -55.33 -11.74
C ALA G 136 -27.51 -55.90 -10.49
N GLY G 137 -28.73 -55.47 -10.21
CA GLY G 137 -29.33 -55.80 -8.92
C GLY G 137 -28.46 -55.22 -7.83
N SER G 138 -28.30 -55.99 -6.74
CA SER G 138 -27.20 -55.73 -5.83
C SER G 138 -25.89 -56.29 -6.35
N GLN G 139 -25.94 -57.21 -7.31
CA GLN G 139 -24.75 -57.85 -7.84
C GLN G 139 -24.13 -56.96 -8.93
N VAL G 140 -23.90 -55.69 -8.58
CA VAL G 140 -23.57 -54.67 -9.57
C VAL G 140 -22.22 -54.90 -10.24
N ALA G 141 -21.48 -55.92 -9.84
CA ALA G 141 -20.11 -56.11 -10.33
C ALA G 141 -20.05 -56.90 -11.64
N ASN G 142 -21.17 -57.25 -12.25
CA ASN G 142 -21.16 -58.01 -13.49
C ASN G 142 -22.41 -57.68 -14.29
N LYS G 143 -22.42 -58.10 -15.56
CA LYS G 143 -23.34 -57.58 -16.55
C LYS G 143 -24.77 -57.49 -16.02
N PRO G 144 -25.40 -56.32 -16.07
CA PRO G 144 -26.80 -56.22 -15.62
C PRO G 144 -27.82 -56.49 -16.71
N PHE G 145 -27.46 -56.27 -17.97
CA PHE G 145 -28.46 -56.13 -19.02
C PHE G 145 -27.84 -56.37 -20.39
N ASP G 146 -28.71 -56.39 -21.39
CA ASP G 146 -28.41 -56.17 -22.79
C ASP G 146 -29.28 -55.02 -23.30
N SER G 147 -29.22 -54.78 -24.61
CA SER G 147 -30.07 -53.75 -25.20
C SER G 147 -31.54 -54.12 -25.19
N ASN G 148 -31.85 -55.42 -25.21
CA ASN G 148 -33.20 -55.90 -25.44
C ASN G 148 -34.00 -56.13 -24.16
N GLY G 149 -33.62 -55.48 -23.07
CA GLY G 149 -34.36 -55.63 -21.83
C GLY G 149 -34.18 -56.95 -21.13
N ASN G 150 -33.16 -57.72 -21.51
CA ASN G 150 -32.88 -59.00 -20.87
C ASN G 150 -32.01 -58.74 -19.65
N TYR G 151 -32.59 -58.93 -18.47
CA TYR G 151 -31.98 -58.48 -17.23
C TYR G 151 -31.14 -59.59 -16.62
N TYR G 152 -29.99 -59.21 -16.05
CA TYR G 152 -29.02 -60.16 -15.53
C TYR G 152 -28.73 -60.01 -14.04
N GLY G 153 -29.05 -58.87 -13.45
CA GLY G 153 -28.78 -58.65 -12.04
C GLY G 153 -29.79 -59.33 -11.14
N ASP G 154 -29.59 -59.12 -9.83
CA ASP G 154 -30.54 -59.59 -8.82
C ASP G 154 -31.51 -58.48 -8.44
N LYS G 155 -32.23 -58.66 -7.32
CA LYS G 155 -33.26 -57.71 -6.91
C LYS G 155 -33.04 -57.21 -5.48
N ASN G 156 -31.82 -56.90 -5.10
CA ASN G 156 -31.51 -56.56 -3.72
C ASN G 156 -30.83 -55.20 -3.61
N ASN G 157 -30.90 -54.62 -2.41
CA ASN G 157 -30.25 -53.36 -2.11
C ASN G 157 -28.76 -53.57 -1.89
N ILE G 158 -28.07 -52.45 -1.68
CA ILE G 158 -26.66 -52.44 -1.31
C ILE G 158 -26.51 -51.37 -0.23
N ASN G 159 -25.66 -51.65 0.76
CA ASN G 159 -25.78 -50.94 2.02
C ASN G 159 -24.46 -50.97 2.77
N VAL G 160 -24.36 -50.11 3.79
CA VAL G 160 -23.16 -50.00 4.61
C VAL G 160 -23.58 -49.71 6.04
N VAL G 161 -22.82 -50.25 6.99
CA VAL G 161 -23.16 -50.20 8.41
C VAL G 161 -22.67 -48.86 8.95
N THR G 162 -23.59 -48.05 9.49
CA THR G 162 -23.24 -46.80 10.16
C THR G 162 -24.00 -46.77 11.49
N GLY G 163 -23.34 -47.27 12.53
CA GLY G 163 -23.91 -47.24 13.86
C GLY G 163 -23.72 -48.57 14.53
N ALA G 164 -23.72 -48.56 15.87
CA ALA G 164 -23.61 -49.81 16.60
C ALA G 164 -24.88 -50.62 16.39
N GLY G 165 -24.83 -51.58 15.48
CA GLY G 165 -26.00 -52.36 15.16
C GLY G 165 -27.02 -51.67 14.27
N THR G 166 -26.59 -50.70 13.47
CA THR G 166 -27.49 -50.02 12.55
C THR G 166 -26.81 -49.83 11.20
N GLU G 167 -27.61 -49.54 10.18
CA GLU G 167 -27.21 -49.67 8.79
C GLU G 167 -27.65 -48.44 8.00
N SER G 168 -26.98 -48.21 6.86
CA SER G 168 -27.36 -47.16 5.92
C SER G 168 -27.46 -47.74 4.51
N PRO G 169 -28.63 -48.27 4.13
CA PRO G 169 -28.76 -48.88 2.79
C PRO G 169 -29.06 -47.88 1.69
N TYR G 170 -28.50 -48.09 0.50
CA TYR G 170 -28.71 -47.15 -0.60
C TYR G 170 -29.30 -47.77 -1.86
N ASN G 171 -28.69 -48.84 -2.37
CA ASN G 171 -28.86 -49.19 -3.78
C ASN G 171 -30.28 -49.62 -4.10
N ILE G 172 -30.76 -49.17 -5.25
CA ILE G 172 -31.96 -49.71 -5.88
C ILE G 172 -31.48 -50.73 -6.93
N PRO G 173 -31.70 -52.02 -6.72
CA PRO G 173 -31.19 -53.01 -7.69
C PRO G 173 -31.73 -52.75 -9.09
N GLY G 174 -30.95 -53.15 -10.09
CA GLY G 174 -31.35 -52.91 -11.46
C GLY G 174 -32.72 -53.47 -11.77
N TRP G 175 -33.04 -54.65 -11.26
CA TRP G 175 -34.36 -55.19 -11.50
C TRP G 175 -35.43 -54.16 -11.18
N ASP G 176 -35.27 -53.47 -10.06
CA ASP G 176 -36.34 -52.60 -9.60
C ASP G 176 -36.81 -51.65 -10.68
N LEU G 177 -35.94 -50.72 -11.08
CA LEU G 177 -36.39 -49.56 -11.87
C LEU G 177 -37.19 -50.01 -13.07
N PHE G 178 -36.71 -51.05 -13.74
CA PHE G 178 -37.33 -51.48 -14.98
C PHE G 178 -38.62 -52.25 -14.74
N PHE G 179 -38.82 -52.74 -13.52
CA PHE G 179 -39.94 -53.63 -13.22
C PHE G 179 -40.58 -53.25 -11.88
N LYS G 180 -40.88 -51.96 -11.73
CA LYS G 180 -41.69 -51.47 -10.63
C LYS G 180 -43.18 -51.54 -10.90
N ALA G 181 -43.92 -51.51 -9.79
CA ALA G 181 -45.38 -51.58 -9.78
C ALA G 181 -45.88 -50.63 -8.71
N ASP G 182 -46.64 -49.63 -9.13
CA ASP G 182 -47.11 -48.58 -8.25
C ASP G 182 -48.60 -48.74 -7.99
N GLY G 183 -48.98 -48.76 -6.71
CA GLY G 183 -50.37 -48.96 -6.35
C GLY G 183 -51.24 -47.78 -6.71
N ASP G 184 -50.64 -46.77 -7.34
CA ASP G 184 -51.38 -45.61 -7.83
C ASP G 184 -52.09 -45.88 -9.14
N TYR G 185 -52.08 -47.12 -9.63
CA TYR G 185 -52.61 -47.44 -10.94
C TYR G 185 -53.46 -48.70 -10.90
N LYS G 186 -54.71 -48.56 -11.34
CA LYS G 186 -55.69 -49.63 -11.40
C LYS G 186 -55.54 -50.48 -12.65
N LYS G 187 -56.56 -51.28 -12.97
CA LYS G 187 -56.56 -52.06 -14.20
C LYS G 187 -57.60 -51.48 -15.15
N GLN G 188 -57.41 -51.80 -16.42
CA GLN G 188 -58.25 -51.28 -17.49
C GLN G 188 -58.38 -52.37 -18.56
N ILE G 189 -59.48 -52.36 -19.30
CA ILE G 189 -59.65 -53.27 -20.41
C ILE G 189 -60.42 -52.55 -21.52
N SER G 190 -60.26 -53.05 -22.74
CA SER G 190 -60.92 -52.48 -23.90
C SER G 190 -61.04 -53.51 -25.01
N THR G 191 -61.89 -53.20 -25.98
CA THR G 191 -61.99 -54.02 -27.18
C THR G 191 -60.96 -53.58 -28.21
N ASN G 192 -60.55 -54.53 -29.06
CA ASN G 192 -59.77 -54.19 -30.25
C ASN G 192 -60.69 -53.77 -31.37
N VAL G 193 -61.85 -54.43 -31.48
CA VAL G 193 -62.79 -54.15 -32.55
C VAL G 193 -63.22 -52.70 -32.51
N SER G 194 -63.20 -52.05 -33.68
CA SER G 194 -63.80 -50.73 -33.85
C SER G 194 -65.22 -50.91 -34.37
N PHE G 195 -66.07 -49.91 -34.10
CA PHE G 195 -67.49 -50.06 -34.35
C PHE G 195 -68.06 -48.80 -35.02
N THR G 196 -69.02 -49.01 -35.91
CA THR G 196 -69.53 -47.97 -36.77
C THR G 196 -71.01 -48.21 -37.04
N ASP G 197 -71.63 -47.25 -37.73
CA ASP G 197 -73.03 -47.38 -38.13
C ASP G 197 -73.08 -48.16 -39.44
N ASN G 198 -73.63 -49.37 -39.39
CA ASN G 198 -73.72 -50.24 -40.56
C ASN G 198 -75.11 -50.13 -41.16
N ARG G 199 -75.27 -49.16 -42.07
CA ARG G 199 -76.50 -49.08 -42.85
C ARG G 199 -76.24 -48.62 -44.28
N TRP G 200 -75.02 -48.74 -44.78
CA TRP G 200 -74.67 -48.31 -46.14
C TRP G 200 -73.57 -49.21 -46.69
N ASP G 201 -73.29 -49.04 -47.98
CA ASP G 201 -72.21 -49.79 -48.65
C ASP G 201 -70.86 -49.24 -48.18
N LEU G 202 -70.51 -49.62 -46.96
CA LEU G 202 -69.33 -49.03 -46.31
C LEU G 202 -68.07 -49.26 -47.12
N ASN G 203 -68.06 -50.26 -48.00
CA ASN G 203 -66.90 -50.48 -48.85
C ASN G 203 -66.50 -49.20 -49.58
N LYS G 204 -67.47 -48.48 -50.14
CA LYS G 204 -67.21 -47.16 -50.67
C LYS G 204 -68.14 -46.12 -50.04
N ASP G 205 -68.55 -46.34 -48.79
CA ASP G 205 -69.27 -45.35 -48.01
C ASP G 205 -68.46 -45.04 -46.76
N PRO G 206 -67.18 -44.71 -46.90
CA PRO G 206 -66.37 -44.45 -45.70
C PRO G 206 -66.92 -43.33 -44.84
N ASP G 207 -67.53 -42.31 -45.47
CA ASP G 207 -68.15 -41.24 -44.70
C ASP G 207 -69.27 -41.79 -43.81
N LYS G 208 -70.13 -42.63 -44.39
CA LYS G 208 -71.17 -43.26 -43.57
C LYS G 208 -70.56 -44.22 -42.55
N THR G 209 -69.32 -44.62 -42.77
CA THR G 209 -68.68 -45.65 -41.94
C THR G 209 -68.06 -45.04 -40.69
N LYS G 210 -68.43 -43.80 -40.35
CA LYS G 210 -67.91 -43.21 -39.12
C LYS G 210 -68.46 -43.94 -37.91
N TYR G 211 -67.81 -43.72 -36.77
CA TYR G 211 -67.99 -44.61 -35.62
C TYR G 211 -69.30 -44.32 -34.90
N LEU G 212 -69.61 -45.20 -33.94
CA LEU G 212 -70.81 -45.11 -33.14
C LEU G 212 -70.61 -44.17 -31.96
N THR G 213 -71.71 -43.61 -31.49
CA THR G 213 -71.85 -43.15 -30.12
C THR G 213 -72.67 -44.16 -29.35
N GLY G 214 -72.74 -43.99 -28.04
CA GLY G 214 -73.52 -44.93 -27.29
C GLY G 214 -75.01 -44.79 -27.48
N ASP G 215 -75.47 -43.62 -27.89
CA ASP G 215 -76.86 -43.48 -28.31
C ASP G 215 -77.14 -44.25 -29.60
N SER G 216 -76.11 -44.58 -30.37
CA SER G 216 -76.26 -45.60 -31.38
C SER G 216 -76.52 -46.94 -30.70
N LYS G 217 -77.11 -47.86 -31.45
CA LYS G 217 -77.76 -49.00 -30.84
C LYS G 217 -77.46 -50.25 -31.64
N TRP G 218 -77.73 -51.41 -31.03
CA TRP G 218 -77.92 -52.63 -31.80
C TRP G 218 -78.74 -52.36 -33.05
N GLN G 219 -79.65 -51.37 -32.97
CA GLN G 219 -80.45 -50.94 -34.10
C GLN G 219 -79.59 -50.57 -35.30
N GLN G 220 -78.71 -49.57 -35.15
CA GLN G 220 -77.89 -49.16 -36.30
C GLN G 220 -76.88 -50.24 -36.64
N LEU G 221 -76.07 -50.64 -35.65
CA LEU G 221 -74.93 -51.49 -35.91
C LEU G 221 -75.35 -52.78 -36.62
N ILE G 222 -76.40 -53.42 -36.10
CA ILE G 222 -76.90 -54.63 -36.74
C ILE G 222 -77.98 -54.32 -37.76
N GLY G 223 -78.31 -53.04 -37.94
CA GLY G 223 -79.18 -52.65 -39.03
C GLY G 223 -78.80 -53.34 -40.33
N GLN G 224 -77.51 -53.27 -40.69
CA GLN G 224 -77.05 -53.89 -41.93
C GLN G 224 -77.05 -55.42 -41.84
N GLY G 225 -76.99 -55.97 -40.63
CA GLY G 225 -76.80 -57.40 -40.50
C GLY G 225 -78.08 -58.21 -40.44
N TYR G 226 -79.24 -57.54 -40.48
CA TYR G 226 -80.49 -58.21 -40.11
C TYR G 226 -80.99 -59.16 -41.20
N VAL G 227 -80.75 -58.88 -42.48
CA VAL G 227 -81.29 -59.72 -43.55
C VAL G 227 -80.17 -60.13 -44.51
N LYS G 228 -80.29 -61.35 -45.03
CA LYS G 228 -79.20 -61.95 -45.80
C LYS G 228 -78.96 -61.21 -47.12
N ASP G 229 -80.02 -61.02 -47.90
CA ASP G 229 -79.88 -60.23 -49.11
C ASP G 229 -79.57 -58.76 -48.80
N ASN G 230 -79.74 -58.35 -47.54
CA ASN G 230 -79.43 -56.99 -47.11
C ASN G 230 -80.31 -55.97 -47.80
N SER G 231 -81.57 -56.33 -48.08
CA SER G 231 -82.48 -55.45 -48.79
C SER G 231 -83.23 -54.54 -47.83
N LEU G 232 -82.51 -53.63 -47.17
CA LEU G 232 -83.09 -52.76 -46.15
C LEU G 232 -82.84 -51.30 -46.51
N ASP G 233 -83.88 -50.48 -46.35
CA ASP G 233 -83.74 -49.04 -46.52
C ASP G 233 -82.79 -48.49 -45.46
N ALA G 234 -81.88 -47.61 -45.87
CA ALA G 234 -80.78 -47.22 -45.01
C ALA G 234 -81.22 -46.62 -43.68
N ASP G 235 -82.35 -45.92 -43.61
CA ASP G 235 -82.80 -45.41 -42.33
C ASP G 235 -84.30 -45.62 -42.10
N LYS G 236 -85.10 -45.63 -43.16
CA LYS G 236 -86.54 -45.69 -43.00
C LYS G 236 -86.96 -47.03 -42.39
N ASP G 237 -86.51 -48.12 -43.00
CA ASP G 237 -86.80 -49.44 -42.43
C ASP G 237 -86.28 -49.52 -41.01
N PHE G 238 -85.24 -48.76 -40.70
CA PHE G 238 -84.52 -48.90 -39.44
C PHE G 238 -85.04 -47.98 -38.34
N GLU G 239 -85.06 -46.67 -38.60
CA GLU G 239 -85.07 -45.72 -37.49
C GLU G 239 -86.48 -45.36 -37.01
N TYR G 240 -87.28 -44.72 -37.86
CA TYR G 240 -88.46 -43.99 -37.40
C TYR G 240 -89.62 -44.92 -37.08
N ASP G 241 -90.25 -44.70 -35.93
CA ASP G 241 -91.53 -45.33 -35.66
C ASP G 241 -92.54 -45.08 -36.75
N ASP G 242 -92.33 -44.06 -37.59
CA ASP G 242 -93.13 -43.84 -38.78
C ASP G 242 -92.67 -44.71 -39.95
N SER G 243 -91.50 -45.33 -39.86
CA SER G 243 -90.98 -46.16 -40.94
C SER G 243 -90.31 -47.42 -40.43
N LYS G 244 -90.33 -47.62 -39.12
CA LYS G 244 -89.48 -48.63 -38.49
C LYS G 244 -90.12 -50.01 -38.50
N LEU G 245 -89.34 -51.00 -38.92
CA LEU G 245 -89.73 -52.40 -38.80
C LEU G 245 -89.28 -52.94 -37.44
N ASP G 246 -89.66 -54.19 -37.18
CA ASP G 246 -89.08 -54.92 -36.07
C ASP G 246 -87.84 -55.67 -36.53
N PHE G 247 -86.79 -55.63 -35.71
CA PHE G 247 -85.55 -56.30 -36.04
C PHE G 247 -85.11 -57.14 -34.84
N PRO G 248 -84.46 -58.28 -35.08
CA PRO G 248 -84.24 -59.26 -34.02
C PRO G 248 -83.72 -58.64 -32.74
N PRO G 249 -84.47 -58.75 -31.63
CA PRO G 249 -83.84 -58.64 -30.31
C PRO G 249 -82.89 -59.80 -30.11
N THR G 250 -81.94 -59.62 -29.19
CA THR G 250 -80.75 -60.45 -29.14
C THR G 250 -80.45 -60.91 -27.72
N THR G 251 -79.79 -62.06 -27.63
CA THR G 251 -79.28 -62.60 -26.37
C THR G 251 -77.80 -62.26 -26.23
N LEU G 252 -77.36 -62.10 -24.99
CA LEU G 252 -75.97 -61.87 -24.67
C LEU G 252 -75.49 -63.01 -23.77
N TYR G 253 -74.20 -63.36 -23.90
CA TYR G 253 -73.66 -64.61 -23.37
C TYR G 253 -72.29 -64.34 -22.79
N VAL G 254 -72.17 -64.36 -21.47
CA VAL G 254 -71.04 -63.75 -20.76
C VAL G 254 -70.39 -64.73 -19.78
N GLN G 255 -69.08 -64.54 -19.60
CA GLN G 255 -68.36 -65.00 -18.43
C GLN G 255 -67.20 -64.03 -18.17
N GLY G 256 -67.00 -63.67 -16.92
CA GLY G 256 -65.93 -62.74 -16.57
C GLY G 256 -65.69 -62.72 -15.08
N THR G 257 -64.58 -62.12 -14.69
CA THR G 257 -64.21 -62.01 -13.28
C THR G 257 -64.35 -60.55 -12.83
N LYS G 258 -65.00 -60.34 -11.70
CA LYS G 258 -65.22 -59.02 -11.18
C LYS G 258 -63.96 -58.48 -10.50
N PRO G 259 -63.87 -57.16 -10.31
CA PRO G 259 -62.71 -56.60 -9.61
C PRO G 259 -62.46 -57.24 -8.27
N ASP G 260 -63.52 -57.72 -7.61
CA ASP G 260 -63.36 -58.49 -6.39
C ASP G 260 -62.67 -59.83 -6.65
N GLY G 261 -62.68 -60.29 -7.90
CA GLY G 261 -62.10 -61.57 -8.25
C GLY G 261 -63.10 -62.70 -8.38
N THR G 262 -64.39 -62.43 -8.22
CA THR G 262 -65.40 -63.48 -8.36
C THR G 262 -65.72 -63.71 -9.83
N SER G 263 -65.81 -64.99 -10.21
CA SER G 263 -66.06 -65.38 -11.59
C SER G 263 -67.52 -65.81 -11.74
N PHE G 264 -68.09 -65.48 -12.89
CA PHE G 264 -69.50 -65.77 -13.14
C PHE G 264 -69.74 -65.83 -14.64
N LYS G 265 -70.66 -66.70 -15.04
CA LYS G 265 -71.27 -66.65 -16.36
C LYS G 265 -72.66 -66.04 -16.25
N SER G 266 -73.09 -65.36 -17.31
CA SER G 266 -74.40 -64.74 -17.30
C SER G 266 -74.99 -64.79 -18.70
N ALA G 267 -76.32 -64.71 -18.75
CA ALA G 267 -77.05 -64.67 -20.01
C ALA G 267 -78.20 -63.69 -19.86
N VAL G 268 -78.41 -62.86 -20.89
CA VAL G 268 -79.37 -61.77 -20.81
C VAL G 268 -79.78 -61.41 -22.23
N LEU G 269 -80.91 -60.72 -22.35
CA LEU G 269 -81.49 -60.39 -23.65
C LEU G 269 -81.19 -58.95 -24.04
N VAL G 270 -81.28 -58.68 -25.33
CA VAL G 270 -80.84 -57.42 -25.93
C VAL G 270 -81.85 -57.01 -26.98
N LYS G 271 -81.85 -55.72 -27.32
CA LYS G 271 -82.84 -55.14 -28.23
C LYS G 271 -82.16 -54.21 -29.22
N PRO G 272 -82.73 -54.06 -30.44
CA PRO G 272 -82.19 -53.09 -31.38
C PRO G 272 -82.09 -51.70 -30.80
N GLU G 273 -83.14 -51.26 -30.10
CA GLU G 273 -83.25 -49.90 -29.61
C GLU G 273 -82.22 -49.58 -28.54
N ASP G 274 -81.50 -50.57 -28.03
CA ASP G 274 -80.64 -50.39 -26.88
C ASP G 274 -79.57 -49.33 -27.14
N THR G 275 -79.69 -48.18 -26.47
CA THR G 275 -78.64 -47.17 -26.53
C THR G 275 -77.41 -47.67 -25.79
N LEU G 276 -76.26 -47.62 -26.46
CA LEU G 276 -75.06 -48.21 -25.88
C LEU G 276 -74.57 -47.46 -24.65
N GLU G 277 -74.77 -46.13 -24.59
CA GLU G 277 -74.24 -45.37 -23.46
C GLU G 277 -74.72 -45.95 -22.14
N ASP G 278 -76.03 -45.92 -21.89
CA ASP G 278 -76.55 -46.40 -20.62
C ASP G 278 -76.33 -47.89 -20.45
N VAL G 279 -76.52 -48.67 -21.52
CA VAL G 279 -76.39 -50.11 -21.42
C VAL G 279 -75.02 -50.50 -20.89
N MET G 280 -73.99 -49.76 -21.30
CA MET G 280 -72.69 -49.90 -20.67
C MET G 280 -72.79 -49.83 -19.15
N GLU G 281 -73.20 -48.68 -18.62
CA GLU G 281 -73.24 -48.53 -17.17
C GLU G 281 -74.28 -49.44 -16.55
N ASN G 282 -75.35 -49.75 -17.27
CA ASN G 282 -76.27 -50.78 -16.80
C ASN G 282 -75.53 -52.08 -16.54
N ILE G 283 -74.59 -52.41 -17.41
CA ILE G 283 -73.70 -53.56 -17.17
C ILE G 283 -72.74 -53.25 -16.04
N GLY G 284 -72.22 -52.02 -15.98
CA GLY G 284 -71.33 -51.66 -14.89
C GLY G 284 -71.97 -51.86 -13.53
N ALA G 285 -73.25 -51.53 -13.42
CA ALA G 285 -73.97 -51.81 -12.19
C ALA G 285 -74.02 -53.31 -11.91
N LEU G 286 -74.27 -54.11 -12.96
CA LEU G 286 -74.24 -55.56 -12.79
C LEU G 286 -72.93 -56.02 -12.20
N TYR G 287 -71.83 -55.33 -12.54
CA TYR G 287 -70.55 -55.65 -11.95
C TYR G 287 -70.44 -55.12 -10.52
N GLY G 288 -71.30 -54.18 -10.15
CA GLY G 288 -71.34 -53.70 -8.78
C GLY G 288 -71.49 -52.20 -8.63
N ASN G 289 -71.64 -51.48 -9.74
CA ASN G 289 -71.84 -50.05 -9.64
C ASN G 289 -73.27 -49.73 -9.24
N THR G 290 -73.42 -48.62 -8.53
CA THR G 290 -74.72 -48.14 -8.10
C THR G 290 -74.65 -46.62 -8.02
N PRO G 291 -75.78 -45.97 -7.69
CA PRO G 291 -75.70 -44.53 -7.37
C PRO G 291 -74.85 -44.26 -6.12
N ASN G 292 -74.69 -45.28 -5.27
CA ASN G 292 -73.93 -45.13 -4.04
C ASN G 292 -72.52 -45.72 -4.13
N ASN G 293 -72.13 -46.27 -5.26
CA ASN G 293 -70.78 -46.80 -5.42
C ASN G 293 -70.53 -47.12 -6.89
N LYS G 294 -69.28 -47.46 -7.18
CA LYS G 294 -68.88 -48.06 -8.44
C LYS G 294 -67.90 -49.18 -8.14
N VAL G 295 -67.67 -50.03 -9.15
CA VAL G 295 -66.58 -50.99 -9.10
C VAL G 295 -65.80 -50.93 -10.40
N VAL G 296 -66.41 -50.37 -11.45
CA VAL G 296 -65.80 -50.30 -12.77
C VAL G 296 -66.26 -49.03 -13.45
N GLU G 297 -65.37 -48.44 -14.24
CA GLU G 297 -65.63 -47.19 -14.96
C GLU G 297 -65.64 -47.50 -16.45
N VAL G 298 -66.79 -47.32 -17.09
CA VAL G 298 -67.01 -47.73 -18.47
C VAL G 298 -66.96 -46.49 -19.36
N SER G 299 -66.56 -46.68 -20.61
CA SER G 299 -66.50 -45.56 -21.54
C SER G 299 -66.24 -46.05 -22.95
N MET G 300 -66.81 -45.34 -23.92
CA MET G 300 -66.65 -45.62 -25.34
C MET G 300 -65.75 -44.56 -25.95
N ASN G 301 -64.91 -44.97 -26.89
CA ASN G 301 -63.91 -44.07 -27.47
C ASN G 301 -64.29 -43.65 -28.88
N ASP G 302 -63.42 -42.85 -29.48
CA ASP G 302 -63.69 -42.26 -30.79
C ASP G 302 -63.91 -43.36 -31.84
N SER G 303 -63.08 -44.37 -31.84
CA SER G 303 -63.19 -45.45 -32.81
C SER G 303 -64.36 -46.35 -32.56
N GLY G 304 -65.25 -46.00 -31.63
CA GLY G 304 -66.33 -46.90 -31.26
C GLY G 304 -65.82 -47.98 -30.34
N GLN G 305 -64.50 -48.12 -30.24
CA GLN G 305 -63.93 -49.08 -29.32
C GLN G 305 -64.22 -48.65 -27.89
N ILE G 306 -64.40 -49.64 -27.03
CA ILE G 306 -65.05 -49.45 -25.74
C ILE G 306 -64.06 -49.80 -24.65
N GLN G 307 -63.86 -48.88 -23.71
CA GLN G 307 -62.80 -48.99 -22.72
C GLN G 307 -63.36 -48.82 -21.32
N ILE G 308 -62.91 -49.68 -20.40
CA ILE G 308 -63.46 -49.76 -19.06
C ILE G 308 -62.31 -49.94 -18.07
N THR G 309 -62.54 -49.53 -16.83
CA THR G 309 -61.48 -49.39 -15.84
C THR G 309 -61.94 -49.94 -14.49
N ASP G 310 -60.97 -50.35 -13.67
CA ASP G 310 -61.21 -51.05 -12.42
C ASP G 310 -61.07 -50.10 -11.24
N LEU G 311 -62.14 -49.95 -10.46
CA LEU G 311 -62.29 -48.81 -9.54
C LEU G 311 -61.00 -48.45 -8.83
N LYS G 312 -60.40 -49.37 -8.09
CA LYS G 312 -59.33 -49.05 -7.14
C LYS G 312 -57.99 -49.24 -7.81
N GLN G 313 -57.10 -48.26 -7.62
CA GLN G 313 -55.77 -48.35 -8.20
C GLN G 313 -54.92 -49.37 -7.46
N GLY G 314 -54.27 -50.24 -8.22
CA GLY G 314 -53.59 -51.39 -7.68
C GLY G 314 -54.39 -52.66 -7.85
N ASN G 315 -55.71 -52.52 -8.00
CA ASN G 315 -56.60 -53.66 -8.16
C ASN G 315 -56.69 -54.07 -9.62
N ASN G 316 -56.77 -55.39 -9.85
CA ASN G 316 -56.64 -55.89 -11.22
C ASN G 316 -57.54 -57.08 -11.56
N LYS G 317 -58.57 -57.38 -10.77
CA LYS G 317 -59.33 -58.62 -10.97
C LYS G 317 -60.52 -58.47 -11.89
N LEU G 318 -60.74 -57.29 -12.47
CA LEU G 318 -61.76 -57.13 -13.49
C LEU G 318 -61.38 -57.90 -14.74
N ASP G 319 -62.32 -58.68 -15.27
CA ASP G 319 -62.08 -59.37 -16.53
C ASP G 319 -63.43 -59.72 -17.15
N PHE G 320 -63.41 -60.05 -18.44
CA PHE G 320 -64.62 -60.12 -19.23
C PHE G 320 -64.37 -60.82 -20.56
N HIS G 321 -65.36 -61.59 -20.99
CA HIS G 321 -65.52 -61.91 -22.41
C HIS G 321 -66.96 -62.37 -22.61
N ALA G 322 -67.46 -62.19 -23.83
CA ALA G 322 -68.85 -62.52 -24.11
C ALA G 322 -69.04 -62.66 -25.61
N VAL G 323 -70.25 -63.05 -26.00
CA VAL G 323 -70.65 -63.15 -27.39
C VAL G 323 -72.13 -62.82 -27.51
N ALA G 324 -72.48 -62.09 -28.56
CA ALA G 324 -73.87 -61.77 -28.87
C ALA G 324 -74.07 -61.98 -30.37
N PHE G 325 -75.32 -62.21 -30.76
CA PHE G 325 -75.61 -62.72 -32.09
C PHE G 325 -76.83 -62.04 -32.67
N THR G 326 -77.02 -62.21 -33.98
CA THR G 326 -78.29 -61.88 -34.62
C THR G 326 -78.64 -62.95 -35.65
N PRO G 327 -79.89 -63.40 -35.69
CA PRO G 327 -80.31 -64.29 -36.79
C PRO G 327 -80.70 -63.48 -38.02
N GLN G 328 -80.39 -64.00 -39.20
CA GLN G 328 -80.52 -63.23 -40.44
C GLN G 328 -81.60 -63.85 -41.32
N ALA G 329 -82.51 -63.01 -41.80
CA ALA G 329 -83.59 -63.46 -42.67
C ALA G 329 -83.15 -63.41 -44.13
N ASP G 330 -83.74 -64.28 -44.95
CA ASP G 330 -83.34 -64.38 -46.35
C ASP G 330 -83.48 -63.03 -47.05
N THR G 331 -84.62 -62.37 -46.88
CA THR G 331 -84.88 -61.08 -47.49
C THR G 331 -85.70 -60.21 -46.53
N LYS G 332 -85.83 -58.94 -46.91
CA LYS G 332 -86.68 -58.02 -46.16
C LYS G 332 -88.09 -58.57 -46.01
N ASP G 333 -88.59 -59.24 -47.04
CA ASP G 333 -89.92 -59.84 -46.96
C ASP G 333 -89.91 -61.12 -46.14
N GLU G 334 -88.84 -61.92 -46.22
CA GLU G 334 -88.74 -63.08 -45.34
C GLU G 334 -88.85 -62.65 -43.89
N LEU G 335 -88.35 -61.46 -43.56
CA LEU G 335 -88.63 -60.88 -42.27
C LEU G 335 -90.13 -60.63 -42.08
N LYS G 336 -90.80 -60.14 -43.12
CA LYS G 336 -92.26 -60.05 -43.06
C LYS G 336 -92.86 -61.44 -42.87
N ASN G 337 -92.37 -62.42 -43.63
CA ASN G 337 -92.75 -63.81 -43.37
C ASN G 337 -92.50 -64.15 -41.91
N ILE G 338 -91.31 -63.80 -41.41
CA ILE G 338 -91.01 -64.00 -40.01
C ILE G 338 -91.98 -63.18 -39.16
N ILE G 339 -92.20 -61.91 -39.55
CA ILE G 339 -93.14 -61.07 -38.81
C ILE G 339 -94.53 -61.69 -38.83
N GLU G 340 -94.99 -62.08 -40.03
CA GLU G 340 -96.32 -62.65 -40.14
C GLU G 340 -96.40 -63.99 -39.42
N ALA G 341 -95.36 -64.81 -39.54
CA ALA G 341 -95.37 -66.11 -38.87
C ALA G 341 -95.52 -65.93 -37.36
N ALA G 342 -94.79 -64.98 -36.78
CA ALA G 342 -94.98 -64.65 -35.38
C ALA G 342 -96.36 -64.03 -35.13
N ASN G 343 -96.79 -63.13 -36.02
CA ASN G 343 -98.11 -62.53 -35.86
C ASN G 343 -99.20 -63.60 -35.91
N GLN G 344 -99.11 -64.52 -36.86
CA GLN G 344 -100.03 -65.66 -36.86
C GLN G 344 -99.87 -66.47 -35.58
N GLU G 345 -98.62 -66.71 -35.18
CA GLU G 345 -98.38 -67.37 -33.91
C GLU G 345 -98.79 -66.48 -32.74
N GLY G 346 -98.92 -65.17 -32.97
CA GLY G 346 -99.35 -64.26 -31.93
C GLY G 346 -98.31 -63.96 -30.89
N ILE G 347 -97.03 -63.97 -31.27
CA ILE G 347 -95.94 -63.84 -30.31
C ILE G 347 -94.93 -62.80 -30.82
N SER G 348 -93.83 -62.64 -30.09
CA SER G 348 -92.79 -61.69 -30.44
C SER G 348 -91.46 -62.40 -30.51
N MET G 349 -90.51 -61.78 -31.23
CA MET G 349 -89.19 -62.37 -31.41
C MET G 349 -88.47 -62.57 -30.09
N ASN G 350 -88.85 -61.81 -29.06
CA ASN G 350 -88.15 -61.90 -27.78
C ASN G 350 -88.10 -63.34 -27.27
N GLU G 351 -89.16 -64.12 -27.54
CA GLU G 351 -89.12 -65.54 -27.21
C GLU G 351 -88.43 -66.32 -28.33
N VAL G 352 -88.77 -66.03 -29.58
CA VAL G 352 -88.25 -66.82 -30.68
C VAL G 352 -86.74 -66.72 -30.75
N THR G 353 -86.18 -65.57 -30.40
CA THR G 353 -84.73 -65.46 -30.31
C THR G 353 -84.18 -66.40 -29.25
N ASN G 354 -84.86 -66.50 -28.11
CA ASN G 354 -84.55 -67.57 -27.17
C ASN G 354 -84.75 -68.93 -27.82
N ARG G 355 -85.81 -69.06 -28.63
CA ARG G 355 -86.04 -70.31 -29.35
C ARG G 355 -84.85 -70.63 -30.26
N VAL G 356 -84.31 -69.62 -30.94
CA VAL G 356 -83.11 -69.84 -31.73
C VAL G 356 -81.96 -70.25 -30.83
N MET G 357 -81.71 -69.49 -29.76
CA MET G 357 -80.66 -69.87 -28.83
C MET G 357 -80.94 -71.23 -28.22
N GLN G 358 -82.20 -71.51 -27.90
CA GLN G 358 -82.56 -72.84 -27.40
C GLN G 358 -82.20 -73.90 -28.43
N ALA G 359 -82.39 -73.61 -29.72
CA ALA G 359 -82.06 -74.58 -30.76
C ALA G 359 -80.58 -74.96 -30.68
N SER G 360 -79.69 -73.97 -30.66
CA SER G 360 -78.26 -74.26 -30.67
C SER G 360 -77.88 -75.20 -29.54
N THR G 361 -78.24 -74.83 -28.31
CA THR G 361 -77.90 -75.67 -27.16
C THR G 361 -78.62 -77.00 -27.22
N ALA G 362 -79.69 -77.11 -28.02
CA ALA G 362 -80.48 -78.34 -28.04
C ALA G 362 -79.63 -79.55 -28.35
N ALA G 363 -78.63 -79.41 -29.22
CA ALA G 363 -77.74 -80.50 -29.55
C ALA G 363 -76.41 -79.93 -29.99
N PRO G 364 -75.31 -80.68 -29.81
CA PRO G 364 -74.07 -80.29 -30.48
C PRO G 364 -74.25 -80.21 -31.98
N SER G 365 -75.10 -81.07 -32.54
CA SER G 365 -75.52 -80.89 -33.93
C SER G 365 -76.74 -79.99 -33.99
N ASN G 366 -76.72 -78.92 -33.21
CA ASN G 366 -77.47 -77.70 -33.48
C ASN G 366 -76.59 -76.51 -33.12
N GLY G 367 -75.51 -76.78 -32.42
CA GLY G 367 -74.54 -75.78 -32.02
C GLY G 367 -74.09 -76.03 -30.60
N ASP G 368 -72.79 -76.23 -30.41
CA ASP G 368 -72.24 -76.38 -29.07
C ASP G 368 -71.64 -75.05 -28.63
N ILE G 369 -71.95 -74.63 -27.41
CA ILE G 369 -71.53 -73.32 -26.95
C ILE G 369 -70.03 -73.09 -27.12
N THR G 370 -69.27 -74.16 -27.34
CA THR G 370 -67.91 -74.06 -27.88
C THR G 370 -67.87 -74.41 -29.36
N LYS G 371 -68.40 -75.56 -29.74
CA LYS G 371 -68.48 -75.97 -31.14
C LYS G 371 -69.84 -75.57 -31.69
N LEU G 372 -69.97 -74.27 -31.99
CA LEU G 372 -71.20 -73.71 -32.51
C LEU G 372 -71.28 -73.89 -34.02
N ASN G 373 -70.48 -74.82 -34.55
CA ASN G 373 -70.42 -75.04 -36.00
C ASN G 373 -71.66 -75.76 -36.52
N ASN G 374 -72.83 -75.14 -36.36
CA ASN G 374 -74.09 -75.81 -36.66
C ASN G 374 -75.14 -74.74 -36.94
N PRO G 375 -76.08 -75.01 -37.86
CA PRO G 375 -77.15 -74.04 -38.12
C PRO G 375 -78.17 -74.02 -36.98
N VAL G 376 -78.46 -72.82 -36.49
CA VAL G 376 -79.32 -72.66 -35.31
C VAL G 376 -80.69 -72.26 -35.83
N THR G 377 -81.54 -73.25 -36.08
CA THR G 377 -82.76 -73.09 -36.85
C THR G 377 -83.98 -73.39 -35.99
N VAL G 378 -85.11 -72.78 -36.34
CA VAL G 378 -86.37 -72.95 -35.63
C VAL G 378 -87.53 -72.89 -36.62
N THR G 379 -88.71 -73.28 -36.15
CA THR G 379 -89.93 -73.19 -36.92
C THR G 379 -90.90 -72.20 -36.29
N ILE G 380 -91.64 -71.48 -37.13
CA ILE G 380 -92.66 -70.55 -36.66
C ILE G 380 -93.91 -70.71 -37.50
N ASN G 381 -95.06 -70.89 -36.82
CA ASN G 381 -96.34 -70.99 -37.50
C ASN G 381 -96.30 -72.02 -38.62
N ASN G 382 -95.37 -72.97 -38.52
CA ASN G 382 -95.00 -73.84 -39.64
C ASN G 382 -94.68 -73.04 -40.89
N GLN G 383 -94.34 -71.76 -40.73
CA GLN G 383 -93.56 -71.03 -41.70
C GLN G 383 -92.11 -71.31 -41.39
N GLN G 384 -91.40 -71.90 -42.35
CA GLN G 384 -90.15 -72.58 -42.07
C GLN G 384 -88.98 -71.77 -42.59
N PHE G 385 -87.85 -71.93 -41.91
CA PHE G 385 -86.63 -71.20 -42.23
C PHE G 385 -85.44 -72.09 -41.89
N THR G 386 -84.33 -71.85 -42.58
CA THR G 386 -83.04 -72.43 -42.21
C THR G 386 -82.11 -71.27 -41.89
N ILE G 387 -81.46 -71.35 -40.73
CA ILE G 387 -80.92 -70.18 -40.07
C ILE G 387 -79.41 -70.28 -39.97
N ASP G 388 -78.72 -69.24 -40.44
CA ASP G 388 -77.29 -69.06 -40.23
C ASP G 388 -77.10 -67.74 -39.50
N LEU G 389 -76.35 -67.77 -38.41
CA LEU G 389 -76.26 -66.66 -37.48
C LEU G 389 -74.98 -65.86 -37.68
N LYS G 390 -75.02 -64.60 -37.27
CA LYS G 390 -73.87 -63.71 -37.30
C LYS G 390 -73.56 -63.27 -35.88
N GLN G 391 -72.27 -63.05 -35.61
CA GLN G 391 -71.74 -63.00 -34.26
C GLN G 391 -71.20 -61.63 -33.88
N THR G 392 -71.22 -61.36 -32.58
CA THR G 392 -70.53 -60.22 -31.98
C THR G 392 -69.22 -60.71 -31.37
N ASP G 393 -68.10 -60.22 -31.90
CA ASP G 393 -66.77 -60.56 -31.36
C ASP G 393 -66.35 -59.44 -30.44
N PHE G 394 -66.60 -59.61 -29.14
CA PHE G 394 -66.17 -58.60 -28.19
C PHE G 394 -64.65 -58.42 -28.22
N ILE G 395 -63.92 -59.51 -28.36
CA ILE G 395 -62.51 -59.46 -28.74
C ILE G 395 -62.29 -60.45 -29.87
N LYS G 396 -61.63 -59.99 -30.92
CA LYS G 396 -61.16 -60.84 -31.99
C LYS G 396 -59.66 -60.64 -32.13
N SER G 397 -58.93 -61.72 -32.41
CA SER G 397 -57.48 -61.66 -32.44
C SER G 397 -56.95 -62.81 -33.28
N LYS G 398 -55.62 -62.88 -33.39
CA LYS G 398 -54.98 -63.76 -34.35
C LYS G 398 -55.02 -65.23 -33.94
N MET G 399 -55.21 -65.54 -32.66
CA MET G 399 -55.10 -66.92 -32.20
C MET G 399 -56.31 -67.73 -32.62
N THR G 400 -56.17 -69.05 -32.49
CA THR G 400 -57.26 -69.99 -32.75
C THR G 400 -57.55 -70.77 -31.48
N ASP G 401 -58.76 -71.35 -31.42
CA ASP G 401 -59.21 -72.08 -30.25
C ASP G 401 -58.61 -73.48 -30.20
N THR G 402 -59.13 -74.33 -29.32
CA THR G 402 -58.71 -75.72 -29.21
C THR G 402 -58.84 -76.45 -30.55
N ASP G 403 -59.59 -75.88 -31.49
CA ASP G 403 -59.96 -76.57 -32.72
C ASP G 403 -59.46 -75.86 -33.97
N GLY G 404 -58.57 -74.89 -33.84
CA GLY G 404 -58.14 -74.12 -34.98
C GLY G 404 -59.11 -73.05 -35.42
N ASN G 405 -60.22 -72.89 -34.72
CA ASN G 405 -61.14 -71.80 -35.01
C ASN G 405 -60.52 -70.48 -34.54
N ALA G 406 -60.42 -69.51 -35.44
CA ALA G 406 -59.83 -68.24 -35.09
C ALA G 406 -60.60 -67.59 -33.96
N ALA G 407 -59.88 -66.89 -33.08
CA ALA G 407 -60.49 -66.33 -31.89
C ALA G 407 -61.56 -65.32 -32.27
N ASN G 408 -62.64 -65.28 -31.50
CA ASN G 408 -63.83 -64.51 -31.84
C ASN G 408 -64.61 -64.27 -30.56
N GLY G 409 -65.88 -63.88 -30.70
CA GLY G 409 -66.71 -63.65 -29.53
C GLY G 409 -66.92 -64.90 -28.70
N ALA G 410 -67.02 -66.05 -29.36
CA ALA G 410 -67.28 -67.32 -28.68
C ALA G 410 -66.01 -68.02 -28.20
N ASP G 411 -65.22 -67.37 -27.36
CA ASP G 411 -63.99 -67.97 -26.83
C ASP G 411 -63.53 -67.18 -25.61
N TYR G 412 -63.20 -67.88 -24.54
CA TYR G 412 -62.59 -67.22 -23.40
C TYR G 412 -61.32 -67.92 -22.90
N ASP G 413 -61.37 -69.24 -22.75
CA ASP G 413 -60.25 -69.98 -22.18
C ASP G 413 -59.93 -71.29 -22.87
N ASN G 414 -60.87 -71.90 -23.59
CA ASN G 414 -60.64 -73.20 -24.23
C ASN G 414 -59.89 -73.02 -25.55
N VAL G 415 -58.61 -72.67 -25.42
CA VAL G 415 -57.83 -72.17 -26.54
C VAL G 415 -56.46 -72.84 -26.56
N TYR G 416 -55.70 -72.54 -27.61
CA TYR G 416 -54.31 -72.94 -27.72
C TYR G 416 -53.43 -72.05 -26.84
N PHE G 417 -52.17 -72.45 -26.69
CA PHE G 417 -51.22 -71.69 -25.89
C PHE G 417 -50.23 -70.94 -26.77
N GLU G 418 -49.44 -70.08 -26.13
CA GLU G 418 -48.57 -69.14 -26.82
C GLU G 418 -47.15 -69.66 -26.89
N LYS G 419 -46.43 -69.21 -27.92
CA LYS G 419 -45.17 -69.80 -28.33
C LYS G 419 -44.22 -68.71 -28.80
N ASN G 420 -42.95 -68.83 -28.41
CA ASN G 420 -41.86 -68.02 -28.96
C ASN G 420 -40.81 -68.99 -29.48
N GLY G 421 -40.97 -69.43 -30.73
CA GLY G 421 -40.07 -70.40 -31.31
C GLY G 421 -39.94 -71.63 -30.43
N ASN G 422 -38.77 -71.81 -29.82
CA ASN G 422 -38.56 -72.94 -28.92
C ASN G 422 -39.29 -72.78 -27.60
N THR G 423 -39.84 -71.60 -27.33
CA THR G 423 -40.48 -71.31 -26.05
C THR G 423 -41.99 -71.33 -26.20
N VAL G 424 -42.66 -71.92 -25.21
CA VAL G 424 -44.11 -71.95 -25.15
C VAL G 424 -44.51 -71.52 -23.75
N TYR G 425 -45.61 -70.76 -23.64
CA TYR G 425 -45.92 -70.12 -22.38
C TYR G 425 -47.41 -69.79 -22.33
N GLY G 426 -47.89 -69.54 -21.11
CA GLY G 426 -49.26 -69.08 -20.90
C GLY G 426 -49.26 -67.58 -20.72
N ASN G 427 -50.03 -66.89 -21.56
CA ASN G 427 -50.12 -65.45 -21.45
C ASN G 427 -50.64 -65.01 -20.08
N VAL G 428 -51.42 -65.88 -19.43
CA VAL G 428 -52.07 -65.52 -18.18
C VAL G 428 -51.04 -65.28 -17.10
N SER G 429 -50.97 -64.04 -16.61
CA SER G 429 -50.18 -63.73 -15.42
C SER G 429 -50.82 -64.34 -14.20
N GLN G 430 -50.12 -65.27 -13.56
CA GLN G 430 -50.65 -65.93 -12.37
C GLN G 430 -50.62 -64.92 -11.24
N VAL G 431 -51.77 -64.34 -10.94
CA VAL G 431 -51.90 -63.21 -10.03
C VAL G 431 -52.83 -63.61 -8.90
N ILE G 432 -52.42 -63.32 -7.68
CA ILE G 432 -53.03 -63.89 -6.49
C ILE G 432 -54.30 -63.13 -6.15
N LYS G 433 -55.34 -63.88 -5.80
CA LYS G 433 -56.55 -63.26 -5.28
C LYS G 433 -56.21 -62.40 -4.08
N GLY G 434 -56.82 -61.22 -4.01
CA GLY G 434 -56.45 -60.24 -3.02
C GLY G 434 -55.20 -59.47 -3.40
N SER G 435 -54.07 -59.82 -2.77
CA SER G 435 -52.83 -59.09 -2.96
C SER G 435 -52.51 -58.82 -4.43
N ASN G 436 -53.01 -59.65 -5.36
CA ASN G 436 -52.63 -59.55 -6.75
C ASN G 436 -51.15 -59.85 -6.92
N ALA G 437 -50.54 -60.48 -5.93
CA ALA G 437 -49.16 -60.91 -6.06
C ALA G 437 -49.07 -62.16 -6.94
N TYR G 438 -47.87 -62.45 -7.40
CA TYR G 438 -47.66 -63.64 -8.21
C TYR G 438 -47.49 -64.86 -7.34
N ALA G 439 -48.05 -65.97 -7.78
CA ALA G 439 -47.88 -67.24 -7.08
C ALA G 439 -46.50 -67.81 -7.37
N THR G 440 -46.15 -68.87 -6.65
CA THR G 440 -44.86 -69.53 -6.81
C THR G 440 -45.05 -71.03 -6.65
N ASP G 441 -44.05 -71.77 -7.12
CA ASP G 441 -44.14 -73.23 -7.13
C ASP G 441 -44.45 -73.80 -5.76
N SER G 442 -43.92 -73.20 -4.70
CA SER G 442 -44.27 -73.60 -3.34
C SER G 442 -45.62 -73.06 -2.90
N THR G 443 -46.14 -72.04 -3.58
CA THR G 443 -47.45 -71.50 -3.23
C THR G 443 -48.52 -72.55 -3.51
N LYS G 444 -49.64 -72.43 -2.81
CA LYS G 444 -50.74 -73.35 -3.00
C LYS G 444 -51.70 -72.80 -4.06
N LEU G 445 -52.41 -73.72 -4.72
CA LEU G 445 -53.26 -73.35 -5.85
C LEU G 445 -54.51 -72.56 -5.46
N SER G 446 -55.08 -72.79 -4.28
CA SER G 446 -56.34 -72.11 -3.96
C SER G 446 -56.19 -70.59 -4.01
N GLU G 447 -54.95 -70.10 -3.91
CA GLU G 447 -54.70 -68.67 -3.79
C GLU G 447 -55.12 -67.90 -5.02
N VAL G 448 -55.25 -68.56 -6.17
CA VAL G 448 -55.52 -67.89 -7.43
C VAL G 448 -56.88 -68.31 -7.99
N MET G 449 -57.23 -69.59 -7.90
CA MET G 449 -58.46 -70.08 -8.48
C MET G 449 -59.67 -69.34 -7.93
N ALA G 450 -60.62 -69.06 -8.83
CA ALA G 450 -61.88 -68.44 -8.45
C ALA G 450 -62.58 -69.29 -7.40
N GLY G 451 -63.00 -70.49 -7.79
CA GLY G 451 -63.51 -71.43 -6.81
C GLY G 451 -62.38 -71.96 -5.98
N ASP G 452 -62.30 -71.54 -4.72
CA ASP G 452 -61.18 -71.90 -3.87
C ASP G 452 -60.99 -73.41 -3.75
N SER G 453 -62.09 -74.17 -3.72
CA SER G 453 -62.03 -75.62 -3.65
C SER G 453 -62.59 -76.17 -4.96
N LEU G 454 -61.85 -77.10 -5.57
CA LEU G 454 -62.14 -77.60 -6.91
C LEU G 454 -62.80 -78.97 -6.87
N ASN G 455 -63.68 -79.16 -5.89
CA ASN G 455 -64.61 -80.28 -5.93
C ASN G 455 -65.42 -80.26 -7.22
N GLY G 456 -65.72 -81.44 -7.74
CA GLY G 456 -66.42 -81.55 -9.00
C GLY G 456 -65.62 -81.06 -10.19
N THR G 457 -64.41 -80.56 -9.95
CA THR G 457 -63.63 -79.89 -10.97
C THR G 457 -62.61 -80.83 -11.58
N THR G 458 -62.30 -80.60 -12.86
CA THR G 458 -61.37 -81.44 -13.60
C THR G 458 -60.78 -80.62 -14.74
N LEU G 459 -59.47 -80.72 -14.92
CA LEU G 459 -58.81 -80.09 -16.04
C LEU G 459 -58.63 -81.11 -17.16
N ASN G 460 -58.53 -80.60 -18.39
CA ASN G 460 -58.50 -81.47 -19.56
C ASN G 460 -57.56 -80.83 -20.58
N LEU G 461 -56.58 -81.60 -21.05
CA LEU G 461 -55.36 -81.02 -21.59
C LEU G 461 -54.93 -81.74 -22.86
N LYS G 462 -54.15 -81.02 -23.68
CA LYS G 462 -53.49 -81.57 -24.86
C LYS G 462 -52.04 -81.14 -24.88
N VAL G 463 -51.20 -81.92 -25.56
CA VAL G 463 -49.81 -81.56 -25.80
C VAL G 463 -49.30 -82.34 -27.00
N ASN G 464 -48.49 -81.68 -27.82
CA ASN G 464 -47.76 -82.33 -28.90
C ASN G 464 -46.36 -82.67 -28.41
N SER G 465 -45.67 -83.53 -29.15
CA SER G 465 -44.42 -84.09 -28.67
C SER G 465 -43.43 -84.29 -29.78
N LYS G 466 -42.15 -84.37 -29.40
CA LYS G 466 -41.10 -84.85 -30.29
C LYS G 466 -41.30 -86.29 -30.68
N GLY G 467 -42.07 -87.07 -29.91
CA GLY G 467 -42.55 -88.34 -30.37
C GLY G 467 -43.55 -88.20 -31.50
N GLY G 468 -43.87 -86.96 -31.90
CA GLY G 468 -44.85 -86.71 -32.92
C GLY G 468 -46.28 -86.78 -32.44
N ASN G 469 -46.54 -87.47 -31.35
CA ASN G 469 -47.89 -87.65 -30.86
C ASN G 469 -48.43 -86.36 -30.27
N SER G 470 -49.76 -86.28 -30.23
CA SER G 470 -50.45 -85.34 -29.38
C SER G 470 -51.00 -86.10 -28.19
N TYR G 471 -50.43 -85.85 -27.01
CA TYR G 471 -50.88 -86.49 -25.78
C TYR G 471 -51.97 -85.64 -25.14
N ASP G 472 -53.08 -86.29 -24.83
CA ASP G 472 -54.25 -85.62 -24.25
C ASP G 472 -54.56 -86.30 -22.93
N VAL G 473 -54.60 -85.53 -21.86
CA VAL G 473 -54.72 -86.10 -20.52
C VAL G 473 -55.70 -85.27 -19.71
N THR G 474 -56.21 -85.90 -18.64
CA THR G 474 -57.20 -85.29 -17.77
C THR G 474 -56.81 -85.52 -16.32
N ILE G 475 -57.17 -84.59 -15.46
CA ILE G 475 -56.93 -84.70 -14.02
C ILE G 475 -58.15 -84.20 -13.28
N ASN G 476 -58.63 -85.00 -12.33
CA ASN G 476 -59.76 -84.62 -11.49
C ASN G 476 -59.22 -83.86 -10.28
N LEU G 477 -59.76 -82.67 -10.06
CA LEU G 477 -59.27 -81.81 -8.99
C LEU G 477 -59.98 -82.04 -7.67
N GLN G 478 -61.22 -82.54 -7.69
CA GLN G 478 -61.86 -82.91 -6.44
C GLN G 478 -61.01 -83.90 -5.67
N THR G 479 -60.48 -84.90 -6.36
CA THR G 479 -59.54 -85.83 -5.78
C THR G 479 -58.09 -85.40 -6.00
N SER G 480 -57.86 -84.53 -6.98
CA SER G 480 -56.50 -84.31 -7.44
C SER G 480 -55.92 -85.65 -7.84
N THR G 481 -56.49 -86.26 -8.87
CA THR G 481 -56.02 -87.56 -9.35
C THR G 481 -55.96 -87.53 -10.87
N VAL G 482 -54.96 -88.22 -11.40
CA VAL G 482 -54.68 -88.25 -12.84
C VAL G 482 -55.62 -89.24 -13.50
N SER G 483 -55.84 -89.07 -14.80
CA SER G 483 -56.66 -90.01 -15.57
C SER G 483 -56.54 -89.67 -17.05
N TYR G 484 -56.26 -90.69 -17.87
CA TYR G 484 -56.26 -90.49 -19.32
C TYR G 484 -56.37 -91.85 -19.98
N PRO G 485 -56.86 -91.90 -21.23
CA PRO G 485 -57.01 -93.20 -21.91
C PRO G 485 -55.70 -93.73 -22.46
N ASP G 486 -55.75 -94.94 -23.03
CA ASP G 486 -54.57 -95.71 -23.40
C ASP G 486 -54.18 -95.46 -24.84
N PRO G 487 -52.94 -94.99 -25.08
CA PRO G 487 -52.48 -94.75 -26.45
C PRO G 487 -51.94 -96.02 -27.08
N ASN G 488 -51.44 -96.93 -26.25
CA ASN G 488 -50.85 -98.15 -26.76
C ASN G 488 -51.94 -99.07 -27.25
N ASN G 489 -52.97 -99.24 -26.44
CA ASN G 489 -54.09 -100.09 -26.81
C ASN G 489 -55.33 -99.47 -26.21
N PRO G 490 -55.88 -98.45 -26.88
CA PRO G 490 -57.05 -97.77 -26.35
C PRO G 490 -58.10 -98.73 -25.86
N GLY G 491 -58.71 -98.43 -24.72
CA GLY G 491 -59.69 -99.33 -24.13
C GLY G 491 -59.56 -99.23 -22.64
N GLN G 492 -58.35 -99.05 -22.15
CA GLN G 492 -58.12 -98.88 -20.71
C GLN G 492 -57.74 -97.45 -20.42
N THR G 493 -57.93 -97.02 -19.17
CA THR G 493 -57.62 -95.66 -18.80
C THR G 493 -56.47 -95.68 -17.80
N ILE G 494 -55.47 -94.83 -18.04
CA ILE G 494 -54.25 -94.81 -17.25
C ILE G 494 -54.33 -93.66 -16.26
N SER G 495 -54.09 -93.96 -14.98
CA SER G 495 -54.24 -92.99 -13.91
C SER G 495 -53.19 -93.25 -12.84
N PHE G 496 -52.92 -92.23 -12.03
CA PHE G 496 -51.83 -92.25 -11.08
C PHE G 496 -52.26 -91.57 -9.78
N PRO G 497 -51.64 -91.93 -8.65
CA PRO G 497 -51.80 -91.13 -7.43
C PRO G 497 -50.81 -89.98 -7.41
N ILE G 498 -51.04 -88.97 -6.58
CA ILE G 498 -50.35 -87.69 -6.69
C ILE G 498 -49.59 -87.38 -5.40
N MET G 499 -48.38 -86.83 -5.57
CA MET G 499 -47.48 -86.47 -4.49
C MET G 499 -46.78 -85.18 -4.88
N HIS G 500 -46.03 -84.63 -3.93
CA HIS G 500 -45.22 -83.43 -4.15
C HIS G 500 -43.79 -83.80 -3.74
N THR G 501 -42.91 -82.80 -3.57
CA THR G 501 -41.52 -83.04 -3.19
C THR G 501 -41.09 -82.15 -2.01
N ASN G 502 -41.13 -82.71 -0.78
CA ASN G 502 -40.63 -82.14 0.47
C ASN G 502 -40.81 -83.19 1.57
N PRO G 503 -39.87 -83.35 2.51
CA PRO G 503 -39.74 -84.63 3.23
C PRO G 503 -40.88 -84.95 4.19
N ALA G 504 -41.92 -84.13 4.29
CA ALA G 504 -42.91 -84.31 5.34
C ALA G 504 -43.59 -85.67 5.28
N THR G 505 -43.66 -86.30 4.10
CA THR G 505 -44.33 -87.60 4.00
C THR G 505 -43.57 -88.68 4.75
N GLY G 506 -42.34 -88.41 5.17
CA GLY G 506 -41.58 -89.39 5.93
C GLY G 506 -41.15 -90.52 5.03
N ASN G 507 -42.12 -91.29 4.57
CA ASN G 507 -41.91 -92.24 3.49
C ASN G 507 -42.45 -91.63 2.21
N SER G 508 -41.59 -91.52 1.20
CA SER G 508 -41.96 -90.79 0.00
C SER G 508 -43.23 -91.38 -0.60
N GLY G 509 -44.19 -90.50 -0.88
CA GLY G 509 -45.42 -90.92 -1.49
C GLY G 509 -46.61 -91.00 -0.56
N VAL G 510 -46.78 -90.04 0.34
CA VAL G 510 -48.01 -89.93 1.10
C VAL G 510 -48.96 -89.01 0.36
N VAL G 511 -50.22 -89.42 0.26
CA VAL G 511 -51.13 -89.01 -0.81
C VAL G 511 -51.56 -87.54 -0.65
N THR G 512 -52.08 -86.97 -1.74
CA THR G 512 -52.39 -85.55 -1.83
C THR G 512 -53.88 -85.37 -2.08
N GLY G 513 -54.38 -84.18 -1.78
CA GLY G 513 -55.80 -83.87 -1.91
C GLY G 513 -56.11 -82.76 -2.90
N SER G 514 -57.26 -82.11 -2.75
CA SER G 514 -57.72 -81.13 -3.73
C SER G 514 -57.06 -79.78 -3.52
N ASN G 515 -57.33 -79.13 -2.39
CA ASN G 515 -56.76 -77.80 -2.13
C ASN G 515 -55.27 -77.90 -1.80
N ASP G 516 -54.79 -79.10 -1.49
CA ASP G 516 -53.41 -79.29 -1.07
C ASP G 516 -52.44 -78.72 -2.09
N ILE G 517 -52.83 -78.73 -3.36
CA ILE G 517 -51.87 -78.64 -4.45
C ILE G 517 -51.08 -77.33 -4.35
N THR G 518 -49.76 -77.44 -4.52
CA THR G 518 -48.91 -76.30 -4.88
C THR G 518 -48.52 -76.38 -6.35
N TYR G 519 -47.94 -75.29 -6.84
CA TYR G 519 -47.68 -75.18 -8.28
C TYR G 519 -46.42 -75.92 -8.69
N GLY G 520 -45.56 -76.29 -7.74
CA GLY G 520 -44.30 -76.90 -8.10
C GLY G 520 -44.47 -78.17 -8.91
N GLN G 521 -45.06 -79.20 -8.30
CA GLN G 521 -45.24 -80.47 -9.00
C GLN G 521 -45.98 -80.28 -10.32
N ILE G 522 -46.88 -79.29 -10.39
CA ILE G 522 -47.53 -79.00 -11.66
C ILE G 522 -46.49 -78.74 -12.74
N ASN G 523 -45.49 -77.92 -12.42
CA ASN G 523 -44.44 -77.65 -13.39
C ASN G 523 -43.62 -78.90 -13.67
N ASP G 524 -43.42 -79.75 -12.67
CA ASP G 524 -42.85 -81.07 -12.95
C ASP G 524 -43.77 -81.87 -13.84
N ILE G 525 -45.06 -81.94 -13.47
CA ILE G 525 -46.04 -82.62 -14.31
C ILE G 525 -45.98 -82.05 -15.71
N ILE G 526 -45.78 -80.74 -15.82
CA ILE G 526 -45.57 -80.13 -17.13
C ILE G 526 -44.30 -80.70 -17.76
N GLY G 527 -43.22 -80.77 -17.00
CA GLY G 527 -42.02 -81.43 -17.50
C GLY G 527 -42.29 -82.88 -17.85
N MET G 528 -43.05 -83.58 -17.01
CA MET G 528 -43.41 -84.96 -17.31
C MET G 528 -44.22 -85.06 -18.60
N PHE G 529 -45.30 -84.30 -18.70
CA PHE G 529 -46.26 -84.54 -19.77
C PHE G 529 -45.66 -84.21 -21.13
N ALA G 530 -44.70 -83.29 -21.18
CA ALA G 530 -44.05 -82.95 -22.44
C ALA G 530 -42.86 -83.86 -22.73
N ALA G 531 -42.34 -84.56 -21.72
CA ALA G 531 -41.05 -85.24 -21.80
C ALA G 531 -41.08 -86.59 -22.49
N ASP G 532 -42.15 -87.09 -23.11
CA ASP G 532 -42.18 -88.45 -23.62
C ASP G 532 -41.86 -89.45 -22.51
N LYS G 533 -42.71 -89.40 -21.49
CA LYS G 533 -42.51 -90.18 -20.27
C LYS G 533 -43.74 -90.90 -19.76
N ILE G 534 -44.91 -90.68 -20.34
CA ILE G 534 -46.15 -91.15 -19.71
C ILE G 534 -46.17 -92.68 -19.71
N PRO G 535 -46.54 -93.33 -18.60
CA PRO G 535 -46.65 -94.79 -18.60
C PRO G 535 -47.79 -95.28 -19.48
N THR G 536 -47.81 -96.59 -19.68
CA THR G 536 -48.91 -97.29 -20.35
C THR G 536 -49.84 -97.97 -19.36
N THR G 537 -49.64 -97.76 -18.06
CA THR G 537 -50.29 -98.56 -17.05
C THR G 537 -50.83 -97.67 -15.94
N THR G 538 -52.02 -97.99 -15.45
CA THR G 538 -52.59 -97.28 -14.30
C THR G 538 -51.82 -97.60 -13.03
N ILE G 539 -51.72 -96.60 -12.16
CA ILE G 539 -51.26 -96.79 -10.80
C ILE G 539 -52.18 -96.00 -9.88
N GLN G 540 -52.37 -96.52 -8.67
CA GLN G 540 -53.12 -95.80 -7.64
C GLN G 540 -52.64 -96.24 -6.28
N ALA G 541 -52.78 -95.34 -5.31
CA ALA G 541 -52.33 -95.58 -3.96
C ALA G 541 -53.45 -96.21 -3.13
N ASN G 542 -53.16 -96.46 -1.86
CA ASN G 542 -54.14 -96.97 -0.92
C ASN G 542 -53.75 -96.55 0.48
N ASN G 543 -54.77 -96.23 1.28
CA ASN G 543 -54.55 -95.91 2.69
C ASN G 543 -53.76 -94.62 2.85
N GLY G 544 -53.52 -93.91 1.75
CA GLY G 544 -52.80 -92.65 1.79
C GLY G 544 -51.32 -92.75 1.48
N GLN G 545 -50.83 -93.81 0.84
CA GLN G 545 -49.41 -93.94 0.60
C GLN G 545 -49.12 -94.83 -0.59
N ILE G 546 -48.15 -94.40 -1.40
CA ILE G 546 -47.32 -95.28 -2.21
C ILE G 546 -45.94 -95.26 -1.59
N ASN G 547 -45.37 -96.44 -1.35
CA ASN G 547 -44.21 -96.51 -0.49
C ASN G 547 -43.08 -95.64 -1.05
N ASN G 548 -42.06 -95.44 -0.22
CA ASN G 548 -40.94 -94.59 -0.62
C ASN G 548 -40.39 -95.01 -1.98
N ALA G 549 -40.13 -96.31 -2.16
CA ALA G 549 -39.60 -96.79 -3.43
C ALA G 549 -40.60 -96.54 -4.56
N ASP G 550 -41.88 -96.78 -4.32
CA ASP G 550 -42.88 -96.63 -5.37
C ASP G 550 -42.84 -95.22 -5.95
N TYR G 551 -42.84 -94.21 -5.08
CA TYR G 551 -42.63 -92.86 -5.58
C TYR G 551 -41.21 -92.67 -6.09
N THR G 552 -40.23 -93.26 -5.39
CA THR G 552 -38.84 -92.99 -5.70
C THR G 552 -38.56 -93.18 -7.18
N GLN G 553 -39.00 -94.31 -7.74
CA GLN G 553 -38.81 -94.55 -9.16
C GLN G 553 -39.57 -93.53 -10.01
N ILE G 554 -40.69 -93.01 -9.51
CA ILE G 554 -41.41 -91.99 -10.25
C ILE G 554 -40.56 -90.73 -10.38
N GLN G 555 -39.90 -90.33 -9.29
CA GLN G 555 -39.00 -89.19 -9.38
C GLN G 555 -37.91 -89.42 -10.41
N GLN G 556 -37.38 -90.64 -10.50
CA GLN G 556 -36.44 -90.96 -11.56
C GLN G 556 -37.04 -90.59 -12.91
N LEU G 557 -38.28 -90.98 -13.15
CA LEU G 557 -38.99 -90.52 -14.35
C LEU G 557 -39.08 -89.00 -14.35
N MET G 558 -39.35 -88.40 -13.20
CA MET G 558 -39.45 -86.95 -13.14
C MET G 558 -38.12 -86.30 -13.50
N LYS G 559 -37.02 -86.84 -12.98
CA LYS G 559 -35.71 -86.29 -13.32
C LYS G 559 -35.37 -86.59 -14.78
N ASP G 560 -35.86 -87.71 -15.30
CA ASP G 560 -35.74 -87.97 -16.72
C ASP G 560 -36.47 -86.92 -17.54
N SER G 561 -37.69 -86.57 -17.12
CA SER G 561 -38.45 -85.53 -17.80
C SER G 561 -37.77 -84.18 -17.66
N GLN G 562 -37.33 -83.84 -16.46
CA GLN G 562 -36.68 -82.54 -16.24
C GLN G 562 -35.44 -82.41 -17.10
N ALA G 563 -34.68 -83.49 -17.27
CA ALA G 563 -33.55 -83.47 -18.19
C ALA G 563 -34.00 -83.03 -19.57
N THR G 564 -35.22 -83.41 -19.95
CA THR G 564 -35.70 -83.12 -21.30
C THR G 564 -36.41 -81.77 -21.36
N VAL G 565 -37.13 -81.41 -20.31
CA VAL G 565 -38.07 -80.29 -20.34
C VAL G 565 -37.72 -79.29 -19.26
N ASP G 566 -37.85 -78.00 -19.59
CA ASP G 566 -37.70 -76.90 -18.65
C ASP G 566 -39.04 -76.20 -18.48
N VAL G 567 -39.32 -75.77 -17.25
CA VAL G 567 -40.60 -75.14 -16.92
C VAL G 567 -40.31 -73.96 -16.00
N SER G 568 -41.12 -72.91 -16.12
CA SER G 568 -40.84 -71.71 -15.36
C SER G 568 -42.06 -70.81 -15.29
N MET G 569 -42.25 -70.21 -14.11
CA MET G 569 -43.14 -69.07 -13.94
C MET G 569 -42.33 -67.81 -14.19
N ASP G 570 -42.82 -66.95 -15.07
CA ASP G 570 -42.04 -65.84 -15.59
C ASP G 570 -42.39 -64.53 -14.91
N TYR G 571 -41.65 -63.50 -15.31
CA TYR G 571 -41.43 -62.33 -14.44
C TYR G 571 -42.72 -61.57 -14.12
N LYS G 572 -43.71 -61.60 -15.01
CA LYS G 572 -44.99 -60.97 -14.71
C LYS G 572 -46.00 -61.97 -14.17
N GLY G 573 -45.54 -62.97 -13.42
CA GLY G 573 -46.41 -63.96 -12.86
C GLY G 573 -46.94 -64.96 -13.85
N ARG G 574 -46.65 -64.81 -15.13
CA ARG G 574 -47.15 -65.73 -16.13
C ARG G 574 -46.37 -67.05 -16.04
N ILE G 575 -46.72 -68.00 -16.89
CA ILE G 575 -46.13 -69.33 -16.88
C ILE G 575 -45.51 -69.57 -18.23
N SER G 576 -44.27 -70.08 -18.25
CA SER G 576 -43.53 -70.22 -19.49
C SER G 576 -42.75 -71.52 -19.50
N VAL G 577 -42.46 -72.00 -20.70
CA VAL G 577 -41.75 -73.25 -20.92
C VAL G 577 -40.83 -73.06 -22.13
N THR G 578 -39.63 -73.65 -22.05
CA THR G 578 -38.63 -73.48 -23.10
C THR G 578 -38.11 -74.84 -23.55
N ASP G 579 -37.89 -74.96 -24.86
CA ASP G 579 -37.21 -76.11 -25.45
C ASP G 579 -35.73 -75.77 -25.45
N LYS G 580 -34.98 -76.46 -24.59
CA LYS G 580 -33.56 -76.17 -24.39
C LYS G 580 -32.70 -76.62 -25.56
N LEU G 581 -33.32 -77.12 -26.64
CA LEU G 581 -32.59 -77.80 -27.69
C LEU G 581 -32.58 -77.08 -29.03
N SER G 582 -33.46 -76.11 -29.25
CA SER G 582 -33.62 -75.54 -30.58
C SER G 582 -34.16 -74.12 -30.45
N SER G 583 -34.44 -73.52 -31.61
CA SER G 583 -35.17 -72.26 -31.69
C SER G 583 -36.65 -72.49 -31.97
N GLY G 584 -37.01 -73.69 -32.41
CA GLY G 584 -38.39 -74.15 -32.42
C GLY G 584 -38.57 -75.24 -31.39
N THR G 585 -39.78 -75.80 -31.38
CA THR G 585 -40.06 -76.91 -30.47
C THR G 585 -41.21 -77.75 -31.03
N ASN G 586 -41.15 -79.05 -30.72
CA ASN G 586 -42.06 -80.09 -31.20
C ASN G 586 -43.42 -80.05 -30.54
N ILE G 587 -43.73 -79.04 -29.73
CA ILE G 587 -44.82 -79.13 -28.77
C ILE G 587 -45.74 -77.93 -28.92
N GLU G 588 -47.04 -78.20 -28.91
CA GLU G 588 -48.07 -77.17 -28.80
C GLU G 588 -49.14 -77.73 -27.88
N ILE G 589 -49.82 -76.83 -27.16
CA ILE G 589 -50.66 -77.22 -26.04
C ILE G 589 -52.04 -76.60 -26.20
N SER G 590 -53.05 -77.30 -25.69
CA SER G 590 -54.39 -76.77 -25.55
C SER G 590 -55.00 -77.37 -24.29
N LEU G 591 -55.75 -76.55 -23.56
CA LEU G 591 -56.19 -76.92 -22.22
C LEU G 591 -57.59 -76.39 -21.96
N SER G 592 -58.28 -77.04 -21.02
CA SER G 592 -59.58 -76.60 -20.56
C SER G 592 -59.75 -76.98 -19.11
N ASP G 593 -60.59 -76.22 -18.41
CA ASP G 593 -61.06 -76.60 -17.08
C ASP G 593 -62.51 -77.04 -17.18
N SER G 594 -62.90 -77.93 -16.28
CA SER G 594 -64.27 -78.44 -16.27
C SER G 594 -65.26 -77.28 -16.22
N GLN G 595 -64.91 -76.20 -15.52
CA GLN G 595 -65.74 -75.03 -15.43
C GLN G 595 -65.50 -74.03 -16.55
N SER G 596 -64.49 -74.25 -17.39
CA SER G 596 -64.19 -73.32 -18.48
C SER G 596 -65.34 -73.27 -19.48
N GLY G 597 -66.01 -72.13 -19.55
CA GLY G 597 -67.05 -71.93 -20.55
C GLY G 597 -68.32 -72.71 -20.32
N GLN G 598 -68.61 -73.10 -19.09
CA GLN G 598 -69.83 -73.84 -18.78
C GLN G 598 -70.90 -72.86 -18.28
N PHE G 599 -71.49 -72.16 -19.25
CA PHE G 599 -72.47 -71.11 -19.01
C PHE G 599 -73.80 -71.71 -18.59
N PRO G 600 -74.79 -70.89 -18.24
CA PRO G 600 -76.15 -71.42 -18.02
C PRO G 600 -76.90 -71.57 -19.33
N ALA G 601 -77.78 -72.57 -19.38
CA ALA G 601 -78.52 -72.89 -20.59
C ALA G 601 -79.73 -71.98 -20.76
N PRO G 602 -80.25 -71.85 -21.99
CA PRO G 602 -81.42 -70.99 -22.21
C PRO G 602 -82.68 -71.64 -21.66
N PRO G 603 -83.80 -70.90 -21.60
CA PRO G 603 -84.01 -69.51 -22.06
C PRO G 603 -83.53 -68.47 -21.05
N PHE G 604 -83.58 -67.19 -21.42
CA PHE G 604 -83.11 -66.10 -20.59
C PHE G 604 -84.13 -64.96 -20.64
N THR G 605 -83.80 -63.88 -19.92
CA THR G 605 -84.66 -62.71 -19.83
C THR G 605 -83.79 -61.46 -19.92
N THR G 606 -84.45 -60.32 -20.17
CA THR G 606 -83.75 -59.05 -20.11
C THR G 606 -83.11 -58.84 -18.74
N THR G 607 -83.71 -59.37 -17.69
CA THR G 607 -83.02 -59.47 -16.41
C THR G 607 -81.91 -60.49 -16.53
N SER G 608 -80.68 -60.07 -16.20
CA SER G 608 -79.53 -60.93 -16.42
C SER G 608 -79.67 -62.24 -15.64
N THR G 609 -79.65 -63.35 -16.36
CA THR G 609 -79.57 -64.67 -15.76
C THR G 609 -78.11 -65.05 -15.60
N VAL G 610 -77.71 -65.32 -14.37
CA VAL G 610 -76.30 -65.42 -14.00
C VAL G 610 -76.00 -66.83 -13.51
N GLN G 611 -74.75 -67.23 -13.66
CA GLN G 611 -74.30 -68.57 -13.32
C GLN G 611 -72.79 -68.55 -13.18
N ASN G 612 -72.28 -69.16 -12.12
CA ASN G 612 -70.92 -68.91 -11.65
C ASN G 612 -69.89 -69.42 -12.65
N GLY G 613 -68.74 -68.75 -12.66
CA GLY G 613 -67.77 -68.88 -13.72
C GLY G 613 -66.68 -69.90 -13.46
N PRO G 614 -65.59 -69.80 -14.20
CA PRO G 614 -64.52 -70.81 -14.12
C PRO G 614 -63.55 -70.54 -12.98
N ASN G 615 -62.76 -71.57 -12.67
CA ASN G 615 -61.68 -71.41 -11.71
C ASN G 615 -60.46 -70.77 -12.33
N PHE G 616 -60.15 -71.10 -13.59
CA PHE G 616 -58.89 -70.71 -14.20
C PHE G 616 -59.08 -70.39 -15.68
N SER G 617 -58.13 -69.60 -16.18
CA SER G 617 -57.84 -69.49 -17.60
C SER G 617 -56.33 -69.52 -17.76
N PHE G 618 -55.87 -69.99 -18.92
CA PHE G 618 -54.46 -70.31 -19.07
C PHE G 618 -53.90 -69.63 -20.31
N SER G 619 -54.70 -69.57 -21.36
CA SER G 619 -54.48 -68.72 -22.51
C SER G 619 -55.84 -68.23 -22.96
N ALA G 620 -55.88 -67.06 -23.59
CA ALA G 620 -57.17 -66.43 -23.84
C ALA G 620 -57.09 -65.49 -25.04
N ASN G 621 -58.26 -65.27 -25.65
CA ASN G 621 -58.48 -64.17 -26.57
C ASN G 621 -58.69 -62.90 -25.74
N ASN G 622 -57.59 -62.45 -25.15
CA ASN G 622 -57.66 -61.55 -24.01
C ASN G 622 -58.23 -60.19 -24.40
N SER G 623 -58.96 -59.57 -23.47
CA SER G 623 -59.33 -58.17 -23.59
C SER G 623 -58.08 -57.32 -23.61
N LEU G 624 -58.23 -56.07 -24.06
CA LEU G 624 -57.10 -55.17 -24.22
C LEU G 624 -57.02 -54.24 -23.01
N THR G 625 -55.96 -54.40 -22.22
CA THR G 625 -55.72 -53.59 -21.04
C THR G 625 -54.65 -52.55 -21.33
N ILE G 626 -54.95 -51.30 -20.99
CA ILE G 626 -53.92 -50.29 -20.78
C ILE G 626 -54.19 -49.69 -19.41
N ASP G 627 -53.78 -50.38 -18.36
CA ASP G 627 -53.63 -49.80 -17.03
C ASP G 627 -53.03 -50.88 -16.14
N GLU G 628 -51.99 -50.53 -15.40
CA GLU G 628 -51.37 -51.49 -14.50
C GLU G 628 -50.43 -50.77 -13.56
N PRO G 629 -50.25 -51.27 -12.33
CA PRO G 629 -49.17 -50.73 -11.51
C PRO G 629 -47.80 -50.96 -12.11
N ASN G 630 -47.61 -52.08 -12.80
CA ASN G 630 -46.28 -52.62 -13.09
C ASN G 630 -45.60 -51.88 -14.23
N VAL G 631 -44.41 -52.36 -14.60
CA VAL G 631 -43.57 -51.75 -15.62
C VAL G 631 -42.71 -52.82 -16.28
N ASP G 632 -42.49 -52.66 -17.59
CA ASP G 632 -41.44 -53.37 -18.30
C ASP G 632 -40.91 -52.40 -19.36
N ILE G 633 -39.87 -51.66 -19.02
CA ILE G 633 -39.49 -50.50 -19.82
C ILE G 633 -39.16 -50.91 -21.25
N ILE G 634 -38.29 -51.91 -21.42
CA ILE G 634 -37.77 -52.20 -22.75
C ILE G 634 -38.85 -52.82 -23.62
N LYS G 635 -39.56 -53.83 -23.10
CA LYS G 635 -40.63 -54.45 -23.89
C LYS G 635 -41.69 -53.42 -24.24
N ASP G 636 -41.98 -52.51 -23.33
CA ASP G 636 -42.87 -51.40 -23.65
C ASP G 636 -42.32 -50.59 -24.83
N LEU G 637 -41.06 -50.16 -24.73
CA LEU G 637 -40.49 -49.28 -25.76
C LEU G 637 -40.61 -49.90 -27.14
N ASP G 638 -40.18 -51.15 -27.29
CA ASP G 638 -40.28 -51.82 -28.59
C ASP G 638 -41.73 -51.97 -29.03
N SER G 639 -42.63 -52.27 -28.10
CA SER G 639 -44.04 -52.38 -28.44
C SER G 639 -44.59 -51.05 -28.95
N MET G 640 -44.20 -49.94 -28.33
CA MET G 640 -44.69 -48.65 -28.78
C MET G 640 -44.12 -48.30 -30.15
N ILE G 641 -42.90 -48.75 -30.43
CA ILE G 641 -42.34 -48.63 -31.77
C ILE G 641 -43.23 -49.36 -32.77
N ASP G 642 -43.74 -50.53 -32.39
CA ASP G 642 -44.68 -51.24 -33.25
C ASP G 642 -45.90 -50.39 -33.54
N ALA G 643 -46.44 -49.74 -32.50
CA ALA G 643 -47.56 -48.84 -32.72
C ALA G 643 -47.18 -47.71 -33.66
N VAL G 644 -45.98 -47.16 -33.48
CA VAL G 644 -45.57 -45.99 -34.26
C VAL G 644 -45.37 -46.37 -35.73
N LEU G 645 -44.66 -47.46 -35.99
CA LEU G 645 -44.30 -47.77 -37.38
C LEU G 645 -45.54 -47.86 -38.26
N LYS G 646 -46.53 -48.65 -37.85
CA LYS G 646 -47.78 -48.71 -38.60
C LYS G 646 -48.70 -47.57 -38.22
N GLY G 647 -48.41 -46.89 -37.11
CA GLY G 647 -49.18 -45.74 -36.68
C GLY G 647 -50.35 -46.04 -35.77
N ASN G 648 -50.20 -46.96 -34.82
CA ASN G 648 -51.32 -47.31 -33.94
C ASN G 648 -51.50 -46.24 -32.87
N MET G 649 -52.51 -45.40 -33.07
CA MET G 649 -53.13 -44.68 -31.95
C MET G 649 -54.35 -45.42 -31.44
N ARG G 650 -54.99 -46.20 -32.30
CA ARG G 650 -56.13 -47.05 -31.99
C ARG G 650 -55.77 -48.50 -32.29
N ALA G 651 -56.35 -49.41 -31.52
CA ALA G 651 -56.06 -50.83 -31.63
C ALA G 651 -57.19 -51.56 -32.33
N ASP G 652 -56.83 -52.59 -33.07
CA ASP G 652 -57.79 -53.51 -33.64
C ASP G 652 -57.05 -54.77 -34.07
N SER G 653 -57.78 -55.88 -34.13
CA SER G 653 -57.16 -57.14 -34.51
C SER G 653 -56.47 -57.05 -35.85
N GLU G 654 -57.01 -56.23 -36.76
CA GLU G 654 -56.47 -56.15 -38.11
C GLU G 654 -54.99 -55.78 -38.10
N SER G 655 -54.58 -54.91 -37.19
CA SER G 655 -53.16 -54.62 -37.04
C SER G 655 -52.41 -55.91 -36.76
N GLU G 656 -51.26 -56.07 -37.42
CA GLU G 656 -50.45 -57.27 -37.20
C GLU G 656 -50.28 -57.53 -35.71
N ASN G 657 -50.05 -56.48 -34.94
CA ASN G 657 -50.30 -56.52 -33.51
C ASN G 657 -51.80 -56.30 -33.31
N PRO G 658 -52.56 -57.32 -32.95
CA PRO G 658 -54.02 -57.17 -32.96
C PRO G 658 -54.54 -56.25 -31.87
N ARG G 659 -53.65 -55.69 -31.05
CA ARG G 659 -54.11 -55.05 -29.81
C ARG G 659 -53.39 -53.75 -29.45
N ASN G 660 -52.89 -52.98 -30.41
CA ASN G 660 -51.97 -51.89 -30.12
C ASN G 660 -52.63 -50.52 -30.27
N THR G 661 -52.62 -49.75 -29.18
CA THR G 661 -52.80 -48.29 -29.21
C THR G 661 -51.53 -47.58 -28.76
N GLY G 662 -50.38 -48.20 -29.00
CA GLY G 662 -49.17 -47.86 -28.24
C GLY G 662 -48.98 -46.39 -27.99
N MET G 663 -49.14 -45.55 -29.02
CA MET G 663 -48.82 -44.14 -28.86
C MET G 663 -49.63 -43.48 -27.75
N GLN G 664 -50.87 -43.92 -27.52
CA GLN G 664 -51.63 -43.39 -26.41
C GLN G 664 -51.18 -44.01 -25.08
N GLY G 665 -50.86 -45.31 -25.09
CA GLY G 665 -50.33 -45.93 -23.89
C GLY G 665 -49.02 -45.31 -23.45
N ALA G 666 -48.22 -44.82 -24.40
CA ALA G 666 -46.97 -44.17 -24.05
C ALA G 666 -47.20 -42.96 -23.16
N LEU G 667 -48.18 -42.11 -23.51
CA LEU G 667 -48.57 -41.02 -22.62
C LEU G 667 -48.90 -41.54 -21.24
N GLU G 668 -49.66 -42.64 -21.19
CA GLU G 668 -50.07 -43.21 -19.92
C GLU G 668 -48.88 -43.78 -19.15
N ARG G 669 -47.97 -44.46 -19.85
CA ARG G 669 -46.78 -44.98 -19.19
C ARG G 669 -45.84 -43.86 -18.78
N LEU G 670 -45.80 -42.78 -19.57
CA LEU G 670 -44.87 -41.70 -19.28
C LEU G 670 -45.15 -41.07 -17.92
N ASP G 671 -46.31 -40.43 -17.77
CA ASP G 671 -46.67 -39.84 -16.49
C ASP G 671 -46.69 -40.89 -15.39
N HIS G 672 -47.10 -42.11 -15.74
CA HIS G 672 -46.95 -43.23 -14.81
C HIS G 672 -45.52 -43.30 -14.30
N LEU G 673 -44.55 -43.21 -15.21
CA LEU G 673 -43.15 -43.27 -14.83
C LEU G 673 -42.68 -41.95 -14.21
N ALA G 674 -43.31 -40.84 -14.59
CA ALA G 674 -42.87 -39.54 -14.10
C ALA G 674 -42.95 -39.46 -12.58
N ASP G 675 -44.15 -39.57 -12.03
CA ASP G 675 -44.30 -39.54 -10.58
C ASP G 675 -43.49 -40.66 -9.93
N HIS G 676 -43.42 -41.82 -10.59
CA HIS G 676 -42.55 -42.88 -10.11
C HIS G 676 -41.13 -42.35 -9.90
N VAL G 677 -40.58 -41.68 -10.90
CA VAL G 677 -39.23 -41.15 -10.77
C VAL G 677 -39.18 -40.08 -9.68
N SER G 678 -40.25 -39.30 -9.53
CA SER G 678 -40.29 -38.32 -8.45
C SER G 678 -40.03 -38.99 -7.11
N LYS G 679 -40.73 -40.08 -6.85
CA LYS G 679 -40.48 -40.85 -5.64
C LYS G 679 -39.03 -41.32 -5.59
N LEU G 680 -38.49 -41.67 -6.75
CA LEU G 680 -37.11 -42.17 -6.80
C LEU G 680 -36.12 -41.11 -6.36
N ASN G 681 -36.20 -39.91 -6.95
CA ASN G 681 -35.16 -38.92 -6.70
C ASN G 681 -35.13 -38.47 -5.25
N THR G 682 -36.30 -38.20 -4.67
CA THR G 682 -36.34 -37.80 -3.26
C THR G 682 -35.69 -38.86 -2.38
N THR G 683 -35.99 -40.12 -2.64
CA THR G 683 -35.34 -41.19 -1.90
C THR G 683 -33.83 -41.12 -2.10
N MET G 684 -33.41 -40.90 -3.34
CA MET G 684 -31.99 -40.84 -3.64
C MET G 684 -31.35 -39.57 -3.06
N GLY G 685 -31.97 -38.42 -3.28
CA GLY G 685 -31.35 -37.18 -2.85
C GLY G 685 -31.21 -37.07 -1.35
N ALA G 686 -32.29 -37.38 -0.63
CA ALA G 686 -32.28 -37.18 0.83
C ALA G 686 -31.43 -38.23 1.52
N TYR G 687 -31.21 -39.39 0.89
CA TYR G 687 -30.11 -40.25 1.32
C TYR G 687 -28.85 -39.43 1.56
N HIS G 688 -28.38 -38.77 0.50
CA HIS G 688 -27.07 -38.16 0.51
C HIS G 688 -26.95 -37.14 1.64
N ASN G 689 -27.95 -36.27 1.77
CA ASN G 689 -27.90 -35.26 2.82
C ASN G 689 -27.79 -35.89 4.19
N THR G 690 -28.47 -37.02 4.39
CA THR G 690 -28.38 -37.72 5.66
C THR G 690 -26.94 -38.15 5.93
N ILE G 691 -26.28 -38.73 4.92
CA ILE G 691 -24.92 -39.20 5.11
C ILE G 691 -23.98 -38.04 5.39
N GLU G 692 -24.16 -36.93 4.67
CA GLU G 692 -23.36 -35.74 4.93
C GLU G 692 -23.46 -35.35 6.39
N GLY G 693 -24.68 -35.33 6.94
CA GLY G 693 -24.84 -35.02 8.34
C GLY G 693 -24.04 -35.95 9.24
N VAL G 694 -24.12 -37.25 8.97
CA VAL G 694 -23.32 -38.20 9.73
C VAL G 694 -21.84 -37.87 9.58
N ASN G 695 -21.39 -37.72 8.34
CA ASN G 695 -19.99 -37.42 8.09
C ASN G 695 -19.59 -36.12 8.77
N THR G 696 -20.40 -35.08 8.59
CA THR G 696 -20.07 -33.78 9.16
C THR G 696 -20.18 -33.79 10.68
N ARG G 697 -21.30 -34.30 11.20
CA ARG G 697 -21.45 -34.35 12.64
C ARG G 697 -20.33 -35.17 13.27
N THR G 698 -19.98 -36.28 12.63
CA THR G 698 -18.84 -37.06 13.10
C THR G 698 -17.58 -36.21 13.13
N SER G 699 -17.46 -35.26 12.21
CA SER G 699 -16.29 -34.38 12.20
C SER G 699 -16.18 -33.63 13.52
N PHE G 700 -17.27 -32.99 13.94
CA PHE G 700 -17.24 -32.23 15.17
C PHE G 700 -17.04 -33.16 16.37
N LEU G 701 -17.69 -34.32 16.34
CA LEU G 701 -17.57 -35.26 17.45
C LEU G 701 -16.14 -35.71 17.65
N SER G 702 -15.44 -36.01 16.55
CA SER G 702 -14.03 -36.36 16.66
C SER G 702 -13.25 -35.22 17.30
N VAL G 703 -13.49 -33.99 16.84
CA VAL G 703 -12.81 -32.84 17.41
C VAL G 703 -13.08 -32.76 18.91
N ASN G 704 -14.33 -33.00 19.31
CA ASN G 704 -14.66 -32.98 20.73
C ASN G 704 -13.77 -33.94 21.50
N VAL G 705 -13.70 -35.19 21.06
CA VAL G 705 -12.88 -36.17 21.75
C VAL G 705 -11.42 -35.78 21.68
N GLN G 706 -10.95 -35.36 20.50
CA GLN G 706 -9.57 -34.91 20.38
C GLN G 706 -9.25 -33.83 21.39
N SER G 707 -10.15 -32.85 21.52
CA SER G 707 -9.98 -31.83 22.55
C SER G 707 -9.95 -32.47 23.94
N ILE G 708 -10.89 -33.35 24.21
CA ILE G 708 -10.92 -34.02 25.51
C ILE G 708 -9.66 -34.83 25.72
N LYS G 709 -9.21 -35.53 24.68
CA LYS G 709 -7.94 -36.24 24.77
C LYS G 709 -6.82 -35.30 25.21
N SER G 710 -6.70 -34.17 24.53
CA SER G 710 -5.63 -33.22 24.85
C SER G 710 -5.76 -32.71 26.28
N ASN G 711 -6.99 -32.40 26.69
CA ASN G 711 -7.22 -31.91 28.04
C ASN G 711 -6.64 -32.85 29.08
N VAL G 712 -6.68 -34.15 28.80
CA VAL G 712 -6.30 -35.13 29.80
C VAL G 712 -4.80 -35.35 29.80
N ILE G 713 -4.21 -35.54 28.63
CA ILE G 713 -2.85 -36.07 28.57
C ILE G 713 -1.79 -34.99 28.45
N ASP G 714 -2.04 -33.92 27.71
CA ASP G 714 -1.00 -33.01 27.28
C ASP G 714 -0.62 -32.03 28.38
N VAL G 715 0.68 -31.81 28.54
CA VAL G 715 1.19 -30.94 29.61
C VAL G 715 1.30 -29.51 29.09
N ASP G 716 1.26 -28.57 30.03
CA ASP G 716 1.62 -27.18 29.72
C ASP G 716 3.13 -27.02 29.90
N TYR G 717 3.80 -26.62 28.83
CA TYR G 717 5.26 -26.46 28.90
C TYR G 717 5.66 -25.43 29.94
N GLY G 718 4.99 -24.27 29.95
CA GLY G 718 5.37 -23.22 30.87
C GLY G 718 5.19 -23.64 32.32
N GLU G 719 3.99 -24.07 32.67
CA GLU G 719 3.70 -24.46 34.04
C GLU G 719 4.64 -25.58 34.48
N ALA G 720 4.82 -26.59 33.63
CA ALA G 720 5.71 -27.70 33.96
C ALA G 720 7.16 -27.23 34.05
N MET G 721 7.66 -26.56 33.01
CA MET G 721 9.04 -26.08 33.05
C MET G 721 9.26 -25.11 34.20
N MET G 722 8.32 -24.18 34.39
CA MET G 722 8.41 -23.30 35.54
C MET G 722 8.54 -24.11 36.82
N ASN G 723 7.68 -25.13 36.98
CA ASN G 723 7.81 -25.98 38.15
C ASN G 723 9.06 -26.84 38.08
N LEU G 724 9.50 -27.21 36.88
CA LEU G 724 10.82 -27.81 36.75
C LEU G 724 11.87 -26.86 37.33
N MET G 725 11.77 -25.58 36.98
CA MET G 725 12.73 -24.60 37.45
C MET G 725 12.69 -24.46 38.96
N GLN G 726 11.51 -24.35 39.55
CA GLN G 726 11.43 -24.10 40.99
C GLN G 726 12.10 -25.24 41.76
N VAL G 727 11.87 -26.48 41.34
CA VAL G 727 12.58 -27.61 41.92
C VAL G 727 14.07 -27.51 41.62
N GLN G 728 14.41 -27.25 40.35
CA GLN G 728 15.81 -27.16 39.95
C GLN G 728 16.54 -26.09 40.76
N LEU G 729 15.85 -25.00 41.10
CA LEU G 729 16.47 -23.97 41.93
C LEU G 729 17.02 -24.57 43.21
N ALA G 730 16.16 -25.16 44.03
CA ALA G 730 16.62 -25.81 45.26
C ALA G 730 17.62 -26.90 44.94
N TYR G 731 17.34 -27.70 43.92
CA TYR G 731 18.22 -28.82 43.58
C TYR G 731 19.61 -28.33 43.21
N GLN G 732 19.69 -27.38 42.27
CA GLN G 732 21.01 -26.96 41.79
C GLN G 732 21.83 -26.36 42.90
N ALA G 733 21.22 -25.50 43.73
CA ALA G 733 21.94 -24.92 44.86
C ALA G 733 22.47 -26.01 45.76
N SER G 734 21.65 -27.01 46.05
CA SER G 734 22.10 -28.12 46.89
C SER G 734 23.36 -28.75 46.32
N LEU G 735 23.46 -28.83 44.99
CA LEU G 735 24.68 -29.35 44.39
C LEU G 735 25.87 -28.49 44.75
N LYS G 736 25.77 -27.18 44.51
CA LYS G 736 26.84 -26.28 44.93
C LYS G 736 27.04 -26.34 46.43
N ALA G 737 25.94 -26.49 47.18
CA ALA G 737 26.07 -26.66 48.63
C ALA G 737 26.87 -27.90 48.96
N SER G 738 26.62 -29.00 48.26
CA SER G 738 27.35 -30.24 48.52
C SER G 738 28.85 -30.01 48.39
N THR G 739 29.26 -29.34 47.31
CA THR G 739 30.68 -29.02 47.15
C THR G 739 31.18 -28.22 48.35
N THR G 740 30.45 -27.17 48.71
CA THR G 740 30.87 -26.33 49.83
C THR G 740 30.97 -27.15 51.12
N ILE G 741 30.01 -28.04 51.34
CA ILE G 741 30.05 -28.89 52.54
C ILE G 741 31.38 -29.65 52.58
N SER G 742 31.75 -30.28 51.48
CA SER G 742 33.03 -30.97 51.42
C SER G 742 34.19 -29.98 51.64
N GLN G 743 34.08 -28.80 51.04
CA GLN G 743 35.15 -27.82 51.17
C GLN G 743 35.38 -27.42 52.62
N LEU G 744 34.31 -27.24 53.39
CA LEU G 744 34.47 -26.98 54.81
C LEU G 744 35.14 -28.16 55.50
N SER G 745 34.72 -29.37 55.14
CA SER G 745 35.31 -30.56 55.75
C SER G 745 36.81 -30.57 55.56
N LEU G 746 37.27 -30.35 54.34
CA LEU G 746 38.72 -30.41 54.04
C LEU G 746 39.54 -29.29 54.67
N LEU G 747 38.89 -28.34 55.33
CA LEU G 747 39.60 -27.19 55.91
C LEU G 747 40.48 -27.40 57.14
N ASN G 748 40.04 -28.22 58.08
CA ASN G 748 40.76 -28.34 59.36
C ASN G 748 41.92 -29.34 59.45
N TYR G 749 42.87 -29.30 58.52
CA TYR G 749 43.95 -30.30 58.53
C TYR G 749 45.35 -29.71 58.46
N MET G 750 45.49 -28.45 58.88
CA MET G 750 46.80 -27.84 58.97
C MET G 750 47.75 -28.74 59.75
N MET H 1 40.57 -27.02 83.10
CA MET H 1 40.71 -27.67 84.43
C MET H 1 41.42 -29.01 84.25
N ARG H 2 41.93 -29.58 85.35
CA ARG H 2 42.98 -30.58 85.27
C ARG H 2 42.57 -31.78 84.42
N ILE H 3 41.64 -32.60 84.90
CA ILE H 3 41.22 -33.73 84.07
C ILE H 3 40.35 -33.23 82.92
N THR H 4 39.61 -32.14 83.14
CA THR H 4 38.76 -31.59 82.10
C THR H 4 39.55 -31.37 80.82
N ASN H 5 40.84 -31.01 80.97
CA ASN H 5 41.70 -30.90 79.81
C ASN H 5 41.71 -32.19 79.01
N LYS H 6 41.60 -33.33 79.67
CA LYS H 6 41.35 -34.56 78.94
C LYS H 6 40.00 -34.49 78.24
N LEU H 7 38.95 -34.16 78.99
CA LEU H 7 37.64 -33.99 78.39
C LEU H 7 37.65 -32.91 77.32
N ASN H 8 38.51 -31.90 77.47
CA ASN H 8 38.46 -30.78 76.53
C ASN H 8 38.90 -31.19 75.14
N PHE H 9 39.89 -32.08 75.00
CA PHE H 9 40.23 -32.51 73.66
C PHE H 9 39.03 -33.20 73.01
N THR H 10 38.18 -33.82 73.84
CA THR H 10 36.87 -34.25 73.34
C THR H 10 35.96 -33.06 73.12
N ASN H 11 35.88 -32.16 74.11
CA ASN H 11 34.96 -31.05 74.01
C ASN H 11 35.20 -30.25 72.74
N SER H 12 36.46 -30.16 72.31
CA SER H 12 36.76 -29.56 71.02
C SER H 12 35.95 -30.25 69.92
N VAL H 13 36.05 -31.58 69.86
CA VAL H 13 35.25 -32.33 68.89
C VAL H 13 33.78 -32.26 69.25
N ASN H 14 33.46 -32.33 70.54
CA ASN H 14 32.07 -32.30 70.96
C ASN H 14 31.39 -31.02 70.48
N ASN H 15 32.01 -29.87 70.75
CA ASN H 15 31.49 -28.62 70.22
C ASN H 15 31.48 -28.66 68.69
N SER H 16 32.53 -29.21 68.08
CA SER H 16 32.58 -29.31 66.64
C SER H 16 31.44 -30.19 66.12
N MET H 17 31.20 -31.32 66.78
CA MET H 17 30.15 -32.21 66.30
C MET H 17 28.79 -31.52 66.31
N GLY H 18 28.59 -30.55 67.21
CA GLY H 18 27.35 -29.79 67.16
C GLY H 18 27.20 -29.05 65.84
N GLY H 19 28.25 -28.35 65.42
CA GLY H 19 28.20 -27.71 64.11
C GLY H 19 28.15 -28.72 62.99
N GLN H 20 28.84 -29.85 63.16
CA GLN H 20 28.79 -30.90 62.15
C GLN H 20 27.35 -31.32 61.89
N SER H 21 26.58 -31.54 62.96
CA SER H 21 25.16 -31.87 62.79
C SER H 21 24.43 -30.74 62.09
N ALA H 22 24.67 -29.50 62.53
CA ALA H 22 23.90 -28.36 62.03
C ALA H 22 24.04 -28.21 60.52
N LEU H 23 25.27 -28.22 60.02
CA LEU H 23 25.50 -27.97 58.61
C LEU H 23 24.72 -28.96 57.75
N TYR H 24 24.79 -30.24 58.09
CA TYR H 24 23.99 -31.21 57.37
C TYR H 24 22.51 -31.02 57.66
N GLN H 25 22.17 -30.80 58.93
CA GLN H 25 20.78 -30.59 59.30
C GLN H 25 20.18 -29.52 58.38
N ILE H 26 20.97 -28.50 58.07
CA ILE H 26 20.58 -27.55 57.03
C ILE H 26 20.50 -28.26 55.69
N SER H 27 21.48 -29.09 55.39
CA SER H 27 21.59 -29.68 54.05
C SER H 27 20.34 -30.44 53.66
N GLN H 28 19.80 -31.26 54.55
CA GLN H 28 18.53 -31.92 54.22
C GLN H 28 17.41 -30.90 54.09
N GLN H 29 17.41 -29.86 54.91
CA GLN H 29 16.45 -28.79 54.66
C GLN H 29 16.71 -28.13 53.31
N LEU H 30 17.97 -27.93 52.94
CA LEU H 30 18.28 -27.51 51.58
C LEU H 30 17.82 -28.54 50.57
N ALA H 31 18.19 -29.80 50.79
CA ALA H 31 17.77 -30.86 49.88
C ALA H 31 16.26 -30.99 49.85
N SER H 32 15.62 -30.96 51.02
CA SER H 32 14.15 -31.02 51.05
C SER H 32 13.55 -29.71 50.56
N GLY H 33 14.28 -28.61 50.70
CA GLY H 33 13.71 -27.32 50.38
C GLY H 33 12.50 -26.99 51.21
N LEU H 34 12.49 -27.40 52.48
CA LEU H 34 11.34 -27.22 53.36
C LEU H 34 11.83 -26.68 54.70
N LYS H 35 10.96 -25.95 55.39
CA LYS H 35 11.31 -25.50 56.73
C LYS H 35 11.72 -26.68 57.61
N ILE H 36 10.89 -27.73 57.61
CA ILE H 36 11.09 -28.88 58.48
C ILE H 36 10.86 -30.16 57.69
N GLN H 37 11.45 -31.24 58.18
CA GLN H 37 11.23 -32.58 57.64
C GLN H 37 10.88 -33.62 58.70
N ASN H 38 11.17 -33.37 59.98
CA ASN H 38 10.83 -34.29 61.06
C ASN H 38 9.56 -33.84 61.75
N SER H 39 8.88 -34.80 62.40
CA SER H 39 7.68 -34.47 63.16
C SER H 39 7.99 -33.59 64.35
N TYR H 40 9.21 -33.67 64.88
CA TYR H 40 9.59 -33.00 66.11
C TYR H 40 10.46 -31.77 65.86
N GLU H 41 10.61 -31.36 64.60
CA GLU H 41 11.25 -30.09 64.32
C GLU H 41 10.35 -28.91 64.66
N ASP H 42 9.08 -28.97 64.29
CA ASP H 42 8.05 -28.13 64.90
C ASP H 42 6.70 -28.81 64.75
N ALA H 43 6.23 -29.47 65.81
CA ALA H 43 4.99 -30.22 65.72
C ALA H 43 3.82 -29.30 65.38
N SER H 44 3.70 -28.18 66.09
CA SER H 44 2.58 -27.26 65.85
C SER H 44 2.45 -26.97 64.37
N THR H 45 3.55 -26.64 63.71
CA THR H 45 3.56 -26.57 62.25
C THR H 45 3.23 -27.94 61.66
N TYR H 46 3.82 -28.99 62.22
CA TYR H 46 3.64 -30.33 61.67
C TYR H 46 2.18 -30.75 61.69
N ILE H 47 1.52 -30.62 62.85
CA ILE H 47 0.09 -30.88 62.91
C ILE H 47 -0.65 -29.98 61.93
N ASP H 48 -0.28 -28.70 61.87
CA ASP H 48 -0.90 -27.80 60.91
C ASP H 48 -0.66 -28.29 59.48
N ASN H 49 0.58 -28.71 59.20
CA ASN H 49 0.88 -29.24 57.88
C ASN H 49 -0.03 -30.41 57.54
N THR H 50 -0.11 -31.39 58.45
CA THR H 50 -0.92 -32.57 58.19
C THR H 50 -2.35 -32.19 57.83
N ARG H 51 -2.90 -31.20 58.52
CA ARG H 51 -4.22 -30.70 58.15
C ARG H 51 -4.23 -30.19 56.71
N LEU H 52 -3.22 -29.42 56.34
CA LEU H 52 -3.11 -28.97 54.96
C LEU H 52 -3.02 -30.15 54.01
N GLU H 53 -2.35 -31.23 54.41
CA GLU H 53 -2.27 -32.42 53.56
C GLU H 53 -3.67 -32.95 53.29
N TYR H 54 -4.48 -33.06 54.35
CA TYR H 54 -5.88 -33.45 54.22
C TYR H 54 -6.68 -32.41 53.45
N GLU H 55 -6.50 -31.13 53.79
CA GLU H 55 -7.31 -30.09 53.17
C GLU H 55 -7.09 -30.06 51.66
N ILE H 56 -5.83 -30.06 51.23
CA ILE H 56 -5.55 -30.02 49.80
C ILE H 56 -6.04 -31.29 49.12
N LYS H 57 -5.75 -32.44 49.72
CA LYS H 57 -6.10 -33.72 49.10
C LYS H 57 -7.51 -33.72 48.54
N THR H 58 -8.45 -33.11 49.27
CA THR H 58 -9.81 -32.99 48.76
C THR H 58 -9.83 -32.18 47.47
N LEU H 59 -9.09 -31.08 47.44
CA LEU H 59 -9.31 -30.07 46.40
C LEU H 59 -9.03 -30.62 45.01
N GLU H 60 -7.91 -31.31 44.81
CA GLU H 60 -7.63 -31.81 43.47
C GLU H 60 -8.70 -32.82 43.06
N GLN H 61 -9.12 -33.66 44.01
CA GLN H 61 -10.11 -34.68 43.71
C GLN H 61 -11.45 -34.06 43.36
N VAL H 62 -11.95 -33.15 44.19
CA VAL H 62 -13.17 -32.43 43.84
C VAL H 62 -12.96 -31.64 42.56
N LYS H 63 -11.84 -30.93 42.48
CA LYS H 63 -11.51 -30.21 41.25
C LYS H 63 -11.46 -31.16 40.06
N GLU H 64 -10.82 -32.31 40.22
CA GLU H 64 -10.74 -33.27 39.14
C GLU H 64 -12.14 -33.68 38.67
N SER H 65 -13.02 -33.99 39.62
CA SER H 65 -14.34 -34.50 39.25
C SER H 65 -15.14 -33.47 38.46
N THR H 66 -15.03 -32.19 38.81
CA THR H 66 -15.74 -31.16 38.06
C THR H 66 -15.35 -31.20 36.59
N SER H 67 -14.07 -31.45 36.30
CA SER H 67 -13.61 -31.49 34.91
C SER H 67 -14.46 -32.44 34.08
N ARG H 68 -14.82 -33.60 34.66
CA ARG H 68 -15.59 -34.58 33.92
C ARG H 68 -16.91 -33.99 33.43
N ALA H 69 -17.62 -33.29 34.31
CA ALA H 69 -18.99 -32.87 33.99
C ALA H 69 -19.01 -31.71 33.01
N GLN H 70 -18.17 -30.70 33.22
CA GLN H 70 -18.27 -29.49 32.40
C GLN H 70 -18.04 -29.81 30.93
N GLU H 71 -16.93 -30.46 30.62
CA GLU H 71 -16.72 -30.93 29.26
C GLU H 71 -17.88 -31.80 28.80
N MET H 72 -18.41 -32.61 29.70
CA MET H 72 -19.59 -33.40 29.37
C MET H 72 -20.79 -32.51 29.12
N THR H 73 -21.04 -31.54 30.01
CA THR H 73 -22.21 -30.69 29.85
C THR H 73 -22.13 -29.90 28.56
N GLN H 74 -20.97 -29.30 28.28
CA GLN H 74 -20.80 -28.57 27.03
C GLN H 74 -21.20 -29.42 25.84
N ASN H 75 -20.74 -30.68 25.80
CA ASN H 75 -21.08 -31.55 24.70
C ASN H 75 -22.55 -31.94 24.74
N SER H 76 -23.15 -32.01 25.93
CA SER H 76 -24.57 -32.28 26.02
C SER H 76 -25.37 -31.19 25.31
N MET H 77 -25.08 -29.93 25.64
CA MET H 77 -25.73 -28.83 24.94
C MET H 77 -25.42 -28.88 23.45
N LYS H 78 -24.18 -29.22 23.10
CA LYS H 78 -23.84 -29.41 21.70
C LYS H 78 -24.78 -30.42 21.06
N ALA H 79 -24.96 -31.58 21.69
CA ALA H 79 -25.91 -32.56 21.19
C ALA H 79 -27.31 -31.98 21.13
N LEU H 80 -27.69 -31.24 22.17
CA LEU H 80 -29.02 -30.67 22.23
C LEU H 80 -29.28 -29.74 21.04
N GLN H 81 -28.31 -28.89 20.73
CA GLN H 81 -28.51 -27.89 19.70
C GLN H 81 -28.90 -28.53 18.37
N ASP H 82 -28.46 -29.76 18.15
CA ASP H 82 -28.70 -30.40 16.85
C ASP H 82 -30.16 -30.81 16.71
N MET H 83 -30.72 -31.47 17.72
CA MET H 83 -32.05 -32.04 17.59
C MET H 83 -33.13 -30.97 17.43
N VAL H 84 -32.94 -29.80 18.05
CA VAL H 84 -33.92 -28.72 17.86
C VAL H 84 -34.03 -28.37 16.38
N LYS H 85 -32.89 -28.26 15.69
CA LYS H 85 -32.92 -28.00 14.27
C LYS H 85 -33.72 -29.07 13.55
N LEU H 86 -33.49 -30.34 13.89
CA LEU H 86 -34.31 -31.39 13.34
C LEU H 86 -35.78 -31.11 13.57
N LEU H 87 -36.15 -30.79 14.82
CA LEU H 87 -37.53 -30.40 15.11
C LEU H 87 -37.95 -29.23 14.22
N GLU H 88 -37.12 -28.19 14.19
CA GLU H 88 -37.39 -27.07 13.28
C GLU H 88 -37.49 -27.55 11.85
N ASP H 89 -36.63 -28.49 11.47
CA ASP H 89 -36.59 -28.95 10.08
C ASP H 89 -37.91 -29.57 9.66
N PHE H 90 -38.51 -30.38 10.54
CA PHE H 90 -39.80 -30.97 10.21
C PHE H 90 -40.81 -29.89 9.86
N LYS H 91 -40.95 -28.89 10.74
CA LYS H 91 -42.03 -27.93 10.59
C LYS H 91 -41.96 -27.21 9.26
N VAL H 92 -40.88 -26.49 9.01
CA VAL H 92 -40.78 -25.74 7.77
C VAL H 92 -41.03 -26.66 6.58
N LYS H 93 -40.55 -27.91 6.68
CA LYS H 93 -40.92 -28.91 5.69
C LYS H 93 -42.41 -29.20 5.73
N VAL H 94 -42.96 -29.37 6.93
CA VAL H 94 -44.38 -29.67 7.06
C VAL H 94 -45.21 -28.48 6.61
N THR H 95 -44.77 -27.26 6.92
CA THR H 95 -45.53 -26.08 6.51
C THR H 95 -45.78 -26.08 5.01
N GLN H 96 -44.74 -26.31 4.21
CA GLN H 96 -44.93 -26.29 2.76
C GLN H 96 -45.59 -27.57 2.26
N ALA H 97 -45.44 -28.67 3.01
CA ALA H 97 -46.03 -29.93 2.58
C ALA H 97 -47.54 -29.84 2.41
N ALA H 98 -48.15 -28.75 2.91
CA ALA H 98 -49.59 -28.53 2.76
C ALA H 98 -50.03 -28.42 1.30
N SER H 99 -49.09 -28.46 0.36
CA SER H 99 -49.41 -28.24 -1.05
C SER H 99 -50.20 -29.43 -1.61
N ASP H 100 -51.53 -29.33 -1.55
CA ASP H 100 -52.38 -30.45 -1.93
C ASP H 100 -52.21 -30.82 -3.40
N SER H 101 -52.15 -29.83 -4.28
CA SER H 101 -52.19 -30.09 -5.72
C SER H 101 -51.00 -30.91 -6.21
N ASN H 102 -49.93 -31.00 -5.43
CA ASN H 102 -48.88 -31.96 -5.73
C ASN H 102 -49.46 -33.37 -5.65
N SER H 103 -48.91 -34.26 -6.47
CA SER H 103 -49.31 -35.66 -6.39
C SER H 103 -49.19 -36.14 -4.94
N GLN H 104 -50.30 -36.68 -4.41
CA GLN H 104 -50.31 -37.08 -3.01
C GLN H 104 -49.15 -38.01 -2.70
N THR H 105 -48.93 -39.00 -3.56
CA THR H 105 -47.78 -39.88 -3.35
C THR H 105 -46.47 -39.14 -3.57
N SER H 106 -46.48 -38.04 -4.32
CA SER H 106 -45.28 -37.21 -4.41
C SER H 106 -45.04 -36.47 -3.10
N ARG H 107 -46.11 -36.06 -2.41
CA ARG H 107 -45.94 -35.55 -1.06
C ARG H 107 -45.29 -36.60 -0.16
N GLU H 108 -45.58 -37.86 -0.41
CA GLU H 108 -44.89 -38.93 0.32
C GLU H 108 -43.47 -39.08 -0.18
N ALA H 109 -43.25 -38.81 -1.47
CA ALA H 109 -41.90 -38.66 -1.98
C ALA H 109 -41.13 -37.69 -1.10
N ILE H 110 -41.73 -36.53 -0.82
CA ILE H 110 -41.15 -35.59 0.14
C ILE H 110 -41.07 -36.22 1.52
N ALA H 111 -42.08 -37.03 1.89
CA ALA H 111 -42.13 -37.58 3.23
C ALA H 111 -40.89 -38.42 3.54
N LYS H 112 -40.37 -39.16 2.57
CA LYS H 112 -39.15 -39.92 2.81
C LYS H 112 -38.06 -39.04 3.39
N GLU H 113 -37.94 -37.79 2.90
CA GLU H 113 -36.99 -36.87 3.50
C GLU H 113 -37.36 -36.56 4.94
N LEU H 114 -38.63 -36.24 5.20
CA LEU H 114 -39.07 -35.98 6.56
C LEU H 114 -38.71 -37.14 7.47
N GLU H 115 -38.87 -38.37 6.99
CA GLU H 115 -38.56 -39.54 7.80
C GLU H 115 -37.08 -39.57 8.15
N ARG H 116 -36.21 -39.30 7.17
CA ARG H 116 -34.78 -39.27 7.46
C ARG H 116 -34.48 -38.24 8.54
N ILE H 117 -35.18 -37.10 8.51
CA ILE H 117 -35.09 -36.16 9.61
C ILE H 117 -35.57 -36.84 10.89
N LYS H 118 -36.69 -37.57 10.79
CA LYS H 118 -37.20 -38.34 11.92
C LYS H 118 -36.20 -39.39 12.37
N GLU H 119 -35.68 -40.17 11.43
CA GLU H 119 -34.75 -41.21 11.80
C GLU H 119 -33.54 -40.65 12.52
N SER H 120 -32.95 -39.58 11.97
CA SER H 120 -31.73 -39.02 12.55
C SER H 120 -31.87 -38.84 14.05
N ILE H 121 -32.97 -38.25 14.50
CA ILE H 121 -33.17 -38.08 15.93
C ILE H 121 -33.08 -39.41 16.65
N VAL H 122 -33.63 -40.46 16.05
CA VAL H 122 -33.63 -41.77 16.71
C VAL H 122 -32.21 -42.22 16.99
N GLN H 123 -31.34 -42.17 15.99
CA GLN H 123 -29.95 -42.54 16.23
C GLN H 123 -29.32 -41.60 17.25
N LEU H 124 -29.62 -40.31 17.14
CA LEU H 124 -29.11 -39.36 18.12
C LEU H 124 -29.58 -39.71 19.52
N ALA H 125 -30.87 -40.02 19.66
CA ALA H 125 -31.41 -40.34 20.98
C ALA H 125 -30.86 -41.67 21.49
N ASN H 126 -30.57 -42.61 20.59
CA ASN H 126 -30.10 -43.90 21.02
C ASN H 126 -28.57 -43.97 21.05
N THR H 127 -27.93 -42.83 20.82
CA THR H 127 -26.47 -42.73 20.83
C THR H 127 -25.88 -43.12 22.17
N SER H 128 -24.63 -43.56 22.17
CA SER H 128 -23.84 -43.72 23.39
C SER H 128 -22.60 -42.84 23.27
N VAL H 129 -21.97 -42.60 24.42
CA VAL H 129 -20.74 -41.84 24.46
C VAL H 129 -19.82 -42.49 25.48
N ASN H 130 -18.60 -42.84 25.05
CA ASN H 130 -17.73 -43.69 25.87
C ASN H 130 -18.47 -44.96 26.27
N GLY H 131 -19.30 -45.46 25.36
CA GLY H 131 -20.26 -46.49 25.68
C GLY H 131 -21.42 -46.03 26.52
N GLN H 132 -21.34 -44.84 27.11
CA GLN H 132 -22.40 -44.32 27.96
C GLN H 132 -23.55 -43.88 27.08
N TYR H 133 -24.64 -44.64 27.09
CA TYR H 133 -25.87 -44.20 26.44
C TYR H 133 -26.44 -43.08 27.30
N LEU H 134 -25.88 -41.89 27.10
CA LEU H 134 -26.12 -40.72 27.92
C LEU H 134 -27.59 -40.46 28.17
N PHE H 135 -28.46 -40.94 27.28
CA PHE H 135 -29.86 -40.55 27.29
C PHE H 135 -30.73 -41.54 28.05
N ALA H 136 -30.12 -42.43 28.82
CA ALA H 136 -30.81 -43.40 29.65
C ALA H 136 -30.95 -42.95 31.09
N GLY H 137 -31.09 -41.65 31.33
CA GLY H 137 -31.18 -41.17 32.70
C GLY H 137 -29.86 -41.37 33.40
N SER H 138 -29.91 -42.02 34.56
CA SER H 138 -28.66 -42.33 35.26
C SER H 138 -28.01 -43.60 34.72
N GLN H 139 -28.79 -44.45 34.05
CA GLN H 139 -28.32 -45.78 33.64
C GLN H 139 -27.92 -45.77 32.16
N VAL H 140 -26.74 -45.19 31.91
CA VAL H 140 -26.28 -44.88 30.55
C VAL H 140 -25.78 -46.13 29.82
N ALA H 141 -25.89 -47.29 30.44
CA ALA H 141 -25.24 -48.48 29.88
C ALA H 141 -25.93 -49.02 28.63
N ASN H 142 -27.14 -48.56 28.30
CA ASN H 142 -27.93 -49.23 27.27
C ASN H 142 -28.60 -48.24 26.32
N LYS H 143 -28.80 -48.70 25.08
CA LYS H 143 -29.64 -48.06 24.10
C LYS H 143 -31.03 -47.90 24.71
N PRO H 144 -31.40 -46.69 25.17
CA PRO H 144 -32.56 -46.59 26.06
C PRO H 144 -33.87 -46.41 25.33
N PHE H 145 -34.08 -47.15 24.24
CA PHE H 145 -35.35 -47.08 23.52
C PHE H 145 -35.49 -48.35 22.70
N ASP H 146 -36.73 -48.63 22.31
CA ASP H 146 -36.99 -49.49 21.18
C ASP H 146 -37.15 -48.60 19.93
N SER H 147 -37.66 -49.18 18.84
CA SER H 147 -37.98 -48.36 17.67
C SER H 147 -38.92 -47.23 18.03
N ASN H 148 -40.05 -47.53 18.68
CA ASN H 148 -40.97 -46.48 19.07
C ASN H 148 -40.67 -46.01 20.50
N GLY H 149 -39.40 -45.71 20.78
CA GLY H 149 -39.02 -45.01 21.97
C GLY H 149 -39.12 -45.77 23.28
N ASN H 150 -39.88 -46.87 23.34
CA ASN H 150 -40.13 -47.50 24.63
C ASN H 150 -38.85 -47.62 25.41
N TYR H 151 -38.82 -46.91 26.54
CA TYR H 151 -37.60 -46.43 27.15
C TYR H 151 -36.89 -47.58 27.89
N TYR H 152 -35.57 -47.65 27.71
CA TYR H 152 -34.76 -48.70 28.30
C TYR H 152 -33.60 -48.11 29.10
N GLY H 153 -33.75 -46.87 29.55
CA GLY H 153 -32.96 -46.34 30.64
C GLY H 153 -33.77 -46.29 31.92
N ASP H 154 -33.17 -45.71 32.95
CA ASP H 154 -33.92 -45.44 34.17
C ASP H 154 -34.50 -44.04 34.09
N LYS H 155 -35.76 -43.91 34.52
CA LYS H 155 -36.53 -42.69 34.38
C LYS H 155 -36.07 -41.63 35.37
N ASN H 156 -34.79 -41.27 35.29
CA ASN H 156 -34.17 -40.40 36.29
C ASN H 156 -33.01 -39.61 35.71
N ASN H 157 -32.17 -39.09 36.60
CA ASN H 157 -30.97 -38.36 36.23
C ASN H 157 -29.78 -38.95 36.96
N ILE H 158 -28.61 -38.77 36.37
CA ILE H 158 -27.35 -39.26 36.96
C ILE H 158 -27.11 -38.60 38.30
N ASN H 159 -26.17 -39.13 39.06
CA ASN H 159 -25.59 -38.43 40.21
C ASN H 159 -24.08 -38.58 40.16
N VAL H 160 -23.38 -37.47 40.32
CA VAL H 160 -21.92 -37.48 40.44
C VAL H 160 -21.54 -36.58 41.60
N VAL H 161 -20.48 -36.97 42.30
CA VAL H 161 -20.12 -36.39 43.58
C VAL H 161 -19.23 -35.18 43.36
N THR H 162 -19.63 -34.04 43.92
CA THR H 162 -18.80 -32.85 43.99
C THR H 162 -19.21 -32.14 45.28
N GLY H 163 -18.49 -32.43 46.38
CA GLY H 163 -18.92 -31.83 47.62
C GLY H 163 -18.37 -32.36 48.92
N ALA H 164 -18.71 -31.65 49.99
CA ALA H 164 -18.74 -32.16 51.35
C ALA H 164 -20.22 -32.37 51.62
N GLY H 165 -20.68 -33.60 51.42
CA GLY H 165 -22.10 -33.90 51.42
C GLY H 165 -22.91 -33.33 50.26
N THR H 166 -22.38 -33.36 49.03
CA THR H 166 -23.16 -32.93 47.87
C THR H 166 -22.73 -33.69 46.62
N GLU H 167 -23.63 -33.68 45.61
CA GLU H 167 -23.41 -34.30 44.32
C GLU H 167 -23.94 -33.38 43.24
N SER H 168 -23.84 -33.82 41.97
CA SER H 168 -24.38 -33.04 40.85
C SER H 168 -25.09 -33.96 39.86
N PRO H 169 -26.41 -34.08 39.93
CA PRO H 169 -27.15 -34.90 38.96
C PRO H 169 -27.44 -34.17 37.65
N TYR H 170 -26.54 -34.21 36.68
CA TYR H 170 -26.60 -33.27 35.57
C TYR H 170 -26.96 -33.91 34.22
N ASN H 171 -27.88 -34.86 34.19
CA ASN H 171 -28.43 -35.28 32.89
C ASN H 171 -29.93 -35.61 32.94
N ILE H 172 -30.40 -36.36 31.95
CA ILE H 172 -31.84 -36.53 31.69
C ILE H 172 -32.16 -37.98 31.36
N PRO H 173 -33.38 -38.47 31.64
CA PRO H 173 -33.80 -39.78 31.11
C PRO H 173 -34.60 -39.68 29.81
N GLY H 174 -34.43 -40.68 28.94
CA GLY H 174 -35.14 -40.67 27.67
C GLY H 174 -36.65 -40.66 27.80
N TRP H 175 -37.20 -41.44 28.74
CA TRP H 175 -38.64 -41.48 28.89
C TRP H 175 -39.23 -40.09 29.01
N ASP H 176 -38.66 -39.26 29.89
CA ASP H 176 -39.23 -37.94 30.11
C ASP H 176 -39.32 -37.17 28.80
N LEU H 177 -38.43 -37.46 27.86
CA LEU H 177 -38.53 -36.87 26.54
C LEU H 177 -39.57 -37.58 25.68
N PHE H 178 -39.40 -38.89 25.48
CA PHE H 178 -40.17 -39.58 24.46
C PHE H 178 -41.63 -39.77 24.86
N PHE H 179 -41.91 -39.92 26.15
CA PHE H 179 -43.25 -40.26 26.58
C PHE H 179 -43.84 -39.33 27.63
N LYS H 180 -43.03 -38.61 28.40
CA LYS H 180 -43.57 -37.68 29.40
C LYS H 180 -43.99 -36.40 28.69
N ALA H 181 -44.22 -35.33 29.45
CA ALA H 181 -45.08 -34.25 28.97
C ALA H 181 -44.40 -32.90 29.08
N ASP H 182 -44.89 -31.97 28.27
CA ASP H 182 -44.76 -30.54 28.52
C ASP H 182 -45.93 -30.11 29.40
N GLY H 183 -46.18 -28.82 29.47
CA GLY H 183 -47.03 -28.30 30.53
C GLY H 183 -48.53 -28.38 30.27
N ASP H 184 -49.20 -27.24 30.30
CA ASP H 184 -50.65 -27.11 30.44
C ASP H 184 -51.44 -27.64 29.25
N TYR H 185 -50.81 -28.30 28.28
CA TYR H 185 -51.51 -28.75 27.09
C TYR H 185 -52.62 -29.74 27.44
N LYS H 186 -53.71 -29.67 26.67
CA LYS H 186 -55.00 -30.15 27.14
C LYS H 186 -55.68 -30.97 26.06
N LYS H 187 -56.89 -31.43 26.39
CA LYS H 187 -57.82 -31.89 25.37
C LYS H 187 -58.42 -30.70 24.63
N GLN H 188 -57.87 -30.36 23.46
CA GLN H 188 -58.56 -29.51 22.50
C GLN H 188 -59.29 -30.45 21.56
N ILE H 189 -60.62 -30.40 21.58
CA ILE H 189 -61.45 -31.54 21.23
C ILE H 189 -62.27 -31.22 20.00
N SER H 190 -62.59 -32.26 19.23
CA SER H 190 -63.11 -32.07 17.88
C SER H 190 -64.04 -33.20 17.49
N THR H 191 -64.89 -32.91 16.51
CA THR H 191 -65.60 -33.94 15.78
C THR H 191 -64.65 -34.64 14.81
N ASN H 192 -64.92 -35.92 14.54
CA ASN H 192 -64.20 -36.66 13.50
C ASN H 192 -65.09 -37.03 12.33
N VAL H 193 -66.41 -36.95 12.49
CA VAL H 193 -67.32 -37.03 11.35
C VAL H 193 -67.38 -35.66 10.66
N SER H 194 -67.91 -35.66 9.44
CA SER H 194 -68.09 -34.43 8.67
C SER H 194 -69.54 -34.32 8.21
N PHE H 195 -69.88 -33.15 7.67
CA PHE H 195 -71.28 -32.74 7.57
C PHE H 195 -71.51 -32.05 6.23
N THR H 196 -72.68 -32.29 5.64
CA THR H 196 -73.01 -31.67 4.37
C THR H 196 -74.50 -31.39 4.27
N ASP H 197 -74.83 -30.16 3.87
CA ASP H 197 -76.21 -29.69 3.81
C ASP H 197 -76.93 -30.43 2.69
N ASN H 198 -77.56 -31.54 3.07
CA ASN H 198 -78.18 -32.44 2.11
C ASN H 198 -79.67 -32.14 1.93
N ARG H 199 -79.96 -30.91 1.52
CA ARG H 199 -81.17 -30.65 0.75
C ARG H 199 -80.95 -30.94 -0.72
N TRP H 200 -79.71 -30.80 -1.17
CA TRP H 200 -79.26 -31.41 -2.41
C TRP H 200 -79.37 -32.94 -2.30
N ASP H 201 -79.24 -33.60 -3.45
CA ASP H 201 -79.19 -35.05 -3.52
C ASP H 201 -77.78 -35.41 -3.98
N LEU H 202 -76.92 -35.74 -3.01
CA LEU H 202 -75.49 -35.79 -3.29
C LEU H 202 -75.04 -37.08 -3.94
N ASN H 203 -75.88 -38.09 -4.17
CA ASN H 203 -75.55 -39.04 -5.21
C ASN H 203 -75.32 -38.32 -6.53
N LYS H 204 -76.13 -37.30 -6.80
CA LYS H 204 -76.00 -36.46 -7.98
C LYS H 204 -75.39 -35.10 -7.69
N ASP H 205 -75.29 -34.74 -6.41
CA ASP H 205 -74.70 -33.48 -5.99
C ASP H 205 -73.52 -33.68 -5.05
N PRO H 206 -72.63 -34.64 -5.31
CA PRO H 206 -71.44 -34.75 -4.46
C PRO H 206 -70.46 -33.63 -4.72
N ASP H 207 -70.38 -33.18 -5.97
CA ASP H 207 -69.55 -32.03 -6.30
C ASP H 207 -70.00 -30.77 -5.56
N LYS H 208 -71.29 -30.67 -5.25
CA LYS H 208 -71.82 -29.42 -4.70
C LYS H 208 -71.21 -29.11 -3.34
N THR H 209 -71.11 -30.11 -2.47
CA THR H 209 -70.12 -30.12 -1.39
C THR H 209 -70.45 -29.22 -0.20
N LYS H 210 -71.51 -28.43 -0.25
CA LYS H 210 -71.76 -27.47 0.83
C LYS H 210 -71.91 -28.19 2.16
N TYR H 211 -71.23 -27.68 3.18
CA TYR H 211 -71.23 -28.32 4.49
C TYR H 211 -72.30 -27.68 5.38
N LEU H 212 -72.72 -28.42 6.41
CA LEU H 212 -73.49 -27.78 7.47
C LEU H 212 -72.59 -26.82 8.24
N THR H 213 -73.15 -25.67 8.60
CA THR H 213 -72.37 -24.61 9.22
C THR H 213 -73.27 -23.86 10.20
N GLY H 214 -72.83 -22.68 10.63
CA GLY H 214 -73.63 -21.85 11.50
C GLY H 214 -75.07 -21.72 11.03
N ASP H 215 -75.24 -21.61 9.72
CA ASP H 215 -76.56 -21.43 9.12
C ASP H 215 -77.45 -22.65 9.28
N SER H 216 -76.88 -23.81 9.58
CA SER H 216 -77.54 -25.07 9.25
C SER H 216 -78.74 -25.38 10.14
N LYS H 217 -79.93 -24.98 9.69
CA LYS H 217 -81.16 -25.51 10.24
C LYS H 217 -81.08 -27.02 10.32
N TRP H 218 -81.56 -27.58 11.43
CA TRP H 218 -81.46 -29.02 11.63
C TRP H 218 -82.05 -29.78 10.44
N GLN H 219 -83.00 -29.18 9.74
CA GLN H 219 -83.58 -29.80 8.56
C GLN H 219 -82.54 -30.00 7.45
N GLN H 220 -81.51 -29.15 7.40
CA GLN H 220 -80.70 -29.03 6.20
C GLN H 220 -80.19 -30.39 5.74
N LEU H 221 -79.38 -31.05 6.56
CA LEU H 221 -78.98 -32.42 6.26
C LEU H 221 -80.18 -33.35 6.24
N ILE H 222 -81.10 -33.18 7.20
CA ILE H 222 -82.19 -34.12 7.37
C ILE H 222 -83.27 -33.98 6.31
N GLY H 223 -83.17 -32.96 5.45
CA GLY H 223 -84.12 -32.84 4.36
C GLY H 223 -84.29 -34.15 3.61
N GLN H 224 -83.19 -34.81 3.29
CA GLN H 224 -83.26 -36.16 2.76
C GLN H 224 -83.58 -37.17 3.85
N GLY H 225 -83.06 -36.95 5.06
CA GLY H 225 -83.31 -37.89 6.14
C GLY H 225 -84.78 -38.05 6.47
N TYR H 226 -85.59 -37.02 6.19
CA TYR H 226 -87.00 -37.09 6.52
C TYR H 226 -87.76 -38.08 5.65
N VAL H 227 -87.34 -38.26 4.39
CA VAL H 227 -88.19 -38.92 3.40
C VAL H 227 -87.46 -40.09 2.75
N LYS H 228 -88.26 -41.01 2.21
CA LYS H 228 -87.77 -42.01 1.27
C LYS H 228 -87.83 -41.53 -0.17
N ASP H 229 -88.67 -40.54 -0.46
CA ASP H 229 -88.92 -40.13 -1.84
C ASP H 229 -87.90 -39.13 -2.36
N ASN H 230 -87.10 -38.51 -1.50
CA ASN H 230 -86.07 -37.57 -1.93
C ASN H 230 -86.69 -36.42 -2.72
N SER H 231 -87.99 -36.20 -2.52
CA SER H 231 -88.79 -35.34 -3.38
C SER H 231 -88.86 -33.89 -2.92
N LEU H 232 -87.89 -33.41 -2.14
CA LEU H 232 -88.01 -32.12 -1.47
C LEU H 232 -87.31 -31.02 -2.26
N ASP H 233 -87.98 -29.89 -2.43
CA ASP H 233 -87.40 -28.71 -3.05
C ASP H 233 -86.46 -28.03 -2.06
N ALA H 234 -85.27 -27.67 -2.53
CA ALA H 234 -84.25 -27.10 -1.64
C ALA H 234 -84.76 -25.84 -0.95
N ASP H 235 -85.48 -24.99 -1.68
CA ASP H 235 -85.82 -23.66 -1.16
C ASP H 235 -87.25 -23.57 -0.64
N LYS H 236 -88.23 -23.93 -1.48
CA LYS H 236 -89.61 -23.72 -1.07
C LYS H 236 -90.02 -24.64 0.07
N ASP H 237 -89.59 -25.90 0.03
CA ASP H 237 -89.92 -26.81 1.13
C ASP H 237 -89.15 -26.46 2.38
N PHE H 238 -87.90 -26.02 2.25
CA PHE H 238 -87.04 -25.83 3.41
C PHE H 238 -86.88 -24.35 3.77
N GLU H 239 -86.40 -23.53 2.84
CA GLU H 239 -85.76 -22.28 3.23
C GLU H 239 -86.60 -21.07 2.86
N TYR H 240 -87.34 -21.14 1.76
CA TYR H 240 -88.32 -20.09 1.47
C TYR H 240 -89.46 -20.28 2.46
N ASP H 241 -89.25 -19.70 3.65
CA ASP H 241 -90.16 -19.92 4.76
C ASP H 241 -91.58 -19.53 4.42
N ASP H 242 -91.75 -18.64 3.45
CA ASP H 242 -93.09 -18.37 2.92
C ASP H 242 -93.80 -19.66 2.53
N SER H 243 -93.12 -20.52 1.77
CA SER H 243 -93.68 -21.77 1.31
C SER H 243 -93.17 -22.97 2.09
N LYS H 244 -92.44 -22.73 3.17
CA LYS H 244 -91.82 -23.81 3.91
C LYS H 244 -92.88 -24.74 4.49
N LEU H 245 -92.50 -26.00 4.71
CA LEU H 245 -93.40 -26.95 5.35
C LEU H 245 -93.10 -27.09 6.83
N ASP H 246 -94.04 -27.72 7.54
CA ASP H 246 -93.78 -28.22 8.89
C ASP H 246 -93.03 -29.54 8.82
N PHE H 247 -92.23 -29.78 9.86
CA PHE H 247 -91.33 -30.92 9.93
C PHE H 247 -91.31 -31.46 11.35
N PRO H 248 -90.99 -32.73 11.52
CA PRO H 248 -90.95 -33.30 12.87
C PRO H 248 -89.71 -32.82 13.62
N PRO H 249 -89.90 -32.25 14.81
CA PRO H 249 -88.73 -31.95 15.64
C PRO H 249 -87.93 -33.21 15.94
N THR H 250 -86.81 -33.00 16.63
CA THR H 250 -85.90 -34.07 17.02
C THR H 250 -85.49 -33.91 18.47
N THR H 251 -85.13 -35.03 19.10
CA THR H 251 -84.55 -35.03 20.43
C THR H 251 -83.08 -35.43 20.33
N LEU H 252 -82.29 -34.91 21.26
CA LEU H 252 -80.86 -35.16 21.32
C LEU H 252 -80.52 -35.82 22.64
N TYR H 253 -79.63 -36.81 22.59
CA TYR H 253 -79.25 -37.56 23.78
C TYR H 253 -77.74 -37.55 23.90
N VAL H 254 -77.27 -37.49 25.14
CA VAL H 254 -75.90 -37.06 25.40
C VAL H 254 -75.33 -37.83 26.59
N GLN H 255 -74.04 -38.11 26.51
CA GLN H 255 -73.21 -38.33 27.67
C GLN H 255 -72.05 -37.35 27.64
N GLY H 256 -71.79 -36.72 28.77
CA GLY H 256 -70.68 -35.80 28.89
C GLY H 256 -69.96 -36.02 30.20
N THR H 257 -68.68 -35.66 30.20
CA THR H 257 -67.86 -35.66 31.40
C THR H 257 -67.14 -34.32 31.46
N LYS H 258 -67.06 -33.77 32.65
CA LYS H 258 -66.74 -32.36 32.83
C LYS H 258 -65.25 -32.17 33.03
N PRO H 259 -64.75 -30.94 32.87
CA PRO H 259 -63.30 -30.72 32.98
C PRO H 259 -62.73 -31.18 34.31
N ASP H 260 -63.47 -31.05 35.40
CA ASP H 260 -63.04 -31.66 36.65
C ASP H 260 -63.04 -33.17 36.53
N GLY H 261 -64.05 -33.73 35.86
CA GLY H 261 -64.09 -35.14 35.58
C GLY H 261 -65.43 -35.79 35.84
N THR H 262 -66.32 -35.11 36.57
CA THR H 262 -67.60 -35.72 36.89
C THR H 262 -68.46 -35.87 35.64
N SER H 263 -69.24 -36.95 35.61
CA SER H 263 -69.96 -37.38 34.42
C SER H 263 -71.39 -36.85 34.43
N PHE H 264 -71.97 -36.73 33.24
CA PHE H 264 -73.36 -36.32 33.13
C PHE H 264 -73.93 -36.76 31.79
N LYS H 265 -75.16 -37.24 31.81
CA LYS H 265 -75.96 -37.51 30.63
C LYS H 265 -76.92 -36.35 30.41
N SER H 266 -77.43 -36.23 29.18
CA SER H 266 -78.41 -35.20 28.89
C SER H 266 -79.35 -35.66 27.80
N ALA H 267 -80.58 -35.15 27.85
CA ALA H 267 -81.59 -35.36 26.81
C ALA H 267 -82.37 -34.07 26.64
N VAL H 268 -82.56 -33.64 25.38
CA VAL H 268 -83.14 -32.34 25.10
C VAL H 268 -83.78 -32.40 23.72
N LEU H 269 -84.78 -31.56 23.50
CA LEU H 269 -85.48 -31.49 22.22
C LEU H 269 -84.75 -30.57 21.25
N VAL H 270 -85.06 -30.75 19.98
CA VAL H 270 -84.45 -30.02 18.87
C VAL H 270 -85.56 -29.66 17.90
N LYS H 271 -85.71 -28.34 17.59
CA LYS H 271 -86.72 -28.07 16.58
C LYS H 271 -86.09 -28.18 15.20
N PRO H 272 -86.88 -28.42 14.16
CA PRO H 272 -86.31 -28.66 12.83
C PRO H 272 -85.44 -27.53 12.30
N GLU H 273 -85.77 -26.27 12.60
CA GLU H 273 -85.05 -25.14 12.04
C GLU H 273 -83.94 -24.65 12.96
N ASP H 274 -83.41 -25.50 13.82
CA ASP H 274 -82.23 -25.15 14.62
C ASP H 274 -81.01 -24.94 13.75
N THR H 275 -80.62 -23.68 13.57
CA THR H 275 -79.31 -23.38 13.05
C THR H 275 -78.26 -23.69 14.11
N LEU H 276 -77.03 -23.97 13.66
CA LEU H 276 -75.96 -24.25 14.60
C LEU H 276 -75.80 -23.11 15.60
N GLU H 277 -76.05 -21.88 15.17
CA GLU H 277 -76.00 -20.75 16.10
C GLU H 277 -77.02 -20.92 17.22
N ASP H 278 -78.25 -21.30 16.87
CA ASP H 278 -79.24 -21.62 17.89
C ASP H 278 -78.69 -22.67 18.84
N VAL H 279 -78.10 -23.73 18.29
CA VAL H 279 -77.48 -24.76 19.11
C VAL H 279 -76.30 -24.19 19.87
N MET H 280 -75.47 -23.39 19.21
CA MET H 280 -74.31 -22.82 19.88
C MET H 280 -74.73 -21.81 20.93
N GLU H 281 -76.01 -21.45 20.97
CA GLU H 281 -76.50 -20.63 22.06
C GLU H 281 -76.89 -21.49 23.25
N ASN H 282 -77.59 -22.60 22.99
CA ASN H 282 -77.83 -23.59 24.04
C ASN H 282 -76.52 -24.18 24.55
N ILE H 283 -75.57 -24.42 23.66
CA ILE H 283 -74.37 -25.18 24.02
C ILE H 283 -73.74 -24.62 25.29
N GLY H 284 -73.81 -23.29 25.46
CA GLY H 284 -73.28 -22.70 26.69
C GLY H 284 -73.98 -23.22 27.92
N ALA H 285 -75.32 -23.22 27.91
CA ALA H 285 -76.07 -23.76 29.03
C ALA H 285 -75.85 -25.25 29.17
N LEU H 286 -75.85 -25.97 28.05
CA LEU H 286 -75.64 -27.42 28.08
C LEU H 286 -74.32 -27.77 28.76
N TYR H 287 -73.28 -26.98 28.50
CA TYR H 287 -72.00 -27.24 29.13
C TYR H 287 -71.99 -26.85 30.61
N GLY H 288 -72.90 -25.96 31.00
CA GLY H 288 -72.62 -25.10 32.13
C GLY H 288 -71.67 -23.99 31.77
N ASN H 289 -71.36 -23.85 30.48
CA ASN H 289 -70.48 -22.80 29.97
C ASN H 289 -71.25 -21.50 29.90
N THR H 290 -71.75 -21.05 31.04
CA THR H 290 -72.66 -19.91 31.06
C THR H 290 -71.92 -18.65 30.62
N PRO H 291 -72.63 -17.70 30.00
CA PRO H 291 -71.96 -16.44 29.62
C PRO H 291 -71.32 -15.75 30.80
N ASN H 292 -71.93 -15.88 31.99
CA ASN H 292 -71.33 -15.33 33.19
C ASN H 292 -70.01 -16.01 33.54
N ASN H 293 -69.84 -17.27 33.15
CA ASN H 293 -68.61 -18.01 33.48
C ASN H 293 -68.33 -18.99 32.34
N LYS H 294 -67.33 -18.66 31.53
CA LYS H 294 -66.90 -19.57 30.48
C LYS H 294 -66.20 -20.78 31.08
N VAL H 295 -66.26 -21.91 30.37
CA VAL H 295 -65.49 -23.09 30.75
C VAL H 295 -64.77 -23.68 29.54
N VAL H 296 -65.23 -23.36 28.33
CA VAL H 296 -64.65 -23.91 27.11
C VAL H 296 -64.87 -22.93 25.97
N GLU H 297 -64.06 -23.07 24.92
CA GLU H 297 -64.14 -22.23 23.73
C GLU H 297 -64.25 -23.12 22.50
N VAL H 298 -65.19 -22.77 21.61
CA VAL H 298 -65.66 -23.66 20.56
C VAL H 298 -65.38 -23.05 19.19
N SER H 299 -65.29 -23.91 18.19
CA SER H 299 -65.18 -23.48 16.79
C SER H 299 -65.80 -24.52 15.89
N MET H 300 -66.30 -24.05 14.74
CA MET H 300 -66.78 -24.91 13.67
C MET H 300 -66.06 -24.52 12.38
N ASN H 301 -65.71 -25.53 11.59
CA ASN H 301 -64.62 -25.34 10.62
C ASN H 301 -64.98 -25.70 9.19
N ASP H 302 -63.94 -25.77 8.35
CA ASP H 302 -64.07 -26.13 6.94
C ASP H 302 -64.85 -27.41 6.74
N SER H 303 -64.60 -28.44 7.54
CA SER H 303 -65.26 -29.73 7.39
C SER H 303 -66.61 -29.77 8.09
N GLY H 304 -67.17 -28.60 8.43
CA GLY H 304 -68.33 -28.58 9.28
C GLY H 304 -67.96 -29.09 10.66
N GLN H 305 -66.69 -29.42 10.84
CA GLN H 305 -66.25 -30.07 12.06
C GLN H 305 -66.07 -29.04 13.16
N ILE H 306 -66.64 -29.32 14.32
CA ILE H 306 -66.74 -28.35 15.39
C ILE H 306 -65.59 -28.64 16.35
N GLN H 307 -64.66 -27.70 16.45
CA GLN H 307 -63.38 -27.94 17.10
C GLN H 307 -63.25 -26.97 18.27
N ILE H 308 -62.83 -27.49 19.43
CA ILE H 308 -63.04 -26.82 20.70
C ILE H 308 -61.71 -26.79 21.44
N THR H 309 -61.58 -25.82 22.34
CA THR H 309 -60.45 -25.74 23.26
C THR H 309 -60.95 -25.72 24.70
N ASP H 310 -60.18 -26.34 25.59
CA ASP H 310 -60.51 -26.41 27.00
C ASP H 310 -59.75 -25.34 27.76
N LEU H 311 -60.43 -24.70 28.71
CA LEU H 311 -59.83 -23.60 29.45
C LEU H 311 -59.00 -24.07 30.64
N LYS H 312 -59.34 -25.22 31.23
CA LYS H 312 -58.58 -25.74 32.36
C LYS H 312 -57.18 -26.14 31.91
N GLN H 313 -56.17 -25.78 32.70
CA GLN H 313 -54.80 -26.09 32.34
C GLN H 313 -54.56 -27.59 32.33
N GLY H 314 -53.89 -28.07 31.28
CA GLY H 314 -53.50 -29.46 31.21
C GLY H 314 -54.62 -30.46 31.22
N ASN H 315 -55.87 -30.01 31.04
CA ASN H 315 -57.01 -30.89 31.25
C ASN H 315 -57.10 -31.96 30.15
N ASN H 316 -57.47 -33.17 30.57
CA ASN H 316 -57.92 -34.21 29.67
C ASN H 316 -59.08 -34.99 30.27
N LYS H 317 -59.71 -34.45 31.32
CA LYS H 317 -60.79 -35.17 31.99
C LYS H 317 -62.08 -35.11 31.19
N LEU H 318 -62.26 -34.08 30.37
CA LEU H 318 -63.51 -33.89 29.65
C LEU H 318 -63.60 -34.86 28.49
N ASP H 319 -64.76 -35.49 28.32
CA ASP H 319 -65.00 -36.42 27.23
C ASP H 319 -66.49 -36.39 26.90
N PHE H 320 -66.83 -36.86 25.69
CA PHE H 320 -68.17 -36.64 25.19
C PHE H 320 -68.55 -37.67 24.15
N HIS H 321 -69.87 -37.89 24.03
CA HIS H 321 -70.49 -38.56 22.89
C HIS H 321 -71.99 -38.37 23.01
N ALA H 322 -72.62 -38.07 21.88
CA ALA H 322 -74.06 -37.82 21.84
C ALA H 322 -74.60 -38.29 20.51
N VAL H 323 -75.93 -38.33 20.40
CA VAL H 323 -76.61 -38.80 19.20
C VAL H 323 -77.97 -38.12 19.10
N ALA H 324 -78.35 -37.77 17.88
CA ALA H 324 -79.69 -37.30 17.57
C ALA H 324 -80.34 -38.27 16.59
N PHE H 325 -81.68 -38.27 16.60
CA PHE H 325 -82.47 -39.21 15.82
C PHE H 325 -83.44 -38.49 14.91
N THR H 326 -83.78 -39.16 13.81
CA THR H 326 -84.65 -38.61 12.79
C THR H 326 -85.63 -39.69 12.33
N PRO H 327 -86.94 -39.44 12.38
CA PRO H 327 -87.89 -40.39 11.80
C PRO H 327 -87.98 -40.23 10.29
N GLN H 328 -88.56 -41.19 9.58
CA GLN H 328 -88.63 -41.14 8.14
C GLN H 328 -90.02 -41.56 7.66
N ALA H 329 -90.58 -40.78 6.74
CA ALA H 329 -91.79 -41.16 6.02
C ALA H 329 -91.45 -41.59 4.60
N ASP H 330 -92.38 -42.28 3.97
CA ASP H 330 -92.17 -42.72 2.59
C ASP H 330 -92.14 -41.54 1.64
N THR H 331 -93.05 -40.59 1.83
CA THR H 331 -93.17 -39.45 0.92
C THR H 331 -93.17 -38.15 1.71
N LYS H 332 -92.69 -37.11 1.05
CA LYS H 332 -92.72 -35.77 1.64
C LYS H 332 -94.13 -35.39 2.07
N ASP H 333 -95.11 -35.57 1.19
CA ASP H 333 -96.48 -35.18 1.53
C ASP H 333 -97.03 -35.98 2.71
N GLU H 334 -96.75 -37.29 2.74
CA GLU H 334 -97.25 -38.12 3.82
C GLU H 334 -96.93 -37.50 5.17
N LEU H 335 -95.69 -37.03 5.34
CA LEU H 335 -95.33 -36.29 6.54
C LEU H 335 -96.25 -35.10 6.73
N LYS H 336 -96.39 -34.26 5.70
CA LYS H 336 -97.33 -33.15 5.78
C LYS H 336 -98.73 -33.64 6.08
N ASN H 337 -99.12 -34.75 5.47
CA ASN H 337 -100.43 -35.33 5.75
C ASN H 337 -100.55 -35.71 7.22
N ILE H 338 -99.54 -36.40 7.75
CA ILE H 338 -99.55 -36.76 9.16
C ILE H 338 -99.48 -35.51 10.02
N ILE H 339 -98.68 -34.53 9.61
CA ILE H 339 -98.64 -33.25 10.31
C ILE H 339 -100.05 -32.69 10.44
N GLU H 340 -100.78 -32.67 9.33
CA GLU H 340 -102.16 -32.19 9.36
C GLU H 340 -103.02 -33.09 10.22
N ALA H 341 -102.86 -34.40 10.09
CA ALA H 341 -103.65 -35.33 10.89
C ALA H 341 -103.52 -35.04 12.38
N ALA H 342 -102.28 -34.90 12.86
CA ALA H 342 -102.06 -34.62 14.28
C ALA H 342 -102.61 -33.26 14.65
N ASN H 343 -102.26 -32.23 13.89
CA ASN H 343 -102.77 -30.90 14.19
C ASN H 343 -104.27 -30.84 14.01
N GLN H 344 -104.82 -31.65 13.09
CA GLN H 344 -106.25 -31.91 13.12
C GLN H 344 -106.62 -32.61 14.43
N GLU H 345 -105.83 -33.60 14.83
CA GLU H 345 -106.04 -34.20 16.15
C GLU H 345 -105.83 -33.17 17.25
N GLY H 346 -105.13 -32.08 16.95
CA GLY H 346 -104.91 -31.01 17.90
C GLY H 346 -103.61 -31.12 18.67
N ILE H 347 -102.69 -31.97 18.26
CA ILE H 347 -101.45 -32.20 18.97
C ILE H 347 -100.29 -31.62 18.17
N SER H 348 -99.38 -30.95 18.87
CA SER H 348 -98.20 -30.37 18.23
C SER H 348 -97.23 -31.47 17.83
N MET H 349 -96.44 -31.18 16.79
CA MET H 349 -95.41 -32.13 16.37
C MET H 349 -94.45 -32.44 17.51
N ASN H 350 -94.03 -31.40 18.24
CA ASN H 350 -93.02 -31.58 19.28
C ASN H 350 -93.48 -32.58 20.34
N GLU H 351 -94.72 -32.45 20.80
CA GLU H 351 -95.18 -33.40 21.79
C GLU H 351 -95.26 -34.81 21.21
N VAL H 352 -95.70 -34.94 19.96
CA VAL H 352 -95.58 -36.21 19.27
C VAL H 352 -94.12 -36.63 19.26
N THR H 353 -93.23 -35.72 18.88
CA THR H 353 -91.80 -36.04 18.85
C THR H 353 -91.38 -36.74 20.13
N ASN H 354 -91.72 -36.15 21.28
CA ASN H 354 -91.46 -36.80 22.57
C ASN H 354 -91.96 -38.24 22.54
N ARG H 355 -93.19 -38.44 22.05
CA ARG H 355 -93.81 -39.76 22.12
C ARG H 355 -93.23 -40.71 21.08
N VAL H 356 -92.65 -40.19 20.00
CA VAL H 356 -92.03 -41.06 19.00
C VAL H 356 -90.83 -41.78 19.62
N MET H 357 -89.94 -41.05 20.27
CA MET H 357 -88.76 -41.69 20.86
C MET H 357 -89.16 -42.51 22.08
N GLN H 358 -90.09 -42.00 22.89
CA GLN H 358 -90.66 -42.81 23.94
C GLN H 358 -91.15 -44.14 23.39
N ALA H 359 -91.75 -44.11 22.19
CA ALA H 359 -92.19 -45.35 21.56
C ALA H 359 -91.00 -46.24 21.21
N SER H 360 -89.93 -45.65 20.65
CA SER H 360 -88.78 -46.45 20.26
C SER H 360 -88.17 -47.14 21.47
N THR H 361 -88.03 -46.42 22.59
CA THR H 361 -87.47 -47.02 23.79
C THR H 361 -88.53 -47.74 24.62
N ALA H 362 -89.81 -47.57 24.29
CA ALA H 362 -90.89 -48.04 25.15
C ALA H 362 -90.58 -49.40 25.77
N ALA H 363 -90.13 -50.35 24.96
CA ALA H 363 -89.61 -51.60 25.46
C ALA H 363 -88.28 -51.88 24.77
N PRO H 364 -87.23 -52.20 25.53
CA PRO H 364 -85.97 -52.57 24.86
C PRO H 364 -86.15 -53.65 23.82
N SER H 365 -87.14 -54.53 24.00
CA SER H 365 -87.49 -55.47 22.95
C SER H 365 -87.90 -54.77 21.66
N ASN H 366 -88.59 -53.63 21.76
CA ASN H 366 -88.86 -52.83 20.59
C ASN H 366 -87.65 -52.00 20.20
N GLY H 367 -87.09 -51.27 21.16
CA GLY H 367 -85.81 -50.64 20.96
C GLY H 367 -85.12 -50.35 22.27
N ASP H 368 -83.88 -50.81 22.39
CA ASP H 368 -83.11 -50.57 23.60
C ASP H 368 -82.56 -49.16 23.62
N ILE H 369 -82.34 -48.65 24.83
CA ILE H 369 -81.75 -47.33 25.05
C ILE H 369 -80.50 -47.16 24.19
N THR H 370 -79.80 -48.24 23.90
CA THR H 370 -78.63 -48.19 23.05
C THR H 370 -78.87 -48.99 21.77
N LYS H 371 -79.44 -50.17 21.88
CA LYS H 371 -79.62 -51.01 20.69
C LYS H 371 -81.09 -51.16 20.32
N LEU H 372 -81.62 -50.14 19.65
CA LEU H 372 -83.01 -50.19 19.22
C LEU H 372 -83.17 -51.27 18.16
N ASN H 373 -84.37 -51.78 17.98
CA ASN H 373 -84.55 -52.91 17.07
C ASN H 373 -85.25 -52.59 15.75
N ASN H 374 -86.47 -52.05 15.80
CA ASN H 374 -87.23 -51.84 14.57
C ASN H 374 -87.80 -50.44 14.38
N PRO H 375 -88.31 -50.15 13.17
CA PRO H 375 -88.94 -48.85 12.92
C PRO H 375 -90.22 -48.69 13.74
N VAL H 376 -90.99 -47.63 13.53
CA VAL H 376 -92.14 -47.39 14.39
C VAL H 376 -93.41 -47.23 13.55
N THR H 377 -94.55 -47.45 14.20
CA THR H 377 -95.86 -47.21 13.65
C THR H 377 -96.71 -46.56 14.73
N VAL H 378 -97.64 -45.70 14.31
CA VAL H 378 -98.41 -44.90 15.25
C VAL H 378 -99.77 -44.57 14.63
N THR H 379 -100.71 -44.19 15.49
CA THR H 379 -102.03 -43.74 15.07
C THR H 379 -102.15 -42.26 15.35
N ILE H 380 -102.23 -41.46 14.29
CA ILE H 380 -102.22 -40.00 14.40
C ILE H 380 -103.53 -39.48 13.85
N ASN H 381 -104.17 -38.58 14.60
CA ASN H 381 -105.61 -38.43 14.50
C ASN H 381 -106.17 -39.81 14.84
N ASN H 382 -105.40 -40.55 15.65
CA ASN H 382 -105.61 -41.96 15.93
C ASN H 382 -106.02 -42.73 14.67
N GLN H 383 -105.39 -42.42 13.55
CA GLN H 383 -105.36 -43.29 12.40
C GLN H 383 -103.91 -43.69 12.15
N GLN H 384 -103.70 -44.96 11.82
CA GLN H 384 -102.38 -45.58 11.89
C GLN H 384 -101.45 -45.02 10.82
N PHE H 385 -100.17 -44.91 11.17
CA PHE H 385 -99.13 -44.52 10.25
C PHE H 385 -97.83 -45.24 10.63
N THR H 386 -97.00 -45.51 9.63
CA THR H 386 -95.80 -46.31 9.81
C THR H 386 -94.57 -45.43 9.61
N ILE H 387 -93.49 -45.77 10.33
CA ILE H 387 -92.32 -44.91 10.45
C ILE H 387 -91.07 -45.73 10.15
N ASP H 388 -90.10 -45.10 9.48
CA ASP H 388 -88.76 -45.65 9.35
C ASP H 388 -87.76 -44.73 10.05
N LEU H 389 -86.56 -45.24 10.27
CA LEU H 389 -85.61 -44.64 11.18
C LEU H 389 -84.45 -43.96 10.46
N LYS H 390 -83.96 -42.87 11.05
CA LYS H 390 -82.68 -42.27 10.71
C LYS H 390 -81.94 -41.90 11.99
N GLN H 391 -80.62 -42.06 11.97
CA GLN H 391 -79.77 -41.83 13.13
C GLN H 391 -78.74 -40.75 12.80
N THR H 392 -78.24 -40.11 13.86
CA THR H 392 -77.26 -39.02 13.71
C THR H 392 -76.23 -39.15 14.82
N ASP H 393 -75.12 -39.83 14.53
CA ASP H 393 -74.01 -39.99 15.46
C ASP H 393 -72.94 -38.97 15.12
N PHE H 394 -72.49 -38.23 16.13
CA PHE H 394 -71.49 -37.18 15.93
C PHE H 394 -70.07 -37.69 16.11
N ILE H 395 -69.89 -38.93 16.55
CA ILE H 395 -68.59 -39.56 16.69
C ILE H 395 -68.70 -40.99 16.19
N LYS H 396 -67.77 -41.39 15.33
CA LYS H 396 -67.72 -42.76 14.82
C LYS H 396 -66.28 -43.23 14.80
N SER H 397 -66.12 -44.55 14.75
CA SER H 397 -64.80 -45.18 14.70
C SER H 397 -64.98 -46.56 14.09
N LYS H 398 -63.98 -47.42 14.26
CA LYS H 398 -64.02 -48.78 13.74
C LYS H 398 -64.25 -49.81 14.83
N MET H 399 -64.73 -49.39 16.01
CA MET H 399 -65.16 -50.34 17.02
C MET H 399 -66.47 -51.01 16.61
N THR H 400 -66.54 -52.32 16.82
CA THR H 400 -67.84 -52.97 16.85
C THR H 400 -68.45 -52.83 18.23
N ASP H 401 -69.77 -52.72 18.28
CA ASP H 401 -70.46 -52.80 19.54
C ASP H 401 -70.32 -54.20 20.11
N THR H 402 -70.57 -54.33 21.42
CA THR H 402 -70.30 -55.61 22.07
C THR H 402 -71.11 -56.75 21.46
N ASP H 403 -72.25 -56.46 20.84
CA ASP H 403 -72.97 -57.51 20.14
C ASP H 403 -72.30 -57.85 18.82
N GLY H 404 -71.27 -57.11 18.43
CA GLY H 404 -70.51 -57.38 17.22
C GLY H 404 -70.84 -56.49 16.05
N ASN H 405 -71.96 -55.77 16.08
CA ASN H 405 -72.31 -54.90 14.97
C ASN H 405 -71.40 -53.68 14.95
N ALA H 406 -71.45 -52.95 13.85
CA ALA H 406 -70.78 -51.66 13.78
C ALA H 406 -71.30 -50.77 14.91
N ALA H 407 -70.41 -50.39 15.82
CA ALA H 407 -70.82 -49.64 16.99
C ALA H 407 -71.55 -48.36 16.58
N ASN H 408 -72.72 -48.13 17.17
CA ASN H 408 -73.47 -46.92 16.91
C ASN H 408 -73.03 -45.83 17.89
N GLY H 409 -73.70 -44.68 17.83
CA GLY H 409 -73.40 -43.62 18.78
C GLY H 409 -73.62 -44.05 20.21
N ALA H 410 -74.73 -44.75 20.48
CA ALA H 410 -75.00 -45.25 21.82
C ALA H 410 -74.06 -46.38 22.21
N ASP H 411 -73.32 -46.95 21.27
CA ASP H 411 -72.31 -47.96 21.56
C ASP H 411 -71.00 -47.29 21.95
N TYR H 412 -71.09 -46.42 22.95
CA TYR H 412 -69.92 -45.73 23.49
C TYR H 412 -69.13 -46.69 24.39
N ASP H 413 -69.75 -47.15 25.47
CA ASP H 413 -69.14 -48.17 26.30
C ASP H 413 -69.45 -49.56 25.76
N ASN H 414 -70.57 -49.71 25.05
CA ASN H 414 -70.93 -50.99 24.45
C ASN H 414 -70.00 -51.29 23.28
N VAL H 415 -68.77 -51.70 23.60
CA VAL H 415 -67.75 -51.99 22.61
C VAL H 415 -66.75 -52.97 23.23
N TYR H 416 -66.09 -53.74 22.38
CA TYR H 416 -64.97 -54.54 22.84
C TYR H 416 -63.78 -53.62 23.13
N PHE H 417 -62.82 -54.14 23.88
CA PHE H 417 -61.66 -53.35 24.26
C PHE H 417 -60.47 -53.68 23.37
N GLU H 418 -59.53 -52.74 23.29
CA GLU H 418 -58.62 -52.60 22.16
C GLU H 418 -57.54 -53.69 22.20
N LYS H 419 -57.37 -54.37 21.08
CA LYS H 419 -56.44 -55.49 20.94
C LYS H 419 -55.29 -55.07 20.04
N ASN H 420 -54.08 -55.58 20.34
CA ASN H 420 -52.87 -55.11 19.66
C ASN H 420 -51.84 -56.23 19.70
N GLY H 421 -51.70 -56.95 18.58
CA GLY H 421 -50.79 -58.08 18.56
C GLY H 421 -51.17 -59.06 19.65
N ASN H 422 -50.19 -59.46 20.45
CA ASN H 422 -50.46 -60.20 21.67
C ASN H 422 -50.76 -59.27 22.84
N THR H 423 -50.96 -57.98 22.57
CA THR H 423 -51.30 -57.00 23.58
C THR H 423 -52.73 -56.50 23.37
N VAL H 424 -53.46 -56.34 24.47
CA VAL H 424 -54.79 -55.77 24.45
C VAL H 424 -54.84 -54.71 25.55
N TYR H 425 -55.67 -53.69 25.33
CA TYR H 425 -55.66 -52.55 26.23
C TYR H 425 -57.00 -51.84 26.19
N GLY H 426 -57.33 -51.19 27.31
CA GLY H 426 -58.45 -50.27 27.34
C GLY H 426 -57.91 -48.85 27.26
N ASN H 427 -58.61 -48.01 26.50
CA ASN H 427 -58.07 -46.70 26.16
C ASN H 427 -58.27 -45.65 27.24
N VAL H 428 -59.16 -45.89 28.22
CA VAL H 428 -59.57 -44.85 29.15
C VAL H 428 -58.40 -44.59 30.11
N SER H 429 -57.76 -43.43 29.96
CA SER H 429 -56.73 -43.00 30.89
C SER H 429 -57.35 -42.64 32.22
N GLN H 430 -56.95 -43.34 33.29
CA GLN H 430 -57.59 -43.11 34.58
C GLN H 430 -57.00 -41.91 35.29
N VAL H 431 -57.13 -40.73 34.71
CA VAL H 431 -56.65 -39.50 35.34
C VAL H 431 -57.31 -39.38 36.71
N ILE H 432 -56.49 -39.29 37.76
CA ILE H 432 -56.98 -39.31 39.13
C ILE H 432 -57.60 -37.95 39.43
N LYS H 433 -58.38 -37.87 40.51
CA LYS H 433 -58.72 -36.58 41.08
C LYS H 433 -57.47 -35.87 41.61
N GLY H 434 -57.49 -34.55 41.54
CA GLY H 434 -56.47 -33.76 42.21
C GLY H 434 -55.14 -33.72 41.48
N SER H 435 -54.41 -34.83 41.53
CA SER H 435 -53.11 -34.88 40.86
C SER H 435 -53.26 -35.02 39.35
N ASN H 436 -54.36 -35.63 38.91
CA ASN H 436 -54.59 -35.96 37.51
C ASN H 436 -53.55 -36.92 36.94
N ALA H 437 -52.79 -37.57 37.82
CA ALA H 437 -51.92 -38.68 37.41
C ALA H 437 -52.76 -39.95 37.35
N TYR H 438 -52.12 -41.12 37.34
CA TYR H 438 -52.79 -42.39 37.12
C TYR H 438 -52.68 -43.27 38.37
N ALA H 439 -53.81 -43.83 38.79
CA ALA H 439 -53.84 -44.56 40.05
C ALA H 439 -53.25 -45.95 39.89
N THR H 440 -52.15 -46.20 40.61
CA THR H 440 -51.36 -47.40 40.38
C THR H 440 -52.20 -48.66 40.60
N ASP H 441 -51.70 -49.78 40.08
CA ASP H 441 -52.41 -51.05 40.25
C ASP H 441 -52.73 -51.29 41.71
N SER H 442 -51.77 -50.98 42.59
CA SER H 442 -51.96 -51.14 44.02
C SER H 442 -52.67 -49.94 44.65
N THR H 443 -53.03 -48.93 43.85
CA THR H 443 -53.79 -47.80 44.36
C THR H 443 -55.26 -48.16 44.50
N LYS H 444 -55.91 -47.54 45.48
CA LYS H 444 -57.28 -47.85 45.82
C LYS H 444 -58.24 -47.00 44.99
N LEU H 445 -59.54 -47.21 45.24
CA LEU H 445 -60.56 -46.89 44.24
C LEU H 445 -60.95 -45.41 44.27
N SER H 446 -61.48 -44.94 45.40
CA SER H 446 -62.28 -43.72 45.41
C SER H 446 -61.59 -42.52 44.78
N GLU H 447 -60.28 -42.62 44.53
CA GLU H 447 -59.52 -41.43 44.14
C GLU H 447 -59.77 -41.01 42.70
N VAL H 448 -60.24 -41.92 41.86
CA VAL H 448 -60.42 -41.63 40.43
C VAL H 448 -61.88 -41.40 40.06
N MET H 449 -62.80 -41.50 41.02
CA MET H 449 -64.21 -41.69 40.72
C MET H 449 -64.84 -40.41 40.17
N ALA H 450 -65.98 -40.59 39.48
CA ALA H 450 -66.70 -39.50 38.84
C ALA H 450 -68.08 -39.26 39.41
N GLY H 451 -68.68 -40.29 39.99
CA GLY H 451 -69.96 -40.13 40.68
C GLY H 451 -69.60 -40.13 42.15
N ASP H 452 -69.38 -38.96 42.76
CA ASP H 452 -68.97 -38.81 44.19
C ASP H 452 -69.01 -39.96 45.21
N SER H 453 -69.94 -40.90 45.12
CA SER H 453 -70.07 -41.95 46.12
C SER H 453 -70.09 -43.30 45.43
N LEU H 454 -69.28 -44.23 45.94
CA LEU H 454 -69.29 -45.59 45.42
C LEU H 454 -70.63 -46.26 45.63
N ASN H 455 -71.46 -45.73 46.53
CA ASN H 455 -72.78 -46.29 46.75
C ASN H 455 -73.56 -46.29 45.44
N GLY H 456 -74.21 -47.43 45.15
CA GLY H 456 -75.00 -47.55 43.95
C GLY H 456 -74.17 -47.93 42.74
N THR H 457 -72.86 -47.92 42.89
CA THR H 457 -71.98 -48.24 41.77
C THR H 457 -71.60 -49.71 41.83
N THR H 458 -71.76 -50.40 40.71
CA THR H 458 -71.59 -51.86 40.66
C THR H 458 -71.25 -52.25 39.23
N LEU H 459 -70.14 -52.94 39.05
CA LEU H 459 -69.57 -53.16 37.73
C LEU H 459 -69.92 -54.55 37.23
N ASN H 460 -69.84 -54.72 35.92
CA ASN H 460 -70.36 -55.91 35.25
C ASN H 460 -69.47 -56.20 34.06
N LEU H 461 -68.78 -57.34 34.12
CA LEU H 461 -67.68 -57.64 33.20
C LEU H 461 -68.01 -58.82 32.31
N LYS H 462 -67.77 -58.65 31.02
CA LYS H 462 -67.85 -59.72 30.03
C LYS H 462 -66.48 -59.98 29.44
N VAL H 463 -66.10 -61.25 29.34
CA VAL H 463 -64.74 -61.62 28.94
C VAL H 463 -64.75 -63.05 28.42
N ASN H 464 -63.71 -63.39 27.64
CA ASN H 464 -63.58 -64.70 27.01
C ASN H 464 -62.36 -65.43 27.55
N SER H 465 -62.35 -66.74 27.35
CA SER H 465 -61.20 -67.56 27.72
C SER H 465 -60.10 -67.41 26.69
N LYS H 466 -58.92 -67.93 27.03
CA LYS H 466 -57.84 -68.01 26.04
C LYS H 466 -58.32 -68.73 24.79
N GLY H 467 -59.16 -69.74 24.97
CA GLY H 467 -59.78 -70.43 23.86
C GLY H 467 -61.18 -69.91 23.61
N GLY H 468 -61.40 -68.64 23.88
CA GLY H 468 -62.67 -68.01 23.57
C GLY H 468 -63.74 -68.21 24.62
N ASN H 469 -63.74 -69.36 25.28
CA ASN H 469 -64.80 -69.70 26.23
C ASN H 469 -65.16 -68.49 27.09
N SER H 470 -66.44 -68.13 27.08
CA SER H 470 -66.88 -66.81 27.51
C SER H 470 -67.25 -66.81 28.99
N TYR H 471 -67.14 -65.62 29.59
CA TYR H 471 -67.46 -65.45 31.00
C TYR H 471 -68.04 -64.06 31.22
N ASP H 472 -68.90 -63.95 32.22
CA ASP H 472 -69.37 -62.66 32.71
C ASP H 472 -69.33 -62.65 34.23
N VAL H 473 -68.86 -61.55 34.79
CA VAL H 473 -68.68 -61.40 36.22
C VAL H 473 -69.20 -60.03 36.64
N THR H 474 -69.96 -60.00 37.72
CA THR H 474 -70.48 -58.76 38.28
C THR H 474 -69.84 -58.51 39.65
N ILE H 475 -69.54 -57.24 39.93
CA ILE H 475 -68.86 -56.87 41.16
C ILE H 475 -69.54 -55.63 41.74
N ASN H 476 -69.86 -55.69 43.03
CA ASN H 476 -70.51 -54.59 43.73
C ASN H 476 -69.46 -53.80 44.51
N LEU H 477 -69.25 -52.55 44.11
CA LEU H 477 -68.38 -51.67 44.89
C LEU H 477 -69.03 -51.31 46.21
N GLN H 478 -70.27 -50.84 46.17
CA GLN H 478 -70.94 -50.35 47.37
C GLN H 478 -70.89 -51.40 48.48
N THR H 479 -71.24 -52.64 48.14
CA THR H 479 -71.22 -53.73 49.10
C THR H 479 -69.96 -54.57 49.03
N SER H 480 -69.09 -54.33 48.05
CA SER H 480 -67.79 -55.00 47.97
C SER H 480 -67.97 -56.51 47.96
N THR H 481 -68.61 -57.01 46.89
CA THR H 481 -68.91 -58.43 46.75
C THR H 481 -68.59 -58.90 45.35
N VAL H 482 -68.29 -60.20 45.25
CA VAL H 482 -67.97 -60.85 43.98
C VAL H 482 -69.13 -61.76 43.60
N SER H 483 -69.44 -61.81 42.31
CA SER H 483 -70.53 -62.62 41.81
C SER H 483 -70.27 -63.04 40.37
N TYR H 484 -70.65 -64.28 40.04
CA TYR H 484 -70.66 -64.76 38.67
C TYR H 484 -71.63 -65.93 38.58
N PRO H 485 -72.08 -66.26 37.37
CA PRO H 485 -73.09 -67.32 37.31
C PRO H 485 -72.56 -68.65 37.80
N ASP H 486 -73.40 -69.67 37.83
CA ASP H 486 -72.98 -70.97 38.30
C ASP H 486 -72.84 -71.93 37.13
N PRO H 487 -71.62 -72.04 36.58
CA PRO H 487 -71.41 -73.01 35.51
C PRO H 487 -71.54 -74.41 36.05
N ASN H 488 -71.18 -74.59 37.31
CA ASN H 488 -71.27 -75.91 37.93
C ASN H 488 -72.72 -76.28 37.96
N ASN H 489 -73.58 -75.30 38.21
CA ASN H 489 -75.01 -75.55 38.26
C ASN H 489 -75.65 -74.57 37.31
N PRO H 490 -75.64 -74.90 36.02
CA PRO H 490 -76.18 -73.95 35.05
C PRO H 490 -77.50 -73.39 35.53
N GLY H 491 -77.62 -72.06 35.56
CA GLY H 491 -78.84 -71.42 36.03
C GLY H 491 -78.68 -70.86 37.43
N GLN H 492 -77.67 -71.32 38.16
CA GLN H 492 -77.42 -70.80 39.49
C GLN H 492 -76.39 -69.69 39.43
N THR H 493 -75.98 -69.18 40.58
CA THR H 493 -74.97 -68.13 40.62
C THR H 493 -73.89 -68.49 41.61
N ILE H 494 -72.80 -67.72 41.61
CA ILE H 494 -71.67 -68.01 42.48
C ILE H 494 -71.12 -66.69 43.01
N SER H 495 -70.55 -66.67 44.21
CA SER H 495 -70.13 -65.41 44.84
C SER H 495 -68.89 -65.61 45.70
N PHE H 496 -68.32 -64.49 46.13
CA PHE H 496 -67.27 -64.43 47.13
C PHE H 496 -67.30 -63.07 47.80
N PRO H 497 -66.86 -63.00 49.06
CA PRO H 497 -66.53 -61.69 49.64
C PRO H 497 -65.08 -61.34 49.37
N ILE H 498 -64.79 -60.09 49.02
CA ILE H 498 -63.52 -59.74 48.42
C ILE H 498 -62.43 -59.89 49.48
N MET H 499 -61.49 -60.80 49.26
CA MET H 499 -60.45 -61.02 50.24
C MET H 499 -59.16 -60.27 49.90
N HIS H 500 -58.73 -59.34 50.76
CA HIS H 500 -57.46 -58.63 50.54
C HIS H 500 -56.46 -58.95 51.66
N THR H 501 -56.40 -60.21 52.07
CA THR H 501 -55.43 -60.66 53.11
C THR H 501 -55.77 -60.30 54.57
N ASN H 502 -54.92 -59.54 55.25
CA ASN H 502 -55.12 -59.30 56.71
C ASN H 502 -56.37 -58.66 57.34
N PRO H 503 -57.13 -59.45 58.11
CA PRO H 503 -58.27 -58.90 58.82
C PRO H 503 -57.82 -58.83 60.26
N ALA H 504 -56.61 -58.35 60.50
CA ALA H 504 -56.05 -58.36 61.85
C ALA H 504 -55.93 -59.81 62.22
N THR H 505 -55.66 -60.67 61.24
CA THR H 505 -55.57 -62.09 61.48
C THR H 505 -54.61 -62.76 60.54
N GLY H 506 -53.89 -63.76 61.03
CA GLY H 506 -52.99 -64.52 60.17
C GLY H 506 -53.81 -65.28 59.16
N ASN H 507 -55.08 -65.49 59.47
CA ASN H 507 -55.96 -66.19 58.55
C ASN H 507 -56.01 -65.45 57.24
N SER H 508 -55.76 -64.14 57.29
CA SER H 508 -55.75 -63.34 56.08
C SER H 508 -57.13 -63.33 55.45
N GLY H 509 -57.21 -63.06 54.15
CA GLY H 509 -58.48 -62.98 53.48
C GLY H 509 -59.07 -61.60 53.62
N VAL H 510 -59.52 -61.25 54.81
CA VAL H 510 -60.12 -59.93 55.07
C VAL H 510 -61.05 -59.33 54.01
N VAL H 511 -62.32 -59.16 54.38
CA VAL H 511 -63.29 -58.53 53.51
C VAL H 511 -62.84 -57.13 53.11
N THR H 512 -62.93 -56.82 51.83
CA THR H 512 -62.53 -55.50 51.34
C THR H 512 -63.65 -54.47 51.55
N GLY H 513 -63.24 -53.21 51.67
CA GLY H 513 -64.17 -52.10 51.73
C GLY H 513 -64.42 -51.51 50.36
N SER H 514 -65.53 -50.78 50.24
CA SER H 514 -65.92 -50.21 48.96
C SER H 514 -64.78 -49.43 48.32
N ASN H 515 -64.12 -48.57 49.09
CA ASN H 515 -63.11 -47.68 48.53
C ASN H 515 -61.78 -48.41 48.32
N ASP H 516 -61.57 -49.53 49.01
CA ASP H 516 -60.22 -50.01 49.27
C ASP H 516 -59.60 -50.72 48.08
N ILE H 517 -60.41 -51.41 47.27
CA ILE H 517 -59.87 -52.34 46.28
C ILE H 517 -58.74 -51.68 45.51
N THR H 518 -57.69 -52.46 45.25
CA THR H 518 -56.58 -52.02 44.42
C THR H 518 -56.70 -52.65 43.04
N TYR H 519 -56.37 -51.87 42.02
CA TYR H 519 -56.47 -52.36 40.66
C TYR H 519 -55.57 -53.57 40.45
N GLY H 520 -54.55 -53.72 41.27
CA GLY H 520 -53.71 -54.91 41.18
C GLY H 520 -54.49 -56.19 41.36
N GLN H 521 -55.55 -56.13 42.16
CA GLN H 521 -56.38 -57.32 42.38
C GLN H 521 -56.96 -57.82 41.07
N ILE H 522 -57.42 -56.90 40.22
CA ILE H 522 -58.09 -57.30 38.99
C ILE H 522 -57.13 -58.01 38.05
N ASN H 523 -55.85 -57.63 38.08
CA ASN H 523 -54.88 -58.19 37.13
C ASN H 523 -54.84 -59.71 37.23
N ASP H 524 -54.74 -60.25 38.46
CA ASP H 524 -54.63 -61.70 38.62
C ASP H 524 -55.93 -62.40 38.26
N ILE H 525 -57.06 -61.70 38.33
CA ILE H 525 -58.33 -62.32 37.97
C ILE H 525 -58.26 -62.85 36.54
N ILE H 526 -57.68 -62.06 35.65
CA ILE H 526 -57.57 -62.47 34.25
C ILE H 526 -56.75 -63.75 34.13
N GLY H 527 -55.62 -63.81 34.84
CA GLY H 527 -54.74 -64.96 34.73
C GLY H 527 -55.37 -66.25 35.22
N MET H 528 -56.14 -66.18 36.32
CA MET H 528 -56.59 -67.42 36.95
C MET H 528 -57.46 -68.25 36.02
N PHE H 529 -58.42 -67.61 35.36
CA PHE H 529 -59.38 -68.38 34.59
C PHE H 529 -58.86 -68.70 33.19
N ALA H 530 -57.59 -68.39 32.93
CA ALA H 530 -56.97 -68.76 31.66
C ALA H 530 -56.09 -70.00 31.79
N ALA H 531 -56.10 -70.66 32.95
CA ALA H 531 -55.08 -71.64 33.29
C ALA H 531 -55.33 -73.04 32.71
N ASP H 532 -56.27 -73.15 31.77
CA ASP H 532 -56.58 -74.40 31.08
C ASP H 532 -57.33 -75.38 31.99
N LYS H 533 -57.36 -75.08 33.29
CA LYS H 533 -58.12 -75.84 34.27
C LYS H 533 -58.27 -74.92 35.49
N ILE H 534 -59.49 -74.55 35.81
CA ILE H 534 -59.77 -73.30 36.53
C ILE H 534 -60.92 -73.48 37.51
N PRO H 535 -60.97 -72.64 38.54
CA PRO H 535 -61.84 -72.90 39.69
C PRO H 535 -63.24 -72.29 39.55
N THR H 536 -64.17 -72.80 40.41
CA THR H 536 -65.56 -72.37 40.30
C THR H 536 -66.36 -72.26 41.61
N THR H 537 -65.78 -72.43 42.79
CA THR H 537 -66.56 -72.76 43.98
C THR H 537 -66.60 -71.62 44.99
N THR H 538 -67.80 -71.31 45.49
CA THR H 538 -68.08 -70.21 46.42
C THR H 538 -67.51 -70.37 47.82
N ILE H 539 -67.23 -69.24 48.46
CA ILE H 539 -67.08 -69.14 49.91
C ILE H 539 -67.68 -67.81 50.35
N GLN H 540 -68.05 -67.72 51.63
CA GLN H 540 -68.54 -66.48 52.21
C GLN H 540 -68.00 -66.35 53.63
N ALA H 541 -68.24 -65.18 54.23
CA ALA H 541 -67.47 -64.71 55.38
C ALA H 541 -68.35 -64.45 56.59
N ASN H 542 -67.78 -64.68 57.78
CA ASN H 542 -68.43 -64.33 59.04
C ASN H 542 -68.17 -62.86 59.35
N ASN H 543 -69.19 -62.02 59.28
CA ASN H 543 -69.04 -60.58 59.50
C ASN H 543 -67.96 -60.00 58.61
N GLY H 544 -67.68 -60.64 57.48
CA GLY H 544 -66.55 -60.26 56.65
C GLY H 544 -65.27 -61.01 56.95
N GLN H 545 -65.34 -62.08 57.73
CA GLN H 545 -64.18 -62.88 58.12
C GLN H 545 -64.41 -64.32 57.67
N ILE H 546 -63.48 -64.86 56.89
CA ILE H 546 -63.58 -66.23 56.40
C ILE H 546 -62.57 -67.11 57.12
N ASN H 547 -62.64 -68.42 56.88
CA ASN H 547 -61.65 -69.35 57.41
C ASN H 547 -60.35 -69.24 56.62
N ASN H 548 -59.24 -69.48 57.31
CA ASN H 548 -57.94 -69.40 56.65
C ASN H 548 -57.85 -70.39 55.50
N ALA H 549 -58.35 -71.62 55.71
CA ALA H 549 -58.34 -72.58 54.62
C ALA H 549 -58.98 -71.98 53.38
N ASP H 550 -60.19 -71.45 53.53
CA ASP H 550 -60.86 -70.81 52.41
C ASP H 550 -59.91 -69.85 51.70
N TYR H 551 -59.24 -69.00 52.47
CA TYR H 551 -58.16 -68.20 51.92
C TYR H 551 -57.09 -69.11 51.33
N THR H 552 -56.74 -70.17 52.06
CA THR H 552 -55.60 -70.99 51.68
C THR H 552 -55.74 -71.51 50.26
N GLN H 553 -56.75 -72.36 50.00
CA GLN H 553 -56.87 -72.93 48.67
C GLN H 553 -57.00 -71.83 47.61
N ILE H 554 -57.61 -70.70 47.98
CA ILE H 554 -57.69 -69.59 47.05
C ILE H 554 -56.31 -69.03 46.77
N GLN H 555 -55.43 -68.99 47.77
CA GLN H 555 -54.07 -68.51 47.54
C GLN H 555 -53.36 -69.40 46.52
N GLN H 556 -53.45 -70.72 46.70
CA GLN H 556 -52.89 -71.64 45.72
C GLN H 556 -53.38 -71.27 44.33
N LEU H 557 -54.68 -71.03 44.21
CA LEU H 557 -55.24 -70.61 42.93
C LEU H 557 -54.62 -69.29 42.49
N MET H 558 -54.68 -68.29 43.35
CA MET H 558 -54.11 -66.98 43.02
C MET H 558 -52.64 -67.10 42.67
N LYS H 559 -51.85 -67.72 43.55
CA LYS H 559 -50.41 -67.72 43.39
C LYS H 559 -49.99 -68.49 42.15
N ASP H 560 -50.68 -69.57 41.83
CA ASP H 560 -50.40 -70.26 40.56
C ASP H 560 -50.72 -69.36 39.37
N SER H 561 -51.81 -68.60 39.45
CA SER H 561 -52.24 -67.79 38.32
C SER H 561 -51.23 -66.70 37.98
N GLN H 562 -50.42 -66.29 38.95
CA GLN H 562 -49.61 -65.08 38.78
C GLN H 562 -48.54 -65.27 37.72
N ALA H 563 -48.29 -66.49 37.26
CA ALA H 563 -47.30 -66.75 36.21
C ALA H 563 -47.91 -66.73 34.81
N THR H 564 -49.16 -66.28 34.65
CA THR H 564 -49.87 -66.49 33.39
C THR H 564 -49.74 -65.31 32.44
N VAL H 565 -50.24 -64.13 32.84
CA VAL H 565 -50.62 -63.10 31.90
C VAL H 565 -50.11 -61.76 32.37
N ASP H 566 -50.13 -60.78 31.47
CA ASP H 566 -49.73 -59.42 31.76
C ASP H 566 -50.96 -58.52 31.82
N VAL H 567 -51.14 -57.83 32.94
CA VAL H 567 -52.30 -56.96 33.09
C VAL H 567 -51.90 -55.80 33.96
N SER H 568 -52.02 -54.59 33.44
CA SER H 568 -51.62 -53.42 34.20
C SER H 568 -52.29 -52.20 33.62
N MET H 569 -51.80 -51.03 33.99
CA MET H 569 -52.33 -49.81 33.43
C MET H 569 -51.35 -49.24 32.43
N ASP H 570 -51.82 -48.98 31.21
CA ASP H 570 -50.97 -48.35 30.22
C ASP H 570 -50.29 -47.14 30.81
N TYR H 571 -49.16 -46.77 30.24
CA TYR H 571 -48.40 -45.65 30.77
C TYR H 571 -49.27 -44.44 30.99
N LYS H 572 -50.13 -44.13 30.03
CA LYS H 572 -50.93 -42.91 30.12
C LYS H 572 -52.17 -43.03 30.99
N GLY H 573 -52.19 -43.98 31.92
CA GLY H 573 -53.33 -44.15 32.78
C GLY H 573 -54.36 -45.07 32.18
N ARG H 574 -54.09 -45.59 30.99
CA ARG H 574 -55.00 -46.53 30.37
C ARG H 574 -54.75 -47.90 30.96
N ILE H 575 -55.38 -48.93 30.40
CA ILE H 575 -55.23 -50.30 30.85
C ILE H 575 -54.55 -51.08 29.74
N SER H 576 -53.43 -51.72 30.07
CA SER H 576 -52.64 -52.47 29.11
C SER H 576 -52.53 -53.92 29.56
N VAL H 577 -52.65 -54.83 28.58
CA VAL H 577 -52.68 -56.26 28.85
C VAL H 577 -51.96 -56.97 27.71
N THR H 578 -51.20 -58.00 28.06
CA THR H 578 -50.43 -58.73 27.07
C THR H 578 -50.41 -60.22 27.44
N ASP H 579 -50.42 -61.06 26.40
CA ASP H 579 -50.37 -62.51 26.57
C ASP H 579 -48.90 -62.91 26.63
N LYS H 580 -48.45 -63.28 27.81
CA LYS H 580 -47.07 -63.73 28.02
C LYS H 580 -46.87 -65.11 27.41
N LEU H 581 -47.96 -65.75 26.96
CA LEU H 581 -47.90 -67.13 26.48
C LEU H 581 -48.37 -67.27 25.04
N SER H 582 -48.40 -66.18 24.27
CA SER H 582 -48.83 -66.28 22.88
C SER H 582 -48.50 -65.00 22.14
N SER H 583 -48.55 -65.09 20.81
CA SER H 583 -48.53 -63.92 19.95
C SER H 583 -49.93 -63.38 19.69
N GLY H 584 -50.96 -64.17 19.98
CA GLY H 584 -52.34 -63.78 19.80
C GLY H 584 -53.26 -64.77 20.48
N THR H 585 -54.46 -64.34 20.87
CA THR H 585 -55.30 -65.19 21.70
C THR H 585 -56.75 -64.76 21.55
N ASN H 586 -57.66 -65.70 21.87
CA ASN H 586 -59.10 -65.49 21.73
C ASN H 586 -59.75 -64.98 23.01
N ILE H 587 -59.28 -63.84 23.52
CA ILE H 587 -59.88 -63.20 24.68
C ILE H 587 -60.37 -61.83 24.26
N GLU H 588 -61.63 -61.53 24.54
CA GLU H 588 -62.28 -60.31 24.14
C GLU H 588 -63.14 -59.84 25.30
N ILE H 589 -63.15 -58.53 25.56
CA ILE H 589 -63.61 -58.01 26.83
C ILE H 589 -64.65 -56.92 26.59
N SER H 590 -65.66 -56.89 27.46
CA SER H 590 -66.55 -55.74 27.59
C SER H 590 -66.97 -55.63 29.04
N LEU H 591 -67.19 -54.40 29.49
CA LEU H 591 -67.45 -54.15 30.91
C LEU H 591 -68.43 -52.99 31.04
N SER H 592 -69.27 -53.07 32.06
CA SER H 592 -70.30 -52.06 32.28
C SER H 592 -70.49 -51.82 33.77
N ASP H 593 -71.03 -50.65 34.09
CA ASP H 593 -71.37 -50.26 35.44
C ASP H 593 -72.89 -50.22 35.62
N SER H 594 -73.33 -50.16 36.87
CA SER H 594 -74.74 -49.93 37.14
C SER H 594 -75.23 -48.61 36.57
N GLN H 595 -74.32 -47.66 36.35
CA GLN H 595 -74.68 -46.36 35.80
C GLN H 595 -74.93 -46.40 34.29
N SER H 596 -74.61 -47.51 33.63
CA SER H 596 -74.53 -47.52 32.19
C SER H 596 -75.90 -47.34 31.54
N GLY H 597 -75.89 -46.69 30.37
CA GLY H 597 -77.01 -46.71 29.46
C GLY H 597 -78.11 -45.68 29.67
N GLN H 598 -78.97 -45.92 30.65
CA GLN H 598 -80.24 -45.22 30.71
C GLN H 598 -80.03 -43.71 30.77
N PHE H 599 -80.88 -42.99 30.06
CA PHE H 599 -80.74 -41.56 29.78
C PHE H 599 -81.76 -40.73 30.55
N PRO H 600 -81.58 -39.40 30.53
CA PRO H 600 -82.58 -38.54 31.18
C PRO H 600 -83.94 -38.83 30.58
N ALA H 601 -84.84 -39.40 31.37
CA ALA H 601 -86.15 -39.80 30.85
C ALA H 601 -87.02 -38.63 30.39
N PRO H 602 -88.02 -38.93 29.56
CA PRO H 602 -88.95 -37.87 29.11
C PRO H 602 -89.85 -37.09 30.12
N PRO H 603 -90.25 -35.87 29.74
CA PRO H 603 -89.92 -35.34 28.41
C PRO H 603 -88.47 -34.97 28.31
N PHE H 604 -88.04 -34.52 27.13
CA PHE H 604 -86.68 -34.06 26.96
C PHE H 604 -86.79 -32.62 26.53
N THR H 605 -87.64 -31.86 27.20
CA THR H 605 -87.87 -30.48 26.81
C THR H 605 -86.57 -29.75 26.50
N THR H 606 -86.68 -28.66 25.73
CA THR H 606 -85.53 -27.79 25.50
C THR H 606 -84.99 -27.25 26.81
N THR H 607 -85.80 -27.24 27.87
CA THR H 607 -85.27 -27.02 29.20
C THR H 607 -84.51 -28.28 29.56
N SER H 608 -83.32 -28.40 28.96
CA SER H 608 -82.62 -29.68 28.81
C SER H 608 -82.67 -30.51 30.08
N THR H 609 -82.85 -31.82 29.88
CA THR H 609 -82.87 -32.79 30.97
C THR H 609 -81.51 -33.47 31.06
N VAL H 610 -81.13 -33.82 32.30
CA VAL H 610 -79.76 -34.23 32.59
C VAL H 610 -79.77 -35.37 33.60
N GLN H 611 -78.74 -36.19 33.55
CA GLN H 611 -78.43 -37.15 34.60
C GLN H 611 -76.93 -37.12 34.85
N ASN H 612 -76.51 -37.62 36.01
CA ASN H 612 -75.13 -37.52 36.44
C ASN H 612 -74.71 -38.79 37.16
N GLY H 613 -73.40 -39.00 37.22
CA GLY H 613 -72.83 -39.99 38.11
C GLY H 613 -72.23 -41.24 37.49
N PRO H 614 -72.23 -41.38 36.15
CA PRO H 614 -71.42 -42.45 35.55
C PRO H 614 -70.00 -42.36 36.07
N ASN H 615 -69.53 -43.42 36.73
CA ASN H 615 -68.45 -43.26 37.69
C ASN H 615 -67.07 -43.58 37.12
N PHE H 616 -66.95 -44.62 36.30
CA PHE H 616 -65.67 -44.95 35.67
C PHE H 616 -65.91 -45.45 34.26
N SER H 617 -64.81 -45.63 33.53
CA SER H 617 -64.83 -46.21 32.19
C SER H 617 -63.47 -46.83 31.91
N PHE H 618 -63.44 -47.75 30.95
CA PHE H 618 -62.26 -48.55 30.69
C PHE H 618 -61.82 -48.40 29.23
N SER H 619 -62.79 -48.47 28.33
CA SER H 619 -62.56 -48.34 26.90
C SER H 619 -63.90 -48.03 26.24
N ALA H 620 -63.90 -47.08 25.32
CA ALA H 620 -65.15 -46.57 24.78
C ALA H 620 -64.97 -46.06 23.36
N ASN H 621 -66.10 -45.93 22.67
CA ASN H 621 -66.17 -45.26 21.37
C ASN H 621 -66.48 -43.80 21.66
N ASN H 622 -65.46 -42.95 21.67
CA ASN H 622 -65.53 -41.68 22.37
C ASN H 622 -64.95 -40.56 21.52
N SER H 623 -64.88 -39.37 22.13
CA SER H 623 -64.51 -38.15 21.43
C SER H 623 -63.06 -38.20 20.95
N LEU H 624 -62.63 -37.10 20.33
CA LEU H 624 -61.34 -37.04 19.67
C LEU H 624 -60.69 -35.68 19.91
N THR H 625 -59.35 -35.67 19.88
CA THR H 625 -58.58 -34.51 20.30
C THR H 625 -57.20 -34.58 19.67
N ILE H 626 -56.65 -33.41 19.34
CA ILE H 626 -55.21 -33.31 19.09
C ILE H 626 -54.64 -32.21 19.98
N ASP H 627 -54.28 -32.58 21.20
CA ASP H 627 -53.43 -31.78 22.07
C ASP H 627 -53.33 -32.55 23.39
N GLU H 628 -52.21 -32.40 24.07
CA GLU H 628 -52.05 -33.01 25.39
C GLU H 628 -50.69 -32.63 25.94
N PRO H 629 -50.45 -32.88 27.23
CA PRO H 629 -49.10 -32.70 27.77
C PRO H 629 -48.11 -33.74 27.27
N ASN H 630 -48.47 -35.02 27.36
CA ASN H 630 -47.53 -36.12 27.14
C ASN H 630 -47.32 -36.38 25.65
N VAL H 631 -46.47 -37.35 25.31
CA VAL H 631 -46.15 -37.64 23.91
C VAL H 631 -45.87 -39.10 23.56
N ASP H 632 -45.94 -39.47 22.28
CA ASP H 632 -45.58 -40.83 21.84
C ASP H 632 -44.51 -40.71 20.75
N ILE H 633 -44.12 -39.50 20.42
CA ILE H 633 -43.03 -39.24 19.45
C ILE H 633 -42.95 -39.96 18.09
N ILE H 634 -42.27 -41.10 17.98
CA ILE H 634 -42.03 -41.63 16.64
C ILE H 634 -43.33 -42.05 15.98
N LYS H 635 -44.15 -42.82 16.70
CA LYS H 635 -45.43 -43.23 16.12
C LYS H 635 -46.30 -42.03 15.81
N ASP H 636 -46.28 -41.01 16.66
CA ASP H 636 -47.04 -39.80 16.39
C ASP H 636 -46.64 -39.21 15.04
N LEU H 637 -45.34 -39.06 14.81
CA LEU H 637 -44.88 -38.58 13.52
C LEU H 637 -45.32 -39.53 12.42
N ASP H 638 -45.21 -40.83 12.66
CA ASP H 638 -45.73 -41.81 11.71
C ASP H 638 -47.22 -41.61 11.51
N SER H 639 -47.96 -41.39 12.59
CA SER H 639 -49.37 -41.04 12.47
C SER H 639 -49.55 -39.78 11.65
N MET H 640 -48.66 -38.81 11.82
CA MET H 640 -48.77 -37.56 11.07
C MET H 640 -48.42 -37.77 9.61
N ILE H 641 -47.42 -38.61 9.33
CA ILE H 641 -47.11 -38.95 7.94
C ILE H 641 -48.30 -39.67 7.30
N ASP H 642 -49.04 -40.47 8.09
CA ASP H 642 -50.30 -41.00 7.60
C ASP H 642 -51.21 -39.87 7.14
N ALA H 643 -51.26 -38.78 7.90
CA ALA H 643 -52.05 -37.62 7.47
C ALA H 643 -51.56 -37.10 6.13
N VAL H 644 -50.25 -37.14 5.91
CA VAL H 644 -49.71 -36.81 4.59
C VAL H 644 -50.23 -37.82 3.56
N LEU H 645 -50.19 -39.11 3.90
CA LEU H 645 -50.74 -40.11 3.01
C LEU H 645 -52.21 -39.83 2.71
N LYS H 646 -53.01 -39.66 3.76
CA LYS H 646 -54.42 -39.34 3.56
C LYS H 646 -54.61 -37.89 3.15
N GLY H 647 -53.57 -37.08 3.25
CA GLY H 647 -53.73 -35.66 3.03
C GLY H 647 -54.58 -34.99 4.08
N ASN H 648 -54.63 -35.54 5.29
CA ASN H 648 -55.59 -35.10 6.29
C ASN H 648 -55.25 -33.77 6.94
N MET H 649 -55.77 -32.68 6.39
CA MET H 649 -55.99 -31.51 7.21
C MET H 649 -57.03 -31.78 8.28
N ARG H 650 -57.85 -32.82 8.11
CA ARG H 650 -59.01 -33.09 8.95
C ARG H 650 -59.20 -34.60 9.05
N ALA H 651 -60.18 -35.00 9.85
CA ALA H 651 -60.40 -36.41 10.16
C ALA H 651 -61.70 -36.93 9.57
N ASP H 652 -61.68 -38.20 9.16
CA ASP H 652 -62.85 -38.92 8.68
C ASP H 652 -63.09 -40.07 9.65
N SER H 653 -64.17 -39.97 10.42
CA SER H 653 -64.46 -40.96 11.45
C SER H 653 -64.54 -42.38 10.89
N GLU H 654 -65.01 -42.54 9.65
CA GLU H 654 -65.16 -43.86 9.06
C GLU H 654 -64.06 -44.18 8.05
N SER H 655 -63.03 -43.33 7.94
CA SER H 655 -61.87 -43.73 7.18
C SER H 655 -61.09 -44.80 7.97
N GLU H 656 -60.15 -45.44 7.28
CA GLU H 656 -59.37 -46.48 7.94
C GLU H 656 -58.62 -45.95 9.15
N ASN H 657 -58.40 -44.64 9.21
CA ASN H 657 -57.95 -43.97 10.43
C ASN H 657 -59.02 -42.98 10.84
N PRO H 658 -59.94 -43.36 11.73
CA PRO H 658 -60.98 -42.42 12.16
C PRO H 658 -60.43 -41.14 12.77
N ARG H 659 -59.22 -41.22 13.32
CA ARG H 659 -58.74 -40.25 14.29
C ARG H 659 -57.54 -39.47 13.79
N ASN H 660 -57.56 -38.97 12.55
CA ASN H 660 -56.38 -38.33 11.96
C ASN H 660 -56.77 -37.00 11.30
N THR H 661 -56.30 -35.89 11.90
CA THR H 661 -56.21 -34.60 11.24
C THR H 661 -54.77 -34.16 11.12
N GLY H 662 -53.84 -35.11 11.00
CA GLY H 662 -52.46 -34.84 11.35
C GLY H 662 -51.84 -33.66 10.65
N MET H 663 -52.14 -33.50 9.36
CA MET H 663 -51.47 -32.46 8.59
C MET H 663 -51.66 -31.09 9.25
N GLN H 664 -52.79 -30.88 9.91
CA GLN H 664 -52.94 -29.73 10.77
C GLN H 664 -52.56 -30.05 12.21
N GLY H 665 -52.83 -31.29 12.65
CA GLY H 665 -52.52 -31.65 14.02
C GLY H 665 -51.06 -31.46 14.36
N ALA H 666 -50.18 -31.79 13.41
CA ALA H 666 -48.76 -31.60 13.63
C ALA H 666 -48.43 -30.16 14.02
N LEU H 667 -49.19 -29.20 13.49
CA LEU H 667 -48.90 -27.80 13.76
C LEU H 667 -48.84 -27.52 15.25
N GLU H 668 -49.85 -27.99 15.98
CA GLU H 668 -49.86 -27.78 17.43
C GLU H 668 -48.79 -28.63 18.11
N ARG H 669 -48.72 -29.91 17.75
CA ARG H 669 -47.85 -30.83 18.49
C ARG H 669 -46.39 -30.44 18.36
N LEU H 670 -45.96 -30.07 17.17
CA LEU H 670 -44.58 -29.62 17.03
C LEU H 670 -44.37 -28.26 17.66
N ASP H 671 -45.45 -27.49 17.85
CA ASP H 671 -45.38 -26.34 18.74
C ASP H 671 -45.27 -26.79 20.20
N HIS H 672 -46.14 -27.72 20.60
CA HIS H 672 -45.93 -28.45 21.83
C HIS H 672 -44.48 -28.87 22.02
N LEU H 673 -43.87 -29.41 20.96
CA LEU H 673 -42.55 -30.00 21.11
C LEU H 673 -41.45 -28.95 21.19
N ALA H 674 -41.51 -27.90 20.38
CA ALA H 674 -40.48 -26.87 20.43
C ALA H 674 -40.35 -26.31 21.83
N ASP H 675 -41.47 -26.08 22.50
CA ASP H 675 -41.43 -25.61 23.88
C ASP H 675 -40.69 -26.61 24.76
N HIS H 676 -41.01 -27.89 24.62
CA HIS H 676 -40.40 -28.91 25.47
C HIS H 676 -38.89 -28.96 25.26
N VAL H 677 -38.45 -29.09 24.02
CA VAL H 677 -37.02 -29.24 23.76
C VAL H 677 -36.27 -28.00 24.23
N SER H 678 -36.88 -26.83 24.06
CA SER H 678 -36.26 -25.60 24.53
C SER H 678 -35.84 -25.73 25.98
N LYS H 679 -36.74 -26.23 26.83
CA LYS H 679 -36.40 -26.46 28.23
C LYS H 679 -35.15 -27.31 28.34
N LEU H 680 -35.12 -28.43 27.62
CA LEU H 680 -34.03 -29.38 27.73
C LEU H 680 -32.69 -28.67 27.55
N ASN H 681 -32.63 -27.75 26.60
CA ASN H 681 -31.40 -27.02 26.32
C ASN H 681 -30.97 -26.22 27.55
N THR H 682 -31.89 -25.46 28.13
CA THR H 682 -31.55 -24.56 29.22
C THR H 682 -31.05 -25.31 30.45
N THR H 683 -31.74 -26.41 30.81
CA THR H 683 -31.35 -27.11 32.03
C THR H 683 -29.92 -27.61 31.95
N MET H 684 -29.51 -28.17 30.81
CA MET H 684 -28.16 -28.65 30.72
C MET H 684 -27.17 -27.52 30.91
N GLY H 685 -27.43 -26.37 30.27
CA GLY H 685 -26.61 -25.19 30.50
C GLY H 685 -26.64 -24.77 31.95
N ALA H 686 -27.82 -24.76 32.57
CA ALA H 686 -27.91 -24.46 33.99
C ALA H 686 -26.95 -25.33 34.78
N TYR H 687 -26.93 -26.63 34.48
CA TYR H 687 -25.93 -27.51 35.09
C TYR H 687 -24.53 -26.99 34.81
N HIS H 688 -24.19 -26.81 33.55
CA HIS H 688 -22.84 -26.38 33.19
C HIS H 688 -22.48 -25.09 33.90
N ASN H 689 -23.36 -24.09 33.81
CA ASN H 689 -23.11 -22.83 34.48
C ASN H 689 -22.89 -23.05 35.96
N THR H 690 -23.75 -23.85 36.59
CA THR H 690 -23.56 -24.19 37.99
C THR H 690 -22.21 -24.86 38.19
N ILE H 691 -21.92 -25.88 37.38
CA ILE H 691 -20.70 -26.65 37.58
C ILE H 691 -19.48 -25.77 37.34
N GLU H 692 -19.51 -24.96 36.27
CA GLU H 692 -18.40 -24.07 35.97
C GLU H 692 -18.06 -23.20 37.18
N GLY H 693 -19.06 -22.54 37.76
CA GLY H 693 -18.79 -21.72 38.93
C GLY H 693 -18.15 -22.53 40.04
N VAL H 694 -18.67 -23.73 40.29
CA VAL H 694 -18.07 -24.60 41.29
C VAL H 694 -16.62 -24.88 40.95
N ASN H 695 -16.36 -25.26 39.70
CA ASN H 695 -14.98 -25.57 39.31
C ASN H 695 -14.08 -24.36 39.48
N THR H 696 -14.47 -23.23 38.90
CA THR H 696 -13.69 -22.02 39.07
C THR H 696 -13.59 -21.64 40.54
N ARG H 697 -14.71 -21.74 41.27
CA ARG H 697 -14.69 -21.52 42.70
C ARG H 697 -13.58 -22.35 43.35
N THR H 698 -13.46 -23.60 42.93
CA THR H 698 -12.44 -24.47 43.50
C THR H 698 -11.04 -23.94 43.20
N SER H 699 -10.81 -23.49 41.96
CA SER H 699 -9.46 -23.17 41.54
C SER H 699 -8.82 -22.13 42.45
N PHE H 700 -9.36 -20.91 42.44
CA PHE H 700 -8.70 -19.85 43.18
C PHE H 700 -8.73 -20.14 44.67
N LEU H 701 -9.86 -20.65 45.18
CA LEU H 701 -9.89 -21.08 46.57
C LEU H 701 -8.80 -22.12 46.84
N SER H 702 -8.71 -23.12 45.97
CA SER H 702 -7.63 -24.07 46.09
C SER H 702 -6.28 -23.37 45.94
N VAL H 703 -6.18 -22.47 44.96
CA VAL H 703 -4.93 -21.73 44.76
C VAL H 703 -4.54 -21.02 46.04
N ASN H 704 -5.52 -20.42 46.71
CA ASN H 704 -5.22 -19.70 47.95
C ASN H 704 -4.56 -20.62 48.96
N VAL H 705 -5.19 -21.75 49.25
CA VAL H 705 -4.64 -22.66 50.25
C VAL H 705 -3.35 -23.29 49.75
N GLN H 706 -3.26 -23.55 48.44
CA GLN H 706 -2.03 -24.11 47.89
C GLN H 706 -0.84 -23.26 48.26
N SER H 707 -0.91 -21.95 47.96
CA SER H 707 0.16 -21.06 48.35
C SER H 707 0.30 -21.00 49.87
N ILE H 708 -0.83 -20.84 50.57
CA ILE H 708 -0.78 -20.75 52.03
C ILE H 708 -0.09 -21.99 52.60
N LYS H 709 -0.53 -23.17 52.15
CA LYS H 709 0.09 -24.41 52.61
C LYS H 709 1.59 -24.36 52.40
N SER H 710 2.02 -24.01 51.19
CA SER H 710 3.45 -23.87 50.93
C SER H 710 4.08 -22.89 51.90
N ASN H 711 3.51 -21.69 52.00
CA ASN H 711 4.12 -20.65 52.82
C ASN H 711 4.38 -21.14 54.24
N VAL H 712 3.47 -21.96 54.77
CA VAL H 712 3.68 -22.54 56.09
C VAL H 712 4.98 -23.32 56.13
N ILE H 713 5.26 -24.07 55.07
CA ILE H 713 6.42 -24.94 55.06
C ILE H 713 7.57 -24.32 54.28
N ASP H 714 7.29 -23.28 53.49
CA ASP H 714 8.27 -22.76 52.55
C ASP H 714 9.55 -22.31 53.29
N VAL H 715 10.69 -22.65 52.71
CA VAL H 715 11.99 -22.21 53.20
C VAL H 715 12.58 -21.22 52.20
N ASP H 716 13.08 -20.10 52.70
CA ASP H 716 13.83 -19.17 51.86
C ASP H 716 15.26 -19.67 51.76
N TYR H 717 15.65 -20.10 50.56
CA TYR H 717 16.98 -20.67 50.39
C TYR H 717 18.06 -19.63 50.64
N GLY H 718 17.85 -18.41 50.14
CA GLY H 718 18.82 -17.36 50.39
C GLY H 718 18.98 -17.05 51.87
N GLU H 719 17.85 -16.87 52.57
CA GLU H 719 17.90 -16.67 54.01
C GLU H 719 18.62 -17.83 54.70
N ALA H 720 18.19 -19.05 54.40
CA ALA H 720 18.83 -20.21 55.00
C ALA H 720 20.29 -20.30 54.59
N MET H 721 20.58 -20.04 53.30
CA MET H 721 21.95 -20.08 52.83
C MET H 721 22.82 -19.14 53.65
N MET H 722 22.36 -17.92 53.87
CA MET H 722 23.10 -16.99 54.72
C MET H 722 23.22 -17.53 56.13
N ASN H 723 22.14 -18.06 56.69
CA ASN H 723 22.22 -18.65 58.01
C ASN H 723 23.24 -19.78 58.04
N LEU H 724 23.32 -20.57 56.97
CA LEU H 724 24.40 -21.53 56.86
C LEU H 724 25.75 -20.83 56.97
N MET H 725 25.94 -19.78 56.18
CA MET H 725 27.15 -18.97 56.31
C MET H 725 27.38 -18.55 57.74
N GLN H 726 26.33 -18.08 58.42
CA GLN H 726 26.48 -17.63 59.79
C GLN H 726 27.09 -18.73 60.65
N VAL H 727 26.48 -19.92 60.63
CA VAL H 727 27.08 -21.05 61.34
C VAL H 727 28.33 -21.53 60.61
N GLN H 728 28.29 -21.58 59.28
CA GLN H 728 29.37 -22.16 58.52
C GLN H 728 30.66 -21.37 58.68
N LEU H 729 30.57 -20.04 58.60
CA LEU H 729 31.73 -19.22 58.93
C LEU H 729 32.15 -19.43 60.38
N ALA H 730 31.17 -19.39 61.29
CA ALA H 730 31.49 -19.54 62.71
C ALA H 730 32.15 -20.89 62.98
N TYR H 731 31.60 -21.95 62.38
CA TYR H 731 32.14 -23.28 62.64
C TYR H 731 33.60 -23.35 62.20
N GLN H 732 33.94 -22.75 61.06
CA GLN H 732 35.33 -22.64 60.66
C GLN H 732 36.17 -22.03 61.76
N ALA H 733 35.74 -20.88 62.28
CA ALA H 733 36.54 -20.18 63.28
C ALA H 733 36.73 -21.04 64.51
N SER H 734 35.63 -21.57 65.06
CA SER H 734 35.75 -22.43 66.24
C SER H 734 36.69 -23.58 65.96
N LEU H 735 36.67 -24.11 64.73
CA LEU H 735 37.58 -25.19 64.39
C LEU H 735 39.04 -24.75 64.54
N LYS H 736 39.40 -23.63 63.93
CA LYS H 736 40.75 -23.11 64.12
C LYS H 736 41.01 -22.79 65.58
N ALA H 737 40.08 -22.11 66.23
CA ALA H 737 40.24 -21.82 67.66
C ALA H 737 40.57 -23.08 68.42
N SER H 738 39.89 -24.18 68.10
CA SER H 738 40.25 -25.46 68.70
C SER H 738 41.68 -25.83 68.34
N THR H 739 42.05 -25.67 67.07
CA THR H 739 43.41 -25.97 66.65
C THR H 739 44.41 -25.11 67.44
N THR H 740 44.17 -23.80 67.48
CA THR H 740 45.05 -22.91 68.23
C THR H 740 45.29 -23.43 69.63
N ILE H 741 44.22 -23.84 70.31
CA ILE H 741 44.36 -24.37 71.66
C ILE H 741 45.21 -25.63 71.63
N SER H 742 44.97 -26.51 70.65
CA SER H 742 45.74 -27.74 70.57
C SER H 742 47.23 -27.44 70.42
N GLN H 743 47.57 -26.51 69.53
CA GLN H 743 48.97 -26.11 69.42
C GLN H 743 49.46 -25.52 70.74
N LEU H 744 48.69 -24.59 71.30
CA LEU H 744 49.05 -24.02 72.60
C LEU H 744 49.31 -25.12 73.62
N SER H 745 48.49 -26.17 73.58
CA SER H 745 48.69 -27.28 74.51
C SER H 745 50.07 -27.89 74.35
N LEU H 746 50.50 -28.12 73.11
CA LEU H 746 51.75 -28.85 72.86
C LEU H 746 52.96 -27.98 73.15
N LEU H 747 52.99 -26.76 72.62
CA LEU H 747 54.24 -26.01 72.53
C LEU H 747 54.88 -25.76 73.89
N ASN H 748 54.07 -25.58 74.93
CA ASN H 748 54.62 -25.19 76.23
C ASN H 748 55.46 -26.31 76.86
N TYR H 749 55.38 -27.52 76.35
CA TYR H 749 56.08 -28.65 76.95
C TYR H 749 57.58 -28.58 76.78
N MET H 750 58.10 -27.51 76.21
CA MET H 750 59.54 -27.27 76.20
C MET H 750 60.10 -27.43 77.61
N MET I 1 29.33 -7.10 72.60
CA MET I 1 28.70 -7.08 71.25
C MET I 1 27.62 -8.17 71.15
N ARG I 2 26.78 -8.30 72.20
CA ARG I 2 26.02 -9.52 72.40
C ARG I 2 24.49 -9.33 72.71
N ILE I 3 23.99 -8.12 73.04
CA ILE I 3 22.53 -7.86 73.10
C ILE I 3 21.98 -7.12 71.86
N THR I 4 22.41 -5.91 71.52
CA THR I 4 21.68 -5.19 70.47
C THR I 4 21.97 -5.70 69.02
N ASN I 5 23.24 -5.91 68.64
CA ASN I 5 23.64 -5.77 67.23
C ASN I 5 23.51 -7.05 66.38
N LYS I 6 24.41 -8.03 66.58
CA LYS I 6 24.71 -9.02 65.52
C LYS I 6 23.46 -9.58 64.85
N LEU I 7 22.30 -9.54 65.51
CA LEU I 7 21.12 -10.15 64.92
C LEU I 7 20.60 -9.33 63.75
N ASN I 8 20.71 -8.00 63.83
CA ASN I 8 20.01 -7.16 62.88
C ASN I 8 20.46 -7.42 61.44
N PHE I 9 21.76 -7.61 61.20
CA PHE I 9 22.16 -7.91 59.83
C PHE I 9 21.65 -9.27 59.42
N THR I 10 21.35 -10.15 60.38
CA THR I 10 20.54 -11.32 60.06
C THR I 10 19.14 -10.87 59.64
N ASN I 11 18.62 -9.83 60.29
CA ASN I 11 17.32 -9.28 59.88
C ASN I 11 17.36 -8.74 58.46
N SER I 12 18.40 -7.99 58.12
CA SER I 12 18.41 -7.29 56.85
C SER I 12 18.07 -8.21 55.70
N VAL I 13 18.63 -9.41 55.69
CA VAL I 13 18.24 -10.39 54.68
C VAL I 13 16.77 -10.79 54.87
N ASN I 14 16.35 -10.99 56.12
CA ASN I 14 14.93 -11.18 56.38
C ASN I 14 14.14 -9.99 55.89
N ASN I 15 14.58 -8.78 56.24
CA ASN I 15 13.92 -7.58 55.76
C ASN I 15 14.01 -7.50 54.25
N SER I 16 15.16 -7.86 53.69
CA SER I 16 15.29 -7.93 52.24
C SER I 16 14.22 -8.83 51.66
N MET I 17 13.96 -9.95 52.33
CA MET I 17 12.86 -10.82 51.89
C MET I 17 11.53 -10.11 52.03
N GLY I 18 11.34 -9.34 53.09
CA GLY I 18 10.10 -8.60 53.23
C GLY I 18 9.86 -7.67 52.06
N GLY I 19 10.89 -6.90 51.69
CA GLY I 19 10.81 -6.14 50.45
C GLY I 19 10.68 -7.04 49.23
N GLN I 20 11.35 -8.19 49.28
CA GLN I 20 11.32 -9.12 48.15
C GLN I 20 9.89 -9.49 47.78
N SER I 21 9.09 -9.90 48.77
CA SER I 21 7.68 -10.12 48.52
C SER I 21 6.96 -8.82 48.21
N ALA I 22 7.15 -7.80 49.06
CA ALA I 22 6.43 -6.54 48.88
C ALA I 22 6.54 -6.07 47.44
N LEU I 23 7.74 -6.14 46.88
CA LEU I 23 7.91 -5.88 45.46
C LEU I 23 6.97 -6.75 44.63
N TYR I 24 6.85 -8.03 45.01
CA TYR I 24 6.06 -8.95 44.21
C TYR I 24 4.59 -8.54 44.17
N GLN I 25 4.02 -8.21 45.33
CA GLN I 25 2.65 -7.67 45.33
C GLN I 25 2.56 -6.48 44.39
N ILE I 26 3.48 -5.54 44.52
CA ILE I 26 3.49 -4.39 43.62
C ILE I 26 3.52 -4.85 42.18
N SER I 27 4.35 -5.84 41.86
CA SER I 27 4.34 -6.42 40.52
C SER I 27 2.96 -6.95 40.16
N GLN I 28 2.30 -7.64 41.10
CA GLN I 28 0.95 -8.10 40.84
C GLN I 28 0.02 -6.94 40.59
N GLN I 29 0.13 -5.88 41.38
CA GLN I 29 -0.70 -4.70 41.17
C GLN I 29 -0.47 -4.13 39.77
N LEU I 30 0.78 -4.04 39.34
CA LEU I 30 1.06 -3.54 38.01
C LEU I 30 0.62 -4.55 36.95
N ALA I 31 0.91 -5.84 37.16
CA ALA I 31 0.43 -6.85 36.23
C ALA I 31 -1.10 -6.82 36.13
N SER I 32 -1.77 -6.71 37.27
CA SER I 32 -3.23 -6.61 37.27
C SER I 32 -3.69 -5.22 36.85
N GLY I 33 -2.93 -4.18 37.21
CA GLY I 33 -3.38 -2.83 36.97
C GLY I 33 -4.45 -2.36 37.92
N LEU I 34 -4.63 -3.04 39.05
CA LEU I 34 -5.69 -2.73 40.01
C LEU I 34 -5.06 -2.27 41.31
N LYS I 35 -5.70 -1.28 41.94
CA LYS I 35 -5.20 -0.76 43.21
C LYS I 35 -4.94 -1.88 44.19
N ILE I 36 -6.01 -2.59 44.57
CA ILE I 36 -5.97 -3.55 45.66
C ILE I 36 -6.60 -4.86 45.19
N GLN I 37 -6.32 -5.92 45.95
CA GLN I 37 -6.79 -7.25 45.61
C GLN I 37 -7.40 -8.01 46.77
N ASN I 38 -7.40 -7.48 47.99
CA ASN I 38 -7.96 -8.18 49.14
C ASN I 38 -8.51 -7.17 50.13
N SER I 39 -9.32 -7.68 51.06
CA SER I 39 -10.22 -6.84 51.84
C SER I 39 -9.49 -5.68 52.51
N TYR I 40 -8.43 -6.00 53.25
CA TYR I 40 -7.86 -5.07 54.22
C TYR I 40 -6.98 -4.01 53.56
N GLU I 41 -7.09 -3.84 52.25
CA GLU I 41 -6.11 -3.05 51.53
C GLU I 41 -6.54 -1.61 51.29
N ASP I 42 -7.82 -1.35 51.05
CA ASP I 42 -8.35 0.00 51.20
C ASP I 42 -9.86 -0.03 51.34
N ALA I 43 -10.36 0.31 52.52
CA ALA I 43 -11.79 0.29 52.75
C ALA I 43 -12.52 1.22 51.80
N SER I 44 -12.01 2.46 51.65
CA SER I 44 -12.65 3.40 50.73
C SER I 44 -12.76 2.80 49.33
N THR I 45 -11.63 2.31 48.79
CA THR I 45 -11.67 1.68 47.48
C THR I 45 -12.68 0.54 47.46
N TYR I 46 -12.89 -0.11 48.61
CA TYR I 46 -13.92 -1.14 48.69
C TYR I 46 -15.31 -0.52 48.79
N ILE I 47 -15.50 0.37 49.76
CA ILE I 47 -16.79 1.06 49.89
C ILE I 47 -17.13 1.77 48.59
N ASP I 48 -16.16 2.52 48.06
CA ASP I 48 -16.38 3.20 46.78
C ASP I 48 -16.78 2.21 45.70
N ASN I 49 -16.00 1.14 45.56
CA ASN I 49 -16.35 0.11 44.58
C ASN I 49 -17.70 -0.51 44.89
N THR I 50 -17.79 -1.19 46.05
CA THR I 50 -18.96 -1.99 46.36
C THR I 50 -20.27 -1.29 46.02
N ARG I 51 -20.36 0.01 46.30
CA ARG I 51 -21.55 0.76 45.92
C ARG I 51 -21.83 0.60 44.44
N LEU I 52 -20.79 0.58 43.62
CA LEU I 52 -20.99 0.63 42.18
C LEU I 52 -21.39 -0.73 41.61
N GLU I 53 -21.07 -1.83 42.30
CA GLU I 53 -21.57 -3.12 41.85
C GLU I 53 -23.08 -3.09 41.71
N TYR I 54 -23.77 -2.67 42.76
CA TYR I 54 -25.23 -2.55 42.69
C TYR I 54 -25.63 -1.62 41.57
N GLU I 55 -25.16 -0.39 41.61
CA GLU I 55 -25.65 0.61 40.67
C GLU I 55 -25.40 0.19 39.22
N ILE I 56 -24.27 -0.44 38.95
CA ILE I 56 -23.99 -0.86 37.57
C ILE I 56 -24.78 -2.11 37.22
N LYS I 57 -24.73 -3.13 38.07
CA LYS I 57 -25.35 -4.39 37.71
C LYS I 57 -26.86 -4.23 37.57
N THR I 58 -27.49 -3.43 38.43
CA THR I 58 -28.87 -3.06 38.19
C THR I 58 -29.03 -2.37 36.85
N LEU I 59 -28.12 -1.43 36.55
CA LEU I 59 -28.16 -0.75 35.27
C LEU I 59 -28.12 -1.73 34.11
N GLU I 60 -27.35 -2.81 34.25
CA GLU I 60 -27.16 -3.73 33.13
C GLU I 60 -28.48 -4.34 32.69
N GLN I 61 -29.32 -4.75 33.64
CA GLN I 61 -30.60 -5.35 33.28
C GLN I 61 -31.47 -4.37 32.50
N VAL I 62 -31.41 -3.09 32.88
CA VAL I 62 -32.37 -2.13 32.34
C VAL I 62 -32.21 -2.02 30.83
N LYS I 63 -30.98 -1.82 30.36
CA LYS I 63 -30.75 -1.82 28.92
C LYS I 63 -31.31 -3.09 28.30
N GLU I 64 -30.95 -4.24 28.87
CA GLU I 64 -31.48 -5.51 28.41
C GLU I 64 -33.01 -5.48 28.43
N SER I 65 -33.60 -5.11 29.56
CA SER I 65 -35.06 -5.09 29.65
C SER I 65 -35.65 -4.07 28.69
N THR I 66 -35.15 -2.84 28.72
CA THR I 66 -35.66 -1.81 27.83
C THR I 66 -35.55 -2.27 26.37
N SER I 67 -34.46 -2.96 26.05
CA SER I 67 -34.25 -3.41 24.68
C SER I 67 -35.38 -4.31 24.23
N ARG I 68 -35.67 -5.37 24.99
CA ARG I 68 -36.72 -6.30 24.58
C ARG I 68 -38.07 -5.62 24.55
N ALA I 69 -38.34 -4.73 25.51
CA ALA I 69 -39.56 -3.95 25.43
C ALA I 69 -39.64 -3.20 24.11
N GLN I 70 -38.55 -2.55 23.72
CA GLN I 70 -38.52 -1.88 22.42
C GLN I 70 -38.80 -2.87 21.29
N GLU I 71 -38.45 -4.14 21.49
CA GLU I 71 -38.63 -5.13 20.42
C GLU I 71 -40.10 -5.30 20.07
N MET I 72 -40.94 -5.57 21.07
CA MET I 72 -42.35 -5.78 20.79
C MET I 72 -43.03 -4.51 20.35
N THR I 73 -42.54 -3.36 20.83
CA THR I 73 -43.16 -2.08 20.50
C THR I 73 -43.16 -1.81 18.99
N GLN I 74 -42.01 -1.96 18.34
CA GLN I 74 -41.96 -1.73 16.90
C GLN I 74 -42.90 -2.70 16.17
N ASN I 75 -42.90 -3.97 16.59
CA ASN I 75 -43.89 -4.90 16.07
C ASN I 75 -45.30 -4.33 16.25
N SER I 76 -45.55 -3.70 17.40
CA SER I 76 -46.82 -3.04 17.61
C SER I 76 -46.94 -1.79 16.74
N MET I 77 -45.93 -0.93 16.76
CA MET I 77 -46.03 0.34 16.03
C MET I 77 -46.26 0.08 14.54
N LYS I 78 -45.43 -0.76 13.93
CA LYS I 78 -45.64 -1.08 12.52
C LYS I 78 -46.98 -1.77 12.34
N ALA I 79 -47.32 -2.70 13.24
CA ALA I 79 -48.62 -3.35 13.16
C ALA I 79 -49.74 -2.32 13.22
N LEU I 80 -49.64 -1.36 14.14
CA LEU I 80 -50.68 -0.35 14.26
C LEU I 80 -50.86 0.40 12.95
N GLN I 81 -49.75 0.79 12.32
CA GLN I 81 -49.85 1.34 10.97
C GLN I 81 -50.54 0.36 10.04
N ASP I 82 -50.17 -0.92 10.13
CA ASP I 82 -50.82 -1.93 9.29
C ASP I 82 -52.31 -1.98 9.58
N MET I 83 -52.69 -2.00 10.86
CA MET I 83 -54.11 -1.96 11.18
C MET I 83 -54.75 -0.70 10.59
N VAL I 84 -54.11 0.45 10.76
CA VAL I 84 -54.63 1.66 10.15
C VAL I 84 -54.63 1.52 8.63
N LYS I 85 -53.55 1.00 8.05
CA LYS I 85 -53.59 0.64 6.64
C LYS I 85 -54.80 -0.21 6.34
N LEU I 86 -55.01 -1.26 7.14
CA LEU I 86 -56.25 -2.02 7.05
C LEU I 86 -57.47 -1.12 7.18
N LEU I 87 -57.59 -0.36 8.27
CA LEU I 87 -58.75 0.51 8.46
C LEU I 87 -59.15 1.19 7.16
N GLU I 88 -58.17 1.80 6.48
CA GLU I 88 -58.46 2.40 5.18
C GLU I 88 -59.10 1.39 4.25
N ASP I 89 -58.48 0.21 4.13
CA ASP I 89 -58.96 -0.81 3.21
C ASP I 89 -60.43 -1.15 3.48
N PHE I 90 -60.80 -1.20 4.76
CA PHE I 90 -62.20 -1.37 5.13
C PHE I 90 -63.06 -0.25 4.57
N LYS I 91 -62.59 0.99 4.70
CA LYS I 91 -63.38 2.11 4.21
C LYS I 91 -63.53 2.04 2.69
N VAL I 92 -62.47 1.64 1.99
CA VAL I 92 -62.50 1.64 0.54
C VAL I 92 -63.62 0.75 0.03
N LYS I 93 -63.70 -0.49 0.54
CA LYS I 93 -64.68 -1.43 0.01
C LYS I 93 -66.11 -0.98 0.29
N VAL I 94 -66.36 -0.42 1.48
CA VAL I 94 -67.68 0.15 1.72
C VAL I 94 -67.85 1.41 0.88
N THR I 95 -66.80 2.25 0.82
CA THR I 95 -66.81 3.36 -0.13
C THR I 95 -67.03 2.84 -1.54
N GLN I 96 -66.41 1.71 -1.87
CA GLN I 96 -66.73 1.03 -3.13
C GLN I 96 -68.20 0.65 -3.19
N ALA I 97 -68.74 0.16 -2.08
CA ALA I 97 -70.17 -0.17 -2.05
C ALA I 97 -71.03 1.07 -2.23
N ALA I 98 -70.46 2.26 -2.01
CA ALA I 98 -71.23 3.50 -2.07
C ALA I 98 -71.67 3.82 -3.50
N SER I 99 -71.28 2.98 -4.47
CA SER I 99 -71.80 3.12 -5.82
C SER I 99 -73.24 2.62 -5.82
N ASP I 100 -74.10 3.25 -5.01
CA ASP I 100 -75.41 2.73 -4.68
C ASP I 100 -76.26 2.37 -5.90
N SER I 101 -75.84 2.81 -7.09
CA SER I 101 -76.46 2.32 -8.31
C SER I 101 -75.99 0.89 -8.55
N ASN I 102 -76.54 -0.05 -7.78
CA ASN I 102 -76.03 -1.40 -7.70
C ASN I 102 -77.13 -2.42 -7.96
N SER I 103 -76.70 -3.60 -8.41
CA SER I 103 -77.58 -4.76 -8.43
C SER I 103 -77.60 -5.41 -7.05
N GLN I 104 -78.72 -6.07 -6.74
CA GLN I 104 -78.72 -6.94 -5.57
C GLN I 104 -77.50 -7.84 -5.58
N THR I 105 -77.38 -8.67 -6.61
CA THR I 105 -76.21 -9.56 -6.72
C THR I 105 -74.93 -8.82 -6.36
N SER I 106 -74.82 -7.55 -6.74
CA SER I 106 -73.67 -6.76 -6.30
C SER I 106 -73.66 -6.63 -4.78
N ARG I 107 -74.84 -6.43 -4.18
CA ARG I 107 -74.90 -6.30 -2.72
C ARG I 107 -74.45 -7.58 -2.05
N GLU I 108 -74.85 -8.74 -2.58
CA GLU I 108 -74.31 -10.00 -2.06
C GLU I 108 -72.81 -10.09 -2.31
N ALA I 109 -72.37 -9.73 -3.51
CA ALA I 109 -70.97 -9.92 -3.87
C ALA I 109 -70.06 -9.17 -2.91
N ILE I 110 -70.30 -7.87 -2.73
CA ILE I 110 -69.45 -7.07 -1.85
C ILE I 110 -69.64 -7.49 -0.40
N ALA I 111 -70.87 -7.82 -0.01
CA ALA I 111 -71.16 -8.12 1.39
C ALA I 111 -70.28 -9.25 1.90
N LYS I 112 -70.22 -10.36 1.17
CA LYS I 112 -69.37 -11.47 1.57
C LYS I 112 -67.90 -11.05 1.60
N GLU I 113 -67.49 -10.25 0.63
CA GLU I 113 -66.12 -9.75 0.61
C GLU I 113 -65.81 -8.99 1.90
N LEU I 114 -66.70 -8.08 2.28
CA LEU I 114 -66.48 -7.30 3.50
C LEU I 114 -66.29 -8.21 4.70
N GLU I 115 -66.92 -9.39 4.70
CA GLU I 115 -66.85 -10.26 5.87
C GLU I 115 -65.50 -10.96 5.97
N ARG I 116 -65.05 -11.58 4.87
CA ARG I 116 -63.66 -12.01 4.82
C ARG I 116 -62.75 -10.85 5.17
N ILE I 117 -63.04 -9.66 4.64
CA ILE I 117 -62.32 -8.47 5.05
C ILE I 117 -62.48 -8.24 6.55
N LYS I 118 -63.66 -8.53 7.10
CA LYS I 118 -63.84 -8.40 8.55
C LYS I 118 -63.00 -9.41 9.32
N GLU I 119 -63.21 -10.72 9.07
CA GLU I 119 -62.61 -11.73 9.94
C GLU I 119 -61.11 -11.49 10.06
N SER I 120 -60.49 -11.01 8.99
CA SER I 120 -59.04 -10.83 8.98
C SER I 120 -58.58 -10.03 10.20
N ILE I 121 -59.28 -8.94 10.52
CA ILE I 121 -59.01 -8.29 11.80
C ILE I 121 -59.18 -9.29 12.93
N VAL I 122 -60.32 -10.00 12.92
CA VAL I 122 -60.67 -10.83 14.06
C VAL I 122 -59.53 -11.79 14.37
N GLN I 123 -58.95 -12.38 13.34
CA GLN I 123 -57.68 -13.09 13.51
C GLN I 123 -56.59 -12.12 13.96
N LEU I 124 -56.46 -10.99 13.25
CA LEU I 124 -55.36 -10.07 13.54
C LEU I 124 -55.45 -9.53 14.95
N ALA I 125 -56.64 -9.13 15.38
CA ALA I 125 -56.80 -8.63 16.75
C ALA I 125 -56.43 -9.71 17.76
N ASN I 126 -56.84 -10.95 17.51
CA ASN I 126 -56.51 -12.04 18.41
C ASN I 126 -55.10 -12.57 18.17
N THR I 127 -54.40 -12.06 17.15
CA THR I 127 -53.06 -12.52 16.87
C THR I 127 -52.16 -12.34 18.09
N SER I 128 -51.27 -13.29 18.29
CA SER I 128 -50.42 -13.36 19.48
C SER I 128 -48.99 -13.01 19.06
N VAL I 129 -48.66 -11.73 19.12
CA VAL I 129 -47.30 -11.30 18.79
C VAL I 129 -46.32 -11.95 19.75
N ASN I 130 -45.18 -12.38 19.21
CA ASN I 130 -44.14 -13.02 20.01
C ASN I 130 -44.68 -14.28 20.66
N GLY I 131 -45.81 -14.79 20.18
CA GLY I 131 -46.48 -15.92 20.78
C GLY I 131 -47.43 -15.56 21.90
N GLN I 132 -47.70 -14.27 22.13
CA GLN I 132 -48.59 -13.85 23.20
C GLN I 132 -49.58 -12.83 22.64
N TYR I 133 -50.81 -12.90 23.16
CA TYR I 133 -51.93 -12.15 22.59
C TYR I 133 -51.65 -10.66 22.52
N LEU I 134 -51.96 -10.06 21.36
CA LEU I 134 -51.70 -8.63 21.16
C LEU I 134 -52.47 -7.77 22.16
N PHE I 135 -53.78 -8.00 22.25
CA PHE I 135 -54.69 -7.07 22.91
C PHE I 135 -55.52 -7.73 24.01
N ALA I 136 -54.94 -8.72 24.70
CA ALA I 136 -55.63 -9.36 25.81
C ALA I 136 -55.28 -8.66 27.10
N GLY I 137 -54.98 -7.36 27.02
CA GLY I 137 -54.57 -6.62 28.19
C GLY I 137 -53.28 -7.16 28.75
N SER I 138 -53.19 -7.22 30.08
CA SER I 138 -52.02 -7.79 30.71
C SER I 138 -51.99 -9.31 30.61
N GLN I 139 -53.15 -9.96 30.56
CA GLN I 139 -53.21 -11.42 30.48
C GLN I 139 -53.19 -11.82 29.02
N VAL I 140 -51.97 -11.91 28.47
CA VAL I 140 -51.78 -12.15 27.05
C VAL I 140 -51.55 -13.62 26.74
N ALA I 141 -51.30 -14.45 27.74
CA ALA I 141 -51.54 -15.87 27.55
C ALA I 141 -53.03 -16.14 27.43
N ASN I 142 -53.85 -15.28 28.04
CA ASN I 142 -55.28 -15.32 27.84
C ASN I 142 -55.67 -14.55 26.58
N LYS I 143 -56.81 -14.96 26.01
CA LYS I 143 -57.35 -14.57 24.71
C LYS I 143 -58.23 -13.33 24.84
N PRO I 144 -58.13 -12.36 23.92
CA PRO I 144 -58.84 -11.09 24.13
C PRO I 144 -60.32 -11.09 23.80
N PHE I 145 -60.74 -11.73 22.70
CA PHE I 145 -62.03 -11.43 22.07
C PHE I 145 -62.85 -12.70 21.88
N ASP I 146 -63.99 -12.56 21.21
CA ASP I 146 -64.81 -13.71 20.84
C ASP I 146 -65.48 -13.44 19.51
N SER I 147 -66.49 -14.25 19.17
CA SER I 147 -67.16 -14.16 17.89
C SER I 147 -67.85 -12.83 17.67
N ASN I 148 -68.09 -12.05 18.72
CA ASN I 148 -68.64 -10.71 18.56
C ASN I 148 -67.76 -9.68 19.26
N GLY I 149 -66.48 -9.97 19.39
CA GLY I 149 -65.52 -9.03 19.94
C GLY I 149 -65.62 -8.80 21.42
N ASN I 150 -66.52 -9.50 22.12
CA ASN I 150 -66.60 -9.35 23.56
C ASN I 150 -65.25 -9.73 24.17
N TYR I 151 -64.80 -8.92 25.11
CA TYR I 151 -63.40 -8.92 25.53
C TYR I 151 -63.20 -9.86 26.71
N TYR I 152 -62.30 -10.83 26.52
CA TYR I 152 -61.92 -11.79 27.55
C TYR I 152 -60.43 -11.71 27.90
N GLY I 153 -59.70 -10.77 27.31
CA GLY I 153 -58.40 -10.44 27.83
C GLY I 153 -58.51 -9.62 29.10
N ASP I 154 -57.36 -9.37 29.73
CA ASP I 154 -57.36 -8.56 30.93
C ASP I 154 -57.78 -7.14 30.61
N LYS I 155 -58.42 -6.49 31.58
CA LYS I 155 -58.96 -5.15 31.38
C LYS I 155 -57.91 -4.06 31.47
N ASN I 156 -56.65 -4.40 31.65
CA ASN I 156 -55.62 -3.41 31.92
C ASN I 156 -54.46 -3.55 30.93
N ASN I 157 -53.74 -2.44 30.75
CA ASN I 157 -52.54 -2.46 29.93
C ASN I 157 -51.52 -3.41 30.54
N ILE I 158 -50.61 -3.92 29.72
CA ILE I 158 -49.46 -4.61 30.29
C ILE I 158 -48.63 -3.60 31.05
N ASN I 159 -48.35 -3.93 32.30
CA ASN I 159 -47.59 -3.05 33.18
C ASN I 159 -46.26 -3.70 33.50
N VAL I 160 -45.19 -2.93 33.31
CA VAL I 160 -43.84 -3.39 33.58
C VAL I 160 -43.05 -2.24 34.18
N VAL I 161 -42.12 -2.57 35.06
CA VAL I 161 -41.41 -1.59 35.86
C VAL I 161 -40.36 -0.89 34.99
N THR I 162 -40.44 0.44 34.95
CA THR I 162 -39.39 1.23 34.32
C THR I 162 -39.41 2.61 34.99
N GLY I 163 -38.48 2.82 35.92
CA GLY I 163 -38.37 4.10 36.58
C GLY I 163 -37.56 3.99 37.85
N ALA I 164 -37.51 5.09 38.59
CA ALA I 164 -37.05 5.04 39.97
C ALA I 164 -38.12 4.47 40.88
N GLY I 165 -38.60 3.27 40.55
CA GLY I 165 -39.80 2.73 41.15
C GLY I 165 -41.07 3.22 40.48
N THR I 166 -41.19 2.99 39.19
CA THR I 166 -42.38 3.38 38.46
C THR I 166 -42.68 2.30 37.45
N GLU I 167 -43.89 2.29 36.90
CA GLU I 167 -44.29 1.26 35.95
C GLU I 167 -44.58 1.88 34.60
N SER I 168 -44.47 1.09 33.54
CA SER I 168 -44.69 1.59 32.19
C SER I 168 -45.68 0.72 31.42
N PRO I 169 -46.81 1.30 30.98
CA PRO I 169 -47.74 0.53 30.15
C PRO I 169 -47.25 0.38 28.72
N TYR I 170 -47.53 -0.76 28.09
CA TYR I 170 -47.09 -0.99 26.72
C TYR I 170 -47.97 -2.02 26.05
N ASN I 171 -49.28 -1.85 26.17
CA ASN I 171 -50.21 -2.77 25.56
C ASN I 171 -51.58 -2.15 25.69
N ILE I 172 -52.59 -2.69 25.03
CA ILE I 172 -53.94 -2.18 25.20
C ILE I 172 -54.92 -3.32 25.42
N PRO I 173 -55.64 -3.27 26.55
CA PRO I 173 -56.65 -4.33 26.70
C PRO I 173 -57.85 -4.02 25.81
N GLY I 174 -58.15 -4.95 24.91
CA GLY I 174 -58.98 -4.64 23.75
C GLY I 174 -60.22 -3.82 24.05
N TRP I 175 -60.86 -4.07 25.20
CA TRP I 175 -62.16 -3.46 25.46
C TRP I 175 -62.12 -1.94 25.35
N ASP I 176 -60.96 -1.33 25.62
CA ASP I 176 -60.85 0.11 25.38
C ASP I 176 -61.10 0.44 23.93
N LEU I 177 -60.45 -0.27 23.01
CA LEU I 177 -60.67 -0.05 21.59
C LEU I 177 -62.10 -0.42 21.21
N PHE I 178 -62.63 -1.49 21.81
CA PHE I 178 -63.93 -2.01 21.40
C PHE I 178 -65.09 -1.35 22.13
N PHE I 179 -64.88 -0.89 23.37
CA PHE I 179 -66.03 -0.49 24.18
C PHE I 179 -65.87 0.82 24.94
N LYS I 180 -64.73 1.50 24.91
CA LYS I 180 -64.64 2.83 25.50
C LYS I 180 -65.10 3.86 24.46
N ALA I 181 -64.86 5.14 24.76
CA ALA I 181 -65.64 6.21 24.16
C ALA I 181 -64.76 7.41 23.82
N ASP I 182 -65.29 8.31 22.97
CA ASP I 182 -64.60 9.52 22.54
C ASP I 182 -65.42 10.75 22.93
N GLY I 183 -64.88 11.53 23.86
CA GLY I 183 -65.54 12.76 24.26
C GLY I 183 -65.69 13.75 23.12
N ASP I 184 -65.10 13.45 21.97
CA ASP I 184 -65.21 14.30 20.80
C ASP I 184 -66.57 14.22 20.13
N TYR I 185 -67.46 13.34 20.59
CA TYR I 185 -68.66 12.98 19.86
C TYR I 185 -69.90 13.11 20.73
N LYS I 186 -71.03 13.30 20.06
CA LYS I 186 -72.26 13.76 20.69
C LYS I 186 -73.35 12.71 20.41
N LYS I 187 -74.60 13.07 20.69
CA LYS I 187 -75.74 12.20 20.43
C LYS I 187 -76.63 12.83 19.38
N GLN I 188 -77.08 12.01 18.43
CA GLN I 188 -78.08 12.42 17.46
C GLN I 188 -79.10 11.31 17.32
N ILE I 189 -80.26 11.66 16.78
CA ILE I 189 -81.45 10.82 16.85
C ILE I 189 -82.29 11.11 15.61
N SER I 190 -83.06 10.11 15.18
CA SER I 190 -83.64 10.14 13.84
C SER I 190 -85.08 9.64 13.86
N THR I 191 -85.83 10.07 12.85
CA THR I 191 -87.00 9.31 12.41
C THR I 191 -86.55 8.21 11.47
N ASN I 192 -87.39 7.18 11.34
CA ASN I 192 -87.13 6.14 10.36
C ASN I 192 -87.84 6.43 9.04
N VAL I 193 -89.01 7.05 9.13
CA VAL I 193 -89.76 7.37 7.92
C VAL I 193 -89.20 8.62 7.24
N SER I 194 -89.45 8.71 5.94
CA SER I 194 -89.25 9.92 5.17
C SER I 194 -90.54 10.21 4.42
N PHE I 195 -90.94 11.48 4.39
CA PHE I 195 -92.33 11.82 4.14
C PHE I 195 -92.47 12.87 3.03
N THR I 196 -93.47 12.66 2.18
CA THR I 196 -93.86 13.53 1.09
C THR I 196 -95.20 14.18 1.42
N ASP I 197 -95.68 15.01 0.49
CA ASP I 197 -97.09 15.36 0.51
C ASP I 197 -97.89 14.23 -0.12
N ASN I 198 -99.14 14.10 0.32
CA ASN I 198 -99.91 12.90 -0.01
C ASN I 198 -101.29 13.18 -0.57
N ARG I 199 -101.73 14.44 -0.66
CA ARG I 199 -103.00 14.72 -1.32
C ARG I 199 -102.97 14.17 -2.73
N TRP I 200 -101.83 14.30 -3.40
CA TRP I 200 -101.44 13.37 -4.44
C TRP I 200 -100.94 12.11 -3.73
N ASP I 201 -101.84 11.18 -3.43
CA ASP I 201 -101.44 10.01 -2.66
C ASP I 201 -100.71 9.05 -3.58
N LEU I 202 -99.74 8.34 -3.03
CA LEU I 202 -98.75 7.62 -3.82
C LEU I 202 -99.29 6.33 -4.43
N ASN I 203 -100.47 5.86 -4.02
CA ASN I 203 -101.13 4.80 -4.79
C ASN I 203 -101.59 5.32 -6.14
N LYS I 204 -102.22 6.50 -6.16
CA LYS I 204 -102.43 7.19 -7.42
C LYS I 204 -101.10 7.61 -8.03
N ASP I 205 -100.16 8.04 -7.20
CA ASP I 205 -99.06 8.87 -7.64
C ASP I 205 -97.72 8.32 -7.17
N PRO I 206 -97.46 7.02 -7.36
CA PRO I 206 -96.16 6.49 -6.93
C PRO I 206 -94.99 7.14 -7.65
N ASP I 207 -95.15 7.49 -8.92
CA ASP I 207 -94.06 8.07 -9.68
C ASP I 207 -93.70 9.47 -9.19
N LYS I 208 -94.64 10.15 -8.55
CA LYS I 208 -94.41 11.55 -8.18
C LYS I 208 -93.59 11.67 -6.90
N THR I 209 -93.27 10.53 -6.28
CA THR I 209 -92.73 10.50 -4.92
C THR I 209 -91.55 11.44 -4.72
N LYS I 210 -91.67 12.39 -3.80
CA LYS I 210 -90.53 13.10 -3.25
C LYS I 210 -90.94 13.82 -1.97
N TYR I 211 -89.99 13.99 -1.07
CA TYR I 211 -90.28 14.30 0.32
C TYR I 211 -90.73 15.75 0.52
N LEU I 212 -91.28 16.00 1.71
CA LEU I 212 -91.60 17.34 2.19
C LEU I 212 -90.31 18.05 2.58
N THR I 213 -90.31 19.40 2.62
CA THR I 213 -89.01 20.07 2.55
C THR I 213 -88.58 20.89 3.77
N GLY I 214 -89.21 22.04 3.95
CA GLY I 214 -88.74 23.06 4.89
C GLY I 214 -89.83 23.54 5.80
N ASP I 215 -90.34 24.72 5.44
CA ASP I 215 -91.60 25.24 5.92
C ASP I 215 -92.70 24.37 5.33
N SER I 216 -92.64 23.08 5.65
CA SER I 216 -93.49 22.07 5.05
C SER I 216 -94.64 21.78 6.00
N LYS I 217 -95.70 22.55 5.80
CA LYS I 217 -96.73 22.68 6.82
C LYS I 217 -97.50 21.37 6.99
N TRP I 218 -98.26 21.33 8.08
CA TRP I 218 -99.03 20.14 8.43
C TRP I 218 -100.04 19.76 7.36
N GLN I 219 -100.53 20.74 6.58
CA GLN I 219 -101.54 20.42 5.59
C GLN I 219 -101.03 19.44 4.53
N GLN I 220 -99.76 19.54 4.16
CA GLN I 220 -99.22 18.58 3.21
C GLN I 220 -99.26 17.17 3.75
N LEU I 221 -98.79 16.99 4.99
CA LEU I 221 -98.58 15.64 5.51
C LEU I 221 -99.90 14.93 5.74
N ILE I 222 -100.83 15.56 6.46
CA ILE I 222 -102.16 14.98 6.63
C ILE I 222 -103.13 15.45 5.55
N GLY I 223 -102.63 16.18 4.55
CA GLY I 223 -103.49 16.63 3.48
C GLY I 223 -104.51 15.60 3.06
N GLN I 224 -104.05 14.39 2.75
CA GLN I 224 -104.96 13.31 2.42
C GLN I 224 -105.42 12.56 3.66
N GLY I 225 -104.60 12.54 4.72
CA GLY I 225 -104.96 11.80 5.92
C GLY I 225 -106.18 12.36 6.62
N TYR I 226 -106.61 13.55 6.23
CA TYR I 226 -107.75 14.19 6.89
C TYR I 226 -109.02 13.36 6.74
N VAL I 227 -109.24 12.77 5.57
CA VAL I 227 -110.53 12.21 5.21
C VAL I 227 -110.45 10.70 5.17
N LYS I 228 -111.63 10.07 5.29
CA LYS I 228 -111.75 8.64 5.03
C LYS I 228 -111.93 8.35 3.55
N ASP I 229 -112.57 9.27 2.82
CA ASP I 229 -112.87 9.04 1.41
C ASP I 229 -111.66 9.16 0.50
N ASN I 230 -110.56 9.76 0.97
CA ASN I 230 -109.35 9.91 0.17
C ASN I 230 -109.57 10.79 -1.05
N SER I 231 -110.53 11.72 -0.97
CA SER I 231 -110.93 12.52 -2.11
C SER I 231 -110.22 13.87 -2.19
N LEU I 232 -109.34 14.19 -1.25
CA LEU I 232 -108.82 15.54 -1.16
C LEU I 232 -107.84 15.83 -2.29
N ASP I 233 -107.96 17.03 -2.86
CA ASP I 233 -107.14 17.45 -3.99
C ASP I 233 -105.77 17.92 -3.51
N ALA I 234 -104.81 17.95 -4.44
CA ALA I 234 -103.47 18.39 -4.11
C ALA I 234 -103.46 19.78 -3.49
N ASP I 235 -104.13 20.75 -4.12
CA ASP I 235 -104.07 22.13 -3.67
C ASP I 235 -105.44 22.78 -3.63
N LYS I 236 -106.39 22.23 -4.37
CA LYS I 236 -107.60 22.95 -4.72
C LYS I 236 -108.66 22.95 -3.63
N ASP I 237 -108.46 22.21 -2.55
CA ASP I 237 -109.29 22.36 -1.36
C ASP I 237 -108.58 23.18 -0.28
N PHE I 238 -107.32 23.56 -0.50
CA PHE I 238 -106.48 24.02 0.59
C PHE I 238 -105.90 25.42 0.41
N GLU I 239 -105.36 25.72 -0.78
CA GLU I 239 -104.30 26.71 -0.85
C GLU I 239 -104.79 28.13 -1.08
N TYR I 240 -105.94 28.31 -1.73
CA TYR I 240 -106.30 29.61 -2.27
C TYR I 240 -107.55 30.18 -1.60
N ASP I 241 -107.73 31.50 -1.75
CA ASP I 241 -108.70 32.25 -0.97
C ASP I 241 -110.14 31.83 -1.21
N ASP I 242 -110.47 31.33 -2.40
CA ASP I 242 -111.74 30.63 -2.56
C ASP I 242 -111.56 29.15 -2.31
N SER I 243 -110.34 28.64 -2.51
CA SER I 243 -110.12 27.21 -2.50
C SER I 243 -110.10 26.61 -1.09
N LYS I 244 -109.54 27.32 -0.11
CA LYS I 244 -109.19 26.64 1.14
C LYS I 244 -110.46 26.20 1.84
N LEU I 245 -110.60 24.89 2.02
CA LEU I 245 -111.45 24.36 3.08
C LEU I 245 -110.70 24.45 4.41
N ASP I 246 -111.33 23.94 5.46
CA ASP I 246 -110.67 23.74 6.74
C ASP I 246 -110.61 22.25 7.03
N PHE I 247 -109.58 21.83 7.76
CA PHE I 247 -109.25 20.41 7.85
C PHE I 247 -108.97 19.98 9.28
N PRO I 248 -109.16 18.70 9.60
CA PRO I 248 -109.09 18.23 10.99
C PRO I 248 -107.85 18.76 11.70
N PRO I 249 -108.01 19.60 12.72
CA PRO I 249 -106.86 20.02 13.52
C PRO I 249 -106.36 18.89 14.42
N THR I 250 -105.14 19.05 14.89
CA THR I 250 -104.40 17.99 15.55
C THR I 250 -103.86 18.46 16.89
N THR I 251 -103.67 17.51 17.79
CA THR I 251 -102.91 17.70 19.02
C THR I 251 -101.74 16.72 19.01
N LEU I 252 -100.54 17.25 19.24
CA LEU I 252 -99.32 16.45 19.19
C LEU I 252 -98.67 16.41 20.57
N TYR I 253 -98.03 15.28 20.85
CA TYR I 253 -97.43 15.01 22.15
C TYR I 253 -95.95 14.72 21.96
N VAL I 254 -95.15 15.11 22.95
CA VAL I 254 -93.71 14.90 22.92
C VAL I 254 -93.25 14.47 24.30
N GLN I 255 -92.45 13.42 24.36
CA GLN I 255 -91.78 13.02 25.60
C GLN I 255 -90.38 12.54 25.27
N GLY I 256 -89.41 12.98 26.06
CA GLY I 256 -88.02 12.64 25.82
C GLY I 256 -87.16 12.99 27.02
N THR I 257 -85.92 12.55 26.97
CA THR I 257 -84.94 12.87 28.00
C THR I 257 -83.92 13.87 27.48
N LYS I 258 -83.48 14.76 28.35
CA LYS I 258 -82.54 15.79 27.95
C LYS I 258 -81.10 15.29 28.02
N PRO I 259 -80.18 16.00 27.37
CA PRO I 259 -78.76 15.59 27.39
C PRO I 259 -78.19 15.43 28.79
N ASP I 260 -78.95 15.80 29.83
CA ASP I 260 -78.56 15.54 31.21
C ASP I 260 -79.11 14.24 31.74
N GLY I 261 -80.22 13.77 31.19
CA GLY I 261 -80.93 12.62 31.71
C GLY I 261 -82.29 12.95 32.30
N THR I 262 -82.60 14.23 32.50
CA THR I 262 -83.93 14.62 32.95
C THR I 262 -84.96 14.28 31.88
N SER I 263 -86.18 13.98 32.32
CA SER I 263 -87.23 13.47 31.45
C SER I 263 -88.44 14.37 31.52
N PHE I 264 -89.28 14.28 30.48
CA PHE I 264 -90.48 15.10 30.41
C PHE I 264 -91.48 14.44 29.48
N LYS I 265 -92.74 14.81 29.66
CA LYS I 265 -93.80 14.54 28.71
C LYS I 265 -94.45 15.87 28.33
N SER I 266 -94.71 16.06 27.05
CA SER I 266 -95.16 17.36 26.57
C SER I 266 -96.28 17.17 25.55
N ALA I 267 -97.03 18.25 25.33
CA ALA I 267 -98.18 18.24 24.43
C ALA I 267 -98.33 19.62 23.80
N VAL I 268 -98.97 19.66 22.64
CA VAL I 268 -99.14 20.89 21.89
C VAL I 268 -100.37 20.76 21.01
N LEU I 269 -101.04 21.88 20.79
CA LEU I 269 -102.13 21.96 19.83
C LEU I 269 -101.53 22.20 18.45
N VAL I 270 -102.03 21.47 17.46
CA VAL I 270 -101.40 21.40 16.14
C VAL I 270 -102.41 21.82 15.09
N LYS I 271 -101.95 22.55 14.08
CA LYS I 271 -102.75 23.15 13.05
C LYS I 271 -102.19 22.76 11.69
N PRO I 272 -102.96 22.95 10.60
CA PRO I 272 -102.40 22.64 9.27
C PRO I 272 -101.15 23.44 8.98
N GLU I 273 -101.03 24.62 9.61
CA GLU I 273 -99.88 25.48 9.35
C GLU I 273 -98.56 24.86 9.81
N ASP I 274 -98.60 24.02 10.84
CA ASP I 274 -97.39 23.69 11.59
C ASP I 274 -96.27 23.23 10.68
N THR I 275 -95.09 23.82 10.84
CA THR I 275 -93.95 23.61 9.96
C THR I 275 -92.89 22.75 10.64
N LEU I 276 -91.87 22.38 9.86
CA LEU I 276 -90.71 21.71 10.44
C LEU I 276 -89.95 22.63 11.39
N GLU I 277 -89.62 23.83 10.93
CA GLU I 277 -88.85 24.75 11.77
C GLU I 277 -89.62 25.13 13.02
N ASP I 278 -90.93 25.37 12.89
CA ASP I 278 -91.72 25.76 14.05
C ASP I 278 -91.66 24.70 15.13
N VAL I 279 -91.95 23.45 14.78
CA VAL I 279 -91.90 22.37 15.75
C VAL I 279 -90.46 22.13 16.20
N MET I 280 -89.50 22.40 15.32
CA MET I 280 -88.10 22.14 15.65
C MET I 280 -87.64 23.04 16.79
N GLU I 281 -87.66 24.35 16.57
CA GLU I 281 -87.05 25.26 17.55
C GLU I 281 -87.84 25.30 18.85
N ASN I 282 -89.17 25.39 18.77
CA ASN I 282 -89.95 25.46 20.01
C ASN I 282 -89.65 24.27 20.91
N ILE I 283 -89.55 23.08 20.32
CA ILE I 283 -89.06 21.94 21.09
C ILE I 283 -87.59 22.13 21.44
N GLY I 284 -86.80 22.70 20.52
CA GLY I 284 -85.43 23.02 20.85
C GLY I 284 -85.34 23.97 22.03
N ALA I 285 -86.19 25.00 22.03
CA ALA I 285 -86.27 25.88 23.18
C ALA I 285 -86.73 25.12 24.42
N LEU I 286 -87.68 24.21 24.24
CA LEU I 286 -88.07 23.34 25.34
C LEU I 286 -86.85 22.64 25.93
N TYR I 287 -85.88 22.30 25.08
CA TYR I 287 -84.64 21.71 25.58
C TYR I 287 -83.67 22.79 26.07
N GLY I 288 -83.81 24.01 25.55
CA GLY I 288 -82.97 25.10 26.01
C GLY I 288 -82.51 26.06 24.95
N ASN I 289 -82.90 25.82 23.70
CA ASN I 289 -82.52 26.74 22.62
C ASN I 289 -83.15 28.11 22.86
N THR I 290 -82.35 29.14 22.62
CA THR I 290 -82.79 30.51 22.90
C THR I 290 -82.04 31.43 21.95
N PRO I 291 -82.42 32.72 21.91
CA PRO I 291 -81.60 33.68 21.16
C PRO I 291 -80.32 34.05 21.89
N ASN I 292 -80.02 33.31 22.97
CA ASN I 292 -78.79 33.49 23.72
C ASN I 292 -78.09 32.15 23.95
N ASN I 293 -78.79 31.05 23.71
CA ASN I 293 -78.27 29.73 24.02
C ASN I 293 -78.88 28.70 23.08
N LYS I 294 -78.19 27.57 22.93
CA LYS I 294 -78.62 26.50 22.06
C LYS I 294 -78.11 25.19 22.63
N VAL I 295 -78.92 24.14 22.52
CA VAL I 295 -78.59 22.86 23.14
C VAL I 295 -78.82 21.69 22.18
N VAL I 296 -79.53 21.92 21.09
CA VAL I 296 -79.88 20.84 20.16
C VAL I 296 -79.98 21.42 18.75
N GLU I 297 -79.84 20.55 17.75
CA GLU I 297 -80.09 20.95 16.37
C GLU I 297 -80.63 19.76 15.59
N VAL I 298 -81.33 20.08 14.50
CA VAL I 298 -82.22 19.16 13.79
C VAL I 298 -81.94 19.23 12.30
N SER I 299 -82.39 18.22 11.57
CA SER I 299 -82.18 18.14 10.13
C SER I 299 -83.34 17.47 9.40
N MET I 300 -83.78 18.09 8.31
CA MET I 300 -84.47 17.40 7.22
C MET I 300 -83.39 16.76 6.37
N ASN I 301 -83.14 15.48 6.63
CA ASN I 301 -81.88 14.86 6.24
C ASN I 301 -81.92 14.39 4.78
N ASP I 302 -80.81 13.78 4.35
CA ASP I 302 -80.69 13.28 2.98
C ASP I 302 -81.84 12.32 2.64
N SER I 303 -82.22 11.47 3.58
CA SER I 303 -83.22 10.45 3.34
C SER I 303 -84.64 10.99 3.39
N GLY I 304 -84.81 12.28 3.65
CA GLY I 304 -86.13 12.81 3.88
C GLY I 304 -86.61 12.61 5.30
N GLN I 305 -85.80 11.93 6.11
CA GLN I 305 -86.12 11.77 7.52
C GLN I 305 -85.89 13.08 8.25
N ILE I 306 -86.40 13.14 9.47
CA ILE I 306 -86.02 14.18 10.42
C ILE I 306 -84.97 13.58 11.34
N GLN I 307 -83.84 14.27 11.47
CA GLN I 307 -82.76 13.84 12.34
C GLN I 307 -82.37 14.96 13.28
N ILE I 308 -82.16 14.60 14.54
CA ILE I 308 -82.04 15.57 15.62
C ILE I 308 -80.76 15.27 16.39
N THR I 309 -80.19 16.30 17.01
CA THR I 309 -78.82 16.20 17.51
C THR I 309 -78.69 16.91 18.84
N ASP I 310 -77.70 16.47 19.61
CA ASP I 310 -77.31 17.10 20.86
C ASP I 310 -76.13 18.03 20.61
N LEU I 311 -76.32 19.32 20.83
CA LEU I 311 -75.24 20.27 20.59
C LEU I 311 -74.11 20.13 21.60
N LYS I 312 -74.36 19.51 22.74
CA LYS I 312 -73.29 19.29 23.71
C LYS I 312 -72.25 18.34 23.12
N GLN I 313 -70.98 18.63 23.39
CA GLN I 313 -69.89 17.79 22.94
C GLN I 313 -69.65 16.66 23.93
N GLY I 314 -69.22 15.51 23.42
CA GLY I 314 -68.91 14.39 24.30
C GLY I 314 -70.13 13.83 25.02
N ASN I 315 -71.31 14.21 24.58
CA ASN I 315 -72.52 13.77 25.26
C ASN I 315 -73.17 12.58 24.58
N ASN I 316 -73.74 11.69 25.37
CA ASN I 316 -74.40 10.52 24.83
C ASN I 316 -75.89 10.61 25.08
N LYS I 317 -76.29 11.48 26.00
CA LYS I 317 -77.71 11.58 26.35
C LYS I 317 -78.53 12.38 25.35
N LEU I 318 -79.55 11.76 24.77
CA LEU I 318 -80.46 12.46 23.86
C LEU I 318 -81.44 11.42 23.34
N ASP I 319 -82.70 11.58 23.69
CA ASP I 319 -83.72 10.65 23.22
C ASP I 319 -85.02 11.39 23.06
N PHE I 320 -85.86 10.93 22.12
CA PHE I 320 -87.11 11.62 21.85
C PHE I 320 -88.17 10.61 21.42
N HIS I 321 -89.44 11.03 21.52
CA HIS I 321 -90.57 10.45 20.79
C HIS I 321 -91.73 11.43 20.81
N ALA I 322 -92.47 11.43 19.70
CA ALA I 322 -93.57 12.36 19.49
C ALA I 322 -94.65 11.68 18.67
N VAL I 323 -95.89 12.11 18.85
CA VAL I 323 -97.01 11.48 18.17
C VAL I 323 -98.12 12.49 17.98
N ALA I 324 -98.82 12.39 16.85
CA ALA I 324 -99.94 13.24 16.51
C ALA I 324 -101.23 12.42 16.50
N PHE I 325 -102.33 13.07 16.87
CA PHE I 325 -103.63 12.42 16.93
C PHE I 325 -104.68 13.35 16.35
N THR I 326 -105.59 12.78 15.56
CA THR I 326 -106.45 13.57 14.69
C THR I 326 -107.74 12.80 14.49
N PRO I 327 -108.86 13.48 14.26
CA PRO I 327 -110.09 12.76 13.89
C PRO I 327 -110.19 12.67 12.38
N GLN I 328 -110.88 11.67 11.84
CA GLN I 328 -110.89 11.46 10.40
C GLN I 328 -112.34 11.51 9.91
N ALA I 329 -112.55 12.21 8.79
CA ALA I 329 -113.88 12.59 8.33
C ALA I 329 -114.32 11.68 7.18
N ASP I 330 -115.62 11.38 7.15
CA ASP I 330 -116.15 10.46 6.15
C ASP I 330 -115.96 10.98 4.74
N THR I 331 -116.60 12.10 4.43
CA THR I 331 -116.59 12.64 3.07
C THR I 331 -116.37 14.14 3.13
N LYS I 332 -115.90 14.69 2.00
CA LYS I 332 -115.53 16.10 1.96
C LYS I 332 -116.72 17.01 2.27
N ASP I 333 -117.92 16.61 1.86
CA ASP I 333 -119.10 17.39 2.26
C ASP I 333 -119.44 17.14 3.72
N GLU I 334 -119.47 15.87 4.14
CA GLU I 334 -119.62 15.57 5.55
C GLU I 334 -118.54 16.26 6.36
N LEU I 335 -117.36 16.44 5.76
CA LEU I 335 -116.35 17.32 6.33
C LEU I 335 -116.88 18.74 6.45
N LYS I 336 -117.50 19.26 5.39
CA LYS I 336 -118.06 20.61 5.44
C LYS I 336 -119.19 20.69 6.45
N ASN I 337 -120.07 19.69 6.47
CA ASN I 337 -121.23 19.74 7.34
C ASN I 337 -120.82 19.95 8.80
N ILE I 338 -119.72 19.33 9.21
CA ILE I 338 -119.23 19.54 10.57
C ILE I 338 -118.67 20.95 10.72
N ILE I 339 -117.85 21.38 9.75
CA ILE I 339 -117.34 22.75 9.79
C ILE I 339 -118.49 23.73 9.82
N GLU I 340 -119.46 23.53 8.93
CA GLU I 340 -120.61 24.41 8.87
C GLU I 340 -121.36 24.40 10.19
N ALA I 341 -121.52 23.22 10.78
CA ALA I 341 -122.15 23.13 12.09
C ALA I 341 -121.40 23.98 13.11
N ALA I 342 -120.08 23.82 13.17
CA ALA I 342 -119.28 24.62 14.10
C ALA I 342 -119.46 26.11 13.82
N ASN I 343 -119.33 26.50 12.56
CA ASN I 343 -119.46 27.91 12.23
C ASN I 343 -120.91 28.36 12.26
N GLN I 344 -121.86 27.44 12.05
CA GLN I 344 -123.24 27.74 12.41
C GLN I 344 -123.38 27.88 13.91
N GLU I 345 -122.68 27.04 14.68
CA GLU I 345 -122.54 27.31 16.11
C GLU I 345 -121.66 28.54 16.32
N GLY I 346 -120.90 28.93 15.32
CA GLY I 346 -120.14 30.16 15.33
C GLY I 346 -118.72 30.04 15.83
N ILE I 347 -118.10 28.86 15.71
CA ILE I 347 -116.85 28.56 16.40
C ILE I 347 -115.86 27.89 15.46
N SER I 348 -114.61 27.82 15.92
CA SER I 348 -113.48 27.38 15.11
C SER I 348 -113.16 25.91 15.37
N MET I 349 -112.71 25.22 14.33
CA MET I 349 -112.52 23.77 14.40
C MET I 349 -111.41 23.40 15.38
N ASN I 350 -110.33 24.18 15.42
CA ASN I 350 -109.22 23.86 16.31
C ASN I 350 -109.70 23.71 17.75
N GLU I 351 -110.56 24.64 18.20
CA GLU I 351 -111.14 24.47 19.52
C GLU I 351 -112.05 23.25 19.56
N VAL I 352 -112.70 22.93 18.44
CA VAL I 352 -113.57 21.77 18.39
C VAL I 352 -112.77 20.49 18.62
N THR I 353 -111.66 20.34 17.90
CA THR I 353 -110.86 19.13 18.08
C THR I 353 -110.41 18.98 19.53
N ASN I 354 -110.22 20.10 20.22
CA ASN I 354 -109.98 20.02 21.66
C ASN I 354 -111.16 19.36 22.36
N ARG I 355 -112.38 19.73 21.97
CA ARG I 355 -113.57 19.09 22.52
C ARG I 355 -113.63 17.63 22.11
N VAL I 356 -113.48 17.36 20.82
CA VAL I 356 -113.59 15.98 20.33
C VAL I 356 -112.46 15.13 20.92
N MET I 357 -111.24 15.63 20.87
CA MET I 357 -110.12 14.88 21.40
C MET I 357 -110.21 14.73 22.92
N GLN I 358 -110.52 15.79 23.64
CA GLN I 358 -110.72 15.64 25.07
C GLN I 358 -111.89 14.70 25.33
N ALA I 359 -112.92 14.76 24.49
CA ALA I 359 -114.01 13.79 24.57
C ALA I 359 -113.51 12.36 24.35
N SER I 360 -112.50 12.18 23.49
CA SER I 360 -111.95 10.85 23.28
C SER I 360 -111.33 10.31 24.56
N THR I 361 -110.67 11.17 25.34
CA THR I 361 -110.06 10.72 26.59
C THR I 361 -111.02 10.86 27.76
N ALA I 362 -111.95 11.82 27.69
CA ALA I 362 -112.71 12.20 28.88
C ALA I 362 -113.41 11.01 29.53
N ALA I 363 -114.08 10.18 28.75
CA ALA I 363 -114.79 9.05 29.33
C ALA I 363 -113.81 8.09 29.98
N PRO I 364 -114.03 7.66 31.23
CA PRO I 364 -113.19 6.61 31.79
C PRO I 364 -113.24 5.34 30.96
N SER I 365 -114.33 5.14 30.22
CA SER I 365 -114.51 3.99 29.35
C SER I 365 -113.98 4.24 27.94
N ASN I 366 -113.36 5.40 27.70
CA ASN I 366 -112.57 5.60 26.49
C ASN I 366 -111.13 5.87 26.91
N GLY I 367 -110.96 6.73 27.90
CA GLY I 367 -109.76 6.77 28.71
C GLY I 367 -108.43 6.90 28.00
N ASP I 368 -107.64 5.83 28.05
CA ASP I 368 -106.19 5.93 27.95
C ASP I 368 -105.72 6.37 26.57
N ILE I 369 -104.61 7.12 26.58
CA ILE I 369 -104.01 7.63 25.34
C ILE I 369 -103.49 6.49 24.48
N THR I 370 -102.74 5.56 25.07
CA THR I 370 -101.98 4.61 24.27
C THR I 370 -102.89 3.75 23.41
N LYS I 371 -104.02 3.31 23.97
CA LYS I 371 -104.98 2.53 23.22
C LYS I 371 -106.39 2.86 23.71
N LEU I 372 -107.03 3.81 23.04
CA LEU I 372 -108.36 4.24 23.46
C LEU I 372 -109.37 3.13 23.21
N ASN I 373 -110.53 3.25 23.86
CA ASN I 373 -111.50 2.18 23.83
C ASN I 373 -112.57 2.34 22.76
N ASN I 374 -112.93 3.58 22.41
CA ASN I 374 -114.12 3.82 21.61
C ASN I 374 -113.87 4.98 20.65
N PRO I 375 -114.58 5.03 19.53
CA PRO I 375 -114.62 6.26 18.73
C PRO I 375 -115.30 7.40 19.48
N VAL I 376 -115.41 8.57 18.87
CA VAL I 376 -116.01 9.74 19.50
C VAL I 376 -117.33 10.06 18.82
N THR I 377 -118.26 10.59 19.60
CA THR I 377 -119.58 11.01 19.13
C THR I 377 -119.96 12.28 19.86
N VAL I 378 -120.32 13.33 19.12
CA VAL I 378 -120.62 14.63 19.71
C VAL I 378 -121.68 15.32 18.88
N THR I 379 -122.27 16.37 19.47
CA THR I 379 -123.25 17.20 18.79
C THR I 379 -122.73 18.63 18.69
N ILE I 380 -122.74 19.17 17.48
CA ILE I 380 -122.34 20.55 17.22
C ILE I 380 -123.55 21.31 16.71
N ASN I 381 -123.79 22.49 17.28
CA ASN I 381 -124.87 23.35 16.82
C ASN I 381 -126.20 22.61 16.88
N ASN I 382 -126.34 21.72 17.85
CA ASN I 382 -127.46 20.78 17.97
C ASN I 382 -127.43 19.72 16.87
N GLN I 383 -126.34 19.64 16.11
CA GLN I 383 -126.15 18.63 15.08
C GLN I 383 -125.25 17.54 15.62
N GLN I 384 -125.71 16.29 15.53
CA GLN I 384 -125.04 15.15 16.13
C GLN I 384 -124.11 14.51 15.12
N PHE I 385 -123.01 13.95 15.61
CA PHE I 385 -121.99 13.37 14.74
C PHE I 385 -121.31 12.20 15.45
N THR I 386 -120.82 11.25 14.65
CA THR I 386 -120.02 10.13 15.13
C THR I 386 -118.68 10.14 14.39
N ILE I 387 -117.61 9.82 15.10
CA ILE I 387 -116.27 10.17 14.66
C ILE I 387 -115.36 8.96 14.73
N ASP I 388 -114.42 8.88 13.79
CA ASP I 388 -113.29 7.97 13.86
C ASP I 388 -112.05 8.76 14.25
N LEU I 389 -111.04 8.05 14.73
CA LEU I 389 -109.87 8.66 15.31
C LEU I 389 -108.62 8.24 14.53
N LYS I 390 -107.63 9.13 14.53
CA LYS I 390 -106.55 9.06 13.54
C LYS I 390 -105.23 9.47 14.19
N GLN I 391 -104.26 8.56 14.16
CA GLN I 391 -102.92 8.79 14.68
C GLN I 391 -101.89 8.79 13.54
N THR I 392 -100.73 9.36 13.81
CA THR I 392 -99.59 9.27 12.92
C THR I 392 -98.33 9.04 13.74
N ASP I 393 -97.42 8.24 13.21
CA ASP I 393 -96.16 7.90 13.88
C ASP I 393 -95.01 8.03 12.90
N PHE I 394 -93.80 8.16 13.46
CA PHE I 394 -92.59 8.30 12.68
C PHE I 394 -91.46 7.43 13.19
N ILE I 395 -91.72 6.60 14.20
CA ILE I 395 -90.73 5.68 14.76
C ILE I 395 -91.46 4.38 15.08
N LYS I 396 -90.84 3.25 14.76
CA LYS I 396 -91.51 1.96 14.84
C LYS I 396 -90.59 0.90 15.41
N SER I 397 -91.20 -0.20 15.82
CA SER I 397 -90.49 -1.37 16.33
C SER I 397 -91.26 -2.60 15.87
N LYS I 398 -90.91 -3.76 16.43
CA LYS I 398 -91.61 -5.01 16.13
C LYS I 398 -92.12 -5.71 17.38
N MET I 399 -91.96 -5.13 18.56
CA MET I 399 -92.19 -5.85 19.80
C MET I 399 -93.68 -5.89 20.13
N THR I 400 -94.05 -6.87 20.96
CA THR I 400 -95.37 -6.85 21.57
C THR I 400 -95.34 -5.95 22.81
N ASP I 401 -96.42 -5.20 22.99
CA ASP I 401 -96.48 -4.27 24.10
C ASP I 401 -96.48 -5.04 25.42
N THR I 402 -96.44 -4.31 26.53
CA THR I 402 -96.30 -4.96 27.84
C THR I 402 -97.40 -5.99 28.08
N ASP I 403 -98.58 -5.78 27.52
CA ASP I 403 -99.63 -6.79 27.64
C ASP I 403 -99.33 -7.97 26.72
N GLY I 404 -98.74 -7.70 25.57
CA GLY I 404 -98.62 -8.69 24.51
C GLY I 404 -99.25 -8.17 23.24
N ASN I 405 -99.89 -7.00 23.34
CA ASN I 405 -100.47 -6.35 22.18
C ASN I 405 -99.37 -5.76 21.32
N ALA I 406 -99.76 -5.15 20.21
CA ALA I 406 -98.79 -4.57 19.29
C ALA I 406 -98.14 -3.34 19.91
N ALA I 407 -96.82 -3.28 19.85
CA ALA I 407 -96.06 -2.15 20.36
C ALA I 407 -95.95 -1.12 19.25
N ASN I 408 -96.99 -0.32 19.08
CA ASN I 408 -96.96 0.75 18.11
C ASN I 408 -95.83 1.73 18.46
N GLY I 409 -95.59 2.68 17.55
CA GLY I 409 -94.54 3.65 17.79
C GLY I 409 -94.73 4.39 19.10
N ALA I 410 -95.98 4.75 19.42
CA ALA I 410 -96.27 5.40 20.69
C ALA I 410 -96.19 4.45 21.87
N ASP I 411 -95.99 3.15 21.64
CA ASP I 411 -95.74 2.23 22.74
C ASP I 411 -94.27 2.31 23.15
N TYR I 412 -93.81 3.53 23.39
CA TYR I 412 -92.43 3.77 23.82
C TYR I 412 -92.08 3.00 25.08
N ASP I 413 -92.77 3.28 26.18
CA ASP I 413 -92.45 2.63 27.44
C ASP I 413 -93.27 1.37 27.65
N ASN I 414 -93.78 0.78 26.58
CA ASN I 414 -94.74 -0.32 26.65
C ASN I 414 -94.32 -1.47 25.73
N VAL I 415 -93.44 -2.34 26.25
CA VAL I 415 -92.93 -3.50 25.51
C VAL I 415 -92.35 -4.50 26.51
N TYR I 416 -92.20 -5.75 26.05
CA TYR I 416 -91.50 -6.75 26.86
C TYR I 416 -89.99 -6.60 26.70
N PHE I 417 -89.25 -7.56 27.22
CA PHE I 417 -87.82 -7.65 27.02
C PHE I 417 -87.55 -8.44 25.75
N GLU I 418 -86.27 -8.71 25.49
CA GLU I 418 -85.85 -9.27 24.22
C GLU I 418 -85.06 -10.56 24.42
N LYS I 419 -85.58 -11.64 23.84
CA LYS I 419 -85.13 -13.00 24.09
C LYS I 419 -83.97 -13.38 23.18
N ASN I 420 -83.19 -14.36 23.64
CA ASN I 420 -82.21 -15.04 22.80
C ASN I 420 -82.32 -16.53 23.06
N GLY I 421 -81.63 -17.31 22.23
CA GLY I 421 -81.68 -18.76 22.32
C GLY I 421 -81.73 -19.26 23.75
N ASN I 422 -80.73 -18.91 24.56
CA ASN I 422 -80.69 -19.33 25.95
C ASN I 422 -80.95 -18.20 26.94
N THR I 423 -80.96 -16.95 26.49
CA THR I 423 -80.99 -15.81 27.40
C THR I 423 -81.92 -14.73 26.88
N VAL I 424 -82.28 -13.82 27.79
CA VAL I 424 -83.12 -12.67 27.50
C VAL I 424 -82.35 -11.44 27.93
N TYR I 425 -82.71 -10.28 27.37
CA TYR I 425 -82.15 -9.03 27.83
C TYR I 425 -83.18 -7.90 27.71
N GLY I 426 -83.23 -7.07 28.74
CA GLY I 426 -83.91 -5.79 28.62
C GLY I 426 -83.00 -4.84 27.85
N ASN I 427 -83.59 -4.02 26.99
CA ASN I 427 -82.81 -3.36 25.96
C ASN I 427 -82.40 -1.93 26.31
N VAL I 428 -82.97 -1.31 27.33
CA VAL I 428 -82.60 0.06 27.69
C VAL I 428 -81.35 0.02 28.57
N SER I 429 -80.35 0.80 28.19
CA SER I 429 -79.07 0.82 28.89
C SER I 429 -79.06 1.88 29.98
N GLN I 430 -79.10 1.44 31.23
CA GLN I 430 -79.23 2.37 32.35
C GLN I 430 -77.88 3.02 32.66
N VAL I 431 -77.85 4.35 32.65
CA VAL I 431 -76.63 5.12 32.72
C VAL I 431 -76.66 6.02 33.94
N ILE I 432 -75.58 6.02 34.72
CA ILE I 432 -75.48 6.93 35.86
C ILE I 432 -75.44 8.36 35.36
N LYS I 433 -76.08 9.25 36.12
CA LYS I 433 -76.14 10.66 35.77
C LYS I 433 -74.75 11.21 35.46
N GLY I 434 -74.60 11.76 34.26
CA GLY I 434 -73.35 12.36 33.86
C GLY I 434 -72.31 11.35 33.40
N SER I 435 -72.25 10.22 34.10
CA SER I 435 -71.16 9.26 33.88
C SER I 435 -71.07 8.81 32.43
N ASN I 436 -72.21 8.62 31.77
CA ASN I 436 -72.28 7.84 30.54
C ASN I 436 -71.76 6.42 30.78
N ALA I 437 -71.76 6.01 32.04
CA ALA I 437 -71.28 4.70 32.46
C ALA I 437 -72.40 3.99 33.18
N TYR I 438 -72.10 2.81 33.72
CA TYR I 438 -73.14 1.85 34.03
C TYR I 438 -72.98 1.31 35.44
N ALA I 439 -74.11 0.86 36.01
CA ALA I 439 -74.18 0.52 37.42
C ALA I 439 -73.87 -0.95 37.66
N THR I 440 -73.56 -1.26 38.92
CA THR I 440 -73.40 -2.63 39.38
C THR I 440 -74.54 -3.01 40.31
N ASP I 441 -74.69 -4.32 40.50
CA ASP I 441 -75.65 -4.86 41.45
C ASP I 441 -75.54 -4.10 42.77
N SER I 442 -74.34 -4.08 43.34
CA SER I 442 -74.10 -3.36 44.59
C SER I 442 -73.85 -1.89 44.31
N THR I 443 -74.74 -1.26 43.56
CA THR I 443 -74.72 0.18 43.32
C THR I 443 -76.08 0.73 43.72
N LYS I 444 -76.10 1.81 44.47
CA LYS I 444 -77.39 2.33 44.91
C LYS I 444 -78.08 3.02 43.74
N LEU I 445 -79.40 3.17 43.86
CA LEU I 445 -80.22 3.45 42.69
C LEU I 445 -80.23 4.93 42.31
N SER I 446 -79.98 5.82 43.27
CA SER I 446 -80.22 7.24 43.02
C SER I 446 -79.35 7.79 41.91
N GLU I 447 -78.25 7.11 41.60
CA GLU I 447 -77.30 7.63 40.63
C GLU I 447 -77.92 7.76 39.25
N VAL I 448 -79.00 7.03 38.99
CA VAL I 448 -79.63 7.01 37.68
C VAL I 448 -80.99 7.71 37.72
N MET I 449 -81.65 7.66 38.88
CA MET I 449 -83.08 7.96 38.94
C MET I 449 -83.38 9.29 38.29
N ALA I 450 -84.38 9.30 37.40
CA ALA I 450 -84.71 10.53 36.70
C ALA I 450 -85.18 11.62 37.65
N GLY I 451 -85.64 11.26 38.85
CA GLY I 451 -86.14 12.23 39.79
C GLY I 451 -85.10 12.68 40.79
N ASP I 452 -85.35 13.85 41.38
CA ASP I 452 -84.49 14.34 42.46
C ASP I 452 -84.50 13.36 43.63
N SER I 453 -85.61 12.65 43.82
CA SER I 453 -85.73 11.67 44.88
C SER I 453 -86.70 10.59 44.42
N LEU I 454 -86.96 9.63 45.31
CA LEU I 454 -87.91 8.58 45.02
C LEU I 454 -89.31 9.01 45.45
N ASN I 455 -89.56 10.31 45.46
CA ASN I 455 -90.80 10.86 46.00
C ASN I 455 -92.00 10.06 45.51
N GLY I 456 -92.67 9.38 46.43
CA GLY I 456 -93.82 8.56 46.11
C GLY I 456 -93.58 7.53 45.02
N THR I 457 -92.32 7.29 44.67
CA THR I 457 -92.01 6.48 43.50
C THR I 457 -92.49 5.04 43.70
N THR I 458 -93.06 4.46 42.65
CA THR I 458 -93.66 3.14 42.71
C THR I 458 -93.62 2.52 41.32
N LEU I 459 -93.47 1.21 41.28
CA LEU I 459 -93.36 0.49 40.03
C LEU I 459 -94.25 -0.75 40.05
N ASN I 460 -94.68 -1.19 38.87
CA ASN I 460 -95.74 -2.17 38.74
C ASN I 460 -95.32 -3.19 37.68
N LEU I 461 -95.63 -4.46 37.92
CA LEU I 461 -94.89 -5.55 37.28
C LEU I 461 -95.78 -6.55 36.55
N LYS I 462 -95.16 -7.21 35.58
CA LYS I 462 -95.59 -8.50 35.07
C LYS I 462 -94.35 -9.38 34.94
N VAL I 463 -94.49 -10.65 35.29
CA VAL I 463 -93.37 -11.59 35.26
C VAL I 463 -93.89 -13.00 35.08
N ASN I 464 -93.12 -13.81 34.35
CA ASN I 464 -93.32 -15.25 34.29
C ASN I 464 -92.14 -15.96 34.90
N SER I 465 -92.41 -16.86 35.83
CA SER I 465 -91.40 -17.83 36.21
C SER I 465 -91.01 -18.64 35.00
N LYS I 466 -89.83 -19.25 35.05
CA LYS I 466 -89.35 -19.96 33.86
C LYS I 466 -90.21 -21.17 33.54
N GLY I 467 -91.12 -21.57 34.43
CA GLY I 467 -92.20 -22.46 34.08
C GLY I 467 -93.38 -21.74 33.48
N GLY I 468 -93.23 -20.46 33.13
CA GLY I 468 -94.32 -19.67 32.60
C GLY I 468 -95.31 -19.20 33.64
N ASN I 469 -95.14 -19.60 34.90
CA ASN I 469 -96.08 -19.19 35.93
C ASN I 469 -96.06 -17.69 36.07
N SER I 470 -97.20 -17.06 35.78
CA SER I 470 -97.29 -15.62 35.61
C SER I 470 -97.70 -14.96 36.91
N TYR I 471 -97.10 -13.81 37.20
CA TYR I 471 -97.36 -13.14 38.47
C TYR I 471 -97.14 -11.64 38.31
N ASP I 472 -97.79 -10.88 39.17
CA ASP I 472 -97.47 -9.47 39.40
C ASP I 472 -96.94 -9.27 40.82
N VAL I 473 -95.90 -8.46 40.93
CA VAL I 473 -95.45 -7.98 42.22
C VAL I 473 -95.21 -6.47 42.09
N THR I 474 -96.10 -5.68 42.69
CA THR I 474 -96.01 -4.23 42.72
C THR I 474 -95.23 -3.78 43.95
N ILE I 475 -94.43 -2.72 43.76
CA ILE I 475 -93.54 -2.25 44.82
C ILE I 475 -93.60 -0.73 44.86
N ASN I 476 -93.96 -0.18 46.02
CA ASN I 476 -93.78 1.25 46.28
C ASN I 476 -92.39 1.44 46.88
N LEU I 477 -91.56 2.23 46.21
CA LEU I 477 -90.16 2.35 46.56
C LEU I 477 -89.82 3.64 47.28
N GLN I 478 -90.65 4.67 47.20
CA GLN I 478 -90.60 5.71 48.22
C GLN I 478 -90.72 5.08 49.59
N THR I 479 -91.61 4.10 49.71
CA THR I 479 -91.85 3.38 50.95
C THR I 479 -90.90 2.21 51.14
N SER I 480 -90.08 1.90 50.14
CA SER I 480 -89.21 0.73 50.20
C SER I 480 -90.03 -0.51 50.51
N THR I 481 -91.22 -0.59 49.89
CA THR I 481 -92.21 -1.57 50.29
C THR I 481 -92.77 -2.28 49.06
N VAL I 482 -92.96 -3.58 49.21
CA VAL I 482 -93.62 -4.42 48.21
C VAL I 482 -95.11 -4.44 48.52
N SER I 483 -95.91 -4.63 47.49
CA SER I 483 -97.36 -4.72 47.66
C SER I 483 -97.93 -5.38 46.41
N TYR I 484 -98.49 -6.58 46.56
CA TYR I 484 -98.92 -7.34 45.39
C TYR I 484 -100.08 -8.25 45.76
N PRO I 485 -100.89 -8.68 44.78
CA PRO I 485 -102.05 -9.51 45.09
C PRO I 485 -101.70 -10.97 45.29
N ASP I 486 -102.56 -11.73 45.94
CA ASP I 486 -102.19 -13.10 46.25
C ASP I 486 -101.81 -13.95 45.04
N PRO I 487 -100.76 -14.77 45.17
CA PRO I 487 -100.38 -15.66 44.08
C PRO I 487 -100.83 -17.08 44.39
N ASN I 488 -101.15 -17.37 45.65
CA ASN I 488 -101.54 -18.72 46.05
C ASN I 488 -102.93 -18.74 46.69
N ASN I 489 -103.01 -18.29 47.94
CA ASN I 489 -104.30 -18.27 48.65
C ASN I 489 -104.87 -16.88 48.66
N PRO I 490 -105.82 -16.59 47.76
CA PRO I 490 -106.34 -15.22 47.66
C PRO I 490 -107.24 -14.81 48.80
N GLY I 491 -107.79 -13.61 48.71
CA GLY I 491 -108.64 -13.10 49.78
C GLY I 491 -107.86 -12.14 50.65
N GLN I 492 -106.64 -11.80 50.23
CA GLN I 492 -105.81 -10.89 51.01
C GLN I 492 -104.68 -10.30 50.18
N THR I 493 -104.26 -9.08 50.53
CA THR I 493 -103.17 -8.42 49.81
C THR I 493 -101.86 -8.85 50.42
N ILE I 494 -100.77 -8.78 49.65
CA ILE I 494 -99.49 -9.25 50.15
C ILE I 494 -98.45 -8.15 49.98
N SER I 495 -97.48 -8.13 50.90
CA SER I 495 -96.46 -7.08 50.94
C SER I 495 -95.18 -7.63 51.55
N PHE I 496 -94.08 -6.95 51.25
CA PHE I 496 -92.79 -7.20 51.87
C PHE I 496 -92.06 -5.87 52.05
N PRO I 497 -91.20 -5.76 53.07
CA PRO I 497 -90.35 -4.58 53.19
C PRO I 497 -89.00 -4.78 52.52
N ILE I 498 -88.34 -3.68 52.15
CA ILE I 498 -87.06 -3.72 51.46
C ILE I 498 -85.96 -3.37 52.46
N MET I 499 -84.92 -4.20 52.52
CA MET I 499 -84.02 -4.24 53.66
C MET I 499 -82.57 -4.19 53.19
N HIS I 500 -81.73 -3.49 53.96
CA HIS I 500 -80.55 -2.83 53.41
C HIS I 500 -79.40 -3.79 53.14
N THR I 501 -78.66 -3.51 52.07
CA THR I 501 -77.65 -4.41 51.55
C THR I 501 -76.39 -4.47 52.41
N ASN I 502 -76.46 -5.18 53.52
CA ASN I 502 -75.31 -5.41 54.38
C ASN I 502 -75.69 -6.47 55.42
N PRO I 503 -74.76 -6.98 56.22
CA PRO I 503 -75.07 -8.11 57.10
C PRO I 503 -75.76 -7.72 58.39
N ALA I 504 -76.05 -6.44 58.61
CA ALA I 504 -76.51 -5.98 59.92
C ALA I 504 -75.47 -6.46 60.94
N THR I 505 -75.88 -6.65 62.19
CA THR I 505 -75.03 -7.34 63.16
C THR I 505 -75.20 -8.84 63.07
N GLY I 506 -75.12 -9.40 61.88
CA GLY I 506 -75.53 -10.78 61.66
C GLY I 506 -77.04 -10.94 61.66
N ASN I 507 -77.74 -9.92 62.18
CA ASN I 507 -79.19 -9.98 62.34
C ASN I 507 -79.85 -9.23 61.20
N SER I 508 -79.69 -9.78 60.00
CA SER I 508 -80.21 -9.14 58.80
C SER I 508 -81.72 -9.24 58.76
N GLY I 509 -82.30 -8.68 57.71
CA GLY I 509 -83.72 -8.42 57.67
C GLY I 509 -84.02 -7.07 58.30
N VAL I 510 -83.41 -6.02 57.78
CA VAL I 510 -83.54 -4.67 58.33
C VAL I 510 -83.72 -3.67 57.20
N VAL I 511 -84.66 -2.75 57.39
CA VAL I 511 -85.14 -1.90 56.29
C VAL I 511 -84.00 -1.14 55.62
N THR I 512 -84.25 -0.72 54.38
CA THR I 512 -83.31 0.11 53.61
C THR I 512 -83.82 1.54 53.53
N GLY I 513 -82.90 2.46 53.25
CA GLY I 513 -83.29 3.79 52.85
C GLY I 513 -83.89 3.78 51.46
N SER I 514 -84.96 4.53 51.24
CA SER I 514 -85.67 4.47 49.96
C SER I 514 -84.74 4.81 48.80
N ASN I 515 -84.03 5.93 48.89
CA ASN I 515 -83.17 6.35 47.79
C ASN I 515 -81.90 5.51 47.71
N ASP I 516 -81.53 4.83 48.79
CA ASP I 516 -80.18 4.28 48.90
C ASP I 516 -80.10 2.83 48.43
N ILE I 517 -81.23 2.20 48.12
CA ILE I 517 -81.25 0.80 47.73
C ILE I 517 -80.34 0.59 46.52
N THR I 518 -79.81 -0.62 46.37
CA THR I 518 -78.94 -0.95 45.26
C THR I 518 -79.60 -1.96 44.32
N TYR I 519 -79.02 -2.06 43.13
CA TYR I 519 -79.59 -2.93 42.09
C TYR I 519 -79.50 -4.39 42.51
N GLY I 520 -78.49 -4.74 43.31
CA GLY I 520 -78.29 -6.13 43.66
C GLY I 520 -79.48 -6.73 44.36
N GLN I 521 -80.17 -5.94 45.18
CA GLN I 521 -81.40 -6.43 45.81
C GLN I 521 -82.35 -6.99 44.76
N ILE I 522 -82.54 -6.26 43.67
CA ILE I 522 -83.49 -6.67 42.64
C ILE I 522 -82.95 -7.84 41.84
N ASN I 523 -81.65 -7.87 41.58
CA ASN I 523 -81.10 -8.77 40.58
C ASN I 523 -81.30 -10.23 40.96
N ASP I 524 -81.05 -10.58 42.22
CA ASP I 524 -81.35 -11.94 42.66
C ASP I 524 -82.85 -12.14 42.85
N ILE I 525 -83.57 -11.09 43.22
CA ILE I 525 -85.02 -11.17 43.27
C ILE I 525 -85.57 -11.57 41.90
N ILE I 526 -84.97 -11.02 40.84
CA ILE I 526 -85.38 -11.39 39.50
C ILE I 526 -85.28 -12.91 39.33
N GLY I 527 -84.15 -13.48 39.73
CA GLY I 527 -83.98 -14.92 39.63
C GLY I 527 -84.85 -15.70 40.60
N MET I 528 -85.17 -15.09 41.74
CA MET I 528 -86.02 -15.77 42.72
C MET I 528 -87.41 -16.03 42.15
N PHE I 529 -88.01 -15.04 41.50
CA PHE I 529 -89.30 -15.25 40.87
C PHE I 529 -89.16 -16.04 39.59
N ALA I 530 -88.07 -15.86 38.85
CA ALA I 530 -87.76 -16.77 37.76
C ALA I 530 -87.71 -18.20 38.26
N ALA I 531 -87.26 -18.38 39.51
CA ALA I 531 -87.34 -19.66 40.20
C ALA I 531 -88.72 -19.92 40.78
N ASP I 532 -89.74 -19.20 40.31
CA ASP I 532 -91.15 -19.41 40.64
C ASP I 532 -91.48 -19.00 42.07
N LYS I 533 -90.63 -18.21 42.71
CA LYS I 533 -90.76 -17.95 44.15
C LYS I 533 -91.49 -16.63 44.40
N ILE I 534 -92.81 -16.72 44.41
CA ILE I 534 -93.66 -15.66 44.95
C ILE I 534 -94.28 -16.18 46.25
N PRO I 535 -93.96 -15.60 47.40
CA PRO I 535 -94.38 -16.24 48.67
C PRO I 535 -95.89 -16.27 48.83
N THR I 536 -96.34 -17.26 49.61
CA THR I 536 -97.75 -17.42 49.94
C THR I 536 -98.23 -16.42 50.97
N THR I 537 -97.33 -15.74 51.67
CA THR I 537 -97.70 -14.93 52.81
C THR I 537 -96.99 -13.58 52.75
N THR I 538 -97.61 -12.59 53.39
CA THR I 538 -96.90 -11.37 53.71
C THR I 538 -95.79 -11.66 54.70
N ILE I 539 -94.64 -11.04 54.48
CA ILE I 539 -93.49 -11.16 55.38
C ILE I 539 -93.01 -9.75 55.66
N GLN I 540 -93.26 -9.26 56.87
CA GLN I 540 -93.18 -7.84 57.14
C GLN I 540 -92.38 -7.57 58.40
N ALA I 541 -91.85 -6.35 58.49
CA ALA I 541 -90.96 -5.96 59.57
C ALA I 541 -91.74 -5.67 60.84
N ASN I 542 -91.08 -5.88 61.98
CA ASN I 542 -91.63 -5.54 63.29
C ASN I 542 -91.09 -4.18 63.72
N ASN I 543 -91.59 -3.15 63.03
CA ASN I 543 -91.10 -1.77 63.20
C ASN I 543 -89.72 -1.61 62.59
N GLY I 544 -89.30 -2.57 61.77
CA GLY I 544 -88.05 -2.43 61.05
C GLY I 544 -87.25 -3.70 60.87
N GLN I 545 -87.54 -4.74 61.65
CA GLN I 545 -86.78 -5.98 61.60
C GLN I 545 -87.70 -7.18 61.42
N ILE I 546 -87.20 -8.17 60.69
CA ILE I 546 -87.62 -9.55 60.82
C ILE I 546 -86.38 -10.36 61.18
N ASN I 547 -86.48 -11.14 62.26
CA ASN I 547 -85.30 -11.81 62.78
C ASN I 547 -84.54 -12.50 61.65
N ASN I 548 -83.22 -12.56 61.80
CA ASN I 548 -82.41 -13.16 60.75
C ASN I 548 -82.91 -14.55 60.40
N ALA I 549 -83.36 -15.30 61.40
CA ALA I 549 -84.04 -16.56 61.13
C ALA I 549 -85.28 -16.32 60.28
N ASP I 550 -86.07 -15.31 60.62
CA ASP I 550 -87.17 -14.92 59.75
C ASP I 550 -86.64 -14.46 58.41
N TYR I 551 -85.52 -13.73 58.42
CA TYR I 551 -84.84 -13.37 57.19
C TYR I 551 -84.25 -14.60 56.49
N THR I 552 -83.85 -15.61 57.26
CA THR I 552 -83.18 -16.76 56.67
C THR I 552 -84.08 -17.50 55.70
N GLN I 553 -85.37 -17.64 56.01
CA GLN I 553 -86.22 -18.42 55.12
C GLN I 553 -86.36 -17.73 53.77
N ILE I 554 -86.24 -16.39 53.74
CA ILE I 554 -86.05 -15.72 52.46
C ILE I 554 -84.70 -16.09 51.86
N GLN I 555 -83.67 -16.22 52.70
CA GLN I 555 -82.34 -16.49 52.18
C GLN I 555 -82.35 -17.74 51.31
N GLN I 556 -83.11 -18.76 51.70
CA GLN I 556 -83.17 -19.97 50.89
C GLN I 556 -83.82 -19.69 49.54
N LEU I 557 -84.89 -18.89 49.52
CA LEU I 557 -85.51 -18.54 48.25
C LEU I 557 -84.49 -17.97 47.28
N MET I 558 -83.65 -17.05 47.75
CA MET I 558 -82.56 -16.54 46.91
C MET I 558 -81.58 -17.65 46.56
N LYS I 559 -81.28 -18.53 47.52
CA LYS I 559 -80.42 -19.67 47.21
C LYS I 559 -80.98 -20.46 46.04
N ASP I 560 -82.31 -20.61 45.98
CA ASP I 560 -82.93 -21.24 44.83
C ASP I 560 -82.62 -20.47 43.56
N SER I 561 -82.79 -19.15 43.61
CA SER I 561 -82.44 -18.32 42.46
C SER I 561 -81.00 -18.55 42.05
N GLN I 562 -80.08 -18.45 43.01
CA GLN I 562 -78.68 -18.69 42.72
C GLN I 562 -78.47 -20.11 42.20
N ALA I 563 -79.19 -21.08 42.77
CA ALA I 563 -79.05 -22.47 42.38
C ALA I 563 -79.74 -22.79 41.06
N THR I 564 -80.51 -21.85 40.49
CA THR I 564 -81.37 -22.19 39.36
C THR I 564 -81.17 -21.31 38.14
N VAL I 565 -80.92 -20.02 38.32
CA VAL I 565 -80.98 -19.07 37.22
C VAL I 565 -79.81 -18.09 37.32
N ASP I 566 -79.58 -17.37 36.22
CA ASP I 566 -78.49 -16.40 36.11
C ASP I 566 -79.05 -15.05 35.70
N VAL I 567 -78.73 -14.01 36.48
CA VAL I 567 -79.14 -12.64 36.20
C VAL I 567 -77.87 -11.80 36.12
N SER I 568 -77.95 -10.68 35.39
CA SER I 568 -76.79 -9.82 35.22
C SER I 568 -77.23 -8.40 34.89
N MET I 569 -76.41 -7.46 35.35
CA MET I 569 -76.47 -6.06 34.91
C MET I 569 -75.42 -5.92 33.82
N ASP I 570 -75.86 -6.02 32.57
CA ASP I 570 -74.97 -6.45 31.50
C ASP I 570 -73.93 -5.37 31.17
N TYR I 571 -73.14 -5.68 30.14
CA TYR I 571 -71.87 -5.00 29.89
C TYR I 571 -72.01 -3.50 29.71
N LYS I 572 -73.18 -3.02 29.26
CA LYS I 572 -73.41 -1.58 29.13
C LYS I 572 -74.72 -1.21 29.82
N GLY I 573 -74.91 -1.73 31.02
CA GLY I 573 -76.01 -1.31 31.86
C GLY I 573 -77.38 -1.67 31.37
N ARG I 574 -77.49 -2.42 30.28
CA ARG I 574 -78.78 -3.02 29.95
C ARG I 574 -78.97 -4.22 30.87
N ILE I 575 -80.02 -4.98 30.65
CA ILE I 575 -80.36 -6.12 31.49
C ILE I 575 -80.18 -7.35 30.65
N SER I 576 -79.37 -8.29 31.12
CA SER I 576 -79.18 -9.57 30.44
C SER I 576 -79.32 -10.69 31.45
N VAL I 577 -80.03 -11.74 31.08
CA VAL I 577 -80.39 -12.81 32.01
C VAL I 577 -80.33 -14.13 31.25
N THR I 578 -79.77 -15.16 31.90
CA THR I 578 -79.56 -16.46 31.29
C THR I 578 -80.10 -17.56 32.18
N ASP I 579 -80.53 -18.65 31.55
CA ASP I 579 -81.00 -19.84 32.25
C ASP I 579 -79.87 -20.86 32.30
N LYS I 580 -79.81 -21.61 33.40
CA LYS I 580 -78.71 -22.55 33.60
C LYS I 580 -78.79 -23.77 32.69
N LEU I 581 -79.94 -24.03 32.07
CA LEU I 581 -80.18 -25.32 31.42
C LEU I 581 -80.68 -25.25 29.98
N SER I 582 -81.35 -24.17 29.59
CA SER I 582 -82.33 -24.24 28.51
C SER I 582 -82.01 -23.28 27.38
N SER I 583 -82.54 -23.60 26.20
CA SER I 583 -82.84 -22.59 25.19
C SER I 583 -84.28 -22.16 25.37
N GLY I 584 -85.20 -23.11 25.27
CA GLY I 584 -86.60 -22.83 25.47
C GLY I 584 -86.95 -22.77 26.95
N THR I 585 -87.08 -21.54 27.48
CA THR I 585 -87.38 -21.35 28.89
C THR I 585 -88.34 -20.18 28.99
N ASN I 586 -89.35 -20.33 29.82
CA ASN I 586 -90.54 -19.48 29.78
C ASN I 586 -90.46 -18.32 30.77
N ILE I 587 -89.48 -17.45 30.60
CA ILE I 587 -89.35 -16.23 31.40
C ILE I 587 -89.82 -15.07 30.54
N GLU I 588 -90.76 -14.28 31.06
CA GLU I 588 -91.23 -13.09 30.35
C GLU I 588 -91.64 -12.05 31.37
N ILE I 589 -91.23 -10.81 31.15
CA ILE I 589 -91.41 -9.74 32.11
C ILE I 589 -91.91 -8.49 31.41
N SER I 590 -92.90 -7.84 32.01
CA SER I 590 -93.27 -6.48 31.69
C SER I 590 -93.49 -5.72 32.99
N LEU I 591 -92.84 -4.56 33.09
CA LEU I 591 -92.84 -3.77 34.32
C LEU I 591 -93.15 -2.33 33.96
N SER I 592 -93.76 -1.62 34.91
CA SER I 592 -94.24 -0.27 34.69
C SER I 592 -93.87 0.62 35.87
N ASP I 593 -93.75 1.90 35.58
CA ASP I 593 -93.41 2.91 36.57
C ASP I 593 -94.66 3.70 36.94
N SER I 594 -94.61 4.33 38.12
CA SER I 594 -95.75 5.09 38.63
C SER I 594 -96.23 6.10 37.60
N GLN I 595 -95.30 6.75 36.88
CA GLN I 595 -95.63 7.77 35.89
C GLN I 595 -95.37 7.26 34.49
N SER I 596 -95.39 5.94 34.29
CA SER I 596 -95.42 5.41 32.94
C SER I 596 -96.72 5.87 32.26
N GLY I 597 -96.63 6.17 30.98
CA GLY I 597 -97.81 6.55 30.23
C GLY I 597 -98.32 7.96 30.49
N GLN I 598 -99.41 8.06 31.24
CA GLN I 598 -100.36 9.17 31.08
C GLN I 598 -99.70 10.54 31.13
N PHE I 599 -100.45 11.52 30.64
CA PHE I 599 -100.02 12.85 30.23
C PHE I 599 -100.99 13.88 30.78
N PRO I 600 -100.71 15.16 30.59
CA PRO I 600 -101.69 16.19 30.97
C PRO I 600 -102.82 16.29 29.94
N ALA I 601 -103.70 17.26 30.17
CA ALA I 601 -104.89 17.47 29.37
C ALA I 601 -105.01 18.93 28.95
N PRO I 602 -105.75 19.21 27.87
CA PRO I 602 -105.80 20.58 27.33
C PRO I 602 -106.55 21.51 28.27
N PRO I 603 -106.69 22.80 27.92
CA PRO I 603 -106.24 23.47 26.70
C PRO I 603 -104.75 23.80 26.69
N PHE I 604 -104.00 23.14 25.82
CA PHE I 604 -102.60 23.47 25.63
C PHE I 604 -102.48 24.68 24.71
N THR I 605 -101.29 25.28 24.71
CA THR I 605 -101.02 26.37 23.79
C THR I 605 -100.83 25.82 22.38
N THR I 606 -100.64 26.73 21.43
CA THR I 606 -100.16 26.31 20.12
C THR I 606 -98.74 25.75 20.19
N THR I 607 -98.08 25.91 21.34
CA THR I 607 -96.73 25.44 21.55
C THR I 607 -96.75 24.31 22.57
N SER I 608 -95.61 23.65 22.70
CA SER I 608 -95.48 22.53 23.61
C SER I 608 -95.81 22.94 25.04
N THR I 609 -96.60 22.12 25.72
CA THR I 609 -96.89 22.26 27.14
C THR I 609 -96.40 20.99 27.85
N VAL I 610 -95.73 21.17 28.98
CA VAL I 610 -94.82 20.16 29.50
C VAL I 610 -95.42 19.45 30.70
N GLN I 611 -95.02 18.19 30.85
CA GLN I 611 -95.29 17.37 32.02
C GLN I 611 -94.06 16.51 32.25
N ASN I 612 -93.85 16.07 33.48
CA ASN I 612 -92.64 15.35 33.84
C ASN I 612 -92.84 13.84 33.68
N GLY I 613 -91.76 13.14 33.40
CA GLY I 613 -91.81 11.74 33.09
C GLY I 613 -91.54 10.84 34.29
N PRO I 614 -91.55 9.52 34.06
CA PRO I 614 -91.31 8.58 35.16
C PRO I 614 -89.85 8.57 35.58
N ASN I 615 -89.60 7.85 36.67
CA ASN I 615 -88.27 7.87 37.27
C ASN I 615 -87.35 6.84 36.62
N PHE I 616 -87.90 5.86 35.89
CA PHE I 616 -87.10 4.74 35.41
C PHE I 616 -87.69 4.17 34.12
N SER I 617 -86.82 3.48 33.36
CA SER I 617 -87.19 2.88 32.09
C SER I 617 -86.27 1.69 31.84
N PHE I 618 -86.87 0.62 31.28
CA PHE I 618 -86.26 -0.70 31.36
C PHE I 618 -85.98 -1.37 30.01
N SER I 619 -87.00 -1.48 29.18
CA SER I 619 -86.90 -2.10 27.86
C SER I 619 -87.96 -1.44 26.99
N ALA I 620 -87.52 -0.75 25.94
CA ALA I 620 -88.33 0.30 25.35
C ALA I 620 -88.49 0.14 23.84
N ASN I 621 -89.60 0.65 23.34
CA ASN I 621 -89.78 0.94 21.91
C ASN I 621 -89.04 2.25 21.58
N ASN I 622 -87.72 2.15 21.64
CA ASN I 622 -86.85 3.31 21.60
C ASN I 622 -86.88 3.98 20.23
N SER I 623 -86.12 5.08 20.11
CA SER I 623 -86.05 5.83 18.88
C SER I 623 -84.85 5.40 18.04
N LEU I 624 -84.67 6.09 16.93
CA LEU I 624 -83.54 5.87 16.02
C LEU I 624 -82.44 6.86 16.35
N THR I 625 -81.20 6.37 16.39
CA THR I 625 -80.09 7.19 16.83
C THR I 625 -78.77 6.53 16.47
N ILE I 626 -77.88 7.30 15.86
CA ILE I 626 -76.48 6.92 15.78
C ILE I 626 -75.59 8.14 16.04
N ASP I 627 -75.18 8.30 17.30
CA ASP I 627 -74.03 9.14 17.63
C ASP I 627 -73.79 9.06 19.13
N GLU I 628 -72.53 9.06 19.51
CA GLU I 628 -72.10 8.96 20.89
C GLU I 628 -70.59 8.86 20.93
N PRO I 629 -69.99 9.07 22.11
CA PRO I 629 -68.56 8.77 22.25
C PRO I 629 -68.21 7.29 22.08
N ASN I 630 -69.12 6.40 22.46
CA ASN I 630 -68.78 5.00 22.71
C ASN I 630 -68.49 4.20 21.44
N VAL I 631 -68.04 2.97 21.64
CA VAL I 631 -67.76 2.09 20.53
C VAL I 631 -68.29 0.71 20.91
N ASP I 632 -68.95 0.00 20.01
CA ASP I 632 -69.39 -1.37 20.28
C ASP I 632 -68.68 -2.25 19.30
N ILE I 633 -68.65 -1.83 18.03
CA ILE I 633 -67.86 -2.54 17.00
C ILE I 633 -68.39 -3.74 16.26
N ILE I 634 -68.29 -4.94 16.84
CA ILE I 634 -68.57 -6.12 16.00
C ILE I 634 -70.05 -6.16 15.61
N LYS I 635 -70.93 -6.03 16.59
CA LYS I 635 -72.36 -6.02 16.29
C LYS I 635 -72.70 -4.88 15.35
N ASP I 636 -72.00 -3.75 15.45
CA ASP I 636 -72.29 -2.62 14.57
C ASP I 636 -72.03 -3.00 13.12
N LEU I 637 -70.88 -3.60 12.84
CA LEU I 637 -70.60 -4.07 11.49
C LEU I 637 -71.70 -5.00 11.01
N ASP I 638 -72.15 -5.90 11.88
CA ASP I 638 -73.26 -6.77 11.54
C ASP I 638 -74.51 -5.93 11.24
N SER I 639 -74.78 -4.92 12.06
CA SER I 639 -75.91 -4.05 11.81
C SER I 639 -75.75 -3.31 10.48
N MET I 640 -74.54 -2.84 10.19
CA MET I 640 -74.28 -2.18 8.93
C MET I 640 -74.56 -3.12 7.76
N ILE I 641 -74.18 -4.39 7.91
CA ILE I 641 -74.28 -5.33 6.81
C ILE I 641 -75.74 -5.66 6.50
N ASP I 642 -76.62 -5.64 7.50
CA ASP I 642 -78.04 -5.84 7.22
C ASP I 642 -78.54 -4.81 6.22
N ALA I 643 -78.20 -3.54 6.44
CA ALA I 643 -78.51 -2.52 5.45
C ALA I 643 -77.87 -2.85 4.11
N VAL I 644 -76.66 -3.41 4.14
CA VAL I 644 -75.92 -3.67 2.90
C VAL I 644 -76.76 -4.53 1.97
N LEU I 645 -77.35 -5.60 2.50
CA LEU I 645 -78.10 -6.51 1.65
C LEU I 645 -79.47 -5.94 1.31
N LYS I 646 -80.25 -5.54 2.32
CA LYS I 646 -81.59 -5.05 2.06
C LYS I 646 -81.58 -3.57 1.67
N GLY I 647 -80.39 -2.98 1.55
CA GLY I 647 -80.25 -1.73 0.82
C GLY I 647 -80.64 -0.48 1.57
N ASN I 648 -80.56 -0.49 2.90
CA ASN I 648 -80.94 0.69 3.69
C ASN I 648 -79.86 1.76 3.58
N MET I 649 -80.02 2.62 2.56
CA MET I 649 -79.38 3.92 2.60
C MET I 649 -79.52 4.43 4.03
N ARG I 650 -80.78 4.55 4.45
CA ARG I 650 -81.12 4.80 5.84
C ARG I 650 -82.30 3.90 6.20
N ALA I 651 -82.90 4.15 7.36
CA ALA I 651 -83.78 3.19 8.02
C ALA I 651 -85.06 2.99 7.24
N ASP I 652 -85.22 1.80 6.67
CA ASP I 652 -86.54 1.27 6.38
C ASP I 652 -87.36 1.31 7.67
N SER I 653 -88.54 1.93 7.60
CA SER I 653 -89.31 2.28 8.77
C SER I 653 -90.34 1.24 9.17
N GLU I 654 -90.44 0.13 8.45
CA GLU I 654 -91.46 -0.87 8.73
C GLU I 654 -90.96 -2.31 8.72
N SER I 655 -89.72 -2.56 8.31
CA SER I 655 -89.24 -3.93 8.21
C SER I 655 -89.15 -4.57 9.58
N GLU I 656 -88.88 -5.88 9.59
CA GLU I 656 -88.59 -6.57 10.85
C GLU I 656 -87.55 -5.80 11.65
N ASN I 657 -86.63 -5.15 10.96
CA ASN I 657 -85.71 -4.18 11.53
C ASN I 657 -86.08 -2.81 10.97
N PRO I 658 -87.16 -2.21 11.46
CA PRO I 658 -87.63 -0.95 10.85
C PRO I 658 -86.80 0.22 11.34
N ARG I 659 -85.49 0.02 11.42
CA ARG I 659 -84.63 0.95 12.14
C ARG I 659 -83.28 1.19 11.47
N ASN I 660 -82.94 0.45 10.41
CA ASN I 660 -81.56 0.32 9.96
C ASN I 660 -81.17 1.51 9.09
N THR I 661 -80.52 2.49 9.69
CA THR I 661 -79.96 3.61 8.93
C THR I 661 -78.58 3.23 8.42
N GLY I 662 -78.34 1.92 8.29
CA GLY I 662 -76.99 1.41 8.29
C GLY I 662 -76.04 2.05 7.29
N MET I 663 -76.37 2.01 5.99
CA MET I 663 -75.35 2.32 4.98
C MET I 663 -74.74 3.70 5.19
N GLN I 664 -75.57 4.73 5.41
CA GLN I 664 -75.00 6.02 5.79
C GLN I 664 -74.40 5.96 7.19
N GLY I 665 -75.11 5.32 8.13
CA GLY I 665 -74.57 5.18 9.47
C GLY I 665 -73.26 4.43 9.48
N ALA I 666 -73.09 3.46 8.60
CA ALA I 666 -71.89 2.67 8.57
C ALA I 666 -70.72 3.59 8.42
N LEU I 667 -70.81 4.52 7.46
CA LEU I 667 -69.72 5.44 7.20
C LEU I 667 -69.46 6.35 8.38
N GLU I 668 -70.51 6.68 9.13
CA GLU I 668 -70.35 7.54 10.28
C GLU I 668 -69.38 6.90 11.25
N ARG I 669 -69.64 5.64 11.59
CA ARG I 669 -68.75 4.94 12.51
C ARG I 669 -67.42 4.63 11.85
N LEU I 670 -67.42 4.44 10.53
CA LEU I 670 -66.15 4.25 9.84
C LEU I 670 -65.29 5.45 10.17
N ASP I 671 -65.88 6.63 10.20
CA ASP I 671 -65.14 7.86 10.48
C ASP I 671 -64.80 7.99 11.96
N HIS I 672 -65.76 7.72 12.84
CA HIS I 672 -65.53 7.92 14.27
C HIS I 672 -64.60 6.87 14.84
N LEU I 673 -64.76 5.64 14.40
CA LEU I 673 -63.94 4.53 14.88
C LEU I 673 -62.55 4.59 14.29
N ALA I 674 -62.46 4.91 12.99
CA ALA I 674 -61.15 5.17 12.41
C ALA I 674 -60.45 6.28 13.16
N ASP I 675 -61.16 7.37 13.43
CA ASP I 675 -60.58 8.45 14.22
C ASP I 675 -60.22 7.97 15.62
N HIS I 676 -61.13 7.23 16.26
CA HIS I 676 -60.83 6.61 17.54
C HIS I 676 -59.56 5.78 17.47
N VAL I 677 -59.47 4.89 16.49
CA VAL I 677 -58.30 4.03 16.39
C VAL I 677 -57.06 4.86 16.14
N SER I 678 -57.17 5.90 15.31
CA SER I 678 -56.01 6.71 14.98
C SER I 678 -55.34 7.26 16.24
N LYS I 679 -56.14 7.73 17.20
CA LYS I 679 -55.56 8.29 18.42
C LYS I 679 -54.78 7.24 19.19
N LEU I 680 -55.31 6.01 19.27
CA LEU I 680 -54.60 4.95 19.97
C LEU I 680 -53.25 4.67 19.32
N ASN I 681 -53.21 4.65 17.98
CA ASN I 681 -51.99 4.28 17.27
C ASN I 681 -50.84 5.18 17.66
N THR I 682 -51.04 6.49 17.61
CA THR I 682 -49.97 7.43 17.93
C THR I 682 -49.47 7.24 19.36
N THR I 683 -50.34 6.78 20.26
CA THR I 683 -49.96 6.61 21.65
C THR I 683 -48.81 5.63 21.79
N MET I 684 -48.83 4.54 21.02
CA MET I 684 -47.71 3.60 21.09
C MET I 684 -46.42 4.28 20.67
N GLY I 685 -46.47 5.08 19.60
CA GLY I 685 -45.31 5.90 19.29
C GLY I 685 -44.81 6.62 20.52
N ALA I 686 -45.73 7.22 21.27
CA ALA I 686 -45.36 7.86 22.53
C ALA I 686 -44.81 6.83 23.51
N TYR I 687 -45.53 5.71 23.69
CA TYR I 687 -45.04 4.63 24.53
C TYR I 687 -43.56 4.38 24.28
N HIS I 688 -43.22 4.12 23.02
CA HIS I 688 -41.86 3.72 22.67
C HIS I 688 -40.87 4.81 23.03
N ASN I 689 -41.22 6.07 22.77
CA ASN I 689 -40.24 7.14 22.94
C ASN I 689 -39.66 7.13 24.35
N THR I 690 -40.44 6.71 25.35
CA THR I 690 -39.85 6.38 26.64
C THR I 690 -38.66 5.45 26.51
N ILE I 691 -38.89 4.24 26.02
CA ILE I 691 -37.97 3.17 26.36
C ILE I 691 -36.61 3.43 25.73
N GLU I 692 -36.60 3.82 24.45
CA GLU I 692 -35.33 4.12 23.79
C GLU I 692 -34.58 5.23 24.52
N GLY I 693 -35.28 6.33 24.74
CA GLY I 693 -34.68 7.43 25.48
C GLY I 693 -34.14 6.85 26.77
N VAL I 694 -35.00 6.22 27.55
CA VAL I 694 -34.58 5.65 28.82
C VAL I 694 -33.43 4.69 28.62
N ASN I 695 -33.55 3.82 27.62
CA ASN I 695 -32.53 2.82 27.39
C ASN I 695 -31.21 3.48 27.05
N THR I 696 -31.22 4.44 26.12
CA THR I 696 -29.95 5.03 25.71
C THR I 696 -29.36 5.74 26.90
N ARG I 697 -30.21 6.32 27.72
CA ARG I 697 -29.76 7.03 28.89
C ARG I 697 -28.99 6.08 29.77
N THR I 698 -29.65 5.00 30.17
CA THR I 698 -29.00 4.06 31.07
C THR I 698 -27.69 3.67 30.44
N SER I 699 -27.72 3.37 29.16
CA SER I 699 -26.53 2.89 28.48
C SER I 699 -25.35 3.84 28.60
N PHE I 700 -25.51 5.09 28.16
CA PHE I 700 -24.34 5.97 28.17
C PHE I 700 -23.98 6.39 29.59
N LEU I 701 -24.93 6.27 30.50
CA LEU I 701 -24.64 6.56 31.89
C LEU I 701 -23.67 5.52 32.37
N SER I 702 -24.05 4.26 32.18
CA SER I 702 -23.20 3.19 32.65
C SER I 702 -21.81 3.35 32.10
N VAL I 703 -21.61 4.10 31.01
CA VAL I 703 -20.24 4.31 30.57
C VAL I 703 -19.47 5.16 31.58
N ASN I 704 -19.93 6.39 31.80
CA ASN I 704 -19.23 7.27 32.73
C ASN I 704 -19.19 6.66 34.13
N VAL I 705 -20.32 6.08 34.57
CA VAL I 705 -20.30 5.34 35.81
C VAL I 705 -19.23 4.25 35.75
N GLN I 706 -19.23 3.48 34.67
CA GLN I 706 -18.19 2.48 34.48
C GLN I 706 -16.81 3.12 34.53
N SER I 707 -16.60 4.16 33.73
CA SER I 707 -15.32 4.86 33.76
C SER I 707 -15.01 5.34 35.17
N ILE I 708 -16.01 5.90 35.85
CA ILE I 708 -15.82 6.32 37.24
C ILE I 708 -15.45 5.12 38.09
N LYS I 709 -16.16 4.00 37.93
CA LYS I 709 -15.83 2.81 38.70
C LYS I 709 -14.40 2.37 38.44
N SER I 710 -13.96 2.41 37.19
CA SER I 710 -12.57 2.11 36.89
C SER I 710 -11.65 2.93 37.78
N ASN I 711 -11.87 4.25 37.81
CA ASN I 711 -11.01 5.11 38.61
C ASN I 711 -10.95 4.68 40.06
N VAL I 712 -12.02 4.06 40.55
CA VAL I 712 -12.03 3.55 41.92
C VAL I 712 -10.97 2.48 42.10
N ILE I 713 -10.80 1.62 41.09
CA ILE I 713 -9.91 0.47 41.24
C ILE I 713 -8.56 0.69 40.55
N ASP I 714 -8.50 1.59 39.57
CA ASP I 714 -7.31 1.71 38.74
C ASP I 714 -6.07 1.98 39.58
N VAL I 715 -5.02 1.20 39.35
CA VAL I 715 -3.76 1.41 40.05
C VAL I 715 -3.02 2.58 39.40
N ASP I 716 -2.22 3.27 40.20
CA ASP I 716 -1.28 4.26 39.68
C ASP I 716 -0.03 3.49 39.22
N TYR I 717 0.01 3.17 37.93
CA TYR I 717 1.14 2.40 37.40
C TYR I 717 2.45 3.13 37.63
N GLY I 718 2.46 4.45 37.44
CA GLY I 718 3.72 5.17 37.41
C GLY I 718 4.47 5.11 38.72
N GLU I 719 3.95 5.77 39.75
CA GLU I 719 4.71 5.93 40.98
C GLU I 719 4.98 4.58 41.64
N ALA I 720 4.02 3.66 41.56
CA ALA I 720 4.25 2.31 42.05
C ALA I 720 5.41 1.65 41.32
N MET I 721 5.41 1.72 39.99
CA MET I 721 6.54 1.18 39.24
C MET I 721 7.84 1.86 39.68
N MET I 722 7.79 3.17 39.88
CA MET I 722 8.96 3.86 40.42
C MET I 722 9.38 3.23 41.74
N ASN I 723 8.45 3.10 42.68
CA ASN I 723 8.77 2.45 43.94
C ASN I 723 9.28 1.04 43.70
N LEU I 724 8.66 0.32 42.78
CA LEU I 724 9.01 -1.08 42.56
C LEU I 724 10.49 -1.24 42.25
N MET I 725 10.93 -0.65 41.13
CA MET I 725 12.35 -0.74 40.80
C MET I 725 13.19 0.04 41.80
N GLN I 726 12.64 1.15 42.33
CA GLN I 726 13.32 1.88 43.39
C GLN I 726 13.66 0.97 44.56
N VAL I 727 12.66 0.26 45.08
CA VAL I 727 12.92 -0.67 46.18
C VAL I 727 13.68 -1.89 45.70
N GLN I 728 13.41 -2.32 44.46
CA GLN I 728 14.16 -3.45 43.89
C GLN I 728 15.65 -3.21 43.99
N LEU I 729 16.10 -1.97 43.74
CA LEU I 729 17.51 -1.66 43.82
C LEU I 729 18.02 -1.69 45.25
N ALA I 730 17.24 -1.13 46.19
CA ALA I 730 17.62 -1.22 47.59
C ALA I 730 17.74 -2.68 48.02
N TYR I 731 16.81 -3.52 47.57
CA TYR I 731 16.96 -4.95 47.76
C TYR I 731 18.30 -5.44 47.21
N GLN I 732 18.64 -5.02 46.00
CA GLN I 732 19.95 -5.35 45.45
C GLN I 732 21.06 -4.76 46.31
N ALA I 733 20.89 -3.52 46.77
CA ALA I 733 21.91 -2.91 47.61
C ALA I 733 22.20 -3.77 48.83
N SER I 734 21.16 -4.25 49.49
CA SER I 734 21.35 -5.14 50.62
C SER I 734 21.98 -6.46 50.19
N LEU I 735 21.66 -6.95 48.99
CA LEU I 735 22.21 -8.22 48.54
C LEU I 735 23.73 -8.21 48.56
N LYS I 736 24.34 -7.36 47.72
CA LYS I 736 25.79 -7.33 47.67
C LYS I 736 26.39 -7.01 49.03
N ALA I 737 25.72 -6.14 49.80
CA ALA I 737 26.17 -5.87 51.16
C ALA I 737 26.27 -7.15 51.98
N SER I 738 25.23 -7.99 51.90
CA SER I 738 25.26 -9.25 52.63
C SER I 738 26.45 -10.09 52.21
N THR I 739 26.60 -10.30 50.90
CA THR I 739 27.79 -11.00 50.41
C THR I 739 29.06 -10.27 50.84
N THR I 740 29.00 -8.95 50.95
CA THR I 740 30.14 -8.20 51.47
C THR I 740 30.43 -8.54 52.92
N ILE I 741 29.39 -8.73 53.73
CA ILE I 741 29.61 -9.04 55.14
C ILE I 741 30.42 -10.31 55.29
N SER I 742 30.02 -11.37 54.58
CA SER I 742 30.83 -12.58 54.60
C SER I 742 32.24 -12.28 54.14
N GLN I 743 32.37 -11.62 52.99
CA GLN I 743 33.70 -11.22 52.51
C GLN I 743 34.41 -10.37 53.56
N LEU I 744 33.67 -9.51 54.25
CA LEU I 744 34.25 -8.78 55.37
C LEU I 744 34.77 -9.73 56.43
N SER I 745 33.97 -10.75 56.77
CA SER I 745 34.35 -11.66 57.84
C SER I 745 35.58 -12.49 57.47
N LEU I 746 35.80 -12.70 56.17
CA LEU I 746 36.77 -13.71 55.74
C LEU I 746 38.19 -13.38 56.22
N LEU I 747 38.53 -12.10 56.33
CA LEU I 747 39.92 -11.74 56.63
C LEU I 747 40.22 -11.87 58.12
N ASN I 748 39.19 -11.98 58.95
CA ASN I 748 39.25 -11.58 60.35
C ASN I 748 40.61 -11.81 60.99
N TYR I 749 41.16 -13.00 60.83
CA TYR I 749 42.39 -13.39 61.50
C TYR I 749 43.63 -12.96 60.73
N MET I 750 43.50 -11.98 59.83
CA MET I 750 44.61 -11.62 58.96
C MET I 750 44.62 -10.12 58.72
N MET J 1 54.37 1.99 75.36
CA MET J 1 54.66 2.09 76.81
C MET J 1 54.07 0.89 77.53
N ARG J 2 54.30 0.78 78.84
CA ARG J 2 54.35 -0.55 79.44
C ARG J 2 52.96 -1.09 79.82
N ILE J 3 52.25 -0.46 80.76
CA ILE J 3 50.96 -1.05 81.09
C ILE J 3 49.94 -0.74 80.01
N THR J 4 50.25 0.20 79.11
CA THR J 4 49.52 0.25 77.86
C THR J 4 49.58 -1.10 77.15
N ASN J 5 50.69 -1.82 77.34
CA ASN J 5 50.93 -3.05 76.58
C ASN J 5 49.72 -3.98 76.65
N LYS J 6 49.25 -4.28 77.87
CA LYS J 6 48.11 -5.18 77.99
C LYS J 6 46.82 -4.50 77.58
N LEU J 7 46.66 -3.21 77.91
CA LEU J 7 45.50 -2.47 77.44
C LEU J 7 45.61 -2.14 75.95
N ASN J 8 46.83 -2.05 75.43
CA ASN J 8 47.02 -1.73 74.03
C ASN J 8 46.30 -2.73 73.14
N PHE J 9 46.46 -4.02 73.44
CA PHE J 9 45.70 -5.04 72.74
C PHE J 9 44.23 -4.69 72.75
N THR J 10 43.73 -4.23 73.89
CA THR J 10 42.31 -3.88 74.00
C THR J 10 41.96 -2.74 73.06
N ASN J 11 42.81 -1.72 72.95
CA ASN J 11 42.51 -0.65 72.02
C ASN J 11 42.41 -1.18 70.59
N SER J 12 43.33 -2.06 70.21
CA SER J 12 43.22 -2.71 68.91
C SER J 12 41.84 -3.32 68.75
N VAL J 13 41.33 -3.96 69.80
CA VAL J 13 39.95 -4.42 69.77
C VAL J 13 39.02 -3.22 69.67
N ASN J 14 39.25 -2.20 70.51
CA ASN J 14 38.40 -1.02 70.46
C ASN J 14 38.42 -0.41 69.07
N ASN J 15 39.60 -0.37 68.45
CA ASN J 15 39.69 0.06 67.06
C ASN J 15 38.92 -0.88 66.15
N SER J 16 39.06 -2.19 66.38
CA SER J 16 38.31 -3.16 65.60
C SER J 16 36.81 -2.99 65.83
N MET J 17 36.40 -2.78 67.07
CA MET J 17 35.00 -2.61 67.38
C MET J 17 34.41 -1.42 66.63
N GLY J 18 35.18 -0.34 66.52
CA GLY J 18 34.69 0.83 65.81
C GLY J 18 34.34 0.53 64.36
N GLY J 19 35.25 -0.16 63.66
CA GLY J 19 34.96 -0.53 62.29
C GLY J 19 33.76 -1.45 62.17
N GLN J 20 33.64 -2.41 63.11
CA GLN J 20 32.46 -3.26 63.13
C GLN J 20 31.19 -2.42 63.22
N SER J 21 31.15 -1.50 64.18
CA SER J 21 30.02 -0.58 64.26
C SER J 21 29.96 0.32 63.04
N ALA J 22 31.11 0.82 62.58
CA ALA J 22 31.13 1.74 61.45
C ALA J 22 30.50 1.09 60.23
N LEU J 23 30.94 -0.12 59.87
CA LEU J 23 30.38 -0.79 58.71
C LEU J 23 28.89 -1.03 58.89
N TYR J 24 28.47 -1.43 60.10
CA TYR J 24 27.05 -1.54 60.37
C TYR J 24 26.35 -0.22 60.14
N GLN J 25 26.90 0.87 60.69
CA GLN J 25 26.26 2.16 60.54
C GLN J 25 26.05 2.51 59.07
N ILE J 26 27.01 2.13 58.22
CA ILE J 26 26.83 2.30 56.79
C ILE J 26 25.65 1.47 56.31
N SER J 27 25.47 0.28 56.91
CA SER J 27 24.43 -0.62 56.46
C SER J 27 23.05 0.01 56.53
N GLN J 28 22.82 0.91 57.48
CA GLN J 28 21.54 1.60 57.53
C GLN J 28 21.23 2.27 56.19
N GLN J 29 22.22 2.97 55.64
CA GLN J 29 22.05 3.55 54.31
C GLN J 29 21.91 2.47 53.26
N LEU J 30 22.65 1.37 53.40
CA LEU J 30 22.59 0.30 52.41
C LEU J 30 21.19 -0.29 52.34
N ALA J 31 20.58 -0.53 53.51
CA ALA J 31 19.21 -1.02 53.52
C ALA J 31 18.25 0.10 53.13
N SER J 32 18.43 1.29 53.69
CA SER J 32 17.48 2.38 53.47
C SER J 32 17.76 3.13 52.18
N GLY J 33 19.02 3.38 51.87
CA GLY J 33 19.35 4.29 50.78
C GLY J 33 19.12 5.73 51.13
N LEU J 34 19.02 6.06 52.41
CA LEU J 34 18.70 7.40 52.87
C LEU J 34 19.93 7.98 53.59
N LYS J 35 19.98 9.31 53.67
CA LYS J 35 21.09 9.94 54.37
C LYS J 35 21.19 9.41 55.80
N ILE J 36 20.05 9.32 56.48
CA ILE J 36 19.99 8.83 57.84
C ILE J 36 18.65 8.14 58.05
N GLN J 37 18.56 7.34 59.11
CA GLN J 37 17.41 6.48 59.32
C GLN J 37 16.77 6.61 60.70
N ASN J 38 17.35 7.39 61.62
CA ASN J 38 16.81 7.50 62.97
C ASN J 38 16.99 8.93 63.46
N SER J 39 16.09 9.35 64.35
CA SER J 39 15.94 10.77 64.67
C SER J 39 17.23 11.39 65.19
N TYR J 40 17.85 10.79 66.20
CA TYR J 40 19.03 11.35 66.83
C TYR J 40 20.14 11.68 65.82
N GLU J 41 20.08 11.10 64.63
CA GLU J 41 21.11 11.38 63.62
C GLU J 41 21.06 12.82 63.11
N ASP J 42 19.89 13.32 62.75
CA ASP J 42 19.70 14.76 62.55
C ASP J 42 18.24 15.14 62.67
N ALA J 43 17.86 15.76 63.79
CA ALA J 43 16.45 16.03 64.04
C ALA J 43 15.84 16.89 62.95
N SER J 44 16.59 17.88 62.47
CA SER J 44 16.02 18.87 61.56
C SER J 44 15.51 18.21 60.27
N THR J 45 16.37 17.43 59.62
CA THR J 45 15.99 16.92 58.30
C THR J 45 14.73 16.07 58.38
N TYR J 46 14.63 15.20 59.39
CA TYR J 46 13.36 14.55 59.64
C TYR J 46 12.27 15.59 59.84
N ILE J 47 12.46 16.45 60.84
CA ILE J 47 11.47 17.47 61.19
C ILE J 47 10.97 18.17 59.93
N ASP J 48 11.89 18.76 59.16
CA ASP J 48 11.48 19.56 58.02
C ASP J 48 10.72 18.73 57.01
N ASN J 49 11.20 17.52 56.73
CA ASN J 49 10.57 16.68 55.72
C ASN J 49 9.16 16.29 56.15
N THR J 50 8.93 16.12 57.45
CA THR J 50 7.58 15.83 57.93
C THR J 50 6.60 16.88 57.44
N ARG J 51 6.96 18.16 57.57
CA ARG J 51 6.11 19.20 57.03
C ARG J 51 5.84 18.95 55.55
N LEU J 52 6.84 18.50 54.81
CA LEU J 52 6.59 18.03 53.45
C LEU J 52 5.69 16.80 53.45
N GLU J 53 5.92 15.87 54.37
CA GLU J 53 5.00 14.74 54.51
C GLU J 53 3.59 15.25 54.68
N TYR J 54 3.38 16.15 55.65
CA TYR J 54 2.08 16.77 55.81
C TYR J 54 1.59 17.39 54.50
N GLU J 55 2.43 18.23 53.90
CA GLU J 55 2.07 18.85 52.64
C GLU J 55 1.60 17.82 51.64
N ILE J 56 2.33 16.71 51.55
CA ILE J 56 1.98 15.65 50.60
C ILE J 56 0.61 15.08 50.95
N LYS J 57 0.37 14.84 52.23
CA LYS J 57 -0.91 14.27 52.65
C LYS J 57 -2.07 15.16 52.25
N THR J 58 -2.01 16.44 52.61
CA THR J 58 -3.12 17.34 52.28
C THR J 58 -3.35 17.39 50.79
N LEU J 59 -2.29 17.50 50.00
CA LEU J 59 -2.45 17.53 48.55
C LEU J 59 -3.27 16.34 48.07
N GLU J 60 -2.94 15.15 48.55
CA GLU J 60 -3.73 13.97 48.19
C GLU J 60 -5.19 14.16 48.53
N GLN J 61 -5.47 14.61 49.76
CA GLN J 61 -6.85 14.83 50.15
C GLN J 61 -7.60 15.66 49.12
N VAL J 62 -7.16 16.90 48.91
CA VAL J 62 -7.87 17.77 47.99
C VAL J 62 -7.75 17.24 46.57
N LYS J 63 -6.53 16.89 46.15
CA LYS J 63 -6.33 16.42 44.78
C LYS J 63 -7.34 15.34 44.42
N GLU J 64 -7.49 14.36 45.31
CA GLU J 64 -8.50 13.33 45.07
C GLU J 64 -9.90 13.89 45.32
N SER J 65 -10.05 14.76 46.33
CA SER J 65 -11.36 15.34 46.60
C SER J 65 -11.86 16.14 45.40
N THR J 66 -11.01 17.02 44.86
CA THR J 66 -11.37 17.71 43.62
C THR J 66 -11.66 16.72 42.51
N SER J 67 -10.91 15.61 42.46
CA SER J 67 -11.20 14.59 41.45
C SER J 67 -12.64 14.12 41.56
N ARG J 68 -13.11 13.90 42.79
CA ARG J 68 -14.51 13.54 42.99
C ARG J 68 -15.44 14.64 42.50
N ALA J 69 -15.12 15.89 42.83
CA ALA J 69 -16.02 16.99 42.51
C ALA J 69 -16.09 17.24 41.00
N GLN J 70 -14.93 17.38 40.35
CA GLN J 70 -14.93 17.79 38.95
C GLN J 70 -15.58 16.75 38.06
N GLU J 71 -15.29 15.46 38.29
CA GLU J 71 -15.92 14.42 37.50
C GLU J 71 -17.44 14.51 37.60
N MET J 72 -17.94 14.85 38.78
CA MET J 72 -19.39 14.99 38.93
C MET J 72 -19.90 16.22 38.20
N THR J 73 -19.17 17.33 38.28
CA THR J 73 -19.64 18.55 37.64
C THR J 73 -19.76 18.36 36.14
N GLN J 74 -18.75 17.76 35.51
CA GLN J 74 -18.89 17.41 34.10
C GLN J 74 -19.99 16.39 33.91
N ASN J 75 -20.12 15.43 34.83
CA ASN J 75 -21.32 14.60 34.82
C ASN J 75 -22.56 15.45 35.00
N SER J 76 -22.45 16.53 35.77
CA SER J 76 -23.58 17.44 35.94
C SER J 76 -23.85 18.21 34.66
N MET J 77 -22.82 18.81 34.06
CA MET J 77 -23.00 19.39 32.74
C MET J 77 -23.61 18.35 31.82
N LYS J 78 -23.04 17.13 31.84
CA LYS J 78 -23.56 16.06 31.01
C LYS J 78 -25.04 15.83 31.27
N ALA J 79 -25.44 15.76 32.54
CA ALA J 79 -26.86 15.66 32.86
C ALA J 79 -27.60 16.89 32.37
N LEU J 80 -27.03 18.08 32.58
CA LEU J 80 -27.67 19.30 32.11
C LEU J 80 -27.82 19.30 30.60
N GLN J 81 -26.78 18.91 29.87
CA GLN J 81 -26.85 18.92 28.41
C GLN J 81 -28.08 18.17 27.93
N ASP J 82 -28.36 17.02 28.54
CA ASP J 82 -29.63 16.33 28.25
C ASP J 82 -30.79 17.30 28.37
N MET J 83 -30.94 17.90 29.56
CA MET J 83 -32.15 18.64 29.86
C MET J 83 -32.25 19.88 29.00
N VAL J 84 -31.11 20.43 28.58
CA VAL J 84 -31.12 21.48 27.58
C VAL J 84 -31.80 20.99 26.31
N LYS J 85 -31.43 19.78 25.86
CA LYS J 85 -32.02 19.25 24.65
C LYS J 85 -33.52 19.04 24.84
N LEU J 86 -33.91 18.43 25.94
CA LEU J 86 -35.34 18.32 26.24
C LEU J 86 -36.01 19.69 26.27
N LEU J 87 -35.27 20.74 26.64
CA LEU J 87 -35.83 22.07 26.51
C LEU J 87 -35.98 22.46 25.05
N GLU J 88 -34.99 22.14 24.22
CA GLU J 88 -35.17 22.28 22.78
C GLU J 88 -36.44 21.58 22.36
N ASP J 89 -36.59 20.32 22.77
CA ASP J 89 -37.70 19.50 22.36
C ASP J 89 -39.02 20.03 22.89
N PHE J 90 -38.99 20.73 24.03
CA PHE J 90 -40.13 21.57 24.40
C PHE J 90 -40.42 22.61 23.32
N LYS J 91 -39.45 23.48 23.04
CA LYS J 91 -39.67 24.54 22.06
C LYS J 91 -40.20 24.00 20.75
N VAL J 92 -39.63 22.90 20.27
CA VAL J 92 -39.93 22.41 18.93
C VAL J 92 -41.39 22.03 18.81
N LYS J 93 -41.88 21.20 19.74
CA LYS J 93 -43.29 20.82 19.68
C LYS J 93 -44.21 21.99 20.03
N VAL J 94 -43.81 22.86 20.95
CA VAL J 94 -44.60 24.08 21.17
C VAL J 94 -44.75 24.83 19.86
N THR J 95 -43.67 24.91 19.09
CA THR J 95 -43.77 25.45 17.74
C THR J 95 -44.67 24.58 16.88
N GLN J 96 -44.55 23.25 17.00
CA GLN J 96 -45.45 22.38 16.26
C GLN J 96 -46.90 22.60 16.68
N ALA J 97 -47.14 22.74 17.98
CA ALA J 97 -48.47 23.11 18.43
C ALA J 97 -48.84 24.51 17.95
N ALA J 98 -47.85 25.42 17.90
CA ALA J 98 -48.12 26.75 17.37
C ALA J 98 -48.74 26.66 15.98
N SER J 99 -48.37 25.65 15.20
CA SER J 99 -49.10 25.27 14.00
C SER J 99 -50.38 24.60 14.46
N ASP J 100 -51.37 25.42 14.77
CA ASP J 100 -52.55 25.00 15.52
C ASP J 100 -53.71 24.58 14.63
N SER J 101 -53.47 24.31 13.35
CA SER J 101 -54.53 23.80 12.49
C SER J 101 -54.87 22.34 12.78
N ASN J 102 -54.33 21.77 13.85
CA ASN J 102 -54.50 20.36 14.14
C ASN J 102 -55.95 20.05 14.50
N SER J 103 -56.31 18.79 14.31
CA SER J 103 -57.46 18.26 15.02
C SER J 103 -57.18 18.31 16.51
N GLN J 104 -58.20 18.63 17.29
CA GLN J 104 -57.99 18.83 18.72
C GLN J 104 -57.26 17.65 19.33
N THR J 105 -57.66 16.43 18.97
CA THR J 105 -56.95 15.25 19.44
C THR J 105 -55.51 15.25 18.96
N SER J 106 -55.29 15.56 17.68
CA SER J 106 -53.94 15.70 17.18
C SER J 106 -53.19 16.79 17.93
N ARG J 107 -53.87 17.90 18.21
CA ARG J 107 -53.28 18.95 19.02
C ARG J 107 -52.83 18.41 20.37
N GLU J 108 -53.67 17.59 21.00
CA GLU J 108 -53.34 17.03 22.30
C GLU J 108 -52.20 16.03 22.22
N ALA J 109 -52.06 15.33 21.08
CA ALA J 109 -50.99 14.35 20.95
C ALA J 109 -49.62 15.00 21.15
N ILE J 110 -49.47 16.24 20.68
CA ILE J 110 -48.23 16.97 20.90
C ILE J 110 -47.98 17.14 22.39
N ALA J 111 -49.02 17.51 23.13
CA ALA J 111 -48.88 17.72 24.57
C ALA J 111 -48.54 16.43 25.29
N LYS J 112 -49.19 15.33 24.90
CA LYS J 112 -48.92 14.05 25.56
C LYS J 112 -47.48 13.63 25.35
N GLU J 113 -46.82 14.21 24.34
CA GLU J 113 -45.38 14.03 24.22
C GLU J 113 -44.62 15.24 24.75
N LEU J 114 -45.29 16.37 24.98
CA LEU J 114 -44.69 17.41 25.80
C LEU J 114 -44.52 16.96 27.24
N GLU J 115 -45.52 16.27 27.81
CA GLU J 115 -45.31 15.70 29.13
C GLU J 115 -44.30 14.58 29.08
N ARG J 116 -44.02 14.06 27.88
CA ARG J 116 -42.91 13.11 27.77
C ARG J 116 -41.65 13.79 28.25
N ILE J 117 -41.47 15.05 27.85
CA ILE J 117 -40.30 15.80 28.30
C ILE J 117 -40.37 16.01 29.81
N LYS J 118 -41.51 16.51 30.30
CA LYS J 118 -41.68 16.69 31.74
C LYS J 118 -41.50 15.38 32.49
N GLU J 119 -42.21 14.34 32.05
CA GLU J 119 -42.04 13.03 32.68
C GLU J 119 -40.59 12.61 32.69
N SER J 120 -39.92 12.73 31.53
CA SER J 120 -38.51 12.39 31.45
C SER J 120 -37.69 13.23 32.40
N ILE J 121 -37.97 14.53 32.44
CA ILE J 121 -37.28 15.42 33.37
C ILE J 121 -37.57 15.01 34.80
N VAL J 122 -38.83 14.66 35.08
CA VAL J 122 -39.21 14.27 36.43
C VAL J 122 -38.38 13.10 36.91
N GLN J 123 -38.04 12.18 36.01
CA GLN J 123 -37.12 11.11 36.38
C GLN J 123 -35.84 11.69 36.97
N LEU J 124 -35.22 12.62 36.25
CA LEU J 124 -33.91 13.13 36.66
C LEU J 124 -34.03 13.95 37.94
N ALA J 125 -35.01 14.85 38.01
CA ALA J 125 -35.09 15.77 39.13
C ALA J 125 -35.01 15.03 40.45
N ASN J 126 -35.59 13.83 40.51
CA ASN J 126 -35.56 13.05 41.74
C ASN J 126 -34.31 12.17 41.85
N THR J 127 -33.40 12.27 40.89
CA THR J 127 -32.30 11.30 40.79
C THR J 127 -31.22 11.56 41.84
N SER J 128 -30.54 10.48 42.22
CA SER J 128 -29.28 10.51 42.95
C SER J 128 -28.24 9.68 42.23
N VAL J 129 -27.00 9.83 42.67
CA VAL J 129 -25.95 8.85 42.43
C VAL J 129 -25.45 8.37 43.77
N ASN J 130 -25.59 7.07 44.03
CA ASN J 130 -25.18 6.50 45.32
C ASN J 130 -25.88 7.19 46.48
N GLY J 131 -27.16 7.53 46.28
CA GLY J 131 -27.94 8.22 47.28
C GLY J 131 -27.66 9.70 47.37
N GLN J 132 -26.58 10.18 46.78
CA GLN J 132 -26.31 11.61 46.76
C GLN J 132 -27.22 12.27 45.74
N TYR J 133 -28.36 12.79 46.21
CA TYR J 133 -29.35 13.30 45.28
C TYR J 133 -28.83 14.56 44.59
N LEU J 134 -28.63 14.43 43.28
CA LEU J 134 -27.87 15.42 42.53
C LEU J 134 -28.52 16.79 42.58
N PHE J 135 -29.82 16.84 42.86
CA PHE J 135 -30.61 18.04 42.66
C PHE J 135 -31.35 18.48 43.92
N ALA J 136 -30.87 18.05 45.10
CA ALA J 136 -31.52 18.34 46.37
C ALA J 136 -30.85 19.47 47.13
N GLY J 137 -30.08 20.32 46.46
CA GLY J 137 -29.33 21.36 47.13
C GLY J 137 -28.18 20.80 47.92
N SER J 138 -28.20 21.02 49.23
CA SER J 138 -27.22 20.42 50.12
C SER J 138 -27.60 19.02 50.58
N GLN J 139 -28.86 18.62 50.41
CA GLN J 139 -29.32 17.30 50.87
C GLN J 139 -29.03 16.23 49.82
N VAL J 140 -27.76 15.81 49.74
CA VAL J 140 -27.48 14.66 48.89
C VAL J 140 -27.71 13.44 49.77
N ALA J 141 -28.98 13.26 50.17
CA ALA J 141 -29.48 12.07 50.83
C ALA J 141 -30.91 11.80 50.38
N ASN J 142 -31.58 12.84 49.88
CA ASN J 142 -33.03 12.95 49.87
C ASN J 142 -33.55 13.01 48.45
N LYS J 143 -34.50 12.13 48.12
CA LYS J 143 -35.18 12.19 46.84
C LYS J 143 -36.00 13.47 46.81
N PRO J 144 -35.56 14.50 46.09
CA PRO J 144 -36.03 15.86 46.37
C PRO J 144 -37.31 16.29 45.66
N PHE J 145 -38.10 15.38 45.08
CA PHE J 145 -39.29 15.85 44.37
C PHE J 145 -40.41 14.84 44.42
N ASP J 146 -41.62 15.35 44.18
CA ASP J 146 -42.78 14.55 43.85
C ASP J 146 -43.01 14.57 42.34
N SER J 147 -44.15 14.03 41.90
CA SER J 147 -44.51 14.13 40.49
C SER J 147 -44.71 15.57 40.07
N ASN J 148 -45.31 16.38 40.94
CA ASN J 148 -45.51 17.79 40.66
C ASN J 148 -44.24 18.61 40.81
N GLY J 149 -43.09 17.94 41.01
CA GLY J 149 -41.87 18.67 41.23
C GLY J 149 -41.83 19.41 42.54
N ASN J 150 -42.80 19.21 43.42
CA ASN J 150 -42.73 19.82 44.75
C ASN J 150 -41.37 19.42 45.27
N TYR J 151 -40.61 20.35 45.83
CA TYR J 151 -39.23 20.07 46.22
C TYR J 151 -38.92 19.73 47.67
N TYR J 152 -38.11 18.70 47.92
CA TYR J 152 -37.68 18.36 49.27
C TYR J 152 -36.18 18.43 49.47
N GLY J 153 -35.41 18.88 48.49
CA GLY J 153 -34.05 19.30 48.72
C GLY J 153 -34.05 20.64 49.41
N ASP J 154 -33.10 21.53 49.08
CA ASP J 154 -32.98 22.77 49.82
C ASP J 154 -32.36 23.85 48.93
N LYS J 155 -32.08 25.00 49.58
CA LYS J 155 -31.43 26.16 48.97
C LYS J 155 -29.96 26.27 49.32
N ASN J 156 -29.38 25.26 49.97
CA ASN J 156 -28.01 25.37 50.45
C ASN J 156 -27.03 24.68 49.51
N ASN J 157 -25.79 24.53 49.96
CA ASN J 157 -24.66 24.26 49.09
C ASN J 157 -24.01 22.94 49.45
N ILE J 158 -23.36 22.33 48.46
CA ILE J 158 -22.39 21.28 48.70
C ILE J 158 -21.07 21.74 48.11
N ASN J 159 -19.98 21.43 48.80
CA ASN J 159 -18.77 22.20 48.66
C ASN J 159 -17.61 21.22 48.62
N VAL J 160 -16.50 21.65 48.02
CA VAL J 160 -15.26 20.90 48.14
C VAL J 160 -14.22 21.78 48.80
N VAL J 161 -13.44 21.17 49.69
CA VAL J 161 -12.56 21.90 50.61
C VAL J 161 -11.21 22.13 49.96
N THR J 162 -10.59 23.27 50.29
CA THR J 162 -9.20 23.54 50.00
C THR J 162 -8.57 24.17 51.22
N GLY J 163 -7.27 23.93 51.41
CA GLY J 163 -6.64 24.22 52.69
C GLY J 163 -6.18 25.66 52.86
N ALA J 164 -7.13 26.59 52.87
CA ALA J 164 -6.86 27.97 53.24
C ALA J 164 -8.04 28.50 54.03
N GLY J 165 -8.84 27.61 54.60
CA GLY J 165 -10.17 27.97 55.05
C GLY J 165 -11.10 28.21 53.90
N THR J 166 -11.03 27.37 52.87
CA THR J 166 -11.82 27.61 51.67
C THR J 166 -12.64 26.43 51.19
N GLU J 167 -13.60 26.71 50.31
CA GLU J 167 -14.43 25.65 49.76
C GLU J 167 -14.96 26.08 48.42
N SER J 168 -15.31 25.12 47.57
CA SER J 168 -15.87 25.43 46.26
C SER J 168 -17.22 24.76 46.11
N PRO J 169 -18.30 25.56 46.01
CA PRO J 169 -19.61 24.95 45.78
C PRO J 169 -19.81 24.58 44.32
N TYR J 170 -20.39 23.43 44.06
CA TYR J 170 -20.68 23.01 42.69
C TYR J 170 -21.94 22.19 42.76
N ASN J 171 -22.89 22.64 43.56
CA ASN J 171 -24.12 21.86 43.76
C ASN J 171 -25.29 22.28 42.90
N ILE J 172 -26.45 21.65 43.13
CA ILE J 172 -27.65 21.96 42.36
C ILE J 172 -28.85 22.03 43.30
N PRO J 173 -29.24 23.21 43.78
CA PRO J 173 -30.54 23.34 44.44
C PRO J 173 -31.67 23.27 43.42
N GLY J 174 -32.59 22.32 43.59
CA GLY J 174 -33.59 22.09 42.56
C GLY J 174 -34.52 23.26 42.34
N TRP J 175 -35.13 23.78 43.41
CA TRP J 175 -36.03 24.91 43.29
C TRP J 175 -35.43 26.00 42.42
N ASP J 176 -34.11 26.17 42.48
CA ASP J 176 -33.44 26.96 41.47
C ASP J 176 -33.92 26.58 40.09
N LEU J 177 -33.74 25.32 39.74
CA LEU J 177 -34.11 24.83 38.43
C LEU J 177 -35.61 25.01 38.20
N PHE J 178 -36.41 24.88 39.26
CA PHE J 178 -37.86 24.90 39.08
C PHE J 178 -38.50 26.21 39.53
N PHE J 179 -37.82 27.03 40.36
CA PHE J 179 -38.49 28.21 40.86
C PHE J 179 -37.64 29.45 41.10
N LYS J 180 -36.40 29.56 40.62
CA LYS J 180 -35.65 30.78 40.90
C LYS J 180 -36.21 31.97 40.12
N ALA J 181 -36.02 33.15 40.70
CA ALA J 181 -36.47 34.41 40.13
C ALA J 181 -35.40 34.96 39.21
N ASP J 182 -35.62 34.87 37.89
CA ASP J 182 -34.75 35.53 36.93
C ASP J 182 -35.11 37.01 36.93
N GLY J 183 -34.32 37.78 37.69
CA GLY J 183 -34.66 39.15 38.01
C GLY J 183 -34.78 40.09 36.83
N ASP J 184 -34.52 39.59 35.62
CA ASP J 184 -34.71 40.41 34.43
C ASP J 184 -36.18 40.68 34.18
N TYR J 185 -37.03 39.69 34.43
CA TYR J 185 -38.33 39.61 33.79
C TYR J 185 -39.33 40.59 34.42
N LYS J 186 -40.23 41.08 33.58
CA LYS J 186 -40.94 42.33 33.84
C LYS J 186 -42.40 42.12 33.43
N LYS J 187 -43.31 42.27 34.39
CA LYS J 187 -44.71 41.90 34.22
C LYS J 187 -45.27 42.27 32.84
N GLN J 188 -45.80 41.28 32.14
CA GLN J 188 -46.66 41.53 30.98
C GLN J 188 -48.07 41.08 31.35
N ILE J 189 -49.01 42.02 31.21
CA ILE J 189 -50.28 41.97 31.93
C ILE J 189 -51.41 42.12 30.93
N SER J 190 -52.57 41.57 31.27
CA SER J 190 -53.61 41.40 30.26
C SER J 190 -55.00 41.36 30.88
N THR J 191 -55.99 41.64 30.03
CA THR J 191 -57.37 41.26 30.30
C THR J 191 -57.60 39.81 29.89
N ASN J 192 -58.72 39.25 30.32
CA ASN J 192 -59.17 37.95 29.84
C ASN J 192 -60.49 38.01 29.10
N VAL J 193 -61.28 39.05 29.34
CA VAL J 193 -62.47 39.25 28.54
C VAL J 193 -62.05 39.64 27.12
N SER J 194 -62.83 39.22 26.13
CA SER J 194 -62.50 39.43 24.72
C SER J 194 -63.52 40.37 24.12
N PHE J 195 -63.14 40.99 22.99
CA PHE J 195 -63.87 42.16 22.48
C PHE J 195 -63.93 42.12 20.96
N THR J 196 -65.14 42.29 20.42
CA THR J 196 -65.37 42.39 18.98
C THR J 196 -66.50 43.38 18.74
N ASP J 197 -66.79 43.64 17.47
CA ASP J 197 -68.03 44.31 17.12
C ASP J 197 -69.16 43.28 17.08
N ASN J 198 -70.33 43.68 17.59
CA ASN J 198 -71.42 42.74 17.77
C ASN J 198 -72.78 43.32 17.45
N ARG J 199 -72.83 44.47 16.78
CA ARG J 199 -74.13 45.03 16.45
C ARG J 199 -74.89 44.10 15.52
N TRP J 200 -74.17 43.53 14.56
CA TRP J 200 -74.62 42.37 13.79
C TRP J 200 -74.44 41.13 14.66
N ASP J 201 -75.07 41.17 15.84
CA ASP J 201 -74.72 40.26 16.91
C ASP J 201 -74.59 38.82 16.39
N LEU J 202 -73.72 38.07 17.06
CA LEU J 202 -73.29 36.77 16.56
C LEU J 202 -74.44 35.77 16.45
N ASN J 203 -75.56 36.01 17.11
CA ASN J 203 -76.78 35.29 16.77
C ASN J 203 -77.26 35.73 15.38
N LYS J 204 -77.30 37.04 15.14
CA LYS J 204 -77.60 37.54 13.80
C LYS J 204 -76.52 37.12 12.80
N ASP J 205 -75.26 37.28 13.18
CA ASP J 205 -74.15 37.15 12.25
C ASP J 205 -72.91 36.73 13.03
N PRO J 206 -72.68 35.43 13.21
CA PRO J 206 -71.48 35.00 13.96
C PRO J 206 -70.22 35.05 13.12
N ASP J 207 -70.34 35.03 11.79
CA ASP J 207 -69.17 34.73 10.96
C ASP J 207 -68.20 35.90 10.89
N LYS J 208 -68.66 37.14 11.04
CA LYS J 208 -67.75 38.27 10.90
C LYS J 208 -66.78 38.34 12.07
N THR J 209 -67.30 38.44 13.30
CA THR J 209 -66.50 38.37 14.53
C THR J 209 -65.20 39.17 14.41
N LYS J 210 -65.31 40.45 14.09
CA LYS J 210 -64.11 41.29 13.99
C LYS J 210 -63.66 41.75 15.37
N TYR J 211 -62.43 41.40 15.74
CA TYR J 211 -61.85 41.94 16.96
C TYR J 211 -61.64 43.44 16.82
N LEU J 212 -61.95 44.16 17.89
CA LEU J 212 -61.77 45.60 17.87
C LEU J 212 -60.30 45.96 17.93
N THR J 213 -59.97 47.13 17.38
CA THR J 213 -58.59 47.59 17.29
C THR J 213 -58.60 49.11 17.44
N GLY J 214 -57.48 49.75 17.09
CA GLY J 214 -57.40 51.19 17.22
C GLY J 214 -58.56 51.90 16.56
N ASP J 215 -58.90 51.51 15.33
CA ASP J 215 -60.00 52.14 14.61
C ASP J 215 -61.31 52.03 15.38
N SER J 216 -61.42 51.08 16.30
CA SER J 216 -62.71 50.73 16.90
C SER J 216 -63.17 51.87 17.80
N LYS J 217 -64.02 52.72 17.25
CA LYS J 217 -64.83 53.63 18.04
C LYS J 217 -65.39 52.89 19.25
N TRP J 218 -65.42 53.55 20.40
CA TRP J 218 -65.93 52.92 21.62
C TRP J 218 -67.30 52.30 21.44
N GLN J 219 -67.99 52.62 20.34
CA GLN J 219 -69.40 52.27 20.17
C GLN J 219 -69.65 50.80 19.80
N GLN J 220 -68.78 50.17 18.99
CA GLN J 220 -69.18 48.95 18.29
C GLN J 220 -69.95 48.01 19.19
N LEU J 221 -69.31 47.53 20.26
CA LEU J 221 -70.05 46.78 21.27
C LEU J 221 -71.05 47.67 21.97
N ILE J 222 -70.65 48.89 22.32
CA ILE J 222 -71.43 49.74 23.20
C ILE J 222 -72.71 50.21 22.53
N GLY J 223 -72.76 50.15 21.19
CA GLY J 223 -73.98 50.53 20.50
C GLY J 223 -75.18 49.71 20.95
N GLN J 224 -75.11 48.40 20.76
CA GLN J 224 -76.25 47.55 21.11
C GLN J 224 -76.64 47.71 22.57
N GLY J 225 -75.68 48.01 23.43
CA GLY J 225 -75.99 48.18 24.84
C GLY J 225 -76.94 49.33 25.10
N TYR J 226 -77.10 50.23 24.14
CA TYR J 226 -78.01 51.36 24.32
C TYR J 226 -79.44 50.98 23.96
N VAL J 227 -79.62 49.92 23.19
CA VAL J 227 -80.91 49.59 22.59
C VAL J 227 -81.46 48.32 23.24
N LYS J 228 -82.59 48.46 23.93
CA LYS J 228 -83.29 47.27 24.42
C LYS J 228 -83.87 46.48 23.26
N ASP J 229 -84.38 47.16 22.25
CA ASP J 229 -84.85 46.48 21.05
C ASP J 229 -83.72 45.78 20.31
N ASN J 230 -82.46 46.08 20.63
CA ASN J 230 -81.32 45.42 20.00
C ASN J 230 -81.43 45.51 18.48
N SER J 231 -81.84 46.68 18.00
CA SER J 231 -82.30 46.84 16.63
C SER J 231 -81.26 47.46 15.70
N LEU J 232 -80.01 47.57 16.14
CA LEU J 232 -79.08 48.45 15.45
C LEU J 232 -78.86 48.03 14.00
N ASP J 233 -78.78 49.03 13.13
CA ASP J 233 -78.49 48.80 11.73
C ASP J 233 -76.99 48.66 11.51
N ALA J 234 -76.63 48.16 10.33
CA ALA J 234 -75.24 48.10 9.93
C ALA J 234 -74.53 49.42 10.17
N ASP J 235 -75.03 50.49 9.56
CA ASP J 235 -74.16 51.64 9.29
C ASP J 235 -74.70 52.99 9.74
N LYS J 236 -75.99 53.27 9.53
CA LYS J 236 -76.45 54.65 9.52
C LYS J 236 -76.06 55.44 10.78
N ASP J 237 -76.56 55.03 11.94
CA ASP J 237 -76.31 55.80 13.15
C ASP J 237 -74.91 55.56 13.68
N PHE J 238 -74.03 54.98 12.86
CA PHE J 238 -72.68 54.67 13.29
C PHE J 238 -71.60 55.14 12.33
N GLU J 239 -71.89 55.28 11.04
CA GLU J 239 -70.94 55.88 10.10
C GLU J 239 -71.52 57.03 9.29
N TYR J 240 -72.84 57.11 9.09
CA TYR J 240 -73.47 58.37 8.70
C TYR J 240 -73.48 59.30 9.91
N ASP J 241 -72.26 59.62 10.34
CA ASP J 241 -72.04 60.23 11.65
C ASP J 241 -72.67 61.61 11.77
N ASP J 242 -72.94 62.30 10.66
CA ASP J 242 -73.66 63.56 10.73
C ASP J 242 -75.11 63.34 11.15
N SER J 243 -75.80 62.40 10.51
CA SER J 243 -77.14 62.03 10.92
C SER J 243 -77.15 61.23 12.21
N LYS J 244 -75.99 60.81 12.68
CA LYS J 244 -75.89 59.87 13.78
C LYS J 244 -76.27 60.52 15.11
N LEU J 245 -76.93 59.74 15.97
CA LEU J 245 -77.20 60.16 17.34
C LEU J 245 -75.90 60.30 18.12
N ASP J 246 -75.83 61.31 18.98
CA ASP J 246 -74.74 61.40 19.94
C ASP J 246 -75.24 61.03 21.33
N PHE J 247 -74.37 60.41 22.12
CA PHE J 247 -74.76 59.63 23.27
C PHE J 247 -74.56 60.41 24.57
N PRO J 248 -75.27 60.03 25.63
CA PRO J 248 -74.89 60.45 26.97
C PRO J 248 -73.54 59.83 27.34
N PRO J 249 -72.50 60.64 27.50
CA PRO J 249 -71.15 60.09 27.58
C PRO J 249 -71.07 58.82 28.40
N THR J 250 -70.57 57.76 27.79
CA THR J 250 -70.49 56.44 28.41
C THR J 250 -69.37 56.44 29.45
N THR J 251 -69.58 55.68 30.52
CA THR J 251 -68.72 55.76 31.68
C THR J 251 -67.77 54.57 31.74
N LEU J 252 -66.69 54.78 32.49
CA LEU J 252 -65.71 53.75 32.78
C LEU J 252 -65.14 54.02 34.17
N TYR J 253 -64.87 52.95 34.90
CA TYR J 253 -64.22 53.06 36.19
C TYR J 253 -62.99 52.16 36.21
N VAL J 254 -61.94 52.65 36.87
CA VAL J 254 -60.68 51.92 36.99
C VAL J 254 -60.12 52.07 38.39
N GLN J 255 -59.59 50.97 38.92
CA GLN J 255 -58.58 51.00 39.96
C GLN J 255 -57.29 50.48 39.34
N GLY J 256 -56.19 50.69 40.03
CA GLY J 256 -54.96 50.05 39.61
C GLY J 256 -53.87 50.23 40.64
N THR J 257 -52.82 49.42 40.49
CA THR J 257 -51.58 49.62 41.21
C THR J 257 -50.46 49.74 40.19
N LYS J 258 -49.64 50.75 40.35
CA LYS J 258 -48.66 51.12 39.34
C LYS J 258 -47.40 50.28 39.50
N PRO J 259 -46.54 50.26 38.48
CA PRO J 259 -45.39 49.35 38.53
C PRO J 259 -44.56 49.51 39.79
N ASP J 260 -44.41 50.75 40.28
CA ASP J 260 -43.79 50.97 41.57
C ASP J 260 -44.48 50.15 42.64
N GLY J 261 -45.81 50.14 42.61
CA GLY J 261 -46.60 49.46 43.63
C GLY J 261 -47.59 50.40 44.28
N THR J 262 -47.87 51.53 43.64
CA THR J 262 -48.79 52.52 44.16
C THR J 262 -50.20 52.25 43.66
N SER J 263 -51.14 52.07 44.57
CA SER J 263 -52.51 51.68 44.26
C SER J 263 -53.36 52.93 44.02
N PHE J 264 -54.42 52.76 43.23
CA PHE J 264 -55.30 53.90 42.97
C PHE J 264 -56.68 53.44 42.55
N LYS J 265 -57.59 54.40 42.53
CA LYS J 265 -59.00 54.22 42.22
C LYS J 265 -59.34 55.31 41.21
N SER J 266 -60.21 55.03 40.26
CA SER J 266 -60.47 56.04 39.24
C SER J 266 -61.78 55.79 38.51
N ALA J 267 -62.43 56.88 38.11
CA ALA J 267 -63.63 56.86 37.29
C ALA J 267 -63.42 57.81 36.12
N VAL J 268 -64.13 57.58 35.02
CA VAL J 268 -64.00 58.44 33.84
C VAL J 268 -65.17 58.21 32.92
N LEU J 269 -65.43 59.17 32.03
CA LEU J 269 -66.45 59.08 31.00
C LEU J 269 -65.79 59.08 29.63
N VAL J 270 -66.46 58.44 28.67
CA VAL J 270 -65.96 58.33 27.31
C VAL J 270 -67.16 58.28 26.37
N LYS J 271 -66.96 58.74 25.13
CA LYS J 271 -68.03 58.70 24.15
C LYS J 271 -67.89 57.45 23.26
N PRO J 272 -69.01 56.84 22.86
CA PRO J 272 -68.92 55.65 22.00
C PRO J 272 -68.16 55.88 20.70
N GLU J 273 -68.12 57.11 20.20
CA GLU J 273 -67.37 57.41 18.99
C GLU J 273 -65.88 57.18 19.15
N ASP J 274 -65.37 57.28 20.37
CA ASP J 274 -63.93 57.39 20.58
C ASP J 274 -63.23 56.12 20.14
N THR J 275 -62.20 56.27 19.31
CA THR J 275 -61.38 55.15 18.87
C THR J 275 -60.48 54.68 20.00
N LEU J 276 -59.80 53.55 19.77
CA LEU J 276 -59.09 52.91 20.87
C LEU J 276 -57.64 53.39 20.98
N GLU J 277 -56.97 53.64 19.87
CA GLU J 277 -55.53 53.89 19.93
C GLU J 277 -55.22 55.08 20.83
N ASP J 278 -56.02 56.14 20.73
CA ASP J 278 -55.84 57.29 21.60
C ASP J 278 -56.11 56.93 23.06
N VAL J 279 -57.12 56.10 23.29
CA VAL J 279 -57.47 55.71 24.66
C VAL J 279 -56.32 54.94 25.29
N MET J 280 -55.70 54.03 24.53
CA MET J 280 -54.74 53.11 25.13
C MET J 280 -53.57 53.86 25.77
N GLU J 281 -53.03 54.86 25.08
CA GLU J 281 -51.97 55.66 25.69
C GLU J 281 -52.50 56.46 26.86
N ASN J 282 -53.70 57.00 26.76
CA ASN J 282 -54.29 57.70 27.90
C ASN J 282 -54.28 56.81 29.13
N ILE J 283 -54.52 55.52 28.95
CA ILE J 283 -54.36 54.57 30.04
C ILE J 283 -52.89 54.48 30.45
N GLY J 284 -51.99 54.35 29.47
CA GLY J 284 -50.58 54.26 29.79
C GLY J 284 -50.08 55.49 30.53
N ALA J 285 -50.47 56.67 30.06
CA ALA J 285 -50.09 57.90 30.74
C ALA J 285 -50.63 57.92 32.15
N LEU J 286 -51.87 57.45 32.33
CA LEU J 286 -52.45 57.41 33.66
C LEU J 286 -51.60 56.58 34.61
N TYR J 287 -51.15 55.41 34.16
CA TYR J 287 -50.28 54.60 35.00
C TYR J 287 -48.90 55.21 35.13
N GLY J 288 -48.55 56.18 34.28
CA GLY J 288 -47.33 56.94 34.46
C GLY J 288 -46.52 57.18 33.20
N ASN J 289 -47.00 56.75 32.05
CA ASN J 289 -46.28 57.02 30.82
C ASN J 289 -46.20 58.52 30.59
N THR J 290 -45.08 58.96 30.03
CA THR J 290 -44.85 60.37 29.77
C THR J 290 -43.99 60.49 28.52
N PRO J 291 -44.08 61.62 27.80
CA PRO J 291 -43.16 61.79 26.67
C PRO J 291 -41.71 61.65 27.08
N ASN J 292 -41.37 62.20 28.25
CA ASN J 292 -40.06 61.96 28.84
C ASN J 292 -39.86 60.50 29.22
N ASN J 293 -40.92 59.82 29.68
CA ASN J 293 -40.77 58.47 30.20
C ASN J 293 -42.06 57.66 30.07
N LYS J 294 -42.03 56.65 29.20
CA LYS J 294 -43.04 55.60 29.27
C LYS J 294 -42.73 54.69 30.45
N VAL J 295 -43.75 54.39 31.25
CA VAL J 295 -43.61 53.42 32.32
C VAL J 295 -44.19 52.06 31.95
N VAL J 296 -45.03 52.00 30.91
CA VAL J 296 -45.63 50.76 30.45
C VAL J 296 -45.71 50.78 28.93
N GLU J 297 -45.89 49.60 28.35
CA GLU J 297 -46.14 49.45 26.92
C GLU J 297 -47.42 48.65 26.73
N VAL J 298 -48.19 49.01 25.72
CA VAL J 298 -49.56 48.54 25.57
C VAL J 298 -49.73 47.92 24.18
N SER J 299 -50.77 47.10 24.04
CA SER J 299 -51.13 46.55 22.74
C SER J 299 -52.49 45.89 22.81
N MET J 300 -53.26 46.03 21.74
CA MET J 300 -54.48 45.27 21.50
C MET J 300 -54.10 44.01 20.75
N ASN J 301 -54.29 42.86 21.40
CA ASN J 301 -53.75 41.63 20.84
C ASN J 301 -54.67 41.06 19.77
N ASP J 302 -54.14 40.09 19.03
CA ASP J 302 -54.89 39.47 17.95
C ASP J 302 -56.25 38.95 18.41
N SER J 303 -56.32 38.41 19.62
CA SER J 303 -57.51 37.72 20.10
C SER J 303 -58.50 38.66 20.79
N GLY J 304 -58.45 39.94 20.47
CA GLY J 304 -59.39 40.88 21.06
C GLY J 304 -59.23 41.04 22.56
N GLN J 305 -58.00 41.03 23.05
CA GLN J 305 -57.70 41.46 24.41
C GLN J 305 -56.57 42.47 24.36
N ILE J 306 -56.48 43.30 25.38
CA ILE J 306 -55.50 44.37 25.45
C ILE J 306 -54.37 43.93 26.36
N GLN J 307 -53.14 44.08 25.88
CA GLN J 307 -51.95 43.67 26.61
C GLN J 307 -51.17 44.90 27.06
N ILE J 308 -50.58 44.79 28.24
CA ILE J 308 -49.62 45.78 28.73
C ILE J 308 -48.43 45.04 29.30
N THR J 309 -47.28 45.70 29.31
CA THR J 309 -46.08 45.12 29.89
C THR J 309 -45.34 46.18 30.69
N ASP J 310 -44.67 45.71 31.75
CA ASP J 310 -44.00 46.58 32.71
C ASP J 310 -42.55 46.77 32.31
N LEU J 311 -42.12 48.02 32.25
CA LEU J 311 -40.73 48.35 31.95
C LEU J 311 -39.85 48.31 33.19
N LYS J 312 -40.41 48.03 34.36
CA LYS J 312 -39.63 47.96 35.59
C LYS J 312 -38.98 46.58 35.70
N GLN J 313 -37.67 46.59 35.92
CA GLN J 313 -36.90 45.35 35.88
C GLN J 313 -37.30 44.42 37.01
N GLY J 314 -37.31 43.12 36.70
CA GLY J 314 -37.63 42.13 37.71
C GLY J 314 -38.86 42.44 38.52
N ASN J 315 -39.80 43.18 37.95
CA ASN J 315 -40.90 43.77 38.70
C ASN J 315 -42.21 43.08 38.38
N ASN J 316 -43.11 43.11 39.37
CA ASN J 316 -44.43 42.50 39.25
C ASN J 316 -45.52 43.33 39.91
N LYS J 317 -45.24 44.59 40.26
CA LYS J 317 -46.12 45.36 41.13
C LYS J 317 -47.10 46.24 40.38
N LEU J 318 -47.32 45.98 39.09
CA LEU J 318 -48.36 46.66 38.33
C LEU J 318 -49.64 45.84 38.33
N ASP J 319 -50.79 46.52 38.42
CA ASP J 319 -52.08 45.85 38.44
C ASP J 319 -53.14 46.71 37.79
N PHE J 320 -54.21 46.05 37.34
CA PHE J 320 -55.32 46.69 36.66
C PHE J 320 -56.61 45.88 36.82
N HIS J 321 -57.72 46.60 36.97
CA HIS J 321 -59.05 46.05 36.81
C HIS J 321 -60.00 47.21 36.56
N ALA J 322 -60.95 47.00 35.66
CA ALA J 322 -61.85 48.08 35.27
C ALA J 322 -63.14 47.49 34.73
N VAL J 323 -64.18 48.33 34.69
CA VAL J 323 -65.49 47.95 34.20
C VAL J 323 -66.14 49.18 33.58
N ALA J 324 -66.77 48.99 32.43
CA ALA J 324 -67.50 50.05 31.76
C ALA J 324 -68.98 49.70 31.75
N PHE J 325 -69.81 50.73 31.65
CA PHE J 325 -71.24 50.54 31.80
C PHE J 325 -71.99 51.34 30.74
N THR J 326 -73.24 50.95 30.52
CA THR J 326 -74.10 51.58 29.53
C THR J 326 -75.55 51.52 30.00
N PRO J 327 -76.32 52.58 29.76
CA PRO J 327 -77.78 52.47 29.90
C PRO J 327 -78.39 52.03 28.59
N GLN J 328 -79.57 51.41 28.62
CA GLN J 328 -80.16 50.83 27.43
C GLN J 328 -81.59 51.32 27.26
N ALA J 329 -82.01 51.46 26.01
CA ALA J 329 -83.19 52.24 25.65
C ALA J 329 -84.35 51.33 25.26
N ASP J 330 -85.54 51.65 25.77
CA ASP J 330 -86.72 50.89 25.42
C ASP J 330 -86.93 50.83 23.92
N THR J 331 -86.53 51.88 23.19
CA THR J 331 -86.56 51.85 21.74
C THR J 331 -85.49 52.78 21.21
N LYS J 332 -84.98 52.43 20.03
CA LYS J 332 -83.92 53.22 19.41
C LYS J 332 -84.35 54.67 19.21
N ASP J 333 -85.53 54.87 18.63
CA ASP J 333 -86.01 56.23 18.41
C ASP J 333 -86.44 56.87 19.73
N GLU J 334 -87.19 56.14 20.54
CA GLU J 334 -87.55 56.63 21.87
C GLU J 334 -86.31 57.18 22.57
N LEU J 335 -85.17 56.54 22.36
CA LEU J 335 -83.90 57.10 22.84
C LEU J 335 -83.64 58.47 22.23
N LYS J 336 -83.75 58.58 20.91
CA LYS J 336 -83.59 59.89 20.28
C LYS J 336 -84.59 60.87 20.84
N ASN J 337 -85.86 60.47 20.93
CA ASN J 337 -86.87 61.33 21.51
C ASN J 337 -86.44 61.80 22.88
N ILE J 338 -85.85 60.92 23.68
CA ILE J 338 -85.28 61.32 24.95
C ILE J 338 -84.12 62.28 24.73
N ILE J 339 -83.25 61.97 23.76
CA ILE J 339 -82.17 62.89 23.43
C ILE J 339 -82.75 64.25 23.10
N GLU J 340 -83.78 64.27 22.26
CA GLU J 340 -84.46 65.52 21.95
C GLU J 340 -85.10 66.08 23.21
N ALA J 341 -85.71 65.22 24.02
CA ALA J 341 -86.33 65.68 25.24
C ALA J 341 -85.35 66.51 26.06
N ALA J 342 -84.13 66.01 26.23
CA ALA J 342 -83.08 66.82 26.83
C ALA J 342 -82.81 68.04 25.98
N ASN J 343 -82.81 67.88 24.65
CA ASN J 343 -82.60 69.03 23.78
C ASN J 343 -83.72 70.06 23.93
N GLN J 344 -84.98 69.64 24.05
CA GLN J 344 -85.99 70.63 24.41
C GLN J 344 -85.72 71.23 25.78
N GLU J 345 -85.27 70.42 26.74
CA GLU J 345 -84.83 71.00 28.00
C GLU J 345 -83.68 71.97 27.77
N GLY J 346 -82.98 71.84 26.65
CA GLY J 346 -81.90 72.74 26.32
C GLY J 346 -80.57 72.41 26.98
N ILE J 347 -80.30 71.13 27.23
CA ILE J 347 -79.18 70.72 28.07
C ILE J 347 -78.23 69.83 27.28
N SER J 348 -77.01 69.70 27.80
CA SER J 348 -75.98 68.85 27.22
C SER J 348 -75.96 67.47 27.88
N MET J 349 -75.71 66.45 27.06
CA MET J 349 -75.82 65.08 27.53
C MET J 349 -74.76 64.73 28.57
N ASN J 350 -73.61 65.40 28.52
CA ASN J 350 -72.59 65.16 29.55
C ASN J 350 -73.12 65.53 30.93
N GLU J 351 -73.88 66.62 31.04
CA GLU J 351 -74.53 66.92 32.31
C GLU J 351 -75.74 66.04 32.53
N VAL J 352 -76.36 65.55 31.46
CA VAL J 352 -77.42 64.56 31.62
C VAL J 352 -76.86 63.27 32.20
N THR J 353 -75.82 62.72 31.57
CA THR J 353 -75.30 61.46 32.05
C THR J 353 -74.79 61.58 33.48
N ASN J 354 -74.09 62.68 33.78
CA ASN J 354 -73.67 62.91 35.15
C ASN J 354 -74.87 63.04 36.08
N ARG J 355 -75.92 63.75 35.63
CA ARG J 355 -77.14 63.81 36.41
C ARG J 355 -77.61 62.41 36.79
N VAL J 356 -77.53 61.47 35.85
CA VAL J 356 -77.78 60.07 36.19
C VAL J 356 -76.74 59.58 37.19
N MET J 357 -75.47 59.93 36.96
CA MET J 357 -74.41 59.48 37.87
C MET J 357 -74.71 59.91 39.30
N GLN J 358 -75.13 61.17 39.48
CA GLN J 358 -75.50 61.63 40.81
C GLN J 358 -76.59 60.75 41.40
N ALA J 359 -77.55 60.34 40.57
CA ALA J 359 -78.68 59.56 41.06
C ALA J 359 -78.23 58.21 41.62
N SER J 360 -77.42 57.47 40.88
CA SER J 360 -77.03 56.14 41.32
C SER J 360 -76.22 56.22 42.61
N THR J 361 -75.20 57.06 42.64
CA THR J 361 -74.34 57.15 43.83
C THR J 361 -75.11 57.70 45.03
N ALA J 362 -76.31 58.25 44.82
CA ALA J 362 -77.03 58.91 45.89
C ALA J 362 -77.02 58.09 47.18
N ALA J 363 -77.09 56.77 47.07
CA ALA J 363 -77.06 55.90 48.25
C ALA J 363 -76.52 54.53 47.86
N PRO J 364 -75.99 53.79 48.82
CA PRO J 364 -75.70 52.37 48.58
C PRO J 364 -76.94 51.64 48.11
N SER J 365 -78.09 52.05 48.64
CA SER J 365 -79.36 51.43 48.33
C SER J 365 -79.99 52.03 47.08
N ASN J 366 -79.25 52.87 46.35
CA ASN J 366 -79.84 53.59 45.24
C ASN J 366 -78.94 53.68 44.00
N GLY J 367 -77.92 52.84 43.87
CA GLY J 367 -77.03 52.88 42.73
C GLY J 367 -75.60 52.64 43.18
N ASP J 368 -75.39 52.78 44.48
CA ASP J 368 -74.32 52.09 45.19
C ASP J 368 -72.91 52.45 44.75
N ILE J 369 -71.98 52.22 45.67
CA ILE J 369 -70.55 52.30 45.39
C ILE J 369 -70.06 51.16 44.50
N THR J 370 -70.45 49.92 44.78
CA THR J 370 -69.89 48.77 44.09
C THR J 370 -70.93 48.05 43.26
N LYS J 371 -72.01 47.61 43.90
CA LYS J 371 -73.08 46.87 43.22
C LYS J 371 -74.24 47.84 43.05
N LEU J 372 -74.32 48.45 41.87
CA LEU J 372 -75.25 49.55 41.62
C LEU J 372 -76.69 49.14 41.90
N ASN J 373 -77.33 49.83 42.83
CA ASN J 373 -78.73 49.60 43.15
C ASN J 373 -79.60 50.61 42.41
N ASN J 374 -79.20 50.97 41.19
CA ASN J 374 -79.95 51.95 40.41
C ASN J 374 -80.69 51.29 39.25
N PRO J 375 -81.90 50.79 39.46
CA PRO J 375 -82.78 50.48 38.32
C PRO J 375 -83.20 51.78 37.64
N VAL J 376 -82.79 51.94 36.39
CA VAL J 376 -82.59 53.25 35.79
C VAL J 376 -83.91 53.81 35.28
N THR J 377 -84.22 55.03 35.72
CA THR J 377 -85.30 55.83 35.16
C THR J 377 -84.87 57.29 35.30
N VAL J 378 -85.11 58.07 34.24
CA VAL J 378 -84.64 59.45 34.19
C VAL J 378 -85.84 60.35 33.98
N THR J 379 -85.71 61.60 34.38
CA THR J 379 -86.78 62.58 34.27
C THR J 379 -86.24 63.85 33.63
N ILE J 380 -86.73 64.17 32.44
CA ILE J 380 -86.26 65.31 31.65
C ILE J 380 -87.27 66.44 31.81
N ASN J 381 -86.76 67.63 32.07
CA ASN J 381 -87.56 68.66 32.73
C ASN J 381 -88.24 68.05 33.94
N ASN J 382 -87.56 67.06 34.53
CA ASN J 382 -88.11 66.16 35.52
C ASN J 382 -89.44 65.57 35.03
N GLN J 383 -89.48 65.17 33.77
CA GLN J 383 -90.51 64.28 33.25
C GLN J 383 -89.85 62.98 32.82
N GLN J 384 -90.46 61.86 33.23
CA GLN J 384 -89.75 60.61 33.40
C GLN J 384 -89.54 59.85 32.09
N PHE J 385 -88.50 59.02 32.09
CA PHE J 385 -88.26 58.00 31.07
C PHE J 385 -87.52 56.85 31.75
N THR J 386 -87.76 55.63 31.27
CA THR J 386 -87.28 54.42 31.92
C THR J 386 -86.19 53.77 31.09
N ILE J 387 -85.28 53.06 31.76
CA ILE J 387 -84.02 52.64 31.15
C ILE J 387 -83.64 51.27 31.68
N ASP J 388 -82.81 50.56 30.90
CA ASP J 388 -82.19 49.32 31.31
C ASP J 388 -80.71 49.53 31.55
N LEU J 389 -80.09 48.58 32.25
CA LEU J 389 -78.69 48.65 32.62
C LEU J 389 -77.85 47.83 31.65
N LYS J 390 -76.61 48.26 31.43
CA LYS J 390 -75.65 47.50 30.66
C LYS J 390 -74.26 47.69 31.25
N GLN J 391 -73.49 46.61 31.27
CA GLN J 391 -72.20 46.60 31.95
C GLN J 391 -71.27 45.68 31.18
N THR J 392 -69.97 45.89 31.35
CA THR J 392 -68.97 45.02 30.75
C THR J 392 -67.74 44.98 31.65
N ASP J 393 -67.33 43.77 32.03
CA ASP J 393 -66.12 43.57 32.79
C ASP J 393 -64.96 43.30 31.85
N PHE J 394 -63.76 43.60 32.33
CA PHE J 394 -62.55 43.37 31.55
C PHE J 394 -61.66 42.31 32.18
N ILE J 395 -61.90 41.95 33.44
CA ILE J 395 -61.52 40.64 33.96
C ILE J 395 -62.71 40.08 34.70
N LYS J 396 -63.16 38.89 34.29
CA LYS J 396 -64.17 38.15 35.01
C LYS J 396 -63.72 36.70 35.15
N SER J 397 -64.19 36.05 36.21
CA SER J 397 -63.77 34.69 36.51
C SER J 397 -64.89 34.00 37.30
N LYS J 398 -64.62 32.75 37.69
CA LYS J 398 -65.65 31.89 38.24
C LYS J 398 -65.84 32.07 39.74
N MET J 399 -64.88 32.68 40.43
CA MET J 399 -64.93 32.77 41.87
C MET J 399 -66.18 33.49 42.35
N THR J 400 -66.68 33.06 43.50
CA THR J 400 -67.91 33.62 44.05
C THR J 400 -67.66 34.98 44.67
N ASP J 401 -68.61 35.89 44.48
CA ASP J 401 -68.65 37.10 45.27
C ASP J 401 -69.04 36.78 46.71
N THR J 402 -69.13 37.81 47.53
CA THR J 402 -69.57 37.65 48.91
C THR J 402 -70.87 36.87 48.94
N ASP J 403 -71.82 37.26 48.09
CA ASP J 403 -73.13 36.63 48.07
C ASP J 403 -73.11 35.23 47.51
N GLY J 404 -71.93 34.71 47.14
CA GLY J 404 -71.83 33.42 46.51
C GLY J 404 -71.93 33.48 45.00
N ASN J 405 -72.35 34.62 44.46
CA ASN J 405 -72.49 34.75 43.01
C ASN J 405 -71.12 34.81 42.36
N ALA J 406 -71.01 34.20 41.18
CA ALA J 406 -69.76 34.26 40.44
C ALA J 406 -69.32 35.72 40.30
N ALA J 407 -68.06 35.98 40.63
CA ALA J 407 -67.59 37.34 40.79
C ALA J 407 -67.74 38.13 39.50
N ASN J 408 -68.51 39.21 39.56
CA ASN J 408 -68.58 40.18 38.48
C ASN J 408 -67.40 41.14 38.62
N GLY J 409 -67.42 42.22 37.86
CA GLY J 409 -66.37 43.22 37.99
C GLY J 409 -66.38 43.89 39.34
N ALA J 410 -67.57 44.31 39.79
CA ALA J 410 -67.69 44.86 41.14
C ALA J 410 -67.29 43.83 42.18
N ASP J 411 -67.38 42.55 41.84
CA ASP J 411 -66.82 41.50 42.68
C ASP J 411 -65.32 41.37 42.43
N TYR J 412 -64.62 42.49 42.62
CA TYR J 412 -63.18 42.51 42.45
C TYR J 412 -62.47 41.92 43.66
N ASP J 413 -62.56 42.61 44.79
CA ASP J 413 -62.12 42.10 46.07
C ASP J 413 -63.31 41.73 46.94
N ASN J 414 -64.52 41.94 46.43
CA ASN J 414 -65.77 41.60 47.08
C ASN J 414 -66.00 40.11 46.91
N VAL J 415 -65.01 39.31 47.30
CA VAL J 415 -64.91 37.89 46.98
C VAL J 415 -64.23 37.15 48.14
N TYR J 416 -64.03 35.84 47.97
CA TYR J 416 -63.41 34.98 48.96
C TYR J 416 -61.97 34.65 48.54
N PHE J 417 -61.36 33.74 49.28
CA PHE J 417 -59.99 33.30 49.07
C PHE J 417 -59.98 32.08 48.14
N GLU J 418 -58.84 31.39 48.05
CA GLU J 418 -58.73 30.16 47.29
C GLU J 418 -58.27 29.03 48.20
N LYS J 419 -58.60 27.80 47.81
CA LYS J 419 -58.58 26.66 48.70
C LYS J 419 -57.91 25.47 48.01
N ASN J 420 -57.45 24.52 48.82
CA ASN J 420 -56.92 23.23 48.35
C ASN J 420 -57.18 22.20 49.44
N GLY J 421 -58.28 21.47 49.31
CA GLY J 421 -58.62 20.48 50.32
C GLY J 421 -58.65 21.13 51.68
N ASN J 422 -57.93 20.53 52.64
CA ASN J 422 -57.75 21.16 53.94
C ASN J 422 -56.79 22.34 53.88
N THR J 423 -56.10 22.52 52.77
CA THR J 423 -55.20 23.65 52.60
C THR J 423 -55.94 24.80 51.92
N VAL J 424 -55.75 26.00 52.46
CA VAL J 424 -56.36 27.20 51.90
C VAL J 424 -55.32 28.31 51.99
N TYR J 425 -55.40 29.24 51.05
CA TYR J 425 -54.31 30.19 50.89
C TYR J 425 -54.83 31.53 50.42
N GLY J 426 -54.25 32.60 50.96
CA GLY J 426 -54.42 33.91 50.40
C GLY J 426 -53.80 33.93 49.02
N ASN J 427 -54.66 33.95 47.99
CA ASN J 427 -54.20 33.71 46.64
C ASN J 427 -53.27 34.81 46.12
N VAL J 428 -53.32 36.01 46.70
CA VAL J 428 -52.46 37.09 46.24
C VAL J 428 -51.09 36.93 46.89
N SER J 429 -50.06 36.74 46.05
CA SER J 429 -48.69 36.77 46.54
C SER J 429 -48.40 38.17 47.08
N GLN J 430 -47.58 38.22 48.13
CA GLN J 430 -47.32 39.47 48.85
C GLN J 430 -45.81 39.71 48.87
N VAL J 431 -45.45 41.00 48.81
CA VAL J 431 -44.08 41.40 48.53
C VAL J 431 -43.81 42.73 49.21
N ILE J 432 -42.61 42.87 49.78
CA ILE J 432 -42.24 44.12 50.42
C ILE J 432 -42.19 45.23 49.36
N LYS J 433 -42.47 46.45 49.80
CA LYS J 433 -42.44 47.62 48.94
C LYS J 433 -41.24 47.58 48.01
N GLY J 434 -41.50 47.58 46.71
CA GLY J 434 -40.43 47.61 45.73
C GLY J 434 -39.67 46.30 45.57
N SER J 435 -39.24 45.74 46.69
CA SER J 435 -38.27 44.65 46.74
C SER J 435 -38.48 43.57 45.67
N ASN J 436 -39.74 43.24 45.38
CA ASN J 436 -40.06 41.98 44.69
C ASN J 436 -39.67 40.83 45.60
N ALA J 437 -39.46 41.12 46.89
CA ALA J 437 -39.16 40.12 47.89
C ALA J 437 -40.39 39.83 48.74
N TYR J 438 -40.54 38.58 49.14
CA TYR J 438 -41.79 38.12 49.74
C TYR J 438 -41.94 38.60 51.17
N ALA J 439 -43.18 38.88 51.55
CA ALA J 439 -43.52 39.11 52.95
C ALA J 439 -43.41 37.80 53.73
N THR J 440 -43.17 37.91 55.03
CA THR J 440 -43.02 36.76 55.89
C THR J 440 -43.72 37.03 57.22
N ASP J 441 -43.96 35.94 57.95
CA ASP J 441 -44.68 36.03 59.22
C ASP J 441 -44.05 37.08 60.12
N SER J 442 -42.76 36.91 60.45
CA SER J 442 -42.09 37.90 61.29
C SER J 442 -42.05 39.27 60.65
N THR J 443 -42.25 39.36 59.33
CA THR J 443 -42.32 40.67 58.69
C THR J 443 -43.51 41.44 59.25
N LYS J 444 -43.36 42.76 59.28
CA LYS J 444 -44.21 43.62 60.09
C LYS J 444 -44.98 44.57 59.20
N LEU J 445 -45.87 45.34 59.82
CA LEU J 445 -46.87 46.07 59.06
C LEU J 445 -46.26 47.13 58.17
N SER J 446 -45.20 47.79 58.63
CA SER J 446 -44.69 48.97 57.94
C SER J 446 -44.21 48.63 56.53
N GLU J 447 -43.68 47.42 56.34
CA GLU J 447 -42.76 47.18 55.24
C GLU J 447 -43.47 47.08 53.89
N VAL J 448 -44.62 46.43 53.83
CA VAL J 448 -45.18 46.00 52.54
C VAL J 448 -46.22 46.97 51.98
N MET J 449 -46.73 47.91 52.77
CA MET J 449 -47.87 48.73 52.36
C MET J 449 -47.74 49.18 50.91
N ALA J 450 -48.83 49.04 50.16
CA ALA J 450 -48.86 49.54 48.78
C ALA J 450 -49.38 50.97 48.75
N GLY J 451 -50.64 51.17 49.13
CA GLY J 451 -51.01 52.43 49.74
C GLY J 451 -50.35 52.50 51.09
N ASP J 452 -50.06 53.72 51.55
CA ASP J 452 -49.16 53.82 52.69
C ASP J 452 -49.79 54.71 53.76
N SER J 453 -50.49 54.08 54.70
CA SER J 453 -50.92 54.75 55.91
C SER J 453 -51.33 53.68 56.92
N LEU J 454 -50.50 53.49 57.95
CA LEU J 454 -50.93 52.63 59.06
C LEU J 454 -52.08 53.27 59.82
N ASN J 455 -52.14 54.61 59.82
CA ASN J 455 -53.29 55.31 60.38
C ASN J 455 -54.52 55.05 59.53
N GLY J 456 -55.69 55.18 60.15
CA GLY J 456 -56.94 55.04 59.44
C GLY J 456 -57.24 53.62 59.02
N THR J 457 -56.31 52.99 58.30
CA THR J 457 -56.55 51.66 57.75
C THR J 457 -57.10 50.74 58.83
N THR J 458 -58.07 49.93 58.43
CA THR J 458 -58.87 49.15 59.37
C THR J 458 -59.33 47.89 58.64
N LEU J 459 -58.72 46.76 58.95
CA LEU J 459 -58.94 45.53 58.23
C LEU J 459 -59.88 44.61 59.02
N ASN J 460 -60.79 43.97 58.31
CA ASN J 460 -61.84 43.19 58.93
C ASN J 460 -62.12 41.99 58.03
N LEU J 461 -62.57 40.90 58.64
CA LEU J 461 -62.69 39.63 57.93
C LEU J 461 -64.04 39.02 58.19
N LYS J 462 -64.64 38.46 57.14
CA LYS J 462 -65.83 37.62 57.25
C LYS J 462 -65.39 36.16 57.14
N VAL J 463 -66.01 35.31 57.95
CA VAL J 463 -65.44 34.01 58.27
C VAL J 463 -66.52 32.94 58.25
N ASN J 464 -66.07 31.71 58.03
CA ASN J 464 -66.72 30.52 58.54
C ASN J 464 -65.69 29.69 59.27
N SER J 465 -66.11 29.06 60.37
CA SER J 465 -65.17 28.34 61.22
C SER J 465 -65.04 26.90 60.74
N LYS J 466 -64.03 26.21 61.29
CA LYS J 466 -63.95 24.77 61.09
C LYS J 466 -65.06 24.06 61.83
N GLY J 467 -65.52 24.65 62.93
CA GLY J 467 -66.75 24.24 63.56
C GLY J 467 -67.91 24.47 62.61
N GLY J 468 -67.69 25.32 61.61
CA GLY J 468 -68.64 25.52 60.54
C GLY J 468 -69.54 26.71 60.69
N ASN J 469 -69.19 27.68 61.53
CA ASN J 469 -70.06 28.82 61.82
C ASN J 469 -69.39 30.10 61.33
N SER J 470 -70.21 31.05 60.89
CA SER J 470 -69.75 32.20 60.14
C SER J 470 -69.69 33.44 61.02
N TYR J 471 -68.58 34.16 60.92
CA TYR J 471 -68.24 35.24 61.83
C TYR J 471 -67.64 36.40 61.06
N ASP J 472 -67.67 37.58 61.67
CA ASP J 472 -66.87 38.71 61.24
C ASP J 472 -66.04 39.22 62.41
N VAL J 473 -64.76 39.44 62.15
CA VAL J 473 -63.85 40.02 63.14
C VAL J 473 -63.28 41.28 62.53
N THR J 474 -63.17 42.33 63.35
CA THR J 474 -62.92 43.66 62.84
C THR J 474 -61.78 44.30 63.62
N ILE J 475 -60.88 44.98 62.91
CA ILE J 475 -59.65 45.51 63.48
C ILE J 475 -59.35 46.87 62.89
N ASN J 476 -59.06 47.84 63.74
CA ASN J 476 -58.50 49.12 63.31
C ASN J 476 -56.99 49.05 63.50
N LEU J 477 -56.26 49.34 62.43
CA LEU J 477 -54.80 49.20 62.47
C LEU J 477 -54.14 50.42 63.09
N GLN J 478 -54.77 51.58 62.98
CA GLN J 478 -54.18 52.79 63.56
C GLN J 478 -53.97 52.63 65.06
N THR J 479 -54.97 52.09 65.74
CA THR J 479 -54.92 51.94 67.19
C THR J 479 -54.30 50.63 67.63
N SER J 480 -53.90 49.78 66.69
CA SER J 480 -53.41 48.45 67.02
C SER J 480 -54.43 47.72 67.89
N THR J 481 -55.70 47.80 67.50
CA THR J 481 -56.79 47.31 68.32
C THR J 481 -57.67 46.38 67.51
N VAL J 482 -58.10 45.30 68.14
CA VAL J 482 -58.85 44.22 67.51
C VAL J 482 -60.24 44.17 68.14
N SER J 483 -61.20 43.65 67.39
CA SER J 483 -62.56 43.61 67.89
C SER J 483 -63.39 42.63 67.07
N TYR J 484 -64.56 42.29 67.62
CA TYR J 484 -65.54 41.47 66.93
C TYR J 484 -66.86 41.62 67.66
N PRO J 485 -67.98 41.30 66.99
CA PRO J 485 -69.24 41.36 67.72
C PRO J 485 -69.41 40.11 68.57
N ASP J 486 -69.53 40.27 69.88
CA ASP J 486 -69.66 39.13 70.77
C ASP J 486 -70.65 38.16 70.16
N PRO J 487 -70.23 36.92 69.87
CA PRO J 487 -71.26 36.04 69.32
C PRO J 487 -72.41 35.91 70.28
N ASN J 488 -72.12 35.95 71.57
CA ASN J 488 -73.17 35.85 72.58
C ASN J 488 -74.10 37.03 72.43
N ASN J 489 -73.53 38.21 72.22
CA ASN J 489 -74.32 39.42 72.06
C ASN J 489 -73.62 40.32 71.07
N PRO J 490 -73.81 40.05 69.78
CA PRO J 490 -73.10 40.82 68.75
C PRO J 490 -73.37 42.30 68.89
N GLY J 491 -74.48 42.67 69.55
CA GLY J 491 -74.76 44.07 69.77
C GLY J 491 -73.52 44.69 70.37
N GLN J 492 -72.86 43.98 71.27
CA GLN J 492 -71.61 44.46 71.83
C GLN J 492 -70.48 43.97 70.95
N THR J 493 -69.44 44.79 70.80
CA THR J 493 -68.29 44.37 70.02
C THR J 493 -67.12 44.12 70.95
N ILE J 494 -66.82 42.85 71.18
CA ILE J 494 -65.69 42.50 72.04
C ILE J 494 -64.46 43.17 71.45
N SER J 495 -63.58 43.73 72.27
CA SER J 495 -62.45 44.51 71.77
C SER J 495 -61.16 44.09 72.44
N PHE J 496 -60.04 44.34 71.74
CA PHE J 496 -58.73 43.85 72.17
C PHE J 496 -57.59 44.70 71.59
N PRO J 497 -56.77 45.34 72.44
CA PRO J 497 -55.53 45.95 71.94
C PRO J 497 -54.39 44.94 71.86
N ILE J 498 -53.44 45.15 70.95
CA ILE J 498 -52.57 44.06 70.49
C ILE J 498 -51.38 43.90 71.43
N MET J 499 -50.94 42.64 71.60
CA MET J 499 -49.81 42.29 72.45
C MET J 499 -48.97 41.25 71.71
N HIS J 500 -47.95 40.69 72.38
CA HIS J 500 -46.77 40.24 71.64
C HIS J 500 -45.89 39.19 72.33
N THR J 501 -44.60 39.13 71.93
CA THR J 501 -43.53 38.41 72.61
C THR J 501 -42.81 39.35 73.58
N ASN J 502 -42.25 38.81 74.67
CA ASN J 502 -41.68 39.64 75.74
C ASN J 502 -40.31 40.21 75.37
N PRO J 503 -40.02 41.50 75.70
CA PRO J 503 -38.64 42.00 75.67
C PRO J 503 -37.97 41.97 77.04
N ALA J 504 -37.99 40.81 77.69
CA ALA J 504 -37.22 40.54 78.88
C ALA J 504 -37.67 41.35 80.10
N THR J 505 -38.60 42.30 79.92
CA THR J 505 -39.29 42.93 81.04
C THR J 505 -40.62 42.25 81.33
N GLY J 506 -40.98 41.29 80.49
CA GLY J 506 -42.36 40.86 80.37
C GLY J 506 -43.10 41.85 79.50
N ASN J 507 -43.23 43.08 79.98
CA ASN J 507 -43.87 44.15 79.23
C ASN J 507 -45.29 43.75 78.83
N SER J 508 -45.77 42.66 79.41
CA SER J 508 -46.96 42.00 78.90
C SER J 508 -48.19 42.86 79.13
N GLY J 509 -49.04 42.92 78.12
CA GLY J 509 -50.24 43.71 78.20
C GLY J 509 -50.03 45.18 77.89
N VAL J 510 -48.82 45.53 77.48
CA VAL J 510 -48.52 46.90 77.06
C VAL J 510 -48.74 47.00 75.55
N VAL J 511 -49.48 48.02 75.14
CA VAL J 511 -50.07 48.03 73.79
C VAL J 511 -49.00 48.28 72.74
N THR J 512 -49.41 48.11 71.48
CA THR J 512 -48.48 47.96 70.36
C THR J 512 -48.03 49.33 69.86
N GLY J 513 -46.99 49.33 69.03
CA GLY J 513 -46.77 50.39 68.06
C GLY J 513 -47.06 49.81 66.69
N SER J 514 -48.02 50.41 65.99
CA SER J 514 -48.71 49.69 64.91
C SER J 514 -47.74 49.11 63.89
N ASN J 515 -46.72 49.88 63.50
CA ASN J 515 -45.76 49.39 62.52
C ASN J 515 -45.23 48.01 62.89
N ASP J 516 -45.22 47.68 64.18
CA ASP J 516 -44.49 46.52 64.67
C ASP J 516 -45.17 45.20 64.28
N ILE J 517 -46.50 45.16 64.29
CA ILE J 517 -47.20 43.87 64.29
C ILE J 517 -46.65 43.00 63.17
N THR J 518 -46.20 41.80 63.51
CA THR J 518 -45.70 40.86 62.54
C THR J 518 -46.84 40.22 61.78
N TYR J 519 -46.53 39.71 60.59
CA TYR J 519 -47.53 38.96 59.85
C TYR J 519 -47.78 37.61 60.48
N GLY J 520 -46.83 37.12 61.28
CA GLY J 520 -47.08 35.92 62.07
C GLY J 520 -48.15 36.15 63.12
N GLN J 521 -48.10 37.30 63.79
CA GLN J 521 -49.19 37.68 64.68
C GLN J 521 -50.52 37.55 63.95
N ILE J 522 -50.61 38.12 62.75
CA ILE J 522 -51.83 38.02 61.98
C ILE J 522 -52.19 36.56 61.75
N ASN J 523 -51.18 35.74 61.44
CA ASN J 523 -51.42 34.33 61.17
C ASN J 523 -51.97 33.64 62.40
N ASP J 524 -51.45 33.96 63.58
CA ASP J 524 -51.95 33.34 64.80
C ASP J 524 -53.33 33.90 65.17
N ILE J 525 -53.51 35.22 65.07
CA ILE J 525 -54.81 35.79 65.34
C ILE J 525 -55.86 35.12 64.47
N ILE J 526 -55.50 34.81 63.22
CA ILE J 526 -56.39 34.08 62.35
C ILE J 526 -56.81 32.77 62.99
N GLY J 527 -55.84 32.05 63.56
CA GLY J 527 -56.15 30.74 64.09
C GLY J 527 -57.10 30.79 65.27
N MET J 528 -56.81 31.63 66.26
CA MET J 528 -57.50 31.50 67.53
C MET J 528 -58.96 31.93 67.42
N PHE J 529 -59.27 32.88 66.52
CA PHE J 529 -60.66 33.15 66.21
C PHE J 529 -61.26 32.03 65.39
N ALA J 530 -60.70 31.78 64.20
CA ALA J 530 -61.28 30.81 63.28
C ALA J 530 -61.33 29.41 63.89
N ALA J 531 -60.30 29.04 64.65
CA ALA J 531 -60.30 27.76 65.35
C ALA J 531 -61.16 27.80 66.61
N ASP J 532 -61.98 28.84 66.78
CA ASP J 532 -63.01 28.94 67.80
C ASP J 532 -62.43 29.11 69.19
N LYS J 533 -61.28 29.77 69.32
CA LYS J 533 -60.73 30.12 70.63
C LYS J 533 -61.21 31.52 70.97
N ILE J 534 -62.38 31.89 70.46
CA ILE J 534 -62.79 33.30 70.40
C ILE J 534 -62.76 33.90 71.80
N PRO J 535 -62.15 35.09 71.98
CA PRO J 535 -61.97 35.65 73.32
C PRO J 535 -63.19 36.41 73.84
N THR J 536 -63.04 37.10 74.97
CA THR J 536 -64.19 37.65 75.68
C THR J 536 -64.08 39.11 76.08
N THR J 537 -62.87 39.62 76.32
CA THR J 537 -62.75 40.83 77.12
C THR J 537 -63.13 42.07 76.32
N THR J 538 -63.40 43.13 77.07
CA THR J 538 -63.42 44.51 76.59
C THR J 538 -62.55 45.37 77.50
N ILE J 539 -61.56 44.73 78.12
CA ILE J 539 -60.60 45.38 79.00
C ILE J 539 -59.41 45.78 78.15
N GLN J 540 -58.86 46.96 78.42
CA GLN J 540 -58.07 47.66 77.43
C GLN J 540 -56.66 47.94 77.93
N ALA J 541 -55.87 48.53 77.04
CA ALA J 541 -54.51 48.94 77.35
C ALA J 541 -54.55 50.18 78.21
N ASN J 542 -55.06 50.04 79.44
CA ASN J 542 -55.27 51.19 80.30
C ASN J 542 -53.94 51.87 80.57
N ASN J 543 -53.87 53.17 80.28
CA ASN J 543 -52.60 53.89 80.25
C ASN J 543 -51.60 53.22 79.32
N GLY J 544 -52.13 52.42 78.38
CA GLY J 544 -51.31 51.61 77.51
C GLY J 544 -51.06 50.20 78.01
N GLN J 545 -51.72 49.79 79.09
CA GLN J 545 -51.47 48.50 79.72
C GLN J 545 -52.76 47.75 79.96
N ILE J 546 -52.84 46.52 79.45
CA ILE J 546 -53.79 45.52 79.91
C ILE J 546 -53.00 44.58 80.81
N ASN J 547 -53.70 43.77 81.60
CA ASN J 547 -53.01 42.91 82.57
C ASN J 547 -52.00 42.00 81.88
N ASN J 548 -50.79 41.96 82.44
CA ASN J 548 -49.78 41.00 82.00
C ASN J 548 -50.35 39.58 82.02
N ALA J 549 -50.74 39.11 83.20
CA ALA J 549 -51.11 37.71 83.34
C ALA J 549 -52.27 37.34 82.42
N ASP J 550 -53.29 38.20 82.34
CA ASP J 550 -54.42 37.91 81.48
C ASP J 550 -53.95 37.72 80.04
N TYR J 551 -53.24 38.70 79.50
CA TYR J 551 -52.70 38.53 78.16
C TYR J 551 -51.86 37.26 78.09
N THR J 552 -50.92 37.09 79.01
CA THR J 552 -50.12 35.88 79.04
C THR J 552 -51.04 34.67 79.00
N GLN J 553 -52.08 34.66 79.83
CA GLN J 553 -53.06 33.60 79.78
C GLN J 553 -53.84 33.63 78.47
N ILE J 554 -54.16 34.82 77.97
CA ILE J 554 -54.87 34.93 76.70
C ILE J 554 -54.08 34.24 75.60
N GLN J 555 -52.80 34.56 75.50
CA GLN J 555 -51.97 33.96 74.47
C GLN J 555 -52.05 32.44 74.53
N GLN J 556 -52.14 31.89 75.74
CA GLN J 556 -52.31 30.45 75.88
C GLN J 556 -53.50 29.95 75.09
N LEU J 557 -54.60 30.71 75.09
CA LEU J 557 -55.74 30.33 74.26
C LEU J 557 -55.31 30.13 72.81
N MET J 558 -54.37 30.93 72.34
CA MET J 558 -53.96 30.84 70.94
C MET J 558 -53.03 29.66 70.69
N LYS J 559 -52.41 29.14 71.75
CA LYS J 559 -51.59 27.93 71.60
C LYS J 559 -52.43 26.77 71.06
N ASP J 560 -53.64 26.58 71.60
CA ASP J 560 -54.50 25.53 71.10
C ASP J 560 -54.77 25.71 69.61
N SER J 561 -55.12 26.93 69.20
CA SER J 561 -55.30 27.20 67.78
C SER J 561 -54.07 26.80 66.99
N GLN J 562 -52.90 27.21 67.48
CA GLN J 562 -51.65 26.76 66.87
C GLN J 562 -51.56 25.24 66.88
N ALA J 563 -52.01 24.63 67.98
CA ALA J 563 -52.02 23.18 68.08
C ALA J 563 -53.05 22.53 67.17
N THR J 564 -53.94 23.32 66.55
CA THR J 564 -55.03 22.78 65.76
C THR J 564 -55.07 23.25 64.32
N VAL J 565 -54.41 24.35 63.97
CA VAL J 565 -54.47 24.90 62.62
C VAL J 565 -53.11 25.47 62.25
N ASP J 566 -52.88 25.66 60.95
CA ASP J 566 -51.64 26.19 60.43
C ASP J 566 -51.92 27.42 59.59
N VAL J 567 -51.18 28.51 59.84
CA VAL J 567 -51.34 29.76 59.12
C VAL J 567 -49.95 30.32 58.86
N SER J 568 -49.71 30.80 57.63
CA SER J 568 -48.34 31.14 57.27
C SER J 568 -48.31 32.14 56.12
N MET J 569 -47.21 32.89 56.06
CA MET J 569 -46.76 33.58 54.85
C MET J 569 -45.76 32.67 54.17
N ASP J 570 -45.96 32.41 52.90
CA ASP J 570 -45.45 31.17 52.31
C ASP J 570 -44.39 31.42 51.23
N TYR J 571 -44.05 30.34 50.54
CA TYR J 571 -42.89 30.29 49.66
C TYR J 571 -42.83 31.45 48.69
N LYS J 572 -43.93 31.77 48.00
CA LYS J 572 -43.93 32.82 46.99
C LYS J 572 -44.58 34.09 47.52
N GLY J 573 -44.45 34.33 48.81
CA GLY J 573 -45.03 35.50 49.43
C GLY J 573 -46.53 35.41 49.52
N ARG J 574 -47.10 34.28 49.10
CA ARG J 574 -48.51 34.05 49.30
C ARG J 574 -48.77 33.72 50.75
N ILE J 575 -50.05 33.68 51.12
CA ILE J 575 -50.48 33.27 52.44
C ILE J 575 -50.96 31.82 52.34
N SER J 576 -50.37 30.95 53.14
CA SER J 576 -50.71 29.54 53.12
C SER J 576 -51.29 29.14 54.48
N VAL J 577 -52.40 28.40 54.44
CA VAL J 577 -53.13 28.02 55.64
C VAL J 577 -53.63 26.60 55.46
N THR J 578 -53.58 25.82 56.54
CA THR J 578 -53.98 24.43 56.47
C THR J 578 -54.54 24.00 57.81
N ASP J 579 -55.48 23.06 57.76
CA ASP J 579 -56.09 22.47 58.95
C ASP J 579 -55.34 21.20 59.30
N LYS J 580 -54.99 21.05 60.57
CA LYS J 580 -54.15 19.93 61.00
C LYS J 580 -54.86 18.59 60.83
N LEU J 581 -56.15 18.54 61.13
CA LEU J 581 -56.87 17.27 61.21
C LEU J 581 -57.92 17.20 60.11
N SER J 582 -57.56 17.58 58.88
CA SER J 582 -58.53 17.62 57.80
C SER J 582 -57.86 17.32 56.47
N SER J 583 -58.68 16.88 55.53
CA SER J 583 -58.37 16.96 54.11
C SER J 583 -59.34 17.91 53.40
N GLY J 584 -60.38 18.37 54.10
CA GLY J 584 -61.35 19.32 53.59
C GLY J 584 -62.20 19.78 54.75
N THR J 585 -62.43 21.08 54.87
CA THR J 585 -62.96 21.64 56.12
C THR J 585 -64.00 22.70 55.82
N ASN J 586 -64.61 23.20 56.90
CA ASN J 586 -65.73 24.12 56.81
C ASN J 586 -65.31 25.58 56.83
N ILE J 587 -64.02 25.89 56.99
CA ILE J 587 -63.60 27.27 57.02
C ILE J 587 -63.64 27.86 55.62
N GLU J 588 -64.35 28.97 55.46
CA GLU J 588 -64.30 29.76 54.25
C GLU J 588 -64.50 31.21 54.65
N ILE J 589 -63.72 32.10 54.03
CA ILE J 589 -63.43 33.40 54.61
C ILE J 589 -63.48 34.46 53.53
N SER J 590 -63.66 35.71 53.94
CA SER J 590 -63.64 36.84 53.04
C SER J 590 -63.17 38.06 53.83
N LEU J 591 -62.19 38.78 53.28
CA LEU J 591 -61.53 39.88 53.97
C LEU J 591 -62.01 41.22 53.46
N SER J 592 -61.88 42.24 54.32
CA SER J 592 -62.34 43.59 54.00
C SER J 592 -61.46 44.64 54.66
N ASP J 593 -61.23 45.73 53.96
CA ASP J 593 -60.61 46.93 54.52
C ASP J 593 -61.62 48.07 54.51
N SER J 594 -61.38 49.05 55.38
CA SER J 594 -62.27 50.19 55.51
C SER J 594 -62.54 50.86 54.17
N GLN J 595 -61.50 51.03 53.35
CA GLN J 595 -61.59 51.86 52.16
C GLN J 595 -61.99 51.09 50.91
N SER J 596 -62.15 49.77 51.00
CA SER J 596 -62.77 49.04 49.90
C SER J 596 -64.20 49.52 49.73
N GLY J 597 -64.60 49.70 48.48
CA GLY J 597 -65.89 50.27 48.20
C GLY J 597 -65.95 51.78 48.25
N GLN J 598 -64.89 52.45 48.69
CA GLN J 598 -64.88 53.89 48.83
C GLN J 598 -64.03 54.47 47.70
N PHE J 599 -64.66 55.28 46.85
CA PHE J 599 -64.14 55.53 45.51
C PHE J 599 -64.46 56.95 45.11
N PRO J 600 -63.88 57.44 44.01
CA PRO J 600 -64.23 58.78 43.51
C PRO J 600 -65.73 58.91 43.28
N ALA J 601 -66.19 60.15 43.10
CA ALA J 601 -67.60 60.45 42.97
C ALA J 601 -67.87 61.40 41.81
N PRO J 602 -69.04 61.30 41.18
CA PRO J 602 -69.35 62.17 40.03
C PRO J 602 -69.65 63.59 40.48
N PRO J 603 -69.81 64.52 39.53
CA PRO J 603 -69.82 64.36 38.06
C PRO J 603 -68.47 63.98 37.49
N PHE J 604 -68.45 63.45 36.27
CA PHE J 604 -67.24 62.96 35.62
C PHE J 604 -67.19 63.48 34.19
N THR J 605 -66.00 63.41 33.61
CA THR J 605 -65.78 63.69 32.21
C THR J 605 -64.64 62.79 31.74
N THR J 606 -64.12 63.07 30.54
CA THR J 606 -62.88 62.43 30.12
C THR J 606 -61.71 62.86 30.98
N THR J 607 -61.77 64.06 31.56
CA THR J 607 -60.75 64.47 32.50
C THR J 607 -60.69 63.48 33.66
N SER J 608 -59.48 63.03 33.98
CA SER J 608 -59.32 61.91 34.89
C SER J 608 -59.66 62.31 36.33
N THR J 609 -60.30 61.37 37.04
CA THR J 609 -60.58 61.50 38.46
C THR J 609 -60.07 60.24 39.16
N VAL J 610 -59.32 60.42 40.24
CA VAL J 610 -58.59 59.32 40.85
C VAL J 610 -58.68 59.40 42.37
N GLN J 611 -58.61 58.22 43.00
CA GLN J 611 -58.39 58.11 44.43
C GLN J 611 -57.40 56.98 44.67
N ASN J 612 -56.67 57.08 45.77
CA ASN J 612 -55.58 56.15 46.06
C ASN J 612 -56.04 55.06 47.02
N GLY J 613 -55.40 53.90 46.92
CA GLY J 613 -55.85 52.71 47.62
C GLY J 613 -55.19 52.53 48.97
N PRO J 614 -55.75 51.59 49.75
CA PRO J 614 -55.19 51.29 51.07
C PRO J 614 -53.95 50.40 51.01
N ASN J 615 -53.50 49.94 52.17
CA ASN J 615 -52.18 49.32 52.26
C ASN J 615 -52.13 47.95 51.58
N PHE J 616 -53.10 47.08 51.86
CA PHE J 616 -52.93 45.66 51.57
C PHE J 616 -54.22 45.06 51.04
N SER J 617 -54.11 43.83 50.53
CA SER J 617 -55.26 43.05 50.07
C SER J 617 -54.88 41.58 50.09
N PHE J 618 -55.82 40.73 49.67
CA PHE J 618 -55.68 39.29 49.82
C PHE J 618 -55.98 38.53 48.54
N SER J 619 -56.93 39.04 47.76
CA SER J 619 -57.49 38.33 46.62
C SER J 619 -58.25 39.33 45.77
N ALA J 620 -58.40 39.03 44.49
CA ALA J 620 -59.04 40.00 43.62
C ALA J 620 -59.37 39.37 42.27
N ASN J 621 -60.38 39.94 41.61
CA ASN J 621 -60.71 39.63 40.21
C ASN J 621 -59.82 40.40 39.25
N ASN J 622 -58.51 40.24 39.37
CA ASN J 622 -57.56 41.21 38.89
C ASN J 622 -56.95 40.78 37.55
N SER J 623 -56.04 41.61 37.06
CA SER J 623 -55.47 41.44 35.74
C SER J 623 -54.84 40.07 35.58
N LEU J 624 -54.63 39.69 34.33
CA LEU J 624 -53.90 38.48 33.98
C LEU J 624 -52.50 38.86 33.52
N THR J 625 -51.57 37.92 33.68
CA THR J 625 -50.17 38.20 33.43
C THR J 625 -49.42 36.90 33.19
N ILE J 626 -48.58 36.91 32.16
CA ILE J 626 -47.55 35.89 32.05
C ILE J 626 -46.20 36.56 31.80
N ASP J 627 -45.54 36.97 32.88
CA ASP J 627 -44.12 37.24 32.87
C ASP J 627 -43.71 37.56 34.30
N GLU J 628 -42.64 36.94 34.75
CA GLU J 628 -42.14 37.18 36.10
C GLU J 628 -40.86 36.38 36.29
N PRO J 629 -40.01 36.79 37.23
CA PRO J 629 -38.72 36.10 37.40
C PRO J 629 -38.83 34.61 37.65
N ASN J 630 -39.81 34.18 38.43
CA ASN J 630 -39.89 32.80 38.90
C ASN J 630 -40.63 31.94 37.88
N VAL J 631 -40.84 30.67 38.21
CA VAL J 631 -41.73 29.77 37.48
C VAL J 631 -42.31 28.77 38.48
N ASP J 632 -43.44 28.16 38.11
CA ASP J 632 -43.94 26.96 38.77
C ASP J 632 -44.11 25.91 37.66
N ILE J 633 -43.00 25.25 37.33
CA ILE J 633 -42.85 24.65 36.01
C ILE J 633 -43.92 23.60 35.76
N ILE J 634 -43.93 22.56 36.60
CA ILE J 634 -44.83 21.43 36.34
C ILE J 634 -46.26 21.90 36.28
N LYS J 635 -46.67 22.72 37.24
CA LYS J 635 -48.00 23.30 37.22
C LYS J 635 -48.17 24.22 36.01
N ASP J 636 -47.12 24.98 35.68
CA ASP J 636 -47.18 25.82 34.49
C ASP J 636 -47.41 24.99 33.24
N LEU J 637 -46.63 23.93 33.05
CA LEU J 637 -46.78 23.11 31.86
C LEU J 637 -48.12 22.39 31.85
N ASP J 638 -48.64 22.04 33.03
CA ASP J 638 -50.01 21.53 33.08
C ASP J 638 -51.00 22.59 32.62
N SER J 639 -50.80 23.84 33.03
CA SER J 639 -51.64 24.91 32.52
C SER J 639 -51.51 25.04 31.01
N MET J 640 -50.30 24.90 30.48
CA MET J 640 -50.15 24.84 29.03
C MET J 640 -50.83 23.59 28.48
N ILE J 641 -50.71 22.46 29.18
CA ILE J 641 -51.43 21.27 28.77
C ILE J 641 -52.94 21.52 28.86
N ASP J 642 -53.36 22.42 29.76
CA ASP J 642 -54.74 22.87 29.75
C ASP J 642 -55.07 23.64 28.48
N ALA J 643 -54.13 24.49 28.04
CA ALA J 643 -54.38 25.29 26.85
C ALA J 643 -54.65 24.42 25.64
N VAL J 644 -53.82 23.40 25.44
CA VAL J 644 -53.97 22.51 24.30
C VAL J 644 -55.25 21.68 24.41
N LEU J 645 -55.47 21.02 25.54
CA LEU J 645 -56.69 20.24 25.70
C LEU J 645 -57.92 21.10 25.50
N LYS J 646 -57.92 22.30 26.10
CA LYS J 646 -59.01 23.24 25.86
C LYS J 646 -58.99 23.77 24.44
N GLY J 647 -57.87 23.66 23.75
CA GLY J 647 -57.63 24.56 22.64
C GLY J 647 -57.49 25.98 23.11
N ASN J 648 -57.11 26.18 24.37
CA ASN J 648 -56.92 27.52 24.90
C ASN J 648 -55.53 28.05 24.54
N MET J 649 -55.17 27.94 23.26
CA MET J 649 -54.10 28.79 22.76
C MET J 649 -54.52 30.24 22.78
N ARG J 650 -55.78 30.50 22.44
CA ARG J 650 -56.43 31.78 22.61
C ARG J 650 -57.80 31.54 23.20
N ALA J 651 -58.12 32.28 24.26
CA ALA J 651 -59.33 31.99 25.03
C ALA J 651 -59.89 33.31 25.58
N ASP J 652 -60.78 33.21 26.56
CA ASP J 652 -61.50 34.38 27.05
C ASP J 652 -61.73 34.22 28.54
N SER J 653 -62.17 35.31 29.17
CA SER J 653 -62.49 35.28 30.59
C SER J 653 -63.43 34.12 30.92
N GLU J 654 -64.47 33.93 30.12
CA GLU J 654 -65.48 32.91 30.39
C GLU J 654 -65.19 31.60 29.69
N SER J 655 -64.05 31.49 29.02
CA SER J 655 -63.52 30.16 28.73
C SER J 655 -63.33 29.43 30.06
N GLU J 656 -63.64 28.12 30.06
CA GLU J 656 -63.81 27.43 31.33
C GLU J 656 -62.63 27.63 32.26
N ASN J 657 -61.42 27.78 31.70
CA ASN J 657 -60.31 28.32 32.47
C ASN J 657 -60.33 29.83 32.30
N PRO J 658 -60.61 30.61 33.34
CA PRO J 658 -60.69 32.07 33.16
C PRO J 658 -59.33 32.72 33.00
N ARG J 659 -58.24 31.99 33.22
CA ARG J 659 -56.91 32.56 33.34
C ARG J 659 -55.90 31.73 32.55
N ASN J 660 -56.22 31.40 31.30
CA ASN J 660 -55.29 30.64 30.48
C ASN J 660 -55.61 30.79 29.00
N THR J 661 -54.62 31.26 28.23
CA THR J 661 -54.57 31.11 26.77
C THR J 661 -53.15 30.62 26.45
N GLY J 662 -52.74 29.58 27.19
CA GLY J 662 -51.32 29.36 27.45
C GLY J 662 -50.41 29.58 26.25
N MET J 663 -50.81 29.06 25.08
CA MET J 663 -49.86 28.96 23.97
C MET J 663 -49.03 30.22 23.78
N GLN J 664 -49.64 31.40 23.98
CA GLN J 664 -48.88 32.63 23.80
C GLN J 664 -47.78 32.75 24.85
N GLY J 665 -48.13 32.54 26.12
CA GLY J 665 -47.11 32.55 27.16
C GLY J 665 -46.15 31.39 27.06
N ALA J 666 -46.62 30.27 26.49
CA ALA J 666 -45.76 29.09 26.39
C ALA J 666 -44.45 29.42 25.70
N LEU J 667 -44.53 30.08 24.54
CA LEU J 667 -43.30 30.51 23.86
C LEU J 667 -42.50 31.45 24.75
N GLU J 668 -43.18 32.42 25.35
CA GLU J 668 -42.48 33.41 26.17
C GLU J 668 -41.74 32.76 27.33
N ARG J 669 -42.43 31.90 28.08
CA ARG J 669 -41.83 31.36 29.30
C ARG J 669 -40.76 30.33 28.98
N LEU J 670 -41.00 29.48 27.98
CA LEU J 670 -39.98 28.49 27.63
C LEU J 670 -38.65 29.16 27.33
N ASP J 671 -38.69 30.33 26.69
CA ASP J 671 -37.47 31.13 26.56
C ASP J 671 -36.94 31.53 27.92
N HIS J 672 -37.83 31.99 28.81
CA HIS J 672 -37.45 32.26 30.18
C HIS J 672 -36.80 31.03 30.82
N LEU J 673 -37.27 29.84 30.46
CA LEU J 673 -36.61 28.63 30.94
C LEU J 673 -35.35 28.35 30.15
N ALA J 674 -35.43 28.48 28.82
CA ALA J 674 -34.22 28.35 28.01
C ALA J 674 -33.13 29.26 28.55
N ASP J 675 -33.50 30.48 28.94
CA ASP J 675 -32.56 31.33 29.66
C ASP J 675 -32.16 30.70 30.98
N HIS J 676 -33.14 30.31 31.80
CA HIS J 676 -32.79 29.79 33.12
C HIS J 676 -31.85 28.60 33.03
N VAL J 677 -32.16 27.62 32.18
CA VAL J 677 -31.25 26.50 32.06
C VAL J 677 -29.88 27.01 31.66
N SER J 678 -29.84 27.89 30.66
CA SER J 678 -28.57 28.39 30.18
C SER J 678 -27.71 28.89 31.33
N LYS J 679 -28.28 29.78 32.16
CA LYS J 679 -27.56 30.26 33.34
C LYS J 679 -26.88 29.09 34.05
N LEU J 680 -27.67 28.10 34.44
CA LEU J 680 -27.18 27.07 35.34
C LEU J 680 -26.08 26.24 34.68
N ASN J 681 -26.19 25.95 33.37
CA ASN J 681 -25.10 25.27 32.70
C ASN J 681 -23.81 26.07 32.80
N THR J 682 -23.88 27.38 32.58
CA THR J 682 -22.69 28.20 32.69
C THR J 682 -22.05 28.05 34.06
N THR J 683 -22.87 28.15 35.11
CA THR J 683 -22.33 28.05 36.47
C THR J 683 -21.74 26.67 36.74
N MET J 684 -22.41 25.60 36.30
CA MET J 684 -21.91 24.27 36.61
C MET J 684 -20.55 24.05 35.95
N GLY J 685 -20.41 24.45 34.69
CA GLY J 685 -19.09 24.48 34.09
C GLY J 685 -18.15 25.40 34.84
N ALA J 686 -18.66 26.52 35.34
CA ALA J 686 -17.82 27.47 36.07
C ALA J 686 -17.12 26.79 37.24
N TYR J 687 -17.87 26.06 38.06
CA TYR J 687 -17.22 25.31 39.13
C TYR J 687 -16.21 24.33 38.54
N HIS J 688 -16.65 23.55 37.55
CA HIS J 688 -15.79 22.51 37.01
C HIS J 688 -14.48 23.10 36.50
N ASN J 689 -14.57 24.12 35.65
CA ASN J 689 -13.36 24.74 35.15
C ASN J 689 -12.50 25.23 36.30
N THR J 690 -13.13 25.74 37.35
CA THR J 690 -12.39 26.08 38.56
C THR J 690 -11.79 24.84 39.20
N ILE J 691 -12.61 23.81 39.41
CA ILE J 691 -12.13 22.62 40.09
C ILE J 691 -11.05 21.95 39.26
N GLU J 692 -11.13 22.07 37.94
CA GLU J 692 -10.03 21.63 37.10
C GLU J 692 -8.76 22.38 37.45
N GLY J 693 -8.85 23.70 37.54
CA GLY J 693 -7.67 24.50 37.81
C GLY J 693 -7.00 24.14 39.13
N VAL J 694 -7.79 24.02 40.20
CA VAL J 694 -7.22 23.73 41.51
C VAL J 694 -6.49 22.39 41.48
N ASN J 695 -7.13 21.37 40.91
CA ASN J 695 -6.50 20.05 40.87
C ASN J 695 -5.21 20.11 40.06
N THR J 696 -5.23 20.79 38.92
CA THR J 696 -4.04 20.90 38.10
C THR J 696 -2.88 21.50 38.90
N ARG J 697 -3.12 22.64 39.54
CA ARG J 697 -2.08 23.21 40.38
C ARG J 697 -1.76 22.29 41.54
N THR J 698 -2.77 21.64 42.10
CA THR J 698 -2.54 20.63 43.13
C THR J 698 -1.61 19.55 42.61
N SER J 699 -1.92 19.00 41.43
CA SER J 699 -1.06 17.99 40.83
C SER J 699 0.34 18.55 40.58
N PHE J 700 0.41 19.76 40.02
CA PHE J 700 1.70 20.40 39.80
C PHE J 700 2.49 20.48 41.09
N LEU J 701 1.83 20.89 42.17
CA LEU J 701 2.52 21.06 43.44
C LEU J 701 2.96 19.72 44.01
N SER J 702 2.07 18.72 43.97
CA SER J 702 2.38 17.42 44.56
C SER J 702 3.65 16.83 43.96
N VAL J 703 3.80 16.94 42.64
CA VAL J 703 5.00 16.40 41.99
C VAL J 703 6.24 17.01 42.61
N ASN J 704 6.24 18.33 42.81
CA ASN J 704 7.46 19.03 43.17
C ASN J 704 7.85 18.76 44.63
N VAL J 705 6.88 18.78 45.53
CA VAL J 705 7.19 18.49 46.94
C VAL J 705 7.79 17.10 47.06
N GLN J 706 7.25 16.13 46.33
CA GLN J 706 7.86 14.80 46.30
C GLN J 706 9.33 14.88 45.94
N SER J 707 9.64 15.59 44.85
CA SER J 707 11.03 15.75 44.45
C SER J 707 11.84 16.44 45.55
N ILE J 708 11.34 17.58 46.03
CA ILE J 708 12.06 18.34 47.03
C ILE J 708 12.35 17.48 48.25
N LYS J 709 11.31 16.81 48.76
CA LYS J 709 11.49 15.99 49.95
C LYS J 709 12.54 14.92 49.71
N SER J 710 12.49 14.27 48.55
CA SER J 710 13.51 13.28 48.22
C SER J 710 14.90 13.92 48.22
N ASN J 711 15.05 15.05 47.54
CA ASN J 711 16.37 15.68 47.41
C ASN J 711 16.99 15.92 48.77
N VAL J 712 16.17 16.27 49.77
CA VAL J 712 16.70 16.53 51.10
C VAL J 712 17.34 15.26 51.67
N ILE J 713 16.68 14.13 51.46
CA ILE J 713 17.11 12.90 52.13
C ILE J 713 17.94 12.03 51.20
N ASP J 714 18.00 12.35 49.90
CA ASP J 714 18.53 11.43 48.90
C ASP J 714 19.92 10.91 49.27
N VAL J 715 20.13 9.63 49.02
CA VAL J 715 21.47 9.04 48.99
C VAL J 715 21.60 8.18 47.75
N ASP J 716 22.82 8.14 47.22
CA ASP J 716 23.19 7.28 46.11
C ASP J 716 23.72 5.97 46.67
N TYR J 717 23.21 4.85 46.15
CA TYR J 717 23.79 3.57 46.54
C TYR J 717 25.18 3.38 45.96
N GLY J 718 25.44 3.92 44.76
CA GLY J 718 26.77 3.78 44.18
C GLY J 718 27.86 4.36 45.05
N GLU J 719 27.67 5.60 45.52
CA GLU J 719 28.68 6.21 46.37
C GLU J 719 28.86 5.39 47.64
N ALA J 720 27.75 4.98 48.24
CA ALA J 720 27.79 4.20 49.46
C ALA J 720 28.55 2.90 49.25
N MET J 721 28.22 2.16 48.20
CA MET J 721 28.99 0.97 47.85
C MET J 721 30.45 1.36 47.60
N MET J 722 30.65 2.43 46.84
CA MET J 722 32.02 2.91 46.61
C MET J 722 32.73 3.19 47.91
N ASN J 723 32.17 4.10 48.72
CA ASN J 723 32.84 4.50 49.95
C ASN J 723 32.98 3.31 50.90
N LEU J 724 31.95 2.48 50.98
CA LEU J 724 32.04 1.28 51.79
C LEU J 724 33.29 0.49 51.46
N MET J 725 33.53 0.25 50.17
CA MET J 725 34.66 -0.58 49.78
C MET J 725 35.97 0.00 50.31
N GLN J 726 36.16 1.31 50.16
CA GLN J 726 37.36 1.93 50.72
C GLN J 726 37.37 1.80 52.23
N VAL J 727 36.28 2.19 52.89
CA VAL J 727 36.17 1.99 54.34
C VAL J 727 36.32 0.52 54.66
N GLN J 728 35.56 -0.32 53.96
CA GLN J 728 35.74 -1.77 54.03
C GLN J 728 37.21 -2.14 53.94
N LEU J 729 37.83 -1.87 52.80
CA LEU J 729 39.13 -2.45 52.50
C LEU J 729 40.23 -1.74 53.25
N ALA J 730 40.06 -0.45 53.55
CA ALA J 730 40.98 0.20 54.48
C ALA J 730 40.88 -0.44 55.86
N TYR J 731 39.66 -0.71 56.32
CA TYR J 731 39.49 -1.35 57.62
C TYR J 731 40.15 -2.72 57.65
N GLN J 732 40.07 -3.46 56.54
CA GLN J 732 40.76 -4.74 56.45
C GLN J 732 42.27 -4.55 56.62
N ALA J 733 42.85 -3.59 55.91
CA ALA J 733 44.27 -3.30 56.10
C ALA J 733 44.56 -3.01 57.56
N SER J 734 43.68 -2.29 58.23
CA SER J 734 43.85 -2.08 59.67
C SER J 734 43.84 -3.40 60.42
N LEU J 735 42.98 -4.34 60.01
CA LEU J 735 43.01 -5.66 60.62
C LEU J 735 44.37 -6.32 60.41
N LYS J 736 44.89 -6.28 59.18
CA LYS J 736 46.24 -6.78 58.97
C LYS J 736 47.25 -6.02 59.81
N ALA J 737 47.08 -4.70 59.90
CA ALA J 737 47.96 -3.92 60.78
C ALA J 737 47.88 -4.43 62.21
N SER J 738 46.67 -4.66 62.70
CA SER J 738 46.52 -5.20 64.05
C SER J 738 47.15 -6.58 64.16
N THR J 739 46.90 -7.45 63.18
CA THR J 739 47.52 -8.77 63.22
C THR J 739 49.03 -8.65 63.22
N THR J 740 49.56 -7.61 62.55
CA THR J 740 51.00 -7.36 62.65
C THR J 740 51.39 -7.09 64.09
N ILE J 741 50.58 -6.31 64.80
CA ILE J 741 50.87 -6.05 66.21
C ILE J 741 50.95 -7.35 66.98
N SER J 742 50.05 -8.29 66.68
CA SER J 742 50.19 -9.63 67.25
C SER J 742 51.53 -10.24 66.87
N GLN J 743 51.93 -10.08 65.60
CA GLN J 743 53.22 -10.60 65.19
C GLN J 743 54.37 -9.85 65.86
N LEU J 744 54.15 -8.59 66.24
CA LEU J 744 55.11 -7.92 67.12
C LEU J 744 55.22 -8.65 68.45
N SER J 745 54.06 -8.89 69.09
CA SER J 745 54.07 -9.59 70.36
C SER J 745 54.67 -10.98 70.22
N LEU J 746 54.40 -11.63 69.09
CA LEU J 746 54.96 -12.96 68.84
C LEU J 746 56.48 -12.95 68.94
N LEU J 747 57.11 -11.85 68.57
CA LEU J 747 58.56 -11.82 68.44
C LEU J 747 59.26 -11.52 69.76
N ASN J 748 58.54 -11.08 70.79
CA ASN J 748 59.18 -10.73 72.06
C ASN J 748 59.89 -11.92 72.70
N TYR J 749 59.54 -13.13 72.27
CA TYR J 749 59.95 -14.34 72.97
C TYR J 749 60.98 -15.14 72.17
N MET J 750 61.79 -14.46 71.38
CA MET J 750 62.95 -15.07 70.73
C MET J 750 64.04 -15.32 71.76
N MET K 1 50.11 12.61 52.21
CA MET K 1 48.73 12.32 51.72
C MET K 1 47.75 12.89 52.79
N ARG K 2 48.13 14.12 53.17
CA ARG K 2 47.77 14.87 54.38
C ARG K 2 47.03 16.27 54.21
N ILE K 3 47.56 17.28 53.47
CA ILE K 3 46.84 18.55 52.99
C ILE K 3 46.13 18.46 51.60
N THR K 4 46.79 18.15 50.48
CA THR K 4 45.97 18.03 49.24
C THR K 4 45.23 16.68 49.07
N ASN K 5 45.92 15.53 49.12
CA ASN K 5 45.49 14.31 48.39
C ASN K 5 44.25 13.59 48.97
N LYS K 6 44.31 13.03 50.19
CA LYS K 6 43.24 12.14 50.69
C LYS K 6 41.85 12.51 50.19
N LEU K 7 41.56 13.79 49.97
CA LEU K 7 40.25 14.11 49.44
C LEU K 7 40.05 13.48 48.07
N ASN K 8 41.13 13.37 47.30
CA ASN K 8 41.04 12.86 45.93
C ASN K 8 40.08 11.69 45.82
N PHE K 9 40.31 10.61 46.57
CA PHE K 9 39.36 9.51 46.56
C PHE K 9 38.01 9.97 47.10
N THR K 10 38.04 10.81 48.13
CA THR K 10 36.79 11.37 48.65
C THR K 10 36.15 12.26 47.60
N ASN K 11 36.96 13.06 46.90
CA ASN K 11 36.42 14.03 45.95
C ASN K 11 36.07 13.39 44.63
N SER K 12 36.81 12.35 44.23
CA SER K 12 36.40 11.58 43.06
C SER K 12 34.91 11.30 43.12
N VAL K 13 34.39 11.03 44.31
CA VAL K 13 32.95 10.90 44.49
C VAL K 13 32.28 12.25 44.24
N ASN K 14 32.73 13.31 44.93
CA ASN K 14 32.08 14.60 44.75
C ASN K 14 32.14 15.05 43.30
N ASN K 15 33.23 14.75 42.61
CA ASN K 15 33.27 15.01 41.18
C ASN K 15 32.12 14.31 40.49
N SER K 16 31.92 13.03 40.79
CA SER K 16 30.77 12.32 40.24
C SER K 16 29.47 12.92 40.75
N MET K 17 29.41 13.25 42.03
CA MET K 17 28.19 13.77 42.62
C MET K 17 27.72 15.00 41.86
N GLY K 18 28.60 15.98 41.68
CA GLY K 18 28.21 17.18 40.96
C GLY K 18 27.83 16.89 39.51
N GLY K 19 28.62 16.05 38.84
CA GLY K 19 28.38 15.80 37.43
C GLY K 19 27.05 15.13 37.18
N GLN K 20 26.74 14.08 37.95
CA GLN K 20 25.54 13.31 37.69
C GLN K 20 24.28 14.16 37.85
N SER K 21 24.24 14.97 38.90
CA SER K 21 23.09 15.85 39.10
C SER K 21 22.94 16.80 37.92
N ALA K 22 24.02 17.48 37.55
CA ALA K 22 23.96 18.43 36.44
C ALA K 22 23.50 17.74 35.17
N LEU K 23 24.10 16.60 34.84
CA LEU K 23 23.72 15.89 33.63
C LEU K 23 22.25 15.52 33.66
N TYR K 24 21.78 15.00 34.80
CA TYR K 24 20.34 14.79 34.95
C TYR K 24 19.59 16.06 34.62
N GLN K 25 20.01 17.17 35.23
CA GLN K 25 19.36 18.45 34.96
C GLN K 25 19.36 18.77 33.47
N ILE K 26 20.51 18.58 32.82
CA ILE K 26 20.59 18.87 31.39
C ILE K 26 19.69 17.92 30.60
N SER K 27 19.73 16.63 30.93
CA SER K 27 18.83 15.70 30.26
C SER K 27 17.38 16.16 30.37
N GLN K 28 17.00 16.71 31.52
CA GLN K 28 15.65 17.24 31.67
C GLN K 28 15.39 18.37 30.69
N GLN K 29 16.36 19.26 30.51
CA GLN K 29 16.20 20.32 29.51
C GLN K 29 15.98 19.71 28.14
N LEU K 30 16.75 18.67 27.80
CA LEU K 30 16.49 17.94 26.56
C LEU K 30 15.10 17.32 26.58
N ALA K 31 14.74 16.65 27.67
CA ALA K 31 13.39 16.12 27.78
C ALA K 31 12.36 17.23 27.72
N SER K 32 12.61 18.32 28.42
CA SER K 32 11.74 19.49 28.30
C SER K 32 11.73 20.02 26.88
N GLY K 33 12.86 19.89 26.18
CA GLY K 33 12.99 20.48 24.87
C GLY K 33 13.18 21.97 24.89
N LEU K 34 13.21 22.58 26.07
CA LEU K 34 13.37 24.02 26.19
C LEU K 34 14.84 24.32 26.37
N LYS K 35 15.26 25.53 25.99
CA LYS K 35 16.62 25.94 26.31
C LYS K 35 16.82 26.04 27.82
N ILE K 36 15.84 26.59 28.53
CA ILE K 36 15.96 26.84 29.96
C ILE K 36 14.73 26.29 30.67
N GLN K 37 14.87 26.15 31.98
CA GLN K 37 13.84 25.54 32.80
C GLN K 37 13.43 26.40 33.98
N ASN K 38 14.29 27.30 34.45
CA ASN K 38 14.03 28.13 35.61
C ASN K 38 14.02 29.61 35.21
N SER K 39 13.20 30.38 35.92
CA SER K 39 13.07 31.80 35.63
C SER K 39 14.41 32.53 35.66
N TYR K 40 15.34 32.07 36.50
CA TYR K 40 16.60 32.74 36.72
C TYR K 40 17.76 32.08 35.98
N GLU K 41 17.50 31.05 35.18
CA GLU K 41 18.56 30.50 34.34
C GLU K 41 18.94 31.48 33.24
N ASP K 42 17.96 32.06 32.56
CA ASP K 42 18.18 33.26 31.74
C ASP K 42 16.90 34.08 31.81
N ALA K 43 16.85 34.99 32.78
CA ALA K 43 15.64 35.77 33.01
C ALA K 43 15.30 36.63 31.81
N SER K 44 16.30 37.29 31.22
CA SER K 44 16.04 38.12 30.06
C SER K 44 15.37 37.31 28.95
N THR K 45 15.93 36.15 28.62
CA THR K 45 15.25 35.24 27.71
C THR K 45 13.88 34.86 28.27
N TYR K 46 13.84 34.53 29.57
CA TYR K 46 12.60 34.09 30.19
C TYR K 46 11.57 35.21 30.20
N ILE K 47 12.00 36.44 30.50
CA ILE K 47 11.03 37.50 30.70
C ILE K 47 10.46 37.98 29.37
N ASP K 48 11.31 38.18 28.36
CA ASP K 48 10.77 38.47 27.03
C ASP K 48 9.97 37.31 26.50
N ASN K 49 10.40 36.08 26.78
CA ASN K 49 9.54 34.92 26.55
C ASN K 49 8.18 35.14 27.18
N THR K 50 8.15 35.69 28.40
CA THR K 50 6.88 35.99 29.03
C THR K 50 6.07 36.97 28.19
N ARG K 51 6.73 38.02 27.68
CA ARG K 51 6.02 39.02 26.90
C ARG K 51 5.40 38.39 25.65
N LEU K 52 6.15 37.52 24.97
CA LEU K 52 5.65 36.92 23.74
C LEU K 52 4.37 36.14 23.99
N GLU K 53 4.30 35.40 25.08
CA GLU K 53 3.06 34.73 25.43
C GLU K 53 1.95 35.75 25.64
N TYR K 54 2.22 36.82 26.40
CA TYR K 54 1.19 37.82 26.65
C TYR K 54 0.74 38.46 25.34
N GLU K 55 1.68 38.77 24.46
CA GLU K 55 1.30 39.27 23.15
C GLU K 55 0.41 38.28 22.43
N ILE K 56 0.86 37.02 22.34
CA ILE K 56 0.01 35.97 21.79
C ILE K 56 -1.32 35.93 22.54
N LYS K 57 -1.23 36.01 23.86
CA LYS K 57 -2.42 36.00 24.70
C LYS K 57 -3.41 37.08 24.28
N THR K 58 -2.94 38.32 24.19
CA THR K 58 -3.85 39.44 23.89
C THR K 58 -4.37 39.34 22.46
N LEU K 59 -3.50 39.01 21.51
CA LEU K 59 -3.91 39.01 20.11
C LEU K 59 -5.18 38.19 19.90
N GLU K 60 -5.19 36.95 20.39
CA GLU K 60 -6.29 36.06 20.08
C GLU K 60 -7.60 36.57 20.69
N GLN K 61 -7.55 37.10 21.90
CA GLN K 61 -8.77 37.56 22.54
C GLN K 61 -9.46 38.61 21.68
N VAL K 62 -8.69 39.49 21.05
CA VAL K 62 -9.28 40.44 20.11
C VAL K 62 -9.93 39.69 18.96
N LYS K 63 -9.21 38.75 18.36
CA LYS K 63 -9.65 38.14 17.11
C LYS K 63 -11.01 37.48 17.28
N GLU K 64 -11.16 36.67 18.32
CA GLU K 64 -12.45 36.04 18.59
C GLU K 64 -13.52 37.11 18.81
N SER K 65 -13.16 38.20 19.47
CA SER K 65 -14.12 39.29 19.65
C SER K 65 -14.54 39.85 18.30
N THR K 66 -13.58 40.04 17.40
CA THR K 66 -13.92 40.38 16.02
C THR K 66 -14.78 39.29 15.39
N SER K 67 -14.52 38.03 15.73
CA SER K 67 -15.33 36.96 15.16
C SER K 67 -16.79 37.12 15.55
N ARG K 68 -17.06 37.51 16.79
CA ARG K 68 -18.44 37.80 17.18
C ARG K 68 -19.02 38.91 16.33
N ALA K 69 -18.27 40.01 16.19
CA ALA K 69 -18.76 41.14 15.41
C ALA K 69 -19.00 40.77 13.96
N GLN K 70 -18.06 40.00 13.37
CA GLN K 70 -18.19 39.65 11.97
C GLN K 70 -19.47 38.87 11.71
N GLU K 71 -19.83 37.96 12.62
CA GLU K 71 -21.05 37.18 12.45
C GLU K 71 -22.25 38.09 12.22
N MET K 72 -22.44 39.07 13.11
CA MET K 72 -23.63 39.90 13.02
C MET K 72 -23.64 40.76 11.77
N THR K 73 -22.47 41.19 11.31
CA THR K 73 -22.41 42.00 10.10
C THR K 73 -23.06 41.26 8.93
N GLN K 74 -22.69 39.99 8.73
CA GLN K 74 -23.31 39.22 7.67
C GLN K 74 -24.81 39.10 7.88
N ASN K 75 -25.22 38.73 9.09
CA ASN K 75 -26.65 38.62 9.37
C ASN K 75 -27.32 39.98 9.24
N SER K 76 -26.69 41.03 9.76
CA SER K 76 -27.24 42.37 9.62
C SER K 76 -27.24 42.81 8.15
N MET K 77 -26.10 42.65 7.48
CA MET K 77 -25.99 43.13 6.11
C MET K 77 -27.03 42.49 5.21
N LYS K 78 -27.09 41.16 5.20
CA LYS K 78 -27.97 40.47 4.26
C LYS K 78 -29.43 40.70 4.62
N ALA K 79 -29.78 40.54 5.90
CA ALA K 79 -31.17 40.71 6.31
C ALA K 79 -31.69 42.09 5.96
N LEU K 80 -30.90 43.12 6.25
CA LEU K 80 -31.35 44.48 5.98
C LEU K 80 -31.41 44.75 4.49
N GLN K 81 -30.48 44.23 3.70
CA GLN K 81 -30.60 44.38 2.26
C GLN K 81 -31.86 43.71 1.75
N ASP K 82 -32.26 42.60 2.39
CA ASP K 82 -33.56 42.01 2.08
C ASP K 82 -34.69 42.92 2.56
N MET K 83 -34.50 43.59 3.70
CA MET K 83 -35.44 44.60 4.13
C MET K 83 -35.60 45.66 3.05
N VAL K 84 -34.58 45.85 2.22
CA VAL K 84 -34.73 46.68 1.03
C VAL K 84 -35.66 45.98 0.03
N LYS K 85 -35.47 44.68 -0.17
CA LYS K 85 -36.37 43.95 -1.05
C LYS K 85 -37.80 44.12 -0.60
N LEU K 86 -38.03 44.11 0.72
CA LEU K 86 -39.33 44.53 1.23
C LEU K 86 -39.70 45.89 0.69
N LEU K 87 -38.78 46.85 0.79
CA LEU K 87 -39.01 48.16 0.19
C LEU K 87 -39.19 48.04 -1.32
N GLU K 88 -38.31 47.27 -1.97
CA GLU K 88 -38.43 47.10 -3.41
C GLU K 88 -39.80 46.55 -3.78
N ASP K 89 -40.20 45.46 -3.12
CA ASP K 89 -41.53 44.91 -3.36
C ASP K 89 -42.60 45.91 -2.97
N PHE K 90 -42.40 46.64 -1.87
CA PHE K 90 -43.41 47.59 -1.43
C PHE K 90 -43.65 48.67 -2.46
N LYS K 91 -42.58 49.34 -2.92
CA LYS K 91 -42.77 50.40 -3.90
C LYS K 91 -43.51 49.90 -5.12
N VAL K 92 -43.29 48.65 -5.52
CA VAL K 92 -43.99 48.13 -6.68
C VAL K 92 -45.48 48.41 -6.54
N LYS K 93 -46.11 47.80 -5.53
CA LYS K 93 -47.55 47.93 -5.37
C LYS K 93 -47.95 49.38 -5.14
N VAL K 94 -47.03 50.21 -4.64
CA VAL K 94 -47.31 51.63 -4.53
C VAL K 94 -47.64 52.20 -5.91
N THR K 95 -46.91 51.76 -6.93
CA THR K 95 -47.10 52.31 -8.27
C THR K 95 -48.44 51.91 -8.88
N GLN K 96 -48.89 50.67 -8.66
CA GLN K 96 -50.15 50.25 -9.28
C GLN K 96 -51.32 51.09 -8.79
N ALA K 97 -51.18 51.73 -7.64
CA ALA K 97 -52.24 52.62 -7.17
C ALA K 97 -52.53 53.70 -8.18
N ALA K 98 -51.55 54.02 -9.04
CA ALA K 98 -51.75 55.01 -10.09
C ALA K 98 -52.59 54.51 -11.25
N SER K 99 -52.96 53.23 -11.27
CA SER K 99 -53.71 52.70 -12.41
C SER K 99 -55.10 53.33 -12.51
N ASP K 100 -55.67 53.27 -13.71
CA ASP K 100 -56.87 54.04 -14.02
C ASP K 100 -58.09 53.50 -13.29
N SER K 101 -58.33 52.19 -13.39
CA SER K 101 -59.59 51.62 -12.94
C SER K 101 -59.53 51.32 -11.45
N ASN K 102 -58.60 51.96 -10.74
CA ASN K 102 -58.46 51.75 -9.31
C ASN K 102 -59.65 52.33 -8.56
N SER K 103 -60.80 51.68 -8.64
CA SER K 103 -61.94 52.07 -7.82
C SER K 103 -61.53 52.04 -6.36
N GLN K 104 -62.32 52.64 -5.49
CA GLN K 104 -61.98 52.63 -4.07
C GLN K 104 -61.70 51.20 -3.61
N THR K 105 -62.52 50.25 -4.05
CA THR K 105 -62.25 48.84 -3.74
C THR K 105 -60.86 48.45 -4.21
N SER K 106 -60.51 48.80 -5.44
CA SER K 106 -59.17 48.52 -5.94
C SER K 106 -58.13 49.24 -5.09
N ARG K 107 -58.37 50.51 -4.80
CA ARG K 107 -57.45 51.26 -3.96
C ARG K 107 -57.34 50.62 -2.58
N GLU K 108 -58.47 50.19 -2.03
CA GLU K 108 -58.45 49.56 -0.71
C GLU K 108 -57.80 48.18 -0.76
N ALA K 109 -58.16 47.37 -1.75
CA ALA K 109 -57.48 46.10 -1.93
C ALA K 109 -55.98 46.31 -2.05
N ILE K 110 -55.58 47.32 -2.81
CA ILE K 110 -54.17 47.68 -2.91
C ILE K 110 -53.64 48.13 -1.55
N ALA K 111 -54.44 48.96 -0.85
CA ALA K 111 -53.96 49.59 0.38
C ALA K 111 -53.53 48.54 1.41
N LYS K 112 -54.37 47.53 1.64
CA LYS K 112 -54.07 46.56 2.67
C LYS K 112 -52.86 45.71 2.33
N GLU K 113 -52.68 45.36 1.05
CA GLU K 113 -51.53 44.56 0.66
C GLU K 113 -50.23 45.27 0.99
N LEU K 114 -50.08 46.52 0.53
CA LEU K 114 -48.93 47.31 0.92
C LEU K 114 -48.87 47.43 2.43
N GLU K 115 -50.03 47.63 3.05
CA GLU K 115 -50.11 47.77 4.49
C GLU K 115 -49.66 46.49 5.18
N ARG K 116 -49.93 45.34 4.57
CA ARG K 116 -49.38 44.08 5.07
C ARG K 116 -47.86 44.06 4.96
N ILE K 117 -47.32 44.53 3.83
CA ILE K 117 -45.86 44.60 3.71
C ILE K 117 -45.30 45.50 4.80
N LYS K 118 -46.12 46.44 5.28
CA LYS K 118 -45.61 47.45 6.20
C LYS K 118 -45.55 46.96 7.65
N GLU K 119 -46.27 45.88 8.00
CA GLU K 119 -45.98 45.26 9.31
C GLU K 119 -44.62 44.61 9.28
N SER K 120 -44.35 43.85 8.22
CA SER K 120 -43.09 43.14 8.13
C SER K 120 -41.91 44.08 8.29
N ILE K 121 -41.96 45.25 7.65
CA ILE K 121 -40.86 46.19 7.76
C ILE K 121 -40.76 46.72 9.18
N VAL K 122 -41.90 47.08 9.77
CA VAL K 122 -41.89 47.63 11.13
C VAL K 122 -41.62 46.55 12.15
N GLN K 123 -42.24 45.38 12.00
CA GLN K 123 -41.96 44.28 12.91
C GLN K 123 -40.47 44.04 13.01
N LEU K 124 -39.81 43.87 11.86
CA LEU K 124 -38.37 43.71 11.84
C LEU K 124 -37.69 44.90 12.50
N ALA K 125 -38.30 46.09 12.39
CA ALA K 125 -37.70 47.27 12.99
C ALA K 125 -37.57 47.13 14.50
N ASN K 126 -38.38 46.28 15.12
CA ASN K 126 -38.39 46.19 16.58
C ASN K 126 -37.49 45.08 17.09
N THR K 127 -36.73 44.44 16.22
CA THR K 127 -36.16 43.13 16.52
C THR K 127 -34.82 43.26 17.23
N SER K 128 -34.45 42.17 17.91
CA SER K 128 -33.16 42.01 18.55
C SER K 128 -32.59 40.65 18.22
N VAL K 129 -31.39 40.41 18.71
CA VAL K 129 -30.85 39.07 18.89
C VAL K 129 -30.49 38.91 20.36
N ASN K 130 -31.05 37.89 20.99
CA ASN K 130 -30.78 37.63 22.40
C ASN K 130 -31.04 38.87 23.25
N GLY K 131 -32.00 39.68 22.82
CA GLY K 131 -32.30 40.93 23.49
C GLY K 131 -31.45 42.11 23.05
N GLN K 132 -30.37 41.89 22.31
CA GLN K 132 -29.59 43.00 21.78
C GLN K 132 -30.32 43.59 20.58
N TYR K 133 -31.10 44.64 20.82
CA TYR K 133 -31.94 45.18 19.76
C TYR K 133 -31.09 45.84 18.69
N LEU K 134 -31.27 45.35 17.46
CA LEU K 134 -30.34 45.65 16.39
C LEU K 134 -30.32 47.13 16.05
N PHE K 135 -31.37 47.86 16.44
CA PHE K 135 -31.60 49.20 15.91
C PHE K 135 -31.60 50.27 16.99
N ALA K 136 -31.28 49.92 18.24
CA ALA K 136 -31.33 50.86 19.36
C ALA K 136 -29.99 51.53 19.63
N GLY K 137 -29.14 51.63 18.61
CA GLY K 137 -27.90 52.39 18.74
C GLY K 137 -26.89 51.76 19.66
N SER K 138 -26.49 52.52 20.68
CA SER K 138 -25.64 51.99 21.73
C SER K 138 -26.42 51.64 22.99
N GLN K 139 -27.74 51.84 22.99
CA GLN K 139 -28.61 51.45 24.09
C GLN K 139 -29.38 50.17 23.80
N VAL K 140 -28.73 49.21 23.14
CA VAL K 140 -29.42 48.14 22.42
C VAL K 140 -30.02 47.06 23.32
N ALA K 141 -29.97 47.22 24.63
CA ALA K 141 -30.67 46.30 25.51
C ALA K 141 -32.14 46.68 25.60
N ASN K 142 -32.58 47.62 24.77
CA ASN K 142 -33.92 48.19 24.81
C ASN K 142 -34.60 48.00 23.47
N LYS K 143 -35.89 47.70 23.50
CA LYS K 143 -36.66 47.63 22.26
C LYS K 143 -36.65 48.99 21.59
N PRO K 144 -36.28 49.09 20.31
CA PRO K 144 -35.88 50.40 19.75
C PRO K 144 -37.04 51.34 19.46
N PHE K 145 -38.28 50.85 19.39
CA PHE K 145 -39.32 51.65 18.76
C PHE K 145 -40.69 51.23 19.28
N ASP K 146 -41.70 51.93 18.78
CA ASP K 146 -43.09 51.54 18.97
C ASP K 146 -43.83 51.78 17.65
N SER K 147 -45.15 51.74 17.70
CA SER K 147 -45.94 51.92 16.47
C SER K 147 -45.68 53.28 15.84
N ASN K 148 -45.57 54.33 16.66
CA ASN K 148 -45.26 55.67 16.16
C ASN K 148 -43.80 55.83 15.78
N GLY K 149 -43.00 54.77 15.86
CA GLY K 149 -41.57 54.90 15.65
C GLY K 149 -40.90 55.69 16.75
N ASN K 150 -41.50 55.77 17.93
CA ASN K 150 -40.90 56.49 19.03
C ASN K 150 -39.62 55.77 19.42
N TYR K 151 -38.48 56.31 19.04
CA TYR K 151 -37.21 55.63 19.20
C TYR K 151 -36.86 55.52 20.68
N TYR K 152 -36.38 54.36 21.07
CA TYR K 152 -36.09 54.09 22.48
C TYR K 152 -34.65 53.67 22.74
N GLY K 153 -33.91 53.29 21.71
CA GLY K 153 -32.47 53.19 21.86
C GLY K 153 -31.85 54.56 21.90
N ASP K 154 -30.56 54.60 22.16
CA ASP K 154 -29.86 55.87 22.06
C ASP K 154 -29.41 56.09 20.61
N LYS K 155 -29.09 57.34 20.31
CA LYS K 155 -28.68 57.73 18.97
C LYS K 155 -27.17 57.67 18.81
N ASN K 156 -26.52 56.90 19.67
CA ASN K 156 -25.12 56.51 19.57
C ASN K 156 -25.07 55.10 18.99
N ASN K 157 -23.88 54.51 18.98
CA ASN K 157 -23.70 53.21 18.34
C ASN K 157 -22.78 52.31 19.15
N ILE K 158 -23.01 51.00 18.97
CA ILE K 158 -22.05 50.02 19.43
C ILE K 158 -20.71 50.27 18.73
N ASN K 159 -19.65 49.82 19.37
CA ASN K 159 -18.30 49.96 18.84
C ASN K 159 -17.60 48.62 18.88
N VAL K 160 -16.68 48.43 17.94
CA VAL K 160 -15.79 47.27 17.95
C VAL K 160 -14.41 47.76 18.36
N VAL K 161 -13.79 47.05 19.30
CA VAL K 161 -12.54 47.47 19.90
C VAL K 161 -11.42 47.31 18.88
N THR K 162 -10.61 48.33 18.74
CA THR K 162 -9.42 48.30 17.90
C THR K 162 -8.21 48.50 18.79
N GLY K 163 -7.19 47.66 18.60
CA GLY K 163 -6.16 47.61 19.61
C GLY K 163 -5.01 48.58 19.39
N ALA K 164 -5.19 49.78 19.95
CA ALA K 164 -4.11 50.66 20.35
C ALA K 164 -4.57 51.39 21.61
N GLY K 165 -5.51 50.78 22.32
CA GLY K 165 -6.36 51.54 23.21
C GLY K 165 -7.52 52.22 22.51
N THR K 166 -7.94 51.69 21.36
CA THR K 166 -8.85 52.39 20.46
C THR K 166 -10.16 51.63 20.31
N GLU K 167 -11.19 52.35 19.85
CA GLU K 167 -12.50 51.80 19.57
C GLU K 167 -12.91 52.18 18.17
N SER K 168 -14.09 51.70 17.76
CA SER K 168 -14.66 52.08 16.49
C SER K 168 -16.13 51.72 16.48
N PRO K 169 -17.03 52.68 16.21
CA PRO K 169 -18.46 52.37 16.15
C PRO K 169 -18.77 51.31 15.09
N TYR K 170 -19.80 50.51 15.34
CA TYR K 170 -19.96 49.27 14.59
C TYR K 170 -21.40 48.97 14.22
N ASN K 171 -22.36 49.84 14.54
CA ASN K 171 -23.77 49.58 14.25
C ASN K 171 -24.45 50.90 13.92
N ILE K 172 -25.78 50.89 13.93
CA ILE K 172 -26.58 52.07 13.65
C ILE K 172 -27.72 52.15 14.68
N PRO K 173 -28.10 53.34 15.15
CA PRO K 173 -29.36 53.46 15.88
C PRO K 173 -30.51 53.70 14.93
N GLY K 174 -31.69 53.22 15.31
CA GLY K 174 -32.84 53.37 14.45
C GLY K 174 -33.10 54.82 14.09
N TRP K 175 -32.94 55.73 15.05
CA TRP K 175 -33.23 57.12 14.79
C TRP K 175 -32.47 57.62 13.57
N ASP K 176 -31.17 57.30 13.48
CA ASP K 176 -30.37 57.85 12.41
C ASP K 176 -30.97 57.53 11.05
N LEU K 177 -31.30 56.27 10.84
CA LEU K 177 -32.09 55.89 9.68
C LEU K 177 -33.32 56.78 9.56
N PHE K 178 -34.21 56.71 10.54
CA PHE K 178 -35.53 57.30 10.36
C PHE K 178 -35.51 58.82 10.30
N PHE K 179 -34.66 59.48 11.08
CA PHE K 179 -34.87 60.89 11.38
C PHE K 179 -33.65 61.80 11.34
N LYS K 180 -32.50 61.35 10.82
CA LYS K 180 -31.43 62.36 10.69
C LYS K 180 -31.33 63.00 9.30
N ALA K 181 -30.92 62.27 8.27
CA ALA K 181 -30.54 62.95 7.04
C ALA K 181 -30.22 61.98 5.92
N ASP K 182 -30.24 62.54 4.69
CA ASP K 182 -29.61 61.97 3.51
C ASP K 182 -28.94 63.13 2.78
N GLY K 183 -27.79 62.86 2.15
CA GLY K 183 -26.88 63.93 1.79
C GLY K 183 -27.35 64.80 0.64
N ASP K 184 -27.71 64.17 -0.48
CA ASP K 184 -27.82 64.89 -1.76
C ASP K 184 -29.10 65.70 -1.89
N TYR K 185 -29.78 66.02 -0.79
CA TYR K 185 -31.16 66.42 -0.86
C TYR K 185 -31.40 67.80 -0.24
N LYS K 186 -32.55 68.37 -0.60
CA LYS K 186 -32.83 69.80 -0.54
C LYS K 186 -34.30 69.96 -0.20
N LYS K 187 -34.90 71.09 -0.52
CA LYS K 187 -36.35 71.16 -0.53
C LYS K 187 -36.83 71.73 -1.86
N GLN K 188 -38.05 71.33 -2.24
CA GLN K 188 -38.76 71.88 -3.38
C GLN K 188 -40.21 72.07 -2.98
N ILE K 189 -40.83 73.12 -3.50
CA ILE K 189 -42.11 73.58 -2.98
C ILE K 189 -43.17 73.52 -4.07
N SER K 190 -44.41 73.73 -3.66
CA SER K 190 -45.54 73.71 -4.58
C SER K 190 -46.73 74.40 -3.94
N THR K 191 -47.67 74.83 -4.79
CA THR K 191 -48.99 75.24 -4.32
C THR K 191 -49.88 74.01 -4.14
N ASN K 192 -51.03 74.23 -3.52
CA ASN K 192 -52.03 73.18 -3.36
C ASN K 192 -53.39 73.54 -3.92
N VAL K 193 -53.64 74.82 -4.23
CA VAL K 193 -54.79 75.17 -5.04
C VAL K 193 -54.48 74.85 -6.50
N SER K 194 -55.44 74.24 -7.18
CA SER K 194 -55.31 73.95 -8.60
C SER K 194 -55.98 75.06 -9.40
N PHE K 195 -55.58 75.19 -10.67
CA PHE K 195 -55.94 76.36 -11.45
C PHE K 195 -56.21 75.97 -12.90
N THR K 196 -57.28 76.51 -13.47
CA THR K 196 -57.70 76.19 -14.82
C THR K 196 -58.32 77.43 -15.45
N ASP K 197 -58.32 77.48 -16.79
CA ASP K 197 -58.97 78.55 -17.52
C ASP K 197 -60.47 78.29 -17.50
N ASN K 198 -61.23 79.20 -16.91
CA ASN K 198 -62.67 79.03 -16.74
C ASN K 198 -63.37 80.31 -17.16
N ARG K 199 -63.72 80.38 -18.43
CA ARG K 199 -64.62 81.40 -18.96
C ARG K 199 -66.01 80.84 -19.21
N TRP K 200 -66.32 79.68 -18.62
CA TRP K 200 -67.63 79.07 -18.69
C TRP K 200 -67.98 78.53 -17.31
N ASP K 201 -69.22 78.10 -17.14
CA ASP K 201 -69.68 77.52 -15.88
C ASP K 201 -69.43 76.03 -15.93
N LEU K 202 -68.43 75.58 -15.15
CA LEU K 202 -67.93 74.22 -15.28
C LEU K 202 -68.89 73.16 -14.74
N ASN K 203 -69.96 73.58 -14.06
CA ASN K 203 -71.01 72.61 -13.77
C ASN K 203 -71.62 72.08 -15.05
N LYS K 204 -71.96 72.97 -15.98
CA LYS K 204 -72.34 72.58 -17.33
C LYS K 204 -71.14 72.47 -18.24
N ASP K 205 -69.99 72.98 -17.82
CA ASP K 205 -68.83 73.09 -18.67
C ASP K 205 -67.60 72.44 -18.06
N PRO K 206 -67.72 71.25 -17.47
CA PRO K 206 -66.52 70.58 -16.96
C PRO K 206 -65.66 70.03 -18.08
N ASP K 207 -66.28 69.64 -19.18
CA ASP K 207 -65.52 69.20 -20.36
C ASP K 207 -64.70 70.35 -20.95
N LYS K 208 -65.13 71.59 -20.73
CA LYS K 208 -64.49 72.72 -21.41
C LYS K 208 -63.15 73.09 -20.78
N THR K 209 -62.83 72.50 -19.62
CA THR K 209 -61.72 73.00 -18.81
C THR K 209 -60.41 72.98 -19.58
N LYS K 210 -59.66 74.06 -19.44
CA LYS K 210 -58.24 74.10 -19.79
C LYS K 210 -57.46 74.45 -18.52
N TYR K 211 -56.51 73.60 -18.17
CA TYR K 211 -55.67 73.91 -17.02
C TYR K 211 -54.71 75.04 -17.37
N LEU K 212 -54.57 75.98 -16.45
CA LEU K 212 -53.79 77.18 -16.71
C LEU K 212 -52.33 76.84 -16.92
N THR K 213 -51.73 77.46 -17.93
CA THR K 213 -50.33 77.23 -18.27
C THR K 213 -49.65 78.58 -18.47
N GLY K 214 -48.33 78.53 -18.68
CA GLY K 214 -47.51 79.72 -18.82
C GLY K 214 -48.16 80.79 -19.68
N ASP K 215 -48.87 80.36 -20.72
CA ASP K 215 -49.54 81.28 -21.64
C ASP K 215 -50.70 82.01 -20.99
N SER K 216 -51.20 81.50 -19.86
CA SER K 216 -52.53 81.87 -19.38
C SER K 216 -52.70 83.38 -19.31
N LYS K 217 -53.60 83.92 -20.13
CA LYS K 217 -54.16 85.22 -19.83
C LYS K 217 -54.75 85.19 -18.43
N TRP K 218 -54.15 85.96 -17.53
CA TRP K 218 -54.65 86.03 -16.17
C TRP K 218 -56.15 86.26 -16.11
N GLN K 219 -56.72 86.86 -17.17
CA GLN K 219 -58.16 87.06 -17.22
C GLN K 219 -58.91 85.74 -17.39
N GLN K 220 -58.22 84.68 -17.81
CA GLN K 220 -58.90 83.44 -18.19
C GLN K 220 -59.87 82.99 -17.11
N LEU K 221 -59.41 82.94 -15.87
CA LEU K 221 -60.34 82.66 -14.78
C LEU K 221 -61.26 83.85 -14.54
N ILE K 222 -60.72 85.06 -14.60
CA ILE K 222 -61.47 86.24 -14.18
C ILE K 222 -62.65 86.50 -15.09
N GLY K 223 -62.64 85.94 -16.30
CA GLY K 223 -63.78 86.15 -17.19
C GLY K 223 -65.09 85.81 -16.54
N GLN K 224 -65.15 84.68 -15.84
CA GLN K 224 -66.39 84.22 -15.25
C GLN K 224 -66.82 85.07 -14.06
N GLY K 225 -65.86 85.59 -13.29
CA GLY K 225 -66.18 86.13 -11.98
C GLY K 225 -66.29 87.64 -11.93
N TYR K 226 -66.27 88.32 -13.08
CA TYR K 226 -66.01 89.77 -13.08
C TYR K 226 -67.09 90.55 -12.33
N VAL K 227 -68.36 90.36 -12.66
CA VAL K 227 -69.40 91.30 -12.27
C VAL K 227 -70.51 90.61 -11.47
N LYS K 228 -71.25 91.43 -10.72
CA LYS K 228 -72.27 90.92 -9.82
C LYS K 228 -73.36 90.17 -10.58
N ASP K 229 -73.95 90.82 -11.58
CA ASP K 229 -74.97 90.18 -12.40
C ASP K 229 -74.38 89.14 -13.34
N ASN K 230 -73.06 89.06 -13.42
CA ASN K 230 -72.39 88.12 -14.31
C ASN K 230 -72.88 88.30 -15.74
N SER K 231 -73.11 89.55 -16.13
CA SER K 231 -73.48 89.87 -17.50
C SER K 231 -72.25 89.78 -18.39
N LEU K 232 -71.81 88.56 -18.66
CA LEU K 232 -70.49 88.33 -19.25
C LEU K 232 -70.60 87.27 -20.33
N ASP K 233 -69.67 87.31 -21.30
CA ASP K 233 -69.64 86.37 -22.41
C ASP K 233 -68.28 85.68 -22.50
N ALA K 234 -68.30 84.42 -22.91
CA ALA K 234 -67.11 83.58 -22.85
C ALA K 234 -65.95 84.09 -23.69
N ASP K 235 -66.20 84.54 -24.92
CA ASP K 235 -65.10 84.94 -25.79
C ASP K 235 -65.35 86.30 -26.43
N LYS K 236 -66.62 86.59 -26.75
CA LYS K 236 -66.93 87.88 -27.36
C LYS K 236 -66.63 89.01 -26.38
N ASP K 237 -66.97 88.81 -25.12
CA ASP K 237 -66.51 89.72 -24.08
C ASP K 237 -65.04 89.47 -23.76
N PHE K 238 -64.63 88.21 -23.67
CA PHE K 238 -63.38 87.89 -22.99
C PHE K 238 -62.17 87.80 -23.90
N GLU K 239 -62.34 87.38 -25.16
CA GLU K 239 -61.21 86.83 -25.90
C GLU K 239 -60.80 87.59 -27.16
N TYR K 240 -61.58 88.57 -27.61
CA TYR K 240 -61.23 89.27 -28.84
C TYR K 240 -60.60 90.60 -28.47
N ASP K 241 -59.28 90.64 -28.59
CA ASP K 241 -58.45 91.71 -28.05
C ASP K 241 -58.79 93.08 -28.63
N ASP K 242 -59.10 93.16 -29.91
CA ASP K 242 -59.43 94.44 -30.53
C ASP K 242 -60.54 95.12 -29.75
N SER K 243 -61.61 94.40 -29.46
CA SER K 243 -62.70 94.89 -28.62
C SER K 243 -62.49 94.46 -27.18
N LYS K 244 -61.43 94.95 -26.55
CA LYS K 244 -61.09 94.51 -25.20
C LYS K 244 -60.71 95.69 -24.33
N LEU K 245 -60.84 95.47 -23.02
CA LEU K 245 -60.75 96.53 -22.01
C LEU K 245 -60.01 95.98 -20.81
N ASP K 246 -59.52 96.89 -19.96
CA ASP K 246 -58.83 96.50 -18.74
C ASP K 246 -59.84 96.19 -17.63
N PHE K 247 -60.66 95.16 -17.76
CA PHE K 247 -61.72 94.85 -16.75
C PHE K 247 -61.40 95.19 -15.26
N PRO K 248 -61.70 94.31 -14.31
CA PRO K 248 -61.22 94.59 -12.94
C PRO K 248 -59.80 94.07 -12.62
N PRO K 249 -58.77 94.93 -12.73
CA PRO K 249 -57.42 94.51 -12.32
C PRO K 249 -57.43 94.10 -10.86
N THR K 250 -56.35 93.50 -10.34
CA THR K 250 -56.41 93.00 -8.97
C THR K 250 -55.18 93.46 -8.19
N THR K 251 -55.39 93.63 -6.89
CA THR K 251 -54.31 93.93 -5.95
C THR K 251 -53.88 92.63 -5.26
N LEU K 252 -52.61 92.60 -4.87
CA LEU K 252 -52.00 91.39 -4.31
C LEU K 252 -51.25 91.72 -3.03
N TYR K 253 -51.50 90.93 -1.99
CA TYR K 253 -50.59 90.82 -0.86
C TYR K 253 -49.54 89.77 -1.17
N VAL K 254 -48.32 89.99 -0.68
CA VAL K 254 -47.27 89.00 -0.79
C VAL K 254 -46.44 89.00 0.48
N GLN K 255 -46.13 87.80 0.96
CA GLN K 255 -45.03 87.61 1.88
C GLN K 255 -44.26 86.38 1.44
N GLY K 256 -42.95 86.41 1.67
CA GLY K 256 -42.09 85.32 1.24
C GLY K 256 -40.79 85.30 1.99
N THR K 257 -40.18 84.13 2.03
CA THR K 257 -38.88 83.94 2.66
C THR K 257 -38.00 83.12 1.74
N LYS K 258 -36.74 83.51 1.65
CA LYS K 258 -35.82 82.88 0.73
C LYS K 258 -35.19 81.65 1.36
N PRO K 259 -34.40 80.88 0.62
CA PRO K 259 -33.72 79.72 1.21
C PRO K 259 -32.91 80.07 2.43
N ASP K 260 -32.67 81.37 2.63
CA ASP K 260 -31.90 81.87 3.78
C ASP K 260 -32.72 81.89 5.06
N GLY K 261 -34.02 82.15 4.97
CA GLY K 261 -34.82 82.48 6.12
C GLY K 261 -35.18 83.94 6.23
N THR K 262 -34.62 84.80 5.38
CA THR K 262 -34.99 86.20 5.35
C THR K 262 -36.38 86.33 4.73
N SER K 263 -37.32 86.82 5.51
CA SER K 263 -38.71 86.94 5.09
C SER K 263 -38.96 88.33 4.53
N PHE K 264 -39.95 88.43 3.63
CA PHE K 264 -40.33 89.69 3.03
C PHE K 264 -41.83 89.72 2.82
N LYS K 265 -42.38 90.93 2.81
CA LYS K 265 -43.73 91.18 2.33
C LYS K 265 -43.66 92.00 1.05
N SER K 266 -44.71 91.88 0.23
CA SER K 266 -44.80 92.67 -0.99
C SER K 266 -46.25 92.76 -1.41
N ALA K 267 -46.52 93.73 -2.29
CA ALA K 267 -47.86 93.93 -2.86
C ALA K 267 -47.73 94.63 -4.20
N VAL K 268 -48.63 94.28 -5.12
CA VAL K 268 -48.44 94.61 -6.53
C VAL K 268 -49.77 94.47 -7.25
N LEU K 269 -49.87 95.10 -8.42
CA LEU K 269 -51.05 95.01 -9.27
C LEU K 269 -50.89 93.87 -10.29
N VAL K 270 -52.02 93.45 -10.84
CA VAL K 270 -52.05 92.38 -11.84
C VAL K 270 -53.16 92.71 -12.83
N LYS K 271 -52.97 92.29 -14.09
CA LYS K 271 -53.79 92.78 -15.18
C LYS K 271 -54.04 91.65 -16.17
N PRO K 272 -55.02 91.80 -17.07
CA PRO K 272 -55.66 90.63 -17.70
C PRO K 272 -54.78 89.53 -18.26
N GLU K 273 -53.85 89.87 -19.15
CA GLU K 273 -53.19 88.86 -19.97
C GLU K 273 -51.95 88.26 -19.31
N ASP K 274 -51.65 88.65 -18.08
CA ASP K 274 -50.36 88.32 -17.48
C ASP K 274 -50.00 86.85 -17.67
N THR K 275 -48.92 86.59 -18.39
CA THR K 275 -48.46 85.23 -18.63
C THR K 275 -47.66 84.75 -17.42
N LEU K 276 -47.66 83.44 -17.20
CA LEU K 276 -47.24 82.92 -15.90
C LEU K 276 -45.74 82.70 -15.85
N GLU K 277 -45.21 81.85 -16.73
CA GLU K 277 -43.83 81.37 -16.59
C GLU K 277 -42.84 82.53 -16.57
N ASP K 278 -43.04 83.53 -17.42
CA ASP K 278 -42.22 84.73 -17.34
C ASP K 278 -42.42 85.41 -15.99
N VAL K 279 -43.67 85.52 -15.55
CA VAL K 279 -43.94 86.06 -14.21
C VAL K 279 -43.30 85.18 -13.16
N MET K 280 -43.34 83.86 -13.37
CA MET K 280 -42.65 82.97 -12.44
C MET K 280 -41.20 83.39 -12.24
N GLU K 281 -40.53 83.79 -13.32
CA GLU K 281 -39.18 84.32 -13.16
C GLU K 281 -39.21 85.69 -12.51
N ASN K 282 -40.20 86.52 -12.83
CA ASN K 282 -40.34 87.78 -12.11
C ASN K 282 -40.36 87.52 -10.61
N ILE K 283 -40.99 86.43 -10.20
CA ILE K 283 -40.89 85.98 -8.82
C ILE K 283 -39.49 85.48 -8.53
N GLY K 284 -38.93 84.67 -9.43
CA GLY K 284 -37.59 84.15 -9.21
C GLY K 284 -36.56 85.26 -9.08
N ALA K 285 -36.62 86.25 -9.96
CA ALA K 285 -35.75 87.41 -9.81
C ALA K 285 -36.04 88.16 -8.52
N LEU K 286 -37.32 88.31 -8.17
CA LEU K 286 -37.68 88.94 -6.91
C LEU K 286 -36.99 88.25 -5.75
N TYR K 287 -36.97 86.92 -5.75
CA TYR K 287 -36.30 86.20 -4.68
C TYR K 287 -34.78 86.25 -4.84
N GLY K 288 -34.29 86.73 -5.98
CA GLY K 288 -32.87 86.96 -6.14
C GLY K 288 -32.29 86.54 -7.47
N ASN K 289 -33.10 85.97 -8.35
CA ASN K 289 -32.56 85.47 -9.60
C ASN K 289 -32.18 86.63 -10.53
N THR K 290 -31.37 86.28 -11.52
CA THR K 290 -31.08 87.09 -12.70
C THR K 290 -30.87 86.06 -13.80
N PRO K 291 -30.69 86.44 -15.06
CA PRO K 291 -30.57 85.40 -16.10
C PRO K 291 -29.32 84.55 -15.99
N ASN K 292 -28.34 84.97 -15.19
CA ASN K 292 -27.13 84.19 -15.01
C ASN K 292 -26.90 83.93 -13.52
N ASN K 293 -27.19 84.92 -12.68
CA ASN K 293 -27.26 84.69 -11.24
C ASN K 293 -28.65 84.19 -10.88
N LYS K 294 -28.72 82.97 -10.33
CA LYS K 294 -30.01 82.35 -10.08
C LYS K 294 -29.94 81.62 -8.75
N VAL K 295 -30.99 81.80 -7.95
CA VAL K 295 -31.00 81.30 -6.58
C VAL K 295 -32.23 80.44 -6.32
N VAL K 296 -33.25 80.61 -7.16
CA VAL K 296 -34.49 79.84 -7.04
C VAL K 296 -35.02 79.58 -8.45
N GLU K 297 -35.49 78.35 -8.68
CA GLU K 297 -35.89 77.90 -10.00
C GLU K 297 -37.35 77.49 -9.96
N VAL K 298 -38.18 78.13 -10.79
CA VAL K 298 -39.62 78.00 -10.67
C VAL K 298 -40.13 77.12 -11.81
N SER K 299 -41.22 76.40 -11.56
CA SER K 299 -41.94 75.76 -12.64
C SER K 299 -43.33 75.39 -12.15
N MET K 300 -44.25 75.23 -13.10
CA MET K 300 -45.63 74.93 -12.79
C MET K 300 -45.99 73.54 -13.33
N ASN K 301 -46.91 72.88 -12.63
CA ASN K 301 -47.28 71.51 -12.93
C ASN K 301 -48.72 71.43 -13.44
N ASP K 302 -48.99 70.35 -14.18
CA ASP K 302 -50.22 70.18 -14.94
C ASP K 302 -51.43 70.81 -14.26
N SER K 303 -51.58 70.60 -12.96
CA SER K 303 -52.72 71.13 -12.23
C SER K 303 -52.76 72.63 -12.19
N GLY K 304 -51.81 73.35 -12.77
CA GLY K 304 -51.73 74.78 -12.55
C GLY K 304 -51.00 75.05 -11.25
N GLN K 305 -50.61 73.99 -10.56
CA GLN K 305 -49.93 74.12 -9.28
C GLN K 305 -48.46 74.44 -9.53
N ILE K 306 -48.01 75.58 -9.03
CA ILE K 306 -46.69 76.10 -9.31
C ILE K 306 -45.73 75.57 -8.27
N GLN K 307 -44.47 75.39 -8.65
CA GLN K 307 -43.49 74.71 -7.82
C GLN K 307 -42.12 75.36 -7.97
N ILE K 308 -41.29 75.18 -6.95
CA ILE K 308 -39.93 75.69 -6.94
C ILE K 308 -39.04 74.68 -6.20
N THR K 309 -37.76 74.67 -6.56
CA THR K 309 -36.76 73.90 -5.83
C THR K 309 -35.85 74.84 -5.06
N ASP K 310 -35.59 74.49 -3.80
CA ASP K 310 -34.55 75.13 -3.01
C ASP K 310 -33.25 74.41 -3.38
N LEU K 311 -32.26 75.17 -3.82
CA LEU K 311 -31.17 74.61 -4.61
C LEU K 311 -29.97 74.17 -3.78
N LYS K 312 -30.03 74.24 -2.45
CA LYS K 312 -28.89 73.91 -1.61
C LYS K 312 -29.20 72.66 -0.77
N GLN K 313 -28.29 71.71 -0.81
CA GLN K 313 -28.40 70.53 0.05
C GLN K 313 -28.27 70.92 1.51
N GLY K 314 -29.17 70.40 2.33
CA GLY K 314 -29.22 70.83 3.71
C GLY K 314 -29.97 72.13 3.92
N ASN K 315 -30.90 72.45 3.02
CA ASN K 315 -31.58 73.74 3.07
C ASN K 315 -33.09 73.54 3.15
N ASN K 316 -33.75 74.40 3.95
CA ASN K 316 -35.16 74.15 4.26
C ASN K 316 -36.01 75.41 4.38
N LYS K 317 -35.73 76.52 3.66
CA LYS K 317 -36.31 77.80 4.04
C LYS K 317 -36.97 78.61 2.92
N LEU K 318 -37.20 78.03 1.75
CA LEU K 318 -37.85 78.75 0.65
C LEU K 318 -39.37 78.56 0.73
N ASP K 319 -40.10 79.64 1.02
CA ASP K 319 -41.54 79.57 1.26
C ASP K 319 -42.23 80.84 0.76
N PHE K 320 -43.55 80.78 0.64
CA PHE K 320 -44.34 81.88 0.10
C PHE K 320 -45.81 81.76 0.49
N HIS K 321 -46.48 82.91 0.56
CA HIS K 321 -47.94 82.98 0.56
C HIS K 321 -48.36 84.33 -0.01
N ALA K 322 -49.58 84.39 -0.54
CA ALA K 322 -50.14 85.64 -1.03
C ALA K 322 -51.66 85.53 -1.11
N VAL K 323 -52.31 86.69 -1.19
CA VAL K 323 -53.75 86.79 -1.42
C VAL K 323 -54.01 87.96 -2.37
N ALA K 324 -55.02 87.82 -3.20
CA ALA K 324 -55.38 88.84 -4.18
C ALA K 324 -56.81 89.31 -3.98
N PHE K 325 -57.03 90.61 -4.18
CA PHE K 325 -58.32 91.24 -3.90
C PHE K 325 -58.77 92.06 -5.10
N THR K 326 -60.01 91.85 -5.53
CA THR K 326 -60.54 92.50 -6.73
C THR K 326 -61.96 92.95 -6.45
N PRO K 327 -62.43 94.01 -7.13
CA PRO K 327 -63.85 94.38 -6.99
C PRO K 327 -64.77 93.63 -7.94
N GLN K 328 -66.07 93.61 -7.61
CA GLN K 328 -67.10 93.05 -8.47
C GLN K 328 -68.22 94.07 -8.56
N ALA K 329 -68.69 94.33 -9.79
CA ALA K 329 -69.56 95.47 -10.06
C ALA K 329 -70.97 95.01 -10.40
N ASP K 330 -71.90 95.96 -10.34
CA ASP K 330 -73.31 95.66 -10.57
C ASP K 330 -73.51 94.90 -11.87
N THR K 331 -72.94 95.40 -12.95
CA THR K 331 -73.05 94.77 -14.26
C THR K 331 -71.77 94.99 -15.04
N LYS K 332 -71.60 94.18 -16.08
CA LYS K 332 -70.48 94.35 -16.99
C LYS K 332 -70.45 95.76 -17.57
N ASP K 333 -71.64 96.33 -17.82
CA ASP K 333 -71.69 97.60 -18.51
C ASP K 333 -71.76 98.77 -17.54
N GLU K 334 -72.24 98.54 -16.32
CA GLU K 334 -71.98 99.49 -15.24
C GLU K 334 -70.49 99.76 -15.15
N LEU K 335 -69.69 98.71 -15.36
CA LEU K 335 -68.25 98.86 -15.45
C LEU K 335 -67.85 99.63 -16.71
N LYS K 336 -68.57 99.42 -17.81
CA LYS K 336 -68.31 100.23 -19.00
C LYS K 336 -68.60 101.70 -18.75
N ASN K 337 -69.61 102.01 -17.93
CA ASN K 337 -69.78 103.38 -17.50
C ASN K 337 -68.53 103.88 -16.78
N ILE K 338 -67.87 103.00 -16.03
CA ILE K 338 -66.58 103.36 -15.45
C ILE K 338 -65.56 103.56 -16.57
N ILE K 339 -65.64 102.77 -17.63
CA ILE K 339 -64.77 103.01 -18.78
C ILE K 339 -65.03 104.40 -19.33
N GLU K 340 -66.27 104.89 -19.23
CA GLU K 340 -66.52 106.28 -19.56
C GLU K 340 -65.84 107.20 -18.57
N ALA K 341 -65.88 106.87 -17.28
CA ALA K 341 -65.05 107.59 -16.34
C ALA K 341 -63.60 107.59 -16.81
N ALA K 342 -63.14 106.46 -17.36
CA ALA K 342 -61.82 106.45 -18.01
C ALA K 342 -61.82 107.27 -19.28
N ASN K 343 -62.87 107.14 -20.11
CA ASN K 343 -62.91 107.88 -21.36
C ASN K 343 -62.91 109.38 -21.12
N GLN K 344 -63.67 109.84 -20.11
CA GLN K 344 -63.71 111.26 -19.81
C GLN K 344 -62.49 111.67 -18.99
N GLU K 345 -62.21 110.96 -17.89
CA GLU K 345 -61.12 111.36 -17.02
C GLU K 345 -59.76 110.99 -17.60
N GLY K 346 -59.70 109.94 -18.42
CA GLY K 346 -58.43 109.50 -18.95
C GLY K 346 -57.63 108.65 -17.98
N ILE K 347 -58.26 107.70 -17.31
CA ILE K 347 -57.65 106.95 -16.23
C ILE K 347 -57.72 105.46 -16.55
N SER K 348 -56.82 104.70 -15.93
CA SER K 348 -56.70 103.26 -16.16
C SER K 348 -57.31 102.51 -14.98
N MET K 349 -58.03 101.42 -15.28
CA MET K 349 -58.69 100.69 -14.21
C MET K 349 -57.70 100.21 -13.16
N ASN K 350 -56.54 99.73 -13.59
CA ASN K 350 -55.50 99.32 -12.66
C ASN K 350 -55.20 100.43 -11.66
N GLU K 351 -54.97 101.64 -12.15
CA GLU K 351 -54.79 102.77 -11.25
C GLU K 351 -56.05 103.02 -10.43
N VAL K 352 -57.21 102.96 -11.08
CA VAL K 352 -58.46 103.13 -10.34
C VAL K 352 -58.58 102.09 -9.25
N THR K 353 -58.11 100.87 -9.52
CA THR K 353 -58.11 99.84 -8.50
C THR K 353 -57.36 100.31 -7.27
N ASN K 354 -56.25 101.03 -7.47
CA ASN K 354 -55.58 101.65 -6.33
C ASN K 354 -56.51 102.62 -5.62
N ARG K 355 -57.22 103.45 -6.38
CA ARG K 355 -58.09 104.44 -5.77
C ARG K 355 -59.14 103.77 -4.87
N VAL K 356 -60.01 102.96 -5.46
CA VAL K 356 -61.17 102.47 -4.73
C VAL K 356 -60.75 101.53 -3.61
N MET K 357 -59.84 100.59 -3.90
CA MET K 357 -59.46 99.61 -2.89
C MET K 357 -58.68 100.26 -1.77
N GLN K 358 -57.71 101.11 -2.09
CA GLN K 358 -56.96 101.82 -1.07
C GLN K 358 -57.89 102.65 -0.20
N ALA K 359 -58.96 103.20 -0.79
CA ALA K 359 -59.91 103.99 -0.01
C ALA K 359 -60.55 103.15 1.08
N SER K 360 -60.97 101.93 0.76
CA SER K 360 -61.48 101.03 1.78
C SER K 360 -60.40 100.76 2.82
N THR K 361 -59.20 100.41 2.38
CA THR K 361 -58.17 99.96 3.30
C THR K 361 -57.81 101.00 4.33
N ALA K 362 -58.01 102.29 4.00
CA ALA K 362 -57.34 103.37 4.73
C ALA K 362 -57.33 103.15 6.23
N ALA K 363 -58.38 102.56 6.78
CA ALA K 363 -58.44 102.24 8.20
C ALA K 363 -59.11 100.88 8.40
N PRO K 364 -58.78 100.18 9.48
CA PRO K 364 -59.47 98.91 9.79
C PRO K 364 -60.98 99.05 9.71
N SER K 365 -61.52 100.06 10.40
CA SER K 365 -62.96 100.31 10.36
C SER K 365 -63.43 100.86 9.02
N ASN K 366 -62.52 101.28 8.14
CA ASN K 366 -62.87 101.81 6.84
C ASN K 366 -62.85 100.76 5.74
N GLY K 367 -62.20 99.62 5.98
CA GLY K 367 -61.96 98.65 4.93
C GLY K 367 -60.55 98.13 5.03
N ASP K 368 -59.79 98.66 5.98
CA ASP K 368 -58.66 97.97 6.59
C ASP K 368 -57.44 97.79 5.70
N ILE K 369 -56.27 98.11 6.28
CA ILE K 369 -54.98 97.95 5.60
C ILE K 369 -54.32 96.62 5.93
N THR K 370 -54.99 95.73 6.64
CA THR K 370 -54.42 94.45 7.02
C THR K 370 -55.30 93.25 6.63
N LYS K 371 -56.62 93.37 6.79
CA LYS K 371 -57.54 92.28 6.49
C LYS K 371 -58.66 92.73 5.55
N LEU K 372 -58.58 93.97 5.06
CA LEU K 372 -59.46 94.47 4.00
C LEU K 372 -60.93 94.21 4.31
N ASN K 373 -61.48 94.93 5.29
CA ASN K 373 -62.76 94.58 5.88
C ASN K 373 -64.00 95.01 5.09
N ASN K 374 -63.90 95.95 4.13
CA ASN K 374 -65.12 96.59 3.62
C ASN K 374 -65.23 96.68 2.10
N PRO K 375 -66.43 96.46 1.53
CA PRO K 375 -66.67 96.83 0.13
C PRO K 375 -66.90 98.33 0.00
N VAL K 376 -67.22 98.76 -1.22
CA VAL K 376 -67.12 100.17 -1.57
C VAL K 376 -68.22 100.59 -2.54
N THR K 377 -68.39 101.91 -2.66
CA THR K 377 -69.34 102.57 -3.56
C THR K 377 -68.93 104.03 -3.63
N VAL K 378 -68.65 104.52 -4.84
CA VAL K 378 -67.92 105.79 -4.98
C VAL K 378 -68.52 106.62 -6.11
N THR K 379 -67.82 107.73 -6.42
CA THR K 379 -68.23 108.57 -7.55
C THR K 379 -66.98 109.02 -8.34
N ILE K 380 -66.41 108.16 -9.19
CA ILE K 380 -65.21 108.52 -9.97
C ILE K 380 -65.59 109.23 -11.25
N ASN K 381 -64.79 110.17 -11.74
CA ASN K 381 -65.19 110.98 -12.89
C ASN K 381 -66.44 111.56 -12.33
N ASN K 382 -66.43 111.82 -11.03
CA ASN K 382 -67.63 112.24 -10.32
C ASN K 382 -68.89 111.72 -11.00
N GLN K 383 -68.89 110.44 -11.35
CA GLN K 383 -70.11 109.69 -11.63
C GLN K 383 -70.13 108.48 -10.73
N GLN K 384 -71.33 108.14 -10.25
CA GLN K 384 -71.51 107.29 -9.08
C GLN K 384 -71.43 105.83 -9.49
N PHE K 385 -70.77 105.02 -8.66
CA PHE K 385 -70.65 103.58 -8.90
C PHE K 385 -70.92 102.82 -7.61
N THR K 386 -71.34 101.56 -7.75
CA THR K 386 -71.59 100.67 -6.64
C THR K 386 -70.85 99.37 -6.88
N ILE K 387 -70.13 98.91 -5.86
CA ILE K 387 -69.12 97.87 -6.04
C ILE K 387 -69.24 96.85 -4.92
N ASP K 388 -68.87 95.61 -5.23
CA ASP K 388 -68.52 94.60 -4.25
C ASP K 388 -67.07 94.21 -4.45
N LEU K 389 -66.47 93.63 -3.41
CA LEU K 389 -65.07 93.24 -3.44
C LEU K 389 -64.95 91.74 -3.21
N LYS K 390 -64.02 91.09 -3.90
CA LYS K 390 -63.79 89.67 -3.71
C LYS K 390 -62.33 89.41 -3.35
N GLN K 391 -62.08 88.18 -2.91
CA GLN K 391 -60.83 87.72 -2.33
C GLN K 391 -60.40 86.40 -2.98
N THR K 392 -59.08 86.21 -3.10
CA THR K 392 -58.55 84.96 -3.64
C THR K 392 -57.13 84.78 -3.14
N ASP K 393 -56.88 83.66 -2.47
CA ASP K 393 -55.53 83.24 -2.11
C ASP K 393 -55.24 81.89 -2.75
N PHE K 394 -53.97 81.65 -3.05
CA PHE K 394 -53.55 80.55 -3.89
C PHE K 394 -53.12 79.33 -3.07
N ILE K 395 -53.27 79.41 -1.76
CA ILE K 395 -53.05 78.28 -0.85
C ILE K 395 -54.15 78.35 0.19
N LYS K 396 -54.68 77.19 0.59
CA LYS K 396 -55.68 77.18 1.64
C LYS K 396 -55.59 75.91 2.47
N SER K 397 -55.86 76.07 3.75
CA SER K 397 -56.01 74.98 4.71
C SER K 397 -57.23 75.29 5.56
N LYS K 398 -57.39 74.62 6.70
CA LYS K 398 -58.67 74.65 7.39
C LYS K 398 -58.65 75.20 8.82
N MET K 399 -57.50 75.63 9.35
CA MET K 399 -57.46 76.07 10.74
C MET K 399 -58.26 77.35 10.93
N THR K 400 -58.93 77.45 12.08
CA THR K 400 -59.69 78.64 12.41
C THR K 400 -58.77 79.78 12.80
N ASP K 401 -59.14 80.99 12.40
CA ASP K 401 -58.41 82.18 12.79
C ASP K 401 -58.88 82.68 14.15
N THR K 402 -58.23 83.75 14.63
CA THR K 402 -58.55 84.27 15.95
C THR K 402 -60.02 84.58 16.10
N ASP K 403 -60.60 85.29 15.14
CA ASP K 403 -62.01 85.67 15.26
C ASP K 403 -62.96 84.50 14.97
N GLY K 404 -62.44 83.28 14.86
CA GLY K 404 -63.27 82.10 14.75
C GLY K 404 -63.58 81.65 13.34
N ASN K 405 -62.81 82.07 12.36
CA ASN K 405 -63.08 81.76 10.96
C ASN K 405 -61.92 80.96 10.38
N ALA K 406 -62.24 80.03 9.49
CA ALA K 406 -61.21 79.24 8.82
C ALA K 406 -60.22 80.19 8.15
N ALA K 407 -58.93 80.01 8.42
CA ALA K 407 -57.93 80.90 7.87
C ALA K 407 -57.96 80.84 6.35
N ASN K 408 -57.66 81.98 5.73
CA ASN K 408 -57.89 82.19 4.30
C ASN K 408 -56.85 83.19 3.81
N GLY K 409 -57.10 83.81 2.66
CA GLY K 409 -56.15 84.75 2.11
C GLY K 409 -55.89 85.92 3.04
N ALA K 410 -56.91 86.30 3.81
CA ALA K 410 -56.84 87.47 4.67
C ALA K 410 -56.43 87.05 6.07
N ASP K 411 -55.94 85.82 6.18
CA ASP K 411 -55.60 85.23 7.47
C ASP K 411 -54.50 84.20 7.24
N TYR K 412 -53.26 84.59 7.53
CA TYR K 412 -52.11 83.75 7.23
C TYR K 412 -51.44 83.27 8.50
N ASP K 413 -51.20 84.17 9.45
CA ASP K 413 -50.76 83.80 10.78
C ASP K 413 -51.86 83.93 11.80
N ASN K 414 -53.01 84.48 11.41
CA ASN K 414 -54.18 84.57 12.27
C ASN K 414 -54.83 83.20 12.35
N VAL K 415 -54.32 82.36 13.24
CA VAL K 415 -54.78 80.97 13.37
C VAL K 415 -54.56 80.53 14.81
N TYR K 416 -55.49 79.72 15.31
CA TYR K 416 -55.24 79.03 16.56
C TYR K 416 -54.26 77.89 16.31
N PHE K 417 -53.66 77.41 17.40
CA PHE K 417 -52.58 76.44 17.28
C PHE K 417 -53.14 75.04 17.06
N GLU K 418 -52.28 74.15 16.55
CA GLU K 418 -52.68 72.81 16.17
C GLU K 418 -52.82 71.98 17.44
N LYS K 419 -54.05 71.53 17.71
CA LYS K 419 -54.43 70.95 18.99
C LYS K 419 -54.79 69.49 18.78
N ASN K 420 -54.12 68.60 19.52
CA ASN K 420 -54.22 67.17 19.25
C ASN K 420 -54.19 66.45 20.60
N GLY K 421 -55.27 65.74 20.91
CA GLY K 421 -55.33 65.06 22.20
C GLY K 421 -55.13 66.06 23.31
N ASN K 422 -54.32 65.66 24.30
CA ASN K 422 -53.87 66.58 25.34
C ASN K 422 -52.64 67.36 24.92
N THR K 423 -52.38 67.45 23.62
CA THR K 423 -51.17 68.06 23.10
C THR K 423 -51.53 69.14 22.08
N VAL K 424 -50.71 70.19 22.04
CA VAL K 424 -50.88 71.28 21.10
C VAL K 424 -49.50 71.70 20.63
N TYR K 425 -49.44 72.33 19.46
CA TYR K 425 -48.15 72.80 18.96
C TYR K 425 -48.34 73.66 17.72
N GLY K 426 -47.47 74.65 17.59
CA GLY K 426 -47.30 75.32 16.32
C GLY K 426 -46.53 74.43 15.37
N ASN K 427 -47.19 73.97 14.32
CA ASN K 427 -46.67 72.88 13.50
C ASN K 427 -45.66 73.32 12.44
N VAL K 428 -45.09 74.52 12.56
CA VAL K 428 -44.05 74.93 11.62
C VAL K 428 -42.68 74.71 12.25
N SER K 429 -41.83 73.96 11.57
CA SER K 429 -40.51 73.64 12.08
C SER K 429 -39.64 74.89 12.14
N GLN K 430 -39.45 75.42 13.35
CA GLN K 430 -38.57 76.57 13.51
C GLN K 430 -37.13 76.11 13.43
N VAL K 431 -36.36 76.79 12.59
CA VAL K 431 -35.08 76.26 12.13
C VAL K 431 -34.01 77.34 12.23
N ILE K 432 -32.87 76.97 12.84
CA ILE K 432 -31.81 77.93 13.09
C ILE K 432 -31.30 78.52 11.78
N LYS K 433 -30.88 79.79 11.85
CA LYS K 433 -30.38 80.48 10.67
C LYS K 433 -29.05 79.89 10.21
N GLY K 434 -28.84 79.90 8.89
CA GLY K 434 -27.57 79.50 8.32
C GLY K 434 -27.38 78.00 8.34
N SER K 435 -27.15 77.44 9.53
CA SER K 435 -27.08 76.00 9.66
C SER K 435 -28.38 75.34 9.22
N ASN K 436 -29.49 76.06 9.34
CA ASN K 436 -30.80 75.51 9.03
C ASN K 436 -31.08 74.25 9.85
N ALA K 437 -30.53 74.21 11.06
CA ALA K 437 -30.89 73.18 12.02
C ALA K 437 -32.14 73.60 12.78
N TYR K 438 -32.76 72.64 13.44
CA TYR K 438 -34.03 72.89 14.11
C TYR K 438 -33.85 73.75 15.36
N ALA K 439 -34.96 74.27 15.85
CA ALA K 439 -34.97 74.99 17.12
C ALA K 439 -35.02 74.00 18.28
N THR K 440 -34.51 74.45 19.43
CA THR K 440 -34.48 73.63 20.63
C THR K 440 -34.73 74.52 21.84
N ASP K 441 -35.12 73.89 22.95
CA ASP K 441 -35.25 74.61 24.20
C ASP K 441 -34.06 75.54 24.41
N SER K 442 -32.85 74.97 24.43
CA SER K 442 -31.66 75.77 24.63
C SER K 442 -31.47 76.81 23.55
N THR K 443 -31.96 76.56 22.34
CA THR K 443 -31.78 77.51 21.26
C THR K 443 -32.41 78.85 21.62
N LYS K 444 -31.73 79.92 21.24
CA LYS K 444 -32.15 81.28 21.56
C LYS K 444 -32.75 81.96 20.35
N LEU K 445 -33.46 83.06 20.62
CA LEU K 445 -34.13 83.78 19.54
C LEU K 445 -33.13 84.24 18.49
N SER K 446 -31.92 84.57 18.92
CA SER K 446 -30.88 84.97 17.97
C SER K 446 -30.73 83.95 16.86
N GLU K 447 -30.77 82.67 17.20
CA GLU K 447 -30.43 81.62 16.24
C GLU K 447 -31.46 81.54 15.12
N VAL K 448 -32.72 81.88 15.39
CA VAL K 448 -33.80 81.64 14.46
C VAL K 448 -34.38 82.94 13.91
N MET K 449 -34.43 83.99 14.71
CA MET K 449 -35.13 85.21 14.35
C MET K 449 -34.66 85.74 12.99
N ALA K 450 -35.61 85.94 12.07
CA ALA K 450 -35.29 86.37 10.71
C ALA K 450 -34.91 87.83 10.64
N GLY K 451 -35.31 88.64 11.61
CA GLY K 451 -34.89 90.03 11.69
C GLY K 451 -33.86 90.16 12.80
N ASP K 452 -32.68 90.68 12.48
CA ASP K 452 -31.52 90.50 13.34
C ASP K 452 -31.59 91.34 14.61
N SER K 453 -32.75 91.93 14.89
CA SER K 453 -33.03 92.46 16.20
C SER K 453 -34.53 92.45 16.44
N LEU K 454 -34.93 92.03 17.63
CA LEU K 454 -36.33 92.09 18.02
C LEU K 454 -36.81 93.51 18.22
N ASN K 455 -35.96 94.49 17.93
CA ASN K 455 -36.38 95.86 17.77
C ASN K 455 -37.69 95.91 16.99
N GLY K 456 -38.70 96.57 17.55
CA GLY K 456 -39.97 96.71 16.86
C GLY K 456 -40.69 95.39 16.67
N THR K 457 -40.19 94.33 17.30
CA THR K 457 -40.81 93.02 17.24
C THR K 457 -41.56 92.81 18.55
N THR K 458 -42.84 92.48 18.45
CA THR K 458 -43.73 92.57 19.61
C THR K 458 -44.79 91.48 19.48
N LEU K 459 -44.55 90.34 20.11
CA LEU K 459 -45.48 89.22 20.11
C LEU K 459 -46.59 89.44 21.13
N ASN K 460 -47.79 89.04 20.75
CA ASN K 460 -48.97 89.20 21.58
C ASN K 460 -49.81 87.95 21.44
N LEU K 461 -50.55 87.62 22.49
CA LEU K 461 -51.01 86.24 22.65
C LEU K 461 -52.33 86.21 23.39
N LYS K 462 -53.25 85.38 22.92
CA LYS K 462 -54.53 85.13 23.57
C LYS K 462 -54.55 83.72 24.13
N VAL K 463 -55.19 83.55 25.28
CA VAL K 463 -55.15 82.28 26.01
C VAL K 463 -56.53 81.93 26.53
N ASN K 464 -56.84 80.63 26.53
CA ASN K 464 -57.78 80.02 27.46
C ASN K 464 -56.97 79.12 28.38
N SER K 465 -56.96 79.45 29.67
CA SER K 465 -56.03 78.85 30.60
C SER K 465 -56.39 77.38 30.83
N LYS K 466 -55.60 76.71 31.67
CA LYS K 466 -55.92 75.33 32.04
C LYS K 466 -57.29 75.23 32.67
N GLY K 467 -57.77 76.29 33.30
CA GLY K 467 -59.16 76.42 33.68
C GLY K 467 -60.00 77.06 32.60
N GLY K 468 -59.50 77.10 31.36
CA GLY K 468 -60.15 77.82 30.30
C GLY K 468 -60.16 79.33 30.46
N ASN K 469 -59.63 79.84 31.56
CA ASN K 469 -59.67 81.27 31.81
C ASN K 469 -59.01 82.01 30.65
N SER K 470 -59.68 83.04 30.17
CA SER K 470 -59.27 83.74 28.95
C SER K 470 -58.36 84.91 29.31
N TYR K 471 -57.18 84.94 28.71
CA TYR K 471 -56.22 86.01 28.93
C TYR K 471 -55.69 86.54 27.60
N ASP K 472 -55.26 87.80 27.64
CA ASP K 472 -54.40 88.38 26.61
C ASP K 472 -52.99 88.51 27.16
N VAL K 473 -52.01 88.43 26.27
CA VAL K 473 -50.63 88.73 26.61
C VAL K 473 -50.03 89.53 25.47
N THR K 474 -49.41 90.66 25.81
CA THR K 474 -48.79 91.54 24.85
C THR K 474 -47.35 91.77 25.28
N ILE K 475 -46.41 91.46 24.40
CA ILE K 475 -45.00 91.45 24.75
C ILE K 475 -44.26 92.31 23.75
N ASN K 476 -43.40 93.22 24.24
CA ASN K 476 -42.39 93.84 23.39
C ASN K 476 -41.11 93.04 23.53
N LEU K 477 -40.64 92.47 22.42
CA LEU K 477 -39.44 91.66 22.47
C LEU K 477 -38.18 92.52 22.58
N GLN K 478 -38.19 93.70 21.96
CA GLN K 478 -37.04 94.59 22.06
C GLN K 478 -36.75 94.92 23.51
N THR K 479 -37.68 95.61 24.16
CA THR K 479 -37.54 95.97 25.56
C THR K 479 -37.80 94.79 26.50
N SER K 480 -38.27 93.66 25.98
CA SER K 480 -38.44 92.45 26.77
C SER K 480 -39.37 92.70 27.95
N THR K 481 -40.62 93.01 27.61
CA THR K 481 -41.63 93.35 28.60
C THR K 481 -42.91 92.61 28.28
N VAL K 482 -43.53 92.01 29.28
CA VAL K 482 -44.72 91.19 29.12
C VAL K 482 -45.88 91.87 29.84
N SER K 483 -47.05 91.89 29.19
CA SER K 483 -48.22 92.57 29.74
C SER K 483 -49.44 91.66 29.60
N TYR K 484 -50.44 91.94 30.43
CA TYR K 484 -51.58 91.04 30.61
C TYR K 484 -52.70 91.81 31.29
N PRO K 485 -53.96 91.36 31.16
CA PRO K 485 -55.08 92.11 31.73
C PRO K 485 -55.31 91.84 33.20
N ASP K 486 -56.02 92.74 33.88
CA ASP K 486 -56.24 92.58 35.31
C ASP K 486 -57.47 91.73 35.61
N PRO K 487 -57.25 90.51 36.12
CA PRO K 487 -58.38 89.64 36.42
C PRO K 487 -59.20 90.20 37.56
N ASN K 488 -58.52 90.75 38.56
CA ASN K 488 -59.21 91.28 39.73
C ASN K 488 -59.95 92.55 39.41
N ASN K 489 -59.27 93.48 38.76
CA ASN K 489 -59.88 94.75 38.41
C ASN K 489 -59.53 95.07 36.98
N PRO K 490 -60.16 94.37 36.03
CA PRO K 490 -59.82 94.56 34.62
C PRO K 490 -60.02 95.99 34.16
N GLY K 491 -59.40 96.35 33.04
CA GLY K 491 -59.49 97.71 32.55
C GLY K 491 -58.09 98.25 32.33
N GLN K 492 -57.09 97.52 32.81
CA GLN K 492 -55.71 97.93 32.63
C GLN K 492 -54.84 96.72 32.37
N THR K 493 -54.11 96.72 31.26
CA THR K 493 -53.19 95.64 30.99
C THR K 493 -52.00 95.86 31.89
N ILE K 494 -51.65 94.85 32.68
CA ILE K 494 -50.56 95.01 33.65
C ILE K 494 -49.42 94.09 33.24
N SER K 495 -48.20 94.45 33.66
CA SER K 495 -47.01 93.90 33.03
C SER K 495 -45.90 93.66 34.04
N PHE K 496 -44.94 92.86 33.61
CA PHE K 496 -43.64 92.70 34.25
C PHE K 496 -42.57 92.73 33.18
N PRO K 497 -41.40 93.29 33.48
CA PRO K 497 -40.27 93.14 32.56
C PRO K 497 -39.73 91.72 32.59
N ILE K 498 -39.36 91.20 31.42
CA ILE K 498 -38.87 89.84 31.33
C ILE K 498 -37.52 89.76 32.01
N MET K 499 -37.36 88.77 32.89
CA MET K 499 -36.08 88.45 33.49
C MET K 499 -35.57 87.13 32.94
N HIS K 500 -34.91 87.19 31.77
CA HIS K 500 -34.50 85.95 31.11
C HIS K 500 -33.52 85.18 31.98
N THR K 501 -32.57 85.88 32.58
CA THR K 501 -31.70 85.43 33.66
C THR K 501 -30.75 84.30 33.29
N ASN K 502 -30.93 83.67 32.12
CA ASN K 502 -30.07 82.58 31.66
C ASN K 502 -29.60 81.74 32.86
N PRO K 503 -28.45 81.04 32.84
CA PRO K 503 -28.02 80.35 34.08
C PRO K 503 -27.34 81.25 35.11
N ALA K 504 -27.55 82.56 35.05
CA ALA K 504 -26.75 83.50 35.82
C ALA K 504 -26.96 83.37 37.34
N THR K 505 -25.83 83.39 38.06
CA THR K 505 -25.74 83.77 39.46
C THR K 505 -26.33 82.79 40.46
N GLY K 506 -26.98 81.73 40.00
CA GLY K 506 -27.65 80.86 40.95
C GLY K 506 -28.85 81.59 41.51
N ASN K 507 -28.59 82.64 42.29
CA ASN K 507 -29.61 83.64 42.57
C ASN K 507 -30.18 84.11 41.25
N SER K 508 -31.45 83.82 41.00
CA SER K 508 -32.04 83.92 39.67
C SER K 508 -32.94 85.15 39.59
N GLY K 509 -33.60 85.28 38.45
CA GLY K 509 -34.44 86.44 38.20
C GLY K 509 -33.69 87.61 37.57
N VAL K 510 -32.58 87.33 36.89
CA VAL K 510 -31.77 88.38 36.29
C VAL K 510 -32.42 88.87 35.00
N VAL K 511 -32.06 90.10 34.59
CA VAL K 511 -32.72 90.83 33.51
C VAL K 511 -32.57 90.13 32.17
N THR K 512 -33.32 90.61 31.18
CA THR K 512 -33.41 89.99 29.86
C THR K 512 -32.21 90.30 28.99
N GLY K 513 -31.88 89.35 28.11
CA GLY K 513 -31.11 89.63 26.91
C GLY K 513 -31.97 89.32 25.71
N SER K 514 -32.37 90.35 24.96
CA SER K 514 -33.51 90.23 24.06
C SER K 514 -33.36 89.04 23.11
N ASN K 515 -32.22 88.94 22.42
CA ASN K 515 -32.07 87.89 21.42
C ASN K 515 -31.70 86.55 22.03
N ASP K 516 -31.23 86.55 23.28
CA ASP K 516 -30.51 85.39 23.79
C ASP K 516 -31.34 84.50 24.70
N ILE K 517 -32.65 84.74 24.84
CA ILE K 517 -33.45 83.85 25.66
C ILE K 517 -33.56 82.51 24.97
N THR K 518 -33.24 81.44 25.70
CA THR K 518 -33.45 80.10 25.17
C THR K 518 -34.95 79.83 25.06
N TYR K 519 -35.32 79.04 24.06
CA TYR K 519 -36.72 78.68 23.90
C TYR K 519 -37.20 77.85 25.08
N GLY K 520 -36.29 77.15 25.76
CA GLY K 520 -36.66 76.47 26.98
C GLY K 520 -37.08 77.43 28.06
N GLN K 521 -36.34 78.53 28.22
CA GLN K 521 -36.77 79.58 29.14
C GLN K 521 -38.17 80.05 28.79
N ILE K 522 -38.47 80.14 27.49
CA ILE K 522 -39.80 80.51 27.06
C ILE K 522 -40.81 79.45 27.48
N ASN K 523 -40.42 78.18 27.37
CA ASN K 523 -41.39 77.09 27.41
C ASN K 523 -42.11 77.01 28.75
N ASP K 524 -41.34 77.00 29.86
CA ASP K 524 -41.96 76.86 31.16
C ASP K 524 -42.83 78.06 31.51
N ILE K 525 -42.41 79.25 31.08
CA ILE K 525 -43.20 80.46 31.37
C ILE K 525 -44.62 80.29 30.85
N ILE K 526 -44.75 79.72 29.65
CA ILE K 526 -46.06 79.56 29.04
C ILE K 526 -46.95 78.70 29.92
N GLY K 527 -46.41 77.57 30.39
CA GLY K 527 -47.20 76.70 31.25
C GLY K 527 -47.68 77.41 32.49
N MET K 528 -46.83 78.25 33.09
CA MET K 528 -47.23 78.99 34.27
C MET K 528 -48.37 79.95 33.96
N PHE K 529 -48.25 80.69 32.86
CA PHE K 529 -49.32 81.60 32.48
C PHE K 529 -50.59 80.85 32.15
N ALA K 530 -50.51 79.84 31.29
CA ALA K 530 -51.66 78.99 31.04
C ALA K 530 -52.12 78.32 32.32
N ALA K 531 -51.23 78.23 33.31
CA ALA K 531 -51.57 77.70 34.63
C ALA K 531 -52.14 78.81 35.51
N ASP K 532 -52.70 79.85 34.89
CA ASP K 532 -53.49 80.89 35.54
C ASP K 532 -52.65 81.92 36.28
N LYS K 533 -51.34 81.94 36.08
CA LYS K 533 -50.47 82.82 36.86
C LYS K 533 -50.11 84.07 36.06
N ILE K 534 -51.08 84.99 36.02
CA ILE K 534 -50.90 86.28 35.35
C ILE K 534 -50.60 87.31 36.45
N PRO K 535 -49.39 87.84 36.53
CA PRO K 535 -49.02 88.63 37.73
C PRO K 535 -49.33 90.12 37.65
N THR K 536 -50.61 90.46 37.76
CA THR K 536 -50.97 91.86 37.98
C THR K 536 -50.40 92.37 39.30
N THR K 537 -50.21 91.47 40.26
CA THR K 537 -49.33 91.74 41.40
C THR K 537 -47.90 91.58 40.88
N THR K 538 -47.55 92.43 39.93
CA THR K 538 -46.36 92.24 39.12
C THR K 538 -45.09 92.40 39.94
N ILE K 539 -44.01 91.80 39.45
CA ILE K 539 -42.72 91.83 40.09
C ILE K 539 -41.67 92.13 39.02
N GLN K 540 -40.66 92.91 39.39
CA GLN K 540 -39.77 93.50 38.41
C GLN K 540 -38.33 93.47 38.91
N ALA K 541 -37.40 93.64 37.96
CA ALA K 541 -35.98 93.75 38.24
C ALA K 541 -35.72 94.73 39.38
N ASN K 542 -34.80 94.37 40.26
CA ASN K 542 -34.30 95.35 41.22
C ASN K 542 -33.15 96.11 40.55
N ASN K 543 -33.37 96.58 39.33
CA ASN K 543 -32.34 97.12 38.46
C ASN K 543 -31.32 96.03 38.10
N GLY K 544 -31.51 94.83 38.63
CA GLY K 544 -30.69 93.68 38.36
C GLY K 544 -31.59 92.46 38.41
N GLN K 545 -31.20 91.43 39.15
CA GLN K 545 -32.14 90.37 39.46
C GLN K 545 -33.24 90.89 40.36
N ILE K 546 -34.43 90.34 40.20
CA ILE K 546 -35.39 90.38 41.29
C ILE K 546 -34.82 89.54 42.42
N ASN K 547 -34.65 90.15 43.58
CA ASN K 547 -33.93 89.46 44.64
C ASN K 547 -34.59 88.11 44.93
N ASN K 548 -33.83 87.23 45.58
CA ASN K 548 -34.28 85.85 45.76
C ASN K 548 -35.68 85.79 46.34
N ALA K 549 -35.99 86.64 47.31
CA ALA K 549 -37.35 86.71 47.83
C ALA K 549 -38.34 86.98 46.70
N ASP K 550 -37.99 87.94 45.83
CA ASP K 550 -38.85 88.21 44.68
C ASP K 550 -38.97 86.98 43.80
N TYR K 551 -37.83 86.37 43.46
CA TYR K 551 -37.85 85.30 42.46
C TYR K 551 -38.52 84.05 43.00
N THR K 552 -38.13 83.62 44.20
CA THR K 552 -38.68 82.39 44.77
C THR K 552 -40.20 82.46 44.85
N GLN K 553 -40.74 83.59 45.28
CA GLN K 553 -42.18 83.80 45.18
C GLN K 553 -42.65 83.52 43.77
N ILE K 554 -41.97 84.08 42.77
CA ILE K 554 -42.38 83.84 41.40
C ILE K 554 -42.11 82.40 41.03
N GLN K 555 -41.01 81.84 41.52
CA GLN K 555 -40.74 80.43 41.26
C GLN K 555 -41.90 79.56 41.74
N GLN K 556 -42.50 79.90 42.88
CA GLN K 556 -43.72 79.22 43.28
C GLN K 556 -44.73 79.22 42.14
N LEU K 557 -44.86 80.35 41.43
CA LEU K 557 -45.75 80.40 40.29
C LEU K 557 -45.30 79.43 39.20
N MET K 558 -43.99 79.36 38.96
CA MET K 558 -43.49 78.38 37.99
C MET K 558 -43.75 76.96 38.44
N LYS K 559 -43.64 76.69 39.75
CA LYS K 559 -43.90 75.34 40.22
C LYS K 559 -45.32 74.90 39.88
N ASP K 560 -46.25 75.85 39.73
CA ASP K 560 -47.54 75.52 39.16
C ASP K 560 -47.37 74.99 37.75
N SER K 561 -46.62 75.69 36.91
CA SER K 561 -46.35 75.22 35.56
C SER K 561 -45.75 73.83 35.58
N GLN K 562 -44.72 73.66 36.41
CA GLN K 562 -44.05 72.36 36.48
C GLN K 562 -45.01 71.27 36.91
N ALA K 563 -45.91 71.58 37.85
CA ALA K 563 -46.91 70.62 38.27
C ALA K 563 -47.94 70.37 37.16
N THR K 564 -48.28 71.41 36.41
CA THR K 564 -49.46 71.37 35.56
C THR K 564 -49.16 71.16 34.07
N VAL K 565 -48.13 71.80 33.54
CA VAL K 565 -47.99 71.94 32.09
C VAL K 565 -46.59 71.55 31.65
N ASP K 566 -46.47 71.16 30.39
CA ASP K 566 -45.20 71.02 29.71
C ASP K 566 -45.24 71.79 28.40
N VAL K 567 -44.11 72.43 28.07
CA VAL K 567 -43.90 73.04 26.77
C VAL K 567 -42.46 72.74 26.36
N SER K 568 -42.27 72.45 25.08
CA SER K 568 -40.94 72.08 24.61
C SER K 568 -40.86 72.28 23.10
N MET K 569 -39.62 72.44 22.62
CA MET K 569 -39.34 72.48 21.19
C MET K 569 -39.05 71.05 20.73
N ASP K 570 -39.75 70.61 19.69
CA ASP K 570 -39.85 69.20 19.40
C ASP K 570 -38.79 68.74 18.40
N TYR K 571 -38.98 67.51 17.92
CA TYR K 571 -37.93 66.79 17.19
C TYR K 571 -37.53 67.46 15.89
N LYS K 572 -38.35 68.34 15.34
CA LYS K 572 -37.96 69.12 14.16
C LYS K 572 -38.16 70.61 14.40
N GLY K 573 -37.81 71.08 15.59
CA GLY K 573 -37.87 72.51 15.87
C GLY K 573 -39.30 73.02 15.96
N ARG K 574 -40.27 72.11 15.90
CA ARG K 574 -41.65 72.50 16.12
C ARG K 574 -41.91 72.49 17.62
N ILE K 575 -43.15 72.71 18.00
CA ILE K 575 -43.51 72.88 19.41
C ILE K 575 -44.11 71.59 19.94
N SER K 576 -44.02 71.41 21.25
CA SER K 576 -44.71 70.35 21.95
C SER K 576 -45.23 70.87 23.29
N VAL K 577 -46.48 70.54 23.59
CA VAL K 577 -47.13 70.99 24.81
C VAL K 577 -47.93 69.83 25.37
N THR K 578 -48.04 69.78 26.70
CA THR K 578 -48.73 68.69 27.37
C THR K 578 -49.77 69.25 28.32
N ASP K 579 -50.99 68.74 28.21
CA ASP K 579 -52.03 68.97 29.20
C ASP K 579 -52.10 67.74 30.09
N LYS K 580 -51.65 67.88 31.33
CA LYS K 580 -51.50 66.75 32.25
C LYS K 580 -52.77 66.49 33.04
N LEU K 581 -53.86 66.23 32.32
CA LEU K 581 -55.14 65.89 32.94
C LEU K 581 -55.72 64.63 32.30
N SER K 582 -55.48 64.46 31.01
CA SER K 582 -56.03 63.35 30.23
C SER K 582 -55.29 63.34 28.90
N SER K 583 -55.80 62.57 27.94
CA SER K 583 -55.36 62.69 26.55
C SER K 583 -56.14 63.75 25.81
N GLY K 584 -56.77 64.66 26.55
CA GLY K 584 -57.39 65.83 25.95
C GLY K 584 -56.97 67.06 26.74
N THR K 585 -57.08 68.22 26.09
CA THR K 585 -56.61 69.47 26.67
C THR K 585 -57.69 70.55 26.64
N ASN K 586 -57.78 71.29 27.74
CA ASN K 586 -58.70 72.42 27.83
C ASN K 586 -58.16 73.66 27.10
N ILE K 587 -56.86 73.90 27.25
CA ILE K 587 -56.28 75.19 26.91
C ILE K 587 -56.44 75.49 25.42
N GLU K 588 -56.62 76.77 25.09
CA GLU K 588 -56.78 77.22 23.71
C GLU K 588 -56.04 78.54 23.51
N ILE K 589 -55.33 78.65 22.39
CA ILE K 589 -54.48 79.82 22.09
C ILE K 589 -54.48 80.13 20.60
N SER K 590 -54.34 81.42 20.29
CA SER K 590 -53.83 81.89 19.01
C SER K 590 -52.81 82.99 19.29
N LEU K 591 -51.80 83.08 18.42
CA LEU K 591 -50.67 83.98 18.62
C LEU K 591 -50.63 85.06 17.56
N SER K 592 -50.02 86.19 17.93
CA SER K 592 -49.89 87.32 17.02
C SER K 592 -48.66 88.13 17.39
N ASP K 593 -48.22 88.95 16.44
CA ASP K 593 -47.19 89.95 16.67
C ASP K 593 -47.63 91.29 16.10
N SER K 594 -46.91 92.35 16.48
CA SER K 594 -47.11 93.66 15.86
C SER K 594 -46.80 93.60 14.38
N GLN K 595 -45.91 92.69 13.99
CA GLN K 595 -45.47 92.58 12.60
C GLN K 595 -46.44 91.80 11.72
N SER K 596 -47.49 91.21 12.29
CA SER K 596 -48.46 90.50 11.49
C SER K 596 -49.25 91.47 10.61
N GLY K 597 -49.88 90.93 9.58
CA GLY K 597 -50.78 91.75 8.78
C GLY K 597 -50.03 92.69 7.84
N GLN K 598 -49.95 93.95 8.25
CA GLN K 598 -49.68 95.10 7.38
C GLN K 598 -48.69 94.82 6.25
N PHE K 599 -49.07 95.23 5.03
CA PHE K 599 -48.33 95.03 3.79
C PHE K 599 -47.93 96.37 3.19
N PRO K 600 -47.25 96.38 2.01
CA PRO K 600 -46.99 97.65 1.32
C PRO K 600 -48.28 98.43 1.07
N ALA K 601 -48.17 99.68 0.60
CA ALA K 601 -49.34 100.50 0.32
C ALA K 601 -49.30 100.99 -1.12
N PRO K 602 -50.44 101.05 -1.81
CA PRO K 602 -50.44 101.58 -3.18
C PRO K 602 -50.33 103.09 -3.18
N PRO K 603 -50.28 103.72 -4.36
CA PRO K 603 -50.39 103.14 -5.70
C PRO K 603 -49.21 102.26 -6.07
N PHE K 604 -49.48 100.99 -6.39
CA PHE K 604 -48.45 100.11 -6.91
C PHE K 604 -48.29 100.28 -8.41
N THR K 605 -47.16 99.80 -8.92
CA THR K 605 -47.05 99.48 -10.33
C THR K 605 -47.62 98.08 -10.55
N THR K 606 -47.64 97.67 -11.83
CA THR K 606 -47.79 96.25 -12.14
C THR K 606 -46.41 95.58 -11.98
N THR K 607 -45.85 95.80 -10.79
CA THR K 607 -44.48 95.45 -10.44
C THR K 607 -44.35 95.69 -8.93
N SER K 608 -43.30 95.12 -8.35
CA SER K 608 -43.25 94.93 -6.91
C SER K 608 -43.16 96.23 -6.13
N THR K 609 -43.89 96.28 -5.02
CA THR K 609 -43.62 97.16 -3.88
C THR K 609 -43.48 96.26 -2.67
N VAL K 610 -42.42 96.47 -1.88
CA VAL K 610 -41.90 95.42 -1.02
C VAL K 610 -41.80 95.89 0.44
N GLN K 611 -41.87 94.91 1.34
CA GLN K 611 -41.53 95.08 2.74
C GLN K 611 -40.87 93.80 3.23
N ASN K 612 -40.32 93.86 4.44
CA ASN K 612 -39.75 92.68 5.07
C ASN K 612 -40.85 91.85 5.72
N GLY K 613 -40.54 90.57 5.96
CA GLY K 613 -41.52 89.62 6.43
C GLY K 613 -41.44 89.39 7.93
N PRO K 614 -42.17 88.39 8.42
CA PRO K 614 -42.19 88.14 9.87
C PRO K 614 -40.85 87.68 10.41
N ASN K 615 -40.59 88.04 11.67
CA ASN K 615 -39.42 87.58 12.39
C ASN K 615 -39.59 86.17 12.97
N PHE K 616 -40.81 85.65 13.00
CA PHE K 616 -41.09 84.39 13.69
C PHE K 616 -42.27 83.71 13.03
N SER K 617 -42.51 82.45 13.43
CA SER K 617 -43.57 81.66 12.83
C SER K 617 -43.97 80.54 13.81
N PHE K 618 -45.26 80.22 13.81
CA PHE K 618 -45.75 79.06 14.54
C PHE K 618 -46.62 78.18 13.66
N SER K 619 -47.44 78.81 12.81
CA SER K 619 -48.33 78.09 11.91
C SER K 619 -48.99 79.09 10.98
N ALA K 620 -49.15 78.71 9.71
CA ALA K 620 -49.70 79.65 8.74
C ALA K 620 -50.12 78.92 7.48
N ASN K 621 -50.87 79.66 6.65
CA ASN K 621 -51.32 79.18 5.33
C ASN K 621 -50.23 79.46 4.30
N ASN K 622 -49.28 78.54 4.22
CA ASN K 622 -48.06 78.71 3.45
C ASN K 622 -47.94 77.65 2.36
N SER K 623 -46.88 77.75 1.57
CA SER K 623 -46.68 76.85 0.45
C SER K 623 -46.44 75.42 0.93
N LEU K 624 -46.43 74.50 -0.02
CA LEU K 624 -46.21 73.08 0.25
C LEU K 624 -44.82 72.68 -0.25
N THR K 625 -44.39 71.48 0.14
CA THR K 625 -43.01 71.07 -0.10
C THR K 625 -42.88 69.57 0.07
N ILE K 626 -42.24 68.92 -0.91
CA ILE K 626 -41.72 67.58 -0.69
C ILE K 626 -40.28 67.48 -1.21
N ASP K 627 -39.34 67.74 -0.32
CA ASP K 627 -37.94 67.36 -0.49
C ASP K 627 -37.23 67.82 0.78
N GLU K 628 -36.24 67.05 1.22
CA GLU K 628 -35.66 67.36 2.52
C GLU K 628 -34.31 66.70 2.71
N PRO K 629 -33.31 67.43 3.23
CA PRO K 629 -32.07 66.76 3.65
C PRO K 629 -32.27 65.81 4.82
N ASN K 630 -33.35 65.95 5.59
CA ASN K 630 -33.62 65.14 6.76
C ASN K 630 -34.64 64.05 6.40
N VAL K 631 -35.01 63.24 7.39
CA VAL K 631 -35.85 62.07 7.17
C VAL K 631 -36.97 62.06 8.22
N ASP K 632 -38.17 61.67 7.78
CA ASP K 632 -39.34 61.65 8.65
C ASP K 632 -40.23 60.43 8.41
N ILE K 633 -39.62 59.25 8.41
CA ILE K 633 -40.23 58.07 7.76
C ILE K 633 -41.68 57.86 8.23
N ILE K 634 -41.88 57.61 9.52
CA ILE K 634 -43.16 57.05 9.96
C ILE K 634 -44.30 57.96 9.53
N LYS K 635 -44.20 59.25 9.84
CA LYS K 635 -45.21 60.19 9.37
C LYS K 635 -45.33 60.15 7.86
N ASP K 636 -44.21 60.01 7.16
CA ASP K 636 -44.23 60.03 5.71
C ASP K 636 -44.99 58.84 5.15
N LEU K 637 -44.80 57.65 5.73
CA LEU K 637 -45.47 56.46 5.24
C LEU K 637 -46.98 56.60 5.32
N ASP K 638 -47.47 57.08 6.46
CA ASP K 638 -48.92 57.23 6.63
C ASP K 638 -49.50 58.23 5.65
N SER K 639 -48.70 59.21 5.23
CA SER K 639 -49.16 60.14 4.20
C SER K 639 -49.44 59.40 2.90
N MET K 640 -48.57 58.45 2.55
CA MET K 640 -48.77 57.69 1.32
C MET K 640 -50.08 56.93 1.36
N ILE K 641 -50.30 56.15 2.42
CA ILE K 641 -51.52 55.34 2.49
C ILE K 641 -52.74 56.24 2.49
N ASP K 642 -52.64 57.42 3.11
CA ASP K 642 -53.73 58.39 3.02
C ASP K 642 -54.01 58.75 1.56
N ALA K 643 -52.96 59.02 0.79
CA ALA K 643 -53.15 59.27 -0.63
C ALA K 643 -53.67 58.02 -1.34
N VAL K 644 -53.33 56.83 -0.84
CA VAL K 644 -53.73 55.60 -1.50
C VAL K 644 -55.25 55.48 -1.53
N LEU K 645 -55.90 55.66 -0.39
CA LEU K 645 -57.34 55.48 -0.34
C LEU K 645 -58.05 56.57 -1.12
N LYS K 646 -57.46 57.77 -1.18
CA LYS K 646 -57.95 58.78 -2.11
C LYS K 646 -57.62 58.42 -3.55
N GLY K 647 -56.45 57.82 -3.78
CA GLY K 647 -55.89 57.77 -5.11
C GLY K 647 -55.36 59.11 -5.56
N ASN K 648 -54.73 59.86 -4.65
CA ASN K 648 -54.33 61.24 -4.89
C ASN K 648 -53.06 61.31 -5.73
N MET K 649 -53.22 61.18 -7.05
CA MET K 649 -52.26 61.81 -7.94
C MET K 649 -52.17 63.29 -7.64
N ARG K 650 -53.31 63.88 -7.30
CA ARG K 650 -53.37 65.24 -6.81
C ARG K 650 -54.53 65.34 -5.84
N ALA K 651 -54.45 66.34 -4.97
CA ALA K 651 -55.51 66.71 -4.05
C ALA K 651 -55.61 68.23 -4.20
N ASP K 652 -56.29 68.90 -3.29
CA ASP K 652 -56.37 70.35 -3.41
C ASP K 652 -56.54 70.97 -2.02
N SER K 653 -56.24 72.26 -1.96
CA SER K 653 -56.29 73.04 -0.73
C SER K 653 -57.58 72.80 0.05
N GLU K 654 -58.67 72.55 -0.65
CA GLU K 654 -59.96 72.39 0.00
C GLU K 654 -60.33 70.94 0.28
N SER K 655 -59.45 69.99 0.00
CA SER K 655 -59.69 68.63 0.45
C SER K 655 -59.71 68.59 1.97
N GLU K 656 -60.48 67.66 2.52
CA GLU K 656 -60.52 67.51 3.97
C GLU K 656 -59.11 67.37 4.53
N ASN K 657 -58.22 66.73 3.77
CA ASN K 657 -56.80 66.86 3.98
C ASN K 657 -56.28 67.77 2.87
N PRO K 658 -56.12 69.07 3.12
CA PRO K 658 -55.79 70.00 2.03
C PRO K 658 -54.56 69.64 1.22
N ARG K 659 -53.67 68.82 1.77
CA ARG K 659 -52.27 68.86 1.35
C ARG K 659 -51.69 67.56 0.82
N ASN K 660 -52.38 66.43 0.92
CA ASN K 660 -51.81 65.16 0.46
C ASN K 660 -52.10 64.96 -1.03
N THR K 661 -51.34 65.68 -1.86
CA THR K 661 -51.44 65.46 -3.31
C THR K 661 -50.23 64.57 -3.37
N GLY K 662 -50.28 63.46 -2.63
CA GLY K 662 -49.08 62.66 -2.47
C GLY K 662 -48.44 61.61 -3.34
N MET K 663 -49.04 61.14 -4.42
CA MET K 663 -48.32 60.10 -5.16
C MET K 663 -46.89 60.51 -5.49
N GLN K 664 -46.69 61.72 -6.02
CA GLN K 664 -45.35 62.11 -6.44
C GLN K 664 -44.46 62.40 -5.24
N GLY K 665 -44.95 63.18 -4.29
CA GLY K 665 -44.16 63.46 -3.10
C GLY K 665 -43.81 62.20 -2.33
N ALA K 666 -44.76 61.28 -2.22
CA ALA K 666 -44.54 60.04 -1.47
C ALA K 666 -43.33 59.30 -2.02
N LEU K 667 -43.26 59.14 -3.35
CA LEU K 667 -42.13 58.44 -3.94
C LEU K 667 -40.84 59.24 -3.83
N GLU K 668 -40.95 60.57 -3.95
CA GLU K 668 -39.76 61.41 -3.79
C GLU K 668 -39.09 61.11 -2.45
N ARG K 669 -39.86 61.15 -1.37
CA ARG K 669 -39.33 60.76 -0.07
C ARG K 669 -38.88 59.31 -0.09
N LEU K 670 -39.70 58.44 -0.69
CA LEU K 670 -39.38 57.01 -0.75
C LEU K 670 -38.08 56.77 -1.50
N ASP K 671 -37.93 57.39 -2.67
CA ASP K 671 -36.86 57.01 -3.57
C ASP K 671 -35.49 57.25 -2.93
N HIS K 672 -35.26 58.46 -2.44
CA HIS K 672 -33.97 58.75 -1.84
C HIS K 672 -33.71 57.87 -0.62
N LEU K 673 -34.77 57.49 0.09
CA LEU K 673 -34.56 56.58 1.21
C LEU K 673 -33.92 55.29 0.74
N ALA K 674 -34.43 54.74 -0.36
CA ALA K 674 -33.77 53.60 -0.99
C ALA K 674 -32.30 53.91 -1.22
N ASP K 675 -32.01 55.09 -1.73
CA ASP K 675 -30.62 55.54 -1.79
C ASP K 675 -30.03 55.70 -0.39
N HIS K 676 -30.83 56.25 0.53
CA HIS K 676 -30.36 56.42 1.91
C HIS K 676 -29.97 55.08 2.51
N VAL K 677 -30.88 54.11 2.46
CA VAL K 677 -30.59 52.82 3.07
C VAL K 677 -29.42 52.16 2.39
N SER K 678 -29.27 52.36 1.08
CA SER K 678 -28.14 51.79 0.35
C SER K 678 -26.83 52.16 1.02
N LYS K 679 -26.66 53.44 1.33
CA LYS K 679 -25.42 53.89 1.97
C LYS K 679 -25.25 53.28 3.35
N LEU K 680 -26.34 53.13 4.11
CA LEU K 680 -26.23 52.60 5.47
C LEU K 680 -25.72 51.17 5.47
N ASN K 681 -26.35 50.30 4.68
CA ASN K 681 -25.87 48.92 4.61
C ASN K 681 -24.44 48.88 4.10
N THR K 682 -24.12 49.75 3.15
CA THR K 682 -22.72 49.93 2.75
C THR K 682 -21.85 50.19 3.97
N THR K 683 -22.32 51.03 4.88
CA THR K 683 -21.59 51.28 6.12
C THR K 683 -21.55 50.03 6.99
N MET K 684 -22.64 49.26 6.99
CA MET K 684 -22.68 48.06 7.81
C MET K 684 -21.65 47.04 7.34
N GLY K 685 -21.79 46.57 6.10
CA GLY K 685 -20.84 45.61 5.58
C GLY K 685 -19.42 46.14 5.55
N ALA K 686 -19.28 47.46 5.36
CA ALA K 686 -17.94 48.02 5.27
C ALA K 686 -17.20 47.87 6.59
N TYR K 687 -17.89 47.91 7.72
CA TYR K 687 -17.27 47.46 8.96
C TYR K 687 -16.66 46.09 8.78
N HIS K 688 -17.43 45.18 8.16
CA HIS K 688 -17.01 43.79 8.05
C HIS K 688 -15.69 43.69 7.30
N ASN K 689 -15.55 44.44 6.21
CA ASN K 689 -14.29 44.44 5.47
C ASN K 689 -13.14 44.81 6.39
N THR K 690 -13.34 45.86 7.19
CA THR K 690 -12.31 46.25 8.16
C THR K 690 -12.12 45.17 9.22
N ILE K 691 -13.22 44.73 9.84
CA ILE K 691 -13.10 43.88 11.02
C ILE K 691 -12.45 42.55 10.65
N GLU K 692 -12.89 41.94 9.57
CA GLU K 692 -12.28 40.68 9.14
C GLU K 692 -10.80 40.88 8.85
N GLY K 693 -10.45 41.96 8.16
CA GLY K 693 -9.05 42.23 7.90
C GLY K 693 -8.23 42.24 9.17
N VAL K 694 -8.77 42.83 10.24
CA VAL K 694 -8.13 42.73 11.53
C VAL K 694 -8.04 41.28 11.98
N ASN K 695 -9.15 40.57 11.91
CA ASN K 695 -9.19 39.19 12.40
C ASN K 695 -8.18 38.33 11.66
N THR K 696 -8.13 38.47 10.33
CA THR K 696 -7.23 37.64 9.53
C THR K 696 -5.78 38.04 9.72
N ARG K 697 -5.47 39.33 9.51
CA ARG K 697 -4.07 39.74 9.45
C ARG K 697 -3.35 39.45 10.76
N THR K 698 -3.99 39.76 11.89
CA THR K 698 -3.38 39.45 13.18
C THR K 698 -3.10 37.96 13.33
N SER K 699 -3.88 37.11 12.67
CA SER K 699 -3.56 35.69 12.64
C SER K 699 -2.16 35.47 12.09
N PHE K 700 -1.83 36.15 10.99
CA PHE K 700 -0.47 36.10 10.48
C PHE K 700 0.51 36.63 11.51
N LEU K 701 0.14 37.72 12.19
CA LEU K 701 1.03 38.32 13.17
C LEU K 701 1.33 37.35 14.31
N SER K 702 0.27 36.76 14.89
CA SER K 702 0.47 35.91 16.06
C SER K 702 1.43 34.77 15.76
N VAL K 703 1.32 34.19 14.56
CA VAL K 703 2.20 33.08 14.20
C VAL K 703 3.66 33.51 14.25
N ASN K 704 3.95 34.74 13.82
CA ASN K 704 5.31 35.24 13.96
C ASN K 704 5.71 35.32 15.43
N VAL K 705 4.83 35.86 16.27
CA VAL K 705 5.10 35.91 17.70
C VAL K 705 5.33 34.50 18.21
N GLN K 706 4.48 33.57 17.80
CA GLN K 706 4.73 32.16 18.11
C GLN K 706 6.06 31.72 17.54
N SER K 707 6.33 32.06 16.28
CA SER K 707 7.63 31.74 15.71
C SER K 707 8.74 32.33 16.57
N ILE K 708 8.66 33.62 16.85
CA ILE K 708 9.63 34.24 17.75
C ILE K 708 9.59 33.53 19.10
N LYS K 709 8.39 33.26 19.59
CA LYS K 709 8.25 32.51 20.83
C LYS K 709 9.03 31.20 20.77
N SER K 710 8.82 30.42 19.70
CA SER K 710 9.54 29.17 19.55
C SER K 710 11.04 29.41 19.37
N ASN K 711 11.41 30.39 18.54
CA ASN K 711 12.82 30.66 18.31
C ASN K 711 13.54 30.94 19.62
N VAL K 712 12.89 31.67 20.52
CA VAL K 712 13.55 32.13 21.73
C VAL K 712 13.88 30.96 22.65
N ILE K 713 12.95 30.01 22.79
CA ILE K 713 12.96 29.14 23.95
C ILE K 713 13.50 27.75 23.62
N ASP K 714 13.05 27.16 22.51
CA ASP K 714 13.32 25.74 22.27
C ASP K 714 14.82 25.50 22.10
N VAL K 715 15.31 24.47 22.80
CA VAL K 715 16.72 24.10 22.68
C VAL K 715 16.97 23.46 21.33
N ASP K 716 18.23 23.46 20.91
CA ASP K 716 18.63 22.63 19.77
C ASP K 716 18.66 21.18 20.25
N TYR K 717 17.58 20.45 19.98
CA TYR K 717 17.45 19.12 20.57
C TYR K 717 18.60 18.22 20.17
N GLY K 718 18.99 18.25 18.90
CA GLY K 718 20.10 17.41 18.47
C GLY K 718 21.42 17.84 19.08
N GLU K 719 21.82 19.09 18.83
CA GLU K 719 23.11 19.58 19.31
C GLU K 719 23.27 19.31 20.81
N ALA K 720 22.28 19.70 21.60
CA ALA K 720 22.38 19.47 23.04
C ALA K 720 22.40 17.97 23.35
N MET K 721 21.57 17.19 22.67
CA MET K 721 21.53 15.76 22.93
C MET K 721 22.90 15.13 22.76
N MET K 722 23.53 15.37 21.62
CA MET K 722 24.84 14.79 21.37
C MET K 722 25.92 15.50 22.19
N ASN K 723 25.79 16.81 22.39
CA ASN K 723 26.72 17.50 23.27
C ASN K 723 26.62 16.98 24.69
N LEU K 724 25.40 16.78 25.18
CA LEU K 724 25.23 16.13 26.48
C LEU K 724 25.85 14.74 26.47
N MET K 725 25.53 13.94 25.44
CA MET K 725 26.19 12.66 25.28
C MET K 725 27.69 12.84 25.30
N GLN K 726 28.19 13.84 24.57
CA GLN K 726 29.62 14.10 24.53
C GLN K 726 30.19 14.20 25.94
N VAL K 727 29.63 15.11 26.74
CA VAL K 727 30.11 15.28 28.10
C VAL K 727 29.75 14.07 28.95
N GLN K 728 28.56 13.51 28.73
CA GLN K 728 28.07 12.47 29.62
C GLN K 728 28.95 11.23 29.60
N LEU K 729 29.21 10.68 28.41
CA LEU K 729 29.94 9.41 28.37
C LEU K 729 31.38 9.60 28.83
N ALA K 730 32.02 10.70 28.42
CA ALA K 730 33.35 11.00 28.94
C ALA K 730 33.33 11.04 30.46
N TYR K 731 32.27 11.64 31.03
CA TYR K 731 32.08 11.56 32.47
C TYR K 731 31.95 10.11 32.92
N GLN K 732 31.11 9.33 32.23
CA GLN K 732 30.96 7.93 32.58
C GLN K 732 32.27 7.17 32.40
N ALA K 733 32.98 7.44 31.31
CA ALA K 733 34.30 6.82 31.13
C ALA K 733 35.18 7.11 32.34
N SER K 734 35.19 8.35 32.80
CA SER K 734 35.93 8.69 34.01
C SER K 734 35.39 7.93 35.21
N LEU K 735 34.07 7.72 35.27
CA LEU K 735 33.49 7.07 36.44
C LEU K 735 34.09 5.68 36.65
N LYS K 736 34.10 4.84 35.60
CA LYS K 736 34.74 3.54 35.77
C LYS K 736 36.22 3.73 36.08
N ALA K 737 36.89 4.64 35.36
CA ALA K 737 38.31 4.85 35.59
C ALA K 737 38.58 5.09 37.06
N SER K 738 37.73 5.88 37.72
CA SER K 738 37.86 6.06 39.16
C SER K 738 37.71 4.73 39.88
N THR K 739 36.69 3.94 39.51
CA THR K 739 36.45 2.69 40.21
C THR K 739 37.65 1.76 40.07
N THR K 740 38.08 1.51 38.83
CA THR K 740 39.22 0.62 38.62
C THR K 740 40.39 1.04 39.47
N ILE K 741 40.70 2.34 39.48
CA ILE K 741 41.84 2.84 40.23
C ILE K 741 41.72 2.47 41.69
N SER K 742 40.49 2.43 42.22
CA SER K 742 40.30 1.98 43.59
C SER K 742 40.84 0.58 43.79
N GLN K 743 40.45 -0.36 42.92
CA GLN K 743 41.01 -1.70 43.00
C GLN K 743 42.52 -1.66 42.75
N LEU K 744 42.93 -0.87 41.75
CA LEU K 744 44.34 -0.78 41.42
C LEU K 744 45.13 -0.17 42.56
N SER K 745 44.56 0.81 43.26
CA SER K 745 45.23 1.39 44.42
C SER K 745 45.28 0.40 45.56
N LEU K 746 44.17 -0.27 45.84
CA LEU K 746 44.06 -1.06 47.06
C LEU K 746 44.83 -2.37 46.98
N LEU K 747 45.05 -2.89 45.77
CA LEU K 747 45.64 -4.22 45.64
C LEU K 747 47.09 -4.27 46.10
N ASN K 748 47.81 -3.15 46.03
CA ASN K 748 49.26 -3.21 46.07
C ASN K 748 49.79 -3.71 47.41
N TYR K 749 49.02 -3.57 48.48
CA TYR K 749 49.54 -3.77 49.82
C TYR K 749 49.64 -5.22 50.23
N MET K 750 49.38 -6.16 49.33
CA MET K 750 49.34 -7.56 49.71
C MET K 750 50.60 -8.29 49.23
N MET L 1 89.84 -59.40 81.28
CA MET L 1 88.37 -59.68 81.12
C MET L 1 87.77 -58.83 80.00
N GLY L 2 88.08 -57.53 80.02
CA GLY L 2 87.42 -56.61 79.10
C GLY L 2 87.94 -56.65 77.69
N ILE L 3 89.13 -57.22 77.48
CA ILE L 3 89.80 -57.12 76.17
C ILE L 3 88.84 -57.51 75.05
N PHE L 4 88.33 -58.75 75.10
CA PHE L 4 87.41 -59.19 74.05
C PHE L 4 85.98 -58.76 74.35
N GLY L 5 85.66 -58.56 75.64
CA GLY L 5 84.29 -58.23 76.00
C GLY L 5 83.79 -56.96 75.33
N THR L 6 84.33 -55.81 75.73
CA THR L 6 83.90 -54.54 75.17
C THR L 6 84.17 -54.48 73.68
N LEU L 7 85.33 -55.01 73.26
CA LEU L 7 85.77 -54.88 71.88
C LEU L 7 84.66 -55.26 70.90
N TYR L 8 84.23 -56.53 70.94
CA TYR L 8 83.39 -57.05 69.88
C TYR L 8 81.99 -56.45 69.91
N THR L 9 81.57 -55.88 71.04
CA THR L 9 80.30 -55.15 71.06
C THR L 9 80.33 -53.99 70.08
N GLY L 10 81.39 -53.20 70.11
CA GLY L 10 81.52 -52.13 69.13
C GLY L 10 81.60 -52.68 67.72
N VAL L 11 82.35 -53.77 67.54
CA VAL L 11 82.47 -54.36 66.20
C VAL L 11 81.11 -54.78 65.69
N THR L 12 80.37 -55.54 66.50
CA THR L 12 79.06 -56.02 66.07
C THR L 12 78.06 -54.88 65.93
N GLY L 13 78.04 -53.98 66.93
CA GLY L 13 77.06 -52.91 66.89
C GLY L 13 77.21 -52.01 65.68
N LEU L 14 78.44 -51.59 65.39
CA LEU L 14 78.66 -50.67 64.28
C LEU L 14 78.24 -51.28 62.95
N LYS L 15 78.64 -52.54 62.72
CA LYS L 15 78.36 -53.18 61.44
C LYS L 15 76.87 -53.22 61.16
N ALA L 16 76.07 -53.52 62.19
CA ALA L 16 74.62 -53.62 62.00
C ALA L 16 74.05 -52.35 61.39
N SER L 17 74.57 -51.19 61.79
CA SER L 17 73.99 -49.93 61.35
C SER L 17 74.41 -49.58 59.92
N GLU L 18 75.72 -49.42 59.70
CA GLU L 18 76.20 -48.92 58.42
C GLU L 18 75.73 -49.79 57.26
N VAL L 19 75.58 -51.09 57.48
CA VAL L 19 75.22 -51.99 56.38
C VAL L 19 73.82 -51.67 55.88
N GLN L 20 72.81 -51.78 56.74
CA GLN L 20 71.46 -51.43 56.34
C GLN L 20 71.40 -50.02 55.77
N ILE L 21 72.08 -49.09 56.43
CA ILE L 21 72.18 -47.72 55.92
C ILE L 21 72.60 -47.74 54.45
N ALA L 22 73.70 -48.44 54.17
CA ALA L 22 74.22 -48.48 52.80
C ALA L 22 73.22 -49.13 51.85
N THR L 23 72.61 -50.24 52.27
CA THR L 23 71.69 -50.96 51.38
C THR L 23 70.60 -50.03 50.87
N THR L 24 69.95 -49.30 51.77
CA THR L 24 68.90 -48.38 51.36
C THR L 24 69.48 -47.19 50.61
N GLY L 25 70.67 -46.74 51.03
CA GLY L 25 71.15 -45.43 50.60
C GLY L 25 71.16 -45.25 49.09
N ASN L 26 71.99 -46.03 48.39
CA ASN L 26 72.13 -45.80 46.96
C ASN L 26 70.88 -46.21 46.20
N ASN L 27 70.20 -47.27 46.65
CA ASN L 27 69.03 -47.75 45.91
C ASN L 27 68.02 -46.63 45.71
N ILE L 28 67.63 -45.97 46.80
CA ILE L 28 66.76 -44.80 46.66
C ILE L 28 67.42 -43.77 45.76
N SER L 29 68.71 -43.48 45.99
CA SER L 29 69.37 -42.45 45.22
C SER L 29 69.40 -42.80 43.73
N ASN L 30 69.27 -44.08 43.41
CA ASN L 30 69.19 -44.48 42.01
C ASN L 30 67.77 -44.34 41.50
N ALA L 31 67.64 -43.96 40.23
CA ALA L 31 66.39 -44.15 39.52
C ALA L 31 66.28 -45.65 39.25
N ASN L 32 65.98 -46.40 40.30
CA ASN L 32 66.41 -47.79 40.39
C ASN L 32 65.74 -48.65 39.34
N ALA L 33 66.47 -49.70 38.95
CA ALA L 33 65.99 -50.74 38.05
C ALA L 33 66.66 -52.05 38.47
N THR L 34 66.65 -53.05 37.59
CA THR L 34 67.37 -54.29 37.90
C THR L 34 68.00 -54.83 36.60
N PHE L 35 69.32 -54.67 36.48
CA PHE L 35 70.10 -55.38 35.49
C PHE L 35 71.31 -56.05 36.14
N TYR L 36 71.34 -56.07 37.46
CA TYR L 36 72.29 -56.84 38.25
C TYR L 36 71.66 -57.04 39.62
N THR L 37 72.05 -58.12 40.28
CA THR L 37 71.53 -58.41 41.61
C THR L 37 72.64 -59.11 42.42
N ARG L 38 72.50 -59.03 43.74
CA ARG L 38 73.51 -59.50 44.68
C ARG L 38 74.10 -60.84 44.26
N GLN L 39 75.44 -60.91 44.21
CA GLN L 39 76.11 -62.20 44.04
C GLN L 39 76.27 -62.87 45.39
N ARG L 40 76.06 -64.19 45.41
CA ARG L 40 76.22 -65.00 46.61
C ARG L 40 77.16 -66.15 46.33
N VAL L 41 77.95 -66.51 47.34
CA VAL L 41 79.08 -67.42 47.16
C VAL L 41 79.32 -68.13 48.48
N VAL L 42 80.09 -69.23 48.43
CA VAL L 42 80.25 -70.16 49.54
C VAL L 42 81.74 -70.40 49.79
N GLN L 43 82.04 -70.90 50.98
CA GLN L 43 83.40 -71.15 51.43
C GLN L 43 83.67 -72.65 51.50
N THR L 44 84.85 -73.07 51.02
CA THR L 44 85.25 -74.47 51.10
C THR L 44 85.38 -74.89 52.57
N THR L 45 85.40 -76.20 52.82
CA THR L 45 85.34 -76.75 54.17
C THR L 45 86.63 -77.47 54.52
N ASN L 46 86.96 -77.47 55.81
CA ASN L 46 88.09 -78.22 56.33
C ASN L 46 87.63 -79.56 56.90
N GLY L 47 88.61 -80.42 57.22
CA GLY L 47 88.27 -81.69 57.84
C GLY L 47 87.63 -81.49 59.20
N TYR L 48 86.71 -82.39 59.54
CA TYR L 48 85.96 -82.32 60.79
C TYR L 48 86.00 -83.68 61.48
N ILE L 49 85.51 -83.71 62.72
CA ILE L 49 85.78 -84.80 63.65
C ILE L 49 84.58 -85.72 63.77
N THR L 50 84.84 -87.03 63.78
CA THR L 50 83.86 -88.02 64.22
C THR L 50 84.64 -89.29 64.58
N THR L 51 84.82 -89.55 65.87
CA THR L 51 85.54 -90.73 66.34
C THR L 51 84.53 -91.82 66.61
N GLY L 52 84.36 -92.72 65.64
CA GLY L 52 83.32 -93.72 65.72
C GLY L 52 81.98 -93.07 65.48
N GLY L 53 81.55 -92.26 66.45
CA GLY L 53 80.37 -91.44 66.29
C GLY L 53 80.46 -90.09 66.97
N VAL L 54 81.60 -89.79 67.59
CA VAL L 54 81.76 -88.61 68.44
C VAL L 54 82.49 -87.53 67.65
N GLN L 55 81.85 -86.37 67.52
CA GLN L 55 82.12 -85.44 66.44
C GLN L 55 82.42 -84.04 66.94
N VAL L 56 83.19 -83.31 66.12
CA VAL L 56 83.56 -81.93 66.36
C VAL L 56 83.89 -81.30 64.99
N GLY L 57 83.84 -79.97 64.92
CA GLY L 57 83.96 -79.25 63.67
C GLY L 57 85.07 -78.19 63.67
N THR L 58 85.30 -77.64 62.47
CA THR L 58 86.38 -76.67 62.22
C THR L 58 85.93 -75.72 61.11
N GLY L 59 86.91 -75.03 60.51
CA GLY L 59 86.65 -73.88 59.66
C GLY L 59 86.45 -74.18 58.18
N THR L 60 86.79 -73.19 57.35
CA THR L 60 86.42 -73.18 55.94
C THR L 60 87.46 -72.44 55.11
N ALA L 61 87.30 -72.50 53.78
CA ALA L 61 88.25 -71.92 52.83
C ALA L 61 87.50 -71.40 51.60
N VAL L 62 88.26 -70.92 50.60
CA VAL L 62 87.72 -70.20 49.45
C VAL L 62 88.56 -70.49 48.21
N GLU L 63 87.91 -70.44 47.03
CA GLU L 63 88.64 -70.55 45.76
C GLU L 63 88.28 -69.51 44.69
N SER L 64 87.04 -69.05 44.56
CA SER L 64 86.65 -68.28 43.38
C SER L 64 85.31 -67.57 43.63
N ILE L 65 84.74 -67.01 42.56
CA ILE L 65 83.53 -66.19 42.62
C ILE L 65 82.59 -66.62 41.49
N VAL L 66 81.28 -66.33 41.65
CA VAL L 66 80.24 -67.00 40.88
C VAL L 66 79.10 -66.07 40.49
N ARG L 67 78.35 -66.48 39.46
CA ARG L 67 77.07 -65.85 39.10
C ARG L 67 76.29 -66.83 38.21
N LEU L 68 75.25 -67.45 38.77
CA LEU L 68 74.59 -68.61 38.15
C LEU L 68 73.37 -68.18 37.31
N HIS L 69 72.53 -69.14 36.94
CA HIS L 69 71.61 -69.05 35.80
C HIS L 69 70.18 -69.41 36.19
N ASP L 70 69.23 -68.51 35.98
CA ASP L 70 67.86 -68.76 36.38
C ASP L 70 67.00 -67.65 35.85
N GLU L 71 66.43 -67.86 34.67
CA GLU L 71 65.64 -66.82 34.04
C GLU L 71 64.29 -67.32 33.59
N TYR L 72 63.22 -66.65 34.02
CA TYR L 72 61.90 -67.01 33.54
C TYR L 72 60.91 -65.86 33.59
N SER L 73 60.70 -65.25 34.74
CA SER L 73 59.67 -64.22 34.77
C SER L 73 59.92 -63.11 33.76
N TYR L 74 61.19 -62.84 33.45
CA TYR L 74 61.50 -61.80 32.48
C TYR L 74 60.93 -62.13 31.11
N TYR L 75 60.76 -63.43 30.83
CA TYR L 75 60.17 -63.83 29.55
C TYR L 75 58.76 -63.29 29.38
N LYS L 76 58.02 -63.17 30.49
CA LYS L 76 56.60 -62.83 30.39
C LYS L 76 56.40 -61.56 29.57
N LEU L 77 57.09 -60.49 29.94
CA LEU L 77 56.93 -59.24 29.22
C LEU L 77 57.56 -59.31 27.84
N LYS L 78 58.69 -60.01 27.72
CA LYS L 78 59.40 -60.05 26.45
C LYS L 78 58.54 -60.60 25.33
N GLY L 79 57.88 -61.73 25.58
CA GLY L 79 57.08 -62.34 24.53
C GLY L 79 56.04 -61.39 23.97
N ALA L 80 55.37 -60.65 24.86
CA ALA L 80 54.37 -59.68 24.41
C ALA L 80 55.01 -58.53 23.64
N SER L 81 56.33 -58.36 23.75
CA SER L 81 56.98 -57.20 23.18
C SER L 81 57.21 -57.36 21.68
N ASN L 82 57.98 -58.37 21.28
CA ASN L 82 58.38 -58.45 19.88
C ASN L 82 57.19 -58.69 18.96
N GLN L 83 56.17 -59.41 19.43
CA GLN L 83 54.93 -59.47 18.66
C GLN L 83 54.38 -58.07 18.48
N LEU L 84 54.41 -57.26 19.53
CA LEU L 84 54.03 -55.86 19.42
C LEU L 84 54.99 -55.14 18.49
N GLU L 85 56.26 -55.54 18.49
CA GLU L 85 57.21 -54.95 17.55
C GLU L 85 56.79 -55.23 16.12
N TYR L 86 56.34 -56.44 15.84
CA TYR L 86 55.79 -56.73 14.52
C TYR L 86 54.57 -55.86 14.26
N THR L 87 53.61 -55.85 15.18
CA THR L 87 52.36 -55.14 14.93
C THR L 87 52.58 -53.65 14.79
N LYS L 88 53.27 -53.02 15.76
CA LYS L 88 53.35 -51.57 15.77
C LYS L 88 54.10 -51.05 14.55
N TYR L 89 55.22 -51.69 14.19
CA TYR L 89 55.88 -51.34 12.94
C TYR L 89 54.92 -51.50 11.76
N MET L 90 54.30 -52.67 11.67
CA MET L 90 53.39 -52.93 10.56
C MET L 90 52.28 -51.89 10.52
N ALA L 91 51.75 -51.54 11.69
CA ALA L 91 50.68 -50.55 11.75
C ALA L 91 51.15 -49.23 11.15
N SER L 92 52.31 -48.74 11.60
CA SER L 92 52.83 -47.49 11.08
C SER L 92 52.98 -47.54 9.57
N THR L 93 53.59 -48.62 9.07
CA THR L 93 53.82 -48.73 7.63
C THR L 93 52.52 -48.99 6.88
N LEU L 94 51.66 -49.86 7.43
CA LEU L 94 50.43 -50.20 6.72
C LEU L 94 49.54 -48.97 6.53
N GLN L 95 49.32 -48.21 7.59
CA GLN L 95 48.51 -47.01 7.45
C GLN L 95 49.12 -46.07 6.43
N GLU L 96 50.43 -45.86 6.50
CA GLU L 96 51.13 -45.13 5.46
C GLU L 96 50.79 -45.70 4.09
N ILE L 97 50.83 -47.03 3.97
CA ILE L 97 50.56 -47.66 2.69
C ILE L 97 49.14 -47.35 2.23
N ALA L 98 48.22 -47.16 3.18
CA ALA L 98 46.82 -46.98 2.82
C ALA L 98 46.59 -45.69 2.04
N GLN L 99 47.16 -44.58 2.51
CA GLN L 99 46.89 -43.30 1.87
C GLN L 99 47.55 -43.17 0.52
N ARG L 100 48.60 -43.96 0.27
CA ARG L 100 49.65 -43.59 -0.67
C ARG L 100 49.12 -42.88 -1.90
N PHE L 101 48.21 -43.52 -2.63
CA PHE L 101 47.57 -42.93 -3.80
C PHE L 101 46.08 -42.95 -3.53
N PRO L 102 45.53 -41.89 -2.95
CA PRO L 102 44.28 -42.01 -2.20
C PRO L 102 43.05 -42.11 -3.09
N ASP L 103 42.04 -42.81 -2.56
CA ASP L 103 40.68 -42.73 -3.07
C ASP L 103 39.95 -41.52 -2.52
N LEU L 104 40.62 -40.69 -1.74
CA LEU L 104 39.98 -39.76 -0.83
C LEU L 104 39.30 -38.63 -1.59
N GLN L 105 38.80 -37.66 -0.83
CA GLN L 105 37.91 -36.64 -1.33
C GLN L 105 38.47 -36.00 -2.60
N ASN L 106 37.74 -36.17 -3.69
CA ASN L 106 38.12 -35.69 -5.02
C ASN L 106 39.63 -35.76 -5.25
N THR L 107 40.20 -36.96 -5.12
CA THR L 107 41.62 -37.12 -5.40
C THR L 107 41.84 -37.30 -6.90
N GLY L 108 42.85 -36.59 -7.41
CA GLY L 108 43.13 -36.58 -8.84
C GLY L 108 43.07 -37.96 -9.46
N ILE L 109 43.41 -38.99 -8.69
CA ILE L 109 43.14 -40.36 -9.11
C ILE L 109 41.76 -40.45 -9.75
N LEU L 110 40.77 -39.84 -9.11
CA LEU L 110 39.41 -39.86 -9.65
C LEU L 110 39.30 -38.97 -10.87
N GLN L 111 39.73 -37.72 -10.75
CA GLN L 111 39.42 -36.71 -11.74
C GLN L 111 40.24 -36.87 -13.00
N ASP L 112 41.54 -37.16 -12.84
CA ASP L 112 42.37 -37.46 -14.01
C ASP L 112 41.67 -38.49 -14.87
N LEU L 113 41.13 -39.54 -14.23
CA LEU L 113 40.23 -40.45 -14.93
C LEU L 113 38.88 -39.80 -15.20
N GLU L 114 38.27 -39.18 -14.17
CA GLU L 114 36.86 -38.83 -14.24
C GLU L 114 36.64 -37.73 -15.27
N ASN L 115 37.22 -36.56 -15.06
CA ASN L 115 37.00 -35.44 -15.98
C ASN L 115 37.51 -35.77 -17.37
N TYR L 116 38.63 -36.47 -17.45
CA TYR L 116 39.12 -36.94 -18.74
C TYR L 116 38.01 -37.67 -19.49
N ASN L 117 37.21 -38.47 -18.77
CA ASN L 117 36.08 -39.13 -19.39
C ASN L 117 35.06 -38.12 -19.90
N LYS L 118 34.79 -37.07 -19.12
CA LYS L 118 33.86 -36.05 -19.57
C LYS L 118 34.31 -35.45 -20.88
N ALA L 119 35.61 -35.19 -21.03
CA ALA L 119 36.12 -34.62 -22.27
C ALA L 119 35.83 -35.52 -23.46
N TRP L 120 35.72 -36.84 -23.23
CA TRP L 120 35.43 -37.75 -24.32
C TRP L 120 34.06 -37.49 -24.92
N ASN L 121 33.05 -37.31 -24.07
CA ASN L 121 31.75 -36.94 -24.59
C ASN L 121 31.84 -35.69 -25.44
N ASP L 122 32.55 -34.67 -24.96
CA ASP L 122 32.70 -33.44 -25.73
C ASP L 122 33.19 -33.75 -27.13
N PHE L 123 34.23 -34.56 -27.24
CA PHE L 123 34.69 -34.98 -28.56
C PHE L 123 33.64 -35.85 -29.24
N ALA L 124 32.97 -36.72 -28.49
CA ALA L 124 31.82 -37.43 -29.03
C ALA L 124 30.73 -36.44 -29.42
N SER L 125 30.54 -35.39 -28.62
CA SER L 125 29.60 -34.33 -28.97
C SER L 125 30.17 -33.44 -30.07
N ASN L 126 31.48 -33.33 -30.16
CA ASN L 126 32.16 -32.49 -31.14
C ASN L 126 33.23 -33.32 -31.82
N PRO L 127 32.86 -34.10 -32.84
CA PRO L 127 33.86 -34.91 -33.53
C PRO L 127 34.70 -34.10 -34.51
N ASN L 128 34.65 -32.78 -34.40
CA ASN L 128 35.20 -31.90 -35.42
C ASN L 128 36.16 -30.86 -34.88
N GLU L 129 35.86 -30.32 -33.70
CA GLU L 129 36.60 -29.16 -33.20
C GLU L 129 37.98 -29.60 -32.73
N ASN L 130 39.03 -29.06 -33.36
CA ASN L 130 40.39 -29.41 -32.96
C ASN L 130 40.68 -28.99 -31.53
N ALA L 131 40.02 -27.95 -31.03
CA ALA L 131 40.21 -27.56 -29.65
C ALA L 131 39.82 -28.69 -28.70
N THR L 132 38.70 -29.35 -28.99
CA THR L 132 38.32 -30.52 -28.20
C THR L 132 39.36 -31.62 -28.34
N LYS L 133 39.85 -31.84 -29.56
CA LYS L 133 40.92 -32.81 -29.76
C LYS L 133 42.11 -32.50 -28.87
N ILE L 134 42.59 -31.26 -28.91
CA ILE L 134 43.80 -30.91 -28.18
C ILE L 134 43.57 -31.10 -26.68
N ALA L 135 42.46 -30.55 -26.17
CA ALA L 135 42.17 -30.67 -24.75
C ALA L 135 42.04 -32.13 -24.34
N LEU L 136 41.30 -32.91 -25.14
CA LEU L 136 41.12 -34.32 -24.83
C LEU L 136 42.46 -35.05 -24.81
N VAL L 137 43.33 -34.74 -25.77
CA VAL L 137 44.68 -35.31 -25.75
C VAL L 137 45.39 -34.89 -24.46
N LYS L 138 45.30 -33.61 -24.11
CA LYS L 138 45.95 -33.12 -22.92
C LYS L 138 45.44 -33.84 -21.68
N ALA L 139 44.13 -34.05 -21.60
CA ALA L 139 43.58 -34.81 -20.48
C ALA L 139 44.14 -36.23 -20.47
N SER L 140 44.24 -36.86 -21.63
CA SER L 140 44.91 -38.15 -21.73
C SER L 140 46.36 -38.03 -21.30
N GLN L 141 47.07 -37.04 -21.86
CA GLN L 141 48.50 -36.92 -21.62
C GLN L 141 48.78 -36.72 -20.14
N THR L 142 47.98 -35.87 -19.48
CA THR L 142 48.15 -35.67 -18.04
C THR L 142 47.89 -36.95 -17.26
N LEU L 143 46.76 -37.61 -17.53
CA LEU L 143 46.36 -38.76 -16.73
C LEU L 143 47.40 -39.87 -16.79
N THR L 144 47.82 -40.23 -18.00
CA THR L 144 48.79 -41.31 -18.15
C THR L 144 50.02 -41.06 -17.28
N GLU L 145 50.49 -39.82 -17.25
CA GLU L 145 51.67 -39.51 -16.47
C GLU L 145 51.43 -39.76 -14.99
N SER L 146 50.23 -39.43 -14.51
CA SER L 146 49.89 -39.73 -13.12
C SER L 146 50.16 -41.21 -12.82
N VAL L 147 49.70 -42.09 -13.69
CA VAL L 147 50.05 -43.50 -13.57
C VAL L 147 51.55 -43.67 -13.67
N ASN L 148 52.16 -43.02 -14.65
CA ASN L 148 53.60 -43.13 -14.84
C ASN L 148 54.33 -42.73 -13.56
N ASN L 149 54.03 -41.55 -13.04
CA ASN L 149 54.62 -41.13 -11.77
C ASN L 149 54.19 -42.06 -10.65
N THR L 150 52.89 -42.34 -10.58
CA THR L 150 52.39 -43.24 -9.54
C THR L 150 53.12 -44.57 -9.61
N PHE L 151 53.15 -45.17 -10.80
CA PHE L 151 53.87 -46.42 -10.98
C PHE L 151 55.31 -46.27 -10.52
N ALA L 152 55.99 -45.22 -11.00
CA ALA L 152 57.35 -44.98 -10.57
C ALA L 152 57.44 -44.81 -9.06
N THR L 153 56.46 -44.10 -8.48
CA THR L 153 56.45 -43.94 -7.03
C THR L 153 56.44 -45.29 -6.34
N LEU L 154 55.61 -46.21 -6.84
CA LEU L 154 55.51 -47.52 -6.22
C LEU L 154 56.85 -48.23 -6.21
N ASP L 155 57.56 -48.20 -7.34
CA ASP L 155 58.86 -48.85 -7.42
C ASP L 155 59.82 -48.27 -6.40
N LYS L 156 59.89 -46.94 -6.33
CA LYS L 156 60.84 -46.27 -5.44
C LYS L 156 60.63 -46.74 -4.00
N ILE L 157 59.37 -46.76 -3.57
CA ILE L 157 59.06 -47.14 -2.19
C ILE L 157 59.58 -48.54 -1.91
N GLN L 158 59.28 -49.48 -2.80
CA GLN L 158 59.72 -50.86 -2.58
C GLN L 158 61.24 -50.95 -2.57
N LYS L 159 61.90 -50.26 -3.51
CA LYS L 159 63.36 -50.32 -3.56
C LYS L 159 63.98 -49.77 -2.29
N LYS L 160 63.60 -48.55 -1.91
CA LYS L 160 64.15 -47.97 -0.69
C LYS L 160 63.78 -48.80 0.53
N VAL L 161 62.61 -49.45 0.50
CA VAL L 161 62.26 -50.37 1.57
C VAL L 161 63.26 -51.52 1.63
N ASN L 162 63.59 -52.09 0.47
CA ASN L 162 64.59 -53.16 0.44
C ASN L 162 65.90 -52.66 1.03
N ASP L 163 66.37 -51.50 0.56
CA ASP L 163 67.58 -50.91 1.12
C ASP L 163 67.37 -50.52 2.57
N ASP L 164 66.17 -50.06 2.91
CA ASP L 164 65.86 -49.85 4.33
C ASP L 164 66.10 -51.12 5.11
N ILE L 165 65.53 -52.24 4.65
CA ILE L 165 65.71 -53.51 5.33
C ILE L 165 67.18 -53.78 5.54
N LYS L 166 67.98 -53.58 4.50
CA LYS L 166 69.43 -53.57 4.67
C LYS L 166 69.81 -52.70 5.86
N ASN L 167 69.43 -51.43 5.83
CA ASN L 167 69.82 -50.52 6.90
C ASN L 167 69.34 -51.03 8.26
N THR L 168 68.11 -51.54 8.32
CA THR L 168 67.60 -52.06 9.59
C THR L 168 68.56 -53.09 10.15
N VAL L 169 68.90 -54.11 9.36
CA VAL L 169 69.76 -55.17 9.87
C VAL L 169 71.13 -54.60 10.18
N ASP L 170 71.60 -53.64 9.37
CA ASP L 170 72.88 -53.00 9.63
C ASP L 170 72.89 -52.42 11.05
N GLU L 171 71.85 -51.68 11.40
CA GLU L 171 71.72 -51.21 12.79
C GLU L 171 71.66 -52.38 13.75
N ILE L 172 71.02 -53.48 13.34
CA ILE L 172 70.96 -54.63 14.23
C ILE L 172 72.31 -55.31 14.33
N ASN L 173 73.10 -55.27 13.25
CA ASN L 173 74.37 -55.98 13.25
C ASN L 173 75.29 -55.49 14.36
N LYS L 174 75.26 -54.19 14.66
CA LYS L 174 76.09 -53.69 15.76
C LYS L 174 75.66 -54.32 17.08
N ILE L 175 74.36 -54.57 17.24
CA ILE L 175 73.93 -55.42 18.35
C ILE L 175 74.48 -56.82 18.17
N GLY L 176 74.66 -57.25 16.91
CA GLY L 176 75.23 -58.56 16.67
C GLY L 176 76.58 -58.73 17.33
N GLU L 177 77.39 -57.67 17.37
CA GLU L 177 78.63 -57.71 18.13
C GLU L 177 78.38 -58.20 19.55
N GLU L 178 77.30 -57.72 20.17
CA GLU L 178 76.99 -58.13 21.52
C GLU L 178 76.92 -59.64 21.61
N ILE L 179 76.34 -60.29 20.60
CA ILE L 179 76.19 -61.73 20.62
C ILE L 179 77.57 -62.39 20.74
N ALA L 180 78.50 -61.96 19.90
CA ALA L 180 79.84 -62.54 19.95
C ALA L 180 80.49 -62.29 21.31
N THR L 181 80.52 -61.03 21.73
CA THR L 181 81.18 -60.72 23.00
C THR L 181 80.47 -61.41 24.16
N ILE L 182 79.14 -61.36 24.16
CA ILE L 182 78.40 -61.82 25.32
C ILE L 182 78.33 -63.35 25.36
N ASN L 183 78.84 -64.00 24.32
CA ASN L 183 78.90 -65.45 24.31
C ASN L 183 80.31 -65.89 24.67
N LYS L 184 81.32 -65.16 24.18
CA LYS L 184 82.70 -65.47 24.51
C LYS L 184 83.05 -64.95 25.89
N GLN L 185 83.45 -65.82 26.80
CA GLN L 185 83.69 -65.41 28.20
C GLN L 185 85.10 -65.57 28.73
N ILE L 186 85.42 -66.71 29.33
CA ILE L 186 86.71 -66.90 29.99
C ILE L 186 87.73 -67.75 29.23
N TYR L 187 89.00 -67.39 29.32
CA TYR L 187 90.04 -68.19 28.70
C TYR L 187 90.57 -69.14 29.75
N GLY L 188 90.69 -68.68 30.99
CA GLY L 188 91.08 -69.55 32.07
C GLY L 188 92.56 -69.64 32.44
N GLN L 189 93.44 -69.17 31.57
CA GLN L 189 94.86 -69.30 31.82
C GLN L 189 95.30 -68.34 32.92
N GLU L 190 95.16 -67.05 32.66
CA GLU L 190 95.51 -66.04 33.65
C GLU L 190 94.30 -65.78 34.55
N ALA L 191 94.34 -64.72 35.34
CA ALA L 191 93.25 -64.42 36.27
C ALA L 191 92.04 -64.05 35.43
N LEU L 192 91.35 -65.08 34.95
CA LEU L 192 90.23 -64.94 34.02
C LEU L 192 89.03 -65.74 34.52
N PRO L 193 88.44 -65.34 35.66
CA PRO L 193 87.28 -66.06 36.22
C PRO L 193 85.93 -65.65 35.65
N THR L 194 84.88 -66.20 36.27
CA THR L 194 83.49 -65.89 35.93
C THR L 194 83.25 -64.41 35.66
N GLU L 195 83.79 -63.52 36.49
CA GLU L 195 83.36 -62.12 36.46
C GLU L 195 83.49 -61.52 35.07
N HIS L 196 84.44 -62.00 34.26
CA HIS L 196 84.52 -61.56 32.87
C HIS L 196 83.18 -61.76 32.17
N ALA L 197 82.57 -62.92 32.36
CA ALA L 197 81.23 -63.14 31.83
C ALA L 197 80.22 -62.21 32.47
N ASN L 198 80.40 -61.87 33.75
CA ASN L 198 79.47 -60.95 34.40
C ASN L 198 79.39 -59.64 33.65
N GLU L 199 80.49 -59.20 33.04
CA GLU L 199 80.41 -58.05 32.14
C GLU L 199 79.50 -58.37 30.96
N LEU L 200 79.63 -59.56 30.39
CA LEU L 200 78.75 -59.98 29.31
C LEU L 200 77.30 -59.96 29.76
N ARG L 201 77.05 -60.44 30.99
CA ARG L 201 75.70 -60.81 31.38
C ARG L 201 74.91 -59.62 31.92
N ASP L 202 75.56 -58.75 32.70
CA ASP L 202 74.88 -57.52 33.09
C ASP L 202 74.58 -56.65 31.88
N ARG L 203 75.53 -56.58 30.94
CA ARG L 203 75.25 -55.93 29.66
C ARG L 203 74.12 -56.64 28.94
N ARG L 204 74.16 -57.98 28.94
CA ARG L 204 73.04 -58.75 28.41
C ARG L 204 71.74 -58.36 29.09
N ASP L 205 71.77 -58.29 30.43
CA ASP L 205 70.56 -57.98 31.18
C ASP L 205 69.87 -56.75 30.62
N GLU L 206 70.64 -55.68 30.41
CA GLU L 206 70.11 -54.56 29.64
C GLU L 206 69.68 -55.01 28.25
N LEU L 207 70.64 -55.50 27.47
CA LEU L 207 70.40 -55.72 26.04
C LEU L 207 69.15 -56.58 25.80
N GLU L 208 68.84 -57.48 26.73
CA GLU L 208 67.69 -58.34 26.53
C GLU L 208 66.43 -57.54 26.21
N LEU L 209 66.28 -56.35 26.82
CA LEU L 209 65.18 -55.49 26.40
C LEU L 209 65.41 -54.98 24.98
N THR L 210 66.66 -54.65 24.67
CA THR L 210 67.00 -54.29 23.29
C THR L 210 66.71 -55.46 22.37
N LEU L 211 67.02 -56.67 22.82
CA LEU L 211 66.68 -57.87 22.05
C LEU L 211 65.19 -57.94 21.80
N SER L 212 64.39 -57.66 22.83
CA SER L 212 62.94 -57.79 22.70
C SER L 212 62.42 -57.01 21.51
N LYS L 213 63.10 -55.92 21.15
CA LYS L 213 62.72 -55.18 19.96
C LYS L 213 62.64 -56.10 18.74
N LEU L 214 63.63 -56.98 18.60
CA LEU L 214 63.88 -57.59 17.30
C LEU L 214 63.28 -58.98 17.14
N VAL L 215 63.91 -59.97 17.78
CA VAL L 215 63.75 -61.37 17.40
C VAL L 215 64.16 -62.24 18.59
N SER L 216 64.09 -63.56 18.41
CA SER L 216 64.73 -64.48 19.34
C SER L 216 65.59 -65.48 18.57
N ALA L 217 66.66 -65.95 19.20
CA ALA L 217 67.56 -66.92 18.60
C ALA L 217 68.35 -67.58 19.72
N VAL L 218 69.40 -68.32 19.35
CA VAL L 218 70.14 -69.12 20.33
C VAL L 218 71.00 -68.21 21.19
N ALA L 219 70.92 -68.41 22.51
CA ALA L 219 71.74 -67.62 23.44
C ALA L 219 71.78 -68.36 24.79
N SER L 220 72.98 -68.81 25.17
CA SER L 220 73.18 -69.45 26.45
C SER L 220 73.84 -68.47 27.44
N LYS L 221 73.99 -68.93 28.69
CA LYS L 221 74.42 -68.04 29.76
C LYS L 221 75.03 -68.79 30.95
N ASN L 222 76.36 -68.85 31.03
CA ASN L 222 77.02 -69.56 32.12
C ASN L 222 78.41 -69.00 32.46
N GLU L 223 79.22 -69.77 33.20
CA GLU L 223 80.38 -69.25 33.92
C GLU L 223 81.61 -70.12 33.69
N ILE L 224 82.73 -69.66 34.26
CA ILE L 224 83.97 -70.45 34.39
C ILE L 224 84.68 -70.00 35.66
N ASN L 225 85.42 -70.91 36.28
CA ASN L 225 86.14 -70.65 37.53
C ASN L 225 87.59 -71.13 37.43
N GLN L 226 88.27 -71.14 38.58
CA GLN L 226 89.66 -71.58 38.66
C GLN L 226 89.93 -72.29 39.98
N ASP L 227 90.81 -73.29 39.94
CA ASP L 227 91.42 -73.90 41.12
C ASP L 227 92.57 -74.76 40.66
N ASN L 228 93.61 -74.85 41.50
CA ASN L 228 94.88 -75.41 41.04
C ASN L 228 94.96 -76.93 41.20
N ARG L 229 94.22 -77.51 42.14
CA ARG L 229 94.41 -78.93 42.45
C ARG L 229 94.23 -79.82 41.23
N LEU L 230 93.42 -79.40 40.26
CA LEU L 230 93.26 -80.13 39.00
C LEU L 230 93.90 -79.31 37.88
N ASP L 231 95.15 -79.66 37.56
CA ASP L 231 95.68 -79.33 36.25
C ASP L 231 94.85 -80.01 35.17
N THR L 232 94.09 -81.03 35.55
CA THR L 232 93.26 -81.79 34.62
C THR L 232 92.04 -80.95 34.22
N THR L 233 92.29 -79.84 33.54
CA THR L 233 91.22 -78.92 33.16
C THR L 233 91.67 -78.15 31.91
N ILE L 234 90.69 -77.57 31.20
CA ILE L 234 90.95 -76.91 29.93
C ILE L 234 89.74 -76.07 29.54
N THR L 235 90.00 -75.01 28.76
CA THR L 235 88.98 -74.37 27.93
C THR L 235 89.23 -74.82 26.49
N ASP L 236 88.21 -75.41 25.88
CA ASP L 236 88.42 -76.29 24.74
C ASP L 236 87.58 -75.88 23.54
N PRO L 237 88.17 -75.85 22.34
CA PRO L 237 87.34 -75.68 21.13
C PRO L 237 86.57 -76.93 20.77
N GLY L 238 87.12 -78.11 21.09
CA GLY L 238 86.56 -79.34 20.58
C GLY L 238 85.11 -79.56 21.00
N HIS L 239 84.83 -79.40 22.29
CA HIS L 239 83.49 -79.74 22.78
C HIS L 239 82.53 -78.56 22.69
N GLN L 240 83.03 -77.36 22.42
CA GLN L 240 82.21 -76.17 22.61
C GLN L 240 81.75 -75.54 21.30
N TYR L 241 82.67 -75.27 20.38
CA TYR L 241 82.41 -74.34 19.28
C TYR L 241 81.81 -75.07 18.09
N ASN L 242 80.48 -74.97 17.95
CA ASN L 242 79.82 -75.35 16.70
C ASN L 242 78.31 -75.11 16.82
N LEU L 243 77.64 -75.19 15.66
CA LEU L 243 76.19 -75.21 15.55
C LEU L 243 75.85 -75.59 14.13
N SER L 244 74.92 -76.54 13.96
CA SER L 244 74.51 -76.94 12.62
C SER L 244 73.30 -77.88 12.75
N ILE L 245 72.79 -78.30 11.59
CA ILE L 245 71.65 -79.19 11.49
C ILE L 245 71.99 -80.30 10.52
N GLU L 246 71.51 -81.52 10.82
CA GLU L 246 71.79 -82.69 10.01
C GLU L 246 73.28 -82.83 9.76
N GLY L 247 73.74 -82.51 8.55
CA GLY L 247 75.17 -82.52 8.26
C GLY L 247 75.85 -83.86 8.36
N PHE L 248 75.26 -84.91 7.79
CA PHE L 248 75.84 -86.26 7.87
C PHE L 248 76.94 -86.46 6.84
N SER L 249 78.17 -86.01 7.13
CA SER L 249 79.28 -86.26 6.23
C SER L 249 80.56 -85.72 6.82
N ILE L 250 81.69 -86.16 6.24
CA ILE L 250 82.95 -85.48 6.44
C ILE L 250 82.73 -84.03 6.06
N VAL L 251 82.85 -83.13 7.03
CA VAL L 251 82.38 -81.76 6.87
C VAL L 251 83.38 -80.83 7.55
N ASP L 252 83.36 -79.55 7.14
CA ASP L 252 84.25 -78.54 7.69
C ASP L 252 83.45 -77.47 8.43
N GLY L 253 83.97 -77.02 9.56
CA GLY L 253 83.51 -75.78 10.16
C GLY L 253 83.23 -75.79 11.65
N ILE L 254 83.93 -74.91 12.38
CA ILE L 254 83.48 -74.47 13.70
C ILE L 254 82.59 -73.25 13.51
N ASN L 255 81.57 -73.12 14.37
CA ASN L 255 80.47 -72.22 14.07
C ASN L 255 80.07 -71.38 15.28
N PHE L 256 79.60 -70.18 14.97
CA PHE L 256 78.94 -69.28 15.91
C PHE L 256 78.06 -68.35 15.07
N HIS L 257 77.10 -67.69 15.73
CA HIS L 257 76.23 -66.75 15.05
C HIS L 257 77.07 -65.84 14.15
N PRO L 258 77.02 -66.00 12.83
CA PRO L 258 77.84 -65.15 11.96
C PRO L 258 77.29 -63.74 11.86
N LEU L 259 78.01 -62.78 12.44
CA LEU L 259 77.57 -61.39 12.47
C LEU L 259 77.88 -60.70 11.13
N LYS L 260 77.18 -61.15 10.09
CA LYS L 260 77.49 -60.74 8.73
C LYS L 260 76.23 -60.39 7.95
N LEU L 261 76.42 -59.83 6.77
CA LEU L 261 75.35 -59.56 5.83
C LEU L 261 75.93 -59.40 4.43
N ASP L 262 75.21 -59.89 3.43
CA ASP L 262 75.65 -59.85 2.05
C ASP L 262 74.46 -59.52 1.16
N TYR L 263 74.68 -59.58 -0.15
CA TYR L 263 73.59 -59.62 -1.10
C TYR L 263 74.02 -60.43 -2.32
N ASP L 264 73.02 -60.92 -3.04
CA ASP L 264 73.21 -61.97 -4.02
C ASP L 264 73.56 -61.47 -5.42
N ASP L 265 73.16 -60.24 -5.76
CA ASP L 265 73.21 -59.83 -7.15
C ASP L 265 73.37 -58.32 -7.23
N LYS L 266 73.77 -57.86 -8.41
CA LYS L 266 73.79 -56.42 -8.67
C LYS L 266 72.42 -55.81 -8.48
N ASN L 267 71.37 -56.63 -8.53
CA ASN L 267 70.03 -56.21 -8.13
C ASN L 267 69.89 -56.09 -6.62
N LYS L 268 70.94 -56.41 -5.86
CA LYS L 268 71.01 -56.10 -4.43
C LYS L 268 69.98 -56.89 -3.62
N SER L 269 70.02 -58.21 -3.75
CA SER L 269 69.20 -59.11 -2.94
C SER L 269 70.01 -59.51 -1.71
N TYR L 270 69.67 -58.93 -0.57
CA TYR L 270 70.52 -59.02 0.61
C TYR L 270 70.39 -60.39 1.27
N SER L 271 71.50 -60.90 1.79
CA SER L 271 71.55 -62.33 2.10
C SER L 271 72.60 -62.63 3.15
N ILE L 272 72.70 -63.93 3.48
CA ILE L 272 73.63 -64.46 4.48
C ILE L 272 74.14 -65.81 3.96
N TYR L 273 75.35 -66.18 4.40
CA TYR L 273 76.04 -67.33 3.84
C TYR L 273 77.16 -67.82 4.77
N TYR L 274 77.74 -68.96 4.39
CA TYR L 274 79.02 -69.43 4.89
C TYR L 274 79.96 -69.64 3.70
N GLU L 275 81.26 -69.46 3.94
CA GLU L 275 82.22 -69.50 2.84
C GLU L 275 83.52 -70.18 3.28
N THR L 276 84.44 -70.32 2.31
CA THR L 276 85.77 -70.89 2.43
C THR L 276 86.80 -69.93 1.85
N PRO L 277 88.10 -70.13 2.14
CA PRO L 277 89.11 -69.11 1.78
C PRO L 277 89.16 -68.77 0.29
N ASP L 278 88.82 -69.72 -0.57
CA ASP L 278 88.88 -69.51 -2.00
C ASP L 278 87.65 -68.79 -2.55
N GLU L 279 86.86 -68.14 -1.68
CA GLU L 279 85.67 -67.42 -2.10
C GLU L 279 84.62 -68.38 -2.69
N LYS L 280 84.22 -69.37 -1.88
CA LYS L 280 83.19 -70.32 -2.30
C LYS L 280 82.10 -70.09 -1.28
N VAL L 281 80.94 -70.73 -1.40
CA VAL L 281 79.87 -70.39 -0.47
C VAL L 281 78.60 -71.21 -0.36
N ARG L 282 77.99 -71.24 0.82
CA ARG L 282 76.69 -71.86 1.00
C ARG L 282 75.88 -71.00 1.97
N ASP L 283 74.56 -71.13 1.95
CA ASP L 283 73.71 -70.26 2.76
C ASP L 283 73.94 -70.37 4.26
N LEU L 284 73.43 -69.39 4.99
CA LEU L 284 73.53 -69.42 6.45
C LEU L 284 72.17 -69.24 7.07
N THR L 285 71.40 -68.27 6.56
CA THR L 285 70.08 -67.99 7.13
C THR L 285 69.02 -67.93 6.04
N ALA L 286 67.78 -68.28 6.40
CA ALA L 286 66.70 -68.28 5.43
C ALA L 286 65.90 -67.00 5.50
N LYS L 287 66.35 -66.07 6.34
CA LYS L 287 65.67 -64.78 6.45
C LYS L 287 64.24 -64.96 6.94
N ILE L 288 63.31 -64.15 6.44
CA ILE L 288 61.90 -64.28 6.81
C ILE L 288 61.70 -64.50 8.32
N SER L 289 62.15 -63.55 9.12
CA SER L 289 61.98 -63.66 10.57
C SER L 289 62.03 -62.31 11.28
N GLY L 290 61.79 -62.31 12.58
CA GLY L 290 61.85 -61.08 13.36
C GLY L 290 60.50 -60.43 13.57
N GLY L 291 60.20 -60.02 14.80
CA GLY L 291 58.96 -59.31 15.05
C GLY L 291 58.80 -58.10 14.15
N GLN L 292 59.60 -57.07 14.39
CA GLN L 292 59.49 -55.86 13.57
C GLN L 292 60.06 -56.08 12.17
N LEU L 293 61.07 -56.94 12.06
CA LEU L 293 61.66 -57.22 10.74
C LEU L 293 60.71 -57.97 9.84
N GLY L 294 60.26 -59.15 10.27
CA GLY L 294 59.37 -59.95 9.45
C GLY L 294 58.27 -59.13 8.79
N ALA L 295 57.79 -58.11 9.50
CA ALA L 295 56.80 -57.22 8.92
C ALA L 295 57.34 -56.57 7.65
N GLN L 296 58.60 -56.16 7.68
CA GLN L 296 59.21 -55.59 6.49
C GLN L 296 59.31 -56.62 5.38
N LEU L 297 59.75 -57.82 5.73
CA LEU L 297 60.03 -58.84 4.72
C LEU L 297 58.75 -59.26 4.01
N ASP L 298 57.73 -59.63 4.77
CA ASP L 298 56.52 -60.17 4.18
C ASP L 298 55.77 -59.14 3.35
N LEU L 299 55.68 -57.89 3.81
CA LEU L 299 55.09 -56.85 2.98
C LEU L 299 55.74 -56.83 1.60
N ARG L 300 57.07 -56.80 1.58
CA ARG L 300 57.78 -56.80 0.31
C ARG L 300 57.51 -58.07 -0.47
N GLY L 301 57.48 -59.21 0.23
CA GLY L 301 57.41 -60.51 -0.38
C GLY L 301 58.70 -61.25 -0.15
N ARG L 302 58.78 -62.47 -0.67
CA ARG L 302 59.97 -63.28 -0.53
C ARG L 302 60.46 -63.85 -1.86
N ASN L 303 59.54 -64.27 -2.72
CA ASN L 303 59.94 -64.88 -3.98
C ASN L 303 60.46 -63.81 -4.92
N TYR L 304 61.74 -63.90 -5.26
CA TYR L 304 62.39 -63.00 -6.19
C TYR L 304 63.20 -63.81 -7.18
N SER L 305 63.40 -63.25 -8.37
CA SER L 305 64.18 -63.89 -9.42
C SER L 305 65.41 -63.06 -9.73
N LYS L 306 66.58 -63.51 -9.28
CA LYS L 306 67.82 -63.01 -9.86
C LYS L 306 67.93 -63.44 -11.31
N SER L 307 67.56 -64.70 -11.60
CA SER L 307 67.53 -65.16 -12.98
C SER L 307 66.96 -64.09 -13.90
N GLU L 308 65.73 -63.66 -13.65
CA GLU L 308 65.19 -62.50 -14.35
C GLU L 308 65.65 -61.19 -13.72
N GLY L 309 66.20 -61.26 -12.52
CA GLY L 309 66.62 -60.06 -11.81
C GLY L 309 65.46 -59.28 -11.26
N LYS L 310 64.32 -59.93 -11.05
CA LYS L 310 63.08 -59.25 -10.72
C LYS L 310 62.40 -59.97 -9.58
N TYR L 311 61.75 -59.19 -8.72
CA TYR L 311 60.84 -59.79 -7.75
C TYR L 311 59.70 -60.47 -8.49
N GLU L 312 59.31 -61.62 -7.98
CA GLU L 312 58.23 -62.39 -8.60
C GLU L 312 57.12 -62.67 -7.60
N ASP L 313 57.05 -61.92 -6.52
CA ASP L 313 55.88 -61.88 -5.66
C ASP L 313 56.00 -60.63 -4.79
N GLY L 314 55.02 -60.45 -3.91
CA GLY L 314 55.07 -59.37 -2.96
C GLY L 314 53.71 -58.80 -2.67
N ILE L 315 53.39 -58.63 -1.40
CA ILE L 315 52.15 -57.95 -1.05
C ILE L 315 52.13 -56.59 -1.70
N ILE L 316 53.28 -55.90 -1.69
CA ILE L 316 53.42 -54.67 -2.46
C ILE L 316 53.36 -54.97 -3.94
N GLN L 317 54.13 -55.97 -4.39
CA GLN L 317 54.28 -56.20 -5.82
C GLN L 317 52.95 -56.53 -6.47
N GLY L 318 52.09 -57.27 -5.78
CA GLY L 318 50.81 -57.62 -6.35
C GLY L 318 50.02 -56.41 -6.80
N TYR L 319 50.20 -55.27 -6.13
CA TYR L 319 49.50 -54.06 -6.52
C TYR L 319 49.85 -53.66 -7.95
N MET L 320 51.14 -53.55 -8.25
CA MET L 320 51.56 -53.15 -9.58
C MET L 320 51.18 -54.20 -10.62
N ASP L 321 51.29 -55.48 -10.26
CA ASP L 321 50.99 -56.54 -11.20
C ASP L 321 49.53 -56.45 -11.65
N SER L 322 48.62 -56.29 -10.70
CA SER L 322 47.21 -56.09 -11.04
C SER L 322 47.03 -54.86 -11.91
N LEU L 323 47.76 -53.79 -11.59
CA LEU L 323 47.67 -52.55 -12.36
C LEU L 323 48.07 -52.79 -13.81
N ASP L 324 49.17 -53.50 -14.02
CA ASP L 324 49.65 -53.71 -15.38
C ASP L 324 48.66 -54.54 -16.19
N THR L 325 48.09 -55.59 -15.60
CA THR L 325 46.91 -56.21 -16.18
C THR L 325 45.88 -55.15 -16.49
N PHE L 326 45.62 -54.29 -15.51
CA PHE L 326 44.62 -53.25 -15.65
C PHE L 326 45.01 -52.25 -16.73
N ALA L 327 46.30 -51.96 -16.85
CA ALA L 327 46.74 -50.89 -17.74
C ALA L 327 46.91 -51.39 -19.17
N LYS L 328 47.57 -52.54 -19.36
CA LYS L 328 47.78 -53.02 -20.71
C LYS L 328 46.47 -53.33 -21.41
N THR L 329 45.50 -53.89 -20.68
CA THR L 329 44.23 -54.27 -21.31
C THR L 329 43.56 -53.07 -21.98
N MET L 330 43.45 -51.95 -21.25
CA MET L 330 42.76 -50.80 -21.82
C MET L 330 43.40 -50.35 -23.13
N ILE L 331 44.72 -50.52 -23.27
CA ILE L 331 45.37 -50.17 -24.53
C ILE L 331 44.78 -51.00 -25.66
N ASN L 332 44.72 -52.31 -25.48
CA ASN L 332 44.23 -53.19 -26.52
C ASN L 332 42.79 -52.86 -26.89
N GLU L 333 41.95 -52.63 -25.88
CA GLU L 333 40.56 -52.30 -26.14
C GLU L 333 40.46 -51.01 -26.97
N THR L 334 41.16 -49.97 -26.55
CA THR L 334 41.06 -48.68 -27.21
C THR L 334 41.61 -48.75 -28.62
N ASN L 335 42.83 -49.30 -28.78
CA ASN L 335 43.36 -49.49 -30.12
C ASN L 335 42.42 -50.33 -30.96
N ASN L 336 41.74 -51.30 -30.35
CA ASN L 336 40.81 -52.13 -31.12
C ASN L 336 39.70 -51.28 -31.69
N LEU L 337 39.11 -50.43 -30.86
CA LEU L 337 38.19 -49.41 -31.36
C LEU L 337 38.92 -48.41 -32.24
N TYR L 338 40.02 -47.84 -31.74
CA TYR L 338 40.70 -46.78 -32.46
C TYR L 338 41.17 -47.24 -33.84
N ALA L 339 41.66 -48.47 -33.94
CA ALA L 339 42.14 -48.97 -35.23
C ALA L 339 41.03 -48.92 -36.27
N SER L 340 39.77 -49.00 -35.84
CA SER L 340 38.67 -49.08 -36.79
C SER L 340 38.53 -47.82 -37.62
N SER L 341 39.10 -46.70 -37.17
CA SER L 341 38.96 -45.45 -37.92
C SER L 341 39.54 -45.60 -39.31
N ALA L 342 38.87 -44.99 -40.29
CA ALA L 342 39.39 -44.95 -41.63
C ALA L 342 40.73 -44.23 -41.66
N LYS L 343 41.68 -44.79 -42.39
CA LYS L 343 43.01 -44.21 -42.50
C LYS L 343 43.51 -44.36 -43.93
N SER L 344 44.09 -43.29 -44.47
CA SER L 344 44.64 -43.36 -45.82
C SER L 344 45.74 -44.40 -45.89
N SER L 345 46.56 -44.51 -44.84
CA SER L 345 47.59 -45.51 -44.74
C SER L 345 47.65 -46.01 -43.31
N VAL L 346 48.18 -47.22 -43.13
CA VAL L 346 48.22 -47.87 -41.83
C VAL L 346 49.51 -48.64 -41.70
N THR L 347 50.01 -48.72 -40.46
CA THR L 347 51.19 -49.52 -40.14
C THR L 347 50.89 -50.35 -38.90
N SER L 348 51.41 -51.57 -38.88
CA SER L 348 51.32 -52.40 -37.69
C SER L 348 52.34 -51.93 -36.67
N ASP L 349 52.22 -52.45 -35.45
CA ASP L 349 53.25 -52.20 -34.46
C ASP L 349 54.44 -53.11 -34.73
N TYR L 350 55.44 -53.04 -33.84
CA TYR L 350 56.64 -53.86 -33.97
C TYR L 350 56.26 -55.27 -33.51
N LEU L 351 55.76 -56.06 -34.46
CA LEU L 351 55.14 -57.35 -34.19
C LEU L 351 56.17 -58.37 -33.74
N SER L 352 56.53 -58.32 -32.46
CA SER L 352 57.54 -59.22 -31.93
C SER L 352 56.96 -60.61 -31.69
N GLY L 353 57.79 -61.63 -31.93
CA GLY L 353 57.48 -62.97 -31.48
C GLY L 353 57.13 -63.91 -32.62
N LEU L 354 55.92 -64.47 -32.57
CA LEU L 354 55.56 -65.63 -33.39
C LEU L 354 55.80 -65.37 -34.88
N LYS L 355 56.38 -66.36 -35.55
CA LYS L 355 56.57 -66.28 -36.98
C LYS L 355 55.23 -66.32 -37.70
N GLY L 356 55.09 -65.47 -38.72
CA GLY L 356 53.85 -65.45 -39.48
C GLY L 356 53.53 -66.79 -40.10
N ASP L 357 54.55 -67.58 -40.43
CA ASP L 357 54.34 -68.93 -40.91
C ASP L 357 53.52 -69.74 -39.91
N ILE L 358 53.64 -69.44 -38.63
CA ILE L 358 52.89 -70.12 -37.57
C ILE L 358 51.54 -69.43 -37.43
N PRO L 359 50.42 -70.17 -37.45
CA PRO L 359 49.12 -69.53 -37.29
C PRO L 359 49.14 -68.55 -36.12
N LEU L 360 48.77 -67.31 -36.41
CA LEU L 360 49.05 -66.22 -35.49
C LEU L 360 48.32 -66.42 -34.16
N VAL L 361 47.15 -67.03 -34.19
CA VAL L 361 46.41 -67.29 -32.96
C VAL L 361 47.27 -68.03 -31.97
N ASN L 362 48.23 -68.82 -32.45
CA ASN L 362 49.11 -69.55 -31.56
C ASN L 362 49.85 -68.61 -30.61
N TYR L 363 50.05 -67.36 -31.03
CA TYR L 363 50.96 -66.50 -30.29
C TYR L 363 50.48 -66.26 -28.87
N ASP L 364 49.18 -66.11 -28.65
CA ASP L 364 48.71 -65.68 -27.35
C ASP L 364 47.31 -66.20 -27.08
N ARG L 365 46.96 -66.25 -25.79
CA ARG L 365 45.58 -66.45 -25.37
C ARG L 365 44.76 -65.18 -25.48
N THR L 366 45.41 -64.03 -25.61
CA THR L 366 44.73 -62.76 -25.77
C THR L 366 44.10 -62.61 -27.15
N ILE L 367 44.23 -63.62 -27.99
CA ILE L 367 43.73 -63.59 -29.36
C ILE L 367 42.88 -64.85 -29.57
N GLN L 368 41.65 -64.65 -30.03
CA GLN L 368 40.63 -65.68 -30.03
C GLN L 368 40.09 -65.90 -31.43
N PRO L 369 39.47 -67.06 -31.68
CA PRO L 369 38.74 -67.24 -32.95
C PRO L 369 37.71 -66.13 -33.12
N GLY L 370 37.83 -65.38 -34.22
CA GLY L 370 36.91 -64.28 -34.45
C GLY L 370 36.97 -63.85 -35.90
N SER L 371 35.89 -63.27 -36.37
CA SER L 371 35.82 -62.73 -37.72
C SER L 371 36.22 -61.26 -37.70
N PHE L 372 36.93 -60.86 -38.76
CA PHE L 372 37.35 -59.48 -38.90
C PHE L 372 37.17 -59.06 -40.35
N ASP L 373 36.50 -57.94 -40.55
CA ASP L 373 36.16 -57.45 -41.88
C ASP L 373 37.03 -56.27 -42.24
N ILE L 374 37.23 -56.08 -43.54
CA ILE L 374 38.11 -55.06 -44.09
C ILE L 374 37.33 -54.30 -45.15
N VAL L 375 37.42 -52.97 -45.11
CA VAL L 375 36.61 -52.11 -45.97
C VAL L 375 37.51 -50.98 -46.50
N ILE L 376 37.32 -50.63 -47.77
CA ILE L 376 38.13 -49.62 -48.44
C ILE L 376 37.30 -48.36 -48.63
N TYR L 377 38.00 -47.23 -48.69
CA TYR L 377 37.36 -45.92 -48.67
C TYR L 377 38.05 -45.02 -49.67
N ASP L 378 37.37 -43.94 -50.02
CA ASP L 378 38.02 -42.77 -50.59
C ASP L 378 38.28 -41.77 -49.47
N ASP L 379 39.24 -40.88 -49.70
CA ASP L 379 39.64 -39.97 -48.63
C ASP L 379 38.58 -38.91 -48.34
N LYS L 380 37.42 -39.00 -48.99
CA LYS L 380 36.26 -38.28 -48.46
C LYS L 380 35.77 -38.92 -47.18
N GLY L 381 36.25 -40.12 -46.86
CA GLY L 381 35.68 -40.91 -45.79
C GLY L 381 34.45 -41.68 -46.23
N ASP L 382 34.37 -42.02 -47.51
CA ASP L 382 33.20 -42.67 -48.09
C ASP L 382 33.53 -44.11 -48.43
N LYS L 383 32.58 -45.01 -48.19
CA LYS L 383 32.85 -46.44 -48.32
C LYS L 383 32.52 -46.95 -49.71
N LYS L 384 33.43 -47.75 -50.25
CA LYS L 384 33.15 -48.52 -51.46
C LYS L 384 33.31 -50.02 -51.28
N LEU L 385 34.46 -50.47 -50.79
CA LEU L 385 34.79 -51.89 -50.88
C LEU L 385 34.74 -52.58 -49.53
N THR L 386 34.68 -53.91 -49.56
CA THR L 386 34.62 -54.74 -48.36
C THR L 386 35.23 -56.10 -48.61
N LYS L 387 36.11 -56.52 -47.71
CA LYS L 387 36.60 -57.90 -47.66
C LYS L 387 36.72 -58.33 -46.21
N THR L 388 36.58 -59.63 -45.98
CA THR L 388 36.61 -60.20 -44.64
C THR L 388 37.50 -61.43 -44.63
N ILE L 389 38.17 -61.63 -43.50
CA ILE L 389 38.83 -62.89 -43.19
C ILE L 389 38.58 -63.18 -41.72
N THR L 390 38.70 -64.45 -41.35
CA THR L 390 38.35 -64.91 -40.02
C THR L 390 39.44 -65.82 -39.48
N ILE L 391 39.53 -65.90 -38.16
CA ILE L 391 40.64 -66.56 -37.48
C ILE L 391 40.28 -68.02 -37.20
N ASP L 392 41.25 -68.90 -37.41
CA ASP L 392 41.17 -70.29 -36.98
C ASP L 392 42.55 -70.73 -36.54
N VAL L 393 42.66 -72.00 -36.13
CA VAL L 393 43.95 -72.53 -35.71
C VAL L 393 44.97 -72.55 -36.84
N ASN L 394 44.51 -72.42 -38.08
CA ASN L 394 45.39 -72.46 -39.24
C ASN L 394 45.69 -71.07 -39.81
N THR L 395 45.31 -70.01 -39.10
CA THR L 395 45.39 -68.66 -39.65
C THR L 395 46.82 -68.12 -39.51
N THR L 396 47.64 -68.46 -40.50
CA THR L 396 48.95 -67.85 -40.61
C THR L 396 48.85 -66.48 -41.26
N MET L 397 49.90 -65.67 -41.09
CA MET L 397 49.95 -64.39 -41.77
C MET L 397 49.99 -64.57 -43.28
N ASN L 398 50.70 -65.61 -43.75
CA ASN L 398 51.06 -65.68 -45.15
C ASN L 398 49.82 -65.82 -46.04
N ASP L 399 48.97 -66.81 -45.75
CA ASP L 399 47.78 -67.01 -46.57
C ASP L 399 46.87 -65.80 -46.51
N ILE L 400 46.78 -65.18 -45.33
CA ILE L 400 45.97 -63.98 -45.18
C ILE L 400 46.42 -62.91 -46.17
N MET L 401 47.73 -62.70 -46.28
CA MET L 401 48.23 -61.77 -47.27
C MET L 401 47.81 -62.20 -48.67
N ARG L 402 48.06 -63.46 -49.02
CA ARG L 402 47.53 -63.99 -50.27
C ARG L 402 46.02 -63.75 -50.32
N GLN L 403 45.33 -64.12 -49.25
CA GLN L 403 43.89 -63.97 -49.18
C GLN L 403 43.50 -62.51 -49.34
N ILE L 404 44.27 -61.61 -48.72
CA ILE L 404 44.05 -60.18 -48.93
C ILE L 404 44.28 -59.81 -50.38
N ASN L 405 45.41 -60.24 -50.92
CA ASN L 405 45.83 -59.74 -52.24
C ASN L 405 45.13 -60.47 -53.36
N ALA L 406 44.32 -61.48 -53.05
CA ALA L 406 43.53 -62.15 -54.07
C ALA L 406 42.64 -61.15 -54.78
N ASN L 407 42.55 -61.28 -56.10
CA ASN L 407 41.87 -60.30 -56.95
C ASN L 407 40.46 -60.77 -57.27
N THR L 408 39.48 -60.20 -56.57
CA THR L 408 38.08 -60.41 -56.90
C THR L 408 37.26 -59.23 -56.37
N ASP L 409 36.08 -59.05 -56.95
CA ASP L 409 35.29 -57.89 -56.59
C ASP L 409 34.68 -58.04 -55.21
N ASP L 410 35.46 -57.62 -54.23
CA ASP L 410 34.97 -57.12 -52.96
C ASP L 410 33.63 -56.41 -53.10
N ASN L 411 33.50 -55.57 -54.13
CA ASN L 411 32.22 -54.96 -54.45
C ASN L 411 31.20 -55.95 -54.99
N ASP L 412 31.65 -57.10 -55.50
CA ASP L 412 30.75 -58.17 -55.94
C ASP L 412 29.98 -57.79 -57.21
N ASN L 413 30.66 -57.14 -58.14
CA ASN L 413 30.15 -56.96 -59.49
C ASN L 413 30.43 -58.16 -60.39
N LYS L 414 31.03 -59.21 -59.84
CA LYS L 414 31.59 -60.35 -60.56
C LYS L 414 32.77 -59.94 -61.44
N ASN L 415 33.09 -58.65 -61.48
CA ASN L 415 34.29 -58.20 -62.17
C ASN L 415 35.47 -58.25 -61.23
N SER L 416 36.26 -59.32 -61.32
CA SER L 416 37.46 -59.42 -60.51
C SER L 416 38.54 -58.51 -61.09
N ASN L 417 38.22 -57.23 -61.23
CA ASN L 417 39.17 -56.22 -61.67
C ASN L 417 38.92 -54.91 -60.92
N ASP L 418 37.96 -54.95 -59.99
CA ASP L 418 37.49 -53.80 -59.24
C ASP L 418 37.72 -54.03 -57.75
N ASP L 419 38.94 -54.43 -57.41
CA ASP L 419 39.18 -55.16 -56.18
C ASP L 419 40.08 -54.35 -55.25
N VAL L 420 40.00 -54.70 -53.97
CA VAL L 420 40.86 -54.05 -52.98
C VAL L 420 42.30 -54.04 -53.47
N ASP L 421 42.80 -55.20 -53.90
CA ASP L 421 44.18 -55.27 -54.36
C ASP L 421 44.40 -54.42 -55.60
N ASP L 422 43.37 -54.26 -56.44
CA ASP L 422 43.46 -53.28 -57.53
C ASP L 422 43.60 -51.88 -56.97
N HIS L 423 42.91 -51.60 -55.86
CA HIS L 423 42.64 -50.21 -55.50
C HIS L 423 43.58 -49.69 -54.42
N ILE L 424 44.25 -50.57 -53.68
CA ILE L 424 45.06 -50.13 -52.55
C ILE L 424 46.35 -50.94 -52.51
N ASN L 425 47.24 -50.55 -51.58
CA ASN L 425 48.60 -51.08 -51.51
C ASN L 425 48.89 -51.54 -50.08
N ALA L 426 49.58 -52.66 -49.95
CA ALA L 426 49.88 -53.25 -48.65
C ALA L 426 51.23 -53.95 -48.70
N SER L 427 51.80 -54.21 -47.52
CA SER L 427 53.08 -54.87 -47.43
C SER L 427 53.26 -55.46 -46.03
N PHE L 428 54.20 -56.39 -45.92
CA PHE L 428 54.61 -56.96 -44.64
C PHE L 428 56.11 -57.18 -44.62
N SER L 429 56.66 -57.27 -43.42
CA SER L 429 58.06 -57.63 -43.24
C SER L 429 58.24 -58.30 -41.88
N TYR L 430 59.20 -59.22 -41.82
CA TYR L 430 59.56 -59.87 -40.57
C TYR L 430 61.01 -60.31 -40.65
N ASP L 431 61.71 -60.24 -39.52
CA ASP L 431 63.05 -60.78 -39.39
C ASP L 431 63.12 -61.66 -38.14
N ALA L 432 63.81 -62.79 -38.27
CA ALA L 432 64.01 -63.68 -37.13
C ALA L 432 65.22 -63.26 -36.30
N LYS L 433 66.29 -62.79 -36.94
CA LYS L 433 67.46 -62.35 -36.20
C LYS L 433 67.16 -61.12 -35.34
N THR L 434 66.01 -60.49 -35.58
CA THR L 434 65.33 -59.69 -34.56
C THR L 434 64.12 -60.41 -34.00
N GLY L 435 63.37 -61.13 -34.85
CA GLY L 435 62.26 -61.95 -34.38
C GLY L 435 60.98 -61.14 -34.33
N ASP L 436 60.83 -60.24 -35.30
CA ASP L 436 59.88 -59.15 -35.18
C ASP L 436 59.30 -58.83 -36.56
N GLY L 437 58.07 -58.34 -36.57
CA GLY L 437 57.32 -58.17 -37.81
C GLY L 437 56.65 -56.81 -37.91
N LEU L 438 56.23 -56.48 -39.14
CA LEU L 438 55.59 -55.20 -39.43
C LEU L 438 54.87 -55.23 -40.77
N PHE L 439 53.68 -54.62 -40.80
CA PHE L 439 52.95 -54.35 -42.04
C PHE L 439 52.93 -52.86 -42.31
N GLN L 440 52.96 -52.48 -43.59
CA GLN L 440 52.74 -51.11 -44.01
C GLN L 440 51.74 -51.09 -45.15
N ILE L 441 50.77 -50.18 -45.05
CA ILE L 441 49.62 -50.17 -45.95
C ILE L 441 49.27 -48.74 -46.33
N ASN L 442 48.91 -48.55 -47.60
CA ASN L 442 48.31 -47.30 -48.06
C ASN L 442 47.36 -47.63 -49.20
N ALA L 443 46.42 -46.73 -49.44
CA ALA L 443 45.36 -46.95 -50.41
C ALA L 443 45.47 -45.91 -51.54
N LYS L 444 45.30 -46.38 -52.77
CA LYS L 444 45.65 -45.60 -53.96
C LYS L 444 44.86 -44.29 -54.02
N SER L 445 45.36 -43.38 -54.85
CA SER L 445 44.60 -42.23 -55.34
C SER L 445 43.66 -41.66 -54.30
N GLY L 446 44.17 -41.37 -53.11
CA GLY L 446 43.36 -40.76 -52.08
C GLY L 446 42.27 -41.67 -51.55
N PHE L 447 42.67 -42.83 -51.02
CA PHE L 447 41.76 -43.80 -50.46
C PHE L 447 42.13 -44.04 -49.00
N LYS L 448 41.14 -44.47 -48.21
CA LYS L 448 41.39 -44.92 -46.85
C LYS L 448 41.08 -46.40 -46.71
N VAL L 449 41.62 -47.00 -45.66
CA VAL L 449 41.38 -48.39 -45.32
C VAL L 449 40.72 -48.45 -43.95
N ALA L 450 39.99 -49.53 -43.69
CA ALA L 450 39.30 -49.69 -42.43
C ALA L 450 39.22 -51.17 -42.06
N ILE L 451 39.03 -51.42 -40.76
CA ILE L 451 39.05 -52.77 -40.20
C ILE L 451 37.87 -52.91 -39.25
N GLU L 452 37.33 -54.11 -39.16
CA GLU L 452 36.19 -54.39 -38.30
C GLU L 452 36.38 -55.79 -37.73
N ASP L 453 36.57 -55.88 -36.41
CA ASP L 453 36.85 -57.14 -35.75
C ASP L 453 35.65 -57.63 -34.96
N LYS L 454 35.45 -58.94 -34.95
CA LYS L 454 34.50 -59.59 -34.06
C LYS L 454 35.20 -60.79 -33.40
N GLY L 455 35.53 -60.64 -32.13
CA GLY L 455 36.04 -61.74 -31.34
C GLY L 455 37.51 -62.05 -31.51
N THR L 456 38.19 -61.43 -32.47
CA THR L 456 39.62 -61.67 -32.60
C THR L 456 40.41 -60.92 -31.53
N ASN L 457 39.93 -59.72 -31.15
CA ASN L 457 40.61 -58.91 -30.15
C ASN L 457 41.99 -58.51 -30.65
N PHE L 458 42.23 -58.70 -31.95
CA PHE L 458 43.60 -58.67 -32.45
C PHE L 458 44.11 -57.26 -32.68
N ALA L 459 43.47 -56.53 -33.60
CA ALA L 459 44.10 -55.32 -34.13
C ALA L 459 44.52 -54.37 -33.03
N GLY L 460 43.61 -54.06 -32.11
CA GLY L 460 43.97 -53.21 -31.00
C GLY L 460 44.99 -53.85 -30.10
N ALA L 461 44.87 -55.17 -29.88
CA ALA L 461 45.84 -55.85 -29.03
C ALA L 461 47.26 -55.64 -29.51
N PHE L 462 47.46 -55.54 -30.82
CA PHE L 462 48.77 -55.31 -31.39
C PHE L 462 48.85 -53.95 -32.10
N SER L 463 48.00 -53.01 -31.71
CA SER L 463 48.19 -51.60 -32.01
C SER L 463 48.48 -51.36 -33.49
N ILE L 464 47.87 -52.14 -34.36
CA ILE L 464 47.93 -51.84 -35.79
C ILE L 464 46.98 -50.68 -36.05
N GLY L 465 47.53 -49.52 -36.39
CA GLY L 465 46.74 -48.31 -36.42
C GLY L 465 46.22 -47.92 -35.07
N GLY L 466 46.95 -48.25 -34.00
CA GLY L 466 46.54 -47.90 -32.66
C GLY L 466 46.88 -46.46 -32.30
N PHE L 467 46.55 -46.10 -31.06
CA PHE L 467 46.72 -44.72 -30.60
C PHE L 467 47.85 -44.55 -29.60
N PHE L 468 48.33 -45.63 -29.00
CA PHE L 468 49.08 -45.51 -27.76
C PHE L 468 50.58 -45.44 -28.01
N SER L 469 51.31 -45.45 -26.91
CA SER L 469 52.76 -45.61 -26.89
C SER L 469 53.14 -46.08 -25.50
N GLY L 470 54.32 -46.68 -25.41
CA GLY L 470 54.90 -47.03 -24.12
C GLY L 470 54.87 -48.52 -23.84
N THR L 471 55.54 -48.88 -22.74
CA THR L 471 55.74 -50.25 -22.32
C THR L 471 54.73 -50.71 -21.28
N ASP L 472 54.53 -49.93 -20.22
CA ASP L 472 53.72 -50.36 -19.10
C ASP L 472 53.27 -49.14 -18.31
N ALA L 473 52.48 -49.36 -17.26
CA ALA L 473 51.92 -48.26 -16.48
C ALA L 473 52.96 -47.20 -16.16
N SER L 474 54.24 -47.56 -16.19
CA SER L 474 55.30 -46.58 -16.01
C SER L 474 55.22 -45.45 -17.03
N ASP L 475 54.82 -45.74 -18.27
CA ASP L 475 55.00 -44.75 -19.33
C ASP L 475 53.83 -44.60 -20.30
N MET L 476 53.02 -45.64 -20.44
CA MET L 476 52.17 -45.77 -21.63
C MET L 476 51.23 -44.58 -21.77
N LYS L 477 51.14 -44.05 -22.98
CA LYS L 477 50.40 -42.81 -23.23
C LYS L 477 50.22 -42.60 -24.73
N VAL L 478 49.76 -41.39 -25.08
CA VAL L 478 49.45 -41.04 -26.46
C VAL L 478 50.61 -41.33 -27.39
N LYS L 479 50.28 -41.50 -28.68
CA LYS L 479 51.29 -41.56 -29.70
C LYS L 479 51.70 -40.15 -30.14
N ASP L 480 53.00 -39.97 -30.39
CA ASP L 480 53.54 -38.63 -30.57
C ASP L 480 52.96 -37.93 -31.79
N SER L 481 52.76 -38.65 -32.89
CA SER L 481 52.21 -38.02 -34.08
C SER L 481 51.04 -37.12 -33.74
N ILE L 482 50.10 -37.64 -32.95
CA ILE L 482 49.02 -36.80 -32.45
C ILE L 482 49.60 -35.62 -31.68
N LEU L 483 50.54 -35.89 -30.78
CA LEU L 483 51.18 -34.82 -30.04
C LEU L 483 51.85 -33.84 -30.99
N ASN L 484 52.28 -34.32 -32.15
CA ASN L 484 52.82 -33.42 -33.16
C ASN L 484 51.72 -32.65 -33.86
N ASP L 485 50.57 -33.30 -34.10
CA ASP L 485 49.48 -32.69 -34.86
C ASP L 485 48.16 -33.33 -34.46
N PRO L 486 47.50 -32.82 -33.42
CA PRO L 486 46.20 -33.38 -33.01
C PRO L 486 45.15 -33.31 -34.11
N SER L 487 45.23 -32.32 -35.00
CA SER L 487 44.18 -32.14 -36.00
C SER L 487 43.97 -33.40 -36.84
N THR L 488 45.01 -34.22 -36.97
CA THR L 488 44.89 -35.43 -37.78
C THR L 488 43.78 -36.35 -37.28
N VAL L 489 43.46 -36.28 -35.99
CA VAL L 489 42.63 -37.30 -35.36
C VAL L 489 41.18 -37.13 -35.76
N ARG L 490 40.46 -38.26 -35.82
CA ARG L 490 39.06 -38.32 -36.23
C ARG L 490 38.27 -39.13 -35.22
N ALA L 491 37.06 -38.67 -34.89
CA ALA L 491 36.15 -39.40 -34.02
C ALA L 491 35.30 -40.41 -34.77
N SER L 492 35.65 -40.70 -36.02
CA SER L 492 34.70 -41.22 -36.98
C SER L 492 35.16 -42.54 -37.58
N SER L 493 34.18 -43.37 -37.92
CA SER L 493 34.44 -44.52 -38.76
C SER L 493 34.99 -44.08 -40.11
N ASN L 494 34.41 -43.00 -40.65
CA ASN L 494 34.79 -42.51 -41.97
C ASN L 494 36.19 -41.92 -42.00
N GLY L 495 36.82 -41.72 -40.85
CA GLY L 495 38.15 -41.12 -40.82
C GLY L 495 38.19 -39.68 -41.24
N VAL L 496 37.06 -38.97 -41.17
CA VAL L 496 37.03 -37.53 -41.35
C VAL L 496 36.29 -36.94 -40.16
N ASP L 497 36.39 -35.63 -40.01
CA ASP L 497 35.85 -34.96 -38.83
C ASP L 497 34.34 -34.79 -38.97
N SER L 498 33.62 -35.87 -39.21
CA SER L 498 32.17 -35.83 -39.30
C SER L 498 31.54 -36.87 -38.37
N GLY L 499 32.14 -38.05 -38.31
CA GLY L 499 31.58 -39.11 -37.50
C GLY L 499 32.03 -39.05 -36.06
N ASN L 500 31.08 -38.94 -35.14
CA ASN L 500 31.34 -39.20 -33.73
C ASN L 500 31.16 -40.67 -33.38
N ASP L 501 30.82 -41.50 -34.37
CA ASP L 501 30.43 -42.87 -34.10
C ASP L 501 31.47 -43.62 -33.29
N MET L 502 32.75 -43.48 -33.64
CA MET L 502 33.77 -44.11 -32.81
C MET L 502 33.79 -43.50 -31.43
N ALA L 503 33.88 -42.18 -31.35
CA ALA L 503 33.79 -41.52 -30.05
C ALA L 503 32.61 -42.04 -29.26
N ASN L 504 31.48 -42.25 -29.94
CA ASN L 504 30.34 -42.91 -29.32
C ASN L 504 30.74 -44.28 -28.79
N LYS L 505 31.51 -45.04 -29.57
CA LYS L 505 31.91 -46.37 -29.14
C LYS L 505 32.78 -46.31 -27.89
N ILE L 506 33.67 -45.31 -27.80
CA ILE L 506 34.38 -45.12 -26.53
C ILE L 506 33.39 -44.84 -25.41
N ILE L 507 32.41 -43.98 -25.65
CA ILE L 507 31.42 -43.70 -24.62
C ILE L 507 30.72 -44.98 -24.20
N GLN L 508 30.25 -45.76 -25.18
CA GLN L 508 29.68 -47.06 -24.87
C GLN L 508 30.72 -47.96 -24.22
N LEU L 509 31.95 -47.92 -24.74
CA LEU L 509 33.04 -48.65 -24.10
C LEU L 509 33.22 -48.22 -22.66
N GLN L 510 33.16 -46.91 -22.40
CA GLN L 510 33.34 -46.43 -21.03
C GLN L 510 32.32 -47.07 -20.10
N TYR L 511 31.16 -47.45 -20.63
CA TYR L 511 30.18 -48.18 -19.85
C TYR L 511 30.60 -49.63 -19.68
N ASP L 512 31.29 -50.18 -20.68
CA ASP L 512 31.28 -51.61 -20.91
C ASP L 512 32.02 -52.38 -19.83
N LYS L 513 31.65 -53.65 -19.72
CA LYS L 513 32.33 -54.63 -18.90
C LYS L 513 33.26 -55.42 -19.80
N VAL L 514 34.57 -55.31 -19.55
CA VAL L 514 35.56 -55.66 -20.56
C VAL L 514 36.55 -56.67 -19.98
N ASN L 515 37.21 -57.39 -20.88
CA ASN L 515 37.87 -58.65 -20.56
C ASN L 515 39.31 -58.41 -20.11
N PHE L 516 39.77 -59.25 -19.18
CA PHE L 516 41.15 -59.25 -18.72
C PHE L 516 41.81 -60.56 -19.08
N TYR L 517 43.13 -60.58 -19.00
CA TYR L 517 43.90 -61.80 -18.86
C TYR L 517 44.84 -61.61 -17.67
N ASN L 518 44.30 -61.84 -16.47
CA ASN L 518 45.07 -61.58 -15.26
C ASN L 518 46.18 -62.61 -15.11
N GLU L 519 47.31 -62.15 -14.59
CA GLU L 519 48.51 -62.98 -14.48
C GLU L 519 48.45 -63.95 -13.31
N ASP L 520 47.38 -63.92 -12.52
CA ASP L 520 47.07 -65.03 -11.63
C ASP L 520 46.59 -66.19 -12.48
N GLY L 521 46.37 -65.95 -13.78
CA GLY L 521 45.83 -66.94 -14.68
C GLY L 521 44.38 -66.70 -15.05
N THR L 522 43.71 -65.75 -14.39
CA THR L 522 42.28 -65.58 -14.59
C THR L 522 41.98 -64.55 -15.68
N ILE L 523 41.16 -64.95 -16.64
CA ILE L 523 40.44 -63.98 -17.46
C ILE L 523 39.37 -63.33 -16.60
N ASP L 524 39.03 -62.08 -16.94
CA ASP L 524 37.97 -61.39 -16.23
C ASP L 524 37.39 -60.30 -17.11
N ASN L 525 36.06 -60.25 -17.16
CA ASN L 525 35.32 -59.21 -17.87
C ASN L 525 34.73 -58.27 -16.84
N LEU L 526 35.07 -56.99 -16.95
CA LEU L 526 34.79 -56.08 -15.85
C LEU L 526 34.71 -54.64 -16.35
N THR L 527 34.04 -53.80 -15.56
CA THR L 527 34.17 -52.36 -15.71
C THR L 527 35.45 -51.91 -15.03
N MET L 528 36.38 -51.38 -15.81
CA MET L 528 37.75 -51.14 -15.34
C MET L 528 37.74 -50.53 -13.95
N GLU L 529 37.00 -49.45 -13.76
CA GLU L 529 37.00 -48.71 -12.50
C GLU L 529 36.73 -49.62 -11.31
N GLU L 530 35.87 -50.62 -11.47
CA GLU L 530 35.61 -51.53 -10.36
C GLU L 530 36.91 -52.22 -9.95
N TYR L 531 37.70 -52.65 -10.92
CA TYR L 531 39.00 -53.25 -10.64
C TYR L 531 39.78 -52.37 -9.69
N TYR L 532 39.90 -51.08 -10.03
CA TYR L 532 40.55 -50.15 -9.12
C TYR L 532 39.87 -50.14 -7.76
N ARG L 533 38.54 -50.02 -7.75
CA ARG L 533 37.84 -49.86 -6.49
C ARG L 533 38.16 -51.01 -5.54
N LYS L 534 38.11 -52.25 -6.05
CA LYS L 534 38.39 -53.38 -5.18
C LYS L 534 39.84 -53.38 -4.71
N LEU L 535 40.77 -53.05 -5.60
CA LEU L 535 42.18 -53.11 -5.26
C LEU L 535 42.51 -52.22 -4.06
N THR L 536 42.07 -50.96 -4.11
CA THR L 536 42.41 -50.04 -3.04
C THR L 536 41.70 -50.38 -1.74
N GLY L 537 40.39 -50.60 -1.79
CA GLY L 537 39.66 -50.83 -0.56
C GLY L 537 40.20 -51.99 0.23
N LYS L 538 40.61 -53.05 -0.46
CA LYS L 538 41.28 -54.16 0.21
C LYS L 538 42.50 -53.66 0.96
N ILE L 539 43.31 -52.82 0.31
CA ILE L 539 44.55 -52.34 0.93
C ILE L 539 44.22 -51.43 2.10
N ALA L 540 43.33 -50.45 1.88
CA ALA L 540 43.04 -49.47 2.93
C ALA L 540 42.42 -50.13 4.16
N SER L 541 41.45 -51.01 3.94
CA SER L 541 40.84 -51.71 5.07
C SER L 541 41.88 -52.50 5.85
N ASP L 542 42.86 -53.08 5.16
CA ASP L 542 43.90 -53.82 5.85
C ASP L 542 44.58 -52.95 6.90
N GLY L 543 44.80 -51.68 6.58
CA GLY L 543 45.43 -50.79 7.55
C GLY L 543 44.63 -50.68 8.83
N GLU L 544 43.32 -50.42 8.70
CA GLU L 544 42.48 -50.36 9.88
C GLU L 544 42.35 -51.73 10.54
N ASN L 545 42.50 -52.81 9.77
CA ASN L 545 42.50 -54.14 10.38
C ASN L 545 43.64 -54.27 11.38
N ASN L 546 44.84 -53.82 11.00
CA ASN L 546 45.96 -53.86 11.94
C ASN L 546 45.69 -53.00 13.17
N ASN L 547 45.06 -51.83 12.97
CA ASN L 547 44.73 -51.00 14.11
C ASN L 547 43.99 -51.80 15.16
N VAL L 548 43.03 -52.63 14.74
CA VAL L 548 42.40 -53.56 15.66
C VAL L 548 43.44 -54.49 16.25
N VAL L 549 44.30 -55.04 15.40
CA VAL L 549 45.38 -55.91 15.88
C VAL L 549 46.19 -55.17 16.93
N ASN L 550 46.60 -53.95 16.60
CA ASN L 550 47.39 -53.17 17.55
C ASN L 550 46.62 -52.89 18.82
N SER L 551 45.56 -52.08 18.71
CA SER L 551 44.84 -51.62 19.90
C SER L 551 44.60 -52.76 20.86
N SER L 552 44.24 -53.93 20.35
CA SER L 552 43.96 -55.06 21.22
C SER L 552 45.19 -55.44 22.04
N ASN L 553 46.34 -55.56 21.39
CA ASN L 553 47.49 -56.17 22.06
C ASN L 553 48.19 -55.18 22.98
N GLU L 554 48.55 -54.00 22.47
CA GLU L 554 49.30 -53.08 23.31
C GLU L 554 48.52 -52.65 24.53
N THR L 555 47.21 -52.44 24.38
CA THR L 555 46.39 -52.12 25.54
C THR L 555 46.63 -53.15 26.65
N LEU L 556 46.57 -54.43 26.28
CA LEU L 556 46.98 -55.47 27.21
C LEU L 556 48.45 -55.34 27.57
N TYR L 557 49.30 -55.13 26.56
CA TYR L 557 50.74 -55.12 26.80
C TYR L 557 51.11 -54.17 27.92
N ASN L 558 50.49 -52.99 27.95
CA ASN L 558 50.76 -52.05 29.02
C ASN L 558 50.48 -52.68 30.38
N SER L 559 49.45 -53.51 30.46
CA SER L 559 49.25 -54.31 31.66
C SER L 559 50.43 -55.24 31.88
N VAL L 560 50.91 -55.88 30.82
CA VAL L 560 52.09 -56.74 30.94
C VAL L 560 53.28 -55.91 31.41
N TYR L 561 53.45 -54.72 30.83
CA TYR L 561 54.45 -53.81 31.34
C TYR L 561 54.23 -53.55 32.82
N SER L 562 53.01 -53.15 33.19
CA SER L 562 52.77 -52.74 34.57
C SER L 562 53.04 -53.88 35.53
N GLU L 563 52.47 -55.05 35.24
CA GLU L 563 52.67 -56.20 36.12
C GLU L 563 54.14 -56.55 36.25
N TYR L 564 54.85 -56.63 35.12
CA TYR L 564 56.25 -57.02 35.21
C TYR L 564 57.12 -55.87 35.69
N GLN L 565 56.66 -54.63 35.50
CA GLN L 565 57.36 -53.51 36.12
C GLN L 565 57.33 -53.63 37.63
N SER L 566 56.44 -54.47 38.16
CA SER L 566 56.28 -54.60 39.59
C SER L 566 57.44 -55.33 40.25
N LYS L 567 58.22 -56.09 39.47
CA LYS L 567 59.06 -57.14 40.04
C LYS L 567 59.97 -56.63 41.14
N SER L 568 60.51 -55.42 40.99
CA SER L 568 61.54 -54.85 41.85
C SER L 568 62.91 -55.49 41.60
N GLY L 569 62.94 -56.65 40.95
CA GLY L 569 64.22 -57.29 40.68
C GLY L 569 65.10 -57.32 41.91
N VAL L 570 66.19 -56.55 41.83
CA VAL L 570 67.07 -56.29 42.95
C VAL L 570 66.30 -55.48 43.99
N ASN L 571 66.88 -55.26 45.16
CA ASN L 571 66.24 -54.35 46.11
C ASN L 571 66.04 -52.99 45.45
N THR L 572 64.81 -52.48 45.46
CA THR L 572 64.50 -51.18 44.82
C THR L 572 64.05 -50.17 45.86
N ASN L 573 63.51 -49.02 45.44
CA ASN L 573 63.23 -47.94 46.41
C ASN L 573 61.81 -47.54 46.83
N GLU L 574 60.74 -48.05 46.23
CA GLU L 574 59.44 -47.54 46.67
C GLU L 574 59.33 -47.43 48.18
N GLU L 575 59.43 -48.56 48.88
CA GLU L 575 59.47 -48.51 50.34
C GLU L 575 60.89 -48.38 50.91
N LEU L 576 61.85 -49.06 50.27
CA LEU L 576 63.25 -48.94 50.70
C LEU L 576 63.65 -47.47 50.84
N ALA L 577 63.04 -46.60 50.03
CA ALA L 577 63.27 -45.18 50.17
C ALA L 577 62.79 -44.67 51.53
N ALA L 578 61.65 -45.17 51.98
CA ALA L 578 61.11 -44.71 53.25
C ALA L 578 62.08 -45.00 54.39
N LEU L 579 62.64 -46.20 54.42
CA LEU L 579 63.44 -46.63 55.56
C LEU L 579 64.64 -45.74 55.80
N ILE L 580 65.08 -45.00 54.77
CA ILE L 580 66.30 -44.23 54.90
C ILE L 580 66.19 -43.23 56.04
N GLN L 581 65.07 -42.51 56.12
CA GLN L 581 64.93 -41.51 57.18
C GLN L 581 65.01 -42.15 58.55
N TYR L 582 64.64 -43.42 58.66
CA TYR L 582 64.66 -44.10 59.95
C TYR L 582 66.07 -44.32 60.47
N GLN L 583 67.04 -44.49 59.57
CA GLN L 583 68.37 -44.92 59.98
C GLN L 583 68.91 -44.12 61.16
N SER L 584 68.60 -42.83 61.21
CA SER L 584 69.11 -41.99 62.29
C SER L 584 68.92 -42.66 63.64
N SER L 585 67.89 -43.48 63.78
CA SER L 585 67.61 -44.09 65.08
C SER L 585 68.84 -44.79 65.63
N TYR L 586 69.63 -45.44 64.78
CA TYR L 586 70.83 -46.08 65.28
C TYR L 586 71.79 -45.09 65.92
N GLY L 587 71.91 -43.89 65.35
CA GLY L 587 72.67 -42.85 66.02
C GLY L 587 72.37 -42.80 67.49
N ALA L 588 71.11 -43.00 67.87
CA ALA L 588 70.77 -43.18 69.28
C ALA L 588 71.39 -44.47 69.82
N ALA L 589 71.36 -45.54 69.02
CA ALA L 589 72.01 -46.77 69.46
C ALA L 589 73.50 -46.54 69.69
N ALA L 590 74.15 -45.82 68.77
CA ALA L 590 75.55 -45.47 68.97
C ALA L 590 75.73 -44.65 70.24
N LYS L 591 74.74 -43.82 70.58
CA LYS L 591 74.83 -43.03 71.80
C LYS L 591 75.17 -43.90 73.00
N ILE L 592 74.43 -45.01 73.16
CA ILE L 592 74.68 -45.89 74.29
C ILE L 592 76.09 -46.46 74.23
N VAL L 593 76.52 -46.87 73.04
CA VAL L 593 77.85 -47.46 72.90
C VAL L 593 78.89 -46.52 73.48
N SER L 594 78.73 -45.22 73.25
CA SER L 594 79.62 -44.25 73.89
C SER L 594 79.48 -44.30 75.40
N THR L 595 78.26 -44.39 75.92
CA THR L 595 78.07 -44.51 77.36
C THR L 595 78.80 -45.71 77.92
N VAL L 596 78.88 -46.80 77.13
CA VAL L 596 79.65 -47.96 77.58
C VAL L 596 81.09 -47.57 77.82
N ASP L 597 81.68 -46.83 76.88
CA ASP L 597 83.06 -46.39 77.07
C ASP L 597 83.18 -45.49 78.29
N GLN L 598 82.22 -44.60 78.49
CA GLN L 598 82.20 -43.82 79.72
C GLN L 598 82.26 -44.73 80.94
N MET L 599 81.61 -45.88 80.88
CA MET L 599 81.66 -46.81 81.99
C MET L 599 83.08 -47.30 82.25
N LEU L 600 83.89 -47.40 81.20
CA LEU L 600 85.28 -47.79 81.39
C LEU L 600 85.99 -46.82 82.32
N ASP L 601 85.57 -45.56 82.34
CA ASP L 601 86.10 -44.61 83.31
C ASP L 601 85.88 -45.13 84.72
N THR L 602 84.67 -45.62 84.99
CA THR L 602 84.40 -46.23 86.29
C THR L 602 85.27 -47.45 86.51
N LEU L 603 85.44 -48.29 85.49
CA LEU L 603 86.32 -49.44 85.62
C LEU L 603 87.77 -49.18 86.01
N LEU L 604 88.48 -48.38 85.21
CA LEU L 604 89.89 -48.09 85.50
C LEU L 604 90.04 -47.14 86.68
N GLY L 605 88.95 -46.46 87.03
CA GLY L 605 88.95 -45.55 88.17
C GLY L 605 89.29 -46.45 89.33
N LEU L 606 88.95 -47.73 89.24
CA LEU L 606 89.22 -48.65 90.34
C LEU L 606 90.68 -49.07 90.42
N LYS L 607 91.46 -48.92 89.34
CA LYS L 607 92.90 -49.05 89.49
C LYS L 607 93.48 -47.81 90.15
N SER L 608 92.92 -46.64 89.86
CA SER L 608 93.42 -45.39 90.40
C SER L 608 93.15 -45.29 91.90
N MET M 1 109.01 -43.29 76.85
CA MET M 1 108.99 -41.81 76.89
C MET M 1 109.04 -41.23 75.49
N GLY M 2 109.92 -41.79 74.66
CA GLY M 2 110.11 -41.25 73.32
C GLY M 2 108.83 -41.21 72.50
N ILE M 3 107.89 -42.10 72.81
CA ILE M 3 106.62 -42.15 72.09
C ILE M 3 105.86 -40.84 72.29
N PHE M 4 106.31 -40.02 73.24
CA PHE M 4 105.74 -38.69 73.40
C PHE M 4 105.75 -37.93 72.09
N GLY M 5 106.78 -38.14 71.27
CA GLY M 5 106.86 -37.47 69.98
C GLY M 5 105.72 -37.84 69.05
N THR M 6 105.03 -38.95 69.33
CA THR M 6 103.92 -39.35 68.47
C THR M 6 102.89 -38.25 68.33
N LEU M 7 102.71 -37.43 69.37
CA LEU M 7 101.73 -36.35 69.30
C LEU M 7 102.12 -35.34 68.24
N TYR M 8 103.42 -35.01 68.13
CA TYR M 8 103.88 -34.17 67.04
C TYR M 8 103.26 -34.61 65.73
N THR M 9 103.39 -35.90 65.41
CA THR M 9 102.82 -36.43 64.17
C THR M 9 101.30 -36.33 64.17
N GLY M 10 100.67 -36.67 65.30
CA GLY M 10 99.22 -36.64 65.35
C GLY M 10 98.67 -35.26 65.01
N VAL M 11 99.32 -34.21 65.51
CA VAL M 11 98.85 -32.86 65.22
C VAL M 11 99.16 -32.48 63.78
N THR M 12 99.99 -33.25 63.08
CA THR M 12 100.17 -33.02 61.66
C THR M 12 98.85 -33.11 60.93
N GLY M 13 98.03 -34.11 61.26
CA GLY M 13 96.67 -34.14 60.77
C GLY M 13 95.89 -32.92 61.21
N LEU M 14 96.04 -32.52 62.47
CA LEU M 14 95.43 -31.30 62.94
C LEU M 14 96.05 -30.08 62.28
N LYS M 15 97.35 -30.11 62.00
CA LYS M 15 97.97 -29.03 61.23
C LYS M 15 97.23 -28.84 59.92
N ALA M 16 97.01 -29.93 59.19
CA ALA M 16 96.20 -29.85 57.98
C ALA M 16 94.79 -29.36 58.28
N SER M 17 94.29 -29.65 59.48
CA SER M 17 92.92 -29.28 59.81
C SER M 17 92.73 -27.77 59.75
N GLU M 18 93.58 -27.01 60.45
CA GLU M 18 93.48 -25.55 60.39
C GLU M 18 93.82 -25.05 59.00
N VAL M 19 94.83 -25.65 58.36
CA VAL M 19 95.11 -25.31 56.97
C VAL M 19 93.88 -25.58 56.13
N GLN M 20 93.21 -26.70 56.38
CA GLN M 20 92.01 -27.04 55.63
C GLN M 20 90.83 -26.19 56.07
N ILE M 21 90.70 -25.95 57.39
CA ILE M 21 89.48 -25.34 57.92
C ILE M 21 89.24 -24.00 57.23
N ALA M 22 90.30 -23.22 57.05
CA ALA M 22 90.15 -21.88 56.51
C ALA M 22 90.26 -21.88 54.99
N THR M 23 91.40 -22.33 54.47
CA THR M 23 91.65 -22.23 53.03
C THR M 23 90.65 -23.04 52.23
N THR M 24 90.72 -24.37 52.34
CA THR M 24 89.81 -25.22 51.59
C THR M 24 88.41 -25.21 52.21
N GLY M 25 88.30 -24.83 53.48
CA GLY M 25 86.96 -24.62 54.03
C GLY M 25 86.11 -23.80 53.10
N ASN M 26 86.59 -22.61 52.73
CA ASN M 26 85.98 -21.88 51.64
C ASN M 26 86.15 -22.62 50.32
N ASN M 27 87.38 -23.03 50.02
CA ASN M 27 87.75 -23.30 48.63
C ASN M 27 87.46 -24.72 48.17
N ILE M 28 86.78 -25.52 48.99
CA ILE M 28 86.18 -26.75 48.45
C ILE M 28 85.34 -26.41 47.23
N SER M 29 84.42 -25.46 47.39
CA SER M 29 83.68 -24.88 46.29
C SER M 29 83.80 -23.36 46.32
N ASN M 30 84.51 -22.81 47.30
CA ASN M 30 85.07 -21.47 47.27
C ASN M 30 84.03 -20.37 47.48
N ALA M 31 82.75 -20.68 47.35
CA ALA M 31 81.66 -19.93 47.97
C ALA M 31 81.75 -18.42 47.73
N ASN M 32 82.60 -17.97 46.79
CA ASN M 32 82.78 -16.54 46.54
C ASN M 32 82.08 -16.13 45.25
N ALA M 33 81.15 -16.99 44.84
CA ALA M 33 80.00 -16.64 44.02
C ALA M 33 80.13 -16.48 42.50
N THR M 34 81.33 -16.47 41.89
CA THR M 34 81.28 -16.20 40.45
C THR M 34 82.19 -16.96 39.48
N PHE M 35 83.43 -17.35 39.83
CA PHE M 35 84.36 -17.67 38.75
C PHE M 35 85.37 -18.78 39.07
N TYR M 36 85.04 -19.74 39.90
CA TYR M 36 86.06 -20.55 40.56
C TYR M 36 86.86 -21.35 39.54
N THR M 37 88.19 -21.24 39.64
CA THR M 37 89.09 -22.20 39.03
C THR M 37 89.29 -23.44 39.88
N ARG M 38 88.66 -23.51 41.04
CA ARG M 38 88.77 -24.64 41.96
C ARG M 38 90.18 -24.80 42.50
N GLN M 39 90.30 -25.58 43.57
CA GLN M 39 91.56 -25.85 44.25
C GLN M 39 91.84 -27.35 44.24
N ARG M 40 93.05 -27.72 44.65
CA ARG M 40 93.37 -29.11 44.93
C ARG M 40 94.71 -29.19 45.65
N VAL M 41 94.72 -29.89 46.78
CA VAL M 41 95.93 -30.25 47.50
C VAL M 41 96.26 -31.69 47.19
N VAL M 42 97.55 -32.00 47.10
CA VAL M 42 98.03 -33.30 46.64
C VAL M 42 98.74 -34.02 47.78
N GLN M 43 98.85 -35.33 47.65
CA GLN M 43 99.44 -36.20 48.65
C GLN M 43 100.93 -36.40 48.39
N THR M 44 101.64 -36.86 49.42
CA THR M 44 103.08 -37.11 49.35
C THR M 44 103.38 -38.44 50.03
N THR M 45 103.83 -39.42 49.25
CA THR M 45 103.98 -40.80 49.70
C THR M 45 105.31 -40.99 50.43
N ASN M 46 105.34 -42.01 51.29
CA ASN M 46 106.57 -42.41 51.98
C ASN M 46 106.44 -43.87 52.39
N GLY M 47 107.58 -44.52 52.61
CA GLY M 47 107.61 -45.93 52.95
C GLY M 47 108.92 -46.30 53.60
N TYR M 48 109.02 -47.56 54.04
CA TYR M 48 110.12 -48.03 54.88
C TYR M 48 110.66 -49.35 54.35
N ILE M 49 111.99 -49.42 54.21
CA ILE M 49 112.69 -50.64 53.79
C ILE M 49 114.16 -50.45 54.12
N THR M 50 114.79 -51.49 54.67
CA THR M 50 116.10 -51.29 55.29
C THR M 50 116.85 -52.60 55.38
N THR M 51 118.16 -52.47 55.63
CA THR M 51 118.97 -53.56 56.18
C THR M 51 119.95 -52.93 57.17
N GLY M 52 119.53 -52.88 58.43
CA GLY M 52 120.33 -52.27 59.49
C GLY M 52 119.51 -52.25 60.77
N GLY M 53 120.20 -52.02 61.89
CA GLY M 53 119.49 -52.07 63.16
C GLY M 53 119.14 -50.71 63.73
N VAL M 54 117.94 -50.26 63.38
CA VAL M 54 117.26 -49.11 63.98
C VAL M 54 115.84 -49.18 63.45
N GLN M 55 114.89 -48.61 64.18
CA GLN M 55 113.51 -48.63 63.71
C GLN M 55 112.80 -47.32 64.04
N VAL M 56 112.03 -46.81 63.08
CA VAL M 56 111.31 -45.57 63.23
C VAL M 56 110.24 -45.47 62.13
N GLY M 57 109.25 -44.63 62.37
CA GLY M 57 108.24 -44.34 61.35
C GLY M 57 108.03 -42.85 61.22
N THR M 58 107.37 -42.46 60.13
CA THR M 58 107.10 -41.07 59.82
C THR M 58 105.74 -40.96 59.13
N GLY M 59 105.26 -39.72 59.01
CA GLY M 59 103.93 -39.46 58.51
C GLY M 59 103.90 -39.08 57.05
N THR M 60 102.75 -39.31 56.43
CA THR M 60 102.49 -38.96 55.04
C THR M 60 101.65 -37.68 54.99
N ALA M 61 102.01 -36.80 54.06
CA ALA M 61 101.43 -35.46 54.01
C ALA M 61 100.64 -35.26 52.72
N VAL M 62 99.74 -34.26 52.76
CA VAL M 62 98.89 -33.94 51.61
C VAL M 62 98.73 -32.43 51.52
N GLU M 63 99.28 -31.82 50.47
CA GLU M 63 99.17 -30.38 50.31
C GLU M 63 99.60 -29.95 48.91
N SER M 64 98.84 -29.03 48.32
CA SER M 64 99.22 -28.33 47.10
C SER M 64 98.15 -27.29 46.77
N ILE M 65 98.56 -26.26 46.05
CA ILE M 65 97.64 -25.25 45.53
C ILE M 65 97.51 -25.45 44.03
N VAL M 66 96.27 -25.58 43.55
CA VAL M 66 96.01 -25.90 42.16
C VAL M 66 94.80 -25.11 41.69
N ARG M 67 94.71 -24.89 40.38
CA ARG M 67 93.64 -24.12 39.78
C ARG M 67 93.43 -24.61 38.36
N LEU M 68 92.23 -24.42 37.82
CA LEU M 68 91.95 -24.95 36.49
C LEU M 68 90.83 -24.17 35.80
N HIS M 69 91.06 -23.94 34.51
CA HIS M 69 90.01 -23.70 33.53
C HIS M 69 90.53 -24.23 32.20
N ASP M 70 89.81 -24.02 31.10
CA ASP M 70 90.20 -24.68 29.85
C ASP M 70 90.53 -23.64 28.79
N GLU M 71 91.31 -24.08 27.81
CA GLU M 71 91.69 -23.28 26.66
C GLU M 71 91.33 -23.91 25.33
N TYR M 72 91.29 -25.25 25.24
CA TYR M 72 91.16 -25.89 23.94
C TYR M 72 89.90 -25.44 23.23
N SER M 73 88.75 -25.55 23.90
CA SER M 73 87.55 -24.94 23.34
C SER M 73 87.69 -23.44 23.26
N TYR M 74 88.47 -22.85 24.18
CA TYR M 74 88.67 -21.40 24.16
C TYR M 74 89.27 -20.98 22.82
N TYR M 75 89.99 -21.88 22.16
CA TYR M 75 90.22 -21.73 20.73
C TYR M 75 88.93 -21.31 20.04
N LYS M 76 87.93 -22.19 20.13
CA LYS M 76 86.78 -22.10 19.24
C LYS M 76 85.98 -20.84 19.48
N LEU M 77 85.75 -20.49 20.75
CA LEU M 77 84.85 -19.38 21.04
C LEU M 77 85.44 -18.06 20.55
N LYS M 78 86.76 -17.91 20.63
CA LYS M 78 87.36 -16.66 20.17
C LYS M 78 86.93 -16.33 18.75
N GLY M 79 87.11 -17.27 17.83
CA GLY M 79 86.73 -17.02 16.45
C GLY M 79 85.24 -16.78 16.31
N ALA M 80 84.42 -17.63 16.94
CA ALA M 80 82.98 -17.53 16.79
C ALA M 80 82.47 -16.12 17.07
N SER M 81 83.01 -15.49 18.11
CA SER M 81 82.59 -14.13 18.44
C SER M 81 82.86 -13.18 17.28
N ASN M 82 84.13 -13.03 16.90
CA ASN M 82 84.48 -12.04 15.89
C ASN M 82 83.62 -12.19 14.64
N GLN M 83 83.40 -13.42 14.18
CA GLN M 83 82.59 -13.60 12.97
C GLN M 83 81.17 -13.12 13.19
N LEU M 84 80.53 -13.62 14.25
CA LEU M 84 79.23 -13.09 14.62
C LEU M 84 79.29 -11.59 14.82
N GLU M 85 80.30 -11.14 15.57
CA GLU M 85 80.44 -9.71 15.83
C GLU M 85 80.56 -8.93 14.53
N TYR M 86 81.48 -9.34 13.65
CA TYR M 86 81.61 -8.70 12.34
C TYR M 86 80.25 -8.48 11.70
N THR M 87 79.54 -9.58 11.42
CA THR M 87 78.22 -9.46 10.81
C THR M 87 77.23 -8.80 11.76
N LYS M 88 77.32 -9.10 13.05
CA LYS M 88 76.42 -8.48 14.02
C LYS M 88 76.51 -6.96 13.91
N TYR M 89 77.73 -6.44 13.78
CA TYR M 89 77.89 -5.01 13.57
C TYR M 89 77.13 -4.56 12.33
N MET M 90 77.30 -5.28 11.22
CA MET M 90 76.72 -4.81 9.96
C MET M 90 75.21 -4.74 10.04
N ALA M 91 74.58 -5.78 10.62
CA ALA M 91 73.12 -5.80 10.68
C ALA M 91 72.58 -4.56 11.38
N SER M 92 73.17 -4.21 12.53
CA SER M 92 72.73 -3.02 13.24
C SER M 92 72.69 -1.83 12.30
N THR M 93 73.75 -1.65 11.50
CA THR M 93 73.74 -0.62 10.48
C THR M 93 72.80 -0.96 9.34
N LEU M 94 72.68 -2.24 9.00
CA LEU M 94 71.91 -2.61 7.82
C LEU M 94 70.45 -2.21 7.95
N GLN M 95 69.79 -2.61 9.04
CA GLN M 95 68.41 -2.22 9.21
C GLN M 95 68.30 -0.70 9.28
N GLU M 96 69.21 -0.06 10.01
CA GLU M 96 69.33 1.39 9.94
C GLU M 96 69.44 1.83 8.49
N ILE M 97 70.27 1.14 7.71
CA ILE M 97 70.36 1.43 6.29
C ILE M 97 69.03 1.16 5.62
N ALA M 98 68.37 0.05 5.98
CA ALA M 98 67.07 -0.26 5.40
C ALA M 98 66.08 0.87 5.63
N GLN M 99 66.13 1.48 6.81
CA GLN M 99 65.23 2.60 7.10
C GLN M 99 65.37 3.71 6.08
N ARG M 100 66.58 3.92 5.55
CA ARG M 100 66.81 5.01 4.61
C ARG M 100 65.79 5.00 3.48
N PHE M 101 65.24 3.85 3.17
CA PHE M 101 64.28 3.74 2.09
C PHE M 101 62.88 3.84 2.66
N PRO M 102 62.09 4.84 2.29
CA PRO M 102 60.85 5.14 3.05
C PRO M 102 59.72 4.17 2.76
N ASP M 103 59.70 3.05 3.48
CA ASP M 103 58.78 1.96 3.21
C ASP M 103 57.31 2.37 3.28
N LEU M 104 57.03 3.62 3.64
CA LEU M 104 55.75 4.19 3.26
C LEU M 104 55.85 4.37 1.74
N GLN M 105 55.70 3.26 1.04
CA GLN M 105 56.29 3.09 -0.29
C GLN M 105 55.85 4.20 -1.23
N ASN M 106 56.64 4.41 -2.28
CA ASN M 106 56.42 5.48 -3.24
C ASN M 106 56.29 6.82 -2.53
N THR M 107 57.22 7.07 -1.60
CA THR M 107 57.19 8.27 -0.79
C THR M 107 57.38 9.49 -1.69
N GLY M 108 57.37 10.69 -1.12
CA GLY M 108 57.19 11.90 -1.90
C GLY M 108 57.90 11.89 -3.23
N ILE M 109 59.23 11.76 -3.21
CA ILE M 109 60.00 11.82 -4.45
C ILE M 109 59.44 10.85 -5.47
N LEU M 110 59.22 9.60 -5.05
CA LEU M 110 58.71 8.59 -5.97
C LEU M 110 57.32 8.96 -6.47
N GLN M 111 56.51 9.59 -5.62
CA GLN M 111 55.23 10.12 -6.08
C GLN M 111 55.42 11.45 -6.80
N ASP M 112 56.31 12.29 -6.29
CA ASP M 112 56.41 13.65 -6.79
C ASP M 112 56.72 13.65 -8.28
N LEU M 113 57.41 12.63 -8.77
CA LEU M 113 57.57 12.50 -10.21
C LEU M 113 56.20 12.41 -10.87
N GLU M 114 55.32 11.59 -10.31
CA GLU M 114 53.97 11.52 -10.83
C GLU M 114 53.24 12.83 -10.58
N ASN M 115 53.62 13.56 -9.53
CA ASN M 115 52.89 14.78 -9.21
C ASN M 115 53.02 15.81 -10.31
N TYR M 116 54.22 16.00 -10.87
CA TYR M 116 54.32 16.90 -12.00
C TYR M 116 53.53 16.36 -13.19
N ASN M 117 53.50 15.04 -13.32
CA ASN M 117 52.64 14.43 -14.34
C ASN M 117 51.18 14.75 -14.08
N LYS M 118 50.77 14.72 -12.81
CA LYS M 118 49.45 15.25 -12.46
C LYS M 118 49.32 16.70 -12.86
N ALA M 119 50.34 17.50 -12.56
CA ALA M 119 50.34 18.89 -13.02
C ALA M 119 50.37 18.97 -14.54
N TRP M 120 51.05 18.03 -15.19
CA TRP M 120 51.08 18.02 -16.66
C TRP M 120 49.68 17.99 -17.23
N ASN M 121 48.87 17.02 -16.79
CA ASN M 121 47.54 16.86 -17.35
C ASN M 121 46.68 18.09 -17.07
N ASP M 122 46.74 18.60 -15.83
CA ASP M 122 46.01 19.83 -15.51
C ASP M 122 46.56 21.00 -16.31
N PHE M 123 47.89 21.10 -16.41
CA PHE M 123 48.47 22.18 -17.18
C PHE M 123 48.08 22.07 -18.65
N ALA M 124 48.05 20.85 -19.18
CA ALA M 124 47.52 20.65 -20.52
C ALA M 124 46.06 21.08 -20.60
N SER M 125 45.30 20.88 -19.51
CA SER M 125 43.92 21.33 -19.49
C SER M 125 43.83 22.86 -19.47
N ASN M 126 44.77 23.51 -18.80
CA ASN M 126 44.82 24.97 -18.71
C ASN M 126 46.23 25.42 -19.05
N PRO M 127 46.64 25.25 -20.31
CA PRO M 127 47.96 25.78 -20.69
C PRO M 127 48.05 27.26 -20.45
N ASN M 128 46.96 27.97 -20.70
CA ASN M 128 46.84 29.37 -20.34
C ASN M 128 47.23 29.61 -18.89
N GLU M 129 46.72 28.77 -17.99
CA GLU M 129 46.83 29.06 -16.56
C GLU M 129 48.28 29.00 -16.10
N ASN M 130 48.73 30.08 -15.47
CA ASN M 130 50.05 30.09 -14.86
C ASN M 130 50.09 29.22 -13.61
N ALA M 131 49.00 29.23 -12.84
CA ALA M 131 48.95 28.39 -11.64
C ALA M 131 49.29 26.96 -11.98
N THR M 132 48.88 26.49 -13.16
CA THR M 132 49.29 25.18 -13.63
C THR M 132 50.80 25.13 -13.84
N LYS M 133 51.36 26.18 -14.45
CA LYS M 133 52.81 26.27 -14.55
C LYS M 133 53.44 26.29 -13.16
N ILE M 134 52.87 27.11 -12.28
CA ILE M 134 53.40 27.21 -10.92
C ILE M 134 53.29 25.86 -10.22
N ALA M 135 52.14 25.20 -10.34
CA ALA M 135 51.96 23.89 -9.74
C ALA M 135 52.98 22.90 -10.30
N LEU M 136 53.06 22.80 -11.62
CA LEU M 136 54.07 21.94 -12.24
C LEU M 136 55.45 22.29 -11.73
N VAL M 137 55.75 23.59 -11.64
CA VAL M 137 57.01 24.04 -11.05
C VAL M 137 57.10 23.57 -9.61
N LYS M 138 56.03 23.75 -8.85
CA LYS M 138 56.06 23.44 -7.42
C LYS M 138 56.49 21.99 -7.20
N ALA M 139 55.83 21.05 -7.87
CA ALA M 139 56.17 19.64 -7.72
C ALA M 139 57.63 19.41 -8.08
N SER M 140 58.09 20.00 -9.18
CA SER M 140 59.45 19.77 -9.64
C SER M 140 60.47 20.28 -8.62
N GLN M 141 60.27 21.49 -8.11
CA GLN M 141 61.24 22.03 -7.17
C GLN M 141 61.18 21.29 -5.84
N THR M 142 59.97 20.99 -5.36
CA THR M 142 59.87 20.06 -4.23
C THR M 142 60.62 18.78 -4.54
N LEU M 143 60.35 18.20 -5.71
CA LEU M 143 61.01 16.97 -6.11
C LEU M 143 62.52 17.10 -5.99
N THR M 144 63.10 18.08 -6.69
CA THR M 144 64.56 18.21 -6.71
C THR M 144 65.10 18.43 -5.31
N GLU M 145 64.49 19.34 -4.56
CA GLU M 145 64.96 19.63 -3.20
C GLU M 145 64.99 18.36 -2.37
N SER M 146 63.89 17.62 -2.36
CA SER M 146 63.85 16.36 -1.62
C SER M 146 65.00 15.45 -2.02
N VAL M 147 65.20 15.28 -3.32
CA VAL M 147 66.30 14.43 -3.78
C VAL M 147 67.61 14.90 -3.18
N ASN M 148 67.83 16.21 -3.17
CA ASN M 148 69.04 16.73 -2.56
C ASN M 148 69.10 16.37 -1.09
N ASN M 149 67.97 16.51 -0.40
CA ASN M 149 67.93 16.19 1.02
C ASN M 149 68.23 14.72 1.25
N THR M 150 67.62 13.84 0.46
CA THR M 150 67.96 12.43 0.52
C THR M 150 69.44 12.22 0.23
N PHE M 151 69.93 12.86 -0.82
CA PHE M 151 71.35 12.76 -1.16
C PHE M 151 72.21 13.19 0.02
N ALA M 152 71.88 14.34 0.61
CA ALA M 152 72.62 14.81 1.77
C ALA M 152 72.51 13.83 2.93
N THR M 153 71.31 13.30 3.19
CA THR M 153 71.17 12.31 4.24
C THR M 153 72.13 11.16 4.03
N LEU M 154 72.11 10.57 2.84
CA LEU M 154 73.08 9.52 2.53
C LEU M 154 74.50 10.08 2.62
N ASP M 155 74.73 11.25 2.04
CA ASP M 155 76.07 11.82 2.01
C ASP M 155 76.68 11.84 3.40
N LYS M 156 75.91 12.32 4.39
CA LYS M 156 76.38 12.28 5.77
C LYS M 156 76.73 10.87 6.18
N ILE M 157 75.92 9.90 5.79
CA ILE M 157 76.06 8.55 6.32
C ILE M 157 77.43 7.99 5.99
N GLN M 158 77.93 8.25 4.77
CA GLN M 158 79.25 7.76 4.44
C GLN M 158 80.29 8.37 5.37
N LYS M 159 80.18 9.67 5.62
CA LYS M 159 81.01 10.28 6.64
C LYS M 159 80.82 9.58 7.97
N LYS M 160 79.56 9.30 8.33
CA LYS M 160 79.31 8.57 9.56
C LYS M 160 80.12 7.29 9.60
N VAL M 161 80.17 6.57 8.48
CA VAL M 161 80.98 5.36 8.42
C VAL M 161 82.43 5.71 8.73
N ASN M 162 82.94 6.76 8.11
CA ASN M 162 84.25 7.25 8.53
C ASN M 162 84.21 7.71 9.98
N ASP M 163 83.14 8.40 10.38
CA ASP M 163 83.10 8.98 11.72
C ASP M 163 83.28 7.91 12.79
N ASP M 164 82.36 6.95 12.87
CA ASP M 164 82.51 5.90 13.87
C ASP M 164 83.83 5.17 13.71
N ILE M 165 84.30 5.00 12.48
CA ILE M 165 85.64 4.44 12.27
C ILE M 165 86.67 5.26 13.04
N LYS M 166 86.58 6.59 12.92
CA LYS M 166 87.55 7.43 13.63
C LYS M 166 87.43 7.21 15.13
N ASN M 167 86.20 7.10 15.64
CA ASN M 167 86.01 7.01 17.08
C ASN M 167 86.51 5.67 17.63
N THR M 168 86.10 4.57 17.01
CA THR M 168 86.49 3.26 17.52
C THR M 168 88.00 3.07 17.44
N VAL M 169 88.62 3.55 16.36
CA VAL M 169 90.08 3.52 16.27
C VAL M 169 90.67 4.22 17.47
N ASP M 170 90.16 5.42 17.76
CA ASP M 170 90.61 6.15 18.95
C ASP M 170 90.39 5.32 20.19
N GLU M 171 89.18 4.75 20.34
CA GLU M 171 88.91 3.87 21.46
C GLU M 171 89.87 2.69 21.47
N ILE M 172 89.99 2.00 20.34
CA ILE M 172 90.74 0.75 20.29
C ILE M 172 92.21 0.99 20.60
N ASN M 173 92.79 2.06 20.06
CA ASN M 173 94.20 2.31 20.30
C ASN M 173 94.47 2.63 21.75
N LYS M 174 93.52 3.26 22.45
CA LYS M 174 93.67 3.43 23.88
C LYS M 174 93.94 2.08 24.55
N ILE M 175 93.15 1.07 24.17
CA ILE M 175 93.48 -0.29 24.57
C ILE M 175 94.85 -0.69 24.02
N GLY M 176 95.10 -0.34 22.76
CA GLY M 176 96.24 -0.91 22.04
C GLY M 176 97.52 -0.90 22.83
N GLU M 177 98.08 0.29 23.08
CA GLU M 177 99.35 0.35 23.79
C GLU M 177 99.17 0.09 25.28
N GLU M 178 97.99 0.40 25.84
CA GLU M 178 97.74 0.08 27.24
C GLU M 178 97.87 -1.42 27.47
N ILE M 179 97.23 -2.23 26.61
CA ILE M 179 97.37 -3.67 26.73
C ILE M 179 98.71 -4.12 26.18
N ALA M 180 99.14 -3.56 25.04
CA ALA M 180 100.43 -3.93 24.48
C ALA M 180 101.56 -3.59 25.43
N THR M 181 101.49 -2.43 26.08
CA THR M 181 102.45 -2.15 27.14
C THR M 181 102.32 -3.15 28.28
N ILE M 182 101.12 -3.68 28.51
CA ILE M 182 100.98 -4.70 29.54
C ILE M 182 101.37 -6.06 28.99
N ASN M 183 101.33 -6.24 27.67
CA ASN M 183 102.07 -7.34 27.06
C ASN M 183 103.54 -7.28 27.47
N LYS M 184 103.98 -6.12 27.98
CA LYS M 184 105.35 -5.96 28.47
C LYS M 184 105.40 -5.89 29.99
N GLN M 185 104.23 -5.95 30.64
CA GLN M 185 104.16 -5.82 32.08
C GLN M 185 104.24 -7.16 32.73
N ILE M 186 105.44 -7.71 32.77
CA ILE M 186 105.62 -9.03 33.35
C ILE M 186 106.90 -9.15 34.17
N TYR M 187 107.85 -8.22 34.06
CA TYR M 187 109.08 -8.43 34.82
C TYR M 187 109.58 -7.14 35.45
N GLY M 188 110.11 -7.28 36.67
CA GLY M 188 110.78 -6.21 37.40
C GLY M 188 112.26 -6.52 37.57
N GLN M 189 112.63 -7.07 38.73
CA GLN M 189 113.89 -7.76 38.90
C GLN M 189 113.70 -9.25 39.20
N GLU M 190 112.48 -9.76 39.12
CA GLU M 190 112.16 -11.10 39.59
C GLU M 190 111.13 -11.73 38.66
N ALA M 191 110.77 -12.97 38.96
CA ALA M 191 109.83 -13.72 38.13
C ALA M 191 108.39 -13.28 38.42
N LEU M 192 107.45 -13.92 37.72
CA LEU M 192 106.04 -13.53 37.83
C LEU M 192 105.11 -14.65 37.35
N PRO M 193 105.09 -15.82 38.01
CA PRO M 193 104.34 -16.96 37.45
C PRO M 193 102.91 -17.13 37.98
N THR M 194 102.64 -18.23 38.68
CA THR M 194 101.26 -18.73 38.81
C THR M 194 100.40 -17.83 39.67
N GLU M 195 100.82 -17.57 40.91
CA GLU M 195 100.01 -16.73 41.80
C GLU M 195 99.64 -15.42 41.12
N HIS M 196 100.58 -14.85 40.36
CA HIS M 196 100.29 -13.64 39.59
C HIS M 196 99.19 -13.88 38.56
N ALA M 197 98.95 -15.15 38.21
CA ALA M 197 97.98 -15.44 37.15
C ALA M 197 96.55 -15.43 37.66
N ASN M 198 96.34 -15.79 38.93
CA ASN M 198 94.98 -15.85 39.45
C ASN M 198 94.23 -14.54 39.19
N GLU M 199 94.94 -13.41 39.30
CA GLU M 199 94.30 -12.14 39.01
C GLU M 199 94.65 -11.63 37.61
N LEU M 200 95.94 -11.42 37.33
CA LEU M 200 96.30 -10.65 36.15
C LEU M 200 96.15 -11.46 34.86
N ARG M 201 96.68 -12.68 34.82
CA ARG M 201 96.56 -13.46 33.59
C ARG M 201 95.11 -13.83 33.31
N ASP M 202 94.27 -13.94 34.35
CA ASP M 202 92.84 -14.10 34.10
C ASP M 202 92.27 -12.88 33.39
N ARG M 203 92.79 -11.70 33.70
CA ARG M 203 92.44 -10.52 32.92
C ARG M 203 92.87 -10.69 31.47
N ARG M 204 94.08 -11.22 31.23
CA ARG M 204 94.45 -11.60 29.87
C ARG M 204 93.42 -12.56 29.29
N ASP M 205 93.03 -13.57 30.06
CA ASP M 205 91.96 -14.46 29.61
C ASP M 205 90.74 -13.66 29.19
N GLU M 206 90.36 -12.68 30.01
CA GLU M 206 89.27 -11.79 29.62
C GLU M 206 89.66 -10.94 28.42
N LEU M 207 90.90 -10.47 28.38
CA LEU M 207 91.28 -9.52 27.33
C LEU M 207 91.42 -10.20 25.98
N GLU M 208 92.04 -11.39 25.95
CA GLU M 208 91.99 -12.17 24.72
C GLU M 208 90.55 -12.36 24.28
N LEU M 209 89.66 -12.58 25.24
CA LEU M 209 88.23 -12.53 24.94
C LEU M 209 87.82 -11.16 24.45
N THR M 210 88.35 -10.10 25.09
CA THR M 210 88.04 -8.75 24.64
C THR M 210 88.41 -8.57 23.16
N LEU M 211 89.60 -9.00 22.80
CA LEU M 211 89.98 -9.02 21.39
C LEU M 211 88.96 -9.81 20.57
N SER M 212 88.60 -10.99 21.05
CA SER M 212 87.68 -11.84 20.31
C SER M 212 86.35 -11.12 20.06
N LYS M 213 85.95 -10.22 20.96
CA LYS M 213 84.79 -9.39 20.67
C LYS M 213 85.07 -8.46 19.50
N LEU M 214 86.21 -7.79 19.54
CA LEU M 214 86.45 -6.67 18.65
C LEU M 214 86.96 -7.15 17.30
N VAL M 215 88.13 -7.76 17.28
CA VAL M 215 88.88 -7.95 16.06
C VAL M 215 89.86 -9.11 16.24
N SER M 216 90.39 -9.64 15.15
CA SER M 216 91.36 -10.72 15.19
C SER M 216 92.55 -10.37 14.31
N ALA M 217 93.75 -10.61 14.81
CA ALA M 217 94.97 -10.29 14.08
C ALA M 217 96.15 -10.97 14.76
N VAL M 218 97.28 -10.99 14.06
CA VAL M 218 98.50 -11.58 14.60
C VAL M 218 99.19 -10.54 15.47
N ALA M 219 99.47 -10.92 16.72
CA ALA M 219 100.10 -10.01 17.68
C ALA M 219 101.01 -10.82 18.59
N SER M 220 101.89 -10.11 19.28
CA SER M 220 102.96 -10.73 20.06
C SER M 220 102.46 -11.16 21.44
N LYS M 221 101.66 -12.23 21.44
CA LYS M 221 101.18 -12.82 22.68
C LYS M 221 102.26 -13.70 23.32
N ASN M 222 102.94 -13.18 24.33
CA ASN M 222 104.08 -13.84 24.95
C ASN M 222 103.65 -14.52 26.24
N GLU M 223 104.54 -15.38 26.77
CA GLU M 223 104.07 -16.46 27.64
C GLU M 223 104.87 -16.73 28.92
N ILE M 224 106.11 -16.25 29.07
CA ILE M 224 107.00 -16.79 30.10
C ILE M 224 107.72 -15.68 30.87
N ASN M 225 108.25 -16.04 32.05
CA ASN M 225 108.70 -15.11 33.09
C ASN M 225 110.20 -15.25 33.37
N GLN M 226 110.69 -14.44 34.32
CA GLN M 226 112.11 -14.29 34.62
C GLN M 226 112.54 -15.19 35.79
N ASP M 227 113.79 -15.06 36.27
CA ASP M 227 114.44 -15.98 37.21
C ASP M 227 114.28 -15.52 38.65
N ASN M 228 114.81 -16.33 39.58
CA ASN M 228 114.95 -15.97 40.99
C ASN M 228 116.41 -15.76 41.43
N ARG M 229 117.36 -16.52 40.90
CA ARG M 229 118.77 -16.26 41.19
C ARG M 229 119.74 -16.98 40.25
N LEU M 230 120.69 -16.24 39.68
CA LEU M 230 121.88 -16.83 39.06
C LEU M 230 122.86 -15.70 38.82
N ASP M 231 124.09 -15.86 39.31
CA ASP M 231 124.97 -14.72 39.54
C ASP M 231 125.80 -14.32 38.34
N THR M 232 125.75 -15.07 37.24
CA THR M 232 126.70 -14.86 36.15
C THR M 232 126.34 -13.74 35.20
N THR M 233 125.10 -13.25 35.20
CA THR M 233 124.62 -12.46 34.07
C THR M 233 123.58 -11.44 34.54
N ILE M 234 123.29 -10.47 33.65
CA ILE M 234 122.31 -9.43 33.90
C ILE M 234 121.55 -9.14 32.59
N THR M 235 120.46 -8.38 32.72
CA THR M 235 119.50 -8.21 31.63
C THR M 235 120.09 -7.53 30.42
N ASP M 236 119.62 -7.94 29.24
CA ASP M 236 119.84 -7.23 27.98
C ASP M 236 118.47 -6.93 27.36
N PRO M 237 117.85 -5.80 27.69
CA PRO M 237 116.49 -5.55 27.17
C PRO M 237 116.44 -5.21 25.69
N GLY M 238 117.59 -5.01 25.05
CA GLY M 238 117.60 -4.45 23.71
C GLY M 238 116.78 -5.23 22.71
N HIS M 239 116.88 -6.56 22.72
CA HIS M 239 116.27 -7.37 21.67
C HIS M 239 114.81 -7.66 21.96
N GLN M 240 114.30 -7.28 23.13
CA GLN M 240 113.20 -8.02 23.73
C GLN M 240 111.80 -7.44 23.53
N TYR M 241 111.50 -6.84 22.37
CA TYR M 241 110.09 -6.60 22.04
C TYR M 241 109.91 -6.25 20.58
N ASN M 242 108.87 -6.83 19.98
CA ASN M 242 108.29 -6.41 18.71
C ASN M 242 106.86 -6.93 18.66
N LEU M 243 106.00 -6.22 17.93
CA LEU M 243 104.66 -6.71 17.67
C LEU M 243 104.66 -7.52 16.38
N SER M 244 103.68 -8.41 16.25
CA SER M 244 103.67 -9.33 15.14
C SER M 244 103.24 -8.63 13.85
N ILE M 245 104.22 -8.30 13.01
CA ILE M 245 104.00 -7.81 11.66
C ILE M 245 104.90 -8.60 10.73
N GLU M 246 104.38 -8.99 9.57
CA GLU M 246 104.95 -10.08 8.80
C GLU M 246 104.97 -9.72 7.31
N GLY M 247 105.48 -10.66 6.51
CA GLY M 247 105.45 -10.50 5.07
C GLY M 247 106.28 -11.58 4.41
N PHE M 248 106.07 -11.73 3.10
CA PHE M 248 106.90 -12.58 2.27
C PHE M 248 108.20 -11.84 2.01
N SER M 249 108.88 -11.45 3.08
CA SER M 249 109.94 -10.46 2.96
C SER M 249 110.65 -10.31 4.31
N ILE M 250 111.80 -9.64 4.26
CA ILE M 250 112.41 -9.15 5.49
C ILE M 250 111.44 -8.23 6.21
N VAL M 251 111.46 -8.30 7.54
CA VAL M 251 110.81 -7.33 8.39
C VAL M 251 111.79 -7.07 9.53
N ASP M 252 112.58 -6.01 9.40
CA ASP M 252 113.74 -5.84 10.28
C ASP M 252 113.36 -5.46 11.70
N GLY M 253 112.09 -5.57 12.08
CA GLY M 253 111.71 -5.51 13.47
C GLY M 253 111.99 -4.18 14.14
N ILE M 254 112.86 -4.21 15.15
CA ILE M 254 113.08 -3.06 16.01
C ILE M 254 113.59 -1.84 15.26
N ASN M 255 113.89 -1.97 13.98
CA ASN M 255 114.23 -0.79 13.19
C ASN M 255 112.96 0.03 12.96
N PHE M 256 112.64 0.90 13.92
CA PHE M 256 111.39 1.62 13.89
C PHE M 256 111.51 3.05 13.39
N HIS M 257 111.77 3.20 12.11
CA HIS M 257 111.94 4.53 11.55
C HIS M 257 110.61 5.25 11.42
N PRO M 258 109.55 4.54 10.98
CA PRO M 258 108.34 5.32 10.80
C PRO M 258 107.04 4.54 10.90
N LEU M 259 106.75 3.78 11.95
CA LEU M 259 105.52 3.02 11.91
C LEU M 259 104.39 3.85 12.49
N LYS M 260 103.24 3.83 11.81
CA LYS M 260 102.33 4.95 11.89
C LYS M 260 100.88 4.52 11.72
N LEU M 261 100.04 5.02 12.62
CA LEU M 261 98.60 5.07 12.46
C LEU M 261 98.20 6.54 12.40
N ASP M 262 97.48 6.93 11.35
CA ASP M 262 97.27 8.35 11.12
C ASP M 262 96.02 8.58 10.28
N TYR M 263 95.59 9.84 10.28
CA TYR M 263 94.68 10.33 9.28
C TYR M 263 95.45 10.60 8.00
N ASP M 264 94.74 10.56 6.88
CA ASP M 264 95.37 10.41 5.57
C ASP M 264 95.38 11.70 4.76
N ASP M 265 94.69 12.74 5.23
CA ASP M 265 94.59 13.99 4.49
C ASP M 265 93.86 15.00 5.35
N LYS M 266 93.86 16.25 4.88
CA LYS M 266 93.07 17.28 5.56
C LYS M 266 91.66 16.81 5.81
N ASN M 267 91.14 15.91 4.95
CA ASN M 267 89.80 15.37 5.12
C ASN M 267 89.73 14.38 6.28
N LYS M 268 90.87 13.95 6.82
CA LYS M 268 90.91 13.06 7.98
C LYS M 268 90.44 11.64 7.64
N SER M 269 90.79 11.16 6.45
CA SER M 269 90.71 9.72 6.20
C SER M 269 91.80 9.05 7.02
N TYR M 270 91.55 7.86 7.57
CA TYR M 270 92.46 7.27 8.53
C TYR M 270 93.03 5.99 7.96
N SER M 271 94.17 5.56 8.50
CA SER M 271 94.82 4.34 8.05
C SER M 271 96.08 4.12 8.86
N ILE M 272 96.77 3.00 8.60
CA ILE M 272 97.94 2.60 9.37
C ILE M 272 99.07 2.34 8.39
N TYR M 273 100.28 2.86 8.63
CA TYR M 273 101.38 2.74 7.67
C TYR M 273 102.78 2.81 8.22
N TYR M 274 103.77 2.78 7.34
CA TYR M 274 105.17 3.00 7.75
C TYR M 274 105.85 3.22 6.42
N GLU M 275 106.03 4.49 6.04
CA GLU M 275 106.52 4.82 4.71
C GLU M 275 108.04 4.92 4.65
N THR M 276 108.57 4.95 3.43
CA THR M 276 109.98 5.11 3.16
C THR M 276 110.14 5.69 1.76
N PRO M 277 111.26 6.38 1.48
CA PRO M 277 111.44 7.01 0.16
C PRO M 277 112.25 6.20 -0.84
N ASP M 278 112.87 5.10 -0.39
CA ASP M 278 113.87 4.40 -1.19
C ASP M 278 113.24 3.60 -2.32
N GLU M 279 112.61 4.28 -3.27
CA GLU M 279 111.91 3.65 -4.39
C GLU M 279 110.99 2.55 -3.88
N LYS M 280 110.69 2.58 -2.59
CA LYS M 280 109.81 1.61 -1.96
C LYS M 280 109.21 2.26 -0.73
N VAL M 281 107.92 1.99 -0.50
CA VAL M 281 107.18 2.55 0.63
C VAL M 281 106.45 1.40 1.30
N ARG M 282 106.28 1.51 2.62
CA ARG M 282 105.71 0.42 3.40
C ARG M 282 104.46 0.91 4.11
N ASP M 283 103.78 -0.01 4.78
CA ASP M 283 102.41 0.21 5.21
C ASP M 283 102.05 -0.75 6.34
N LEU M 284 100.96 -0.44 7.04
CA LEU M 284 100.38 -1.34 8.03
C LEU M 284 98.89 -1.55 7.84
N THR M 285 98.28 -0.91 6.83
CA THR M 285 96.84 -0.99 6.64
C THR M 285 96.41 -2.33 6.03
N ALA M 286 97.37 -3.13 5.57
CA ALA M 286 97.04 -4.27 4.71
C ALA M 286 96.11 -5.28 5.38
N LYS M 287 96.49 -5.74 6.57
CA LYS M 287 95.80 -6.92 7.13
C LYS M 287 94.49 -6.57 7.85
N ILE M 288 93.87 -5.42 7.55
CA ILE M 288 92.59 -5.11 8.16
C ILE M 288 91.57 -6.20 7.82
N SER M 289 91.18 -6.95 8.86
CA SER M 289 90.08 -7.89 8.76
C SER M 289 89.14 -7.75 9.96
N GLY M 290 89.68 -7.27 11.08
CA GLY M 290 88.99 -7.27 12.36
C GLY M 290 87.52 -6.97 12.29
N GLY M 291 86.73 -7.74 13.02
CA GLY M 291 85.29 -7.74 12.86
C GLY M 291 84.65 -6.37 12.83
N GLN M 292 84.61 -5.71 13.98
CA GLN M 292 83.77 -4.52 14.12
C GLN M 292 84.29 -3.40 13.24
N LEU M 293 85.50 -2.92 13.55
CA LEU M 293 86.07 -1.80 12.83
C LEU M 293 86.40 -2.18 11.39
N GLY M 294 86.95 -3.38 11.19
CA GLY M 294 87.27 -3.80 9.83
C GLY M 294 86.05 -3.79 8.94
N ALA M 295 84.90 -4.19 9.48
CA ALA M 295 83.66 -4.11 8.71
C ALA M 295 83.45 -2.70 8.17
N GLN M 296 83.55 -1.71 9.05
CA GLN M 296 83.37 -0.32 8.63
C GLN M 296 84.39 0.06 7.58
N LEU M 297 85.66 -0.22 7.85
CA LEU M 297 86.72 0.10 6.92
C LEU M 297 86.48 -0.53 5.56
N ASP M 298 86.15 -1.82 5.54
CA ASP M 298 85.93 -2.50 4.27
C ASP M 298 84.77 -1.89 3.52
N LEU M 299 83.68 -1.59 4.22
CA LEU M 299 82.57 -0.89 3.58
C LEU M 299 82.94 0.54 3.25
N ARG M 300 83.63 1.23 4.17
CA ARG M 300 84.16 2.54 3.81
C ARG M 300 85.10 2.41 2.63
N GLY M 301 85.84 1.31 2.55
CA GLY M 301 86.91 1.18 1.58
C GLY M 301 88.18 1.79 2.12
N ARG M 302 89.27 1.02 2.06
CA ARG M 302 90.53 1.51 2.62
C ARG M 302 91.10 2.66 1.81
N ASN M 303 90.86 2.67 0.50
CA ASN M 303 91.60 3.55 -0.42
C ASN M 303 90.78 4.80 -0.74
N TYR M 304 91.10 5.89 -0.04
CA TYR M 304 90.68 7.21 -0.47
C TYR M 304 91.35 7.56 -1.79
N SER M 305 90.55 7.75 -2.84
CA SER M 305 91.11 8.22 -4.08
C SER M 305 91.81 9.54 -3.79
N LYS M 306 93.14 9.56 -3.81
CA LYS M 306 93.84 10.73 -3.32
C LYS M 306 93.57 11.96 -4.17
N SER M 307 93.07 11.79 -5.38
CA SER M 307 92.64 12.91 -6.21
C SER M 307 91.22 13.32 -5.85
N GLU M 308 90.26 12.43 -6.06
CA GLU M 308 88.86 12.75 -5.85
C GLU M 308 88.37 12.39 -4.46
N GLY M 309 89.05 11.47 -3.77
CA GLY M 309 88.60 11.04 -2.47
C GLY M 309 87.59 9.92 -2.54
N LYS M 310 87.03 9.69 -3.73
CA LYS M 310 86.16 8.55 -3.94
C LYS M 310 86.86 7.29 -3.45
N TYR M 311 86.30 6.67 -2.43
CA TYR M 311 86.94 5.50 -1.83
C TYR M 311 86.93 4.37 -2.84
N GLU M 312 88.06 4.17 -3.51
CA GLU M 312 88.16 3.25 -4.63
C GLU M 312 87.83 1.82 -4.25
N ASP M 313 87.66 1.57 -2.96
CA ASP M 313 87.03 0.35 -2.46
C ASP M 313 85.85 0.68 -1.55
N GLY M 314 85.16 1.78 -1.79
CA GLY M 314 84.04 2.24 -0.99
C GLY M 314 82.73 1.58 -1.35
N ILE M 315 82.52 0.36 -0.88
CA ILE M 315 81.33 -0.41 -1.26
C ILE M 315 80.09 0.49 -1.25
N ILE M 316 79.88 1.22 -0.16
CA ILE M 316 78.61 1.94 -0.01
C ILE M 316 78.52 3.13 -0.97
N GLN M 317 79.60 3.90 -1.11
CA GLN M 317 79.53 5.09 -1.96
C GLN M 317 79.03 4.73 -3.35
N GLY M 318 79.41 3.54 -3.83
CA GLY M 318 78.99 3.14 -5.16
C GLY M 318 77.50 3.28 -5.35
N TYR M 319 76.72 3.03 -4.29
CA TYR M 319 75.29 3.24 -4.35
C TYR M 319 74.97 4.71 -4.61
N MET M 320 75.60 5.62 -3.87
CA MET M 320 75.45 7.03 -4.20
C MET M 320 76.12 7.37 -5.53
N ASP M 321 77.30 6.79 -5.80
CA ASP M 321 77.90 6.99 -7.11
C ASP M 321 76.89 6.67 -8.21
N SER M 322 76.15 5.57 -8.03
CA SER M 322 74.99 5.30 -8.87
C SER M 322 73.92 6.38 -8.73
N LEU M 323 73.68 6.86 -7.50
CA LEU M 323 72.68 7.91 -7.31
C LEU M 323 72.97 9.11 -8.18
N ASP M 324 74.19 9.62 -8.13
CA ASP M 324 74.50 10.78 -8.97
C ASP M 324 74.58 10.35 -10.43
N THR M 325 74.95 9.09 -10.67
CA THR M 325 75.12 8.62 -12.04
C THR M 325 73.90 8.92 -12.88
N PHE M 326 72.70 8.57 -12.38
CA PHE M 326 71.51 8.73 -13.20
C PHE M 326 70.90 10.10 -12.95
N ALA M 327 71.28 10.76 -11.85
CA ALA M 327 71.01 12.17 -11.70
C ALA M 327 71.56 12.94 -12.89
N LYS M 328 72.78 12.60 -13.30
CA LYS M 328 73.35 13.22 -14.49
C LYS M 328 72.48 12.99 -15.70
N THR M 329 72.09 11.73 -15.96
CA THR M 329 71.37 11.40 -17.17
C THR M 329 70.06 12.19 -17.27
N MET M 330 69.33 12.27 -16.17
CA MET M 330 68.06 12.98 -16.19
C MET M 330 68.24 14.43 -16.59
N ILE M 331 69.44 14.97 -16.45
CA ILE M 331 69.71 16.34 -16.86
C ILE M 331 69.43 16.51 -18.35
N ASN M 332 69.97 15.59 -19.16
CA ASN M 332 70.16 15.88 -20.57
C ASN M 332 68.84 15.90 -21.34
N GLU M 333 68.17 14.75 -21.42
CA GLU M 333 66.95 14.67 -22.20
C GLU M 333 65.93 15.70 -21.73
N THR M 334 65.86 15.92 -20.42
CA THR M 334 65.02 16.98 -19.90
C THR M 334 65.42 18.31 -20.52
N ASN M 335 66.72 18.59 -20.55
CA ASN M 335 67.20 19.83 -21.16
C ASN M 335 67.02 19.79 -22.67
N ASN M 336 67.33 18.65 -23.30
CA ASN M 336 67.00 18.49 -24.70
C ASN M 336 65.53 18.78 -24.94
N LEU M 337 64.67 18.22 -24.10
CA LEU M 337 63.22 18.43 -24.26
C LEU M 337 62.87 19.90 -24.16
N TYR M 338 63.30 20.56 -23.09
CA TYR M 338 62.92 21.95 -22.89
C TYR M 338 63.53 22.85 -23.95
N ALA M 339 64.77 22.56 -24.35
CA ALA M 339 65.41 23.38 -25.38
C ALA M 339 64.55 23.48 -26.63
N SER M 340 63.82 22.41 -26.95
CA SER M 340 62.94 22.46 -28.12
C SER M 340 61.79 23.44 -27.92
N SER M 341 61.47 23.77 -26.66
CA SER M 341 60.48 24.81 -26.40
C SER M 341 61.03 26.13 -26.91
N ALA M 342 60.48 26.63 -28.01
CA ALA M 342 61.13 27.71 -28.75
C ALA M 342 61.03 29.04 -28.00
N LYS M 343 62.01 29.89 -28.25
CA LYS M 343 62.05 31.24 -27.72
C LYS M 343 62.76 32.13 -28.74
N SER M 344 62.58 33.44 -28.60
CA SER M 344 63.32 34.37 -29.43
C SER M 344 64.81 34.35 -29.13
N SER M 345 65.22 33.71 -28.03
CA SER M 345 66.63 33.60 -27.70
C SER M 345 66.87 32.32 -26.92
N VAL M 346 68.05 31.74 -27.12
CA VAL M 346 68.49 30.57 -26.38
C VAL M 346 70.00 30.69 -26.17
N THR M 347 70.54 29.86 -25.29
CA THR M 347 71.94 29.99 -24.93
C THR M 347 72.44 28.70 -24.29
N SER M 348 73.69 28.37 -24.57
CA SER M 348 74.35 27.23 -23.97
C SER M 348 74.86 27.61 -22.58
N ASP M 349 75.22 26.58 -21.82
CA ASP M 349 75.93 26.78 -20.57
C ASP M 349 77.41 26.45 -20.77
N TYR M 350 78.18 26.47 -19.69
CA TYR M 350 79.63 26.46 -19.79
C TYR M 350 80.10 25.10 -20.28
N LEU M 351 80.61 25.08 -21.52
CA LEU M 351 81.18 23.87 -22.11
C LEU M 351 82.62 23.71 -21.63
N SER M 352 82.75 23.36 -20.36
CA SER M 352 84.03 23.43 -19.69
C SER M 352 85.06 22.53 -20.35
N GLY M 353 86.24 23.07 -20.57
CA GLY M 353 87.34 22.30 -21.14
C GLY M 353 87.24 22.19 -22.66
N LEU M 354 86.06 22.47 -23.19
CA LEU M 354 85.78 22.23 -24.61
C LEU M 354 86.23 23.44 -25.42
N LYS M 355 87.53 23.50 -25.70
CA LYS M 355 87.97 24.33 -26.80
C LYS M 355 87.29 23.83 -28.06
N GLY M 356 86.62 24.74 -28.77
CA GLY M 356 85.61 24.32 -29.73
C GLY M 356 86.09 23.32 -30.76
N ASP M 357 87.29 23.49 -31.29
CA ASP M 357 87.76 22.63 -32.36
C ASP M 357 88.20 21.27 -31.83
N ILE M 358 87.25 20.48 -31.34
CA ILE M 358 87.52 19.10 -30.93
C ILE M 358 86.62 18.13 -31.69
N PRO M 359 87.16 16.96 -32.06
CA PRO M 359 86.25 15.97 -32.65
C PRO M 359 85.22 15.78 -31.58
N LEU M 360 83.99 16.22 -31.81
CA LEU M 360 82.97 16.22 -30.76
C LEU M 360 82.73 14.93 -29.95
N VAL M 361 82.74 13.75 -30.56
CA VAL M 361 82.41 12.53 -29.82
C VAL M 361 83.39 12.31 -28.68
N ASN M 362 84.60 12.85 -28.81
CA ASN M 362 85.62 12.61 -27.80
C ASN M 362 85.25 13.21 -26.46
N TYR M 363 84.44 14.27 -26.46
CA TYR M 363 84.24 15.05 -25.25
C TYR M 363 83.41 14.30 -24.21
N ASP M 364 82.68 13.28 -24.61
CA ASP M 364 81.97 12.43 -23.65
C ASP M 364 81.39 11.23 -24.38
N ARG M 365 81.25 10.12 -23.65
CA ARG M 365 80.75 8.88 -24.23
C ARG M 365 79.28 8.98 -24.62
N THR M 366 78.52 9.89 -24.03
CA THR M 366 77.16 10.15 -24.46
C THR M 366 77.12 10.96 -25.75
N ILE M 367 78.27 11.25 -26.33
CA ILE M 367 78.39 11.98 -27.59
C ILE M 367 78.66 10.97 -28.69
N GLN M 368 77.85 11.03 -29.73
CA GLN M 368 77.99 10.12 -30.86
C GLN M 368 77.64 10.88 -32.13
N PRO M 369 78.06 10.39 -33.29
CA PRO M 369 77.60 11.00 -34.54
C PRO M 369 76.08 11.09 -34.55
N GLY M 370 75.58 12.26 -34.92
CA GLY M 370 74.15 12.49 -34.81
C GLY M 370 73.67 13.57 -35.77
N SER M 371 72.40 13.48 -36.13
CA SER M 371 71.72 14.48 -36.92
C SER M 371 70.87 15.32 -35.98
N PHE M 372 70.79 16.61 -36.28
CA PHE M 372 70.12 17.54 -35.39
C PHE M 372 69.55 18.69 -36.21
N ASP M 373 68.34 19.09 -35.84
CA ASP M 373 67.52 19.96 -36.66
C ASP M 373 67.44 21.35 -36.04
N ILE M 374 67.37 22.34 -36.92
CA ILE M 374 67.36 23.74 -36.51
C ILE M 374 66.20 24.41 -37.25
N VAL M 375 65.27 25.00 -36.51
CA VAL M 375 64.03 25.49 -37.10
C VAL M 375 63.70 26.87 -36.55
N ILE M 376 63.09 27.70 -37.40
CA ILE M 376 62.76 29.08 -37.09
C ILE M 376 61.25 29.22 -37.04
N TYR M 377 60.77 30.13 -36.17
CA TYR M 377 59.36 30.40 -36.01
C TYR M 377 59.11 31.85 -36.35
N ASP M 378 57.89 32.32 -36.04
CA ASP M 378 57.67 33.74 -35.84
C ASP M 378 57.61 34.03 -34.35
N ASP M 379 57.54 35.32 -34.00
CA ASP M 379 57.52 35.72 -32.60
C ASP M 379 56.29 35.23 -31.86
N LYS M 380 55.36 34.58 -32.56
CA LYS M 380 54.34 33.80 -31.87
C LYS M 380 54.75 32.34 -31.77
N GLY M 381 55.43 31.84 -32.80
CA GLY M 381 55.94 30.48 -32.77
C GLY M 381 55.59 29.65 -33.99
N ASP M 382 55.06 30.31 -35.02
CA ASP M 382 54.67 29.63 -36.23
C ASP M 382 55.90 29.15 -36.94
N LYS M 383 56.14 27.84 -36.90
CA LYS M 383 57.33 27.30 -37.52
C LYS M 383 57.46 27.82 -38.92
N LYS M 384 58.64 28.31 -39.26
CA LYS M 384 58.88 28.83 -40.59
C LYS M 384 60.36 28.70 -40.90
N LEU M 385 60.70 27.96 -41.95
CA LEU M 385 62.10 27.76 -42.34
C LEU M 385 62.89 26.90 -41.37
N THR M 386 63.82 26.21 -41.72
CA THR M 386 64.47 25.06 -41.11
C THR M 386 65.83 24.78 -41.73
N LYS M 387 66.75 24.29 -40.89
CA LYS M 387 67.98 23.65 -41.31
C LYS M 387 68.26 22.43 -40.43
N THR M 388 68.98 21.47 -40.99
CA THR M 388 69.47 20.31 -40.25
C THR M 388 70.94 20.09 -40.55
N ILE M 389 71.69 19.73 -39.51
CA ILE M 389 73.12 19.48 -39.62
C ILE M 389 73.45 18.21 -38.85
N THR M 390 74.55 17.57 -39.23
CA THR M 390 74.95 16.29 -38.67
C THR M 390 76.37 16.40 -38.12
N ILE M 391 76.72 15.45 -37.25
CA ILE M 391 78.04 15.37 -36.65
C ILE M 391 78.57 13.95 -36.77
N ASP M 392 79.88 13.84 -36.93
CA ASP M 392 80.59 12.58 -36.87
C ASP M 392 81.66 12.67 -35.79
N VAL M 393 82.51 11.64 -35.72
CA VAL M 393 83.66 11.69 -34.83
C VAL M 393 84.51 12.91 -35.16
N ASN M 394 84.77 13.13 -36.44
CA ASN M 394 85.73 14.16 -36.84
C ASN M 394 85.19 15.56 -36.61
N THR M 395 83.88 15.75 -36.75
CA THR M 395 83.33 17.10 -36.80
C THR M 395 83.66 17.86 -35.53
N THR M 396 83.82 19.18 -35.69
CA THR M 396 84.04 20.09 -34.58
C THR M 396 82.97 21.17 -34.60
N MET M 397 82.75 21.80 -33.45
CA MET M 397 81.66 22.77 -33.35
C MET M 397 81.81 23.88 -34.39
N ASN M 398 83.04 24.32 -34.64
CA ASN M 398 83.25 25.40 -35.59
C ASN M 398 82.69 25.04 -36.96
N ASP M 399 82.89 23.80 -37.38
CA ASP M 399 82.30 23.35 -38.64
C ASP M 399 80.85 23.75 -38.73
N ILE M 400 80.09 23.47 -37.67
CA ILE M 400 78.69 23.85 -37.64
C ILE M 400 78.56 25.37 -37.61
N MET M 401 79.38 26.04 -36.79
CA MET M 401 79.33 27.50 -36.75
C MET M 401 79.40 28.06 -38.15
N ARG M 402 80.35 27.56 -38.95
CA ARG M 402 80.40 27.89 -40.36
C ARG M 402 79.09 27.53 -41.05
N GLN M 403 78.59 26.32 -40.79
CA GLN M 403 77.39 25.87 -41.47
C GLN M 403 76.15 26.59 -40.94
N ILE M 404 76.20 27.11 -39.71
CA ILE M 404 75.06 27.86 -39.19
C ILE M 404 74.80 29.08 -40.05
N ASN M 405 75.86 29.84 -40.35
CA ASN M 405 75.71 31.10 -41.07
C ASN M 405 75.83 30.81 -42.56
N ALA M 406 74.70 30.52 -43.20
CA ALA M 406 74.71 30.06 -44.58
C ALA M 406 73.41 30.50 -45.26
N ASN M 407 73.52 31.23 -46.36
CA ASN M 407 72.36 31.52 -47.17
C ASN M 407 72.05 30.33 -48.08
N THR M 408 70.76 30.05 -48.26
CA THR M 408 70.32 28.77 -48.80
C THR M 408 68.93 28.94 -49.43
N ASP M 409 68.40 27.81 -49.87
CA ASP M 409 66.99 27.65 -50.19
C ASP M 409 66.20 27.08 -49.03
N ASP M 410 66.67 27.23 -47.79
CA ASP M 410 65.84 26.86 -46.64
C ASP M 410 64.53 27.63 -46.67
N ASN M 411 64.58 28.89 -47.08
CA ASN M 411 63.41 29.63 -47.50
C ASN M 411 62.74 29.06 -48.74
N ASP M 412 63.25 27.93 -49.25
CA ASP M 412 62.74 27.20 -50.41
C ASP M 412 62.38 28.14 -51.56
N ASN M 413 63.01 29.32 -51.59
CA ASN M 413 62.97 30.20 -52.75
C ASN M 413 64.34 30.82 -52.99
N LYS M 414 65.39 30.16 -52.52
CA LYS M 414 66.77 30.53 -52.81
C LYS M 414 67.10 31.91 -52.29
N ASN M 415 66.30 32.37 -51.34
CA ASN M 415 66.26 33.78 -50.96
C ASN M 415 67.31 34.06 -49.90
N SER M 416 68.35 34.80 -50.29
CA SER M 416 69.20 35.45 -49.30
C SER M 416 68.61 36.77 -48.82
N ASN M 417 67.32 36.74 -48.53
CA ASN M 417 66.66 37.71 -47.69
C ASN M 417 65.74 36.99 -46.71
N ASP M 418 65.72 35.65 -46.77
CA ASP M 418 64.89 34.84 -45.90
C ASP M 418 65.70 33.69 -45.30
N ASP M 419 67.01 33.71 -45.40
CA ASP M 419 67.84 32.60 -44.95
C ASP M 419 68.14 32.72 -43.46
N VAL M 420 68.87 31.72 -42.96
CA VAL M 420 69.22 31.70 -41.54
C VAL M 420 69.91 33.02 -41.17
N ASP M 421 70.91 33.41 -41.96
CA ASP M 421 71.56 34.69 -41.72
C ASP M 421 70.54 35.82 -41.70
N ASP M 422 69.55 35.75 -42.58
CA ASP M 422 68.49 36.75 -42.57
C ASP M 422 67.63 36.66 -41.33
N HIS M 423 67.78 35.58 -40.55
CA HIS M 423 66.90 35.36 -39.41
C HIS M 423 67.64 35.38 -38.08
N ILE M 424 68.91 34.99 -38.06
CA ILE M 424 69.61 34.68 -36.82
C ILE M 424 70.41 35.87 -36.35
N ASN M 425 70.71 35.86 -35.05
CA ASN M 425 71.78 36.65 -34.44
C ASN M 425 72.26 35.85 -33.23
N ALA M 426 73.28 35.02 -33.44
CA ALA M 426 73.78 34.09 -32.44
C ALA M 426 75.30 34.18 -32.40
N SER M 427 75.88 33.85 -31.25
CA SER M 427 77.31 33.98 -31.05
C SER M 427 77.83 32.86 -30.15
N PHE M 428 79.01 32.35 -30.49
CA PHE M 428 79.76 31.45 -29.62
C PHE M 428 80.90 32.20 -28.96
N SER M 429 81.33 31.67 -27.82
CA SER M 429 82.50 32.20 -27.13
C SER M 429 83.22 31.05 -26.44
N TYR M 430 84.53 31.21 -26.27
CA TYR M 430 85.34 30.26 -25.53
C TYR M 430 86.20 31.01 -24.53
N ASP M 431 86.56 30.33 -23.46
CA ASP M 431 87.24 30.94 -22.33
C ASP M 431 88.68 30.45 -22.24
N ALA M 432 89.56 31.34 -21.77
CA ALA M 432 90.97 31.01 -21.62
C ALA M 432 91.45 31.14 -20.18
N LYS M 433 90.84 32.02 -19.37
CA LYS M 433 91.10 31.95 -17.94
C LYS M 433 90.53 30.69 -17.34
N THR M 434 89.52 30.12 -17.99
CA THR M 434 89.20 28.70 -17.89
C THR M 434 89.34 28.11 -19.29
N GLY M 435 88.96 26.85 -19.46
CA GLY M 435 88.97 26.25 -20.78
C GLY M 435 87.55 26.01 -21.24
N ASP M 436 86.69 26.99 -20.98
CA ASP M 436 85.25 26.80 -21.05
C ASP M 436 84.69 27.48 -22.29
N GLY M 437 83.65 26.88 -22.85
CA GLY M 437 82.93 27.44 -23.98
C GLY M 437 81.54 27.88 -23.58
N LEU M 438 81.03 28.89 -24.30
CA LEU M 438 79.68 29.39 -24.09
C LEU M 438 79.14 29.88 -25.42
N PHE M 439 77.84 29.69 -25.64
CA PHE M 439 77.25 29.92 -26.95
C PHE M 439 75.92 30.66 -26.79
N GLN M 440 75.90 31.90 -27.28
CA GLN M 440 74.75 32.79 -27.17
C GLN M 440 73.96 32.70 -28.46
N ILE M 441 72.63 32.65 -28.36
CA ILE M 441 71.76 32.51 -29.51
C ILE M 441 70.59 33.46 -29.32
N ASN M 442 70.17 34.12 -30.40
CA ASN M 442 69.04 35.04 -30.34
C ASN M 442 68.34 35.03 -31.69
N ALA M 443 67.11 35.56 -31.69
CA ALA M 443 66.32 35.68 -32.91
C ALA M 443 66.05 37.16 -33.19
N LYS M 444 65.99 37.49 -34.48
CA LYS M 444 65.61 38.83 -34.88
C LYS M 444 64.15 39.09 -34.53
N SER M 445 63.80 40.38 -34.50
CA SER M 445 62.42 40.77 -34.22
C SER M 445 61.50 40.14 -35.25
N GLY M 446 60.68 39.18 -34.82
CA GLY M 446 59.75 38.50 -35.69
C GLY M 446 59.83 36.98 -35.68
N PHE M 447 60.73 36.36 -34.90
CA PHE M 447 60.97 34.93 -35.03
C PHE M 447 61.27 34.32 -33.66
N LYS M 448 60.97 33.02 -33.54
CA LYS M 448 61.47 32.18 -32.45
C LYS M 448 62.12 30.94 -33.05
N VAL M 449 62.98 30.30 -32.26
CA VAL M 449 63.82 29.21 -32.74
C VAL M 449 63.64 27.97 -31.87
N ALA M 450 63.75 26.81 -32.49
CA ALA M 450 63.80 25.54 -31.79
C ALA M 450 64.82 24.64 -32.48
N ILE M 451 65.48 23.80 -31.69
CA ILE M 451 66.50 22.89 -32.19
C ILE M 451 66.20 21.50 -31.65
N GLU M 452 66.54 20.48 -32.45
CA GLU M 452 66.15 19.10 -32.15
C GLU M 452 67.29 18.19 -32.63
N ASP M 453 67.83 17.40 -31.71
CA ASP M 453 68.99 16.58 -32.00
C ASP M 453 68.68 15.09 -31.92
N LYS M 454 69.29 14.35 -32.84
CA LYS M 454 69.36 12.90 -32.79
C LYS M 454 70.82 12.49 -32.90
N GLY M 455 71.19 11.43 -32.20
CA GLY M 455 72.51 10.82 -32.31
C GLY M 455 73.56 11.41 -31.40
N THR M 456 73.69 12.74 -31.36
CA THR M 456 74.63 13.34 -30.42
C THR M 456 74.15 13.17 -28.98
N ASN M 457 72.92 13.61 -28.70
CA ASN M 457 72.19 13.18 -27.52
C ASN M 457 72.71 13.77 -26.22
N PHE M 458 73.77 14.57 -26.28
CA PHE M 458 74.35 15.10 -25.05
C PHE M 458 73.90 16.53 -24.77
N ALA M 459 73.51 17.26 -25.82
CA ALA M 459 73.44 18.71 -25.73
C ALA M 459 72.67 19.17 -24.51
N GLY M 460 71.56 18.52 -24.20
CA GLY M 460 70.83 18.86 -22.99
C GLY M 460 71.67 18.70 -21.75
N ALA M 461 72.62 17.76 -21.77
CA ALA M 461 73.46 17.55 -20.59
C ALA M 461 74.12 18.85 -20.15
N PHE M 462 74.64 19.63 -21.11
CA PHE M 462 75.17 20.95 -20.77
C PHE M 462 74.09 22.01 -20.70
N SER M 463 72.83 21.61 -20.53
CA SER M 463 71.74 22.54 -20.25
C SER M 463 71.66 23.64 -21.31
N ILE M 464 72.01 23.30 -22.55
CA ILE M 464 71.87 24.21 -23.67
C ILE M 464 70.37 24.30 -23.97
N GLY M 465 69.76 25.42 -23.58
CA GLY M 465 68.32 25.52 -23.59
C GLY M 465 67.72 24.56 -22.57
N GLY M 466 68.48 24.29 -21.52
CA GLY M 466 68.10 23.26 -20.58
C GLY M 466 67.19 23.77 -19.47
N PHE M 467 66.44 22.83 -18.90
CA PHE M 467 65.55 23.13 -17.79
C PHE M 467 66.28 23.18 -16.45
N PHE M 468 67.43 22.52 -16.37
CA PHE M 468 68.04 22.20 -15.09
C PHE M 468 69.04 23.27 -14.63
N SER M 469 69.16 23.41 -13.31
CA SER M 469 70.38 23.89 -12.70
C SER M 469 70.94 22.78 -11.82
N GLY M 470 72.26 22.68 -11.77
CA GLY M 470 72.89 21.64 -11.01
C GLY M 470 73.04 20.37 -11.82
N THR M 471 73.86 19.47 -11.35
CA THR M 471 74.22 18.27 -12.10
C THR M 471 73.80 17.00 -11.39
N ASP M 472 73.99 16.93 -10.08
CA ASP M 472 73.60 15.79 -9.27
C ASP M 472 72.79 16.31 -8.09
N ALA M 473 72.31 15.37 -7.27
CA ALA M 473 71.46 15.75 -6.14
C ALA M 473 72.14 16.74 -5.19
N SER M 474 73.44 16.98 -5.33
CA SER M 474 74.06 18.06 -4.58
C SER M 474 73.52 19.42 -5.02
N ASP M 475 73.27 19.59 -6.31
CA ASP M 475 72.87 20.88 -6.86
C ASP M 475 71.73 20.77 -7.86
N MET M 476 71.44 19.56 -8.31
CA MET M 476 70.54 19.35 -9.44
C MET M 476 69.13 19.87 -9.11
N LYS M 477 68.54 20.59 -10.05
CA LYS M 477 67.26 21.26 -9.82
C LYS M 477 66.83 21.97 -11.10
N VAL M 478 65.59 22.48 -11.08
CA VAL M 478 65.12 23.40 -12.10
C VAL M 478 66.12 24.54 -12.27
N LYS M 479 66.09 25.17 -13.44
CA LYS M 479 66.91 26.34 -13.66
C LYS M 479 66.33 27.54 -12.92
N ASP M 480 67.20 28.30 -12.26
CA ASP M 480 66.74 29.31 -11.31
C ASP M 480 65.86 30.36 -11.97
N SER M 481 66.17 30.72 -13.22
CA SER M 481 65.38 31.74 -13.91
C SER M 481 63.90 31.40 -13.87
N ILE M 482 63.57 30.11 -13.92
CA ILE M 482 62.17 29.71 -13.79
C ILE M 482 61.69 29.96 -12.37
N LEU M 483 62.53 29.73 -11.35
CA LEU M 483 62.11 30.08 -10.01
C LEU M 483 61.88 31.59 -9.89
N ASN M 484 62.76 32.39 -10.48
CA ASN M 484 62.56 33.84 -10.46
C ASN M 484 61.21 34.20 -11.06
N ASP M 485 60.86 33.56 -12.16
CA ASP M 485 59.55 33.71 -12.79
C ASP M 485 59.01 32.34 -13.15
N PRO M 486 58.12 31.77 -12.33
CA PRO M 486 57.50 30.49 -12.71
C PRO M 486 56.75 30.57 -14.02
N SER M 487 56.26 31.75 -14.39
CA SER M 487 55.45 31.87 -15.60
C SER M 487 56.23 31.51 -16.85
N THR M 488 57.57 31.59 -16.78
CA THR M 488 58.40 31.35 -17.96
C THR M 488 57.95 30.12 -18.75
N VAL M 489 57.37 29.14 -18.08
CA VAL M 489 56.93 27.90 -18.73
C VAL M 489 55.97 28.24 -19.86
N ARG M 490 56.10 27.53 -20.99
CA ARG M 490 55.18 27.65 -22.11
C ARG M 490 54.66 26.27 -22.45
N ALA M 491 53.34 26.16 -22.63
CA ALA M 491 52.72 24.86 -22.82
C ALA M 491 53.04 24.29 -24.19
N SER M 492 52.63 24.99 -25.25
CA SER M 492 52.99 24.58 -26.60
C SER M 492 54.46 24.94 -26.85
N SER M 493 55.20 23.99 -27.40
CA SER M 493 56.61 24.20 -27.72
C SER M 493 56.83 25.36 -28.69
N ASN M 494 55.76 25.93 -29.25
CA ASN M 494 55.89 27.12 -30.06
C ASN M 494 56.36 28.31 -29.24
N GLY M 495 56.34 28.18 -27.90
CA GLY M 495 56.67 29.28 -27.02
C GLY M 495 55.48 30.01 -26.45
N VAL M 496 54.27 29.47 -26.61
CA VAL M 496 53.04 30.14 -26.20
C VAL M 496 52.16 29.13 -25.48
N ASP M 497 51.23 29.66 -24.68
CA ASP M 497 50.39 28.85 -23.80
C ASP M 497 48.98 28.66 -24.35
N SER M 498 48.78 28.86 -25.64
CA SER M 498 47.51 28.56 -26.28
C SER M 498 47.43 27.11 -26.75
N GLY M 499 48.53 26.35 -26.63
CA GLY M 499 48.53 24.94 -26.96
C GLY M 499 49.15 24.11 -25.85
N ASN M 500 49.50 22.86 -26.15
CA ASN M 500 49.97 21.92 -25.13
C ASN M 500 51.17 21.07 -25.53
N ASP M 501 51.58 21.10 -26.80
CA ASP M 501 52.35 20.01 -27.37
C ASP M 501 53.57 19.64 -26.53
N MET M 502 54.25 20.63 -25.93
CA MET M 502 55.47 20.33 -25.20
C MET M 502 55.25 19.22 -24.18
N ALA M 503 54.11 19.25 -23.48
CA ALA M 503 53.78 18.19 -22.54
C ALA M 503 53.84 16.83 -23.22
N ASN M 504 53.37 16.77 -24.47
CA ASN M 504 53.24 15.48 -25.14
C ASN M 504 54.59 14.79 -25.27
N LYS M 505 55.63 15.53 -25.64
CA LYS M 505 56.96 14.94 -25.68
C LYS M 505 57.34 14.35 -24.34
N ILE M 506 57.22 15.16 -23.29
CA ILE M 506 57.63 14.73 -21.96
C ILE M 506 56.70 13.63 -21.45
N ILE M 507 55.40 13.80 -21.67
CA ILE M 507 54.46 12.75 -21.32
C ILE M 507 54.78 11.48 -22.08
N GLN M 508 55.17 11.62 -23.35
CA GLN M 508 55.52 10.45 -24.14
C GLN M 508 56.76 9.75 -23.57
N LEU M 509 57.78 10.52 -23.22
CA LEU M 509 59.05 9.91 -22.83
C LEU M 509 58.91 9.08 -21.56
N GLN M 510 58.15 9.57 -20.58
CA GLN M 510 58.04 8.85 -19.32
C GLN M 510 57.47 7.45 -19.52
N TYR M 511 56.71 7.23 -20.59
CA TYR M 511 56.35 5.86 -20.94
C TYR M 511 57.59 5.00 -21.15
N ASP M 512 58.65 5.57 -21.69
CA ASP M 512 59.65 4.84 -22.42
C ASP M 512 60.82 4.42 -21.54
N LYS M 513 61.54 3.40 -22.01
CA LYS M 513 62.78 2.95 -21.39
C LYS M 513 63.93 3.63 -22.11
N VAL M 514 64.84 4.22 -21.33
CA VAL M 514 65.88 5.09 -21.89
C VAL M 514 67.22 4.65 -21.32
N ASN M 515 68.29 5.03 -22.01
CA ASN M 515 69.58 4.37 -21.87
C ASN M 515 70.52 5.14 -20.95
N PHE M 516 71.35 4.38 -20.21
CA PHE M 516 72.31 4.94 -19.27
C PHE M 516 73.61 4.14 -19.32
N TYR M 517 74.72 4.85 -19.14
CA TYR M 517 76.01 4.22 -19.08
C TYR M 517 76.38 4.51 -17.65
N ASN M 518 76.33 3.51 -16.80
CA ASN M 518 76.52 3.75 -15.37
C ASN M 518 77.87 4.30 -14.90
N GLU M 519 78.82 3.43 -14.61
CA GLU M 519 80.10 3.84 -14.05
C GLU M 519 81.22 3.46 -15.01
N ASP M 520 81.28 2.17 -15.35
CA ASP M 520 82.17 1.68 -16.39
C ASP M 520 81.55 2.01 -17.73
N GLY M 521 80.28 2.41 -17.70
CA GLY M 521 79.55 2.76 -18.89
C GLY M 521 78.61 1.69 -19.39
N THR M 522 78.47 0.57 -18.67
CA THR M 522 77.57 -0.48 -19.12
C THR M 522 76.20 0.09 -19.47
N ILE M 523 75.57 -0.54 -20.45
CA ILE M 523 74.51 0.07 -21.25
C ILE M 523 73.16 -0.25 -20.61
N ASP M 524 72.37 0.78 -20.35
CA ASP M 524 71.00 0.64 -19.93
C ASP M 524 70.07 1.02 -21.06
N ASN M 525 68.83 0.52 -21.00
CA ASN M 525 67.70 1.09 -21.74
C ASN M 525 66.51 0.92 -20.81
N LEU M 526 66.23 1.95 -20.01
CA LEU M 526 65.60 1.74 -18.72
C LEU M 526 64.63 2.87 -18.39
N THR M 527 63.62 2.55 -17.59
CA THR M 527 63.00 3.54 -16.74
C THR M 527 63.84 3.73 -15.48
N MET M 528 63.75 4.94 -14.93
CA MET M 528 64.46 5.21 -13.69
C MET M 528 63.88 4.38 -12.54
N GLU M 529 62.55 4.24 -12.51
CA GLU M 529 61.95 3.40 -11.48
C GLU M 529 62.52 2.00 -11.52
N GLU M 530 62.70 1.43 -12.72
CA GLU M 530 63.52 0.22 -12.79
C GLU M 530 64.89 0.52 -12.20
N TYR M 531 65.51 1.60 -12.65
CA TYR M 531 66.86 1.88 -12.22
C TYR M 531 66.90 1.90 -10.71
N TYR M 532 66.04 2.74 -10.12
CA TYR M 532 65.90 2.84 -8.68
C TYR M 532 65.71 1.47 -8.05
N ARG M 533 64.78 0.68 -8.59
CA ARG M 533 64.44 -0.57 -7.95
C ARG M 533 65.62 -1.53 -7.95
N LYS M 534 66.35 -1.62 -9.06
CA LYS M 534 67.53 -2.48 -9.07
C LYS M 534 68.55 -1.97 -8.06
N LEU M 535 68.66 -0.65 -7.92
CA LEU M 535 69.54 -0.08 -6.90
C LEU M 535 69.02 -0.41 -5.51
N THR M 536 67.80 0.01 -5.20
CA THR M 536 67.25 -0.28 -3.88
C THR M 536 67.13 -1.78 -3.67
N GLY M 537 66.67 -2.51 -4.68
CA GLY M 537 66.60 -3.96 -4.55
C GLY M 537 67.93 -4.57 -4.17
N LYS M 538 69.02 -3.99 -4.69
CA LYS M 538 70.35 -4.49 -4.32
C LYS M 538 70.55 -4.40 -2.82
N ILE M 539 70.14 -3.28 -2.21
CA ILE M 539 70.29 -3.12 -0.77
C ILE M 539 69.46 -4.16 -0.03
N ALA M 540 68.19 -4.29 -0.39
CA ALA M 540 67.29 -5.18 0.36
C ALA M 540 67.75 -6.62 0.29
N SER M 541 68.20 -7.07 -0.89
CA SER M 541 68.72 -8.42 -1.00
C SER M 541 69.81 -8.67 0.03
N ASP M 542 70.74 -7.73 0.16
CA ASP M 542 71.79 -7.88 1.15
C ASP M 542 71.22 -8.01 2.56
N GLY M 543 70.21 -7.19 2.88
CA GLY M 543 69.57 -7.32 4.17
C GLY M 543 69.00 -8.71 4.38
N GLU M 544 68.28 -9.21 3.38
CA GLU M 544 67.82 -10.60 3.43
C GLU M 544 69.00 -11.52 3.71
N ASN M 545 70.10 -11.32 2.99
CA ASN M 545 71.24 -12.22 3.09
C ASN M 545 71.92 -12.08 4.45
N ASN M 546 72.13 -10.84 4.87
CA ASN M 546 72.77 -10.59 6.15
C ASN M 546 71.99 -11.20 7.30
N ASN M 547 70.66 -11.07 7.26
CA ASN M 547 69.84 -11.56 8.37
C ASN M 547 70.04 -13.06 8.58
N VAL M 548 69.87 -13.84 7.51
CA VAL M 548 70.05 -15.29 7.63
C VAL M 548 71.50 -15.60 7.98
N VAL M 549 72.44 -14.90 7.35
CA VAL M 549 73.85 -15.12 7.66
C VAL M 549 74.11 -14.83 9.12
N ASN M 550 73.60 -13.70 9.60
CA ASN M 550 73.66 -13.40 11.03
C ASN M 550 73.04 -14.52 11.83
N SER M 551 71.83 -14.93 11.44
CA SER M 551 71.18 -16.05 12.11
C SER M 551 72.11 -17.25 12.18
N SER M 552 72.83 -17.52 11.09
CA SER M 552 73.76 -18.64 11.10
C SER M 552 74.83 -18.46 12.17
N ASN M 553 75.41 -17.27 12.24
CA ASN M 553 76.44 -17.02 13.24
C ASN M 553 75.88 -17.16 14.64
N GLU M 554 74.66 -16.66 14.85
CA GLU M 554 74.06 -16.70 16.18
C GLU M 554 73.94 -18.12 16.70
N THR M 555 73.19 -18.98 15.99
CA THR M 555 72.88 -20.30 16.53
C THR M 555 74.14 -21.04 16.95
N LEU M 556 75.11 -21.14 16.04
CA LEU M 556 76.35 -21.82 16.41
C LEU M 556 77.06 -21.08 17.52
N TYR M 557 77.12 -19.75 17.44
CA TYR M 557 77.80 -18.99 18.48
C TYR M 557 77.14 -19.23 19.84
N ASN M 558 75.80 -19.26 19.86
CA ASN M 558 75.10 -19.47 21.12
C ASN M 558 75.58 -20.74 21.81
N SER M 559 75.61 -21.85 21.05
CA SER M 559 76.03 -23.11 21.64
C SER M 559 77.48 -23.07 22.09
N VAL M 560 78.39 -22.68 21.19
CA VAL M 560 79.80 -22.66 21.56
C VAL M 560 80.04 -21.72 22.72
N TYR M 561 79.35 -20.58 22.73
CA TYR M 561 79.41 -19.70 23.89
C TYR M 561 79.10 -20.47 25.17
N SER M 562 78.00 -21.23 25.16
CA SER M 562 77.71 -22.08 26.30
C SER M 562 78.87 -23.02 26.59
N GLU M 563 79.51 -23.54 25.55
CA GLU M 563 80.51 -24.58 25.79
C GLU M 563 81.68 -24.05 26.60
N TYR M 564 82.18 -22.84 26.30
CA TYR M 564 83.19 -22.31 27.20
C TYR M 564 82.58 -21.88 28.52
N GLN M 565 81.30 -21.52 28.51
CA GLN M 565 80.59 -21.33 29.76
C GLN M 565 80.56 -22.63 30.57
N SER M 566 80.84 -23.76 29.93
CA SER M 566 80.98 -25.01 30.65
C SER M 566 82.13 -24.96 31.65
N LYS M 567 83.07 -24.04 31.47
CA LYS M 567 84.28 -24.04 32.30
C LYS M 567 84.05 -23.38 33.65
N SER M 568 83.60 -22.13 33.64
CA SER M 568 83.65 -21.27 34.82
C SER M 568 82.26 -20.73 35.12
N GLY M 569 82.09 -20.29 36.36
CA GLY M 569 80.83 -19.72 36.79
C GLY M 569 80.48 -20.26 38.17
N VAL M 570 79.25 -20.00 38.59
CA VAL M 570 78.70 -20.71 39.73
C VAL M 570 78.83 -22.20 39.47
N ASN M 571 79.45 -22.91 40.40
CA ASN M 571 80.18 -24.12 40.05
C ASN M 571 79.48 -25.42 40.38
N THR M 572 78.40 -25.40 41.15
CA THR M 572 77.51 -26.55 41.31
C THR M 572 76.31 -26.10 42.15
N ASN M 573 75.48 -27.05 42.52
CA ASN M 573 74.72 -26.96 43.76
C ASN M 573 75.59 -27.32 44.96
N GLU M 574 76.58 -28.18 44.74
CA GLU M 574 77.32 -28.80 45.84
C GLU M 574 77.91 -27.77 46.79
N GLU M 575 78.30 -26.60 46.29
CA GLU M 575 78.76 -25.55 47.19
C GLU M 575 77.75 -25.32 48.30
N LEU M 576 76.46 -25.36 47.96
CA LEU M 576 75.44 -25.33 49.00
C LEU M 576 75.59 -26.55 49.89
N ALA M 577 75.88 -27.71 49.30
CA ALA M 577 76.13 -28.91 50.08
C ALA M 577 77.47 -28.85 50.80
N ALA M 578 78.50 -28.31 50.16
CA ALA M 578 79.89 -28.68 50.48
C ALA M 578 80.22 -28.62 51.97
N LEU M 579 79.38 -27.99 52.79
CA LEU M 579 79.76 -27.73 54.17
C LEU M 579 80.00 -28.99 54.99
N ILE M 580 79.44 -30.14 54.58
CA ILE M 580 79.36 -31.27 55.50
C ILE M 580 80.72 -31.60 56.12
N GLN M 581 81.70 -31.91 55.27
CA GLN M 581 82.81 -32.76 55.70
C GLN M 581 83.66 -32.10 56.78
N TYR M 582 83.65 -30.78 56.86
CA TYR M 582 84.75 -30.09 57.53
C TYR M 582 84.49 -29.83 59.01
N GLN M 583 83.35 -29.25 59.35
CA GLN M 583 83.03 -29.16 60.78
C GLN M 583 83.06 -30.55 61.40
N SER M 584 82.78 -31.58 60.60
CA SER M 584 82.91 -32.95 61.07
C SER M 584 84.38 -33.36 61.16
N SER M 585 85.08 -33.36 60.03
CA SER M 585 86.41 -33.95 59.97
C SER M 585 87.36 -33.27 60.94
N TYR M 586 87.47 -31.94 60.86
CA TYR M 586 88.44 -31.25 61.70
C TYR M 586 87.94 -31.12 63.13
N GLY M 587 86.65 -30.86 63.30
CA GLY M 587 86.09 -30.81 64.64
C GLY M 587 86.27 -32.13 65.36
N ALA M 588 85.74 -33.21 64.78
CA ALA M 588 85.80 -34.51 65.43
C ALA M 588 87.24 -34.96 65.64
N ALA M 589 88.07 -34.82 64.61
CA ALA M 589 89.45 -35.29 64.73
C ALA M 589 90.20 -34.53 65.82
N ALA M 590 90.18 -33.21 65.76
CA ALA M 590 90.95 -32.44 66.74
C ALA M 590 90.48 -32.72 68.15
N LYS M 591 89.16 -32.65 68.40
CA LYS M 591 88.66 -32.87 69.74
C LYS M 591 88.95 -34.29 70.21
N ILE M 592 88.73 -35.28 69.33
CA ILE M 592 88.95 -36.66 69.74
C ILE M 592 90.44 -36.92 69.90
N VAL M 593 91.25 -36.40 68.98
CA VAL M 593 92.70 -36.50 69.13
C VAL M 593 93.12 -35.86 70.45
N SER M 594 92.59 -34.67 70.73
CA SER M 594 92.82 -34.07 72.04
C SER M 594 92.35 -35.00 73.14
N THR M 595 91.13 -35.53 73.01
CA THR M 595 90.56 -36.34 74.08
C THR M 595 91.52 -37.42 74.52
N VAL M 596 92.03 -38.20 73.55
CA VAL M 596 93.04 -39.20 73.90
C VAL M 596 94.35 -38.53 74.27
N ASP M 597 94.65 -37.39 73.66
CA ASP M 597 95.84 -36.64 74.08
C ASP M 597 95.81 -36.37 75.58
N GLN M 598 94.64 -36.01 76.10
CA GLN M 598 94.54 -35.80 77.54
C GLN M 598 94.48 -37.12 78.29
N MET M 599 94.03 -38.20 77.66
CA MET M 599 94.24 -39.51 78.25
C MET M 599 95.72 -39.73 78.51
N LEU M 600 96.56 -39.36 77.54
CA LEU M 600 98.00 -39.47 77.72
C LEU M 600 98.48 -38.58 78.84
N ASP M 601 98.23 -37.27 78.76
CA ASP M 601 98.77 -36.37 79.78
C ASP M 601 98.13 -36.58 81.15
N THR M 602 96.87 -37.00 81.19
CA THR M 602 96.25 -37.28 82.48
C THR M 602 96.90 -38.53 83.02
N LEU M 603 97.11 -39.52 82.16
CA LEU M 603 97.78 -40.74 82.59
C LEU M 603 99.21 -40.40 82.96
N LEU M 604 99.76 -39.40 82.31
CA LEU M 604 101.12 -38.98 82.63
C LEU M 604 101.15 -38.48 84.06
N GLY M 605 100.21 -37.61 84.39
CA GLY M 605 100.15 -37.08 85.75
C GLY M 605 99.92 -38.21 86.72
N LEU M 606 99.13 -39.20 86.31
CA LEU M 606 98.82 -40.33 87.16
C LEU M 606 100.08 -41.11 87.51
N LYS M 607 100.90 -41.40 86.50
CA LYS M 607 102.13 -42.14 86.74
C LYS M 607 103.07 -41.29 87.56
N SER M 608 103.04 -39.99 87.35
CA SER M 608 103.92 -39.08 88.09
C SER M 608 103.60 -39.12 89.58
N MET N 1 111.11 -18.74 90.31
CA MET N 1 110.33 -17.98 91.33
C MET N 1 109.99 -16.59 90.80
N GLY N 2 110.99 -15.89 90.30
CA GLY N 2 110.73 -14.61 89.64
C GLY N 2 109.86 -14.78 88.42
N ILE N 3 110.01 -15.89 87.69
CA ILE N 3 109.16 -16.16 86.53
C ILE N 3 107.70 -16.15 86.94
N PHE N 4 107.41 -16.48 88.20
CA PHE N 4 106.03 -16.37 88.68
C PHE N 4 105.49 -14.97 88.44
N GLY N 5 106.35 -13.96 88.54
CA GLY N 5 105.89 -12.61 88.24
C GLY N 5 105.41 -12.47 86.81
N THR N 6 106.04 -13.19 85.88
CA THR N 6 105.59 -13.20 84.51
C THR N 6 104.12 -13.59 84.41
N LEU N 7 103.68 -14.49 85.28
CA LEU N 7 102.34 -15.03 85.16
C LEU N 7 101.29 -13.95 85.38
N TYR N 8 101.42 -13.16 86.46
CA TYR N 8 100.45 -12.08 86.65
C TYR N 8 100.57 -11.05 85.54
N THR N 9 101.77 -10.88 85.00
CA THR N 9 101.94 -10.01 83.84
C THR N 9 101.14 -10.55 82.66
N GLY N 10 101.16 -11.87 82.45
CA GLY N 10 100.31 -12.45 81.43
C GLY N 10 98.84 -12.14 81.67
N VAL N 11 98.42 -12.14 82.94
CA VAL N 11 97.04 -11.79 83.25
C VAL N 11 96.73 -10.37 82.79
N THR N 12 97.69 -9.45 82.94
CA THR N 12 97.49 -8.12 82.39
C THR N 12 97.25 -8.18 80.90
N GLY N 13 98.03 -9.02 80.19
CA GLY N 13 97.72 -9.28 78.79
C GLY N 13 96.35 -9.87 78.61
N LEU N 14 95.93 -10.75 79.52
CA LEU N 14 94.58 -11.28 79.46
C LEU N 14 93.54 -10.19 79.64
N LYS N 15 93.81 -9.22 80.53
CA LYS N 15 92.89 -8.10 80.67
C LYS N 15 92.76 -7.32 79.37
N ALA N 16 93.78 -7.37 78.53
CA ALA N 16 93.64 -6.83 77.17
C ALA N 16 92.54 -7.55 76.41
N SER N 17 92.22 -8.78 76.81
CA SER N 17 91.09 -9.49 76.23
C SER N 17 89.77 -8.83 76.60
N GLU N 18 89.68 -8.28 77.81
CA GLU N 18 88.41 -7.76 78.29
C GLU N 18 87.93 -6.58 77.45
N VAL N 19 88.85 -5.74 76.96
CA VAL N 19 88.42 -4.56 76.22
C VAL N 19 87.56 -4.97 75.04
N GLN N 20 87.89 -6.07 74.38
CA GLN N 20 87.10 -6.48 73.23
C GLN N 20 85.70 -6.91 73.62
N ILE N 21 85.49 -7.20 74.91
CA ILE N 21 84.13 -7.20 75.43
C ILE N 21 83.58 -5.78 75.41
N ALA N 22 84.37 -4.83 75.91
CA ALA N 22 83.93 -3.44 75.94
C ALA N 22 83.71 -2.91 74.53
N THR N 23 84.64 -3.19 73.62
CA THR N 23 84.49 -2.71 72.26
C THR N 23 83.26 -3.30 71.59
N THR N 24 83.12 -4.63 71.64
CA THR N 24 81.99 -5.26 70.97
C THR N 24 80.67 -4.73 71.53
N GLY N 25 80.57 -4.66 72.87
CA GLY N 25 79.36 -4.12 73.47
C GLY N 25 79.15 -2.67 73.10
N ASN N 26 80.20 -1.87 73.20
CA ASN N 26 80.08 -0.46 72.85
C ASN N 26 79.80 -0.28 71.36
N ASN N 27 80.55 -1.00 70.52
CA ASN N 27 80.37 -0.85 69.08
C ASN N 27 78.95 -1.23 68.67
N ILE N 28 78.43 -2.32 69.24
CA ILE N 28 77.06 -2.73 68.95
C ILE N 28 76.07 -1.65 69.38
N SER N 29 76.48 -0.78 70.29
CA SER N 29 75.53 0.09 70.99
C SER N 29 74.65 0.89 70.03
N ASN N 30 75.21 1.38 68.93
CA ASN N 30 74.49 2.32 68.08
C ASN N 30 73.40 1.57 67.32
N ALA N 31 72.23 1.46 67.97
CA ALA N 31 71.01 1.12 67.26
C ALA N 31 70.65 2.29 66.35
N ASN N 32 69.54 2.20 65.63
CA ASN N 32 69.25 3.17 64.57
C ASN N 32 68.87 4.53 65.19
N ALA N 33 69.86 5.15 65.79
CA ALA N 33 69.87 6.60 65.95
C ALA N 33 70.64 7.15 64.77
N THR N 34 69.94 7.76 63.82
CA THR N 34 70.52 8.04 62.52
C THR N 34 71.42 9.27 62.54
N PHE N 35 72.37 9.29 63.49
CA PHE N 35 73.20 10.48 63.66
C PHE N 35 74.63 10.15 64.11
N TYR N 36 75.15 8.97 63.79
CA TYR N 36 76.33 8.44 64.47
C TYR N 36 77.50 8.31 63.51
N THR N 37 78.72 8.21 64.07
CA THR N 37 79.96 8.44 63.34
C THR N 37 81.04 7.39 63.58
N ARG N 38 80.74 6.29 64.26
CA ARG N 38 81.71 5.22 64.47
C ARG N 38 82.80 5.65 65.44
N GLN N 39 83.45 4.70 66.10
CA GLN N 39 84.78 4.86 66.68
C GLN N 39 85.49 3.52 66.56
N ARG N 40 86.78 3.53 66.19
CA ARG N 40 87.42 2.35 65.59
C ARG N 40 88.79 2.10 66.19
N VAL N 41 89.36 0.91 65.89
CA VAL N 41 90.40 0.23 66.67
C VAL N 41 91.79 0.53 66.11
N VAL N 42 92.82 0.20 66.91
CA VAL N 42 94.20 0.52 66.59
C VAL N 42 95.12 -0.65 66.97
N GLN N 43 96.26 -0.72 66.29
CA GLN N 43 97.37 -1.60 66.67
C GLN N 43 98.67 -0.81 66.53
N THR N 44 99.68 -1.19 67.31
CA THR N 44 100.83 -0.33 67.57
C THR N 44 102.12 -0.96 67.07
N THR N 45 103.10 -0.10 66.77
CA THR N 45 104.44 -0.51 66.37
C THR N 45 105.36 -0.53 67.59
N ASN N 46 106.36 -1.40 67.56
CA ASN N 46 107.23 -1.60 68.72
C ASN N 46 108.59 -2.12 68.29
N GLY N 47 109.55 -2.02 69.20
CA GLY N 47 110.89 -2.54 68.99
C GLY N 47 111.67 -2.56 70.29
N TYR N 48 112.45 -3.61 70.54
CA TYR N 48 113.11 -3.80 71.82
C TYR N 48 114.44 -4.51 71.62
N ILE N 49 115.48 -3.99 72.28
CA ILE N 49 116.85 -4.45 72.08
C ILE N 49 117.49 -4.68 73.44
N THR N 50 118.61 -5.41 73.45
CA THR N 50 119.23 -5.88 74.67
C THR N 50 120.73 -5.59 74.68
N THR N 51 121.32 -5.69 75.87
CA THR N 51 122.72 -5.33 76.09
C THR N 51 123.64 -6.55 76.09
N GLY N 52 123.34 -7.52 76.96
CA GLY N 52 124.25 -8.64 77.17
C GLY N 52 124.30 -9.07 78.62
N GLY N 53 124.20 -10.38 78.85
CA GLY N 53 124.13 -10.90 80.20
C GLY N 53 123.13 -12.03 80.24
N VAL N 54 122.40 -12.10 81.34
CA VAL N 54 121.28 -13.01 81.49
C VAL N 54 120.07 -12.16 81.84
N GLN N 55 119.24 -11.86 80.85
CA GLN N 55 118.12 -10.94 81.05
C GLN N 55 117.17 -11.05 79.87
N VAL N 56 115.95 -10.55 80.07
CA VAL N 56 114.94 -10.47 79.02
C VAL N 56 114.09 -9.23 79.26
N GLY N 57 113.55 -8.67 78.17
CA GLY N 57 112.70 -7.50 78.26
C GLY N 57 111.98 -7.18 76.96
N THR N 58 110.70 -6.83 77.07
CA THR N 58 109.90 -6.51 75.90
C THR N 58 108.64 -5.77 76.35
N GLY N 59 108.08 -4.98 75.45
CA GLY N 59 106.89 -4.19 75.71
C GLY N 59 105.74 -4.62 74.83
N THR N 60 104.55 -4.12 75.14
CA THR N 60 103.31 -4.55 74.50
C THR N 60 102.72 -3.40 73.67
N ALA N 61 101.65 -3.72 72.94
CA ALA N 61 101.02 -2.80 71.99
C ALA N 61 99.75 -2.21 72.57
N VAL N 62 99.11 -1.34 71.78
CA VAL N 62 98.03 -0.47 72.26
C VAL N 62 96.84 -0.51 71.30
N GLU N 63 95.69 -0.03 71.80
CA GLU N 63 94.45 0.01 71.06
C GLU N 63 93.78 1.35 71.30
N SER N 64 92.86 1.76 70.42
CA SER N 64 92.23 3.07 70.55
C SER N 64 90.89 3.10 69.82
N ILE N 65 90.10 4.15 70.09
CA ILE N 65 88.72 4.25 69.62
C ILE N 65 88.33 5.71 69.40
N VAL N 66 88.05 6.10 68.15
CA VAL N 66 87.72 7.49 67.83
C VAL N 66 86.92 7.57 66.53
N ARG N 67 86.21 8.71 66.35
CA ARG N 67 85.08 8.85 65.43
C ARG N 67 85.44 9.55 64.12
N LEU N 68 84.46 9.62 63.21
CA LEU N 68 84.74 9.87 61.80
C LEU N 68 83.57 10.55 61.09
N HIS N 69 83.89 11.37 60.08
CA HIS N 69 82.93 11.92 59.13
C HIS N 69 83.71 12.75 58.11
N ASP N 70 83.07 13.11 56.99
CA ASP N 70 83.70 13.89 55.93
C ASP N 70 82.94 15.18 55.71
N GLU N 71 83.67 16.30 55.66
CA GLU N 71 83.06 17.61 55.54
C GLU N 71 82.94 18.08 54.10
N TYR N 72 84.04 18.04 53.34
CA TYR N 72 84.05 18.70 52.04
C TYR N 72 82.82 18.32 51.23
N SER N 73 82.51 17.02 51.20
CA SER N 73 81.22 16.61 50.66
C SER N 73 80.07 17.20 51.46
N TYR N 74 80.19 17.19 52.79
CA TYR N 74 79.08 17.59 53.63
C TYR N 74 78.55 18.97 53.23
N TYR N 75 79.45 19.91 52.94
CA TYR N 75 79.02 21.22 52.49
C TYR N 75 78.29 21.13 51.16
N LYS N 76 78.68 20.20 50.30
CA LYS N 76 78.03 20.07 49.00
C LYS N 76 76.54 19.79 49.17
N LEU N 77 76.19 18.94 50.14
CA LEU N 77 74.80 18.84 50.56
C LEU N 77 74.30 20.17 51.09
N LYS N 78 75.04 20.76 52.02
CA LYS N 78 74.48 21.87 52.79
C LYS N 78 74.10 23.02 51.87
N GLY N 79 74.90 23.28 50.84
CA GLY N 79 74.45 24.20 49.80
C GLY N 79 73.22 23.70 49.09
N ALA N 80 73.25 22.43 48.64
CA ALA N 80 72.08 21.86 47.99
C ALA N 80 70.86 21.95 48.89
N SER N 81 71.07 21.92 50.21
CA SER N 81 69.96 22.07 51.14
C SER N 81 69.27 23.41 50.95
N ASN N 82 69.95 24.50 51.31
CA ASN N 82 69.31 25.81 51.25
C ASN N 82 68.81 26.13 49.86
N GLN N 83 69.50 25.66 48.82
CA GLN N 83 69.00 25.81 47.46
C GLN N 83 67.59 25.27 47.36
N LEU N 84 67.43 23.96 47.57
CA LEU N 84 66.09 23.37 47.54
C LEU N 84 65.17 24.06 48.52
N GLU N 85 65.70 24.52 49.65
CA GLU N 85 64.87 25.24 50.62
C GLU N 85 64.29 26.49 49.98
N TYR N 86 65.10 27.23 49.22
CA TYR N 86 64.57 28.37 48.50
C TYR N 86 63.49 27.93 47.51
N THR N 87 63.85 27.03 46.60
CA THR N 87 62.96 26.71 45.49
C THR N 87 61.73 25.94 45.96
N LYS N 88 61.90 25.01 46.89
CA LYS N 88 60.76 24.25 47.39
C LYS N 88 59.66 25.19 47.88
N TYR N 89 60.03 26.18 48.69
CA TYR N 89 59.03 27.10 49.22
C TYR N 89 58.49 27.99 48.11
N MET N 90 59.39 28.71 47.44
CA MET N 90 59.01 29.48 46.27
C MET N 90 57.97 28.76 45.45
N ALA N 91 58.30 27.56 44.95
CA ALA N 91 57.35 26.82 44.14
C ALA N 91 56.03 26.60 44.88
N SER N 92 56.10 26.24 46.16
CA SER N 92 54.88 25.96 46.92
C SER N 92 53.91 27.13 46.82
N THR N 93 54.40 28.34 47.10
CA THR N 93 53.57 29.51 46.92
C THR N 93 53.09 29.62 45.48
N LEU N 94 53.96 29.31 44.53
CA LEU N 94 53.62 29.40 43.13
C LEU N 94 52.43 28.51 42.80
N GLN N 95 52.41 27.28 43.33
CA GLN N 95 51.30 26.38 43.03
C GLN N 95 49.98 27.00 43.44
N GLU N 96 49.86 27.41 44.70
CA GLU N 96 48.63 28.04 45.15
C GLU N 96 48.30 29.23 44.27
N ILE N 97 49.25 30.15 44.11
CA ILE N 97 49.01 31.39 43.38
C ILE N 97 48.36 31.09 42.05
N ALA N 98 49.02 30.27 41.23
CA ALA N 98 48.48 29.96 39.91
C ALA N 98 47.12 29.30 40.00
N GLN N 99 46.87 28.53 41.05
CA GLN N 99 45.61 27.80 41.14
C GLN N 99 44.48 28.67 41.66
N ARG N 100 44.79 29.85 42.21
CA ARG N 100 43.78 30.63 42.90
C ARG N 100 42.72 31.22 41.98
N PHE N 101 42.90 31.16 40.67
CA PHE N 101 42.19 32.03 39.75
C PHE N 101 41.64 31.28 38.54
N PRO N 102 40.73 31.93 37.78
CA PRO N 102 40.22 31.31 36.55
C PRO N 102 41.33 31.10 35.51
N ASP N 103 41.03 31.19 34.22
CA ASP N 103 42.01 30.92 33.16
C ASP N 103 42.05 29.43 32.96
N LEU N 104 41.17 28.70 33.66
CA LEU N 104 41.10 27.27 33.51
C LEU N 104 39.67 26.93 33.18
N GLN N 105 39.18 27.52 32.09
CA GLN N 105 37.81 27.26 31.67
C GLN N 105 36.90 27.54 32.85
N ASN N 106 37.25 28.56 33.63
CA ASN N 106 36.46 28.90 34.80
C ASN N 106 35.42 29.93 34.44
N THR N 107 34.25 29.85 35.06
CA THR N 107 33.18 30.79 34.78
C THR N 107 33.23 31.95 35.77
N GLY N 108 34.41 32.19 36.34
CA GLY N 108 34.55 33.26 37.30
C GLY N 108 34.85 34.57 36.62
N ILE N 109 36.07 35.08 36.75
CA ILE N 109 36.48 36.36 36.17
C ILE N 109 36.27 36.36 34.66
N LEU N 110 36.75 35.32 33.98
CA LEU N 110 36.64 35.28 32.52
C LEU N 110 35.18 35.38 32.09
N GLN N 111 34.33 34.52 32.64
CA GLN N 111 32.91 34.55 32.29
C GLN N 111 32.25 35.81 32.83
N ASP N 112 32.59 36.20 34.05
CA ASP N 112 31.85 37.25 34.74
C ASP N 112 31.91 38.56 33.96
N LEU N 113 33.09 38.92 33.47
CA LEU N 113 33.19 40.10 32.62
C LEU N 113 32.28 39.97 31.40
N GLU N 114 32.39 38.87 30.69
CA GLU N 114 31.57 38.70 29.49
C GLU N 114 30.10 38.62 29.85
N ASN N 115 29.77 38.14 31.06
CA ASN N 115 28.37 38.13 31.48
C ASN N 115 27.77 39.51 31.41
N TYR N 116 28.49 40.52 31.90
CA TYR N 116 28.02 41.89 31.74
C TYR N 116 27.66 42.23 30.31
N ASN N 117 28.53 41.90 29.36
CA ASN N 117 28.27 42.31 27.98
C ASN N 117 27.00 41.66 27.46
N LYS N 118 26.71 40.43 27.91
CA LYS N 118 25.46 39.78 27.51
C LYS N 118 24.26 40.59 27.99
N ALA N 119 24.21 40.91 29.28
CA ALA N 119 23.14 41.76 29.78
C ALA N 119 23.18 43.12 29.11
N TRP N 120 24.39 43.67 28.92
CA TRP N 120 24.53 44.89 28.16
C TRP N 120 23.91 44.75 26.78
N ASN N 121 24.21 43.66 26.10
CA ASN N 121 23.63 43.41 24.78
C ASN N 121 22.12 43.29 24.87
N ASP N 122 21.63 42.56 25.86
CA ASP N 122 20.19 42.40 26.03
C ASP N 122 19.53 43.76 26.27
N PHE N 123 20.14 44.58 27.13
CA PHE N 123 19.63 45.93 27.34
C PHE N 123 19.70 46.74 26.06
N ALA N 124 20.79 46.59 25.30
CA ALA N 124 20.86 47.25 24.00
C ALA N 124 19.76 46.76 23.08
N SER N 125 19.46 45.46 23.11
CA SER N 125 18.40 44.92 22.29
C SER N 125 17.02 45.29 22.84
N ASN N 126 16.91 45.49 24.14
CA ASN N 126 15.67 45.92 24.79
C ASN N 126 15.94 47.10 25.69
N PRO N 127 16.28 48.26 25.11
CA PRO N 127 16.43 49.47 25.93
C PRO N 127 15.17 49.82 26.69
N ASN N 128 14.00 49.56 26.09
CA ASN N 128 12.74 49.74 26.78
C ASN N 128 12.74 49.00 28.12
N GLU N 129 13.22 47.76 28.12
CA GLU N 129 13.03 46.86 29.25
C GLU N 129 13.93 47.30 30.40
N ASN N 130 13.32 47.97 31.38
CA ASN N 130 14.03 48.32 32.61
C ASN N 130 14.58 47.09 33.31
N ALA N 131 13.89 45.96 33.20
CA ALA N 131 14.35 44.75 33.86
C ALA N 131 15.79 44.43 33.48
N THR N 132 16.14 44.61 32.20
CA THR N 132 17.53 44.44 31.80
C THR N 132 18.44 45.37 32.59
N LYS N 133 18.06 46.65 32.69
CA LYS N 133 18.85 47.59 33.48
C LYS N 133 19.09 47.05 34.89
N ILE N 134 18.04 46.55 35.52
CA ILE N 134 18.17 46.02 36.88
C ILE N 134 19.16 44.85 36.90
N ALA N 135 18.87 43.81 36.13
CA ALA N 135 19.77 42.66 36.08
C ALA N 135 21.13 43.07 35.54
N LEU N 136 21.15 43.90 34.50
CA LEU N 136 22.41 44.36 33.94
C LEU N 136 23.26 45.02 35.03
N VAL N 137 22.64 45.95 35.77
CA VAL N 137 23.34 46.59 36.88
C VAL N 137 23.66 45.57 37.96
N LYS N 138 22.71 44.69 38.24
CA LYS N 138 22.93 43.67 39.27
C LYS N 138 24.12 42.80 38.90
N ALA N 139 24.12 42.28 37.67
CA ALA N 139 25.29 41.54 37.19
C ALA N 139 26.55 42.41 37.23
N SER N 140 26.39 43.72 37.01
CA SER N 140 27.54 44.62 37.10
C SER N 140 28.14 44.58 38.50
N GLN N 141 27.40 45.08 39.48
CA GLN N 141 27.91 45.12 40.85
C GLN N 141 28.36 43.74 41.30
N THR N 142 27.75 42.68 40.75
CA THR N 142 28.27 41.35 40.98
C THR N 142 29.67 41.21 40.39
N LEU N 143 29.85 41.73 39.16
CA LEU N 143 31.15 41.63 38.49
C LEU N 143 32.25 42.35 39.27
N THR N 144 32.00 43.60 39.67
CA THR N 144 33.04 44.36 40.35
C THR N 144 33.40 43.73 41.70
N GLU N 145 32.40 43.24 42.44
CA GLU N 145 32.68 42.63 43.72
C GLU N 145 33.64 41.46 43.56
N SER N 146 33.40 40.60 42.57
CA SER N 146 34.34 39.54 42.27
C SER N 146 35.75 40.09 42.10
N VAL N 147 35.87 41.16 41.29
CA VAL N 147 37.15 41.82 41.14
C VAL N 147 37.64 42.30 42.49
N ASN N 148 36.76 42.96 43.25
CA ASN N 148 37.16 43.52 44.52
C ASN N 148 37.62 42.43 45.47
N ASN N 149 36.89 41.31 45.52
CA ASN N 149 37.20 40.25 46.45
C ASN N 149 38.54 39.61 46.12
N THR N 150 38.74 39.26 44.85
CA THR N 150 40.02 38.68 44.44
C THR N 150 41.16 39.64 44.74
N PHE N 151 40.96 40.92 44.43
CA PHE N 151 41.94 41.94 44.78
C PHE N 151 42.27 41.90 46.27
N ALA N 152 41.23 41.94 47.11
CA ALA N 152 41.47 41.88 48.54
C ALA N 152 42.13 40.57 48.93
N THR N 153 41.68 39.47 48.36
CA THR N 153 42.30 38.17 48.64
C THR N 153 43.79 38.23 48.41
N LEU N 154 44.21 38.72 47.24
CA LEU N 154 45.62 38.75 46.89
C LEU N 154 46.40 39.68 47.82
N ASP N 155 45.83 40.83 48.16
CA ASP N 155 46.57 41.76 48.99
C ASP N 155 46.89 41.17 50.35
N LYS N 156 45.93 40.48 50.96
CA LYS N 156 46.17 39.91 52.28
C LYS N 156 47.25 38.85 52.25
N ILE N 157 47.24 37.96 51.25
CA ILE N 157 48.29 36.95 51.18
C ILE N 157 49.65 37.63 51.07
N GLN N 158 49.72 38.78 50.39
CA GLN N 158 50.96 39.54 50.41
C GLN N 158 51.36 39.88 51.84
N LYS N 159 50.45 40.51 52.58
CA LYS N 159 50.73 40.82 53.98
C LYS N 159 51.05 39.54 54.74
N LYS N 160 50.31 38.47 54.43
CA LYS N 160 50.61 37.17 55.00
C LYS N 160 52.05 36.78 54.72
N VAL N 161 52.53 37.05 53.50
CA VAL N 161 53.93 36.79 53.19
C VAL N 161 54.84 37.59 54.11
N ASN N 162 54.57 38.90 54.23
CA ASN N 162 55.30 39.70 55.19
C ASN N 162 55.20 39.10 56.58
N ASP N 163 53.98 38.81 57.01
CA ASP N 163 53.78 38.21 58.32
C ASP N 163 54.55 36.90 58.42
N ASP N 164 54.46 36.06 57.40
CA ASP N 164 55.19 34.80 57.39
C ASP N 164 56.68 35.05 57.45
N ILE N 165 57.18 35.98 56.62
CA ILE N 165 58.58 36.35 56.68
C ILE N 165 58.96 36.70 58.11
N LYS N 166 58.17 37.56 58.75
CA LYS N 166 58.40 37.84 60.16
C LYS N 166 58.31 36.58 60.99
N ASN N 167 57.34 35.71 60.68
CA ASN N 167 57.18 34.49 61.45
C ASN N 167 58.43 33.61 61.35
N THR N 168 59.03 33.53 60.16
CA THR N 168 60.27 32.79 60.02
C THR N 168 61.31 33.30 61.03
N VAL N 169 61.29 34.60 61.30
CA VAL N 169 62.24 35.16 62.26
C VAL N 169 62.08 34.47 63.61
N ASP N 170 60.83 34.24 64.03
CA ASP N 170 60.58 33.53 65.28
C ASP N 170 61.36 32.22 65.32
N GLU N 171 61.08 31.31 64.40
CA GLU N 171 61.76 30.03 64.38
C GLU N 171 63.27 30.23 64.29
N ILE N 172 63.70 31.16 63.44
CA ILE N 172 65.12 31.38 63.23
C ILE N 172 65.80 31.80 64.53
N ASN N 173 65.20 32.76 65.24
CA ASN N 173 65.80 33.24 66.48
C ASN N 173 65.83 32.12 67.52
N LYS N 174 64.69 31.46 67.74
CA LYS N 174 64.65 30.34 68.66
C LYS N 174 65.73 29.31 68.31
N ILE N 175 65.78 28.93 67.04
CA ILE N 175 66.84 28.02 66.57
C ILE N 175 68.20 28.67 66.76
N GLY N 176 68.29 29.97 66.46
CA GLY N 176 69.58 30.64 66.53
C GLY N 176 70.20 30.56 67.91
N GLU N 177 69.42 30.84 68.95
CA GLU N 177 70.00 30.88 70.29
C GLU N 177 70.43 29.49 70.75
N GLU N 178 69.59 28.49 70.54
CA GLU N 178 69.98 27.12 70.87
C GLU N 178 71.31 26.78 70.21
N ILE N 179 71.43 27.12 68.92
CA ILE N 179 72.72 27.01 68.25
C ILE N 179 73.74 27.89 68.96
N ALA N 180 73.34 29.11 69.31
CA ALA N 180 74.25 30.02 70.00
C ALA N 180 74.66 29.48 71.36
N THR N 181 73.73 28.84 72.09
CA THR N 181 74.11 28.15 73.31
C THR N 181 75.27 27.21 73.06
N ILE N 182 75.16 26.40 72.00
CA ILE N 182 76.17 25.40 71.70
C ILE N 182 77.52 26.05 71.41
N ASN N 183 77.51 27.17 70.71
CA ASN N 183 78.77 27.90 70.50
C ASN N 183 79.35 28.38 71.82
N LYS N 184 78.49 28.93 72.69
CA LYS N 184 78.96 29.49 73.95
C LYS N 184 79.32 28.42 74.95
N GLN N 185 78.75 27.23 74.80
CA GLN N 185 78.72 26.26 75.89
C GLN N 185 80.05 25.53 76.05
N ILE N 186 81.12 26.07 75.46
CA ILE N 186 82.42 25.42 75.41
C ILE N 186 83.11 25.24 76.77
N TYR N 187 83.22 26.32 77.55
CA TYR N 187 84.32 26.45 78.50
C TYR N 187 83.84 26.93 79.88
N GLY N 188 84.67 26.63 80.89
CA GLY N 188 84.47 27.14 82.23
C GLY N 188 85.82 27.45 82.87
N GLN N 189 85.80 28.35 83.85
CA GLN N 189 87.05 28.98 84.31
C GLN N 189 87.86 28.16 85.31
N GLU N 190 87.38 28.03 86.55
CA GLU N 190 88.11 27.31 87.57
C GLU N 190 88.52 25.99 86.98
N ALA N 191 87.58 25.09 86.78
CA ALA N 191 87.89 23.86 86.10
C ALA N 191 88.07 24.28 84.66
N LEU N 192 88.73 23.46 83.87
CA LEU N 192 88.97 23.79 82.47
C LEU N 192 88.24 22.78 81.60
N PRO N 193 86.91 22.89 81.55
CA PRO N 193 86.12 21.91 80.80
C PRO N 193 86.13 22.16 79.31
N THR N 194 87.28 21.98 78.66
CA THR N 194 87.31 22.09 77.22
C THR N 194 86.62 20.84 76.72
N GLU N 195 86.34 19.92 77.63
CA GLU N 195 85.68 18.68 77.25
C GLU N 195 84.27 18.90 76.74
N HIS N 196 83.61 19.99 77.09
CA HIS N 196 82.30 20.21 76.50
C HIS N 196 82.42 20.35 75.00
N ALA N 197 83.57 20.81 74.51
CA ALA N 197 83.81 20.77 73.07
C ALA N 197 83.72 19.35 72.54
N ASN N 198 83.94 18.35 73.41
CA ASN N 198 83.93 16.97 72.96
C ASN N 198 82.50 16.45 72.77
N GLU N 199 81.59 16.78 73.69
CA GLU N 199 80.19 16.44 73.45
C GLU N 199 79.64 17.25 72.28
N LEU N 200 80.15 18.46 72.09
CA LEU N 200 79.76 19.29 70.96
C LEU N 200 80.14 18.62 69.65
N ARG N 201 81.32 18.00 69.61
CA ARG N 201 81.82 17.41 68.36
C ARG N 201 80.90 16.31 67.87
N ASP N 202 80.02 15.81 68.74
CA ASP N 202 78.92 14.96 68.29
C ASP N 202 77.73 15.80 67.86
N ARG N 203 77.26 16.69 68.74
CA ARG N 203 76.13 17.56 68.41
C ARG N 203 76.42 18.42 67.19
N ARG N 204 77.69 18.77 66.96
CA ARG N 204 78.04 19.58 65.80
C ARG N 204 77.46 18.99 64.53
N ASP N 205 77.50 17.66 64.41
CA ASP N 205 76.98 17.00 63.22
C ASP N 205 75.54 17.42 62.94
N GLU N 206 74.72 17.47 64.01
CA GLU N 206 73.30 17.74 63.83
C GLU N 206 73.05 19.21 63.52
N LEU N 207 73.79 20.12 64.16
CA LEU N 207 73.54 21.53 63.92
C LEU N 207 73.79 21.90 62.47
N GLU N 208 74.93 21.48 61.91
CA GLU N 208 75.22 21.82 60.54
C GLU N 208 74.07 21.41 59.63
N LEU N 209 73.38 20.32 59.99
CA LEU N 209 72.12 19.99 59.34
C LEU N 209 71.09 21.08 59.58
N THR N 210 70.96 21.53 60.82
CA THR N 210 70.04 22.64 61.09
C THR N 210 70.49 23.88 60.33
N LEU N 211 71.79 24.11 60.29
CA LEU N 211 72.33 25.27 59.58
C LEU N 211 72.00 25.23 58.10
N SER N 212 72.18 24.07 57.47
CA SER N 212 72.22 24.00 56.01
C SER N 212 70.91 24.43 55.38
N LYS N 213 69.78 23.97 55.92
CA LYS N 213 68.50 24.28 55.31
C LYS N 213 68.31 25.78 55.19
N LEU N 214 68.57 26.51 56.27
CA LEU N 214 68.21 27.92 56.32
C LEU N 214 69.07 28.74 55.36
N VAL N 215 70.38 28.78 55.60
CA VAL N 215 71.26 29.74 54.94
C VAL N 215 72.69 29.22 54.92
N SER N 216 73.56 29.91 54.18
CA SER N 216 75.00 29.79 54.33
C SER N 216 75.50 31.11 54.91
N ALA N 217 76.02 31.07 56.12
CA ALA N 217 76.31 32.30 56.86
C ALA N 217 77.54 32.07 57.73
N VAL N 218 77.75 32.95 58.70
CA VAL N 218 78.99 33.03 59.47
C VAL N 218 78.82 32.24 60.76
N ALA N 219 79.84 31.46 61.12
CA ALA N 219 79.84 30.69 62.35
C ALA N 219 81.28 30.49 62.81
N SER N 220 81.43 30.14 64.09
CA SER N 220 82.75 29.90 64.68
C SER N 220 83.21 28.51 64.25
N LYS N 221 83.90 28.47 63.12
CA LYS N 221 84.23 27.19 62.48
C LYS N 221 85.49 26.56 63.08
N ASN N 222 86.61 27.30 62.97
CA ASN N 222 87.92 26.85 63.50
C ASN N 222 87.75 26.15 64.80
N GLU N 223 88.73 25.34 65.19
CA GLU N 223 88.45 24.51 66.36
C GLU N 223 89.20 24.97 67.61
N ILE N 224 88.65 24.56 68.76
CA ILE N 224 89.21 24.89 70.06
C ILE N 224 90.28 23.88 70.45
N ASN N 225 91.09 24.21 71.45
CA ASN N 225 92.17 23.33 71.92
C ASN N 225 92.34 23.51 73.43
N GLN N 226 93.44 23.00 73.98
CA GLN N 226 93.52 22.57 75.36
C GLN N 226 94.54 23.37 76.17
N ASP N 227 94.60 23.05 77.48
CA ASP N 227 95.51 23.68 78.42
C ASP N 227 95.64 22.81 79.67
N ASN N 228 96.79 22.92 80.35
CA ASN N 228 96.99 22.23 81.63
C ASN N 228 97.74 23.07 82.66
N ARG N 229 97.83 24.36 82.39
CA ARG N 229 98.36 25.31 83.36
C ARG N 229 99.62 25.01 84.10
N LEU N 230 100.66 25.73 83.75
CA LEU N 230 101.90 25.63 84.46
C LEU N 230 102.19 27.07 84.20
N ASP N 231 102.69 27.81 85.18
CA ASP N 231 102.92 29.25 85.02
C ASP N 231 101.59 30.00 85.08
N THR N 232 101.63 31.33 85.14
CA THR N 232 100.45 32.13 85.48
C THR N 232 99.45 32.27 84.33
N THR N 233 99.93 32.50 83.11
CA THR N 233 99.15 33.17 82.07
C THR N 233 97.66 32.83 82.12
N ILE N 234 96.83 33.85 81.86
CA ILE N 234 95.40 33.79 82.11
C ILE N 234 94.65 34.60 81.04
N THR N 235 93.31 34.59 81.09
CA THR N 235 92.44 35.12 80.03
C THR N 235 92.26 36.63 80.11
N ASP N 236 91.58 37.19 79.10
CA ASP N 236 91.30 38.62 79.06
C ASP N 236 90.00 38.82 78.29
N PRO N 237 89.00 39.46 78.93
CA PRO N 237 87.68 39.63 78.28
C PRO N 237 87.67 40.46 77.01
N GLY N 238 88.63 41.36 76.83
CA GLY N 238 88.58 42.26 75.68
C GLY N 238 88.55 41.53 74.36
N HIS N 239 89.39 40.51 74.21
CA HIS N 239 89.40 39.71 72.99
C HIS N 239 88.51 38.49 73.12
N GLN N 240 87.82 38.34 74.25
CA GLN N 240 87.33 37.02 74.66
C GLN N 240 86.35 36.44 73.66
N TYR N 241 85.15 37.01 73.53
CA TYR N 241 84.17 36.37 72.65
C TYR N 241 83.04 37.22 72.07
N ASN N 242 82.40 36.71 71.03
CA ASN N 242 81.26 37.39 70.44
C ASN N 242 80.48 36.32 69.70
N LEU N 243 79.18 36.22 69.95
CA LEU N 243 78.37 35.22 69.29
C LEU N 243 78.52 35.38 67.78
N SER N 244 78.66 34.27 67.07
CA SER N 244 78.86 34.33 65.62
C SER N 244 77.87 35.27 64.96
N ILE N 245 78.35 36.10 64.04
CA ILE N 245 77.49 37.04 63.34
C ILE N 245 77.82 37.06 61.86
N GLU N 246 76.78 37.03 61.02
CA GLU N 246 77.00 37.04 59.58
C GLU N 246 76.99 38.46 59.05
N GLY N 247 78.04 38.82 58.34
CA GLY N 247 78.13 40.16 57.75
C GLY N 247 78.10 41.24 58.80
N PHE N 248 78.60 40.94 60.00
CA PHE N 248 78.65 41.95 61.06
C PHE N 248 80.00 41.91 61.76
N SER N 249 80.52 43.08 62.10
CA SER N 249 81.78 43.14 62.80
C SER N 249 81.58 42.73 64.25
N ILE N 250 82.35 41.75 64.70
CA ILE N 250 82.25 41.33 66.09
C ILE N 250 82.79 42.41 67.00
N VAL N 251 83.52 43.37 66.44
CA VAL N 251 84.03 44.50 67.22
C VAL N 251 85.12 44.07 68.20
N ASP N 252 84.77 43.25 69.19
CA ASP N 252 85.76 42.77 70.16
C ASP N 252 85.28 41.58 70.97
N GLY N 253 85.87 41.33 72.14
CA GLY N 253 85.55 40.16 72.90
C GLY N 253 84.33 40.26 73.78
N ILE N 254 83.57 41.35 73.72
CA ILE N 254 82.41 41.50 74.60
C ILE N 254 81.17 41.93 73.81
N ASN N 255 81.05 41.51 72.54
CA ASN N 255 80.06 42.10 71.63
C ASN N 255 79.04 41.09 71.09
N PHE N 256 77.86 41.62 70.75
CA PHE N 256 76.78 41.03 69.96
C PHE N 256 75.66 42.06 69.90
N HIS N 257 74.71 41.90 68.97
CA HIS N 257 73.70 42.95 68.93
C HIS N 257 72.48 42.43 68.15
N PRO N 258 71.23 42.85 68.57
CA PRO N 258 69.98 42.21 68.08
C PRO N 258 69.25 42.81 66.86
N LEU N 259 68.04 42.27 66.61
CA LEU N 259 67.13 42.65 65.52
C LEU N 259 66.16 43.71 66.03
N LYS N 260 65.20 44.16 65.19
CA LYS N 260 64.11 45.01 65.69
C LYS N 260 63.05 45.31 64.61
N LEU N 261 62.06 46.13 65.01
CA LEU N 261 60.85 46.39 64.22
C LEU N 261 60.05 47.54 64.84
N ASP N 262 59.03 48.04 64.11
CA ASP N 262 58.38 49.33 64.39
C ASP N 262 56.87 49.21 64.63
N TYR N 263 56.33 50.06 65.53
CA TYR N 263 54.88 50.19 65.71
C TYR N 263 54.35 51.63 65.83
N ASP N 264 55.11 52.52 66.46
CA ASP N 264 54.85 53.96 66.57
C ASP N 264 53.44 54.41 67.01
N ASP N 265 53.06 55.64 66.59
CA ASP N 265 52.11 56.51 67.26
C ASP N 265 50.66 56.40 66.77
N LYS N 266 49.83 57.41 67.07
CA LYS N 266 48.48 57.49 66.53
C LYS N 266 48.42 57.26 65.02
N ASN N 267 49.53 57.38 64.31
CA ASN N 267 49.56 57.19 62.86
C ASN N 267 50.32 55.93 62.43
N LYS N 268 51.39 55.58 63.15
CA LYS N 268 51.98 54.24 63.08
C LYS N 268 52.80 53.97 61.83
N SER N 269 53.60 52.90 61.89
CA SER N 269 54.44 52.46 60.79
C SER N 269 54.88 51.04 61.08
N TYR N 270 55.71 50.48 60.18
CA TYR N 270 56.15 49.11 60.31
C TYR N 270 57.39 48.90 59.45
N SER N 271 58.30 48.07 59.97
CA SER N 271 59.45 47.62 59.19
C SER N 271 60.33 46.70 60.02
N ILE N 272 61.33 46.07 59.38
CA ILE N 272 62.21 45.11 60.04
C ILE N 272 63.64 45.54 59.82
N TYR N 273 64.50 45.36 60.83
CA TYR N 273 65.84 45.93 60.76
C TYR N 273 66.83 45.14 61.59
N TYR N 274 68.10 45.24 61.20
CA TYR N 274 69.21 44.98 62.10
C TYR N 274 69.67 46.32 62.64
N GLU N 275 70.59 46.30 63.58
CA GLU N 275 71.09 47.51 64.16
C GLU N 275 72.42 47.14 64.76
N THR N 276 73.21 48.12 65.12
CA THR N 276 74.48 47.86 65.75
C THR N 276 74.64 48.78 66.94
N PRO N 277 75.71 48.61 67.71
CA PRO N 277 75.88 49.44 68.92
C PRO N 277 76.33 50.86 68.59
N ASP N 278 76.71 51.10 67.34
CA ASP N 278 76.78 52.47 66.85
C ASP N 278 75.40 53.10 66.80
N GLU N 279 74.35 52.30 66.86
CA GLU N 279 72.98 52.76 66.86
C GLU N 279 72.70 53.64 65.64
N LYS N 280 73.47 53.40 64.57
CA LYS N 280 73.13 53.87 63.23
C LYS N 280 72.70 52.66 62.42
N VAL N 281 71.53 52.81 61.80
CA VAL N 281 70.86 51.72 61.08
C VAL N 281 71.53 50.54 60.44
N ARG N 282 70.88 49.38 60.57
CA ARG N 282 71.35 48.21 59.86
C ARG N 282 70.10 47.64 59.22
N ASP N 283 70.26 46.74 58.28
CA ASP N 283 69.15 46.22 57.49
C ASP N 283 68.75 44.80 57.90
N LEU N 284 67.44 44.57 57.93
CA LEU N 284 66.88 43.23 57.85
C LEU N 284 65.63 43.20 56.98
N THR N 285 65.36 44.26 56.24
CA THR N 285 64.17 44.32 55.40
C THR N 285 64.46 43.94 53.95
N ALA N 286 65.68 44.14 53.47
CA ALA N 286 65.94 44.00 52.04
C ALA N 286 67.17 43.18 51.64
N LYS N 287 68.23 43.18 52.44
CA LYS N 287 69.54 42.83 51.88
C LYS N 287 70.02 41.41 52.19
N ILE N 288 69.16 40.53 52.72
CA ILE N 288 69.65 39.26 53.26
C ILE N 288 69.19 38.11 52.37
N SER N 289 69.86 36.95 52.50
CA SER N 289 69.68 35.87 51.53
C SER N 289 68.61 34.91 52.01
N GLY N 290 68.81 34.19 53.11
CA GLY N 290 67.78 33.33 53.68
C GLY N 290 66.97 32.56 52.66
N GLY N 291 67.58 31.59 51.98
CA GLY N 291 67.04 31.13 50.70
C GLY N 291 65.52 31.04 50.68
N GLN N 292 64.97 30.09 51.43
CA GLN N 292 63.51 30.02 51.54
C GLN N 292 62.95 31.36 51.96
N LEU N 293 63.63 32.03 52.89
CA LEU N 293 63.14 33.33 53.36
C LEU N 293 63.32 34.42 52.32
N GLY N 294 64.50 34.48 51.70
CA GLY N 294 64.70 35.47 50.65
C GLY N 294 63.71 35.31 49.53
N ALA N 295 63.38 34.06 49.19
CA ALA N 295 62.32 33.81 48.23
C ALA N 295 61.06 34.57 48.60
N GLN N 296 60.71 34.56 49.89
CA GLN N 296 59.54 35.32 50.33
C GLN N 296 59.76 36.82 50.12
N LEU N 297 60.95 37.31 50.47
CA LEU N 297 61.25 38.72 50.25
C LEU N 297 61.05 39.09 48.78
N ASP N 298 61.56 38.25 47.88
CA ASP N 298 61.50 38.57 46.46
C ASP N 298 60.07 38.63 45.97
N LEU N 299 59.30 37.58 46.24
CA LEU N 299 57.87 37.60 45.95
C LEU N 299 57.24 38.89 46.48
N ARG N 300 57.38 39.11 47.78
CA ARG N 300 56.75 40.24 48.44
C ARG N 300 57.25 41.56 47.87
N GLY N 301 58.54 41.66 47.62
CA GLY N 301 59.19 42.95 47.55
C GLY N 301 59.89 43.25 48.86
N ARG N 302 61.06 43.87 48.75
CA ARG N 302 61.97 43.87 49.88
C ARG N 302 61.78 45.09 50.79
N ASN N 303 61.74 46.29 50.21
CA ASN N 303 61.63 47.48 51.04
C ASN N 303 60.19 47.76 51.45
N TYR N 304 59.99 47.98 52.74
CA TYR N 304 58.76 48.59 53.24
C TYR N 304 58.77 50.08 52.88
N SER N 305 57.78 50.53 52.14
CA SER N 305 57.80 51.90 51.66
C SER N 305 57.54 52.87 52.79
N LYS N 306 58.56 53.63 53.14
CA LYS N 306 58.39 54.83 53.94
C LYS N 306 57.98 56.02 53.09
N SER N 307 58.19 55.93 51.77
CA SER N 307 57.76 56.99 50.88
C SER N 307 56.24 57.06 50.82
N GLU N 308 55.57 55.92 50.61
CA GLU N 308 54.11 55.90 50.54
C GLU N 308 53.51 54.68 51.23
N GLY N 309 54.15 54.16 52.27
CA GLY N 309 53.54 53.15 53.12
C GLY N 309 53.42 51.77 52.52
N LYS N 310 53.52 51.63 51.20
CA LYS N 310 53.46 50.33 50.54
C LYS N 310 54.81 49.65 50.71
N TYR N 311 55.09 48.64 49.89
CA TYR N 311 56.44 48.14 49.70
C TYR N 311 56.94 48.75 48.40
N GLU N 312 57.98 49.58 48.51
CA GLU N 312 58.40 50.38 47.36
C GLU N 312 58.61 49.50 46.14
N ASP N 313 59.25 48.36 46.33
CA ASP N 313 59.40 47.35 45.31
C ASP N 313 58.57 46.12 45.66
N GLY N 314 58.33 45.29 44.65
CA GLY N 314 57.74 43.99 44.89
C GLY N 314 57.23 43.32 43.65
N ILE N 315 57.54 42.02 43.52
CA ILE N 315 57.18 41.29 42.32
C ILE N 315 55.68 41.19 42.18
N ILE N 316 55.02 40.61 43.19
CA ILE N 316 53.57 40.55 43.13
C ILE N 316 52.98 41.88 43.52
N GLN N 317 53.66 42.61 44.41
CA GLN N 317 53.26 43.98 44.69
C GLN N 317 53.14 44.75 43.39
N GLY N 318 54.09 44.56 42.47
CA GLY N 318 53.96 45.13 41.15
C GLY N 318 52.75 44.63 40.40
N TYR N 319 52.42 43.35 40.57
CA TYR N 319 51.24 42.82 39.89
C TYR N 319 50.00 43.61 40.29
N MET N 320 49.93 44.04 41.55
CA MET N 320 48.88 44.97 41.96
C MET N 320 49.00 46.30 41.25
N ASP N 321 50.18 46.92 41.31
CA ASP N 321 50.35 48.24 40.72
C ASP N 321 49.89 48.25 39.27
N SER N 322 50.27 47.22 38.52
CA SER N 322 49.77 47.08 37.16
C SER N 322 48.27 46.81 37.15
N LEU N 323 47.80 45.95 38.04
CA LEU N 323 46.41 45.52 38.00
C LEU N 323 45.44 46.70 38.03
N ASP N 324 45.64 47.59 38.99
CA ASP N 324 44.74 48.73 39.10
C ASP N 324 45.04 49.78 38.04
N THR N 325 46.30 49.89 37.61
CA THR N 325 46.60 50.64 36.39
C THR N 325 45.70 50.16 35.26
N PHE N 326 45.56 48.85 35.15
CA PHE N 326 44.62 48.26 34.21
C PHE N 326 43.17 48.50 34.62
N ALA N 327 42.86 48.41 35.91
CA ALA N 327 41.49 48.64 36.35
C ALA N 327 41.08 50.08 36.12
N LYS N 328 41.89 51.04 36.59
CA LYS N 328 41.56 52.44 36.38
C LYS N 328 41.47 52.78 34.90
N THR N 329 42.33 52.18 34.07
CA THR N 329 42.19 52.38 32.64
C THR N 329 40.78 52.01 32.19
N MET N 330 40.27 50.88 32.68
CA MET N 330 38.91 50.49 32.36
C MET N 330 37.90 51.48 32.94
N ILE N 331 38.25 52.13 34.06
CA ILE N 331 37.34 53.11 34.64
C ILE N 331 37.03 54.20 33.62
N ASN N 332 38.09 54.74 33.02
CA ASN N 332 37.98 56.03 32.34
C ASN N 332 37.14 55.91 31.07
N GLU N 333 37.44 54.91 30.24
CA GLU N 333 36.82 54.85 28.92
C GLU N 333 35.33 54.57 29.02
N THR N 334 34.93 53.63 29.88
CA THR N 334 33.51 53.36 30.06
C THR N 334 32.79 54.65 30.46
N ASN N 335 33.36 55.37 31.42
CA ASN N 335 32.85 56.69 31.75
C ASN N 335 32.90 57.61 30.53
N ASN N 336 34.03 57.60 29.81
CA ASN N 336 34.17 58.49 28.66
C ASN N 336 33.07 58.25 27.65
N LEU N 337 32.90 57.00 27.23
CA LEU N 337 31.82 56.71 26.30
C LEU N 337 30.47 56.96 26.93
N TYR N 338 30.29 56.58 28.20
CA TYR N 338 29.02 56.82 28.86
C TYR N 338 28.71 58.31 28.92
N ALA N 339 29.74 59.16 28.89
CA ALA N 339 29.51 60.59 28.78
C ALA N 339 28.69 60.91 27.53
N SER N 340 28.78 60.06 26.51
CA SER N 340 27.99 60.27 25.30
C SER N 340 26.50 60.19 25.58
N SER N 341 26.09 59.41 26.59
CA SER N 341 24.68 59.33 26.95
C SER N 341 24.27 60.62 27.66
N ALA N 342 23.14 61.20 27.23
CA ALA N 342 22.77 62.55 27.62
C ALA N 342 22.40 62.60 29.10
N LYS N 343 22.89 63.64 29.79
CA LYS N 343 22.57 63.88 31.18
C LYS N 343 22.42 65.38 31.40
N SER N 344 22.02 65.75 32.63
CA SER N 344 21.72 67.14 32.92
C SER N 344 22.71 67.80 33.89
N SER N 345 23.43 67.01 34.69
CA SER N 345 24.28 67.55 35.73
C SER N 345 25.61 66.82 35.75
N VAL N 346 26.65 67.49 36.25
CA VAL N 346 28.00 66.93 36.29
C VAL N 346 28.73 67.50 37.49
N THR N 347 29.82 66.85 37.87
CA THR N 347 30.64 67.29 39.00
C THR N 347 32.08 66.86 38.78
N SER N 348 33.01 67.75 39.10
CA SER N 348 34.43 67.52 38.83
C SER N 348 35.08 66.72 39.95
N ASP N 349 36.41 66.69 39.94
CA ASP N 349 37.20 66.08 40.99
C ASP N 349 37.44 67.08 42.13
N TYR N 350 37.90 66.56 43.26
CA TYR N 350 37.98 67.35 44.48
C TYR N 350 38.89 68.56 44.31
N LEU N 351 38.42 69.72 44.75
CA LEU N 351 39.13 70.98 44.54
C LEU N 351 39.27 71.83 45.80
N SER N 352 38.97 71.31 46.98
CA SER N 352 39.16 72.12 48.18
C SER N 352 40.66 72.36 48.36
N GLY N 353 41.10 73.58 48.07
CA GLY N 353 42.51 73.84 47.96
C GLY N 353 43.05 73.37 46.64
N LEU N 354 42.91 72.08 46.37
CA LEU N 354 43.29 71.52 45.08
C LEU N 354 42.58 72.28 43.96
N LYS N 355 43.31 72.60 42.91
CA LYS N 355 42.75 73.47 41.87
C LYS N 355 43.48 73.25 40.56
N GLY N 356 42.85 73.72 39.49
CA GLY N 356 43.27 73.36 38.14
C GLY N 356 43.51 74.53 37.20
N ASP N 357 44.10 75.61 37.71
CA ASP N 357 44.46 76.73 36.86
C ASP N 357 45.76 76.44 36.12
N ILE N 358 46.09 75.16 36.00
CA ILE N 358 47.40 74.71 35.53
C ILE N 358 47.25 74.22 34.10
N PRO N 359 48.29 74.32 33.26
CA PRO N 359 48.28 73.56 32.00
C PRO N 359 47.89 72.13 32.29
N LEU N 360 46.72 71.72 31.80
CA LEU N 360 46.08 70.57 32.39
C LEU N 360 46.62 69.26 31.83
N VAL N 361 47.16 69.26 30.61
CA VAL N 361 47.88 68.08 30.17
C VAL N 361 49.05 67.83 31.10
N ASN N 362 49.71 68.91 31.52
CA ASN N 362 50.74 68.80 32.53
C ASN N 362 50.15 68.38 33.87
N TYR N 363 48.88 68.74 34.11
CA TYR N 363 48.20 68.26 35.31
C TYR N 363 47.95 66.76 35.19
N ASP N 364 47.76 66.25 33.98
CA ASP N 364 47.57 64.82 33.78
C ASP N 364 48.04 64.43 32.39
N ARG N 365 48.90 63.41 32.33
CA ARG N 365 49.51 63.00 31.07
C ARG N 365 48.49 62.52 30.05
N THR N 366 47.39 61.92 30.50
CA THR N 366 46.45 61.29 29.57
C THR N 366 45.81 62.27 28.60
N ILE N 367 45.86 63.57 28.90
CA ILE N 367 45.15 64.57 28.12
C ILE N 367 46.01 64.97 26.93
N GLN N 368 45.54 64.67 25.72
CA GLN N 368 46.22 65.14 24.53
C GLN N 368 45.60 66.44 24.06
N PRO N 369 46.39 67.43 23.60
CA PRO N 369 45.81 68.61 22.99
C PRO N 369 44.80 68.23 21.91
N GLY N 370 43.53 68.50 22.14
CA GLY N 370 42.50 68.05 21.23
C GLY N 370 41.19 68.76 21.49
N SER N 371 40.23 68.54 20.60
CA SER N 371 38.92 69.16 20.69
C SER N 371 37.94 68.20 21.35
N PHE N 372 36.93 68.78 22.00
CA PHE N 372 35.82 68.01 22.53
C PHE N 372 34.58 68.87 22.43
N ASP N 373 33.49 68.25 22.01
CA ASP N 373 32.27 68.97 21.67
C ASP N 373 31.17 68.57 22.63
N ILE N 374 30.18 69.46 22.78
CA ILE N 374 29.20 69.36 23.85
C ILE N 374 27.82 69.53 23.21
N VAL N 375 27.06 68.44 23.15
CA VAL N 375 25.79 68.39 22.43
C VAL N 375 24.66 68.56 23.43
N ILE N 376 23.63 69.29 23.02
CA ILE N 376 22.52 69.65 23.90
C ILE N 376 21.26 68.92 23.48
N TYR N 377 20.33 68.80 24.44
CA TYR N 377 19.17 67.95 24.29
C TYR N 377 18.03 68.54 25.11
N ASP N 378 16.81 68.19 24.74
CA ASP N 378 15.69 68.25 25.67
C ASP N 378 15.53 66.88 26.31
N ASP N 379 14.95 66.87 27.51
CA ASP N 379 14.89 65.62 28.25
C ASP N 379 14.24 64.50 27.47
N LYS N 380 13.50 64.82 26.40
CA LYS N 380 12.99 63.78 25.52
C LYS N 380 14.08 63.19 24.64
N GLY N 381 15.31 63.71 24.71
CA GLY N 381 16.36 63.20 23.87
C GLY N 381 16.30 63.70 22.45
N ASP N 382 15.60 64.81 22.19
CA ASP N 382 15.64 65.45 20.89
C ASP N 382 16.84 66.38 20.84
N LYS N 383 17.67 66.23 19.81
CA LYS N 383 18.95 66.91 19.80
C LYS N 383 18.75 68.42 19.89
N LYS N 384 19.82 69.08 20.33
CA LYS N 384 19.88 70.53 20.36
C LYS N 384 21.30 70.94 20.04
N LEU N 385 21.64 72.17 20.39
CA LEU N 385 22.89 72.76 19.98
C LEU N 385 24.08 71.90 20.38
N THR N 386 25.22 72.19 19.75
CA THR N 386 26.51 71.66 20.16
C THR N 386 27.53 72.79 20.16
N LYS N 387 28.26 72.93 21.27
CA LYS N 387 29.34 73.89 21.34
C LYS N 387 30.66 73.15 21.54
N THR N 388 31.72 73.72 20.98
CA THR N 388 33.04 73.11 21.00
C THR N 388 33.91 73.78 22.06
N ILE N 389 34.72 72.97 22.74
CA ILE N 389 35.75 73.46 23.63
C ILE N 389 37.01 72.64 23.36
N THR N 390 38.16 73.29 23.46
CA THR N 390 39.40 72.76 22.93
C THR N 390 40.48 72.82 23.99
N ILE N 391 41.50 71.95 23.83
CA ILE N 391 42.58 71.83 24.80
C ILE N 391 43.91 71.95 24.07
N ASP N 392 44.79 72.78 24.61
CA ASP N 392 46.21 72.76 24.32
C ASP N 392 46.93 72.30 25.58
N VAL N 393 48.26 72.33 25.56
CA VAL N 393 49.00 71.99 26.75
C VAL N 393 48.72 73.01 27.85
N ASN N 394 48.74 74.30 27.50
CA ASN N 394 48.55 75.36 28.47
C ASN N 394 47.16 75.35 29.08
N THR N 395 46.20 74.70 28.43
CA THR N 395 44.81 74.86 28.80
C THR N 395 44.62 74.59 30.28
N THR N 396 44.11 75.60 30.99
CA THR N 396 43.82 75.53 32.41
C THR N 396 42.32 75.33 32.64
N MET N 397 41.96 75.14 33.91
CA MET N 397 40.55 75.05 34.26
C MET N 397 39.79 76.29 33.79
N ASN N 398 40.31 77.47 34.14
CA ASN N 398 39.67 78.70 33.70
C ASN N 398 39.73 78.86 32.19
N ASP N 399 40.82 78.43 31.56
CA ASP N 399 40.88 78.47 30.10
C ASP N 399 39.67 77.79 29.50
N ILE N 400 39.34 76.60 30.02
CA ILE N 400 38.12 75.91 29.60
C ILE N 400 36.91 76.80 29.88
N MET N 401 36.87 77.42 31.06
CA MET N 401 35.85 78.42 31.33
C MET N 401 35.87 79.51 30.26
N ARG N 402 37.04 80.11 30.02
CA ARG N 402 37.13 81.14 29.00
C ARG N 402 36.54 80.66 27.69
N GLN N 403 36.86 79.42 27.31
CA GLN N 403 36.19 78.84 26.16
C GLN N 403 34.71 78.65 26.41
N ILE N 404 34.34 78.21 27.63
CA ILE N 404 32.92 78.05 27.94
C ILE N 404 32.21 79.39 27.89
N ASN N 405 32.93 80.48 28.11
CA ASN N 405 32.30 81.76 28.40
C ASN N 405 31.90 82.48 27.13
N ALA N 406 31.69 81.72 26.05
CA ALA N 406 31.41 82.27 24.73
C ALA N 406 29.98 81.97 24.33
N ASN N 407 29.24 83.00 23.93
CA ASN N 407 28.07 82.81 23.10
C ASN N 407 28.51 82.27 21.74
N THR N 408 27.63 81.49 21.11
CA THR N 408 27.97 80.88 19.84
C THR N 408 26.75 80.87 18.94
N ASP N 409 26.95 81.16 17.65
CA ASP N 409 25.88 80.97 16.69
C ASP N 409 25.84 79.50 16.29
N ASP N 410 25.87 78.63 17.29
CA ASP N 410 25.72 77.19 17.12
C ASP N 410 24.36 76.82 16.57
N ASN N 411 23.33 77.59 16.91
CA ASN N 411 22.08 77.57 16.17
C ASN N 411 22.22 78.13 14.76
N ASP N 412 23.31 78.84 14.48
CA ASP N 412 23.61 79.32 13.13
C ASP N 412 22.47 80.19 12.62
N ASN N 413 21.66 80.72 13.54
CA ASN N 413 20.52 81.55 13.21
C ASN N 413 20.78 83.02 13.53
N LYS N 414 22.03 83.39 13.75
CA LYS N 414 22.39 84.77 14.16
C LYS N 414 22.02 85.05 15.61
N ASN N 415 21.30 84.13 16.23
CA ASN N 415 20.87 84.32 17.61
C ASN N 415 21.81 83.60 18.55
N SER N 416 23.04 84.07 18.64
CA SER N 416 24.03 83.50 19.53
C SER N 416 23.70 83.94 20.95
N ASN N 417 22.44 83.78 21.34
CA ASN N 417 22.01 83.95 22.72
C ASN N 417 20.89 82.97 23.03
N ASP N 418 20.60 82.09 22.08
CA ASP N 418 19.87 80.86 22.31
C ASP N 418 20.89 79.78 22.01
N ASP N 419 21.73 79.52 23.00
CA ASP N 419 23.01 78.85 22.81
C ASP N 419 23.20 77.84 23.92
N VAL N 420 24.26 77.05 23.77
CA VAL N 420 24.65 76.14 24.84
C VAL N 420 24.93 76.91 26.11
N ASP N 421 25.58 78.07 26.00
CA ASP N 421 25.98 78.83 27.17
C ASP N 421 24.79 79.24 28.02
N ASP N 422 23.63 79.42 27.39
CA ASP N 422 22.48 79.97 28.08
C ASP N 422 22.04 79.09 29.24
N HIS N 423 22.46 77.83 29.25
CA HIS N 423 21.79 76.83 30.07
C HIS N 423 22.57 76.49 31.33
N ILE N 424 23.70 77.15 31.57
CA ILE N 424 24.56 76.79 32.69
C ILE N 424 23.89 77.12 34.02
N ASN N 425 24.19 76.31 35.03
CA ASN N 425 23.60 76.47 36.36
C ASN N 425 24.51 75.78 37.38
N ALA N 426 24.27 76.09 38.66
CA ALA N 426 25.02 75.50 39.76
C ALA N 426 24.17 75.52 41.02
N SER N 427 24.56 74.69 41.99
CA SER N 427 23.81 74.53 43.23
C SER N 427 24.40 75.40 44.33
N PHE N 428 23.53 75.88 45.23
CA PHE N 428 23.97 76.80 46.28
C PHE N 428 23.08 76.67 47.51
N SER N 429 23.60 75.99 48.53
CA SER N 429 23.14 76.11 49.91
C SER N 429 24.19 75.47 50.81
N TYR N 430 24.73 76.20 51.78
CA TYR N 430 25.93 75.73 52.46
C TYR N 430 25.96 76.23 53.90
N ASP N 431 26.98 75.78 54.61
CA ASP N 431 27.18 76.08 56.03
C ASP N 431 28.66 75.98 56.34
N ALA N 432 29.06 76.57 57.47
CA ALA N 432 30.39 76.34 58.00
C ALA N 432 30.62 74.85 58.24
N LYS N 433 29.56 74.10 58.46
CA LYS N 433 29.64 72.65 58.62
C LYS N 433 29.53 71.91 57.31
N THR N 434 29.44 72.62 56.17
CA THR N 434 29.50 71.97 54.86
C THR N 434 30.93 71.77 54.39
N GLY N 435 31.76 72.80 54.47
CA GLY N 435 33.18 72.63 54.18
C GLY N 435 33.44 71.98 52.85
N ASP N 436 32.86 72.50 51.77
CA ASP N 436 32.91 71.83 50.50
C ASP N 436 34.07 72.35 49.66
N GLY N 437 34.28 71.70 48.51
CA GLY N 437 35.16 72.24 47.48
C GLY N 437 35.13 71.39 46.22
N LEU N 438 34.89 72.04 45.09
CA LEU N 438 34.70 71.37 43.80
C LEU N 438 34.44 72.44 42.75
N PHE N 439 34.22 72.02 41.51
CA PHE N 439 33.56 72.85 40.52
C PHE N 439 32.42 72.06 39.88
N GLN N 440 31.36 72.78 39.52
CA GLN N 440 30.12 72.15 39.08
C GLN N 440 29.39 73.07 38.12
N ILE N 441 28.69 72.47 37.16
CA ILE N 441 27.77 73.18 36.27
C ILE N 441 26.66 72.22 35.89
N ASN N 442 25.47 72.76 35.62
CA ASN N 442 24.30 71.93 35.39
C ASN N 442 23.43 72.55 34.31
N ALA N 443 22.44 71.78 33.86
CA ALA N 443 21.60 72.15 32.74
C ALA N 443 20.40 72.98 33.19
N LYS N 444 19.69 73.54 32.20
CA LYS N 444 18.53 74.38 32.44
C LYS N 444 17.26 73.51 32.35
N SER N 445 16.10 74.14 32.24
CA SER N 445 14.81 73.50 32.47
C SER N 445 14.39 72.56 31.34
N GLY N 446 14.64 71.27 31.51
CA GLY N 446 14.11 70.28 30.59
C GLY N 446 15.11 69.83 29.55
N PHE N 447 16.39 69.90 29.88
CA PHE N 447 17.45 69.72 28.90
C PHE N 447 18.52 68.77 29.43
N LYS N 448 19.20 68.11 28.51
CA LYS N 448 20.31 67.22 28.81
C LYS N 448 21.47 67.54 27.88
N VAL N 449 22.65 67.06 28.25
CA VAL N 449 23.87 67.30 27.50
C VAL N 449 24.62 66.01 27.28
N ALA N 450 25.20 65.86 26.09
CA ALA N 450 26.16 64.81 25.79
C ALA N 450 27.39 65.44 25.19
N ILE N 451 28.54 64.78 25.35
CA ILE N 451 29.83 65.36 25.03
C ILE N 451 30.60 64.45 24.10
N GLU N 452 31.26 65.03 23.12
CA GLU N 452 32.24 64.36 22.27
C GLU N 452 33.64 64.64 22.79
N ASP N 453 34.58 63.77 22.42
CA ASP N 453 36.00 63.99 22.66
C ASP N 453 36.79 63.57 21.43
N LYS N 454 37.86 64.30 21.14
CA LYS N 454 38.79 63.96 20.07
C LYS N 454 40.19 63.91 20.68
N GLY N 455 40.54 62.76 21.24
CA GLY N 455 41.88 62.51 21.73
C GLY N 455 42.17 63.09 23.10
N THR N 456 41.32 63.95 23.63
CA THR N 456 41.57 64.55 24.94
C THR N 456 41.34 63.58 26.08
N ASN N 457 40.41 62.63 25.93
CA ASN N 457 40.22 61.54 26.88
C ASN N 457 39.99 62.02 28.30
N PHE N 458 39.17 63.04 28.49
CA PHE N 458 39.17 63.75 29.77
C PHE N 458 37.98 63.34 30.65
N ALA N 459 36.76 63.49 30.14
CA ALA N 459 35.59 63.46 31.02
C ALA N 459 35.49 62.14 31.76
N GLY N 460 35.51 61.02 31.04
CA GLY N 460 35.44 59.73 31.69
C GLY N 460 36.57 59.54 32.69
N ALA N 461 37.67 60.25 32.50
CA ALA N 461 38.82 60.09 33.38
C ALA N 461 38.65 60.88 34.67
N PHE N 462 37.91 61.98 34.64
CA PHE N 462 37.97 62.99 35.71
C PHE N 462 36.60 63.18 36.34
N SER N 463 36.26 62.30 37.29
CA SER N 463 35.06 62.46 38.12
C SER N 463 33.79 62.43 37.29
N ILE N 464 33.93 62.26 35.98
CA ILE N 464 32.84 62.53 35.05
C ILE N 464 32.83 61.41 34.02
N GLY N 465 31.78 61.35 33.19
CA GLY N 465 31.48 60.17 32.41
C GLY N 465 30.61 59.27 33.25
N GLY N 466 30.98 59.15 34.53
CA GLY N 466 30.03 58.89 35.59
C GLY N 466 29.42 57.51 35.64
N PHE N 467 30.04 56.50 35.03
CA PHE N 467 29.54 55.15 35.26
C PHE N 467 29.99 54.61 36.61
N PHE N 468 31.21 54.92 37.02
CA PHE N 468 31.83 54.22 38.13
C PHE N 468 31.74 54.99 39.45
N SER N 469 32.01 54.27 40.52
CA SER N 469 32.58 54.81 41.74
C SER N 469 33.75 53.91 42.13
N GLY N 470 34.55 54.38 43.09
CA GLY N 470 35.67 53.61 43.56
C GLY N 470 36.92 53.79 42.72
N THR N 471 38.06 53.90 43.38
CA THR N 471 39.32 54.21 42.69
C THR N 471 39.98 52.98 42.09
N ASP N 472 39.90 51.86 42.78
CA ASP N 472 40.66 50.68 42.39
C ASP N 472 39.88 49.45 42.81
N ALA N 473 40.45 48.28 42.50
CA ALA N 473 39.77 47.03 42.81
C ALA N 473 39.53 46.91 44.31
N SER N 474 40.09 47.83 45.10
CA SER N 474 39.65 47.96 46.47
C SER N 474 38.15 48.22 46.53
N ASP N 475 37.69 49.23 45.78
CA ASP N 475 36.29 49.63 45.81
C ASP N 475 35.76 50.01 44.44
N MET N 476 36.58 49.85 43.40
CA MET N 476 36.20 50.29 42.07
C MET N 476 34.88 49.63 41.67
N LYS N 477 33.93 50.43 41.21
CA LYS N 477 32.54 50.00 41.15
C LYS N 477 31.75 50.91 40.23
N VAL N 478 30.52 50.49 39.95
CA VAL N 478 29.55 51.36 39.28
C VAL N 478 29.32 52.59 40.15
N LYS N 479 28.89 53.68 39.53
CA LYS N 479 28.59 54.89 40.29
C LYS N 479 27.34 54.64 41.14
N ASP N 480 27.40 55.09 42.40
CA ASP N 480 26.38 54.69 43.36
C ASP N 480 25.03 55.32 43.05
N SER N 481 25.01 56.47 42.39
CA SER N 481 23.74 57.05 41.96
C SER N 481 22.93 56.04 41.16
N ILE N 482 23.60 55.22 40.36
CA ILE N 482 22.93 54.14 39.67
C ILE N 482 22.45 53.09 40.65
N LEU N 483 23.24 52.81 41.69
CA LEU N 483 22.83 51.84 42.70
C LEU N 483 21.52 52.26 43.36
N ASN N 484 21.27 53.57 43.43
CA ASN N 484 19.96 54.03 43.90
C ASN N 484 18.87 53.53 42.97
N ASP N 485 19.10 53.58 41.66
CA ASP N 485 18.11 53.16 40.69
C ASP N 485 18.74 52.82 39.34
N PRO N 486 18.66 51.56 38.90
CA PRO N 486 19.19 51.22 37.57
C PRO N 486 18.35 51.76 36.43
N SER N 487 17.11 52.18 36.70
CA SER N 487 16.24 52.66 35.63
C SER N 487 16.79 53.90 34.96
N THR N 488 17.67 54.64 35.63
CA THR N 488 18.23 55.85 35.05
C THR N 488 18.92 55.59 33.73
N VAL N 489 19.47 54.38 33.55
CA VAL N 489 20.36 54.12 32.43
C VAL N 489 19.62 54.23 31.11
N ARG N 490 20.28 54.79 30.11
CA ARG N 490 19.75 54.95 28.76
C ARG N 490 20.76 54.41 27.76
N ALA N 491 20.38 53.34 27.04
CA ALA N 491 21.28 52.74 26.07
C ALA N 491 21.57 53.70 24.93
N SER N 492 20.69 54.68 24.70
CA SER N 492 20.94 55.68 23.68
C SER N 492 21.98 56.69 24.14
N SER N 493 22.61 57.34 23.18
CA SER N 493 23.45 58.49 23.49
C SER N 493 22.61 59.71 23.81
N ASN N 494 21.43 59.81 23.20
CA ASN N 494 20.52 60.91 23.47
C ASN N 494 19.92 60.85 24.86
N GLY N 495 20.11 59.75 25.58
CA GLY N 495 19.68 59.67 26.97
C GLY N 495 18.22 59.34 27.17
N VAL N 496 17.64 58.49 26.31
CA VAL N 496 16.30 57.97 26.53
C VAL N 496 16.31 56.48 26.18
N ASP N 497 15.32 55.77 26.74
CA ASP N 497 15.12 54.38 26.38
C ASP N 497 14.63 54.21 24.96
N SER N 498 14.22 55.30 24.31
CA SER N 498 13.78 55.24 22.92
C SER N 498 15.00 55.25 22.01
N GLY N 499 15.94 54.35 22.26
CA GLY N 499 17.19 54.31 21.53
C GLY N 499 18.24 53.49 22.26
N ASN N 500 19.27 53.05 21.54
CA ASN N 500 20.30 52.20 22.13
C ASN N 500 21.70 52.55 21.65
N ASP N 501 21.85 53.61 20.85
CA ASP N 501 23.07 53.78 20.08
C ASP N 501 24.31 53.81 20.97
N MET N 502 24.24 54.53 22.09
CA MET N 502 25.39 54.62 22.97
C MET N 502 25.89 53.23 23.36
N ALA N 503 24.97 52.33 23.67
CA ALA N 503 25.37 50.97 24.00
C ALA N 503 26.14 50.35 22.85
N ASN N 504 25.63 50.52 21.62
CA ASN N 504 26.31 49.94 20.46
C ASN N 504 27.74 50.43 20.35
N LYS N 505 27.99 51.69 20.71
CA LYS N 505 29.35 52.21 20.64
C LYS N 505 30.27 51.49 21.62
N ILE N 506 29.76 51.20 22.83
CA ILE N 506 30.55 50.39 23.75
C ILE N 506 30.79 49.01 23.17
N ILE N 507 29.82 48.48 22.41
CA ILE N 507 30.02 47.18 21.77
C ILE N 507 31.25 47.25 20.87
N GLN N 508 31.42 48.37 20.17
CA GLN N 508 32.67 48.60 19.47
C GLN N 508 33.81 48.72 20.47
N LEU N 509 33.57 49.42 21.59
CA LEU N 509 34.62 49.62 22.58
C LEU N 509 35.10 48.30 23.16
N GLN N 510 34.18 47.37 23.44
CA GLN N 510 34.58 46.11 24.05
C GLN N 510 35.44 45.30 23.10
N TYR N 511 35.36 45.59 21.81
CA TYR N 511 36.23 44.93 20.85
C TYR N 511 37.34 45.88 20.46
N ASP N 512 37.72 46.79 21.36
CA ASP N 512 38.72 47.80 20.99
C ASP N 512 40.06 47.79 21.71
N LYS N 513 41.11 48.13 20.98
CA LYS N 513 42.45 48.25 21.54
C LYS N 513 42.53 49.55 22.32
N VAL N 514 42.67 49.44 23.64
CA VAL N 514 42.70 50.61 24.51
C VAL N 514 44.07 50.65 25.18
N ASN N 515 44.55 51.86 25.46
CA ASN N 515 45.93 52.06 25.85
C ASN N 515 46.06 52.09 27.37
N PHE N 516 47.17 51.54 27.85
CA PHE N 516 47.45 51.46 29.28
C PHE N 516 48.78 52.13 29.54
N TYR N 517 48.75 53.24 30.28
CA TYR N 517 49.94 54.02 30.59
C TYR N 517 50.51 53.49 31.90
N ASN N 518 51.75 53.01 31.86
CA ASN N 518 52.30 52.27 32.98
C ASN N 518 53.64 52.86 33.37
N GLU N 519 53.96 52.74 34.65
CA GLU N 519 55.13 53.40 35.23
C GLU N 519 56.43 52.74 34.80
N ASP N 520 56.37 51.80 33.85
CA ASP N 520 57.55 51.52 33.05
C ASP N 520 57.81 52.60 32.02
N GLY N 521 57.06 53.70 32.08
CA GLY N 521 57.12 54.76 31.09
C GLY N 521 56.35 54.49 29.83
N THR N 522 55.60 53.39 29.77
CA THR N 522 55.07 52.92 28.50
C THR N 522 53.66 53.46 28.26
N ILE N 523 53.29 53.44 26.99
CA ILE N 523 51.98 53.86 26.50
C ILE N 523 51.48 52.75 25.61
N ASP N 524 50.68 51.85 26.17
CA ASP N 524 50.51 50.51 25.63
C ASP N 524 49.06 50.27 25.25
N ASN N 525 48.80 50.14 23.96
CA ASN N 525 47.46 49.92 23.43
C ASN N 525 47.19 48.42 23.35
N LEU N 526 46.32 47.94 24.23
CA LEU N 526 45.98 46.53 24.31
C LEU N 526 44.47 46.37 24.43
N THR N 527 43.98 45.20 24.03
CA THR N 527 42.68 44.78 24.52
C THR N 527 42.82 44.35 25.98
N MET N 528 41.74 44.53 26.73
CA MET N 528 41.75 44.10 28.12
C MET N 528 42.08 42.61 28.22
N GLU N 529 41.76 41.83 27.18
CA GLU N 529 42.12 40.43 27.15
C GLU N 529 43.63 40.26 27.18
N GLU N 530 44.33 40.96 26.30
CA GLU N 530 45.79 40.84 26.25
C GLU N 530 46.40 41.14 27.61
N TYR N 531 45.88 42.14 28.31
CA TYR N 531 46.43 42.45 29.62
C TYR N 531 46.23 41.29 30.59
N TYR N 532 45.01 40.77 30.68
CA TYR N 532 44.79 39.55 31.45
C TYR N 532 45.79 38.49 31.03
N ARG N 533 45.76 38.11 29.76
CA ARG N 533 46.84 37.34 29.15
C ARG N 533 48.21 37.84 29.58
N LYS N 534 48.41 39.15 29.56
CA LYS N 534 49.74 39.72 29.81
C LYS N 534 50.25 39.34 31.19
N LEU N 535 49.39 39.41 32.20
CA LEU N 535 49.79 38.99 33.54
C LEU N 535 49.74 37.47 33.66
N THR N 536 48.58 36.88 33.39
CA THR N 536 48.46 35.42 33.52
C THR N 536 49.57 34.70 32.77
N GLY N 537 49.92 35.19 31.58
CA GLY N 537 51.06 34.63 30.89
C GLY N 537 52.33 34.74 31.72
N LYS N 538 52.56 35.91 32.29
CA LYS N 538 53.71 36.08 33.17
C LYS N 538 53.66 35.09 34.33
N ILE N 539 52.60 35.17 35.14
CA ILE N 539 52.52 34.36 36.34
C ILE N 539 52.45 32.87 36.00
N ALA N 540 51.71 32.51 34.95
CA ALA N 540 51.59 31.10 34.59
C ALA N 540 52.97 30.49 34.34
N SER N 541 53.79 31.17 33.54
CA SER N 541 55.17 30.73 33.37
C SER N 541 55.92 30.78 34.69
N ASP N 542 55.73 31.87 35.45
CA ASP N 542 56.41 32.00 36.72
C ASP N 542 56.23 30.75 37.57
N GLY N 543 54.97 30.33 37.75
CA GLY N 543 54.73 29.04 38.36
C GLY N 543 55.59 27.96 37.76
N GLU N 544 55.36 27.67 36.48
CA GLU N 544 56.16 26.65 35.80
C GLU N 544 57.65 26.88 35.99
N ASN N 545 58.08 28.15 35.93
CA ASN N 545 59.51 28.43 35.92
C ASN N 545 60.22 27.70 37.05
N ASN N 546 59.86 28.01 38.30
CA ASN N 546 60.47 27.31 39.42
C ASN N 546 60.13 25.84 39.42
N ASN N 547 58.90 25.48 39.06
CA ASN N 547 58.44 24.10 39.22
C ASN N 547 59.42 23.14 38.58
N VAL N 548 59.76 23.39 37.31
CA VAL N 548 60.76 22.56 36.66
C VAL N 548 62.11 22.73 37.34
N VAL N 549 62.43 23.95 37.79
CA VAL N 549 63.68 24.18 38.50
C VAL N 549 63.72 23.35 39.77
N ASN N 550 62.63 23.36 40.54
CA ASN N 550 62.62 22.62 41.79
C ASN N 550 62.85 21.14 41.56
N SER N 551 62.16 20.58 40.57
CA SER N 551 62.33 19.15 40.27
C SER N 551 63.79 18.81 40.06
N SER N 552 64.48 19.57 39.21
CA SER N 552 65.92 19.41 39.07
C SER N 552 66.61 19.61 40.41
N ASN N 553 66.18 20.60 41.18
CA ASN N 553 66.84 20.90 42.43
C ASN N 553 66.60 19.80 43.46
N GLU N 554 65.42 19.19 43.45
CA GLU N 554 65.21 17.96 44.21
C GLU N 554 66.22 16.90 43.77
N THR N 555 66.29 16.67 42.46
CA THR N 555 67.26 15.71 41.93
C THR N 555 68.65 16.02 42.45
N LEU N 556 69.02 17.30 42.45
CA LEU N 556 70.31 17.70 43.02
C LEU N 556 70.42 17.20 44.45
N TYR N 557 69.41 17.47 45.28
CA TYR N 557 69.46 17.01 46.65
C TYR N 557 69.53 15.49 46.72
N ASN N 558 68.76 14.81 45.88
CA ASN N 558 68.75 13.36 45.90
C ASN N 558 70.14 12.80 45.67
N SER N 559 70.91 13.45 44.81
CA SER N 559 72.28 13.00 44.55
C SER N 559 73.12 13.09 45.81
N VAL N 560 73.31 14.31 46.32
CA VAL N 560 74.03 14.49 47.56
C VAL N 560 73.42 13.65 48.67
N TYR N 561 72.09 13.54 48.72
CA TYR N 561 71.46 12.60 49.65
C TYR N 561 72.03 11.21 49.47
N SER N 562 71.89 10.65 48.26
CA SER N 562 72.24 9.25 48.03
C SER N 562 73.65 8.96 48.53
N GLU N 563 74.59 9.85 48.25
CA GLU N 563 76.00 9.53 48.49
C GLU N 563 76.27 9.34 49.98
N TYR N 564 75.69 10.21 50.82
CA TYR N 564 76.03 10.17 52.25
C TYR N 564 75.56 8.87 52.88
N GLN N 565 74.35 8.43 52.54
CA GLN N 565 73.85 7.19 53.12
C GLN N 565 74.85 6.08 52.92
N SER N 566 75.54 6.08 51.78
CA SER N 566 76.71 5.22 51.63
C SER N 566 77.83 5.68 52.55
N LYS N 567 78.06 7.00 52.65
CA LYS N 567 79.08 7.51 53.54
C LYS N 567 78.70 7.33 55.00
N SER N 568 77.43 7.04 55.26
CA SER N 568 76.93 6.90 56.63
C SER N 568 77.10 5.46 57.08
N GLY N 569 78.15 4.81 56.59
CA GLY N 569 78.34 3.37 56.68
C GLY N 569 78.52 2.79 58.07
N VAL N 570 78.22 3.56 59.12
CA VAL N 570 78.54 3.14 60.47
C VAL N 570 77.55 2.05 60.93
N ASN N 571 77.95 0.79 60.79
CA ASN N 571 77.14 -0.34 61.20
C ASN N 571 77.70 -0.94 62.51
N THR N 572 76.89 -1.80 63.15
CA THR N 572 77.26 -2.32 64.47
C THR N 572 77.06 -3.81 64.66
N ASN N 573 76.32 -4.48 63.76
CA ASN N 573 75.85 -5.83 64.06
C ASN N 573 76.96 -6.87 63.98
N GLU N 574 77.53 -7.08 62.80
CA GLU N 574 78.41 -8.22 62.60
C GLU N 574 79.67 -8.12 63.44
N GLU N 575 80.04 -6.90 63.85
CA GLU N 575 81.16 -6.72 64.76
C GLU N 575 80.99 -7.57 66.01
N LEU N 576 79.75 -7.79 66.43
CA LEU N 576 79.46 -8.67 67.57
C LEU N 576 80.14 -10.03 67.41
N ALA N 577 79.97 -10.69 66.26
CA ALA N 577 80.51 -12.04 66.14
C ALA N 577 82.02 -12.03 66.25
N ALA N 578 82.68 -11.08 65.60
CA ALA N 578 84.14 -11.09 65.55
C ALA N 578 84.75 -10.78 66.91
N LEU N 579 84.29 -9.70 67.56
CA LEU N 579 85.00 -9.20 68.73
C LEU N 579 84.80 -10.08 69.95
N ILE N 580 83.60 -10.64 70.13
CA ILE N 580 83.36 -11.50 71.28
C ILE N 580 84.38 -12.62 71.32
N GLN N 581 84.74 -13.13 70.14
CA GLN N 581 85.62 -14.30 70.09
C GLN N 581 87.06 -13.94 70.41
N TYR N 582 87.50 -12.76 69.96
CA TYR N 582 88.85 -12.31 70.31
C TYR N 582 89.05 -12.37 71.81
N GLN N 583 88.02 -11.99 72.58
CA GLN N 583 88.03 -12.21 74.02
C GLN N 583 87.89 -13.69 74.34
N SER N 584 86.78 -14.30 73.91
CA SER N 584 86.49 -15.67 74.31
C SER N 584 87.66 -16.59 74.01
N SER N 585 88.38 -16.34 72.91
CA SER N 585 89.61 -17.08 72.66
C SER N 585 90.58 -16.91 73.82
N TYR N 586 90.81 -15.67 74.25
CA TYR N 586 91.66 -15.45 75.41
C TYR N 586 91.07 -16.11 76.65
N GLY N 587 89.75 -16.01 76.84
CA GLY N 587 89.12 -16.73 77.93
C GLY N 587 89.30 -18.23 77.77
N ALA N 588 89.04 -18.75 76.57
CA ALA N 588 89.33 -20.15 76.29
C ALA N 588 90.83 -20.42 76.42
N ALA N 589 91.66 -19.39 76.26
CA ALA N 589 93.08 -19.54 76.55
C ALA N 589 93.33 -19.44 78.05
N ALA N 590 92.63 -18.54 78.75
CA ALA N 590 92.90 -18.36 80.16
C ALA N 590 92.83 -19.68 80.92
N LYS N 591 91.92 -20.57 80.52
CA LYS N 591 91.85 -21.88 81.15
C LYS N 591 93.15 -22.67 80.94
N ILE N 592 93.68 -22.68 79.71
CA ILE N 592 94.95 -23.35 79.50
C ILE N 592 96.06 -22.59 80.22
N VAL N 593 95.96 -21.26 80.28
CA VAL N 593 96.92 -20.48 81.05
C VAL N 593 96.94 -20.97 82.49
N SER N 594 95.75 -21.10 83.10
CA SER N 594 95.68 -21.74 84.39
C SER N 594 96.24 -23.15 84.33
N THR N 595 95.88 -23.91 83.30
CA THR N 595 96.32 -25.29 83.20
C THR N 595 97.83 -25.40 83.38
N VAL N 596 98.58 -24.57 82.67
CA VAL N 596 100.03 -24.57 82.84
C VAL N 596 100.40 -23.82 84.11
N ASP N 597 99.60 -22.83 84.51
CA ASP N 597 99.85 -22.17 85.78
C ASP N 597 99.81 -23.16 86.93
N GLN N 598 98.79 -24.01 86.94
CA GLN N 598 98.64 -24.98 88.01
C GLN N 598 99.80 -25.92 88.08
N MET N 599 100.69 -25.92 87.09
CA MET N 599 101.87 -26.75 87.21
C MET N 599 102.64 -26.20 88.39
N LEU N 600 102.69 -24.88 88.50
CA LEU N 600 103.41 -24.24 89.59
C LEU N 600 102.74 -24.62 90.90
N ASP N 601 101.42 -24.63 90.91
CA ASP N 601 100.68 -24.96 92.13
C ASP N 601 101.01 -26.37 92.57
N THR N 602 101.09 -27.29 91.62
CA THR N 602 101.35 -28.69 91.95
C THR N 602 102.77 -28.84 92.44
N LEU N 603 103.69 -28.08 91.85
CA LEU N 603 105.07 -28.12 92.30
C LEU N 603 105.12 -27.66 93.73
N LEU N 604 104.34 -26.62 94.04
CA LEU N 604 104.29 -26.10 95.40
C LEU N 604 103.77 -27.16 96.34
N GLY N 605 102.71 -27.84 95.93
CA GLY N 605 102.12 -28.86 96.78
C GLY N 605 103.18 -29.91 97.06
N LEU N 606 103.92 -30.29 96.02
CA LEU N 606 104.95 -31.29 96.18
C LEU N 606 106.00 -30.87 97.18
N LYS N 607 106.50 -29.65 97.03
CA LYS N 607 107.57 -29.19 97.91
C LYS N 607 107.08 -29.03 99.35
N SER N 608 105.78 -28.79 99.51
CA SER N 608 105.20 -28.63 100.85
C SER N 608 106.09 -29.20 101.97
N MET O 1 66.28 -47.25 95.79
CA MET O 1 64.92 -47.51 95.24
C MET O 1 64.96 -48.61 94.19
N GLY O 2 63.84 -49.31 94.04
CA GLY O 2 63.63 -50.18 92.91
C GLY O 2 63.03 -49.39 91.77
N ILE O 3 63.81 -48.45 91.22
CA ILE O 3 63.29 -47.53 90.22
C ILE O 3 62.68 -48.29 89.06
N PHE O 4 63.09 -49.55 88.87
CA PHE O 4 62.80 -50.20 87.60
C PHE O 4 61.29 -50.37 87.46
N GLY O 5 60.60 -50.54 88.59
CA GLY O 5 59.16 -50.65 88.56
C GLY O 5 58.50 -49.42 87.96
N THR O 6 58.94 -48.24 88.38
CA THR O 6 58.39 -47.01 87.83
C THR O 6 58.62 -46.94 86.33
N LEU O 7 59.72 -47.54 85.86
CA LEU O 7 59.98 -47.52 84.42
C LEU O 7 58.85 -48.17 83.65
N TYR O 8 58.61 -49.48 83.87
CA TYR O 8 57.58 -50.12 83.06
C TYR O 8 56.22 -49.46 83.31
N THR O 9 56.00 -48.92 84.51
CA THR O 9 54.87 -48.01 84.69
C THR O 9 54.97 -46.87 83.70
N GLY O 10 56.15 -46.25 83.59
CA GLY O 10 56.35 -45.23 82.58
C GLY O 10 56.25 -45.79 81.18
N VAL O 11 56.87 -46.95 80.94
CA VAL O 11 56.77 -47.58 79.62
C VAL O 11 55.32 -47.91 79.31
N THR O 12 54.63 -48.53 80.27
CA THR O 12 53.22 -48.85 80.06
C THR O 12 52.43 -47.61 79.66
N GLY O 13 52.72 -46.46 80.29
CA GLY O 13 52.11 -45.23 79.84
C GLY O 13 52.34 -44.97 78.38
N LEU O 14 53.58 -45.18 77.92
CA LEU O 14 53.85 -45.12 76.49
C LEU O 14 53.22 -46.28 75.75
N LYS O 15 53.12 -47.44 76.38
CA LYS O 15 52.41 -48.56 75.75
C LYS O 15 50.94 -48.21 75.54
N ALA O 16 50.32 -47.58 76.53
CA ALA O 16 48.92 -47.18 76.39
C ALA O 16 48.76 -46.22 75.22
N SER O 17 49.61 -45.19 75.14
CA SER O 17 49.52 -44.24 74.05
C SER O 17 49.68 -44.92 72.70
N GLU O 18 50.74 -45.72 72.55
CA GLU O 18 51.05 -46.29 71.25
C GLU O 18 49.93 -47.24 70.79
N VAL O 19 49.42 -48.07 71.69
CA VAL O 19 48.28 -48.89 71.31
C VAL O 19 47.07 -48.02 71.04
N GLN O 20 46.79 -47.06 71.92
CA GLN O 20 45.67 -46.17 71.71
C GLN O 20 45.82 -45.43 70.39
N ILE O 21 47.05 -45.02 70.07
CA ILE O 21 47.33 -44.47 68.75
C ILE O 21 46.99 -45.50 67.67
N ALA O 22 47.47 -46.72 67.87
CA ALA O 22 47.22 -47.78 66.89
C ALA O 22 45.73 -47.96 66.66
N THR O 23 44.92 -47.85 67.72
CA THR O 23 43.48 -47.93 67.54
C THR O 23 43.00 -46.86 66.58
N THR O 24 43.39 -45.61 66.81
CA THR O 24 42.97 -44.52 65.95
C THR O 24 43.69 -44.54 64.62
N GLY O 25 45.00 -44.80 64.62
CA GLY O 25 45.71 -44.89 63.35
C GLY O 25 45.12 -45.94 62.44
N ASN O 26 44.75 -47.09 63.01
CA ASN O 26 43.97 -48.06 62.27
C ASN O 26 42.73 -47.41 61.67
N ASN O 27 42.01 -46.63 62.49
CA ASN O 27 40.79 -46.00 62.00
C ASN O 27 41.09 -45.07 60.82
N ILE O 28 42.14 -44.26 60.94
CA ILE O 28 42.53 -43.41 59.83
C ILE O 28 42.98 -44.26 58.65
N SER O 29 43.87 -45.22 58.91
CA SER O 29 44.47 -45.98 57.83
C SER O 29 43.45 -46.89 57.15
N ASN O 30 42.52 -47.45 57.91
CA ASN O 30 41.56 -48.40 57.38
C ASN O 30 40.12 -47.90 57.40
N ALA O 31 39.91 -46.59 57.37
CA ALA O 31 38.57 -46.01 57.43
C ALA O 31 37.60 -46.59 56.41
N ASN O 32 38.00 -46.63 55.14
CA ASN O 32 37.04 -46.75 54.05
C ASN O 32 36.50 -48.15 53.84
N ALA O 33 37.10 -49.16 54.48
CA ALA O 33 36.66 -50.54 54.26
C ALA O 33 35.14 -50.60 54.19
N THR O 34 34.63 -51.33 53.19
CA THR O 34 33.19 -51.41 52.97
C THR O 34 32.46 -51.46 54.29
N PHE O 35 32.90 -52.32 55.19
CA PHE O 35 32.54 -52.24 56.59
C PHE O 35 33.75 -51.80 57.40
N TYR O 36 33.52 -51.00 58.44
CA TYR O 36 34.60 -50.58 59.31
C TYR O 36 34.01 -50.06 60.62
N THR O 37 34.81 -50.11 61.70
CA THR O 37 34.28 -49.85 63.04
C THR O 37 35.34 -49.25 63.95
N ARG O 38 34.86 -48.60 65.01
CA ARG O 38 35.72 -48.11 66.08
C ARG O 38 36.19 -49.24 66.98
N GLN O 39 37.25 -49.00 67.74
CA GLN O 39 37.68 -49.87 68.82
C GLN O 39 38.15 -49.00 69.98
N ARG O 40 38.22 -49.60 71.18
CA ARG O 40 38.70 -48.88 72.34
C ARG O 40 39.17 -49.85 73.40
N VAL O 41 39.86 -49.32 74.42
CA VAL O 41 40.65 -50.12 75.35
C VAL O 41 40.54 -49.52 76.74
N VAL O 42 40.92 -50.29 77.77
CA VAL O 42 40.89 -49.85 79.16
C VAL O 42 42.30 -49.96 79.75
N GLN O 43 42.52 -49.28 80.86
CA GLN O 43 43.81 -49.29 81.55
C GLN O 43 43.65 -49.77 82.99
N THR O 44 44.78 -50.13 83.61
CA THR O 44 44.78 -50.76 84.93
C THR O 44 46.09 -50.48 85.66
N THR O 45 46.11 -50.81 86.96
CA THR O 45 47.25 -50.53 87.84
C THR O 45 47.55 -51.74 88.72
N ASN O 46 48.82 -51.86 89.14
CA ASN O 46 49.36 -53.16 89.51
C ASN O 46 49.76 -53.25 90.98
N GLY O 47 50.77 -52.52 91.40
CA GLY O 47 51.27 -52.69 92.76
C GLY O 47 51.37 -51.51 93.69
N TYR O 48 51.46 -51.78 94.98
CA TYR O 48 51.53 -50.70 95.96
C TYR O 48 52.80 -49.88 95.83
N ILE O 49 52.84 -48.76 96.52
CA ILE O 49 54.02 -47.90 96.46
C ILE O 49 55.08 -48.51 97.36
N THR O 50 56.21 -47.84 97.50
CA THR O 50 57.29 -48.37 98.32
C THR O 50 57.04 -48.10 99.79
N THR O 51 56.01 -48.71 100.36
CA THR O 51 55.72 -48.55 101.78
C THR O 51 56.56 -49.54 102.57
N GLY O 52 56.48 -49.48 103.89
CA GLY O 52 57.25 -50.37 104.72
C GLY O 52 56.93 -51.81 104.39
N GLY O 53 55.66 -52.11 104.17
CA GLY O 53 55.24 -53.46 103.83
C GLY O 53 54.28 -53.47 102.66
N VAL O 54 53.16 -52.78 102.82
CA VAL O 54 52.15 -52.69 101.72
C VAL O 54 51.19 -51.48 101.71
N GLN O 55 50.53 -51.26 100.58
CA GLN O 55 49.61 -50.10 100.44
C GLN O 55 48.64 -50.03 99.25
N VAL O 56 49.02 -49.28 98.22
CA VAL O 56 48.13 -49.13 97.08
C VAL O 56 48.24 -50.28 96.11
N GLY O 57 47.71 -50.11 94.92
CA GLY O 57 47.80 -51.11 93.87
C GLY O 57 47.95 -50.27 92.65
N THR O 58 49.01 -49.46 92.59
CA THR O 58 49.18 -48.51 91.50
C THR O 58 50.20 -48.98 90.49
N GLY O 59 50.68 -48.08 89.66
CA GLY O 59 51.60 -48.46 88.60
C GLY O 59 50.64 -48.48 87.44
N THR O 60 51.09 -48.18 86.24
CA THR O 60 50.17 -48.08 85.11
C THR O 60 50.22 -49.34 84.26
N ALA O 61 49.06 -49.72 83.72
CA ALA O 61 48.95 -50.88 82.85
C ALA O 61 47.71 -50.73 81.98
N VAL O 62 47.62 -51.58 80.96
CA VAL O 62 46.62 -51.46 79.90
C VAL O 62 45.78 -52.72 79.87
N GLU O 63 44.56 -52.61 79.33
CA GLU O 63 43.63 -53.70 79.21
C GLU O 63 43.46 -54.12 77.74
N SER O 64 42.74 -55.21 77.53
CA SER O 64 42.49 -55.76 76.20
C SER O 64 41.56 -54.83 75.40
N ILE O 65 41.22 -55.28 74.19
CA ILE O 65 40.60 -54.43 73.18
C ILE O 65 39.20 -54.93 72.89
N VAL O 66 38.35 -54.05 72.33
CA VAL O 66 37.05 -54.45 71.83
C VAL O 66 36.62 -53.50 70.72
N ARG O 67 35.81 -54.04 69.80
CA ARG O 67 35.17 -53.28 68.74
C ARG O 67 33.71 -53.10 69.12
N LEU O 68 33.26 -51.84 69.22
CA LEU O 68 31.92 -51.58 69.74
C LEU O 68 30.87 -52.11 68.77
N HIS O 69 29.89 -52.82 69.31
CA HIS O 69 28.89 -53.53 68.51
C HIS O 69 27.56 -53.59 69.24
N ASP O 70 26.49 -53.33 68.50
CA ASP O 70 25.14 -53.74 68.89
C ASP O 70 24.54 -54.52 67.74
N GLU O 71 24.27 -55.81 67.97
CA GLU O 71 23.79 -56.65 66.88
C GLU O 71 22.38 -56.27 66.47
N TYR O 72 21.43 -56.32 67.41
CA TYR O 72 20.04 -56.15 67.03
C TYR O 72 19.88 -54.99 66.06
N SER O 73 20.48 -53.85 66.40
CA SER O 73 20.47 -52.73 65.49
C SER O 73 20.91 -53.19 64.12
N TYR O 74 22.05 -53.89 64.05
CA TYR O 74 22.41 -54.52 62.80
C TYR O 74 21.38 -55.55 62.37
N TYR O 75 20.82 -56.29 63.33
CA TYR O 75 19.81 -57.30 63.00
C TYR O 75 18.66 -56.68 62.21
N LYS O 76 18.13 -55.56 62.69
CA LYS O 76 17.02 -54.94 61.97
C LYS O 76 17.47 -54.44 60.60
N LEU O 77 18.69 -53.95 60.46
CA LEU O 77 19.18 -53.54 59.16
C LEU O 77 19.06 -54.68 58.17
N LYS O 78 19.52 -55.86 58.56
CA LYS O 78 19.45 -57.02 57.67
C LYS O 78 18.03 -57.19 57.16
N GLY O 79 17.04 -57.04 58.03
CA GLY O 79 15.66 -57.01 57.58
C GLY O 79 15.41 -55.90 56.59
N ALA O 80 15.87 -54.69 56.91
CA ALA O 80 15.71 -53.58 55.98
C ALA O 80 16.28 -53.95 54.62
N SER O 81 17.39 -54.69 54.60
CA SER O 81 17.93 -55.15 53.34
C SER O 81 16.94 -56.06 52.62
N ASN O 82 16.46 -57.09 53.31
CA ASN O 82 15.71 -58.14 52.62
C ASN O 82 14.48 -57.59 51.92
N GLN O 83 13.78 -56.66 52.57
CA GLN O 83 12.47 -56.24 52.07
C GLN O 83 12.62 -55.32 50.87
N LEU O 84 13.28 -54.20 51.03
CA LEU O 84 13.62 -53.39 49.86
C LEU O 84 14.29 -54.21 48.79
N GLU O 85 15.39 -54.88 49.13
CA GLU O 85 16.18 -55.58 48.12
C GLU O 85 15.30 -56.49 47.28
N TYR O 86 14.26 -57.07 47.89
CA TYR O 86 13.18 -57.65 47.12
C TYR O 86 12.59 -56.63 46.16
N THR O 87 12.20 -55.47 46.70
CA THR O 87 11.36 -54.56 45.92
C THR O 87 12.14 -53.85 44.83
N LYS O 88 13.35 -53.34 45.11
CA LYS O 88 14.12 -52.77 44.02
C LYS O 88 14.34 -53.79 42.92
N TYR O 89 14.83 -54.97 43.30
CA TYR O 89 14.93 -56.06 42.34
C TYR O 89 13.60 -56.26 41.65
N MET O 90 12.52 -56.29 42.42
CA MET O 90 11.20 -56.39 41.85
C MET O 90 10.76 -55.08 41.19
N ALA O 91 11.33 -53.96 41.64
CA ALA O 91 10.90 -52.66 41.11
C ALA O 91 11.35 -52.50 39.67
N SER O 92 12.66 -52.53 39.42
CA SER O 92 13.15 -52.51 38.05
C SER O 92 12.42 -53.54 37.22
N THR O 93 12.26 -54.74 37.78
CA THR O 93 11.53 -55.79 37.08
C THR O 93 10.15 -55.32 36.65
N LEU O 94 9.27 -55.04 37.62
CA LEU O 94 7.87 -54.83 37.28
C LEU O 94 7.72 -53.88 36.10
N GLN O 95 8.22 -52.66 36.22
CA GLN O 95 7.97 -51.68 35.17
C GLN O 95 8.77 -51.97 33.91
N GLU O 96 9.90 -52.67 34.00
CA GLU O 96 10.60 -53.01 32.77
C GLU O 96 9.83 -54.09 32.01
N ILE O 97 9.12 -54.96 32.74
CA ILE O 97 8.06 -55.73 32.09
C ILE O 97 6.98 -54.78 31.58
N ALA O 98 6.58 -53.79 32.38
CA ALA O 98 5.64 -52.81 31.87
C ALA O 98 6.19 -52.11 30.63
N GLN O 99 7.51 -52.07 30.49
CA GLN O 99 8.12 -51.41 29.35
C GLN O 99 8.44 -52.38 28.22
N ARG O 100 8.03 -53.64 28.33
CA ARG O 100 8.36 -54.60 27.28
C ARG O 100 7.55 -54.35 26.02
N PHE O 101 6.29 -53.95 26.16
CA PHE O 101 5.45 -53.78 24.99
C PHE O 101 4.49 -52.60 25.20
N PRO O 102 4.99 -51.42 25.55
CA PRO O 102 4.10 -50.27 25.72
C PRO O 102 3.60 -49.74 24.40
N ASP O 103 2.54 -48.95 24.48
CA ASP O 103 1.86 -48.45 23.29
C ASP O 103 2.43 -47.12 22.82
N LEU O 104 3.70 -46.87 23.15
CA LEU O 104 4.42 -45.81 22.46
C LEU O 104 4.30 -46.17 20.99
N GLN O 105 3.60 -45.35 20.20
CA GLN O 105 3.06 -45.90 18.96
C GLN O 105 2.12 -47.03 19.31
N ASN O 106 0.86 -46.72 19.58
CA ASN O 106 -0.11 -47.75 19.96
C ASN O 106 0.29 -49.07 19.31
N THR O 107 0.52 -50.06 20.15
CA THR O 107 1.35 -51.20 19.76
C THR O 107 0.85 -51.80 18.45
N GLY O 108 1.78 -52.39 17.69
CA GLY O 108 1.48 -52.75 16.32
C GLY O 108 0.19 -53.53 16.19
N ILE O 109 -0.02 -54.50 17.08
CA ILE O 109 -1.20 -55.36 16.96
C ILE O 109 -2.45 -54.51 16.94
N LEU O 110 -2.60 -53.63 17.92
CA LEU O 110 -3.80 -52.81 17.97
C LEU O 110 -3.87 -51.86 16.78
N GLN O 111 -2.72 -51.43 16.27
CA GLN O 111 -2.75 -50.62 15.06
C GLN O 111 -2.89 -51.48 13.82
N ASP O 112 -2.23 -52.64 13.79
CA ASP O 112 -2.47 -53.60 12.71
C ASP O 112 -3.95 -53.85 12.56
N LEU O 113 -4.63 -54.07 13.69
CA LEU O 113 -6.07 -54.22 13.66
C LEU O 113 -6.75 -52.97 13.13
N GLU O 114 -6.32 -51.81 13.61
CA GLU O 114 -6.99 -50.57 13.23
C GLU O 114 -6.97 -50.38 11.72
N ASN O 115 -5.79 -50.21 11.15
CA ASN O 115 -5.68 -50.03 9.71
C ASN O 115 -6.23 -51.24 8.98
N TYR O 116 -6.03 -52.44 9.52
CA TYR O 116 -6.71 -53.61 8.98
C TYR O 116 -8.21 -53.36 8.85
N ASN O 117 -8.81 -52.78 9.89
CA ASN O 117 -10.22 -52.47 9.80
C ASN O 117 -10.46 -51.28 8.88
N LYS O 118 -9.49 -50.37 8.76
CA LYS O 118 -9.55 -49.39 7.69
C LYS O 118 -9.54 -50.06 6.33
N ALA O 119 -8.67 -51.06 6.15
CA ALA O 119 -8.68 -51.81 4.90
C ALA O 119 -10.02 -52.50 4.69
N TRP O 120 -10.73 -52.83 5.78
CA TRP O 120 -12.06 -53.41 5.63
C TRP O 120 -13.01 -52.44 4.96
N ASN O 121 -13.13 -51.22 5.49
CA ASN O 121 -13.99 -50.25 4.85
C ASN O 121 -13.52 -49.96 3.43
N ASP O 122 -12.21 -50.03 3.19
CA ASP O 122 -11.70 -50.01 1.83
C ASP O 122 -12.16 -51.24 1.06
N PHE O 123 -12.09 -52.42 1.67
CA PHE O 123 -12.60 -53.61 1.02
C PHE O 123 -14.06 -53.42 0.63
N ALA O 124 -14.83 -52.75 1.49
CA ALA O 124 -16.19 -52.38 1.11
C ALA O 124 -16.19 -51.44 -0.10
N SER O 125 -15.15 -50.62 -0.24
CA SER O 125 -15.08 -49.70 -1.38
C SER O 125 -15.05 -50.47 -2.69
N ASN O 126 -14.21 -51.50 -2.77
CA ASN O 126 -14.16 -52.29 -3.99
C ASN O 126 -13.57 -53.68 -3.72
N PRO O 127 -14.41 -54.67 -3.42
CA PRO O 127 -13.89 -56.04 -3.33
C PRO O 127 -13.31 -56.54 -4.64
N ASN O 128 -13.85 -56.10 -5.77
CA ASN O 128 -13.28 -56.47 -7.05
C ASN O 128 -11.86 -55.95 -7.19
N GLU O 129 -11.49 -54.91 -6.46
CA GLU O 129 -10.11 -54.48 -6.34
C GLU O 129 -9.40 -55.44 -5.40
N ASN O 130 -8.78 -56.47 -5.96
CA ASN O 130 -8.21 -57.54 -5.15
C ASN O 130 -7.19 -57.01 -4.15
N ALA O 131 -6.47 -55.94 -4.50
CA ALA O 131 -5.47 -55.41 -3.60
C ALA O 131 -6.08 -55.03 -2.26
N THR O 132 -7.34 -54.56 -2.24
CA THR O 132 -8.04 -54.36 -0.98
C THR O 132 -7.97 -55.61 -0.12
N LYS O 133 -8.17 -56.78 -0.74
CA LYS O 133 -7.95 -58.03 -0.01
C LYS O 133 -6.50 -58.15 0.45
N ILE O 134 -5.57 -57.97 -0.49
CA ILE O 134 -4.17 -58.23 -0.18
C ILE O 134 -3.68 -57.28 0.91
N ALA O 135 -3.93 -55.99 0.75
CA ALA O 135 -3.55 -55.04 1.78
C ALA O 135 -4.26 -55.36 3.09
N LEU O 136 -5.57 -55.63 3.01
CA LEU O 136 -6.30 -56.07 4.18
C LEU O 136 -5.64 -57.30 4.79
N VAL O 137 -5.38 -58.31 3.96
CA VAL O 137 -4.75 -59.54 4.45
C VAL O 137 -3.43 -59.21 5.14
N LYS O 138 -2.64 -58.34 4.50
CA LYS O 138 -1.32 -58.03 5.05
C LYS O 138 -1.43 -57.41 6.43
N ALA O 139 -2.36 -56.47 6.62
CA ALA O 139 -2.48 -55.82 7.92
C ALA O 139 -2.75 -56.83 9.01
N SER O 140 -3.62 -57.81 8.76
CA SER O 140 -3.78 -58.92 9.69
C SER O 140 -2.49 -59.74 9.79
N GLN O 141 -1.79 -59.94 8.67
CA GLN O 141 -0.57 -60.71 8.72
C GLN O 141 0.40 -60.13 9.74
N THR O 142 0.58 -58.81 9.70
CA THR O 142 1.34 -58.14 10.76
C THR O 142 0.68 -58.37 12.10
N LEU O 143 -0.64 -58.20 12.16
CA LEU O 143 -1.38 -58.47 13.38
C LEU O 143 -1.04 -59.85 13.94
N THR O 144 -1.32 -60.90 13.17
CA THR O 144 -1.15 -62.25 13.67
C THR O 144 0.30 -62.52 14.03
N GLU O 145 1.21 -62.25 13.10
CA GLU O 145 2.62 -62.50 13.38
C GLU O 145 3.10 -61.67 14.56
N SER O 146 2.48 -60.51 14.78
CA SER O 146 2.83 -59.72 15.95
C SER O 146 2.32 -60.36 17.23
N VAL O 147 1.14 -60.98 17.19
CA VAL O 147 0.75 -61.82 18.32
C VAL O 147 1.77 -62.93 18.51
N ASN O 148 2.27 -63.47 17.41
CA ASN O 148 3.19 -64.59 17.47
C ASN O 148 4.51 -64.18 18.12
N ASN O 149 5.05 -63.00 17.75
CA ASN O 149 6.37 -62.62 18.26
C ASN O 149 6.28 -62.24 19.73
N THR O 150 5.23 -61.51 20.11
CA THR O 150 5.02 -61.18 21.51
C THR O 150 4.97 -62.45 22.36
N PHE O 151 4.23 -63.47 21.90
CA PHE O 151 4.24 -64.74 22.59
C PHE O 151 5.67 -65.23 22.82
N ALA O 152 6.46 -65.27 21.75
CA ALA O 152 7.83 -65.72 21.89
C ALA O 152 8.63 -64.80 22.81
N THR O 153 8.43 -63.49 22.69
CA THR O 153 9.18 -62.55 23.51
C THR O 153 8.98 -62.84 24.99
N LEU O 154 7.72 -63.01 25.40
CA LEU O 154 7.42 -63.18 26.81
C LEU O 154 7.97 -64.50 27.35
N ASP O 155 7.84 -65.57 26.56
CA ASP O 155 8.36 -66.86 27.00
C ASP O 155 9.83 -66.75 27.34
N LYS O 156 10.60 -66.08 26.48
CA LYS O 156 12.02 -65.91 26.70
C LYS O 156 12.31 -65.30 28.06
N ILE O 157 11.45 -64.39 28.52
CA ILE O 157 11.74 -63.65 29.73
C ILE O 157 11.46 -64.50 30.96
N GLN O 158 10.21 -64.91 31.15
CA GLN O 158 9.92 -65.73 32.33
C GLN O 158 10.78 -66.98 32.36
N LYS O 159 11.09 -67.53 31.19
CA LYS O 159 12.13 -68.56 31.13
C LYS O 159 13.45 -68.01 31.65
N LYS O 160 13.79 -66.78 31.26
CA LYS O 160 14.99 -66.15 31.78
C LYS O 160 14.93 -66.01 33.30
N VAL O 161 13.74 -65.87 33.86
CA VAL O 161 13.61 -65.76 35.31
C VAL O 161 14.12 -67.03 35.99
N ASN O 162 13.70 -68.19 35.48
CA ASN O 162 14.17 -69.45 36.05
C ASN O 162 15.70 -69.49 36.05
N ASP O 163 16.31 -69.06 34.95
CA ASP O 163 17.76 -69.10 34.85
C ASP O 163 18.39 -68.17 35.88
N ASP O 164 17.78 -67.01 36.13
CA ASP O 164 18.32 -66.09 37.13
C ASP O 164 18.43 -66.77 38.48
N ILE O 165 17.48 -67.64 38.81
CA ILE O 165 17.47 -68.29 40.11
C ILE O 165 18.65 -69.24 40.24
N LYS O 166 18.90 -70.04 39.21
CA LYS O 166 19.89 -71.11 39.31
C LYS O 166 21.26 -70.56 39.72
N ASN O 167 21.83 -69.70 38.87
CA ASN O 167 23.10 -69.09 39.22
C ASN O 167 23.04 -68.41 40.57
N THR O 168 21.95 -67.67 40.83
CA THR O 168 21.75 -67.09 42.15
C THR O 168 21.85 -68.19 43.22
N VAL O 169 21.19 -69.31 42.98
CA VAL O 169 21.32 -70.45 43.89
C VAL O 169 22.77 -70.88 43.96
N ASP O 170 23.42 -70.99 42.81
CA ASP O 170 24.82 -71.40 42.79
C ASP O 170 25.65 -70.49 43.69
N GLU O 171 25.39 -69.19 43.60
CA GLU O 171 26.13 -68.23 44.41
C GLU O 171 25.82 -68.40 45.89
N ILE O 172 24.53 -68.44 46.25
CA ILE O 172 24.18 -68.53 47.66
C ILE O 172 24.72 -69.83 48.25
N ASN O 173 24.70 -70.91 47.47
CA ASN O 173 25.36 -72.13 47.92
C ASN O 173 26.80 -71.82 48.30
N LYS O 174 27.54 -71.19 47.39
CA LYS O 174 28.92 -70.83 47.65
C LYS O 174 29.04 -70.02 48.94
N ILE O 175 28.09 -69.13 49.19
CA ILE O 175 28.11 -68.35 50.43
C ILE O 175 28.15 -69.28 51.63
N GLY O 176 27.36 -70.36 51.59
CA GLY O 176 27.25 -71.23 52.74
C GLY O 176 28.59 -71.78 53.17
N GLU O 177 29.38 -72.27 52.21
CA GLU O 177 30.70 -72.78 52.55
C GLU O 177 31.62 -71.67 53.04
N GLU O 178 31.53 -70.48 52.43
CA GLU O 178 32.38 -69.38 52.86
C GLU O 178 32.15 -69.06 54.32
N ILE O 179 30.94 -68.62 54.67
CA ILE O 179 30.68 -68.21 56.03
C ILE O 179 30.89 -69.38 56.97
N ALA O 180 30.59 -70.60 56.53
CA ALA O 180 31.07 -71.78 57.24
C ALA O 180 32.58 -71.72 57.41
N THR O 181 33.29 -71.49 56.30
CA THR O 181 34.74 -71.36 56.39
C THR O 181 35.13 -70.24 57.36
N ILE O 182 34.41 -69.12 57.29
CA ILE O 182 34.73 -67.99 58.16
C ILE O 182 34.73 -68.45 59.61
N ASN O 183 33.74 -69.26 59.98
CA ASN O 183 33.63 -69.69 61.36
C ASN O 183 34.66 -70.76 61.70
N LYS O 184 35.24 -71.41 60.70
CA LYS O 184 36.23 -72.45 60.97
C LYS O 184 37.49 -71.85 61.57
N GLN O 185 37.74 -70.57 61.37
CA GLN O 185 38.93 -69.94 61.91
C GLN O 185 38.88 -69.82 63.42
N ILE O 186 37.69 -69.95 64.00
CA ILE O 186 37.41 -69.26 65.25
C ILE O 186 37.85 -70.09 66.46
N TYR O 187 37.53 -71.37 66.51
CA TYR O 187 37.60 -72.10 67.77
C TYR O 187 38.16 -73.49 67.53
N GLY O 188 38.29 -74.24 68.64
CA GLY O 188 38.69 -75.63 68.59
C GLY O 188 39.54 -76.08 69.76
N GLN O 189 40.62 -76.80 69.47
CA GLN O 189 41.53 -77.29 70.51
C GLN O 189 42.24 -76.16 71.23
N GLU O 190 42.24 -74.95 70.66
CA GLU O 190 42.82 -73.77 71.30
C GLU O 190 41.85 -72.61 71.13
N ALA O 191 42.09 -71.54 71.89
CA ALA O 191 41.09 -70.50 72.14
C ALA O 191 41.34 -69.26 71.30
N LEU O 192 40.55 -68.21 71.59
CA LEU O 192 40.31 -67.05 70.74
C LEU O 192 40.68 -65.74 71.41
N PRO O 193 41.20 -64.78 70.66
CA PRO O 193 41.45 -63.43 71.19
C PRO O 193 40.32 -62.45 70.87
N THR O 194 40.46 -61.24 71.44
CA THR O 194 39.41 -60.23 71.33
C THR O 194 39.13 -59.84 69.89
N GLU O 195 40.17 -59.47 69.14
CA GLU O 195 39.95 -58.81 67.86
C GLU O 195 39.51 -59.80 66.78
N HIS O 196 39.86 -61.08 66.94
CA HIS O 196 39.44 -62.06 65.95
C HIS O 196 37.93 -62.05 65.80
N ALA O 197 37.20 -62.01 66.92
CA ALA O 197 35.77 -61.80 66.88
C ALA O 197 35.44 -60.47 66.20
N ASN O 198 36.17 -59.41 66.56
CA ASN O 198 35.90 -58.12 65.96
C ASN O 198 36.25 -58.13 64.47
N GLU O 199 37.45 -58.58 64.12
CA GLU O 199 37.82 -58.72 62.72
C GLU O 199 36.75 -59.50 61.96
N LEU O 200 36.29 -60.61 62.55
CA LEU O 200 35.28 -61.39 61.87
C LEU O 200 33.94 -60.66 61.84
N ARG O 201 33.61 -59.98 62.94
CA ARG O 201 32.46 -59.09 62.91
C ARG O 201 32.54 -58.15 61.72
N ASP O 202 33.71 -57.55 61.50
CA ASP O 202 33.88 -56.68 60.35
C ASP O 202 33.58 -57.42 59.05
N ARG O 203 34.19 -58.59 58.87
CA ARG O 203 34.08 -59.28 57.60
C ARG O 203 32.75 -60.05 57.49
N ARG O 204 32.38 -60.76 58.55
CA ARG O 204 31.21 -61.62 58.44
C ARG O 204 29.91 -60.83 58.48
N ASP O 205 29.85 -59.76 59.28
CA ASP O 205 28.62 -58.98 59.37
C ASP O 205 28.17 -58.52 58.00
N GLU O 206 29.06 -57.87 57.25
CA GLU O 206 28.71 -57.42 55.91
C GLU O 206 28.26 -58.59 55.04
N LEU O 207 28.90 -59.75 55.18
CA LEU O 207 28.44 -60.94 54.46
C LEU O 207 27.04 -61.34 54.91
N GLU O 208 26.82 -61.39 56.23
CA GLU O 208 25.48 -61.61 56.72
C GLU O 208 24.51 -60.62 56.12
N LEU O 209 24.90 -59.35 56.07
CA LEU O 209 24.08 -58.34 55.41
C LEU O 209 23.89 -58.70 53.94
N THR O 210 24.95 -59.15 53.27
CA THR O 210 24.82 -59.56 51.88
C THR O 210 23.72 -60.62 51.74
N LEU O 211 23.70 -61.59 52.65
CA LEU O 211 22.60 -62.54 52.67
C LEU O 211 21.29 -61.83 52.95
N SER O 212 21.29 -60.91 53.91
CA SER O 212 20.04 -60.25 54.30
C SER O 212 19.38 -59.59 53.10
N LYS O 213 20.17 -59.13 52.13
CA LYS O 213 19.58 -58.67 50.88
C LYS O 213 18.78 -59.79 50.23
N LEU O 214 19.37 -60.99 50.19
CA LEU O 214 18.83 -62.07 49.37
C LEU O 214 17.61 -62.70 50.02
N VAL O 215 17.75 -63.12 51.29
CA VAL O 215 16.78 -64.03 51.91
C VAL O 215 16.63 -63.69 53.37
N SER O 216 15.60 -64.27 53.99
CA SER O 216 15.44 -64.28 55.42
C SER O 216 16.08 -65.54 56.01
N ALA O 217 16.39 -65.47 57.30
CA ALA O 217 17.07 -66.59 57.97
C ALA O 217 16.83 -66.47 59.47
N VAL O 218 17.49 -67.35 60.22
CA VAL O 218 17.39 -67.41 61.67
C VAL O 218 18.80 -67.42 62.25
N ALA O 219 18.94 -66.87 63.46
CA ALA O 219 20.25 -66.60 64.02
C ALA O 219 20.23 -66.67 65.54
N SER O 220 21.42 -66.83 66.12
CA SER O 220 21.64 -66.68 67.55
C SER O 220 22.96 -65.93 67.74
N LYS O 221 23.06 -65.20 68.84
CA LYS O 221 24.27 -64.40 69.05
C LYS O 221 24.33 -63.89 70.48
N ASN O 222 25.56 -63.78 70.97
CA ASN O 222 25.89 -62.93 72.11
C ASN O 222 27.28 -62.38 71.87
N GLU O 223 27.49 -61.14 72.29
CA GLU O 223 28.70 -60.40 71.93
C GLU O 223 29.89 -60.99 72.69
N ILE O 224 30.71 -61.75 71.97
CA ILE O 224 31.88 -62.39 72.57
C ILE O 224 33.14 -61.68 72.11
N ASN O 225 33.97 -61.28 73.07
CA ASN O 225 35.25 -60.66 72.74
C ASN O 225 36.45 -61.45 73.24
N GLN O 226 36.57 -61.63 74.55
CA GLN O 226 37.84 -62.04 75.15
C GLN O 226 37.74 -63.48 75.64
N ASP O 227 38.57 -64.35 75.08
CA ASP O 227 38.51 -65.77 75.39
C ASP O 227 39.86 -66.41 75.69
N ASN O 228 40.98 -65.71 75.46
CA ASN O 228 42.29 -66.20 75.87
C ASN O 228 42.30 -66.67 77.32
N ARG O 229 42.65 -67.94 77.53
CA ARG O 229 42.60 -68.55 78.85
C ARG O 229 43.64 -69.67 78.91
N LEU O 230 44.08 -70.01 80.12
CA LEU O 230 45.27 -70.85 80.27
C LEU O 230 45.06 -72.23 80.91
N ASP O 231 44.53 -72.27 82.12
CA ASP O 231 44.73 -73.41 83.02
C ASP O 231 44.59 -74.74 82.28
N THR O 232 43.40 -75.01 81.75
CA THR O 232 43.16 -76.13 80.85
C THR O 232 41.93 -75.79 80.03
N THR O 233 42.07 -75.83 78.70
CA THR O 233 41.21 -74.98 77.88
C THR O 233 40.81 -75.66 76.58
N ILE O 234 39.50 -75.64 76.31
CA ILE O 234 38.94 -75.86 74.98
C ILE O 234 37.66 -75.05 74.89
N THR O 235 37.40 -74.46 73.73
CA THR O 235 36.27 -73.56 73.56
C THR O 235 35.66 -73.75 72.18
N ASP O 236 34.48 -73.16 71.96
CA ASP O 236 33.79 -73.27 70.67
C ASP O 236 32.89 -72.06 70.41
N PRO O 237 32.29 -71.96 69.19
CA PRO O 237 31.46 -70.79 68.85
C PRO O 237 29.97 -70.94 69.12
N GLY O 238 29.39 -72.12 68.95
CA GLY O 238 27.98 -72.35 69.24
C GLY O 238 27.00 -71.19 69.26
N HIS O 239 26.68 -70.66 70.44
CA HIS O 239 25.65 -69.63 70.55
C HIS O 239 25.98 -68.39 69.73
N GLN O 240 27.27 -68.13 69.50
CA GLN O 240 27.64 -66.93 68.76
C GLN O 240 27.04 -66.94 67.36
N TYR O 241 26.73 -68.12 66.81
CA TYR O 241 25.82 -68.18 65.69
C TYR O 241 25.35 -69.60 65.41
N ASN O 242 24.13 -69.69 64.90
CA ASN O 242 23.58 -70.89 64.32
C ASN O 242 22.39 -70.48 63.44
N LEU O 243 22.06 -71.32 62.47
CA LEU O 243 20.91 -71.08 61.60
C LEU O 243 19.90 -72.19 61.76
N SER O 244 18.64 -71.81 61.97
CA SER O 244 17.56 -72.76 62.17
C SER O 244 16.65 -72.79 60.93
N ILE O 245 16.29 -73.99 60.50
CA ILE O 245 15.34 -74.16 59.41
C ILE O 245 14.27 -75.14 59.86
N GLU O 246 13.17 -74.63 60.39
CA GLU O 246 12.05 -75.46 60.81
C GLU O 246 12.51 -76.74 61.50
N GLY O 247 12.29 -77.89 60.86
CA GLY O 247 12.53 -79.18 61.50
C GLY O 247 13.99 -79.50 61.77
N PHE O 248 14.92 -78.80 61.13
CA PHE O 248 16.32 -79.08 61.37
C PHE O 248 17.12 -77.84 60.99
N SER O 249 18.21 -77.60 61.73
CA SER O 249 18.98 -76.37 61.66
C SER O 249 20.24 -76.58 60.84
N ILE O 250 20.57 -75.64 59.96
CA ILE O 250 21.70 -75.86 59.04
C ILE O 250 22.89 -74.93 59.25
N VAL O 251 23.11 -74.41 60.45
CA VAL O 251 24.34 -73.62 60.69
C VAL O 251 24.69 -73.55 62.17
N ASP O 252 25.96 -73.68 62.51
CA ASP O 252 26.39 -73.45 63.89
C ASP O 252 27.88 -73.19 63.83
N GLY O 253 28.28 -71.94 63.98
CA GLY O 253 29.63 -71.58 63.63
C GLY O 253 29.91 -72.12 62.24
N ILE O 254 30.78 -73.11 62.15
CA ILE O 254 31.14 -73.69 60.86
C ILE O 254 29.95 -74.38 60.19
N ASN O 255 28.98 -74.84 60.97
CA ASN O 255 28.14 -75.95 60.55
C ASN O 255 27.03 -75.56 59.59
N PHE O 256 27.34 -74.82 58.54
CA PHE O 256 26.51 -74.89 57.35
C PHE O 256 26.76 -76.22 56.64
N HIS O 257 25.78 -76.66 55.87
CA HIS O 257 25.90 -77.90 55.15
C HIS O 257 25.07 -77.79 53.88
N PRO O 258 25.64 -78.16 52.73
CA PRO O 258 24.92 -78.00 51.47
C PRO O 258 23.65 -78.83 51.45
N LEU O 259 22.52 -78.17 51.26
CA LEU O 259 21.25 -78.83 51.02
C LEU O 259 21.03 -78.95 49.51
N LYS O 260 20.45 -80.06 49.10
CA LYS O 260 20.55 -80.54 47.73
C LYS O 260 19.51 -79.91 46.82
N LEU O 261 19.85 -79.88 45.53
CA LEU O 261 19.00 -79.35 44.47
C LEU O 261 19.07 -80.29 43.27
N ASP O 262 17.95 -80.47 42.61
CA ASP O 262 17.87 -81.34 41.43
C ASP O 262 17.04 -80.67 40.37
N TYR O 263 17.26 -81.07 39.11
CA TYR O 263 16.51 -80.46 38.03
C TYR O 263 15.15 -81.14 37.91
N ASP O 264 14.18 -80.39 37.39
CA ASP O 264 12.79 -80.82 37.47
C ASP O 264 12.48 -81.95 36.50
N ASP O 265 12.95 -81.86 35.27
CA ASP O 265 12.58 -82.83 34.24
C ASP O 265 13.50 -82.66 33.04
N LYS O 266 13.15 -83.34 31.95
CA LYS O 266 13.87 -83.17 30.69
C LYS O 266 14.14 -81.71 30.38
N ASN O 267 13.22 -80.82 30.76
CA ASN O 267 13.34 -79.40 30.48
C ASN O 267 14.24 -78.68 31.49
N LYS O 268 14.73 -79.39 32.49
CA LYS O 268 15.82 -78.90 33.34
C LYS O 268 15.43 -77.68 34.17
N SER O 269 14.21 -77.61 34.65
CA SER O 269 13.90 -76.69 35.74
C SER O 269 14.54 -77.27 37.00
N TYR O 270 14.36 -76.63 38.15
CA TYR O 270 15.12 -77.03 39.33
C TYR O 270 14.29 -76.94 40.60
N SER O 271 14.77 -77.64 41.63
CA SER O 271 14.04 -77.83 42.87
C SER O 271 15.00 -78.36 43.93
N ILE O 272 14.62 -78.17 45.20
CA ILE O 272 15.52 -78.31 46.33
C ILE O 272 14.97 -79.32 47.33
N TYR O 273 15.87 -80.00 48.03
CA TYR O 273 15.52 -81.20 48.78
C TYR O 273 16.54 -81.45 49.88
N TYR O 274 16.37 -82.59 50.56
CA TYR O 274 17.41 -83.20 51.37
C TYR O 274 17.39 -84.71 51.14
N GLU O 275 18.54 -85.37 51.31
CA GLU O 275 18.61 -86.80 50.95
C GLU O 275 19.57 -87.67 51.73
N THR O 276 19.09 -88.80 52.25
CA THR O 276 19.93 -89.77 52.91
C THR O 276 19.09 -91.03 52.86
N PRO O 277 19.64 -92.13 52.33
CA PRO O 277 18.76 -93.29 52.20
C PRO O 277 18.01 -93.63 53.47
N ASP O 278 18.64 -93.48 54.64
CA ASP O 278 17.99 -93.85 55.89
C ASP O 278 17.13 -92.70 56.40
N GLU O 279 15.82 -92.81 56.22
CA GLU O 279 14.84 -91.97 56.89
C GLU O 279 14.77 -90.54 56.37
N LYS O 280 15.67 -90.16 55.45
CA LYS O 280 15.90 -88.74 55.21
C LYS O 280 16.06 -88.41 53.72
N VAL O 281 15.10 -88.82 52.90
CA VAL O 281 14.99 -88.33 51.52
C VAL O 281 13.69 -87.55 51.46
N ARG O 282 13.78 -86.22 51.51
CA ARG O 282 12.60 -85.38 51.51
C ARG O 282 12.94 -84.00 50.95
N ASP O 283 11.90 -83.20 50.71
CA ASP O 283 11.98 -81.99 49.93
C ASP O 283 12.23 -80.74 50.77
N LEU O 284 12.71 -79.69 50.10
CA LEU O 284 12.79 -78.34 50.62
C LEU O 284 12.22 -77.30 49.67
N THR O 285 12.06 -77.65 48.40
CA THR O 285 11.81 -76.71 47.30
C THR O 285 10.75 -75.65 47.57
N ALA O 286 9.50 -76.08 47.77
CA ALA O 286 8.37 -75.17 47.58
C ALA O 286 8.41 -73.99 48.55
N LYS O 287 8.73 -74.22 49.81
CA LYS O 287 8.61 -73.17 50.82
C LYS O 287 9.62 -72.05 50.60
N ILE O 288 10.58 -72.24 49.70
CA ILE O 288 11.75 -71.38 49.65
C ILE O 288 11.35 -70.01 49.12
N SER O 289 11.74 -68.96 49.85
CA SER O 289 11.40 -67.58 49.51
C SER O 289 12.46 -66.66 50.09
N GLY O 290 12.49 -65.42 49.61
CA GLY O 290 13.47 -64.46 50.09
C GLY O 290 13.36 -63.14 49.35
N GLY O 291 14.35 -62.28 49.61
CA GLY O 291 14.31 -60.93 49.10
C GLY O 291 14.36 -60.85 47.58
N GLN O 292 15.52 -61.11 46.98
CA GLN O 292 15.51 -61.38 45.55
C GLN O 292 15.10 -62.82 45.28
N LEU O 293 15.50 -63.74 46.14
CA LEU O 293 15.27 -65.16 45.89
C LEU O 293 13.79 -65.43 45.70
N GLY O 294 12.96 -64.96 46.64
CA GLY O 294 11.52 -64.99 46.42
C GLY O 294 11.13 -64.20 45.19
N ALA O 295 11.67 -62.97 45.07
CA ALA O 295 11.33 -62.15 43.93
C ALA O 295 11.53 -62.90 42.62
N GLN O 296 12.69 -63.54 42.46
CA GLN O 296 12.89 -64.38 41.28
C GLN O 296 11.86 -65.49 41.23
N LEU O 297 11.83 -66.32 42.27
CA LEU O 297 11.05 -67.55 42.22
C LEU O 297 9.55 -67.25 42.15
N ASP O 298 9.09 -66.25 42.90
CA ASP O 298 7.68 -65.88 42.81
C ASP O 298 7.33 -65.50 41.37
N LEU O 299 8.17 -64.70 40.74
CA LEU O 299 8.03 -64.46 39.31
C LEU O 299 8.11 -65.76 38.52
N ARG O 300 9.09 -66.60 38.85
CA ARG O 300 9.18 -67.91 38.21
C ARG O 300 7.87 -68.67 38.33
N GLY O 301 7.31 -68.72 39.52
CA GLY O 301 6.29 -69.70 39.84
C GLY O 301 6.85 -70.82 40.69
N ARG O 302 5.95 -71.52 41.38
CA ARG O 302 6.34 -72.44 42.44
C ARG O 302 6.04 -73.90 42.16
N ASN O 303 5.31 -74.20 41.09
CA ASN O 303 5.13 -75.58 40.65
C ASN O 303 5.23 -75.64 39.14
N TYR O 304 5.90 -76.69 38.65
CA TYR O 304 6.02 -76.93 37.22
C TYR O 304 5.07 -78.06 36.84
N SER O 305 3.92 -77.67 36.29
CA SER O 305 2.97 -78.65 35.79
C SER O 305 3.68 -79.57 34.81
N LYS O 306 3.47 -80.89 34.98
CA LYS O 306 4.26 -81.86 34.22
C LYS O 306 3.39 -82.54 33.19
N SER O 307 2.24 -83.09 33.61
CA SER O 307 1.31 -83.66 32.65
C SER O 307 0.86 -82.63 31.63
N GLU O 308 0.83 -81.35 32.01
CA GLU O 308 0.64 -80.27 31.06
C GLU O 308 1.94 -79.57 30.71
N GLY O 309 3.03 -79.88 31.41
CA GLY O 309 4.36 -79.42 31.04
C GLY O 309 4.65 -77.97 31.35
N LYS O 310 3.77 -77.29 32.08
CA LYS O 310 3.92 -75.86 32.32
C LYS O 310 4.19 -75.60 33.80
N TYR O 311 4.26 -74.33 34.17
CA TYR O 311 4.13 -73.92 35.56
C TYR O 311 2.66 -73.82 35.93
N GLU O 312 2.34 -74.30 37.13
CA GLU O 312 1.00 -74.07 37.66
C GLU O 312 0.76 -72.59 37.96
N ASP O 313 1.83 -71.80 38.03
CA ASP O 313 1.71 -70.43 38.50
C ASP O 313 2.89 -69.64 37.94
N GLY O 314 3.13 -68.46 38.50
CA GLY O 314 4.05 -67.50 37.92
C GLY O 314 3.26 -66.34 37.36
N ILE O 315 3.60 -65.11 37.77
CA ILE O 315 2.75 -63.98 37.45
C ILE O 315 2.64 -63.82 35.94
N ILE O 316 3.77 -63.90 35.24
CA ILE O 316 3.71 -63.85 33.78
C ILE O 316 3.01 -65.10 33.26
N GLN O 317 3.24 -66.24 33.89
CA GLN O 317 2.57 -67.48 33.47
C GLN O 317 1.06 -67.29 33.44
N GLY O 318 0.51 -66.70 34.51
CA GLY O 318 -0.92 -66.44 34.52
C GLY O 318 -1.33 -65.47 33.43
N TYR O 319 -0.59 -64.37 33.29
CA TYR O 319 -0.81 -63.49 32.15
C TYR O 319 -0.77 -64.26 30.84
N MET O 320 0.20 -65.17 30.72
CA MET O 320 0.37 -65.87 29.45
C MET O 320 -0.84 -66.73 29.13
N ASP O 321 -1.41 -67.38 30.15
CA ASP O 321 -2.56 -68.24 29.95
C ASP O 321 -3.75 -67.43 29.43
N SER O 322 -4.02 -66.30 30.08
CA SER O 322 -5.10 -65.43 29.61
C SER O 322 -4.91 -65.05 28.15
N LEU O 323 -3.66 -64.91 27.73
CA LEU O 323 -3.39 -64.53 26.35
C LEU O 323 -3.86 -65.62 25.38
N ASP O 324 -3.55 -66.88 25.69
CA ASP O 324 -4.03 -67.96 24.84
C ASP O 324 -5.52 -68.21 25.02
N THR O 325 -5.99 -68.17 26.27
CA THR O 325 -7.42 -68.02 26.51
C THR O 325 -8.01 -66.95 25.61
N PHE O 326 -7.42 -65.76 25.67
CA PHE O 326 -7.77 -64.69 24.75
C PHE O 326 -7.60 -65.10 23.30
N ALA O 327 -6.58 -65.93 23.02
CA ALA O 327 -6.34 -66.38 21.65
C ALA O 327 -7.48 -67.24 21.13
N LYS O 328 -8.02 -68.11 21.97
CA LYS O 328 -9.08 -69.01 21.50
C LYS O 328 -10.27 -68.24 20.95
N THR O 329 -10.68 -67.18 21.65
CA THR O 329 -11.97 -66.57 21.33
C THR O 329 -12.00 -66.00 19.92
N MET O 330 -11.16 -64.99 19.62
CA MET O 330 -11.18 -64.43 18.28
C MET O 330 -10.93 -65.50 17.23
N ILE O 331 -10.17 -66.54 17.59
CA ILE O 331 -9.99 -67.67 16.68
C ILE O 331 -11.34 -68.29 16.37
N ASN O 332 -12.12 -68.59 17.41
CA ASN O 332 -13.47 -69.12 17.20
C ASN O 332 -14.35 -68.07 16.52
N GLU O 333 -14.34 -66.84 17.03
CA GLU O 333 -15.26 -65.83 16.55
C GLU O 333 -15.05 -65.55 15.06
N THR O 334 -13.81 -65.23 14.68
CA THR O 334 -13.59 -64.78 13.31
C THR O 334 -13.80 -65.92 12.31
N ASN O 335 -13.42 -67.14 12.69
CA ASN O 335 -13.70 -68.29 11.83
C ASN O 335 -15.19 -68.37 11.52
N ASN O 336 -16.03 -68.19 12.54
CA ASN O 336 -17.47 -68.19 12.31
C ASN O 336 -17.87 -67.11 11.31
N LEU O 337 -17.29 -65.91 11.45
CA LEU O 337 -17.64 -64.83 10.55
C LEU O 337 -17.40 -65.23 9.10
N TYR O 338 -16.20 -65.75 8.80
CA TYR O 338 -15.94 -66.09 7.40
C TYR O 338 -16.44 -67.49 7.05
N ALA O 339 -16.72 -68.33 8.04
CA ALA O 339 -17.37 -69.59 7.73
C ALA O 339 -18.67 -69.38 6.96
N SER O 340 -19.21 -68.15 6.99
CA SER O 340 -20.47 -67.85 6.34
C SER O 340 -20.38 -67.83 4.82
N SER O 341 -19.18 -67.83 4.25
CA SER O 341 -19.05 -67.75 2.80
C SER O 341 -19.55 -69.02 2.13
N ALA O 342 -20.05 -68.89 0.90
CA ALA O 342 -20.60 -70.02 0.16
C ALA O 342 -19.51 -70.68 -0.69
N LYS O 343 -19.50 -72.01 -0.68
CA LYS O 343 -18.46 -72.78 -1.34
C LYS O 343 -19.05 -74.10 -1.83
N SER O 344 -18.50 -74.62 -2.92
CA SER O 344 -18.99 -75.87 -3.50
C SER O 344 -18.59 -77.09 -2.69
N SER O 345 -17.67 -76.94 -1.74
CA SER O 345 -17.37 -77.99 -0.79
C SER O 345 -16.78 -77.35 0.44
N VAL O 346 -17.23 -77.81 1.61
CA VAL O 346 -16.84 -77.21 2.88
C VAL O 346 -16.36 -78.31 3.82
N THR O 347 -15.49 -77.93 4.74
CA THR O 347 -14.73 -78.91 5.50
C THR O 347 -14.30 -78.30 6.83
N SER O 348 -14.16 -79.16 7.84
CA SER O 348 -13.61 -78.75 9.12
C SER O 348 -12.10 -78.89 9.12
N ASP O 349 -11.44 -78.09 9.95
CA ASP O 349 -10.05 -78.39 10.23
C ASP O 349 -9.95 -79.65 11.07
N TYR O 350 -8.74 -80.20 11.15
CA TYR O 350 -8.55 -81.58 11.55
C TYR O 350 -9.16 -81.84 12.91
N LEU O 351 -10.21 -82.66 12.94
CA LEU O 351 -11.01 -82.91 14.14
C LEU O 351 -10.31 -83.94 15.03
N SER O 352 -9.27 -83.49 15.72
CA SER O 352 -8.52 -84.39 16.59
C SER O 352 -9.36 -84.77 17.80
N GLY O 353 -9.25 -86.03 18.21
CA GLY O 353 -9.85 -86.48 19.45
C GLY O 353 -11.34 -86.76 19.36
N LEU O 354 -11.96 -86.45 18.24
CA LEU O 354 -13.41 -86.46 18.16
C LEU O 354 -13.95 -87.76 17.60
N LYS O 355 -15.07 -88.21 18.17
CA LYS O 355 -15.96 -89.19 17.57
C LYS O 355 -17.29 -88.51 17.25
N GLY O 356 -17.91 -88.91 16.15
CA GLY O 356 -19.11 -88.23 15.69
C GLY O 356 -20.28 -88.32 16.63
N ASP O 357 -20.31 -89.30 17.53
CA ASP O 357 -21.45 -89.50 18.41
C ASP O 357 -21.43 -88.58 19.63
N ILE O 358 -20.31 -87.93 19.89
CA ILE O 358 -20.06 -87.38 21.23
C ILE O 358 -21.07 -86.26 21.52
N PRO O 359 -21.63 -86.20 22.73
CA PRO O 359 -22.44 -85.04 23.13
C PRO O 359 -21.81 -83.72 22.72
N LEU O 360 -22.67 -82.77 22.34
CA LEU O 360 -22.19 -81.59 21.63
C LEU O 360 -21.49 -80.62 22.59
N VAL O 361 -22.21 -80.10 23.58
CA VAL O 361 -21.61 -79.13 24.49
C VAL O 361 -20.38 -79.71 25.15
N ASN O 362 -20.37 -81.01 25.40
CA ASN O 362 -19.28 -81.63 26.14
C ASN O 362 -17.95 -81.52 25.41
N TYR O 363 -17.96 -81.57 24.08
CA TYR O 363 -16.70 -81.49 23.35
C TYR O 363 -16.10 -80.09 23.37
N ASP O 364 -16.90 -79.06 23.62
CA ASP O 364 -16.37 -77.71 23.61
C ASP O 364 -17.31 -76.77 24.35
N ARG O 365 -16.73 -75.85 25.13
CA ARG O 365 -17.51 -74.80 25.78
C ARG O 365 -17.59 -73.63 24.80
N THR O 366 -17.93 -73.94 23.55
CA THR O 366 -18.49 -72.95 22.63
C THR O 366 -19.63 -73.60 21.87
N ILE O 367 -19.68 -74.93 21.91
CA ILE O 367 -20.86 -75.65 21.50
C ILE O 367 -21.93 -75.32 22.53
N GLN O 368 -22.88 -74.50 22.15
CA GLN O 368 -23.95 -74.06 23.04
C GLN O 368 -25.27 -74.21 22.32
N PRO O 369 -26.37 -74.41 23.04
CA PRO O 369 -27.65 -74.57 22.38
C PRO O 369 -27.92 -73.45 21.39
N GLY O 370 -27.94 -73.80 20.10
CA GLY O 370 -28.15 -72.83 19.06
C GLY O 370 -28.64 -73.50 17.80
N SER O 371 -29.14 -72.69 16.87
CA SER O 371 -29.68 -73.19 15.62
C SER O 371 -28.91 -72.56 14.47
N PHE O 372 -28.67 -73.35 13.43
CA PHE O 372 -28.03 -72.86 12.23
C PHE O 372 -28.80 -73.37 11.02
N ASP O 373 -28.72 -72.62 9.92
CA ASP O 373 -29.42 -72.94 8.70
C ASP O 373 -28.44 -73.38 7.63
N ILE O 374 -28.97 -74.05 6.61
CA ILE O 374 -28.20 -74.47 5.45
C ILE O 374 -28.91 -73.94 4.21
N VAL O 375 -28.16 -73.24 3.35
CA VAL O 375 -28.70 -72.61 2.17
C VAL O 375 -27.87 -73.02 0.97
N ILE O 376 -28.54 -73.35 -0.14
CA ILE O 376 -27.84 -73.71 -1.35
C ILE O 376 -27.40 -72.42 -2.01
N TYR O 377 -26.28 -72.50 -2.71
CA TYR O 377 -25.80 -71.43 -3.56
C TYR O 377 -25.44 -72.07 -4.88
N ASP O 378 -25.61 -71.34 -5.97
CA ASP O 378 -25.21 -71.84 -7.27
C ASP O 378 -23.70 -71.87 -7.35
N ASP O 379 -23.17 -72.79 -8.17
CA ASP O 379 -21.75 -72.70 -8.46
C ASP O 379 -21.40 -71.39 -9.16
N LYS O 380 -22.37 -70.73 -9.77
CA LYS O 380 -22.22 -69.33 -10.13
C LYS O 380 -22.41 -68.41 -8.94
N GLY O 381 -23.08 -68.87 -7.89
CA GLY O 381 -23.13 -68.18 -6.63
C GLY O 381 -24.52 -68.01 -6.04
N ASP O 382 -25.52 -67.82 -6.90
CA ASP O 382 -26.80 -67.31 -6.43
C ASP O 382 -27.39 -68.18 -5.34
N LYS O 383 -28.04 -67.53 -4.38
CA LYS O 383 -28.38 -68.10 -3.08
C LYS O 383 -29.90 -68.28 -3.00
N LYS O 384 -30.38 -69.53 -3.11
CA LYS O 384 -31.78 -69.79 -2.80
C LYS O 384 -32.00 -71.27 -2.47
N LEU O 385 -32.01 -71.56 -1.17
CA LEU O 385 -32.60 -72.74 -0.55
C LEU O 385 -32.34 -72.58 0.94
N THR O 386 -33.05 -73.34 1.77
CA THR O 386 -32.86 -73.20 3.20
C THR O 386 -33.32 -74.45 3.94
N LYS O 387 -32.49 -74.90 4.88
CA LYS O 387 -32.85 -75.92 5.85
C LYS O 387 -32.27 -75.52 7.21
N THR O 388 -33.05 -75.76 8.26
CA THR O 388 -32.73 -75.28 9.60
C THR O 388 -32.32 -76.45 10.48
N ILE O 389 -31.31 -76.22 11.33
CA ILE O 389 -30.68 -77.27 12.10
C ILE O 389 -30.33 -76.71 13.48
N THR O 390 -30.12 -77.61 14.45
CA THR O 390 -30.01 -77.23 15.85
C THR O 390 -28.99 -78.07 16.59
N ILE O 391 -28.51 -77.52 17.71
CA ILE O 391 -27.67 -78.22 18.67
C ILE O 391 -28.45 -78.32 19.98
N ASP O 392 -28.85 -79.53 20.39
CA ASP O 392 -29.60 -79.67 21.62
C ASP O 392 -28.65 -80.04 22.74
N VAL O 393 -28.20 -81.29 22.85
CA VAL O 393 -26.99 -81.60 23.60
C VAL O 393 -26.21 -82.73 22.95
N ASN O 394 -26.92 -83.63 22.23
CA ASN O 394 -26.27 -84.69 21.48
C ASN O 394 -26.97 -85.03 20.17
N THR O 395 -27.42 -84.04 19.42
CA THR O 395 -27.85 -84.34 18.05
C THR O 395 -26.57 -84.61 17.28
N THR O 396 -26.03 -85.83 17.41
CA THR O 396 -24.69 -86.12 16.97
C THR O 396 -24.47 -85.62 15.55
N MET O 397 -23.22 -85.27 15.25
CA MET O 397 -22.90 -84.84 13.89
C MET O 397 -23.34 -85.91 12.90
N ASN O 398 -23.33 -87.17 13.34
CA ASN O 398 -23.93 -88.23 12.54
C ASN O 398 -25.41 -87.98 12.34
N ASP O 399 -26.13 -87.61 13.40
CA ASP O 399 -27.50 -87.14 13.23
C ASP O 399 -27.54 -85.99 12.24
N ILE O 400 -26.53 -85.12 12.30
CA ILE O 400 -26.44 -84.05 11.31
C ILE O 400 -26.15 -84.63 9.94
N MET O 401 -25.19 -85.55 9.86
CA MET O 401 -25.00 -86.29 8.62
C MET O 401 -26.31 -86.92 8.17
N ARG O 402 -27.03 -87.55 9.10
CA ARG O 402 -28.30 -88.17 8.76
C ARG O 402 -29.31 -87.14 8.28
N GLN O 403 -29.43 -86.02 9.00
CA GLN O 403 -30.34 -84.97 8.57
C GLN O 403 -29.88 -84.36 7.26
N ILE O 404 -28.57 -84.24 7.05
CA ILE O 404 -28.07 -83.68 5.81
C ILE O 404 -28.25 -84.63 4.64
N ASN O 405 -28.28 -85.94 4.90
CA ASN O 405 -28.27 -86.93 3.85
C ASN O 405 -29.53 -87.78 3.80
N ALA O 406 -30.57 -87.39 4.53
CA ALA O 406 -31.86 -88.08 4.47
C ALA O 406 -32.78 -87.51 3.40
N ASN O 407 -32.22 -86.87 2.37
CA ASN O 407 -33.01 -86.07 1.43
C ASN O 407 -34.11 -85.31 2.16
N THR O 408 -33.69 -84.54 3.17
CA THR O 408 -34.61 -83.71 3.92
C THR O 408 -35.02 -82.56 3.04
N ASP O 409 -35.82 -82.85 2.02
CA ASP O 409 -36.01 -81.95 0.89
C ASP O 409 -36.43 -80.54 1.31
N ASP O 410 -35.99 -79.56 0.54
CA ASP O 410 -36.47 -78.18 0.64
C ASP O 410 -36.93 -77.66 -0.72
N ASN O 411 -37.17 -78.55 -1.68
CA ASN O 411 -37.98 -78.18 -2.82
C ASN O 411 -39.31 -77.61 -2.36
N ASP O 412 -39.75 -78.00 -1.16
CA ASP O 412 -40.76 -77.26 -0.41
C ASP O 412 -42.15 -77.40 -1.00
N ASN O 413 -42.51 -78.62 -1.43
CA ASN O 413 -43.94 -78.91 -1.34
C ASN O 413 -44.31 -80.18 -0.58
N LYS O 414 -44.21 -81.41 -1.08
CA LYS O 414 -44.62 -82.57 -0.21
C LYS O 414 -44.39 -84.05 -0.57
N ASN O 415 -43.35 -84.70 -0.02
CA ASN O 415 -43.02 -86.15 -0.20
C ASN O 415 -41.50 -86.11 0.10
N SER O 416 -40.56 -86.18 -0.83
CA SER O 416 -39.14 -85.88 -0.65
C SER O 416 -38.35 -86.05 -1.96
N ASN O 417 -37.85 -84.98 -2.58
CA ASN O 417 -36.74 -84.98 -3.56
C ASN O 417 -36.51 -83.56 -4.06
N ASP O 418 -35.44 -83.41 -4.86
CA ASP O 418 -35.12 -82.17 -5.56
C ASP O 418 -34.70 -81.08 -4.59
N ASP O 419 -33.66 -81.37 -3.83
CA ASP O 419 -33.29 -80.54 -2.69
C ASP O 419 -31.79 -80.42 -2.56
N VAL O 420 -31.38 -79.58 -1.61
CA VAL O 420 -29.99 -79.46 -1.20
C VAL O 420 -29.34 -80.85 -1.14
N ASP O 421 -30.01 -81.79 -0.48
CA ASP O 421 -29.43 -83.13 -0.37
C ASP O 421 -29.23 -83.75 -1.74
N ASP O 422 -30.21 -83.60 -2.63
CA ASP O 422 -29.98 -83.95 -4.03
C ASP O 422 -28.81 -83.16 -4.58
N HIS O 423 -28.68 -81.90 -4.15
CA HIS O 423 -27.65 -81.04 -4.73
C HIS O 423 -26.32 -81.22 -4.02
N ILE O 424 -26.31 -81.58 -2.74
CA ILE O 424 -25.08 -81.65 -1.97
C ILE O 424 -25.18 -82.84 -1.01
N ASN O 425 -24.03 -83.22 -0.46
CA ASN O 425 -23.96 -84.29 0.52
C ASN O 425 -22.83 -84.01 1.51
N ALA O 426 -22.98 -84.53 2.72
CA ALA O 426 -21.99 -84.37 3.79
C ALA O 426 -21.46 -85.72 4.22
N SER O 427 -20.18 -85.76 4.59
CA SER O 427 -19.49 -86.99 4.90
C SER O 427 -18.72 -86.86 6.21
N PHE O 428 -18.58 -87.97 6.91
CA PHE O 428 -17.78 -88.05 8.12
C PHE O 428 -16.72 -89.14 7.96
N SER O 429 -15.61 -88.98 8.69
CA SER O 429 -14.59 -90.01 8.77
C SER O 429 -13.93 -89.92 10.13
N TYR O 430 -13.40 -91.06 10.59
CA TYR O 430 -12.66 -91.10 11.84
C TYR O 430 -11.50 -92.06 11.71
N ASP O 431 -10.42 -91.77 12.44
CA ASP O 431 -9.26 -92.63 12.54
C ASP O 431 -9.09 -93.03 14.00
N ALA O 432 -9.17 -94.34 14.26
CA ALA O 432 -9.00 -94.87 15.61
C ALA O 432 -7.56 -95.20 15.95
N LYS O 433 -6.73 -95.52 14.95
CA LYS O 433 -5.30 -95.59 15.22
C LYS O 433 -4.80 -94.25 15.74
N THR O 434 -5.36 -93.16 15.24
CA THR O 434 -5.29 -91.87 15.89
C THR O 434 -6.56 -91.69 16.72
N GLY O 435 -6.72 -90.52 17.32
CA GLY O 435 -7.95 -90.19 18.01
C GLY O 435 -8.86 -89.28 17.23
N ASP O 436 -8.71 -89.19 15.91
CA ASP O 436 -9.05 -88.00 15.17
C ASP O 436 -10.15 -88.28 14.15
N GLY O 437 -11.10 -87.36 14.08
CA GLY O 437 -12.19 -87.43 13.11
C GLY O 437 -12.03 -86.40 12.01
N LEU O 438 -12.92 -86.48 11.02
CA LEU O 438 -13.00 -85.49 9.94
C LEU O 438 -14.37 -85.58 9.28
N PHE O 439 -14.93 -84.42 8.93
CA PHE O 439 -16.05 -84.38 8.00
C PHE O 439 -15.78 -83.33 6.94
N GLN O 440 -16.32 -83.56 5.76
CA GLN O 440 -16.31 -82.57 4.69
C GLN O 440 -17.59 -82.76 3.89
N ILE O 441 -18.01 -81.70 3.21
CA ILE O 441 -19.32 -81.67 2.58
C ILE O 441 -19.13 -81.34 1.10
N ASN O 442 -19.96 -81.97 0.27
CA ASN O 442 -19.78 -81.96 -1.17
C ASN O 442 -21.03 -81.37 -1.82
N ALA O 443 -20.87 -80.27 -2.54
CA ALA O 443 -21.92 -79.73 -3.38
C ALA O 443 -21.68 -80.19 -4.81
N LYS O 444 -22.62 -80.95 -5.36
CA LYS O 444 -22.38 -81.79 -6.53
C LYS O 444 -22.54 -81.04 -7.84
N SER O 445 -21.66 -80.07 -8.10
CA SER O 445 -21.60 -79.42 -9.40
C SER O 445 -22.83 -78.55 -9.62
N GLY O 446 -22.62 -77.32 -10.08
CA GLY O 446 -23.69 -76.35 -10.12
C GLY O 446 -24.18 -75.93 -8.76
N PHE O 447 -23.52 -76.37 -7.69
CA PHE O 447 -24.01 -76.23 -6.33
C PHE O 447 -22.91 -75.66 -5.45
N LYS O 448 -23.16 -74.49 -4.88
CA LYS O 448 -22.43 -73.96 -3.74
C LYS O 448 -23.28 -74.15 -2.49
N VAL O 449 -22.62 -74.21 -1.34
CA VAL O 449 -23.32 -74.32 -0.06
C VAL O 449 -22.70 -73.35 0.95
N ALA O 450 -23.55 -72.86 1.85
CA ALA O 450 -23.10 -72.12 3.02
C ALA O 450 -24.00 -72.48 4.19
N ILE O 451 -23.45 -72.39 5.40
CA ILE O 451 -24.15 -72.75 6.62
C ILE O 451 -24.15 -71.54 7.55
N GLU O 452 -25.28 -71.30 8.20
CA GLU O 452 -25.59 -70.01 8.82
C GLU O 452 -26.05 -70.27 10.25
N ASP O 453 -25.33 -69.68 11.21
CA ASP O 453 -25.47 -70.02 12.62
C ASP O 453 -26.13 -68.90 13.43
N LYS O 454 -26.89 -69.29 14.44
CA LYS O 454 -27.26 -68.43 15.55
C LYS O 454 -27.09 -69.21 16.85
N GLY O 455 -26.07 -68.88 17.62
CA GLY O 455 -25.90 -69.43 18.95
C GLY O 455 -25.13 -70.72 19.04
N THR O 456 -24.97 -71.46 17.94
CA THR O 456 -24.12 -72.64 18.01
C THR O 456 -22.66 -72.26 18.20
N ASN O 457 -22.17 -71.31 17.40
CA ASN O 457 -20.93 -70.61 17.68
C ASN O 457 -19.71 -71.52 17.54
N PHE O 458 -19.93 -72.79 17.23
CA PHE O 458 -18.82 -73.73 17.19
C PHE O 458 -18.30 -73.96 15.77
N ALA O 459 -19.06 -73.56 14.75
CA ALA O 459 -18.59 -73.73 13.38
C ALA O 459 -17.21 -73.13 13.19
N GLY O 460 -16.93 -72.00 13.85
CA GLY O 460 -15.62 -71.39 13.75
C GLY O 460 -14.58 -72.05 14.62
N ALA O 461 -15.01 -72.91 15.55
CA ALA O 461 -14.07 -73.53 16.48
C ALA O 461 -12.98 -74.29 15.75
N PHE O 462 -13.36 -75.20 14.85
CA PHE O 462 -12.43 -75.88 13.97
C PHE O 462 -12.21 -75.12 12.66
N SER O 463 -12.41 -73.80 12.67
CA SER O 463 -12.20 -72.98 11.47
C SER O 463 -12.74 -73.71 10.25
N ILE O 464 -13.98 -74.17 10.37
CA ILE O 464 -14.57 -75.08 9.40
C ILE O 464 -14.94 -74.27 8.17
N GLY O 465 -14.06 -74.28 7.17
CA GLY O 465 -14.16 -73.27 6.13
C GLY O 465 -14.10 -71.88 6.70
N GLY O 466 -13.45 -71.72 7.85
CA GLY O 466 -13.49 -70.48 8.60
C GLY O 466 -12.42 -69.50 8.19
N PHE O 467 -11.59 -69.09 9.14
CA PHE O 467 -10.69 -67.98 8.93
C PHE O 467 -9.24 -68.28 9.29
N PHE O 468 -9.04 -69.08 10.33
CA PHE O 468 -7.77 -69.14 11.04
C PHE O 468 -6.94 -70.36 10.69
N SER O 469 -5.64 -70.22 10.93
CA SER O 469 -4.74 -71.34 11.09
C SER O 469 -3.96 -71.13 12.38
N GLY O 470 -3.13 -72.09 12.75
CA GLY O 470 -2.45 -71.97 14.02
C GLY O 470 -3.35 -72.41 15.17
N THR O 471 -2.80 -72.30 16.37
CA THR O 471 -3.40 -72.91 17.55
C THR O 471 -3.56 -71.91 18.69
N ASP O 472 -2.59 -71.02 18.86
CA ASP O 472 -2.56 -70.13 20.01
C ASP O 472 -1.76 -68.88 19.65
N ALA O 473 -1.74 -67.94 20.58
CA ALA O 473 -1.04 -66.68 20.35
C ALA O 473 0.39 -66.89 19.87
N SER O 474 0.97 -68.07 20.13
CA SER O 474 2.30 -68.36 19.60
C SER O 474 2.25 -68.68 18.11
N ASP O 475 1.17 -69.32 17.66
CA ASP O 475 1.09 -69.81 16.29
C ASP O 475 -0.23 -69.52 15.59
N MET O 476 -1.26 -69.05 16.29
CA MET O 476 -2.50 -68.65 15.63
C MET O 476 -2.19 -67.63 14.53
N LYS O 477 -2.80 -67.83 13.37
CA LYS O 477 -2.54 -66.92 12.25
C LYS O 477 -3.51 -67.21 11.13
N VAL O 478 -3.27 -66.55 9.99
CA VAL O 478 -4.15 -66.62 8.83
C VAL O 478 -4.27 -68.07 8.36
N LYS O 479 -5.44 -68.42 7.85
CA LYS O 479 -5.59 -69.68 7.14
C LYS O 479 -4.81 -69.60 5.82
N ASP O 480 -4.00 -70.63 5.56
CA ASP O 480 -2.87 -70.45 4.65
C ASP O 480 -3.27 -70.41 3.18
N SER O 481 -4.38 -71.04 2.81
CA SER O 481 -4.77 -71.03 1.40
C SER O 481 -4.82 -69.61 0.85
N ILE O 482 -5.20 -68.65 1.69
CA ILE O 482 -5.13 -67.26 1.28
C ILE O 482 -3.68 -66.88 1.00
N LEU O 483 -2.74 -67.39 1.79
CA LEU O 483 -1.33 -67.14 1.49
C LEU O 483 -0.93 -67.79 0.17
N ASN O 484 -1.41 -69.00 -0.08
CA ASN O 484 -1.18 -69.63 -1.38
C ASN O 484 -1.84 -68.82 -2.49
N ASP O 485 -3.05 -68.33 -2.24
CA ASP O 485 -3.78 -67.50 -3.21
C ASP O 485 -4.63 -66.51 -2.44
N PRO O 486 -4.16 -65.27 -2.29
CA PRO O 486 -5.00 -64.26 -1.61
C PRO O 486 -6.34 -64.05 -2.26
N SER O 487 -6.43 -64.23 -3.58
CA SER O 487 -7.69 -64.04 -4.27
C SER O 487 -8.76 -64.99 -3.77
N THR O 488 -8.35 -66.08 -3.11
CA THR O 488 -9.31 -67.01 -2.54
C THR O 488 -10.41 -66.30 -1.76
N VAL O 489 -10.09 -65.14 -1.17
CA VAL O 489 -11.06 -64.44 -0.34
C VAL O 489 -12.30 -64.11 -1.16
N ARG O 490 -13.44 -64.04 -0.47
CA ARG O 490 -14.71 -63.65 -1.06
C ARG O 490 -15.39 -62.62 -0.17
N ALA O 491 -16.13 -61.71 -0.80
CA ALA O 491 -16.72 -60.58 -0.11
C ALA O 491 -18.13 -60.86 0.43
N SER O 492 -18.72 -62.01 0.13
CA SER O 492 -20.11 -62.24 0.46
C SER O 492 -20.30 -63.64 1.03
N SER O 493 -21.34 -63.78 1.86
CA SER O 493 -21.84 -65.10 2.20
C SER O 493 -22.03 -65.93 0.94
N ASN O 494 -22.39 -65.26 -0.16
CA ASN O 494 -22.46 -65.89 -1.46
C ASN O 494 -21.11 -66.40 -1.96
N GLY O 495 -20.02 -66.13 -1.24
CA GLY O 495 -18.72 -66.50 -1.75
C GLY O 495 -18.45 -65.82 -3.08
N VAL O 496 -18.87 -64.56 -3.22
CA VAL O 496 -18.76 -63.81 -4.45
C VAL O 496 -18.25 -62.41 -4.11
N ASP O 497 -17.38 -61.88 -4.97
CA ASP O 497 -16.81 -60.54 -4.77
C ASP O 497 -17.62 -59.53 -5.56
N SER O 498 -18.88 -59.37 -5.17
CA SER O 498 -19.74 -58.35 -5.77
C SER O 498 -20.42 -57.54 -4.68
N GLY O 499 -20.61 -58.13 -3.49
CA GLY O 499 -21.26 -57.47 -2.38
C GLY O 499 -20.39 -57.43 -1.15
N ASN O 500 -20.71 -56.53 -0.23
CA ASN O 500 -19.86 -56.23 0.92
C ASN O 500 -20.45 -56.73 2.24
N ASP O 501 -21.35 -57.72 2.21
CA ASP O 501 -21.99 -58.13 3.45
C ASP O 501 -20.96 -58.59 4.47
N MET O 502 -19.95 -59.35 4.02
CA MET O 502 -18.90 -59.80 4.92
C MET O 502 -18.25 -58.62 5.62
N ALA O 503 -17.90 -57.57 4.88
CA ALA O 503 -17.39 -56.36 5.51
C ALA O 503 -18.39 -55.83 6.53
N ASN O 504 -19.66 -55.76 6.14
CA ASN O 504 -20.69 -55.27 7.05
C ASN O 504 -20.80 -56.15 8.28
N LYS O 505 -20.77 -57.47 8.10
CA LYS O 505 -20.75 -58.37 9.25
C LYS O 505 -19.62 -58.01 10.19
N ILE O 506 -18.38 -58.10 9.69
CA ILE O 506 -17.21 -57.88 10.52
C ILE O 506 -17.14 -56.43 10.98
N ILE O 507 -17.55 -55.49 10.14
CA ILE O 507 -17.60 -54.10 10.56
C ILE O 507 -18.51 -53.97 11.77
N GLN O 508 -19.69 -54.58 11.72
CA GLN O 508 -20.56 -54.58 12.89
C GLN O 508 -19.88 -55.25 14.06
N LEU O 509 -19.22 -56.39 13.80
CA LEU O 509 -18.45 -57.06 14.84
C LEU O 509 -17.43 -56.12 15.46
N GLN O 510 -16.92 -55.16 14.68
CA GLN O 510 -15.94 -54.23 15.21
C GLN O 510 -16.54 -53.40 16.34
N TYR O 511 -17.80 -52.99 16.23
CA TYR O 511 -18.47 -52.40 17.39
C TYR O 511 -18.62 -53.40 18.52
N ASP O 512 -18.96 -54.64 18.19
CA ASP O 512 -19.66 -55.51 19.11
C ASP O 512 -18.78 -55.94 20.28
N LYS O 513 -19.41 -56.07 21.45
CA LYS O 513 -18.80 -56.69 22.62
C LYS O 513 -19.07 -58.18 22.59
N VAL O 514 -18.03 -58.97 22.82
CA VAL O 514 -18.12 -60.42 22.69
C VAL O 514 -17.48 -61.05 23.92
N ASN O 515 -17.76 -62.34 24.11
CA ASN O 515 -17.54 -63.01 25.38
C ASN O 515 -16.34 -63.93 25.29
N PHE O 516 -15.56 -64.02 26.37
CA PHE O 516 -14.34 -64.79 26.38
C PHE O 516 -14.46 -65.91 27.40
N TYR O 517 -13.72 -66.98 27.18
CA TYR O 517 -13.92 -68.25 27.85
C TYR O 517 -12.72 -68.43 28.78
N ASN O 518 -12.80 -67.80 29.94
CA ASN O 518 -11.62 -67.43 30.71
C ASN O 518 -11.39 -68.39 31.87
N GLU O 519 -10.23 -68.24 32.50
CA GLU O 519 -9.80 -69.12 33.58
C GLU O 519 -10.72 -69.05 34.78
N ASP O 520 -11.37 -67.91 35.02
CA ASP O 520 -12.46 -67.87 35.99
C ASP O 520 -13.70 -68.59 35.49
N GLY O 521 -13.63 -69.23 34.33
CA GLY O 521 -14.77 -69.92 33.76
C GLY O 521 -15.77 -69.02 33.06
N THR O 522 -15.48 -67.72 32.97
CA THR O 522 -16.48 -66.77 32.52
C THR O 522 -16.66 -66.82 31.01
N ILE O 523 -17.85 -66.44 30.58
CA ILE O 523 -18.14 -66.11 29.19
C ILE O 523 -18.47 -64.62 29.21
N ASP O 524 -17.44 -63.79 29.07
CA ASP O 524 -17.47 -62.39 29.49
C ASP O 524 -17.57 -61.45 28.30
N ASN O 525 -18.78 -60.98 28.02
CA ASN O 525 -19.05 -60.12 26.88
C ASN O 525 -18.15 -58.90 26.98
N LEU O 526 -17.43 -58.60 25.89
CA LEU O 526 -16.33 -57.65 26.01
C LEU O 526 -15.80 -57.27 24.63
N THR O 527 -15.14 -56.12 24.59
CA THR O 527 -14.26 -55.77 23.48
C THR O 527 -12.84 -56.19 23.81
N MET O 528 -12.18 -56.80 22.83
CA MET O 528 -10.78 -57.18 23.06
C MET O 528 -9.95 -55.98 23.47
N GLU O 529 -10.35 -54.78 23.02
CA GLU O 529 -9.65 -53.57 23.39
C GLU O 529 -9.61 -53.42 24.91
N GLU O 530 -10.77 -53.53 25.55
CA GLU O 530 -10.81 -53.40 27.01
C GLU O 530 -10.01 -54.52 27.66
N TYR O 531 -10.10 -55.74 27.12
CA TYR O 531 -9.23 -56.81 27.61
C TYR O 531 -7.78 -56.37 27.58
N TYR O 532 -7.34 -55.84 26.45
CA TYR O 532 -5.99 -55.28 26.40
C TYR O 532 -5.82 -54.20 27.45
N ARG O 533 -6.80 -53.29 27.54
CA ARG O 533 -6.78 -52.29 28.59
C ARG O 533 -6.63 -52.96 29.96
N LYS O 534 -7.61 -53.78 30.34
CA LYS O 534 -7.61 -54.35 31.68
C LYS O 534 -6.38 -55.22 31.90
N LEU O 535 -5.96 -55.97 30.88
CA LEU O 535 -4.75 -56.76 31.01
C LEU O 535 -3.54 -55.86 31.24
N THR O 536 -3.35 -54.86 30.38
CA THR O 536 -2.17 -54.02 30.48
C THR O 536 -2.19 -53.14 31.72
N GLY O 537 -3.32 -52.48 31.96
CA GLY O 537 -3.40 -51.60 33.12
C GLY O 537 -3.10 -52.32 34.41
N LYS O 538 -3.62 -53.54 34.56
CA LYS O 538 -3.30 -54.35 35.73
C LYS O 538 -1.80 -54.56 35.83
N ILE O 539 -1.16 -54.89 34.71
CA ILE O 539 0.28 -55.11 34.71
C ILE O 539 1.01 -53.85 35.19
N ALA O 540 0.62 -52.69 34.65
CA ALA O 540 1.28 -51.45 35.04
C ALA O 540 1.08 -51.17 36.52
N SER O 541 -0.14 -51.36 37.02
CA SER O 541 -0.43 -51.04 38.42
C SER O 541 0.59 -51.66 39.35
N ASP O 542 0.94 -52.93 39.09
CA ASP O 542 1.90 -53.62 39.94
C ASP O 542 3.19 -52.84 40.07
N GLY O 543 3.67 -52.27 38.95
CA GLY O 543 4.97 -51.62 38.97
C GLY O 543 5.03 -50.47 39.96
N GLU O 544 4.26 -49.42 39.71
CA GLU O 544 4.37 -48.23 40.56
C GLU O 544 3.99 -48.54 42.00
N ASN O 545 2.97 -49.37 42.21
CA ASN O 545 2.62 -49.74 43.58
C ASN O 545 3.83 -50.28 44.33
N ASN O 546 4.55 -51.22 43.71
CA ASN O 546 5.78 -51.70 44.32
C ASN O 546 6.78 -50.57 44.50
N ASN O 547 6.99 -49.77 43.46
CA ASN O 547 8.03 -48.77 43.53
C ASN O 547 7.64 -47.61 44.43
N VAL O 548 6.35 -47.49 44.75
CA VAL O 548 5.98 -46.69 45.92
C VAL O 548 6.44 -47.38 47.19
N VAL O 549 6.26 -48.70 47.28
CA VAL O 549 6.77 -49.44 48.44
C VAL O 549 8.26 -49.24 48.56
N ASN O 550 8.98 -49.27 47.43
CA ASN O 550 10.39 -48.92 47.47
C ASN O 550 10.58 -47.55 48.10
N SER O 551 9.77 -46.57 47.68
CA SER O 551 9.78 -45.27 48.32
C SER O 551 9.39 -45.38 49.79
N SER O 552 8.41 -46.23 50.10
CA SER O 552 8.14 -46.53 51.50
C SER O 552 9.33 -47.20 52.14
N ASN O 553 10.00 -48.11 51.41
CA ASN O 553 11.20 -48.73 51.95
C ASN O 553 12.32 -47.74 52.14
N GLU O 554 12.48 -46.80 51.20
CA GLU O 554 13.60 -45.88 51.36
C GLU O 554 13.35 -44.90 52.48
N THR O 555 12.11 -44.74 52.91
CA THR O 555 11.91 -44.19 54.24
C THR O 555 12.64 -45.04 55.26
N LEU O 556 12.69 -46.36 55.04
CA LEU O 556 13.27 -47.26 56.02
C LEU O 556 14.79 -47.31 55.93
N TYR O 557 15.33 -47.87 54.84
CA TYR O 557 16.70 -48.35 54.92
C TYR O 557 17.67 -47.19 55.15
N ASN O 558 17.46 -46.08 54.47
CA ASN O 558 18.33 -44.92 54.69
C ASN O 558 18.27 -44.47 56.14
N SER O 559 17.11 -44.57 56.77
CA SER O 559 17.01 -44.23 58.17
C SER O 559 17.86 -45.17 59.02
N VAL O 560 17.66 -46.48 58.88
CA VAL O 560 18.47 -47.41 59.64
C VAL O 560 19.93 -47.27 59.26
N TYR O 561 20.22 -46.96 58.00
CA TYR O 561 21.56 -46.47 57.67
C TYR O 561 21.93 -45.32 58.59
N SER O 562 21.14 -44.24 58.54
CA SER O 562 21.53 -42.99 59.18
C SER O 562 21.94 -43.21 60.62
N GLU O 563 21.22 -44.09 61.33
CA GLU O 563 21.45 -44.26 62.75
C GLU O 563 22.72 -45.08 63.02
N TYR O 564 23.19 -45.87 62.08
CA TYR O 564 24.51 -46.49 62.28
C TYR O 564 25.50 -45.41 61.95
N GLN O 565 25.18 -44.63 60.94
CA GLN O 565 26.06 -43.56 60.54
C GLN O 565 26.22 -42.60 61.68
N SER O 566 25.16 -42.44 62.48
CA SER O 566 25.20 -41.47 63.58
C SER O 566 26.37 -41.73 64.51
N LYS O 567 26.84 -42.97 64.57
CA LYS O 567 27.98 -43.28 65.39
C LYS O 567 28.49 -44.68 65.06
N SER O 568 29.55 -44.75 64.27
CA SER O 568 30.08 -46.05 63.90
C SER O 568 31.55 -46.03 63.50
N GLY O 569 31.88 -45.35 62.41
CA GLY O 569 33.25 -45.40 61.90
C GLY O 569 33.89 -44.14 61.39
N VAL O 570 35.08 -43.83 61.89
CA VAL O 570 35.86 -42.65 61.46
C VAL O 570 35.22 -41.26 61.33
N ASN O 571 35.86 -40.25 61.90
CA ASN O 571 35.44 -38.86 61.77
C ASN O 571 36.67 -38.00 62.01
N THR O 572 36.97 -37.11 61.06
CA THR O 572 38.27 -36.45 61.03
C THR O 572 38.66 -35.91 62.39
N ASN O 573 37.88 -34.96 62.91
CA ASN O 573 38.28 -34.28 64.14
C ASN O 573 38.44 -35.27 65.29
N GLU O 574 37.63 -36.32 65.32
CA GLU O 574 37.81 -37.36 66.33
C GLU O 574 39.19 -38.00 66.19
N GLU O 575 39.52 -38.48 64.99
CA GLU O 575 40.82 -39.09 64.78
C GLU O 575 41.93 -38.09 65.02
N LEU O 576 41.76 -36.87 64.52
CA LEU O 576 42.78 -35.85 64.67
C LEU O 576 43.03 -35.52 66.14
N ALA O 577 41.95 -35.37 66.91
CA ALA O 577 42.09 -34.96 68.31
C ALA O 577 42.88 -35.99 69.10
N ALA O 578 42.46 -37.25 69.04
CA ALA O 578 43.18 -38.30 69.76
C ALA O 578 44.60 -38.44 69.23
N LEU O 579 44.76 -38.35 67.91
CA LEU O 579 46.09 -38.40 67.32
C LEU O 579 47.03 -37.40 67.99
N ILE O 580 46.59 -36.16 68.13
CA ILE O 580 47.39 -35.16 68.82
C ILE O 580 47.60 -35.55 70.27
N GLN O 581 46.52 -35.97 70.93
CA GLN O 581 46.56 -36.16 72.38
C GLN O 581 47.61 -37.19 72.77
N TYR O 582 47.57 -38.36 72.15
CA TYR O 582 48.55 -39.39 72.48
C TYR O 582 49.95 -38.93 72.16
N GLN O 583 50.14 -38.28 71.00
CA GLN O 583 51.45 -37.71 70.71
C GLN O 583 51.93 -36.84 71.86
N SER O 584 51.07 -35.94 72.32
CA SER O 584 51.41 -35.19 73.52
C SER O 584 51.64 -36.12 74.70
N SER O 585 50.78 -37.12 74.86
CA SER O 585 50.95 -38.08 75.94
C SER O 585 52.28 -38.83 75.80
N TYR O 586 52.57 -39.31 74.60
CA TYR O 586 53.87 -39.93 74.35
C TYR O 586 55.01 -38.99 74.72
N GLY O 587 54.80 -37.69 74.52
CA GLY O 587 55.86 -36.73 74.84
C GLY O 587 55.98 -36.47 76.32
N ALA O 588 54.85 -36.24 77.01
CA ALA O 588 54.88 -35.99 78.44
C ALA O 588 55.60 -37.12 79.17
N ALA O 589 55.30 -38.36 78.77
CA ALA O 589 55.97 -39.51 79.36
C ALA O 589 57.47 -39.49 79.09
N ALA O 590 57.86 -39.17 77.85
CA ALA O 590 59.27 -39.21 77.49
C ALA O 590 60.07 -38.23 78.34
N LYS O 591 59.55 -37.02 78.51
CA LYS O 591 60.24 -36.01 79.31
C LYS O 591 60.43 -36.49 80.74
N ILE O 592 59.34 -36.95 81.37
CA ILE O 592 59.42 -37.36 82.77
C ILE O 592 60.30 -38.58 82.94
N VAL O 593 60.19 -39.55 82.03
CA VAL O 593 61.02 -40.75 82.13
C VAL O 593 62.49 -40.36 82.09
N SER O 594 62.86 -39.50 81.13
CA SER O 594 64.20 -38.94 81.16
C SER O 594 64.46 -38.23 82.48
N THR O 595 63.44 -37.58 83.03
CA THR O 595 63.60 -36.97 84.34
C THR O 595 63.87 -38.02 85.40
N VAL O 596 63.22 -39.18 85.30
CA VAL O 596 63.58 -40.30 86.16
C VAL O 596 65.04 -40.67 85.92
N ASP O 597 65.44 -40.73 84.66
CA ASP O 597 66.82 -41.10 84.34
C ASP O 597 67.80 -40.20 85.06
N GLN O 598 67.51 -38.90 85.10
CA GLN O 598 68.41 -37.96 85.76
C GLN O 598 68.57 -38.28 87.23
N MET O 599 67.56 -38.90 87.85
CA MET O 599 67.70 -39.29 89.25
C MET O 599 68.59 -40.50 89.41
N LEU O 600 68.55 -41.41 88.44
CA LEU O 600 69.43 -42.56 88.49
C LEU O 600 70.81 -42.01 88.71
N ASP O 601 71.12 -40.92 88.04
CA ASP O 601 72.43 -40.30 88.17
C ASP O 601 72.59 -39.78 89.58
N THR O 602 71.58 -39.05 90.06
CA THR O 602 71.64 -38.50 91.39
C THR O 602 71.72 -39.63 92.39
N LEU O 603 70.91 -40.66 92.19
CA LEU O 603 70.90 -41.80 93.08
C LEU O 603 72.28 -42.40 93.16
N LEU O 604 72.88 -42.65 92.01
CA LEU O 604 74.19 -43.24 91.97
C LEU O 604 75.15 -42.32 92.68
N GLY O 605 75.04 -41.03 92.38
CA GLY O 605 75.94 -40.06 92.98
C GLY O 605 75.86 -40.10 94.48
N LEU O 606 74.67 -40.38 95.02
CA LEU O 606 74.51 -40.39 96.46
C LEU O 606 75.55 -41.29 97.09
N LYS O 607 75.77 -42.44 96.49
CA LYS O 607 76.73 -43.41 97.05
C LYS O 607 78.03 -43.46 96.28
N SER O 608 77.98 -43.10 95.00
CA SER O 608 79.17 -43.17 94.15
C SER O 608 80.45 -42.92 94.94
N MET P 1 56.76 -14.62 97.28
CA MET P 1 56.77 -16.10 97.12
C MET P 1 58.21 -16.63 97.11
N GLY P 2 58.39 -17.86 97.58
CA GLY P 2 59.68 -18.49 97.60
C GLY P 2 60.14 -18.93 96.22
N ILE P 3 61.23 -19.71 96.21
CA ILE P 3 61.77 -20.20 94.95
C ILE P 3 60.76 -21.13 94.29
N PHE P 4 60.49 -22.26 94.95
CA PHE P 4 59.28 -23.01 94.65
C PHE P 4 58.08 -22.08 94.66
N GLY P 5 58.11 -21.08 95.55
CA GLY P 5 57.03 -20.09 95.57
C GLY P 5 56.86 -19.38 94.24
N THR P 6 57.94 -18.86 93.67
CA THR P 6 57.83 -18.23 92.35
C THR P 6 57.48 -19.26 91.29
N LEU P 7 57.88 -20.51 91.51
CA LEU P 7 57.72 -21.53 90.49
C LEU P 7 56.25 -21.81 90.21
N TYR P 8 55.44 -22.07 91.24
CA TYR P 8 54.03 -22.30 90.95
C TYR P 8 53.37 -21.01 90.50
N THR P 9 53.76 -19.87 91.10
CA THR P 9 53.07 -18.62 90.80
C THR P 9 53.07 -18.35 89.31
N GLY P 10 54.24 -18.44 88.66
CA GLY P 10 54.28 -18.34 87.22
C GLY P 10 53.46 -19.43 86.55
N VAL P 11 53.51 -20.65 87.11
CA VAL P 11 52.66 -21.72 86.60
C VAL P 11 51.20 -21.33 86.73
N THR P 12 50.80 -20.87 87.91
CA THR P 12 49.40 -20.51 88.10
C THR P 12 48.97 -19.41 87.14
N GLY P 13 49.84 -18.43 86.89
CA GLY P 13 49.53 -17.44 85.87
C GLY P 13 49.29 -18.09 84.52
N LEU P 14 50.12 -19.07 84.15
CA LEU P 14 49.87 -19.84 82.94
C LEU P 14 48.58 -20.64 83.05
N LYS P 15 48.31 -21.23 84.22
CA LYS P 15 47.05 -21.93 84.42
C LYS P 15 45.87 -20.98 84.28
N ALA P 16 46.00 -19.77 84.81
CA ALA P 16 44.93 -18.79 84.63
C ALA P 16 44.70 -18.49 83.16
N SER P 17 45.78 -18.35 82.39
CA SER P 17 45.63 -18.19 80.95
C SER P 17 44.79 -19.33 80.37
N GLU P 18 45.11 -20.56 80.76
CA GLU P 18 44.29 -21.70 80.37
C GLU P 18 42.83 -21.47 80.73
N VAL P 19 42.58 -21.06 81.98
CA VAL P 19 41.21 -20.79 82.39
C VAL P 19 40.60 -19.69 81.55
N GLN P 20 41.34 -18.60 81.36
CA GLN P 20 40.87 -17.55 80.46
C GLN P 20 40.65 -18.10 79.06
N ILE P 21 41.60 -18.91 78.58
CA ILE P 21 41.45 -19.54 77.29
C ILE P 21 40.22 -20.44 77.28
N ALA P 22 40.07 -21.25 78.33
CA ALA P 22 38.94 -22.16 78.40
C ALA P 22 37.61 -21.41 78.30
N THR P 23 37.48 -20.32 79.05
CA THR P 23 36.27 -19.51 78.96
C THR P 23 36.05 -19.01 77.55
N THR P 24 37.09 -18.46 76.92
CA THR P 24 36.92 -17.90 75.59
C THR P 24 36.53 -18.97 74.58
N GLY P 25 37.17 -20.13 74.63
CA GLY P 25 36.80 -21.20 73.72
C GLY P 25 35.35 -21.61 73.86
N ASN P 26 34.86 -21.69 75.09
CA ASN P 26 33.43 -21.94 75.31
C ASN P 26 32.58 -20.85 74.69
N ASN P 27 32.89 -19.59 75.01
CA ASN P 27 32.20 -18.48 74.38
C ASN P 27 32.24 -18.61 72.86
N ILE P 28 33.38 -19.01 72.32
CA ILE P 28 33.47 -19.31 70.90
C ILE P 28 32.45 -20.39 70.54
N SER P 29 32.36 -21.43 71.35
CA SER P 29 31.33 -22.44 71.15
C SER P 29 29.94 -21.87 71.41
N ASN P 30 29.84 -20.89 72.31
CA ASN P 30 28.54 -20.27 72.59
C ASN P 30 28.08 -19.35 71.48
N ALA P 31 28.93 -19.07 70.49
CA ALA P 31 28.57 -18.13 69.43
C ALA P 31 27.19 -18.38 68.86
N ASN P 32 26.69 -19.62 68.90
CA ASN P 32 25.34 -19.93 68.47
C ASN P 32 24.50 -20.48 69.61
N ALA P 33 24.97 -20.38 70.85
CA ALA P 33 24.14 -20.64 72.02
C ALA P 33 23.19 -19.45 72.15
N THR P 34 22.03 -19.59 71.52
CA THR P 34 21.15 -18.44 71.35
C THR P 34 20.34 -18.18 72.61
N PHE P 35 20.99 -18.29 73.76
CA PHE P 35 20.35 -18.06 75.04
C PHE P 35 21.48 -17.97 76.04
N TYR P 36 22.61 -17.39 75.65
CA TYR P 36 23.78 -17.37 76.52
C TYR P 36 24.23 -16.00 76.98
N THR P 37 24.84 -15.92 78.15
CA THR P 37 25.26 -14.66 78.74
C THR P 37 26.78 -14.59 78.88
N ARG P 38 27.27 -13.47 79.38
CA ARG P 38 28.70 -13.21 79.59
C ARG P 38 29.12 -13.65 80.98
N GLN P 39 29.85 -14.76 81.06
CA GLN P 39 30.47 -15.21 82.30
C GLN P 39 31.97 -15.02 82.19
N ARG P 40 32.55 -14.25 83.12
CA ARG P 40 33.98 -13.92 83.06
C ARG P 40 34.59 -14.00 84.45
N VAL P 41 35.91 -14.20 84.48
CA VAL P 41 36.63 -14.68 85.65
C VAL P 41 37.49 -13.57 86.22
N VAL P 42 38.03 -13.80 87.42
CA VAL P 42 38.80 -12.81 88.17
C VAL P 42 40.04 -13.47 88.78
N GLN P 43 40.94 -12.66 89.34
CA GLN P 43 42.27 -13.09 89.77
C GLN P 43 42.62 -12.53 91.14
N THR P 44 43.63 -13.13 91.79
CA THR P 44 44.05 -12.74 93.14
C THR P 44 45.45 -13.27 93.46
N THR P 45 45.99 -12.88 94.61
CA THR P 45 47.41 -13.05 94.94
C THR P 45 47.61 -13.35 96.43
N ASN P 46 48.77 -13.93 96.78
CA ASN P 46 48.93 -14.65 98.05
C ASN P 46 49.83 -14.09 99.16
N GLY P 47 51.15 -13.93 98.92
CA GLY P 47 52.14 -13.99 99.98
C GLY P 47 52.77 -12.67 100.42
N TYR P 48 53.58 -12.77 101.48
CA TYR P 48 53.93 -11.67 102.38
C TYR P 48 55.40 -11.26 102.30
N ILE P 49 55.66 -9.97 102.57
CA ILE P 49 56.99 -9.37 102.60
C ILE P 49 56.94 -8.19 103.57
N THR P 50 58.09 -7.70 104.06
CA THR P 50 58.03 -6.68 105.13
C THR P 50 58.89 -5.43 105.24
N THR P 51 58.26 -4.26 105.16
CA THR P 51 58.94 -3.00 105.45
C THR P 51 57.70 -2.17 105.71
N GLY P 52 57.70 -1.23 106.63
CA GLY P 52 56.51 -0.57 107.15
C GLY P 52 55.73 0.21 106.11
N GLY P 53 54.44 0.39 106.39
CA GLY P 53 53.59 1.34 105.67
C GLY P 53 52.19 0.88 105.28
N VAL P 54 52.02 -0.39 104.93
CA VAL P 54 50.84 -0.89 104.22
C VAL P 54 50.59 -2.32 104.68
N GLN P 55 49.66 -3.04 104.05
CA GLN P 55 49.63 -4.48 104.16
C GLN P 55 50.23 -5.14 102.92
N VAL P 56 50.67 -6.40 103.06
CA VAL P 56 51.49 -7.07 102.05
C VAL P 56 50.83 -8.38 101.63
N GLY P 57 51.18 -8.83 100.43
CA GLY P 57 50.48 -9.90 99.76
C GLY P 57 51.01 -9.99 98.34
N THR P 58 51.22 -11.22 97.87
CA THR P 58 51.97 -11.43 96.64
C THR P 58 51.58 -12.75 95.99
N GLY P 59 51.74 -12.83 94.67
CA GLY P 59 51.58 -14.08 93.95
C GLY P 59 50.51 -13.98 92.87
N THR P 60 49.98 -15.13 92.49
CA THR P 60 48.88 -15.22 91.56
C THR P 60 47.87 -16.25 92.06
N ALA P 61 46.60 -15.98 91.81
CA ALA P 61 45.53 -16.91 92.15
C ALA P 61 44.27 -16.49 91.41
N VAL P 62 43.41 -17.46 91.14
CA VAL P 62 42.23 -17.25 90.31
C VAL P 62 41.05 -16.92 91.21
N GLU P 63 40.09 -16.18 90.65
CA GLU P 63 38.89 -15.79 91.37
C GLU P 63 37.69 -16.00 90.45
N SER P 64 36.53 -16.18 91.07
CA SER P 64 35.38 -16.83 90.44
C SER P 64 34.91 -16.13 89.17
N ILE P 65 33.89 -16.73 88.56
CA ILE P 65 33.35 -16.30 87.27
C ILE P 65 31.92 -15.81 87.49
N VAL P 66 31.54 -14.74 86.80
CA VAL P 66 30.31 -14.02 87.14
C VAL P 66 29.67 -13.44 85.88
N ARG P 67 28.38 -13.10 85.99
CA ARG P 67 27.65 -12.43 84.94
C ARG P 67 26.58 -11.53 85.54
N LEU P 68 26.35 -10.39 84.88
CA LEU P 68 25.29 -9.46 85.27
C LEU P 68 25.07 -8.48 84.14
N HIS P 69 23.81 -8.15 83.89
CA HIS P 69 23.46 -7.15 82.90
C HIS P 69 22.22 -6.40 83.36
N ASP P 70 21.60 -5.65 82.46
CA ASP P 70 20.30 -5.05 82.75
C ASP P 70 19.27 -6.17 82.72
N GLU P 71 19.12 -6.83 83.87
CA GLU P 71 18.22 -7.98 83.93
C GLU P 71 16.85 -7.62 83.36
N TYR P 72 16.33 -6.46 83.72
CA TYR P 72 14.97 -6.12 83.32
C TYR P 72 14.90 -5.75 81.84
N SER P 73 16.02 -5.33 81.23
CA SER P 73 16.02 -5.17 79.78
C SER P 73 15.45 -6.41 79.12
N TYR P 74 15.85 -7.57 79.61
CA TYR P 74 15.20 -8.81 79.20
C TYR P 74 13.72 -8.77 79.53
N TYR P 75 13.37 -8.29 80.72
CA TYR P 75 11.96 -8.09 81.04
C TYR P 75 11.31 -7.09 80.09
N LYS P 76 12.02 -5.99 79.79
CA LYS P 76 11.48 -5.01 78.87
C LYS P 76 11.10 -5.65 77.54
N LEU P 77 12.03 -6.36 76.94
CA LEU P 77 11.77 -6.96 75.64
C LEU P 77 10.83 -8.16 75.74
N LYS P 78 10.84 -8.85 76.88
CA LYS P 78 9.93 -9.97 77.05
C LYS P 78 8.48 -9.51 76.99
N GLY P 79 8.18 -8.36 77.58
CA GLY P 79 6.84 -7.81 77.44
C GLY P 79 6.46 -7.59 75.98
N ALA P 80 7.41 -7.08 75.19
CA ALA P 80 7.15 -6.90 73.76
C ALA P 80 6.87 -8.24 73.09
N SER P 81 7.69 -9.25 73.38
CA SER P 81 7.50 -10.55 72.77
C SER P 81 6.07 -11.05 72.97
N ASN P 82 5.48 -10.71 74.12
CA ASN P 82 4.10 -11.08 74.37
C ASN P 82 3.18 -10.59 73.26
N GLN P 83 3.12 -9.27 73.06
CA GLN P 83 2.10 -8.73 72.17
C GLN P 83 2.41 -8.98 70.70
N LEU P 84 3.67 -9.19 70.35
CA LEU P 84 3.95 -9.60 68.98
C LEU P 84 3.21 -10.89 68.66
N GLU P 85 3.24 -11.84 69.58
CA GLU P 85 2.38 -13.02 69.47
C GLU P 85 0.93 -12.60 69.30
N TYR P 86 0.48 -11.66 70.12
CA TYR P 86 -0.90 -11.19 70.04
C TYR P 86 -1.24 -10.74 68.62
N THR P 87 -0.42 -9.86 68.05
CA THR P 87 -0.77 -9.28 66.76
C THR P 87 -0.56 -10.26 65.62
N LYS P 88 0.62 -10.90 65.57
CA LYS P 88 0.96 -11.72 64.41
C LYS P 88 -0.06 -12.83 64.23
N TYR P 89 -0.45 -13.49 65.32
CA TYR P 89 -1.49 -14.50 65.26
C TYR P 89 -2.81 -13.91 64.78
N MET P 90 -3.21 -12.76 65.34
CA MET P 90 -4.39 -12.08 64.84
C MET P 90 -4.26 -11.70 63.36
N ALA P 91 -3.13 -11.11 62.97
CA ALA P 91 -3.00 -10.70 61.58
C ALA P 91 -3.20 -11.89 60.65
N SER P 92 -2.44 -12.97 60.89
CA SER P 92 -2.65 -14.20 60.14
C SER P 92 -4.11 -14.63 60.19
N THR P 93 -4.74 -14.49 61.36
CA THR P 93 -6.14 -14.88 61.49
C THR P 93 -7.02 -14.13 60.50
N LEU P 94 -6.87 -12.81 60.44
CA LEU P 94 -7.73 -12.02 59.57
C LEU P 94 -7.50 -12.37 58.10
N GLN P 95 -6.25 -12.57 57.70
CA GLN P 95 -6.00 -12.97 56.31
C GLN P 95 -6.72 -14.26 55.98
N GLU P 96 -6.70 -15.22 56.90
CA GLU P 96 -7.53 -16.42 56.75
C GLU P 96 -8.98 -16.02 56.52
N ILE P 97 -9.50 -15.12 57.36
CA ILE P 97 -10.89 -14.69 57.24
C ILE P 97 -11.11 -14.04 55.88
N ALA P 98 -10.20 -13.16 55.47
CA ALA P 98 -10.37 -12.46 54.20
C ALA P 98 -10.45 -13.44 53.04
N GLN P 99 -9.66 -14.51 53.09
CA GLN P 99 -9.63 -15.47 52.00
C GLN P 99 -10.95 -16.20 51.85
N ARG P 100 -11.80 -16.18 52.87
CA ARG P 100 -13.00 -17.00 52.84
C ARG P 100 -13.94 -16.54 51.73
N PHE P 101 -14.09 -15.23 51.58
CA PHE P 101 -15.02 -14.69 50.60
C PHE P 101 -14.32 -13.56 49.86
N PRO P 102 -13.31 -13.91 49.06
CA PRO P 102 -12.54 -12.86 48.36
C PRO P 102 -13.36 -12.24 47.26
N ASP P 103 -13.03 -11.02 46.84
CA ASP P 103 -13.73 -10.38 45.74
C ASP P 103 -13.79 -11.31 44.57
N LEU P 104 -12.77 -12.17 44.44
CA LEU P 104 -12.75 -13.13 43.36
C LEU P 104 -14.08 -13.83 43.36
N GLN P 105 -14.54 -14.22 44.55
CA GLN P 105 -15.83 -14.89 44.67
C GLN P 105 -16.90 -13.92 45.13
N ASN P 106 -16.49 -12.88 45.85
CA ASN P 106 -17.44 -11.91 46.38
C ASN P 106 -18.10 -11.11 45.28
N THR P 107 -17.30 -10.60 44.36
CA THR P 107 -17.84 -9.85 43.25
C THR P 107 -18.61 -10.83 42.39
N GLY P 108 -18.09 -12.04 42.27
CA GLY P 108 -18.75 -13.05 41.48
C GLY P 108 -20.06 -13.48 42.11
N ILE P 109 -20.08 -13.65 43.42
CA ILE P 109 -21.27 -14.16 44.09
C ILE P 109 -22.35 -13.09 44.22
N LEU P 110 -21.96 -11.82 44.33
CA LEU P 110 -22.97 -10.77 44.35
C LEU P 110 -23.58 -10.67 42.98
N GLN P 111 -22.77 -10.89 41.95
CA GLN P 111 -23.27 -10.86 40.59
C GLN P 111 -24.06 -12.13 40.33
N ASP P 112 -23.74 -13.19 41.05
CA ASP P 112 -24.49 -14.42 40.93
C ASP P 112 -25.82 -14.13 41.56
N LEU P 113 -25.79 -13.39 42.65
CA LEU P 113 -27.04 -13.00 43.29
C LEU P 113 -27.75 -12.02 42.38
N GLU P 114 -26.96 -11.31 41.58
CA GLU P 114 -27.52 -10.31 40.71
C GLU P 114 -28.30 -10.99 39.62
N ASN P 115 -27.85 -12.17 39.18
CA ASN P 115 -28.52 -12.89 38.09
C ASN P 115 -29.63 -13.68 38.71
N TYR P 116 -29.54 -13.89 40.00
CA TYR P 116 -30.61 -14.54 40.71
C TYR P 116 -31.71 -13.53 40.55
N ASN P 117 -31.36 -12.26 40.72
CA ASN P 117 -32.35 -11.20 40.60
C ASN P 117 -32.77 -11.01 39.15
N LYS P 118 -31.84 -11.27 38.24
CA LYS P 118 -32.09 -11.02 36.83
C LYS P 118 -32.93 -12.11 36.26
N ALA P 119 -32.72 -13.35 36.74
CA ALA P 119 -33.66 -14.33 36.21
C ALA P 119 -35.10 -13.94 36.52
N TRP P 120 -35.35 -13.29 37.66
CA TRP P 120 -36.69 -12.78 37.94
C TRP P 120 -37.15 -11.86 36.82
N ASN P 121 -36.29 -10.92 36.44
CA ASN P 121 -36.62 -10.01 35.36
C ASN P 121 -36.97 -10.78 34.09
N ASP P 122 -36.22 -11.84 33.80
CA ASP P 122 -36.49 -12.63 32.62
C ASP P 122 -37.80 -13.39 32.75
N PHE P 123 -38.01 -14.05 33.89
CA PHE P 123 -39.29 -14.73 34.09
C PHE P 123 -40.44 -13.73 34.14
N ALA P 124 -40.19 -12.53 34.67
CA ALA P 124 -41.18 -11.47 34.54
C ALA P 124 -41.46 -11.19 33.08
N SER P 125 -40.40 -11.12 32.27
CA SER P 125 -40.57 -10.93 30.84
C SER P 125 -41.10 -12.18 30.16
N ASN P 126 -40.92 -13.35 30.79
CA ASN P 126 -41.42 -14.62 30.26
C ASN P 126 -42.20 -15.33 31.38
N PRO P 127 -43.34 -14.76 31.77
CA PRO P 127 -44.07 -15.31 32.92
C PRO P 127 -44.55 -16.75 32.72
N ASN P 128 -44.62 -17.22 31.48
CA ASN P 128 -45.20 -18.54 31.21
C ASN P 128 -44.18 -19.66 31.38
N GLU P 129 -43.06 -19.57 30.68
CA GLU P 129 -42.20 -20.73 30.50
C GLU P 129 -41.58 -21.18 31.82
N ASN P 130 -41.75 -22.46 32.13
CA ASN P 130 -41.10 -23.04 33.29
C ASN P 130 -39.58 -23.01 33.16
N ALA P 131 -39.08 -23.12 31.93
CA ALA P 131 -37.64 -23.05 31.73
C ALA P 131 -37.05 -21.82 32.40
N THR P 132 -37.69 -20.66 32.20
CA THR P 132 -37.21 -19.45 32.86
C THR P 132 -37.30 -19.61 34.37
N LYS P 133 -38.39 -20.21 34.86
CA LYS P 133 -38.42 -20.59 36.28
C LYS P 133 -37.21 -21.44 36.62
N ILE P 134 -37.07 -22.57 35.92
CA ILE P 134 -35.99 -23.52 36.22
C ILE P 134 -34.67 -22.79 36.34
N ALA P 135 -34.32 -22.00 35.31
CA ALA P 135 -33.12 -21.19 35.39
C ALA P 135 -33.18 -20.27 36.61
N LEU P 136 -34.32 -19.61 36.81
CA LEU P 136 -34.46 -18.73 37.96
C LEU P 136 -34.35 -19.50 39.26
N VAL P 137 -35.02 -20.65 39.35
CA VAL P 137 -35.00 -21.42 40.59
C VAL P 137 -33.56 -21.74 40.99
N LYS P 138 -32.77 -22.25 40.05
CA LYS P 138 -31.42 -22.67 40.41
C LYS P 138 -30.65 -21.51 41.02
N ALA P 139 -30.74 -20.33 40.40
CA ALA P 139 -30.12 -19.15 40.98
C ALA P 139 -30.62 -18.95 42.40
N SER P 140 -31.90 -19.22 42.66
CA SER P 140 -32.45 -19.04 43.99
C SER P 140 -31.68 -19.87 45.01
N GLN P 141 -31.80 -21.20 44.93
CA GLN P 141 -31.11 -22.03 45.90
C GLN P 141 -29.60 -21.94 45.72
N THR P 142 -29.13 -21.55 44.53
CA THR P 142 -27.72 -21.28 44.37
C THR P 142 -27.26 -20.29 45.43
N LEU P 143 -28.04 -19.23 45.62
CA LEU P 143 -27.79 -18.32 46.73
C LEU P 143 -27.85 -19.04 48.06
N THR P 144 -28.94 -19.80 48.30
CA THR P 144 -29.08 -20.46 49.59
C THR P 144 -27.95 -21.45 49.81
N GLU P 145 -27.55 -22.17 48.76
CA GLU P 145 -26.43 -23.08 48.87
C GLU P 145 -25.22 -22.35 49.43
N SER P 146 -24.79 -21.28 48.76
CA SER P 146 -23.69 -20.47 49.27
C SER P 146 -23.98 -20.00 50.68
N VAL P 147 -25.21 -19.53 50.93
CA VAL P 147 -25.57 -19.08 52.27
C VAL P 147 -25.28 -20.16 53.29
N ASN P 148 -25.75 -21.38 53.02
CA ASN P 148 -25.46 -22.47 53.94
C ASN P 148 -23.98 -22.82 53.93
N ASN P 149 -23.32 -22.65 52.79
CA ASN P 149 -21.88 -22.91 52.72
C ASN P 149 -21.13 -22.03 53.72
N THR P 150 -21.39 -20.72 53.67
CA THR P 150 -20.70 -19.81 54.57
C THR P 150 -21.04 -20.11 56.03
N PHE P 151 -22.32 -20.26 56.34
CA PHE P 151 -22.71 -20.47 57.74
C PHE P 151 -21.91 -21.61 58.35
N ALA P 152 -21.87 -22.75 57.67
CA ALA P 152 -21.03 -23.84 58.14
C ALA P 152 -19.56 -23.45 58.15
N THR P 153 -19.14 -22.63 57.17
CA THR P 153 -17.73 -22.30 57.05
C THR P 153 -17.21 -21.59 58.30
N LEU P 154 -18.01 -20.72 58.90
CA LEU P 154 -17.53 -19.98 60.06
C LEU P 154 -17.52 -20.87 61.30
N ASP P 155 -18.54 -21.72 61.45
CA ASP P 155 -18.64 -22.53 62.65
C ASP P 155 -17.44 -23.45 62.78
N LYS P 156 -17.10 -24.17 61.72
CA LYS P 156 -15.93 -25.02 61.74
C LYS P 156 -14.69 -24.22 62.10
N ILE P 157 -14.51 -23.07 61.46
CA ILE P 157 -13.35 -22.23 61.75
C ILE P 157 -13.35 -21.84 63.22
N GLN P 158 -14.49 -21.39 63.72
CA GLN P 158 -14.59 -21.15 65.15
C GLN P 158 -14.14 -22.36 65.94
N LYS P 159 -14.64 -23.54 65.58
CA LYS P 159 -14.38 -24.71 66.40
C LYS P 159 -12.91 -25.07 66.38
N LYS P 160 -12.32 -25.19 65.19
CA LYS P 160 -10.89 -25.50 65.13
C LYS P 160 -10.10 -24.49 65.94
N VAL P 161 -10.38 -23.20 65.74
CA VAL P 161 -9.69 -22.17 66.52
C VAL P 161 -9.84 -22.46 68.01
N ASN P 162 -11.07 -22.74 68.45
CA ASN P 162 -11.26 -23.07 69.86
C ASN P 162 -10.37 -24.23 70.27
N ASP P 163 -10.31 -25.27 69.45
CA ASP P 163 -9.51 -26.44 69.79
C ASP P 163 -8.03 -26.17 69.57
N ASP P 164 -7.68 -25.46 68.49
CA ASP P 164 -6.29 -25.06 68.30
C ASP P 164 -5.77 -24.32 69.52
N ILE P 165 -6.61 -23.46 70.10
CA ILE P 165 -6.21 -22.71 71.28
C ILE P 165 -5.93 -23.63 72.46
N LYS P 166 -6.81 -24.60 72.69
CA LYS P 166 -6.61 -25.53 73.80
C LYS P 166 -5.24 -26.18 73.74
N ASN P 167 -4.81 -26.61 72.56
CA ASN P 167 -3.46 -27.14 72.42
C ASN P 167 -2.46 -26.23 73.10
N THR P 168 -2.46 -24.95 72.73
CA THR P 168 -1.57 -23.98 73.36
C THR P 168 -1.63 -24.09 74.87
N VAL P 169 -2.83 -24.15 75.43
CA VAL P 169 -2.99 -24.35 76.86
C VAL P 169 -2.34 -25.65 77.29
N ASP P 170 -2.61 -26.71 76.54
CA ASP P 170 -2.11 -28.03 76.93
C ASP P 170 -0.59 -28.06 76.88
N GLU P 171 0.02 -27.51 75.83
CA GLU P 171 1.47 -27.38 75.85
C GLU P 171 1.90 -26.49 77.00
N ILE P 172 1.10 -25.48 77.32
CA ILE P 172 1.43 -24.63 78.46
C ILE P 172 1.30 -25.40 79.76
N ASN P 173 0.30 -26.29 79.86
CA ASN P 173 0.14 -27.09 81.06
C ASN P 173 1.41 -27.88 81.35
N LYS P 174 1.89 -28.63 80.35
CA LYS P 174 3.14 -29.38 80.52
C LYS P 174 4.31 -28.44 80.77
N ILE P 175 4.30 -27.27 80.12
CA ILE P 175 5.38 -26.31 80.29
C ILE P 175 5.48 -25.88 81.74
N GLY P 176 4.36 -25.73 82.43
CA GLY P 176 4.39 -25.33 83.83
C GLY P 176 5.23 -26.27 84.67
N GLU P 177 5.01 -27.58 84.50
CA GLU P 177 5.88 -28.55 85.14
C GLU P 177 7.30 -28.47 84.58
N GLU P 178 7.43 -28.36 83.26
CA GLU P 178 8.75 -28.33 82.65
C GLU P 178 9.59 -27.21 83.24
N ILE P 179 9.06 -26.00 83.27
CA ILE P 179 9.79 -24.88 83.84
C ILE P 179 10.00 -25.10 85.34
N ALA P 180 8.96 -25.55 86.03
CA ALA P 180 9.12 -25.89 87.45
C ALA P 180 10.21 -26.94 87.64
N THR P 181 10.45 -27.75 86.62
CA THR P 181 11.43 -28.82 86.76
C THR P 181 12.84 -28.26 86.94
N ILE P 182 13.21 -27.25 86.16
CA ILE P 182 14.61 -26.83 86.13
C ILE P 182 15.06 -26.35 87.50
N ASN P 183 14.25 -25.52 88.16
CA ASN P 183 14.65 -24.99 89.45
C ASN P 183 14.69 -26.08 90.52
N LYS P 184 14.15 -27.26 90.24
CA LYS P 184 14.41 -28.39 91.12
C LYS P 184 15.89 -28.61 91.30
N GLN P 185 16.66 -28.56 90.21
CA GLN P 185 18.09 -28.78 90.36
C GLN P 185 18.68 -27.74 91.28
N ILE P 186 18.28 -26.49 91.10
CA ILE P 186 19.00 -25.36 91.66
C ILE P 186 19.10 -25.46 93.16
N TYR P 187 18.10 -26.04 93.82
CA TYR P 187 17.99 -25.84 95.25
C TYR P 187 17.24 -27.00 95.88
N GLY P 188 17.38 -27.08 97.20
CA GLY P 188 16.72 -28.10 98.01
C GLY P 188 17.03 -27.81 99.47
N GLN P 189 16.55 -28.70 100.34
CA GLN P 189 16.83 -28.52 101.76
C GLN P 189 18.17 -29.14 102.11
N GLU P 190 19.20 -28.91 101.28
CA GLU P 190 20.56 -29.26 101.65
C GLU P 190 21.57 -28.18 101.29
N ALA P 191 21.43 -27.53 100.13
CA ALA P 191 22.50 -26.70 99.60
C ALA P 191 22.07 -26.06 98.28
N LEU P 192 22.88 -25.09 97.83
CA LEU P 192 22.79 -24.48 96.50
C LEU P 192 24.15 -23.89 96.13
N PRO P 193 24.89 -24.47 95.18
CA PRO P 193 26.14 -23.84 94.73
C PRO P 193 25.94 -22.77 93.65
N THR P 194 27.05 -22.17 93.21
CA THR P 194 26.96 -20.93 92.44
C THR P 194 26.85 -21.18 90.94
N GLU P 195 27.69 -22.07 90.39
CA GLU P 195 27.92 -22.06 88.95
C GLU P 195 26.63 -22.31 88.16
N HIS P 196 25.82 -23.29 88.59
CA HIS P 196 24.61 -23.58 87.83
C HIS P 196 23.63 -22.43 87.91
N ALA P 197 23.79 -21.53 88.89
CA ALA P 197 22.97 -20.33 88.92
C ALA P 197 23.13 -19.53 87.63
N ASN P 198 24.36 -19.46 87.11
CA ASN P 198 24.58 -18.82 85.82
C ASN P 198 23.82 -19.53 84.72
N GLU P 199 24.18 -20.79 84.45
CA GLU P 199 23.71 -21.46 83.24
C GLU P 199 22.23 -21.80 83.33
N LEU P 200 21.79 -22.36 84.45
CA LEU P 200 20.37 -22.71 84.55
C LEU P 200 19.49 -21.47 84.46
N ARG P 201 19.95 -20.34 84.99
CA ARG P 201 19.34 -19.08 84.58
C ARG P 201 19.37 -18.98 83.06
N ASP P 202 20.55 -19.15 82.46
CA ASP P 202 20.69 -18.98 81.02
C ASP P 202 19.67 -19.85 80.27
N ARG P 203 19.62 -21.14 80.59
CA ARG P 203 18.68 -22.00 79.88
C ARG P 203 17.24 -21.59 80.14
N ARG P 204 16.86 -21.46 81.42
CA ARG P 204 15.49 -21.14 81.74
C ARG P 204 15.18 -19.65 81.56
N ASP P 205 16.21 -18.81 81.39
CA ASP P 205 15.96 -17.43 81.01
C ASP P 205 15.09 -17.38 79.77
N GLU P 206 15.45 -18.15 78.74
CA GLU P 206 14.66 -18.17 77.52
C GLU P 206 13.23 -18.60 77.80
N LEU P 207 13.07 -19.65 78.60
CA LEU P 207 11.72 -20.17 78.86
C LEU P 207 10.82 -19.06 79.39
N GLU P 208 11.38 -18.13 80.15
CA GLU P 208 10.62 -16.94 80.55
C GLU P 208 10.16 -16.17 79.32
N LEU P 209 11.07 -15.91 78.39
CA LEU P 209 10.69 -15.30 77.12
C LEU P 209 9.66 -16.15 76.39
N THR P 210 9.90 -17.45 76.30
CA THR P 210 8.93 -18.34 75.67
C THR P 210 7.56 -18.13 76.29
N LEU P 211 7.50 -18.13 77.62
CA LEU P 211 6.23 -17.87 78.30
C LEU P 211 5.74 -16.46 78.00
N SER P 212 6.63 -15.47 78.06
CA SER P 212 6.21 -14.10 77.83
C SER P 212 5.56 -13.95 76.47
N LYS P 213 6.15 -14.56 75.44
CA LYS P 213 5.50 -14.63 74.15
C LYS P 213 4.03 -15.01 74.31
N LEU P 214 3.78 -16.18 74.88
CA LEU P 214 2.43 -16.72 74.91
C LEU P 214 1.51 -15.88 75.79
N VAL P 215 1.95 -15.59 77.02
CA VAL P 215 1.04 -15.10 78.05
C VAL P 215 1.79 -14.10 78.91
N SER P 216 1.03 -13.26 79.62
CA SER P 216 1.58 -12.20 80.45
C SER P 216 1.91 -12.70 81.85
N ALA P 217 3.06 -13.38 81.97
CA ALA P 217 3.51 -13.87 83.25
C ALA P 217 4.40 -12.84 83.95
N VAL P 218 4.54 -13.00 85.27
CA VAL P 218 5.36 -12.11 86.08
C VAL P 218 5.94 -12.91 87.24
N ALA P 219 7.15 -12.54 87.66
CA ALA P 219 7.86 -13.29 88.69
C ALA P 219 8.87 -12.40 89.38
N SER P 220 9.54 -12.96 90.39
CA SER P 220 10.53 -12.25 91.18
C SER P 220 11.87 -12.98 91.13
N LYS P 221 12.95 -12.23 91.37
CA LYS P 221 14.30 -12.78 91.32
C LYS P 221 15.19 -11.99 92.28
N ASN P 222 16.04 -12.72 93.02
CA ASN P 222 16.94 -12.13 94.00
C ASN P 222 18.26 -12.90 94.00
N GLU P 223 19.37 -12.18 94.19
CA GLU P 223 20.69 -12.69 93.84
C GLU P 223 21.38 -13.37 95.02
N ILE P 224 22.26 -14.32 94.70
CA ILE P 224 23.00 -15.07 95.72
C ILE P 224 24.28 -15.64 95.11
N ASN P 225 25.24 -15.99 95.96
CA ASN P 225 26.44 -16.76 95.56
C ASN P 225 26.88 -17.58 96.76
N GLN P 226 28.11 -18.10 96.70
CA GLN P 226 28.64 -18.91 97.80
C GLN P 226 30.15 -18.80 97.89
N ASP P 227 30.66 -19.18 99.07
CA ASP P 227 32.09 -19.24 99.36
C ASP P 227 32.32 -20.35 100.39
N ASN P 228 33.47 -20.34 101.08
CA ASN P 228 33.88 -21.49 101.90
C ASN P 228 34.33 -20.97 103.27
N ARG P 229 35.12 -21.79 103.98
CA ARG P 229 35.29 -21.73 105.44
C ARG P 229 33.98 -22.13 106.14
N LEU P 230 33.48 -23.30 105.76
CA LEU P 230 32.23 -23.83 106.28
C LEU P 230 32.25 -23.99 107.80
N ASP P 231 31.06 -24.10 108.37
CA ASP P 231 30.85 -24.37 109.79
C ASP P 231 29.54 -25.13 109.88
N THR P 232 28.86 -25.08 111.02
CA THR P 232 27.58 -25.76 111.12
C THR P 232 26.62 -25.04 110.17
N THR P 233 26.79 -25.32 108.87
CA THR P 233 26.21 -24.50 107.81
C THR P 233 25.44 -25.39 106.84
N ILE P 234 24.20 -25.01 106.55
CA ILE P 234 23.36 -25.72 105.58
C ILE P 234 22.36 -24.71 105.04
N THR P 235 21.71 -25.05 103.92
CA THR P 235 20.83 -24.07 103.26
C THR P 235 19.35 -24.34 103.13
N ASP P 236 18.52 -23.32 103.38
CA ASP P 236 17.09 -23.43 103.15
C ASP P 236 17.01 -22.43 102.03
N PRO P 237 16.79 -22.89 100.79
CA PRO P 237 16.88 -21.95 99.65
C PRO P 237 15.64 -21.36 98.95
N GLY P 238 14.56 -21.05 99.65
CA GLY P 238 13.47 -20.34 98.97
C GLY P 238 13.79 -18.97 98.41
N HIS P 239 14.99 -18.44 98.71
CA HIS P 239 15.23 -17.00 98.55
C HIS P 239 14.92 -16.46 97.16
N GLN P 240 15.47 -17.15 96.15
CA GLN P 240 15.43 -16.64 94.78
C GLN P 240 14.18 -16.13 94.12
N TYR P 241 13.19 -16.99 93.93
CA TYR P 241 12.08 -16.55 93.11
C TYR P 241 10.68 -17.07 93.30
N ASN P 242 9.73 -16.37 92.72
CA ASN P 242 8.34 -16.80 92.68
C ASN P 242 7.71 -16.25 91.42
N LEU P 243 6.64 -16.90 90.97
CA LEU P 243 5.91 -16.53 89.75
C LEU P 243 4.55 -15.99 90.13
N SER P 244 4.25 -14.77 89.70
CA SER P 244 2.97 -14.13 89.95
C SER P 244 2.09 -14.25 88.72
N ILE P 245 0.83 -14.63 88.94
CA ILE P 245 -0.07 -14.95 87.82
C ILE P 245 -1.47 -14.37 88.03
N GLU P 246 -1.80 -13.32 87.28
CA GLU P 246 -3.18 -12.91 87.06
C GLU P 246 -3.95 -12.56 88.32
N GLY P 247 -3.27 -12.51 89.47
CA GLY P 247 -3.95 -12.22 90.72
C GLY P 247 -3.47 -13.11 91.84
N PHE P 248 -2.76 -14.18 91.50
CA PHE P 248 -2.13 -15.03 92.49
C PHE P 248 -0.89 -15.64 91.87
N SER P 249 0.07 -16.00 92.72
CA SER P 249 1.35 -16.51 92.28
C SER P 249 1.35 -18.03 92.35
N ILE P 250 1.60 -18.68 91.23
CA ILE P 250 1.58 -20.14 91.21
C ILE P 250 2.82 -20.69 90.50
N VAL P 251 3.84 -21.02 91.30
CA VAL P 251 4.81 -22.03 90.92
C VAL P 251 5.66 -22.29 92.15
N ASP P 252 6.16 -23.50 92.28
CA ASP P 252 7.33 -23.75 93.09
C ASP P 252 8.46 -24.11 92.14
N GLY P 253 9.62 -23.48 92.35
CA GLY P 253 10.77 -23.86 91.54
C GLY P 253 11.01 -25.35 91.52
N ILE P 254 10.34 -26.11 92.39
CA ILE P 254 10.39 -27.57 92.32
C ILE P 254 9.09 -28.18 91.83
N ASN P 255 8.07 -27.38 91.50
CA ASN P 255 6.78 -27.99 91.21
C ASN P 255 5.82 -26.98 90.59
N PHE P 256 4.90 -27.48 89.77
CA PHE P 256 3.76 -26.74 89.26
C PHE P 256 2.56 -27.19 90.12
N HIS P 257 1.33 -26.94 89.68
CA HIS P 257 0.21 -26.82 90.61
C HIS P 257 -1.10 -27.24 89.97
N PRO P 258 -2.14 -27.51 90.78
CA PRO P 258 -3.44 -28.03 90.32
C PRO P 258 -4.38 -27.01 89.65
N LEU P 259 -4.18 -26.84 88.35
CA LEU P 259 -5.06 -26.06 87.50
C LEU P 259 -5.96 -26.97 86.66
N LYS P 260 -7.17 -26.50 86.40
CA LYS P 260 -8.10 -27.20 85.51
C LYS P 260 -8.51 -26.31 84.35
N LEU P 261 -8.46 -26.90 83.16
CA LEU P 261 -9.25 -26.47 82.02
C LEU P 261 -10.26 -27.59 81.72
N ASP P 262 -11.51 -27.23 81.49
CA ASP P 262 -12.50 -28.25 81.19
C ASP P 262 -13.59 -27.76 80.27
N TYR P 263 -14.19 -28.72 79.58
CA TYR P 263 -15.49 -28.66 78.95
C TYR P 263 -16.39 -29.71 79.62
N ASP P 264 -17.67 -29.69 79.27
CA ASP P 264 -18.49 -30.89 79.43
C ASP P 264 -19.31 -31.14 78.17
N ASP P 265 -19.75 -30.06 77.54
CA ASP P 265 -20.69 -30.08 76.43
C ASP P 265 -20.28 -31.01 75.29
N LYS P 266 -21.26 -31.47 74.52
CA LYS P 266 -20.98 -32.14 73.26
C LYS P 266 -20.00 -31.34 72.42
N ASN P 267 -20.09 -30.02 72.46
CA ASN P 267 -19.25 -29.16 71.65
C ASN P 267 -17.87 -28.97 72.23
N LYS P 268 -17.60 -29.52 73.42
CA LYS P 268 -16.27 -29.51 74.00
C LYS P 268 -15.71 -28.09 74.05
N SER P 269 -16.45 -27.23 74.73
CA SER P 269 -16.10 -25.83 74.90
C SER P 269 -15.35 -25.68 76.21
N TYR P 270 -14.22 -24.99 76.18
CA TYR P 270 -13.24 -25.04 77.25
C TYR P 270 -13.30 -23.82 78.15
N SER P 271 -12.86 -24.01 79.39
CA SER P 271 -12.71 -22.94 80.36
C SER P 271 -11.64 -23.36 81.36
N ILE P 272 -11.05 -22.38 82.04
CA ILE P 272 -9.84 -22.59 82.81
C ILE P 272 -10.06 -22.09 84.23
N TYR P 273 -9.52 -22.84 85.18
CA TYR P 273 -9.87 -22.59 86.55
C TYR P 273 -9.00 -23.03 87.65
N TYR P 274 -9.31 -22.57 88.85
CA TYR P 274 -8.69 -23.12 90.01
C TYR P 274 -9.92 -23.90 90.49
N GLU P 275 -9.77 -24.86 91.37
CA GLU P 275 -10.85 -25.75 91.75
C GLU P 275 -11.30 -25.41 93.18
N THR P 276 -12.52 -24.92 93.31
CA THR P 276 -13.15 -24.69 94.61
C THR P 276 -14.64 -24.92 94.46
N PRO P 277 -15.15 -26.09 94.85
CA PRO P 277 -16.60 -26.31 94.78
C PRO P 277 -17.33 -25.63 95.93
N ASP P 278 -16.99 -24.38 96.20
CA ASP P 278 -17.57 -23.62 97.30
C ASP P 278 -18.87 -22.98 96.86
N GLU P 279 -19.89 -23.81 96.59
CA GLU P 279 -21.10 -23.38 95.89
C GLU P 279 -20.75 -22.45 94.74
N LYS P 280 -19.57 -22.69 94.17
CA LYS P 280 -18.90 -21.80 93.22
C LYS P 280 -17.71 -22.54 92.64
N VAL P 281 -16.91 -21.86 91.83
CA VAL P 281 -15.65 -22.41 91.31
C VAL P 281 -14.75 -21.23 90.98
N ARG P 282 -13.44 -21.47 90.95
CA ARG P 282 -12.49 -20.46 90.49
C ARG P 282 -12.18 -20.68 89.03
N ASP P 283 -12.77 -19.87 88.17
CA ASP P 283 -12.41 -19.83 86.75
C ASP P 283 -11.49 -18.64 86.51
N LEU P 284 -10.53 -18.82 85.61
CA LEU P 284 -9.51 -17.82 85.37
C LEU P 284 -9.64 -17.17 84.00
N THR P 285 -10.46 -17.73 83.11
CA THR P 285 -10.73 -17.10 81.83
C THR P 285 -11.15 -15.65 82.00
N ALA P 286 -11.84 -15.34 83.10
CA ALA P 286 -12.44 -14.04 83.34
C ALA P 286 -11.46 -12.89 83.06
N LYS P 287 -10.17 -13.11 83.31
CA LYS P 287 -9.20 -12.02 83.23
C LYS P 287 -7.96 -12.34 82.42
N ILE P 288 -7.71 -13.61 82.06
CA ILE P 288 -6.42 -14.01 81.51
C ILE P 288 -6.01 -13.09 80.37
N SER P 289 -4.77 -12.63 80.44
CA SER P 289 -4.20 -11.73 79.44
C SER P 289 -2.84 -12.25 79.01
N GLY P 290 -2.40 -11.85 77.83
CA GLY P 290 -1.11 -12.24 77.33
C GLY P 290 -1.07 -12.22 75.83
N GLY P 291 0.04 -12.70 75.27
CA GLY P 291 0.30 -12.54 73.86
C GLY P 291 -0.62 -13.34 72.97
N GLN P 292 -0.42 -14.66 72.92
CA GLN P 292 -1.35 -15.50 72.19
C GLN P 292 -2.63 -15.69 72.98
N LEU P 293 -2.50 -15.95 74.27
CA LEU P 293 -3.65 -16.37 75.06
C LEU P 293 -4.68 -15.26 75.19
N GLY P 294 -4.23 -14.02 75.40
CA GLY P 294 -5.15 -12.91 75.32
C GLY P 294 -5.75 -12.79 73.92
N ALA P 295 -4.92 -12.90 72.89
CA ALA P 295 -5.43 -12.87 71.53
C ALA P 295 -6.39 -14.03 71.30
N GLN P 296 -6.04 -15.21 71.80
CA GLN P 296 -6.89 -16.37 71.60
C GLN P 296 -8.23 -16.19 72.32
N LEU P 297 -8.20 -15.65 73.54
CA LEU P 297 -9.44 -15.46 74.30
C LEU P 297 -10.36 -14.44 73.65
N ASP P 298 -9.84 -13.25 73.39
CA ASP P 298 -10.71 -12.14 72.99
C ASP P 298 -11.38 -12.42 71.65
N LEU P 299 -10.65 -13.02 70.71
CA LEU P 299 -11.26 -13.41 69.44
C LEU P 299 -12.44 -14.34 69.67
N ARG P 300 -12.21 -15.42 70.42
CA ARG P 300 -13.26 -16.42 70.60
C ARG P 300 -14.44 -15.86 71.37
N GLY P 301 -14.20 -14.92 72.27
CA GLY P 301 -15.19 -14.56 73.26
C GLY P 301 -15.06 -15.47 74.45
N ARG P 302 -14.94 -14.88 75.63
CA ARG P 302 -14.71 -15.65 76.84
C ARG P 302 -16.01 -16.18 77.44
N ASN P 303 -17.08 -15.39 77.36
CA ASN P 303 -18.38 -15.78 77.88
C ASN P 303 -18.95 -16.89 77.00
N TYR P 304 -18.87 -18.13 77.48
CA TYR P 304 -19.50 -19.25 76.81
C TYR P 304 -20.95 -19.36 77.24
N SER P 305 -21.84 -19.56 76.28
CA SER P 305 -23.25 -19.76 76.59
C SER P 305 -23.54 -21.25 76.53
N LYS P 306 -23.34 -21.93 77.66
CA LYS P 306 -23.92 -23.25 77.81
C LYS P 306 -25.43 -23.20 77.61
N SER P 307 -26.04 -22.04 77.85
CA SER P 307 -27.45 -21.85 77.55
C SER P 307 -27.72 -22.13 76.07
N GLU P 308 -27.12 -21.34 75.18
CA GLU P 308 -27.27 -21.54 73.76
C GLU P 308 -26.23 -22.50 73.17
N GLY P 309 -25.29 -22.96 73.98
CA GLY P 309 -24.20 -23.77 73.46
C GLY P 309 -23.17 -23.02 72.66
N LYS P 310 -23.43 -21.77 72.31
CA LYS P 310 -22.46 -20.86 71.73
C LYS P 310 -21.92 -19.94 72.83
N TYR P 311 -21.18 -18.91 72.43
CA TYR P 311 -20.72 -17.91 73.39
C TYR P 311 -21.61 -16.69 73.34
N GLU P 312 -22.04 -16.25 74.53
CA GLU P 312 -22.74 -14.97 74.60
C GLU P 312 -21.92 -13.86 73.94
N ASP P 313 -20.60 -13.93 74.11
CA ASP P 313 -19.66 -13.01 73.51
C ASP P 313 -18.97 -13.70 72.33
N GLY P 314 -17.96 -13.05 71.76
CA GLY P 314 -17.16 -13.63 70.71
C GLY P 314 -17.29 -12.92 69.38
N ILE P 315 -16.16 -12.67 68.73
CA ILE P 315 -16.17 -11.89 67.51
C ILE P 315 -16.90 -12.63 66.40
N ILE P 316 -16.62 -13.93 66.24
CA ILE P 316 -17.35 -14.72 65.24
C ILE P 316 -18.83 -14.75 65.60
N GLN P 317 -19.14 -14.92 66.88
CA GLN P 317 -20.53 -15.09 67.30
C GLN P 317 -21.35 -13.86 66.93
N GLY P 318 -20.82 -12.67 67.22
CA GLY P 318 -21.51 -11.45 66.81
C GLY P 318 -21.69 -11.38 65.31
N TYR P 319 -20.65 -11.76 64.57
CA TYR P 319 -20.74 -11.70 63.11
C TYR P 319 -21.84 -12.60 62.57
N MET P 320 -21.89 -13.84 63.05
CA MET P 320 -22.95 -14.76 62.62
C MET P 320 -24.31 -14.21 63.00
N ASP P 321 -24.44 -13.71 64.22
CA ASP P 321 -25.70 -13.14 64.67
C ASP P 321 -26.13 -12.01 63.75
N SER P 322 -25.21 -11.13 63.39
CA SER P 322 -25.53 -10.07 62.44
C SER P 322 -25.98 -10.64 61.11
N LEU P 323 -25.23 -11.62 60.59
CA LEU P 323 -25.61 -12.24 59.33
C LEU P 323 -26.98 -12.91 59.44
N ASP P 324 -27.19 -13.63 60.55
CA ASP P 324 -28.46 -14.32 60.72
C ASP P 324 -29.56 -13.33 61.08
N THR P 325 -29.23 -12.29 61.85
CA THR P 325 -30.09 -11.12 61.91
C THR P 325 -30.40 -10.65 60.50
N PHE P 326 -29.39 -10.66 59.66
CA PHE P 326 -29.54 -10.27 58.26
C PHE P 326 -30.22 -11.35 57.44
N ALA P 327 -29.98 -12.62 57.75
CA ALA P 327 -30.77 -13.68 57.15
C ALA P 327 -32.23 -13.57 57.59
N LYS P 328 -32.44 -13.27 58.87
CA LYS P 328 -33.81 -13.24 59.40
C LYS P 328 -34.60 -12.11 58.78
N THR P 329 -33.97 -10.95 58.58
CA THR P 329 -34.67 -9.85 57.92
C THR P 329 -35.12 -10.24 56.52
N MET P 330 -34.28 -10.97 55.78
CA MET P 330 -34.66 -11.39 54.44
C MET P 330 -35.98 -12.14 54.44
N ILE P 331 -36.30 -12.82 55.54
CA ILE P 331 -37.56 -13.54 55.63
C ILE P 331 -38.73 -12.56 55.51
N ASN P 332 -38.64 -11.43 56.20
CA ASN P 332 -39.82 -10.59 56.40
C ASN P 332 -40.38 -10.08 55.08
N GLU P 333 -39.54 -9.43 54.27
CA GLU P 333 -40.05 -8.87 53.02
C GLU P 333 -40.37 -9.97 52.02
N THR P 334 -39.58 -11.04 52.02
CA THR P 334 -39.74 -12.08 51.02
C THR P 334 -41.11 -12.73 51.17
N ASN P 335 -41.46 -13.16 52.38
CA ASN P 335 -42.77 -13.75 52.59
C ASN P 335 -43.88 -12.76 52.31
N ASN P 336 -43.71 -11.50 52.71
CA ASN P 336 -44.77 -10.52 52.49
C ASN P 336 -45.10 -10.39 51.02
N LEU P 337 -44.07 -10.31 50.16
CA LEU P 337 -44.32 -10.45 48.72
C LEU P 337 -44.85 -11.84 48.42
N TYR P 338 -44.21 -12.87 48.96
CA TYR P 338 -44.67 -14.25 48.77
C TYR P 338 -46.14 -14.36 49.09
N ALA P 339 -46.55 -13.85 50.26
CA ALA P 339 -47.95 -13.92 50.66
C ALA P 339 -48.82 -13.05 49.78
N SER P 340 -48.32 -11.89 49.35
CA SER P 340 -49.13 -10.99 48.54
C SER P 340 -49.49 -11.62 47.20
N SER P 341 -48.80 -12.70 46.83
CA SER P 341 -49.17 -13.45 45.64
C SER P 341 -50.23 -14.48 45.98
N ALA P 342 -50.72 -15.17 44.95
CA ALA P 342 -51.93 -15.98 45.08
C ALA P 342 -51.64 -17.33 45.71
N LYS P 343 -52.47 -17.70 46.68
CA LYS P 343 -52.56 -19.06 47.20
C LYS P 343 -54.03 -19.48 47.21
N SER P 344 -54.24 -20.78 47.41
CA SER P 344 -55.58 -21.32 47.66
C SER P 344 -55.66 -22.04 48.99
N SER P 345 -54.57 -22.11 49.75
CA SER P 345 -54.56 -22.67 51.09
C SER P 345 -53.17 -22.50 51.66
N VAL P 346 -53.09 -22.26 52.96
CA VAL P 346 -51.82 -22.08 53.65
C VAL P 346 -51.92 -22.67 55.04
N THR P 347 -50.77 -23.11 55.55
CA THR P 347 -50.66 -23.67 56.89
C THR P 347 -49.42 -23.11 57.55
N SER P 348 -49.55 -22.81 58.84
CA SER P 348 -48.41 -22.27 59.58
C SER P 348 -47.32 -23.33 59.69
N ASP P 349 -46.08 -22.89 59.57
CA ASP P 349 -44.97 -23.75 59.95
C ASP P 349 -45.19 -24.19 61.39
N TYR P 350 -45.00 -25.49 61.64
CA TYR P 350 -45.56 -26.11 62.84
C TYR P 350 -45.35 -25.24 64.07
N LEU P 351 -46.42 -25.05 64.84
CA LEU P 351 -46.54 -23.95 65.79
C LEU P 351 -46.59 -24.40 67.25
N SER P 352 -45.86 -25.45 67.62
CA SER P 352 -45.68 -25.71 69.04
C SER P 352 -44.87 -24.58 69.65
N GLY P 353 -45.28 -24.16 70.85
CA GLY P 353 -44.73 -22.99 71.48
C GLY P 353 -45.43 -21.70 71.12
N LEU P 354 -46.41 -21.73 70.22
CA LEU P 354 -47.23 -20.56 69.87
C LEU P 354 -48.70 -20.94 69.98
N LYS P 355 -49.25 -20.78 71.17
CA LYS P 355 -50.70 -20.84 71.36
C LYS P 355 -51.35 -19.66 70.64
N GLY P 356 -52.55 -19.86 70.12
CA GLY P 356 -53.16 -18.93 69.20
C GLY P 356 -53.72 -17.67 69.82
N ASP P 357 -53.28 -17.33 71.02
CA ASP P 357 -53.61 -16.04 71.59
C ASP P 357 -52.44 -15.38 72.29
N ILE P 358 -51.25 -15.97 72.26
CA ILE P 358 -50.07 -15.25 72.77
C ILE P 358 -49.93 -13.94 72.01
N PRO P 359 -49.84 -12.80 72.67
CA PRO P 359 -49.96 -11.52 71.96
C PRO P 359 -48.88 -11.33 70.91
N LEU P 360 -49.13 -10.37 70.03
CA LEU P 360 -48.51 -10.39 68.71
C LEU P 360 -47.12 -9.79 68.73
N VAL P 361 -47.02 -8.49 69.02
CA VAL P 361 -45.71 -7.86 69.07
C VAL P 361 -44.88 -8.47 70.17
N ASN P 362 -45.54 -9.00 71.21
CA ASN P 362 -44.82 -9.65 72.30
C ASN P 362 -44.10 -10.91 71.84
N TYR P 363 -44.72 -11.70 70.97
CA TYR P 363 -44.03 -12.89 70.46
C TYR P 363 -42.78 -12.48 69.70
N ASP P 364 -42.81 -11.36 69.00
CA ASP P 364 -41.62 -10.82 68.35
C ASP P 364 -41.89 -9.37 67.99
N ARG P 365 -40.88 -8.52 68.16
CA ARG P 365 -41.01 -7.10 67.85
C ARG P 365 -41.11 -6.89 66.34
N THR P 366 -40.88 -7.96 65.57
CA THR P 366 -41.09 -7.88 64.12
C THR P 366 -42.49 -7.41 63.79
N ILE P 367 -43.47 -7.80 64.58
CA ILE P 367 -44.86 -7.43 64.31
C ILE P 367 -45.13 -6.04 64.86
N GLN P 368 -46.00 -5.31 64.16
CA GLN P 368 -46.33 -3.95 64.51
C GLN P 368 -47.85 -3.77 64.57
N PRO P 369 -48.33 -2.86 65.41
CA PRO P 369 -49.73 -2.43 65.28
C PRO P 369 -49.96 -1.80 63.93
N GLY P 370 -50.80 -2.41 63.10
CA GLY P 370 -50.99 -1.94 61.75
C GLY P 370 -52.28 -2.46 61.17
N SER P 371 -52.44 -2.27 59.87
CA SER P 371 -53.58 -2.79 59.13
C SER P 371 -53.11 -3.76 58.06
N PHE P 372 -54.01 -4.66 57.67
CA PHE P 372 -53.76 -5.60 56.60
C PHE P 372 -55.09 -6.00 55.99
N ASP P 373 -55.05 -6.45 54.75
CA ASP P 373 -56.26 -6.74 53.99
C ASP P 373 -56.17 -8.13 53.39
N ILE P 374 -57.24 -8.89 53.50
CA ILE P 374 -57.32 -10.24 52.95
C ILE P 374 -58.04 -10.15 51.64
N VAL P 375 -57.33 -10.43 50.54
CA VAL P 375 -57.82 -10.18 49.19
C VAL P 375 -57.96 -11.51 48.47
N ILE P 376 -59.10 -11.71 47.81
CA ILE P 376 -59.49 -13.00 47.28
C ILE P 376 -59.73 -12.88 45.78
N TYR P 377 -59.50 -13.95 45.03
CA TYR P 377 -59.65 -13.90 43.59
C TYR P 377 -60.55 -15.00 43.11
N ASP P 378 -60.96 -14.92 41.85
CA ASP P 378 -61.69 -16.04 41.28
C ASP P 378 -60.56 -16.88 40.77
N ASP P 379 -60.80 -18.13 40.40
CA ASP P 379 -59.67 -18.99 40.05
C ASP P 379 -59.03 -18.62 38.72
N LYS P 380 -59.56 -17.63 38.02
CA LYS P 380 -58.87 -17.12 36.84
C LYS P 380 -57.67 -16.25 37.21
N GLY P 381 -57.57 -15.80 38.45
CA GLY P 381 -56.55 -14.84 38.86
C GLY P 381 -57.09 -13.46 39.16
N ASP P 382 -58.37 -13.22 38.90
CA ASP P 382 -58.94 -11.89 39.06
C ASP P 382 -59.04 -11.53 40.54
N LYS P 383 -58.25 -10.53 40.96
CA LYS P 383 -58.15 -10.13 42.36
C LYS P 383 -59.15 -9.02 42.62
N LYS P 384 -60.40 -9.39 42.91
CA LYS P 384 -61.38 -8.39 43.27
C LYS P 384 -62.28 -8.84 44.41
N LEU P 385 -61.74 -8.83 45.63
CA LEU P 385 -62.47 -9.20 46.83
C LEU P 385 -61.55 -8.84 47.99
N THR P 386 -62.12 -8.45 49.12
CA THR P 386 -61.26 -8.03 50.22
C THR P 386 -62.00 -8.09 51.56
N LYS P 387 -61.26 -8.48 52.60
CA LYS P 387 -61.63 -8.23 53.99
C LYS P 387 -60.50 -7.47 54.65
N THR P 388 -60.80 -6.30 55.21
CA THR P 388 -59.80 -5.43 55.80
C THR P 388 -59.79 -5.62 57.31
N ILE P 389 -58.58 -5.63 57.87
CA ILE P 389 -58.38 -5.86 59.30
C ILE P 389 -57.34 -4.89 59.82
N THR P 390 -57.53 -4.46 61.08
CA THR P 390 -56.56 -3.64 61.79
C THR P 390 -56.23 -4.35 63.10
N ILE P 391 -55.02 -4.12 63.61
CA ILE P 391 -54.45 -5.00 64.61
C ILE P 391 -53.57 -4.19 65.56
N ASP P 392 -53.43 -4.70 66.78
CA ASP P 392 -52.61 -4.04 67.80
C ASP P 392 -51.61 -5.02 68.38
N VAL P 393 -50.97 -4.63 69.49
CA VAL P 393 -49.95 -5.47 70.12
C VAL P 393 -50.51 -6.86 70.41
N ASN P 394 -51.82 -6.99 70.60
CA ASN P 394 -52.36 -8.17 71.26
C ASN P 394 -53.44 -8.90 70.47
N THR P 395 -54.20 -8.17 69.64
CA THR P 395 -55.41 -8.74 69.04
C THR P 395 -55.09 -10.13 68.51
N THR P 396 -55.71 -11.15 69.11
CA THR P 396 -55.17 -12.50 69.04
C THR P 396 -55.26 -13.07 67.63
N MET P 397 -54.44 -14.09 67.39
CA MET P 397 -54.62 -14.93 66.21
C MET P 397 -56.04 -15.46 66.17
N ASN P 398 -56.61 -15.73 67.33
CA ASN P 398 -57.99 -16.20 67.40
C ASN P 398 -58.98 -15.06 67.22
N ASP P 399 -58.60 -13.84 67.60
CA ASP P 399 -59.38 -12.68 67.17
C ASP P 399 -59.54 -12.71 65.66
N ILE P 400 -58.47 -13.09 64.95
CA ILE P 400 -58.55 -13.21 63.51
C ILE P 400 -59.43 -14.40 63.14
N MET P 401 -59.36 -15.49 63.90
CA MET P 401 -60.21 -16.64 63.63
C MET P 401 -61.67 -16.26 63.69
N ARG P 402 -62.06 -15.46 64.68
CA ARG P 402 -63.41 -14.90 64.69
C ARG P 402 -63.68 -14.12 63.42
N GLN P 403 -62.68 -13.38 62.93
CA GLN P 403 -62.90 -12.51 61.78
C GLN P 403 -62.88 -13.28 60.46
N ILE P 404 -61.95 -14.22 60.30
CA ILE P 404 -61.87 -14.93 59.02
C ILE P 404 -63.09 -15.80 58.80
N ASN P 405 -63.81 -16.14 59.86
CA ASN P 405 -64.97 -17.02 59.79
C ASN P 405 -66.25 -16.27 60.15
N ALA P 406 -66.35 -15.03 59.68
CA ALA P 406 -67.57 -14.22 59.85
C ALA P 406 -67.69 -13.33 58.62
N ASN P 407 -68.70 -13.60 57.79
CA ASN P 407 -68.87 -12.85 56.55
C ASN P 407 -68.99 -11.36 56.84
N THR P 408 -68.64 -10.55 55.83
CA THR P 408 -68.49 -9.12 56.02
C THR P 408 -69.55 -8.34 55.25
N ASP P 409 -69.83 -8.76 54.02
CA ASP P 409 -70.89 -8.19 53.19
C ASP P 409 -70.76 -6.68 53.07
N ASP P 410 -69.55 -6.15 53.19
CA ASP P 410 -69.29 -4.78 52.75
C ASP P 410 -69.37 -4.67 51.23
N ASN P 411 -69.46 -5.80 50.54
CA ASN P 411 -69.84 -5.85 49.13
C ASN P 411 -71.29 -5.42 48.95
N ASP P 412 -71.92 -4.96 50.04
CA ASP P 412 -73.24 -4.35 49.94
C ASP P 412 -74.24 -5.36 49.39
N ASN P 413 -74.56 -6.39 50.17
CA ASN P 413 -75.49 -7.40 49.71
C ASN P 413 -76.68 -7.66 50.66
N LYS P 414 -76.42 -7.69 51.96
CA LYS P 414 -77.26 -8.44 52.91
C LYS P 414 -77.43 -9.88 52.41
N ASN P 415 -76.50 -10.30 51.57
CA ASN P 415 -76.46 -11.60 50.92
C ASN P 415 -75.03 -12.10 51.06
N SER P 416 -74.58 -12.18 52.31
CA SER P 416 -73.16 -12.22 52.64
C SER P 416 -72.51 -13.51 52.14
N ASN P 417 -73.23 -14.27 51.32
CA ASN P 417 -72.69 -15.44 50.65
C ASN P 417 -71.67 -15.11 49.59
N ASP P 418 -71.53 -13.84 49.23
CA ASP P 418 -70.55 -13.40 48.24
C ASP P 418 -69.22 -13.02 48.89
N ASP P 419 -68.99 -13.48 50.11
CA ASP P 419 -67.98 -12.88 50.97
C ASP P 419 -66.79 -13.81 51.16
N VAL P 420 -65.77 -13.24 51.81
CA VAL P 420 -64.52 -13.96 52.07
C VAL P 420 -64.81 -15.28 52.75
N ASP P 421 -65.63 -15.24 53.80
CA ASP P 421 -65.85 -16.42 54.63
C ASP P 421 -66.51 -17.54 53.84
N ASP P 422 -67.44 -17.20 52.95
CA ASP P 422 -68.08 -18.22 52.11
C ASP P 422 -67.04 -18.96 51.31
N HIS P 423 -65.99 -18.25 50.88
CA HIS P 423 -65.12 -18.75 49.83
C HIS P 423 -63.77 -19.19 50.38
N ILE P 424 -63.41 -18.72 51.57
CA ILE P 424 -62.22 -19.18 52.28
C ILE P 424 -62.51 -19.17 53.76
N ASN P 425 -61.71 -19.94 54.51
CA ASN P 425 -61.85 -19.99 55.96
C ASN P 425 -60.49 -20.35 56.57
N ALA P 426 -60.33 -20.02 57.85
CA ALA P 426 -59.08 -20.25 58.56
C ALA P 426 -59.34 -21.08 59.80
N SER P 427 -58.27 -21.70 60.32
CA SER P 427 -58.39 -22.61 61.45
C SER P 427 -57.05 -22.66 62.19
N PHE P 428 -57.11 -22.52 63.51
CA PHE P 428 -55.94 -22.66 64.37
C PHE P 428 -56.05 -23.92 65.22
N SER P 429 -54.92 -24.37 65.75
CA SER P 429 -54.90 -25.53 66.63
C SER P 429 -53.72 -25.44 67.60
N TYR P 430 -53.96 -25.88 68.83
CA TYR P 430 -52.89 -26.09 69.81
C TYR P 430 -53.39 -27.10 70.84
N ASP P 431 -52.46 -27.90 71.36
CA ASP P 431 -52.79 -29.04 72.21
C ASP P 431 -52.71 -28.67 73.69
N ALA P 432 -53.39 -29.46 74.52
CA ALA P 432 -53.50 -29.20 75.95
C ALA P 432 -52.87 -30.29 76.82
N LYS P 433 -52.40 -31.38 76.23
CA LYS P 433 -51.83 -32.46 77.03
C LYS P 433 -50.56 -33.06 76.45
N THR P 434 -50.10 -32.62 75.27
CA THR P 434 -48.84 -33.11 74.71
C THR P 434 -47.90 -31.94 74.39
N GLY P 435 -48.46 -30.86 73.84
CA GLY P 435 -47.68 -29.65 73.64
C GLY P 435 -47.56 -29.18 72.20
N ASP P 436 -48.44 -29.64 71.32
CA ASP P 436 -48.35 -29.36 69.90
C ASP P 436 -49.12 -28.10 69.53
N GLY P 437 -48.77 -27.55 68.37
CA GLY P 437 -49.44 -26.37 67.85
C GLY P 437 -49.33 -26.22 66.34
N LEU P 438 -50.40 -25.78 65.70
CA LEU P 438 -50.42 -25.59 64.26
C LEU P 438 -51.53 -24.63 63.89
N PHE P 439 -51.42 -24.03 62.71
CA PHE P 439 -52.43 -23.16 62.15
C PHE P 439 -52.61 -23.43 60.67
N GLN P 440 -53.87 -23.37 60.22
CA GLN P 440 -54.23 -23.75 58.86
C GLN P 440 -55.26 -22.78 58.30
N ILE P 441 -55.29 -22.66 56.97
CA ILE P 441 -56.28 -21.86 56.27
C ILE P 441 -56.76 -22.66 55.07
N ASN P 442 -57.95 -22.33 54.59
CA ASN P 442 -58.61 -23.10 53.52
C ASN P 442 -59.37 -22.15 52.62
N ALA P 443 -58.94 -22.05 51.36
CA ALA P 443 -59.69 -21.35 50.32
C ALA P 443 -60.35 -22.38 49.43
N LYS P 444 -61.65 -22.26 49.24
CA LYS P 444 -62.41 -23.30 48.54
C LYS P 444 -62.21 -23.18 47.03
N SER P 445 -62.72 -24.19 46.32
CA SER P 445 -62.52 -24.27 44.87
C SER P 445 -63.05 -23.03 44.20
N GLY P 446 -62.38 -22.60 43.12
CA GLY P 446 -62.72 -21.39 42.44
C GLY P 446 -62.15 -20.13 43.05
N PHE P 447 -61.35 -20.25 44.11
CA PHE P 447 -60.92 -19.12 44.90
C PHE P 447 -59.42 -19.21 45.14
N LYS P 448 -58.68 -18.21 44.66
CA LYS P 448 -57.32 -17.95 45.12
C LYS P 448 -57.33 -16.70 45.99
N VAL P 449 -56.34 -16.59 46.88
CA VAL P 449 -56.33 -15.55 47.89
C VAL P 449 -54.91 -15.02 48.07
N ALA P 450 -54.82 -13.75 48.44
CA ALA P 450 -53.56 -13.13 48.82
C ALA P 450 -53.88 -12.00 49.80
N ILE P 451 -52.91 -11.70 50.66
CA ILE P 451 -53.10 -10.75 51.75
C ILE P 451 -51.96 -9.75 51.72
N GLU P 452 -52.29 -8.50 52.04
CA GLU P 452 -51.35 -7.40 51.96
C GLU P 452 -51.38 -6.60 53.24
N ASP P 453 -50.30 -5.86 53.49
CA ASP P 453 -49.99 -5.31 54.80
C ASP P 453 -50.02 -3.79 54.79
N LYS P 454 -50.39 -3.22 55.93
CA LYS P 454 -50.06 -1.84 56.28
C LYS P 454 -49.22 -1.91 57.56
N GLY P 455 -47.90 -2.09 57.39
CA GLY P 455 -46.96 -2.01 58.48
C GLY P 455 -47.00 -3.16 59.47
N THR P 456 -47.98 -4.05 59.40
CA THR P 456 -48.06 -5.13 60.37
C THR P 456 -46.86 -6.07 60.30
N ASN P 457 -46.34 -6.32 59.10
CA ASN P 457 -45.30 -7.32 58.88
C ASN P 457 -45.82 -8.73 59.17
N PHE P 458 -47.08 -8.99 58.81
CA PHE P 458 -47.71 -10.24 59.21
C PHE P 458 -47.08 -11.43 58.47
N ALA P 459 -47.13 -11.42 57.14
CA ALA P 459 -46.62 -12.56 56.39
C ALA P 459 -45.11 -12.66 56.52
N GLY P 460 -44.42 -11.53 56.55
CA GLY P 460 -42.99 -11.55 56.81
C GLY P 460 -42.68 -12.17 58.16
N ALA P 461 -43.48 -11.83 59.18
CA ALA P 461 -43.23 -12.35 60.52
C ALA P 461 -43.58 -13.83 60.62
N PHE P 462 -44.65 -14.25 59.95
CA PHE P 462 -45.24 -15.55 60.23
C PHE P 462 -44.83 -16.63 59.24
N SER P 463 -44.62 -16.28 57.98
CA SER P 463 -44.27 -17.25 56.95
C SER P 463 -45.33 -18.36 56.84
N ILE P 464 -46.57 -18.07 57.20
CA ILE P 464 -47.65 -19.04 57.03
C ILE P 464 -47.91 -19.08 55.53
N GLY P 465 -47.40 -20.12 54.87
CA GLY P 465 -47.36 -20.10 53.41
C GLY P 465 -46.37 -19.10 52.87
N GLY P 466 -45.40 -18.69 53.67
CA GLY P 466 -44.42 -17.71 53.25
C GLY P 466 -43.32 -18.31 52.41
N PHE P 467 -42.38 -17.45 52.00
CA PHE P 467 -41.30 -17.89 51.13
C PHE P 467 -40.36 -18.84 51.86
N PHE P 468 -39.93 -18.47 53.06
CA PHE P 468 -38.71 -18.99 53.65
C PHE P 468 -38.99 -20.06 54.69
N SER P 469 -38.29 -21.18 54.57
CA SER P 469 -38.14 -22.16 55.64
C SER P 469 -36.71 -22.17 56.14
N GLY P 470 -36.55 -22.39 57.44
CA GLY P 470 -35.26 -22.31 58.08
C GLY P 470 -34.99 -20.93 58.64
N THR P 471 -34.43 -20.88 59.85
CA THR P 471 -34.36 -19.63 60.59
C THR P 471 -33.35 -18.66 60.00
N ASP P 472 -32.21 -19.17 59.53
CA ASP P 472 -31.10 -18.30 59.17
C ASP P 472 -30.24 -19.00 58.12
N ALA P 473 -29.08 -18.42 57.84
CA ALA P 473 -28.16 -18.97 56.86
C ALA P 473 -27.76 -20.40 57.18
N SER P 474 -27.99 -20.87 58.40
CA SER P 474 -27.77 -22.28 58.69
C SER P 474 -28.69 -23.17 57.88
N ASP P 475 -29.97 -22.79 57.80
CA ASP P 475 -31.00 -23.69 57.30
C ASP P 475 -31.96 -22.99 56.35
N MET P 476 -31.93 -21.67 56.31
CA MET P 476 -32.98 -20.93 55.65
C MET P 476 -33.07 -21.34 54.18
N LYS P 477 -34.30 -21.46 53.69
CA LYS P 477 -34.56 -22.03 52.37
C LYS P 477 -35.97 -21.71 51.92
N VAL P 478 -36.23 -22.02 50.64
CA VAL P 478 -37.57 -21.90 50.09
C VAL P 478 -38.45 -22.99 50.67
N LYS P 479 -39.76 -22.79 50.60
CA LYS P 479 -40.68 -23.90 50.79
C LYS P 479 -40.42 -24.95 49.72
N ASP P 480 -40.21 -26.19 50.15
CA ASP P 480 -39.57 -27.18 49.29
C ASP P 480 -40.44 -27.54 48.09
N SER P 481 -41.76 -27.55 48.25
CA SER P 481 -42.62 -27.92 47.12
C SER P 481 -42.28 -27.10 45.89
N ILE P 482 -41.92 -25.84 46.10
CA ILE P 482 -41.40 -25.05 45.00
C ILE P 482 -40.16 -25.72 44.42
N LEU P 483 -39.23 -26.15 45.28
CA LEU P 483 -38.05 -26.85 44.81
C LEU P 483 -38.42 -28.19 44.18
N ASN P 484 -39.51 -28.82 44.66
CA ASN P 484 -39.96 -30.05 44.04
C ASN P 484 -40.53 -29.79 42.64
N ASP P 485 -41.07 -28.59 42.41
CA ASP P 485 -41.61 -28.27 41.10
C ASP P 485 -41.46 -26.79 40.78
N PRO P 486 -40.62 -26.42 39.80
CA PRO P 486 -40.50 -25.00 39.45
C PRO P 486 -41.78 -24.39 38.88
N SER P 487 -42.62 -25.19 38.21
CA SER P 487 -43.85 -24.63 37.66
C SER P 487 -44.69 -23.97 38.73
N THR P 488 -44.61 -24.47 39.98
CA THR P 488 -45.33 -23.87 41.09
C THR P 488 -45.21 -22.35 41.08
N VAL P 489 -44.08 -21.82 40.61
CA VAL P 489 -43.83 -20.39 40.64
C VAL P 489 -44.81 -19.70 39.70
N ARG P 490 -45.42 -18.61 40.17
CA ARG P 490 -46.31 -17.78 39.38
C ARG P 490 -45.74 -16.37 39.32
N ALA P 491 -45.36 -15.94 38.12
CA ALA P 491 -44.73 -14.62 37.98
C ALA P 491 -45.66 -13.50 38.45
N SER P 492 -46.97 -13.75 38.46
CA SER P 492 -47.93 -12.74 38.87
C SER P 492 -48.38 -12.98 40.31
N SER P 493 -48.76 -11.88 40.96
CA SER P 493 -49.50 -12.02 42.22
C SER P 493 -50.86 -12.62 41.98
N ASN P 494 -51.43 -12.44 40.78
CA ASN P 494 -52.69 -13.08 40.45
C ASN P 494 -52.57 -14.60 40.40
N GLY P 495 -51.36 -15.14 40.50
CA GLY P 495 -51.17 -16.56 40.65
C GLY P 495 -51.26 -17.37 39.38
N VAL P 496 -51.39 -16.73 38.23
CA VAL P 496 -51.48 -17.43 36.94
C VAL P 496 -50.37 -16.91 36.05
N ASP P 497 -49.68 -17.84 35.38
CA ASP P 497 -48.48 -17.52 34.61
C ASP P 497 -48.77 -16.61 33.41
N SER P 498 -50.01 -16.22 33.19
CA SER P 498 -50.30 -15.26 32.12
C SER P 498 -49.85 -13.85 32.47
N GLY P 499 -49.37 -13.62 33.69
CA GLY P 499 -48.94 -12.30 34.10
C GLY P 499 -47.66 -12.38 34.89
N ASN P 500 -47.16 -11.21 35.31
CA ASN P 500 -45.87 -11.12 35.99
C ASN P 500 -45.87 -10.11 37.13
N ASP P 501 -47.02 -9.57 37.54
CA ASP P 501 -47.01 -8.40 38.42
C ASP P 501 -46.24 -8.65 39.70
N MET P 502 -46.29 -9.88 40.24
CA MET P 502 -45.50 -10.17 41.42
C MET P 502 -44.03 -9.91 41.16
N ALA P 503 -43.54 -10.32 39.99
CA ALA P 503 -42.17 -10.01 39.63
C ALA P 503 -41.94 -8.50 39.65
N ASN P 504 -42.93 -7.73 39.21
CA ASN P 504 -42.82 -6.28 39.27
C ASN P 504 -42.66 -5.80 40.70
N LYS P 505 -43.40 -6.42 41.63
CA LYS P 505 -43.21 -6.09 43.04
C LYS P 505 -41.78 -6.34 43.46
N ILE P 506 -41.23 -7.50 43.09
CA ILE P 506 -39.86 -7.84 43.47
C ILE P 506 -38.88 -6.91 42.79
N ILE P 507 -39.18 -6.48 41.57
CA ILE P 507 -38.30 -5.51 40.90
C ILE P 507 -38.34 -4.18 41.63
N GLN P 508 -39.52 -3.80 42.15
CA GLN P 508 -39.55 -2.64 43.03
C GLN P 508 -38.66 -2.89 44.25
N LEU P 509 -38.73 -4.09 44.80
CA LEU P 509 -37.85 -4.45 45.91
C LEU P 509 -36.38 -4.27 45.55
N GLN P 510 -36.04 -4.46 44.28
CA GLN P 510 -34.66 -4.22 43.86
C GLN P 510 -34.23 -2.80 44.19
N TYR P 511 -35.14 -1.83 44.09
CA TYR P 511 -34.83 -0.48 44.52
C TYR P 511 -34.80 -0.38 46.04
N ASP P 512 -35.64 -1.15 46.72
CA ASP P 512 -36.12 -0.77 48.04
C ASP P 512 -35.11 -1.06 49.14
N LYS P 513 -35.38 -0.50 50.30
CA LYS P 513 -34.63 -0.74 51.53
C LYS P 513 -35.51 -1.49 52.51
N VAL P 514 -34.96 -2.50 53.16
CA VAL P 514 -35.68 -3.24 54.20
C VAL P 514 -35.06 -2.88 55.54
N ASN P 515 -35.88 -2.97 56.59
CA ASN P 515 -35.57 -2.38 57.88
C ASN P 515 -35.09 -3.47 58.83
N PHE P 516 -33.84 -3.36 59.28
CA PHE P 516 -33.06 -4.48 59.79
C PHE P 516 -33.02 -4.52 61.30
N TYR P 517 -33.65 -5.54 61.86
CA TYR P 517 -33.79 -5.73 63.31
C TYR P 517 -32.47 -6.23 63.87
N ASN P 518 -31.63 -5.32 64.34
CA ASN P 518 -30.41 -5.71 65.01
C ASN P 518 -30.68 -5.86 66.51
N GLU P 519 -30.21 -6.96 67.08
CA GLU P 519 -30.60 -7.37 68.42
C GLU P 519 -29.94 -6.53 69.51
N ASP P 520 -29.28 -5.43 69.15
CA ASP P 520 -29.14 -4.34 70.09
C ASP P 520 -30.47 -3.64 70.33
N GLY P 521 -31.52 -4.03 69.60
CA GLY P 521 -32.83 -3.42 69.69
C GLY P 521 -33.17 -2.51 68.53
N THR P 522 -32.17 -2.12 67.72
CA THR P 522 -32.38 -1.19 66.62
C THR P 522 -33.00 -1.90 65.43
N ILE P 523 -33.54 -1.11 64.50
CA ILE P 523 -34.17 -1.66 63.32
C ILE P 523 -33.86 -0.64 62.22
N ASP P 524 -32.95 -0.98 61.30
CA ASP P 524 -32.44 0.00 60.34
C ASP P 524 -32.84 -0.35 58.91
N ASN P 525 -33.29 0.66 58.15
CA ASN P 525 -33.86 0.47 56.81
C ASN P 525 -32.75 0.63 55.78
N LEU P 526 -32.45 -0.48 55.11
CA LEU P 526 -31.27 -0.65 54.30
C LEU P 526 -31.56 -1.59 53.14
N THR P 527 -30.78 -1.44 52.08
CA THR P 527 -30.68 -2.51 51.09
C THR P 527 -29.83 -3.64 51.67
N MET P 528 -30.16 -4.88 51.28
CA MET P 528 -29.28 -5.99 51.64
C MET P 528 -27.85 -5.69 51.22
N GLU P 529 -27.66 -5.05 50.06
CA GLU P 529 -26.32 -4.71 49.61
C GLU P 529 -25.58 -3.88 50.63
N GLU P 530 -26.16 -2.75 51.05
CA GLU P 530 -25.42 -1.86 51.93
C GLU P 530 -25.13 -2.55 53.25
N TYR P 531 -26.11 -3.28 53.79
CA TYR P 531 -25.86 -4.05 54.98
C TYR P 531 -24.59 -4.87 54.79
N TYR P 532 -24.64 -5.77 53.82
CA TYR P 532 -23.51 -6.61 53.48
C TYR P 532 -22.25 -5.78 53.30
N ARG P 533 -22.35 -4.68 52.55
CA ARG P 533 -21.19 -3.82 52.36
C ARG P 533 -20.66 -3.33 53.69
N LYS P 534 -21.51 -2.77 54.54
CA LYS P 534 -21.04 -2.33 55.85
C LYS P 534 -20.60 -3.53 56.68
N LEU P 535 -21.25 -4.68 56.48
CA LEU P 535 -20.80 -5.91 57.11
C LEU P 535 -19.41 -6.28 56.64
N THR P 536 -19.22 -6.35 55.32
CA THR P 536 -17.92 -6.75 54.78
C THR P 536 -16.89 -5.64 54.99
N GLY P 537 -17.25 -4.40 54.65
CA GLY P 537 -16.31 -3.31 54.83
C GLY P 537 -15.84 -3.20 56.27
N LYS P 538 -16.75 -3.45 57.21
CA LYS P 538 -16.36 -3.60 58.60
C LYS P 538 -15.21 -4.60 58.72
N ILE P 539 -15.39 -5.78 58.12
CA ILE P 539 -14.35 -6.81 58.21
C ILE P 539 -13.07 -6.34 57.54
N ALA P 540 -13.19 -5.75 56.34
CA ALA P 540 -12.01 -5.27 55.64
C ALA P 540 -11.24 -4.26 56.48
N SER P 541 -11.95 -3.27 57.03
CA SER P 541 -11.29 -2.27 57.85
C SER P 541 -10.63 -2.89 59.07
N ASP P 542 -11.20 -3.99 59.58
CA ASP P 542 -10.58 -4.67 60.71
C ASP P 542 -9.15 -5.06 60.39
N GLY P 543 -8.93 -5.64 59.21
CA GLY P 543 -7.58 -5.94 58.79
C GLY P 543 -6.74 -4.68 58.67
N GLU P 544 -7.31 -3.62 58.11
CA GLU P 544 -6.60 -2.36 58.03
C GLU P 544 -6.14 -1.92 59.42
N ASN P 545 -7.07 -1.91 60.38
CA ASN P 545 -6.68 -1.66 61.76
C ASN P 545 -5.75 -2.74 62.27
N ASN P 546 -6.18 -4.00 62.18
CA ASN P 546 -5.39 -5.10 62.71
C ASN P 546 -3.97 -5.09 62.17
N ASN P 547 -3.83 -5.01 60.85
CA ASN P 547 -2.50 -5.10 60.26
C ASN P 547 -1.69 -3.85 60.53
N VAL P 548 -2.32 -2.68 60.49
CA VAL P 548 -1.64 -1.46 60.90
C VAL P 548 -1.21 -1.58 62.36
N VAL P 549 -2.10 -2.08 63.22
CA VAL P 549 -1.73 -2.28 64.61
C VAL P 549 -0.48 -3.14 64.69
N ASN P 550 -0.45 -4.22 63.91
CA ASN P 550 0.80 -4.95 63.79
C ASN P 550 1.90 -4.07 63.24
N SER P 551 1.61 -3.33 62.16
CA SER P 551 2.62 -2.46 61.56
C SER P 551 3.39 -1.69 62.62
N SER P 552 2.67 -1.14 63.59
CA SER P 552 3.31 -0.57 64.76
C SER P 552 4.12 -1.62 65.50
N ASN P 553 3.59 -2.84 65.62
CA ASN P 553 4.18 -3.81 66.54
C ASN P 553 5.50 -4.35 66.02
N GLU P 554 5.59 -4.75 64.75
CA GLU P 554 6.88 -5.25 64.28
C GLU P 554 7.92 -4.14 64.37
N THR P 555 7.50 -2.89 64.20
CA THR P 555 8.37 -1.76 64.46
C THR P 555 8.95 -1.90 65.86
N LEU P 556 8.10 -2.18 66.84
CA LEU P 556 8.59 -2.51 68.18
C LEU P 556 9.45 -3.76 68.15
N TYR P 557 9.00 -4.79 67.43
CA TYR P 557 9.77 -6.02 67.37
C TYR P 557 11.21 -5.76 66.95
N ASN P 558 11.40 -4.87 65.98
CA ASN P 558 12.73 -4.61 65.47
C ASN P 558 13.67 -4.21 66.59
N SER P 559 13.23 -3.33 67.47
CA SER P 559 14.08 -2.89 68.57
C SER P 559 14.43 -4.05 69.50
N VAL P 560 13.40 -4.77 69.97
CA VAL P 560 13.66 -5.91 70.84
C VAL P 560 14.36 -7.01 70.07
N TYR P 561 14.00 -7.20 68.80
CA TYR P 561 14.72 -8.14 67.96
C TYR P 561 16.22 -7.89 68.03
N SER P 562 16.62 -6.63 67.90
CA SER P 562 18.03 -6.28 68.02
C SER P 562 18.62 -6.81 69.32
N GLU P 563 17.83 -6.80 70.38
CA GLU P 563 18.37 -6.77 71.73
C GLU P 563 18.99 -8.09 72.17
N TYR P 564 19.54 -8.89 71.25
CA TYR P 564 20.27 -10.08 71.69
C TYR P 564 21.69 -10.20 71.08
N GLN P 565 22.26 -9.14 70.45
CA GLN P 565 23.59 -9.33 69.88
C GLN P 565 24.61 -8.12 69.91
N SER P 566 24.57 -7.13 70.85
CA SER P 566 25.56 -6.02 70.98
C SER P 566 26.06 -5.78 72.43
N LYS P 567 25.18 -5.83 73.44
CA LYS P 567 25.66 -5.84 74.83
C LYS P 567 25.99 -7.22 75.44
N SER P 568 25.04 -8.19 75.54
CA SER P 568 25.26 -9.35 76.43
C SER P 568 25.19 -10.75 75.80
N GLY P 569 24.25 -11.03 74.87
CA GLY P 569 24.14 -12.38 74.30
C GLY P 569 24.91 -12.78 73.02
N VAL P 570 26.03 -13.50 73.21
CA VAL P 570 26.88 -14.13 72.18
C VAL P 570 27.16 -13.31 70.92
N ASN P 571 28.45 -13.04 70.66
CA ASN P 571 28.92 -12.54 69.37
C ASN P 571 30.41 -12.81 69.17
N THR P 572 30.87 -12.73 67.91
CA THR P 572 32.17 -13.26 67.54
C THR P 572 33.31 -12.29 67.82
N ASN P 573 33.31 -11.14 67.15
CA ASN P 573 34.50 -10.32 67.08
C ASN P 573 35.04 -9.99 68.47
N GLU P 574 34.15 -9.80 69.44
CA GLU P 574 34.59 -9.60 70.81
C GLU P 574 35.44 -10.77 71.28
N GLU P 575 34.97 -12.00 71.05
CA GLU P 575 35.65 -13.16 71.60
C GLU P 575 36.97 -13.44 70.88
N LEU P 576 36.96 -13.42 69.55
CA LEU P 576 38.14 -13.85 68.80
C LEU P 576 39.36 -13.02 69.19
N ALA P 577 39.17 -11.72 69.43
CA ALA P 577 40.30 -10.89 69.81
C ALA P 577 40.77 -11.22 71.23
N ALA P 578 39.83 -11.35 72.16
CA ALA P 578 40.17 -11.56 73.55
C ALA P 578 41.13 -12.73 73.72
N LEU P 579 40.92 -13.80 72.96
CA LEU P 579 41.77 -14.98 73.10
C LEU P 579 43.22 -14.66 72.82
N ILE P 580 43.48 -13.71 71.91
CA ILE P 580 44.84 -13.44 71.49
C ILE P 580 45.70 -13.00 72.66
N GLN P 581 45.17 -12.14 73.53
CA GLN P 581 45.92 -11.71 74.69
C GLN P 581 46.31 -12.90 75.57
N TYR P 582 45.38 -13.82 75.81
CA TYR P 582 45.70 -14.98 76.60
C TYR P 582 46.80 -15.80 75.94
N GLN P 583 46.75 -15.94 74.61
CA GLN P 583 47.84 -16.59 73.90
C GLN P 583 49.17 -15.93 74.24
N SER P 584 49.23 -14.61 74.09
CA SER P 584 50.46 -13.88 74.41
C SER P 584 50.82 -14.05 75.87
N SER P 585 49.86 -13.82 76.77
CA SER P 585 50.12 -14.01 78.19
C SER P 585 50.50 -15.46 78.48
N TYR P 586 49.79 -16.40 77.87
CA TYR P 586 50.13 -17.81 78.02
C TYR P 586 51.58 -18.05 77.59
N GLY P 587 51.93 -17.61 76.39
CA GLY P 587 53.29 -17.83 75.90
C GLY P 587 54.31 -17.15 76.79
N ALA P 588 54.03 -15.92 77.21
CA ALA P 588 54.95 -15.22 78.09
C ALA P 588 55.18 -16.00 79.37
N ALA P 589 54.10 -16.54 79.95
CA ALA P 589 54.24 -17.37 81.15
C ALA P 589 55.07 -18.61 80.85
N ALA P 590 54.87 -19.21 79.67
CA ALA P 590 55.60 -20.42 79.32
C ALA P 590 57.11 -20.17 79.31
N LYS P 591 57.54 -19.12 78.61
CA LYS P 591 58.96 -18.77 78.61
C LYS P 591 59.43 -18.45 80.02
N ILE P 592 58.56 -17.83 80.82
CA ILE P 592 58.96 -17.40 82.16
C ILE P 592 59.35 -18.60 83.01
N VAL P 593 58.50 -19.61 83.06
CA VAL P 593 58.75 -20.73 83.95
C VAL P 593 59.98 -21.50 83.49
N SER P 594 60.11 -21.73 82.18
CA SER P 594 61.31 -22.38 81.68
C SER P 594 62.56 -21.66 82.13
N THR P 595 62.50 -20.32 82.24
CA THR P 595 63.62 -19.57 82.77
C THR P 595 63.91 -19.98 84.21
N VAL P 596 62.87 -20.23 84.99
CA VAL P 596 63.06 -20.60 86.40
C VAL P 596 63.89 -21.87 86.51
N ASP P 597 63.72 -22.77 85.55
CA ASP P 597 64.49 -24.00 85.56
C ASP P 597 65.96 -23.68 85.63
N GLN P 598 66.38 -22.61 84.95
CA GLN P 598 67.78 -22.23 84.95
C GLN P 598 68.20 -21.79 86.35
N MET P 599 67.31 -21.13 87.05
CA MET P 599 67.63 -20.71 88.42
C MET P 599 67.70 -21.93 89.33
N LEU P 600 66.84 -22.91 89.09
CA LEU P 600 66.91 -24.13 89.87
C LEU P 600 68.28 -24.72 89.63
N ASP P 601 68.72 -24.70 88.39
CA ASP P 601 70.02 -25.26 88.04
C ASP P 601 71.14 -24.53 88.77
N THR P 602 71.10 -23.21 88.76
CA THR P 602 72.15 -22.44 89.41
C THR P 602 72.18 -22.80 90.88
N LEU P 603 71.00 -22.92 91.47
CA LEU P 603 70.91 -23.25 92.88
C LEU P 603 71.57 -24.58 93.15
N LEU P 604 71.21 -25.59 92.37
CA LEU P 604 71.79 -26.92 92.57
C LEU P 604 73.29 -26.87 92.44
N GLY P 605 73.77 -26.12 91.46
CA GLY P 605 75.20 -26.01 91.25
C GLY P 605 75.92 -25.41 92.43
N LEU P 606 75.39 -24.31 92.97
CA LEU P 606 76.02 -23.72 94.14
C LEU P 606 75.97 -24.68 95.32
N LYS P 607 74.86 -25.41 95.44
CA LYS P 607 74.74 -26.38 96.52
C LYS P 607 75.86 -27.38 96.43
N SER P 608 76.09 -27.89 95.22
CA SER P 608 77.13 -28.87 95.02
C SER P 608 78.46 -28.35 95.55
N MET Q 1 82.41 -44.61 56.50
CA MET Q 1 83.16 -43.44 55.95
C MET Q 1 82.97 -43.33 54.44
N GLY Q 2 83.11 -44.46 53.75
CA GLY Q 2 82.86 -44.46 52.32
C GLY Q 2 81.43 -44.09 51.97
N ILE Q 3 80.51 -44.25 52.92
CA ILE Q 3 79.09 -44.02 52.64
C ILE Q 3 78.84 -42.60 52.14
N PHE Q 4 79.70 -41.66 52.53
CA PHE Q 4 79.45 -40.27 52.16
C PHE Q 4 79.40 -40.11 50.64
N GLY Q 5 80.05 -41.02 49.90
CA GLY Q 5 80.04 -40.91 48.45
C GLY Q 5 78.65 -40.96 47.86
N THR Q 6 77.76 -41.77 48.43
CA THR Q 6 76.42 -41.87 47.87
C THR Q 6 75.75 -40.50 47.80
N LEU Q 7 76.10 -39.59 48.72
CA LEU Q 7 75.62 -38.22 48.60
C LEU Q 7 75.97 -37.65 47.23
N TYR Q 8 77.16 -37.98 46.72
CA TYR Q 8 77.45 -37.72 45.31
C TYR Q 8 76.29 -38.15 44.45
N THR Q 9 75.78 -39.36 44.67
CA THR Q 9 74.66 -39.85 43.87
C THR Q 9 73.46 -38.92 43.99
N GLY Q 10 73.14 -38.50 45.21
CA GLY Q 10 72.07 -37.53 45.38
C GLY Q 10 72.33 -36.27 44.58
N VAL Q 11 73.58 -35.82 44.57
CA VAL Q 11 73.95 -34.69 43.73
C VAL Q 11 73.73 -35.03 42.26
N THR Q 12 74.24 -36.18 41.83
CA THR Q 12 74.01 -36.61 40.45
C THR Q 12 72.53 -36.79 40.17
N GLY Q 13 71.79 -37.41 41.10
CA GLY Q 13 70.37 -37.58 40.88
C GLY Q 13 69.66 -36.25 40.70
N LEU Q 14 69.97 -35.28 41.56
CA LEU Q 14 69.38 -33.95 41.39
C LEU Q 14 69.91 -33.28 40.13
N LYS Q 15 71.23 -33.27 39.95
CA LYS Q 15 71.79 -32.70 38.73
C LYS Q 15 71.29 -33.44 37.51
N ALA Q 16 70.97 -34.73 37.65
CA ALA Q 16 70.23 -35.40 36.59
C ALA Q 16 68.86 -34.75 36.40
N SER Q 17 68.20 -34.42 37.50
CA SER Q 17 66.89 -33.79 37.41
C SER Q 17 66.99 -32.44 36.69
N GLU Q 18 67.90 -31.58 37.14
CA GLU Q 18 68.01 -30.26 36.53
C GLU Q 18 68.35 -30.35 35.06
N VAL Q 19 69.27 -31.25 34.70
CA VAL Q 19 69.55 -31.49 33.30
C VAL Q 19 68.28 -31.90 32.57
N GLN Q 20 67.53 -32.84 33.15
CA GLN Q 20 66.26 -33.23 32.55
C GLN Q 20 65.26 -32.09 32.61
N ILE Q 21 65.29 -31.29 33.68
CA ILE Q 21 64.49 -30.08 33.70
C ILE Q 21 64.91 -29.18 32.54
N ALA Q 22 66.22 -29.03 32.33
CA ALA Q 22 66.70 -28.31 31.17
C ALA Q 22 66.19 -28.93 29.87
N THR Q 23 66.03 -30.25 29.85
CA THR Q 23 65.40 -30.89 28.69
C THR Q 23 64.01 -30.32 28.46
N THR Q 24 63.24 -30.16 29.55
CA THR Q 24 61.97 -29.44 29.45
C THR Q 24 62.19 -27.99 29.06
N GLY Q 25 63.10 -27.30 29.75
CA GLY Q 25 63.38 -25.91 29.42
C GLY Q 25 63.75 -25.74 27.97
N ASN Q 26 64.46 -26.72 27.41
CA ASN Q 26 64.69 -26.74 25.97
C ASN Q 26 63.37 -26.69 25.22
N ASN Q 27 62.43 -27.55 25.62
CA ASN Q 27 61.21 -27.74 24.84
C ASN Q 27 60.43 -26.44 24.70
N ILE Q 28 60.27 -25.69 25.79
CA ILE Q 28 59.51 -24.45 25.71
C ILE Q 28 60.16 -23.50 24.72
N SER Q 29 61.49 -23.39 24.77
CA SER Q 29 62.19 -22.70 23.70
C SER Q 29 61.92 -23.37 22.36
N ASN Q 30 61.78 -24.70 22.37
CA ASN Q 30 61.43 -25.41 21.14
C ASN Q 30 59.95 -25.32 20.85
N ALA Q 31 59.16 -24.78 21.79
CA ALA Q 31 57.71 -24.81 21.64
C ALA Q 31 57.28 -24.24 20.31
N ASN Q 32 57.99 -23.22 19.80
CA ASN Q 32 57.72 -22.67 18.48
C ASN Q 32 58.97 -22.64 17.62
N ALA Q 33 60.00 -23.41 17.97
CA ALA Q 33 61.15 -23.57 17.09
C ALA Q 33 60.66 -24.32 15.86
N THR Q 34 60.44 -23.58 14.77
CA THR Q 34 59.79 -24.16 13.60
C THR Q 34 60.57 -25.36 13.06
N PHE Q 35 61.86 -25.44 13.35
CA PHE Q 35 62.67 -26.63 13.08
C PHE Q 35 63.27 -27.16 14.38
N TYR Q 36 62.71 -28.26 14.86
CA TYR Q 36 63.13 -28.92 16.09
C TYR Q 36 62.76 -30.39 16.04
N THR Q 37 63.70 -31.27 16.38
CA THR Q 37 63.50 -32.70 16.23
C THR Q 37 63.60 -33.44 17.55
N ARG Q 38 62.93 -32.91 18.59
CA ARG Q 38 62.69 -33.61 19.85
C ARG Q 38 63.98 -34.18 20.42
N GLN Q 39 64.89 -33.30 20.84
CA GLN Q 39 66.14 -33.68 21.47
C GLN Q 39 65.86 -34.24 22.86
N ARG Q 40 66.44 -35.40 23.17
CA ARG Q 40 66.06 -36.14 24.36
C ARG Q 40 67.30 -36.65 25.09
N VAL Q 41 67.08 -37.14 26.31
CA VAL Q 41 68.16 -37.43 27.26
C VAL Q 41 67.99 -38.84 27.79
N VAL Q 42 69.12 -39.47 28.16
CA VAL Q 42 69.15 -40.87 28.55
C VAL Q 42 69.53 -41.00 30.02
N GLN Q 43 69.07 -42.07 30.65
CA GLN Q 43 69.39 -42.38 32.05
C GLN Q 43 70.52 -43.39 32.09
N THR Q 44 71.38 -43.28 33.12
CA THR Q 44 72.66 -43.98 33.12
C THR Q 44 73.12 -44.27 34.54
N THR Q 45 74.04 -45.24 34.67
CA THR Q 45 74.72 -45.56 35.92
C THR Q 45 76.20 -45.28 35.76
N ASN Q 46 76.89 -45.02 36.89
CA ASN Q 46 78.19 -44.36 36.86
C ASN Q 46 79.13 -45.00 37.87
N GLY Q 47 80.25 -44.33 38.16
CA GLY Q 47 81.41 -44.94 38.78
C GLY Q 47 81.86 -44.39 40.13
N TYR Q 48 83.18 -44.21 40.30
CA TYR Q 48 83.79 -44.15 41.63
C TYR Q 48 84.85 -43.07 41.73
N ILE Q 49 85.20 -42.75 42.99
CA ILE Q 49 86.38 -41.96 43.35
C ILE Q 49 87.06 -42.71 44.50
N THR Q 50 88.34 -42.42 44.73
CA THR Q 50 89.15 -43.27 45.60
C THR Q 50 90.04 -42.48 46.56
N THR Q 51 90.39 -43.15 47.66
CA THR Q 51 91.46 -42.73 48.56
C THR Q 51 91.70 -43.84 49.57
N GLY Q 52 92.96 -44.19 49.78
CA GLY Q 52 93.33 -45.12 50.84
C GLY Q 52 93.19 -46.58 50.51
N GLY Q 53 93.65 -47.02 49.35
CA GLY Q 53 93.54 -48.42 48.99
C GLY Q 53 92.12 -48.91 48.82
N VAL Q 54 91.16 -47.98 48.80
CA VAL Q 54 89.74 -48.30 48.65
C VAL Q 54 89.08 -47.13 47.95
N GLN Q 55 87.91 -47.38 47.36
CA GLN Q 55 87.25 -46.38 46.53
C GLN Q 55 85.75 -46.40 46.78
N VAL Q 56 85.09 -45.32 46.38
CA VAL Q 56 83.70 -45.04 46.72
C VAL Q 56 82.92 -44.81 45.42
N GLY Q 57 81.68 -45.31 45.37
CA GLY Q 57 80.84 -45.23 44.19
C GLY Q 57 79.74 -44.19 44.35
N THR Q 58 79.09 -43.84 43.22
CA THR Q 58 78.19 -42.69 43.22
C THR Q 58 76.91 -42.90 42.41
N GLY Q 59 76.58 -44.11 41.99
CA GLY Q 59 75.25 -44.39 41.47
C GLY Q 59 74.96 -44.01 40.03
N THR Q 60 74.04 -43.04 39.83
CA THR Q 60 73.36 -42.87 38.55
C THR Q 60 73.55 -41.46 38.01
N ALA Q 61 73.29 -41.32 36.71
CA ALA Q 61 73.37 -40.05 36.00
C ALA Q 61 72.48 -40.09 34.77
N VAL Q 62 72.25 -38.91 34.19
CA VAL Q 62 71.33 -38.74 33.06
C VAL Q 62 71.99 -37.78 32.07
N GLU Q 63 72.28 -38.26 30.85
CA GLU Q 63 72.99 -37.42 29.88
C GLU Q 63 72.82 -37.98 28.47
N SER Q 64 72.15 -37.22 27.60
CA SER Q 64 72.20 -37.40 26.16
C SER Q 64 71.33 -36.32 25.51
N ILE Q 65 71.62 -36.02 24.25
CA ILE Q 65 70.81 -35.09 23.45
C ILE Q 65 70.92 -35.52 22.00
N VAL Q 66 69.79 -35.91 21.38
CA VAL Q 66 69.79 -36.44 20.03
C VAL Q 66 68.43 -36.22 19.39
N ARG Q 67 68.44 -36.01 18.07
CA ARG Q 67 67.23 -35.85 17.28
C ARG Q 67 66.57 -37.20 17.02
N LEU Q 68 65.31 -37.16 16.61
CA LEU Q 68 64.80 -38.24 15.78
C LEU Q 68 65.69 -38.36 14.55
N HIS Q 69 66.07 -39.58 14.23
CA HIS Q 69 67.06 -39.81 13.18
C HIS Q 69 66.40 -39.97 11.82
N ASP Q 70 65.23 -39.36 11.63
CA ASP Q 70 64.41 -39.57 10.44
C ASP Q 70 64.57 -38.38 9.50
N GLU Q 71 65.54 -38.49 8.59
CA GLU Q 71 65.59 -37.58 7.46
C GLU Q 71 64.51 -37.91 6.44
N TYR Q 72 64.27 -39.21 6.21
CA TYR Q 72 63.44 -39.61 5.08
C TYR Q 72 62.12 -38.85 5.10
N SER Q 73 61.52 -38.68 6.29
CA SER Q 73 60.40 -37.75 6.44
C SER Q 73 60.69 -36.45 5.70
N TYR Q 74 61.73 -35.75 6.13
CA TYR Q 74 62.09 -34.51 5.47
C TYR Q 74 62.59 -34.76 4.05
N TYR Q 75 63.24 -35.90 3.82
CA TYR Q 75 63.63 -36.25 2.45
C TYR Q 75 62.42 -36.23 1.53
N LYS Q 76 61.36 -36.93 1.92
CA LYS Q 76 60.16 -36.95 1.10
C LYS Q 76 59.66 -35.53 0.85
N LEU Q 77 59.62 -34.72 1.90
CA LEU Q 77 59.08 -33.38 1.76
C LEU Q 77 59.86 -32.57 0.75
N LYS Q 78 61.19 -32.68 0.78
CA LYS Q 78 62.02 -31.86 -0.09
C LYS Q 78 61.65 -32.08 -1.55
N GLY Q 79 61.61 -33.34 -1.98
CA GLY Q 79 61.21 -33.62 -3.34
C GLY Q 79 59.84 -33.06 -3.65
N ALA Q 80 58.86 -33.39 -2.82
CA ALA Q 80 57.50 -32.90 -3.02
C ALA Q 80 57.48 -31.38 -3.16
N SER Q 81 58.32 -30.70 -2.38
CA SER Q 81 58.40 -29.25 -2.50
C SER Q 81 58.84 -28.84 -3.90
N ASN Q 82 59.79 -29.61 -4.48
CA ASN Q 82 60.28 -29.27 -5.81
C ASN Q 82 59.16 -29.26 -6.83
N GLN Q 83 58.31 -30.30 -6.83
CA GLN Q 83 57.10 -30.24 -7.62
C GLN Q 83 56.22 -29.09 -7.13
N LEU Q 84 56.18 -28.91 -5.81
CA LEU Q 84 55.33 -27.89 -5.21
C LEU Q 84 55.68 -26.51 -5.77
N GLU Q 85 56.98 -26.19 -5.81
CA GLU Q 85 57.40 -24.89 -6.34
C GLU Q 85 56.96 -24.72 -7.78
N TYR Q 86 57.20 -25.75 -8.60
CA TYR Q 86 56.88 -25.67 -10.02
C TYR Q 86 55.43 -25.28 -10.21
N THR Q 87 54.56 -25.66 -9.28
CA THR Q 87 53.13 -25.49 -9.49
C THR Q 87 52.71 -24.03 -9.36
N LYS Q 88 52.95 -23.40 -8.20
CA LYS Q 88 52.49 -22.02 -8.04
C LYS Q 88 53.03 -21.15 -9.16
N TYR Q 89 54.36 -21.05 -9.26
CA TYR Q 89 54.94 -20.14 -10.23
C TYR Q 89 54.36 -20.40 -11.61
N MET Q 90 54.34 -21.67 -12.03
CA MET Q 90 53.67 -22.00 -13.28
C MET Q 90 52.19 -21.68 -13.20
N ALA Q 91 51.54 -22.05 -12.10
CA ALA Q 91 50.12 -21.77 -11.95
C ALA Q 91 49.86 -20.28 -11.99
N SER Q 92 50.58 -19.51 -11.18
CA SER Q 92 50.40 -18.06 -11.18
C SER Q 92 50.63 -17.49 -12.57
N THR Q 93 51.69 -17.94 -13.24
CA THR Q 93 51.99 -17.41 -14.58
C THR Q 93 50.91 -17.77 -15.58
N LEU Q 94 50.53 -19.05 -15.65
CA LEU Q 94 49.54 -19.45 -16.63
C LEU Q 94 48.23 -18.71 -16.44
N GLN Q 95 47.73 -18.66 -15.21
CA GLN Q 95 46.55 -17.86 -14.93
C GLN Q 95 46.82 -16.40 -15.29
N GLU Q 96 47.95 -15.88 -14.83
CA GLU Q 96 48.38 -14.54 -15.20
C GLU Q 96 48.42 -14.38 -16.72
N ILE Q 97 48.91 -15.40 -17.43
CA ILE Q 97 48.96 -15.33 -18.88
C ILE Q 97 47.56 -15.16 -19.45
N ALA Q 98 46.61 -15.96 -18.99
CA ALA Q 98 45.24 -15.85 -19.48
C ALA Q 98 44.68 -14.47 -19.17
N GLN Q 99 44.94 -13.97 -17.97
CA GLN Q 99 44.35 -12.69 -17.56
C GLN Q 99 44.88 -11.53 -18.38
N ARG Q 100 46.18 -11.52 -18.71
CA ARG Q 100 46.75 -10.35 -19.35
C ARG Q 100 46.33 -10.23 -20.80
N PHE Q 101 45.76 -11.30 -21.35
CA PHE Q 101 45.12 -11.28 -22.68
C PHE Q 101 43.75 -11.92 -22.52
N PRO Q 102 42.89 -11.30 -21.73
CA PRO Q 102 41.74 -12.02 -21.16
C PRO Q 102 40.57 -12.11 -22.13
N ASP Q 103 39.79 -13.16 -21.93
CA ASP Q 103 38.55 -13.33 -22.67
C ASP Q 103 37.44 -12.51 -22.02
N LEU Q 104 37.63 -11.21 -21.96
CA LEU Q 104 36.64 -10.28 -21.44
C LEU Q 104 35.60 -10.06 -22.53
N GLN Q 105 34.81 -9.00 -22.43
CA GLN Q 105 33.86 -8.72 -23.50
C GLN Q 105 34.68 -8.46 -24.75
N ASN Q 106 34.89 -9.52 -25.52
CA ASN Q 106 35.95 -9.58 -26.51
C ASN Q 106 37.31 -9.28 -25.89
N THR Q 107 38.27 -10.15 -26.10
CA THR Q 107 39.66 -9.73 -25.99
C THR Q 107 39.86 -8.59 -26.98
N GLY Q 108 40.22 -7.41 -26.45
CA GLY Q 108 40.01 -6.17 -27.19
C GLY Q 108 40.21 -6.30 -28.69
N ILE Q 109 41.24 -7.05 -29.09
CA ILE Q 109 41.54 -7.18 -30.52
C ILE Q 109 40.35 -7.74 -31.28
N LEU Q 110 39.69 -8.76 -30.73
CA LEU Q 110 38.54 -9.33 -31.40
C LEU Q 110 37.43 -8.30 -31.57
N GLN Q 111 37.22 -7.48 -30.54
CA GLN Q 111 36.30 -6.35 -30.70
C GLN Q 111 36.75 -5.44 -31.82
N ASP Q 112 38.05 -5.15 -31.89
CA ASP Q 112 38.57 -4.34 -32.98
C ASP Q 112 38.33 -5.04 -34.31
N LEU Q 113 38.56 -6.35 -34.36
CA LEU Q 113 38.36 -7.10 -35.58
C LEU Q 113 36.94 -6.95 -36.10
N GLU Q 114 35.96 -7.20 -35.24
CA GLU Q 114 34.57 -7.21 -35.68
C GLU Q 114 34.10 -5.84 -36.12
N ASN Q 115 34.39 -4.80 -35.33
CA ASN Q 115 34.00 -3.46 -35.74
C ASN Q 115 34.67 -3.08 -37.05
N TYR Q 116 35.94 -3.44 -37.20
CA TYR Q 116 36.63 -3.20 -38.45
C TYR Q 116 35.91 -3.88 -39.61
N ASN Q 117 35.44 -5.10 -39.38
CA ASN Q 117 34.58 -5.75 -40.38
C ASN Q 117 33.28 -4.99 -40.55
N LYS Q 118 32.68 -4.55 -39.44
CA LYS Q 118 31.46 -3.77 -39.52
C LYS Q 118 31.67 -2.53 -40.39
N ALA Q 119 32.83 -1.90 -40.25
CA ALA Q 119 33.14 -0.75 -41.09
C ALA Q 119 33.18 -1.14 -42.55
N TRP Q 120 33.56 -2.38 -42.86
CA TRP Q 120 33.77 -2.76 -44.26
C TRP Q 120 32.45 -2.75 -45.03
N ASN Q 121 31.40 -3.31 -44.45
CA ASN Q 121 30.11 -3.30 -45.14
C ASN Q 121 29.57 -1.88 -45.21
N ASP Q 122 29.88 -1.04 -44.22
CA ASP Q 122 29.52 0.37 -44.30
C ASP Q 122 30.12 1.00 -45.55
N PHE Q 123 31.43 0.83 -45.75
CA PHE Q 123 32.06 1.40 -46.93
C PHE Q 123 31.58 0.71 -48.20
N ALA Q 124 31.30 -0.60 -48.11
CA ALA Q 124 30.57 -1.24 -49.21
C ALA Q 124 29.20 -0.61 -49.37
N SER Q 125 28.54 -0.31 -48.26
CA SER Q 125 27.29 0.44 -48.32
C SER Q 125 27.52 1.87 -48.80
N ASN Q 126 28.69 2.44 -48.49
CA ASN Q 126 29.01 3.82 -48.83
C ASN Q 126 30.35 3.87 -49.55
N PRO Q 127 30.44 3.28 -50.75
CA PRO Q 127 31.74 3.23 -51.42
C PRO Q 127 32.10 4.53 -52.10
N ASN Q 128 31.78 5.65 -51.45
CA ASN Q 128 32.25 6.96 -51.88
C ASN Q 128 32.61 7.83 -50.68
N GLU Q 129 32.04 7.54 -49.52
CA GLU Q 129 32.03 8.50 -48.41
C GLU Q 129 33.31 8.35 -47.60
N ASN Q 130 34.06 9.45 -47.46
CA ASN Q 130 35.35 9.39 -46.80
C ASN Q 130 35.20 9.27 -45.28
N ALA Q 131 34.25 9.98 -44.68
CA ALA Q 131 34.08 9.87 -43.23
C ALA Q 131 33.88 8.42 -42.81
N THR Q 132 33.24 7.63 -43.67
CA THR Q 132 33.18 6.18 -43.43
C THR Q 132 34.54 5.55 -43.69
N LYS Q 133 35.22 5.95 -44.77
CA LYS Q 133 36.60 5.54 -44.95
C LYS Q 133 37.41 5.84 -43.70
N ILE Q 134 37.26 7.05 -43.17
CA ILE Q 134 38.02 7.47 -42.02
C ILE Q 134 37.70 6.59 -40.82
N ALA Q 135 36.42 6.26 -40.63
CA ALA Q 135 36.06 5.33 -39.56
C ALA Q 135 36.74 3.98 -39.75
N LEU Q 136 36.71 3.46 -40.98
CA LEU Q 136 37.32 2.16 -41.23
C LEU Q 136 38.82 2.19 -40.96
N VAL Q 137 39.50 3.25 -41.40
CA VAL Q 137 40.94 3.34 -41.18
C VAL Q 137 41.25 3.26 -39.69
N LYS Q 138 40.46 3.95 -38.88
CA LYS Q 138 40.61 3.84 -37.42
C LYS Q 138 40.48 2.39 -36.98
N ALA Q 139 39.40 1.72 -37.40
CA ALA Q 139 39.19 0.35 -37.00
C ALA Q 139 40.36 -0.53 -37.44
N SER Q 140 40.85 -0.30 -38.65
CA SER Q 140 42.07 -0.99 -39.09
C SER Q 140 43.25 -0.62 -38.21
N GLN Q 141 43.42 0.67 -37.93
CA GLN Q 141 44.62 1.13 -37.23
C GLN Q 141 44.68 0.59 -35.82
N THR Q 142 43.61 0.80 -35.04
CA THR Q 142 43.63 0.34 -33.65
C THR Q 142 43.71 -1.17 -33.56
N LEU Q 143 43.06 -1.86 -34.50
CA LEU Q 143 43.11 -3.32 -34.52
C LEU Q 143 44.54 -3.81 -34.52
N THR Q 144 45.36 -3.30 -35.44
CA THR Q 144 46.79 -3.62 -35.42
C THR Q 144 47.42 -3.15 -34.12
N GLU Q 145 47.16 -1.89 -33.76
CA GLU Q 145 47.68 -1.36 -32.51
C GLU Q 145 47.35 -2.28 -31.34
N SER Q 146 46.09 -2.72 -31.26
CA SER Q 146 45.71 -3.63 -30.19
C SER Q 146 46.52 -4.91 -30.27
N VAL Q 147 46.82 -5.38 -31.48
CA VAL Q 147 47.70 -6.53 -31.65
C VAL Q 147 49.13 -6.17 -31.27
N ASN Q 148 49.61 -5.03 -31.77
CA ASN Q 148 51.02 -4.69 -31.63
C ASN Q 148 51.42 -4.62 -30.16
N ASN Q 149 50.65 -3.91 -29.35
CA ASN Q 149 50.97 -3.80 -27.93
C ASN Q 149 50.90 -5.16 -27.24
N THR Q 150 49.86 -5.93 -27.52
CA THR Q 150 49.69 -7.22 -26.86
C THR Q 150 50.88 -8.14 -27.15
N PHE Q 151 51.28 -8.24 -28.41
CA PHE Q 151 52.46 -9.03 -28.75
C PHE Q 151 53.67 -8.55 -27.95
N ALA Q 152 53.94 -7.26 -28.00
CA ALA Q 152 55.04 -6.72 -27.21
C ALA Q 152 54.89 -7.11 -25.75
N THR Q 153 53.66 -7.11 -25.24
CA THR Q 153 53.43 -7.56 -23.87
C THR Q 153 53.87 -9.01 -23.69
N LEU Q 154 53.51 -9.87 -24.64
CA LEU Q 154 54.08 -11.22 -24.65
C LEU Q 154 55.59 -11.15 -24.60
N ASP Q 155 56.18 -10.27 -25.41
CA ASP Q 155 57.63 -10.10 -25.39
C ASP Q 155 58.09 -9.59 -24.04
N LYS Q 156 57.37 -8.62 -23.47
CA LYS Q 156 57.77 -8.06 -22.19
C LYS Q 156 57.81 -9.13 -21.11
N ILE Q 157 56.74 -9.91 -21.00
CA ILE Q 157 56.69 -10.93 -19.96
C ILE Q 157 57.79 -11.97 -20.19
N GLN Q 158 58.09 -12.28 -21.45
CA GLN Q 158 59.23 -13.14 -21.74
C GLN Q 158 60.47 -12.63 -21.02
N LYS Q 159 60.76 -11.35 -21.18
CA LYS Q 159 61.94 -10.78 -20.56
C LYS Q 159 61.82 -10.77 -19.05
N LYS Q 160 60.61 -10.56 -18.53
CA LYS Q 160 60.41 -10.63 -17.10
C LYS Q 160 60.71 -12.03 -16.59
N VAL Q 161 60.28 -13.06 -17.32
CA VAL Q 161 60.61 -14.43 -16.92
C VAL Q 161 62.12 -14.61 -16.92
N ASN Q 162 62.82 -13.98 -17.86
CA ASN Q 162 64.26 -14.18 -17.98
C ASN Q 162 64.97 -13.77 -16.70
N ASP Q 163 64.68 -12.57 -16.20
CA ASP Q 163 65.38 -12.09 -15.01
C ASP Q 163 64.99 -12.88 -13.78
N ASP Q 164 63.73 -13.33 -13.72
CA ASP Q 164 63.28 -14.14 -12.59
C ASP Q 164 64.25 -15.28 -12.33
N ILE Q 165 64.77 -15.85 -13.41
CA ILE Q 165 65.83 -16.84 -13.33
C ILE Q 165 67.09 -16.23 -12.71
N LYS Q 166 67.70 -15.25 -13.39
CA LYS Q 166 68.78 -14.49 -12.79
C LYS Q 166 68.43 -14.08 -11.36
N ASN Q 167 67.16 -13.75 -11.12
CA ASN Q 167 66.71 -13.58 -9.74
C ASN Q 167 66.86 -14.90 -8.97
N THR Q 168 66.48 -16.01 -9.60
CA THR Q 168 66.78 -17.31 -9.00
C THR Q 168 68.29 -17.49 -8.82
N VAL Q 169 69.05 -17.28 -9.90
CA VAL Q 169 70.48 -17.53 -9.87
C VAL Q 169 71.12 -16.83 -8.68
N ASP Q 170 70.82 -15.55 -8.52
CA ASP Q 170 71.42 -14.78 -7.43
C ASP Q 170 71.15 -15.45 -6.09
N GLU Q 171 69.94 -15.96 -5.92
CA GLU Q 171 69.57 -16.63 -4.68
C GLU Q 171 70.48 -17.83 -4.42
N ILE Q 172 70.60 -18.73 -5.40
CA ILE Q 172 71.37 -19.96 -5.19
C ILE Q 172 72.84 -19.63 -5.02
N ASN Q 173 73.42 -18.89 -5.97
CA ASN Q 173 74.84 -18.57 -5.88
C ASN Q 173 75.18 -17.99 -4.52
N LYS Q 174 74.39 -17.02 -4.07
CA LYS Q 174 74.56 -16.48 -2.74
C LYS Q 174 74.38 -17.58 -1.69
N ILE Q 175 73.37 -18.42 -1.87
CA ILE Q 175 73.17 -19.54 -0.94
C ILE Q 175 74.32 -20.52 -1.02
N GLY Q 176 74.88 -20.71 -2.23
CA GLY Q 176 75.80 -21.80 -2.43
C GLY Q 176 76.94 -21.81 -1.43
N GLU Q 177 77.56 -20.64 -1.21
CA GLU Q 177 78.60 -20.56 -0.20
C GLU Q 177 78.02 -20.50 1.20
N GLU Q 178 76.87 -19.86 1.37
CA GLU Q 178 76.25 -19.81 2.69
C GLU Q 178 76.18 -21.20 3.29
N ILE Q 179 75.73 -22.17 2.51
CA ILE Q 179 75.71 -23.55 2.97
C ILE Q 179 77.13 -24.12 3.03
N ALA Q 180 77.91 -23.92 1.97
CA ALA Q 180 79.26 -24.46 1.93
C ALA Q 180 80.08 -23.97 3.11
N THR Q 181 80.10 -22.65 3.33
CA THR Q 181 80.77 -22.12 4.51
C THR Q 181 80.20 -22.75 5.78
N ILE Q 182 78.88 -22.82 5.88
CA ILE Q 182 78.27 -23.38 7.08
C ILE Q 182 78.83 -24.77 7.35
N ASN Q 183 78.92 -25.58 6.29
CA ASN Q 183 79.60 -26.88 6.43
C ASN Q 183 81.03 -26.67 6.88
N LYS Q 184 81.73 -25.70 6.29
CA LYS Q 184 83.08 -25.41 6.72
C LYS Q 184 83.14 -25.06 8.20
N GLN Q 185 82.04 -24.52 8.74
CA GLN Q 185 82.04 -24.13 10.15
C GLN Q 185 81.88 -25.30 11.08
N ILE Q 186 81.16 -26.34 10.67
CA ILE Q 186 80.78 -27.40 11.60
C ILE Q 186 81.99 -28.18 12.09
N TYR Q 187 82.98 -28.37 11.21
CA TYR Q 187 84.06 -29.32 11.50
C TYR Q 187 85.29 -28.98 10.69
N GLY Q 188 86.40 -29.62 11.06
CA GLY Q 188 87.66 -29.47 10.34
C GLY Q 188 88.73 -30.44 10.82
N GLN Q 189 90.00 -30.03 10.71
CA GLN Q 189 91.07 -30.89 11.20
C GLN Q 189 90.93 -31.15 12.69
N GLU Q 190 90.49 -30.16 13.45
CA GLU Q 190 89.95 -30.38 14.79
C GLU Q 190 88.44 -30.51 14.70
N ALA Q 191 87.85 -31.18 15.69
CA ALA Q 191 86.50 -31.73 15.56
C ALA Q 191 85.50 -31.00 16.44
N LEU Q 192 84.21 -31.09 16.04
CA LEU Q 192 83.05 -30.57 16.74
C LEU Q 192 82.17 -31.70 17.24
N PRO Q 193 81.88 -31.79 18.54
CA PRO Q 193 80.97 -32.84 19.02
C PRO Q 193 79.61 -32.75 18.35
N THR Q 194 78.76 -33.72 18.69
CA THR Q 194 77.58 -34.00 17.87
C THR Q 194 76.32 -33.29 18.36
N GLU Q 195 76.10 -33.25 19.66
CA GLU Q 195 74.73 -33.06 20.16
C GLU Q 195 74.12 -31.76 19.67
N HIS Q 196 74.89 -30.66 19.66
CA HIS Q 196 74.34 -29.42 19.11
C HIS Q 196 74.23 -29.49 17.60
N ALA Q 197 75.13 -30.22 16.93
CA ALA Q 197 75.04 -30.35 15.49
C ALA Q 197 73.63 -30.71 15.07
N ASN Q 198 72.90 -31.42 15.94
CA ASN Q 198 71.47 -31.62 15.75
C ASN Q 198 70.79 -30.33 15.30
N GLU Q 199 70.92 -29.28 16.10
CA GLU Q 199 70.29 -28.01 15.77
C GLU Q 199 70.97 -27.35 14.58
N LEU Q 200 72.29 -27.48 14.48
CA LEU Q 200 72.97 -27.03 13.27
C LEU Q 200 72.45 -27.79 12.06
N ARG Q 201 72.32 -29.11 12.19
CA ARG Q 201 71.62 -29.88 11.17
C ARG Q 201 70.22 -29.32 10.96
N ASP Q 202 69.52 -29.03 12.06
CA ASP Q 202 68.20 -28.41 11.94
C ASP Q 202 68.29 -27.12 11.14
N ARG Q 203 69.26 -26.26 11.48
CA ARG Q 203 69.44 -25.05 10.67
C ARG Q 203 69.82 -25.40 9.24
N ARG Q 204 70.68 -26.40 9.08
CA ARG Q 204 70.98 -26.88 7.73
C ARG Q 204 69.71 -27.33 7.02
N ASP Q 205 68.75 -27.87 7.79
CA ASP Q 205 67.57 -28.47 7.17
C ASP Q 205 66.71 -27.42 6.48
N GLU Q 206 66.52 -26.25 7.10
CA GLU Q 206 65.85 -25.16 6.39
C GLU Q 206 66.51 -24.90 5.05
N LEU Q 207 67.83 -24.74 5.08
CA LEU Q 207 68.59 -24.39 3.88
C LEU Q 207 68.35 -25.41 2.78
N GLU Q 208 68.34 -26.68 3.15
CA GLU Q 208 68.07 -27.75 2.19
C GLU Q 208 66.72 -27.55 1.54
N LEU Q 209 65.70 -27.20 2.32
CA LEU Q 209 64.39 -26.94 1.76
C LEU Q 209 64.46 -25.84 0.71
N THR Q 210 65.16 -24.75 1.02
CA THR Q 210 65.27 -23.64 0.08
C THR Q 210 65.92 -24.11 -1.22
N LEU Q 211 66.94 -24.95 -1.13
CA LEU Q 211 67.57 -25.48 -2.33
C LEU Q 211 66.68 -26.51 -3.01
N SER Q 212 66.30 -27.55 -2.26
CA SER Q 212 65.53 -28.64 -2.85
C SER Q 212 64.29 -28.13 -3.56
N LYS Q 213 63.57 -27.20 -2.93
CA LYS Q 213 62.35 -26.68 -3.53
C LYS Q 213 62.63 -26.08 -4.89
N LEU Q 214 63.72 -25.32 -5.01
CA LEU Q 214 64.09 -24.75 -6.29
C LEU Q 214 64.47 -25.83 -7.29
N VAL Q 215 65.40 -26.71 -6.89
CA VAL Q 215 65.97 -27.71 -7.78
C VAL Q 215 66.31 -28.92 -6.94
N SER Q 216 66.52 -30.05 -7.60
CA SER Q 216 66.71 -31.32 -6.91
C SER Q 216 68.15 -31.50 -6.45
N ALA Q 217 68.31 -32.06 -5.25
CA ALA Q 217 69.61 -32.43 -4.71
C ALA Q 217 69.41 -33.45 -3.61
N VAL Q 218 70.36 -34.38 -3.49
CA VAL Q 218 70.28 -35.46 -2.50
C VAL Q 218 71.65 -35.62 -1.86
N ALA Q 219 71.65 -35.88 -0.56
CA ALA Q 219 72.89 -36.08 0.18
C ALA Q 219 72.70 -37.19 1.21
N SER Q 220 73.83 -37.74 1.67
CA SER Q 220 73.83 -38.85 2.62
C SER Q 220 73.99 -38.28 4.03
N LYS Q 221 73.11 -38.69 4.94
CA LYS Q 221 73.00 -38.09 6.26
C LYS Q 221 73.12 -39.12 7.37
N ASN Q 222 73.56 -38.67 8.54
CA ASN Q 222 73.56 -39.46 9.76
C ASN Q 222 73.63 -38.52 10.97
N GLU Q 223 73.12 -39.00 12.11
CA GLU Q 223 73.11 -38.23 13.35
C GLU Q 223 74.31 -38.59 14.20
N ILE Q 224 75.42 -38.90 13.56
CA ILE Q 224 76.63 -39.45 14.16
C ILE Q 224 77.10 -38.70 15.41
N ASN Q 225 77.75 -39.42 16.32
CA ASN Q 225 78.36 -38.82 17.49
C ASN Q 225 79.78 -38.34 17.19
N GLN Q 226 80.16 -37.21 17.79
CA GLN Q 226 81.46 -36.59 17.58
C GLN Q 226 82.15 -36.28 18.91
N ASP Q 227 81.73 -36.96 19.98
CA ASP Q 227 82.30 -36.72 21.29
C ASP Q 227 83.72 -37.26 21.34
N ASN Q 228 84.61 -36.50 21.99
CA ASN Q 228 86.04 -36.53 21.68
C ASN Q 228 86.83 -37.26 22.76
N ARG Q 229 87.28 -38.48 22.43
CA ARG Q 229 88.49 -39.02 23.05
C ARG Q 229 89.68 -38.31 22.44
N LEU Q 230 90.70 -38.06 23.27
CA LEU Q 230 91.65 -36.98 22.98
C LEU Q 230 92.87 -37.42 22.18
N ASP Q 231 92.90 -38.65 21.67
CA ASP Q 231 94.12 -39.17 21.08
C ASP Q 231 94.37 -38.70 19.64
N THR Q 232 93.36 -38.16 18.94
CA THR Q 232 93.52 -37.76 17.56
C THR Q 232 92.52 -36.65 17.21
N THR Q 233 92.74 -36.02 16.06
CA THR Q 233 91.92 -34.89 15.61
C THR Q 233 91.66 -34.97 14.11
N ILE Q 234 90.46 -35.43 13.73
CA ILE Q 234 89.97 -35.30 12.36
C ILE Q 234 88.48 -35.62 12.37
N THR Q 235 87.73 -35.08 11.40
CA THR Q 235 86.26 -35.11 11.45
C THR Q 235 85.71 -35.57 10.11
N ASP Q 236 84.43 -35.99 10.12
CA ASP Q 236 83.79 -36.65 8.96
C ASP Q 236 82.42 -36.06 8.64
N PRO Q 237 82.24 -35.38 7.50
CA PRO Q 237 80.87 -35.10 7.03
C PRO Q 237 80.24 -36.20 6.21
N GLY Q 238 81.05 -36.92 5.41
CA GLY Q 238 80.50 -37.62 4.25
C GLY Q 238 79.30 -38.48 4.59
N HIS Q 239 79.39 -39.27 5.65
CA HIS Q 239 78.24 -40.06 6.07
C HIS Q 239 77.14 -39.17 6.62
N GLN Q 240 77.48 -37.92 6.98
CA GLN Q 240 76.51 -36.96 7.47
C GLN Q 240 76.00 -36.04 6.37
N TYR Q 241 76.85 -35.73 5.40
CA TYR Q 241 76.41 -35.00 4.22
C TYR Q 241 77.42 -35.22 3.11
N ASN Q 242 77.02 -35.96 2.09
CA ASN Q 242 77.75 -35.98 0.84
C ASN Q 242 76.75 -35.91 -0.29
N LEU Q 243 76.98 -34.99 -1.21
CA LEU Q 243 75.94 -34.43 -2.06
C LEU Q 243 75.88 -35.12 -3.42
N SER Q 244 74.66 -35.36 -3.88
CA SER Q 244 74.37 -35.60 -5.28
C SER Q 244 73.36 -34.55 -5.74
N ILE Q 245 73.48 -34.13 -6.99
CA ILE Q 245 72.65 -33.06 -7.53
C ILE Q 245 72.25 -33.43 -8.95
N GLU Q 246 71.38 -32.62 -9.56
CA GLU Q 246 70.80 -32.96 -10.84
C GLU Q 246 71.89 -33.33 -11.85
N GLY Q 247 71.91 -34.58 -12.28
CA GLY Q 247 72.88 -35.04 -13.26
C GLY Q 247 74.32 -34.74 -12.90
N PHE Q 248 74.64 -34.68 -11.60
CA PHE Q 248 75.92 -34.14 -11.18
C PHE Q 248 76.04 -34.33 -9.67
N SER Q 249 77.28 -34.49 -9.20
CA SER Q 249 77.52 -34.67 -7.76
C SER Q 249 78.84 -33.99 -7.40
N ILE Q 250 78.77 -32.69 -7.09
CA ILE Q 250 79.96 -31.98 -6.64
C ILE Q 250 79.63 -30.91 -5.61
N VAL Q 251 80.05 -31.15 -4.37
CA VAL Q 251 80.31 -30.13 -3.38
C VAL Q 251 81.48 -30.67 -2.58
N ASP Q 252 82.63 -30.00 -2.68
CA ASP Q 252 83.90 -30.59 -2.25
C ASP Q 252 83.88 -30.68 -0.73
N GLY Q 253 83.03 -31.58 -0.24
CA GLY Q 253 82.91 -31.81 1.20
C GLY Q 253 82.21 -30.68 1.90
N ILE Q 254 82.77 -29.48 1.76
CA ILE Q 254 82.26 -28.30 2.45
C ILE Q 254 82.19 -27.09 1.52
N ASN Q 255 82.61 -27.26 0.27
CA ASN Q 255 82.88 -26.12 -0.60
C ASN Q 255 81.90 -26.06 -1.77
N PHE Q 256 81.47 -24.85 -2.08
CA PHE Q 256 80.57 -24.55 -3.17
C PHE Q 256 81.35 -23.90 -4.31
N HIS Q 257 80.74 -23.90 -5.49
CA HIS Q 257 81.39 -23.45 -6.73
C HIS Q 257 80.54 -22.36 -7.36
N PRO Q 258 80.81 -21.09 -7.02
CA PRO Q 258 80.00 -19.99 -7.58
C PRO Q 258 80.01 -20.03 -9.10
N LEU Q 259 78.89 -19.59 -9.68
CA LEU Q 259 78.50 -19.99 -11.02
C LEU Q 259 79.15 -19.11 -12.08
N LYS Q 260 79.76 -19.76 -13.06
CA LYS Q 260 80.24 -19.10 -14.27
C LYS Q 260 79.08 -19.06 -15.24
N LEU Q 261 78.49 -17.87 -15.40
CA LEU Q 261 77.23 -17.73 -16.12
C LEU Q 261 77.35 -16.50 -17.00
N ASP Q 262 77.25 -16.69 -18.31
CA ASP Q 262 77.48 -15.60 -19.24
C ASP Q 262 76.46 -15.66 -20.36
N TYR Q 263 76.37 -14.58 -21.12
CA TYR Q 263 75.39 -14.46 -22.18
C TYR Q 263 76.04 -13.98 -23.47
N ASP Q 264 75.78 -14.70 -24.55
CA ASP Q 264 75.91 -14.18 -25.90
C ASP Q 264 74.68 -13.40 -26.34
N ASP Q 265 73.57 -13.54 -25.61
CA ASP Q 265 72.30 -12.94 -26.00
C ASP Q 265 72.25 -11.48 -25.55
N LYS Q 266 71.57 -10.66 -26.34
CA LYS Q 266 71.45 -9.25 -26.01
C LYS Q 266 70.45 -9.06 -24.87
N ASN Q 267 69.58 -10.04 -24.67
CA ASN Q 267 68.72 -10.11 -23.50
C ASN Q 267 69.32 -10.96 -22.38
N LYS Q 268 70.65 -11.05 -22.31
CA LYS Q 268 71.32 -11.66 -21.17
C LYS Q 268 70.95 -13.13 -20.98
N SER Q 269 71.35 -13.97 -21.93
CA SER Q 269 71.17 -15.41 -21.80
C SER Q 269 72.02 -15.93 -20.66
N TYR Q 270 71.36 -16.27 -19.55
CA TYR Q 270 72.05 -16.63 -18.32
C TYR Q 270 72.51 -18.09 -18.39
N SER Q 271 73.37 -18.40 -19.34
CA SER Q 271 73.89 -19.75 -19.53
C SER Q 271 75.12 -19.95 -18.67
N ILE Q 272 75.36 -21.21 -18.28
CA ILE Q 272 76.30 -21.53 -17.22
C ILE Q 272 77.32 -22.54 -17.72
N TYR Q 273 78.48 -22.54 -17.07
CA TYR Q 273 79.67 -23.23 -17.57
C TYR Q 273 80.62 -23.47 -16.41
N TYR Q 274 81.62 -24.32 -16.63
CA TYR Q 274 82.72 -24.50 -15.68
C TYR Q 274 83.93 -25.15 -16.31
N GLU Q 275 84.97 -25.27 -15.49
CA GLU Q 275 86.23 -25.92 -15.79
C GLU Q 275 86.30 -27.26 -15.06
N THR Q 276 87.05 -28.19 -15.62
CA THR Q 276 87.24 -29.49 -14.98
C THR Q 276 88.44 -29.44 -14.04
N PRO Q 277 88.54 -30.42 -13.12
CA PRO Q 277 89.80 -30.56 -12.37
C PRO Q 277 91.00 -30.78 -13.27
N ASP Q 278 90.81 -31.47 -14.39
CA ASP Q 278 91.91 -31.83 -15.30
C ASP Q 278 91.95 -30.89 -16.50
N GLU Q 279 92.44 -29.66 -16.26
CA GLU Q 279 93.04 -28.81 -17.27
C GLU Q 279 92.08 -28.21 -18.30
N LYS Q 280 90.78 -28.52 -18.24
CA LYS Q 280 89.93 -28.40 -19.43
C LYS Q 280 88.68 -27.55 -19.16
N VAL Q 281 88.08 -27.07 -20.26
CA VAL Q 281 87.06 -26.02 -20.24
C VAL Q 281 85.74 -26.59 -20.73
N ARG Q 282 84.71 -26.56 -19.90
CA ARG Q 282 83.48 -27.29 -20.19
C ARG Q 282 82.23 -26.48 -19.80
N ASP Q 283 81.08 -27.14 -19.87
CA ASP Q 283 79.76 -26.50 -19.80
C ASP Q 283 78.83 -27.19 -18.81
N LEU Q 284 77.74 -26.49 -18.46
CA LEU Q 284 76.63 -27.07 -17.71
C LEU Q 284 75.25 -26.72 -18.26
N THR Q 285 75.15 -25.67 -19.07
CA THR Q 285 73.95 -24.86 -19.17
C THR Q 285 72.62 -25.62 -19.19
N ALA Q 286 72.36 -26.41 -20.22
CA ALA Q 286 70.98 -26.73 -20.60
C ALA Q 286 70.49 -28.08 -20.09
N LYS Q 287 71.21 -28.75 -19.20
CA LYS Q 287 70.89 -30.15 -18.88
C LYS Q 287 70.02 -30.31 -17.63
N ILE Q 288 69.42 -29.24 -17.11
CA ILE Q 288 68.83 -29.27 -15.78
C ILE Q 288 67.38 -28.83 -15.84
N SER Q 289 66.54 -29.49 -15.03
CA SER Q 289 65.11 -29.24 -15.04
C SER Q 289 64.76 -28.37 -13.85
N GLY Q 290 64.97 -28.83 -12.61
CA GLY Q 290 64.67 -28.03 -11.44
C GLY Q 290 63.17 -27.85 -11.21
N GLY Q 291 62.79 -27.66 -9.95
CA GLY Q 291 61.39 -27.40 -9.63
C GLY Q 291 61.00 -25.98 -9.95
N GLN Q 292 61.57 -25.03 -9.20
CA GLN Q 292 61.36 -23.63 -9.50
C GLN Q 292 61.99 -23.28 -10.84
N LEU Q 293 63.18 -23.83 -11.10
CA LEU Q 293 63.95 -23.46 -12.28
C LEU Q 293 63.20 -23.78 -13.57
N GLY Q 294 62.75 -25.03 -13.72
CA GLY Q 294 62.10 -25.41 -14.97
C GLY Q 294 60.90 -24.55 -15.29
N ALA Q 295 60.21 -24.05 -14.25
CA ALA Q 295 59.04 -23.22 -14.49
C ALA Q 295 59.40 -22.00 -15.33
N GLN Q 296 60.43 -21.26 -14.93
CA GLN Q 296 60.88 -20.13 -15.72
C GLN Q 296 61.56 -20.62 -17.00
N LEU Q 297 62.36 -21.66 -16.87
CA LEU Q 297 63.28 -22.04 -17.93
C LEU Q 297 62.56 -22.69 -19.10
N ASP Q 298 61.63 -23.61 -18.83
CA ASP Q 298 60.91 -24.25 -19.92
C ASP Q 298 59.98 -23.27 -20.61
N LEU Q 299 59.35 -22.38 -19.85
CA LEU Q 299 58.46 -21.39 -20.45
C LEU Q 299 59.21 -20.53 -21.45
N ARG Q 300 60.38 -20.01 -21.06
CA ARG Q 300 61.10 -19.11 -21.95
C ARG Q 300 61.72 -19.83 -23.13
N GLY Q 301 62.16 -21.06 -22.94
CA GLY Q 301 63.02 -21.69 -23.91
C GLY Q 301 64.37 -22.01 -23.33
N ARG Q 302 65.13 -22.84 -24.05
CA ARG Q 302 66.40 -23.36 -23.54
C ARG Q 302 67.60 -22.95 -24.38
N ASN Q 303 67.39 -22.27 -25.51
CA ASN Q 303 68.49 -21.73 -26.31
C ASN Q 303 68.13 -20.35 -26.84
N TYR Q 304 69.07 -19.42 -26.70
CA TYR Q 304 68.93 -18.13 -27.36
C TYR Q 304 69.17 -18.28 -28.87
N SER Q 305 68.47 -17.48 -29.65
CA SER Q 305 68.56 -17.56 -31.10
C SER Q 305 69.61 -16.59 -31.60
N LYS Q 306 70.78 -17.13 -31.92
CA LYS Q 306 71.77 -16.36 -32.68
C LYS Q 306 71.21 -15.97 -34.04
N SER Q 307 70.59 -16.94 -34.72
CA SER Q 307 70.12 -16.74 -36.08
C SER Q 307 69.00 -15.71 -36.14
N GLU Q 308 68.07 -15.76 -35.19
CA GLU Q 308 66.88 -14.90 -35.22
C GLU Q 308 66.80 -13.95 -34.04
N GLY Q 309 67.84 -13.88 -33.21
CA GLY Q 309 67.84 -12.98 -32.07
C GLY Q 309 66.86 -13.31 -30.98
N LYS Q 310 65.89 -14.18 -31.24
CA LYS Q 310 64.93 -14.64 -30.24
C LYS Q 310 65.57 -15.70 -29.36
N TYR Q 311 64.76 -16.44 -28.62
CA TYR Q 311 65.17 -17.73 -28.09
C TYR Q 311 64.63 -18.82 -29.00
N GLU Q 312 65.53 -19.71 -29.42
CA GLU Q 312 65.17 -20.66 -30.47
C GLU Q 312 64.00 -21.54 -30.05
N ASP Q 313 63.73 -21.64 -28.75
CA ASP Q 313 62.56 -22.36 -28.28
C ASP Q 313 61.91 -21.63 -27.10
N GLY Q 314 60.90 -22.27 -26.50
CA GLY Q 314 60.20 -21.68 -25.37
C GLY Q 314 58.69 -21.77 -25.49
N ILE Q 315 58.03 -22.18 -24.40
CA ILE Q 315 56.58 -22.29 -24.42
C ILE Q 315 55.96 -20.93 -24.69
N ILE Q 316 56.40 -19.91 -23.95
CA ILE Q 316 55.94 -18.55 -24.23
C ILE Q 316 56.31 -18.16 -25.65
N GLN Q 317 57.50 -18.56 -26.09
CA GLN Q 317 57.89 -18.29 -27.47
C GLN Q 317 56.91 -18.95 -28.44
N GLY Q 318 56.62 -20.24 -28.22
CA GLY Q 318 55.65 -20.91 -29.05
C GLY Q 318 54.33 -20.18 -29.10
N TYR Q 319 53.95 -19.53 -27.98
CA TYR Q 319 52.75 -18.71 -27.99
C TYR Q 319 52.89 -17.54 -28.95
N MET Q 320 54.04 -16.88 -28.95
CA MET Q 320 54.27 -15.81 -29.90
C MET Q 320 54.55 -16.36 -31.29
N ASP Q 321 55.13 -17.57 -31.37
CA ASP Q 321 55.27 -18.24 -32.66
C ASP Q 321 53.91 -18.48 -33.29
N SER Q 322 52.86 -18.50 -32.48
CA SER Q 322 51.51 -18.52 -33.04
C SER Q 322 51.08 -17.12 -33.49
N LEU Q 323 51.38 -16.10 -32.69
CA LEU Q 323 50.80 -14.79 -32.97
C LEU Q 323 51.35 -14.21 -34.26
N ASP Q 324 52.52 -14.68 -34.70
CA ASP Q 324 52.95 -14.35 -36.06
C ASP Q 324 52.34 -15.32 -37.06
N THR Q 325 51.97 -16.53 -36.62
CA THR Q 325 51.26 -17.44 -37.50
C THR Q 325 49.93 -16.84 -37.90
N PHE Q 326 49.23 -16.23 -36.94
CA PHE Q 326 48.22 -15.23 -37.28
C PHE Q 326 48.71 -14.31 -38.38
N ALA Q 327 49.81 -13.61 -38.13
CA ALA Q 327 50.18 -12.49 -38.99
C ALA Q 327 50.67 -12.95 -40.35
N LYS Q 328 51.53 -13.97 -40.39
CA LYS Q 328 52.14 -14.36 -41.66
C LYS Q 328 51.08 -14.56 -42.72
N THR Q 329 50.04 -15.33 -42.41
CA THR Q 329 48.90 -15.42 -43.31
C THR Q 329 48.19 -14.08 -43.41
N MET Q 330 47.66 -13.60 -42.28
CA MET Q 330 46.76 -12.45 -42.30
C MET Q 330 47.26 -11.34 -43.22
N ILE Q 331 48.57 -11.13 -43.26
CA ILE Q 331 49.14 -10.09 -44.08
C ILE Q 331 48.93 -10.41 -45.56
N ASN Q 332 49.27 -11.64 -45.94
CA ASN Q 332 49.45 -11.96 -47.36
C ASN Q 332 48.15 -11.75 -48.14
N GLU Q 333 47.12 -12.52 -47.81
CA GLU Q 333 45.88 -12.43 -48.57
C GLU Q 333 45.31 -11.02 -48.52
N THR Q 334 45.33 -10.39 -47.33
CA THR Q 334 44.72 -9.08 -47.19
C THR Q 334 45.33 -8.08 -48.16
N ASN Q 335 46.67 -8.12 -48.28
CA ASN Q 335 47.32 -7.29 -49.28
C ASN Q 335 46.89 -7.67 -50.69
N ASN Q 336 46.80 -8.97 -50.96
CA ASN Q 336 46.33 -9.42 -52.27
C ASN Q 336 44.91 -8.93 -52.54
N LEU Q 337 44.09 -8.78 -51.50
CA LEU Q 337 42.75 -8.24 -51.70
C LEU Q 337 42.82 -6.85 -52.33
N TYR Q 338 43.63 -5.96 -51.77
CA TYR Q 338 43.74 -4.63 -52.35
C TYR Q 338 44.47 -4.66 -53.69
N ALA Q 339 45.30 -5.67 -53.92
CA ALA Q 339 45.90 -5.81 -55.24
C ALA Q 339 44.84 -5.88 -56.33
N SER Q 340 43.67 -6.43 -56.00
CA SER Q 340 42.56 -6.43 -56.95
C SER Q 340 42.11 -5.02 -57.28
N SER Q 341 42.42 -4.04 -56.43
CA SER Q 341 42.13 -2.65 -56.76
C SER Q 341 42.96 -2.23 -57.98
N ALA Q 342 42.38 -1.38 -58.81
CA ALA Q 342 43.05 -0.97 -60.03
C ALA Q 342 43.80 0.33 -59.80
N LYS Q 343 45.11 0.30 -60.05
CA LYS Q 343 46.00 1.41 -59.77
C LYS Q 343 46.84 1.70 -61.01
N SER Q 344 46.94 2.99 -61.37
CA SER Q 344 47.77 3.37 -62.49
C SER Q 344 49.26 3.25 -62.19
N SER Q 345 49.66 3.44 -60.93
CA SER Q 345 51.05 3.34 -60.52
C SER Q 345 51.13 2.49 -59.27
N VAL Q 346 52.16 1.64 -59.20
CA VAL Q 346 52.35 0.74 -58.07
C VAL Q 346 53.83 0.50 -57.89
N THR Q 347 54.21 0.10 -56.67
CA THR Q 347 55.59 -0.25 -56.36
C THR Q 347 55.57 -1.32 -55.28
N SER Q 348 56.58 -2.20 -55.34
CA SER Q 348 56.68 -3.29 -54.39
C SER Q 348 57.22 -2.79 -53.05
N ASP Q 349 57.07 -3.63 -52.03
CA ASP Q 349 57.78 -3.37 -50.79
C ASP Q 349 59.27 -3.54 -51.03
N TYR Q 350 60.07 -2.96 -50.13
CA TYR Q 350 61.48 -2.80 -50.42
C TYR Q 350 62.16 -4.15 -50.48
N LEU Q 351 62.78 -4.44 -51.61
CA LEU Q 351 63.46 -5.71 -51.84
C LEU Q 351 64.94 -5.66 -51.50
N SER Q 352 65.28 -5.19 -50.30
CA SER Q 352 66.67 -5.16 -49.89
C SER Q 352 67.22 -6.57 -49.82
N GLY Q 353 68.39 -6.78 -50.41
CA GLY Q 353 68.99 -8.10 -50.40
C GLY Q 353 68.38 -9.09 -51.37
N LEU Q 354 67.74 -8.61 -52.43
CA LEU Q 354 67.22 -9.49 -53.47
C LEU Q 354 67.22 -8.79 -54.81
N LYS Q 355 67.81 -9.44 -55.81
CA LYS Q 355 67.66 -9.00 -57.19
C LYS Q 355 66.33 -9.49 -57.76
N GLY Q 356 65.81 -8.74 -58.73
CA GLY Q 356 64.58 -9.12 -59.41
C GLY Q 356 64.82 -10.12 -60.51
N ASP Q 357 65.89 -10.89 -60.38
CA ASP Q 357 66.30 -11.87 -61.38
C ASP Q 357 66.72 -13.16 -60.69
N ILE Q 358 66.04 -13.52 -59.62
CA ILE Q 358 66.45 -14.63 -58.77
C ILE Q 358 65.24 -15.53 -58.56
N PRO Q 359 65.41 -16.87 -58.48
CA PRO Q 359 64.27 -17.73 -58.17
C PRO Q 359 63.58 -17.29 -56.90
N LEU Q 360 62.32 -16.87 -57.03
CA LEU Q 360 61.69 -16.06 -55.99
C LEU Q 360 61.29 -16.89 -54.78
N VAL Q 361 61.10 -18.20 -54.95
CA VAL Q 361 60.66 -19.04 -53.84
C VAL Q 361 61.60 -18.90 -52.65
N ASN Q 362 62.87 -18.57 -52.91
CA ASN Q 362 63.80 -18.31 -51.81
C ASN Q 362 63.29 -17.20 -50.91
N TYR Q 363 62.75 -16.14 -51.51
CA TYR Q 363 62.42 -14.95 -50.75
C TYR Q 363 61.20 -15.17 -49.85
N ASP Q 364 60.33 -16.11 -50.20
CA ASP Q 364 59.13 -16.35 -49.41
C ASP Q 364 58.65 -17.78 -49.64
N ARG Q 365 58.10 -18.38 -48.58
CA ARG Q 365 57.55 -19.72 -48.70
C ARG Q 365 56.15 -19.72 -49.30
N THR Q 366 55.47 -18.58 -49.32
CA THR Q 366 54.09 -18.50 -49.78
C THR Q 366 53.96 -18.22 -51.27
N ILE Q 367 55.01 -17.72 -51.90
CA ILE Q 367 54.98 -17.47 -53.34
C ILE Q 367 55.39 -18.75 -54.04
N GLN Q 368 54.42 -19.61 -54.29
CA GLN Q 368 54.62 -20.98 -54.75
C GLN Q 368 53.77 -21.24 -55.99
N PRO Q 369 53.89 -22.43 -56.60
CA PRO Q 369 53.08 -22.72 -57.78
C PRO Q 369 51.60 -22.40 -57.58
N GLY Q 370 51.12 -21.43 -58.35
CA GLY Q 370 49.75 -20.98 -58.26
C GLY Q 370 49.47 -19.97 -59.33
N SER Q 371 48.20 -19.61 -59.49
CA SER Q 371 47.76 -18.77 -60.58
C SER Q 371 47.43 -17.37 -60.09
N PHE Q 372 47.66 -16.38 -60.96
CA PHE Q 372 47.22 -15.01 -60.72
C PHE Q 372 46.95 -14.35 -62.06
N ASP Q 373 46.00 -13.40 -62.05
CA ASP Q 373 45.53 -12.76 -63.25
C ASP Q 373 45.86 -11.27 -63.19
N ILE Q 374 46.08 -10.69 -64.36
CA ILE Q 374 46.54 -9.31 -64.49
C ILE Q 374 45.60 -8.64 -65.49
N VAL Q 375 44.78 -7.71 -65.02
CA VAL Q 375 43.80 -7.06 -65.88
C VAL Q 375 44.08 -5.56 -65.92
N ILE Q 376 44.05 -4.99 -67.12
CA ILE Q 376 44.34 -3.58 -67.34
C ILE Q 376 43.05 -2.84 -67.65
N TYR Q 377 42.98 -1.57 -67.29
CA TYR Q 377 41.79 -0.77 -67.55
C TYR Q 377 42.21 0.51 -68.16
N ASP Q 378 41.24 1.34 -68.52
CA ASP Q 378 41.55 2.67 -68.97
C ASP Q 378 41.20 3.41 -67.69
N ASP Q 379 41.60 4.67 -67.54
CA ASP Q 379 41.34 5.32 -66.26
C ASP Q 379 39.86 5.32 -65.90
N LYS Q 380 38.99 5.03 -66.86
CA LYS Q 380 37.56 4.92 -66.57
C LYS Q 380 37.28 3.94 -65.45
N GLY Q 381 38.04 2.85 -65.37
CA GLY Q 381 37.74 1.78 -64.45
C GLY Q 381 37.18 0.54 -65.11
N ASP Q 382 37.19 0.47 -66.44
CA ASP Q 382 36.64 -0.67 -67.16
C ASP Q 382 37.62 -1.83 -67.12
N LYS Q 383 37.13 -3.01 -66.76
CA LYS Q 383 37.96 -4.19 -66.56
C LYS Q 383 37.96 -5.02 -67.84
N LYS Q 384 38.89 -4.72 -68.74
CA LYS Q 384 39.02 -5.50 -69.98
C LYS Q 384 40.47 -5.45 -70.44
N LEU Q 385 41.25 -6.43 -69.99
CA LEU Q 385 42.44 -7.01 -70.62
C LEU Q 385 42.93 -8.08 -69.64
N THR Q 386 43.73 -9.03 -70.11
CA THR Q 386 44.20 -10.05 -69.17
C THR Q 386 45.36 -10.88 -69.67
N LYS Q 387 46.40 -10.97 -68.85
CA LYS Q 387 47.30 -12.11 -68.79
C LYS Q 387 47.06 -12.91 -67.52
N THR Q 388 47.32 -14.22 -67.62
CA THR Q 388 47.32 -15.13 -66.49
C THR Q 388 48.64 -15.88 -66.48
N ILE Q 389 49.25 -15.99 -65.30
CA ILE Q 389 50.53 -16.65 -65.16
C ILE Q 389 50.46 -17.61 -63.98
N THR Q 390 51.18 -18.72 -64.11
CA THR Q 390 51.30 -19.70 -63.04
C THR Q 390 52.78 -19.91 -62.73
N ILE Q 391 53.07 -20.21 -61.47
CA ILE Q 391 54.42 -20.18 -60.94
C ILE Q 391 55.06 -21.56 -61.04
N ASP Q 392 56.28 -21.60 -61.56
CA ASP Q 392 57.21 -22.68 -61.30
C ASP Q 392 58.34 -22.14 -60.42
N VAL Q 393 58.75 -22.94 -59.43
CA VAL Q 393 59.58 -22.42 -58.35
C VAL Q 393 60.86 -21.76 -58.86
N ASN Q 394 61.34 -22.13 -60.05
CA ASN Q 394 62.56 -21.51 -60.55
C ASN Q 394 62.32 -20.10 -61.07
N THR Q 395 61.06 -19.76 -61.35
CA THR Q 395 60.75 -18.53 -62.07
C THR Q 395 61.32 -17.31 -61.35
N THR Q 396 61.84 -16.37 -62.12
CA THR Q 396 62.37 -15.11 -61.62
C THR Q 396 61.40 -13.99 -61.96
N MET Q 397 61.50 -12.88 -61.21
CA MET Q 397 60.68 -11.73 -61.58
C MET Q 397 61.05 -11.22 -62.96
N ASN Q 398 62.31 -11.31 -63.33
CA ASN Q 398 62.71 -10.96 -64.69
C ASN Q 398 61.93 -11.77 -65.71
N ASP Q 399 61.55 -13.01 -65.36
CA ASP Q 399 60.68 -13.78 -66.25
C ASP Q 399 59.35 -13.07 -66.43
N ILE Q 400 58.80 -12.53 -65.35
CA ILE Q 400 57.61 -11.69 -65.48
C ILE Q 400 57.93 -10.49 -66.35
N MET Q 401 59.09 -9.86 -66.12
CA MET Q 401 59.54 -8.78 -66.98
C MET Q 401 59.62 -9.24 -68.43
N ARG Q 402 60.09 -10.47 -68.65
CA ARG Q 402 60.13 -11.01 -70.02
C ARG Q 402 58.73 -11.17 -70.57
N GLN Q 403 57.76 -11.54 -69.72
CA GLN Q 403 56.37 -11.56 -70.16
C GLN Q 403 55.82 -10.15 -70.31
N ILE Q 404 56.32 -9.21 -69.50
CA ILE Q 404 55.77 -7.85 -69.50
C ILE Q 404 56.01 -7.17 -70.85
N ASN Q 405 56.90 -7.71 -71.67
CA ASN Q 405 57.17 -7.16 -72.99
C ASN Q 405 56.87 -8.15 -74.11
N ALA Q 406 56.00 -9.14 -73.88
CA ALA Q 406 55.85 -10.25 -74.81
C ALA Q 406 54.91 -9.92 -75.97
N ASN Q 407 54.37 -8.69 -76.00
CA ASN Q 407 53.51 -8.26 -77.09
C ASN Q 407 52.46 -9.31 -77.43
N THR Q 408 51.51 -9.54 -76.52
CA THR Q 408 50.63 -10.70 -76.56
C THR Q 408 49.21 -10.30 -76.96
N ASP Q 409 48.41 -11.28 -77.36
CA ASP Q 409 46.98 -11.06 -77.56
C ASP Q 409 46.23 -11.21 -76.24
N ASP Q 410 45.84 -10.07 -75.67
CA ASP Q 410 44.79 -10.10 -74.65
C ASP Q 410 43.82 -8.95 -74.90
N ASN Q 411 43.68 -8.58 -76.17
CA ASN Q 411 42.84 -7.46 -76.56
C ASN Q 411 41.90 -7.85 -77.69
N ASP Q 412 41.72 -9.15 -77.94
CA ASP Q 412 40.90 -9.69 -79.01
C ASP Q 412 41.31 -9.10 -80.35
N ASN Q 413 42.54 -8.60 -80.44
CA ASN Q 413 43.11 -8.10 -81.68
C ASN Q 413 44.57 -8.51 -81.87
N LYS Q 414 45.21 -9.11 -80.86
CA LYS Q 414 46.66 -9.32 -80.89
C LYS Q 414 47.27 -8.02 -81.36
N ASN Q 415 46.72 -6.91 -80.89
CA ASN Q 415 47.08 -5.59 -81.41
C ASN Q 415 48.44 -5.23 -80.86
N SER Q 416 49.46 -5.16 -81.72
CA SER Q 416 50.73 -4.66 -81.23
C SER Q 416 50.66 -3.15 -81.17
N ASN Q 417 49.56 -2.65 -80.58
CA ASN Q 417 49.38 -1.25 -80.25
C ASN Q 417 48.79 -1.23 -78.85
N ASP Q 418 48.10 -2.33 -78.49
CA ASP Q 418 47.25 -2.39 -77.33
C ASP Q 418 47.63 -3.55 -76.42
N ASP Q 419 48.60 -4.38 -76.83
CA ASP Q 419 49.08 -5.43 -75.95
C ASP Q 419 49.50 -4.83 -74.61
N VAL Q 420 49.06 -5.47 -73.53
CA VAL Q 420 49.37 -4.98 -72.19
C VAL Q 420 50.84 -4.58 -72.09
N ASP Q 421 51.71 -5.30 -72.80
CA ASP Q 421 53.09 -4.87 -72.92
C ASP Q 421 53.17 -3.49 -73.57
N ASP Q 422 52.31 -3.24 -74.56
CA ASP Q 422 52.24 -1.92 -75.18
C ASP Q 422 51.56 -0.90 -74.27
N HIS Q 423 50.92 -1.35 -73.18
CA HIS Q 423 50.24 -0.43 -72.29
C HIS Q 423 51.05 -0.12 -71.03
N ILE Q 424 51.88 -1.06 -70.56
CA ILE Q 424 52.29 -1.07 -69.17
C ILE Q 424 53.80 -0.89 -69.05
N ASN Q 425 54.22 -0.34 -67.91
CA ASN Q 425 55.60 -0.10 -67.57
C ASN Q 425 55.94 -0.84 -66.29
N ALA Q 426 57.16 -1.39 -66.22
CA ALA Q 426 57.62 -2.11 -65.05
C ALA Q 426 59.11 -1.84 -64.87
N SER Q 427 59.59 -2.03 -63.64
CA SER Q 427 60.98 -1.72 -63.34
C SER Q 427 61.44 -2.44 -62.09
N PHE Q 428 62.76 -2.67 -62.02
CA PHE Q 428 63.42 -3.12 -60.82
C PHE Q 428 64.61 -2.20 -60.57
N SER Q 429 65.04 -2.13 -59.31
CA SER Q 429 66.16 -1.29 -58.92
C SER Q 429 67.02 -2.02 -57.89
N TYR Q 430 68.28 -1.60 -57.80
CA TYR Q 430 69.23 -2.26 -56.91
C TYR Q 430 70.48 -1.39 -56.86
N ASP Q 431 71.28 -1.57 -55.79
CA ASP Q 431 72.46 -0.75 -55.57
C ASP Q 431 73.74 -1.58 -55.68
N ALA Q 432 74.82 -0.92 -56.11
CA ALA Q 432 76.08 -1.60 -56.37
C ALA Q 432 76.71 -2.16 -55.10
N LYS Q 433 76.60 -1.47 -53.97
CA LYS Q 433 77.21 -1.95 -52.73
C LYS Q 433 76.25 -2.03 -51.55
N THR Q 434 75.25 -1.16 -51.44
CA THR Q 434 74.27 -1.31 -50.37
C THR Q 434 73.26 -2.41 -50.67
N GLY Q 435 73.16 -2.82 -51.93
CA GLY Q 435 72.30 -3.94 -52.29
C GLY Q 435 70.85 -3.74 -51.91
N ASP Q 436 70.33 -2.54 -52.07
CA ASP Q 436 68.98 -2.20 -51.67
C ASP Q 436 68.07 -2.21 -52.89
N GLY Q 437 67.11 -3.12 -52.91
CA GLY Q 437 66.34 -3.43 -54.10
C GLY Q 437 64.89 -2.97 -54.00
N LEU Q 438 64.27 -2.76 -55.16
CA LEU Q 438 62.88 -2.33 -55.23
C LEU Q 438 62.36 -2.58 -56.64
N PHE Q 439 61.05 -2.81 -56.75
CA PHE Q 439 60.40 -3.08 -58.03
C PHE Q 439 59.19 -2.17 -58.20
N GLN Q 440 58.99 -1.69 -59.42
CA GLN Q 440 58.02 -0.65 -59.70
C GLN Q 440 57.25 -0.99 -60.98
N ILE Q 441 56.03 -0.47 -61.07
CA ILE Q 441 55.15 -0.70 -62.21
C ILE Q 441 54.30 0.55 -62.44
N ASN Q 442 53.97 0.81 -63.71
CA ASN Q 442 53.09 1.90 -64.08
C ASN Q 442 52.39 1.58 -65.39
N ALA Q 443 51.21 2.15 -65.56
CA ALA Q 443 50.42 2.02 -66.79
C ALA Q 443 50.45 3.34 -67.55
N LYS Q 444 50.50 3.24 -68.89
CA LYS Q 444 50.96 4.37 -69.70
C LYS Q 444 49.90 5.42 -70.02
N SER Q 445 48.88 5.06 -70.80
CA SER Q 445 48.02 6.05 -71.42
C SER Q 445 46.67 6.15 -70.69
N GLY Q 446 46.69 6.81 -69.54
CA GLY Q 446 45.49 6.96 -68.75
C GLY Q 446 44.93 5.60 -68.37
N PHE Q 447 45.80 4.72 -67.91
CA PHE Q 447 45.48 3.31 -67.72
C PHE Q 447 45.56 2.96 -66.24
N LYS Q 448 44.71 2.00 -65.85
CA LYS Q 448 44.76 1.41 -64.52
C LYS Q 448 44.84 -0.10 -64.64
N VAL Q 449 45.50 -0.72 -63.66
CA VAL Q 449 45.70 -2.16 -63.65
C VAL Q 449 45.27 -2.74 -62.32
N ALA Q 450 44.47 -3.80 -62.37
CA ALA Q 450 44.07 -4.57 -61.21
C ALA Q 450 44.58 -6.00 -61.37
N ILE Q 451 45.05 -6.59 -60.28
CA ILE Q 451 45.69 -7.90 -60.30
C ILE Q 451 44.97 -8.80 -59.30
N GLU Q 452 44.75 -10.05 -59.70
CA GLU Q 452 43.99 -11.00 -58.90
C GLU Q 452 44.84 -12.27 -58.75
N ASP Q 453 45.11 -12.63 -57.50
CA ASP Q 453 45.99 -13.74 -57.18
C ASP Q 453 45.22 -14.92 -56.63
N LYS Q 454 45.63 -16.13 -57.04
CA LYS Q 454 45.10 -17.38 -56.49
C LYS Q 454 46.29 -18.26 -56.12
N GLY Q 455 46.67 -18.24 -54.84
CA GLY Q 455 47.62 -19.19 -54.31
C GLY Q 455 49.07 -18.76 -54.36
N THR Q 456 49.42 -17.78 -55.19
CA THR Q 456 50.78 -17.25 -55.21
C THR Q 456 51.00 -16.15 -54.18
N ASN Q 457 49.95 -15.43 -53.80
CA ASN Q 457 50.06 -14.31 -52.90
C ASN Q 457 51.02 -13.26 -53.46
N PHE Q 458 51.38 -13.38 -54.73
CA PHE Q 458 52.50 -12.60 -55.26
C PHE Q 458 52.25 -11.11 -55.09
N ALA Q 459 51.11 -10.63 -55.56
CA ALA Q 459 50.84 -9.19 -55.49
C ALA Q 459 50.88 -8.70 -54.05
N GLY Q 460 50.13 -9.36 -53.16
CA GLY Q 460 50.18 -9.00 -51.75
C GLY Q 460 51.50 -9.32 -51.11
N ALA Q 461 52.06 -10.50 -51.39
CA ALA Q 461 53.37 -10.85 -50.84
C ALA Q 461 54.44 -9.91 -51.35
N PHE Q 462 54.37 -9.52 -52.62
CA PHE Q 462 55.32 -8.57 -53.20
C PHE Q 462 54.88 -7.13 -52.96
N SER Q 463 53.74 -6.94 -52.30
CA SER Q 463 53.18 -5.64 -51.93
C SER Q 463 52.99 -4.69 -53.10
N ILE Q 464 53.01 -5.21 -54.33
CA ILE Q 464 52.52 -4.44 -55.47
C ILE Q 464 51.00 -4.56 -55.43
N GLY Q 465 50.33 -3.51 -54.97
CA GLY Q 465 48.91 -3.55 -54.73
C GLY Q 465 48.51 -3.99 -53.34
N GLY Q 466 49.42 -3.92 -52.37
CA GLY Q 466 49.16 -4.44 -51.04
C GLY Q 466 48.26 -3.55 -50.21
N PHE Q 467 48.03 -3.99 -48.98
CA PHE Q 467 47.10 -3.34 -48.07
C PHE Q 467 47.73 -2.89 -46.76
N PHE Q 468 48.78 -3.56 -46.29
CA PHE Q 468 49.34 -3.33 -44.97
C PHE Q 468 50.78 -2.83 -45.06
N SER Q 469 51.22 -2.17 -44.00
CA SER Q 469 52.63 -1.89 -43.74
C SER Q 469 53.04 -2.58 -42.44
N GLY Q 470 54.33 -2.56 -42.16
CA GLY Q 470 54.83 -3.35 -41.05
C GLY Q 470 55.03 -4.78 -41.52
N THR Q 471 55.56 -5.60 -40.60
CA THR Q 471 55.96 -6.95 -40.96
C THR Q 471 55.46 -8.04 -40.03
N ASP Q 472 55.21 -7.76 -38.77
CA ASP Q 472 55.02 -8.83 -37.80
C ASP Q 472 54.14 -8.34 -36.66
N ALA Q 473 53.78 -9.27 -35.77
CA ALA Q 473 52.92 -8.96 -34.64
C ALA Q 473 53.36 -7.69 -33.92
N SER Q 474 54.62 -7.31 -34.04
CA SER Q 474 55.11 -6.09 -33.38
C SER Q 474 54.73 -4.85 -34.19
N ASP Q 475 55.26 -4.74 -35.41
CA ASP Q 475 55.15 -3.52 -36.19
C ASP Q 475 54.07 -3.56 -37.25
N MET Q 476 53.29 -4.64 -37.32
CA MET Q 476 52.37 -4.79 -38.43
C MET Q 476 51.31 -3.70 -38.37
N LYS Q 477 50.95 -3.16 -39.53
CA LYS Q 477 50.13 -1.96 -39.58
C LYS Q 477 49.51 -1.82 -40.97
N VAL Q 478 48.63 -0.84 -41.10
CA VAL Q 478 48.06 -0.46 -42.39
C VAL Q 478 49.17 0.12 -43.25
N LYS Q 479 49.04 -0.04 -44.57
CA LYS Q 479 49.95 0.63 -45.49
C LYS Q 479 50.00 2.12 -45.16
N ASP Q 480 51.20 2.64 -44.92
CA ASP Q 480 51.32 4.00 -44.38
C ASP Q 480 50.66 5.04 -45.28
N SER Q 481 50.78 4.88 -46.60
CA SER Q 481 50.16 5.83 -47.51
C SER Q 481 48.69 6.02 -47.18
N ILE Q 482 47.99 4.93 -46.84
CA ILE Q 482 46.60 5.06 -46.43
C ILE Q 482 46.52 5.92 -45.18
N LEU Q 483 47.41 5.70 -44.21
CA LEU Q 483 47.46 6.59 -43.05
C LEU Q 483 47.68 8.03 -43.48
N ASN Q 484 48.45 8.25 -44.55
CA ASN Q 484 48.60 9.60 -45.07
C ASN Q 484 47.31 10.12 -45.68
N ASP Q 485 46.55 9.25 -46.36
CA ASP Q 485 45.28 9.68 -46.93
C ASP Q 485 44.32 8.51 -47.10
N PRO Q 486 43.21 8.48 -46.36
CA PRO Q 486 42.22 7.41 -46.55
C PRO Q 486 41.60 7.38 -47.94
N SER Q 487 41.61 8.50 -48.65
CA SER Q 487 40.92 8.55 -49.94
C SER Q 487 41.46 7.49 -50.90
N THR Q 488 42.71 7.06 -50.70
CA THR Q 488 43.27 6.00 -51.52
C THR Q 488 42.42 4.74 -51.47
N VAL Q 489 41.75 4.50 -50.34
CA VAL Q 489 41.04 3.24 -50.13
C VAL Q 489 39.86 3.18 -51.08
N ARG Q 490 39.96 2.33 -52.11
CA ARG Q 490 38.81 1.99 -52.93
C ARG Q 490 37.98 0.92 -52.25
N ALA Q 491 36.67 1.02 -52.43
CA ALA Q 491 35.78 -0.11 -52.18
C ALA Q 491 35.63 -0.98 -53.42
N SER Q 492 36.32 -0.62 -54.50
CA SER Q 492 36.13 -1.22 -55.81
C SER Q 492 37.44 -1.80 -56.31
N SER Q 493 37.34 -2.92 -57.03
CA SER Q 493 38.43 -3.35 -57.88
C SER Q 493 38.52 -2.52 -59.15
N ASN Q 494 37.49 -1.72 -59.44
CA ASN Q 494 37.50 -0.85 -60.60
C ASN Q 494 38.49 0.30 -60.47
N GLY Q 495 39.04 0.52 -59.27
CA GLY Q 495 39.97 1.62 -59.09
C GLY Q 495 39.33 2.97 -58.96
N VAL Q 496 38.03 3.02 -58.67
CA VAL Q 496 37.32 4.28 -58.51
C VAL Q 496 36.54 4.22 -57.21
N ASP Q 497 36.30 5.38 -56.61
CA ASP Q 497 35.57 5.50 -55.36
C ASP Q 497 34.07 5.54 -55.65
N SER Q 498 33.61 4.55 -56.41
CA SER Q 498 32.18 4.40 -56.67
C SER Q 498 31.77 2.94 -56.50
N GLY Q 499 32.70 2.02 -56.76
CA GLY Q 499 32.36 0.61 -56.69
C GLY Q 499 32.57 0.07 -55.29
N ASN Q 500 31.61 -0.74 -54.83
CA ASN Q 500 31.76 -1.49 -53.60
C ASN Q 500 32.25 -2.91 -53.83
N ASP Q 501 32.55 -3.27 -55.07
CA ASP Q 501 32.82 -4.67 -55.41
C ASP Q 501 33.98 -5.24 -54.60
N MET Q 502 35.10 -4.51 -54.51
CA MET Q 502 36.21 -5.03 -53.73
C MET Q 502 35.83 -5.15 -52.27
N ALA Q 503 35.12 -4.17 -51.73
CA ALA Q 503 34.61 -4.28 -50.37
C ALA Q 503 33.72 -5.50 -50.23
N ASN Q 504 32.92 -5.81 -51.25
CA ASN Q 504 32.09 -7.01 -51.22
C ASN Q 504 32.96 -8.25 -51.09
N LYS Q 505 34.07 -8.32 -51.81
CA LYS Q 505 34.97 -9.44 -51.70
C LYS Q 505 35.46 -9.62 -50.27
N ILE Q 506 35.88 -8.52 -49.63
CA ILE Q 506 36.30 -8.59 -48.23
C ILE Q 506 35.12 -8.99 -47.35
N ILE Q 507 33.97 -8.34 -47.56
CA ILE Q 507 32.76 -8.74 -46.84
C ILE Q 507 32.43 -10.18 -47.14
N GLN Q 508 32.82 -10.66 -48.31
CA GLN Q 508 32.70 -12.09 -48.58
C GLN Q 508 33.77 -12.87 -47.83
N LEU Q 509 35.01 -12.38 -47.84
CA LEU Q 509 36.09 -13.12 -47.23
C LEU Q 509 35.86 -13.34 -45.75
N GLN Q 510 35.43 -12.31 -45.03
CA GLN Q 510 35.18 -12.46 -43.61
C GLN Q 510 34.24 -13.63 -43.33
N TYR Q 511 33.27 -13.84 -44.21
CA TYR Q 511 32.38 -14.99 -44.07
C TYR Q 511 33.14 -16.30 -44.22
N ASP Q 512 34.24 -16.29 -44.95
CA ASP Q 512 34.86 -17.51 -45.44
C ASP Q 512 36.01 -17.95 -44.54
N LYS Q 513 36.25 -19.26 -44.52
CA LYS Q 513 37.39 -19.85 -43.83
C LYS Q 513 38.58 -19.81 -44.78
N VAL Q 514 39.75 -19.49 -44.24
CA VAL Q 514 40.93 -19.24 -45.06
C VAL Q 514 42.10 -20.09 -44.56
N ASN Q 515 43.01 -20.40 -45.48
CA ASN Q 515 44.12 -21.30 -45.22
C ASN Q 515 45.33 -20.50 -44.74
N PHE Q 516 45.99 -21.01 -43.70
CA PHE Q 516 47.08 -20.31 -43.05
C PHE Q 516 48.42 -20.86 -43.54
N TYR Q 517 49.43 -20.02 -43.50
CA TYR Q 517 50.82 -20.44 -43.70
C TYR Q 517 51.47 -20.49 -42.33
N ASN Q 518 51.57 -21.70 -41.77
CA ASN Q 518 51.99 -21.88 -40.40
C ASN Q 518 53.51 -21.95 -40.30
N GLU Q 519 54.04 -21.52 -39.15
CA GLU Q 519 55.47 -21.41 -38.98
C GLU Q 519 56.16 -22.76 -39.07
N ASP Q 520 55.47 -23.85 -38.76
CA ASP Q 520 56.00 -25.17 -39.01
C ASP Q 520 55.91 -25.57 -40.48
N GLY Q 521 55.33 -24.71 -41.32
CA GLY Q 521 55.14 -25.01 -42.73
C GLY Q 521 53.79 -25.62 -43.06
N THR Q 522 52.95 -25.90 -42.07
CA THR Q 522 51.66 -26.51 -42.33
C THR Q 522 50.63 -25.46 -42.73
N ILE Q 523 49.53 -25.92 -43.30
CA ILE Q 523 48.46 -25.06 -43.80
C ILE Q 523 47.12 -25.66 -43.40
N ASP Q 524 46.16 -24.79 -43.07
CA ASP Q 524 44.82 -25.24 -42.71
C ASP Q 524 43.83 -24.09 -42.90
N ASN Q 525 42.63 -24.44 -43.37
CA ASN Q 525 41.61 -23.49 -43.78
C ASN Q 525 40.76 -23.10 -42.58
N LEU Q 526 40.75 -21.81 -42.25
CA LEU Q 526 40.28 -21.38 -40.93
C LEU Q 526 39.80 -19.94 -40.96
N THR Q 527 39.05 -19.59 -39.93
CA THR Q 527 38.96 -18.22 -39.46
C THR Q 527 39.94 -18.02 -38.32
N MET Q 528 40.55 -16.83 -38.29
CA MET Q 528 41.48 -16.52 -37.21
C MET Q 528 40.79 -16.61 -35.85
N GLU Q 529 39.53 -16.15 -35.77
CA GLU Q 529 38.80 -16.29 -34.53
C GLU Q 529 38.76 -17.73 -34.06
N GLU Q 530 38.33 -18.64 -34.94
CA GLU Q 530 38.36 -20.05 -34.58
C GLU Q 530 39.76 -20.46 -34.17
N TYR Q 531 40.75 -20.12 -34.99
CA TYR Q 531 42.12 -20.50 -34.69
C TYR Q 531 42.63 -19.79 -33.44
N TYR Q 532 42.15 -18.57 -33.19
CA TYR Q 532 42.33 -18.00 -31.86
C TYR Q 532 41.66 -18.86 -30.80
N ARG Q 533 40.39 -19.22 -31.04
CA ARG Q 533 39.60 -19.86 -30.01
C ARG Q 533 40.30 -21.10 -29.46
N LYS Q 534 40.69 -22.02 -30.36
CA LYS Q 534 41.41 -23.20 -29.92
C LYS Q 534 42.74 -22.83 -29.30
N LEU Q 535 43.46 -21.88 -29.91
CA LEU Q 535 44.76 -21.50 -29.37
C LEU Q 535 44.64 -20.98 -27.94
N THR Q 536 43.78 -19.98 -27.75
CA THR Q 536 43.66 -19.36 -26.43
C THR Q 536 42.88 -20.25 -25.48
N GLY Q 537 41.84 -20.92 -25.97
CA GLY Q 537 41.13 -21.86 -25.12
C GLY Q 537 42.06 -22.90 -24.53
N LYS Q 538 43.00 -23.39 -25.33
CA LYS Q 538 44.04 -24.26 -24.82
C LYS Q 538 44.86 -23.56 -23.73
N ILE Q 539 45.32 -22.34 -24.03
CA ILE Q 539 46.15 -21.62 -23.07
C ILE Q 539 45.38 -21.38 -21.79
N ALA Q 540 44.13 -20.93 -21.90
CA ALA Q 540 43.30 -20.74 -20.72
C ALA Q 540 43.05 -22.05 -20.01
N SER Q 541 42.77 -23.12 -20.76
CA SER Q 541 42.58 -24.43 -20.15
C SER Q 541 43.82 -24.87 -19.39
N ASP Q 542 45.00 -24.53 -19.90
CA ASP Q 542 46.23 -24.88 -19.19
C ASP Q 542 46.26 -24.24 -17.81
N GLY Q 543 45.87 -22.98 -17.71
CA GLY Q 543 45.69 -22.38 -16.40
C GLY Q 543 44.68 -23.14 -15.57
N GLU Q 544 43.57 -23.55 -16.21
CA GLU Q 544 42.61 -24.40 -15.53
C GLU Q 544 43.25 -25.71 -15.10
N ASN Q 545 44.05 -26.31 -15.99
CA ASN Q 545 44.73 -27.54 -15.64
C ASN Q 545 45.72 -27.34 -14.51
N ASN Q 546 46.44 -26.21 -14.50
CA ASN Q 546 47.37 -25.96 -13.41
C ASN Q 546 46.65 -25.88 -12.08
N ASN Q 547 45.45 -25.29 -12.06
CA ASN Q 547 44.63 -25.39 -10.86
C ASN Q 547 44.52 -26.83 -10.44
N VAL Q 548 44.23 -27.72 -11.39
CA VAL Q 548 44.12 -29.15 -11.09
C VAL Q 548 45.45 -29.70 -10.63
N VAL Q 549 46.49 -29.52 -11.45
CA VAL Q 549 47.79 -30.09 -11.13
C VAL Q 549 48.32 -29.50 -9.83
N ASN Q 550 48.24 -28.17 -9.69
CA ASN Q 550 48.73 -27.53 -8.48
C ASN Q 550 47.94 -28.01 -7.26
N SER Q 551 46.60 -28.00 -7.36
CA SER Q 551 45.79 -28.41 -6.22
C SER Q 551 46.06 -29.85 -5.84
N SER Q 552 46.09 -30.75 -6.81
CA SER Q 552 46.40 -32.15 -6.52
C SER Q 552 47.77 -32.28 -5.87
N ASN Q 553 48.76 -31.57 -6.42
CA ASN Q 553 50.11 -31.63 -5.87
C ASN Q 553 50.16 -31.11 -4.43
N GLU Q 554 49.63 -29.90 -4.23
CA GLU Q 554 49.79 -29.26 -2.92
C GLU Q 554 49.09 -30.04 -1.82
N THR Q 555 47.88 -30.53 -2.09
CA THR Q 555 47.16 -31.32 -1.10
C THR Q 555 47.98 -32.54 -0.71
N LEU Q 556 48.48 -33.27 -1.71
CA LEU Q 556 49.34 -34.42 -1.43
C LEU Q 556 50.58 -33.97 -0.65
N TYR Q 557 51.21 -32.89 -1.11
CA TYR Q 557 52.28 -32.29 -0.31
C TYR Q 557 51.81 -31.97 1.09
N ASN Q 558 50.62 -31.37 1.21
CA ASN Q 558 50.15 -30.94 2.51
C ASN Q 558 50.09 -32.12 3.49
N SER Q 559 49.87 -33.33 2.99
CA SER Q 559 49.98 -34.50 3.85
C SER Q 559 51.39 -34.67 4.39
N VAL Q 560 52.40 -34.51 3.53
CA VAL Q 560 53.77 -34.52 4.01
C VAL Q 560 54.06 -33.24 4.78
N TYR Q 561 53.56 -32.11 4.30
CA TYR Q 561 53.67 -30.88 5.07
C TYR Q 561 53.06 -31.05 6.44
N SER Q 562 51.91 -31.72 6.52
CA SER Q 562 51.37 -32.12 7.80
C SER Q 562 52.41 -32.89 8.60
N GLU Q 563 53.08 -33.83 7.96
CA GLU Q 563 54.01 -34.78 8.65
C GLU Q 563 54.76 -34.46 9.93
N TYR Q 564 55.40 -33.31 10.02
CA TYR Q 564 56.29 -33.04 11.17
C TYR Q 564 55.63 -32.75 12.50
N GLN Q 565 54.34 -32.45 12.49
CA GLN Q 565 53.66 -32.28 13.76
C GLN Q 565 52.99 -33.59 14.08
N SER Q 566 52.97 -34.50 13.11
CA SER Q 566 52.44 -35.82 13.37
C SER Q 566 53.50 -36.58 14.12
N LYS Q 567 54.75 -36.44 13.69
CA LYS Q 567 55.84 -37.06 14.44
C LYS Q 567 56.04 -36.27 15.73
N SER Q 568 55.81 -34.97 15.69
CA SER Q 568 55.99 -34.13 16.88
C SER Q 568 55.17 -32.84 16.79
N GLY Q 569 53.90 -32.91 17.17
CA GLY Q 569 53.03 -31.73 17.06
C GLY Q 569 52.96 -30.93 18.35
N VAL Q 570 51.79 -30.93 18.98
CA VAL Q 570 51.63 -30.20 20.23
C VAL Q 570 52.24 -31.01 21.36
N ASN Q 571 53.48 -30.71 21.72
CA ASN Q 571 54.16 -31.46 22.75
C ASN Q 571 54.63 -30.51 23.85
N THR Q 572 53.75 -30.23 24.80
CA THR Q 572 54.12 -29.25 25.88
C THR Q 572 53.64 -29.52 27.34
N ASN Q 573 52.37 -29.86 27.52
CA ASN Q 573 51.89 -30.15 28.87
C ASN Q 573 52.47 -31.48 29.27
N GLU Q 574 52.51 -32.42 28.34
CA GLU Q 574 53.12 -33.71 28.63
C GLU Q 574 54.46 -33.44 29.26
N GLU Q 575 55.23 -32.53 28.68
CA GLU Q 575 56.49 -32.17 29.33
C GLU Q 575 56.26 -31.72 30.77
N LEU Q 576 55.25 -30.89 31.00
CA LEU Q 576 54.96 -30.44 32.35
C LEU Q 576 54.78 -31.60 33.29
N ALA Q 577 54.16 -32.69 32.82
CA ALA Q 577 54.02 -33.88 33.64
C ALA Q 577 55.39 -34.40 34.09
N ALA Q 578 56.32 -34.55 33.15
CA ALA Q 578 57.67 -34.95 33.50
C ALA Q 578 58.31 -33.93 34.43
N LEU Q 579 58.12 -32.65 34.13
CA LEU Q 579 58.63 -31.60 35.01
C LEU Q 579 58.11 -31.78 36.43
N ILE Q 580 56.88 -32.28 36.56
CA ILE Q 580 56.33 -32.48 37.90
C ILE Q 580 57.05 -33.58 38.64
N GLN Q 581 57.36 -34.70 37.98
CA GLN Q 581 58.19 -35.71 38.61
C GLN Q 581 59.55 -35.13 38.96
N TYR Q 582 60.08 -34.29 38.08
CA TYR Q 582 61.36 -33.63 38.34
C TYR Q 582 61.28 -32.86 39.65
N GLN Q 583 60.11 -32.25 39.91
CA GLN Q 583 59.90 -31.52 41.15
C GLN Q 583 59.97 -32.44 42.36
N SER Q 584 59.24 -33.57 42.32
CA SER Q 584 59.43 -34.57 43.36
C SER Q 584 60.85 -35.07 43.40
N SER Q 585 61.56 -34.99 42.27
CA SER Q 585 62.92 -35.52 42.21
C SER Q 585 63.86 -34.72 43.10
N TYR Q 586 63.86 -33.38 43.02
CA TYR Q 586 64.68 -32.66 43.99
C TYR Q 586 64.13 -32.85 45.39
N GLY Q 587 62.80 -32.90 45.52
CA GLY Q 587 62.22 -33.21 46.81
C GLY Q 587 62.78 -34.50 47.38
N ALA Q 588 63.01 -35.49 46.52
CA ALA Q 588 63.72 -36.68 46.95
C ALA Q 588 65.12 -36.33 47.44
N ALA Q 589 65.82 -35.46 46.71
CA ALA Q 589 67.10 -34.98 47.18
C ALA Q 589 66.95 -34.21 48.49
N ALA Q 590 65.86 -33.46 48.63
CA ALA Q 590 65.62 -32.78 49.90
C ALA Q 590 65.60 -33.76 51.06
N LYS Q 591 65.10 -34.97 50.83
CA LYS Q 591 65.24 -36.02 51.83
C LYS Q 591 66.72 -36.29 52.10
N ILE Q 592 67.51 -36.41 51.03
CA ILE Q 592 68.94 -36.65 51.21
C ILE Q 592 69.55 -35.56 52.09
N VAL Q 593 69.10 -34.32 51.91
CA VAL Q 593 69.53 -33.24 52.80
C VAL Q 593 69.21 -33.59 54.24
N SER Q 594 67.97 -33.99 54.50
CA SER Q 594 67.64 -34.48 55.83
C SER Q 594 68.51 -35.66 56.21
N THR Q 595 68.83 -36.52 55.24
CA THR Q 595 69.81 -37.57 55.53
C THR Q 595 71.16 -36.97 55.86
N VAL Q 596 71.55 -35.91 55.16
CA VAL Q 596 72.79 -35.22 55.50
C VAL Q 596 72.71 -34.72 56.94
N ASP Q 597 71.56 -34.18 57.34
CA ASP Q 597 71.40 -33.70 58.70
C ASP Q 597 71.64 -34.84 59.70
N GLN Q 598 70.98 -35.98 59.48
CA GLN Q 598 71.18 -37.11 60.39
C GLN Q 598 72.57 -37.70 60.23
N MET Q 599 73.18 -37.58 59.06
CA MET Q 599 74.59 -37.92 58.94
C MET Q 599 75.43 -37.06 59.87
N LEU Q 600 75.17 -35.75 59.89
CA LEU Q 600 75.85 -34.89 60.85
C LEU Q 600 75.54 -35.32 62.26
N ASP Q 601 74.27 -35.65 62.54
CA ASP Q 601 73.91 -36.17 63.85
C ASP Q 601 74.60 -37.50 64.11
N THR Q 602 74.64 -38.38 63.10
CA THR Q 602 75.42 -39.60 63.23
C THR Q 602 76.87 -39.27 63.59
N LEU Q 603 77.43 -38.26 62.93
CA LEU Q 603 78.79 -37.85 63.23
C LEU Q 603 78.82 -37.25 64.62
N LEU Q 604 77.66 -36.78 65.08
CA LEU Q 604 77.57 -36.27 66.44
C LEU Q 604 77.64 -37.44 67.39
N GLY Q 605 77.36 -38.64 66.89
CA GLY Q 605 77.50 -39.83 67.72
C GLY Q 605 78.96 -39.95 68.06
N LEU Q 606 79.82 -39.80 67.07
CA LEU Q 606 81.26 -39.83 67.33
C LEU Q 606 81.59 -38.67 68.22
N LYS Q 607 81.02 -37.51 67.92
CA LYS Q 607 81.30 -36.33 68.71
C LYS Q 607 81.13 -36.63 70.19
N SER Q 608 80.09 -37.39 70.53
CA SER Q 608 79.82 -37.73 71.92
C SER Q 608 81.03 -37.55 72.84
N MET R 1 91.94 -19.40 62.38
CA MET R 1 92.18 -17.94 62.21
C MET R 1 91.52 -17.39 60.95
N GLY R 2 91.67 -18.12 59.84
CA GLY R 2 91.21 -17.60 58.56
C GLY R 2 89.70 -17.53 58.44
N ILE R 3 88.97 -18.25 59.30
CA ILE R 3 87.52 -18.31 59.16
C ILE R 3 86.91 -16.92 59.23
N PHE R 4 87.32 -16.12 60.22
CA PHE R 4 86.75 -14.78 60.33
C PHE R 4 87.53 -13.76 59.53
N GLY R 5 88.65 -14.18 58.93
CA GLY R 5 89.14 -13.45 57.77
C GLY R 5 88.23 -13.64 56.58
N THR R 6 87.56 -14.79 56.53
CA THR R 6 86.67 -15.09 55.41
C THR R 6 85.33 -14.37 55.52
N LEU R 7 84.83 -14.16 56.75
CA LEU R 7 83.54 -13.50 56.87
C LEU R 7 83.55 -12.16 56.15
N TYR R 8 84.72 -11.52 56.10
CA TYR R 8 84.89 -10.37 55.23
C TYR R 8 84.46 -10.71 53.80
N THR R 9 84.89 -11.87 53.32
CA THR R 9 84.42 -12.34 52.02
C THR R 9 82.90 -12.50 52.03
N GLY R 10 82.38 -13.18 53.06
CA GLY R 10 80.96 -13.44 53.10
C GLY R 10 80.13 -12.18 53.14
N VAL R 11 80.48 -11.24 54.02
CA VAL R 11 79.70 -10.02 54.15
C VAL R 11 79.73 -9.24 52.83
N THR R 12 80.91 -9.02 52.27
CA THR R 12 81.00 -8.29 51.02
C THR R 12 80.24 -9.02 49.91
N GLY R 13 80.39 -10.34 49.82
CA GLY R 13 79.67 -11.08 48.81
C GLY R 13 78.18 -10.89 48.93
N LEU R 14 77.64 -11.02 50.15
CA LEU R 14 76.21 -10.81 50.34
C LEU R 14 75.81 -9.38 50.00
N LYS R 15 76.59 -8.40 50.45
CA LYS R 15 76.25 -7.00 50.16
C LYS R 15 76.23 -6.74 48.68
N ALA R 16 77.23 -7.27 47.95
CA ALA R 16 77.25 -7.10 46.51
C ALA R 16 75.92 -7.50 45.89
N SER R 17 75.41 -8.67 46.27
CA SER R 17 74.07 -9.05 45.85
C SER R 17 73.03 -8.06 46.37
N GLU R 18 73.17 -7.66 47.63
CA GLU R 18 72.21 -6.73 48.20
C GLU R 18 72.15 -5.44 47.39
N VAL R 19 73.29 -4.79 47.18
CA VAL R 19 73.29 -3.57 46.40
C VAL R 19 72.84 -3.87 44.98
N GLN R 20 73.35 -4.95 44.40
CA GLN R 20 73.02 -5.27 43.01
C GLN R 20 71.51 -5.46 42.85
N ILE R 21 70.86 -6.04 43.85
CA ILE R 21 69.40 -6.07 43.87
C ILE R 21 68.86 -4.65 43.82
N ALA R 22 69.43 -3.77 44.64
CA ALA R 22 68.94 -2.39 44.69
C ALA R 22 69.06 -1.72 43.33
N THR R 23 70.13 -2.01 42.58
CA THR R 23 70.27 -1.41 41.25
C THR R 23 69.07 -1.76 40.38
N THR R 24 68.79 -3.05 40.20
CA THR R 24 67.67 -3.44 39.36
C THR R 24 66.35 -2.97 39.95
N GLY R 25 66.20 -3.09 41.27
CA GLY R 25 65.01 -2.56 41.90
C GLY R 25 64.84 -1.07 41.64
N ASN R 26 65.93 -0.31 41.77
CA ASN R 26 65.88 1.11 41.41
C ASN R 26 65.55 1.28 39.95
N ASN R 27 66.22 0.51 39.07
CA ASN R 27 65.90 0.56 37.66
C ASN R 27 64.41 0.34 37.44
N ILE R 28 63.84 -0.62 38.17
CA ILE R 28 62.42 -0.93 38.03
C ILE R 28 61.58 0.28 38.39
N SER R 29 61.92 0.95 39.49
CA SER R 29 61.27 2.22 39.80
C SER R 29 61.49 3.23 38.68
N ASN R 30 62.69 3.24 38.11
CA ASN R 30 62.97 4.12 36.99
C ASN R 30 62.29 3.66 35.70
N ALA R 31 61.81 2.41 35.66
CA ALA R 31 61.32 1.83 34.43
C ALA R 31 60.11 2.56 33.86
N ASN R 32 59.37 3.30 34.68
CA ASN R 32 58.29 4.15 34.19
C ASN R 32 58.62 5.63 34.32
N ALA R 33 59.74 5.97 34.96
CA ALA R 33 60.41 7.23 34.65
C ALA R 33 61.10 6.99 33.31
N THR R 34 60.29 6.72 32.28
CA THR R 34 60.75 6.01 31.10
C THR R 34 61.86 6.75 30.37
N PHE R 35 62.03 8.06 30.59
CA PHE R 35 63.15 8.75 29.97
C PHE R 35 64.47 8.17 30.46
N TYR R 36 64.47 7.50 31.61
CA TYR R 36 65.67 6.87 32.15
C TYR R 36 66.34 6.03 31.07
N THR R 37 67.66 5.85 31.21
CA THR R 37 68.44 5.25 30.13
C THR R 37 69.03 3.90 30.54
N ARG R 38 69.52 3.18 29.53
CA ARG R 38 70.40 2.04 29.72
C ARG R 38 71.47 2.37 30.76
N GLN R 39 71.50 1.61 31.85
CA GLN R 39 72.58 1.63 32.81
C GLN R 39 72.83 0.21 33.30
N ARG R 40 74.10 -0.13 33.53
CA ARG R 40 74.45 -1.52 33.78
C ARG R 40 75.70 -1.58 34.65
N VAL R 41 75.75 -2.62 35.49
CA VAL R 41 76.87 -2.90 36.36
C VAL R 41 77.44 -4.25 35.96
N VAL R 42 78.68 -4.53 36.38
CA VAL R 42 79.32 -5.81 36.15
C VAL R 42 79.99 -6.25 37.45
N GLN R 43 80.18 -7.57 37.59
CA GLN R 43 80.74 -8.16 38.81
C GLN R 43 82.12 -8.73 38.50
N THR R 44 83.09 -8.37 39.34
CA THR R 44 84.51 -8.67 39.14
C THR R 44 85.06 -9.25 40.44
N THR R 45 86.39 -9.36 40.53
CA THR R 45 87.06 -9.99 41.65
C THR R 45 87.74 -8.95 42.54
N ASN R 46 88.20 -9.40 43.71
CA ASN R 46 88.81 -8.54 44.72
C ASN R 46 90.21 -9.03 45.07
N GLY R 47 90.93 -8.21 45.83
CA GLY R 47 92.31 -8.47 46.17
C GLY R 47 92.57 -8.95 47.57
N TYR R 48 93.50 -8.30 48.28
CA TYR R 48 94.12 -8.84 49.48
C TYR R 48 93.98 -7.87 50.66
N ILE R 49 93.78 -8.43 51.86
CA ILE R 49 93.84 -7.69 53.12
C ILE R 49 94.80 -8.44 54.04
N THR R 50 95.40 -7.71 54.99
CA THR R 50 96.50 -8.25 55.77
C THR R 50 96.47 -7.77 57.21
N THR R 51 97.08 -8.57 58.09
CA THR R 51 97.48 -8.15 59.42
C THR R 51 98.43 -9.22 59.96
N GLY R 52 99.37 -8.79 60.79
CA GLY R 52 100.35 -9.71 61.34
C GLY R 52 101.45 -10.10 60.38
N GLY R 53 101.59 -9.40 59.27
CA GLY R 53 102.65 -9.68 58.32
C GLY R 53 102.34 -10.73 57.28
N VAL R 54 101.06 -10.93 56.94
CA VAL R 54 100.64 -11.95 56.00
C VAL R 54 99.47 -11.44 55.18
N GLN R 55 99.21 -12.10 54.05
CA GLN R 55 98.30 -11.59 53.03
C GLN R 55 97.72 -12.72 52.20
N VAL R 56 96.43 -12.58 51.86
CA VAL R 56 95.73 -13.57 51.05
C VAL R 56 94.43 -12.95 50.53
N GLY R 57 93.87 -13.56 49.49
CA GLY R 57 92.75 -13.00 48.75
C GLY R 57 91.39 -13.08 49.43
N THR R 58 90.43 -12.32 48.88
CA THR R 58 89.16 -12.09 49.54
C THR R 58 87.93 -12.32 48.66
N GLY R 59 88.00 -12.09 47.34
CA GLY R 59 86.87 -12.46 46.50
C GLY R 59 86.40 -11.52 45.39
N THR R 60 85.13 -11.11 45.47
CA THR R 60 84.39 -10.63 44.31
C THR R 60 84.11 -9.14 44.42
N ALA R 61 84.33 -8.42 43.32
CA ALA R 61 84.07 -6.99 43.21
C ALA R 61 82.87 -6.72 42.33
N VAL R 62 82.39 -5.47 42.38
CA VAL R 62 81.30 -4.99 41.54
C VAL R 62 81.69 -3.62 41.02
N GLU R 63 81.07 -3.22 39.91
CA GLU R 63 81.52 -2.07 39.14
C GLU R 63 80.66 -0.85 39.39
N SER R 64 81.14 0.28 38.87
CA SER R 64 80.40 1.53 38.83
C SER R 64 79.45 1.50 37.63
N ILE R 65 78.48 2.42 37.63
CA ILE R 65 77.36 2.38 36.71
C ILE R 65 77.56 3.44 35.65
N VAL R 66 77.21 3.13 34.41
CA VAL R 66 77.64 3.92 33.26
C VAL R 66 76.60 3.85 32.14
N ARG R 67 76.84 4.65 31.11
CA ARG R 67 76.07 4.65 29.87
C ARG R 67 77.04 4.55 28.70
N LEU R 68 77.12 3.37 28.07
CA LEU R 68 77.92 3.23 26.85
C LEU R 68 77.16 3.98 25.76
N HIS R 69 77.27 5.30 25.81
CA HIS R 69 76.28 6.18 25.23
C HIS R 69 76.50 6.35 23.73
N ASP R 70 75.52 5.93 22.95
CA ASP R 70 75.39 6.35 21.55
C ASP R 70 74.46 7.55 21.50
N GLU R 71 75.01 8.71 21.86
CA GLU R 71 74.22 9.93 21.72
C GLU R 71 73.74 10.10 20.30
N TYR R 72 74.60 9.79 19.32
CA TYR R 72 74.27 10.10 17.94
C TYR R 72 72.88 9.60 17.58
N SER R 73 72.52 8.41 18.06
CA SER R 73 71.12 8.00 18.03
C SER R 73 70.23 9.13 18.50
N TYR R 74 70.54 9.67 19.68
CA TYR R 74 69.78 10.81 20.17
C TYR R 74 69.93 12.00 19.24
N TYR R 75 71.13 12.24 18.72
CA TYR R 75 71.30 13.35 17.79
C TYR R 75 70.45 13.16 16.54
N LYS R 76 70.60 12.01 15.87
CA LYS R 76 69.80 11.76 14.68
C LYS R 76 68.35 12.08 14.96
N LEU R 77 67.86 11.69 16.13
CA LEU R 77 66.52 12.06 16.52
C LEU R 77 66.37 13.57 16.54
N LYS R 78 67.34 14.27 17.14
CA LYS R 78 67.23 15.71 17.28
C LYS R 78 67.17 16.38 15.91
N GLY R 79 68.11 16.03 15.03
CA GLY R 79 68.15 16.67 13.73
C GLY R 79 66.84 16.52 12.98
N ALA R 80 66.29 15.30 12.98
CA ALA R 80 65.00 15.09 12.35
C ALA R 80 63.92 15.90 13.04
N SER R 81 63.97 16.00 14.37
CA SER R 81 62.99 16.81 15.09
C SER R 81 62.98 18.24 14.57
N ASN R 82 64.17 18.84 14.44
CA ASN R 82 64.25 20.26 14.10
C ASN R 82 63.44 20.57 12.84
N GLN R 83 63.63 19.79 11.78
CA GLN R 83 62.90 20.02 10.55
C GLN R 83 61.44 19.59 10.71
N LEU R 84 61.22 18.41 11.29
CA LEU R 84 59.87 18.00 11.61
C LEU R 84 59.16 19.06 12.44
N GLU R 85 59.89 19.66 13.38
CA GLU R 85 59.36 20.80 14.12
C GLU R 85 59.06 21.95 13.19
N TYR R 86 60.01 22.29 12.32
CA TYR R 86 59.81 23.35 11.36
C TYR R 86 58.55 23.12 10.54
N THR R 87 58.43 21.94 9.94
CA THR R 87 57.35 21.71 9.00
C THR R 87 56.01 21.49 9.70
N LYS R 88 55.99 20.76 10.81
CA LYS R 88 54.72 20.50 11.47
C LYS R 88 54.08 21.79 11.95
N TYR R 89 54.86 22.70 12.53
CA TYR R 89 54.33 24.00 12.90
C TYR R 89 53.76 24.71 11.69
N MET R 90 54.51 24.68 10.59
CA MET R 90 54.00 25.23 9.33
C MET R 90 52.69 24.56 8.94
N ALA R 91 52.66 23.22 8.97
CA ALA R 91 51.49 22.49 8.49
C ALA R 91 50.23 22.97 9.19
N SER R 92 50.23 23.00 10.52
CA SER R 92 49.11 23.55 11.25
C SER R 92 48.89 25.01 10.84
N THR R 93 49.96 25.80 10.82
CA THR R 93 49.84 27.21 10.50
C THR R 93 49.32 27.44 9.08
N LEU R 94 49.79 26.65 8.12
CA LEU R 94 49.41 26.89 6.73
C LEU R 94 47.94 26.58 6.49
N GLN R 95 47.49 25.39 6.90
CA GLN R 95 46.12 24.99 6.62
C GLN R 95 45.13 25.90 7.34
N GLU R 96 45.42 26.24 8.60
CA GLU R 96 44.50 27.08 9.36
C GLU R 96 44.36 28.45 8.71
N ILE R 97 45.45 29.02 8.22
CA ILE R 97 45.37 30.28 7.49
C ILE R 97 44.52 30.11 6.24
N ALA R 98 44.83 29.08 5.44
CA ALA R 98 44.06 28.84 4.23
C ALA R 98 42.60 28.58 4.57
N GLN R 99 42.35 27.79 5.62
CA GLN R 99 40.97 27.52 6.02
C GLN R 99 40.24 28.78 6.45
N ARG R 100 40.98 29.84 6.78
CA ARG R 100 40.31 31.09 7.15
C ARG R 100 39.41 31.59 6.03
N PHE R 101 39.68 31.18 4.79
CA PHE R 101 39.02 31.75 3.62
C PHE R 101 38.21 30.66 2.95
N PRO R 102 36.93 30.51 3.29
CA PRO R 102 36.14 29.42 2.73
C PRO R 102 35.80 29.67 1.28
N ASP R 103 36.68 29.25 0.38
CA ASP R 103 36.46 29.49 -1.03
C ASP R 103 35.43 28.50 -1.54
N LEU R 104 34.71 27.84 -0.63
CA LEU R 104 33.40 27.32 -1.00
C LEU R 104 32.76 28.46 -1.75
N GLN R 105 32.60 28.30 -3.07
CA GLN R 105 32.50 29.48 -3.92
C GLN R 105 31.26 30.29 -3.59
N ASN R 106 31.35 31.60 -3.84
CA ASN R 106 30.27 32.51 -3.48
C ASN R 106 30.24 32.68 -1.97
N THR R 107 31.39 32.52 -1.32
CA THR R 107 31.45 32.84 0.11
C THR R 107 31.47 34.33 -0.03
N GLY R 108 31.17 35.08 1.02
CA GLY R 108 30.96 36.51 0.80
C GLY R 108 31.94 37.12 -0.19
N ILE R 109 33.24 36.96 0.06
CA ILE R 109 34.24 37.58 -0.80
C ILE R 109 33.98 37.21 -2.26
N LEU R 110 33.60 35.96 -2.50
CA LEU R 110 33.28 35.54 -3.86
C LEU R 110 31.87 35.94 -4.23
N GLN R 111 30.95 35.94 -3.27
CA GLN R 111 29.58 36.36 -3.56
C GLN R 111 29.47 37.86 -3.71
N ASP R 112 30.15 38.64 -2.86
CA ASP R 112 30.23 40.07 -3.08
C ASP R 112 30.69 40.37 -4.50
N LEU R 113 31.71 39.63 -4.96
CA LEU R 113 32.08 39.69 -6.37
C LEU R 113 30.89 39.38 -7.25
N GLU R 114 30.18 38.28 -6.94
CA GLU R 114 28.99 37.94 -7.72
C GLU R 114 27.93 39.01 -7.60
N ASN R 115 27.62 39.42 -6.37
CA ASN R 115 26.52 40.36 -6.16
C ASN R 115 26.74 41.62 -6.97
N TYR R 116 27.98 42.12 -7.02
CA TYR R 116 28.28 43.20 -7.95
C TYR R 116 27.98 42.78 -9.37
N ASN R 117 28.54 41.64 -9.80
CA ASN R 117 28.27 41.16 -11.14
C ASN R 117 26.77 41.10 -11.39
N LYS R 118 26.03 40.55 -10.43
CA LYS R 118 24.58 40.43 -10.58
C LYS R 118 23.91 41.79 -10.42
N ALA R 119 24.19 42.48 -9.30
CA ALA R 119 23.56 43.77 -9.06
C ALA R 119 23.98 44.80 -10.10
N TRP R 120 25.19 44.66 -10.66
CA TRP R 120 25.56 45.51 -11.79
C TRP R 120 24.58 45.34 -12.94
N ASN R 121 24.27 44.09 -13.27
CA ASN R 121 23.29 43.84 -14.32
C ASN R 121 21.88 44.20 -13.87
N ASP R 122 21.56 43.97 -12.60
CA ASP R 122 20.22 44.24 -12.12
C ASP R 122 19.86 45.71 -12.30
N PHE R 123 20.74 46.61 -11.87
CA PHE R 123 20.51 48.02 -12.13
C PHE R 123 20.52 48.31 -13.62
N ALA R 124 21.46 47.69 -14.34
CA ALA R 124 21.48 47.87 -15.79
C ALA R 124 20.13 47.55 -16.40
N SER R 125 19.42 46.56 -15.86
CA SER R 125 18.05 46.32 -16.26
C SER R 125 17.15 47.50 -15.89
N ASN R 126 17.52 48.25 -14.86
CA ASN R 126 16.67 49.33 -14.35
C ASN R 126 17.47 50.61 -14.20
N PRO R 127 17.94 51.21 -15.30
CA PRO R 127 18.72 52.45 -15.18
C PRO R 127 17.95 53.57 -14.50
N ASN R 128 16.62 53.57 -14.62
CA ASN R 128 15.82 54.71 -14.17
C ASN R 128 15.83 54.89 -12.66
N GLU R 129 16.07 53.83 -11.89
CA GLU R 129 15.74 53.81 -10.47
C GLU R 129 16.99 53.59 -9.62
N ASN R 130 16.95 54.15 -8.40
CA ASN R 130 18.11 54.20 -7.51
C ASN R 130 18.24 52.95 -6.64
N ALA R 131 17.14 52.25 -6.39
CA ALA R 131 17.21 51.13 -5.45
C ALA R 131 18.23 50.10 -5.90
N THR R 132 18.20 49.71 -7.18
CA THR R 132 19.22 48.79 -7.67
C THR R 132 20.61 49.41 -7.59
N LYS R 133 20.71 50.72 -7.80
CA LYS R 133 21.97 51.41 -7.54
C LYS R 133 22.38 51.20 -6.09
N ILE R 134 21.47 51.47 -5.15
CA ILE R 134 21.80 51.38 -3.73
C ILE R 134 22.23 49.96 -3.37
N ALA R 135 21.48 48.96 -3.83
CA ALA R 135 21.86 47.59 -3.56
C ALA R 135 23.22 47.27 -4.15
N LEU R 136 23.47 47.74 -5.37
CA LEU R 136 24.78 47.54 -5.98
C LEU R 136 25.89 48.19 -5.17
N VAL R 137 25.60 49.33 -4.54
CA VAL R 137 26.60 49.95 -3.66
C VAL R 137 27.00 48.96 -2.58
N LYS R 138 26.01 48.36 -1.91
CA LYS R 138 26.32 47.36 -0.91
C LYS R 138 27.22 46.28 -1.48
N ALA R 139 26.75 45.58 -2.52
CA ALA R 139 27.49 44.44 -3.04
C ALA R 139 28.93 44.80 -3.37
N SER R 140 29.10 45.88 -4.13
CA SER R 140 30.45 46.39 -4.36
C SER R 140 31.13 46.74 -3.05
N GLN R 141 30.39 47.39 -2.15
CA GLN R 141 30.97 47.72 -0.86
C GLN R 141 31.36 46.47 -0.09
N THR R 142 30.38 45.65 0.30
CA THR R 142 30.69 44.43 1.04
C THR R 142 31.95 43.76 0.53
N LEU R 143 32.16 43.77 -0.79
CA LEU R 143 33.41 43.30 -1.33
C LEU R 143 34.58 44.08 -0.76
N THR R 144 34.44 45.41 -0.68
CA THR R 144 35.53 46.24 -0.17
C THR R 144 35.83 45.95 1.29
N GLU R 145 34.80 45.98 2.15
CA GLU R 145 35.04 45.74 3.57
C GLU R 145 35.64 44.36 3.78
N SER R 146 35.16 43.37 3.04
CA SER R 146 35.74 42.04 3.13
C SER R 146 37.25 42.10 2.98
N VAL R 147 37.73 42.80 1.95
CA VAL R 147 39.16 42.97 1.79
C VAL R 147 39.74 43.81 2.93
N ASN R 148 39.07 44.91 3.26
CA ASN R 148 39.50 45.71 4.40
C ASN R 148 39.65 44.82 5.62
N ASN R 149 38.65 43.99 5.89
CA ASN R 149 38.75 43.03 6.99
C ASN R 149 39.83 41.99 6.70
N THR R 150 39.99 41.60 5.43
CA THR R 150 40.98 40.60 5.09
C THR R 150 42.37 41.04 5.52
N PHE R 151 42.74 42.28 5.20
CA PHE R 151 43.97 42.82 5.76
C PHE R 151 43.91 42.88 7.27
N ALA R 152 42.75 43.26 7.82
CA ALA R 152 42.60 43.19 9.27
C ALA R 152 42.84 41.77 9.76
N THR R 153 42.64 40.78 8.89
CA THR R 153 43.01 39.41 9.22
C THR R 153 44.49 39.17 8.94
N LEU R 154 44.94 39.49 7.73
CA LEU R 154 46.31 39.17 7.36
C LEU R 154 47.30 39.84 8.29
N ASP R 155 47.10 41.12 8.60
CA ASP R 155 48.02 41.82 9.47
C ASP R 155 48.04 41.20 10.87
N LYS R 156 46.86 41.02 11.48
CA LYS R 156 46.83 40.57 12.86
C LYS R 156 47.49 39.21 12.99
N ILE R 157 47.42 38.39 11.95
CA ILE R 157 48.19 37.16 11.93
C ILE R 157 49.66 37.49 12.15
N GLN R 158 50.25 38.24 11.23
CA GLN R 158 51.67 38.57 11.35
C GLN R 158 51.95 39.28 12.68
N LYS R 159 50.98 40.02 13.20
CA LYS R 159 51.15 40.60 14.53
C LYS R 159 51.39 39.51 15.57
N LYS R 160 50.52 38.49 15.60
CA LYS R 160 50.76 37.39 16.52
C LYS R 160 52.11 36.75 16.23
N VAL R 161 52.42 36.55 14.94
CA VAL R 161 53.70 35.96 14.58
C VAL R 161 54.83 36.66 15.31
N ASN R 162 55.01 37.96 15.05
CA ASN R 162 56.06 38.71 15.72
C ASN R 162 56.08 38.38 17.21
N ASP R 163 54.91 38.46 17.86
CA ASP R 163 54.82 38.12 19.27
C ASP R 163 55.20 36.66 19.50
N ASP R 164 54.76 35.78 18.61
CA ASP R 164 54.97 34.35 18.80
C ASP R 164 56.46 34.03 18.88
N ILE R 165 57.25 34.61 17.98
CA ILE R 165 58.70 34.42 18.05
C ILE R 165 59.23 34.91 19.39
N LYS R 166 58.87 36.13 19.79
CA LYS R 166 59.40 36.66 21.04
C LYS R 166 59.11 35.72 22.19
N ASN R 167 57.92 35.13 22.20
CA ASN R 167 57.58 34.17 23.24
C ASN R 167 58.55 32.99 23.20
N THR R 168 58.79 32.45 22.01
CA THR R 168 59.70 31.32 21.89
C THR R 168 61.11 31.68 22.38
N VAL R 169 61.63 32.83 21.96
CA VAL R 169 62.96 33.23 22.40
C VAL R 169 63.00 33.35 23.91
N ASP R 170 61.97 33.99 24.48
CA ASP R 170 61.88 34.07 25.94
C ASP R 170 62.03 32.69 26.55
N GLU R 171 61.25 31.73 26.05
CA GLU R 171 61.45 30.34 26.44
C GLU R 171 62.90 29.92 26.23
N ILE R 172 63.45 30.21 25.05
CA ILE R 172 64.82 29.81 24.76
C ILE R 172 65.76 30.39 25.79
N ASN R 173 65.56 31.66 26.17
CA ASN R 173 66.45 32.27 27.15
C ASN R 173 66.42 31.51 28.46
N LYS R 174 65.23 31.11 28.91
CA LYS R 174 65.15 30.22 30.07
C LYS R 174 65.84 28.90 29.76
N ILE R 175 65.62 28.36 28.57
CA ILE R 175 66.24 27.09 28.19
C ILE R 175 67.76 27.20 28.31
N GLY R 176 68.32 28.32 27.86
CA GLY R 176 69.77 28.46 27.89
C GLY R 176 70.35 28.37 29.29
N GLU R 177 69.74 29.08 30.24
CA GLU R 177 70.28 29.09 31.60
C GLU R 177 70.21 27.72 32.24
N GLU R 178 69.09 27.02 32.07
CA GLU R 178 68.94 25.70 32.69
C GLU R 178 70.03 24.75 32.22
N ILE R 179 70.21 24.65 30.90
CA ILE R 179 71.22 23.75 30.36
C ILE R 179 72.60 24.15 30.87
N ALA R 180 72.92 25.43 30.81
CA ALA R 180 74.18 25.91 31.36
C ALA R 180 74.27 25.61 32.84
N THR R 181 73.14 25.77 33.54
CA THR R 181 73.13 25.53 34.98
C THR R 181 73.51 24.09 35.31
N ILE R 182 73.03 23.12 34.52
CA ILE R 182 73.38 21.73 34.79
C ILE R 182 74.89 21.55 34.70
N ASN R 183 75.53 22.27 33.78
CA ASN R 183 76.98 22.29 33.76
C ASN R 183 77.55 22.93 35.03
N LYS R 184 76.86 23.94 35.56
CA LYS R 184 77.34 24.58 36.79
C LYS R 184 77.37 23.58 37.94
N GLN R 185 76.55 22.54 37.90
CA GLN R 185 76.49 21.59 39.01
C GLN R 185 77.64 20.60 38.94
N ILE R 186 77.85 19.99 37.77
CA ILE R 186 78.59 18.74 37.70
C ILE R 186 80.04 18.91 38.15
N TYR R 187 80.62 20.07 37.89
CA TYR R 187 82.07 20.20 37.97
C TYR R 187 82.43 21.64 38.30
N GLY R 188 83.71 21.96 38.14
CA GLY R 188 84.27 23.22 38.59
C GLY R 188 85.37 22.91 39.59
N GLN R 189 85.14 23.23 40.85
CA GLN R 189 85.88 22.60 41.92
C GLN R 189 85.26 21.25 42.32
N GLU R 190 84.38 20.71 41.48
CA GLU R 190 83.61 19.50 41.77
C GLU R 190 84.03 18.36 40.86
N ALA R 191 84.10 17.15 41.44
CA ALA R 191 84.66 15.98 40.76
C ALA R 191 83.62 15.26 39.90
N LEU R 192 83.00 16.04 39.00
CA LEU R 192 82.22 15.51 37.88
C LEU R 192 81.54 14.20 38.23
N PRO R 193 80.69 14.17 39.27
CA PRO R 193 80.14 12.90 39.75
C PRO R 193 79.47 12.12 38.64
N THR R 194 79.70 10.80 38.62
CA THR R 194 79.37 9.99 37.46
C THR R 194 77.92 9.52 37.46
N GLU R 195 77.55 8.70 38.45
CA GLU R 195 76.31 7.92 38.33
C GLU R 195 75.08 8.81 38.28
N HIS R 196 74.93 9.70 39.25
CA HIS R 196 73.74 10.54 39.26
C HIS R 196 73.75 11.51 38.09
N ALA R 197 74.93 11.85 37.57
CA ALA R 197 74.99 12.65 36.36
C ALA R 197 74.34 11.94 35.19
N ASN R 198 74.32 10.61 35.20
CA ASN R 198 73.63 9.86 34.16
C ASN R 198 72.20 10.36 34.03
N GLU R 199 71.53 10.54 35.17
CA GLU R 199 70.19 11.10 35.18
C GLU R 199 70.22 12.59 34.83
N LEU R 200 71.21 13.32 35.35
CA LEU R 200 71.31 14.74 34.99
C LEU R 200 71.62 14.90 33.51
N ARG R 201 72.43 14.00 32.94
CA ARG R 201 72.45 13.89 31.49
C ARG R 201 71.04 13.83 30.95
N ASP R 202 70.30 12.79 31.33
CA ASP R 202 68.89 12.70 30.94
C ASP R 202 68.20 14.04 31.16
N ARG R 203 68.19 14.50 32.41
CA ARG R 203 67.48 15.75 32.72
C ARG R 203 67.93 16.86 31.79
N ARG R 204 69.23 17.04 31.63
CA ARG R 204 69.71 17.99 30.65
C ARG R 204 69.30 17.60 29.23
N ASP R 205 69.24 16.30 28.95
CA ASP R 205 68.98 15.87 27.58
C ASP R 205 67.59 16.26 27.11
N GLU R 206 66.57 16.24 27.99
CA GLU R 206 65.29 16.79 27.57
C GLU R 206 65.49 18.20 27.05
N LEU R 207 66.16 19.04 27.84
CA LEU R 207 66.39 20.42 27.43
C LEU R 207 67.11 20.47 26.09
N GLU R 208 68.07 19.56 25.90
CA GLU R 208 68.79 19.50 24.64
C GLU R 208 67.85 19.23 23.48
N LEU R 209 66.90 18.31 23.65
CA LEU R 209 65.94 18.03 22.59
C LEU R 209 65.10 19.27 22.29
N THR R 210 64.65 19.98 23.32
CA THR R 210 63.84 21.17 23.10
C THR R 210 64.58 22.16 22.22
N LEU R 211 65.83 22.46 22.56
CA LEU R 211 66.60 23.43 21.78
C LEU R 211 66.77 22.97 20.34
N SER R 212 67.22 21.73 20.15
CA SER R 212 67.38 21.20 18.81
C SER R 212 66.07 21.24 18.04
N LYS R 213 64.97 20.89 18.71
CA LYS R 213 63.65 21.01 18.08
C LYS R 213 63.41 22.44 17.62
N LEU R 214 63.59 23.41 18.52
CA LEU R 214 63.20 24.79 18.22
C LEU R 214 64.21 25.46 17.30
N VAL R 215 65.51 25.23 17.52
CA VAL R 215 66.53 26.06 16.91
C VAL R 215 67.78 25.23 16.64
N SER R 216 68.68 25.78 15.83
CA SER R 216 69.96 25.13 15.56
C SER R 216 70.96 25.45 16.66
N ALA R 217 71.82 24.47 16.96
CA ALA R 217 72.88 24.66 17.94
C ALA R 217 73.94 23.61 17.71
N VAL R 218 75.15 23.92 18.17
CA VAL R 218 76.29 23.01 18.06
C VAL R 218 76.98 22.93 19.42
N ALA R 219 77.35 21.72 19.82
CA ALA R 219 78.00 21.51 21.10
C ALA R 219 78.77 20.20 21.07
N SER R 220 79.71 20.07 22.00
CA SER R 220 80.48 18.85 22.19
C SER R 220 79.98 18.09 23.41
N LYS R 221 80.37 16.83 23.51
CA LYS R 221 79.88 15.95 24.57
C LYS R 221 80.80 14.75 24.70
N ASN R 222 80.81 14.14 25.90
CA ASN R 222 81.60 12.95 26.14
C ASN R 222 81.13 12.26 27.41
N GLU R 223 81.30 10.94 27.45
CA GLU R 223 81.03 10.16 28.66
C GLU R 223 82.26 10.12 29.54
N ILE R 224 82.05 10.15 30.86
CA ILE R 224 83.15 10.26 31.82
C ILE R 224 82.77 9.61 33.15
N ASN R 225 83.78 9.37 33.98
CA ASN R 225 83.62 8.90 35.35
C ASN R 225 84.68 9.55 36.23
N GLN R 226 84.29 9.94 37.45
CA GLN R 226 85.24 10.59 38.34
C GLN R 226 86.16 9.56 38.99
N ASP R 227 87.39 10.00 39.28
CA ASP R 227 88.34 9.20 40.03
C ASP R 227 89.57 10.06 40.29
N ASN R 228 90.19 9.84 41.46
CA ASN R 228 91.44 10.50 41.76
C ASN R 228 92.03 9.95 43.05
N ARG R 229 93.36 9.93 43.10
CA ARG R 229 94.04 10.01 44.38
C ARG R 229 93.75 11.38 44.98
N LEU R 230 93.44 11.42 46.27
CA LEU R 230 92.71 12.56 46.82
C LEU R 230 93.59 13.80 46.79
N ASP R 231 93.65 14.47 45.64
CA ASP R 231 94.66 15.49 45.39
C ASP R 231 94.19 16.74 44.65
N THR R 232 92.88 16.94 44.46
CA THR R 232 92.43 18.07 43.66
C THR R 232 91.07 18.59 44.13
N THR R 233 90.81 19.87 43.87
CA THR R 233 89.48 20.48 43.98
C THR R 233 89.21 21.41 42.80
N ILE R 234 89.73 21.05 41.63
CA ILE R 234 89.36 21.68 40.36
C ILE R 234 89.40 20.59 39.30
N THR R 235 88.42 20.59 38.40
CA THR R 235 88.04 19.38 37.69
C THR R 235 87.79 19.69 36.22
N ASP R 236 87.17 18.72 35.52
CA ASP R 236 87.23 18.60 34.06
C ASP R 236 85.87 18.68 33.37
N PRO R 237 85.52 19.82 32.75
CA PRO R 237 84.49 19.79 31.70
C PRO R 237 85.04 19.61 30.30
N GLY R 238 86.30 20.00 30.09
CA GLY R 238 86.76 20.35 28.76
C GLY R 238 86.55 19.27 27.72
N HIS R 239 86.88 18.03 28.05
CA HIS R 239 86.72 16.95 27.09
C HIS R 239 85.27 16.85 26.63
N GLN R 240 84.33 17.26 27.48
CA GLN R 240 82.93 17.04 27.19
C GLN R 240 82.34 18.16 26.32
N TYR R 241 82.03 19.29 26.97
CA TYR R 241 81.21 20.29 26.30
C TYR R 241 81.60 21.70 25.97
N ASN R 242 80.79 22.32 25.11
CA ASN R 242 80.98 23.70 24.76
C ASN R 242 79.74 23.98 23.92
N LEU R 243 79.06 25.09 24.17
CA LEU R 243 77.87 25.44 23.41
C LEU R 243 78.24 26.39 22.28
N SER R 244 77.46 26.34 21.19
CA SER R 244 77.65 27.30 20.13
C SER R 244 76.38 27.43 19.31
N ILE R 245 76.08 28.68 18.93
CA ILE R 245 74.90 28.99 18.13
C ILE R 245 75.26 30.13 17.19
N GLU R 246 74.87 29.99 15.91
CA GLU R 246 74.99 31.04 14.91
C GLU R 246 76.33 31.77 15.03
N GLY R 247 77.41 30.98 15.02
CA GLY R 247 78.75 31.54 15.09
C GLY R 247 79.18 31.97 16.47
N PHE R 248 78.27 31.95 17.45
CA PHE R 248 78.61 32.27 18.83
C PHE R 248 78.71 31.00 19.66
N SER R 249 79.78 30.92 20.44
CA SER R 249 79.95 29.85 21.41
C SER R 249 79.69 30.42 22.80
N ILE R 250 78.53 30.09 23.37
CA ILE R 250 78.12 30.74 24.60
C ILE R 250 77.77 29.73 25.70
N VAL R 251 78.81 29.22 26.35
CA VAL R 251 78.81 28.69 27.70
C VAL R 251 80.22 28.90 28.24
N ASP R 252 80.35 29.63 29.33
CA ASP R 252 81.65 29.87 29.96
C ASP R 252 81.93 28.66 30.85
N GLY R 253 82.08 27.50 30.21
CA GLY R 253 82.22 26.25 30.93
C GLY R 253 80.88 25.81 31.52
N ILE R 254 80.27 26.69 32.31
CA ILE R 254 79.00 26.40 32.96
C ILE R 254 78.02 27.55 32.79
N ASN R 255 78.52 28.70 32.33
CA ASN R 255 77.72 29.91 32.35
C ASN R 255 76.70 29.92 31.22
N PHE R 256 75.70 30.77 31.39
CA PHE R 256 74.71 31.07 30.38
C PHE R 256 74.82 32.55 30.03
N HIS R 257 74.48 32.87 28.78
CA HIS R 257 74.75 34.19 28.22
C HIS R 257 73.43 34.86 27.85
N PRO R 258 72.89 35.71 28.73
CA PRO R 258 71.64 36.40 28.40
C PRO R 258 71.83 37.57 27.43
N LEU R 259 71.86 37.28 26.13
CA LEU R 259 71.98 38.31 25.11
C LEU R 259 70.60 38.89 24.80
N LYS R 260 70.60 40.12 24.31
CA LYS R 260 69.44 41.01 24.40
C LYS R 260 68.50 40.83 23.21
N LEU R 261 67.28 40.38 23.50
CA LEU R 261 66.14 40.52 22.60
C LEU R 261 65.59 41.93 22.75
N ASP R 262 65.10 42.50 21.66
CA ASP R 262 64.73 43.92 21.70
C ASP R 262 63.77 44.27 20.58
N TYR R 263 62.91 45.24 20.88
CA TYR R 263 62.26 46.08 19.89
C TYR R 263 62.43 47.52 20.34
N ASP R 264 62.94 48.36 19.46
CA ASP R 264 62.83 49.80 19.62
C ASP R 264 61.64 50.34 18.84
N ASP R 265 60.78 49.45 18.34
CA ASP R 265 59.84 49.74 17.28
C ASP R 265 58.47 50.09 17.87
N LYS R 266 57.91 51.19 17.37
CA LYS R 266 56.52 51.53 17.60
C LYS R 266 55.63 50.30 17.43
N ASN R 267 55.86 49.52 16.37
CA ASN R 267 55.13 48.29 16.11
C ASN R 267 55.79 47.10 16.75
N LYS R 268 56.90 47.30 17.46
CA LYS R 268 57.49 46.30 18.34
C LYS R 268 58.09 45.13 17.57
N SER R 269 58.67 45.41 16.40
CA SER R 269 59.48 44.42 15.72
C SER R 269 60.61 43.97 16.63
N TYR R 270 60.70 42.66 16.85
CA TYR R 270 61.63 42.11 17.82
C TYR R 270 63.01 41.97 17.21
N SER R 271 64.03 42.06 18.06
CA SER R 271 65.40 42.18 17.57
C SER R 271 66.35 41.62 18.62
N ILE R 272 67.40 40.96 18.17
CA ILE R 272 68.29 40.17 19.02
C ILE R 272 69.73 40.55 18.71
N TYR R 273 70.56 40.68 19.76
CA TYR R 273 71.84 41.35 19.61
C TYR R 273 72.85 40.84 20.63
N TYR R 274 74.11 41.22 20.42
CA TYR R 274 75.19 41.05 21.37
C TYR R 274 75.79 42.42 21.67
N GLU R 275 76.40 42.55 22.86
CA GLU R 275 76.90 43.83 23.33
C GLU R 275 78.22 43.66 24.07
N THR R 276 79.12 44.63 23.89
CA THR R 276 80.23 44.83 24.81
C THR R 276 79.77 45.92 25.78
N PRO R 277 79.50 45.60 27.05
CA PRO R 277 78.62 46.46 27.86
C PRO R 277 79.09 47.90 28.02
N ASP R 278 80.19 48.28 27.39
CA ASP R 278 80.61 49.68 27.37
C ASP R 278 80.05 50.37 26.12
N GLU R 279 78.83 49.97 25.75
CA GLU R 279 78.01 50.65 24.75
C GLU R 279 78.55 50.59 23.32
N LYS R 280 78.64 49.37 22.78
CA LYS R 280 78.71 49.18 21.33
C LYS R 280 78.13 47.80 21.03
N VAL R 281 77.01 47.77 20.32
CA VAL R 281 76.19 46.56 20.15
C VAL R 281 76.46 45.96 18.79
N ARG R 282 76.33 44.63 18.70
CA ARG R 282 76.36 43.90 17.44
C ARG R 282 75.21 42.91 17.42
N ASP R 283 74.85 42.48 16.22
CA ASP R 283 73.57 41.80 15.99
C ASP R 283 73.70 40.29 16.03
N LEU R 284 72.58 39.64 16.33
CA LEU R 284 72.41 38.20 16.23
C LEU R 284 71.24 37.81 15.32
N THR R 285 70.38 38.76 14.99
CA THR R 285 69.14 38.51 14.26
C THR R 285 69.36 37.90 12.88
N ALA R 286 70.45 38.26 12.22
CA ALA R 286 70.55 38.12 10.77
C ALA R 286 70.38 36.68 10.28
N LYS R 287 71.34 35.81 10.60
CA LYS R 287 71.44 34.51 9.93
C LYS R 287 70.73 33.41 10.68
N ILE R 288 69.94 33.74 11.69
CA ILE R 288 69.32 32.76 12.58
C ILE R 288 68.66 31.64 11.79
N SER R 289 68.78 30.42 12.28
CA SER R 289 68.23 29.23 11.64
C SER R 289 67.76 28.25 12.70
N GLY R 290 66.88 27.33 12.29
CA GLY R 290 66.40 26.30 13.18
C GLY R 290 64.99 25.86 12.83
N GLY R 291 64.46 24.96 13.65
CA GLY R 291 63.17 24.35 13.36
C GLY R 291 62.00 25.31 13.47
N GLN R 292 61.66 25.72 14.69
CA GLN R 292 60.57 26.67 14.86
C GLN R 292 61.05 28.09 14.64
N LEU R 293 62.19 28.45 15.24
CA LEU R 293 62.64 29.83 15.16
C LEU R 293 62.99 30.20 13.73
N GLY R 294 63.62 29.28 12.99
CA GLY R 294 63.75 29.47 11.56
C GLY R 294 62.40 29.52 10.87
N ALA R 295 61.49 28.63 11.26
CA ALA R 295 60.16 28.60 10.65
C ALA R 295 59.42 29.90 10.84
N GLN R 296 59.34 30.38 12.08
CA GLN R 296 58.56 31.58 12.33
C GLN R 296 59.13 32.78 11.58
N LEU R 297 60.46 32.88 11.49
CA LEU R 297 61.06 34.07 10.90
C LEU R 297 60.71 34.21 9.43
N ASP R 298 60.90 33.15 8.63
CA ASP R 298 60.76 33.31 7.19
C ASP R 298 59.37 33.81 6.82
N LEU R 299 58.35 33.37 7.57
CA LEU R 299 57.01 33.93 7.40
C LEU R 299 56.98 35.39 7.80
N ARG R 300 57.50 35.71 8.98
CA ARG R 300 57.56 37.10 9.43
C ARG R 300 58.49 37.91 8.53
N GLY R 301 59.64 37.36 8.20
CA GLY R 301 60.70 38.12 7.58
C GLY R 301 61.64 38.70 8.60
N ARG R 302 62.93 38.40 8.48
CA ARG R 302 63.91 38.92 9.43
C ARG R 302 63.91 40.44 9.42
N ASN R 303 63.85 41.04 8.23
CA ASN R 303 63.97 42.48 8.08
C ASN R 303 62.64 43.18 8.30
N TYR R 304 62.64 44.20 9.14
CA TYR R 304 61.58 45.19 9.21
C TYR R 304 62.17 46.55 8.89
N SER R 305 61.53 47.28 7.99
CA SER R 305 61.89 48.68 7.79
C SER R 305 61.16 49.51 8.84
N LYS R 306 61.78 49.66 10.00
CA LYS R 306 61.16 50.43 11.08
C LYS R 306 60.88 51.87 10.66
N SER R 307 61.61 52.38 9.66
CA SER R 307 61.41 53.75 9.20
C SER R 307 60.39 53.78 8.07
N GLU R 308 60.66 53.06 6.97
CA GLU R 308 59.70 53.05 5.87
C GLU R 308 58.46 52.24 6.25
N GLY R 309 58.58 51.35 7.23
CA GLY R 309 57.43 50.82 7.93
C GLY R 309 56.97 49.43 7.54
N LYS R 310 57.71 48.69 6.72
CA LYS R 310 57.27 47.36 6.32
C LYS R 310 58.36 46.33 6.54
N TYR R 311 57.94 45.07 6.57
CA TYR R 311 58.84 43.93 6.54
C TYR R 311 59.25 43.66 5.10
N GLU R 312 60.56 43.63 4.86
CA GLU R 312 61.07 43.45 3.50
C GLU R 312 61.08 41.99 3.10
N ASP R 313 61.41 41.11 4.03
CA ASP R 313 61.20 39.68 3.86
C ASP R 313 59.95 39.27 4.64
N GLY R 314 59.70 37.98 4.68
CA GLY R 314 58.49 37.49 5.33
C GLY R 314 57.49 37.01 4.30
N ILE R 315 57.33 35.69 4.21
CA ILE R 315 56.37 35.15 3.26
C ILE R 315 54.98 35.70 3.54
N ILE R 316 54.66 35.96 4.80
CA ILE R 316 53.36 36.53 5.14
C ILE R 316 53.20 37.89 4.47
N GLN R 317 54.05 38.84 4.82
CA GLN R 317 53.94 40.17 4.23
C GLN R 317 54.08 40.09 2.72
N GLY R 318 54.86 39.13 2.24
CA GLY R 318 54.92 38.90 0.81
C GLY R 318 53.55 38.62 0.22
N TYR R 319 52.72 37.88 0.95
CA TYR R 319 51.35 37.63 0.50
C TYR R 319 50.55 38.92 0.45
N MET R 320 50.63 39.72 1.50
CA MET R 320 49.89 40.97 1.55
C MET R 320 50.38 41.94 0.46
N ASP R 321 51.70 42.01 0.28
CA ASP R 321 52.25 42.86 -0.77
C ASP R 321 51.62 42.53 -2.12
N SER R 322 51.44 41.25 -2.41
CA SER R 322 50.75 40.85 -3.62
C SER R 322 49.29 41.28 -3.59
N LEU R 323 48.65 41.24 -2.43
CA LEU R 323 47.20 41.36 -2.42
C LEU R 323 46.79 42.77 -2.85
N ASP R 324 47.25 43.77 -2.11
CA ASP R 324 47.00 45.16 -2.49
C ASP R 324 47.51 45.44 -3.89
N THR R 325 48.55 44.72 -4.33
CA THR R 325 49.13 45.00 -5.63
C THR R 325 48.08 44.90 -6.73
N PHE R 326 47.36 43.79 -6.80
CA PHE R 326 46.31 43.71 -7.80
C PHE R 326 45.10 44.54 -7.40
N ALA R 327 44.81 44.63 -6.10
CA ALA R 327 43.75 45.53 -5.65
C ALA R 327 44.06 46.96 -6.06
N LYS R 328 45.27 47.43 -5.74
CA LYS R 328 45.66 48.76 -6.14
C LYS R 328 45.53 48.94 -7.65
N THR R 329 45.94 47.94 -8.42
CA THR R 329 45.81 48.04 -9.87
C THR R 329 44.36 47.97 -10.29
N MET R 330 43.60 47.07 -9.65
CA MET R 330 42.17 46.99 -9.94
C MET R 330 41.49 48.34 -9.73
N ILE R 331 41.98 49.12 -8.76
CA ILE R 331 41.40 50.43 -8.51
C ILE R 331 41.48 51.30 -9.76
N ASN R 332 42.56 51.13 -10.54
CA ASN R 332 42.82 52.07 -11.63
C ASN R 332 41.71 52.08 -12.66
N GLU R 333 41.45 50.93 -13.30
CA GLU R 333 40.54 50.91 -14.43
C GLU R 333 39.14 51.36 -14.03
N THR R 334 38.72 51.05 -12.80
CA THR R 334 37.42 51.53 -12.34
C THR R 334 37.35 53.04 -12.41
N ASN R 335 38.33 53.71 -11.81
CA ASN R 335 38.33 55.17 -11.83
C ASN R 335 38.48 55.71 -13.24
N ASN R 336 39.34 55.08 -14.05
CA ASN R 336 39.55 55.54 -15.41
C ASN R 336 38.26 55.44 -16.22
N LEU R 337 37.64 54.26 -16.22
CA LEU R 337 36.43 54.07 -17.00
C LEU R 337 35.27 54.83 -16.40
N TYR R 338 35.20 54.91 -15.08
CA TYR R 338 34.20 55.77 -14.45
C TYR R 338 34.40 57.22 -14.86
N ALA R 339 35.66 57.67 -14.88
CA ALA R 339 35.95 59.03 -15.31
C ALA R 339 35.42 59.27 -16.72
N SER R 340 35.28 58.21 -17.51
CA SER R 340 34.73 58.36 -18.85
C SER R 340 33.32 58.95 -18.82
N SER R 341 32.57 58.70 -17.75
CA SER R 341 31.24 59.28 -17.64
C SER R 341 31.33 60.80 -17.63
N ALA R 342 30.28 61.44 -18.12
CA ALA R 342 30.29 62.89 -18.34
C ALA R 342 29.73 63.62 -17.12
N LYS R 343 30.40 64.69 -16.72
CA LYS R 343 30.02 65.48 -15.56
C LYS R 343 30.14 66.97 -15.89
N SER R 344 29.33 67.78 -15.22
CA SER R 344 29.30 69.21 -15.50
C SER R 344 30.48 69.95 -14.90
N SER R 345 31.27 69.32 -14.05
CA SER R 345 32.48 69.91 -13.50
C SER R 345 33.27 68.82 -12.81
N VAL R 346 34.60 68.96 -12.85
CA VAL R 346 35.48 67.90 -12.37
C VAL R 346 36.71 68.54 -11.73
N THR R 347 37.38 67.78 -10.88
CA THR R 347 38.65 68.19 -10.30
C THR R 347 39.40 66.96 -9.82
N SER R 348 40.72 67.07 -9.75
CA SER R 348 41.56 65.98 -9.27
C SER R 348 41.42 65.81 -7.76
N ASP R 349 41.98 64.73 -7.24
CA ASP R 349 42.06 64.56 -5.80
C ASP R 349 43.00 65.61 -5.21
N TYR R 350 42.86 65.87 -3.91
CA TYR R 350 43.77 66.76 -3.23
C TYR R 350 45.11 66.06 -3.03
N LEU R 351 46.19 66.82 -3.26
CA LEU R 351 47.55 66.27 -3.19
C LEU R 351 48.39 67.26 -2.38
N SER R 352 48.39 67.06 -1.06
CA SER R 352 49.12 67.96 -0.19
C SER R 352 50.60 67.96 -0.55
N GLY R 353 51.17 69.16 -0.66
CA GLY R 353 52.58 69.28 -0.96
C GLY R 353 52.96 68.70 -2.29
N LEU R 354 52.00 68.52 -3.20
CA LEU R 354 52.30 67.96 -4.51
C LEU R 354 52.45 69.07 -5.54
N LYS R 355 53.68 69.29 -5.99
CA LYS R 355 53.94 70.20 -7.09
C LYS R 355 53.47 69.59 -8.41
N GLY R 356 52.87 70.42 -9.26
CA GLY R 356 52.19 69.93 -10.45
C GLY R 356 53.14 69.50 -11.53
N ASP R 357 54.37 69.98 -11.47
CA ASP R 357 55.40 69.52 -12.37
C ASP R 357 55.77 68.07 -12.06
N ILE R 358 55.10 67.47 -11.08
CA ILE R 358 55.23 66.05 -10.83
C ILE R 358 55.04 65.31 -12.15
N PRO R 359 56.07 64.67 -12.70
CA PRO R 359 55.87 63.84 -13.89
C PRO R 359 54.94 62.69 -13.55
N LEU R 360 53.96 62.45 -14.42
CA LEU R 360 52.76 61.75 -13.98
C LEU R 360 52.95 60.24 -14.01
N VAL R 361 53.24 59.66 -15.18
CA VAL R 361 53.36 58.20 -15.20
C VAL R 361 54.62 57.78 -14.48
N ASN R 362 55.64 58.64 -14.43
CA ASN R 362 56.77 58.39 -13.55
C ASN R 362 56.35 58.46 -12.08
N TYR R 363 55.37 59.31 -11.78
CA TYR R 363 54.83 59.38 -10.43
C TYR R 363 54.05 58.12 -10.07
N ASP R 364 53.54 57.41 -11.08
CA ASP R 364 52.93 56.10 -10.89
C ASP R 364 53.07 55.34 -12.20
N ARG R 365 53.84 54.24 -12.19
CA ARG R 365 54.11 53.51 -13.42
C ARG R 365 52.85 52.99 -14.09
N THR R 366 51.80 52.73 -13.32
CA THR R 366 50.60 52.14 -13.88
C THR R 366 49.98 52.99 -14.97
N ILE R 367 50.13 54.30 -14.89
CA ILE R 367 49.68 55.16 -15.96
C ILE R 367 50.78 55.15 -17.01
N GLN R 368 50.42 55.20 -18.28
CA GLN R 368 51.40 54.91 -19.32
C GLN R 368 51.28 55.90 -20.46
N PRO R 369 52.34 56.04 -21.27
CA PRO R 369 52.19 56.77 -22.54
C PRO R 369 51.10 56.15 -23.39
N GLY R 370 50.18 56.96 -23.88
CA GLY R 370 49.04 56.45 -24.62
C GLY R 370 48.27 57.58 -25.26
N SER R 371 47.25 57.21 -26.01
CA SER R 371 46.37 58.16 -26.66
C SER R 371 45.04 58.22 -25.93
N PHE R 372 44.61 59.43 -25.62
CA PHE R 372 43.33 59.62 -24.96
C PHE R 372 42.64 60.82 -25.58
N ASP R 373 41.35 60.93 -25.32
CA ASP R 373 40.51 61.93 -25.95
C ASP R 373 39.69 62.63 -24.88
N ILE R 374 39.34 63.88 -25.15
CA ILE R 374 38.57 64.70 -24.22
C ILE R 374 37.31 65.13 -24.93
N VAL R 375 36.16 64.90 -24.30
CA VAL R 375 34.87 65.00 -24.95
C VAL R 375 33.95 65.86 -24.11
N ILE R 376 33.00 66.53 -24.77
CA ILE R 376 31.97 67.32 -24.10
C ILE R 376 30.62 66.74 -24.41
N TYR R 377 29.83 66.50 -23.37
CA TYR R 377 28.40 66.36 -23.50
C TYR R 377 27.73 67.67 -23.11
N ASP R 378 26.63 67.99 -23.78
CA ASP R 378 25.77 69.07 -23.35
C ASP R 378 24.89 68.58 -22.19
N ASP R 379 24.41 69.52 -21.38
CA ASP R 379 23.74 69.13 -20.14
C ASP R 379 22.52 68.25 -20.38
N LYS R 380 22.05 68.08 -21.60
CA LYS R 380 21.06 67.02 -21.82
C LYS R 380 21.72 65.65 -21.86
N GLY R 381 23.01 65.57 -21.53
CA GLY R 381 23.72 64.31 -21.54
C GLY R 381 23.98 63.78 -22.92
N ASP R 382 24.26 64.65 -23.88
CA ASP R 382 24.54 64.24 -25.25
C ASP R 382 25.83 64.89 -25.72
N LYS R 383 26.54 64.17 -26.58
CA LYS R 383 27.93 64.44 -26.89
C LYS R 383 28.07 65.21 -28.20
N LYS R 384 28.82 66.31 -28.12
CA LYS R 384 29.07 67.14 -29.30
C LYS R 384 30.55 67.51 -29.54
N LEU R 385 31.28 67.91 -28.50
CA LEU R 385 32.69 68.39 -28.68
C LEU R 385 33.76 67.34 -28.37
N THR R 386 34.94 67.44 -28.99
CA THR R 386 35.99 66.45 -28.76
C THR R 386 37.36 67.02 -29.13
N LYS R 387 38.36 66.75 -28.29
CA LYS R 387 39.74 67.09 -28.56
C LYS R 387 40.64 65.97 -28.05
N THR R 388 41.65 65.62 -28.84
CA THR R 388 42.43 64.41 -28.64
C THR R 388 43.88 64.73 -28.34
N ILE R 389 44.52 63.83 -27.57
CA ILE R 389 45.86 64.05 -27.04
C ILE R 389 46.62 62.72 -27.00
N THR R 390 47.95 62.82 -27.00
CA THR R 390 48.85 61.70 -26.77
C THR R 390 49.88 62.10 -25.73
N ILE R 391 50.46 61.10 -25.06
CA ILE R 391 51.18 61.32 -23.80
C ILE R 391 52.59 60.74 -23.87
N ASP R 392 53.49 61.31 -23.08
CA ASP R 392 54.84 60.78 -22.85
C ASP R 392 54.99 60.37 -21.38
N VAL R 393 56.20 59.94 -21.01
CA VAL R 393 56.37 59.31 -19.70
C VAL R 393 56.54 60.34 -18.59
N ASN R 394 56.94 61.55 -18.90
CA ASN R 394 57.14 62.55 -17.86
C ASN R 394 56.37 63.84 -18.11
N THR R 395 55.35 63.81 -18.96
CA THR R 395 54.40 64.90 -19.03
C THR R 395 53.85 65.17 -17.64
N THR R 396 54.13 66.37 -17.12
CA THR R 396 53.66 66.77 -15.81
C THR R 396 52.29 67.43 -15.92
N MET R 397 51.69 67.68 -14.76
CA MET R 397 50.43 68.43 -14.74
C MET R 397 50.58 69.75 -15.46
N ASN R 398 51.73 70.41 -15.27
CA ASN R 398 51.96 71.68 -15.95
C ASN R 398 52.32 71.46 -17.41
N ASP R 399 52.81 70.27 -17.75
CA ASP R 399 52.81 69.87 -19.15
C ASP R 399 51.39 69.72 -19.66
N ILE R 400 50.52 69.13 -18.83
CA ILE R 400 49.10 69.05 -19.17
C ILE R 400 48.52 70.46 -19.29
N MET R 401 48.91 71.38 -18.41
CA MET R 401 48.52 72.77 -18.59
C MET R 401 48.89 73.25 -19.98
N ARG R 402 50.11 72.93 -20.43
CA ARG R 402 50.47 73.18 -21.83
C ARG R 402 49.54 72.44 -22.78
N GLN R 403 49.33 71.14 -22.53
CA GLN R 403 48.69 70.30 -23.53
C GLN R 403 47.18 70.50 -23.57
N ILE R 404 46.55 70.78 -22.42
CA ILE R 404 45.14 71.18 -22.46
C ILE R 404 44.98 72.46 -23.25
N ASN R 405 45.64 73.52 -22.81
CA ASN R 405 45.40 74.87 -23.32
C ASN R 405 46.13 75.14 -24.61
N ALA R 406 46.82 74.15 -25.17
CA ALA R 406 47.19 74.20 -26.57
C ALA R 406 45.93 73.91 -27.38
N ASN R 407 44.92 74.76 -27.21
CA ASN R 407 43.56 74.44 -27.58
C ASN R 407 43.21 75.06 -28.93
N THR R 408 42.11 74.58 -29.51
CA THR R 408 41.57 75.11 -30.75
C THR R 408 40.08 75.37 -30.59
N ASP R 409 39.55 76.20 -31.48
CA ASP R 409 38.11 76.37 -31.58
C ASP R 409 37.47 75.07 -32.02
N ASP R 410 36.23 74.85 -31.56
CA ASP R 410 35.50 73.67 -31.99
C ASP R 410 35.08 73.76 -33.45
N ASN R 411 34.94 74.96 -34.00
CA ASN R 411 34.89 75.18 -35.45
C ASN R 411 36.24 75.62 -36.01
N ASP R 412 37.26 75.71 -35.15
CA ASP R 412 38.65 75.85 -35.57
C ASP R 412 38.97 77.21 -36.16
N ASN R 413 38.47 78.30 -35.55
CA ASN R 413 38.74 79.65 -36.03
C ASN R 413 39.98 80.28 -35.39
N LYS R 414 41.12 79.58 -35.50
CA LYS R 414 42.46 80.06 -35.19
C LYS R 414 42.79 80.20 -33.71
N ASN R 415 41.79 80.35 -32.83
CA ASN R 415 42.08 80.20 -31.41
C ASN R 415 41.06 79.35 -30.66
N SER R 416 39.85 79.90 -30.56
CA SER R 416 38.74 79.32 -29.82
C SER R 416 37.52 80.18 -30.11
N ASN R 417 36.47 79.58 -30.66
CA ASN R 417 35.25 80.34 -30.89
C ASN R 417 34.03 79.70 -30.24
N ASP R 418 33.62 78.53 -30.71
CA ASP R 418 32.51 77.83 -30.06
C ASP R 418 33.26 76.82 -29.27
N ASP R 419 34.05 77.28 -28.30
CA ASP R 419 34.97 76.38 -27.62
C ASP R 419 34.75 75.80 -26.22
N VAL R 420 35.40 74.66 -25.96
CA VAL R 420 35.39 74.08 -24.61
C VAL R 420 35.88 75.11 -23.62
N ASP R 421 36.80 75.97 -24.05
CA ASP R 421 37.36 76.98 -23.16
C ASP R 421 36.25 77.80 -22.51
N ASP R 422 35.16 78.03 -23.25
CA ASP R 422 33.99 78.65 -22.66
C ASP R 422 33.46 77.81 -21.51
N HIS R 423 33.81 76.52 -21.50
CA HIS R 423 33.07 75.53 -20.75
C HIS R 423 33.93 74.81 -19.71
N ILE R 424 35.23 75.08 -19.70
CA ILE R 424 36.17 74.40 -18.82
C ILE R 424 37.06 75.42 -18.15
N ASN R 425 37.65 75.01 -17.01
CA ASN R 425 38.64 75.83 -16.32
C ASN R 425 39.59 74.90 -15.58
N ALA R 426 40.87 75.24 -15.61
CA ALA R 426 41.89 74.44 -14.94
C ALA R 426 42.92 75.39 -14.33
N SER R 427 43.53 74.94 -13.24
CA SER R 427 44.46 75.78 -12.50
C SER R 427 45.25 74.92 -11.53
N PHE R 428 46.55 75.18 -11.43
CA PHE R 428 47.39 74.59 -10.41
C PHE R 428 47.96 75.70 -9.52
N SER R 429 48.42 75.35 -8.32
CA SER R 429 48.71 76.34 -7.28
C SER R 429 50.04 76.05 -6.58
N TYR R 430 50.97 77.00 -6.66
CA TYR R 430 52.07 77.15 -5.70
C TYR R 430 52.69 78.54 -5.80
N ASP R 431 53.45 78.88 -4.77
CA ASP R 431 54.32 80.05 -4.74
C ASP R 431 55.58 79.68 -3.95
N ALA R 432 56.68 80.36 -4.24
CA ALA R 432 57.89 80.09 -3.46
C ALA R 432 57.82 80.87 -2.16
N LYS R 433 56.68 80.78 -1.48
CA LYS R 433 56.50 81.38 -0.15
C LYS R 433 55.58 80.54 0.72
N THR R 434 55.30 79.30 0.36
CA THR R 434 54.17 78.55 0.91
C THR R 434 54.57 77.11 1.14
N GLY R 435 53.62 76.30 1.64
CA GLY R 435 53.91 74.93 2.01
C GLY R 435 52.85 73.89 1.75
N ASP R 436 51.95 74.10 0.77
CA ASP R 436 50.96 73.08 0.45
C ASP R 436 50.46 73.29 -0.96
N GLY R 437 49.85 72.25 -1.54
CA GLY R 437 49.53 72.25 -2.95
C GLY R 437 48.15 71.69 -3.25
N LEU R 438 47.71 71.94 -4.48
CA LEU R 438 46.44 71.45 -5.01
C LEU R 438 46.34 71.82 -6.49
N PHE R 439 45.54 71.05 -7.21
CA PHE R 439 45.13 71.37 -8.58
C PHE R 439 43.61 71.36 -8.66
N GLN R 440 43.08 72.16 -9.57
CA GLN R 440 41.64 72.36 -9.66
C GLN R 440 41.20 72.44 -11.11
N ILE R 441 40.00 71.94 -11.37
CA ILE R 441 39.30 72.12 -12.63
C ILE R 441 37.87 72.52 -12.35
N ASN R 442 37.31 73.35 -13.23
CA ASN R 442 35.88 73.60 -13.24
C ASN R 442 35.39 73.60 -14.68
N ALA R 443 34.25 72.95 -14.89
CA ALA R 443 33.52 73.04 -16.14
C ALA R 443 32.20 73.73 -15.86
N LYS R 444 31.74 74.49 -16.84
CA LYS R 444 30.61 75.40 -16.68
C LYS R 444 29.38 74.84 -17.37
N SER R 445 28.21 75.15 -16.82
CA SER R 445 27.00 74.38 -17.08
C SER R 445 26.57 74.48 -18.53
N GLY R 446 25.44 73.83 -18.82
CA GLY R 446 25.03 73.54 -20.16
C GLY R 446 25.71 72.32 -20.74
N PHE R 447 26.66 71.73 -20.01
CA PHE R 447 27.60 70.80 -20.59
C PHE R 447 28.18 69.87 -19.53
N LYS R 448 28.51 68.65 -19.96
CA LYS R 448 29.11 67.62 -19.12
C LYS R 448 30.33 67.07 -19.84
N VAL R 449 31.42 66.88 -19.10
CA VAL R 449 32.73 66.58 -19.68
C VAL R 449 33.05 65.12 -19.46
N ALA R 450 33.48 64.43 -20.53
CA ALA R 450 33.89 63.04 -20.49
C ALA R 450 35.25 62.89 -21.15
N ILE R 451 35.96 61.83 -20.77
CA ILE R 451 37.30 61.57 -21.27
C ILE R 451 37.36 60.14 -21.79
N GLU R 452 38.21 59.92 -22.79
CA GLU R 452 38.25 58.66 -23.53
C GLU R 452 39.72 58.32 -23.80
N ASP R 453 40.14 57.14 -23.33
CA ASP R 453 41.55 56.78 -23.30
C ASP R 453 41.86 55.54 -24.12
N LYS R 454 43.10 55.48 -24.61
CA LYS R 454 43.71 54.25 -25.12
C LYS R 454 45.14 54.22 -24.62
N GLY R 455 45.37 53.58 -23.48
CA GLY R 455 46.70 53.32 -22.99
C GLY R 455 47.26 54.32 -22.01
N THR R 456 46.54 55.40 -21.70
CA THR R 456 47.06 56.38 -20.76
C THR R 456 46.76 55.98 -19.32
N ASN R 457 45.48 55.75 -19.00
CA ASN R 457 45.07 55.22 -17.70
C ASN R 457 45.23 56.26 -16.59
N PHE R 458 45.48 57.52 -16.97
CA PHE R 458 45.67 58.56 -15.97
C PHE R 458 44.36 59.02 -15.36
N ALA R 459 43.29 59.08 -16.15
CA ALA R 459 42.08 59.77 -15.71
C ALA R 459 41.64 59.29 -14.34
N GLY R 460 41.55 57.97 -14.17
CA GLY R 460 41.21 57.43 -12.87
C GLY R 460 42.36 57.55 -11.87
N ALA R 461 43.59 57.62 -12.36
CA ALA R 461 44.75 57.60 -11.47
C ALA R 461 44.66 58.73 -10.45
N PHE R 462 44.75 59.97 -10.91
CA PHE R 462 44.59 61.13 -10.04
C PHE R 462 43.12 61.43 -9.77
N SER R 463 42.22 60.54 -10.19
CA SER R 463 40.81 60.65 -9.88
C SER R 463 40.29 62.06 -10.19
N ILE R 464 40.55 62.51 -11.41
CA ILE R 464 39.94 63.75 -11.87
C ILE R 464 38.57 63.33 -12.37
N GLY R 465 37.61 63.24 -11.46
CA GLY R 465 36.37 62.53 -11.75
C GLY R 465 36.51 61.03 -11.66
N GLY R 466 37.48 60.54 -10.88
CA GLY R 466 37.61 59.11 -10.65
C GLY R 466 36.46 58.60 -9.82
N PHE R 467 36.69 57.46 -9.15
CA PHE R 467 35.59 56.73 -8.53
C PHE R 467 35.82 56.23 -7.11
N PHE R 468 37.05 56.23 -6.61
CA PHE R 468 37.35 55.56 -5.34
C PHE R 468 38.06 56.48 -4.38
N SER R 469 37.88 56.18 -3.09
CA SER R 469 38.68 56.70 -2.01
C SER R 469 39.32 55.52 -1.27
N GLY R 470 40.46 55.79 -0.65
CA GLY R 470 41.24 54.74 -0.02
C GLY R 470 42.16 54.04 -1.00
N THR R 471 43.42 53.93 -0.61
CA THR R 471 44.48 53.58 -1.55
C THR R 471 44.44 52.13 -2.03
N ASP R 472 43.98 51.20 -1.20
CA ASP R 472 44.07 49.79 -1.62
C ASP R 472 43.10 48.90 -0.87
N ALA R 473 43.30 47.58 -1.05
CA ALA R 473 42.64 46.59 -0.23
C ALA R 473 42.47 47.02 1.21
N SER R 474 43.48 47.71 1.77
CA SER R 474 43.44 48.07 3.17
C SER R 474 42.27 49.00 3.48
N ASP R 475 42.01 49.96 2.60
CA ASP R 475 41.10 51.05 2.94
C ASP R 475 40.13 51.41 1.82
N MET R 476 40.38 50.94 0.60
CA MET R 476 39.72 51.51 -0.57
C MET R 476 38.24 51.15 -0.61
N LYS R 477 37.45 52.09 -1.13
CA LYS R 477 36.07 51.85 -1.53
C LYS R 477 35.60 53.03 -2.36
N VAL R 478 34.30 53.06 -2.67
CA VAL R 478 33.73 54.13 -3.47
C VAL R 478 34.12 55.47 -2.87
N LYS R 479 34.28 56.47 -3.73
CA LYS R 479 34.52 57.81 -3.22
C LYS R 479 33.38 58.23 -2.30
N ASP R 480 33.74 58.79 -1.15
CA ASP R 480 32.75 59.11 -0.14
C ASP R 480 31.72 60.11 -0.68
N SER R 481 32.15 61.03 -1.54
CA SER R 481 31.19 61.91 -2.19
C SER R 481 30.20 61.12 -3.03
N ILE R 482 30.70 60.15 -3.79
CA ILE R 482 29.82 59.25 -4.54
C ILE R 482 28.98 58.43 -3.57
N LEU R 483 29.59 58.02 -2.45
CA LEU R 483 28.85 57.26 -1.45
C LEU R 483 27.68 58.07 -0.90
N ASN R 484 27.76 59.40 -0.98
CA ASN R 484 26.69 60.23 -0.46
C ASN R 484 25.37 59.94 -1.14
N ASP R 485 25.39 59.67 -2.45
CA ASP R 485 24.16 59.36 -3.17
C ASP R 485 24.42 58.48 -4.39
N PRO R 486 23.95 57.23 -4.39
CA PRO R 486 24.03 56.43 -5.62
C PRO R 486 23.21 57.00 -6.75
N SER R 487 22.14 57.75 -6.45
CA SER R 487 21.31 58.29 -7.51
C SER R 487 22.12 59.14 -8.48
N THR R 488 23.20 59.75 -8.00
CA THR R 488 24.05 60.56 -8.87
C THR R 488 24.62 59.77 -10.01
N VAL R 489 24.79 58.46 -9.85
CA VAL R 489 25.56 57.65 -10.78
C VAL R 489 24.69 57.28 -11.98
N ARG R 490 25.35 56.87 -13.07
CA ARG R 490 24.70 56.70 -14.35
C ARG R 490 25.03 55.34 -14.97
N ALA R 491 24.03 54.73 -15.61
CA ALA R 491 24.28 53.58 -16.46
C ALA R 491 24.93 53.98 -17.79
N SER R 492 24.87 55.26 -18.14
CA SER R 492 25.49 55.77 -19.35
C SER R 492 26.63 56.71 -18.99
N SER R 493 27.53 56.92 -19.94
CA SER R 493 28.74 57.71 -19.71
C SER R 493 28.52 59.19 -19.92
N ASN R 494 27.28 59.65 -19.72
CA ASN R 494 26.92 61.01 -20.12
C ASN R 494 26.34 61.85 -18.98
N GLY R 495 26.33 61.36 -17.75
CA GLY R 495 25.65 62.09 -16.69
C GLY R 495 24.15 61.97 -16.74
N VAL R 496 23.60 61.20 -17.69
CA VAL R 496 22.16 61.05 -17.85
C VAL R 496 21.86 59.64 -18.33
N ASP R 497 21.02 58.92 -17.59
CA ASP R 497 20.70 57.53 -17.95
C ASP R 497 19.66 57.42 -19.05
N SER R 498 19.87 58.12 -20.17
CA SER R 498 19.12 57.81 -21.37
C SER R 498 19.64 56.54 -22.04
N GLY R 499 20.83 56.09 -21.62
CA GLY R 499 21.45 54.91 -22.19
C GLY R 499 22.05 53.99 -21.15
N ASN R 500 22.87 53.03 -21.60
CA ASN R 500 23.35 51.98 -20.72
C ASN R 500 24.82 51.62 -20.96
N ASP R 501 25.58 52.40 -21.74
CA ASP R 501 26.86 51.92 -22.22
C ASP R 501 27.79 51.51 -21.08
N MET R 502 27.77 52.24 -19.96
CA MET R 502 28.63 51.88 -18.84
C MET R 502 28.44 50.43 -18.46
N ALA R 503 27.19 49.99 -18.38
CA ALA R 503 26.92 48.57 -18.17
C ALA R 503 27.52 47.74 -19.30
N ASN R 504 27.19 48.10 -20.54
CA ASN R 504 27.64 47.29 -21.67
C ASN R 504 29.16 47.13 -21.66
N LYS R 505 29.87 48.26 -21.53
CA LYS R 505 31.32 48.20 -21.48
C LYS R 505 31.79 47.36 -20.29
N ILE R 506 31.23 47.63 -19.11
CA ILE R 506 31.76 47.05 -17.89
C ILE R 506 31.31 45.60 -17.74
N ILE R 507 30.14 45.24 -18.29
CA ILE R 507 29.69 43.85 -18.23
C ILE R 507 30.66 42.95 -18.97
N GLN R 508 31.07 43.35 -20.17
CA GLN R 508 32.11 42.58 -20.86
C GLN R 508 33.44 42.74 -20.16
N LEU R 509 33.70 43.91 -19.60
CA LEU R 509 34.96 44.16 -18.92
C LEU R 509 35.22 43.13 -17.84
N GLN R 510 34.24 42.89 -16.96
CA GLN R 510 34.44 41.88 -15.93
C GLN R 510 34.71 40.52 -16.53
N TYR R 511 34.33 40.31 -17.80
CA TYR R 511 34.69 39.08 -18.49
C TYR R 511 36.04 39.19 -19.16
N ASP R 512 36.55 40.41 -19.34
CA ASP R 512 37.77 40.61 -20.07
C ASP R 512 38.99 40.45 -19.15
N LYS R 513 40.17 40.41 -19.78
CA LYS R 513 41.43 40.25 -19.08
C LYS R 513 42.08 41.61 -18.88
N VAL R 514 42.71 41.80 -17.72
CA VAL R 514 43.40 43.04 -17.39
C VAL R 514 44.84 42.71 -17.05
N ASN R 515 45.69 43.74 -17.04
CA ASN R 515 47.10 43.58 -16.71
C ASN R 515 47.39 44.29 -15.40
N PHE R 516 47.87 43.55 -14.42
CA PHE R 516 48.27 44.09 -13.13
C PHE R 516 49.78 44.06 -13.01
N TYR R 517 50.34 45.09 -12.39
CA TYR R 517 51.77 45.37 -12.55
C TYR R 517 52.41 44.91 -11.25
N ASN R 518 53.24 43.89 -11.32
CA ASN R 518 53.68 43.21 -10.10
C ASN R 518 55.19 43.26 -9.97
N GLU R 519 55.65 43.16 -8.73
CA GLU R 519 57.06 43.32 -8.38
C GLU R 519 57.92 42.19 -8.91
N ASP R 520 57.32 41.14 -9.45
CA ASP R 520 58.09 40.22 -10.27
C ASP R 520 58.49 40.85 -11.61
N GLY R 521 58.17 42.13 -11.82
CA GLY R 521 58.35 42.80 -13.08
C GLY R 521 57.27 42.47 -14.10
N THR R 522 56.28 41.68 -13.73
CA THR R 522 55.29 41.21 -14.68
C THR R 522 54.19 42.24 -14.88
N ILE R 523 53.63 42.21 -16.09
CA ILE R 523 52.55 43.07 -16.52
C ILE R 523 51.52 42.09 -17.07
N ASP R 524 50.70 41.51 -16.19
CA ASP R 524 50.10 40.20 -16.43
C ASP R 524 48.64 40.32 -16.82
N ASN R 525 48.36 40.01 -18.09
CA ASN R 525 47.01 40.03 -18.65
C ASN R 525 46.26 38.79 -18.15
N LEU R 526 45.27 39.01 -17.28
CA LEU R 526 44.46 37.93 -16.75
C LEU R 526 43.07 38.46 -16.41
N THR R 527 42.11 37.55 -16.30
CA THR R 527 40.83 37.90 -15.72
C THR R 527 40.94 37.90 -14.20
N MET R 528 40.00 38.61 -13.57
CA MET R 528 40.17 38.96 -12.16
C MET R 528 40.18 37.72 -11.27
N GLU R 529 39.17 36.86 -11.40
CA GLU R 529 39.18 35.65 -10.57
C GLU R 529 40.40 34.79 -10.88
N GLU R 530 40.89 34.85 -12.11
CA GLU R 530 42.09 34.11 -12.45
C GLU R 530 43.30 34.66 -11.72
N TYR R 531 43.36 35.98 -11.53
CA TYR R 531 44.30 36.52 -10.56
C TYR R 531 44.05 35.93 -9.20
N TYR R 532 42.81 36.04 -8.72
CA TYR R 532 42.44 35.50 -7.42
C TYR R 532 42.83 34.03 -7.33
N ARG R 533 42.40 33.24 -8.31
CA ARG R 533 42.51 31.80 -8.21
C ARG R 533 43.97 31.37 -8.13
N LYS R 534 44.83 31.94 -8.98
CA LYS R 534 46.22 31.54 -8.99
C LYS R 534 46.87 31.79 -7.63
N LEU R 535 46.63 32.97 -7.05
CA LEU R 535 47.23 33.28 -5.76
C LEU R 535 46.73 32.35 -4.68
N THR R 536 45.40 32.25 -4.53
CA THR R 536 44.84 31.40 -3.49
C THR R 536 45.31 29.96 -3.65
N GLY R 537 45.19 29.42 -4.86
CA GLY R 537 45.68 28.07 -5.07
C GLY R 537 47.14 27.93 -4.72
N LYS R 538 47.94 28.93 -5.07
CA LYS R 538 49.36 28.88 -4.74
C LYS R 538 49.51 28.89 -3.22
N ILE R 539 48.70 29.70 -2.52
CA ILE R 539 48.67 29.60 -1.06
C ILE R 539 48.27 28.19 -0.63
N ALA R 540 47.12 27.72 -1.12
CA ALA R 540 46.63 26.41 -0.73
C ALA R 540 47.67 25.34 -1.01
N SER R 541 48.33 25.44 -2.16
CA SER R 541 49.42 24.51 -2.44
C SER R 541 50.49 24.57 -1.36
N ASP R 542 50.81 25.78 -0.89
CA ASP R 542 51.89 25.93 0.08
C ASP R 542 51.64 25.07 1.31
N GLY R 543 50.48 25.23 1.93
CA GLY R 543 50.12 24.32 3.01
C GLY R 543 49.96 22.90 2.50
N GLU R 544 49.26 22.74 1.39
CA GLU R 544 49.02 21.42 0.82
C GLU R 544 50.32 20.66 0.64
N ASN R 545 51.30 21.29 -0.01
CA ASN R 545 52.57 20.61 -0.26
C ASN R 545 53.26 20.24 1.05
N ASN R 546 53.40 21.21 1.95
CA ASN R 546 54.16 20.98 3.16
C ASN R 546 53.54 19.87 4.01
N ASN R 547 52.21 19.84 4.08
CA ASN R 547 51.53 18.86 4.93
C ASN R 547 52.05 17.45 4.62
N VAL R 548 52.17 17.11 3.33
CA VAL R 548 52.75 15.83 2.97
C VAL R 548 54.21 15.77 3.40
N VAL R 549 54.95 16.85 3.17
CA VAL R 549 56.38 16.85 3.49
C VAL R 549 56.58 16.56 4.97
N ASN R 550 55.85 17.27 5.84
CA ASN R 550 56.02 17.07 7.27
C ASN R 550 55.76 15.62 7.64
N SER R 551 54.72 15.01 7.05
CA SER R 551 54.46 13.60 7.30
C SER R 551 55.70 12.76 7.03
N SER R 552 56.37 13.01 5.90
CA SER R 552 57.61 12.30 5.62
C SER R 552 58.65 12.58 6.71
N ASN R 553 58.80 13.84 7.09
CA ASN R 553 59.68 14.19 8.20
C ASN R 553 59.24 13.44 9.45
N GLU R 554 57.94 13.44 9.72
CA GLU R 554 57.42 12.89 10.96
C GLU R 554 57.64 11.38 11.01
N THR R 555 57.30 10.68 9.94
CA THR R 555 57.41 9.22 9.93
C THR R 555 58.85 8.77 10.18
N LEU R 556 59.79 9.27 9.39
CA LEU R 556 61.18 8.89 9.59
C LEU R 556 61.63 9.25 11.00
N TYR R 557 61.26 10.44 11.45
CA TYR R 557 61.52 10.81 12.83
C TYR R 557 61.02 9.75 13.77
N ASN R 558 59.84 9.20 13.49
CA ASN R 558 59.31 8.13 14.33
C ASN R 558 60.20 6.90 14.27
N SER R 559 60.66 6.56 13.06
CA SER R 559 61.46 5.34 12.90
C SER R 559 62.63 5.35 13.87
N VAL R 560 63.37 6.46 13.92
CA VAL R 560 64.42 6.59 14.93
C VAL R 560 63.82 6.80 16.30
N TYR R 561 62.70 7.51 16.39
CA TYR R 561 62.04 7.70 17.69
C TYR R 561 61.73 6.35 18.33
N SER R 562 61.28 5.39 17.52
CA SER R 562 60.96 4.05 18.02
C SER R 562 62.14 3.41 18.74
N GLU R 563 63.35 3.94 18.56
CA GLU R 563 64.50 3.41 19.29
C GLU R 563 64.47 3.94 20.71
N TYR R 564 65.44 3.57 21.54
CA TYR R 564 65.57 4.12 22.91
C TYR R 564 64.78 3.39 24.00
N GLN R 565 64.03 2.36 23.64
CA GLN R 565 63.33 1.57 24.66
C GLN R 565 63.25 0.13 24.21
N SER R 566 63.35 -0.81 25.15
CA SER R 566 63.26 -2.23 24.83
C SER R 566 64.42 -2.66 23.94
N LYS R 567 65.35 -1.76 23.67
CA LYS R 567 66.52 -2.08 22.86
C LYS R 567 67.75 -1.94 23.73
N SER R 568 67.57 -1.40 24.94
CA SER R 568 68.69 -1.17 25.86
C SER R 568 68.20 -0.12 26.83
N GLY R 569 67.51 0.89 26.30
CA GLY R 569 66.97 1.97 27.15
C GLY R 569 66.16 1.73 28.42
N VAL R 570 64.90 1.22 28.35
CA VAL R 570 64.09 0.94 29.55
C VAL R 570 63.15 -0.26 29.30
N ASN R 571 62.97 -1.10 30.33
CA ASN R 571 61.96 -2.14 30.39
C ASN R 571 62.05 -2.88 31.73
N THR R 572 60.98 -3.60 32.10
CA THR R 572 60.85 -4.16 33.44
C THR R 572 61.32 -5.62 33.52
N ASN R 573 60.64 -6.53 32.80
CA ASN R 573 60.79 -7.95 33.07
C ASN R 573 62.26 -8.38 33.04
N GLU R 574 63.04 -7.79 32.14
CA GLU R 574 64.47 -8.00 32.16
C GLU R 574 65.03 -7.87 33.56
N GLU R 575 64.68 -6.79 34.26
CA GLU R 575 65.22 -6.57 35.60
C GLU R 575 64.69 -7.56 36.60
N LEU R 576 63.43 -7.97 36.47
CA LEU R 576 62.79 -8.78 37.50
C LEU R 576 63.42 -10.17 37.60
N ALA R 577 63.84 -10.74 36.47
CA ALA R 577 64.45 -12.05 36.51
C ALA R 577 65.71 -12.04 37.36
N ALA R 578 66.52 -10.98 37.22
CA ALA R 578 67.76 -10.90 37.99
C ALA R 578 67.50 -11.00 39.48
N LEU R 579 66.37 -10.47 39.95
CA LEU R 579 66.05 -10.57 41.38
C LEU R 579 66.04 -12.03 41.82
N ILE R 580 65.34 -12.88 41.07
CA ILE R 580 65.43 -14.32 41.31
C ILE R 580 66.89 -14.73 41.41
N GLN R 581 67.68 -14.35 40.41
CA GLN R 581 69.08 -14.73 40.38
C GLN R 581 69.82 -14.20 41.59
N TYR R 582 69.48 -12.97 42.02
CA TYR R 582 70.15 -12.39 43.18
C TYR R 582 69.71 -13.10 44.45
N GLN R 583 68.41 -13.27 44.63
CA GLN R 583 67.88 -13.82 45.88
C GLN R 583 68.42 -15.21 46.12
N SER R 584 68.50 -16.02 45.07
CA SER R 584 69.19 -17.29 45.17
C SER R 584 70.63 -17.09 45.62
N SER R 585 71.29 -16.05 45.12
CA SER R 585 72.66 -15.78 45.53
C SER R 585 72.72 -15.53 47.04
N TYR R 586 71.76 -14.79 47.58
CA TYR R 586 71.68 -14.67 49.03
C TYR R 586 71.60 -16.05 49.68
N GLY R 587 70.82 -16.96 49.09
CA GLY R 587 70.74 -18.30 49.63
C GLY R 587 72.12 -18.92 49.81
N ALA R 588 73.02 -18.65 48.86
CA ALA R 588 74.41 -19.04 49.05
C ALA R 588 75.00 -18.33 50.27
N ALA R 589 74.71 -17.03 50.42
CA ALA R 589 75.18 -16.32 51.59
C ALA R 589 74.61 -16.92 52.87
N ALA R 590 73.32 -17.27 52.86
CA ALA R 590 72.71 -17.87 54.04
C ALA R 590 73.40 -19.18 54.39
N LYS R 591 73.67 -20.02 53.39
CA LYS R 591 74.43 -21.24 53.63
C LYS R 591 75.78 -20.93 54.23
N ILE R 592 76.45 -19.90 53.70
CA ILE R 592 77.79 -19.55 54.20
C ILE R 592 77.72 -19.21 55.68
N VAL R 593 76.71 -18.43 56.08
CA VAL R 593 76.61 -17.99 57.46
C VAL R 593 76.56 -19.20 58.40
N SER R 594 75.54 -20.03 58.24
CA SER R 594 75.40 -21.21 59.09
C SER R 594 76.67 -22.05 59.04
N THR R 595 77.26 -22.19 57.85
CA THR R 595 78.50 -22.95 57.73
C THR R 595 79.57 -22.40 58.65
N VAL R 596 79.76 -21.08 58.61
CA VAL R 596 80.71 -20.46 59.53
C VAL R 596 80.31 -20.76 60.97
N ASP R 597 79.01 -20.64 61.28
CA ASP R 597 78.54 -20.94 62.63
C ASP R 597 78.89 -22.37 63.01
N GLN R 598 78.67 -23.32 62.10
CA GLN R 598 79.02 -24.71 62.38
C GLN R 598 80.50 -24.85 62.70
N MET R 599 81.34 -24.22 61.88
CA MET R 599 82.77 -24.27 62.13
C MET R 599 83.09 -23.56 63.43
N LEU R 600 82.50 -22.38 63.60
CA LEU R 600 82.71 -21.62 64.82
C LEU R 600 82.31 -22.45 66.00
N ASP R 601 81.18 -23.13 65.89
CA ASP R 601 80.73 -23.98 66.97
C ASP R 601 81.72 -25.09 67.17
N THR R 602 82.19 -25.68 66.07
CA THR R 602 83.17 -26.74 66.15
C THR R 602 84.41 -26.23 66.83
N LEU R 603 84.83 -25.03 66.45
CA LEU R 603 86.04 -24.45 67.02
C LEU R 603 85.88 -24.30 68.51
N LEU R 604 84.74 -23.80 68.94
CA LEU R 604 84.50 -23.59 70.36
C LEU R 604 84.52 -24.92 71.11
N GLY R 605 83.89 -25.94 70.53
CA GLY R 605 83.86 -27.23 71.18
C GLY R 605 85.26 -27.76 71.34
N LEU R 606 86.07 -27.58 70.31
CA LEU R 606 87.45 -28.05 70.37
C LEU R 606 88.20 -27.33 71.46
N LYS R 607 88.03 -26.01 71.54
CA LYS R 607 88.70 -25.24 72.57
C LYS R 607 88.31 -25.73 73.94
N SER R 608 87.03 -26.04 74.11
CA SER R 608 86.55 -26.52 75.39
C SER R 608 87.29 -27.79 75.78
N MET S 1 78.22 1.60 75.05
CA MET S 1 77.26 1.73 76.17
C MET S 1 77.44 0.57 77.15
N GLY S 2 77.04 0.77 78.40
CA GLY S 2 77.07 -0.32 79.36
C GLY S 2 76.21 -1.47 78.88
N ILE S 3 76.61 -2.68 79.28
CA ILE S 3 75.93 -3.88 78.79
C ILE S 3 74.44 -3.80 79.07
N PHE S 4 74.10 -3.38 80.29
CA PHE S 4 72.71 -3.43 80.72
C PHE S 4 71.91 -2.34 80.05
N GLY S 5 72.45 -1.12 80.01
CA GLY S 5 71.87 -0.10 79.16
C GLY S 5 71.92 -0.47 77.69
N THR S 6 73.00 -1.15 77.28
CA THR S 6 73.13 -1.54 75.88
C THR S 6 71.97 -2.46 75.48
N LEU S 7 71.84 -3.59 76.17
CA LEU S 7 70.71 -4.47 75.88
C LEU S 7 69.39 -3.76 76.15
N TYR S 8 69.39 -2.84 77.12
CA TYR S 8 68.24 -1.97 77.31
C TYR S 8 68.00 -1.10 76.07
N THR S 9 69.07 -0.62 75.45
CA THR S 9 68.91 0.20 74.26
C THR S 9 68.24 -0.57 73.13
N GLY S 10 68.59 -1.86 72.97
CA GLY S 10 67.89 -2.68 72.00
C GLY S 10 66.39 -2.74 72.28
N VAL S 11 66.03 -2.80 73.56
CA VAL S 11 64.61 -2.71 73.93
C VAL S 11 64.04 -1.39 73.46
N THR S 12 64.79 -0.29 73.64
CA THR S 12 64.35 0.98 73.09
C THR S 12 64.09 0.86 71.60
N GLY S 13 64.96 0.16 70.87
CA GLY S 13 64.68 -0.11 69.47
C GLY S 13 63.38 -0.86 69.29
N LEU S 14 63.14 -1.89 70.11
CA LEU S 14 61.85 -2.55 70.11
C LEU S 14 60.75 -1.58 70.51
N LYS S 15 61.01 -0.78 71.54
CA LYS S 15 60.02 0.23 71.95
C LYS S 15 59.76 1.21 70.83
N ALA S 16 60.82 1.67 70.16
CA ALA S 16 60.64 2.58 69.03
C ALA S 16 59.69 1.98 68.01
N SER S 17 59.94 0.73 67.60
CA SER S 17 59.01 0.05 66.72
C SER S 17 57.62 0.02 67.34
N GLU S 18 57.54 -0.35 68.62
CA GLU S 18 56.25 -0.42 69.29
C GLU S 18 55.52 0.91 69.24
N VAL S 19 56.16 1.96 69.76
CA VAL S 19 55.52 3.27 69.75
C VAL S 19 55.25 3.72 68.33
N GLN S 20 56.22 3.52 67.44
CA GLN S 20 56.04 3.92 66.05
C GLN S 20 54.87 3.20 65.42
N ILE S 21 54.84 1.88 65.53
CA ILE S 21 53.75 1.12 64.92
C ILE S 21 52.42 1.50 65.56
N ALA S 22 52.40 1.63 66.88
CA ALA S 22 51.20 2.13 67.54
C ALA S 22 50.75 3.45 66.93
N THR S 23 51.70 4.35 66.70
CA THR S 23 51.38 5.60 66.01
C THR S 23 50.88 5.32 64.60
N THR S 24 51.55 4.41 63.89
CA THR S 24 51.15 4.11 62.52
C THR S 24 49.71 3.61 62.48
N GLY S 25 49.38 2.62 63.31
CA GLY S 25 48.00 2.19 63.41
C GLY S 25 47.09 3.31 63.80
N ASN S 26 47.53 4.15 64.74
CA ASN S 26 46.74 5.33 65.11
C ASN S 26 46.47 6.19 63.87
N ASN S 27 47.52 6.53 63.14
CA ASN S 27 47.33 7.28 61.90
C ASN S 27 46.38 6.53 60.98
N ILE S 28 46.56 5.21 60.88
CA ILE S 28 45.65 4.40 60.10
C ILE S 28 44.23 4.53 60.63
N SER S 29 44.07 4.47 61.95
CA SER S 29 42.77 4.76 62.54
C SER S 29 42.33 6.18 62.22
N ASN S 30 43.29 7.10 62.17
CA ASN S 30 42.99 8.50 61.86
C ASN S 30 42.63 8.71 60.40
N ALA S 31 42.71 7.67 59.57
CA ALA S 31 42.44 7.83 58.15
C ALA S 31 41.04 8.37 57.90
N ASN S 32 40.14 8.25 58.87
CA ASN S 32 38.84 8.91 58.79
C ASN S 32 38.49 9.69 60.05
N ALA S 33 39.38 9.70 61.05
CA ALA S 33 39.39 10.81 61.99
C ALA S 33 40.09 11.94 61.28
N THR S 34 39.46 12.44 60.20
CA THR S 34 40.14 13.22 59.18
C THR S 34 40.80 14.47 59.73
N PHE S 35 40.37 14.95 60.90
CA PHE S 35 40.93 16.15 61.50
C PHE S 35 42.37 15.94 61.97
N TYR S 36 42.87 14.70 61.98
CA TYR S 36 44.16 14.39 62.58
C TYR S 36 45.28 14.85 61.65
N THR S 37 46.01 15.89 62.05
CA THR S 37 47.24 16.26 61.37
C THR S 37 48.33 15.24 61.71
N ARG S 38 49.41 15.25 60.93
CA ARG S 38 50.49 14.31 61.17
C ARG S 38 51.15 14.58 62.50
N GLN S 39 51.07 13.61 63.39
CA GLN S 39 51.82 13.60 64.63
C GLN S 39 53.00 12.66 64.47
N ARG S 40 54.16 13.09 64.95
CA ARG S 40 55.43 12.50 64.55
C ARG S 40 56.19 11.97 65.76
N VAL S 41 56.87 10.85 65.54
CA VAL S 41 57.74 10.23 66.53
C VAL S 41 59.14 10.26 65.93
N VAL S 42 60.12 10.72 66.70
CA VAL S 42 61.45 10.98 66.16
C VAL S 42 62.51 10.25 66.96
N GLN S 43 63.53 9.77 66.25
CA GLN S 43 64.66 9.13 66.90
C GLN S 43 65.41 10.13 67.78
N THR S 44 65.77 9.68 68.97
CA THR S 44 66.71 10.38 69.82
C THR S 44 67.69 9.33 70.33
N THR S 45 68.60 9.73 71.22
CA THR S 45 69.48 8.80 71.88
C THR S 45 69.52 9.11 73.36
N ASN S 46 69.73 8.07 74.16
CA ASN S 46 70.12 8.30 75.54
C ASN S 46 71.44 9.06 75.54
N GLY S 47 71.50 10.13 76.32
CA GLY S 47 72.52 11.14 76.12
C GLY S 47 73.95 10.66 76.34
N TYR S 48 74.87 11.61 76.40
CA TYR S 48 76.28 11.33 76.63
C TYR S 48 76.44 10.82 78.05
N ILE S 49 77.27 9.79 78.23
CA ILE S 49 77.46 9.17 79.53
C ILE S 49 78.93 8.88 79.76
N THR S 50 79.33 8.89 81.03
CA THR S 50 80.73 8.87 81.45
C THR S 50 81.32 7.51 81.13
N THR S 51 82.49 7.50 80.49
CA THR S 51 83.08 6.24 80.06
C THR S 51 84.55 6.39 79.75
N GLY S 52 85.38 5.63 80.47
CA GLY S 52 86.73 5.29 80.04
C GLY S 52 87.51 6.39 79.36
N GLY S 53 88.31 6.02 78.38
CA GLY S 53 89.07 6.96 77.58
C GLY S 53 88.31 7.59 76.45
N VAL S 54 87.05 7.20 76.26
CA VAL S 54 86.20 7.79 75.22
C VAL S 54 84.79 7.92 75.77
N GLN S 55 84.15 9.04 75.46
CA GLN S 55 82.81 9.32 75.93
C GLN S 55 81.79 8.55 75.11
N VAL S 56 80.65 8.24 75.72
CA VAL S 56 79.61 7.42 75.11
C VAL S 56 78.34 8.24 74.98
N GLY S 57 77.98 8.58 73.73
CA GLY S 57 76.63 8.96 73.41
C GLY S 57 75.84 7.68 73.26
N THR S 58 74.90 7.48 74.19
CA THR S 58 74.40 6.13 74.45
C THR S 58 73.22 5.78 73.55
N GLY S 59 73.58 5.39 72.32
CA GLY S 59 72.79 4.46 71.53
C GLY S 59 71.57 4.98 70.78
N THR S 60 70.43 5.11 71.46
CA THR S 60 69.18 5.39 70.77
C THR S 60 68.08 5.66 71.78
N ALA S 61 67.12 6.48 71.38
CA ALA S 61 65.99 6.85 72.20
C ALA S 61 64.92 7.47 71.30
N VAL S 62 63.80 7.85 71.91
CA VAL S 62 62.66 8.37 71.16
C VAL S 62 62.39 9.81 71.57
N GLU S 63 61.64 10.51 70.73
CA GLU S 63 61.33 11.92 70.92
C GLU S 63 59.88 12.09 71.37
N SER S 64 59.65 13.15 72.13
CA SER S 64 58.34 13.45 72.69
C SER S 64 57.46 14.14 71.64
N ILE S 65 56.22 13.72 71.57
CA ILE S 65 55.46 13.77 70.33
C ILE S 65 54.81 15.13 70.16
N VAL S 66 54.61 15.53 68.90
CA VAL S 66 54.22 16.88 68.55
C VAL S 66 53.51 16.86 67.20
N ARG S 67 52.85 17.96 66.87
CA ARG S 67 52.06 18.10 65.66
C ARG S 67 52.72 19.11 64.72
N LEU S 68 52.36 19.03 63.43
CA LEU S 68 53.01 19.85 62.41
C LEU S 68 53.01 21.32 62.79
N HIS S 69 53.96 22.07 62.20
CA HIS S 69 54.16 23.45 62.59
C HIS S 69 52.89 24.28 62.47
N ASP S 70 52.20 24.17 61.33
CA ASP S 70 51.26 25.19 60.88
C ASP S 70 49.83 24.69 60.88
N GLU S 71 48.91 25.57 61.26
CA GLU S 71 47.49 25.37 60.95
C GLU S 71 46.99 26.42 59.96
N TYR S 72 47.61 27.61 59.96
CA TYR S 72 47.02 28.76 59.29
C TYR S 72 46.46 28.39 57.93
N SER S 73 47.13 27.49 57.22
CA SER S 73 46.52 26.96 56.01
C SER S 73 45.12 26.46 56.31
N TYR S 74 44.98 25.66 57.38
CA TYR S 74 43.65 25.26 57.82
C TYR S 74 42.79 26.49 58.14
N TYR S 75 43.41 27.58 58.58
CA TYR S 75 42.65 28.81 58.79
C TYR S 75 42.09 29.33 57.48
N LYS S 76 42.85 29.24 56.40
CA LYS S 76 42.32 29.64 55.10
C LYS S 76 40.98 28.97 54.86
N LEU S 77 40.88 27.69 55.20
CA LEU S 77 39.63 26.98 55.03
C LEU S 77 38.57 27.47 55.99
N LYS S 78 38.94 27.75 57.24
CA LYS S 78 37.95 28.18 58.22
C LYS S 78 37.24 29.45 57.75
N GLY S 79 38.01 30.42 57.27
CA GLY S 79 37.39 31.60 56.69
C GLY S 79 36.61 31.28 55.42
N ALA S 80 37.20 30.45 54.55
CA ALA S 80 36.53 30.09 53.31
C ALA S 80 35.20 29.41 53.60
N SER S 81 35.17 28.54 54.62
CA SER S 81 33.92 27.93 55.02
C SER S 81 32.84 28.98 55.23
N ASN S 82 33.08 29.93 56.13
CA ASN S 82 32.05 30.89 56.49
C ASN S 82 31.44 31.54 55.25
N GLN S 83 32.27 31.90 54.27
CA GLN S 83 31.74 32.64 53.13
C GLN S 83 30.99 31.72 52.18
N LEU S 84 31.58 30.60 51.80
CA LEU S 84 30.80 29.61 51.06
C LEU S 84 29.58 29.23 51.86
N GLU S 85 29.76 29.05 53.17
CA GLU S 85 28.63 28.78 54.05
C GLU S 85 27.57 29.88 53.91
N TYR S 86 28.01 31.11 53.61
CA TYR S 86 27.05 32.15 53.25
C TYR S 86 26.43 31.88 51.89
N THR S 87 27.25 31.88 50.84
CA THR S 87 26.72 31.88 49.48
C THR S 87 25.89 30.62 49.21
N LYS S 88 26.43 29.45 49.53
CA LYS S 88 25.68 28.23 49.26
C LYS S 88 24.38 28.19 50.06
N TYR S 89 24.44 28.57 51.34
CA TYR S 89 23.20 28.63 52.11
C TYR S 89 22.26 29.69 51.56
N MET S 90 22.76 30.92 51.40
CA MET S 90 21.98 31.93 50.72
C MET S 90 21.48 31.42 49.38
N ALA S 91 22.37 30.85 48.57
CA ALA S 91 21.93 30.26 47.31
C ALA S 91 20.82 29.26 47.54
N SER S 92 21.09 28.24 48.35
CA SER S 92 20.09 27.19 48.58
C SER S 92 18.73 27.81 48.86
N THR S 93 18.68 28.77 49.78
CA THR S 93 17.41 29.43 50.09
C THR S 93 16.91 30.24 48.88
N LEU S 94 17.76 31.10 48.33
CA LEU S 94 17.27 32.12 47.40
C LEU S 94 16.70 31.50 46.13
N GLN S 95 17.48 30.66 45.44
CA GLN S 95 16.94 30.05 44.23
C GLN S 95 15.74 29.18 44.56
N GLU S 96 15.85 28.36 45.61
CA GLU S 96 14.69 27.63 46.11
C GLU S 96 13.49 28.54 46.19
N ILE S 97 13.62 29.66 46.90
CA ILE S 97 12.54 30.63 46.97
C ILE S 97 12.17 31.11 45.57
N ALA S 98 13.17 31.37 44.73
CA ALA S 98 12.87 31.83 43.38
C ALA S 98 11.92 30.88 42.66
N GLN S 99 12.13 29.58 42.82
CA GLN S 99 11.15 28.64 42.28
C GLN S 99 9.85 28.67 43.07
N ARG S 100 9.92 28.89 44.39
CA ARG S 100 8.70 28.90 45.19
C ARG S 100 7.67 29.86 44.60
N PHE S 101 8.12 30.99 44.09
CA PHE S 101 7.23 32.08 43.69
C PHE S 101 7.63 32.50 42.28
N PRO S 102 7.22 31.73 41.28
CA PRO S 102 7.72 31.93 39.92
C PRO S 102 6.91 32.91 39.09
N ASP S 103 7.56 33.39 38.03
CA ASP S 103 6.90 34.19 37.00
C ASP S 103 5.83 33.38 36.26
N LEU S 104 6.01 32.08 36.26
CA LEU S 104 5.16 31.18 35.48
C LEU S 104 3.71 31.41 35.23
N GLN S 105 3.26 31.05 34.03
CA GLN S 105 1.84 31.03 33.77
C GLN S 105 1.70 29.56 34.09
N ASN S 106 0.48 29.05 34.19
CA ASN S 106 0.26 27.67 34.66
C ASN S 106 0.05 27.97 36.12
N THR S 107 1.03 28.60 36.76
CA THR S 107 0.81 29.04 38.13
C THR S 107 -0.20 30.12 37.85
N GLY S 108 -1.45 29.90 38.23
CA GLY S 108 -2.52 30.82 37.86
C GLY S 108 -2.54 32.31 38.11
N ILE S 109 -1.50 32.92 38.68
CA ILE S 109 -1.63 34.35 38.97
C ILE S 109 -2.01 35.11 37.71
N LEU S 110 -1.15 35.11 36.69
CA LEU S 110 -1.53 35.84 35.47
C LEU S 110 -2.56 35.05 34.66
N GLN S 111 -2.46 33.73 34.66
CA GLN S 111 -3.35 32.95 33.81
C GLN S 111 -4.80 33.29 34.10
N ASP S 112 -5.14 33.49 35.37
CA ASP S 112 -6.44 34.05 35.71
C ASP S 112 -6.62 35.41 35.04
N LEU S 113 -5.59 36.25 35.09
CA LEU S 113 -5.69 37.56 34.45
C LEU S 113 -6.08 37.40 32.99
N GLU S 114 -5.45 36.47 32.28
CA GLU S 114 -5.85 36.17 30.92
C GLU S 114 -7.35 35.98 30.81
N ASN S 115 -7.87 34.93 31.44
CA ASN S 115 -9.31 34.67 31.41
C ASN S 115 -10.05 35.86 31.97
N TYR S 116 -9.55 36.41 33.07
CA TYR S 116 -10.11 37.64 33.61
C TYR S 116 -10.15 38.74 32.56
N ASN S 117 -9.05 38.93 31.83
CA ASN S 117 -9.04 39.93 30.76
C ASN S 117 -10.12 39.62 29.74
N LYS S 118 -10.13 38.40 29.21
CA LYS S 118 -11.13 38.03 28.21
C LYS S 118 -12.53 38.19 28.76
N ALA S 119 -12.76 37.73 29.99
CA ALA S 119 -14.09 37.78 30.56
C ALA S 119 -14.66 39.18 30.49
N TRP S 120 -13.84 40.20 30.71
CA TRP S 120 -14.28 41.57 30.47
C TRP S 120 -14.75 41.74 29.04
N ASN S 121 -13.92 41.33 28.09
CA ASN S 121 -14.28 41.44 26.69
C ASN S 121 -15.59 40.72 26.40
N ASP S 122 -15.83 39.60 27.10
CA ASP S 122 -17.08 38.88 26.91
C ASP S 122 -18.24 39.66 27.51
N PHE S 123 -18.08 40.18 28.72
CA PHE S 123 -19.13 40.99 29.33
C PHE S 123 -19.37 42.26 28.53
N ALA S 124 -18.34 42.75 27.85
CA ALA S 124 -18.53 43.89 26.94
C ALA S 124 -19.49 43.53 25.82
N SER S 125 -19.39 42.31 25.29
CA SER S 125 -20.36 41.87 24.30
C SER S 125 -21.75 41.71 24.90
N ASN S 126 -21.83 41.47 26.22
CA ASN S 126 -23.10 41.26 26.92
C ASN S 126 -23.14 42.17 28.14
N PRO S 127 -23.31 43.47 27.94
CA PRO S 127 -23.08 44.43 29.03
C PRO S 127 -24.02 44.30 30.22
N ASN S 128 -25.05 43.45 30.10
CA ASN S 128 -25.96 43.17 31.21
C ASN S 128 -25.80 41.79 31.80
N GLU S 129 -25.27 40.84 31.04
CA GLU S 129 -25.44 39.41 31.33
C GLU S 129 -24.72 39.05 32.62
N ASN S 130 -25.51 38.79 33.68
CA ASN S 130 -24.91 38.39 34.96
C ASN S 130 -24.21 37.04 34.84
N ALA S 131 -24.68 36.17 33.95
CA ALA S 131 -23.94 34.94 33.69
C ALA S 131 -22.49 35.26 33.37
N THR S 132 -22.28 36.28 32.52
CA THR S 132 -20.92 36.76 32.26
C THR S 132 -20.35 37.45 33.50
N LYS S 133 -21.15 38.31 34.15
CA LYS S 133 -20.67 38.96 35.35
C LYS S 133 -20.29 37.93 36.40
N ILE S 134 -21.10 36.89 36.55
CA ILE S 134 -20.83 35.86 37.55
C ILE S 134 -19.48 35.21 37.28
N ALA S 135 -19.26 34.77 36.04
CA ALA S 135 -17.94 34.27 35.66
C ALA S 135 -16.91 35.38 35.83
N LEU S 136 -17.27 36.59 35.43
CA LEU S 136 -16.35 37.72 35.52
C LEU S 136 -15.89 37.93 36.96
N VAL S 137 -16.84 37.99 37.90
CA VAL S 137 -16.49 38.29 39.28
C VAL S 137 -15.64 37.20 39.88
N LYS S 138 -15.92 35.93 39.53
CA LYS S 138 -15.08 34.86 40.06
C LYS S 138 -13.63 35.08 39.66
N ALA S 139 -13.38 35.30 38.38
CA ALA S 139 -12.03 35.65 37.95
C ALA S 139 -11.53 36.87 38.69
N SER S 140 -12.43 37.82 38.97
CA SER S 140 -12.04 39.00 39.73
C SER S 140 -11.55 38.61 41.11
N GLN S 141 -12.45 38.06 41.93
CA GLN S 141 -12.09 37.68 43.29
C GLN S 141 -11.04 36.58 43.30
N THR S 142 -11.13 35.63 42.37
CA THR S 142 -10.18 34.52 42.36
C THR S 142 -8.75 35.02 42.34
N LEU S 143 -8.44 35.90 41.39
CA LEU S 143 -7.08 36.40 41.26
C LEU S 143 -6.65 37.13 42.52
N THR S 144 -7.52 37.99 43.05
CA THR S 144 -7.17 38.75 44.24
C THR S 144 -6.89 37.80 45.41
N GLU S 145 -7.73 36.80 45.61
CA GLU S 145 -7.43 35.77 46.59
C GLU S 145 -6.12 35.06 46.27
N SER S 146 -5.93 34.64 45.02
CA SER S 146 -4.65 34.03 44.67
C SER S 146 -3.51 34.92 45.13
N VAL S 147 -3.65 36.24 44.94
CA VAL S 147 -2.71 37.17 45.52
C VAL S 147 -2.77 37.10 47.03
N ASN S 148 -3.97 37.25 47.60
CA ASN S 148 -4.10 37.22 49.05
C ASN S 148 -3.51 35.94 49.62
N ASN S 149 -3.59 34.85 48.85
CA ASN S 149 -3.00 33.59 49.28
C ASN S 149 -1.49 33.63 49.13
N THR S 150 -1.02 33.88 47.90
CA THR S 150 0.42 34.05 47.70
C THR S 150 0.97 35.13 48.61
N PHE S 151 0.25 36.25 48.73
CA PHE S 151 0.55 37.23 49.76
C PHE S 151 0.95 36.55 51.07
N ALA S 152 0.13 35.62 51.54
CA ALA S 152 0.46 34.87 52.74
C ALA S 152 1.55 33.84 52.45
N THR S 153 1.56 33.26 51.25
CA THR S 153 2.50 32.18 50.95
C THR S 153 3.93 32.63 51.17
N LEU S 154 4.27 33.85 50.74
CA LEU S 154 5.55 34.43 51.12
C LEU S 154 5.71 34.47 52.63
N ASP S 155 4.67 34.96 53.32
CA ASP S 155 4.80 35.27 54.74
C ASP S 155 5.16 34.03 55.55
N LYS S 156 4.46 32.91 55.31
CA LYS S 156 4.75 31.71 56.06
C LYS S 156 6.23 31.34 55.97
N ILE S 157 6.83 31.49 54.79
CA ILE S 157 8.27 31.29 54.69
C ILE S 157 8.98 32.25 55.63
N GLN S 158 8.57 33.53 55.60
CA GLN S 158 9.25 34.53 56.42
C GLN S 158 9.20 34.15 57.89
N LYS S 159 8.10 33.54 58.34
CA LYS S 159 8.05 33.08 59.73
C LYS S 159 9.21 32.14 60.02
N LYS S 160 9.44 31.18 59.13
CA LYS S 160 10.51 30.21 59.34
C LYS S 160 11.86 30.90 59.43
N VAL S 161 12.10 31.90 58.58
CA VAL S 161 13.38 32.60 58.63
C VAL S 161 13.62 33.14 60.03
N ASN S 162 12.62 33.81 60.59
CA ASN S 162 12.74 34.32 61.95
C ASN S 162 12.98 33.18 62.93
N ASP S 163 12.22 32.09 62.78
CA ASP S 163 12.31 31.01 63.75
C ASP S 163 13.63 30.27 63.64
N ASP S 164 14.18 30.13 62.43
CA ASP S 164 15.50 29.54 62.28
C ASP S 164 16.51 30.28 63.14
N ILE S 165 16.38 31.62 63.21
CA ILE S 165 17.30 32.41 64.00
C ILE S 165 17.23 32.01 65.47
N LYS S 166 16.03 31.80 65.99
CA LYS S 166 15.89 31.50 67.42
C LYS S 166 16.76 30.32 67.82
N ASN S 167 16.50 29.15 67.26
CA ASN S 167 17.24 27.96 67.66
C ASN S 167 18.74 28.17 67.50
N THR S 168 19.17 28.69 66.35
CA THR S 168 20.59 28.75 66.04
C THR S 168 21.38 29.35 67.19
N VAL S 169 20.96 30.51 67.68
CA VAL S 169 21.66 31.10 68.81
C VAL S 169 21.65 30.13 69.98
N ASP S 170 20.51 29.52 70.26
CA ASP S 170 20.39 28.70 71.46
C ASP S 170 21.39 27.55 71.44
N GLU S 171 21.39 26.75 70.37
CA GLU S 171 22.40 25.70 70.28
C GLU S 171 23.79 26.30 70.13
N ILE S 172 23.89 27.44 69.46
CA ILE S 172 25.19 28.11 69.39
C ILE S 172 25.70 28.46 70.77
N ASN S 173 24.79 28.88 71.66
CA ASN S 173 25.21 29.22 73.01
C ASN S 173 25.85 28.02 73.70
N LYS S 174 25.15 26.88 73.71
CA LYS S 174 25.75 25.66 74.26
C LYS S 174 26.94 25.23 73.43
N ILE S 175 26.94 25.56 72.15
CA ILE S 175 28.10 25.26 71.30
C ILE S 175 29.31 26.02 71.79
N GLY S 176 29.13 27.32 72.07
CA GLY S 176 30.24 28.10 72.59
C GLY S 176 30.69 27.57 73.95
N GLU S 177 29.72 27.32 74.84
CA GLU S 177 29.89 26.39 75.96
C GLU S 177 30.76 25.21 75.58
N GLU S 178 30.23 24.35 74.72
CA GLU S 178 30.81 23.04 74.53
C GLU S 178 32.23 23.13 73.97
N ILE S 179 32.47 24.13 73.13
CA ILE S 179 33.81 24.32 72.59
C ILE S 179 34.77 24.78 73.68
N ALA S 180 34.38 25.79 74.46
CA ALA S 180 35.26 26.30 75.51
C ALA S 180 35.56 25.21 76.54
N THR S 181 34.70 24.19 76.63
CA THR S 181 34.94 23.12 77.59
C THR S 181 36.26 22.41 77.33
N ILE S 182 36.67 22.33 76.07
CA ILE S 182 37.95 21.70 75.76
C ILE S 182 39.09 22.49 76.37
N ASN S 183 39.01 23.82 76.31
CA ASN S 183 39.98 24.62 77.03
C ASN S 183 39.96 24.32 78.52
N LYS S 184 38.76 24.11 79.08
CA LYS S 184 38.66 23.80 80.50
C LYS S 184 39.45 22.55 80.84
N GLN S 185 39.64 21.66 79.87
CA GLN S 185 40.58 20.55 80.04
C GLN S 185 42.02 21.04 80.03
N ILE S 186 42.36 21.92 79.09
CA ILE S 186 43.76 22.20 78.82
C ILE S 186 44.41 22.89 80.01
N TYR S 187 43.67 23.73 80.72
CA TYR S 187 44.27 24.67 81.67
C TYR S 187 43.73 24.38 83.07
N GLY S 188 44.59 24.64 84.06
CA GLY S 188 44.22 24.36 85.42
C GLY S 188 45.26 24.87 86.39
N GLN S 189 45.29 24.23 87.57
CA GLN S 189 46.08 24.74 88.67
C GLN S 189 47.59 24.70 88.41
N GLU S 190 48.09 23.71 87.66
CA GLU S 190 49.54 23.63 87.48
C GLU S 190 50.04 23.79 86.05
N ALA S 191 49.71 22.88 85.14
CA ALA S 191 50.35 22.90 83.81
C ALA S 191 49.86 21.73 82.97
N LEU S 192 50.31 21.72 81.71
CA LEU S 192 50.15 20.61 80.79
C LEU S 192 51.38 20.48 79.90
N PRO S 193 51.65 19.27 79.38
CA PRO S 193 52.69 19.11 78.35
C PRO S 193 52.13 19.22 76.93
N THR S 194 52.98 18.96 75.94
CA THR S 194 52.61 19.18 74.54
C THR S 194 51.70 18.10 73.98
N GLU S 195 51.92 16.85 74.37
CA GLU S 195 51.55 15.72 73.51
C GLU S 195 50.06 15.71 73.18
N HIS S 196 49.19 15.73 74.19
CA HIS S 196 47.77 15.58 73.92
C HIS S 196 47.16 16.85 73.37
N ALA S 197 47.84 17.99 73.54
CA ALA S 197 47.37 19.22 72.91
C ALA S 197 47.20 19.03 71.42
N ASN S 198 48.00 18.14 70.83
CA ASN S 198 47.89 17.87 69.40
C ASN S 198 46.50 17.36 69.04
N GLU S 199 46.03 16.33 69.75
CA GLU S 199 44.70 15.81 69.48
C GLU S 199 43.63 16.73 70.02
N LEU S 200 43.90 17.39 71.16
CA LEU S 200 42.96 18.36 71.69
C LEU S 200 42.60 19.39 70.63
N ARG S 201 43.60 19.99 70.03
CA ARG S 201 43.35 20.99 68.98
C ARG S 201 42.63 20.35 67.80
N ASP S 202 43.18 19.26 67.28
CA ASP S 202 42.67 18.69 66.03
C ASP S 202 41.17 18.39 66.14
N ARG S 203 40.77 17.65 67.17
CA ARG S 203 39.36 17.41 67.39
C ARG S 203 38.62 18.70 67.72
N ARG S 204 39.25 19.55 68.52
CA ARG S 204 38.63 20.82 68.90
C ARG S 204 38.53 21.76 67.71
N ASP S 205 39.52 21.72 66.81
CA ASP S 205 39.58 22.72 65.74
C ASP S 205 38.48 22.53 64.72
N GLU S 206 38.21 21.29 64.30
CA GLU S 206 37.10 21.08 63.38
C GLU S 206 35.81 21.65 63.96
N LEU S 207 35.66 21.59 65.28
CA LEU S 207 34.53 22.24 65.92
C LEU S 207 34.57 23.74 65.68
N GLU S 208 35.75 24.34 65.82
CA GLU S 208 35.92 25.74 65.47
C GLU S 208 35.52 25.99 64.04
N LEU S 209 36.12 25.26 63.11
CA LEU S 209 35.78 25.44 61.71
C LEU S 209 34.30 25.24 61.49
N THR S 210 33.71 24.26 62.17
CA THR S 210 32.27 24.05 62.09
C THR S 210 31.53 25.30 62.54
N LEU S 211 31.93 25.87 63.67
CA LEU S 211 31.35 27.13 64.10
C LEU S 211 31.73 28.27 63.17
N SER S 212 32.96 28.25 62.65
CA SER S 212 33.36 29.29 61.71
C SER S 212 32.43 29.34 60.51
N LYS S 213 31.82 28.20 60.17
CA LYS S 213 30.78 28.20 59.14
C LYS S 213 29.72 29.24 59.46
N LEU S 214 29.21 29.21 60.69
CA LEU S 214 28.14 30.10 61.09
C LEU S 214 28.60 31.56 61.10
N VAL S 215 29.77 31.81 61.70
CA VAL S 215 30.18 33.17 62.04
C VAL S 215 31.68 33.20 62.21
N SER S 216 32.25 34.40 62.22
CA SER S 216 33.70 34.59 62.30
C SER S 216 34.17 34.90 63.72
N ALA S 217 35.38 34.45 64.02
CA ALA S 217 36.05 34.78 65.27
C ALA S 217 37.55 34.57 65.07
N VAL S 218 38.35 35.17 65.97
CA VAL S 218 39.80 35.24 65.79
C VAL S 218 40.49 34.84 67.09
N ALA S 219 41.68 34.25 66.95
CA ALA S 219 42.34 33.59 68.07
C ALA S 219 43.86 33.77 67.98
N SER S 220 44.55 33.34 69.04
CA SER S 220 46.00 33.26 69.10
C SER S 220 46.40 31.89 69.64
N LYS S 221 47.62 31.45 69.31
CA LYS S 221 47.98 30.05 69.52
C LYS S 221 49.45 29.87 69.87
N ASN S 222 49.71 28.98 70.82
CA ASN S 222 51.00 28.29 70.97
C ASN S 222 50.83 27.23 72.05
N GLU S 223 51.93 26.58 72.44
CA GLU S 223 51.90 25.34 73.21
C GLU S 223 52.82 25.46 74.43
N ILE S 224 53.00 24.34 75.14
CA ILE S 224 53.58 24.34 76.49
C ILE S 224 54.27 23.02 76.79
N ASN S 225 55.37 23.11 77.55
CA ASN S 225 55.95 21.97 78.27
C ASN S 225 56.87 22.53 79.35
N GLN S 226 57.47 21.65 80.15
CA GLN S 226 58.05 22.08 81.42
C GLN S 226 59.30 21.27 81.78
N ASP S 227 59.97 21.74 82.84
CA ASP S 227 61.10 21.08 83.48
C ASP S 227 61.02 21.35 84.98
N ASN S 228 61.73 20.54 85.77
CA ASN S 228 61.55 20.51 87.22
C ASN S 228 62.86 20.78 87.95
N ARG S 229 62.98 21.97 88.55
CA ARG S 229 63.96 22.18 89.63
C ARG S 229 63.29 22.85 90.83
N LEU S 230 62.35 23.76 90.54
CA LEU S 230 61.54 24.40 91.56
C LEU S 230 60.29 24.46 90.72
N ASP S 231 59.37 23.52 90.90
CA ASP S 231 58.22 23.41 89.97
C ASP S 231 56.93 24.22 90.20
N THR S 232 57.02 25.45 90.69
CA THR S 232 55.82 26.27 90.84
C THR S 232 55.21 26.57 89.49
N THR S 233 53.99 26.10 89.25
CA THR S 233 53.34 26.28 87.96
C THR S 233 51.85 26.52 88.15
N ILE S 234 51.30 27.43 87.34
CA ILE S 234 49.87 27.60 87.17
C ILE S 234 49.65 28.02 85.72
N THR S 235 48.46 27.72 85.18
CA THR S 235 48.24 27.79 83.75
C THR S 235 46.97 28.55 83.43
N ASP S 236 47.07 29.48 82.47
CA ASP S 236 45.98 30.25 81.91
C ASP S 236 46.06 30.24 80.39
N PRO S 237 44.97 30.59 79.70
CA PRO S 237 44.86 30.23 78.27
C PRO S 237 45.49 31.23 77.29
N GLY S 238 45.85 32.43 77.73
CA GLY S 238 45.83 33.59 76.84
C GLY S 238 46.35 33.32 75.44
N HIS S 239 47.67 33.11 75.31
CA HIS S 239 48.22 32.93 73.97
C HIS S 239 48.05 31.51 73.47
N GLN S 240 48.06 30.53 74.37
CA GLN S 240 47.74 29.17 73.96
C GLN S 240 46.42 29.15 73.21
N TYR S 241 45.44 29.91 73.70
CA TYR S 241 44.19 30.11 72.99
C TYR S 241 43.46 31.33 73.54
N ASN S 242 43.03 32.19 72.62
CA ASN S 242 42.04 33.22 72.87
C ASN S 242 41.05 33.19 71.73
N LEU S 243 39.86 33.75 71.96
CA LEU S 243 38.92 33.92 70.86
C LEU S 243 38.16 35.21 71.06
N SER S 244 37.99 35.95 69.96
CA SER S 244 37.34 37.25 69.99
C SER S 244 35.94 37.16 69.40
N ILE S 245 34.98 37.70 70.14
CA ILE S 245 33.62 37.84 69.65
C ILE S 245 33.48 39.22 69.03
N GLU S 246 32.50 39.37 68.14
CA GLU S 246 32.36 40.62 67.40
C GLU S 246 32.13 41.79 68.35
N GLY S 247 33.08 42.71 68.39
CA GLY S 247 32.93 43.93 69.17
C GLY S 247 33.73 43.95 70.45
N PHE S 248 33.16 44.52 71.50
CA PHE S 248 33.82 44.62 72.81
C PHE S 248 33.78 43.21 73.37
N SER S 249 34.83 42.44 73.09
CA SER S 249 34.76 40.99 73.09
C SER S 249 35.07 40.42 74.46
N ILE S 250 34.38 39.34 74.81
CA ILE S 250 34.67 38.58 76.03
C ILE S 250 34.49 37.08 75.74
N VAL S 251 35.60 36.40 75.46
CA VAL S 251 35.71 34.94 75.58
C VAL S 251 37.16 34.63 75.88
N ASP S 252 37.41 33.96 77.01
CA ASP S 252 38.79 33.70 77.46
C ASP S 252 38.93 32.20 77.74
N GLY S 253 39.39 31.47 76.73
CA GLY S 253 39.73 30.08 76.93
C GLY S 253 38.63 29.31 77.63
N ILE S 254 38.91 28.93 78.88
CA ILE S 254 37.90 28.25 79.69
C ILE S 254 36.58 28.99 79.65
N ASN S 255 36.63 30.32 79.73
CA ASN S 255 35.43 31.11 79.96
C ASN S 255 34.87 31.60 78.63
N PHE S 256 34.02 30.74 78.07
CA PHE S 256 32.97 31.13 77.14
C PHE S 256 32.19 32.25 77.78
N HIS S 257 31.29 32.86 77.01
CA HIS S 257 30.31 33.67 77.71
C HIS S 257 28.99 33.70 76.95
N PRO S 258 27.88 33.39 77.62
CA PRO S 258 26.59 33.36 76.94
C PRO S 258 26.07 34.77 76.70
N LEU S 259 25.43 34.95 75.54
CA LEU S 259 24.75 36.18 75.21
C LEU S 259 23.41 35.83 74.60
N LYS S 260 22.46 36.75 74.73
CA LYS S 260 21.04 36.41 74.72
C LYS S 260 20.40 36.84 73.40
N LEU S 261 19.72 35.90 72.76
CA LEU S 261 18.78 36.20 71.67
C LEU S 261 17.36 36.06 72.22
N ASP S 262 16.48 36.95 71.78
CA ASP S 262 15.09 36.86 72.22
C ASP S 262 14.24 37.87 71.46
N TYR S 263 12.95 37.57 71.39
CA TYR S 263 11.93 38.51 70.99
C TYR S 263 11.38 39.21 72.23
N ASP S 264 10.40 40.09 72.01
CA ASP S 264 9.65 40.65 73.13
C ASP S 264 8.17 40.85 72.82
N ASP S 265 7.83 40.81 71.54
CA ASP S 265 6.71 41.53 70.98
C ASP S 265 5.52 40.61 70.63
N LYS S 266 4.57 41.22 69.94
CA LYS S 266 3.52 40.57 69.18
C LYS S 266 3.98 39.36 68.37
N ASN S 267 4.83 39.55 67.37
CA ASN S 267 5.10 38.50 66.41
C ASN S 267 6.27 37.60 66.77
N LYS S 268 6.99 37.93 67.84
CA LYS S 268 8.16 37.15 68.25
C LYS S 268 9.32 37.34 67.28
N SER S 269 9.54 38.57 66.83
CA SER S 269 10.78 38.91 66.13
C SER S 269 11.89 38.96 67.17
N TYR S 270 12.96 38.19 66.95
CA TYR S 270 13.94 37.96 68.00
C TYR S 270 15.10 38.94 67.88
N SER S 271 15.86 39.07 68.96
CA SER S 271 16.90 40.09 69.02
C SER S 271 17.95 39.69 70.06
N ILE S 272 19.16 40.24 69.90
CA ILE S 272 20.25 40.04 70.84
C ILE S 272 20.63 41.38 71.43
N TYR S 273 20.93 41.39 72.72
CA TYR S 273 21.51 42.57 73.36
C TYR S 273 22.05 42.16 74.72
N TYR S 274 23.05 42.91 75.18
CA TYR S 274 23.87 42.49 76.32
C TYR S 274 24.03 43.67 77.27
N GLU S 275 23.58 43.49 78.51
CA GLU S 275 23.76 44.52 79.53
C GLU S 275 23.21 44.03 80.86
N THR S 276 23.47 44.82 81.90
CA THR S 276 22.73 44.77 83.16
C THR S 276 21.51 45.68 82.98
N PRO S 277 20.63 45.85 83.97
CA PRO S 277 19.40 46.61 83.70
C PRO S 277 19.72 48.07 83.35
N ASP S 278 20.25 48.27 82.15
CA ASP S 278 20.81 49.55 81.73
C ASP S 278 19.84 50.25 80.79
N GLU S 279 19.57 51.53 81.07
CA GLU S 279 18.73 52.31 80.17
C GLU S 279 19.33 52.41 78.77
N LYS S 280 20.65 52.40 78.68
CA LYS S 280 21.34 52.31 77.39
C LYS S 280 21.60 50.84 77.10
N VAL S 281 20.65 50.21 76.42
CA VAL S 281 20.71 48.80 76.04
C VAL S 281 21.60 48.65 74.82
N ARG S 282 22.43 47.61 74.83
CA ARG S 282 23.39 47.38 73.75
C ARG S 282 22.98 46.15 72.95
N ASP S 283 22.53 46.37 71.71
CA ASP S 283 22.21 45.32 70.77
C ASP S 283 23.49 44.77 70.14
N LEU S 284 23.51 43.46 69.92
CA LEU S 284 24.67 42.80 69.33
C LEU S 284 24.42 42.35 67.90
N THR S 285 23.28 42.69 67.32
CA THR S 285 22.82 42.07 66.08
C THR S 285 23.27 42.82 64.83
N ALA S 286 23.13 44.15 64.82
CA ALA S 286 23.20 44.89 63.56
C ALA S 286 24.45 44.56 62.77
N LYS S 287 25.61 44.52 63.43
CA LYS S 287 26.86 44.33 62.71
C LYS S 287 27.12 42.87 62.38
N ILE S 288 26.24 41.97 62.79
CA ILE S 288 26.59 40.56 62.83
C ILE S 288 26.90 40.04 61.44
N SER S 289 28.02 39.34 61.31
CA SER S 289 28.44 38.68 60.09
C SER S 289 28.01 37.21 60.12
N GLY S 290 28.56 36.41 59.21
CA GLY S 290 28.47 34.98 59.32
C GLY S 290 27.96 34.28 58.09
N GLY S 291 28.53 33.11 57.80
CA GLY S 291 28.03 32.33 56.68
C GLY S 291 26.55 32.09 56.79
N GLN S 292 26.13 31.27 57.74
CA GLN S 292 24.72 31.14 58.07
C GLN S 292 24.20 32.35 58.83
N LEU S 293 24.98 32.84 59.79
CA LEU S 293 24.46 33.84 60.70
C LEU S 293 24.11 35.13 59.96
N GLY S 294 25.07 35.68 59.20
CA GLY S 294 24.75 36.81 58.34
C GLY S 294 23.72 36.42 57.29
N ALA S 295 23.82 35.21 56.76
CA ALA S 295 22.85 34.75 55.77
C ALA S 295 21.43 34.79 56.33
N GLN S 296 21.22 34.18 57.50
CA GLN S 296 19.89 34.12 58.06
C GLN S 296 19.35 35.51 58.36
N LEU S 297 20.20 36.37 58.95
CA LEU S 297 19.77 37.73 59.26
C LEU S 297 19.39 38.47 57.99
N ASP S 298 20.25 38.43 56.99
CA ASP S 298 20.02 39.22 55.78
C ASP S 298 18.79 38.74 55.03
N LEU S 299 18.54 37.43 55.04
CA LEU S 299 17.36 36.90 54.37
C LEU S 299 16.09 37.48 54.98
N ARG S 300 16.02 37.52 56.30
CA ARG S 300 14.79 37.93 56.98
C ARG S 300 14.58 39.43 56.88
N GLY S 301 15.63 40.21 57.06
CA GLY S 301 15.49 41.63 57.33
C GLY S 301 15.62 41.88 58.81
N ARG S 302 16.63 42.65 59.20
CA ARG S 302 17.01 42.73 60.61
C ARG S 302 16.06 43.60 61.42
N ASN S 303 15.73 44.78 60.92
CA ASN S 303 14.75 45.63 61.58
C ASN S 303 13.35 45.09 61.41
N TYR S 304 12.62 44.99 62.52
CA TYR S 304 11.17 44.89 62.52
C TYR S 304 10.66 45.90 63.53
N SER S 305 9.89 46.88 63.08
CA SER S 305 9.43 47.93 63.98
C SER S 305 8.39 47.36 64.92
N LYS S 306 8.70 47.43 66.21
CA LYS S 306 7.80 46.97 67.24
C LYS S 306 6.55 47.82 67.30
N SER S 307 6.62 49.05 66.77
CA SER S 307 5.47 49.95 66.67
C SER S 307 4.80 49.82 65.31
N GLU S 308 5.57 50.07 64.24
CA GLU S 308 5.02 50.00 62.90
C GLU S 308 4.70 48.58 62.49
N GLY S 309 5.22 47.59 63.22
CA GLY S 309 4.74 46.24 63.09
C GLY S 309 5.04 45.55 61.78
N LYS S 310 6.00 46.06 61.01
CA LYS S 310 6.49 45.33 59.85
C LYS S 310 8.01 45.15 59.96
N TYR S 311 8.52 44.28 59.11
CA TYR S 311 9.95 44.30 58.85
C TYR S 311 10.26 45.50 57.96
N GLU S 312 11.01 46.45 58.50
CA GLU S 312 11.41 47.63 57.75
C GLU S 312 12.66 47.40 56.93
N ASP S 313 13.04 46.14 56.72
CA ASP S 313 14.23 45.80 55.95
C ASP S 313 14.11 44.35 55.50
N GLY S 314 15.12 43.87 54.81
CA GLY S 314 15.05 42.58 54.18
C GLY S 314 14.29 42.68 52.87
N ILE S 315 14.77 41.97 51.85
CA ILE S 315 14.13 42.04 50.55
C ILE S 315 12.66 41.64 50.65
N ILE S 316 12.35 40.77 51.62
CA ILE S 316 11.01 40.21 51.72
C ILE S 316 9.96 41.31 51.77
N GLN S 317 10.01 42.12 52.83
CA GLN S 317 8.98 43.13 53.04
C GLN S 317 8.85 44.04 51.83
N GLY S 318 9.97 44.48 51.28
CA GLY S 318 9.92 45.37 50.14
C GLY S 318 9.14 44.78 48.98
N TYR S 319 9.34 43.49 48.71
CA TYR S 319 8.59 42.84 47.65
C TYR S 319 7.09 42.96 47.88
N MET S 320 6.65 42.68 49.10
CA MET S 320 5.23 42.80 49.42
C MET S 320 4.76 44.23 49.25
N ASP S 321 5.55 45.19 49.72
CA ASP S 321 5.13 46.59 49.63
C ASP S 321 4.95 47.00 48.17
N SER S 322 5.95 46.72 47.33
CA SER S 322 5.78 46.97 45.91
C SER S 322 4.57 46.23 45.36
N LEU S 323 4.41 44.97 45.75
CA LEU S 323 3.19 44.25 45.40
C LEU S 323 1.96 45.04 45.82
N ASP S 324 2.01 45.63 47.02
CA ASP S 324 0.88 46.46 47.45
C ASP S 324 0.69 47.64 46.52
N THR S 325 1.75 48.36 46.18
CA THR S 325 1.63 49.45 45.22
C THR S 325 0.88 49.00 43.99
N PHE S 326 1.27 47.87 43.42
CA PHE S 326 0.56 47.29 42.29
C PHE S 326 -0.92 47.10 42.61
N ALA S 327 -1.22 46.47 43.73
CA ALA S 327 -2.62 46.20 44.06
C ALA S 327 -3.40 47.49 44.27
N LYS S 328 -2.80 48.44 45.00
CA LYS S 328 -3.55 49.62 45.43
C LYS S 328 -4.04 50.43 44.24
N THR S 329 -3.20 50.62 43.23
CA THR S 329 -3.70 51.19 41.98
C THR S 329 -4.84 50.36 41.43
N MET S 330 -4.64 49.05 41.33
CA MET S 330 -5.67 48.18 40.79
C MET S 330 -7.02 48.46 41.45
N ILE S 331 -6.99 48.92 42.70
CA ILE S 331 -8.20 49.52 43.28
C ILE S 331 -8.57 50.78 42.52
N ASN S 332 -7.63 51.71 42.42
CA ASN S 332 -7.95 53.10 42.18
C ASN S 332 -8.54 53.31 40.79
N GLU S 333 -7.79 52.95 39.75
CA GLU S 333 -8.28 53.16 38.39
C GLU S 333 -9.55 52.36 38.13
N THR S 334 -9.57 51.09 38.55
CA THR S 334 -10.80 50.33 38.41
C THR S 334 -11.92 50.98 39.20
N ASN S 335 -11.62 51.43 40.43
CA ASN S 335 -12.63 52.10 41.22
C ASN S 335 -12.97 53.48 40.67
N ASN S 336 -11.97 54.24 40.24
CA ASN S 336 -12.30 55.50 39.58
C ASN S 336 -13.08 55.23 38.30
N LEU S 337 -12.66 54.23 37.55
CA LEU S 337 -13.52 53.75 36.48
C LEU S 337 -14.85 53.27 37.06
N TYR S 338 -14.79 52.53 38.16
CA TYR S 338 -16.02 52.00 38.71
C TYR S 338 -16.88 53.12 39.27
N ALA S 339 -16.25 54.18 39.79
CA ALA S 339 -17.00 55.37 40.18
C ALA S 339 -17.66 56.02 38.97
N SER S 340 -17.01 55.92 37.80
CA SER S 340 -17.57 56.53 36.60
C SER S 340 -18.91 55.89 36.24
N SER S 341 -19.17 54.67 36.70
CA SER S 341 -20.52 54.14 36.60
C SER S 341 -21.44 55.02 37.42
N ALA S 342 -22.66 55.19 36.94
CA ALA S 342 -23.58 56.06 37.65
C ALA S 342 -24.39 55.29 38.67
N LYS S 343 -24.89 56.04 39.65
CA LYS S 343 -25.57 55.50 40.82
C LYS S 343 -26.55 56.53 41.33
N SER S 344 -27.05 56.33 42.54
CA SER S 344 -27.82 57.33 43.25
C SER S 344 -27.23 57.68 44.61
N SER S 345 -26.63 56.71 45.29
CA SER S 345 -26.08 56.92 46.62
C SER S 345 -24.77 56.15 46.78
N VAL S 346 -23.81 56.77 47.48
CA VAL S 346 -22.54 56.11 47.79
C VAL S 346 -22.05 56.60 49.15
N THR S 347 -21.05 55.90 49.68
CA THR S 347 -20.46 56.21 50.96
C THR S 347 -19.04 55.66 50.98
N SER S 348 -18.19 56.27 51.80
CA SER S 348 -16.79 55.91 51.83
C SER S 348 -16.55 54.78 52.82
N ASP S 349 -15.34 54.23 52.79
CA ASP S 349 -14.87 53.32 53.82
C ASP S 349 -15.06 54.01 55.17
N TYR S 350 -15.13 53.25 56.26
CA TYR S 350 -15.32 53.88 57.55
C TYR S 350 -14.07 54.68 57.89
N LEU S 351 -14.26 55.92 58.31
CA LEU S 351 -13.20 56.91 58.31
C LEU S 351 -13.21 57.72 59.60
N SER S 352 -13.28 57.04 60.74
CA SER S 352 -12.85 57.68 61.98
C SER S 352 -11.38 58.06 61.85
N GLY S 353 -11.07 59.31 62.18
CA GLY S 353 -9.78 59.89 61.92
C GLY S 353 -9.76 60.79 60.70
N LEU S 354 -10.68 60.59 59.77
CA LEU S 354 -10.84 61.53 58.67
C LEU S 354 -11.40 62.85 59.17
N LYS S 355 -10.84 63.93 58.64
CA LYS S 355 -11.31 65.27 58.93
C LYS S 355 -11.97 65.84 57.68
N GLY S 356 -12.89 66.79 57.89
CA GLY S 356 -13.49 67.49 56.80
C GLY S 356 -12.58 68.60 56.30
N ASP S 357 -11.32 68.56 56.76
CA ASP S 357 -10.33 69.57 56.47
C ASP S 357 -8.99 68.92 56.16
N ILE S 358 -9.02 67.63 55.90
CA ILE S 358 -7.79 66.83 55.96
C ILE S 358 -6.94 67.13 54.74
N PRO S 359 -5.61 67.13 54.84
CA PRO S 359 -4.78 67.39 53.65
C PRO S 359 -4.88 66.27 52.64
N LEU S 360 -5.29 66.62 51.42
CA LEU S 360 -5.64 65.61 50.43
C LEU S 360 -4.41 64.85 49.93
N VAL S 361 -3.39 65.58 49.49
CA VAL S 361 -2.22 64.92 48.95
C VAL S 361 -1.43 64.23 50.06
N ASN S 362 -1.30 64.88 51.21
CA ASN S 362 -0.58 64.26 52.32
C ASN S 362 -1.32 63.03 52.83
N TYR S 363 -2.65 63.06 52.85
CA TYR S 363 -3.39 61.94 53.43
C TYR S 363 -3.23 60.70 52.55
N ASP S 364 -2.86 60.88 51.29
CA ASP S 364 -2.47 59.78 50.43
C ASP S 364 -1.62 60.30 49.28
N ARG S 365 -0.52 59.59 48.99
CA ARG S 365 0.44 60.06 48.01
C ARG S 365 -0.19 60.19 46.63
N THR S 366 -1.09 59.27 46.29
CA THR S 366 -1.68 59.27 44.95
C THR S 366 -2.68 60.41 44.75
N ILE S 367 -2.88 61.26 45.76
CA ILE S 367 -3.81 62.38 45.65
C ILE S 367 -2.99 63.61 45.27
N GLN S 368 -3.47 64.36 44.28
CA GLN S 368 -2.79 65.52 43.73
C GLN S 368 -3.80 66.56 43.30
N PRO S 369 -3.38 67.81 43.15
CA PRO S 369 -4.29 68.81 42.58
C PRO S 369 -4.74 68.39 41.20
N GLY S 370 -6.03 68.58 40.92
CA GLY S 370 -6.58 68.14 39.66
C GLY S 370 -8.04 68.52 39.55
N SER S 371 -8.59 68.30 38.36
CA SER S 371 -9.99 68.58 38.10
C SER S 371 -10.81 67.30 38.20
N PHE S 372 -12.10 67.47 38.47
CA PHE S 372 -13.02 66.35 38.57
C PHE S 372 -14.42 66.89 38.38
N ASP S 373 -15.17 66.29 37.48
CA ASP S 373 -16.42 66.86 37.04
C ASP S 373 -17.46 65.76 37.05
N ILE S 374 -18.72 66.15 37.16
CA ILE S 374 -19.81 65.24 37.50
C ILE S 374 -20.76 65.18 36.32
N VAL S 375 -21.15 63.96 35.95
CA VAL S 375 -22.04 63.72 34.82
C VAL S 375 -23.37 63.25 35.38
N ILE S 376 -24.45 63.93 35.01
CA ILE S 376 -25.73 63.78 35.67
C ILE S 376 -26.72 63.13 34.72
N TYR S 377 -27.62 62.34 35.30
CA TYR S 377 -28.60 61.59 34.55
C TYR S 377 -29.97 61.79 35.19
N ASP S 378 -30.99 61.26 34.54
CA ASP S 378 -32.19 60.84 35.23
C ASP S 378 -31.96 59.40 35.70
N ASP S 379 -32.80 58.94 36.62
CA ASP S 379 -32.55 57.66 37.28
C ASP S 379 -32.33 56.53 36.28
N LYS S 380 -32.84 56.69 35.06
CA LYS S 380 -32.65 55.66 34.03
C LYS S 380 -31.18 55.47 33.69
N GLY S 381 -30.34 56.46 33.96
CA GLY S 381 -29.00 56.47 33.43
C GLY S 381 -28.84 57.28 32.17
N ASP S 382 -29.70 58.29 31.98
CA ASP S 382 -29.65 59.10 30.76
C ASP S 382 -28.82 60.36 30.90
N LYS S 383 -27.69 60.44 30.18
CA LYS S 383 -26.82 61.62 30.26
C LYS S 383 -27.61 62.90 30.20
N LYS S 384 -27.42 63.77 31.18
CA LYS S 384 -28.13 65.03 31.22
C LYS S 384 -27.51 66.03 32.18
N LEU S 385 -26.88 67.09 31.69
CA LEU S 385 -26.36 68.16 32.56
C LEU S 385 -25.09 67.77 33.34
N THR S 386 -24.34 68.74 33.88
CA THR S 386 -23.04 68.42 34.56
C THR S 386 -22.36 69.52 35.40
N LYS S 387 -21.71 69.14 36.51
CA LYS S 387 -20.99 70.07 37.35
C LYS S 387 -19.48 69.84 37.19
N THR S 388 -18.70 70.91 37.37
CA THR S 388 -17.25 70.86 37.23
C THR S 388 -16.59 71.44 38.48
N ILE S 389 -15.55 70.77 38.96
CA ILE S 389 -14.96 71.10 40.26
C ILE S 389 -13.46 70.79 40.22
N THR S 390 -12.71 71.38 41.15
CA THR S 390 -11.26 71.22 41.22
C THR S 390 -10.78 71.13 42.67
N ILE S 391 -9.60 70.53 42.83
CA ILE S 391 -8.93 70.38 44.12
C ILE S 391 -7.48 70.83 43.99
N ASP S 392 -7.00 71.59 44.98
CA ASP S 392 -5.57 71.88 45.01
C ASP S 392 -4.79 70.98 45.96
N VAL S 393 -4.85 71.23 47.26
CA VAL S 393 -4.40 70.26 48.26
C VAL S 393 -5.27 70.21 49.49
N ASN S 394 -5.95 71.31 49.83
CA ASN S 394 -6.53 71.47 51.16
C ASN S 394 -7.85 72.22 51.04
N THR S 395 -8.31 72.46 49.82
CA THR S 395 -9.65 73.02 49.70
C THR S 395 -10.50 72.08 50.54
N THR S 396 -10.96 72.58 51.67
CA THR S 396 -11.37 71.70 52.74
C THR S 396 -12.52 70.82 52.27
N MET S 397 -12.63 69.64 52.88
CA MET S 397 -13.66 68.71 52.45
C MET S 397 -15.01 69.40 52.47
N ASN S 398 -15.20 70.32 53.41
CA ASN S 398 -16.42 71.12 53.43
C ASN S 398 -16.39 72.21 52.36
N ASP S 399 -15.24 72.81 52.08
CA ASP S 399 -15.12 73.68 50.91
C ASP S 399 -15.41 72.91 49.64
N ILE S 400 -14.75 71.76 49.47
CA ILE S 400 -15.09 70.89 48.36
C ILE S 400 -16.59 70.58 48.41
N MET S 401 -17.10 70.31 49.61
CA MET S 401 -18.51 70.01 49.77
C MET S 401 -19.38 71.19 49.32
N ARG S 402 -19.07 72.40 49.79
CA ARG S 402 -19.91 73.55 49.46
C ARG S 402 -19.96 73.83 47.97
N GLN S 403 -18.81 73.85 47.30
CA GLN S 403 -18.80 74.07 45.86
C GLN S 403 -19.59 72.98 45.15
N ILE S 404 -19.44 71.73 45.58
CA ILE S 404 -20.27 70.66 45.05
C ILE S 404 -21.73 70.90 45.39
N ASN S 405 -22.02 71.27 46.64
CA ASN S 405 -23.38 71.45 47.09
C ASN S 405 -23.88 72.87 46.86
N ALA S 406 -23.08 73.73 46.26
CA ALA S 406 -23.51 75.09 45.93
C ALA S 406 -24.52 75.02 44.79
N ASN S 407 -25.66 75.67 44.96
CA ASN S 407 -26.70 75.68 43.93
C ASN S 407 -26.05 76.00 42.59
N THR S 408 -26.07 75.03 41.67
CA THR S 408 -25.30 75.11 40.43
C THR S 408 -26.22 74.90 39.25
N ASP S 409 -26.19 75.85 38.31
CA ASP S 409 -27.14 75.88 37.22
C ASP S 409 -26.62 75.04 36.05
N ASP S 410 -26.48 73.74 36.27
CA ASP S 410 -25.73 72.87 35.36
C ASP S 410 -26.56 72.29 34.23
N ASN S 411 -27.73 72.83 33.93
CA ASN S 411 -28.28 72.73 32.59
C ASN S 411 -27.90 73.94 31.75
N ASP S 412 -27.23 74.92 32.35
CA ASP S 412 -26.82 76.15 31.66
C ASP S 412 -28.00 76.78 30.93
N ASN S 413 -29.21 76.44 31.40
CA ASN S 413 -30.45 76.97 30.85
C ASN S 413 -31.41 77.33 31.98
N LYS S 414 -30.90 77.88 33.07
CA LYS S 414 -31.64 78.07 34.31
C LYS S 414 -32.08 76.75 34.93
N ASN S 415 -31.10 75.88 35.23
CA ASN S 415 -31.33 74.77 36.14
C ASN S 415 -31.57 75.21 37.57
N SER S 416 -31.20 76.44 37.94
CA SER S 416 -31.26 76.85 39.33
C SER S 416 -32.70 77.10 39.76
N ASN S 417 -33.55 76.09 39.57
CA ASN S 417 -34.86 76.02 40.21
C ASN S 417 -35.03 74.62 40.79
N ASP S 418 -34.34 73.65 40.18
CA ASP S 418 -34.36 72.26 40.60
C ASP S 418 -32.95 71.68 40.52
N ASP S 419 -31.96 72.49 40.92
CA ASP S 419 -30.57 72.17 40.66
C ASP S 419 -30.21 70.79 41.19
N VAL S 420 -29.06 70.29 40.71
CA VAL S 420 -28.48 69.07 41.26
C VAL S 420 -28.34 69.18 42.76
N ASP S 421 -27.95 70.36 43.24
CA ASP S 421 -27.77 70.56 44.67
C ASP S 421 -29.06 70.28 45.42
N ASP S 422 -30.20 70.41 44.75
CA ASP S 422 -31.47 69.98 45.33
C ASP S 422 -31.60 68.46 45.29
N HIS S 423 -30.99 67.83 44.29
CA HIS S 423 -31.14 66.38 44.12
C HIS S 423 -30.35 65.58 45.14
N ILE S 424 -29.34 66.19 45.74
CA ILE S 424 -28.27 65.45 46.40
C ILE S 424 -28.48 65.41 47.90
N ASN S 425 -27.72 64.53 48.53
CA ASN S 425 -27.62 64.43 49.98
C ASN S 425 -26.21 63.94 50.28
N ALA S 426 -25.38 64.84 50.82
CA ALA S 426 -23.94 64.62 50.90
C ALA S 426 -23.45 65.15 52.23
N SER S 427 -22.50 64.45 52.86
CA SER S 427 -22.10 64.85 54.20
C SER S 427 -20.78 64.22 54.60
N PHE S 428 -20.05 64.96 55.45
CA PHE S 428 -18.95 64.43 56.24
C PHE S 428 -19.40 64.37 57.69
N SER S 429 -18.85 63.42 58.46
CA SER S 429 -19.28 63.22 59.83
C SER S 429 -18.09 63.01 60.74
N TYR S 430 -18.21 63.49 61.98
CA TYR S 430 -17.25 63.18 63.02
C TYR S 430 -17.89 63.41 64.39
N ASP S 431 -17.34 62.75 65.41
CA ASP S 431 -17.90 62.75 66.76
C ASP S 431 -17.14 63.71 67.67
N ALA S 432 -17.80 64.11 68.75
CA ALA S 432 -17.19 65.02 69.72
C ALA S 432 -17.17 64.42 71.13
N LYS S 433 -16.93 63.11 71.23
CA LYS S 433 -16.75 62.48 72.53
C LYS S 433 -15.33 61.96 72.68
N THR S 434 -14.93 61.03 71.81
CA THR S 434 -13.54 60.60 71.75
C THR S 434 -13.10 60.40 70.30
N GLY S 435 -14.06 60.31 69.38
CA GLY S 435 -13.74 60.26 67.97
C GLY S 435 -14.38 59.12 67.19
N ASP S 436 -15.13 59.48 66.15
CA ASP S 436 -15.68 58.55 65.17
C ASP S 436 -16.03 59.35 63.93
N GLY S 437 -15.81 58.75 62.75
CA GLY S 437 -15.95 59.49 61.52
C GLY S 437 -16.37 58.62 60.36
N LEU S 438 -17.01 59.25 59.37
CA LEU S 438 -17.43 58.61 58.13
C LEU S 438 -17.86 59.71 57.17
N PHE S 439 -17.93 59.37 55.88
CA PHE S 439 -18.27 60.33 54.84
C PHE S 439 -19.28 59.74 53.88
N GLN S 440 -20.28 60.55 53.51
CA GLN S 440 -21.36 60.13 52.62
C GLN S 440 -21.53 61.16 51.52
N ILE S 441 -21.75 60.71 50.30
CA ILE S 441 -22.32 61.53 49.24
C ILE S 441 -23.29 60.67 48.46
N ASN S 442 -24.48 61.23 48.20
CA ASN S 442 -25.54 60.46 47.58
C ASN S 442 -26.46 61.40 46.82
N ALA S 443 -27.38 60.81 46.07
CA ALA S 443 -28.33 61.56 45.28
C ALA S 443 -29.73 60.98 45.46
N LYS S 444 -30.73 61.82 45.29
CA LYS S 444 -32.11 61.37 45.35
C LYS S 444 -32.43 60.51 44.13
N SER S 445 -33.53 59.78 44.23
CA SER S 445 -34.00 58.99 43.09
C SER S 445 -34.48 59.93 41.99
N GLY S 446 -34.92 59.35 40.88
CA GLY S 446 -35.11 60.12 39.68
C GLY S 446 -33.83 60.60 39.07
N PHE S 447 -32.68 60.18 39.60
CA PHE S 447 -31.38 60.70 39.21
C PHE S 447 -30.36 59.58 39.22
N LYS S 448 -29.53 59.54 38.17
CA LYS S 448 -28.31 58.74 38.15
C LYS S 448 -27.14 59.69 37.92
N VAL S 449 -26.01 59.40 38.57
CA VAL S 449 -24.91 60.35 38.64
C VAL S 449 -23.59 59.61 38.41
N ALA S 450 -22.74 60.18 37.55
CA ALA S 450 -21.42 59.64 37.26
C ALA S 450 -20.35 60.68 37.56
N ILE S 451 -19.19 60.20 37.98
CA ILE S 451 -18.06 61.05 38.36
C ILE S 451 -16.86 60.71 37.50
N GLU S 452 -16.10 61.73 37.14
CA GLU S 452 -14.78 61.55 36.53
C GLU S 452 -13.78 62.39 37.31
N ASP S 453 -12.60 61.82 37.51
CA ASP S 453 -11.59 62.39 38.38
C ASP S 453 -10.29 62.50 37.62
N LYS S 454 -9.66 63.68 37.68
CA LYS S 454 -8.46 63.97 36.90
C LYS S 454 -7.46 64.65 37.83
N GLY S 455 -6.35 63.97 38.09
CA GLY S 455 -5.31 64.47 38.97
C GLY S 455 -5.48 64.05 40.41
N THR S 456 -6.71 64.08 40.93
CA THR S 456 -6.97 63.60 42.27
C THR S 456 -7.22 62.09 42.25
N ASN S 457 -8.15 61.65 41.41
CA ASN S 457 -8.50 60.24 41.38
C ASN S 457 -8.90 59.75 42.78
N PHE S 458 -9.49 60.65 43.57
CA PHE S 458 -9.86 60.38 44.96
C PHE S 458 -11.02 59.40 45.06
N ALA S 459 -12.01 59.53 44.18
CA ALA S 459 -13.24 58.75 44.34
C ALA S 459 -12.93 57.26 44.29
N GLY S 460 -12.25 56.82 43.24
CA GLY S 460 -11.93 55.41 43.13
C GLY S 460 -11.10 54.93 44.31
N ALA S 461 -10.25 55.80 44.84
CA ALA S 461 -9.34 55.40 45.90
C ALA S 461 -10.09 54.89 47.12
N PHE S 462 -11.09 55.62 47.59
CA PHE S 462 -11.79 55.21 48.81
C PHE S 462 -13.05 54.43 48.55
N SER S 463 -13.17 53.73 47.43
CA SER S 463 -14.27 52.77 47.24
C SER S 463 -15.63 53.43 47.39
N ILE S 464 -15.68 54.74 47.19
CA ILE S 464 -16.96 55.46 47.20
C ILE S 464 -17.52 55.27 45.80
N GLY S 465 -18.25 54.19 45.59
CA GLY S 465 -18.47 53.70 44.24
C GLY S 465 -17.23 53.14 43.60
N GLY S 466 -16.40 52.40 44.35
CA GLY S 466 -15.26 51.72 43.76
C GLY S 466 -15.48 50.23 43.64
N PHE S 467 -14.84 49.66 42.61
CA PHE S 467 -15.07 48.25 42.30
C PHE S 467 -14.45 47.32 43.34
N PHE S 468 -13.37 47.74 43.99
CA PHE S 468 -12.60 46.88 44.86
C PHE S 468 -12.72 47.32 46.31
N SER S 469 -12.32 46.42 47.21
CA SER S 469 -12.32 46.69 48.64
C SER S 469 -11.11 46.05 49.29
N GLY S 470 -10.32 46.86 50.01
CA GLY S 470 -9.22 46.33 50.79
C GLY S 470 -8.09 47.31 51.05
N THR S 471 -7.55 47.27 52.27
CA THR S 471 -6.43 48.13 52.62
C THR S 471 -5.10 47.53 52.18
N ASP S 472 -4.96 46.21 52.29
CA ASP S 472 -3.70 45.53 52.03
C ASP S 472 -3.94 44.31 51.15
N ALA S 473 -2.90 43.87 50.44
CA ALA S 473 -3.06 42.87 49.39
C ALA S 473 -3.46 41.50 49.95
N SER S 474 -3.84 41.45 51.22
CA SER S 474 -4.55 40.32 51.80
C SER S 474 -6.07 40.50 51.78
N ASP S 475 -6.56 41.67 52.20
CA ASP S 475 -7.99 41.95 52.22
C ASP S 475 -8.49 42.53 50.90
N MET S 476 -7.59 42.79 49.95
CA MET S 476 -7.94 43.46 48.70
C MET S 476 -8.58 42.48 47.74
N LYS S 477 -9.80 42.81 47.32
CA LYS S 477 -10.53 42.05 46.32
C LYS S 477 -11.65 42.93 45.78
N VAL S 478 -12.57 42.31 45.04
CA VAL S 478 -13.74 42.99 44.51
C VAL S 478 -14.49 43.64 45.67
N LYS S 479 -15.22 44.71 45.37
CA LYS S 479 -16.09 45.30 46.38
C LYS S 479 -17.09 44.25 46.84
N ASP S 480 -17.31 44.20 48.16
CA ASP S 480 -18.02 43.05 48.72
C ASP S 480 -19.45 42.96 48.22
N SER S 481 -20.18 44.09 48.19
CA SER S 481 -21.57 44.03 47.75
C SER S 481 -21.69 43.38 46.38
N ILE S 482 -20.72 43.64 45.51
CA ILE S 482 -20.66 42.91 44.25
C ILE S 482 -20.46 41.43 44.53
N LEU S 483 -19.57 41.09 45.46
CA LEU S 483 -19.40 39.70 45.83
C LEU S 483 -20.69 39.14 46.41
N ASN S 484 -21.51 39.99 47.04
CA ASN S 484 -22.85 39.58 47.39
C ASN S 484 -23.72 39.43 46.15
N ASP S 485 -23.54 40.29 45.15
CA ASP S 485 -24.30 40.20 43.92
C ASP S 485 -23.55 40.83 42.75
N PRO S 486 -23.11 40.04 41.76
CA PRO S 486 -22.48 40.64 40.58
C PRO S 486 -23.48 41.32 39.65
N SER S 487 -24.76 40.95 39.71
CA SER S 487 -25.73 41.51 38.78
C SER S 487 -25.80 43.02 38.87
N THR S 488 -25.44 43.58 40.02
CA THR S 488 -25.46 45.04 40.18
C THR S 488 -24.58 45.74 39.16
N VAL S 489 -23.57 45.04 38.64
CA VAL S 489 -22.50 45.69 37.88
C VAL S 489 -23.03 46.30 36.59
N ARG S 490 -22.55 47.50 36.28
CA ARG S 490 -22.80 48.17 35.00
C ARG S 490 -21.57 47.98 34.11
N ALA S 491 -21.79 47.39 32.93
CA ALA S 491 -20.79 47.51 31.88
C ALA S 491 -20.69 48.93 31.38
N SER S 492 -21.73 49.72 31.61
CA SER S 492 -21.80 51.11 31.19
C SER S 492 -21.25 52.02 32.28
N SER S 493 -20.90 53.24 31.85
CA SER S 493 -20.75 54.33 32.80
C SER S 493 -22.10 54.96 33.13
N ASN S 494 -23.16 54.59 32.40
CA ASN S 494 -24.43 55.31 32.49
C ASN S 494 -25.24 54.93 33.73
N GLY S 495 -24.78 53.95 34.52
CA GLY S 495 -25.46 53.56 35.73
C GLY S 495 -26.47 52.44 35.57
N VAL S 496 -26.81 52.06 34.35
CA VAL S 496 -27.60 50.87 34.08
C VAL S 496 -26.87 50.07 33.02
N ASP S 497 -26.86 48.75 33.19
CA ASP S 497 -25.80 47.92 32.62
C ASP S 497 -25.67 48.07 31.10
N SER S 498 -26.74 48.50 30.41
CA SER S 498 -26.83 48.31 28.96
C SER S 498 -25.58 48.81 28.23
N GLY S 499 -25.05 49.97 28.58
CA GLY S 499 -23.83 50.42 27.95
C GLY S 499 -22.65 49.56 28.36
N ASN S 500 -21.76 49.31 27.41
CA ASN S 500 -20.46 48.73 27.72
C ASN S 500 -19.37 49.78 27.85
N ASP S 501 -19.65 51.02 27.43
CA ASP S 501 -18.63 52.03 27.25
C ASP S 501 -17.57 51.95 28.34
N MET S 502 -18.01 51.84 29.59
CA MET S 502 -17.13 51.67 30.75
C MET S 502 -16.31 50.41 30.67
N ALA S 503 -16.97 49.25 30.56
CA ALA S 503 -16.23 47.99 30.49
C ALA S 503 -15.14 48.08 29.44
N ASN S 504 -15.44 48.76 28.35
CA ASN S 504 -14.41 49.06 27.36
C ASN S 504 -13.35 49.99 27.93
N LYS S 505 -13.74 51.01 28.71
CA LYS S 505 -12.74 51.93 29.25
C LYS S 505 -11.65 51.17 30.00
N ILE S 506 -12.03 50.16 30.78
CA ILE S 506 -11.05 49.24 31.31
C ILE S 506 -10.33 48.54 30.16
N ILE S 507 -11.09 48.14 29.14
CA ILE S 507 -10.48 47.43 28.01
C ILE S 507 -9.55 48.36 27.24
N GLN S 508 -9.89 49.65 27.14
CA GLN S 508 -8.92 50.60 26.63
C GLN S 508 -7.77 50.75 27.60
N LEU S 509 -8.06 50.69 28.89
CA LEU S 509 -7.02 50.80 29.89
C LEU S 509 -5.99 49.68 29.78
N GLN S 510 -6.45 48.45 29.53
CA GLN S 510 -5.53 47.32 29.55
C GLN S 510 -4.42 47.50 28.53
N TYR S 511 -4.67 48.24 27.44
CA TYR S 511 -3.59 48.55 26.51
C TYR S 511 -2.57 49.49 27.14
N ASP S 512 -3.01 50.35 28.04
CA ASP S 512 -2.30 51.59 28.30
C ASP S 512 -1.21 51.43 29.35
N LYS S 513 -0.18 52.27 29.24
CA LYS S 513 0.85 52.37 30.26
C LYS S 513 0.26 53.09 31.46
N VAL S 514 -0.05 52.34 32.51
CA VAL S 514 -0.67 52.90 33.70
C VAL S 514 0.40 53.22 34.73
N ASN S 515 0.10 54.22 35.57
CA ASN S 515 1.07 54.75 36.52
C ASN S 515 0.82 54.22 37.92
N PHE S 516 1.88 53.78 38.58
CA PHE S 516 1.83 53.30 39.96
C PHE S 516 2.69 54.18 40.85
N TYR S 517 2.18 54.51 42.02
CA TYR S 517 2.92 55.24 43.04
C TYR S 517 3.68 54.22 43.88
N ASN S 518 5.00 54.30 43.85
CA ASN S 518 5.82 53.21 44.36
C ASN S 518 6.34 53.52 45.75
N GLU S 519 7.11 52.58 46.28
CA GLU S 519 7.64 52.68 47.64
C GLU S 519 8.74 53.73 47.75
N ASP S 520 9.39 54.07 46.66
CA ASP S 520 10.17 55.29 46.61
C ASP S 520 9.31 56.50 46.31
N GLY S 521 7.99 56.28 46.29
CA GLY S 521 7.04 57.33 46.00
C GLY S 521 6.86 57.54 44.50
N THR S 522 7.72 56.91 43.71
CA THR S 522 7.79 57.22 42.29
C THR S 522 6.50 56.83 41.57
N ILE S 523 6.10 57.66 40.62
CA ILE S 523 4.89 57.45 39.84
C ILE S 523 5.35 56.87 38.51
N ASP S 524 5.42 55.55 38.44
CA ASP S 524 5.97 54.85 37.28
C ASP S 524 4.87 54.41 36.33
N ASN S 525 5.06 54.69 35.05
CA ASN S 525 4.06 54.44 34.01
C ASN S 525 4.38 53.08 33.39
N LEU S 526 3.45 52.14 33.52
CA LEU S 526 3.69 50.74 33.17
C LEU S 526 2.40 50.11 32.68
N THR S 527 2.55 49.04 31.90
CA THR S 527 1.44 48.10 31.77
C THR S 527 1.42 47.18 32.97
N MET S 528 0.27 46.58 33.20
CA MET S 528 0.07 45.74 34.38
C MET S 528 0.96 44.50 34.32
N GLU S 529 0.80 43.68 33.29
CA GLU S 529 1.59 42.46 33.22
C GLU S 529 3.07 42.76 33.03
N GLU S 530 3.41 43.90 32.40
CA GLU S 530 4.80 44.32 32.38
C GLU S 530 5.30 44.59 33.78
N TYR S 531 4.49 45.25 34.61
CA TYR S 531 4.86 45.37 36.02
C TYR S 531 5.13 43.99 36.60
N TYR S 532 4.23 43.05 36.36
CA TYR S 532 4.44 41.70 36.83
C TYR S 532 5.80 41.20 36.37
N ARG S 533 6.17 41.57 35.15
CA ARG S 533 7.45 41.11 34.59
C ARG S 533 8.63 41.79 35.27
N LYS S 534 8.56 43.11 35.47
CA LYS S 534 9.65 43.78 36.17
C LYS S 534 9.81 43.22 37.58
N LEU S 535 8.69 43.01 38.27
CA LEU S 535 8.77 42.48 39.63
C LEU S 535 9.32 41.07 39.63
N THR S 536 8.76 40.20 38.80
CA THR S 536 9.19 38.80 38.80
C THR S 536 10.61 38.65 38.28
N GLY S 537 10.91 39.23 37.12
CA GLY S 537 12.24 39.08 36.56
C GLY S 537 13.32 39.58 37.50
N LYS S 538 13.08 40.74 38.12
CA LYS S 538 14.03 41.27 39.09
C LYS S 538 14.29 40.24 40.18
N ILE S 539 13.24 39.59 40.69
CA ILE S 539 13.42 38.56 41.70
C ILE S 539 14.23 37.40 41.13
N ALA S 540 13.89 36.97 39.91
CA ALA S 540 14.66 35.90 39.28
C ALA S 540 16.13 36.28 39.15
N SER S 541 16.40 37.56 38.88
CA SER S 541 17.78 38.01 38.78
C SER S 541 18.54 37.73 40.06
N ASP S 542 17.85 37.67 41.19
CA ASP S 542 18.52 37.40 42.47
C ASP S 542 19.30 36.10 42.41
N GLY S 543 18.58 34.98 42.27
CA GLY S 543 19.26 33.70 42.12
C GLY S 543 20.05 33.62 40.83
N GLU S 544 19.62 34.35 39.80
CA GLU S 544 20.33 34.32 38.53
C GLU S 544 21.82 34.58 38.71
N ASN S 545 22.17 35.77 39.23
CA ASN S 545 23.57 36.09 39.44
C ASN S 545 24.21 35.13 40.44
N ASN S 546 23.51 34.84 41.53
CA ASN S 546 24.10 34.05 42.60
C ASN S 546 24.60 32.71 42.09
N ASN S 547 23.96 32.15 41.06
CA ASN S 547 24.36 30.85 40.55
C ASN S 547 25.87 30.78 40.36
N VAL S 548 26.38 31.54 39.39
CA VAL S 548 27.80 31.55 39.10
C VAL S 548 28.57 32.05 40.31
N VAL S 549 28.01 33.03 41.03
CA VAL S 549 28.72 33.60 42.17
C VAL S 549 28.98 32.53 43.21
N ASN S 550 27.94 31.78 43.60
CA ASN S 550 28.14 30.73 44.58
C ASN S 550 29.09 29.67 44.06
N SER S 551 28.95 29.31 42.77
CA SER S 551 29.85 28.34 42.18
C SER S 551 31.30 28.82 42.26
N SER S 552 31.53 30.10 41.95
CA SER S 552 32.88 30.63 42.08
C SER S 552 33.42 30.42 43.49
N ASN S 553 32.67 30.85 44.50
CA ASN S 553 33.08 30.58 45.87
C ASN S 553 33.11 29.09 46.14
N GLU S 554 32.13 28.36 45.62
CA GLU S 554 32.17 26.92 45.71
C GLU S 554 33.49 26.38 45.17
N THR S 555 33.85 26.79 43.96
CA THR S 555 35.05 26.26 43.31
C THR S 555 36.29 26.57 44.12
N LEU S 556 36.50 27.85 44.46
CA LEU S 556 37.72 28.24 45.15
C LEU S 556 37.82 27.51 46.49
N TYR S 557 36.69 27.34 47.17
CA TYR S 557 36.70 26.68 48.46
C TYR S 557 37.13 25.22 48.31
N ASN S 558 36.70 24.57 47.23
CA ASN S 558 37.06 23.18 47.04
C ASN S 558 38.57 23.01 47.00
N SER S 559 39.27 23.94 46.33
CA SER S 559 40.71 23.90 46.33
C SER S 559 41.26 23.88 47.74
N VAL S 560 40.97 24.94 48.51
CA VAL S 560 41.41 24.96 49.91
C VAL S 560 40.83 23.77 50.65
N TYR S 561 39.55 23.48 50.42
CA TYR S 561 38.95 22.30 51.04
C TYR S 561 39.75 21.05 50.71
N SER S 562 40.00 20.84 49.42
CA SER S 562 40.86 19.72 49.02
C SER S 562 42.24 19.85 49.61
N GLU S 563 42.61 21.06 50.04
CA GLU S 563 43.95 21.33 50.53
C GLU S 563 44.12 20.95 52.00
N TYR S 564 43.48 19.88 52.48
CA TYR S 564 43.89 19.32 53.78
C TYR S 564 44.03 17.78 53.78
N GLN S 565 44.46 17.18 52.65
CA GLN S 565 44.70 15.74 52.52
C GLN S 565 46.03 15.25 51.76
N SER S 566 47.17 16.04 51.61
CA SER S 566 48.55 15.67 51.16
C SER S 566 49.73 15.97 52.17
N LYS S 567 49.91 17.19 52.75
CA LYS S 567 50.90 17.39 53.84
C LYS S 567 50.37 17.26 55.31
N SER S 568 49.10 17.60 55.62
CA SER S 568 48.58 17.58 57.03
C SER S 568 47.98 16.25 57.54
N GLY S 569 46.72 15.98 57.13
CA GLY S 569 45.93 14.86 57.65
C GLY S 569 46.07 13.35 57.68
N VAL S 570 45.91 12.66 56.56
CA VAL S 570 45.97 11.20 56.58
C VAL S 570 45.54 10.60 55.26
N ASN S 571 45.95 9.37 54.98
CA ASN S 571 45.51 8.67 53.78
C ASN S 571 46.08 7.28 53.85
N THR S 572 46.16 6.59 52.71
CA THR S 572 46.76 5.28 52.67
C THR S 572 48.17 5.40 52.16
N ASN S 573 48.91 4.31 52.16
CA ASN S 573 50.28 4.30 51.61
C ASN S 573 51.31 5.00 52.48
N GLU S 574 51.18 6.31 52.71
CA GLU S 574 52.26 6.98 53.43
C GLU S 574 52.53 6.31 54.77
N GLU S 575 51.48 6.01 55.54
CA GLU S 575 51.69 5.32 56.81
C GLU S 575 52.07 3.86 56.58
N LEU S 576 51.53 3.24 55.52
CA LEU S 576 51.85 1.85 55.25
C LEU S 576 53.34 1.67 55.00
N ALA S 577 53.95 2.57 54.22
CA ALA S 577 55.38 2.51 54.03
C ALA S 577 56.11 2.59 55.36
N ALA S 578 55.64 3.47 56.25
CA ALA S 578 56.25 3.58 57.56
C ALA S 578 56.17 2.27 58.32
N LEU S 579 55.00 1.62 58.28
CA LEU S 579 54.82 0.37 59.00
C LEU S 579 55.86 -0.66 58.57
N ILE S 580 56.09 -0.77 57.26
CA ILE S 580 57.00 -1.80 56.77
C ILE S 580 58.43 -1.52 57.22
N GLN S 581 58.82 -0.24 57.31
CA GLN S 581 60.10 0.04 57.93
C GLN S 581 60.11 -0.48 59.36
N TYR S 582 59.02 -0.24 60.09
CA TYR S 582 58.90 -0.83 61.41
C TYR S 582 58.80 -2.34 61.32
N GLN S 583 58.18 -2.86 60.26
CA GLN S 583 58.20 -4.30 60.04
C GLN S 583 59.62 -4.82 60.15
N SER S 584 60.54 -4.16 59.44
CA SER S 584 61.95 -4.49 59.59
C SER S 584 62.44 -4.18 61.00
N SER S 585 62.00 -3.05 61.56
CA SER S 585 62.65 -2.52 62.76
C SER S 585 62.62 -3.52 63.91
N TYR S 586 61.43 -4.00 64.28
CA TYR S 586 61.36 -4.94 65.40
C TYR S 586 61.95 -6.29 65.01
N GLY S 587 61.71 -6.72 63.77
CA GLY S 587 62.23 -8.01 63.35
C GLY S 587 63.73 -8.10 63.56
N ALA S 588 64.45 -7.04 63.18
CA ALA S 588 65.88 -6.99 63.45
C ALA S 588 66.15 -6.80 64.94
N ALA S 589 65.43 -5.87 65.57
CA ALA S 589 65.72 -5.52 66.96
C ALA S 589 65.69 -6.74 67.86
N ALA S 590 64.64 -7.57 67.74
CA ALA S 590 64.46 -8.66 68.68
C ALA S 590 65.60 -9.66 68.62
N LYS S 591 65.91 -10.17 67.42
CA LYS S 591 66.96 -11.17 67.30
C LYS S 591 68.33 -10.58 67.58
N ILE S 592 68.53 -9.29 67.31
CA ILE S 592 69.73 -8.62 67.81
C ILE S 592 69.75 -8.68 69.34
N VAL S 593 68.62 -8.35 69.95
CA VAL S 593 68.54 -8.31 71.41
C VAL S 593 68.83 -9.69 72.00
N SER S 594 68.13 -10.72 71.52
CA SER S 594 68.34 -12.06 72.04
C SER S 594 69.75 -12.54 71.77
N THR S 595 70.28 -12.23 70.57
CA THR S 595 71.66 -12.55 70.28
C THR S 595 72.58 -11.98 71.35
N VAL S 596 72.42 -10.69 71.66
CA VAL S 596 73.23 -10.07 72.70
C VAL S 596 73.09 -10.85 74.01
N ASP S 597 71.85 -11.20 74.38
CA ASP S 597 71.64 -11.96 75.60
C ASP S 597 72.40 -13.28 75.57
N GLN S 598 72.28 -14.02 74.46
CA GLN S 598 73.04 -15.26 74.34
C GLN S 598 74.53 -15.02 74.49
N MET S 599 75.00 -13.86 74.06
CA MET S 599 76.42 -13.57 74.16
C MET S 599 76.82 -13.23 75.58
N LEU S 600 75.89 -12.66 76.34
CA LEU S 600 76.19 -12.36 77.72
C LEU S 600 76.54 -13.70 78.32
N ASP S 601 75.78 -14.71 77.94
CA ASP S 601 75.98 -16.04 78.49
C ASP S 601 77.38 -16.54 78.19
N THR S 602 77.90 -16.24 77.01
CA THR S 602 79.21 -16.74 76.63
C THR S 602 80.27 -16.17 77.56
N LEU S 603 80.22 -14.87 77.79
CA LEU S 603 81.21 -14.24 78.65
C LEU S 603 81.02 -14.69 80.07
N LEU S 604 79.79 -15.02 80.43
CA LEU S 604 79.52 -15.52 81.77
C LEU S 604 80.21 -16.86 81.96
N GLY S 605 80.08 -17.73 80.97
CA GLY S 605 80.71 -19.04 81.05
C GLY S 605 82.21 -18.89 81.01
N LEU S 606 82.69 -17.82 80.38
CA LEU S 606 84.12 -17.54 80.35
C LEU S 606 84.59 -17.18 81.75
N LYS S 607 83.88 -16.29 82.43
CA LYS S 607 84.23 -15.97 83.81
C LYS S 607 84.31 -17.31 84.46
N SER S 608 83.29 -18.13 84.23
CA SER S 608 83.34 -19.51 84.72
C SER S 608 83.60 -19.66 86.19
N MET T 1 89.81 -16.18 109.83
CA MET T 1 88.79 -15.54 110.72
C MET T 1 87.97 -14.52 109.93
N GLY T 2 88.67 -13.63 109.22
CA GLY T 2 87.96 -12.63 108.42
C GLY T 2 87.22 -13.24 107.24
N ILE T 3 87.63 -14.44 106.82
CA ILE T 3 86.97 -15.08 105.70
C ILE T 3 85.50 -15.35 106.02
N PHE T 4 85.23 -15.80 107.25
CA PHE T 4 83.85 -16.03 107.66
C PHE T 4 83.06 -14.72 107.63
N GLY T 5 83.70 -13.62 108.01
CA GLY T 5 83.07 -12.31 107.82
C GLY T 5 82.82 -12.03 106.35
N THR T 6 83.72 -12.49 105.48
CA THR T 6 83.54 -12.27 104.05
C THR T 6 82.31 -13.00 103.54
N LEU T 7 82.09 -14.23 103.98
CA LEU T 7 80.96 -15.00 103.45
C LEU T 7 79.63 -14.47 103.97
N TYR T 8 79.65 -13.60 104.99
CA TYR T 8 78.45 -12.82 105.30
C TYR T 8 77.96 -12.11 104.05
N THR T 9 78.83 -11.31 103.44
CA THR T 9 78.46 -10.54 102.26
C THR T 9 78.07 -11.46 101.11
N GLY T 10 78.91 -12.45 100.81
CA GLY T 10 78.61 -13.35 99.72
C GLY T 10 77.28 -14.07 99.91
N VAL T 11 77.03 -14.54 101.13
CA VAL T 11 75.77 -15.22 101.40
C VAL T 11 74.61 -14.24 101.25
N THR T 12 74.72 -13.08 101.90
CA THR T 12 73.64 -12.10 101.84
C THR T 12 73.42 -11.63 100.40
N GLY T 13 74.50 -11.32 99.69
CA GLY T 13 74.37 -10.94 98.30
C GLY T 13 73.79 -12.05 97.45
N LEU T 14 74.22 -13.28 97.69
CA LEU T 14 73.68 -14.41 96.94
C LEU T 14 72.17 -14.53 97.14
N LYS T 15 71.72 -14.56 98.39
CA LYS T 15 70.29 -14.67 98.64
C LYS T 15 69.57 -13.40 98.17
N ALA T 16 70.25 -12.26 98.23
CA ALA T 16 69.65 -11.02 97.76
C ALA T 16 69.35 -11.08 96.28
N SER T 17 70.30 -11.56 95.48
CA SER T 17 70.02 -11.78 94.07
C SER T 17 68.76 -12.60 93.90
N GLU T 18 68.65 -13.66 94.70
CA GLU T 18 67.48 -14.54 94.66
C GLU T 18 66.22 -13.78 95.08
N VAL T 19 66.36 -12.83 96.01
CA VAL T 19 65.21 -12.05 96.45
C VAL T 19 64.68 -11.18 95.31
N GLN T 20 65.57 -10.41 94.67
CA GLN T 20 65.10 -9.50 93.62
C GLN T 20 64.63 -10.27 92.39
N ILE T 21 65.26 -11.42 92.12
CA ILE T 21 64.69 -12.35 91.15
C ILE T 21 63.20 -12.51 91.44
N ALA T 22 62.87 -12.88 92.68
CA ALA T 22 61.47 -13.01 93.05
C ALA T 22 60.73 -11.69 92.96
N THR T 23 61.35 -10.60 93.43
CA THR T 23 60.70 -9.30 93.33
C THR T 23 60.40 -8.97 91.88
N THR T 24 61.34 -9.27 90.99
CA THR T 24 61.08 -9.09 89.57
C THR T 24 59.89 -9.94 89.13
N GLY T 25 59.86 -11.20 89.55
CA GLY T 25 58.76 -12.07 89.17
C GLY T 25 57.43 -11.64 89.75
N ASN T 26 57.41 -11.29 91.04
CA ASN T 26 56.15 -10.89 91.66
C ASN T 26 55.53 -9.72 90.91
N ASN T 27 56.34 -8.75 90.52
CA ASN T 27 55.83 -7.64 89.71
C ASN T 27 55.06 -8.18 88.52
N ILE T 28 55.63 -9.16 87.82
CA ILE T 28 54.93 -9.80 86.72
C ILE T 28 53.69 -10.52 87.23
N SER T 29 53.85 -11.30 88.31
CA SER T 29 52.70 -11.96 88.92
C SER T 29 51.60 -10.95 89.19
N ASN T 30 51.98 -9.78 89.70
CA ASN T 30 51.01 -8.71 89.90
C ASN T 30 50.60 -8.07 88.58
N ALA T 31 51.57 -7.88 87.68
CA ALA T 31 51.24 -7.29 86.38
C ALA T 31 50.22 -8.14 85.63
N ASN T 32 50.30 -9.45 85.76
CA ASN T 32 49.39 -10.36 85.09
C ASN T 32 48.04 -10.45 85.79
N ALA T 33 47.83 -9.69 86.85
CA ALA T 33 46.56 -9.71 87.55
C ALA T 33 45.45 -9.18 86.66
N THR T 34 44.21 -9.34 87.14
CA THR T 34 43.08 -8.64 86.55
C THR T 34 43.27 -7.13 86.60
N PHE T 35 44.24 -6.66 87.39
CA PHE T 35 44.25 -5.30 87.90
C PHE T 35 45.71 -4.94 88.17
N TYR T 36 45.97 -4.13 89.20
CA TYR T 36 47.35 -3.85 89.64
C TYR T 36 48.17 -2.90 88.81
N THR T 37 47.95 -1.60 89.00
CA THR T 37 48.98 -0.61 88.76
C THR T 37 50.33 -1.17 89.20
N ARG T 38 51.36 -0.94 88.40
CA ARG T 38 52.65 -1.55 88.66
C ARG T 38 53.48 -0.74 89.64
N GLN T 39 54.36 -1.43 90.36
CA GLN T 39 55.11 -0.85 91.46
C GLN T 39 56.59 -0.73 91.12
N ARG T 40 57.22 0.32 91.65
CA ARG T 40 58.61 0.64 91.37
C ARG T 40 59.50 -0.04 92.40
N VAL T 41 60.43 -0.88 91.90
CA VAL T 41 61.21 -1.79 92.73
C VAL T 41 62.33 -1.00 93.40
N VAL T 42 62.85 -1.54 94.51
CA VAL T 42 63.68 -0.78 95.43
C VAL T 42 64.91 -1.57 95.85
N GLN T 43 66.03 -0.86 95.98
CA GLN T 43 67.24 -1.33 96.64
C GLN T 43 67.92 -0.11 97.23
N THR T 44 68.78 -0.32 98.24
CA THR T 44 69.41 0.81 98.90
C THR T 44 70.81 0.45 99.35
N THR T 45 71.60 1.49 99.66
CA THR T 45 72.99 1.35 100.04
C THR T 45 73.11 1.25 101.56
N ASN T 46 74.06 0.45 102.03
CA ASN T 46 74.29 0.29 103.46
C ASN T 46 74.94 1.54 104.04
N GLY T 47 75.40 2.44 103.17
CA GLY T 47 76.06 3.66 103.63
C GLY T 47 77.53 3.45 103.87
N TYR T 48 78.08 4.11 104.87
CA TYR T 48 79.47 3.92 105.28
C TYR T 48 79.51 2.83 106.33
N ILE T 49 80.17 1.72 106.01
CA ILE T 49 80.28 0.58 106.91
C ILE T 49 81.75 0.28 107.12
N THR T 50 82.16 0.10 108.38
CA THR T 50 83.58 0.06 108.72
C THR T 50 83.85 -1.01 109.76
N THR T 51 85.07 -1.54 109.72
CA THR T 51 85.64 -2.26 110.84
C THR T 51 87.15 -2.19 110.71
N GLY T 52 87.82 -2.14 111.86
CA GLY T 52 89.26 -1.96 111.85
C GLY T 52 89.71 -0.66 111.22
N GLY T 53 88.87 0.36 111.27
CA GLY T 53 89.21 1.63 110.64
C GLY T 53 89.14 1.62 109.14
N VAL T 54 88.61 0.55 108.54
CA VAL T 54 88.52 0.41 107.10
C VAL T 54 87.14 -0.10 106.72
N GLN T 55 86.68 0.32 105.56
CA GLN T 55 85.31 0.06 105.11
C GLN T 55 85.17 -1.39 104.64
N VAL T 56 83.94 -1.88 104.64
CA VAL T 56 83.62 -3.25 104.25
C VAL T 56 82.59 -3.21 103.13
N GLY T 57 82.77 -4.05 102.11
CA GLY T 57 81.89 -4.07 100.96
C GLY T 57 80.62 -4.85 101.17
N THR T 58 79.68 -4.26 101.92
CA THR T 58 78.46 -4.97 102.30
C THR T 58 77.66 -5.47 101.10
N GLY T 59 77.77 -4.81 99.95
CA GLY T 59 77.06 -5.24 98.77
C GLY T 59 75.72 -4.55 98.57
N THR T 60 74.78 -4.71 99.51
CA THR T 60 73.46 -4.15 99.30
C THR T 60 72.72 -4.00 100.62
N ALA T 61 71.87 -2.97 100.66
CA ALA T 61 70.74 -2.88 101.58
C ALA T 61 69.48 -2.74 100.75
N VAL T 62 68.32 -3.01 101.35
CA VAL T 62 67.08 -3.06 100.60
C VAL T 62 65.96 -2.37 101.38
N GLU T 63 64.95 -1.92 100.63
CA GLU T 63 63.77 -1.27 101.19
C GLU T 63 62.56 -1.72 100.36
N SER T 64 61.38 -1.64 100.98
CA SER T 64 60.16 -2.18 100.37
C SER T 64 59.78 -1.41 99.11
N ILE T 65 58.89 -2.02 98.34
CA ILE T 65 58.53 -1.58 97.01
C ILE T 65 57.22 -0.80 97.06
N VAL T 66 57.04 0.10 96.11
CA VAL T 66 55.93 1.05 96.13
C VAL T 66 55.35 1.16 94.73
N ARG T 67 54.15 1.74 94.65
CA ARG T 67 53.33 1.72 93.45
C ARG T 67 53.61 2.94 92.58
N LEU T 68 53.86 2.70 91.29
CA LEU T 68 54.21 3.78 90.36
C LEU T 68 52.92 4.51 90.01
N HIS T 69 52.64 5.57 90.76
CA HIS T 69 51.36 6.26 90.68
C HIS T 69 51.55 7.78 90.65
N ASP T 70 50.62 8.46 90.00
CA ASP T 70 50.47 9.91 90.09
C ASP T 70 49.04 10.20 90.48
N GLU T 71 48.84 10.67 91.72
CA GLU T 71 47.49 10.87 92.18
C GLU T 71 46.74 11.86 91.30
N TYR T 72 47.45 12.83 90.71
CA TYR T 72 46.85 13.61 89.64
C TYR T 72 46.28 12.70 88.57
N SER T 73 47.07 11.72 88.13
CA SER T 73 46.57 10.80 87.11
C SER T 73 45.27 10.16 87.54
N TYR T 74 45.08 9.98 88.85
CA TYR T 74 43.86 9.33 89.30
C TYR T 74 42.69 10.31 89.37
N TYR T 75 42.83 11.43 90.10
CA TYR T 75 41.68 12.33 90.12
C TYR T 75 41.47 13.00 88.77
N LYS T 76 42.50 13.02 87.92
CA LYS T 76 42.24 13.31 86.51
C LYS T 76 41.42 12.18 85.88
N LEU T 77 41.70 10.94 86.27
CA LEU T 77 40.89 9.82 85.80
C LEU T 77 39.48 9.90 86.37
N LYS T 78 39.34 10.35 87.61
CA LYS T 78 38.02 10.44 88.24
C LYS T 78 37.09 11.34 87.44
N GLY T 79 37.59 12.51 87.04
CA GLY T 79 36.71 13.48 86.39
C GLY T 79 36.11 12.93 85.10
N ALA T 80 36.97 12.48 84.19
CA ALA T 80 36.49 11.88 82.96
C ALA T 80 35.52 10.75 83.25
N SER T 81 35.77 10.00 84.32
CA SER T 81 34.88 8.92 84.70
C SER T 81 33.47 9.43 84.94
N ASN T 82 33.33 10.48 85.76
CA ASN T 82 32.00 11.00 86.06
C ASN T 82 31.28 11.41 84.79
N GLN T 83 31.99 12.14 83.91
CA GLN T 83 31.35 12.67 82.72
C GLN T 83 30.79 11.54 81.86
N LEU T 84 31.62 10.54 81.57
CA LEU T 84 31.24 9.53 80.60
C LEU T 84 30.01 8.76 81.05
N GLU T 85 29.74 8.73 82.35
CA GLU T 85 28.53 8.08 82.84
C GLU T 85 27.28 8.73 82.28
N TYR T 86 27.16 10.05 82.45
CA TYR T 86 25.94 10.72 82.04
C TYR T 86 25.65 10.48 80.56
N THR T 87 26.65 10.72 79.71
CA THR T 87 26.46 10.53 78.28
C THR T 87 26.14 9.07 77.95
N LYS T 88 26.88 8.13 78.53
CA LYS T 88 26.61 6.71 78.28
C LYS T 88 25.17 6.39 78.63
N TYR T 89 24.73 6.77 79.83
CA TYR T 89 23.39 6.48 80.27
C TYR T 89 22.36 7.23 79.43
N MET T 90 22.62 8.50 79.14
CA MET T 90 21.75 9.23 78.24
C MET T 90 21.78 8.65 76.85
N ALA T 91 22.94 8.16 76.40
CA ALA T 91 23.03 7.58 75.06
C ALA T 91 22.03 6.45 74.89
N SER T 92 22.11 5.44 75.76
CA SER T 92 21.11 4.38 75.74
C SER T 92 19.72 4.95 75.96
N THR T 93 19.59 5.89 76.90
CA THR T 93 18.28 6.43 77.24
C THR T 93 17.66 7.15 76.05
N LEU T 94 18.40 8.09 75.45
CA LEU T 94 17.81 8.90 74.39
C LEU T 94 17.52 8.08 73.14
N GLN T 95 18.44 7.20 72.75
CA GLN T 95 18.16 6.33 71.62
C GLN T 95 16.99 5.41 71.91
N GLU T 96 16.92 4.88 73.13
CA GLU T 96 15.71 4.20 73.55
C GLU T 96 14.50 5.08 73.36
N ILE T 97 14.61 6.35 73.73
CA ILE T 97 13.51 7.29 73.49
C ILE T 97 13.32 7.50 71.99
N ALA T 98 14.42 7.56 71.24
CA ALA T 98 14.30 7.70 69.80
C ALA T 98 13.49 6.56 69.19
N GLN T 99 13.43 5.42 69.88
CA GLN T 99 12.71 4.27 69.36
C GLN T 99 11.22 4.34 69.62
N ARG T 100 10.74 5.32 70.38
CA ARG T 100 9.31 5.43 70.64
C ARG T 100 8.54 5.41 69.32
N PHE T 101 8.95 6.29 68.40
CA PHE T 101 8.64 6.13 66.98
C PHE T 101 9.97 6.22 66.24
N PRO T 102 10.34 5.20 65.46
CA PRO T 102 11.33 5.46 64.42
C PRO T 102 10.66 6.34 63.39
N ASP T 103 10.49 7.61 63.76
CA ASP T 103 9.51 8.45 63.09
C ASP T 103 9.71 8.42 61.60
N LEU T 104 8.70 7.93 60.90
CA LEU T 104 8.72 7.72 59.47
C LEU T 104 7.31 7.95 58.97
N GLN T 105 7.19 8.22 57.67
CA GLN T 105 5.88 8.36 57.08
C GLN T 105 5.07 7.10 57.38
N ASN T 106 3.84 7.30 57.83
CA ASN T 106 2.88 6.25 58.19
C ASN T 106 3.18 5.66 59.56
N THR T 107 4.05 6.28 60.37
CA THR T 107 4.23 5.80 61.73
C THR T 107 2.94 6.05 62.49
N GLY T 108 1.86 5.41 62.03
CA GLY T 108 0.56 5.56 62.67
C GLY T 108 -0.07 6.90 62.84
N ILE T 109 0.30 7.66 63.85
CA ILE T 109 -0.38 8.89 64.24
C ILE T 109 -0.47 9.87 63.09
N LEU T 110 0.62 10.06 62.34
CA LEU T 110 0.60 11.00 61.24
C LEU T 110 -0.43 10.59 60.20
N GLN T 111 -0.35 9.34 59.74
CA GLN T 111 -1.30 8.85 58.75
C GLN T 111 -2.69 8.67 59.35
N ASP T 112 -2.75 8.39 60.65
CA ASP T 112 -4.05 8.15 61.28
C ASP T 112 -4.94 9.39 61.15
N LEU T 113 -4.38 10.57 61.37
CA LEU T 113 -5.14 11.79 61.13
C LEU T 113 -5.58 11.87 59.68
N GLU T 114 -4.69 11.52 58.76
CA GLU T 114 -5.09 11.46 57.36
C GLU T 114 -6.13 10.38 57.14
N ASN T 115 -5.90 9.18 57.67
CA ASN T 115 -6.94 8.15 57.66
C ASN T 115 -8.23 8.72 58.23
N TYR T 116 -8.12 9.44 59.34
CA TYR T 116 -9.28 10.09 59.92
C TYR T 116 -9.92 11.04 58.92
N ASN T 117 -9.10 11.75 58.15
CA ASN T 117 -9.64 12.73 57.21
C ASN T 117 -9.94 12.11 55.86
N LYS T 118 -9.22 11.04 55.49
CA LYS T 118 -9.56 10.32 54.28
C LYS T 118 -11.04 9.91 54.30
N ALA T 119 -11.51 9.45 55.46
CA ALA T 119 -12.92 9.10 55.58
C ALA T 119 -13.82 10.32 55.42
N TRP T 120 -13.44 11.46 56.02
CA TRP T 120 -14.27 12.65 55.88
C TRP T 120 -14.42 13.05 54.43
N ASN T 121 -13.41 12.80 53.59
CA ASN T 121 -13.56 13.03 52.17
C ASN T 121 -14.67 12.18 51.59
N ASP T 122 -14.63 10.86 51.86
CA ASP T 122 -15.70 9.99 51.38
C ASP T 122 -17.01 10.26 52.11
N PHE T 123 -16.97 10.37 53.44
CA PHE T 123 -18.19 10.65 54.17
C PHE T 123 -18.77 12.00 53.78
N ALA T 124 -17.91 12.99 53.52
CA ALA T 124 -18.39 14.20 52.87
C ALA T 124 -18.93 13.89 51.49
N SER T 125 -18.25 13.01 50.74
CA SER T 125 -18.78 12.58 49.45
C SER T 125 -20.08 11.81 49.61
N ASN T 126 -20.18 10.97 50.64
CA ASN T 126 -21.39 10.19 50.90
C ASN T 126 -21.76 10.37 52.37
N PRO T 127 -22.60 11.36 52.68
CA PRO T 127 -22.91 11.65 54.08
C PRO T 127 -23.74 10.58 54.76
N ASN T 128 -24.23 9.59 54.03
CA ASN T 128 -25.10 8.56 54.59
C ASN T 128 -24.42 7.20 54.71
N GLU T 129 -23.18 7.06 54.23
CA GLU T 129 -22.50 5.78 54.29
C GLU T 129 -22.00 5.52 55.71
N ASN T 130 -22.77 4.74 56.48
CA ASN T 130 -22.36 4.42 57.84
C ASN T 130 -21.04 3.64 57.86
N ALA T 131 -20.75 2.92 56.79
CA ALA T 131 -19.51 2.14 56.76
C ALA T 131 -18.30 3.02 57.03
N THR T 132 -18.27 4.22 56.44
CA THR T 132 -17.20 5.15 56.75
C THR T 132 -17.16 5.46 58.24
N LYS T 133 -18.33 5.80 58.81
CA LYS T 133 -18.39 6.04 60.25
C LYS T 133 -17.84 4.85 61.02
N ILE T 134 -18.26 3.64 60.63
CA ILE T 134 -17.86 2.45 61.37
C ILE T 134 -16.35 2.28 61.32
N ALA T 135 -15.77 2.33 60.12
CA ALA T 135 -14.32 2.21 59.99
C ALA T 135 -13.63 3.44 60.58
N LEU T 136 -14.12 4.63 60.26
CA LEU T 136 -13.55 5.86 60.82
C LEU T 136 -13.57 5.84 62.34
N VAL T 137 -14.72 5.50 62.94
CA VAL T 137 -14.79 5.50 64.40
C VAL T 137 -13.73 4.58 64.97
N LYS T 138 -13.60 3.39 64.39
CA LYS T 138 -12.60 2.44 64.86
C LYS T 138 -11.19 2.99 64.66
N ALA T 139 -10.88 3.49 63.46
CA ALA T 139 -9.55 3.98 63.19
C ALA T 139 -9.18 5.10 64.16
N SER T 140 -10.06 6.07 64.33
CA SER T 140 -9.83 7.11 65.34
C SER T 140 -9.69 6.50 66.71
N GLN T 141 -10.54 5.53 67.05
CA GLN T 141 -10.43 4.84 68.32
C GLN T 141 -9.06 4.19 68.46
N THR T 142 -8.58 3.56 67.39
CA THR T 142 -7.21 3.06 67.40
C THR T 142 -6.23 4.20 67.59
N LEU T 143 -6.45 5.34 66.95
CA LEU T 143 -5.57 6.48 67.14
C LEU T 143 -5.56 6.90 68.59
N THR T 144 -6.73 6.93 69.24
CA THR T 144 -6.76 7.23 70.67
C THR T 144 -5.97 6.21 71.46
N GLU T 145 -6.10 4.92 71.10
CA GLU T 145 -5.30 3.90 71.76
C GLU T 145 -3.82 4.23 71.65
N SER T 146 -3.36 4.57 70.45
CA SER T 146 -1.96 4.93 70.26
C SER T 146 -1.55 6.00 71.27
N VAL T 147 -2.39 7.02 71.45
CA VAL T 147 -2.13 8.02 72.48
C VAL T 147 -2.08 7.34 73.84
N ASN T 148 -3.05 6.49 74.11
CA ASN T 148 -3.03 5.71 75.35
C ASN T 148 -1.76 4.88 75.43
N ASN T 149 -1.40 4.23 74.33
CA ASN T 149 -0.20 3.40 74.31
C ASN T 149 1.06 4.23 74.46
N THR T 150 1.14 5.34 73.71
CA THR T 150 2.33 6.17 73.77
C THR T 150 2.55 6.69 75.19
N PHE T 151 1.48 7.16 75.83
CA PHE T 151 1.62 7.58 77.22
C PHE T 151 2.13 6.43 78.08
N ALA T 152 1.46 5.28 78.00
CA ALA T 152 1.88 4.13 78.79
C ALA T 152 3.33 3.78 78.49
N THR T 153 3.73 3.85 77.22
CA THR T 153 5.12 3.65 76.87
C THR T 153 6.01 4.61 77.65
N LEU T 154 5.79 5.91 77.47
CA LEU T 154 6.61 6.91 78.15
C LEU T 154 6.41 6.85 79.66
N ASP T 155 5.16 6.81 80.10
CA ASP T 155 4.88 6.69 81.53
C ASP T 155 5.67 5.56 82.14
N LYS T 156 5.61 4.39 81.51
CA LYS T 156 6.30 3.22 82.04
C LYS T 156 7.81 3.43 82.02
N ILE T 157 8.34 4.04 80.97
CA ILE T 157 9.77 4.36 80.94
C ILE T 157 10.12 5.27 82.11
N GLN T 158 9.36 6.35 82.29
CA GLN T 158 9.59 7.23 83.42
C GLN T 158 9.48 6.46 84.72
N LYS T 159 8.53 5.53 84.80
CA LYS T 159 8.38 4.70 85.99
C LYS T 159 9.68 3.96 86.28
N LYS T 160 10.13 3.12 85.35
CA LYS T 160 11.38 2.41 85.57
C LYS T 160 12.51 3.38 85.89
N VAL T 161 12.52 4.55 85.24
CA VAL T 161 13.49 5.57 85.59
C VAL T 161 13.37 5.92 87.06
N ASN T 162 12.16 6.21 87.51
CA ASN T 162 11.94 6.39 88.93
C ASN T 162 12.43 5.18 89.71
N ASP T 163 12.07 3.99 89.26
CA ASP T 163 12.51 2.78 89.93
C ASP T 163 14.03 2.71 89.99
N ASP T 164 14.70 3.21 88.94
CA ASP T 164 16.15 3.14 88.91
C ASP T 164 16.77 3.81 90.13
N ILE T 165 16.13 4.87 90.65
CA ILE T 165 16.64 5.47 91.87
C ILE T 165 16.67 4.44 93.00
N LYS T 166 15.54 3.76 93.22
CA LYS T 166 15.53 2.72 94.23
C LYS T 166 16.48 1.61 93.86
N ASN T 167 16.41 1.14 92.61
CA ASN T 167 17.37 0.15 92.13
C ASN T 167 18.78 0.66 92.31
N THR T 168 19.03 1.87 91.82
CA THR T 168 20.32 2.50 91.98
C THR T 168 20.70 2.59 93.45
N VAL T 169 19.91 3.36 94.21
CA VAL T 169 20.17 3.50 95.65
C VAL T 169 20.61 2.17 96.23
N ASP T 170 19.80 1.13 96.03
CA ASP T 170 20.13 -0.17 96.58
C ASP T 170 21.50 -0.65 96.11
N GLU T 171 21.72 -0.61 94.79
CA GLU T 171 22.96 -1.15 94.24
C GLU T 171 24.17 -0.44 94.83
N ILE T 172 24.04 0.85 95.11
CA ILE T 172 25.20 1.61 95.54
C ILE T 172 25.36 1.64 97.05
N ASN T 173 24.26 1.52 97.80
CA ASN T 173 24.41 1.49 99.26
C ASN T 173 25.28 0.33 99.69
N LYS T 174 25.01 -0.87 99.16
CA LYS T 174 25.89 -2.00 99.40
C LYS T 174 27.31 -1.67 98.94
N ILE T 175 27.42 -1.03 97.78
CA ILE T 175 28.72 -0.52 97.36
C ILE T 175 29.22 0.49 98.38
N GLY T 176 28.31 1.29 98.93
CA GLY T 176 28.71 2.26 99.94
C GLY T 176 29.32 1.59 101.15
N GLU T 177 28.67 0.54 101.67
CA GLU T 177 29.22 -0.15 102.83
C GLU T 177 30.39 -1.05 102.43
N GLU T 178 30.32 -1.65 101.24
CA GLU T 178 31.41 -2.50 100.79
C GLU T 178 32.72 -1.71 100.73
N ILE T 179 32.68 -0.50 100.17
CA ILE T 179 33.89 0.31 100.08
C ILE T 179 34.42 0.64 101.47
N ALA T 180 33.55 1.15 102.33
CA ALA T 180 33.98 1.50 103.69
C ALA T 180 34.46 0.26 104.42
N THR T 181 33.84 -0.89 104.16
CA THR T 181 34.30 -2.13 104.76
C THR T 181 35.72 -2.48 104.34
N ILE T 182 36.05 -2.21 103.07
CA ILE T 182 37.37 -2.54 102.56
C ILE T 182 38.44 -1.86 103.41
N ASN T 183 38.20 -0.61 103.78
CA ASN T 183 39.18 0.11 104.58
C ASN T 183 39.47 -0.61 105.88
N LYS T 184 38.42 -1.08 106.57
CA LYS T 184 38.61 -1.88 107.77
C LYS T 184 39.77 -2.85 107.61
N GLN T 185 39.75 -3.60 106.50
CA GLN T 185 40.77 -4.64 106.31
C GLN T 185 42.16 -4.06 106.26
N ILE T 186 42.30 -2.80 105.84
CA ILE T 186 43.61 -2.19 105.72
C ILE T 186 44.29 -2.06 107.07
N TYR T 187 43.51 -2.08 108.15
CA TYR T 187 43.93 -1.49 109.40
C TYR T 187 44.18 -2.55 110.47
N GLY T 188 44.49 -2.08 111.67
CA GLY T 188 44.70 -2.95 112.80
C GLY T 188 45.10 -2.14 114.01
N GLN T 189 45.16 -2.84 115.15
CA GLN T 189 45.63 -2.23 116.38
C GLN T 189 47.13 -1.94 116.35
N GLU T 190 47.80 -2.18 115.23
CA GLU T 190 49.23 -1.94 115.08
C GLU T 190 49.53 -1.65 113.61
N ALA T 191 50.78 -1.25 113.34
CA ALA T 191 51.18 -0.81 111.99
C ALA T 191 51.53 -2.01 111.11
N LEU T 192 51.69 -1.79 109.80
CA LEU T 192 51.87 -2.93 108.88
C LEU T 192 52.97 -2.72 107.82
N PRO T 193 53.19 -3.69 106.89
CA PRO T 193 54.26 -3.57 105.88
C PRO T 193 53.83 -3.02 104.51
N THR T 194 54.62 -2.17 103.88
CA THR T 194 54.24 -1.46 102.64
C THR T 194 53.83 -2.12 101.32
N GLU T 195 54.19 -3.36 101.06
CA GLU T 195 53.96 -3.96 99.72
C GLU T 195 52.59 -4.08 99.01
N HIS T 196 51.54 -4.61 99.65
CA HIS T 196 50.27 -4.89 98.91
C HIS T 196 49.01 -4.03 99.05
N ALA T 197 48.65 -3.52 100.22
CA ALA T 197 47.42 -2.74 100.26
C ALA T 197 47.54 -1.70 99.18
N ASN T 198 48.75 -1.37 98.75
CA ASN T 198 48.88 -0.51 97.58
C ASN T 198 47.92 -0.96 96.49
N GLU T 199 47.93 -2.26 96.19
CA GLU T 199 47.00 -2.79 95.20
C GLU T 199 45.58 -2.90 95.75
N LEU T 200 45.44 -3.22 97.03
CA LEU T 200 44.12 -3.25 97.65
C LEU T 200 43.37 -1.96 97.38
N ARG T 201 44.05 -0.82 97.55
CA ARG T 201 43.41 0.47 97.32
C ARG T 201 42.85 0.53 95.91
N ASP T 202 43.66 0.17 94.92
CA ASP T 202 43.37 0.54 93.54
C ASP T 202 41.99 0.04 93.10
N ARG T 203 41.69 -1.23 93.33
CA ARG T 203 40.36 -1.72 92.99
C ARG T 203 39.32 -1.07 93.88
N ARG T 204 39.65 -0.88 95.15
CA ARG T 204 38.84 -0.02 95.99
C ARG T 204 38.89 1.42 95.50
N ASP T 205 39.99 1.81 94.83
CA ASP T 205 40.06 3.17 94.31
C ASP T 205 39.11 3.35 93.13
N GLU T 206 39.11 2.43 92.17
CA GLU T 206 38.17 2.57 91.06
C GLU T 206 36.74 2.59 91.57
N LEU T 207 36.50 2.03 92.76
CA LEU T 207 35.19 2.21 93.37
C LEU T 207 34.94 3.67 93.73
N GLU T 208 35.96 4.36 94.24
CA GLU T 208 35.83 5.81 94.39
C GLU T 208 35.60 6.46 93.04
N LEU T 209 36.23 5.92 91.99
CA LEU T 209 35.92 6.36 90.63
C LEU T 209 34.48 6.07 90.27
N THR T 210 33.93 4.94 90.72
CA THR T 210 32.51 4.67 90.53
C THR T 210 31.67 5.78 91.13
N LEU T 211 32.08 6.32 92.28
CA LEU T 211 31.40 7.50 92.79
C LEU T 211 31.53 8.66 91.84
N SER T 212 32.72 8.86 91.26
CA SER T 212 32.84 9.82 90.18
C SER T 212 31.87 9.47 89.06
N LYS T 213 31.95 8.23 88.57
CA LYS T 213 30.97 7.75 87.60
C LYS T 213 29.58 8.24 87.98
N LEU T 214 29.14 7.88 89.19
CA LEU T 214 27.83 8.28 89.67
C LEU T 214 27.76 9.79 89.87
N VAL T 215 28.83 10.38 90.39
CA VAL T 215 28.81 11.73 90.94
C VAL T 215 30.26 12.09 91.24
N SER T 216 30.61 12.28 92.52
CA SER T 216 32.01 12.35 92.93
C SER T 216 32.07 12.38 94.45
N ALA T 217 33.25 12.07 94.96
CA ALA T 217 33.53 12.17 96.39
C ALA T 217 35.04 12.15 96.59
N VAL T 218 35.48 12.70 97.72
CA VAL T 218 36.91 12.95 97.94
C VAL T 218 37.23 12.66 99.39
N ALA T 219 38.50 12.32 99.66
CA ALA T 219 38.97 12.09 101.02
C ALA T 219 40.40 12.57 101.13
N SER T 220 40.83 12.81 102.37
CA SER T 220 42.09 13.49 102.65
C SER T 220 43.26 12.51 102.65
N LYS T 221 44.41 12.99 102.19
CA LYS T 221 45.66 12.24 102.22
C LYS T 221 46.74 13.14 102.80
N ASN T 222 47.52 12.59 103.73
CA ASN T 222 48.43 13.42 104.52
C ASN T 222 49.50 12.52 105.13
N GLU T 223 50.22 13.06 106.12
CA GLU T 223 51.44 12.42 106.60
C GLU T 223 51.18 11.55 107.84
N ILE T 224 51.73 10.33 107.82
CA ILE T 224 51.72 9.45 108.99
C ILE T 224 52.99 8.61 108.98
N ASN T 225 53.25 7.89 110.08
CA ASN T 225 54.35 6.92 110.16
C ASN T 225 53.78 5.54 110.42
N GLN T 226 54.50 4.51 109.98
CA GLN T 226 54.05 3.13 110.11
C GLN T 226 55.20 2.21 110.53
N ASP T 227 55.95 2.62 111.56
CA ASP T 227 57.03 1.80 112.09
C ASP T 227 56.95 1.80 113.61
N ASN T 228 57.31 0.67 114.23
CA ASN T 228 56.94 0.45 115.62
C ASN T 228 57.99 0.81 116.67
N ARG T 229 59.04 0.00 116.77
CA ARG T 229 60.10 0.12 117.77
C ARG T 229 59.58 -0.07 119.20
N LEU T 230 58.26 -0.04 119.42
CA LEU T 230 57.67 -0.45 120.68
C LEU T 230 56.32 -1.12 120.52
N ASP T 231 55.84 -1.30 119.29
CA ASP T 231 54.59 -1.99 119.01
C ASP T 231 53.36 -1.26 119.55
N THR T 232 53.56 -0.08 120.13
CA THR T 232 52.42 0.74 120.56
C THR T 232 51.95 1.59 119.38
N THR T 233 51.17 1.00 118.47
CA THR T 233 50.96 1.58 117.16
C THR T 233 49.54 1.30 116.69
N ILE T 234 49.22 1.78 115.49
CA ILE T 234 47.91 1.56 114.86
C ILE T 234 48.11 1.62 113.35
N THR T 235 47.17 1.02 112.61
CA THR T 235 46.99 1.27 111.19
C THR T 235 45.63 1.94 111.01
N ASP T 236 45.58 3.03 110.23
CA ASP T 236 44.48 3.99 110.36
C ASP T 236 43.93 4.58 109.06
N PRO T 237 42.58 4.71 108.93
CA PRO T 237 41.99 5.35 107.72
C PRO T 237 42.05 6.87 107.64
N GLY T 238 41.67 7.53 108.72
CA GLY T 238 41.16 8.90 108.60
C GLY T 238 42.09 9.83 107.86
N HIS T 239 43.28 10.06 108.41
CA HIS T 239 44.26 10.94 107.80
C HIS T 239 44.35 10.68 106.30
N GLN T 240 44.23 9.42 105.89
CA GLN T 240 44.28 9.07 104.47
C GLN T 240 42.90 8.86 103.86
N TYR T 241 41.86 8.71 104.67
CA TYR T 241 40.52 8.59 104.09
C TYR T 241 39.48 9.08 105.09
N ASN T 242 38.90 10.24 104.81
CA ASN T 242 37.59 10.59 105.35
C ASN T 242 36.93 11.49 104.32
N LEU T 243 35.66 11.22 104.02
CA LEU T 243 35.09 11.55 102.72
C LEU T 243 33.89 12.48 102.84
N SER T 244 33.67 13.23 101.76
CA SER T 244 32.63 14.24 101.66
C SER T 244 31.83 14.03 100.39
N ILE T 245 30.57 14.46 100.38
CA ILE T 245 29.69 14.20 99.25
C ILE T 245 28.66 15.32 99.11
N GLU T 246 28.57 15.88 97.90
CA GLU T 246 27.39 16.63 97.45
C GLU T 246 26.93 17.69 98.45
N GLY T 247 27.88 18.40 99.06
CA GLY T 247 27.55 19.43 100.01
C GLY T 247 27.50 18.98 101.45
N PHE T 248 27.13 17.73 101.71
CA PHE T 248 27.33 17.13 103.03
C PHE T 248 28.77 16.66 103.11
N SER T 249 29.35 16.77 104.30
CA SER T 249 30.68 16.16 104.50
C SER T 249 30.70 15.54 105.89
N ILE T 250 30.18 14.31 105.98
CA ILE T 250 30.54 13.35 107.02
C ILE T 250 30.41 11.98 106.37
N VAL T 251 31.53 11.30 106.17
CA VAL T 251 31.52 9.93 105.67
C VAL T 251 32.59 9.15 106.41
N ASP T 252 32.25 7.93 106.81
CA ASP T 252 33.02 7.19 107.80
C ASP T 252 34.22 6.50 107.14
N GLY T 253 35.29 6.40 107.90
CA GLY T 253 36.49 5.74 107.46
C GLY T 253 36.26 4.29 107.10
N ILE T 254 35.29 3.64 107.75
CA ILE T 254 35.18 2.20 107.70
C ILE T 254 33.76 1.70 107.46
N ASN T 255 32.75 2.55 107.58
CA ASN T 255 31.37 2.06 107.57
C ASN T 255 30.47 2.93 106.70
N PHE T 256 29.32 2.33 106.36
CA PHE T 256 28.16 3.01 105.82
C PHE T 256 27.34 3.60 106.96
N HIS T 257 26.42 4.50 106.63
CA HIS T 257 25.73 5.28 107.64
C HIS T 257 24.27 5.52 107.23
N PRO T 258 23.41 5.85 108.20
CA PRO T 258 21.95 5.58 108.11
C PRO T 258 21.20 6.50 107.14
N LEU T 259 21.34 6.21 105.85
CA LEU T 259 20.63 6.91 104.80
C LEU T 259 19.58 5.98 104.21
N LYS T 260 18.42 6.53 103.85
CA LYS T 260 17.30 5.66 103.48
C LYS T 260 16.30 6.37 102.57
N LEU T 261 15.52 5.54 101.87
CA LEU T 261 14.40 5.95 101.02
C LEU T 261 13.26 4.96 101.23
N ASP T 262 12.04 5.46 101.43
CA ASP T 262 10.89 4.58 101.52
C ASP T 262 9.63 5.34 101.13
N TYR T 263 8.71 4.62 100.51
CA TYR T 263 7.54 5.21 99.90
C TYR T 263 6.27 5.04 100.74
N ASP T 264 6.22 5.72 101.89
CA ASP T 264 5.00 5.73 102.71
C ASP T 264 4.27 4.39 102.87
N ASP T 265 3.01 4.47 103.34
CA ASP T 265 2.21 3.25 103.53
C ASP T 265 0.75 3.43 103.09
N LYS T 266 0.26 4.67 103.04
CA LYS T 266 -1.10 4.92 102.60
C LYS T 266 -1.10 5.37 101.16
N ASN T 267 -0.68 6.61 100.92
CA ASN T 267 -0.56 7.08 99.55
C ASN T 267 0.53 6.23 98.96
N LYS T 268 1.50 5.87 99.77
CA LYS T 268 2.57 4.97 99.33
C LYS T 268 3.47 5.47 98.21
N SER T 269 3.97 6.70 98.31
CA SER T 269 4.97 7.18 97.35
C SER T 269 6.26 7.53 98.06
N TYR T 270 7.34 7.69 97.27
CA TYR T 270 8.71 7.77 97.79
C TYR T 270 8.85 8.75 98.94
N SER T 271 9.95 8.62 99.69
CA SER T 271 10.39 9.60 100.68
C SER T 271 11.74 9.20 101.26
N ILE T 272 12.56 10.20 101.60
CA ILE T 272 14.00 10.04 101.87
C ILE T 272 14.34 10.74 103.18
N TYR T 273 15.31 10.19 103.93
CA TYR T 273 15.58 10.66 105.29
C TYR T 273 17.04 10.47 105.68
N TYR T 274 17.44 11.18 106.75
CA TYR T 274 18.72 10.99 107.43
C TYR T 274 18.60 11.46 108.87
N GLU T 275 19.50 10.99 109.72
CA GLU T 275 19.53 11.35 111.14
C GLU T 275 20.99 11.36 111.62
N THR T 276 21.24 12.12 112.69
CA THR T 276 22.62 12.39 113.12
C THR T 276 22.62 12.62 114.63
N PRO T 277 23.80 12.48 115.28
CA PRO T 277 23.85 12.56 116.75
C PRO T 277 24.08 13.94 117.37
N ASP T 278 24.80 14.83 116.69
CA ASP T 278 25.44 15.97 117.37
C ASP T 278 24.43 17.09 117.64
N GLU T 279 23.58 16.86 118.64
CA GLU T 279 22.50 17.78 119.01
C GLU T 279 21.86 18.35 117.75
N LYS T 280 21.81 17.53 116.70
CA LYS T 280 21.30 17.91 115.39
C LYS T 280 20.77 16.67 114.68
N VAL T 281 19.56 16.78 114.12
CA VAL T 281 18.97 15.69 113.35
C VAL T 281 18.18 16.25 112.17
N ARG T 282 18.75 16.11 110.97
CA ARG T 282 18.09 16.59 109.75
C ARG T 282 18.18 15.51 108.69
N ASP T 283 17.72 15.77 107.48
CA ASP T 283 17.65 14.70 106.46
C ASP T 283 18.75 14.45 105.43
N LEU T 284 18.54 13.46 104.58
CA LEU T 284 19.51 13.04 103.56
C LEU T 284 19.76 14.04 102.45
N THR T 285 18.72 14.65 101.91
CA THR T 285 18.81 15.27 100.59
C THR T 285 19.74 16.48 100.66
N ALA T 286 20.96 16.28 100.17
CA ALA T 286 21.94 17.34 99.94
C ALA T 286 21.67 17.99 98.58
N LYS T 287 22.67 18.68 98.04
CA LYS T 287 22.58 19.29 96.72
C LYS T 287 22.83 18.23 95.65
N ILE T 288 22.42 17.00 95.96
CA ILE T 288 22.86 15.80 95.25
C ILE T 288 22.75 15.98 93.74
N SER T 289 23.71 15.41 93.02
CA SER T 289 23.74 15.40 91.56
C SER T 289 24.69 14.27 91.14
N GLY T 290 25.12 14.27 89.89
CA GLY T 290 26.17 13.37 89.44
C GLY T 290 25.94 12.87 88.03
N GLY T 291 26.96 12.16 87.54
CA GLY T 291 26.90 11.67 86.17
C GLY T 291 25.72 10.75 85.93
N GLN T 292 25.57 9.73 86.79
CA GLN T 292 24.32 8.99 86.82
C GLN T 292 23.37 9.57 87.85
N LEU T 293 23.89 9.88 89.04
CA LEU T 293 23.04 10.30 90.14
C LEU T 293 22.28 11.57 89.80
N GLY T 294 22.95 12.54 89.19
CA GLY T 294 22.23 13.70 88.68
C GLY T 294 21.31 13.34 87.54
N ALA T 295 21.76 12.45 86.66
CA ALA T 295 20.95 12.05 85.51
C ALA T 295 19.57 11.57 85.96
N GLN T 296 19.54 10.62 86.89
CA GLN T 296 18.27 10.11 87.38
C GLN T 296 17.47 11.23 88.04
N LEU T 297 18.11 11.97 88.94
CA LEU T 297 17.41 13.04 89.65
C LEU T 297 16.91 14.09 88.67
N ASP T 298 17.76 14.50 87.73
CA ASP T 298 17.41 15.58 86.82
C ASP T 298 16.20 15.22 85.97
N LEU T 299 16.16 13.97 85.49
CA LEU T 299 15.18 13.59 84.48
C LEU T 299 13.82 13.31 85.10
N ARG T 300 13.81 12.59 86.22
CA ARG T 300 12.57 12.02 86.75
C ARG T 300 11.62 13.10 87.24
N GLY T 301 12.15 14.11 87.94
CA GLY T 301 11.36 14.93 88.82
C GLY T 301 12.01 14.96 90.17
N ARG T 302 12.41 16.14 90.62
CA ARG T 302 13.50 16.26 91.57
C ARG T 302 13.07 16.76 92.93
N ASN T 303 12.28 17.83 93.02
CA ASN T 303 11.62 18.19 94.26
C ASN T 303 10.37 17.32 94.39
N TYR T 304 9.62 17.47 95.49
CA TYR T 304 8.36 16.74 95.64
C TYR T 304 7.33 17.70 96.19
N SER T 305 6.32 18.00 95.37
CA SER T 305 5.14 18.72 95.83
C SER T 305 4.08 17.69 96.24
N LYS T 306 4.20 17.20 97.47
CA LYS T 306 3.11 16.42 98.05
C LYS T 306 1.77 17.07 97.79
N SER T 307 1.73 18.41 97.81
CA SER T 307 0.51 19.12 97.42
C SER T 307 0.08 18.74 96.02
N GLU T 308 0.99 18.84 95.05
CA GLU T 308 0.70 18.37 93.71
C GLU T 308 0.68 16.85 93.63
N GLY T 309 1.15 16.16 94.66
CA GLY T 309 1.38 14.74 94.56
C GLY T 309 2.42 14.48 93.50
N LYS T 310 3.27 15.48 93.26
CA LYS T 310 4.11 15.54 92.08
C LYS T 310 5.55 15.82 92.47
N TYR T 311 6.46 14.98 91.99
CA TYR T 311 7.87 15.34 91.95
C TYR T 311 8.03 16.36 90.83
N GLU T 312 8.16 17.63 91.22
CA GLU T 312 7.69 18.71 90.36
C GLU T 312 8.33 18.72 88.98
N ASP T 313 9.66 18.75 88.90
CA ASP T 313 10.22 19.26 87.65
C ASP T 313 10.46 18.19 86.60
N GLY T 314 11.52 17.39 86.73
CA GLY T 314 11.68 16.28 85.82
C GLY T 314 12.00 16.79 84.44
N ILE T 315 12.93 16.17 83.72
CA ILE T 315 12.99 16.42 82.28
C ILE T 315 12.03 15.49 81.55
N ILE T 316 12.01 14.21 81.93
CA ILE T 316 10.99 13.31 81.43
C ILE T 316 9.61 13.77 81.88
N GLN T 317 9.47 14.12 83.16
CA GLN T 317 8.18 14.50 83.69
C GLN T 317 7.63 15.72 82.96
N GLY T 318 8.48 16.73 82.75
CA GLY T 318 8.07 17.87 81.97
C GLY T 318 7.62 17.46 80.58
N TYR T 319 8.31 16.50 79.97
CA TYR T 319 7.91 16.03 78.65
C TYR T 319 6.52 15.41 78.68
N MET T 320 6.21 14.62 79.71
CA MET T 320 4.86 14.09 79.84
C MET T 320 3.86 15.22 80.02
N ASP T 321 4.22 16.23 80.82
CA ASP T 321 3.34 17.38 80.97
C ASP T 321 3.10 18.07 79.64
N SER T 322 4.15 18.22 78.84
CA SER T 322 3.98 18.75 77.49
C SER T 322 3.14 17.81 76.64
N LEU T 323 3.36 16.51 76.77
CA LEU T 323 2.53 15.55 76.06
C LEU T 323 1.06 15.79 76.37
N ASP T 324 0.71 15.87 77.64
CA ASP T 324 -0.66 16.17 78.02
C ASP T 324 -1.06 17.56 77.58
N THR T 325 -0.13 18.51 77.58
CA THR T 325 -0.43 19.83 77.03
C THR T 325 -0.96 19.70 75.61
N PHE T 326 -0.46 18.74 74.86
CA PHE T 326 -1.02 18.47 73.54
C PHE T 326 -2.38 17.81 73.65
N ALA T 327 -2.49 16.79 74.49
CA ALA T 327 -3.70 15.98 74.52
C ALA T 327 -4.93 16.84 74.82
N LYS T 328 -4.86 17.63 75.89
CA LYS T 328 -6.04 18.38 76.32
C LYS T 328 -6.46 19.40 75.28
N THR T 329 -5.50 20.08 74.66
CA THR T 329 -5.84 21.15 73.73
C THR T 329 -6.67 20.62 72.58
N MET T 330 -6.16 19.59 71.88
CA MET T 330 -6.93 19.00 70.80
C MET T 330 -8.17 18.31 71.34
N ILE T 331 -8.14 17.88 72.61
CA ILE T 331 -9.35 17.34 73.22
C ILE T 331 -10.47 18.38 73.14
N ASN T 332 -10.12 19.64 73.40
CA ASN T 332 -11.15 20.68 73.37
C ASN T 332 -11.62 20.96 71.96
N GLU T 333 -10.71 20.98 70.99
CA GLU T 333 -11.06 21.53 69.68
C GLU T 333 -12.03 20.61 68.95
N THR T 334 -11.73 19.31 68.90
CA THR T 334 -12.72 18.40 68.32
C THR T 334 -13.96 18.33 69.20
N ASN T 335 -13.80 18.58 70.50
CA ASN T 335 -14.97 18.84 71.33
C ASN T 335 -15.72 20.06 70.83
N ASN T 336 -14.99 21.14 70.55
CA ASN T 336 -15.60 22.31 69.94
C ASN T 336 -16.33 21.93 68.65
N LEU T 337 -15.64 21.25 67.74
CA LEU T 337 -16.21 20.97 66.44
C LEU T 337 -17.33 19.95 66.54
N TYR T 338 -17.12 18.87 67.29
CA TYR T 338 -18.22 17.93 67.49
C TYR T 338 -19.34 18.59 68.29
N ALA T 339 -18.99 19.47 69.22
CA ALA T 339 -20.03 20.27 69.88
C ALA T 339 -20.83 21.04 68.85
N SER T 340 -20.22 21.39 67.72
CA SER T 340 -20.95 22.06 66.66
C SER T 340 -22.06 21.19 66.10
N SER T 341 -21.93 19.88 66.23
CA SER T 341 -22.97 18.98 65.77
C SER T 341 -24.25 19.19 66.59
N ALA T 342 -25.38 18.75 66.01
CA ALA T 342 -26.69 19.02 66.58
C ALA T 342 -27.21 17.81 67.33
N LYS T 343 -27.71 18.05 68.54
CA LYS T 343 -28.26 17.00 69.38
C LYS T 343 -29.58 17.51 69.96
N SER T 344 -30.45 16.57 70.33
CA SER T 344 -31.72 16.94 70.95
C SER T 344 -31.61 17.21 72.43
N SER T 345 -30.43 17.03 73.02
CA SER T 345 -30.22 17.38 74.42
C SER T 345 -28.74 17.62 74.66
N VAL T 346 -28.45 18.50 75.61
CA VAL T 346 -27.11 18.72 76.10
C VAL T 346 -27.16 18.76 77.62
N THR T 347 -26.24 18.04 78.25
CA THR T 347 -26.24 17.88 79.70
C THR T 347 -24.79 17.73 80.12
N SER T 348 -24.34 18.59 81.02
CA SER T 348 -22.91 18.83 81.18
C SER T 348 -22.22 17.68 81.89
N ASP T 349 -20.91 17.61 81.68
CA ASP T 349 -20.02 16.87 82.57
C ASP T 349 -20.15 17.41 83.99
N TYR T 350 -19.74 16.60 84.96
CA TYR T 350 -20.04 16.84 86.37
C TYR T 350 -18.76 17.32 87.06
N LEU T 351 -18.72 18.61 87.39
CA LEU T 351 -17.47 19.31 87.63
C LEU T 351 -17.47 19.98 89.00
N SER T 352 -16.32 19.97 89.66
CA SER T 352 -16.22 20.27 91.08
C SER T 352 -16.39 21.76 91.35
N GLY T 353 -16.81 22.06 92.58
CA GLY T 353 -17.01 23.42 93.03
C GLY T 353 -18.03 24.20 92.26
N LEU T 354 -18.68 23.59 91.26
CA LEU T 354 -19.39 24.32 90.22
C LEU T 354 -20.74 24.85 90.72
N LYS T 355 -20.67 25.81 91.63
CA LYS T 355 -21.86 26.58 91.98
C LYS T 355 -22.17 27.58 90.87
N GLY T 356 -23.46 27.76 90.58
CA GLY T 356 -23.86 28.48 89.39
C GLY T 356 -23.47 29.94 89.34
N ASP T 357 -22.85 30.46 90.40
CA ASP T 357 -22.51 31.88 90.45
C ASP T 357 -21.03 32.15 90.21
N ILE T 358 -20.23 31.14 89.92
CA ILE T 358 -18.77 31.29 89.97
C ILE T 358 -18.31 32.30 88.93
N PRO T 359 -17.35 33.18 89.26
CA PRO T 359 -16.65 33.92 88.21
C PRO T 359 -16.03 32.96 87.20
N LEU T 360 -16.30 33.20 85.92
CA LEU T 360 -16.09 32.16 84.92
C LEU T 360 -14.61 31.95 84.63
N VAL T 361 -13.93 33.00 84.16
CA VAL T 361 -12.53 32.86 83.78
C VAL T 361 -11.72 32.32 84.95
N ASN T 362 -12.15 32.62 86.17
CA ASN T 362 -11.42 32.16 87.34
C ASN T 362 -11.58 30.66 87.56
N TYR T 363 -12.75 30.10 87.22
CA TYR T 363 -12.88 28.65 87.28
C TYR T 363 -11.97 27.99 86.26
N ASP T 364 -11.87 28.57 85.07
CA ASP T 364 -10.94 28.09 84.06
C ASP T 364 -10.47 29.26 83.21
N ARG T 365 -9.18 29.28 82.93
CA ARG T 365 -8.57 30.33 82.13
C ARG T 365 -9.03 30.31 80.68
N THR T 366 -9.40 29.14 80.14
CA THR T 366 -9.90 29.10 78.78
C THR T 366 -11.21 29.87 78.66
N ILE T 367 -11.97 29.97 79.74
CA ILE T 367 -13.17 30.79 79.72
C ILE T 367 -12.78 32.24 79.61
N GLN T 368 -13.56 33.01 78.84
CA GLN T 368 -13.26 34.41 78.63
C GLN T 368 -14.53 35.26 78.69
N PRO T 369 -14.41 36.56 78.94
CA PRO T 369 -15.50 37.48 78.56
C PRO T 369 -15.62 37.50 77.05
N GLY T 370 -16.70 36.93 76.55
CA GLY T 370 -16.84 36.74 75.11
C GLY T 370 -18.27 36.48 74.73
N SER T 371 -18.46 36.18 73.45
CA SER T 371 -19.77 35.84 72.91
C SER T 371 -19.83 34.37 72.54
N PHE T 372 -21.00 33.77 72.74
CA PHE T 372 -21.29 32.53 72.03
C PHE T 372 -22.79 32.53 71.74
N ASP T 373 -23.18 31.61 70.86
CA ASP T 373 -24.52 31.60 70.30
C ASP T 373 -25.15 30.23 70.46
N ILE T 374 -26.48 30.21 70.51
CA ILE T 374 -27.25 28.98 70.60
C ILE T 374 -28.06 28.85 69.32
N VAL T 375 -28.00 27.66 68.72
CA VAL T 375 -28.53 27.41 67.39
C VAL T 375 -29.43 26.19 67.44
N ILE T 376 -30.37 26.10 66.51
CA ILE T 376 -31.36 25.02 66.47
C ILE T 376 -31.38 24.40 65.10
N TYR T 377 -31.39 23.07 65.07
CA TYR T 377 -31.75 22.31 63.89
C TYR T 377 -33.06 21.59 64.16
N ASP T 378 -34.05 21.84 63.32
CA ASP T 378 -35.34 21.19 63.44
C ASP T 378 -35.15 19.73 63.07
N ASP T 379 -35.70 18.83 63.89
CA ASP T 379 -35.28 17.44 63.91
C ASP T 379 -35.13 16.85 62.52
N LYS T 380 -35.92 17.35 61.57
CA LYS T 380 -35.77 16.98 60.17
C LYS T 380 -34.37 17.30 59.66
N GLY T 381 -33.59 18.06 60.43
CA GLY T 381 -32.21 18.34 60.08
C GLY T 381 -31.98 19.68 59.43
N ASP T 382 -32.97 20.58 59.47
CA ASP T 382 -32.84 21.90 58.89
C ASP T 382 -33.00 22.95 59.98
N LYS T 383 -32.24 24.04 59.82
CA LYS T 383 -32.07 25.05 60.85
C LYS T 383 -33.06 26.19 60.63
N LYS T 384 -33.89 26.45 61.64
CA LYS T 384 -34.37 27.81 61.82
C LYS T 384 -34.75 28.11 63.27
N LEU T 385 -33.74 28.50 64.05
CA LEU T 385 -33.84 29.26 65.29
C LEU T 385 -32.41 29.52 65.74
N THR T 386 -32.18 30.69 66.33
CA THR T 386 -30.85 31.02 66.82
C THR T 386 -30.91 32.27 67.68
N LYS T 387 -30.14 32.27 68.75
CA LYS T 387 -30.05 33.41 69.64
C LYS T 387 -28.65 33.46 70.22
N THR T 388 -28.18 34.67 70.53
CA THR T 388 -26.82 34.88 70.97
C THR T 388 -26.76 34.98 72.49
N ILE T 389 -25.66 34.53 73.06
CA ILE T 389 -25.48 34.46 74.51
C ILE T 389 -24.07 34.98 74.81
N THR T 390 -23.98 36.17 75.39
CA THR T 390 -22.71 36.88 75.46
C THR T 390 -22.41 37.24 76.91
N ILE T 391 -21.11 37.27 77.23
CA ILE T 391 -20.65 37.15 78.62
C ILE T 391 -19.46 38.07 78.87
N ASP T 392 -19.42 38.62 80.09
CA ASP T 392 -18.26 39.30 80.63
C ASP T 392 -17.42 38.28 81.42
N VAL T 393 -16.47 38.76 82.23
CA VAL T 393 -15.65 37.85 83.01
C VAL T 393 -16.52 36.98 83.93
N ASN T 394 -17.63 37.52 84.42
CA ASN T 394 -18.32 36.92 85.55
C ASN T 394 -19.71 36.38 85.23
N THR T 395 -20.30 36.73 84.09
CA THR T 395 -21.73 36.49 83.91
C THR T 395 -22.04 35.04 84.25
N THR T 396 -22.77 34.85 85.34
CA THR T 396 -22.94 33.51 85.89
C THR T 396 -23.90 32.71 85.04
N MET T 397 -23.71 31.38 85.06
CA MET T 397 -24.63 30.52 84.34
C MET T 397 -26.06 30.73 84.82
N ASN T 398 -26.21 31.15 86.08
CA ASN T 398 -27.53 31.57 86.56
C ASN T 398 -28.08 32.68 85.69
N ASP T 399 -27.24 33.65 85.33
CA ASP T 399 -27.66 34.66 84.37
C ASP T 399 -27.95 34.03 83.02
N ILE T 400 -27.12 33.07 82.61
CA ILE T 400 -27.40 32.37 81.36
C ILE T 400 -28.76 31.70 81.41
N MET T 401 -29.13 31.13 82.56
CA MET T 401 -30.49 30.65 82.70
C MET T 401 -31.47 31.74 82.34
N ARG T 402 -31.19 32.97 82.74
CA ARG T 402 -31.97 34.10 82.25
C ARG T 402 -31.83 34.24 80.75
N GLN T 403 -30.59 34.16 80.25
CA GLN T 403 -30.37 34.22 78.81
C GLN T 403 -31.04 33.05 78.12
N ILE T 404 -31.31 31.97 78.85
CA ILE T 404 -32.05 30.85 78.27
C ILE T 404 -33.52 31.21 78.13
N ASN T 405 -33.95 32.29 78.78
CA ASN T 405 -35.34 32.74 78.67
C ASN T 405 -35.51 33.72 77.52
N ALA T 406 -34.64 33.61 76.52
CA ALA T 406 -34.55 34.55 75.40
C ALA T 406 -35.76 34.40 74.49
N ASN T 407 -36.87 34.98 74.92
CA ASN T 407 -38.14 34.86 74.20
C ASN T 407 -38.18 35.94 73.12
N THR T 408 -37.54 35.68 71.98
CA THR T 408 -37.44 36.72 70.95
C THR T 408 -37.21 36.28 69.50
N ASP T 409 -37.06 37.24 68.60
CA ASP T 409 -36.69 36.99 67.18
C ASP T 409 -37.32 35.96 66.21
N ASP T 410 -38.04 34.91 66.63
CA ASP T 410 -38.60 34.03 65.60
C ASP T 410 -40.05 34.43 65.33
N ASN T 411 -40.90 34.47 66.36
CA ASN T 411 -42.15 35.20 66.21
C ASN T 411 -41.90 36.68 66.40
N ASP T 412 -40.89 37.02 67.19
CA ASP T 412 -40.22 38.32 67.08
C ASP T 412 -41.12 39.51 67.33
N ASN T 413 -41.59 39.72 68.56
CA ASN T 413 -42.46 40.88 68.76
C ASN T 413 -42.26 41.65 70.10
N LYS T 414 -43.20 42.49 70.50
CA LYS T 414 -43.00 43.40 71.65
C LYS T 414 -43.34 43.15 73.15
N ASN T 415 -43.97 42.06 73.57
CA ASN T 415 -44.36 41.95 74.99
C ASN T 415 -44.95 40.58 75.34
N SER T 416 -44.53 40.06 76.49
CA SER T 416 -45.07 38.86 77.12
C SER T 416 -44.56 37.51 76.57
N ASN T 417 -45.11 37.00 75.45
CA ASN T 417 -44.88 35.58 75.17
C ASN T 417 -45.07 35.07 73.74
N ASP T 418 -44.05 34.52 73.09
CA ASP T 418 -44.29 33.78 71.79
C ASP T 418 -43.14 32.97 71.24
N ASP T 419 -41.91 33.15 71.72
CA ASP T 419 -40.77 32.52 71.03
C ASP T 419 -39.94 31.30 71.49
N VAL T 420 -39.03 31.43 72.46
CA VAL T 420 -38.10 30.33 72.69
C VAL T 420 -38.63 29.36 73.73
N ASP T 421 -39.25 29.89 74.78
CA ASP T 421 -39.71 29.04 75.85
C ASP T 421 -40.69 28.00 75.32
N ASP T 422 -41.29 28.28 74.16
CA ASP T 422 -42.10 27.27 73.48
C ASP T 422 -41.25 26.13 72.94
N HIS T 423 -39.92 26.31 72.86
CA HIS T 423 -39.10 25.32 72.19
C HIS T 423 -38.20 24.55 73.15
N ILE T 424 -37.96 25.07 74.34
CA ILE T 424 -36.82 24.64 75.14
C ILE T 424 -37.24 24.24 76.54
N ASN T 425 -36.40 23.41 77.17
CA ASN T 425 -36.48 23.10 78.58
C ASN T 425 -35.07 22.89 79.12
N ALA T 426 -34.90 23.16 80.41
CA ALA T 426 -33.58 23.09 81.03
C ALA T 426 -33.70 22.79 82.51
N SER T 427 -32.61 22.31 83.08
CA SER T 427 -32.49 22.14 84.53
C SER T 427 -31.01 22.14 84.89
N PHE T 428 -30.72 22.55 86.13
CA PHE T 428 -29.36 22.67 86.61
C PHE T 428 -29.22 22.07 87.99
N SER T 429 -27.99 21.65 88.32
CA SER T 429 -27.69 21.08 89.61
C SER T 429 -26.25 21.42 90.02
N TYR T 430 -26.10 21.89 91.26
CA TYR T 430 -24.82 21.85 91.96
C TYR T 430 -25.06 21.40 93.38
N ASP T 431 -24.09 20.67 93.94
CA ASP T 431 -24.13 20.29 95.34
C ASP T 431 -22.71 20.05 95.82
N ALA T 432 -22.26 20.88 96.76
CA ALA T 432 -20.96 20.62 97.39
C ALA T 432 -20.97 19.31 98.15
N LYS T 433 -22.15 18.87 98.62
CA LYS T 433 -22.24 17.61 99.31
C LYS T 433 -21.85 16.43 98.41
N THR T 434 -21.87 16.62 97.09
CA THR T 434 -21.11 15.79 96.18
C THR T 434 -19.86 16.49 95.67
N GLY T 435 -19.91 17.81 95.56
CA GLY T 435 -18.76 18.63 95.20
C GLY T 435 -18.80 19.17 93.78
N ASP T 436 -19.66 18.64 92.92
CA ASP T 436 -19.69 18.98 91.52
C ASP T 436 -20.99 19.67 91.14
N GLY T 437 -21.00 20.26 89.95
CA GLY T 437 -22.20 20.85 89.39
C GLY T 437 -22.46 20.30 88.00
N LEU T 438 -23.67 20.53 87.50
CA LEU T 438 -24.06 19.99 86.21
C LEU T 438 -25.41 20.57 85.83
N PHE T 439 -25.63 20.75 84.53
CA PHE T 439 -26.91 21.23 84.01
C PHE T 439 -27.59 20.13 83.21
N GLN T 440 -28.90 20.01 83.41
CA GLN T 440 -29.71 19.04 82.67
C GLN T 440 -30.50 19.91 81.70
N ILE T 441 -30.15 19.90 80.42
CA ILE T 441 -30.82 20.77 79.46
C ILE T 441 -31.24 19.95 78.26
N ASN T 442 -32.40 20.29 77.71
CA ASN T 442 -33.17 19.35 76.90
C ASN T 442 -33.93 20.10 75.82
N ALA T 443 -33.95 19.54 74.62
CA ALA T 443 -34.70 20.10 73.50
C ALA T 443 -35.96 19.26 73.25
N LYS T 444 -37.03 19.93 72.89
CA LYS T 444 -38.31 19.26 72.68
C LYS T 444 -38.30 18.52 71.33
N SER T 445 -39.05 17.42 71.28
CA SER T 445 -39.11 16.60 70.08
C SER T 445 -39.39 17.47 68.86
N GLY T 446 -38.43 17.51 67.95
CA GLY T 446 -38.53 18.38 66.79
C GLY T 446 -37.34 19.29 66.64
N PHE T 447 -36.30 19.10 67.46
CA PHE T 447 -35.16 19.98 67.49
C PHE T 447 -33.88 19.21 67.75
N LYS T 448 -32.79 19.68 67.14
CA LYS T 448 -31.43 19.29 67.50
C LYS T 448 -30.60 20.56 67.62
N VAL T 449 -29.95 20.72 68.76
CA VAL T 449 -29.38 22.01 69.16
C VAL T 449 -27.88 22.00 68.97
N ALA T 450 -27.32 23.16 68.61
CA ALA T 450 -25.89 23.35 68.44
C ALA T 450 -25.50 24.72 68.98
N ILE T 451 -24.22 24.88 69.30
CA ILE T 451 -23.71 26.08 69.95
C ILE T 451 -22.42 26.51 69.27
N GLU T 452 -22.17 27.82 69.29
CA GLU T 452 -20.95 28.40 68.70
C GLU T 452 -20.29 29.37 69.66
N ASP T 453 -19.01 29.14 69.91
CA ASP T 453 -18.18 29.97 70.77
C ASP T 453 -17.57 31.10 69.97
N LYS T 454 -17.46 32.28 70.59
CA LYS T 454 -16.85 33.45 69.96
C LYS T 454 -16.15 34.26 71.05
N GLY T 455 -14.84 34.08 71.16
CA GLY T 455 -14.04 34.77 72.15
C GLY T 455 -14.14 34.22 73.54
N THR T 456 -15.25 33.56 73.89
CA THR T 456 -15.37 32.96 75.21
C THR T 456 -14.36 31.85 75.40
N ASN T 457 -14.10 31.07 74.35
CA ASN T 457 -12.97 30.14 74.31
C ASN T 457 -13.08 29.05 75.36
N PHE T 458 -14.31 28.69 75.74
CA PHE T 458 -14.49 27.60 76.71
C PHE T 458 -15.14 26.38 76.07
N ALA T 459 -15.92 26.58 75.01
CA ALA T 459 -16.93 25.61 74.61
C ALA T 459 -16.35 24.21 74.46
N GLY T 460 -15.44 24.03 73.51
CA GLY T 460 -14.86 22.72 73.31
C GLY T 460 -14.11 22.23 74.52
N ALA T 461 -13.50 23.15 75.28
CA ALA T 461 -12.74 22.75 76.45
C ALA T 461 -13.63 22.12 77.51
N PHE T 462 -14.90 22.51 77.56
CA PHE T 462 -15.76 22.06 78.64
C PHE T 462 -16.61 20.85 78.25
N SER T 463 -16.38 20.29 77.06
CA SER T 463 -16.69 18.90 76.78
C SER T 463 -18.17 18.58 76.62
N ILE T 464 -19.05 19.55 76.85
CA ILE T 464 -20.47 19.28 76.62
C ILE T 464 -20.70 19.19 75.13
N GLY T 465 -21.32 18.10 74.70
CA GLY T 465 -21.48 17.83 73.28
C GLY T 465 -20.18 17.60 72.54
N GLY T 466 -19.08 17.38 73.26
CA GLY T 466 -17.79 17.23 72.61
C GLY T 466 -17.49 15.81 72.16
N PHE T 467 -16.28 15.65 71.63
CA PHE T 467 -15.86 14.39 71.02
C PHE T 467 -15.40 13.36 72.05
N PHE T 468 -14.73 13.81 73.10
CA PHE T 468 -13.82 12.97 73.86
C PHE T 468 -14.43 12.45 75.15
N SER T 469 -14.15 11.19 75.44
CA SER T 469 -14.08 10.71 76.81
C SER T 469 -12.61 10.48 77.15
N GLY T 470 -12.34 10.11 78.39
CA GLY T 470 -10.97 10.08 78.87
C GLY T 470 -10.54 11.46 79.35
N THR T 471 -9.28 11.54 79.75
CA THR T 471 -8.78 12.72 80.44
C THR T 471 -7.52 13.28 79.80
N ASP T 472 -6.64 12.41 79.33
CA ASP T 472 -5.31 12.83 78.91
C ASP T 472 -4.74 11.77 77.98
N ALA T 473 -3.43 11.88 77.71
CA ALA T 473 -2.80 10.91 76.83
C ALA T 473 -2.97 9.48 77.35
N SER T 474 -2.99 9.32 78.67
CA SER T 474 -3.16 7.99 79.24
C SER T 474 -4.50 7.39 78.87
N ASP T 475 -5.56 8.20 78.91
CA ASP T 475 -6.92 7.67 78.84
C ASP T 475 -7.84 8.39 77.87
N MET T 476 -7.40 9.45 77.19
CA MET T 476 -8.26 10.13 76.24
C MET T 476 -8.85 9.13 75.26
N LYS T 477 -10.08 9.39 74.82
CA LYS T 477 -10.78 8.45 73.96
C LYS T 477 -12.02 9.13 73.38
N VAL T 478 -12.65 8.44 72.44
CA VAL T 478 -13.95 8.85 71.95
C VAL T 478 -14.94 8.79 73.11
N LYS T 479 -15.98 9.62 73.04
CA LYS T 479 -17.09 9.46 73.97
C LYS T 479 -17.78 8.13 73.69
N ASP T 480 -17.88 7.29 74.72
CA ASP T 480 -18.19 5.89 74.52
C ASP T 480 -19.45 5.68 73.69
N SER T 481 -20.46 6.52 73.89
CA SER T 481 -21.71 6.35 73.16
C SER T 481 -21.47 6.22 71.67
N ILE T 482 -20.54 7.03 71.13
CA ILE T 482 -20.16 6.85 69.74
C ILE T 482 -19.46 5.52 69.56
N LEU T 483 -18.56 5.16 70.47
CA LEU T 483 -17.97 3.83 70.44
C LEU T 483 -19.02 2.76 70.60
N ASN T 484 -20.10 3.06 71.33
CA ASN T 484 -21.23 2.13 71.40
C ASN T 484 -21.97 2.09 70.06
N ASP T 485 -21.97 3.20 69.32
CA ASP T 485 -22.69 3.26 68.06
C ASP T 485 -22.05 4.24 67.10
N PRO T 486 -21.40 3.78 66.03
CA PRO T 486 -20.86 4.73 65.04
C PRO T 486 -21.94 5.45 64.25
N SER T 487 -23.12 4.85 64.11
CA SER T 487 -24.18 5.51 63.34
C SER T 487 -24.55 6.85 63.93
N THR T 488 -24.25 7.06 65.22
CA THR T 488 -24.45 8.37 65.84
C THR T 488 -23.77 9.45 65.04
N VAL T 489 -22.63 9.13 64.41
CA VAL T 489 -21.85 10.14 63.70
C VAL T 489 -22.68 10.74 62.57
N ARG T 490 -22.45 12.03 62.32
CA ARG T 490 -23.14 12.79 61.28
C ARG T 490 -22.11 13.36 60.32
N ALA T 491 -22.35 13.20 59.02
CA ALA T 491 -21.54 13.93 58.04
C ALA T 491 -21.81 15.42 58.17
N SER T 492 -23.07 15.80 58.25
CA SER T 492 -23.45 17.18 58.54
C SER T 492 -23.26 17.48 60.03
N SER T 493 -23.56 18.72 60.38
CA SER T 493 -23.85 19.07 61.76
C SER T 493 -25.34 19.01 62.06
N ASN T 494 -26.15 18.50 61.13
CA ASN T 494 -27.61 18.64 61.22
C ASN T 494 -28.17 17.81 62.36
N GLY T 495 -27.35 16.98 63.00
CA GLY T 495 -27.82 16.00 63.95
C GLY T 495 -28.40 14.75 63.31
N VAL T 496 -28.99 14.88 62.13
CA VAL T 496 -29.21 13.77 61.20
C VAL T 496 -28.29 14.02 60.01
N ASP T 497 -28.07 12.99 59.20
CA ASP T 497 -27.15 13.14 58.08
C ASP T 497 -27.84 13.87 56.92
N SER T 498 -28.31 15.09 57.18
CA SER T 498 -28.94 15.91 56.16
C SER T 498 -27.94 16.73 55.36
N GLY T 499 -26.65 16.41 55.43
CA GLY T 499 -25.65 17.17 54.71
C GLY T 499 -24.26 16.68 55.00
N ASN T 500 -23.30 17.59 54.90
CA ASN T 500 -21.89 17.26 55.03
C ASN T 500 -21.09 18.26 55.85
N ASP T 501 -21.70 19.38 56.26
CA ASP T 501 -20.92 20.54 56.67
C ASP T 501 -19.85 20.18 57.69
N MET T 502 -20.16 19.33 58.66
CA MET T 502 -19.22 19.11 59.74
C MET T 502 -17.96 18.39 59.25
N ALA T 503 -18.12 17.46 58.30
CA ALA T 503 -16.95 16.77 57.77
C ALA T 503 -15.98 17.74 57.13
N ASN T 504 -16.49 18.67 56.31
CA ASN T 504 -15.63 19.65 55.68
C ASN T 504 -14.96 20.53 56.73
N LYS T 505 -15.72 20.95 57.75
CA LYS T 505 -15.13 21.72 58.83
C LYS T 505 -13.95 20.98 59.46
N ILE T 506 -14.10 19.67 59.66
CA ILE T 506 -13.02 18.87 60.21
C ILE T 506 -11.80 18.93 59.30
N ILE T 507 -12.02 18.83 57.99
CA ILE T 507 -10.92 18.80 57.05
C ILE T 507 -10.12 20.08 57.11
N GLN T 508 -10.77 21.21 57.41
CA GLN T 508 -10.04 22.45 57.58
C GLN T 508 -9.38 22.52 58.95
N LEU T 509 -10.04 22.00 59.97
CA LEU T 509 -9.50 22.13 61.32
C LEU T 509 -8.12 21.50 61.43
N GLN T 510 -7.95 20.32 60.85
CA GLN T 510 -6.62 19.73 60.80
C GLN T 510 -5.62 20.70 60.19
N TYR T 511 -6.07 21.53 59.26
CA TYR T 511 -5.17 22.48 58.61
C TYR T 511 -4.85 23.66 59.51
N ASP T 512 -5.74 23.98 60.44
CA ASP T 512 -5.66 25.27 61.12
C ASP T 512 -4.51 25.31 62.11
N LYS T 513 -3.80 26.45 62.12
CA LYS T 513 -2.79 26.75 63.12
C LYS T 513 -3.52 27.15 64.40
N VAL T 514 -3.39 26.35 65.46
CA VAL T 514 -4.29 26.44 66.60
C VAL T 514 -3.51 26.56 67.90
N ASN T 515 -4.17 27.14 68.91
CA ASN T 515 -3.53 27.66 70.11
C ASN T 515 -3.29 26.56 71.14
N PHE T 516 -2.14 26.61 71.80
CA PHE T 516 -1.76 25.65 72.83
C PHE T 516 -1.35 26.38 74.10
N TYR T 517 -2.09 26.15 75.17
CA TYR T 517 -1.75 26.68 76.49
C TYR T 517 -0.56 25.90 77.03
N ASN T 518 0.64 26.28 76.63
CA ASN T 518 1.82 25.67 77.22
C ASN T 518 1.84 25.98 78.72
N GLU T 519 2.15 24.96 79.51
CA GLU T 519 1.98 25.06 80.96
C GLU T 519 3.00 25.97 81.61
N ASP T 520 3.77 26.71 80.81
CA ASP T 520 4.32 27.98 81.25
C ASP T 520 3.30 29.10 81.13
N GLY T 521 2.05 28.74 80.84
CA GLY T 521 0.98 29.70 80.67
C GLY T 521 0.84 30.18 79.25
N THR T 522 1.90 30.01 78.45
CA THR T 522 1.90 30.58 77.12
C THR T 522 0.93 29.83 76.22
N ILE T 523 0.07 30.58 75.54
CA ILE T 523 -0.89 30.04 74.59
C ILE T 523 -0.24 30.13 73.22
N ASP T 524 -0.14 29.00 72.53
CA ASP T 524 0.72 28.89 71.35
C ASP T 524 -0.08 28.36 70.17
N ASN T 525 -0.16 29.16 69.11
CA ASN T 525 -0.91 28.81 67.91
C ASN T 525 -0.02 27.93 67.04
N LEU T 526 -0.38 26.66 66.92
CA LEU T 526 0.42 25.67 66.22
C LEU T 526 -0.46 24.79 65.35
N THR T 527 0.06 24.36 64.21
CA THR T 527 -0.43 23.14 63.60
C THR T 527 0.09 21.95 64.40
N MET T 528 -0.63 20.83 64.29
CA MET T 528 -0.37 19.69 65.15
C MET T 528 1.05 19.15 64.95
N GLU T 529 1.49 19.04 63.69
CA GLU T 529 2.82 18.50 63.45
C GLU T 529 3.90 19.43 63.98
N GLU T 530 3.66 20.75 63.93
CA GLU T 530 4.62 21.68 64.48
C GLU T 530 4.81 21.45 65.97
N TYR T 531 3.71 21.36 66.71
CA TYR T 531 3.79 20.98 68.12
C TYR T 531 4.50 19.65 68.28
N TYR T 532 4.12 18.67 67.47
CA TYR T 532 4.80 17.38 67.48
C TYR T 532 6.31 17.58 67.42
N ARG T 533 6.79 18.19 66.34
CA ARG T 533 8.23 18.37 66.17
C ARG T 533 8.80 19.28 67.25
N LYS T 534 8.00 20.22 67.74
CA LYS T 534 8.43 21.00 68.89
C LYS T 534 8.89 20.08 70.02
N LEU T 535 8.10 19.04 70.31
CA LEU T 535 8.53 18.04 71.28
C LEU T 535 9.46 17.01 70.65
N THR T 536 8.95 16.24 69.70
CA THR T 536 9.73 15.14 69.15
C THR T 536 11.05 15.64 68.57
N GLY T 537 10.99 16.74 67.82
CA GLY T 537 12.22 17.35 67.35
C GLY T 537 13.14 17.71 68.50
N LYS T 538 12.57 18.23 69.59
CA LYS T 538 13.39 18.61 70.73
C LYS T 538 14.13 17.42 71.29
N ILE T 539 13.42 16.34 71.60
CA ILE T 539 14.09 15.16 72.15
C ILE T 539 15.06 14.58 71.13
N ALA T 540 14.67 14.50 69.86
CA ALA T 540 15.57 13.98 68.84
C ALA T 540 16.89 14.76 68.85
N SER T 541 16.80 16.09 68.95
CA SER T 541 18.01 16.89 69.08
C SER T 541 18.77 16.54 70.34
N ASP T 542 18.06 16.26 71.44
CA ASP T 542 18.74 15.97 72.70
C ASP T 542 19.63 14.75 72.57
N GLY T 543 19.08 13.63 72.08
CA GLY T 543 19.92 12.49 71.79
C GLY T 543 20.99 12.82 70.77
N GLU T 544 20.59 13.52 69.70
CA GLU T 544 21.57 14.00 68.73
C GLU T 544 22.65 14.80 69.43
N ASN T 545 22.26 15.77 70.27
CA ASN T 545 23.23 16.55 71.01
C ASN T 545 24.01 15.68 71.98
N ASN T 546 23.35 14.71 72.61
CA ASN T 546 24.07 13.81 73.48
C ASN T 546 25.20 13.12 72.73
N ASN T 547 24.89 12.57 71.56
CA ASN T 547 25.91 11.90 70.76
C ASN T 547 27.12 12.79 70.59
N VAL T 548 26.89 14.09 70.38
CA VAL T 548 27.99 15.04 70.22
C VAL T 548 28.83 15.10 71.49
N VAL T 549 28.18 15.34 72.62
CA VAL T 549 28.93 15.49 73.87
C VAL T 549 29.62 14.19 74.25
N ASN T 550 28.97 13.06 73.99
CA ASN T 550 29.57 11.78 74.36
C ASN T 550 30.92 11.58 73.68
N SER T 551 31.00 11.90 72.38
CA SER T 551 32.25 11.75 71.67
C SER T 551 33.39 12.43 72.43
N SER T 552 33.14 13.63 72.94
CA SER T 552 34.11 14.26 73.81
C SER T 552 34.34 13.42 75.06
N ASN T 553 33.25 12.95 75.69
CA ASN T 553 33.39 12.23 76.94
C ASN T 553 34.24 10.99 76.77
N GLU T 554 33.96 10.19 75.75
CA GLU T 554 34.83 9.06 75.47
C GLU T 554 36.22 9.56 75.06
N THR T 555 36.27 10.56 74.19
CA THR T 555 37.55 11.03 73.68
C THR T 555 38.44 11.51 74.81
N LEU T 556 37.92 12.41 75.63
CA LEU T 556 38.70 12.92 76.76
C LEU T 556 39.12 11.78 77.68
N TYR T 557 38.20 10.85 77.95
CA TYR T 557 38.55 9.73 78.81
C TYR T 557 39.60 8.86 78.16
N ASN T 558 39.60 8.78 76.82
CA ASN T 558 40.60 7.96 76.14
C ASN T 558 42.00 8.44 76.48
N SER T 559 42.21 9.76 76.49
CA SER T 559 43.52 10.30 76.81
C SER T 559 43.94 9.94 78.23
N VAL T 560 43.02 10.06 79.19
CA VAL T 560 43.44 10.08 80.58
C VAL T 560 44.03 8.74 81.01
N TYR T 561 43.36 7.63 80.68
CA TYR T 561 43.99 6.35 81.03
C TYR T 561 45.18 6.08 80.13
N SER T 562 45.11 6.54 78.87
CA SER T 562 46.27 6.40 78.00
C SER T 562 47.53 6.93 78.67
N GLU T 563 47.46 8.14 79.21
CA GLU T 563 48.54 8.62 80.07
C GLU T 563 48.82 7.63 81.18
N TYR T 564 47.84 7.42 82.06
CA TYR T 564 48.04 6.52 83.17
C TYR T 564 48.58 5.19 82.70
N GLN T 565 48.05 4.69 81.58
CA GLN T 565 48.50 3.42 81.05
C GLN T 565 49.96 3.51 80.61
N SER T 566 50.41 4.68 80.19
CA SER T 566 51.77 4.80 79.69
C SER T 566 52.79 4.49 80.80
N LYS T 567 52.60 5.10 81.96
CA LYS T 567 53.67 5.14 82.95
C LYS T 567 53.75 3.86 83.78
N SER T 568 52.61 3.20 83.99
CA SER T 568 52.49 2.35 85.17
C SER T 568 53.39 1.12 85.09
N GLY T 569 53.15 0.23 84.12
CA GLY T 569 53.52 -1.15 84.35
C GLY T 569 53.86 -2.12 83.24
N VAL T 570 54.93 -2.87 83.48
CA VAL T 570 55.25 -4.14 82.84
C VAL T 570 55.44 -4.08 81.33
N ASN T 571 56.52 -4.70 80.87
CA ASN T 571 56.61 -5.28 79.54
C ASN T 571 57.43 -6.54 79.69
N THR T 572 56.95 -7.65 79.14
CA THR T 572 57.49 -8.96 79.51
C THR T 572 59.00 -9.00 79.37
N ASN T 573 59.53 -8.56 78.24
CA ASN T 573 60.97 -8.68 78.01
C ASN T 573 61.75 -7.87 79.04
N GLU T 574 61.27 -6.65 79.33
CA GLU T 574 61.99 -5.79 80.26
C GLU T 574 62.11 -6.43 81.63
N GLU T 575 61.01 -7.01 82.12
CA GLU T 575 61.06 -7.67 83.41
C GLU T 575 62.03 -8.85 83.38
N LEU T 576 62.01 -9.61 82.29
CA LEU T 576 62.88 -10.78 82.17
C LEU T 576 64.35 -10.37 82.14
N ALA T 577 64.66 -9.28 81.44
CA ALA T 577 66.05 -8.87 81.31
C ALA T 577 66.69 -8.61 82.67
N ALA T 578 66.01 -7.84 83.52
CA ALA T 578 66.53 -7.60 84.86
C ALA T 578 66.65 -8.91 85.62
N LEU T 579 65.64 -9.78 85.50
CA LEU T 579 65.74 -11.10 86.10
C LEU T 579 67.04 -11.78 85.68
N ILE T 580 67.35 -11.70 84.39
CA ILE T 580 68.56 -12.34 83.86
C ILE T 580 69.80 -11.80 84.56
N GLN T 581 69.84 -10.48 84.78
CA GLN T 581 70.91 -9.92 85.58
C GLN T 581 71.01 -10.63 86.92
N TYR T 582 69.89 -10.68 87.65
CA TYR T 582 69.93 -11.28 88.98
C TYR T 582 70.16 -12.77 88.90
N GLN T 583 69.70 -13.40 87.80
CA GLN T 583 70.07 -14.79 87.56
C GLN T 583 71.58 -14.95 87.56
N SER T 584 72.27 -14.15 86.75
CA SER T 584 73.72 -14.17 86.75
C SER T 584 74.28 -13.67 88.08
N SER T 585 73.67 -12.63 88.64
CA SER T 585 74.15 -12.12 89.93
C SER T 585 74.14 -13.21 90.98
N TYR T 586 73.06 -13.99 91.03
CA TYR T 586 73.03 -15.14 91.93
C TYR T 586 74.20 -16.07 91.65
N GLY T 587 74.38 -16.45 90.39
CA GLY T 587 75.48 -17.34 90.05
C GLY T 587 76.81 -16.78 90.49
N ALA T 588 76.98 -15.46 90.35
CA ALA T 588 78.24 -14.84 90.75
C ALA T 588 78.49 -15.01 92.24
N ALA T 589 77.62 -14.44 93.08
CA ALA T 589 77.89 -14.40 94.52
C ALA T 589 78.33 -15.75 95.03
N ALA T 590 77.70 -16.82 94.55
CA ALA T 590 78.14 -18.16 94.92
C ALA T 590 79.54 -18.45 94.40
N LYS T 591 79.80 -18.12 93.14
CA LYS T 591 81.11 -18.38 92.57
C LYS T 591 82.20 -17.67 93.36
N ILE T 592 81.98 -16.40 93.69
CA ILE T 592 82.94 -15.71 94.55
C ILE T 592 83.10 -16.46 95.86
N VAL T 593 82.00 -16.79 96.52
CA VAL T 593 82.08 -17.51 97.78
C VAL T 593 82.75 -18.86 97.56
N SER T 594 82.39 -19.53 96.46
CA SER T 594 83.05 -20.78 96.15
C SER T 594 84.55 -20.58 96.00
N THR T 595 84.97 -19.56 95.26
CA THR T 595 86.40 -19.40 94.98
C THR T 595 87.21 -19.35 96.27
N VAL T 596 86.70 -18.70 97.31
CA VAL T 596 87.53 -18.48 98.50
C VAL T 596 87.84 -19.79 99.21
N ASP T 597 86.86 -20.70 99.31
CA ASP T 597 87.15 -21.90 100.08
C ASP T 597 88.20 -22.75 99.37
N GLN T 598 88.22 -22.73 98.04
CA GLN T 598 89.27 -23.44 97.35
C GLN T 598 90.57 -23.10 98.05
N MET T 599 90.95 -21.83 98.03
CA MET T 599 92.19 -21.40 98.66
C MET T 599 92.18 -21.66 100.15
N LEU T 600 91.02 -21.46 100.78
CA LEU T 600 90.91 -21.68 102.21
C LEU T 600 91.15 -23.14 102.53
N ASP T 601 90.57 -24.03 101.74
CA ASP T 601 90.71 -25.45 101.98
C ASP T 601 92.15 -25.82 101.75
N THR T 602 92.77 -25.17 100.79
CA THR T 602 94.17 -25.41 100.50
C THR T 602 95.01 -25.09 101.72
N LEU T 603 94.78 -23.92 102.29
CA LEU T 603 95.59 -23.51 103.45
C LEU T 603 95.27 -24.42 104.62
N LEU T 604 94.05 -24.92 104.70
CA LEU T 604 93.69 -25.85 105.75
C LEU T 604 94.52 -27.12 105.63
N GLY T 605 94.59 -27.66 104.43
CA GLY T 605 95.38 -28.85 104.20
C GLY T 605 96.83 -28.56 104.55
N LEU T 606 97.28 -27.36 104.19
CA LEU T 606 98.66 -26.99 104.44
C LEU T 606 98.98 -26.99 105.92
N LYS T 607 98.06 -26.44 106.73
CA LYS T 607 98.28 -26.37 108.17
C LYS T 607 98.15 -27.74 108.81
N SER T 608 97.32 -28.59 108.22
CA SER T 608 97.13 -29.94 108.76
C SER T 608 98.34 -30.83 108.48
N MET U 1 80.38 -39.62 117.06
CA MET U 1 79.10 -39.61 117.82
C MET U 1 78.01 -38.86 117.05
N GLY U 2 78.32 -37.62 116.67
CA GLY U 2 77.31 -36.79 116.01
C GLY U 2 76.72 -37.43 114.76
N ILE U 3 77.39 -38.46 114.22
CA ILE U 3 76.91 -39.09 112.99
C ILE U 3 75.50 -39.63 113.14
N PHE U 4 75.23 -40.40 114.20
CA PHE U 4 73.90 -40.98 114.32
C PHE U 4 72.84 -39.88 114.40
N GLY U 5 73.17 -38.74 114.99
CA GLY U 5 72.29 -37.59 114.87
C GLY U 5 72.11 -37.16 113.43
N THR U 6 73.21 -37.11 112.67
CA THR U 6 73.10 -36.86 111.24
C THR U 6 72.29 -37.96 110.57
N LEU U 7 72.43 -39.20 111.04
CA LEU U 7 71.77 -40.32 110.37
C LEU U 7 70.26 -40.15 110.37
N TYR U 8 69.69 -39.63 111.46
CA TYR U 8 68.24 -39.48 111.52
C TYR U 8 67.71 -38.62 110.38
N THR U 9 68.27 -37.43 110.23
CA THR U 9 67.83 -36.56 109.14
C THR U 9 68.06 -37.22 107.79
N GLY U 10 69.18 -37.91 107.63
CA GLY U 10 69.44 -38.63 106.39
C GLY U 10 68.39 -39.69 106.10
N VAL U 11 67.66 -40.13 107.12
CA VAL U 11 66.66 -41.16 106.92
C VAL U 11 65.34 -40.55 106.46
N THR U 12 64.77 -39.67 107.27
CA THR U 12 63.38 -39.27 107.08
C THR U 12 63.16 -38.68 105.68
N GLY U 13 63.78 -37.54 105.40
CA GLY U 13 63.56 -36.89 104.11
C GLY U 13 64.12 -37.68 102.96
N LEU U 14 65.36 -38.17 103.09
CA LEU U 14 66.04 -38.77 101.95
C LEU U 14 65.30 -40.00 101.44
N LYS U 15 64.93 -40.92 102.33
CA LYS U 15 64.19 -42.09 101.91
C LYS U 15 62.81 -41.72 101.37
N ALA U 16 62.14 -40.78 102.04
CA ALA U 16 60.82 -40.37 101.57
C ALA U 16 60.88 -39.78 100.17
N SER U 17 62.00 -39.13 99.84
CA SER U 17 62.12 -38.50 98.53
C SER U 17 61.93 -39.52 97.41
N GLU U 18 62.56 -40.69 97.53
CA GLU U 18 62.34 -41.76 96.57
C GLU U 18 60.86 -42.05 96.40
N VAL U 19 60.15 -42.21 97.52
CA VAL U 19 58.73 -42.54 97.46
C VAL U 19 57.94 -41.38 96.83
N GLN U 20 58.07 -40.18 97.41
CA GLN U 20 57.32 -39.03 96.91
C GLN U 20 57.64 -38.75 95.45
N ILE U 21 58.93 -38.73 95.10
CA ILE U 21 59.29 -38.56 93.69
C ILE U 21 58.61 -39.63 92.86
N ALA U 22 58.73 -40.89 93.29
CA ALA U 22 58.18 -41.99 92.52
C ALA U 22 56.66 -41.90 92.44
N THR U 23 56.01 -41.73 93.60
CA THR U 23 54.55 -41.79 93.63
C THR U 23 53.94 -40.72 92.73
N THR U 24 54.37 -39.47 92.89
CA THR U 24 53.79 -38.40 92.09
C THR U 24 53.98 -38.64 90.60
N GLY U 25 55.18 -39.06 90.19
CA GLY U 25 55.36 -39.47 88.81
C GLY U 25 54.40 -40.56 88.42
N ASN U 26 54.18 -41.52 89.32
CA ASN U 26 53.22 -42.59 89.06
C ASN U 26 51.81 -42.03 88.95
N ASN U 27 51.42 -41.14 89.85
CA ASN U 27 50.15 -40.44 89.68
C ASN U 27 50.08 -39.81 88.31
N ILE U 28 51.15 -39.13 87.90
CA ILE U 28 51.22 -38.61 86.53
C ILE U 28 51.13 -39.76 85.54
N SER U 29 51.84 -40.86 85.83
CA SER U 29 51.76 -42.02 84.96
C SER U 29 50.33 -42.53 84.85
N ASN U 30 49.61 -42.56 85.97
CA ASN U 30 48.24 -43.02 85.97
C ASN U 30 47.26 -41.97 85.48
N ALA U 31 47.72 -40.73 85.28
CA ALA U 31 46.82 -39.66 84.86
C ALA U 31 46.05 -40.01 83.61
N ASN U 32 46.64 -40.79 82.70
CA ASN U 32 45.97 -41.20 81.48
C ASN U 32 45.09 -42.42 81.67
N ALA U 33 45.17 -43.09 82.83
CA ALA U 33 44.33 -44.25 83.05
C ALA U 33 42.87 -43.85 82.96
N THR U 34 42.05 -44.78 82.47
CA THR U 34 40.66 -44.50 82.15
C THR U 34 39.89 -43.83 83.29
N PHE U 35 40.32 -44.02 84.55
CA PHE U 35 39.55 -43.49 85.67
C PHE U 35 40.39 -42.84 86.75
N TYR U 36 41.65 -42.50 86.49
CA TYR U 36 42.53 -42.05 87.57
C TYR U 36 42.08 -40.69 88.10
N THR U 37 42.59 -40.34 89.29
CA THR U 37 42.13 -39.15 89.99
C THR U 37 43.17 -38.72 91.02
N ARG U 38 42.73 -37.83 91.92
CA ARG U 38 43.60 -36.94 92.69
C ARG U 38 44.15 -37.56 93.97
N GLN U 39 44.81 -38.72 93.88
CA GLN U 39 45.25 -39.45 95.06
C GLN U 39 46.61 -38.88 95.48
N ARG U 40 46.64 -38.16 96.60
CA ARG U 40 47.79 -37.33 96.97
C ARG U 40 48.24 -37.58 98.40
N VAL U 41 49.40 -37.00 98.74
CA VAL U 41 50.17 -37.33 99.93
C VAL U 41 50.21 -36.13 100.88
N VAL U 42 50.60 -36.39 102.14
CA VAL U 42 50.55 -35.39 103.19
C VAL U 42 51.64 -35.70 104.22
N GLN U 43 52.11 -34.65 104.90
CA GLN U 43 53.07 -34.77 105.99
C GLN U 43 52.36 -34.83 107.34
N THR U 44 53.12 -35.15 108.39
CA THR U 44 52.59 -35.14 109.74
C THR U 44 53.56 -34.42 110.69
N THR U 45 52.98 -33.76 111.70
CA THR U 45 53.73 -33.01 112.69
C THR U 45 54.05 -33.97 113.84
N ASN U 46 55.31 -34.37 113.93
CA ASN U 46 55.69 -35.43 114.84
C ASN U 46 56.01 -34.86 116.22
N GLY U 47 56.50 -35.72 117.11
CA GLY U 47 56.77 -35.30 118.47
C GLY U 47 58.08 -34.53 118.59
N TYR U 48 58.26 -33.95 119.77
CA TYR U 48 59.45 -33.18 120.11
C TYR U 48 60.08 -33.77 121.37
N ILE U 49 61.36 -34.12 121.30
CA ILE U 49 62.04 -34.85 122.36
C ILE U 49 63.28 -34.07 122.78
N THR U 50 63.33 -33.67 124.04
CA THR U 50 64.50 -33.00 124.60
C THR U 50 65.54 -34.06 124.96
N THR U 51 66.80 -33.79 124.61
CA THR U 51 67.85 -34.79 124.70
C THR U 51 69.09 -34.11 125.27
N GLY U 52 69.51 -34.54 126.45
CA GLY U 52 70.64 -33.90 127.10
C GLY U 52 70.41 -32.44 127.39
N GLY U 53 69.18 -32.05 127.70
CA GLY U 53 68.83 -30.66 127.89
C GLY U 53 68.63 -29.87 126.62
N VAL U 54 68.83 -30.50 125.46
CA VAL U 54 68.64 -29.84 124.18
C VAL U 54 67.65 -30.65 123.36
N GLN U 55 66.92 -29.96 122.50
CA GLN U 55 65.74 -30.51 121.84
C GLN U 55 66.13 -31.32 120.62
N VAL U 56 65.61 -32.55 120.54
CA VAL U 56 65.72 -33.40 119.36
C VAL U 56 64.31 -33.71 118.91
N GLY U 57 63.93 -33.22 117.74
CA GLY U 57 62.60 -33.43 117.21
C GLY U 57 62.61 -34.46 116.11
N THR U 58 61.69 -35.40 116.20
CA THR U 58 61.49 -36.36 115.11
C THR U 58 60.94 -35.68 113.86
N GLY U 59 60.49 -34.44 113.97
CA GLY U 59 60.18 -33.62 112.81
C GLY U 59 58.98 -34.07 112.00
N THR U 60 59.22 -34.48 110.76
CA THR U 60 58.16 -34.73 109.81
C THR U 60 58.23 -36.16 109.30
N ALA U 61 57.04 -36.77 109.22
CA ALA U 61 56.84 -38.01 108.50
C ALA U 61 55.70 -37.78 107.52
N VAL U 62 55.65 -38.60 106.47
CA VAL U 62 54.79 -38.31 105.33
C VAL U 62 53.99 -39.56 105.00
N GLU U 63 52.67 -39.42 104.95
CA GLU U 63 51.80 -40.52 104.49
C GLU U 63 50.43 -39.96 104.19
N SER U 64 49.99 -40.10 102.93
CA SER U 64 48.59 -39.92 102.58
C SER U 64 48.39 -40.32 101.13
N ILE U 65 47.22 -40.87 100.84
CA ILE U 65 46.78 -41.08 99.47
C ILE U 65 45.29 -40.83 99.41
N VAL U 66 44.89 -39.63 98.97
CA VAL U 66 43.50 -39.22 99.01
C VAL U 66 43.23 -38.23 97.89
N ARG U 67 41.95 -38.07 97.56
CA ARG U 67 41.50 -37.23 96.45
C ARG U 67 40.31 -36.40 96.88
N LEU U 68 40.07 -35.31 96.14
CA LEU U 68 38.92 -34.45 96.41
C LEU U 68 37.62 -35.21 96.13
N HIS U 69 36.58 -34.90 96.90
CA HIS U 69 35.40 -35.74 96.95
C HIS U 69 34.20 -34.95 97.49
N ASP U 70 33.01 -35.46 97.19
CA ASP U 70 31.80 -35.14 97.94
C ASP U 70 30.76 -36.21 97.71
N GLU U 71 30.34 -36.88 98.79
CA GLU U 71 29.31 -37.90 98.65
C GLU U 71 28.00 -37.30 98.16
N TYR U 72 27.65 -36.11 98.66
CA TYR U 72 26.49 -35.41 98.15
C TYR U 72 26.56 -35.32 96.63
N SER U 73 27.73 -34.96 96.10
CA SER U 73 27.87 -34.86 94.65
C SER U 73 27.69 -36.21 93.98
N TYR U 74 28.23 -37.29 94.57
CA TYR U 74 28.30 -38.55 93.84
C TYR U 74 26.92 -38.92 93.29
N TYR U 75 25.90 -38.82 94.14
CA TYR U 75 24.56 -39.13 93.66
C TYR U 75 23.97 -38.00 92.83
N LYS U 76 24.54 -36.80 92.90
CA LYS U 76 24.17 -35.78 91.93
C LYS U 76 24.48 -36.30 90.53
N LEU U 77 25.65 -36.90 90.36
CA LEU U 77 26.02 -37.47 89.08
C LEU U 77 25.16 -38.70 88.77
N LYS U 78 24.85 -39.50 89.79
CA LYS U 78 24.02 -40.68 89.58
C LYS U 78 22.70 -40.30 88.93
N GLY U 79 21.99 -39.34 89.52
CA GLY U 79 20.70 -38.95 88.97
C GLY U 79 20.82 -38.42 87.55
N ALA U 80 21.85 -37.61 87.29
CA ALA U 80 22.04 -37.08 85.95
C ALA U 80 22.12 -38.21 84.93
N SER U 81 22.92 -39.24 85.22
CA SER U 81 22.98 -40.40 84.34
C SER U 81 21.61 -41.05 84.21
N ASN U 82 20.95 -41.26 85.35
CA ASN U 82 19.66 -41.95 85.33
C ASN U 82 18.68 -41.23 84.41
N GLN U 83 18.48 -39.93 84.63
CA GLN U 83 17.48 -39.21 83.84
C GLN U 83 17.94 -39.05 82.39
N LEU U 84 19.23 -38.78 82.18
CA LEU U 84 19.76 -38.75 80.83
C LEU U 84 19.51 -40.07 80.12
N GLU U 85 19.73 -41.18 80.82
CA GLU U 85 19.51 -42.48 80.22
C GLU U 85 18.07 -42.66 79.79
N TYR U 86 17.13 -42.22 80.63
CA TYR U 86 15.73 -42.32 80.29
C TYR U 86 15.42 -41.57 79.01
N THR U 87 15.83 -40.29 78.95
CA THR U 87 15.51 -39.46 77.79
C THR U 87 16.18 -39.97 76.52
N LYS U 88 17.46 -40.35 76.60
CA LYS U 88 18.18 -40.75 75.40
C LYS U 88 17.58 -42.00 74.78
N TYR U 89 17.34 -43.02 75.59
CA TYR U 89 16.66 -44.20 75.08
C TYR U 89 15.26 -43.85 74.60
N MET U 90 14.55 -43.03 75.37
CA MET U 90 13.28 -42.50 74.91
C MET U 90 13.42 -41.84 73.56
N ALA U 91 14.47 -41.01 73.40
CA ALA U 91 14.67 -40.32 72.14
C ALA U 91 14.83 -41.32 70.99
N SER U 92 15.74 -42.28 71.14
CA SER U 92 16.02 -43.22 70.06
C SER U 92 14.76 -43.96 69.64
N THR U 93 14.07 -44.56 70.62
CA THR U 93 12.85 -45.27 70.30
C THR U 93 11.80 -44.34 69.71
N LEU U 94 11.69 -43.13 70.26
CA LEU U 94 10.72 -42.17 69.74
C LEU U 94 10.86 -42.00 68.24
N GLN U 95 12.00 -41.50 67.80
CA GLN U 95 12.17 -41.17 66.39
C GLN U 95 12.22 -42.43 65.54
N GLU U 96 12.74 -43.52 66.11
CA GLU U 96 12.68 -44.80 65.43
C GLU U 96 11.26 -45.10 64.96
N ILE U 97 10.30 -44.98 65.88
CA ILE U 97 8.89 -45.19 65.52
C ILE U 97 8.42 -44.07 64.60
N ALA U 98 8.68 -42.82 65.00
CA ALA U 98 8.25 -41.69 64.17
C ALA U 98 8.85 -41.79 62.77
N GLN U 99 10.02 -42.42 62.66
CA GLN U 99 10.69 -42.54 61.38
C GLN U 99 9.87 -43.31 60.34
N ARG U 100 8.89 -44.11 60.77
CA ARG U 100 8.20 -44.98 59.84
C ARG U 100 7.88 -44.28 58.53
N PHE U 101 7.23 -43.12 58.60
CA PHE U 101 6.95 -42.28 57.44
C PHE U 101 7.27 -40.83 57.79
N PRO U 102 7.93 -40.11 56.90
CA PRO U 102 7.86 -38.66 56.97
C PRO U 102 6.46 -38.22 56.58
N ASP U 103 5.85 -37.41 57.43
CA ASP U 103 4.48 -37.02 57.17
C ASP U 103 4.37 -36.32 55.83
N LEU U 104 3.42 -36.78 55.03
CA LEU U 104 3.22 -36.29 53.67
C LEU U 104 1.74 -36.44 53.37
N GLN U 105 1.20 -35.50 52.59
CA GLN U 105 0.00 -35.86 51.85
C GLN U 105 0.35 -37.09 51.05
N ASN U 106 -0.37 -38.18 51.31
CA ASN U 106 -0.01 -39.48 50.76
C ASN U 106 1.26 -40.06 51.37
N THR U 107 1.38 -40.06 52.69
CA THR U 107 2.18 -41.11 53.29
C THR U 107 1.67 -42.44 52.74
N GLY U 108 2.61 -43.31 52.35
CA GLY U 108 2.28 -44.39 51.43
C GLY U 108 0.89 -44.97 51.65
N ILE U 109 0.53 -45.21 52.91
CA ILE U 109 -0.84 -45.63 53.22
C ILE U 109 -1.82 -44.52 52.82
N LEU U 110 -1.50 -43.27 53.16
CA LEU U 110 -2.38 -42.17 52.82
C LEU U 110 -2.45 -41.98 51.31
N GLN U 111 -1.41 -42.39 50.59
CA GLN U 111 -1.41 -42.33 49.13
C GLN U 111 -2.57 -43.13 48.55
N ASP U 112 -2.70 -44.39 48.96
CA ASP U 112 -3.78 -45.21 48.43
C ASP U 112 -5.12 -44.54 48.61
N LEU U 113 -5.31 -43.81 49.71
CA LEU U 113 -6.56 -43.09 49.90
C LEU U 113 -6.80 -42.12 48.75
N GLU U 114 -5.78 -41.36 48.36
CA GLU U 114 -5.91 -40.50 47.21
C GLU U 114 -6.06 -41.31 45.93
N ASN U 115 -5.24 -42.36 45.77
CA ASN U 115 -5.37 -43.22 44.60
C ASN U 115 -6.71 -43.94 44.61
N TYR U 116 -7.20 -44.30 45.79
CA TYR U 116 -8.46 -45.02 45.86
C TYR U 116 -9.60 -44.18 45.32
N ASN U 117 -9.63 -42.89 45.66
CA ASN U 117 -10.75 -42.05 45.28
C ASN U 117 -10.80 -41.85 43.77
N LYS U 118 -9.66 -41.63 43.12
CA LYS U 118 -9.65 -41.40 41.69
C LYS U 118 -10.20 -42.62 40.94
N ALA U 119 -9.75 -43.81 41.30
CA ALA U 119 -10.35 -45.02 40.73
C ALA U 119 -11.80 -45.16 41.17
N TRP U 120 -12.08 -44.83 42.43
CA TRP U 120 -13.42 -45.02 42.97
C TRP U 120 -14.41 -44.03 42.36
N ASN U 121 -13.95 -42.81 42.05
CA ASN U 121 -14.84 -41.84 41.43
C ASN U 121 -15.04 -42.13 39.94
N ASP U 122 -13.97 -42.45 39.22
CA ASP U 122 -14.14 -42.84 37.83
C ASP U 122 -15.06 -44.04 37.72
N PHE U 123 -14.90 -45.00 38.62
CA PHE U 123 -15.84 -46.11 38.68
C PHE U 123 -17.25 -45.62 38.93
N ALA U 124 -17.40 -44.55 39.72
CA ALA U 124 -18.68 -43.85 39.74
C ALA U 124 -18.98 -43.20 38.40
N SER U 125 -17.96 -42.61 37.77
CA SER U 125 -18.14 -42.02 36.45
C SER U 125 -18.42 -43.10 35.41
N ASN U 126 -17.80 -44.26 35.56
CA ASN U 126 -17.98 -45.39 34.63
C ASN U 126 -18.48 -46.56 35.47
N PRO U 127 -19.80 -46.79 35.51
CA PRO U 127 -20.35 -47.78 36.46
C PRO U 127 -20.09 -49.21 36.05
N ASN U 128 -19.26 -49.43 35.02
CA ASN U 128 -18.99 -50.77 34.53
C ASN U 128 -17.52 -51.00 34.25
N GLU U 129 -16.69 -49.97 34.37
CA GLU U 129 -15.30 -50.07 33.97
C GLU U 129 -14.54 -50.98 34.92
N ASN U 130 -13.94 -52.04 34.37
CA ASN U 130 -13.14 -52.95 35.17
C ASN U 130 -11.78 -52.35 35.51
N ALA U 131 -11.22 -51.54 34.61
CA ALA U 131 -9.95 -50.89 34.90
C ALA U 131 -10.00 -50.17 36.23
N THR U 132 -11.09 -49.45 36.49
CA THR U 132 -11.27 -48.84 37.80
C THR U 132 -11.24 -49.91 38.89
N LYS U 133 -12.01 -50.99 38.70
CA LYS U 133 -11.97 -52.08 39.65
C LYS U 133 -10.55 -52.53 39.91
N ILE U 134 -9.77 -52.72 38.83
CA ILE U 134 -8.40 -53.22 38.97
C ILE U 134 -7.59 -52.27 39.83
N ALA U 135 -7.57 -50.99 39.48
CA ALA U 135 -6.90 -50.00 40.32
C ALA U 135 -7.60 -49.89 41.67
N LEU U 136 -8.92 -49.90 41.66
CA LEU U 136 -9.68 -49.73 42.89
C LEU U 136 -9.36 -50.83 43.89
N VAL U 137 -9.48 -52.09 43.46
CA VAL U 137 -9.11 -53.20 44.33
C VAL U 137 -7.63 -53.11 44.68
N LYS U 138 -6.80 -52.80 43.70
CA LYS U 138 -5.37 -52.69 43.93
C LYS U 138 -5.07 -51.68 45.03
N ALA U 139 -5.59 -50.46 44.90
CA ALA U 139 -5.35 -49.45 45.91
C ALA U 139 -5.90 -49.90 47.26
N SER U 140 -7.10 -50.48 47.27
CA SER U 140 -7.66 -50.96 48.52
C SER U 140 -6.78 -52.03 49.15
N GLN U 141 -6.40 -53.04 48.38
CA GLN U 141 -5.62 -54.13 48.95
C GLN U 141 -4.24 -53.67 49.40
N THR U 142 -3.51 -53.00 48.51
CA THR U 142 -2.20 -52.48 48.90
C THR U 142 -2.34 -51.61 50.14
N LEU U 143 -3.42 -50.85 50.21
CA LEU U 143 -3.65 -49.97 51.35
C LEU U 143 -3.73 -50.76 52.65
N THR U 144 -4.58 -51.78 52.70
CA THR U 144 -4.83 -52.49 53.95
C THR U 144 -3.58 -53.23 54.43
N GLU U 145 -2.96 -54.01 53.54
CA GLU U 145 -1.83 -54.82 53.96
C GLU U 145 -0.67 -53.95 54.44
N SER U 146 -0.45 -52.82 53.78
CA SER U 146 0.53 -51.85 54.27
C SER U 146 0.24 -51.49 55.72
N VAL U 147 -1.02 -51.19 56.03
CA VAL U 147 -1.41 -50.94 57.41
C VAL U 147 -1.08 -52.16 58.26
N ASN U 148 -1.40 -53.35 57.75
CA ASN U 148 -1.15 -54.57 58.50
C ASN U 148 0.33 -54.78 58.75
N ASN U 149 1.17 -54.50 57.76
CA ASN U 149 2.60 -54.58 58.02
C ASN U 149 3.07 -53.42 58.88
N THR U 150 2.60 -52.21 58.60
CA THR U 150 2.92 -51.07 59.46
C THR U 150 2.48 -51.37 60.88
N PHE U 151 1.28 -51.90 61.03
CA PHE U 151 0.91 -52.56 62.28
C PHE U 151 2.02 -53.48 62.77
N ALA U 152 2.30 -54.51 61.97
CA ALA U 152 3.21 -55.56 62.40
C ALA U 152 4.60 -55.02 62.65
N THR U 153 4.99 -53.96 61.94
CA THR U 153 6.30 -53.36 62.17
C THR U 153 6.38 -52.76 63.57
N LEU U 154 5.32 -52.05 63.97
CA LEU U 154 5.40 -51.21 65.17
C LEU U 154 5.36 -52.05 66.44
N ASP U 155 4.47 -53.04 66.51
CA ASP U 155 4.41 -53.88 67.70
C ASP U 155 5.72 -54.62 67.93
N LYS U 156 6.42 -54.98 66.86
CA LYS U 156 7.74 -55.58 67.01
C LYS U 156 8.66 -54.67 67.80
N ILE U 157 8.63 -53.36 67.52
CA ILE U 157 9.38 -52.42 68.34
C ILE U 157 8.95 -52.52 69.79
N GLN U 158 7.63 -52.50 70.03
CA GLN U 158 7.10 -52.76 71.36
C GLN U 158 7.60 -54.09 71.91
N LYS U 159 7.59 -55.14 71.09
CA LYS U 159 8.16 -56.40 71.55
C LYS U 159 9.69 -56.26 71.65
N LYS U 160 10.29 -55.47 70.76
CA LYS U 160 11.72 -55.20 70.91
C LYS U 160 12.01 -54.61 72.28
N VAL U 161 11.13 -53.74 72.77
CA VAL U 161 11.28 -53.28 74.15
C VAL U 161 11.38 -54.48 75.07
N ASN U 162 10.45 -55.43 74.92
CA ASN U 162 10.55 -56.65 75.71
C ASN U 162 11.93 -57.28 75.56
N ASP U 163 12.47 -57.28 74.35
CA ASP U 163 13.82 -57.80 74.16
C ASP U 163 14.85 -56.91 74.84
N ASP U 164 14.61 -55.60 74.85
CA ASP U 164 15.57 -54.68 75.48
C ASP U 164 15.83 -55.05 76.93
N ILE U 165 14.85 -55.64 77.61
CA ILE U 165 15.04 -55.99 79.01
C ILE U 165 15.89 -57.25 79.15
N LYS U 166 15.89 -58.11 78.12
CA LYS U 166 16.73 -59.30 78.18
C LYS U 166 18.19 -58.91 78.35
N ASN U 167 18.64 -57.91 77.59
CA ASN U 167 20.05 -57.53 77.63
C ASN U 167 20.38 -56.82 78.94
N THR U 168 19.53 -55.89 79.37
CA THR U 168 19.83 -55.17 80.61
C THR U 168 19.84 -56.13 81.78
N VAL U 169 18.86 -57.00 81.89
CA VAL U 169 18.91 -58.01 82.95
C VAL U 169 20.13 -58.90 82.76
N ASP U 170 20.36 -59.33 81.51
CA ASP U 170 21.58 -60.08 81.20
C ASP U 170 22.80 -59.33 81.72
N GLU U 171 22.91 -58.05 81.37
CA GLU U 171 24.01 -57.24 81.90
C GLU U 171 23.87 -57.08 83.40
N ILE U 172 22.66 -56.81 83.87
CA ILE U 172 22.45 -56.55 85.30
C ILE U 172 22.91 -57.75 86.13
N ASN U 173 22.50 -58.95 85.74
CA ASN U 173 22.73 -60.11 86.60
C ASN U 173 24.22 -60.32 86.85
N LYS U 174 25.02 -60.39 85.79
CA LYS U 174 26.47 -60.50 85.97
C LYS U 174 27.02 -59.27 86.67
N ILE U 175 26.51 -58.09 86.30
CA ILE U 175 26.97 -56.85 86.92
C ILE U 175 26.75 -56.92 88.42
N GLY U 176 25.56 -57.32 88.85
CA GLY U 176 25.28 -57.38 90.28
C GLY U 176 26.25 -58.29 91.01
N GLU U 177 26.49 -59.48 90.46
CA GLU U 177 27.50 -60.36 91.04
C GLU U 177 28.87 -59.71 90.98
N GLU U 178 29.23 -59.17 89.82
CA GLU U 178 30.58 -58.62 89.64
C GLU U 178 30.80 -57.44 90.58
N ILE U 179 29.80 -56.58 90.75
CA ILE U 179 29.94 -55.49 91.70
C ILE U 179 30.18 -56.05 93.09
N ALA U 180 29.33 -56.99 93.51
CA ALA U 180 29.53 -57.61 94.81
C ALA U 180 30.83 -58.37 94.89
N THR U 181 31.33 -58.85 93.74
CA THR U 181 32.64 -59.50 93.72
C THR U 181 33.72 -58.52 94.16
N ILE U 182 33.58 -57.25 93.80
CA ILE U 182 34.53 -56.24 94.27
C ILE U 182 34.51 -56.18 95.79
N ASN U 183 33.32 -56.34 96.38
CA ASN U 183 33.24 -56.41 97.84
C ASN U 183 33.98 -57.63 98.37
N LYS U 184 33.98 -58.75 97.64
CA LYS U 184 34.80 -59.88 98.07
C LYS U 184 36.24 -59.44 98.27
N GLN U 185 36.75 -58.56 97.41
CA GLN U 185 38.10 -58.04 97.59
C GLN U 185 38.18 -57.15 98.81
N ILE U 186 37.22 -56.23 98.95
CA ILE U 186 37.37 -55.13 99.90
C ILE U 186 37.31 -55.63 101.34
N TYR U 187 36.51 -56.66 101.61
CA TYR U 187 36.23 -57.08 102.98
C TYR U 187 36.65 -58.52 103.19
N GLY U 188 37.13 -58.81 104.39
CA GLY U 188 37.55 -60.13 104.77
C GLY U 188 37.69 -60.25 106.27
N GLN U 189 38.64 -61.08 106.68
CA GLN U 189 38.89 -61.25 108.11
C GLN U 189 39.54 -60.01 108.72
N GLU U 190 40.28 -59.25 107.92
CA GLU U 190 40.91 -58.02 108.42
C GLU U 190 40.78 -56.84 107.47
N ALA U 191 41.26 -55.66 107.89
CA ALA U 191 41.17 -54.46 107.06
C ALA U 191 42.28 -54.41 106.02
N LEU U 192 42.37 -53.31 105.28
CA LEU U 192 43.36 -53.20 104.20
C LEU U 192 43.90 -51.79 104.06
N PRO U 193 44.95 -51.61 103.23
CA PRO U 193 45.43 -50.24 103.00
C PRO U 193 44.31 -49.50 102.32
N THR U 194 43.68 -50.12 101.34
CA THR U 194 42.51 -49.52 100.70
C THR U 194 42.73 -48.26 99.87
N GLU U 195 43.97 -47.87 99.59
CA GLU U 195 44.15 -46.69 98.73
C GLU U 195 43.54 -47.02 97.40
N HIS U 196 44.14 -47.95 96.68
CA HIS U 196 43.46 -48.37 95.45
C HIS U 196 41.98 -48.68 95.67
N ALA U 197 41.62 -49.40 96.73
CA ALA U 197 40.21 -49.77 96.85
C ALA U 197 39.34 -48.54 97.06
N ASN U 198 39.93 -47.40 97.42
CA ASN U 198 39.24 -46.14 97.22
C ASN U 198 38.75 -46.06 95.78
N GLU U 199 39.64 -46.37 94.84
CA GLU U 199 39.27 -46.37 93.43
C GLU U 199 38.42 -47.59 93.09
N LEU U 200 38.73 -48.75 93.66
CA LEU U 200 37.86 -49.90 93.44
C LEU U 200 36.46 -49.59 93.91
N ARG U 201 36.32 -49.11 95.14
CA ARG U 201 35.03 -48.61 95.60
C ARG U 201 34.48 -47.58 94.62
N ASP U 202 35.29 -46.58 94.29
CA ASP U 202 34.84 -45.55 93.36
C ASP U 202 34.44 -46.16 92.02
N ARG U 203 35.32 -46.97 91.43
CA ARG U 203 35.00 -47.60 90.16
C ARG U 203 33.81 -48.52 90.32
N ARG U 204 33.82 -49.33 91.37
CA ARG U 204 32.63 -50.08 91.74
C ARG U 204 31.43 -49.15 91.90
N ASP U 205 31.66 -47.96 92.45
CA ASP U 205 30.56 -47.00 92.59
C ASP U 205 30.12 -46.48 91.25
N GLU U 206 31.03 -46.30 90.29
CA GLU U 206 30.61 -45.98 88.94
C GLU U 206 29.73 -47.08 88.38
N LEU U 207 30.05 -48.34 88.68
CA LEU U 207 29.14 -49.42 88.33
C LEU U 207 27.79 -49.22 89.00
N GLU U 208 27.80 -48.81 90.27
CA GLU U 208 26.56 -48.36 90.88
C GLU U 208 25.98 -47.18 90.11
N LEU U 209 26.83 -46.30 89.58
CA LEU U 209 26.35 -45.29 88.66
C LEU U 209 25.85 -45.93 87.37
N THR U 210 26.57 -46.92 86.86
CA THR U 210 26.06 -47.69 85.74
C THR U 210 24.72 -48.33 86.09
N LEU U 211 24.59 -48.77 87.34
CA LEU U 211 23.28 -49.14 87.86
C LEU U 211 22.36 -47.93 87.90
N SER U 212 22.89 -46.79 88.35
CA SER U 212 22.08 -45.58 88.42
C SER U 212 21.58 -45.17 87.04
N LYS U 213 22.43 -45.30 86.01
CA LYS U 213 21.95 -45.18 84.64
C LYS U 213 20.66 -45.98 84.45
N LEU U 214 20.61 -47.17 85.07
CA LEU U 214 19.51 -48.08 84.85
C LEU U 214 18.40 -47.87 85.87
N VAL U 215 18.77 -47.64 87.13
CA VAL U 215 17.91 -47.93 88.27
C VAL U 215 18.08 -46.84 89.32
N SER U 216 17.11 -46.78 90.23
CA SER U 216 17.15 -45.92 91.40
C SER U 216 17.61 -46.76 92.59
N ALA U 217 18.72 -46.36 93.22
CA ALA U 217 19.27 -47.13 94.34
C ALA U 217 20.29 -46.28 95.08
N VAL U 218 20.68 -46.77 96.26
CA VAL U 218 21.66 -46.12 97.12
C VAL U 218 22.37 -47.18 97.94
N ALA U 219 23.60 -46.88 98.36
CA ALA U 219 24.46 -47.85 99.04
C ALA U 219 24.93 -47.32 100.39
N SER U 220 25.45 -48.23 101.21
CA SER U 220 25.94 -47.91 102.56
C SER U 220 27.45 -48.14 102.63
N LYS U 221 28.18 -47.15 103.15
CA LYS U 221 29.64 -47.20 103.08
C LYS U 221 30.20 -46.48 104.32
N ASN U 222 30.40 -47.23 105.42
CA ASN U 222 31.12 -46.70 106.56
C ASN U 222 31.89 -47.77 107.35
N GLU U 223 32.39 -48.79 106.67
CA GLU U 223 32.96 -49.94 107.39
C GLU U 223 34.37 -49.87 107.97
N ILE U 224 35.36 -50.34 107.23
CA ILE U 224 36.73 -50.45 107.75
C ILE U 224 37.24 -49.64 108.95
N ASN U 225 37.77 -50.33 109.95
CA ASN U 225 38.47 -49.69 111.06
C ASN U 225 39.94 -50.15 111.06
N GLN U 226 40.65 -49.84 112.14
CA GLN U 226 42.11 -49.90 112.19
C GLN U 226 42.59 -50.64 113.44
N ASP U 227 42.08 -51.85 113.67
CA ASP U 227 42.30 -52.59 114.90
C ASP U 227 43.49 -53.54 114.78
N ASN U 228 43.87 -54.16 115.91
CA ASN U 228 45.21 -54.74 116.03
C ASN U 228 45.17 -56.28 116.09
N ARG U 229 44.21 -56.85 116.81
CA ARG U 229 44.07 -58.31 116.85
C ARG U 229 42.58 -58.65 116.83
N LEU U 230 42.26 -59.94 117.04
CA LEU U 230 40.90 -60.41 117.20
C LEU U 230 40.67 -61.14 118.52
N ASP U 231 41.73 -61.62 119.17
CA ASP U 231 41.65 -62.33 120.45
C ASP U 231 40.48 -63.31 120.55
N THR U 232 39.57 -63.08 121.49
CA THR U 232 38.63 -64.09 121.94
C THR U 232 37.33 -64.11 121.13
N THR U 233 37.39 -64.27 119.81
CA THR U 233 36.20 -64.12 118.99
C THR U 233 36.29 -64.99 117.75
N ILE U 234 35.11 -65.28 117.18
CA ILE U 234 34.97 -65.84 115.84
C ILE U 234 33.63 -65.39 115.28
N THR U 235 33.43 -65.55 113.97
CA THR U 235 32.43 -64.77 113.23
C THR U 235 31.00 -65.22 113.49
N ASP U 236 30.09 -64.24 113.53
CA ASP U 236 28.65 -64.44 113.36
C ASP U 236 28.13 -63.24 112.59
N PRO U 237 28.21 -63.25 111.26
CA PRO U 237 27.95 -62.03 110.49
C PRO U 237 26.52 -61.88 110.01
N GLY U 238 25.58 -62.69 110.49
CA GLY U 238 24.30 -62.83 109.81
C GLY U 238 23.47 -61.56 109.71
N HIS U 239 23.45 -60.76 110.78
CA HIS U 239 22.33 -59.84 110.98
C HIS U 239 22.69 -58.36 110.76
N GLN U 240 23.87 -58.06 110.23
CA GLN U 240 24.45 -56.75 110.51
C GLN U 240 24.18 -55.70 109.41
N TYR U 241 24.48 -56.01 108.14
CA TYR U 241 24.67 -54.97 107.14
C TYR U 241 23.44 -54.80 106.27
N ASN U 242 23.41 -53.70 105.51
CA ASN U 242 22.23 -53.29 104.74
C ASN U 242 22.64 -52.49 103.51
N LEU U 243 21.80 -52.54 102.47
CA LEU U 243 21.89 -51.64 101.33
C LEU U 243 20.54 -51.62 100.63
N SER U 244 20.24 -50.51 99.97
CA SER U 244 18.88 -50.20 99.53
C SER U 244 18.79 -50.13 98.02
N ILE U 245 17.66 -50.61 97.48
CA ILE U 245 17.38 -50.55 96.05
C ILE U 245 15.87 -50.50 95.80
N GLU U 246 15.45 -49.58 94.93
CA GLU U 246 14.10 -49.57 94.36
C GLU U 246 13.03 -49.94 95.39
N GLY U 247 13.02 -49.21 96.50
CA GLY U 247 12.01 -49.41 97.53
C GLY U 247 12.26 -50.60 98.44
N PHE U 248 13.39 -51.29 98.29
CA PHE U 248 13.68 -52.50 99.04
C PHE U 248 15.13 -52.51 99.45
N SER U 249 15.42 -53.29 100.48
CA SER U 249 16.80 -53.56 100.89
C SER U 249 17.33 -54.72 100.07
N ILE U 250 18.27 -54.43 99.18
CA ILE U 250 18.69 -55.41 98.18
C ILE U 250 20.21 -55.43 98.11
N VAL U 251 20.83 -56.42 98.75
CA VAL U 251 22.26 -56.63 98.61
C VAL U 251 22.61 -57.98 99.23
N ASP U 252 23.58 -58.65 98.61
CA ASP U 252 24.39 -59.64 99.31
C ASP U 252 25.78 -59.04 99.45
N GLY U 253 26.25 -58.94 100.69
CA GLY U 253 27.40 -58.08 100.99
C GLY U 253 28.54 -58.22 100.00
N ILE U 254 28.78 -59.44 99.50
CA ILE U 254 29.86 -59.69 98.57
C ILE U 254 29.43 -60.50 97.36
N ASN U 255 28.15 -60.84 97.24
CA ASN U 255 27.64 -61.59 96.10
C ASN U 255 26.43 -60.87 95.51
N PHE U 256 25.93 -61.43 94.42
CA PHE U 256 24.69 -60.92 93.82
C PHE U 256 23.52 -61.20 94.75
N HIS U 257 22.75 -60.17 95.04
CA HIS U 257 21.57 -60.37 95.87
C HIS U 257 20.57 -61.25 95.12
N PRO U 258 19.85 -62.13 95.82
CA PRO U 258 18.88 -63.00 95.14
C PRO U 258 17.82 -62.20 94.39
N LEU U 259 17.67 -62.50 93.11
CA LEU U 259 16.68 -61.87 92.25
C LEU U 259 16.31 -62.85 91.15
N LYS U 260 15.10 -62.71 90.61
CA LYS U 260 14.64 -63.62 89.57
C LYS U 260 13.66 -62.93 88.64
N LEU U 261 13.61 -63.44 87.40
CA LEU U 261 12.67 -63.01 86.38
C LEU U 261 11.81 -64.21 85.99
N ASP U 262 10.50 -64.00 85.94
CA ASP U 262 9.55 -65.11 85.86
C ASP U 262 8.50 -64.84 84.81
N TYR U 263 8.04 -65.90 84.14
CA TYR U 263 7.10 -65.74 83.04
C TYR U 263 5.75 -66.25 83.51
N ASP U 264 4.97 -66.92 82.66
CA ASP U 264 3.70 -67.40 83.20
C ASP U 264 2.84 -68.43 82.51
N ASP U 265 2.53 -68.29 81.22
CA ASP U 265 1.51 -69.18 80.66
C ASP U 265 2.06 -70.21 79.68
N LYS U 266 1.17 -70.82 78.88
CA LYS U 266 1.61 -71.78 77.88
C LYS U 266 2.50 -71.15 76.81
N ASN U 267 2.50 -69.82 76.67
CA ASN U 267 3.30 -69.15 75.66
C ASN U 267 4.20 -68.08 76.27
N LYS U 268 3.70 -67.40 77.31
CA LYS U 268 4.52 -66.84 78.39
C LYS U 268 4.92 -65.38 78.18
N SER U 269 4.95 -64.63 79.28
CA SER U 269 5.35 -63.24 79.35
C SER U 269 5.92 -63.01 80.74
N TYR U 270 6.96 -62.17 80.85
CA TYR U 270 7.85 -62.25 81.99
C TYR U 270 7.87 -60.99 82.84
N SER U 271 8.44 -61.15 84.03
CA SER U 271 8.45 -60.19 85.12
C SER U 271 9.59 -60.58 86.06
N ILE U 272 9.93 -59.68 86.99
CA ILE U 272 11.13 -59.84 87.82
C ILE U 272 10.72 -59.74 89.28
N TYR U 273 11.28 -60.64 90.10
CA TYR U 273 10.78 -60.87 91.45
C TYR U 273 11.96 -60.94 92.41
N TYR U 274 11.68 -61.21 93.68
CA TYR U 274 12.72 -61.58 94.64
C TYR U 274 12.07 -62.10 95.93
N GLU U 275 12.90 -62.37 96.93
CA GLU U 275 12.47 -62.87 98.23
C GLU U 275 13.14 -62.12 99.37
N THR U 276 12.54 -62.17 100.56
CA THR U 276 13.13 -61.59 101.76
C THR U 276 13.73 -62.68 102.64
N PRO U 277 14.59 -62.30 103.60
CA PRO U 277 15.15 -63.32 104.50
C PRO U 277 14.11 -64.05 105.32
N ASP U 278 13.04 -63.36 105.73
CA ASP U 278 12.06 -63.97 106.64
C ASP U 278 10.98 -64.73 105.88
N GLU U 279 11.40 -65.65 104.99
CA GLU U 279 10.52 -66.65 104.39
C GLU U 279 9.33 -66.03 103.67
N LYS U 280 9.58 -65.09 102.75
CA LYS U 280 8.53 -64.43 101.99
C LYS U 280 8.96 -64.29 100.52
N VAL U 281 8.00 -64.49 99.61
CA VAL U 281 8.25 -64.56 98.17
C VAL U 281 7.40 -63.46 97.50
N ARG U 282 8.03 -62.57 96.72
CA ARG U 282 7.34 -61.36 96.27
C ARG U 282 7.97 -60.75 95.01
N ASP U 283 7.50 -59.54 94.68
CA ASP U 283 7.70 -58.88 93.39
C ASP U 283 8.70 -57.73 93.44
N LEU U 284 9.22 -57.40 92.26
CA LEU U 284 9.87 -56.12 92.00
C LEU U 284 9.21 -55.32 90.89
N THR U 285 8.59 -55.99 89.93
CA THR U 285 8.35 -55.37 88.62
C THR U 285 7.65 -54.02 88.73
N ALA U 286 6.58 -53.94 89.51
CA ALA U 286 5.77 -52.73 89.59
C ALA U 286 6.53 -51.54 90.17
N LYS U 287 7.65 -51.79 90.82
CA LYS U 287 8.40 -50.77 91.53
C LYS U 287 9.76 -50.46 90.89
N ILE U 288 10.32 -51.39 90.10
CA ILE U 288 11.59 -51.13 89.45
C ILE U 288 11.46 -49.86 88.62
N SER U 289 12.50 -49.05 88.64
CA SER U 289 12.47 -47.74 87.98
C SER U 289 13.88 -47.36 87.54
N GLY U 290 14.08 -46.07 87.26
CA GLY U 290 15.38 -45.60 86.88
C GLY U 290 15.44 -45.21 85.41
N GLY U 291 16.65 -44.81 85.00
CA GLY U 291 16.84 -44.22 83.70
C GLY U 291 16.33 -45.10 82.59
N GLN U 292 16.99 -46.24 82.39
CA GLN U 292 16.57 -47.14 81.34
C GLN U 292 15.44 -48.04 81.80
N LEU U 293 15.60 -48.69 82.95
CA LEU U 293 14.64 -49.72 83.35
C LEU U 293 13.26 -49.14 83.55
N GLY U 294 13.17 -47.92 84.09
CA GLY U 294 11.91 -47.22 84.05
C GLY U 294 11.41 -47.05 82.62
N ALA U 295 12.33 -46.64 81.73
CA ALA U 295 11.95 -46.50 80.32
C ALA U 295 11.46 -47.81 79.75
N GLN U 296 12.25 -48.88 79.91
CA GLN U 296 11.90 -50.14 79.27
C GLN U 296 10.56 -50.66 79.77
N LEU U 297 10.41 -50.83 81.08
CA LEU U 297 9.19 -51.46 81.59
C LEU U 297 7.95 -50.65 81.26
N ASP U 298 8.02 -49.32 81.41
CA ASP U 298 6.86 -48.50 81.07
C ASP U 298 6.49 -48.63 79.59
N LEU U 299 7.49 -48.57 78.71
CA LEU U 299 7.22 -48.68 77.29
C LEU U 299 6.71 -50.07 76.92
N ARG U 300 7.33 -51.12 77.48
CA ARG U 300 6.73 -52.43 77.30
C ARG U 300 5.44 -52.54 78.07
N GLY U 301 5.41 -52.02 79.30
CA GLY U 301 4.25 -52.16 80.15
C GLY U 301 4.46 -53.25 81.19
N ARG U 302 4.22 -52.91 82.45
CA ARG U 302 4.38 -53.86 83.56
C ARG U 302 3.14 -54.71 83.79
N ASN U 303 1.95 -54.12 83.58
CA ASN U 303 0.67 -54.76 83.89
C ASN U 303 0.25 -55.67 82.74
N TYR U 304 0.56 -56.96 82.88
CA TYR U 304 0.05 -57.94 81.94
C TYR U 304 -1.43 -58.21 82.15
N SER U 305 -2.13 -58.41 81.05
CA SER U 305 -3.57 -58.55 81.07
C SER U 305 -3.97 -59.99 81.37
N LYS U 306 -4.83 -60.13 82.37
CA LYS U 306 -5.44 -61.41 82.72
C LYS U 306 -6.77 -61.60 82.01
N SER U 307 -7.16 -60.65 81.15
CA SER U 307 -8.46 -60.67 80.51
C SER U 307 -8.36 -60.51 78.99
N GLU U 308 -7.25 -59.92 78.51
CA GLU U 308 -7.06 -59.70 77.08
C GLU U 308 -5.65 -60.05 76.61
N GLY U 309 -4.79 -60.56 77.49
CA GLY U 309 -3.50 -61.07 77.07
C GLY U 309 -2.50 -60.03 76.62
N LYS U 310 -2.84 -58.75 76.80
CA LYS U 310 -1.94 -57.67 76.48
C LYS U 310 -1.27 -57.17 77.75
N TYR U 311 -0.40 -56.17 77.60
CA TYR U 311 -0.05 -55.31 78.72
C TYR U 311 -0.98 -54.10 78.70
N GLU U 312 -1.78 -53.96 79.75
CA GLU U 312 -2.67 -52.81 79.88
C GLU U 312 -1.91 -51.50 79.97
N ASP U 313 -0.65 -51.56 80.41
CA ASP U 313 0.30 -50.48 80.17
C ASP U 313 1.20 -50.90 79.02
N GLY U 314 2.17 -50.08 78.67
CA GLY U 314 2.92 -50.29 77.44
C GLY U 314 2.40 -49.37 76.37
N ILE U 315 3.11 -48.28 76.12
CA ILE U 315 2.48 -47.13 75.49
C ILE U 315 2.23 -47.34 74.00
N ILE U 316 3.10 -48.09 73.30
CA ILE U 316 2.88 -48.27 71.87
C ILE U 316 1.54 -48.94 71.62
N GLN U 317 1.23 -49.94 72.44
CA GLN U 317 -0.05 -50.63 72.26
C GLN U 317 -1.21 -49.69 72.51
N GLY U 318 -1.08 -48.83 73.52
CA GLY U 318 -2.14 -47.88 73.81
C GLY U 318 -2.50 -47.04 72.59
N TYR U 319 -1.49 -46.50 71.91
CA TYR U 319 -1.71 -45.95 70.59
C TYR U 319 -2.26 -47.01 69.63
N MET U 320 -1.70 -48.22 69.68
CA MET U 320 -1.99 -49.18 68.64
C MET U 320 -3.44 -49.66 68.75
N ASP U 321 -3.87 -49.97 69.98
CA ASP U 321 -5.28 -50.19 70.25
C ASP U 321 -6.13 -49.17 69.52
N SER U 322 -5.72 -47.90 69.59
CA SER U 322 -6.46 -46.84 68.93
C SER U 322 -6.50 -47.06 67.42
N LEU U 323 -5.37 -47.43 66.83
CA LEU U 323 -5.34 -47.64 65.38
C LEU U 323 -6.30 -48.76 64.98
N ASP U 324 -6.25 -49.87 65.71
CA ASP U 324 -7.02 -51.05 65.33
C ASP U 324 -8.52 -50.76 65.35
N THR U 325 -9.02 -50.22 66.47
CA THR U 325 -10.44 -49.88 66.55
C THR U 325 -10.83 -48.91 65.46
N PHE U 326 -10.01 -47.89 65.25
CA PHE U 326 -10.30 -46.90 64.22
C PHE U 326 -10.40 -47.52 62.84
N ALA U 327 -9.35 -48.19 62.38
CA ALA U 327 -9.44 -48.87 61.09
C ALA U 327 -10.62 -49.82 61.09
N LYS U 328 -10.85 -50.51 62.21
CA LYS U 328 -12.05 -51.31 62.36
C LYS U 328 -13.30 -50.45 62.23
N THR U 329 -13.27 -49.23 62.74
CA THR U 329 -14.43 -48.36 62.58
C THR U 329 -14.66 -48.08 61.10
N MET U 330 -13.59 -47.83 60.35
CA MET U 330 -13.74 -47.63 58.92
C MET U 330 -14.28 -48.89 58.25
N ILE U 331 -14.03 -50.05 58.84
CA ILE U 331 -14.59 -51.29 58.30
C ILE U 331 -16.10 -51.19 58.24
N ASN U 332 -16.70 -50.71 59.33
CA ASN U 332 -18.14 -50.85 59.51
C ASN U 332 -18.92 -50.07 58.45
N GLU U 333 -18.64 -48.78 58.31
CA GLU U 333 -19.42 -47.97 57.39
C GLU U 333 -19.20 -48.37 55.95
N THR U 334 -17.95 -48.63 55.57
CA THR U 334 -17.68 -49.18 54.24
C THR U 334 -18.51 -50.43 54.02
N ASN U 335 -18.51 -51.33 55.00
CA ASN U 335 -19.37 -52.51 54.91
C ASN U 335 -20.84 -52.13 54.89
N ASN U 336 -21.24 -51.18 55.73
CA ASN U 336 -22.65 -50.80 55.78
C ASN U 336 -23.13 -50.28 54.44
N LEU U 337 -22.34 -49.41 53.79
CA LEU U 337 -22.66 -49.02 52.43
C LEU U 337 -22.37 -50.15 51.46
N TYR U 338 -21.42 -51.02 51.79
CA TYR U 338 -21.27 -52.23 51.00
C TYR U 338 -22.50 -53.11 51.13
N ALA U 339 -23.19 -53.02 52.26
CA ALA U 339 -24.50 -53.68 52.37
C ALA U 339 -25.52 -53.04 51.42
N SER U 340 -25.19 -51.88 50.87
CA SER U 340 -26.14 -51.17 50.01
C SER U 340 -26.18 -51.73 48.60
N SER U 341 -25.21 -52.57 48.23
CA SER U 341 -25.26 -53.17 46.91
C SER U 341 -26.20 -54.36 46.90
N ALA U 342 -26.65 -54.74 45.71
CA ALA U 342 -27.71 -55.73 45.55
C ALA U 342 -27.16 -57.12 45.80
N LYS U 343 -27.49 -57.69 46.95
CA LYS U 343 -27.14 -59.06 47.31
C LYS U 343 -28.37 -59.96 47.17
N SER U 344 -28.27 -61.20 47.67
CA SER U 344 -29.43 -62.09 47.70
C SER U 344 -29.62 -62.84 49.02
N SER U 345 -28.59 -63.00 49.86
CA SER U 345 -28.75 -63.88 51.02
C SER U 345 -27.70 -63.62 52.09
N VAL U 346 -28.17 -63.60 53.35
CA VAL U 346 -27.33 -63.81 54.52
C VAL U 346 -28.21 -64.45 55.58
N THR U 347 -27.59 -65.22 56.47
CA THR U 347 -28.30 -66.11 57.37
C THR U 347 -28.30 -65.58 58.80
N SER U 348 -29.23 -66.09 59.61
CA SER U 348 -29.22 -65.84 61.04
C SER U 348 -28.05 -66.61 61.63
N ASP U 349 -26.87 -65.99 61.61
CA ASP U 349 -25.62 -66.69 61.79
C ASP U 349 -25.33 -66.90 63.27
N TYR U 350 -24.32 -67.74 63.54
CA TYR U 350 -23.69 -67.89 64.85
C TYR U 350 -24.71 -68.12 65.96
N LEU U 351 -25.79 -68.84 65.67
CA LEU U 351 -26.86 -69.05 66.65
C LEU U 351 -26.33 -69.74 67.90
N SER U 352 -25.29 -70.56 67.74
CA SER U 352 -24.77 -71.36 68.85
C SER U 352 -24.24 -70.46 69.96
N GLY U 353 -24.92 -70.45 71.10
CA GLY U 353 -24.50 -69.65 72.23
C GLY U 353 -24.97 -68.23 72.15
N LEU U 354 -24.73 -67.57 71.01
CA LEU U 354 -24.98 -66.15 70.85
C LEU U 354 -26.17 -65.88 69.93
N LYS U 355 -27.18 -66.75 69.98
CA LYS U 355 -28.46 -66.36 69.39
C LYS U 355 -28.96 -65.09 70.07
N GLY U 356 -29.45 -64.17 69.27
CA GLY U 356 -29.74 -62.83 69.75
C GLY U 356 -30.97 -62.72 70.62
N ASP U 357 -31.12 -63.60 71.61
CA ASP U 357 -32.05 -63.31 72.70
C ASP U 357 -31.61 -62.04 73.43
N ILE U 358 -30.35 -61.65 73.26
CA ILE U 358 -29.82 -60.39 73.77
C ILE U 358 -30.61 -59.25 73.14
N PRO U 359 -31.15 -58.31 73.91
CA PRO U 359 -31.57 -57.03 73.30
C PRO U 359 -30.37 -56.34 72.67
N LEU U 360 -30.60 -55.77 71.49
CA LEU U 360 -29.52 -55.61 70.51
C LEU U 360 -28.46 -54.62 70.98
N VAL U 361 -28.85 -53.41 71.36
CA VAL U 361 -27.87 -52.36 71.62
C VAL U 361 -26.83 -52.82 72.64
N ASN U 362 -27.21 -53.72 73.54
CA ASN U 362 -26.27 -54.22 74.53
C ASN U 362 -25.07 -54.88 73.87
N TYR U 363 -25.24 -55.39 72.64
CA TYR U 363 -24.19 -56.17 72.02
C TYR U 363 -23.08 -55.28 71.47
N ASP U 364 -23.38 -54.04 71.09
CA ASP U 364 -22.37 -53.17 70.51
C ASP U 364 -22.82 -51.73 70.63
N ARG U 365 -21.84 -50.81 70.61
CA ARG U 365 -22.09 -49.39 70.76
C ARG U 365 -22.26 -48.65 69.43
N THR U 366 -22.20 -49.35 68.30
CA THR U 366 -22.56 -48.76 67.03
C THR U 366 -24.07 -48.74 66.81
N ILE U 367 -24.83 -49.31 67.73
CA ILE U 367 -26.22 -49.65 67.50
C ILE U 367 -27.09 -48.68 68.28
N GLN U 368 -28.06 -48.07 67.61
CA GLN U 368 -29.05 -47.22 68.26
C GLN U 368 -30.39 -47.51 67.60
N PRO U 369 -31.50 -47.22 68.30
CA PRO U 369 -32.81 -47.38 67.66
C PRO U 369 -32.84 -46.69 66.31
N GLY U 370 -32.91 -47.46 65.25
CA GLY U 370 -32.83 -46.91 63.91
C GLY U 370 -33.57 -47.75 62.92
N SER U 371 -33.93 -47.15 61.80
CA SER U 371 -34.62 -47.82 60.72
C SER U 371 -33.64 -48.21 59.63
N PHE U 372 -34.02 -49.20 58.84
CA PHE U 372 -33.22 -49.63 57.72
C PHE U 372 -34.17 -50.23 56.68
N ASP U 373 -34.04 -49.77 55.44
CA ASP U 373 -35.03 -50.05 54.41
C ASP U 373 -34.38 -50.84 53.28
N ILE U 374 -35.23 -51.47 52.47
CA ILE U 374 -34.81 -52.53 51.57
C ILE U 374 -35.31 -52.23 50.16
N VAL U 375 -34.62 -52.78 49.17
CA VAL U 375 -34.89 -52.49 47.77
C VAL U 375 -34.43 -53.66 46.91
N ILE U 376 -35.22 -53.98 45.87
CA ILE U 376 -35.02 -55.16 45.04
C ILE U 376 -34.72 -54.78 43.61
N TYR U 377 -33.84 -55.56 42.99
CA TYR U 377 -33.40 -55.39 41.61
C TYR U 377 -33.36 -56.80 41.03
N ASP U 378 -34.12 -57.05 39.98
CA ASP U 378 -34.42 -58.44 39.58
C ASP U 378 -33.76 -58.80 38.25
N ASP U 379 -32.48 -59.16 38.32
CA ASP U 379 -31.76 -59.73 37.18
C ASP U 379 -31.60 -58.71 36.04
N LYS U 380 -32.20 -57.54 36.22
CA LYS U 380 -32.07 -56.43 35.29
C LYS U 380 -31.51 -55.21 35.97
N GLY U 381 -31.17 -55.32 37.25
CA GLY U 381 -30.60 -54.21 37.99
C GLY U 381 -31.51 -53.02 38.09
N ASP U 382 -32.77 -53.17 37.70
CA ASP U 382 -33.72 -52.09 37.82
C ASP U 382 -33.79 -51.68 39.27
N LYS U 383 -34.10 -50.42 39.51
CA LYS U 383 -34.07 -49.83 40.84
C LYS U 383 -35.50 -49.63 41.30
N LYS U 384 -36.01 -50.57 42.07
CA LYS U 384 -37.35 -50.43 42.57
C LYS U 384 -37.47 -51.02 43.94
N LEU U 385 -38.49 -50.61 44.70
CA LEU U 385 -38.80 -51.16 46.05
C LEU U 385 -38.24 -50.39 47.24
N THR U 386 -39.06 -50.23 48.27
CA THR U 386 -38.63 -49.54 49.49
C THR U 386 -39.49 -49.97 50.66
N LYS U 387 -38.99 -50.89 51.48
CA LYS U 387 -39.74 -51.32 52.67
C LYS U 387 -38.95 -50.99 53.91
N THR U 388 -39.63 -50.53 54.96
CA THR U 388 -38.93 -50.10 56.16
C THR U 388 -38.82 -51.13 57.27
N ILE U 389 -37.64 -51.24 57.87
CA ILE U 389 -37.48 -52.13 59.01
C ILE U 389 -36.94 -51.24 60.11
N THR U 390 -37.08 -51.63 61.37
CA THR U 390 -36.67 -50.74 62.44
C THR U 390 -36.05 -51.51 63.59
N ILE U 391 -35.41 -50.77 64.49
CA ILE U 391 -34.74 -51.32 65.66
C ILE U 391 -34.93 -50.38 66.83
N ASP U 392 -34.99 -50.94 68.04
CA ASP U 392 -34.90 -50.19 69.28
C ASP U 392 -33.96 -50.92 70.22
N VAL U 393 -33.78 -50.34 71.42
CA VAL U 393 -32.89 -50.95 72.39
C VAL U 393 -33.39 -52.31 72.83
N ASN U 394 -34.70 -52.44 73.10
CA ASN U 394 -35.25 -53.70 73.57
C ASN U 394 -35.30 -54.75 72.46
N THR U 395 -35.24 -54.31 71.21
CA THR U 395 -35.35 -55.25 70.09
C THR U 395 -34.31 -56.35 70.22
N THR U 396 -34.75 -57.58 69.97
CA THR U 396 -33.87 -58.73 69.81
C THR U 396 -33.88 -59.16 68.34
N MET U 397 -32.91 -60.00 67.98
CA MET U 397 -32.94 -60.53 66.62
C MET U 397 -34.24 -61.25 66.37
N ASN U 398 -34.73 -61.99 67.37
CA ASN U 398 -36.05 -62.59 67.27
C ASN U 398 -37.09 -61.54 66.89
N ASP U 399 -37.03 -60.36 67.50
CA ASP U 399 -37.88 -59.26 67.04
C ASP U 399 -37.60 -58.94 65.59
N ILE U 400 -36.32 -58.96 65.19
CA ILE U 400 -35.99 -58.81 63.79
C ILE U 400 -36.50 -60.00 63.00
N MET U 401 -36.33 -61.20 63.54
CA MET U 401 -36.97 -62.37 62.93
C MET U 401 -38.46 -62.12 62.78
N ARG U 402 -39.08 -61.56 63.82
CA ARG U 402 -40.49 -61.23 63.77
C ARG U 402 -40.76 -60.16 62.72
N GLN U 403 -39.91 -59.12 62.66
CA GLN U 403 -40.07 -58.12 61.61
C GLN U 403 -39.78 -58.72 60.25
N ILE U 404 -38.94 -59.75 60.20
CA ILE U 404 -38.65 -60.42 58.94
C ILE U 404 -39.89 -61.11 58.41
N ASN U 405 -40.61 -61.82 59.28
CA ASN U 405 -41.73 -62.66 58.86
C ASN U 405 -43.01 -61.83 58.69
N ALA U 406 -42.91 -60.75 57.93
CA ALA U 406 -44.05 -59.87 57.72
C ALA U 406 -44.68 -60.18 56.36
N ASN U 407 -45.13 -59.14 55.63
CA ASN U 407 -45.83 -59.32 54.34
C ASN U 407 -46.44 -58.00 53.92
N THR U 408 -45.73 -57.22 53.10
CA THR U 408 -46.23 -55.89 52.75
C THR U 408 -45.53 -55.33 51.52
N ASP U 409 -46.13 -54.33 50.89
CA ASP U 409 -45.52 -53.66 49.74
C ASP U 409 -45.13 -54.59 48.60
N ASP U 410 -43.85 -54.91 48.46
CA ASP U 410 -43.38 -55.73 47.33
C ASP U 410 -43.28 -54.86 46.10
N ASN U 411 -43.22 -55.49 44.92
CA ASN U 411 -43.17 -54.74 43.67
C ASN U 411 -44.40 -53.88 43.47
N ASP U 412 -45.56 -54.42 43.80
CA ASP U 412 -46.80 -53.64 43.68
C ASP U 412 -46.86 -52.63 44.81
N ASN U 413 -45.95 -52.73 45.77
CA ASN U 413 -45.95 -51.83 46.90
C ASN U 413 -47.32 -51.93 47.52
N LYS U 414 -47.89 -53.12 47.46
CA LYS U 414 -49.20 -53.35 48.03
C LYS U 414 -49.01 -54.00 49.38
N ASN U 415 -49.66 -53.47 50.40
CA ASN U 415 -49.52 -54.01 51.75
C ASN U 415 -50.49 -55.15 51.95
N SER U 416 -49.99 -56.38 51.85
CA SER U 416 -50.86 -57.54 51.98
C SER U 416 -50.15 -58.83 51.62
N ASN U 417 -50.84 -59.95 51.71
CA ASN U 417 -50.28 -61.20 51.25
C ASN U 417 -50.24 -61.07 49.74
N ASP U 418 -49.56 -61.99 49.06
CA ASP U 418 -49.42 -61.89 47.62
C ASP U 418 -48.46 -60.74 47.34
N ASP U 419 -47.79 -60.28 48.39
CA ASP U 419 -46.83 -59.20 48.24
C ASP U 419 -45.51 -59.69 48.78
N VAL U 420 -44.72 -58.83 49.41
CA VAL U 420 -43.39 -59.24 49.83
C VAL U 420 -43.46 -60.17 51.04
N ASP U 421 -42.33 -60.68 51.50
CA ASP U 421 -42.27 -61.62 52.63
C ASP U 421 -42.65 -63.01 52.16
N ASP U 422 -43.66 -63.15 51.31
CA ASP U 422 -43.89 -64.48 50.75
C ASP U 422 -42.67 -64.94 49.95
N HIS U 423 -41.83 -64.00 49.53
CA HIS U 423 -40.76 -64.30 48.59
C HIS U 423 -39.41 -64.50 49.27
N ILE U 424 -39.37 -64.62 50.59
CA ILE U 424 -38.13 -64.91 51.31
C ILE U 424 -38.11 -66.39 51.63
N ASN U 425 -36.90 -66.94 51.78
CA ASN U 425 -36.73 -68.39 51.78
C ASN U 425 -35.55 -68.78 52.68
N ALA U 426 -35.47 -70.07 53.01
CA ALA U 426 -34.46 -70.58 53.92
C ALA U 426 -34.22 -72.06 53.63
N SER U 427 -33.04 -72.55 54.03
CA SER U 427 -32.72 -73.95 53.84
C SER U 427 -31.51 -74.35 54.66
N PHE U 428 -31.30 -75.66 54.77
CA PHE U 428 -30.20 -76.27 55.52
C PHE U 428 -29.27 -76.99 54.55
N SER U 429 -28.06 -77.32 55.02
CA SER U 429 -27.12 -78.16 54.28
C SER U 429 -26.03 -78.63 55.24
N TYR U 430 -25.75 -79.93 55.26
CA TYR U 430 -24.80 -80.51 56.20
C TYR U 430 -24.31 -81.86 55.67
N ASP U 431 -23.06 -82.22 56.04
CA ASP U 431 -22.52 -83.54 55.79
C ASP U 431 -21.87 -84.08 57.04
N ALA U 432 -21.96 -85.40 57.24
CA ALA U 432 -21.53 -86.04 58.46
C ALA U 432 -20.18 -86.74 58.35
N LYS U 433 -19.62 -86.87 57.14
CA LYS U 433 -18.37 -87.62 56.98
C LYS U 433 -17.35 -87.25 58.05
N THR U 434 -17.34 -85.98 58.48
CA THR U 434 -16.81 -85.63 59.79
C THR U 434 -17.76 -84.75 60.59
N GLY U 435 -18.67 -84.02 59.95
CA GLY U 435 -19.71 -83.28 60.63
C GLY U 435 -19.61 -81.77 60.53
N ASP U 436 -20.39 -81.17 59.64
CA ASP U 436 -20.51 -79.72 59.54
C ASP U 436 -21.56 -79.38 58.48
N GLY U 437 -22.16 -78.21 58.63
CA GLY U 437 -23.23 -77.81 57.73
C GLY U 437 -23.55 -76.34 57.83
N LEU U 438 -24.45 -75.89 56.94
CA LEU U 438 -24.79 -74.49 56.80
C LEU U 438 -26.29 -74.27 56.87
N PHE U 439 -26.69 -73.07 57.26
CA PHE U 439 -28.06 -72.57 57.17
C PHE U 439 -28.13 -71.31 56.32
N GLN U 440 -29.21 -71.21 55.56
CA GLN U 440 -29.37 -70.23 54.50
C GLN U 440 -30.65 -69.44 54.73
N ILE U 441 -30.59 -68.12 54.53
CA ILE U 441 -31.77 -67.27 54.48
C ILE U 441 -31.66 -66.41 53.22
N ASN U 442 -32.69 -66.46 52.38
CA ASN U 442 -32.52 -66.13 50.98
C ASN U 442 -33.69 -65.32 50.45
N ALA U 443 -33.49 -64.78 49.25
CA ALA U 443 -34.54 -64.16 48.45
C ALA U 443 -34.93 -65.08 47.30
N LYS U 444 -35.97 -64.70 46.57
CA LYS U 444 -36.59 -65.59 45.60
C LYS U 444 -35.90 -65.48 44.24
N SER U 445 -36.31 -66.34 43.30
CA SER U 445 -35.76 -66.41 41.95
C SER U 445 -35.48 -65.04 41.34
N GLY U 446 -34.24 -64.84 40.90
CA GLY U 446 -33.88 -63.64 40.18
C GLY U 446 -33.85 -62.39 41.01
N PHE U 447 -33.68 -62.51 42.32
CA PHE U 447 -33.72 -61.37 43.23
C PHE U 447 -32.31 -60.90 43.56
N LYS U 448 -32.03 -59.63 43.31
CA LYS U 448 -30.88 -58.95 43.87
C LYS U 448 -31.36 -57.82 44.77
N VAL U 449 -30.92 -57.85 46.03
CA VAL U 449 -31.51 -57.00 47.07
C VAL U 449 -30.43 -56.18 47.74
N ALA U 450 -30.80 -54.97 48.11
CA ALA U 450 -29.95 -54.06 48.87
C ALA U 450 -30.74 -53.49 50.04
N ILE U 451 -30.02 -53.14 51.10
CA ILE U 451 -30.61 -52.54 52.29
C ILE U 451 -29.70 -51.41 52.78
N GLU U 452 -30.33 -50.35 53.29
CA GLU U 452 -29.62 -49.25 53.92
C GLU U 452 -30.15 -49.07 55.33
N ASP U 453 -29.31 -48.51 56.20
CA ASP U 453 -29.65 -48.31 57.60
C ASP U 453 -29.36 -46.89 58.03
N LYS U 454 -30.09 -46.43 59.04
CA LYS U 454 -29.79 -45.19 59.74
C LYS U 454 -29.98 -45.42 61.22
N GLY U 455 -28.90 -45.24 61.99
CA GLY U 455 -28.96 -45.29 63.43
C GLY U 455 -28.58 -46.62 64.06
N THR U 456 -28.60 -47.72 63.31
CA THR U 456 -28.27 -49.02 63.86
C THR U 456 -26.87 -49.48 63.44
N ASN U 457 -26.62 -49.57 62.13
CA ASN U 457 -25.27 -49.47 61.61
C ASN U 457 -24.41 -50.71 61.85
N PHE U 458 -25.00 -51.80 62.36
CA PHE U 458 -24.19 -52.95 62.69
C PHE U 458 -24.02 -53.92 61.52
N ALA U 459 -24.94 -53.89 60.55
CA ALA U 459 -24.86 -54.86 59.46
C ALA U 459 -23.48 -54.87 58.84
N GLY U 460 -22.95 -53.69 58.52
CA GLY U 460 -21.58 -53.61 58.08
C GLY U 460 -20.59 -53.84 59.20
N ALA U 461 -20.98 -53.56 60.44
CA ALA U 461 -20.10 -53.79 61.57
C ALA U 461 -19.77 -55.28 61.71
N PHE U 462 -20.78 -56.14 61.64
CA PHE U 462 -20.51 -57.58 61.57
C PHE U 462 -19.84 -57.93 60.25
N SER U 463 -20.11 -57.15 59.20
CA SER U 463 -19.75 -57.47 57.83
C SER U 463 -20.60 -58.59 57.27
N ILE U 464 -21.82 -58.77 57.78
CA ILE U 464 -22.75 -59.74 57.21
C ILE U 464 -23.20 -59.15 55.89
N GLY U 465 -22.61 -59.62 54.79
CA GLY U 465 -22.73 -58.91 53.54
C GLY U 465 -21.82 -57.70 53.46
N GLY U 466 -20.80 -57.62 54.30
CA GLY U 466 -19.87 -56.51 54.29
C GLY U 466 -18.68 -56.76 53.38
N PHE U 467 -17.82 -55.75 53.29
CA PHE U 467 -16.72 -55.77 52.35
C PHE U 467 -15.45 -56.44 52.86
N PHE U 468 -15.14 -56.32 54.14
CA PHE U 468 -13.79 -56.60 54.60
C PHE U 468 -13.60 -58.03 55.05
N SER U 469 -12.34 -58.45 55.05
CA SER U 469 -11.84 -59.58 55.80
C SER U 469 -10.83 -59.06 56.83
N GLY U 470 -10.26 -59.98 57.60
CA GLY U 470 -9.42 -59.53 58.69
C GLY U 470 -10.27 -59.06 59.87
N THR U 471 -9.60 -58.47 60.85
CA THR U 471 -10.27 -58.04 62.07
C THR U 471 -10.20 -56.52 62.23
N ASP U 472 -9.00 -55.98 62.14
CA ASP U 472 -8.74 -54.58 62.42
C ASP U 472 -7.40 -54.24 61.80
N ALA U 473 -6.93 -53.01 62.06
CA ALA U 473 -5.70 -52.55 61.43
C ALA U 473 -4.60 -53.61 61.44
N SER U 474 -4.66 -54.54 62.40
CA SER U 474 -3.74 -55.67 62.40
C SER U 474 -3.77 -56.43 61.08
N ASP U 475 -4.93 -56.96 60.73
CA ASP U 475 -5.07 -57.77 59.53
C ASP U 475 -6.26 -57.36 58.67
N MET U 476 -7.06 -56.39 59.12
CA MET U 476 -8.16 -55.86 58.35
C MET U 476 -7.76 -55.70 56.89
N LYS U 477 -8.62 -56.17 55.98
CA LYS U 477 -8.24 -56.24 54.58
C LYS U 477 -9.50 -56.44 53.74
N VAL U 478 -9.31 -56.31 52.42
CA VAL U 478 -10.36 -56.68 51.48
C VAL U 478 -10.76 -58.13 51.70
N LYS U 479 -12.05 -58.40 51.60
CA LYS U 479 -12.49 -59.78 51.66
C LYS U 479 -12.21 -60.46 50.33
N ASP U 480 -11.79 -61.72 50.42
CA ASP U 480 -11.09 -62.36 49.31
C ASP U 480 -11.97 -62.46 48.07
N SER U 481 -13.29 -62.53 48.24
CA SER U 481 -14.18 -62.68 47.09
C SER U 481 -13.88 -61.63 46.02
N ILE U 482 -13.69 -60.38 46.45
CA ILE U 482 -13.26 -59.35 45.51
C ILE U 482 -11.92 -59.73 44.90
N LEU U 483 -11.00 -60.23 45.72
CA LEU U 483 -9.67 -60.54 45.22
C LEU U 483 -9.71 -61.70 44.22
N ASN U 484 -10.57 -62.69 44.49
CA ASN U 484 -10.78 -63.76 43.52
C ASN U 484 -11.45 -63.23 42.26
N ASP U 485 -12.44 -62.35 42.43
CA ASP U 485 -13.20 -61.79 41.32
C ASP U 485 -13.45 -60.31 41.56
N PRO U 486 -12.62 -59.43 41.00
CA PRO U 486 -12.90 -57.99 41.10
C PRO U 486 -14.24 -57.59 40.51
N SER U 487 -14.74 -58.34 39.52
CA SER U 487 -15.99 -57.94 38.88
C SER U 487 -17.13 -57.87 39.88
N THR U 488 -17.01 -58.55 41.02
CA THR U 488 -18.03 -58.47 42.05
C THR U 488 -18.26 -57.04 42.51
N VAL U 489 -17.24 -56.20 42.43
CA VAL U 489 -17.31 -54.85 42.99
C VAL U 489 -18.26 -54.01 42.15
N ARG U 490 -19.01 -53.13 42.81
CA ARG U 490 -20.05 -52.34 42.17
C ARG U 490 -20.02 -50.90 42.64
N ALA U 491 -20.05 -49.97 41.68
CA ALA U 491 -20.48 -48.61 41.98
C ALA U 491 -21.98 -48.52 41.90
N SER U 492 -22.57 -49.35 41.04
CA SER U 492 -23.98 -49.70 41.12
C SER U 492 -24.33 -50.14 42.53
N SER U 493 -25.25 -49.40 43.17
CA SER U 493 -25.93 -49.96 44.31
C SER U 493 -26.86 -51.09 43.93
N ASN U 494 -27.12 -51.28 42.64
CA ASN U 494 -28.07 -52.27 42.19
C ASN U 494 -27.43 -53.56 41.73
N GLY U 495 -26.22 -53.87 42.19
CA GLY U 495 -25.59 -55.14 41.93
C GLY U 495 -25.29 -55.44 40.49
N VAL U 496 -25.73 -54.60 39.56
CA VAL U 496 -25.45 -54.74 38.14
C VAL U 496 -24.60 -53.55 37.73
N ASP U 497 -23.51 -53.81 37.03
CA ASP U 497 -22.57 -52.74 36.71
C ASP U 497 -23.19 -51.80 35.68
N SER U 498 -24.23 -51.10 36.10
CA SER U 498 -24.88 -50.07 35.29
C SER U 498 -25.13 -48.76 36.04
N GLY U 499 -25.20 -48.79 37.38
CA GLY U 499 -25.33 -47.60 38.18
C GLY U 499 -24.05 -47.30 38.93
N ASN U 500 -24.04 -46.14 39.60
CA ASN U 500 -22.84 -45.63 40.25
C ASN U 500 -23.01 -45.22 41.70
N ASP U 501 -24.24 -45.02 42.17
CA ASP U 501 -24.46 -44.34 43.45
C ASP U 501 -23.62 -44.94 44.56
N MET U 502 -23.59 -46.27 44.65
CA MET U 502 -22.79 -46.93 45.69
C MET U 502 -21.39 -46.35 45.73
N ALA U 503 -20.78 -46.13 44.57
CA ALA U 503 -19.56 -45.33 44.55
C ALA U 503 -19.86 -43.91 45.05
N ASN U 504 -20.88 -43.27 44.47
CA ASN U 504 -21.13 -41.88 44.77
C ASN U 504 -21.31 -41.64 46.26
N LYS U 505 -22.13 -42.47 46.92
CA LYS U 505 -22.38 -42.25 48.34
C LYS U 505 -21.11 -42.41 49.17
N ILE U 506 -20.34 -43.45 48.92
CA ILE U 506 -19.12 -43.65 49.68
C ILE U 506 -18.10 -42.55 49.36
N ILE U 507 -18.03 -42.14 48.10
CA ILE U 507 -17.16 -41.01 47.75
C ILE U 507 -17.37 -39.87 48.73
N GLN U 508 -18.61 -39.42 48.84
CA GLN U 508 -18.93 -38.34 49.76
C GLN U 508 -18.71 -38.77 51.21
N LEU U 509 -19.13 -39.98 51.55
CA LEU U 509 -18.82 -40.53 52.87
C LEU U 509 -17.32 -40.53 53.12
N GLN U 510 -16.55 -40.90 52.09
CA GLN U 510 -15.11 -41.01 52.26
C GLN U 510 -14.47 -39.67 52.58
N TYR U 511 -15.17 -38.56 52.32
CA TYR U 511 -14.64 -37.27 52.72
C TYR U 511 -15.11 -36.85 54.12
N ASP U 512 -16.34 -37.18 54.50
CA ASP U 512 -17.00 -36.48 55.57
C ASP U 512 -16.87 -37.22 56.91
N LYS U 513 -17.44 -36.63 57.96
CA LYS U 513 -17.22 -37.06 59.33
C LYS U 513 -18.04 -38.30 59.67
N VAL U 514 -17.53 -39.08 60.63
CA VAL U 514 -18.27 -40.19 61.22
C VAL U 514 -17.83 -40.30 62.67
N ASN U 515 -18.65 -40.94 63.49
CA ASN U 515 -18.39 -41.03 64.92
C ASN U 515 -17.20 -41.94 65.18
N PHE U 516 -16.46 -41.65 66.24
CA PHE U 516 -15.27 -42.40 66.59
C PHE U 516 -15.14 -42.46 68.10
N TYR U 517 -14.25 -43.32 68.58
CA TYR U 517 -14.29 -43.76 69.97
C TYR U 517 -12.92 -43.82 70.59
N ASN U 518 -12.90 -43.64 71.91
CA ASN U 518 -11.78 -44.05 72.75
C ASN U 518 -12.01 -45.49 73.20
N GLU U 519 -10.90 -46.18 73.50
CA GLU U 519 -10.98 -47.60 73.77
C GLU U 519 -11.66 -47.91 75.09
N ASP U 520 -11.54 -47.02 76.07
CA ASP U 520 -12.26 -47.20 77.33
C ASP U 520 -13.76 -47.25 77.07
N GLY U 521 -14.24 -46.48 76.10
CA GLY U 521 -15.66 -46.39 75.85
C GLY U 521 -16.09 -45.00 75.43
N THR U 522 -15.24 -44.00 75.68
CA THR U 522 -15.60 -42.62 75.38
C THR U 522 -15.51 -42.37 73.88
N ILE U 523 -16.05 -41.24 73.44
CA ILE U 523 -16.45 -41.05 72.05
C ILE U 523 -15.86 -39.76 71.51
N ASP U 524 -15.75 -39.68 70.18
CA ASP U 524 -15.56 -38.44 69.47
C ASP U 524 -16.01 -38.64 68.03
N ASN U 525 -16.52 -37.57 67.42
CA ASN U 525 -17.01 -37.63 66.04
C ASN U 525 -15.99 -36.95 65.14
N LEU U 526 -15.50 -37.69 64.16
CA LEU U 526 -14.31 -37.30 63.41
C LEU U 526 -14.42 -37.78 61.97
N THR U 527 -13.64 -37.17 61.09
CA THR U 527 -13.39 -37.80 59.81
C THR U 527 -12.31 -38.86 59.99
N MET U 528 -12.10 -39.66 58.95
CA MET U 528 -11.10 -40.69 59.03
C MET U 528 -9.70 -40.11 59.23
N GLU U 529 -9.36 -39.07 58.48
CA GLU U 529 -7.96 -38.61 58.54
C GLU U 529 -7.75 -37.62 59.69
N GLU U 530 -8.81 -37.02 60.22
CA GLU U 530 -8.65 -36.28 61.47
C GLU U 530 -8.15 -37.20 62.57
N TYR U 531 -8.74 -38.39 62.68
CA TYR U 531 -8.27 -39.37 63.65
C TYR U 531 -6.78 -39.62 63.49
N TYR U 532 -6.36 -39.95 62.26
CA TYR U 532 -4.95 -40.15 61.98
C TYR U 532 -4.13 -38.96 62.46
N ARG U 533 -4.66 -37.75 62.26
CA ARG U 533 -3.95 -36.56 62.68
C ARG U 533 -3.69 -36.57 64.18
N LYS U 534 -4.75 -36.78 64.97
CA LYS U 534 -4.56 -36.83 66.42
C LYS U 534 -3.74 -38.05 66.81
N LEU U 535 -4.03 -39.19 66.19
CA LEU U 535 -3.29 -40.41 66.52
C LEU U 535 -1.81 -40.23 66.24
N THR U 536 -1.47 -39.80 65.02
CA THR U 536 -0.07 -39.56 64.68
C THR U 536 0.42 -38.26 65.29
N GLY U 537 -0.37 -37.19 65.16
CA GLY U 537 0.07 -35.91 65.68
C GLY U 537 0.43 -35.97 67.14
N LYS U 538 -0.28 -36.79 67.91
CA LYS U 538 0.11 -37.02 69.29
C LYS U 538 1.57 -37.44 69.36
N ILE U 539 1.97 -38.37 68.49
CA ILE U 539 3.35 -38.83 68.49
C ILE U 539 4.30 -37.69 68.15
N ALA U 540 3.91 -36.86 67.18
CA ALA U 540 4.80 -35.80 66.71
C ALA U 540 5.26 -34.92 67.87
N SER U 541 4.31 -34.44 68.68
CA SER U 541 4.69 -33.61 69.82
C SER U 541 5.46 -34.39 70.86
N ASP U 542 5.19 -35.70 70.99
CA ASP U 542 5.93 -36.51 71.94
C ASP U 542 7.42 -36.48 71.64
N GLY U 543 7.78 -36.52 70.37
CA GLY U 543 9.19 -36.44 70.01
C GLY U 543 9.84 -35.18 70.55
N GLU U 544 9.16 -34.04 70.38
CA GLU U 544 9.73 -32.77 70.84
C GLU U 544 9.97 -32.79 72.34
N ASN U 545 8.94 -33.13 73.11
CA ASN U 545 8.96 -32.88 74.55
C ASN U 545 10.06 -33.66 75.23
N ASN U 546 10.28 -34.92 74.83
CA ASN U 546 11.40 -35.66 75.38
C ASN U 546 12.71 -34.93 75.12
N ASN U 547 12.91 -34.47 73.88
CA ASN U 547 14.14 -33.79 73.55
C ASN U 547 14.30 -32.49 74.31
N VAL U 548 13.18 -31.84 74.68
CA VAL U 548 13.26 -30.67 75.54
C VAL U 548 13.92 -31.05 76.86
N VAL U 549 13.42 -32.11 77.49
CA VAL U 549 14.04 -32.61 78.71
C VAL U 549 15.38 -33.26 78.40
N ASN U 550 15.44 -34.06 77.34
CA ASN U 550 16.67 -34.74 76.98
C ASN U 550 17.81 -33.74 76.84
N SER U 551 17.55 -32.64 76.12
CA SER U 551 18.57 -31.61 75.97
C SER U 551 18.89 -30.95 77.31
N SER U 552 17.87 -30.77 78.16
CA SER U 552 18.11 -30.14 79.45
C SER U 552 19.15 -30.90 80.26
N ASN U 553 19.30 -32.20 80.00
CA ASN U 553 20.22 -33.01 80.79
C ASN U 553 21.66 -32.58 80.60
N GLU U 554 22.06 -32.25 79.37
CA GLU U 554 23.48 -32.09 79.07
C GLU U 554 24.09 -30.96 79.89
N THR U 555 23.47 -29.78 79.88
CA THR U 555 23.94 -28.72 80.77
C THR U 555 23.91 -29.18 82.21
N LEU U 556 22.79 -29.75 82.65
CA LEU U 556 22.73 -30.37 83.96
C LEU U 556 23.88 -31.35 84.15
N TYR U 557 24.09 -32.21 83.17
CA TYR U 557 25.17 -33.17 83.24
C TYR U 557 26.52 -32.47 83.08
N ASN U 558 26.54 -31.38 82.32
CA ASN U 558 27.74 -30.54 82.28
C ASN U 558 27.99 -29.88 83.62
N SER U 559 26.94 -29.51 84.33
CA SER U 559 27.12 -28.91 85.64
C SER U 559 27.82 -29.87 86.58
N VAL U 560 27.32 -31.11 86.66
CA VAL U 560 27.92 -32.06 87.59
C VAL U 560 29.33 -32.43 87.14
N TYR U 561 29.65 -32.28 85.85
CA TYR U 561 31.04 -32.40 85.44
C TYR U 561 31.92 -31.51 86.31
N SER U 562 31.69 -30.21 86.23
CA SER U 562 32.69 -29.24 86.67
C SER U 562 33.14 -29.52 88.10
N GLU U 563 32.25 -30.05 88.92
CA GLU U 563 32.61 -30.33 90.31
C GLU U 563 33.72 -31.37 90.39
N TYR U 564 33.56 -32.48 89.66
CA TYR U 564 34.51 -33.58 89.79
C TYR U 564 35.78 -33.32 89.01
N GLN U 565 35.65 -33.08 87.70
CA GLN U 565 36.86 -32.87 86.92
C GLN U 565 37.68 -31.72 87.50
N SER U 566 37.05 -30.83 88.26
CA SER U 566 37.79 -29.98 89.19
C SER U 566 38.44 -30.81 90.29
N LYS U 567 37.64 -31.67 90.94
CA LYS U 567 38.17 -32.51 92.00
C LYS U 567 39.14 -33.56 91.46
N SER U 568 39.03 -33.89 90.17
CA SER U 568 39.66 -35.11 89.68
C SER U 568 41.17 -35.01 89.63
N GLY U 569 41.72 -33.95 89.05
CA GLY U 569 43.15 -33.86 88.85
C GLY U 569 43.56 -33.99 87.40
N VAL U 570 44.84 -34.29 87.21
CA VAL U 570 45.47 -34.51 85.90
C VAL U 570 45.84 -33.17 85.26
N ASN U 571 46.90 -32.55 85.77
CA ASN U 571 47.52 -31.42 85.11
C ASN U 571 49.02 -31.48 85.38
N THR U 572 49.76 -32.08 84.45
CA THR U 572 51.06 -32.64 84.79
C THR U 572 52.12 -31.58 84.99
N ASN U 573 52.07 -30.49 84.21
CA ASN U 573 53.15 -29.52 84.24
C ASN U 573 53.45 -29.05 85.67
N GLU U 574 52.42 -28.64 86.39
CA GLU U 574 52.64 -28.05 87.72
C GLU U 574 53.13 -29.11 88.70
N GLU U 575 52.48 -30.27 88.75
CA GLU U 575 52.86 -31.30 89.71
C GLU U 575 54.27 -31.83 89.42
N LEU U 576 54.73 -31.74 88.18
CA LEU U 576 56.09 -32.14 87.86
C LEU U 576 57.10 -31.20 88.49
N ALA U 577 56.80 -29.90 88.52
CA ALA U 577 57.76 -28.93 89.02
C ALA U 577 58.23 -29.28 90.43
N ALA U 578 57.29 -29.48 91.35
CA ALA U 578 57.67 -29.85 92.71
C ALA U 578 58.42 -31.18 92.71
N LEU U 579 57.98 -32.12 91.88
CA LEU U 579 58.71 -33.38 91.75
C LEU U 579 60.18 -33.11 91.52
N ILE U 580 60.48 -32.15 90.64
CA ILE U 580 61.85 -31.88 90.25
C ILE U 580 62.66 -31.38 91.43
N GLN U 581 62.09 -30.47 92.23
CA GLN U 581 62.86 -29.94 93.35
C GLN U 581 63.01 -31.00 94.44
N TYR U 582 62.01 -31.87 94.61
CA TYR U 582 62.23 -33.06 95.42
C TYR U 582 63.33 -33.92 94.84
N GLN U 583 63.31 -34.11 93.51
CA GLN U 583 64.39 -34.83 92.85
C GLN U 583 65.75 -34.24 93.22
N SER U 584 65.85 -32.92 93.21
CA SER U 584 67.08 -32.27 93.66
C SER U 584 67.31 -32.51 95.15
N SER U 585 66.23 -32.59 95.92
CA SER U 585 66.35 -32.56 97.38
C SER U 585 67.23 -33.70 97.90
N TYR U 586 66.95 -34.94 97.48
CA TYR U 586 67.67 -36.07 98.05
C TYR U 586 69.13 -36.06 97.62
N GLY U 587 69.40 -35.64 96.38
CA GLY U 587 70.78 -35.46 95.97
C GLY U 587 71.49 -34.41 96.82
N ALA U 588 70.79 -33.33 97.15
CA ALA U 588 71.40 -32.24 97.91
C ALA U 588 71.79 -32.71 99.31
N ALA U 589 70.86 -33.33 100.02
CA ALA U 589 71.12 -33.69 101.41
C ALA U 589 72.33 -34.62 101.52
N ALA U 590 72.31 -35.72 100.76
CA ALA U 590 73.39 -36.70 100.85
C ALA U 590 74.74 -36.04 100.67
N LYS U 591 74.82 -35.08 99.75
CA LYS U 591 76.05 -34.35 99.55
C LYS U 591 76.51 -33.82 100.89
N ILE U 592 75.68 -33.02 101.54
CA ILE U 592 76.06 -32.42 102.82
C ILE U 592 76.31 -33.51 103.85
N VAL U 593 75.45 -34.52 103.91
CA VAL U 593 75.63 -35.60 104.87
C VAL U 593 76.98 -36.27 104.67
N SER U 594 77.30 -36.64 103.43
CA SER U 594 78.54 -37.36 103.17
C SER U 594 79.74 -36.48 103.45
N THR U 595 79.73 -35.24 102.97
CA THR U 595 80.90 -34.38 103.12
C THR U 595 81.25 -34.18 104.59
N VAL U 596 80.24 -33.91 105.43
CA VAL U 596 80.49 -33.87 106.87
C VAL U 596 81.10 -35.19 107.33
N ASP U 597 80.52 -36.30 106.87
CA ASP U 597 81.03 -37.60 107.27
C ASP U 597 82.48 -37.76 106.84
N GLN U 598 82.81 -37.26 105.65
CA GLN U 598 84.20 -37.26 105.21
C GLN U 598 85.07 -36.45 106.15
N MET U 599 84.54 -35.30 106.60
CA MET U 599 85.28 -34.52 107.57
C MET U 599 85.38 -35.31 108.84
N LEU U 600 84.31 -36.02 109.18
CA LEU U 600 84.33 -36.85 110.38
C LEU U 600 85.35 -37.94 110.18
N ASP U 601 85.38 -38.53 108.99
CA ASP U 601 86.32 -39.59 108.69
C ASP U 601 87.73 -39.03 108.70
N THR U 602 87.86 -37.80 108.24
CA THR U 602 89.16 -37.16 108.21
C THR U 602 89.67 -37.04 109.63
N LEU U 603 88.80 -36.60 110.54
CA LEU U 603 89.20 -36.41 111.92
C LEU U 603 89.50 -37.75 112.56
N LEU U 604 88.78 -38.77 112.15
CA LEU U 604 89.03 -40.11 112.67
C LEU U 604 90.43 -40.53 112.28
N GLY U 605 90.80 -40.31 111.03
CA GLY U 605 92.13 -40.67 110.59
C GLY U 605 93.16 -39.85 111.34
N LEU U 606 92.85 -38.58 111.58
CA LEU U 606 93.75 -37.72 112.31
C LEU U 606 94.04 -38.32 113.67
N LYS U 607 92.99 -38.76 114.36
CA LYS U 607 93.17 -39.36 115.68
C LYS U 607 93.94 -40.66 115.60
N SER U 608 93.63 -41.49 114.60
CA SER U 608 94.30 -42.79 114.44
C SER U 608 95.37 -43.06 115.51
N MET V 1 91.14 -66.72 102.66
CA MET V 1 90.17 -67.39 101.76
C MET V 1 88.91 -66.54 101.59
N GLY V 2 88.63 -65.71 102.59
CA GLY V 2 87.34 -65.03 102.64
C GLY V 2 87.12 -64.03 101.53
N ILE V 3 88.14 -63.24 101.20
CA ILE V 3 87.96 -62.16 100.23
C ILE V 3 87.47 -62.71 98.90
N PHE V 4 87.83 -63.96 98.60
CA PHE V 4 87.28 -64.65 97.43
C PHE V 4 85.80 -64.37 97.27
N GLY V 5 85.05 -64.46 98.36
CA GLY V 5 83.64 -64.09 98.31
C GLY V 5 83.44 -62.60 98.13
N THR V 6 84.23 -61.79 98.83
CA THR V 6 84.06 -60.34 98.76
C THR V 6 84.16 -59.86 97.32
N LEU V 7 85.10 -60.40 96.56
CA LEU V 7 85.15 -60.13 95.12
C LEU V 7 83.89 -60.62 94.44
N TYR V 8 83.45 -61.83 94.77
CA TYR V 8 82.38 -62.46 94.01
C TYR V 8 81.08 -61.71 94.14
N THR V 9 80.75 -61.23 95.34
CA THR V 9 79.48 -60.54 95.53
C THR V 9 79.41 -59.30 94.64
N GLY V 10 80.50 -58.55 94.53
CA GLY V 10 80.55 -57.47 93.57
C GLY V 10 80.47 -57.99 92.14
N VAL V 11 81.05 -59.16 91.89
CA VAL V 11 81.01 -59.75 90.56
C VAL V 11 79.58 -60.02 90.15
N THR V 12 78.73 -60.43 91.11
CA THR V 12 77.32 -60.68 90.79
C THR V 12 76.69 -59.45 90.13
N GLY V 13 76.60 -58.35 90.87
CA GLY V 13 76.05 -57.14 90.29
C GLY V 13 76.84 -56.66 89.10
N LEU V 14 78.17 -56.78 89.16
CA LEU V 14 78.99 -56.39 88.03
C LEU V 14 78.65 -57.20 86.79
N LYS V 15 78.86 -58.51 86.85
CA LYS V 15 78.65 -59.34 85.66
C LYS V 15 77.18 -59.37 85.28
N ALA V 16 76.28 -59.46 86.26
CA ALA V 16 74.87 -59.36 85.96
C ALA V 16 74.58 -58.10 85.16
N SER V 17 75.18 -56.99 85.56
CA SER V 17 75.07 -55.77 84.77
C SER V 17 75.73 -55.94 83.42
N GLU V 18 76.89 -56.62 83.38
CA GLU V 18 77.53 -56.90 82.10
C GLU V 18 76.64 -57.77 81.22
N VAL V 19 76.18 -58.90 81.76
CA VAL V 19 75.40 -59.85 80.97
C VAL V 19 74.15 -59.19 80.43
N GLN V 20 73.40 -58.51 81.30
CA GLN V 20 72.15 -57.90 80.86
C GLN V 20 72.39 -56.86 79.78
N ILE V 21 73.51 -56.13 79.87
CA ILE V 21 73.84 -55.18 78.81
C ILE V 21 74.10 -55.91 77.51
N ALA V 22 74.91 -56.97 77.56
CA ALA V 22 75.21 -57.71 76.34
C ALA V 22 73.95 -58.29 75.71
N THR V 23 72.97 -58.65 76.54
CA THR V 23 71.73 -59.24 76.02
C THR V 23 71.02 -58.27 75.09
N THR V 24 70.91 -57.01 75.50
CA THR V 24 70.18 -56.03 74.68
C THR V 24 70.83 -55.88 73.32
N GLY V 25 72.14 -55.63 73.28
CA GLY V 25 72.81 -55.46 72.01
C GLY V 25 72.72 -56.69 71.14
N ASN V 26 72.86 -57.88 71.74
CA ASN V 26 72.77 -59.09 70.96
C ASN V 26 71.41 -59.23 70.30
N ASN V 27 70.33 -58.82 71.00
CA ASN V 27 69.04 -58.76 70.35
C ASN V 27 69.10 -57.89 69.10
N ILE V 28 69.97 -56.88 69.11
CA ILE V 28 70.11 -55.98 67.99
C ILE V 28 71.03 -56.56 66.93
N SER V 29 71.94 -57.45 67.33
CA SER V 29 73.23 -57.60 66.66
C SER V 29 73.18 -57.93 65.17
N ASN V 30 72.78 -59.14 64.82
CA ASN V 30 72.97 -59.63 63.45
C ASN V 30 71.70 -59.54 62.61
N ALA V 31 71.23 -58.33 62.31
CA ALA V 31 69.97 -58.15 61.61
C ALA V 31 70.06 -58.37 60.11
N ASN V 32 71.27 -58.55 59.55
CA ASN V 32 71.37 -58.81 58.11
C ASN V 32 70.60 -60.06 57.72
N ALA V 33 70.50 -61.02 58.64
CA ALA V 33 69.83 -62.28 58.34
C ALA V 33 68.37 -62.24 58.77
N THR V 34 67.61 -61.28 58.24
CA THR V 34 66.16 -61.23 58.40
C THR V 34 65.75 -60.94 59.84
N PHE V 35 65.18 -61.92 60.55
CA PHE V 35 64.47 -61.66 61.80
C PHE V 35 64.90 -62.66 62.86
N TYR V 36 64.50 -62.41 64.10
CA TYR V 36 64.82 -63.29 65.22
C TYR V 36 63.86 -63.06 66.37
N THR V 37 63.75 -64.04 67.28
CA THR V 37 62.83 -63.88 68.40
C THR V 37 63.48 -63.51 69.75
N ARG V 38 64.25 -64.39 70.41
CA ARG V 38 64.78 -64.02 71.73
C ARG V 38 65.56 -65.16 72.40
N GLN V 39 66.35 -64.79 73.42
CA GLN V 39 66.80 -65.65 74.51
C GLN V 39 66.64 -64.88 75.82
N ARG V 40 66.94 -65.53 76.96
CA ARG V 40 66.79 -64.89 78.27
C ARG V 40 67.64 -65.59 79.33
N VAL V 41 67.84 -64.89 80.48
CA VAL V 41 68.64 -65.35 81.61
C VAL V 41 67.79 -65.30 82.88
N VAL V 42 68.21 -66.01 83.93
CA VAL V 42 67.41 -66.21 85.14
C VAL V 42 68.29 -66.39 86.37
N GLN V 43 67.71 -66.08 87.54
CA GLN V 43 68.30 -66.36 88.85
C GLN V 43 67.54 -67.49 89.53
N THR V 44 68.13 -68.08 90.58
CA THR V 44 67.62 -69.30 91.18
C THR V 44 67.68 -69.29 92.70
N THR V 45 66.74 -69.99 93.34
CA THR V 45 66.70 -70.16 94.79
C THR V 45 65.88 -71.40 95.13
N ASN V 46 65.87 -71.76 96.42
CA ASN V 46 65.18 -72.96 96.90
C ASN V 46 64.69 -72.77 98.34
N GLY V 47 64.54 -73.86 99.07
CA GLY V 47 63.63 -73.94 100.21
C GLY V 47 63.85 -72.92 101.32
N TYR V 48 63.09 -73.14 102.40
CA TYR V 48 62.61 -72.09 103.31
C TYR V 48 63.70 -71.57 104.24
N ILE V 49 63.93 -70.26 104.17
CA ILE V 49 64.73 -69.52 105.16
C ILE V 49 64.23 -68.07 105.14
N THR V 50 64.49 -67.35 106.23
CA THR V 50 64.24 -65.91 106.27
C THR V 50 65.03 -65.31 107.42
N THR V 51 65.90 -64.35 107.12
CA THR V 51 66.76 -63.76 108.13
C THR V 51 67.38 -62.48 107.61
N GLY V 52 67.94 -61.69 108.54
CA GLY V 52 68.78 -60.57 108.19
C GLY V 52 68.09 -59.43 107.48
N GLY V 53 66.76 -59.39 107.49
CA GLY V 53 66.02 -58.30 106.89
C GLY V 53 65.50 -58.56 105.48
N VAL V 54 65.71 -59.76 104.94
CA VAL V 54 65.26 -60.10 103.60
C VAL V 54 64.60 -61.47 103.64
N GLN V 55 63.70 -61.71 102.69
CA GLN V 55 63.06 -63.00 102.52
C GLN V 55 63.96 -63.88 101.67
N VAL V 56 64.12 -65.14 102.07
CA VAL V 56 65.24 -65.96 101.62
C VAL V 56 64.74 -67.29 101.07
N GLY V 57 65.43 -67.78 100.05
CA GLY V 57 65.28 -69.14 99.57
C GLY V 57 66.63 -69.72 99.20
N THR V 58 66.91 -70.96 99.62
CA THR V 58 68.26 -71.51 99.49
C THR V 58 68.68 -71.60 98.03
N GLY V 59 69.73 -70.87 97.66
CA GLY V 59 70.26 -70.94 96.32
C GLY V 59 70.83 -69.60 95.92
N THR V 60 71.92 -69.66 95.15
CA THR V 60 72.61 -68.45 94.71
C THR V 60 73.28 -68.74 93.35
N ALA V 61 72.67 -68.22 92.29
CA ALA V 61 73.23 -68.34 90.95
C ALA V 61 72.32 -67.60 89.98
N VAL V 62 72.87 -67.24 88.83
CA VAL V 62 72.13 -66.54 87.78
C VAL V 62 72.63 -67.07 86.44
N GLU V 63 71.77 -67.81 85.74
CA GLU V 63 72.13 -68.38 84.45
C GLU V 63 70.90 -68.93 83.77
N SER V 64 70.74 -68.63 82.48
CA SER V 64 69.72 -69.26 81.65
C SER V 64 69.84 -68.73 80.22
N ILE V 65 69.39 -69.56 79.28
CA ILE V 65 69.25 -69.15 77.88
C ILE V 65 67.95 -69.79 77.39
N VAL V 66 66.87 -69.01 77.35
CA VAL V 66 65.55 -69.51 76.99
C VAL V 66 64.88 -68.50 76.07
N ARG V 67 64.09 -69.01 75.12
CA ARG V 67 63.64 -68.27 73.96
C ARG V 67 62.17 -67.90 74.05
N LEU V 68 61.79 -66.92 73.23
CA LEU V 68 60.39 -66.77 72.83
C LEU V 68 60.14 -67.49 71.52
N HIS V 69 59.00 -68.18 71.44
CA HIS V 69 58.52 -68.74 70.18
C HIS V 69 57.17 -69.40 70.42
N ASP V 70 56.43 -69.55 69.34
CA ASP V 70 55.25 -70.42 69.31
C ASP V 70 55.09 -70.95 67.89
N GLU V 71 55.24 -72.27 67.73
CA GLU V 71 55.08 -72.87 66.41
C GLU V 71 53.62 -73.19 66.12
N TYR V 72 52.80 -73.36 67.16
CA TYR V 72 51.40 -73.70 66.95
C TYR V 72 50.74 -72.72 65.97
N SER V 73 50.88 -71.42 66.23
CA SER V 73 50.29 -70.43 65.35
C SER V 73 51.09 -70.28 64.07
N TYR V 74 52.42 -70.36 64.17
CA TYR V 74 53.26 -70.08 63.00
C TYR V 74 52.91 -70.99 61.84
N TYR V 75 52.84 -72.31 62.09
CA TYR V 75 52.36 -73.21 61.05
C TYR V 75 51.00 -72.78 60.54
N LYS V 76 50.05 -72.56 61.44
CA LYS V 76 48.69 -72.23 61.02
C LYS V 76 48.68 -71.00 60.13
N LEU V 77 49.62 -70.08 60.36
CA LEU V 77 49.86 -69.04 59.37
C LEU V 77 50.44 -69.61 58.09
N LYS V 78 51.42 -70.52 58.21
CA LYS V 78 51.97 -71.14 57.00
C LYS V 78 50.87 -71.77 56.16
N GLY V 79 49.96 -72.48 56.81
CA GLY V 79 48.81 -73.01 56.08
C GLY V 79 48.02 -71.91 55.42
N ALA V 80 47.71 -70.84 56.16
CA ALA V 80 47.03 -69.71 55.57
C ALA V 80 47.84 -69.14 54.41
N SER V 81 49.16 -69.08 54.57
CA SER V 81 50.00 -68.66 53.46
C SER V 81 49.81 -69.58 52.26
N ASN V 82 49.93 -70.88 52.46
CA ASN V 82 49.84 -71.82 51.35
C ASN V 82 48.54 -71.61 50.59
N GLN V 83 47.42 -71.52 51.31
CA GLN V 83 46.14 -71.24 50.66
C GLN V 83 46.12 -69.84 50.07
N LEU V 84 46.72 -68.87 50.77
CA LEU V 84 46.85 -67.54 50.18
C LEU V 84 47.50 -67.61 48.81
N GLU V 85 48.65 -68.29 48.71
CA GLU V 85 49.38 -68.25 47.46
C GLU V 85 48.70 -69.09 46.38
N TYR V 86 47.85 -70.03 46.77
CA TYR V 86 47.02 -70.72 45.78
C TYR V 86 46.04 -69.75 45.15
N THR V 87 45.29 -69.02 45.98
CA THR V 87 44.38 -68.01 45.45
C THR V 87 45.13 -66.87 44.77
N LYS V 88 46.30 -66.53 45.29
CA LYS V 88 47.09 -65.44 44.73
C LYS V 88 47.51 -65.75 43.30
N TYR V 89 48.13 -66.91 43.08
CA TYR V 89 48.51 -67.29 41.73
C TYR V 89 47.27 -67.49 40.86
N MET V 90 46.26 -68.17 41.38
CA MET V 90 45.05 -68.41 40.61
C MET V 90 44.40 -67.09 40.21
N ALA V 91 44.33 -66.14 41.15
CA ALA V 91 43.72 -64.85 40.86
C ALA V 91 44.49 -64.13 39.76
N SER V 92 45.82 -64.15 39.84
CA SER V 92 46.63 -63.56 38.77
C SER V 92 46.38 -64.27 37.46
N THR V 93 46.33 -65.61 37.49
CA THR V 93 46.08 -66.37 36.26
C THR V 93 44.71 -66.04 35.70
N LEU V 94 43.69 -65.98 36.57
CA LEU V 94 42.36 -65.60 36.09
C LEU V 94 42.36 -64.16 35.58
N GLN V 95 43.24 -63.32 36.14
CA GLN V 95 43.27 -61.93 35.73
C GLN V 95 43.89 -61.76 34.35
N GLU V 96 44.95 -62.51 34.05
CA GLU V 96 45.61 -62.35 32.75
C GLU V 96 44.73 -62.88 31.62
N ILE V 97 43.99 -63.96 31.87
CA ILE V 97 43.01 -64.40 30.89
C ILE V 97 41.89 -63.37 30.77
N ALA V 98 41.40 -62.88 31.91
CA ALA V 98 40.32 -61.90 31.90
C ALA V 98 40.79 -60.60 31.27
N GLN V 99 42.01 -60.17 31.62
CA GLN V 99 42.55 -58.97 31.01
C GLN V 99 43.01 -59.24 29.58
N ARG V 100 43.04 -60.51 29.18
CA ARG V 100 43.13 -60.81 27.75
C ARG V 100 41.80 -60.58 27.05
N PHE V 101 40.70 -60.66 27.79
CA PHE V 101 39.40 -60.43 27.17
C PHE V 101 38.57 -59.44 27.98
N PRO V 102 39.03 -58.19 28.11
CA PRO V 102 38.12 -57.12 28.53
C PRO V 102 37.18 -56.79 27.38
N ASP V 103 36.32 -55.81 27.60
CA ASP V 103 35.39 -55.41 26.56
C ASP V 103 36.06 -54.39 25.66
N LEU V 104 36.71 -54.84 24.61
CA LEU V 104 37.23 -53.91 23.64
C LEU V 104 35.96 -53.50 22.90
N GLN V 105 34.98 -52.93 23.61
CA GLN V 105 33.68 -52.63 23.02
C GLN V 105 33.19 -53.84 22.27
N ASN V 106 32.42 -54.71 22.92
CA ASN V 106 32.08 -55.95 22.22
C ASN V 106 33.35 -56.61 21.71
N THR V 107 34.26 -56.79 22.68
CA THR V 107 35.64 -57.23 22.35
C THR V 107 35.83 -57.71 20.94
N GLY V 108 36.52 -56.88 20.17
CA GLY V 108 36.81 -57.18 18.79
C GLY V 108 36.25 -58.38 18.09
N ILE V 109 36.53 -59.58 18.57
CA ILE V 109 36.11 -60.74 17.78
C ILE V 109 34.59 -60.84 17.76
N LEU V 110 33.93 -60.53 18.88
CA LEU V 110 32.47 -60.45 18.85
C LEU V 110 31.98 -59.35 17.92
N GLN V 111 32.83 -58.38 17.61
CA GLN V 111 32.46 -57.39 16.62
C GLN V 111 32.74 -57.88 15.21
N ASP V 112 33.79 -58.70 15.04
CA ASP V 112 34.09 -59.25 13.72
C ASP V 112 32.86 -59.90 13.11
N LEU V 113 32.09 -60.64 13.91
CA LEU V 113 30.88 -61.24 13.39
C LEU V 113 29.89 -60.16 12.97
N GLU V 114 29.72 -59.12 13.78
CA GLU V 114 28.73 -58.09 13.45
C GLU V 114 29.10 -57.39 12.16
N ASN V 115 30.35 -56.97 12.03
CA ASN V 115 30.82 -56.50 10.73
C ASN V 115 30.57 -57.55 9.67
N TYR V 116 30.83 -58.80 10.01
CA TYR V 116 30.56 -59.90 9.10
C TYR V 116 29.05 -60.10 8.91
N ASN V 117 28.26 -59.85 9.96
CA ASN V 117 26.81 -59.94 9.82
C ASN V 117 26.30 -58.93 8.81
N LYS V 118 26.68 -57.66 8.97
CA LYS V 118 26.22 -56.63 8.05
C LYS V 118 26.68 -56.91 6.63
N ALA V 119 27.84 -57.54 6.47
CA ALA V 119 28.33 -57.83 5.13
C ALA V 119 27.33 -58.68 4.34
N TRP V 120 26.57 -59.54 5.03
CA TRP V 120 25.54 -60.31 4.34
C TRP V 120 24.39 -59.42 3.92
N ASN V 121 24.06 -58.40 4.72
CA ASN V 121 23.08 -57.41 4.28
C ASN V 121 23.53 -56.74 3.00
N ASP V 122 24.82 -56.46 2.88
CA ASP V 122 25.34 -55.90 1.64
C ASP V 122 25.32 -56.92 0.52
N PHE V 123 25.81 -58.14 0.79
CA PHE V 123 25.71 -59.20 -0.20
C PHE V 123 24.25 -59.51 -0.49
N ALA V 124 23.40 -59.51 0.53
CA ALA V 124 21.97 -59.61 0.31
C ALA V 124 21.48 -58.50 -0.60
N SER V 125 21.98 -57.27 -0.39
CA SER V 125 21.51 -56.14 -1.18
C SER V 125 21.90 -56.27 -2.64
N ASN V 126 23.09 -56.81 -2.92
CA ASN V 126 23.57 -56.99 -4.29
C ASN V 126 24.06 -58.42 -4.43
N PRO V 127 23.13 -59.37 -4.57
CA PRO V 127 23.53 -60.79 -4.56
C PRO V 127 24.27 -61.20 -5.82
N ASN V 128 23.80 -60.74 -6.98
CA ASN V 128 24.49 -61.08 -8.22
C ASN V 128 25.78 -60.30 -8.37
N GLU V 129 25.80 -59.07 -7.87
CA GLU V 129 26.99 -58.22 -7.94
C GLU V 129 28.01 -58.74 -6.92
N ASN V 130 28.97 -59.50 -7.44
CA ASN V 130 29.88 -60.28 -6.61
C ASN V 130 30.71 -59.42 -5.66
N ALA V 131 30.90 -58.14 -5.98
CA ALA V 131 31.75 -57.29 -5.16
C ALA V 131 31.35 -57.36 -3.69
N THR V 132 30.05 -57.40 -3.41
CA THR V 132 29.60 -57.53 -2.02
C THR V 132 30.14 -58.81 -1.40
N LYS V 133 30.12 -59.92 -2.15
CA LYS V 133 30.69 -61.15 -1.65
C LYS V 133 32.15 -60.95 -1.24
N ILE V 134 32.96 -60.40 -2.14
CA ILE V 134 34.39 -60.24 -1.88
C ILE V 134 34.61 -59.58 -0.54
N ALA V 135 34.08 -58.37 -0.37
CA ALA V 135 34.20 -57.68 0.92
C ALA V 135 33.65 -58.53 2.03
N LEU V 136 32.50 -59.16 1.79
CA LEU V 136 31.93 -60.08 2.78
C LEU V 136 32.89 -61.22 3.06
N VAL V 137 33.57 -61.72 2.03
CA VAL V 137 34.54 -62.80 2.23
C VAL V 137 35.66 -62.36 3.15
N LYS V 138 36.16 -61.12 2.97
CA LYS V 138 37.21 -60.65 3.87
C LYS V 138 36.71 -60.63 5.31
N ALA V 139 35.48 -60.13 5.51
CA ALA V 139 34.90 -60.15 6.85
C ALA V 139 34.85 -61.57 7.40
N SER V 140 34.62 -62.56 6.51
CA SER V 140 34.76 -63.94 6.92
C SER V 140 36.19 -64.24 7.34
N GLN V 141 37.15 -63.87 6.49
CA GLN V 141 38.50 -64.41 6.59
C GLN V 141 39.25 -63.78 7.76
N THR V 142 39.15 -62.45 7.90
CA THR V 142 39.71 -61.81 9.09
C THR V 142 39.04 -62.33 10.35
N LEU V 143 37.71 -62.50 10.30
CA LEU V 143 36.97 -63.00 11.44
C LEU V 143 37.52 -64.36 11.87
N THR V 144 37.73 -65.27 10.92
CA THR V 144 38.30 -66.57 11.25
C THR V 144 39.70 -66.43 11.82
N GLU V 145 40.53 -65.57 11.22
CA GLU V 145 41.91 -65.43 11.70
C GLU V 145 41.95 -64.96 13.14
N SER V 146 41.25 -63.88 13.45
CA SER V 146 41.21 -63.39 14.82
C SER V 146 40.78 -64.49 15.77
N VAL V 147 39.83 -65.33 15.36
CA VAL V 147 39.45 -66.48 16.16
C VAL V 147 40.64 -67.40 16.35
N ASN V 148 41.34 -67.71 15.26
CA ASN V 148 42.56 -68.50 15.37
C ASN V 148 43.56 -67.81 16.27
N ASN V 149 43.74 -66.51 16.10
CA ASN V 149 44.63 -65.75 16.96
C ASN V 149 44.15 -65.75 18.40
N THR V 150 42.87 -65.48 18.60
CA THR V 150 42.29 -65.56 19.93
C THR V 150 42.44 -66.97 20.48
N PHE V 151 42.06 -67.96 19.69
CA PHE V 151 42.25 -69.35 20.09
C PHE V 151 43.72 -69.63 20.38
N ALA V 152 44.61 -69.10 19.55
CA ALA V 152 46.04 -69.26 19.80
C ALA V 152 46.41 -68.71 21.17
N THR V 153 45.80 -67.59 21.58
CA THR V 153 46.08 -67.05 22.90
C THR V 153 45.70 -68.04 23.99
N LEU V 154 44.50 -68.61 23.89
CA LEU V 154 44.06 -69.57 24.90
C LEU V 154 45.09 -70.68 25.05
N ASP V 155 45.54 -71.26 23.93
CA ASP V 155 46.48 -72.38 24.00
C ASP V 155 47.81 -71.94 24.59
N LYS V 156 48.30 -70.78 24.17
CA LYS V 156 49.53 -70.25 24.74
C LYS V 156 49.43 -70.15 26.25
N ILE V 157 48.29 -69.66 26.74
CA ILE V 157 48.05 -69.64 28.17
C ILE V 157 48.02 -71.06 28.73
N GLN V 158 47.40 -71.99 27.99
CA GLN V 158 47.40 -73.39 28.42
C GLN V 158 48.82 -73.95 28.42
N LYS V 159 49.57 -73.69 27.36
CA LYS V 159 50.96 -74.10 27.33
C LYS V 159 51.74 -73.41 28.43
N LYS V 160 51.47 -72.11 28.63
CA LYS V 160 52.22 -71.34 29.62
C LYS V 160 52.10 -71.95 31.02
N VAL V 161 50.88 -72.27 31.44
CA VAL V 161 50.72 -72.86 32.77
C VAL V 161 51.45 -74.20 32.84
N ASN V 162 51.42 -74.97 31.75
CA ASN V 162 52.24 -76.18 31.69
C ASN V 162 53.71 -75.82 31.84
N ASP V 163 54.14 -74.75 31.17
CA ASP V 163 55.48 -74.23 31.42
C ASP V 163 55.61 -73.78 32.86
N ASP V 164 54.57 -73.14 33.41
CA ASP V 164 54.58 -72.80 34.82
C ASP V 164 54.69 -74.06 35.67
N ILE V 165 53.99 -75.13 35.27
CA ILE V 165 54.10 -76.39 35.99
C ILE V 165 55.51 -76.94 35.89
N LYS V 166 56.03 -77.03 34.66
CA LYS V 166 57.35 -77.61 34.48
C LYS V 166 58.43 -76.76 35.14
N ASN V 167 58.31 -75.43 35.02
CA ASN V 167 59.27 -74.55 35.68
C ASN V 167 59.13 -74.60 37.19
N THR V 168 57.91 -74.78 37.69
CA THR V 168 57.71 -74.82 39.14
C THR V 168 58.39 -76.05 39.75
N VAL V 169 58.48 -77.14 38.99
CA VAL V 169 59.03 -78.38 39.53
C VAL V 169 60.50 -78.21 39.89
N ASP V 170 61.31 -77.73 38.95
CA ASP V 170 62.75 -77.69 39.19
C ASP V 170 63.10 -76.68 40.27
N GLU V 171 62.45 -75.52 40.26
CA GLU V 171 62.71 -74.53 41.29
C GLU V 171 62.36 -75.06 42.67
N ILE V 172 61.18 -75.68 42.81
CA ILE V 172 60.83 -76.28 44.09
C ILE V 172 61.90 -77.27 44.51
N ASN V 173 62.35 -78.11 43.58
CA ASN V 173 63.49 -78.96 43.87
C ASN V 173 64.74 -78.13 44.10
N LYS V 174 64.92 -77.07 43.30
CA LYS V 174 66.08 -76.21 43.49
C LYS V 174 66.04 -75.52 44.85
N ILE V 175 64.93 -74.85 45.16
CA ILE V 175 64.81 -74.21 46.47
C ILE V 175 64.61 -75.27 47.55
N GLY V 176 63.84 -76.33 47.26
CA GLY V 176 63.55 -77.32 48.28
C GLY V 176 64.78 -78.01 48.80
N GLU V 177 65.68 -78.42 47.89
CA GLU V 177 66.90 -79.10 48.34
C GLU V 177 67.79 -78.16 49.15
N GLU V 178 67.85 -76.89 48.77
CA GLU V 178 68.59 -75.92 49.59
C GLU V 178 68.07 -75.95 51.02
N ILE V 179 66.75 -75.89 51.19
CA ILE V 179 66.17 -76.05 52.51
C ILE V 179 66.51 -77.42 53.08
N ALA V 180 66.36 -78.45 52.25
CA ALA V 180 66.70 -79.80 52.69
C ALA V 180 68.16 -79.88 53.09
N THR V 181 69.04 -79.27 52.30
CA THR V 181 70.45 -79.20 52.67
C THR V 181 70.62 -78.45 53.99
N ILE V 182 69.93 -77.32 54.14
CA ILE V 182 69.99 -76.59 55.40
C ILE V 182 69.52 -77.48 56.54
N ASN V 183 68.57 -78.38 56.26
CA ASN V 183 68.13 -79.32 57.28
C ASN V 183 69.19 -80.38 57.55
N LYS V 184 69.92 -80.80 56.50
CA LYS V 184 71.06 -81.68 56.74
C LYS V 184 71.98 -81.07 57.79
N GLN V 185 72.34 -79.80 57.61
CA GLN V 185 73.28 -79.15 58.53
C GLN V 185 72.66 -79.01 59.91
N ILE V 186 71.42 -78.55 60.00
CA ILE V 186 70.79 -78.36 61.30
C ILE V 186 70.62 -79.69 62.01
N TYR V 187 70.76 -80.81 61.29
CA TYR V 187 70.52 -82.13 61.84
C TYR V 187 71.73 -83.05 61.71
N GLY V 188 72.89 -82.54 62.10
CA GLY V 188 74.01 -83.42 62.39
C GLY V 188 73.93 -83.82 63.85
N GLN V 189 75.06 -84.08 64.49
CA GLN V 189 75.06 -84.19 65.94
C GLN V 189 74.96 -82.78 66.48
N GLU V 190 73.83 -82.14 66.21
CA GLU V 190 73.73 -80.68 66.16
C GLU V 190 73.14 -80.16 67.47
N ALA V 191 73.97 -80.15 68.50
CA ALA V 191 73.69 -79.37 69.70
C ALA V 191 74.00 -77.90 69.38
N LEU V 192 73.01 -77.25 68.78
CA LEU V 192 73.24 -76.03 68.03
C LEU V 192 73.83 -74.94 68.92
N PRO V 193 74.81 -74.16 68.45
CA PRO V 193 75.45 -73.13 69.31
C PRO V 193 74.55 -71.91 69.48
N THR V 194 74.31 -71.54 70.74
CA THR V 194 73.19 -70.67 71.09
C THR V 194 73.04 -69.49 70.15
N GLU V 195 74.02 -68.59 70.13
CA GLU V 195 73.84 -67.32 69.42
C GLU V 195 73.52 -67.55 67.95
N HIS V 196 74.35 -68.35 67.27
CA HIS V 196 74.15 -68.56 65.85
C HIS V 196 73.20 -69.72 65.58
N ALA V 197 72.96 -70.56 66.59
CA ALA V 197 72.00 -71.64 66.44
C ALA V 197 70.61 -71.13 66.12
N ASN V 198 70.03 -70.40 67.06
CA ASN V 198 68.65 -69.97 66.91
C ASN V 198 68.47 -69.18 65.63
N GLU V 199 69.54 -68.52 65.17
CA GLU V 199 69.51 -67.92 63.84
C GLU V 199 69.41 -68.99 62.75
N LEU V 200 70.15 -70.10 62.91
CA LEU V 200 69.98 -71.23 62.00
C LEU V 200 68.56 -71.77 62.08
N ARG V 201 68.04 -71.97 63.29
CA ARG V 201 66.66 -72.43 63.42
C ARG V 201 65.70 -71.46 62.75
N ASP V 202 65.77 -70.19 63.15
CA ASP V 202 64.77 -69.23 62.70
C ASP V 202 64.80 -69.06 61.19
N ARG V 203 65.99 -68.96 60.60
CA ARG V 203 66.08 -68.85 59.16
C ARG V 203 65.47 -70.07 58.49
N ARG V 204 65.74 -71.27 59.00
CA ARG V 204 65.13 -72.46 58.44
C ARG V 204 63.62 -72.44 58.63
N ASP V 205 63.15 -72.10 59.82
CA ASP V 205 61.71 -71.96 60.03
C ASP V 205 61.15 -70.83 59.18
N GLU V 206 61.86 -69.72 59.11
CA GLU V 206 61.44 -68.61 58.25
C GLU V 206 61.21 -69.09 56.83
N LEU V 207 62.09 -69.95 56.32
CA LEU V 207 61.99 -70.39 54.94
C LEU V 207 60.86 -71.40 54.75
N GLU V 208 60.34 -71.98 55.83
CA GLU V 208 59.22 -72.90 55.68
C GLU V 208 58.02 -72.20 55.04
N LEU V 209 57.71 -70.99 55.50
CA LEU V 209 56.53 -70.30 54.99
C LEU V 209 56.67 -70.03 53.49
N THR V 210 57.86 -69.63 53.04
CA THR V 210 58.08 -69.45 51.61
C THR V 210 57.87 -70.76 50.86
N LEU V 211 58.19 -71.90 51.50
CA LEU V 211 57.90 -73.19 50.88
C LEU V 211 56.40 -73.48 50.86
N SER V 212 55.69 -73.13 51.93
CA SER V 212 54.26 -73.37 51.97
C SER V 212 53.54 -72.65 50.83
N LYS V 213 54.16 -71.60 50.28
CA LYS V 213 53.54 -70.86 49.19
C LYS V 213 53.17 -71.78 48.03
N LEU V 214 54.14 -72.56 47.56
CA LEU V 214 53.95 -73.33 46.34
C LEU V 214 53.34 -74.69 46.62
N VAL V 215 53.67 -75.29 47.76
CA VAL V 215 53.45 -76.71 47.98
C VAL V 215 52.76 -76.90 49.33
N SER V 216 52.52 -78.15 49.72
CA SER V 216 51.92 -78.45 51.01
C SER V 216 52.63 -77.71 52.13
N ALA V 217 51.92 -77.48 53.22
CA ALA V 217 52.44 -76.74 54.36
C ALA V 217 52.49 -77.56 55.64
N VAL V 218 52.17 -78.85 55.59
CA VAL V 218 51.89 -79.63 56.78
C VAL V 218 53.12 -80.47 57.11
N ALA V 219 53.91 -80.01 58.08
CA ALA V 219 55.10 -80.73 58.53
C ALA V 219 55.07 -80.92 60.04
N SER V 220 55.81 -81.91 60.52
CA SER V 220 55.85 -82.28 61.93
C SER V 220 57.14 -81.77 62.54
N LYS V 221 57.04 -81.14 63.72
CA LYS V 221 58.16 -80.47 64.36
C LYS V 221 58.38 -81.02 65.77
N ASN V 222 59.66 -81.16 66.15
CA ASN V 222 60.04 -81.55 67.50
C ASN V 222 61.48 -81.11 67.73
N GLU V 223 62.06 -81.55 68.86
CA GLU V 223 63.46 -81.27 69.16
C GLU V 223 64.03 -82.34 70.09
N ILE V 224 65.36 -82.36 70.17
CA ILE V 224 66.11 -83.45 70.79
C ILE V 224 67.27 -82.86 71.60
N ASN V 225 67.83 -83.68 72.49
CA ASN V 225 68.80 -83.23 73.48
C ASN V 225 70.12 -83.97 73.33
N GLN V 226 71.15 -83.45 73.99
CA GLN V 226 72.51 -83.98 73.91
C GLN V 226 73.23 -83.72 75.23
N ASP V 227 74.46 -84.23 75.34
CA ASP V 227 75.24 -84.15 76.58
C ASP V 227 76.73 -84.12 76.29
N ASN V 228 77.51 -83.67 77.29
CA ASN V 228 78.95 -83.73 77.21
C ASN V 228 79.44 -85.14 76.92
N ARG V 229 78.67 -86.15 77.29
CA ARG V 229 78.83 -87.50 76.75
C ARG V 229 78.31 -87.44 75.32
N LEU V 230 79.09 -86.82 74.43
CA LEU V 230 78.59 -86.44 73.12
C LEU V 230 78.16 -87.65 72.29
N ASP V 231 78.77 -88.82 72.51
CA ASP V 231 78.35 -90.05 71.86
C ASP V 231 78.02 -89.79 70.40
N THR V 232 77.00 -90.46 69.87
CA THR V 232 76.39 -90.07 68.61
C THR V 232 75.12 -89.27 68.89
N THR V 233 75.31 -88.13 69.57
CA THR V 233 74.19 -87.27 69.95
C THR V 233 73.65 -86.53 68.71
N ILE V 234 72.86 -87.25 67.93
CA ILE V 234 72.34 -86.73 66.68
C ILE V 234 70.99 -86.07 66.91
N THR V 235 70.67 -85.09 66.06
CA THR V 235 69.35 -84.44 66.06
C THR V 235 68.58 -84.90 64.83
N ASP V 236 67.31 -85.26 65.03
CA ASP V 236 66.55 -86.03 64.06
C ASP V 236 65.77 -85.12 63.09
N PRO V 237 65.69 -85.50 61.81
CA PRO V 237 64.67 -84.89 60.94
C PRO V 237 63.35 -85.65 60.88
N GLY V 238 63.37 -86.96 61.07
CA GLY V 238 62.28 -87.79 60.55
C GLY V 238 60.93 -87.46 61.14
N HIS V 239 60.69 -87.84 62.40
CA HIS V 239 59.49 -87.37 63.08
C HIS V 239 59.63 -85.92 63.47
N GLN V 240 60.86 -85.51 63.75
CA GLN V 240 61.14 -84.14 64.15
C GLN V 240 60.85 -83.14 63.02
N TYR V 241 60.99 -83.55 61.77
CA TYR V 241 60.84 -82.60 60.66
C TYR V 241 60.48 -83.38 59.40
N ASN V 242 59.20 -83.39 59.05
CA ASN V 242 58.76 -84.08 57.85
C ASN V 242 57.44 -83.50 57.38
N LEU V 243 57.33 -83.33 56.05
CA LEU V 243 56.18 -82.71 55.41
C LEU V 243 55.18 -83.77 54.97
N SER V 244 53.92 -83.36 54.84
CA SER V 244 52.85 -84.23 54.39
C SER V 244 52.56 -83.92 52.92
N ILE V 245 52.43 -84.93 52.07
CA ILE V 245 52.27 -84.64 50.64
C ILE V 245 51.87 -85.80 49.74
N GLU V 246 51.09 -85.52 48.70
CA GLU V 246 50.76 -86.53 47.69
C GLU V 246 49.84 -87.69 48.10
N GLY V 247 49.25 -87.65 49.29
CA GLY V 247 48.41 -88.73 49.76
C GLY V 247 49.12 -89.66 50.72
N PHE V 248 50.37 -90.00 50.43
CA PHE V 248 51.23 -90.69 51.39
C PHE V 248 52.62 -90.08 51.28
N SER V 249 53.20 -89.75 52.43
CA SER V 249 54.50 -89.09 52.48
C SER V 249 55.57 -90.11 52.78
N ILE V 250 56.54 -90.23 51.88
CA ILE V 250 57.76 -90.97 52.13
C ILE V 250 58.91 -90.02 51.81
N VAL V 251 59.50 -89.44 52.86
CA VAL V 251 60.32 -88.24 52.70
C VAL V 251 61.37 -88.23 53.80
N ASP V 252 62.55 -87.73 53.44
CA ASP V 252 63.58 -87.39 54.42
C ASP V 252 63.58 -85.87 54.57
N GLY V 253 63.72 -85.40 55.80
CA GLY V 253 63.61 -83.99 56.09
C GLY V 253 64.83 -83.19 55.69
N ILE V 254 65.82 -83.83 55.06
CA ILE V 254 67.07 -83.18 54.72
C ILE V 254 67.47 -83.37 53.27
N ASN V 255 66.63 -83.99 52.43
CA ASN V 255 66.83 -84.01 50.98
C ASN V 255 65.48 -83.80 50.30
N PHE V 256 65.53 -83.62 48.98
CA PHE V 256 64.35 -83.32 48.19
C PHE V 256 64.25 -84.30 47.02
N HIS V 257 63.04 -84.43 46.46
CA HIS V 257 62.68 -85.59 45.65
C HIS V 257 61.97 -85.20 44.36
N PRO V 258 62.55 -85.47 43.18
CA PRO V 258 61.90 -85.08 41.90
C PRO V 258 60.99 -86.13 41.28
N LEU V 259 60.51 -85.85 40.06
CA LEU V 259 59.63 -86.75 39.31
C LEU V 259 60.11 -86.87 37.87
N LYS V 260 59.42 -87.69 37.08
CA LYS V 260 59.98 -88.24 35.84
C LYS V 260 59.25 -87.77 34.58
N LEU V 261 59.99 -87.75 33.47
CA LEU V 261 59.48 -87.63 32.11
C LEU V 261 60.22 -88.65 31.24
N ASP V 262 59.73 -88.87 30.00
CA ASP V 262 60.27 -89.96 29.19
C ASP V 262 60.20 -89.65 27.70
N TYR V 263 60.69 -90.60 26.90
CA TYR V 263 60.78 -90.50 25.44
C TYR V 263 59.82 -91.45 24.74
N ASP V 264 59.11 -90.92 23.74
CA ASP V 264 58.42 -91.73 22.75
C ASP V 264 58.89 -91.43 21.33
N ASP V 265 58.78 -90.16 20.93
CA ASP V 265 58.85 -89.78 19.53
C ASP V 265 59.39 -88.36 19.39
N LYS V 266 59.14 -87.71 18.25
CA LYS V 266 59.59 -86.35 18.05
C LYS V 266 59.14 -85.43 19.19
N ASN V 267 57.86 -85.51 19.56
CA ASN V 267 57.25 -84.48 20.41
C ASN V 267 57.35 -84.82 21.89
N LYS V 268 56.80 -85.96 22.30
CA LYS V 268 56.61 -86.28 23.72
C LYS V 268 55.67 -85.25 24.35
N SER V 269 55.40 -85.38 25.65
CA SER V 269 54.51 -84.45 26.34
C SER V 269 54.86 -84.41 27.81
N TYR V 270 54.29 -83.43 28.51
CA TYR V 270 54.61 -83.16 29.92
C TYR V 270 53.64 -83.89 30.83
N SER V 271 53.94 -85.16 31.08
CA SER V 271 53.36 -85.91 32.18
C SER V 271 54.46 -86.33 33.14
N ILE V 272 54.12 -86.38 34.42
CA ILE V 272 55.10 -86.36 35.50
C ILE V 272 54.97 -87.67 36.26
N TYR V 273 56.01 -88.51 36.20
CA TYR V 273 55.90 -89.90 36.62
C TYR V 273 56.80 -90.23 37.81
N TYR V 274 56.53 -91.41 38.38
CA TYR V 274 57.34 -92.09 39.37
C TYR V 274 56.70 -93.47 39.53
N GLU V 275 57.52 -94.51 39.65
CA GLU V 275 57.06 -95.88 39.41
C GLU V 275 57.09 -96.71 40.68
N THR V 276 56.35 -97.82 40.65
CA THR V 276 55.97 -98.55 41.86
C THR V 276 56.05 -100.04 41.57
N PRO V 277 55.79 -100.90 42.60
CA PRO V 277 56.39 -102.25 42.61
C PRO V 277 56.26 -103.13 41.38
N ASP V 278 55.05 -103.53 40.99
CA ASP V 278 54.91 -104.76 40.24
C ASP V 278 55.30 -104.61 38.77
N GLU V 279 56.58 -104.31 38.52
CA GLU V 279 57.14 -104.23 37.17
C GLU V 279 56.16 -103.60 36.19
N LYS V 280 55.60 -102.46 36.57
CA LYS V 280 54.65 -101.75 35.74
C LYS V 280 54.80 -100.25 35.98
N VAL V 281 54.32 -99.46 35.02
CA VAL V 281 54.57 -98.02 34.99
C VAL V 281 53.43 -97.30 35.66
N ARG V 282 53.75 -96.17 36.30
CA ARG V 282 52.79 -95.42 37.10
C ARG V 282 53.06 -93.93 36.93
N ASP V 283 52.03 -93.12 37.18
CA ASP V 283 52.09 -91.67 36.98
C ASP V 283 51.85 -90.94 38.30
N LEU V 284 52.47 -89.75 38.41
CA LEU V 284 52.38 -88.91 39.59
C LEU V 284 51.85 -87.52 39.34
N THR V 285 51.56 -87.15 38.09
CA THR V 285 50.97 -85.85 37.82
C THR V 285 49.72 -85.63 38.68
N ALA V 286 48.92 -86.68 38.86
CA ALA V 286 47.62 -86.56 39.49
C ALA V 286 47.69 -86.32 40.99
N LYS V 287 48.84 -86.58 41.64
CA LYS V 287 48.94 -86.46 43.09
C LYS V 287 49.71 -85.24 43.54
N ILE V 288 50.58 -84.68 42.69
CA ILE V 288 51.32 -83.48 43.07
C ILE V 288 50.34 -82.42 43.51
N SER V 289 50.70 -81.69 44.57
CA SER V 289 49.76 -80.85 45.29
C SER V 289 50.39 -79.51 45.62
N GLY V 290 49.58 -78.64 46.24
CA GLY V 290 50.10 -77.43 46.86
C GLY V 290 49.63 -76.14 46.23
N GLY V 291 49.97 -75.05 46.93
CA GLY V 291 49.46 -73.74 46.58
C GLY V 291 49.65 -73.34 45.14
N GLN V 292 50.89 -73.09 44.74
CA GLN V 292 51.15 -72.64 43.38
C GLN V 292 51.28 -73.83 42.43
N LEU V 293 52.12 -74.79 42.77
CA LEU V 293 52.28 -75.95 41.91
C LEU V 293 50.96 -76.68 41.70
N GLY V 294 50.24 -76.94 42.78
CA GLY V 294 48.93 -77.57 42.64
C GLY V 294 47.97 -76.73 41.83
N ALA V 295 47.97 -75.41 42.08
CA ALA V 295 47.11 -74.52 41.31
C ALA V 295 47.47 -74.56 39.84
N GLN V 296 48.76 -74.52 39.52
CA GLN V 296 49.18 -74.62 38.13
C GLN V 296 48.67 -75.91 37.50
N LEU V 297 48.85 -77.03 38.22
CA LEU V 297 48.39 -78.32 37.70
C LEU V 297 46.88 -78.33 37.53
N ASP V 298 46.15 -77.79 38.50
CA ASP V 298 44.69 -77.79 38.42
C ASP V 298 44.23 -77.01 37.19
N LEU V 299 44.86 -75.87 36.93
CA LEU V 299 44.49 -75.08 35.76
C LEU V 299 44.76 -75.83 34.47
N ARG V 300 45.95 -76.45 34.36
CA ARG V 300 46.33 -77.10 33.11
C ARG V 300 45.47 -78.33 32.83
N GLY V 301 45.23 -79.15 33.85
CA GLY V 301 44.65 -80.47 33.63
C GLY V 301 45.71 -81.54 33.81
N ARG V 302 45.48 -82.45 34.75
CA ARG V 302 46.51 -83.38 35.18
C ARG V 302 46.61 -84.63 34.32
N ASN V 303 45.70 -84.82 33.38
CA ASN V 303 45.67 -86.01 32.54
C ASN V 303 45.79 -85.63 31.08
N TYR V 304 46.67 -86.30 30.34
CA TYR V 304 46.57 -86.32 28.89
C TYR V 304 45.55 -87.38 28.48
N SER V 305 44.79 -87.08 27.43
CA SER V 305 43.67 -87.93 27.08
C SER V 305 44.13 -89.23 26.42
N LYS V 306 43.64 -90.34 26.95
CA LYS V 306 43.69 -91.63 26.27
C LYS V 306 42.41 -91.92 25.51
N SER V 307 41.41 -91.03 25.60
CA SER V 307 40.11 -91.28 25.00
C SER V 307 39.56 -90.12 24.16
N GLU V 308 40.14 -88.92 24.22
CA GLU V 308 39.70 -87.82 23.37
C GLU V 308 40.86 -87.05 22.74
N GLY V 309 42.12 -87.45 22.99
CA GLY V 309 43.26 -86.80 22.40
C GLY V 309 43.60 -85.43 22.97
N LYS V 310 42.64 -84.75 23.60
CA LYS V 310 42.91 -83.49 24.29
C LYS V 310 43.53 -83.81 25.64
N TYR V 311 43.54 -82.85 26.55
CA TYR V 311 43.78 -83.13 27.96
C TYR V 311 42.43 -83.34 28.65
N GLU V 312 42.30 -84.46 29.36
CA GLU V 312 40.99 -84.85 29.87
C GLU V 312 40.41 -83.80 30.79
N ASP V 313 41.25 -83.23 31.66
CA ASP V 313 40.86 -82.18 32.57
C ASP V 313 41.65 -80.91 32.25
N GLY V 314 41.45 -79.89 33.08
CA GLY V 314 42.12 -78.61 32.88
C GLY V 314 41.15 -77.47 32.72
N ILE V 315 41.31 -76.44 33.54
CA ILE V 315 40.39 -75.31 33.50
C ILE V 315 40.44 -74.62 32.15
N ILE V 316 41.66 -74.29 31.69
CA ILE V 316 41.79 -73.69 30.37
C ILE V 316 41.30 -74.65 29.30
N GLN V 317 41.61 -75.94 29.44
CA GLN V 317 41.10 -76.93 28.52
C GLN V 317 39.58 -76.89 28.45
N GLY V 318 38.93 -76.83 29.60
CA GLY V 318 37.47 -76.83 29.61
C GLY V 318 36.88 -75.64 28.88
N TYR V 319 37.41 -74.44 29.14
CA TYR V 319 36.95 -73.26 28.41
C TYR V 319 37.11 -73.47 26.91
N MET V 320 38.29 -73.95 26.50
CA MET V 320 38.51 -74.29 25.10
C MET V 320 37.48 -75.29 24.62
N ASP V 321 37.32 -76.40 25.36
CA ASP V 321 36.46 -77.48 24.93
C ASP V 321 35.09 -76.95 24.56
N SER V 322 34.59 -75.99 25.33
CA SER V 322 33.32 -75.34 25.02
C SER V 322 33.45 -74.47 23.77
N LEU V 323 34.59 -73.79 23.61
CA LEU V 323 34.73 -72.88 22.48
C LEU V 323 34.84 -73.65 21.17
N ASP V 324 35.67 -74.70 21.16
CA ASP V 324 35.93 -75.39 19.90
C ASP V 324 34.85 -76.42 19.60
N THR V 325 34.26 -77.02 20.64
CA THR V 325 33.00 -77.72 20.45
C THR V 325 31.98 -76.80 19.83
N PHE V 326 31.77 -75.63 20.43
CA PHE V 326 31.01 -74.59 19.77
C PHE V 326 31.58 -74.28 18.40
N ALA V 327 32.90 -74.19 18.28
CA ALA V 327 33.46 -73.83 16.99
C ALA V 327 33.22 -74.93 15.96
N LYS V 328 33.16 -76.18 16.41
CA LYS V 328 32.79 -77.25 15.50
C LYS V 328 31.37 -77.09 14.99
N THR V 329 30.48 -76.54 15.82
CA THR V 329 29.09 -76.40 15.40
C THR V 329 29.00 -75.47 14.19
N MET V 330 29.71 -74.34 14.24
CA MET V 330 29.65 -73.38 13.14
C MET V 330 30.22 -73.93 11.84
N ILE V 331 31.13 -74.90 11.91
CA ILE V 331 31.53 -75.62 10.69
C ILE V 331 30.31 -76.27 10.07
N ASN V 332 29.56 -77.00 10.88
CA ASN V 332 28.46 -77.81 10.35
C ASN V 332 27.43 -76.90 9.70
N GLU V 333 27.15 -75.76 10.33
CA GLU V 333 26.10 -74.88 9.85
C GLU V 333 26.49 -74.21 8.53
N THR V 334 27.68 -73.60 8.48
CA THR V 334 28.06 -72.89 7.26
C THR V 334 28.10 -73.84 6.09
N ASN V 335 28.66 -75.03 6.28
CA ASN V 335 28.58 -76.04 5.25
C ASN V 335 27.14 -76.28 4.83
N ASN V 336 26.22 -76.31 5.80
CA ASN V 336 24.80 -76.42 5.47
C ASN V 336 24.32 -75.18 4.73
N LEU V 337 24.58 -73.99 5.29
CA LEU V 337 24.19 -72.77 4.60
C LEU V 337 24.97 -72.59 3.32
N TYR V 338 26.24 -73.00 3.32
CA TYR V 338 27.02 -73.03 2.10
C TYR V 338 26.43 -74.01 1.09
N ALA V 339 26.00 -75.18 1.56
CA ALA V 339 25.23 -76.07 0.69
C ALA V 339 23.91 -75.43 0.30
N SER V 340 23.40 -74.51 1.11
CA SER V 340 22.15 -73.83 0.78
C SER V 340 22.24 -73.10 -0.56
N SER V 341 23.43 -72.75 -1.00
CA SER V 341 23.68 -72.37 -2.39
C SER V 341 24.25 -73.61 -3.07
N ALA V 342 23.42 -74.29 -3.86
CA ALA V 342 23.76 -75.60 -4.39
C ALA V 342 24.93 -75.51 -5.36
N LYS V 343 25.80 -76.51 -5.34
CA LYS V 343 26.98 -76.56 -6.18
C LYS V 343 27.17 -77.96 -6.74
N SER V 344 28.19 -78.11 -7.59
CA SER V 344 28.24 -79.20 -8.56
C SER V 344 28.28 -80.61 -7.96
N SER V 345 29.37 -80.97 -7.29
CA SER V 345 29.56 -82.35 -6.84
C SER V 345 30.51 -82.35 -5.65
N VAL V 346 30.45 -83.43 -4.87
CA VAL V 346 30.93 -83.40 -3.49
C VAL V 346 31.63 -84.70 -3.13
N THR V 347 32.73 -84.56 -2.38
CA THR V 347 33.26 -85.60 -1.52
C THR V 347 33.72 -84.93 -0.23
N SER V 348 33.69 -85.68 0.87
CA SER V 348 34.15 -85.13 2.13
C SER V 348 35.65 -84.82 2.02
N ASP V 349 36.20 -84.21 3.07
CA ASP V 349 37.64 -84.03 3.11
C ASP V 349 38.32 -85.38 3.25
N TYR V 350 39.66 -85.35 3.23
CA TYR V 350 40.47 -86.58 3.21
C TYR V 350 40.46 -87.22 4.59
N LEU V 351 39.38 -87.94 4.88
CA LEU V 351 39.20 -88.64 6.16
C LEU V 351 39.93 -89.99 6.06
N SER V 352 41.24 -89.94 6.30
CA SER V 352 42.06 -91.14 6.18
C SER V 352 41.60 -92.19 7.18
N GLY V 353 41.65 -93.46 6.75
CA GLY V 353 41.22 -94.57 7.57
C GLY V 353 39.73 -94.76 7.63
N LEU V 354 38.94 -93.74 7.34
CA LEU V 354 37.50 -93.88 7.34
C LEU V 354 37.03 -94.75 6.18
N LYS V 355 35.91 -95.43 6.37
CA LYS V 355 35.28 -96.19 5.31
C LYS V 355 33.79 -96.30 5.62
N GLY V 356 33.03 -96.70 4.60
CA GLY V 356 31.58 -96.67 4.66
C GLY V 356 30.95 -97.58 5.67
N ASP V 357 31.73 -98.43 6.33
CA ASP V 357 31.17 -99.36 7.30
C ASP V 357 30.45 -98.64 8.43
N ILE V 358 31.02 -97.53 8.89
CA ILE V 358 30.59 -96.89 10.13
C ILE V 358 29.13 -96.45 10.01
N PRO V 359 28.28 -96.74 11.00
CA PRO V 359 26.90 -96.23 10.95
C PRO V 359 26.86 -94.72 11.12
N LEU V 360 25.76 -94.13 10.64
CA LEU V 360 25.66 -92.67 10.59
C LEU V 360 25.68 -92.05 11.97
N VAL V 361 24.80 -92.51 12.86
CA VAL V 361 24.76 -91.93 14.20
C VAL V 361 26.08 -92.20 14.92
N ASN V 362 26.64 -93.38 14.73
CA ASN V 362 27.91 -93.69 15.40
C ASN V 362 29.03 -92.78 14.91
N TYR V 363 28.92 -92.27 13.68
CA TYR V 363 29.95 -91.35 13.20
C TYR V 363 29.58 -89.91 13.54
N ASP V 364 28.37 -89.67 14.02
CA ASP V 364 27.93 -88.33 14.41
C ASP V 364 26.65 -88.45 15.23
N ARG V 365 26.64 -87.85 16.42
CA ARG V 365 25.46 -87.87 17.26
C ARG V 365 24.55 -86.67 17.04
N THR V 366 24.63 -86.03 15.86
CA THR V 366 23.60 -85.12 15.40
C THR V 366 22.64 -85.79 14.43
N ILE V 367 23.00 -86.96 13.90
CA ILE V 367 22.17 -87.64 12.93
C ILE V 367 20.87 -88.06 13.59
N GLN V 368 19.75 -87.78 12.93
CA GLN V 368 18.43 -88.03 13.46
C GLN V 368 17.54 -88.55 12.35
N PRO V 369 16.41 -89.18 12.70
CA PRO V 369 15.50 -89.65 11.66
C PRO V 369 15.13 -88.52 10.70
N GLY V 370 15.55 -88.64 9.45
CA GLY V 370 15.35 -87.58 8.50
C GLY V 370 15.48 -88.10 7.09
N SER V 371 15.10 -87.26 6.13
CA SER V 371 15.18 -87.59 4.72
C SER V 371 15.73 -86.39 3.97
N PHE V 372 16.34 -86.64 2.81
CA PHE V 372 16.69 -85.56 1.91
C PHE V 372 16.39 -85.98 0.47
N ASP V 373 15.71 -85.10 -0.25
CA ASP V 373 15.25 -85.37 -1.59
C ASP V 373 16.22 -84.77 -2.60
N ILE V 374 16.13 -85.26 -3.84
CA ILE V 374 17.02 -84.78 -4.89
C ILE V 374 16.19 -84.59 -6.16
N VAL V 375 15.94 -83.34 -6.52
CA VAL V 375 15.27 -83.00 -7.78
C VAL V 375 16.32 -82.47 -8.73
N ILE V 376 16.47 -83.12 -9.89
CA ILE V 376 17.50 -82.78 -10.85
C ILE V 376 17.08 -81.52 -11.58
N TYR V 377 18.04 -80.64 -11.76
CA TYR V 377 17.65 -79.32 -12.18
C TYR V 377 18.29 -78.59 -13.30
N ASP V 378 17.51 -77.72 -13.91
CA ASP V 378 18.10 -76.81 -14.82
C ASP V 378 18.17 -75.77 -13.71
N ASP V 379 18.52 -74.53 -13.99
CA ASP V 379 18.60 -73.58 -12.88
C ASP V 379 17.32 -73.52 -12.04
N LYS V 380 16.22 -74.13 -12.49
CA LYS V 380 14.99 -74.13 -11.69
C LYS V 380 14.38 -75.50 -11.42
N GLY V 381 14.36 -76.46 -12.35
CA GLY V 381 14.08 -77.84 -12.00
C GLY V 381 12.98 -78.50 -12.83
N ASP V 382 12.60 -79.69 -12.36
CA ASP V 382 11.71 -80.62 -13.08
C ASP V 382 11.13 -81.63 -12.09
N LYS V 383 10.09 -82.39 -12.46
CA LYS V 383 9.55 -83.47 -11.61
C LYS V 383 9.22 -84.81 -12.30
N LYS V 384 9.97 -85.24 -13.32
CA LYS V 384 9.77 -86.57 -13.95
C LYS V 384 11.12 -87.23 -13.77
N LEU V 385 11.92 -86.73 -12.85
CA LEU V 385 13.28 -87.14 -12.59
C LEU V 385 13.58 -86.58 -11.19
N THR V 386 13.55 -87.46 -10.18
CA THR V 386 13.77 -87.02 -8.81
C THR V 386 14.06 -88.22 -7.92
N LYS V 387 15.17 -88.17 -7.19
CA LYS V 387 15.53 -89.24 -6.26
C LYS V 387 15.58 -88.70 -4.83
N THR V 388 15.47 -89.63 -3.88
CA THR V 388 15.52 -89.33 -2.47
C THR V 388 16.33 -90.41 -1.76
N ILE V 389 16.90 -90.05 -0.62
CA ILE V 389 17.65 -90.97 0.21
C ILE V 389 17.10 -90.87 1.62
N THR V 390 17.03 -92.01 2.32
CA THR V 390 16.33 -92.12 3.60
C THR V 390 17.33 -92.40 4.71
N ILE V 391 17.03 -91.91 5.91
CA ILE V 391 17.93 -91.99 7.06
C ILE V 391 17.16 -92.26 8.33
N ASP V 392 17.85 -92.85 9.30
CA ASP V 392 17.32 -93.17 10.61
C ASP V 392 18.44 -92.98 11.62
N VAL V 393 18.32 -93.58 12.80
CA VAL V 393 19.40 -93.48 13.78
C VAL V 393 20.21 -94.77 13.79
N ASN V 394 20.11 -95.55 12.72
CA ASN V 394 20.75 -96.86 12.68
C ASN V 394 21.48 -97.15 11.38
N THR V 395 21.05 -96.54 10.28
CA THR V 395 21.50 -96.97 8.96
C THR V 395 22.95 -96.54 8.72
N THR V 396 23.58 -97.18 7.74
CA THR V 396 24.99 -96.96 7.42
C THR V 396 25.13 -96.34 6.03
N MET V 397 26.30 -95.73 5.79
CA MET V 397 26.59 -95.13 4.50
C MET V 397 26.47 -96.13 3.37
N ASN V 398 26.86 -97.38 3.60
CA ASN V 398 26.73 -98.40 2.57
C ASN V 398 25.30 -98.45 2.06
N ASP V 399 24.33 -98.47 2.97
CA ASP V 399 22.93 -98.37 2.57
C ASP V 399 22.67 -97.06 1.85
N ILE V 400 23.24 -95.96 2.33
CA ILE V 400 23.09 -94.69 1.67
C ILE V 400 23.58 -94.77 0.23
N MET V 401 24.76 -95.34 0.03
CA MET V 401 25.29 -95.49 -1.32
C MET V 401 24.41 -96.38 -2.16
N ARG V 402 23.71 -97.33 -1.55
CA ARG V 402 22.84 -98.22 -2.32
C ARG V 402 21.63 -97.47 -2.86
N GLN V 403 21.00 -96.63 -2.03
CA GLN V 403 19.95 -95.77 -2.54
C GLN V 403 20.49 -94.85 -3.63
N ILE V 404 21.70 -94.36 -3.44
CA ILE V 404 22.32 -93.48 -4.44
C ILE V 404 22.70 -94.28 -5.68
N ASN V 405 23.61 -95.24 -5.52
CA ASN V 405 24.22 -95.94 -6.65
C ASN V 405 23.46 -97.23 -6.91
N ALA V 406 22.29 -97.08 -7.50
CA ALA V 406 21.48 -98.23 -7.92
C ALA V 406 20.38 -97.70 -8.83
N ASN V 407 19.57 -98.62 -9.35
CA ASN V 407 18.41 -98.22 -10.13
C ASN V 407 17.30 -97.82 -9.18
N THR V 408 17.57 -96.85 -8.31
CA THR V 408 16.57 -96.37 -7.36
C THR V 408 15.57 -95.53 -8.15
N ASP V 409 14.58 -96.20 -8.73
CA ASP V 409 13.74 -95.59 -9.74
C ASP V 409 13.01 -94.36 -9.20
N ASP V 410 12.48 -93.56 -10.13
CA ASP V 410 11.63 -92.42 -9.79
C ASP V 410 10.47 -92.23 -10.75
N ASN V 411 10.22 -93.17 -11.65
CA ASN V 411 9.10 -93.10 -12.59
C ASN V 411 8.46 -94.47 -12.76
N ASP V 412 8.20 -95.16 -11.65
CA ASP V 412 7.78 -96.55 -11.66
C ASP V 412 6.49 -96.78 -12.44
N ASN V 413 6.57 -97.60 -13.49
CA ASN V 413 5.41 -98.35 -13.94
C ASN V 413 5.83 -99.72 -14.48
N LYS V 414 6.89 -100.29 -13.91
CA LYS V 414 7.42 -101.60 -14.31
C LYS V 414 8.29 -101.62 -15.57
N ASN V 415 9.16 -100.63 -15.73
CA ASN V 415 10.22 -100.64 -16.76
C ASN V 415 11.40 -99.83 -16.19
N SER V 416 12.31 -99.35 -17.03
CA SER V 416 13.46 -98.65 -16.47
C SER V 416 13.91 -97.46 -17.32
N ASN V 417 14.90 -96.71 -16.84
CA ASN V 417 15.45 -95.59 -17.64
C ASN V 417 14.51 -94.40 -17.75
N ASP V 418 15.04 -93.21 -18.03
CA ASP V 418 14.23 -91.99 -18.10
C ASP V 418 14.08 -91.48 -16.68
N ASP V 419 15.18 -91.13 -16.04
CA ASP V 419 15.17 -90.70 -14.65
C ASP V 419 16.32 -89.74 -14.39
N VAL V 420 16.57 -89.47 -13.11
CA VAL V 420 17.73 -88.68 -12.72
C VAL V 420 19.01 -89.41 -13.07
N ASP V 421 18.96 -90.75 -13.12
CA ASP V 421 20.17 -91.53 -13.36
C ASP V 421 20.80 -91.14 -14.69
N ASP V 422 20.04 -90.51 -15.58
CA ASP V 422 20.59 -90.01 -16.82
C ASP V 422 21.74 -89.05 -16.55
N HIS V 423 21.76 -88.41 -15.38
CA HIS V 423 22.68 -87.33 -15.10
C HIS V 423 23.92 -87.79 -14.33
N ILE V 424 24.03 -89.09 -14.03
CA ILE V 424 24.99 -89.57 -13.04
C ILE V 424 26.20 -90.17 -13.75
N ASN V 425 27.32 -90.21 -13.04
CA ASN V 425 28.56 -90.75 -13.58
C ASN V 425 29.58 -90.90 -12.45
N ALA V 426 30.60 -91.72 -12.70
CA ALA V 426 31.66 -91.99 -11.73
C ALA V 426 32.94 -92.38 -12.47
N SER V 427 34.08 -92.26 -11.78
CA SER V 427 35.37 -92.51 -12.40
C SER V 427 36.40 -92.84 -11.33
N PHE V 428 37.58 -93.27 -11.80
CA PHE V 428 38.73 -93.57 -10.96
C PHE V 428 39.93 -92.76 -11.42
N SER V 429 40.83 -92.46 -10.48
CA SER V 429 42.15 -91.94 -10.84
C SER V 429 43.07 -92.14 -9.64
N TYR V 430 44.03 -93.05 -9.76
CA TYR V 430 44.94 -93.40 -8.69
C TYR V 430 46.28 -93.84 -9.27
N ASP V 431 47.33 -93.75 -8.45
CA ASP V 431 48.63 -94.29 -8.83
C ASP V 431 49.29 -94.92 -7.60
N ALA V 432 49.71 -96.17 -7.77
CA ALA V 432 50.47 -96.85 -6.73
C ALA V 432 51.88 -96.30 -6.59
N LYS V 433 52.41 -95.68 -7.64
CA LYS V 433 53.67 -94.96 -7.50
C LYS V 433 53.58 -93.97 -6.35
N THR V 434 52.40 -93.38 -6.16
CA THR V 434 52.12 -92.62 -4.95
C THR V 434 51.75 -93.54 -3.80
N GLY V 435 50.98 -94.59 -4.10
CA GLY V 435 50.25 -95.29 -3.07
C GLY V 435 48.95 -94.60 -2.70
N ASP V 436 48.55 -93.60 -3.47
CA ASP V 436 47.36 -92.81 -3.18
C ASP V 436 46.75 -92.35 -4.49
N GLY V 437 45.48 -91.95 -4.44
CA GLY V 437 44.76 -91.58 -5.64
C GLY V 437 43.41 -90.98 -5.32
N LEU V 438 42.69 -90.62 -6.38
CA LEU V 438 41.39 -89.96 -6.27
C LEU V 438 40.29 -90.86 -6.82
N PHE V 439 39.18 -90.95 -6.09
CA PHE V 439 37.98 -91.66 -6.54
C PHE V 439 36.83 -90.67 -6.58
N GLN V 440 36.02 -90.74 -7.64
CA GLN V 440 35.06 -89.70 -7.96
C GLN V 440 33.65 -90.24 -7.98
N ILE V 441 32.71 -89.48 -7.42
CA ILE V 441 31.28 -89.75 -7.52
C ILE V 441 30.62 -88.43 -7.92
N ASN V 442 29.87 -88.44 -9.03
CA ASN V 442 29.47 -87.19 -9.64
C ASN V 442 28.19 -87.35 -10.44
N ALA V 443 27.60 -86.21 -10.78
CA ALA V 443 26.60 -86.09 -11.83
C ALA V 443 27.13 -85.15 -12.89
N LYS V 444 26.58 -85.26 -14.10
CA LYS V 444 27.12 -84.50 -15.23
C LYS V 444 26.94 -83.00 -15.06
N SER V 445 28.05 -82.28 -14.93
CA SER V 445 28.00 -80.82 -14.95
C SER V 445 27.51 -80.36 -16.32
N GLY V 446 26.83 -79.21 -16.34
CA GLY V 446 25.94 -78.82 -17.41
C GLY V 446 24.50 -78.98 -17.01
N PHE V 447 24.21 -79.92 -16.13
CA PHE V 447 22.98 -79.95 -15.35
C PHE V 447 23.19 -79.13 -14.07
N LYS V 448 22.10 -78.57 -13.56
CA LYS V 448 22.10 -77.98 -12.23
C LYS V 448 21.46 -78.97 -11.27
N VAL V 449 21.67 -78.78 -9.97
CA VAL V 449 21.17 -79.70 -8.96
C VAL V 449 20.60 -78.94 -7.79
N ALA V 450 19.76 -79.62 -7.02
CA ALA V 450 19.36 -79.21 -5.68
C ALA V 450 19.20 -80.45 -4.80
N ILE V 451 19.39 -80.25 -3.51
CA ILE V 451 19.28 -81.32 -2.53
C ILE V 451 18.44 -80.81 -1.37
N GLU V 452 17.36 -81.53 -1.05
CA GLU V 452 16.34 -81.04 -0.15
C GLU V 452 16.39 -81.91 1.11
N ASP V 453 16.92 -81.36 2.20
CA ASP V 453 17.14 -82.12 3.42
C ASP V 453 16.09 -81.82 4.48
N LYS V 454 15.71 -82.86 5.22
CA LYS V 454 14.82 -82.75 6.38
C LYS V 454 15.46 -83.47 7.56
N GLY V 455 16.26 -82.74 8.34
CA GLY V 455 16.74 -83.27 9.60
C GLY V 455 17.74 -84.40 9.51
N THR V 456 18.56 -84.43 8.45
CA THR V 456 19.52 -85.52 8.29
C THR V 456 20.88 -85.15 8.88
N ASN V 457 21.42 -83.99 8.51
CA ASN V 457 22.44 -83.29 9.30
C ASN V 457 23.88 -83.78 9.11
N PHE V 458 24.15 -84.62 8.11
CA PHE V 458 25.45 -85.27 8.05
C PHE V 458 26.40 -84.59 7.06
N ALA V 459 25.97 -84.42 5.82
CA ALA V 459 26.91 -84.10 4.74
C ALA V 459 27.64 -82.79 4.97
N GLY V 460 26.91 -81.72 5.26
CA GLY V 460 27.56 -80.43 5.50
C GLY V 460 28.51 -80.49 6.66
N ALA V 461 28.10 -81.15 7.75
CA ALA V 461 28.97 -81.29 8.91
C ALA V 461 30.31 -81.90 8.51
N PHE V 462 30.27 -83.00 7.78
CA PHE V 462 31.48 -83.65 7.29
C PHE V 462 31.94 -83.12 5.95
N SER V 463 31.52 -81.90 5.61
CA SER V 463 32.12 -81.15 4.50
C SER V 463 32.12 -81.97 3.22
N ILE V 464 31.04 -82.72 2.99
CA ILE V 464 30.82 -83.31 1.68
C ILE V 464 30.17 -82.21 0.85
N GLY V 465 31.01 -81.38 0.24
CA GLY V 465 30.55 -80.14 -0.34
C GLY V 465 30.39 -79.00 0.65
N GLY V 466 30.94 -79.14 1.86
CA GLY V 466 30.77 -78.12 2.87
C GLY V 466 31.72 -76.95 2.66
N PHE V 467 31.50 -75.93 3.51
CA PHE V 467 32.27 -74.70 3.43
C PHE V 467 33.65 -74.84 4.04
N PHE V 468 33.75 -75.51 5.18
CA PHE V 468 34.94 -75.47 6.02
C PHE V 468 35.80 -76.71 5.89
N SER V 469 37.09 -76.52 6.12
CA SER V 469 38.03 -77.60 6.41
C SER V 469 38.75 -77.27 7.71
N GLY V 470 39.08 -78.31 8.47
CA GLY V 470 39.51 -78.13 9.84
C GLY V 470 38.34 -78.14 10.79
N THR V 471 38.62 -78.51 12.05
CA THR V 471 37.58 -78.74 13.04
C THR V 471 37.55 -77.73 14.17
N ASP V 472 38.62 -76.98 14.41
CA ASP V 472 38.65 -76.00 15.49
C ASP V 472 39.57 -74.87 15.08
N ALA V 473 39.54 -73.80 15.87
CA ALA V 473 40.27 -72.59 15.53
C ALA V 473 41.78 -72.83 15.36
N SER V 474 42.27 -74.03 15.66
CA SER V 474 43.63 -74.38 15.30
C SER V 474 43.76 -74.62 13.80
N ASP V 475 42.77 -75.29 13.22
CA ASP V 475 42.80 -75.68 11.81
C ASP V 475 41.56 -75.26 11.04
N MET V 476 40.46 -74.98 11.72
CA MET V 476 39.26 -74.45 11.08
C MET V 476 39.62 -73.39 10.08
N LYS V 477 39.14 -73.55 8.85
CA LYS V 477 39.41 -72.51 7.88
C LYS V 477 38.42 -72.57 6.74
N VAL V 478 38.29 -71.43 6.07
CA VAL V 478 37.56 -71.31 4.83
C VAL V 478 38.24 -72.25 3.83
N LYS V 479 37.46 -72.85 2.94
CA LYS V 479 38.07 -73.59 1.84
C LYS V 479 38.65 -72.61 0.84
N ASP V 480 39.91 -72.81 0.46
CA ASP V 480 40.67 -71.77 -0.22
C ASP V 480 40.05 -71.41 -1.56
N SER V 481 39.42 -72.36 -2.25
CA SER V 481 38.77 -72.04 -3.51
C SER V 481 37.79 -70.88 -3.34
N ILE V 482 37.13 -70.82 -2.17
CA ILE V 482 36.26 -69.69 -1.87
C ILE V 482 37.09 -68.44 -1.65
N LEU V 483 38.26 -68.57 -1.03
CA LEU V 483 39.14 -67.42 -0.83
C LEU V 483 39.56 -66.82 -2.17
N ASN V 484 39.79 -67.65 -3.18
CA ASN V 484 40.23 -67.14 -4.47
C ASN V 484 39.08 -66.48 -5.22
N ASP V 485 37.91 -67.09 -5.22
CA ASP V 485 36.76 -66.61 -6.01
C ASP V 485 35.52 -66.47 -5.13
N PRO V 486 35.24 -65.27 -4.62
CA PRO V 486 33.94 -65.06 -3.96
C PRO V 486 32.75 -65.24 -4.89
N SER V 487 32.96 -65.20 -6.21
CA SER V 487 31.85 -65.52 -7.12
C SER V 487 31.30 -66.91 -6.85
N THR V 488 32.13 -67.80 -6.28
CA THR V 488 31.63 -69.09 -5.81
C THR V 488 30.60 -68.91 -4.70
N VAL V 489 30.38 -67.68 -4.25
CA VAL V 489 29.47 -67.41 -3.14
C VAL V 489 28.13 -67.00 -3.76
N ARG V 490 27.90 -67.43 -5.00
CA ARG V 490 26.60 -67.24 -5.63
C ARG V 490 25.48 -67.35 -4.61
N ALA V 491 24.65 -66.34 -4.54
CA ALA V 491 23.56 -66.30 -3.57
C ALA V 491 22.49 -67.33 -3.84
N SER V 492 22.67 -68.21 -4.84
CA SER V 492 21.57 -68.95 -5.44
C SER V 492 21.57 -70.39 -4.95
N SER V 493 20.43 -70.83 -4.42
CA SER V 493 20.20 -72.25 -4.21
C SER V 493 19.91 -72.97 -5.52
N ASN V 494 19.23 -72.27 -6.44
CA ASN V 494 18.53 -72.96 -7.51
C ASN V 494 19.37 -73.11 -8.77
N GLY V 495 20.14 -72.10 -9.14
CA GLY V 495 20.79 -72.10 -10.44
C GLY V 495 22.08 -71.34 -10.43
N VAL V 496 22.45 -70.87 -11.63
CA VAL V 496 23.76 -70.26 -11.87
C VAL V 496 24.03 -69.19 -10.82
N ASP V 497 23.24 -68.12 -10.82
CA ASP V 497 23.13 -67.24 -9.66
C ASP V 497 21.65 -66.86 -9.54
N SER V 498 20.78 -67.81 -9.85
CA SER V 498 19.35 -67.55 -10.04
C SER V 498 18.59 -67.41 -8.72
N GLY V 499 19.28 -67.12 -7.62
CA GLY V 499 18.64 -66.91 -6.35
C GLY V 499 19.49 -66.02 -5.45
N ASN V 500 18.85 -65.07 -4.78
CA ASN V 500 19.54 -64.23 -3.80
C ASN V 500 19.54 -64.86 -2.42
N ASP V 501 18.75 -65.92 -2.23
CA ASP V 501 18.40 -66.36 -0.88
C ASP V 501 19.65 -66.57 -0.02
N MET V 502 20.63 -67.32 -0.53
CA MET V 502 21.73 -67.74 0.33
C MET V 502 22.43 -66.55 0.95
N ALA V 503 22.61 -65.47 0.19
CA ALA V 503 23.09 -64.22 0.79
C ALA V 503 22.21 -63.85 1.98
N ASN V 504 20.89 -63.92 1.79
CA ASN V 504 19.96 -63.56 2.84
C ASN V 504 19.98 -64.59 3.95
N LYS V 505 19.96 -65.87 3.58
CA LYS V 505 19.86 -66.95 4.55
C LYS V 505 20.95 -66.87 5.62
N ILE V 506 22.14 -66.41 5.24
CA ILE V 506 23.22 -66.40 6.21
C ILE V 506 23.14 -65.16 7.09
N ILE V 507 22.33 -64.18 6.70
CA ILE V 507 21.85 -63.21 7.69
C ILE V 507 20.99 -63.92 8.71
N GLN V 508 20.20 -64.89 8.26
CA GLN V 508 19.31 -65.61 9.16
C GLN V 508 20.11 -66.48 10.13
N LEU V 509 21.10 -67.22 9.62
CA LEU V 509 21.93 -68.02 10.51
C LEU V 509 22.55 -67.16 11.60
N GLN V 510 22.77 -65.87 11.31
CA GLN V 510 23.24 -64.96 12.33
C GLN V 510 22.30 -64.96 13.53
N TYR V 511 20.98 -65.00 13.28
CA TYR V 511 20.03 -65.01 14.37
C TYR V 511 19.73 -66.42 14.87
N ASP V 512 19.95 -67.43 14.04
CA ASP V 512 19.32 -68.73 14.25
C ASP V 512 19.80 -69.40 15.53
N LYS V 513 18.94 -70.28 16.04
CA LYS V 513 19.21 -71.12 17.20
C LYS V 513 19.50 -72.54 16.73
N VAL V 514 20.57 -73.14 17.26
CA VAL V 514 20.86 -74.54 17.03
C VAL V 514 21.22 -75.18 18.35
N ASN V 515 21.16 -76.50 18.40
CA ASN V 515 21.30 -77.25 19.63
C ASN V 515 22.71 -77.80 19.73
N PHE V 516 23.40 -77.47 20.81
CA PHE V 516 24.79 -77.80 21.02
C PHE V 516 24.94 -78.87 22.10
N TYR V 517 25.96 -79.70 21.95
CA TYR V 517 26.29 -80.70 22.95
C TYR V 517 27.43 -80.23 23.84
N ASN V 518 27.39 -80.70 25.08
CA ASN V 518 28.57 -80.81 25.93
C ASN V 518 28.92 -82.28 26.06
N GLU V 519 30.12 -82.57 26.56
CA GLU V 519 30.52 -83.95 26.71
C GLU V 519 29.89 -84.56 27.96
N ASP V 520 28.88 -83.88 28.50
CA ASP V 520 27.92 -84.53 29.37
C ASP V 520 27.07 -85.55 28.62
N GLY V 521 27.19 -85.59 27.29
CA GLY V 521 26.36 -86.44 26.46
C GLY V 521 25.02 -85.84 26.12
N THR V 522 24.74 -84.62 26.56
CA THR V 522 23.45 -83.98 26.37
C THR V 522 23.62 -82.70 25.56
N ILE V 523 22.51 -82.21 25.03
CA ILE V 523 22.50 -81.12 24.06
C ILE V 523 21.93 -79.87 24.72
N ASP V 524 22.19 -78.73 24.08
CA ASP V 524 21.70 -77.43 24.56
C ASP V 524 21.31 -76.58 23.37
N ASN V 525 20.08 -76.06 23.39
CA ASN V 525 19.54 -75.26 22.30
C ASN V 525 19.97 -73.82 22.50
N LEU V 526 20.80 -73.32 21.59
CA LEU V 526 21.51 -72.07 21.82
C LEU V 526 21.74 -71.38 20.48
N THR V 527 21.99 -70.08 20.52
CA THR V 527 22.53 -69.42 19.35
C THR V 527 24.03 -69.68 19.27
N MET V 528 24.67 -69.07 18.27
CA MET V 528 26.13 -69.17 18.21
C MET V 528 26.78 -68.40 19.35
N GLU V 529 26.52 -67.10 19.45
CA GLU V 529 27.12 -66.30 20.51
C GLU V 529 26.78 -66.86 21.89
N GLU V 530 25.63 -67.52 22.03
CA GLU V 530 25.14 -67.91 23.34
C GLU V 530 26.01 -68.98 23.97
N TYR V 531 26.37 -70.02 23.21
CA TYR V 531 27.24 -71.06 23.73
C TYR V 531 28.59 -70.49 24.13
N TYR V 532 29.11 -69.57 23.32
CA TYR V 532 30.37 -68.92 23.64
C TYR V 532 30.26 -68.14 24.95
N ARG V 533 29.08 -67.56 25.21
CA ARG V 533 28.93 -66.75 26.42
C ARG V 533 28.87 -67.60 27.67
N LYS V 534 28.29 -68.81 27.60
CA LYS V 534 28.20 -69.63 28.80
C LYS V 534 29.57 -70.14 29.23
N LEU V 535 30.49 -70.31 28.28
CA LEU V 535 31.85 -70.70 28.66
C LEU V 535 32.66 -69.47 29.06
N THR V 536 32.54 -68.38 28.31
CA THR V 536 33.28 -67.17 28.65
C THR V 536 32.67 -66.46 29.85
N GLY V 537 31.34 -66.36 29.90
CA GLY V 537 30.72 -65.81 31.08
C GLY V 537 31.17 -66.52 32.35
N LYS V 538 31.43 -67.82 32.25
CA LYS V 538 32.04 -68.52 33.36
C LYS V 538 33.43 -67.98 33.63
N ILE V 539 34.23 -67.79 32.58
CA ILE V 539 35.53 -67.14 32.75
C ILE V 539 35.35 -65.78 33.40
N ALA V 540 34.40 -65.00 32.90
CA ALA V 540 34.16 -63.67 33.44
C ALA V 540 33.79 -63.75 34.92
N SER V 541 32.85 -64.65 35.26
CA SER V 541 32.47 -64.81 36.65
C SER V 541 33.60 -65.43 37.47
N ASP V 542 34.43 -66.26 36.85
CA ASP V 542 35.57 -66.81 37.57
C ASP V 542 36.56 -65.71 37.93
N GLY V 543 36.76 -64.75 37.04
CA GLY V 543 37.70 -63.67 37.33
C GLY V 543 37.29 -62.83 38.51
N GLU V 544 36.01 -62.44 38.55
CA GLU V 544 35.53 -61.63 39.66
C GLU V 544 35.61 -62.41 40.97
N ASN V 545 35.25 -63.70 40.94
CA ASN V 545 35.15 -64.46 42.18
C ASN V 545 36.49 -64.54 42.89
N ASN V 546 37.56 -64.86 42.15
CA ASN V 546 38.83 -65.06 42.84
C ASN V 546 39.45 -63.75 43.27
N ASN V 547 39.19 -62.67 42.54
CA ASN V 547 39.55 -61.35 43.04
C ASN V 547 38.96 -61.13 44.43
N VAL V 548 37.68 -61.48 44.60
CA VAL V 548 37.06 -61.42 45.91
C VAL V 548 37.68 -62.45 46.84
N VAL V 549 37.87 -63.67 46.36
CA VAL V 549 38.40 -64.73 47.21
C VAL V 549 39.75 -64.32 47.79
N ASN V 550 40.65 -63.85 46.93
CA ASN V 550 41.94 -63.38 47.40
C ASN V 550 41.77 -62.15 48.29
N SER V 551 40.83 -61.26 47.94
CA SER V 551 40.56 -60.10 48.78
C SER V 551 40.08 -60.55 50.17
N SER V 552 39.46 -61.72 50.25
CA SER V 552 39.12 -62.27 51.56
C SER V 552 40.36 -62.72 52.31
N ASN V 553 41.30 -63.36 51.61
CA ASN V 553 42.49 -63.88 52.26
C ASN V 553 43.38 -62.75 52.77
N GLU V 554 43.56 -61.69 51.98
CA GLU V 554 44.41 -60.58 52.40
C GLU V 554 43.92 -60.00 53.72
N THR V 555 42.60 -59.99 53.92
CA THR V 555 42.06 -59.54 55.20
C THR V 555 42.55 -60.43 56.34
N LEU V 556 42.41 -61.75 56.18
CA LEU V 556 42.84 -62.67 57.22
C LEU V 556 44.35 -62.62 57.42
N TYR V 557 45.11 -62.59 56.32
CA TYR V 557 46.56 -62.65 56.43
C TYR V 557 47.10 -61.44 57.19
N ASN V 558 46.53 -60.26 56.93
CA ASN V 558 46.93 -59.07 57.67
C ASN V 558 46.82 -59.31 59.17
N SER V 559 45.71 -59.88 59.62
CA SER V 559 45.50 -60.09 61.05
C SER V 559 46.54 -61.04 61.62
N VAL V 560 46.69 -62.21 61.01
CA VAL V 560 47.55 -63.24 61.59
C VAL V 560 49.01 -62.83 61.52
N TYR V 561 49.44 -62.27 60.39
CA TYR V 561 50.81 -61.84 60.26
C TYR V 561 51.17 -60.81 61.33
N SER V 562 50.26 -59.87 61.59
CA SER V 562 50.53 -58.82 62.55
C SER V 562 50.81 -59.38 63.94
N GLU V 563 49.97 -60.33 64.37
CA GLU V 563 50.00 -60.73 65.78
C GLU V 563 51.29 -61.45 66.14
N TYR V 564 51.71 -62.42 65.32
CA TYR V 564 52.94 -63.14 65.67
C TYR V 564 54.14 -62.23 65.65
N GLN V 565 54.25 -61.36 64.64
CA GLN V 565 55.36 -60.43 64.60
C GLN V 565 55.50 -59.68 65.91
N SER V 566 54.38 -59.29 66.52
CA SER V 566 54.42 -58.61 67.81
C SER V 566 55.30 -59.35 68.80
N LYS V 567 55.01 -60.63 68.98
CA LYS V 567 55.67 -61.35 70.06
C LYS V 567 57.08 -61.75 69.80
N SER V 568 57.70 -61.28 68.74
CA SER V 568 59.01 -61.84 68.41
C SER V 568 60.35 -61.12 68.53
N GLY V 569 60.54 -59.99 67.85
CA GLY V 569 61.89 -59.45 67.72
C GLY V 569 62.13 -57.96 67.81
N VAL V 570 63.20 -57.62 68.53
CA VAL V 570 63.93 -56.35 68.44
C VAL V 570 63.02 -55.12 68.46
N ASN V 571 63.05 -54.39 69.56
CA ASN V 571 62.36 -53.10 69.67
C ASN V 571 63.02 -52.33 70.82
N THR V 572 63.61 -51.18 70.49
CA THR V 572 64.31 -50.40 71.51
C THR V 572 63.37 -49.92 72.60
N ASN V 573 62.17 -49.47 72.23
CA ASN V 573 61.23 -48.94 73.21
C ASN V 573 61.14 -49.86 74.41
N GLU V 574 61.22 -51.17 74.19
CA GLU V 574 61.34 -52.11 75.30
C GLU V 574 62.81 -52.35 75.65
N GLU V 575 63.63 -52.62 74.64
CA GLU V 575 65.02 -53.02 74.90
C GLU V 575 65.83 -51.85 75.47
N LEU V 576 65.77 -50.69 74.82
CA LEU V 576 66.61 -49.58 75.25
C LEU V 576 66.27 -49.13 76.66
N ALA V 577 64.97 -49.09 77.00
CA ALA V 577 64.58 -48.72 78.35
C ALA V 577 65.34 -49.56 79.36
N ALA V 578 65.35 -50.88 79.16
CA ALA V 578 66.04 -51.74 80.09
C ALA V 578 67.56 -51.59 79.98
N LEU V 579 68.04 -51.12 78.84
CA LEU V 579 69.49 -50.90 78.70
C LEU V 579 69.97 -49.68 79.47
N ILE V 580 69.20 -48.58 79.43
CA ILE V 580 69.60 -47.39 80.20
C ILE V 580 69.79 -47.76 81.65
N GLN V 581 68.81 -48.45 82.24
CA GLN V 581 68.90 -48.85 83.63
C GLN V 581 70.09 -49.76 83.83
N TYR V 582 70.36 -50.63 82.86
CA TYR V 582 71.49 -51.53 82.97
C TYR V 582 72.79 -50.75 83.07
N GLN V 583 72.93 -49.71 82.25
CA GLN V 583 74.12 -48.85 82.35
C GLN V 583 74.27 -48.33 83.77
N SER V 584 73.19 -47.80 84.34
CA SER V 584 73.23 -47.39 85.74
C SER V 584 73.50 -48.58 86.64
N SER V 585 72.89 -49.73 86.34
CA SER V 585 73.10 -50.91 87.17
C SER V 585 74.57 -51.27 87.26
N TYR V 586 75.27 -51.26 86.13
CA TYR V 586 76.70 -51.57 86.17
C TYR V 586 77.47 -50.48 86.90
N GLY V 587 77.20 -49.22 86.58
CA GLY V 587 77.92 -48.13 87.22
C GLY V 587 77.78 -48.16 88.73
N ALA V 588 76.59 -48.48 89.21
CA ALA V 588 76.42 -48.67 90.65
C ALA V 588 77.28 -49.82 91.16
N ALA V 589 77.36 -50.90 90.39
CA ALA V 589 78.14 -52.05 90.84
C ALA V 589 79.60 -51.67 91.05
N ALA V 590 80.24 -51.09 90.03
CA ALA V 590 81.63 -50.68 90.18
C ALA V 590 81.77 -49.64 91.28
N LYS V 591 81.04 -48.66 91.45
CA LYS V 591 81.18 -47.68 92.57
C LYS V 591 80.90 -48.33 93.92
N ILE V 592 80.00 -49.45 93.87
CA ILE V 592 79.98 -50.23 95.10
C ILE V 592 81.34 -50.89 95.33
N VAL V 593 81.89 -51.50 94.29
CA VAL V 593 83.19 -52.15 94.42
C VAL V 593 84.25 -51.14 94.84
N SER V 594 84.09 -49.89 94.42
CA SER V 594 85.00 -48.85 94.87
C SER V 594 85.02 -48.77 96.40
N THR V 595 83.87 -48.94 97.03
CA THR V 595 83.80 -48.86 98.49
C THR V 595 84.58 -49.99 99.15
N VAL V 596 84.37 -51.23 98.70
CA VAL V 596 85.14 -52.33 99.27
C VAL V 596 86.63 -52.13 98.97
N ASP V 597 86.95 -51.56 97.80
CA ASP V 597 88.34 -51.25 97.52
C ASP V 597 88.90 -50.30 98.57
N GLN V 598 88.02 -49.31 98.93
CA GLN V 598 88.42 -48.36 99.96
C GLN V 598 88.51 -49.09 101.29
N MET V 599 87.60 -50.02 101.53
CA MET V 599 87.66 -50.81 102.74
C MET V 599 88.89 -51.68 102.67
N LEU V 600 89.21 -52.14 101.47
CA LEU V 600 90.38 -52.97 101.27
C LEU V 600 91.61 -52.14 101.51
N ASP V 601 91.58 -50.88 101.09
CA ASP V 601 92.70 -49.99 101.31
C ASP V 601 92.89 -49.84 102.79
N THR V 602 91.77 -49.70 103.50
CA THR V 602 91.82 -49.54 104.94
C THR V 602 92.47 -50.76 105.56
N LEU V 603 92.07 -51.93 105.11
CA LEU V 603 92.61 -53.16 105.66
C LEU V 603 94.10 -53.24 105.41
N LEU V 604 94.53 -52.83 104.23
CA LEU V 604 95.95 -52.86 103.91
C LEU V 604 96.71 -51.93 104.82
N GLY V 605 96.16 -50.74 105.06
CA GLY V 605 96.82 -49.79 105.95
C GLY V 605 96.90 -50.36 107.35
N LEU V 606 95.86 -51.05 107.79
CA LEU V 606 95.86 -51.65 109.11
C LEU V 606 96.96 -52.68 109.19
N LYS V 607 97.09 -53.50 108.16
CA LYS V 607 98.12 -54.52 108.14
C LYS V 607 99.48 -53.87 108.23
N SER V 608 99.65 -52.78 107.49
CA SER V 608 100.91 -52.06 107.52
C SER V 608 101.25 -51.64 108.94
N SER W 7 22.50 -10.49 1.71
CA SER W 7 23.85 -9.95 1.85
C SER W 7 23.86 -8.76 2.78
N SER W 8 24.71 -8.80 3.79
CA SER W 8 24.84 -7.66 4.69
C SER W 8 25.45 -6.54 3.89
N LEU W 9 26.42 -6.89 3.04
CA LEU W 9 27.07 -5.89 2.21
C LEU W 9 26.03 -5.24 1.32
N GLY W 10 25.07 -6.02 0.84
CA GLY W 10 24.04 -5.51 -0.03
C GLY W 10 23.09 -4.60 0.71
N PHE W 11 22.70 -5.00 1.91
CA PHE W 11 21.84 -4.15 2.70
C PHE W 11 22.56 -2.82 2.84
N GLY W 12 23.87 -2.90 3.01
CA GLY W 12 24.67 -1.69 3.11
C GLY W 12 24.68 -0.80 1.89
N SER W 13 24.95 -1.35 0.69
CA SER W 13 25.07 -0.45 -0.48
C SER W 13 24.49 -0.92 -1.81
N GLY W 14 24.20 -2.22 -1.89
CA GLY W 14 23.74 -2.78 -3.16
C GLY W 14 22.51 -2.08 -3.71
N VAL W 15 21.36 -2.29 -3.08
CA VAL W 15 20.12 -1.79 -3.66
C VAL W 15 20.10 -0.28 -3.63
N LEU W 16 20.66 0.32 -2.57
CA LEU W 16 20.67 1.77 -2.45
C LEU W 16 21.27 2.41 -3.70
N THR W 17 22.41 1.90 -4.16
CA THR W 17 23.03 2.46 -5.35
C THR W 17 22.10 2.34 -6.55
N GLN W 18 21.49 1.17 -6.72
CA GLN W 18 20.53 1.00 -7.81
C GLN W 18 19.39 2.01 -7.71
N ASP W 19 18.93 2.27 -6.48
CA ASP W 19 17.91 3.30 -6.29
C ASP W 19 18.46 4.68 -6.64
N THR W 20 19.62 5.03 -6.07
CA THR W 20 20.16 6.38 -6.25
C THR W 20 20.57 6.64 -7.70
N ILE W 21 21.18 5.67 -8.36
CA ILE W 21 21.58 5.85 -9.74
C ILE W 21 20.38 6.28 -10.58
N ASP W 22 19.24 5.62 -10.37
CA ASP W 22 18.03 6.00 -11.09
C ASP W 22 17.51 7.35 -10.65
N LYS W 23 17.58 7.65 -9.35
CA LYS W 23 17.15 8.96 -8.87
C LYS W 23 18.00 10.06 -9.49
N LEU W 24 19.31 9.83 -9.57
CA LEU W 24 20.17 10.74 -10.33
C LEU W 24 19.82 10.69 -11.81
N LYS W 25 19.58 9.49 -12.32
CA LYS W 25 19.32 9.32 -13.74
C LYS W 25 18.06 10.05 -14.17
N GLU W 26 16.98 9.92 -13.39
CA GLU W 26 15.73 10.56 -13.77
C GLU W 26 15.87 12.08 -13.79
N ALA W 27 16.47 12.65 -12.74
CA ALA W 27 16.63 14.10 -12.70
C ALA W 27 17.53 14.57 -13.83
N GLU W 28 18.66 13.89 -14.03
CA GLU W 28 19.56 14.24 -15.11
C GLU W 28 18.83 14.19 -16.45
N GLN W 29 18.18 13.07 -16.74
CA GLN W 29 17.37 13.00 -17.95
C GLN W 29 16.38 14.14 -17.99
N LYS W 30 15.63 14.32 -16.89
CA LYS W 30 14.53 15.27 -16.87
C LYS W 30 14.96 16.63 -17.39
N ALA W 31 16.16 17.08 -17.01
CA ALA W 31 16.65 18.36 -17.51
C ALA W 31 16.72 18.35 -19.02
N ARG W 32 17.18 17.25 -19.62
CA ARG W 32 17.29 17.18 -21.07
C ARG W 32 15.93 16.97 -21.71
N ILE W 33 15.05 16.24 -21.02
CA ILE W 33 13.76 15.86 -21.62
C ILE W 33 12.94 17.10 -21.95
N ASP W 34 12.79 18.00 -20.98
CA ASP W 34 11.92 19.15 -21.19
C ASP W 34 12.28 19.95 -22.44
N PRO W 35 13.54 20.26 -22.71
CA PRO W 35 13.86 20.94 -23.97
C PRO W 35 13.32 20.22 -25.18
N TYR W 36 13.30 18.88 -25.16
CA TYR W 36 12.77 18.15 -26.30
C TYR W 36 11.24 18.11 -26.26
N THR W 37 10.68 17.62 -25.15
CA THR W 37 9.24 17.41 -25.10
C THR W 37 8.48 18.73 -25.05
N LYS W 38 8.69 19.51 -24.00
CA LYS W 38 7.88 20.72 -23.82
C LYS W 38 7.92 21.60 -25.06
N LYS W 39 9.07 21.67 -25.71
CA LYS W 39 9.18 22.48 -26.92
C LYS W 39 8.59 21.76 -28.12
N ILE W 40 8.75 20.43 -28.19
CA ILE W 40 8.04 19.66 -29.20
C ILE W 40 6.54 19.89 -29.08
N GLU W 41 6.03 19.78 -27.85
CA GLU W 41 4.62 20.08 -27.60
C GLU W 41 4.25 21.45 -28.15
N GLU W 42 5.04 22.47 -27.80
CA GLU W 42 4.74 23.81 -28.28
C GLU W 42 4.75 23.85 -29.80
N ASN W 43 5.73 23.19 -30.42
CA ASN W 43 5.69 23.02 -31.87
C ASN W 43 4.39 22.35 -32.29
N THR W 44 4.07 21.23 -31.64
CA THR W 44 2.87 20.49 -31.99
C THR W 44 1.63 21.34 -31.76
N THR W 45 1.59 22.05 -30.64
CA THR W 45 0.44 22.90 -30.33
C THR W 45 0.25 23.94 -31.43
N LYS W 46 1.29 24.69 -31.74
CA LYS W 46 1.20 25.73 -32.75
C LYS W 46 0.83 25.13 -34.10
N GLN W 47 1.40 23.98 -34.44
CA GLN W 47 1.07 23.32 -35.68
C GLN W 47 -0.43 23.04 -35.73
N LYS W 48 -0.99 22.48 -34.65
CA LYS W 48 -2.42 22.25 -34.64
C LYS W 48 -3.17 23.55 -34.75
N ASP W 49 -2.72 24.58 -34.04
CA ASP W 49 -3.40 25.86 -34.05
C ASP W 49 -3.47 26.43 -35.46
N LEU W 50 -2.33 26.51 -36.14
CA LEU W 50 -2.35 26.99 -37.51
C LEU W 50 -3.14 26.06 -38.42
N THR W 51 -3.01 24.75 -38.19
CA THR W 51 -3.68 23.80 -39.06
C THR W 51 -5.19 24.00 -39.03
N GLU W 52 -5.77 24.05 -37.83
CA GLU W 52 -7.22 24.21 -37.73
C GLU W 52 -7.68 25.51 -38.36
N ILE W 53 -6.98 26.62 -38.10
CA ILE W 53 -7.40 27.87 -38.69
C ILE W 53 -7.16 27.85 -40.20
N LYS W 54 -6.04 27.24 -40.63
CA LYS W 54 -5.82 27.09 -42.06
C LYS W 54 -6.99 26.36 -42.72
N THR W 55 -7.61 25.43 -42.00
CA THR W 55 -8.83 24.82 -42.50
C THR W 55 -9.91 25.87 -42.69
N LYS W 56 -10.02 26.80 -41.74
CA LYS W 56 -10.96 27.91 -41.91
C LYS W 56 -10.59 28.73 -43.13
N LEU W 57 -9.30 29.01 -43.31
CA LEU W 57 -8.84 29.65 -44.55
C LEU W 57 -9.23 28.80 -45.75
N LEU W 58 -8.88 27.51 -45.71
CA LEU W 58 -9.26 26.61 -46.78
C LEU W 58 -10.77 26.63 -46.99
N SER W 59 -11.52 26.61 -45.88
CA SER W 59 -12.97 26.65 -45.98
C SER W 59 -13.44 27.87 -46.77
N PHE W 60 -12.96 29.05 -46.38
CA PHE W 60 -13.41 30.26 -47.06
C PHE W 60 -12.75 30.43 -48.42
N GLN W 61 -11.61 29.79 -48.65
CA GLN W 61 -10.99 29.85 -49.97
C GLN W 61 -11.96 29.40 -51.05
N THR W 62 -12.63 28.27 -50.82
CA THR W 62 -13.70 27.88 -51.73
C THR W 62 -14.75 28.97 -51.83
N ALA W 63 -15.06 29.62 -50.70
CA ALA W 63 -15.97 30.75 -50.73
C ALA W 63 -15.46 31.84 -51.66
N VAL W 64 -14.18 32.19 -51.53
CA VAL W 64 -13.58 33.14 -52.46
C VAL W 64 -13.63 32.58 -53.87
N SER W 65 -13.46 31.27 -54.03
CA SER W 65 -13.51 30.67 -55.36
C SER W 65 -14.83 31.00 -56.04
N SER W 66 -15.94 30.94 -55.30
CA SER W 66 -17.22 31.34 -55.86
C SER W 66 -17.23 32.81 -56.23
N LEU W 67 -16.63 33.67 -55.40
CA LEU W 67 -16.61 35.09 -55.69
C LEU W 67 -15.92 35.36 -57.02
N ALA W 68 -15.01 34.49 -57.44
CA ALA W 68 -14.39 34.64 -58.75
C ALA W 68 -15.33 34.26 -59.88
N ASP W 69 -16.36 33.46 -59.59
CA ASP W 69 -17.21 32.90 -60.63
C ASP W 69 -18.38 33.83 -60.97
N ALA W 70 -19.02 33.53 -62.10
CA ALA W 70 -20.21 34.24 -62.54
C ALA W 70 -21.26 33.29 -63.12
N THR W 71 -21.50 32.16 -62.44
CA THR W 71 -22.21 31.05 -63.07
C THR W 71 -23.71 31.29 -63.14
N VAL W 72 -24.38 31.35 -61.99
CA VAL W 72 -25.83 31.46 -62.01
C VAL W 72 -26.27 32.73 -62.71
N PHE W 73 -25.44 33.77 -62.65
CA PHE W 73 -25.85 35.09 -63.11
C PHE W 73 -25.97 35.13 -64.63
N ALA W 74 -25.51 34.10 -65.32
CA ALA W 74 -25.81 33.97 -66.73
C ALA W 74 -27.20 33.39 -66.97
N LYS W 75 -27.72 32.64 -66.00
CA LYS W 75 -28.82 31.70 -66.24
C LYS W 75 -30.15 32.45 -66.36
N ARG W 76 -31.20 31.69 -66.67
CA ARG W 76 -32.52 32.24 -66.96
C ARG W 76 -33.58 31.37 -66.32
N LYS W 77 -34.80 31.92 -66.28
CA LYS W 77 -35.98 31.19 -65.79
C LYS W 77 -37.22 31.79 -66.43
N VAL W 78 -38.27 30.98 -66.54
CA VAL W 78 -39.52 31.36 -67.19
C VAL W 78 -40.59 31.57 -66.13
N VAL W 79 -41.69 32.24 -66.52
CA VAL W 79 -42.85 32.43 -65.67
C VAL W 79 -44.09 31.99 -66.43
N GLY W 80 -45.05 31.41 -65.72
CA GLY W 80 -46.24 30.87 -66.33
C GLY W 80 -47.46 31.15 -65.48
N SER W 81 -48.64 30.77 -66.00
CA SER W 81 -49.91 31.08 -65.38
C SER W 81 -50.89 29.91 -65.35
N ILE W 82 -50.40 28.67 -65.37
CA ILE W 82 -51.25 27.49 -65.21
C ILE W 82 -50.53 26.49 -64.31
N SER W 83 -51.30 25.80 -63.47
CA SER W 83 -50.78 24.82 -62.52
C SER W 83 -50.97 23.39 -62.98
N ASP W 84 -52.05 23.09 -63.69
CA ASP W 84 -52.32 21.74 -64.18
C ASP W 84 -53.20 21.85 -65.41
N ASN W 85 -53.35 20.73 -66.12
CA ASN W 85 -54.02 20.75 -67.41
C ASN W 85 -53.30 21.81 -68.25
N PRO W 86 -52.07 21.55 -68.67
CA PRO W 86 -51.13 22.64 -68.93
C PRO W 86 -51.22 23.14 -70.35
N PRO W 87 -50.89 24.42 -70.57
CA PRO W 87 -50.81 24.97 -71.94
C PRO W 87 -49.67 24.41 -72.78
N ALA W 88 -48.46 24.62 -72.30
CA ALA W 88 -47.23 24.41 -73.06
C ALA W 88 -46.05 24.70 -72.14
N SER W 89 -44.89 24.12 -72.47
CA SER W 89 -43.69 24.27 -71.66
C SER W 89 -42.55 24.85 -72.48
N LEU W 90 -41.85 25.83 -71.91
CA LEU W 90 -40.68 26.44 -72.51
C LEU W 90 -39.43 26.05 -71.73
N THR W 91 -38.36 25.75 -72.46
CA THR W 91 -37.09 25.36 -71.86
C THR W 91 -36.08 26.47 -72.09
N VAL W 92 -35.50 26.97 -71.00
CA VAL W 92 -34.57 28.10 -71.07
C VAL W 92 -33.37 27.84 -70.19
N ASN W 93 -32.27 28.52 -70.52
CA ASN W 93 -31.08 28.59 -69.69
C ASN W 93 -30.44 29.95 -69.95
N SER W 94 -29.17 30.09 -69.55
CA SER W 94 -28.47 31.35 -69.68
C SER W 94 -28.62 31.95 -71.07
N GLY W 95 -28.73 33.28 -71.14
CA GLY W 95 -28.72 34.00 -72.40
C GLY W 95 -30.05 34.10 -73.10
N VAL W 96 -31.06 33.34 -72.69
CA VAL W 96 -32.36 33.43 -73.35
C VAL W 96 -32.99 34.77 -73.02
N ALA W 97 -33.77 35.29 -73.97
CA ALA W 97 -34.36 36.61 -73.81
C ALA W 97 -35.27 36.65 -72.59
N LEU W 98 -35.31 37.82 -71.94
CA LEU W 98 -36.15 38.03 -70.77
C LEU W 98 -37.57 38.31 -71.22
N GLN W 99 -38.10 37.43 -72.07
CA GLN W 99 -39.30 37.73 -72.83
C GLN W 99 -40.56 37.62 -71.99
N SER W 100 -41.61 38.31 -72.44
CA SER W 100 -42.98 38.10 -72.00
C SER W 100 -43.83 37.87 -73.24
N MET W 101 -44.86 37.06 -73.09
CA MET W 101 -45.57 36.52 -74.24
C MET W 101 -46.74 35.68 -73.74
N ASN W 102 -47.62 35.31 -74.66
CA ASN W 102 -48.66 34.32 -74.40
C ASN W 102 -48.60 33.21 -75.44
N ILE W 103 -48.67 31.97 -74.96
CA ILE W 103 -48.86 30.80 -75.79
C ILE W 103 -50.06 30.04 -75.28
N ASN W 104 -50.84 29.48 -76.18
CA ASN W 104 -51.99 28.67 -75.82
C ASN W 104 -51.97 27.40 -76.66
N VAL W 105 -52.53 26.34 -76.10
CA VAL W 105 -52.57 25.04 -76.74
C VAL W 105 -53.89 24.41 -76.36
N THR W 106 -54.74 24.14 -77.34
CA THR W 106 -56.04 23.49 -77.09
C THR W 106 -56.43 22.69 -78.34
N GLN W 107 -56.08 21.41 -78.33
CA GLN W 107 -56.45 20.52 -79.44
C GLN W 107 -56.42 19.08 -78.93
N LEU W 108 -57.52 18.36 -79.12
CA LEU W 108 -57.70 17.03 -78.53
C LEU W 108 -57.27 15.97 -79.52
N ALA W 109 -56.35 15.10 -79.11
CA ALA W 109 -55.97 13.97 -79.92
C ALA W 109 -57.05 12.91 -79.91
N GLN W 110 -57.05 12.06 -80.94
CA GLN W 110 -58.06 11.03 -81.10
C GLN W 110 -57.40 9.74 -81.58
N LYS W 111 -58.20 8.69 -81.68
CA LYS W 111 -57.73 7.35 -81.96
C LYS W 111 -58.38 6.79 -83.22
N ASP W 112 -57.80 5.71 -83.73
CA ASP W 112 -58.28 5.08 -84.95
C ASP W 112 -59.04 3.80 -84.63
N VAL W 113 -60.02 3.50 -85.48
CA VAL W 113 -60.70 2.21 -85.49
C VAL W 113 -60.74 1.77 -86.94
N TYR W 114 -60.61 0.48 -87.17
CA TYR W 114 -60.14 0.06 -88.49
C TYR W 114 -60.40 -1.42 -88.74
N GLN W 115 -60.80 -1.73 -89.96
CA GLN W 115 -60.65 -3.06 -90.54
C GLN W 115 -60.16 -2.87 -91.96
N SER W 116 -59.23 -3.73 -92.39
CA SER W 116 -58.48 -3.50 -93.61
C SER W 116 -59.06 -4.26 -94.79
N LYS W 117 -58.51 -3.97 -95.97
CA LYS W 117 -58.47 -4.96 -97.02
C LYS W 117 -57.31 -5.91 -96.75
N GLY W 118 -57.36 -7.09 -97.37
CA GLY W 118 -56.45 -8.15 -97.00
C GLY W 118 -55.12 -8.12 -97.74
N LEU W 119 -54.11 -8.71 -97.10
CA LEU W 119 -52.81 -8.88 -97.73
C LEU W 119 -52.89 -10.00 -98.76
N ALA W 120 -52.21 -9.82 -99.89
CA ALA W 120 -52.40 -10.70 -101.03
C ALA W 120 -51.59 -11.98 -100.89
N ASN W 121 -52.06 -13.02 -101.58
CA ASN W 121 -51.29 -14.25 -101.74
C ASN W 121 -50.24 -14.01 -102.83
N ASP W 122 -49.65 -15.08 -103.34
CA ASP W 122 -48.57 -14.94 -104.32
C ASP W 122 -49.09 -14.72 -105.73
N GLY W 123 -49.94 -13.71 -105.93
CA GLY W 123 -50.29 -13.24 -107.25
C GLY W 123 -51.09 -11.95 -107.23
N GLY W 124 -50.61 -10.92 -107.92
CA GLY W 124 -51.24 -9.61 -107.86
C GLY W 124 -51.21 -8.75 -109.12
N PHE W 125 -51.13 -9.37 -110.30
CA PHE W 125 -50.93 -8.61 -111.53
C PHE W 125 -51.96 -7.49 -111.67
N VAL W 126 -51.51 -6.26 -111.93
CA VAL W 126 -52.47 -5.19 -112.18
C VAL W 126 -52.18 -4.38 -113.45
N ASN W 127 -51.06 -3.65 -113.48
CA ASN W 127 -50.88 -2.56 -114.44
C ASN W 127 -49.44 -2.50 -114.94
N ALA W 128 -49.09 -1.39 -115.58
CA ALA W 128 -47.83 -1.21 -116.28
C ALA W 128 -47.41 0.27 -116.19
N GLN W 129 -46.48 0.69 -117.05
CA GLN W 129 -45.84 1.98 -116.96
C GLN W 129 -46.24 2.89 -118.12
N LEU W 130 -45.61 4.06 -118.19
CA LEU W 130 -45.73 5.00 -119.31
C LEU W 130 -44.34 5.40 -119.77
N ASN W 131 -44.30 6.23 -120.82
CA ASN W 131 -43.01 6.66 -121.36
C ASN W 131 -42.19 7.41 -120.31
N GLY W 132 -42.77 8.44 -119.71
CA GLY W 132 -42.14 9.09 -118.58
C GLY W 132 -42.20 8.16 -117.38
N THR W 133 -41.08 8.06 -116.66
CA THR W 133 -40.99 7.08 -115.59
C THR W 133 -42.17 7.25 -114.62
N ALA W 134 -42.89 6.15 -114.43
CA ALA W 134 -44.03 6.12 -113.50
C ALA W 134 -43.51 5.75 -112.13
N ASP W 135 -43.81 6.60 -111.14
CA ASP W 135 -43.25 6.44 -109.80
C ASP W 135 -44.37 6.46 -108.76
N LEU W 136 -44.26 5.57 -107.80
CA LEU W 136 -45.21 5.45 -106.70
C LEU W 136 -44.43 5.60 -105.40
N THR W 137 -45.03 6.23 -104.41
CA THR W 137 -44.29 6.62 -103.22
C THR W 137 -45.22 6.78 -102.04
N PHE W 138 -44.68 6.45 -100.86
CA PHE W 138 -45.47 6.38 -99.63
C PHE W 138 -44.69 7.13 -98.56
N PHE W 139 -45.41 7.84 -97.68
CA PHE W 139 -44.82 8.96 -96.97
C PHE W 139 -45.06 8.84 -95.46
N SER W 140 -44.27 9.62 -94.71
CA SER W 140 -44.50 9.86 -93.28
C SER W 140 -44.17 11.33 -92.99
N ASN W 141 -45.16 12.20 -93.18
CA ASN W 141 -45.10 13.61 -92.79
C ASN W 141 -43.78 14.29 -93.10
N GLY W 142 -43.10 13.86 -94.16
CA GLY W 142 -41.84 14.48 -94.54
C GLY W 142 -40.78 13.52 -95.02
N LYS W 143 -40.86 12.25 -94.60
CA LYS W 143 -39.91 11.27 -95.12
C LYS W 143 -40.57 10.55 -96.27
N GLU W 144 -39.97 9.47 -96.75
CA GLU W 144 -40.52 8.83 -97.94
C GLU W 144 -40.25 7.35 -98.09
N TYR W 145 -41.12 6.66 -98.83
CA TYR W 145 -40.96 5.24 -99.09
C TYR W 145 -41.46 4.95 -100.49
N THR W 146 -40.61 4.32 -101.31
CA THR W 146 -40.73 4.47 -102.75
C THR W 146 -40.59 3.14 -103.47
N VAL W 147 -41.17 3.10 -104.67
CA VAL W 147 -40.86 2.10 -105.69
C VAL W 147 -41.04 2.77 -107.05
N THR W 148 -40.33 2.24 -108.05
CA THR W 148 -40.42 2.72 -109.42
C THR W 148 -41.01 1.64 -110.31
N VAL W 149 -41.85 2.04 -111.26
CA VAL W 149 -42.59 1.11 -112.10
C VAL W 149 -42.00 1.12 -113.50
N ASP W 150 -41.35 0.02 -113.87
CA ASP W 150 -41.18 -0.36 -115.26
C ASP W 150 -42.17 -1.44 -115.65
N LYS W 151 -42.17 -2.57 -114.93
CA LYS W 151 -43.29 -3.50 -114.96
C LYS W 151 -43.54 -4.05 -113.56
N ASN W 152 -42.77 -3.58 -112.57
CA ASN W 152 -42.95 -4.03 -111.19
C ASN W 152 -44.21 -3.41 -110.62
N THR W 153 -45.36 -3.96 -110.98
CA THR W 153 -46.64 -3.27 -110.81
C THR W 153 -47.69 -4.20 -110.22
N THR W 154 -47.33 -4.93 -109.18
CA THR W 154 -48.27 -5.81 -108.50
C THR W 154 -48.93 -5.10 -107.32
N TYR W 155 -50.04 -5.70 -106.85
CA TYR W 155 -50.64 -5.23 -105.61
C TYR W 155 -49.64 -5.34 -104.46
N ARG W 156 -48.87 -6.42 -104.42
CA ARG W 156 -47.92 -6.64 -103.33
C ARG W 156 -46.86 -5.55 -103.30
N ASP W 157 -46.34 -5.16 -104.46
CA ASP W 157 -45.38 -4.06 -104.51
C ASP W 157 -45.93 -2.86 -103.77
N LEU W 158 -47.18 -2.52 -104.04
CA LEU W 158 -47.84 -1.39 -103.38
C LEU W 158 -48.09 -1.72 -101.90
N ALA W 159 -48.74 -2.83 -101.63
CA ALA W 159 -49.10 -3.17 -100.26
C ALA W 159 -47.88 -3.24 -99.36
N ASP W 160 -46.78 -3.81 -99.87
CA ASP W 160 -45.57 -3.90 -99.07
C ASP W 160 -45.06 -2.52 -98.70
N LYS W 161 -45.07 -1.58 -99.64
CA LYS W 161 -44.67 -0.23 -99.31
C LYS W 161 -45.66 0.44 -98.37
N ILE W 162 -46.96 0.16 -98.51
CA ILE W 162 -47.92 0.65 -97.53
C ILE W 162 -47.53 0.16 -96.15
N ASN W 163 -47.13 -1.10 -96.05
CA ASN W 163 -46.53 -1.60 -94.81
C ASN W 163 -45.27 -0.82 -94.48
N GLU W 164 -44.49 -0.46 -95.51
CA GLU W 164 -43.29 0.33 -95.28
C GLU W 164 -43.62 1.68 -94.65
N ALA W 165 -44.69 2.34 -95.13
CA ALA W 165 -45.06 3.63 -94.59
C ALA W 165 -45.82 3.48 -93.27
N SER W 166 -46.76 2.54 -93.21
CA SER W 166 -47.58 2.41 -92.00
C SER W 166 -46.74 2.01 -90.79
N GLY W 167 -45.78 1.10 -90.97
CA GLY W 167 -44.82 0.78 -89.93
C GLY W 167 -45.30 -0.23 -88.90
N GLY W 168 -46.60 -0.46 -88.78
CA GLY W 168 -47.09 -1.49 -87.88
C GLY W 168 -47.15 -1.13 -86.42
N GLU W 169 -46.99 0.15 -86.07
CA GLU W 169 -47.17 0.59 -84.69
C GLU W 169 -48.67 0.67 -84.39
N ILE W 170 -49.29 -0.52 -84.36
CA ILE W 170 -50.73 -0.66 -84.24
C ILE W 170 -51.01 -1.90 -83.42
N VAL W 171 -52.24 -2.05 -82.95
CA VAL W 171 -52.70 -3.26 -82.27
C VAL W 171 -53.86 -3.84 -83.07
N ALA W 172 -54.03 -5.16 -82.98
CA ALA W 172 -55.03 -5.82 -83.80
C ALA W 172 -55.34 -7.20 -83.23
N LYS W 173 -56.40 -7.80 -83.76
CA LYS W 173 -56.70 -9.22 -83.57
C LYS W 173 -56.90 -9.85 -84.95
N ILE W 174 -56.56 -11.14 -85.05
CA ILE W 174 -56.13 -11.74 -86.30
C ILE W 174 -57.19 -12.67 -86.87
N VAL W 175 -57.37 -12.61 -88.19
CA VAL W 175 -58.07 -13.61 -88.97
C VAL W 175 -57.21 -13.94 -90.18
N ASN W 176 -57.06 -15.24 -90.46
CA ASN W 176 -56.22 -15.70 -91.57
C ASN W 176 -56.98 -16.78 -92.34
N THR W 177 -57.83 -16.37 -93.27
CA THR W 177 -58.63 -17.33 -94.03
C THR W 177 -58.35 -17.29 -95.53
N GLY W 178 -58.48 -16.12 -96.16
CA GLY W 178 -58.31 -16.01 -97.59
C GLY W 178 -59.43 -15.28 -98.30
N GLU W 179 -59.09 -14.59 -99.40
CA GLU W 179 -60.10 -13.94 -100.25
C GLU W 179 -59.51 -13.86 -101.67
N LYS W 180 -59.89 -14.82 -102.51
CA LYS W 180 -59.41 -14.88 -103.90
C LYS W 180 -57.91 -14.57 -103.98
N GLY W 181 -57.15 -15.18 -103.08
CA GLY W 181 -55.72 -14.94 -103.01
C GLY W 181 -55.37 -13.82 -102.05
N THR W 182 -55.87 -13.90 -100.82
CA THR W 182 -55.69 -12.84 -99.83
C THR W 182 -55.81 -13.45 -98.44
N PRO W 183 -54.75 -14.08 -97.94
CA PRO W 183 -54.88 -14.94 -96.75
C PRO W 183 -55.26 -14.21 -95.46
N TYR W 184 -55.16 -12.88 -95.39
CA TYR W 184 -55.27 -12.19 -94.10
C TYR W 184 -56.36 -11.13 -94.12
N ARG W 185 -56.99 -10.96 -92.96
CA ARG W 185 -57.90 -9.86 -92.68
C ARG W 185 -57.89 -9.61 -91.17
N LEU W 186 -57.95 -8.35 -90.79
CA LEU W 186 -57.81 -7.99 -89.39
C LEU W 186 -58.69 -6.80 -89.03
N THR W 187 -59.01 -6.68 -87.75
CA THR W 187 -59.60 -5.48 -87.17
C THR W 187 -58.55 -4.81 -86.29
N LEU W 188 -58.34 -3.51 -86.53
CA LEU W 188 -57.21 -2.81 -85.93
C LEU W 188 -57.69 -1.59 -85.18
N THR W 189 -56.83 -1.08 -84.30
CA THR W 189 -57.10 0.15 -83.57
C THR W 189 -55.76 0.76 -83.19
N SER W 190 -55.72 2.09 -83.10
CA SER W 190 -54.47 2.85 -83.12
C SER W 190 -53.60 2.55 -81.91
N LYS W 191 -52.29 2.58 -82.12
CA LYS W 191 -51.33 2.58 -81.03
C LYS W 191 -50.64 3.93 -80.86
N GLU W 192 -50.75 4.83 -81.84
CA GLU W 192 -50.14 6.16 -81.80
C GLU W 192 -51.17 7.22 -82.17
N THR W 193 -50.71 8.46 -82.36
CA THR W 193 -51.59 9.62 -82.44
C THR W 193 -51.23 10.48 -83.65
N GLY W 194 -52.17 11.36 -84.02
CA GLY W 194 -51.92 12.40 -85.00
C GLY W 194 -52.97 12.51 -86.08
N GLU W 195 -53.28 13.75 -86.48
CA GLU W 195 -54.13 14.01 -87.63
C GLU W 195 -53.31 14.12 -88.90
N ASP W 196 -52.24 14.91 -88.83
CA ASP W 196 -51.14 14.84 -89.78
C ASP W 196 -50.81 13.38 -90.06
N SER W 197 -50.94 12.54 -89.05
CA SER W 197 -50.66 11.11 -89.16
C SER W 197 -51.72 10.34 -89.94
N ALA W 198 -52.69 11.03 -90.54
CA ALA W 198 -53.68 10.33 -91.34
C ALA W 198 -53.02 9.68 -92.55
N ILE W 199 -53.58 8.57 -93.00
CA ILE W 199 -52.96 7.77 -94.06
C ILE W 199 -52.88 8.61 -95.32
N SER W 200 -51.75 8.52 -96.03
CA SER W 200 -51.57 9.26 -97.27
C SER W 200 -50.49 8.60 -98.13
N PHE W 201 -50.55 8.88 -99.43
CA PHE W 201 -49.62 8.30 -100.40
C PHE W 201 -49.87 8.90 -101.78
N TYR W 202 -48.95 8.60 -102.71
CA TYR W 202 -48.89 9.31 -103.98
C TYR W 202 -48.43 8.41 -105.12
N ALA W 203 -48.81 8.80 -106.33
CA ALA W 203 -48.27 8.28 -107.58
C ALA W 203 -48.27 9.41 -108.60
N GLY W 204 -47.26 9.42 -109.47
CA GLY W 204 -47.18 10.48 -110.45
C GLY W 204 -46.02 10.33 -111.40
N LYS W 205 -46.08 11.07 -112.50
CA LYS W 205 -45.00 11.20 -113.47
C LYS W 205 -44.48 12.63 -113.46
N LYS W 206 -43.24 12.81 -113.91
CA LYS W 206 -42.62 14.12 -113.99
C LYS W 206 -42.68 14.62 -115.43
N ASP W 207 -42.96 15.92 -115.57
CA ASP W 207 -43.13 16.56 -116.88
C ASP W 207 -41.96 17.50 -117.15
N SER W 208 -42.02 18.17 -118.30
CA SER W 208 -40.94 19.03 -118.74
C SER W 208 -40.69 20.20 -117.78
N ASN W 209 -41.72 20.64 -117.06
CA ASN W 209 -41.55 21.71 -116.09
C ASN W 209 -40.95 21.22 -114.77
N GLY W 210 -40.76 19.92 -114.63
CA GLY W 210 -40.49 19.33 -113.33
C GLY W 210 -41.72 19.12 -112.50
N LYS W 211 -42.89 19.56 -112.98
CA LYS W 211 -44.13 19.40 -112.27
C LYS W 211 -44.62 17.95 -112.41
N TYR W 212 -45.58 17.60 -111.56
CA TYR W 212 -46.12 16.26 -111.51
C TYR W 212 -47.39 16.17 -112.33
N GLN W 213 -47.55 15.07 -113.05
CA GLN W 213 -48.75 14.79 -113.83
C GLN W 213 -49.36 13.49 -113.34
N LYS W 214 -50.62 13.28 -113.70
CA LYS W 214 -51.49 12.33 -113.02
C LYS W 214 -51.46 11.01 -113.77
N ASP W 215 -51.05 9.94 -113.08
CA ASP W 215 -50.96 8.60 -113.65
C ASP W 215 -52.20 7.82 -113.20
N ILE W 216 -53.22 7.79 -114.05
CA ILE W 216 -54.48 7.14 -113.68
C ILE W 216 -54.30 5.64 -113.56
N ASN W 217 -53.48 5.03 -114.43
CA ASN W 217 -53.30 3.58 -114.36
C ASN W 217 -52.71 3.17 -113.01
N ALA W 218 -51.91 4.03 -112.40
CA ALA W 218 -51.43 3.77 -111.04
C ALA W 218 -52.56 3.96 -110.03
N GLU W 219 -53.41 4.96 -110.24
CA GLU W 219 -54.55 5.17 -109.35
C GLU W 219 -55.41 3.92 -109.28
N LYS W 220 -55.52 3.19 -110.40
CA LYS W 220 -56.38 2.00 -110.43
C LYS W 220 -55.94 0.99 -109.39
N ILE W 221 -54.64 0.76 -109.25
CA ILE W 221 -54.16 -0.17 -108.23
C ILE W 221 -54.57 0.35 -106.86
N PHE W 222 -54.37 1.64 -106.62
CA PHE W 222 -54.74 2.23 -105.34
C PHE W 222 -56.24 2.16 -105.12
N ASP W 223 -57.02 2.41 -106.19
CA ASP W 223 -58.46 2.26 -106.08
C ASP W 223 -58.84 0.82 -105.74
N ASP W 224 -58.08 -0.14 -106.26
CA ASP W 224 -58.33 -1.54 -105.93
C ASP W 224 -58.18 -1.80 -104.44
N LEU W 225 -57.28 -1.07 -103.78
CA LEU W 225 -57.16 -1.19 -102.32
C LEU W 225 -58.43 -0.75 -101.62
N GLY W 226 -59.24 0.08 -102.28
CA GLY W 226 -60.21 0.90 -101.60
C GLY W 226 -59.58 2.24 -101.31
N TRP W 227 -58.35 2.24 -100.80
CA TRP W 227 -57.60 3.46 -100.59
C TRP W 227 -57.06 3.95 -101.91
N GLY W 228 -57.94 4.46 -102.76
CA GLY W 228 -57.51 5.11 -103.98
C GLY W 228 -57.02 6.52 -103.73
N LEU W 229 -56.44 7.11 -104.79
CA LEU W 229 -55.94 8.47 -104.70
C LEU W 229 -57.09 9.47 -104.85
N ASP W 230 -56.80 10.72 -104.48
CA ASP W 230 -57.77 11.80 -104.56
C ASP W 230 -57.56 12.54 -105.88
N VAL W 231 -58.58 12.54 -106.74
CA VAL W 231 -58.52 13.24 -108.02
C VAL W 231 -59.10 14.65 -107.93
N SER W 232 -59.93 14.93 -106.93
CA SER W 232 -60.26 16.33 -106.65
C SER W 232 -59.01 17.09 -106.31
N ALA W 233 -58.04 16.43 -105.68
CA ALA W 233 -56.73 17.02 -105.44
C ALA W 233 -55.76 16.62 -106.56
N SER W 234 -54.68 17.39 -106.68
CA SER W 234 -53.61 17.11 -107.63
C SER W 234 -52.35 17.83 -107.15
N ILE W 235 -51.32 17.07 -106.79
CA ILE W 235 -50.24 17.58 -105.95
C ILE W 235 -48.87 17.23 -106.52
N ASP W 236 -47.88 17.99 -106.08
CA ASP W 236 -46.47 17.74 -106.39
C ASP W 236 -45.76 17.38 -105.08
N PRO W 237 -45.42 16.11 -104.85
CA PRO W 237 -44.91 15.72 -103.52
C PRO W 237 -43.63 16.41 -103.10
N ASP W 238 -42.74 16.76 -104.04
CA ASP W 238 -41.33 16.93 -103.71
C ASP W 238 -41.10 17.87 -102.52
N LYS W 239 -41.79 19.00 -102.47
CA LYS W 239 -41.52 19.96 -101.39
C LYS W 239 -41.99 19.43 -100.04
N ASP W 240 -43.23 18.93 -99.97
CA ASP W 240 -43.79 18.55 -98.68
C ASP W 240 -43.48 17.11 -98.32
N LYS W 241 -43.42 16.23 -99.32
CA LYS W 241 -43.21 14.80 -99.10
C LYS W 241 -44.36 14.20 -98.28
N LYS W 242 -45.58 14.39 -98.80
CA LYS W 242 -46.75 13.69 -98.33
C LYS W 242 -47.72 13.55 -99.50
N GLY W 243 -48.59 12.54 -99.42
CA GLY W 243 -49.43 12.15 -100.53
C GLY W 243 -50.90 12.44 -100.30
N TYR W 244 -51.73 11.86 -101.18
CA TYR W 244 -53.17 12.05 -101.14
C TYR W 244 -53.79 11.32 -99.95
N GLY W 245 -55.00 11.75 -99.58
CA GLY W 245 -55.76 11.02 -98.59
C GLY W 245 -56.40 9.78 -99.18
N ILE W 246 -56.68 8.80 -98.31
CA ILE W 246 -57.25 7.55 -98.78
C ILE W 246 -58.70 7.74 -99.17
N LYS W 247 -59.09 7.15 -100.30
CA LYS W 247 -60.49 7.10 -100.67
C LYS W 247 -61.29 6.33 -99.62
N ASP W 248 -60.97 5.05 -99.46
CA ASP W 248 -61.70 4.16 -98.55
C ASP W 248 -61.22 4.40 -97.12
N ALA W 249 -61.65 5.54 -96.58
CA ALA W 249 -61.54 5.76 -95.14
C ALA W 249 -62.56 4.97 -94.36
N SER W 250 -63.44 4.21 -95.04
CA SER W 250 -64.37 3.33 -94.34
C SER W 250 -63.64 2.14 -93.72
N LEU W 251 -62.68 1.56 -94.43
CA LEU W 251 -61.72 0.67 -93.76
C LEU W 251 -61.08 1.38 -92.58
N HIS W 252 -60.89 2.69 -92.71
CA HIS W 252 -60.36 3.54 -91.65
C HIS W 252 -61.50 4.01 -90.75
N ILE W 253 -62.11 3.05 -90.06
CA ILE W 253 -63.39 3.24 -89.39
C ILE W 253 -63.38 4.49 -88.51
N GLN W 254 -62.25 4.75 -87.86
CA GLN W 254 -62.11 5.95 -87.04
C GLN W 254 -60.70 6.48 -87.21
N THR W 255 -60.52 7.78 -86.96
CA THR W 255 -59.28 8.47 -87.31
C THR W 255 -58.69 9.15 -86.08
N ALA W 256 -57.36 9.19 -86.02
CA ALA W 256 -56.65 9.87 -84.96
C ALA W 256 -56.48 11.35 -85.31
N GLN W 257 -55.99 12.12 -84.35
CA GLN W 257 -55.72 13.53 -84.63
C GLN W 257 -54.63 14.07 -83.72
N ASN W 258 -54.20 15.30 -84.04
CA ASN W 258 -53.01 15.91 -83.46
C ASN W 258 -53.37 17.19 -82.71
N ALA W 259 -52.35 17.94 -82.30
CA ALA W 259 -52.56 19.25 -81.66
C ALA W 259 -51.52 20.23 -82.19
N GLU W 260 -51.99 21.30 -82.83
CA GLU W 260 -51.14 22.43 -83.19
C GLU W 260 -51.27 23.52 -82.13
N PHE W 261 -50.46 24.57 -82.29
CA PHE W 261 -50.30 25.59 -81.26
C PHE W 261 -50.49 26.98 -81.85
N THR W 262 -50.83 27.93 -80.97
CA THR W 262 -51.00 29.32 -81.33
C THR W 262 -50.01 30.18 -80.56
N LEU W 263 -49.93 31.45 -80.94
CA LEU W 263 -48.91 32.34 -80.43
C LEU W 263 -49.44 33.78 -80.51
N ASP W 264 -48.73 34.69 -79.84
CA ASP W 264 -49.10 36.09 -79.88
C ASP W 264 -49.37 36.49 -81.32
N GLY W 265 -50.63 36.78 -81.64
CA GLY W 265 -50.96 37.09 -83.02
C GLY W 265 -51.08 35.87 -83.90
N ILE W 266 -50.20 34.88 -83.69
CA ILE W 266 -49.92 33.87 -84.71
C ILE W 266 -50.61 32.57 -84.34
N LYS W 267 -50.82 31.73 -85.36
CA LYS W 267 -51.05 30.30 -85.19
C LYS W 267 -50.19 29.57 -86.22
N MET W 268 -49.77 28.35 -85.89
CA MET W 268 -48.72 27.66 -86.64
C MET W 268 -49.24 26.39 -87.28
N PHE W 269 -49.07 26.27 -88.60
CA PHE W 269 -49.30 25.02 -89.30
C PHE W 269 -48.12 24.09 -89.11
N ARG W 270 -48.40 22.79 -89.13
CA ARG W 270 -47.38 21.81 -88.78
C ARG W 270 -47.61 20.50 -89.52
N SER W 271 -46.54 19.71 -89.59
CA SER W 271 -46.64 18.29 -89.95
C SER W 271 -46.52 17.38 -88.74
N SER W 272 -46.04 17.90 -87.62
CA SER W 272 -46.03 17.18 -86.35
C SER W 272 -45.74 18.18 -85.24
N ASN W 273 -46.06 17.79 -84.01
CA ASN W 273 -45.95 18.70 -82.87
C ASN W 273 -44.49 19.03 -82.58
N THR W 274 -44.13 20.30 -82.73
CA THR W 274 -42.80 20.77 -82.37
C THR W 274 -42.78 22.29 -82.46
N VAL W 275 -42.17 22.93 -81.46
CA VAL W 275 -42.07 24.38 -81.45
C VAL W 275 -40.64 24.83 -81.19
N THR W 276 -39.66 23.98 -81.49
CA THR W 276 -38.30 24.47 -81.54
C THR W 276 -38.16 25.58 -82.57
N ASP W 277 -39.07 25.61 -83.53
CA ASP W 277 -39.13 26.68 -84.52
C ASP W 277 -39.86 27.89 -83.95
N LEU W 278 -39.45 28.33 -82.76
CA LEU W 278 -39.79 29.67 -82.31
C LEU W 278 -38.94 30.70 -83.03
N GLY W 279 -37.68 30.37 -83.27
CA GLY W 279 -36.71 31.29 -83.80
C GLY W 279 -35.34 30.62 -83.83
N VAL W 280 -34.33 31.29 -83.29
CA VAL W 280 -32.99 30.73 -83.24
C VAL W 280 -32.83 29.87 -81.99
N GLY W 281 -33.29 28.63 -82.07
CA GLY W 281 -33.04 27.64 -81.04
C GLY W 281 -34.02 27.63 -79.88
N MET W 282 -34.77 28.71 -79.66
CA MET W 282 -35.72 28.73 -78.55
C MET W 282 -36.75 27.62 -78.74
N THR W 283 -36.85 26.73 -77.77
CA THR W 283 -37.59 25.49 -77.89
C THR W 283 -38.76 25.48 -76.92
N LEU W 284 -39.96 25.21 -77.45
CA LEU W 284 -41.19 25.17 -76.67
C LEU W 284 -41.92 23.86 -76.95
N THR W 285 -42.71 23.39 -75.98
CA THR W 285 -43.44 22.15 -76.09
C THR W 285 -44.89 22.34 -75.66
N LEU W 286 -45.79 21.55 -76.25
CA LEU W 286 -47.23 21.76 -76.17
C LEU W 286 -47.86 20.67 -75.32
N ASN W 287 -48.60 21.05 -74.28
CA ASN W 287 -49.07 20.00 -73.37
C ASN W 287 -50.37 19.34 -73.79
N LYS W 288 -51.54 19.91 -73.48
CA LYS W 288 -52.75 19.49 -74.19
C LYS W 288 -53.81 20.60 -74.31
N THR W 289 -54.05 21.34 -73.22
CA THR W 289 -55.10 22.37 -73.18
C THR W 289 -54.66 23.41 -72.16
N GLY W 290 -54.45 24.64 -72.63
CA GLY W 290 -54.23 25.74 -71.72
C GLY W 290 -53.70 26.95 -72.43
N GLU W 291 -53.77 28.10 -71.75
CA GLU W 291 -53.02 29.29 -72.11
C GLU W 291 -51.90 29.49 -71.12
N ILE W 292 -50.91 30.27 -71.51
CA ILE W 292 -49.84 30.68 -70.61
C ILE W 292 -49.44 32.11 -70.93
N ASN W 293 -49.26 32.93 -69.90
CA ASN W 293 -48.61 34.23 -70.02
C ASN W 293 -47.17 34.09 -69.55
N PHE W 294 -46.27 34.84 -70.18
CA PHE W 294 -44.84 34.58 -70.03
C PHE W 294 -44.11 35.73 -69.38
N ASP W 295 -43.15 35.36 -68.54
CA ASP W 295 -41.98 36.17 -68.27
C ASP W 295 -40.77 35.25 -68.18
N VAL W 296 -39.64 35.75 -68.65
CA VAL W 296 -38.37 35.05 -68.52
C VAL W 296 -37.50 35.88 -67.59
N GLN W 297 -36.75 35.20 -66.72
CA GLN W 297 -36.10 35.87 -65.61
C GLN W 297 -34.72 35.28 -65.40
N GLN W 298 -33.83 36.10 -64.83
CA GLN W 298 -32.44 35.70 -64.65
C GLN W 298 -32.25 34.86 -63.38
N ASP W 299 -32.81 35.31 -62.26
CA ASP W 299 -32.78 34.57 -61.01
C ASP W 299 -31.37 34.51 -60.41
N PHE W 300 -30.71 35.66 -60.37
CA PHE W 300 -29.52 35.88 -59.56
C PHE W 300 -29.61 35.26 -58.16
N GLU W 301 -30.82 35.21 -57.60
CA GLU W 301 -30.95 35.13 -56.14
C GLU W 301 -30.19 33.96 -55.54
N GLY W 302 -30.20 32.80 -56.20
CA GLY W 302 -29.62 31.61 -55.58
C GLY W 302 -28.23 31.87 -55.00
N VAL W 303 -27.34 32.40 -55.83
CA VAL W 303 -26.02 32.78 -55.33
C VAL W 303 -26.12 33.99 -54.41
N THR W 304 -27.05 34.90 -54.69
CA THR W 304 -27.20 36.07 -53.84
C THR W 304 -27.33 35.66 -52.38
N LYS W 305 -28.17 34.66 -52.11
CA LYS W 305 -28.26 34.13 -50.76
C LYS W 305 -26.91 33.56 -50.33
N ALA W 306 -26.25 32.82 -51.23
CA ALA W 306 -24.96 32.23 -50.90
C ALA W 306 -23.95 33.30 -50.54
N MET W 307 -23.95 34.42 -51.27
CA MET W 307 -23.02 35.50 -50.99
C MET W 307 -23.15 35.98 -49.55
N GLN W 308 -24.37 36.23 -49.09
CA GLN W 308 -24.50 36.64 -47.69
C GLN W 308 -24.14 35.50 -46.75
N ASP W 309 -24.59 34.28 -47.05
CA ASP W 309 -24.10 33.13 -46.31
C ASP W 309 -22.59 33.07 -46.37
N LEU W 310 -22.01 33.41 -47.52
CA LEU W 310 -20.57 33.55 -47.63
C LEU W 310 -20.06 34.67 -46.73
N VAL W 311 -20.78 35.79 -46.67
CA VAL W 311 -20.40 36.85 -45.75
C VAL W 311 -20.35 36.33 -44.33
N ASP W 312 -21.33 35.49 -43.96
CA ASP W 312 -21.26 34.82 -42.68
C ASP W 312 -20.03 33.92 -42.60
N ALA W 313 -19.80 33.13 -43.66
CA ALA W 313 -18.61 32.29 -43.70
C ALA W 313 -17.35 33.15 -43.77
N TYR W 314 -17.50 34.42 -44.13
CA TYR W 314 -16.39 35.35 -43.96
C TYR W 314 -16.17 35.68 -42.48
N ASN W 315 -17.25 36.03 -41.79
CA ASN W 315 -17.12 36.50 -40.42
C ASN W 315 -16.58 35.42 -39.50
N ASP W 316 -16.95 34.17 -39.74
CA ASP W 316 -16.43 33.08 -38.92
C ASP W 316 -14.92 33.01 -39.01
N LEU W 317 -14.38 33.13 -40.23
CA LEU W 317 -12.93 33.14 -40.39
C LEU W 317 -12.32 34.37 -39.72
N VAL W 318 -13.00 35.51 -39.80
CA VAL W 318 -12.57 36.70 -39.07
C VAL W 318 -12.47 36.37 -37.59
N THR W 319 -13.52 35.76 -37.05
CA THR W 319 -13.49 35.34 -35.65
C THR W 319 -12.38 34.33 -35.41
N ASN W 320 -12.23 33.36 -36.31
CA ASN W 320 -11.17 32.36 -36.14
C ASN W 320 -9.82 33.05 -36.05
N LEU W 321 -9.56 34.01 -36.94
CA LEU W 321 -8.36 34.80 -36.83
C LEU W 321 -8.30 35.49 -35.47
N ASN W 322 -9.39 36.16 -35.09
CA ASN W 322 -9.41 36.86 -33.82
C ASN W 322 -9.24 35.89 -32.66
N ALA W 323 -10.07 34.86 -32.63
CA ALA W 323 -9.98 33.88 -31.55
C ALA W 323 -8.60 33.23 -31.53
N ALA W 324 -8.13 32.79 -32.70
CA ALA W 324 -6.88 32.04 -32.74
C ALA W 324 -5.67 32.96 -32.66
N THR W 325 -5.66 34.02 -33.46
CA THR W 325 -4.41 34.74 -33.70
C THR W 325 -4.10 35.74 -32.60
N ASP W 326 -5.08 36.11 -31.78
CA ASP W 326 -4.89 37.26 -30.90
C ASP W 326 -4.13 36.87 -29.63
N TYR W 327 -3.97 37.84 -28.75
CA TYR W 327 -3.03 37.76 -27.63
C TYR W 327 -3.51 36.74 -26.59
N ASN W 328 -2.70 36.59 -25.54
CA ASN W 328 -2.97 35.70 -24.42
C ASN W 328 -2.67 36.45 -23.12
N SER W 329 -3.24 37.66 -22.99
CA SER W 329 -2.84 38.59 -21.94
C SER W 329 -3.07 38.06 -20.53
N GLU W 330 -3.92 37.03 -20.36
CA GLU W 330 -4.10 36.47 -19.02
C GLU W 330 -2.76 36.12 -18.40
N THR W 331 -1.83 35.60 -19.20
CA THR W 331 -0.44 35.48 -18.84
C THR W 331 0.42 36.58 -19.46
N GLY W 332 -0.17 37.75 -19.71
CA GLY W 332 0.49 38.76 -20.50
C GLY W 332 1.18 38.20 -21.73
N THR W 333 0.61 37.18 -22.34
CA THR W 333 1.34 36.30 -23.26
C THR W 333 0.98 36.62 -24.70
N LYS W 334 2.00 36.67 -25.54
CA LYS W 334 1.82 36.59 -26.98
C LYS W 334 1.23 35.24 -27.32
N GLY W 335 -0.03 35.22 -27.73
CA GLY W 335 -0.71 33.98 -28.04
C GLY W 335 0.14 33.10 -28.93
N THR W 336 -0.09 31.78 -28.87
CA THR W 336 0.73 30.84 -29.64
C THR W 336 0.97 31.35 -31.05
N LEU W 337 -0.10 31.53 -31.81
CA LEU W 337 0.01 32.07 -33.16
C LEU W 337 0.13 33.59 -33.17
N GLN W 338 -0.20 34.25 -32.07
CA GLN W 338 -0.11 35.70 -32.02
C GLN W 338 1.35 36.13 -32.18
N GLY W 339 1.54 37.24 -32.89
CA GLY W 339 2.85 37.82 -33.07
C GLY W 339 3.74 37.10 -34.04
N ILE W 340 3.29 36.01 -34.65
CA ILE W 340 4.11 35.28 -35.60
C ILE W 340 4.19 36.05 -36.90
N SER W 341 5.40 36.19 -37.44
CA SER W 341 5.58 36.93 -38.69
C SER W 341 4.74 36.35 -39.80
N GLU W 342 4.71 35.02 -39.91
CA GLU W 342 3.84 34.38 -40.90
C GLU W 342 2.40 34.82 -40.70
N VAL W 343 1.99 35.04 -39.46
CA VAL W 343 0.60 35.37 -39.17
C VAL W 343 0.31 36.83 -39.49
N ASN W 344 1.06 37.74 -38.88
CA ASN W 344 0.74 39.16 -39.02
C ASN W 344 0.83 39.60 -40.48
N SER W 345 1.84 39.14 -41.21
CA SER W 345 2.00 39.55 -42.60
C SER W 345 0.81 39.11 -43.43
N ILE W 346 0.45 37.82 -43.35
CA ILE W 346 -0.63 37.30 -44.17
C ILE W 346 -1.95 37.97 -43.82
N ARG W 347 -2.24 38.08 -42.51
CA ARG W 347 -3.54 38.58 -42.07
C ARG W 347 -3.80 39.97 -42.63
N SER W 348 -2.86 40.90 -42.44
CA SER W 348 -3.04 42.25 -42.93
C SER W 348 -3.05 42.28 -44.45
N SER W 349 -2.04 41.64 -45.08
CA SER W 349 -1.89 41.74 -46.52
C SER W 349 -3.12 41.23 -47.26
N ILE W 350 -3.58 40.03 -46.92
CA ILE W 350 -4.68 39.44 -47.68
C ILE W 350 -5.95 40.25 -47.48
N LEU W 351 -6.17 40.76 -46.27
CA LEU W 351 -7.27 41.68 -46.05
C LEU W 351 -7.12 42.91 -46.94
N ALA W 352 -5.90 43.44 -47.04
CA ALA W 352 -5.64 44.51 -47.99
C ALA W 352 -5.91 44.04 -49.41
N ASP W 353 -5.45 42.83 -49.75
CA ASP W 353 -5.82 42.24 -51.03
C ASP W 353 -7.33 42.21 -51.21
N LEU W 354 -8.05 41.94 -50.12
CA LEU W 354 -9.50 41.78 -50.20
C LEU W 354 -10.19 43.08 -50.57
N PHE W 355 -9.61 44.23 -50.21
CA PHE W 355 -10.35 45.48 -50.24
C PHE W 355 -10.33 46.14 -51.62
N ASP W 356 -9.48 45.65 -52.53
CA ASP W 356 -9.17 46.36 -53.76
C ASP W 356 -10.44 46.84 -54.48
N SER W 357 -10.33 47.99 -55.15
CA SER W 357 -11.48 48.83 -55.46
C SER W 357 -11.56 49.16 -56.95
N GLN W 358 -12.54 49.99 -57.31
CA GLN W 358 -12.76 50.46 -58.67
C GLN W 358 -12.96 51.96 -58.70
N VAL W 359 -13.04 52.50 -59.92
CA VAL W 359 -13.48 53.87 -60.17
C VAL W 359 -14.90 53.82 -60.73
N VAL W 360 -15.72 54.80 -60.38
CA VAL W 360 -17.13 54.77 -60.74
C VAL W 360 -17.67 56.20 -60.82
N ASP W 361 -18.82 56.33 -61.46
CA ASP W 361 -19.55 57.59 -61.56
C ASP W 361 -20.47 57.74 -60.36
N GLY W 362 -20.94 58.96 -60.12
CA GLY W 362 -21.84 59.21 -59.00
C GLY W 362 -22.50 60.57 -59.07
N THR W 363 -23.66 60.66 -58.40
CA THR W 363 -24.36 61.92 -58.29
C THR W 363 -23.60 62.50 -57.16
N THR W 364 -23.39 63.80 -57.16
CA THR W 364 -22.44 64.36 -56.22
C THR W 364 -22.43 65.64 -55.46
N GLU W 365 -22.10 65.57 -54.18
CA GLU W 365 -21.75 66.78 -53.43
C GLU W 365 -20.45 66.56 -52.66
N ASP W 366 -19.55 65.76 -53.20
CA ASP W 366 -18.30 65.38 -52.56
C ASP W 366 -17.37 64.76 -53.59
N ALA W 367 -16.16 64.44 -53.15
CA ALA W 367 -15.21 63.66 -53.95
C ALA W 367 -14.65 64.44 -55.14
N ASN W 368 -14.13 63.73 -56.15
CA ASN W 368 -13.41 64.40 -57.24
C ASN W 368 -14.28 65.41 -57.97
N GLY W 369 -15.51 65.02 -58.33
CA GLY W 369 -16.44 65.95 -58.95
C GLY W 369 -16.24 66.09 -60.44
N ASN W 370 -17.37 66.10 -61.16
CA ASN W 370 -17.43 66.54 -62.55
C ASN W 370 -18.41 67.70 -62.62
N LYS W 371 -19.54 67.51 -61.95
CA LYS W 371 -20.60 68.49 -61.74
C LYS W 371 -21.15 68.10 -60.38
N VAL W 372 -22.41 68.42 -60.09
CA VAL W 372 -23.06 67.79 -58.95
C VAL W 372 -23.23 66.30 -59.25
N ASN W 373 -22.76 65.86 -60.42
CA ASN W 373 -22.43 64.47 -60.69
C ASN W 373 -20.91 64.37 -60.85
N THR W 374 -20.39 63.15 -60.87
CA THR W 374 -18.94 62.99 -60.79
C THR W 374 -18.47 61.60 -61.21
N LYS W 375 -17.16 61.43 -61.11
CA LYS W 375 -16.47 60.15 -61.13
C LYS W 375 -15.81 59.94 -59.77
N VAL W 376 -15.71 58.68 -59.32
CA VAL W 376 -15.27 58.42 -57.96
C VAL W 376 -14.48 57.13 -57.95
N MET W 377 -13.59 57.01 -56.96
CA MET W 377 -12.92 55.75 -56.65
C MET W 377 -13.69 55.06 -55.55
N LEU W 378 -14.21 53.85 -55.82
CA LEU W 378 -15.02 53.14 -54.84
C LEU W 378 -14.84 51.64 -54.96
N SER W 379 -15.36 50.91 -53.97
CA SER W 379 -15.17 49.47 -53.82
C SER W 379 -16.48 48.79 -53.48
N MET W 380 -16.36 47.51 -53.11
CA MET W 380 -17.53 46.65 -52.90
C MET W 380 -18.39 47.12 -51.73
N GLN W 381 -17.76 47.49 -50.60
CA GLN W 381 -18.54 47.76 -49.40
C GLN W 381 -19.53 48.89 -49.63
N ASP W 382 -19.12 49.91 -50.39
CA ASP W 382 -19.93 51.12 -50.51
C ASP W 382 -21.32 50.80 -51.03
N PHE W 383 -21.41 50.07 -52.14
CA PHE W 383 -22.72 49.67 -52.64
C PHE W 383 -23.16 48.35 -52.03
N GLY W 384 -22.22 47.47 -51.77
CA GLY W 384 -22.54 46.12 -51.37
C GLY W 384 -22.86 45.87 -49.91
N LEU W 385 -21.88 46.11 -49.05
CA LEU W 385 -21.90 45.47 -47.74
C LEU W 385 -21.15 46.35 -46.75
N SER W 386 -21.63 46.38 -45.52
CA SER W 386 -21.09 47.25 -44.49
C SER W 386 -19.96 46.56 -43.74
N LEU W 387 -18.86 47.27 -43.57
CA LEU W 387 -17.67 46.77 -42.91
C LEU W 387 -17.57 47.31 -41.49
N ASN W 388 -17.32 46.41 -40.54
CA ASN W 388 -17.39 46.73 -39.12
C ASN W 388 -16.01 47.10 -38.59
N ASP W 389 -16.01 47.98 -37.58
CA ASP W 389 -14.81 48.13 -36.77
C ASP W 389 -14.39 46.81 -36.16
N ALA W 390 -15.35 45.92 -35.94
CA ALA W 390 -15.10 44.54 -35.52
C ALA W 390 -14.52 43.69 -36.63
N GLY W 391 -14.29 44.26 -37.82
CA GLY W 391 -13.70 43.52 -38.91
C GLY W 391 -14.74 42.81 -39.76
N THR W 392 -15.77 42.27 -39.12
CA THR W 392 -16.78 41.48 -39.81
C THR W 392 -17.59 42.34 -40.78
N LEU W 393 -18.50 41.71 -41.50
CA LEU W 393 -19.31 42.36 -42.51
C LEU W 393 -20.78 42.17 -42.20
N SER W 394 -21.56 43.23 -42.41
CA SER W 394 -22.99 43.22 -42.15
C SER W 394 -23.71 43.76 -43.36
N PHE W 395 -24.96 43.32 -43.56
CA PHE W 395 -25.63 43.43 -44.84
C PHE W 395 -26.69 44.52 -44.81
N ASP W 396 -26.72 45.27 -45.92
CA ASP W 396 -27.58 46.43 -46.13
C ASP W 396 -28.19 46.35 -47.52
N SER W 397 -28.81 45.21 -47.83
CA SER W 397 -28.98 44.75 -49.19
C SER W 397 -29.55 45.83 -50.12
N SER W 398 -30.64 46.48 -49.71
CA SER W 398 -31.54 47.11 -50.67
C SER W 398 -30.80 47.75 -51.84
N LYS W 399 -29.89 48.67 -51.55
CA LYS W 399 -29.14 49.31 -52.62
C LYS W 399 -28.27 48.32 -53.38
N PHE W 400 -27.85 47.23 -52.73
CA PHE W 400 -27.08 46.21 -53.44
C PHE W 400 -27.88 45.62 -54.59
N GLU W 401 -29.10 45.17 -54.32
CA GLU W 401 -29.92 44.64 -55.40
C GLU W 401 -29.99 45.63 -56.55
N GLN W 402 -30.20 46.91 -56.23
CA GLN W 402 -30.20 47.93 -57.27
C GLN W 402 -28.95 47.84 -58.13
N LYS W 403 -27.78 47.73 -57.49
CA LYS W 403 -26.54 47.62 -58.26
C LYS W 403 -26.52 46.34 -59.08
N VAL W 404 -26.93 45.22 -58.48
CA VAL W 404 -26.90 43.95 -59.19
C VAL W 404 -27.70 44.05 -60.48
N LYS W 405 -28.88 44.66 -60.41
CA LYS W 405 -29.76 44.70 -61.57
C LYS W 405 -29.26 45.72 -62.60
N GLU W 406 -28.48 46.71 -62.15
CA GLU W 406 -27.93 47.68 -63.09
C GLU W 406 -27.11 47.02 -64.18
N ASP W 407 -26.15 46.19 -63.79
CA ASP W 407 -25.25 45.59 -64.76
C ASP W 407 -24.36 44.54 -64.11
N PRO W 408 -24.10 43.42 -64.79
CA PRO W 408 -23.21 42.39 -64.23
C PRO W 408 -21.74 42.73 -64.37
N ASP W 409 -21.37 43.33 -65.51
CA ASP W 409 -19.96 43.45 -65.86
C ASP W 409 -19.18 44.24 -64.81
N SER W 410 -19.74 45.36 -64.34
CA SER W 410 -19.07 46.12 -63.29
C SER W 410 -18.82 45.26 -62.06
N THR W 411 -19.79 44.42 -61.72
CA THR W 411 -19.60 43.48 -60.60
C THR W 411 -18.68 42.35 -61.01
N GLU W 412 -18.95 41.72 -62.15
CA GLU W 412 -18.06 40.65 -62.61
C GLU W 412 -16.63 41.13 -62.71
N SER W 413 -16.45 42.41 -63.06
CA SER W 413 -15.12 42.99 -63.07
C SER W 413 -14.38 42.64 -61.78
N PHE W 414 -15.05 42.80 -60.64
CA PHE W 414 -14.46 42.37 -59.38
C PHE W 414 -14.20 40.87 -59.38
N PHE W 415 -15.16 40.08 -59.87
CA PHE W 415 -14.99 38.63 -59.86
C PHE W 415 -13.72 38.23 -60.60
N SER W 416 -13.75 38.45 -61.90
CA SER W 416 -12.83 37.89 -62.87
C SER W 416 -12.78 38.89 -64.02
N ASN W 417 -12.33 38.46 -65.19
CA ASN W 417 -12.46 39.30 -66.38
C ASN W 417 -13.19 38.49 -67.45
N ILE W 418 -14.50 38.73 -67.59
CA ILE W 418 -15.14 38.39 -68.84
C ILE W 418 -14.55 39.38 -69.83
N THR W 419 -13.64 38.90 -70.67
CA THR W 419 -12.60 39.74 -71.25
C THR W 419 -13.20 40.71 -72.25
N LYS W 420 -13.17 41.99 -71.92
CA LYS W 420 -13.58 43.04 -72.84
C LYS W 420 -12.49 43.24 -73.89
N TYR W 421 -12.81 43.99 -74.94
CA TYR W 421 -11.87 44.20 -76.03
C TYR W 421 -11.94 45.62 -76.55
N GLU W 422 -10.75 46.20 -76.77
CA GLU W 422 -10.63 47.45 -77.49
C GLU W 422 -10.84 47.17 -78.97
N ASP W 423 -11.97 47.61 -79.50
CA ASP W 423 -12.36 47.27 -80.86
C ASP W 423 -11.41 47.92 -81.87
N ILE W 424 -11.59 47.57 -83.14
CA ILE W 424 -10.66 47.93 -84.21
C ILE W 424 -11.41 48.63 -85.34
N ASN W 425 -10.74 49.62 -85.94
CA ASN W 425 -11.08 50.12 -87.26
C ASN W 425 -9.80 50.21 -88.08
N HIS W 426 -9.89 49.85 -89.35
CA HIS W 426 -8.71 49.80 -90.21
C HIS W 426 -9.06 50.30 -91.60
N THR W 427 -8.04 50.69 -92.35
CA THR W 427 -8.21 51.37 -93.63
C THR W 427 -7.33 50.72 -94.69
N GLY W 428 -7.81 50.75 -95.93
CA GLY W 428 -7.05 50.26 -97.07
C GLY W 428 -6.45 51.40 -97.85
N GLU W 429 -5.57 51.06 -98.79
CA GLU W 429 -4.76 52.07 -99.46
C GLU W 429 -5.57 52.87 -100.46
N VAL W 430 -5.17 54.13 -100.66
CA VAL W 430 -5.76 54.97 -101.69
C VAL W 430 -5.19 54.57 -103.03
N ILE W 431 -6.07 54.31 -104.00
CA ILE W 431 -5.62 54.00 -105.34
C ILE W 431 -5.27 55.30 -106.08
N LYS W 432 -4.43 55.16 -107.11
CA LYS W 432 -4.28 56.18 -108.14
C LYS W 432 -4.82 55.57 -109.44
N THR W 433 -5.80 56.24 -110.02
CA THR W 433 -6.63 55.63 -111.05
C THR W 433 -5.80 55.18 -112.25
N GLY W 434 -6.18 54.05 -112.86
CA GLY W 434 -5.57 53.63 -114.10
C GLY W 434 -5.35 52.15 -114.31
N SER W 435 -5.48 51.33 -113.25
CA SER W 435 -5.08 49.93 -113.33
C SER W 435 -6.23 48.99 -113.66
N LEU W 436 -7.37 49.13 -112.97
CA LEU W 436 -8.43 48.13 -113.01
C LEU W 436 -9.28 48.17 -114.28
N SER W 437 -8.92 49.00 -115.26
CA SER W 437 -9.86 49.33 -116.33
C SER W 437 -10.40 48.11 -117.05
N LYS W 438 -9.55 47.10 -117.30
CA LYS W 438 -9.93 46.04 -118.23
C LYS W 438 -11.06 45.17 -117.69
N TYR W 439 -11.35 45.23 -116.38
CA TYR W 439 -12.26 44.27 -115.78
C TYR W 439 -13.72 44.60 -116.05
N LEU W 440 -14.07 45.86 -116.26
CA LEU W 440 -15.46 46.27 -116.30
C LEU W 440 -16.19 45.66 -117.50
N ASN W 441 -17.47 45.38 -117.31
CA ASN W 441 -18.38 44.96 -118.36
C ASN W 441 -19.50 45.98 -118.55
N SER W 442 -19.12 47.26 -118.60
CA SER W 442 -20.09 48.34 -118.45
C SER W 442 -21.26 48.20 -119.41
N ASN W 443 -20.99 47.96 -120.70
CA ASN W 443 -22.06 48.01 -121.69
C ASN W 443 -22.01 46.87 -122.70
N GLY W 444 -21.18 45.85 -122.48
CA GLY W 444 -21.13 44.75 -123.44
C GLY W 444 -20.48 43.49 -122.91
N GLY W 445 -21.18 42.38 -123.06
CA GLY W 445 -20.62 41.07 -122.75
C GLY W 445 -20.42 40.80 -121.28
N ASN W 446 -20.61 39.55 -120.87
CA ASN W 446 -20.23 39.07 -119.55
C ASN W 446 -18.83 38.49 -119.55
N THR W 447 -17.96 39.01 -120.41
CA THR W 447 -16.66 38.40 -120.69
C THR W 447 -15.55 38.97 -119.81
N ASN W 448 -15.60 40.26 -119.51
CA ASN W 448 -14.51 40.92 -118.83
C ASN W 448 -14.53 40.61 -117.33
N GLY W 449 -13.37 40.73 -116.70
CA GLY W 449 -13.24 40.54 -115.27
C GLY W 449 -12.12 39.58 -114.93
N LEU W 450 -11.87 39.49 -113.62
CA LEU W 450 -10.85 38.61 -113.06
C LEU W 450 -11.52 37.58 -112.17
N GLU W 451 -11.41 36.31 -112.54
CA GLU W 451 -11.96 35.24 -111.71
C GLU W 451 -11.14 35.08 -110.44
N PHE W 452 -11.76 34.47 -109.43
CA PHE W 452 -11.09 34.20 -108.16
C PHE W 452 -11.02 32.70 -107.95
N LYS W 453 -9.86 32.23 -107.53
CA LYS W 453 -9.37 30.90 -107.83
C LYS W 453 -8.70 30.30 -106.59
N PRO W 454 -8.35 29.02 -106.59
CA PRO W 454 -7.69 28.45 -105.42
C PRO W 454 -6.37 29.14 -105.11
N GLY W 455 -6.06 29.26 -103.83
CA GLY W 455 -4.82 29.86 -103.38
C GLY W 455 -4.78 31.37 -103.43
N ASP W 456 -5.92 32.02 -103.67
CA ASP W 456 -5.92 33.47 -103.83
C ASP W 456 -5.86 34.19 -102.48
N PHE W 457 -6.84 33.94 -101.61
CA PHE W 457 -7.06 34.79 -100.45
C PHE W 457 -7.75 34.04 -99.34
N THR W 458 -7.31 34.28 -98.11
CA THR W 458 -8.02 33.88 -96.91
C THR W 458 -7.80 34.95 -95.85
N ILE W 459 -8.72 35.01 -94.89
CA ILE W 459 -8.65 36.02 -93.83
C ILE W 459 -8.80 35.34 -92.48
N VAL W 460 -8.30 36.00 -91.44
CA VAL W 460 -8.37 35.51 -90.08
C VAL W 460 -8.79 36.65 -89.17
N PHE W 461 -9.88 36.45 -88.42
CA PHE W 461 -10.27 37.37 -87.37
C PHE W 461 -11.24 36.66 -86.44
N ASN W 462 -11.41 37.22 -85.24
CA ASN W 462 -12.29 36.64 -84.22
C ASN W 462 -11.86 35.22 -83.88
N ASN W 463 -10.57 34.94 -84.03
CA ASN W 463 -10.03 33.61 -83.82
C ASN W 463 -10.59 32.61 -84.81
N GLN W 464 -11.11 33.09 -85.93
CA GLN W 464 -11.64 32.23 -86.99
C GLN W 464 -11.06 32.68 -88.32
N THR W 465 -10.90 31.73 -89.23
CA THR W 465 -10.42 31.99 -90.57
C THR W 465 -11.50 31.68 -91.59
N TYR W 466 -11.51 32.44 -92.69
CA TYR W 466 -12.56 32.33 -93.68
C TYR W 466 -11.97 32.40 -95.08
N ASP W 467 -12.67 31.76 -96.02
CA ASP W 467 -12.27 31.75 -97.42
C ASP W 467 -12.92 32.91 -98.15
N LEU W 468 -12.26 33.38 -99.21
CA LEU W 468 -12.79 34.49 -100.01
C LEU W 468 -12.59 34.27 -101.51
N SER W 469 -11.98 33.15 -101.92
CA SER W 469 -11.95 32.82 -103.33
C SER W 469 -13.35 32.64 -103.90
N LYS W 470 -14.33 32.41 -103.02
CA LYS W 470 -15.71 32.22 -103.42
C LYS W 470 -16.60 32.94 -102.42
N ASN W 471 -17.81 33.27 -102.87
CA ASN W 471 -18.82 33.80 -101.97
C ASN W 471 -19.19 32.75 -100.94
N SER W 472 -19.99 33.16 -99.94
CA SER W 472 -20.56 32.18 -99.04
C SER W 472 -21.43 31.17 -99.77
N ASP W 473 -21.91 31.51 -100.96
CA ASP W 473 -22.61 30.56 -101.82
C ASP W 473 -21.66 29.64 -102.57
N GLY W 474 -20.35 29.91 -102.52
CA GLY W 474 -19.37 29.03 -103.12
C GLY W 474 -19.14 29.22 -104.61
N THR W 475 -19.69 30.28 -105.21
CA THR W 475 -19.55 30.50 -106.63
C THR W 475 -18.30 31.31 -106.94
N ASN W 476 -17.77 31.11 -108.15
CA ASN W 476 -16.55 31.79 -108.58
C ASN W 476 -16.80 33.28 -108.75
N PHE W 477 -16.28 34.09 -107.82
CA PHE W 477 -16.40 35.53 -107.97
C PHE W 477 -15.48 36.02 -109.08
N LYS W 478 -16.03 36.84 -109.97
CA LYS W 478 -15.27 37.49 -111.03
C LYS W 478 -15.35 38.99 -110.82
N LEU W 479 -14.17 39.62 -110.71
CA LEU W 479 -14.09 41.05 -110.41
C LEU W 479 -14.59 41.85 -111.61
N THR W 480 -15.74 42.50 -111.46
CA THR W 480 -16.40 43.16 -112.59
C THR W 480 -17.25 44.31 -112.09
N GLY W 481 -17.65 45.15 -113.04
CA GLY W 481 -18.56 46.25 -112.72
C GLY W 481 -18.70 47.16 -113.90
N LYS W 482 -19.50 48.22 -113.72
CA LYS W 482 -19.64 49.26 -114.73
C LYS W 482 -18.58 50.34 -114.59
N THR W 483 -18.19 50.67 -113.37
CA THR W 483 -17.10 51.60 -113.11
C THR W 483 -16.25 51.03 -111.98
N GLU W 484 -15.00 51.49 -111.92
CA GLU W 484 -14.03 50.86 -111.02
C GLU W 484 -14.49 50.95 -109.57
N GLU W 485 -14.95 52.13 -109.13
CA GLU W 485 -15.38 52.29 -107.75
C GLU W 485 -16.56 51.37 -107.43
N GLU W 486 -17.53 51.26 -108.34
CA GLU W 486 -18.62 50.32 -108.14
C GLU W 486 -18.13 48.87 -108.25
N LEU W 487 -17.27 48.61 -109.23
CA LEU W 487 -16.64 47.29 -109.32
C LEU W 487 -16.00 46.89 -108.01
N LEU W 488 -15.36 47.84 -107.32
CA LEU W 488 -14.71 47.52 -106.05
C LEU W 488 -15.73 47.32 -104.94
N GLN W 489 -16.77 48.15 -104.89
CA GLN W 489 -17.79 47.95 -103.87
C GLN W 489 -18.47 46.60 -104.03
N ASN W 490 -18.67 46.16 -105.28
CA ASN W 490 -19.11 44.78 -105.51
C ASN W 490 -18.17 43.82 -104.81
N LEU W 491 -16.86 44.07 -104.93
CA LEU W 491 -15.88 43.23 -104.25
C LEU W 491 -16.01 43.35 -102.73
N ALA W 492 -16.27 44.56 -102.24
CA ALA W 492 -16.51 44.74 -100.81
C ALA W 492 -17.75 43.96 -100.37
N ASN W 493 -18.77 43.92 -101.24
CA ASN W 493 -19.94 43.11 -100.94
C ASN W 493 -19.59 41.63 -100.88
N HIS W 494 -18.67 41.18 -101.75
CA HIS W 494 -18.17 39.82 -101.66
C HIS W 494 -17.66 39.52 -100.26
N ILE W 495 -16.90 40.47 -99.67
CA ILE W 495 -16.42 40.28 -98.31
C ILE W 495 -17.59 40.15 -97.35
N ASN W 496 -18.58 41.05 -97.49
CA ASN W 496 -19.71 41.04 -96.59
C ASN W 496 -20.56 39.78 -96.74
N SER W 497 -20.42 39.09 -97.88
CA SER W 497 -21.18 37.88 -98.09
C SER W 497 -20.69 36.73 -97.24
N LYS W 498 -19.38 36.66 -96.99
CA LYS W 498 -18.81 35.51 -96.29
C LYS W 498 -19.30 35.39 -94.86
N GLY W 499 -19.90 36.44 -94.31
CA GLY W 499 -20.31 36.41 -92.92
C GLY W 499 -19.15 36.49 -91.95
N ILE W 500 -18.08 37.19 -92.32
CA ILE W 500 -16.95 37.36 -91.42
C ILE W 500 -17.47 37.98 -90.14
N GLU W 501 -17.34 37.24 -89.03
CA GLU W 501 -18.10 37.53 -87.83
C GLU W 501 -17.79 38.94 -87.32
N GLY W 502 -18.83 39.74 -87.15
CA GLY W 502 -18.68 41.09 -86.64
C GLY W 502 -18.01 42.07 -87.57
N LEU W 503 -17.90 41.74 -88.85
CA LEU W 503 -17.18 42.58 -89.81
C LEU W 503 -17.94 42.68 -91.12
N LYS W 504 -17.98 43.89 -91.66
CA LYS W 504 -18.40 44.13 -93.03
C LYS W 504 -17.57 45.29 -93.58
N VAL W 505 -17.51 45.38 -94.91
CA VAL W 505 -16.56 46.25 -95.58
C VAL W 505 -17.31 47.19 -96.52
N LYS W 506 -16.94 48.47 -96.48
CA LYS W 506 -17.50 49.52 -97.31
C LYS W 506 -16.40 50.16 -98.14
N VAL W 507 -16.74 50.55 -99.37
CA VAL W 507 -15.79 51.17 -100.30
C VAL W 507 -16.05 52.66 -100.34
N GLU W 508 -14.98 53.44 -100.44
CA GLU W 508 -14.99 54.88 -100.26
C GLU W 508 -13.92 55.50 -101.14
N SER W 509 -14.13 56.74 -101.57
CA SER W 509 -13.37 57.32 -102.66
C SER W 509 -12.33 58.32 -102.16
N TYR W 510 -11.53 58.83 -103.09
CA TYR W 510 -10.41 59.71 -102.81
C TYR W 510 -10.19 60.66 -103.97
N ASN W 511 -10.19 61.96 -103.69
CA ASN W 511 -9.81 62.98 -104.67
C ASN W 511 -9.07 64.08 -103.91
N GLN W 512 -7.75 63.98 -103.89
CA GLN W 512 -6.94 64.86 -103.06
C GLN W 512 -5.54 64.93 -103.65
N ASN W 513 -4.87 66.07 -103.41
CA ASN W 513 -3.56 66.33 -104.00
C ASN W 513 -3.62 66.23 -105.53
N ASN W 514 -4.76 66.62 -106.09
CA ASN W 514 -5.03 66.49 -107.52
C ASN W 514 -4.91 65.04 -108.00
N VAL W 515 -4.99 64.09 -107.08
CA VAL W 515 -5.02 62.67 -107.41
C VAL W 515 -6.40 62.13 -107.11
N THR W 516 -6.87 61.23 -107.98
CA THR W 516 -8.13 60.52 -107.77
C THR W 516 -7.83 59.10 -107.35
N GLY W 517 -8.62 58.60 -106.39
CA GLY W 517 -8.35 57.31 -105.82
C GLY W 517 -9.57 56.72 -105.17
N PHE W 518 -9.50 55.43 -104.87
CA PHE W 518 -10.51 54.73 -104.09
C PHE W 518 -9.84 54.06 -102.90
N ARG W 519 -10.40 54.29 -101.73
CA ARG W 519 -9.81 53.87 -100.46
C ARG W 519 -10.82 53.04 -99.69
N LEU W 520 -10.32 52.23 -98.76
CA LEU W 520 -11.09 51.16 -98.13
C LEU W 520 -11.01 51.28 -96.62
N ASN W 521 -12.02 50.73 -95.93
CA ASN W 521 -12.08 50.78 -94.48
C ASN W 521 -12.89 49.61 -93.95
N PHE W 522 -12.62 49.22 -92.70
CA PHE W 522 -13.41 48.21 -92.00
C PHE W 522 -13.17 48.34 -90.51
N SER W 523 -13.99 47.64 -89.73
CA SER W 523 -13.91 47.66 -88.28
C SER W 523 -14.12 46.27 -87.71
N GLY W 524 -13.69 46.08 -86.48
CA GLY W 524 -13.84 44.80 -85.79
C GLY W 524 -13.86 45.01 -84.29
N ASP W 525 -14.28 43.96 -83.57
CA ASP W 525 -14.43 44.06 -82.12
C ASP W 525 -13.12 43.88 -81.36
N GLY W 526 -12.01 43.69 -82.05
CA GLY W 526 -10.71 43.63 -81.41
C GLY W 526 -10.39 42.31 -80.75
N SER W 527 -11.27 41.32 -80.82
CA SER W 527 -11.08 40.05 -80.15
C SER W 527 -9.75 39.42 -80.52
N SER W 528 -9.57 39.09 -81.79
CA SER W 528 -8.32 38.54 -82.27
C SER W 528 -7.63 39.56 -83.19
N ASP W 529 -6.39 39.26 -83.56
CA ASP W 529 -5.78 39.98 -84.66
C ASP W 529 -6.61 39.76 -85.91
N PHE W 530 -6.84 40.82 -86.68
CA PHE W 530 -7.28 40.58 -88.04
C PHE W 530 -6.05 40.38 -88.90
N SER W 531 -5.99 39.24 -89.56
CA SER W 531 -4.82 38.88 -90.35
C SER W 531 -5.29 38.31 -91.67
N ILE W 532 -4.47 38.51 -92.70
CA ILE W 532 -4.91 38.36 -94.08
C ILE W 532 -3.90 37.53 -94.86
N LYS W 533 -4.42 36.67 -95.73
CA LYS W 533 -3.66 36.14 -96.85
C LYS W 533 -4.34 36.60 -98.13
N GLY W 534 -3.56 37.20 -99.02
CA GLY W 534 -4.02 37.50 -100.35
C GLY W 534 -2.84 37.57 -101.29
N ASP W 535 -3.12 37.29 -102.56
CA ASP W 535 -2.06 37.46 -103.55
C ASP W 535 -1.63 38.92 -103.49
N ALA W 536 -0.43 39.18 -102.99
CA ALA W 536 -0.03 40.56 -102.80
C ALA W 536 -0.15 41.37 -104.09
N ASN W 537 0.05 40.71 -105.23
CA ASN W 537 -0.04 41.41 -106.50
C ASN W 537 -1.44 41.97 -106.75
N ILE W 538 -2.48 41.16 -106.50
CA ILE W 538 -3.83 41.66 -106.70
C ILE W 538 -4.15 42.73 -105.66
N LEU W 539 -3.64 42.56 -104.44
CA LEU W 539 -3.88 43.56 -103.41
C LEU W 539 -3.32 44.91 -103.83
N LYS W 540 -2.15 44.92 -104.46
CA LYS W 540 -1.59 46.17 -104.96
C LYS W 540 -2.53 46.80 -105.98
N GLU W 541 -2.98 46.01 -106.96
CA GLU W 541 -3.96 46.53 -107.91
C GLU W 541 -5.23 46.97 -107.21
N LEU W 542 -5.57 46.32 -106.09
CA LEU W 542 -6.72 46.74 -105.30
C LEU W 542 -6.38 47.96 -104.45
N GLY W 543 -5.12 48.38 -104.42
CA GLY W 543 -4.70 49.40 -103.49
C GLY W 543 -4.68 48.80 -102.10
N LEU W 544 -3.99 47.68 -101.95
CA LEU W 544 -4.04 46.91 -100.71
C LEU W 544 -2.73 46.18 -100.51
N SER W 545 -2.49 45.82 -99.25
CA SER W 545 -1.39 44.95 -98.87
C SER W 545 -1.79 44.23 -97.60
N ASP W 546 -1.25 43.02 -97.41
CA ASP W 546 -1.57 42.25 -96.21
C ASP W 546 -1.18 43.06 -94.98
N VAL W 547 -2.12 43.17 -94.03
CA VAL W 547 -1.99 44.07 -92.90
C VAL W 547 -2.72 43.46 -91.71
N ASN W 548 -2.39 43.94 -90.51
CA ASN W 548 -2.92 43.37 -89.28
C ASN W 548 -2.90 44.43 -88.20
N ILE W 549 -3.93 44.44 -87.37
CA ILE W 549 -3.90 45.11 -86.08
C ILE W 549 -4.32 44.07 -85.04
N THR W 550 -3.64 44.06 -83.91
CA THR W 550 -3.66 42.89 -83.07
C THR W 550 -4.91 42.85 -82.19
N SER W 551 -5.13 41.66 -81.62
CA SER W 551 -6.05 41.52 -80.51
C SER W 551 -5.71 42.54 -79.43
N LYS W 552 -6.73 42.98 -78.70
CA LYS W 552 -6.45 43.88 -77.59
C LYS W 552 -7.60 43.84 -76.59
N PRO W 553 -7.55 42.94 -75.62
CA PRO W 553 -8.62 42.89 -74.63
C PRO W 553 -8.57 44.06 -73.66
N ILE W 554 -9.52 44.10 -72.74
CA ILE W 554 -9.47 45.02 -71.61
C ILE W 554 -9.82 44.24 -70.35
N GLU W 555 -9.21 44.64 -69.24
CA GLU W 555 -9.33 43.89 -68.00
C GLU W 555 -10.65 44.17 -67.30
N GLY W 556 -11.04 43.23 -66.44
CA GLY W 556 -12.16 43.42 -65.53
C GLY W 556 -11.65 43.59 -64.12
N LYS W 557 -10.37 43.31 -63.90
CA LYS W 557 -9.78 43.41 -62.57
C LYS W 557 -10.50 42.44 -61.64
N GLY W 558 -10.39 41.16 -61.93
CA GLY W 558 -11.08 40.14 -61.16
C GLY W 558 -10.46 39.90 -59.81
N ILE W 559 -10.62 40.87 -58.90
CA ILE W 559 -9.94 40.78 -57.61
C ILE W 559 -10.29 39.48 -56.90
N PHE W 560 -11.57 39.09 -56.94
CA PHE W 560 -11.93 37.83 -56.29
C PHE W 560 -11.22 36.65 -56.93
N SER W 561 -10.98 36.70 -58.24
CA SER W 561 -10.16 35.68 -58.87
C SER W 561 -8.69 35.83 -58.45
N LYS W 562 -8.16 37.05 -58.51
CA LYS W 562 -6.79 37.27 -58.06
C LYS W 562 -6.63 36.93 -56.59
N LEU W 563 -7.58 37.35 -55.76
CA LEU W 563 -7.57 36.91 -54.37
C LEU W 563 -7.58 35.40 -54.28
N LYS W 564 -8.46 34.76 -55.06
CA LYS W 564 -8.47 33.30 -55.12
C LYS W 564 -7.09 32.76 -55.45
N ALA W 565 -6.43 33.37 -56.44
CA ALA W 565 -5.06 32.96 -56.76
C ALA W 565 -4.13 33.18 -55.58
N THR W 566 -4.25 34.32 -54.91
CA THR W 566 -3.43 34.59 -53.74
C THR W 566 -3.55 33.47 -52.72
N LEU W 567 -4.78 33.06 -52.43
CA LEU W 567 -5.01 32.00 -51.46
C LEU W 567 -4.64 30.63 -52.02
N GLN W 568 -4.68 30.45 -53.34
CA GLN W 568 -4.23 29.18 -53.92
C GLN W 568 -2.77 28.92 -53.56
N GLU W 569 -1.90 29.90 -53.83
CA GLU W 569 -0.49 29.72 -53.53
C GLU W 569 -0.25 29.56 -52.04
N MET W 570 -0.91 30.40 -51.24
CA MET W 570 -0.65 30.38 -49.80
C MET W 570 -1.14 29.08 -49.17
N THR W 571 -2.27 28.57 -49.63
CA THR W 571 -2.75 27.28 -49.16
C THR W 571 -2.01 26.11 -49.80
N GLY W 572 -1.55 26.28 -51.03
CA GLY W 572 -0.83 25.21 -51.70
C GLY W 572 0.54 24.98 -51.08
N LYS W 573 1.19 23.91 -51.54
CA LYS W 573 2.53 23.61 -51.07
C LYS W 573 3.48 24.79 -51.21
N ASP W 574 3.15 25.74 -52.09
CA ASP W 574 3.97 26.93 -52.25
C ASP W 574 3.87 27.84 -51.03
N GLY W 575 2.76 27.74 -50.29
CA GLY W 575 2.46 28.74 -49.29
C GLY W 575 3.53 28.84 -48.22
N SER W 576 3.82 30.09 -47.82
CA SER W 576 4.77 30.30 -46.72
C SER W 576 4.26 29.70 -45.42
N ILE W 577 2.97 29.88 -45.14
CA ILE W 577 2.41 29.22 -43.97
C ILE W 577 2.57 27.71 -44.10
N THR W 578 2.38 27.20 -45.31
CA THR W 578 2.68 25.79 -45.58
C THR W 578 4.16 25.50 -45.37
N LYS W 579 5.02 26.46 -45.73
CA LYS W 579 6.44 26.29 -45.45
C LYS W 579 6.69 26.08 -43.96
N TYR W 580 6.12 26.93 -43.12
CA TYR W 580 6.38 26.81 -41.68
C TYR W 580 5.66 25.61 -41.09
N ASP W 581 4.50 25.24 -41.64
CA ASP W 581 3.87 23.99 -41.23
C ASP W 581 4.85 22.84 -41.37
N GLU W 582 5.57 22.79 -42.49
CA GLU W 582 6.57 21.76 -42.69
C GLU W 582 7.66 21.84 -41.63
N SER W 583 8.10 23.05 -41.30
CA SER W 583 9.19 23.20 -40.34
C SER W 583 8.81 22.63 -38.98
N LEU W 584 7.60 22.93 -38.50
CA LEU W 584 7.19 22.42 -37.20
C LEU W 584 7.39 20.92 -37.11
N THR W 585 7.09 20.20 -38.20
CA THR W 585 7.47 18.80 -38.27
C THR W 585 8.97 18.65 -38.09
N ASN W 586 9.75 19.40 -38.87
CA ASN W 586 11.20 19.33 -38.77
C ASN W 586 11.66 19.77 -37.38
N ASP W 587 11.06 20.83 -36.84
CA ASP W 587 11.43 21.28 -35.51
C ASP W 587 11.17 20.20 -34.48
N ILE W 588 10.03 19.53 -34.57
CA ILE W 588 9.75 18.41 -33.69
C ILE W 588 10.72 17.27 -33.95
N LYS W 589 10.99 16.99 -35.23
CA LYS W 589 11.93 15.93 -35.57
C LYS W 589 13.29 16.16 -34.92
N SER W 590 13.84 17.37 -35.09
CA SER W 590 15.16 17.67 -34.55
C SER W 590 15.19 17.49 -33.04
N LEU W 591 14.16 18.00 -32.35
CA LEU W 591 14.11 17.85 -30.91
C LEU W 591 14.09 16.38 -30.51
N ASN W 592 13.30 15.58 -31.23
CA ASN W 592 13.26 14.15 -30.96
C ASN W 592 14.62 13.51 -31.23
N THR W 593 15.20 13.81 -32.39
CA THR W 593 16.52 13.27 -32.71
C THR W 593 17.52 13.62 -31.63
N SER W 594 17.52 14.88 -31.20
CA SER W 594 18.36 15.27 -30.06
C SER W 594 17.95 14.48 -28.83
N LYS W 595 16.65 14.32 -28.62
CA LYS W 595 16.17 13.50 -27.51
C LYS W 595 16.64 12.06 -27.65
N ASP W 596 16.52 11.51 -28.86
CA ASP W 596 16.81 10.09 -29.05
C ASP W 596 18.25 9.77 -28.71
N SER W 597 19.18 10.48 -29.34
CA SER W 597 20.60 10.27 -29.03
C SER W 597 20.89 10.60 -27.58
N THR W 598 20.29 11.69 -27.09
CA THR W 598 20.61 12.16 -25.75
C THR W 598 20.33 11.07 -24.72
N GLN W 599 19.06 10.68 -24.56
CA GLN W 599 18.73 9.73 -23.52
C GLN W 599 19.46 8.41 -23.74
N ALA W 600 19.64 8.02 -24.99
CA ALA W 600 20.28 6.74 -25.27
C ALA W 600 21.72 6.75 -24.77
N MET W 601 22.50 7.77 -25.11
CA MET W 601 23.85 7.86 -24.54
C MET W 601 23.80 8.08 -23.04
N ILE W 602 22.82 8.86 -22.56
CA ILE W 602 22.64 9.03 -21.12
C ILE W 602 22.56 7.68 -20.41
N ASP W 603 21.52 6.89 -20.68
CA ASP W 603 21.35 5.67 -19.90
C ASP W 603 22.51 4.72 -20.14
N THR W 604 23.07 4.72 -21.35
CA THR W 604 24.12 3.79 -21.69
C THR W 604 25.31 3.91 -20.74
N ARG W 605 25.62 5.12 -20.30
CA ARG W 605 26.81 5.29 -19.47
C ARG W 605 26.50 5.04 -18.00
N TYR W 606 25.29 5.33 -17.54
CA TYR W 606 24.90 4.92 -16.19
C TYR W 606 25.04 3.41 -16.04
N ASP W 607 24.22 2.66 -16.77
CA ASP W 607 24.22 1.22 -16.62
C ASP W 607 25.60 0.64 -16.88
N THR W 608 26.36 1.24 -17.80
CA THR W 608 27.78 0.94 -17.85
C THR W 608 28.41 1.19 -16.49
N MET W 609 28.34 2.44 -16.02
CA MET W 609 28.85 2.75 -14.69
C MET W 609 28.22 1.85 -13.64
N ALA W 610 26.92 1.58 -13.76
CA ALA W 610 26.25 0.72 -12.81
C ALA W 610 26.96 -0.63 -12.70
N ASN W 611 27.41 -1.16 -13.84
CA ASN W 611 28.14 -2.42 -13.82
C ASN W 611 29.37 -2.32 -12.95
N GLN W 612 30.32 -1.45 -13.29
CA GLN W 612 31.58 -1.40 -12.57
C GLN W 612 31.34 -1.27 -11.08
N TRP W 613 30.30 -0.54 -10.68
CA TRP W 613 29.92 -0.53 -9.27
C TRP W 613 29.67 -1.95 -8.77
N LEU W 614 29.05 -2.80 -9.59
CA LEU W 614 28.82 -4.17 -9.14
C LEU W 614 30.11 -4.88 -8.77
N GLN W 615 31.20 -4.56 -9.48
CA GLN W 615 32.50 -5.09 -9.08
C GLN W 615 32.82 -4.66 -7.66
N TYR W 616 32.41 -3.45 -7.28
CA TYR W 616 32.68 -3.00 -5.92
C TYR W 616 31.87 -3.81 -4.92
N GLU W 617 30.59 -4.06 -5.22
CA GLU W 617 29.79 -4.95 -4.38
C GLU W 617 30.47 -6.31 -4.26
N SER W 618 31.09 -6.78 -5.35
CA SER W 618 31.91 -7.98 -5.27
C SER W 618 33.08 -7.80 -4.31
N ILE W 619 33.80 -6.68 -4.43
CA ILE W 619 34.89 -6.40 -3.50
C ILE W 619 34.33 -6.25 -2.09
N LEU W 620 33.23 -5.52 -1.97
CA LEU W 620 32.57 -5.37 -0.67
C LEU W 620 32.23 -6.72 -0.08
N ASN W 621 31.69 -7.63 -0.91
CA ASN W 621 31.18 -8.89 -0.39
C ASN W 621 32.27 -9.67 0.33
N LYS W 622 33.40 -9.90 -0.33
CA LYS W 622 34.45 -10.71 0.28
C LYS W 622 34.98 -10.06 1.54
N LEU W 623 35.02 -8.73 1.57
CA LEU W 623 35.42 -8.04 2.80
C LEU W 623 34.48 -8.37 3.94
N ASN W 624 33.18 -8.36 3.65
CA ASN W 624 32.18 -8.56 4.71
C ASN W 624 32.47 -9.84 5.47
N GLN W 625 32.59 -10.96 4.75
CA GLN W 625 32.78 -12.25 5.42
C GLN W 625 34.07 -12.24 6.22
N GLN W 626 35.17 -11.79 5.60
CA GLN W 626 36.44 -11.73 6.31
C GLN W 626 36.31 -10.89 7.57
N LEU W 627 35.73 -9.70 7.44
CA LEU W 627 35.49 -8.85 8.60
C LEU W 627 34.67 -9.58 9.65
N ASN W 628 33.52 -10.11 9.24
CA ASN W 628 32.66 -10.82 10.19
C ASN W 628 33.46 -11.89 10.91
N THR W 629 34.25 -12.65 10.16
CA THR W 629 34.96 -13.78 10.75
C THR W 629 36.02 -13.31 11.72
N VAL W 630 37.00 -12.54 11.26
CA VAL W 630 38.09 -12.12 12.14
C VAL W 630 37.53 -11.28 13.28
N THR W 631 36.59 -10.39 12.99
CA THR W 631 35.98 -9.60 14.06
C THR W 631 35.39 -10.52 15.11
N ASN W 632 34.54 -11.45 14.68
CA ASN W 632 33.95 -12.39 15.62
C ASN W 632 35.02 -13.27 16.25
N MET W 633 36.04 -13.65 15.46
CA MET W 633 37.16 -14.41 16.01
C MET W 633 37.76 -13.69 17.21
N ILE W 634 38.11 -12.41 17.05
CA ILE W 634 38.67 -11.68 18.17
C ILE W 634 37.61 -11.35 19.20
N ASN W 635 36.36 -11.16 18.76
CA ASN W 635 35.28 -11.06 19.74
C ASN W 635 35.25 -12.28 20.63
N ALA W 636 35.42 -13.47 20.04
CA ALA W 636 35.57 -14.68 20.83
C ALA W 636 36.85 -14.63 21.67
N ALA W 637 37.91 -14.01 21.15
CA ALA W 637 39.19 -14.04 21.83
C ALA W 637 39.07 -13.54 23.27
N ASN W 638 38.32 -12.46 23.48
CA ASN W 638 38.17 -11.93 24.83
C ASN W 638 37.19 -12.76 25.66
N ASN W 639 35.95 -12.89 25.17
CA ASN W 639 34.92 -13.52 25.97
C ASN W 639 35.09 -15.03 26.07
N SER W 640 35.76 -15.66 25.09
CA SER W 640 35.95 -17.10 25.16
C SER W 640 37.30 -17.47 25.78
N ASN W 641 38.38 -16.87 25.27
CA ASN W 641 39.71 -17.31 25.66
C ASN W 641 40.14 -16.82 27.05
N ASN W 642 39.35 -15.97 27.70
CA ASN W 642 39.73 -15.47 29.01
C ASN W 642 39.80 -16.61 30.01
N SER X 8 26.01 8.53 14.26
CA SER X 8 25.87 8.11 12.87
C SER X 8 24.85 8.99 12.15
N LEU X 9 24.81 8.88 10.82
CA LEU X 9 23.95 9.75 10.03
C LEU X 9 22.50 9.30 10.09
N GLY X 10 22.17 8.37 11.00
CA GLY X 10 20.78 8.11 11.31
C GLY X 10 20.07 9.37 11.76
N PHE X 11 20.82 10.31 12.35
CA PHE X 11 20.27 11.63 12.63
C PHE X 11 19.92 12.35 11.34
N GLY X 12 20.41 11.86 10.20
CA GLY X 12 19.88 12.29 8.92
C GLY X 12 18.39 12.01 8.81
N SER X 13 17.94 10.90 9.38
CA SER X 13 16.51 10.72 9.57
C SER X 13 15.97 11.75 10.56
N GLY X 14 16.81 12.21 11.48
CA GLY X 14 16.46 13.38 12.27
C GLY X 14 16.15 14.57 11.38
N VAL X 15 16.91 14.73 10.29
CA VAL X 15 16.53 15.73 9.30
C VAL X 15 15.19 15.38 8.68
N LEU X 16 14.81 14.10 8.69
CA LEU X 16 13.45 13.75 8.35
C LEU X 16 12.51 13.96 9.53
N THR X 17 13.06 14.27 10.70
CA THR X 17 12.28 14.98 11.71
C THR X 17 12.34 16.48 11.47
N GLN X 18 13.44 16.97 10.91
CA GLN X 18 13.45 18.34 10.40
C GLN X 18 12.42 18.52 9.30
N ASP X 19 12.21 17.48 8.49
CA ASP X 19 11.13 17.56 7.52
C ASP X 19 9.77 17.58 8.22
N THR X 20 9.69 16.99 9.41
CA THR X 20 8.51 17.17 10.24
C THR X 20 8.36 18.64 10.65
N ILE X 21 9.48 19.31 10.93
CA ILE X 21 9.43 20.77 10.99
C ILE X 21 8.91 21.31 9.68
N ASP X 22 9.33 20.69 8.57
CA ASP X 22 8.80 21.07 7.27
C ASP X 22 7.38 20.53 7.07
N LYS X 23 6.96 19.57 7.89
CA LYS X 23 5.53 19.32 8.01
C LYS X 23 4.83 20.48 8.70
N LEU X 24 5.47 21.02 9.74
CA LEU X 24 4.89 22.15 10.44
C LEU X 24 4.84 23.38 9.55
N LYS X 25 5.95 23.74 8.91
CA LYS X 25 5.94 24.90 8.01
C LYS X 25 4.74 24.85 7.09
N GLU X 26 4.42 23.67 6.59
CA GLU X 26 3.23 23.50 5.77
C GLU X 26 1.99 23.89 6.56
N ALA X 27 1.97 23.63 7.87
CA ALA X 27 0.86 24.10 8.69
C ALA X 27 0.77 25.62 8.64
N GLU X 28 1.91 26.32 8.73
CA GLU X 28 1.89 27.76 8.48
C GLU X 28 1.37 28.06 7.09
N GLN X 29 1.79 27.29 6.08
CA GLN X 29 1.22 27.46 4.76
C GLN X 29 -0.28 27.22 4.78
N LYS X 30 -0.73 26.19 5.50
CA LYS X 30 -2.16 26.02 5.70
C LYS X 30 -2.75 27.20 6.47
N ALA X 31 -2.06 27.63 7.53
CA ALA X 31 -2.58 28.69 8.37
C ALA X 31 -2.57 30.03 7.63
N ARG X 32 -1.48 30.33 6.94
CA ARG X 32 -1.29 31.67 6.40
C ARG X 32 -1.67 31.74 4.94
N ILE X 33 -1.12 30.85 4.11
CA ILE X 33 -1.36 30.93 2.67
C ILE X 33 -2.79 30.56 2.34
N ASP X 34 -3.31 29.48 2.92
CA ASP X 34 -4.64 29.03 2.54
C ASP X 34 -5.66 30.15 2.67
N PRO X 35 -5.59 30.98 3.70
CA PRO X 35 -6.34 32.24 3.67
C PRO X 35 -6.33 32.86 2.28
N TYR X 36 -5.19 32.84 1.61
CA TYR X 36 -5.18 33.22 0.20
C TYR X 36 -5.90 32.17 -0.63
N THR X 37 -5.54 30.90 -0.41
CA THR X 37 -5.93 29.83 -1.33
C THR X 37 -7.45 29.67 -1.38
N LYS X 38 -8.08 29.45 -0.24
CA LYS X 38 -9.53 29.27 -0.27
C LYS X 38 -10.22 30.54 -0.75
N LYS X 39 -9.78 31.70 -0.25
CA LYS X 39 -10.28 32.95 -0.79
C LYS X 39 -10.15 32.96 -2.31
N ILE X 40 -8.98 32.58 -2.81
CA ILE X 40 -8.77 32.48 -4.25
C ILE X 40 -9.78 31.52 -4.86
N GLU X 41 -9.87 30.31 -4.30
CA GLU X 41 -10.86 29.35 -4.77
C GLU X 41 -12.26 29.94 -4.69
N GLU X 42 -12.62 30.46 -3.53
CA GLU X 42 -13.91 31.12 -3.37
C GLU X 42 -14.10 32.19 -4.43
N ASN X 43 -13.09 33.05 -4.61
CA ASN X 43 -13.19 34.10 -5.62
C ASN X 43 -13.29 33.50 -7.01
N THR X 44 -12.45 32.52 -7.32
CA THR X 44 -12.57 31.82 -8.60
C THR X 44 -13.96 31.24 -8.75
N THR X 45 -14.45 30.56 -7.71
CA THR X 45 -15.83 30.09 -7.74
C THR X 45 -16.77 31.27 -7.96
N LYS X 46 -16.65 32.31 -7.13
CA LYS X 46 -17.46 33.50 -7.32
C LYS X 46 -17.33 34.01 -8.76
N GLN X 47 -16.11 34.09 -9.26
CA GLN X 47 -15.91 34.61 -10.61
C GLN X 47 -16.77 33.87 -11.61
N LYS X 48 -16.67 32.54 -11.65
CA LYS X 48 -17.50 31.82 -12.60
C LYS X 48 -18.97 31.93 -12.22
N ASP X 49 -19.29 31.76 -10.94
CA ASP X 49 -20.67 31.98 -10.50
C ASP X 49 -21.20 33.27 -11.08
N LEU X 50 -20.43 34.35 -10.93
CA LEU X 50 -20.76 35.60 -11.61
C LEU X 50 -20.85 35.39 -13.10
N THR X 51 -19.93 34.60 -13.66
CA THR X 51 -19.82 34.49 -15.11
C THR X 51 -21.10 33.93 -15.73
N GLU X 52 -21.58 32.78 -15.25
CA GLU X 52 -22.81 32.25 -15.81
C GLU X 52 -23.97 33.22 -15.62
N ILE X 53 -24.06 33.82 -14.44
CA ILE X 53 -25.05 34.86 -14.22
C ILE X 53 -24.81 36.00 -15.21
N LYS X 54 -23.55 36.37 -15.39
CA LYS X 54 -23.23 37.45 -16.33
C LYS X 54 -23.64 37.06 -17.74
N THR X 55 -23.29 35.84 -18.17
CA THR X 55 -23.69 35.37 -19.48
C THR X 55 -25.20 35.39 -19.63
N LYS X 56 -25.92 34.90 -18.61
CA LYS X 56 -27.37 34.99 -18.62
C LYS X 56 -27.81 36.44 -18.77
N LEU X 57 -27.07 37.36 -18.17
CA LEU X 57 -27.36 38.78 -18.32
C LEU X 57 -27.16 39.23 -19.77
N LEU X 58 -26.09 38.77 -20.41
CA LEU X 58 -25.87 39.14 -21.81
C LEU X 58 -26.98 38.62 -22.70
N SER X 59 -27.24 37.31 -22.64
CA SER X 59 -28.32 36.72 -23.42
C SER X 59 -29.62 37.45 -23.16
N PHE X 60 -29.93 37.67 -21.88
CA PHE X 60 -31.06 38.51 -21.54
C PHE X 60 -30.88 39.92 -22.09
N GLN X 61 -29.73 40.53 -21.85
CA GLN X 61 -29.45 41.85 -22.40
C GLN X 61 -29.58 41.85 -23.90
N THR X 62 -29.22 40.73 -24.55
CA THR X 62 -29.47 40.61 -25.98
C THR X 62 -30.97 40.66 -26.26
N ALA X 63 -31.77 39.94 -25.47
CA ALA X 63 -33.20 39.99 -25.65
C ALA X 63 -33.73 41.41 -25.53
N VAL X 64 -33.05 42.25 -24.73
CA VAL X 64 -33.42 43.65 -24.65
C VAL X 64 -33.25 44.31 -26.01
N SER X 65 -32.42 43.74 -26.88
CA SER X 65 -32.39 44.18 -28.26
C SER X 65 -33.77 44.04 -28.89
N SER X 66 -34.26 42.79 -28.96
CA SER X 66 -35.60 42.55 -29.46
C SER X 66 -36.61 43.53 -28.87
N LEU X 67 -36.36 44.00 -27.64
CA LEU X 67 -37.25 44.98 -27.03
C LEU X 67 -37.05 46.36 -27.66
N ALA X 68 -35.83 46.88 -27.56
CA ALA X 68 -35.50 48.12 -28.24
C ALA X 68 -35.74 48.02 -29.74
N ASP X 69 -35.56 46.83 -30.32
CA ASP X 69 -35.93 46.61 -31.71
C ASP X 69 -37.41 46.84 -31.93
N ALA X 70 -38.22 46.80 -30.86
CA ALA X 70 -39.62 47.14 -30.98
C ALA X 70 -39.82 48.55 -31.50
N THR X 71 -38.76 49.34 -31.59
CA THR X 71 -38.79 50.63 -32.29
C THR X 71 -39.58 50.52 -33.59
N VAL X 72 -39.37 49.43 -34.33
CA VAL X 72 -40.03 49.24 -35.61
C VAL X 72 -41.01 48.08 -35.52
N PHE X 73 -41.34 47.67 -34.30
CA PHE X 73 -42.45 46.76 -34.04
C PHE X 73 -42.26 45.42 -34.72
N ALA X 74 -43.32 44.60 -34.78
CA ALA X 74 -43.23 43.25 -35.31
C ALA X 74 -43.04 43.21 -36.81
N LYS X 75 -43.23 44.33 -37.52
CA LYS X 75 -42.88 44.42 -38.92
C LYS X 75 -43.83 43.58 -39.77
N ARG X 76 -43.99 43.98 -41.03
CA ARG X 76 -45.23 43.70 -41.76
C ARG X 76 -45.38 42.23 -42.11
N LYS X 77 -46.65 41.80 -42.19
CA LYS X 77 -47.04 40.59 -42.91
C LYS X 77 -48.36 40.91 -43.61
N VAL X 78 -48.64 40.20 -44.68
CA VAL X 78 -49.74 40.56 -45.59
C VAL X 78 -50.56 39.32 -45.92
N VAL X 79 -51.80 39.55 -46.34
CA VAL X 79 -52.68 38.49 -46.80
C VAL X 79 -53.36 38.93 -48.09
N GLY X 80 -53.51 37.97 -49.00
CA GLY X 80 -54.31 38.17 -50.19
C GLY X 80 -55.25 36.99 -50.39
N SER X 81 -56.47 37.29 -50.85
CA SER X 81 -57.53 36.29 -50.77
C SER X 81 -57.32 35.15 -51.76
N ILE X 82 -57.34 35.46 -53.07
CA ILE X 82 -57.29 34.39 -54.06
C ILE X 82 -55.90 33.78 -54.09
N SER X 83 -55.85 32.45 -54.08
CA SER X 83 -54.60 31.73 -53.96
C SER X 83 -53.83 31.64 -55.27
N ASP X 84 -54.43 31.01 -56.29
CA ASP X 84 -53.71 30.68 -57.50
C ASP X 84 -53.99 31.70 -58.60
N ASN X 85 -52.92 32.09 -59.30
CA ASN X 85 -52.97 33.01 -60.44
C ASN X 85 -53.94 34.15 -60.17
N PRO X 86 -53.74 34.91 -59.10
CA PRO X 86 -54.66 36.00 -58.77
C PRO X 86 -54.47 37.17 -59.72
N PRO X 87 -55.29 38.23 -59.59
CA PRO X 87 -55.18 39.37 -60.51
C PRO X 87 -53.93 40.21 -60.31
N ALA X 88 -53.24 40.08 -59.18
CA ALA X 88 -52.12 40.97 -58.89
C ALA X 88 -51.22 40.33 -57.85
N SER X 89 -50.00 40.85 -57.74
CA SER X 89 -49.04 40.42 -56.73
C SER X 89 -48.54 41.63 -55.98
N LEU X 90 -48.74 41.63 -54.66
CA LEU X 90 -48.39 42.76 -53.80
C LEU X 90 -47.06 42.51 -53.12
N THR X 91 -46.25 43.55 -53.02
CA THR X 91 -45.00 43.52 -52.26
C THR X 91 -44.90 44.79 -51.42
N VAL X 92 -44.31 44.65 -50.23
CA VAL X 92 -44.29 45.73 -49.26
C VAL X 92 -42.99 45.68 -48.48
N ASN X 93 -42.61 46.84 -47.93
CA ASN X 93 -41.52 46.88 -46.96
C ASN X 93 -42.09 46.65 -45.56
N SER X 94 -41.25 46.90 -44.55
CA SER X 94 -41.72 47.09 -43.18
C SER X 94 -41.59 48.57 -42.86
N GLY X 95 -42.69 49.16 -42.38
CA GLY X 95 -42.81 50.59 -42.31
C GLY X 95 -44.16 51.01 -42.84
N VAL X 96 -44.78 50.11 -43.59
CA VAL X 96 -46.16 50.24 -44.00
C VAL X 96 -47.04 50.36 -42.77
N ALA X 97 -48.23 50.93 -42.92
CA ALA X 97 -49.25 50.90 -41.88
C ALA X 97 -49.83 49.49 -41.79
N LEU X 98 -50.87 49.30 -41.01
CA LEU X 98 -51.65 48.06 -41.02
C LEU X 98 -53.06 48.38 -41.51
N GLN X 99 -53.48 47.71 -42.58
CA GLN X 99 -54.70 48.08 -43.28
C GLN X 99 -55.17 46.92 -44.13
N SER X 100 -56.37 47.06 -44.70
CA SER X 100 -56.98 46.02 -45.52
C SER X 100 -57.83 46.67 -46.60
N MET X 101 -58.12 45.88 -47.65
CA MET X 101 -58.79 46.46 -48.81
C MET X 101 -59.30 45.35 -49.73
N ASN X 102 -60.21 45.74 -50.61
CA ASN X 102 -60.65 44.94 -51.75
C ASN X 102 -60.09 45.53 -53.04
N ILE X 103 -59.81 44.65 -54.01
CA ILE X 103 -59.20 45.06 -55.27
C ILE X 103 -59.93 44.39 -56.43
N ASN X 104 -59.90 45.05 -57.59
CA ASN X 104 -60.09 44.37 -58.86
C ASN X 104 -59.10 44.93 -59.87
N VAL X 105 -58.88 44.17 -60.94
CA VAL X 105 -58.03 44.56 -62.04
C VAL X 105 -58.80 44.30 -63.32
N THR X 106 -58.86 45.28 -64.22
CA THR X 106 -59.58 45.06 -65.47
C THR X 106 -58.88 45.74 -66.65
N GLN X 107 -57.57 45.94 -66.55
CA GLN X 107 -56.74 46.10 -67.74
C GLN X 107 -55.33 45.68 -67.38
N LEU X 108 -54.55 45.40 -68.41
CA LEU X 108 -53.14 45.08 -68.29
C LEU X 108 -52.42 45.85 -69.38
N ALA X 109 -51.22 46.33 -69.07
CA ALA X 109 -50.58 47.37 -69.89
C ALA X 109 -49.75 46.77 -71.02
N GLN X 110 -50.11 45.58 -71.48
CA GLN X 110 -49.35 44.91 -72.51
C GLN X 110 -49.09 45.84 -73.69
N LYS X 111 -48.06 45.49 -74.45
CA LYS X 111 -47.45 46.33 -75.47
C LYS X 111 -48.06 46.05 -76.84
N ASP X 112 -47.84 46.96 -77.77
CA ASP X 112 -47.97 46.60 -79.18
C ASP X 112 -46.77 45.82 -79.66
N VAL X 113 -47.04 44.70 -80.31
CA VAL X 113 -46.05 43.94 -81.07
C VAL X 113 -46.68 43.58 -82.41
N TYR X 114 -45.97 43.86 -83.49
CA TYR X 114 -46.48 43.65 -84.83
C TYR X 114 -45.52 42.73 -85.58
N GLN X 115 -46.01 42.10 -86.65
CA GLN X 115 -45.18 41.20 -87.44
C GLN X 115 -45.35 41.45 -88.92
N SER X 116 -44.42 40.89 -89.69
CA SER X 116 -44.50 40.89 -91.14
C SER X 116 -45.38 39.73 -91.61
N LYS X 117 -45.53 39.64 -92.93
CA LYS X 117 -46.14 38.47 -93.56
C LYS X 117 -45.14 37.33 -93.51
N GLY X 118 -45.53 36.15 -93.97
CA GLY X 118 -44.55 35.09 -94.12
C GLY X 118 -43.56 35.46 -95.21
N LEU X 119 -42.37 35.88 -94.81
CA LEU X 119 -41.30 36.09 -95.78
C LEU X 119 -40.65 34.76 -96.13
N ALA X 120 -39.98 34.74 -97.27
CA ALA X 120 -39.12 33.59 -97.56
C ALA X 120 -38.03 33.46 -96.51
N ASN X 121 -37.45 34.58 -96.10
CA ASN X 121 -36.48 34.66 -95.03
C ASN X 121 -36.10 36.12 -94.87
N ASP X 122 -35.52 36.45 -93.71
CA ASP X 122 -34.99 37.79 -93.51
C ASP X 122 -33.53 37.93 -93.93
N GLY X 123 -32.88 36.82 -94.31
CA GLY X 123 -31.61 36.93 -94.99
C GLY X 123 -31.71 37.65 -96.31
N GLY X 124 -32.85 37.54 -96.99
CA GLY X 124 -33.14 38.42 -98.10
C GLY X 124 -33.00 39.88 -97.69
N PHE X 125 -33.01 40.74 -98.69
CA PHE X 125 -32.72 42.14 -98.47
C PHE X 125 -34.00 42.96 -98.45
N VAL X 126 -33.94 44.08 -97.72
CA VAL X 126 -35.12 44.89 -97.40
C VAL X 126 -36.01 44.95 -98.63
N ASN X 127 -35.40 45.12 -99.79
CA ASN X 127 -35.93 44.63 -101.05
C ASN X 127 -34.81 43.91 -101.76
N ALA X 128 -35.16 43.10 -102.76
CA ALA X 128 -34.18 42.23 -103.39
C ALA X 128 -32.97 43.00 -103.88
N GLN X 129 -33.14 44.26 -104.28
CA GLN X 129 -32.03 45.13 -104.64
C GLN X 129 -32.44 46.57 -104.37
N LEU X 130 -31.44 47.46 -104.30
CA LEU X 130 -31.65 48.78 -103.73
C LEU X 130 -30.87 49.84 -104.50
N ASN X 131 -31.29 51.09 -104.30
CA ASN X 131 -30.52 52.25 -104.69
C ASN X 131 -29.42 52.48 -103.66
N GLY X 132 -28.83 53.67 -103.64
CA GLY X 132 -27.91 53.99 -102.57
C GLY X 132 -28.51 53.71 -101.20
N THR X 133 -29.76 54.12 -101.00
CA THR X 133 -30.44 53.88 -99.73
C THR X 133 -31.94 53.76 -99.91
N ALA X 134 -32.56 53.02 -99.00
CA ALA X 134 -33.97 53.18 -98.66
C ALA X 134 -34.07 53.40 -97.16
N ASP X 135 -35.08 54.17 -96.74
CA ASP X 135 -35.16 54.72 -95.40
C ASP X 135 -36.49 54.34 -94.74
N LEU X 136 -36.43 53.81 -93.53
CA LEU X 136 -37.62 53.30 -92.88
C LEU X 136 -37.81 53.95 -91.52
N THR X 137 -39.06 54.29 -91.20
CA THR X 137 -39.36 55.07 -90.00
C THR X 137 -40.35 54.32 -89.11
N PHE X 138 -40.17 54.50 -87.80
CA PHE X 138 -41.08 53.97 -86.79
C PHE X 138 -41.29 55.05 -85.75
N PHE X 139 -42.38 54.94 -84.99
CA PHE X 139 -42.59 55.79 -83.84
C PHE X 139 -43.25 54.99 -82.73
N SER X 140 -43.03 55.44 -81.50
CA SER X 140 -43.68 54.83 -80.34
C SER X 140 -43.84 55.91 -79.27
N ASN X 141 -45.09 56.25 -78.98
CA ASN X 141 -45.43 57.28 -78.00
C ASN X 141 -44.72 58.61 -78.29
N GLY X 142 -44.82 59.03 -79.55
CA GLY X 142 -44.38 60.35 -79.94
C GLY X 142 -42.91 60.49 -80.28
N LYS X 143 -42.13 59.43 -80.13
CA LYS X 143 -40.70 59.45 -80.46
C LYS X 143 -40.49 58.87 -81.86
N GLU X 144 -39.53 59.43 -82.59
CA GLU X 144 -39.27 59.06 -83.96
C GLU X 144 -38.06 58.14 -84.05
N TYR X 145 -38.13 57.18 -84.97
CA TYR X 145 -37.07 56.19 -85.14
C TYR X 145 -36.91 55.91 -86.62
N THR X 146 -35.71 56.17 -87.16
CA THR X 146 -35.45 56.15 -88.59
C THR X 146 -34.21 55.33 -88.87
N VAL X 147 -34.22 54.58 -89.98
CA VAL X 147 -33.14 53.67 -90.35
C VAL X 147 -32.83 53.84 -91.82
N THR X 148 -31.57 53.63 -92.19
CA THR X 148 -31.12 53.69 -93.57
C THR X 148 -30.83 52.29 -94.09
N VAL X 149 -31.39 51.96 -95.25
CA VAL X 149 -31.12 50.70 -95.92
C VAL X 149 -29.99 50.91 -96.90
N ASP X 150 -29.23 49.85 -97.17
CA ASP X 150 -28.12 49.91 -98.10
C ASP X 150 -28.05 48.59 -98.85
N LYS X 151 -27.15 48.53 -99.84
CA LYS X 151 -27.11 47.38 -100.74
C LYS X 151 -26.41 46.18 -100.10
N ASN X 152 -26.22 46.22 -98.78
CA ASN X 152 -25.84 45.04 -98.01
C ASN X 152 -26.79 44.77 -96.86
N THR X 153 -27.98 45.38 -96.88
CA THR X 153 -28.91 45.33 -95.75
C THR X 153 -29.91 44.21 -95.98
N THR X 154 -29.76 43.11 -95.26
CA THR X 154 -30.80 42.10 -95.25
C THR X 154 -31.98 42.60 -94.41
N TYR X 155 -33.10 41.88 -94.50
CA TYR X 155 -34.21 42.20 -93.60
C TYR X 155 -33.77 42.11 -92.14
N ARG X 156 -32.90 41.17 -91.82
CA ARG X 156 -32.38 41.09 -90.45
C ARG X 156 -31.55 42.31 -90.12
N ASP X 157 -30.65 42.71 -91.04
CA ASP X 157 -29.90 43.94 -90.84
C ASP X 157 -30.84 45.11 -90.56
N LEU X 158 -31.99 45.14 -91.25
CA LEU X 158 -32.99 46.16 -90.97
C LEU X 158 -33.50 46.07 -89.54
N ALA X 159 -33.79 44.86 -89.06
CA ALA X 159 -34.22 44.69 -87.68
C ALA X 159 -33.14 45.18 -86.73
N ASP X 160 -31.88 44.83 -87.01
CA ASP X 160 -30.79 45.25 -86.14
C ASP X 160 -30.63 46.77 -86.16
N LYS X 161 -30.69 47.38 -87.35
CA LYS X 161 -30.58 48.83 -87.44
C LYS X 161 -31.72 49.51 -86.71
N ILE X 162 -32.93 48.97 -86.82
CA ILE X 162 -34.06 49.54 -86.09
C ILE X 162 -33.75 49.60 -84.61
N ASN X 163 -33.17 48.52 -84.08
CA ASN X 163 -32.73 48.55 -82.68
C ASN X 163 -31.66 49.60 -82.46
N GLU X 164 -30.68 49.70 -83.37
CA GLU X 164 -29.65 50.71 -83.24
C GLU X 164 -30.24 52.11 -83.35
N ALA X 165 -31.00 52.37 -84.41
CA ALA X 165 -31.58 53.69 -84.59
C ALA X 165 -32.50 54.04 -83.43
N SER X 166 -33.25 53.06 -82.91
CA SER X 166 -34.12 53.33 -81.78
C SER X 166 -33.37 53.28 -80.46
N GLY X 167 -32.18 52.69 -80.45
CA GLY X 167 -31.46 52.53 -79.20
C GLY X 167 -32.22 51.72 -78.18
N GLY X 168 -32.98 50.72 -78.63
CA GLY X 168 -33.82 49.93 -77.76
C GLY X 168 -35.18 50.51 -77.49
N GLU X 169 -35.46 51.72 -77.98
CA GLU X 169 -36.79 52.32 -77.79
C GLU X 169 -37.87 51.48 -78.46
N ILE X 170 -37.54 50.76 -79.52
CA ILE X 170 -38.42 49.77 -80.12
C ILE X 170 -37.64 48.47 -80.22
N VAL X 171 -38.26 47.39 -79.76
CA VAL X 171 -37.56 46.13 -79.54
C VAL X 171 -38.09 45.08 -80.51
N ALA X 172 -37.24 44.09 -80.81
CA ALA X 172 -37.52 43.11 -81.84
C ALA X 172 -37.57 41.69 -81.26
N LYS X 173 -38.40 40.86 -81.88
CA LYS X 173 -38.37 39.41 -81.67
C LYS X 173 -38.82 38.77 -82.97
N ILE X 174 -38.02 37.83 -83.49
CA ILE X 174 -38.16 37.32 -84.84
C ILE X 174 -38.53 35.85 -84.79
N VAL X 175 -39.14 35.35 -85.87
CA VAL X 175 -39.77 34.04 -85.89
C VAL X 175 -39.28 33.25 -87.10
N ASN X 176 -38.90 32.00 -86.86
CA ASN X 176 -38.89 30.97 -87.89
C ASN X 176 -40.13 30.11 -87.65
N THR X 177 -41.18 30.36 -88.41
CA THR X 177 -42.47 29.73 -88.13
C THR X 177 -42.44 28.22 -88.27
N GLY X 178 -41.51 27.68 -89.04
CA GLY X 178 -41.44 26.25 -89.24
C GLY X 178 -42.63 25.72 -90.01
N GLU X 179 -43.44 26.61 -90.55
CA GLU X 179 -44.58 26.19 -91.36
C GLU X 179 -44.09 25.54 -92.64
N LYS X 180 -44.87 24.61 -93.16
CA LYS X 180 -44.50 23.88 -94.36
C LYS X 180 -44.20 24.84 -95.51
N GLY X 181 -42.94 24.87 -95.95
CA GLY X 181 -42.55 25.64 -97.11
C GLY X 181 -42.24 27.10 -96.84
N THR X 182 -42.96 27.71 -95.90
CA THR X 182 -42.77 29.14 -95.60
C THR X 182 -42.54 29.33 -94.11
N PRO X 183 -41.47 28.78 -93.56
CA PRO X 183 -41.23 28.88 -92.11
C PRO X 183 -40.58 30.19 -91.70
N TYR X 184 -41.34 31.30 -91.62
CA TYR X 184 -40.74 32.54 -91.17
C TYR X 184 -41.77 33.63 -90.91
N ARG X 185 -41.46 34.49 -89.94
CA ARG X 185 -42.08 35.81 -89.77
C ARG X 185 -41.05 36.73 -89.14
N LEU X 186 -41.31 38.04 -89.24
CA LEU X 186 -40.50 39.08 -88.62
C LEU X 186 -41.41 39.99 -87.81
N THR X 187 -41.03 40.26 -86.55
CA THR X 187 -41.88 41.00 -85.64
C THR X 187 -41.08 42.06 -84.90
N LEU X 188 -41.79 43.02 -84.32
CA LEU X 188 -41.19 44.14 -83.60
C LEU X 188 -42.03 44.48 -82.38
N THR X 189 -41.39 45.14 -81.40
CA THR X 189 -42.00 45.44 -80.11
C THR X 189 -41.67 46.88 -79.71
N SER X 190 -42.56 47.49 -78.93
CA SER X 190 -42.37 48.83 -78.41
C SER X 190 -41.70 48.79 -77.05
N LYS X 191 -40.98 49.88 -76.73
CA LYS X 191 -40.62 50.11 -75.34
C LYS X 191 -41.81 50.63 -74.54
N GLU X 192 -42.54 51.58 -75.12
CA GLU X 192 -43.61 52.25 -74.40
C GLU X 192 -44.79 51.31 -74.23
N THR X 193 -45.45 51.41 -73.07
CA THR X 193 -46.51 50.47 -72.71
C THR X 193 -47.68 51.21 -72.10
N GLY X 194 -48.76 50.46 -71.89
CA GLY X 194 -49.96 51.00 -71.27
C GLY X 194 -50.78 51.82 -72.23
N GLU X 195 -51.44 52.86 -71.70
CA GLU X 195 -52.11 53.83 -72.55
C GLU X 195 -51.10 54.60 -73.39
N ASP X 196 -49.81 54.51 -73.05
CA ASP X 196 -48.76 55.18 -73.79
C ASP X 196 -48.05 54.26 -74.78
N SER X 197 -48.62 53.08 -75.05
CA SER X 197 -47.83 51.99 -75.63
C SER X 197 -47.61 52.13 -77.13
N ALA X 198 -48.55 52.76 -77.84
CA ALA X 198 -48.74 52.47 -79.27
C ALA X 198 -47.46 52.64 -80.08
N ILE X 199 -47.45 51.98 -81.25
CA ILE X 199 -46.42 52.12 -82.28
C ILE X 199 -47.09 52.68 -83.53
N SER X 200 -46.28 53.27 -84.40
CA SER X 200 -46.74 53.74 -85.70
C SER X 200 -45.59 53.66 -86.69
N PHE X 201 -45.92 53.73 -87.98
CA PHE X 201 -45.05 53.28 -89.06
C PHE X 201 -45.04 54.27 -90.23
N TYR X 202 -43.86 54.50 -90.80
CA TYR X 202 -43.67 55.49 -91.84
C TYR X 202 -42.32 55.28 -92.50
N ALA X 203 -42.13 55.90 -93.67
CA ALA X 203 -40.85 55.88 -94.37
C ALA X 203 -40.52 57.30 -94.86
N GLY X 204 -39.35 57.79 -94.49
CA GLY X 204 -38.90 59.09 -94.96
C GLY X 204 -37.49 59.38 -94.51
N LYS X 205 -36.76 60.13 -95.34
CA LYS X 205 -35.37 60.48 -95.07
C LYS X 205 -35.26 61.88 -94.47
N LYS X 206 -34.28 62.06 -93.60
CA LYS X 206 -34.05 63.31 -92.90
C LYS X 206 -33.23 64.24 -93.77
N ASP X 207 -33.36 65.53 -93.51
CA ASP X 207 -32.66 66.56 -94.27
C ASP X 207 -31.87 67.46 -93.33
N SER X 208 -31.27 68.50 -93.91
CA SER X 208 -30.40 69.38 -93.15
C SER X 208 -31.13 70.15 -92.07
N ASN X 209 -32.45 70.34 -92.20
CA ASN X 209 -33.25 70.95 -91.16
C ASN X 209 -33.58 69.96 -90.04
N GLY X 210 -32.96 68.77 -90.05
CA GLY X 210 -33.42 67.70 -89.20
C GLY X 210 -34.81 67.23 -89.54
N LYS X 211 -35.24 67.40 -90.77
CA LYS X 211 -36.63 67.23 -91.18
C LYS X 211 -36.76 66.12 -92.21
N TYR X 212 -37.95 65.52 -92.29
CA TYR X 212 -38.21 64.35 -93.12
C TYR X 212 -38.38 64.73 -94.59
N GLN X 213 -38.22 63.71 -95.44
CA GLN X 213 -38.77 63.71 -96.78
C GLN X 213 -39.33 62.31 -97.04
N LYS X 214 -40.51 62.27 -97.65
CA LYS X 214 -41.34 61.06 -97.66
C LYS X 214 -40.79 60.09 -98.70
N ASP X 215 -40.33 58.93 -98.23
CA ASP X 215 -39.82 57.87 -99.11
C ASP X 215 -40.90 56.82 -99.30
N ILE X 216 -41.81 57.10 -100.24
CA ILE X 216 -42.84 56.12 -100.56
C ILE X 216 -42.21 54.84 -101.08
N ASN X 217 -41.07 54.94 -101.78
CA ASN X 217 -40.31 53.74 -102.14
C ASN X 217 -40.00 52.89 -100.91
N ALA X 218 -39.65 53.54 -99.80
CA ALA X 218 -39.44 52.81 -98.57
C ALA X 218 -40.76 52.49 -97.87
N GLU X 219 -41.81 53.24 -98.17
CA GLU X 219 -43.12 52.91 -97.60
C GLU X 219 -43.64 51.58 -98.15
N LYS X 220 -43.47 51.34 -99.45
CA LYS X 220 -43.92 50.07 -100.01
C LYS X 220 -43.02 48.93 -99.55
N ILE X 221 -41.88 49.24 -98.94
CA ILE X 221 -41.07 48.22 -98.30
C ILE X 221 -41.78 47.69 -97.04
N PHE X 222 -42.56 48.55 -96.36
CA PHE X 222 -43.26 48.09 -95.16
C PHE X 222 -44.27 47.00 -95.48
N ASP X 223 -45.09 47.17 -96.53
CA ASP X 223 -46.01 46.10 -96.88
C ASP X 223 -45.25 44.84 -97.29
N ASP X 224 -44.07 45.01 -97.88
CA ASP X 224 -43.17 43.87 -98.06
C ASP X 224 -42.81 43.26 -96.71
N LEU X 225 -42.52 44.11 -95.73
CA LEU X 225 -42.27 43.66 -94.36
C LEU X 225 -43.56 43.46 -93.57
N GLY X 226 -44.70 43.38 -94.25
CA GLY X 226 -45.94 42.92 -93.65
C GLY X 226 -46.54 43.82 -92.59
N TRP X 227 -45.79 44.80 -92.11
CA TRP X 227 -46.38 45.83 -91.27
C TRP X 227 -47.13 46.80 -92.18
N GLY X 228 -48.07 46.25 -92.97
CA GLY X 228 -48.71 47.00 -94.01
C GLY X 228 -49.35 48.27 -93.50
N LEU X 229 -48.85 49.40 -93.96
CA LEU X 229 -49.15 50.70 -93.36
C LEU X 229 -50.66 50.93 -93.30
N ASP X 230 -51.17 51.24 -92.11
CA ASP X 230 -52.52 51.74 -91.96
C ASP X 230 -52.54 53.18 -92.45
N VAL X 231 -53.21 53.41 -93.59
CA VAL X 231 -52.96 54.60 -94.40
C VAL X 231 -53.40 55.88 -93.73
N SER X 232 -53.94 55.79 -92.52
CA SER X 232 -54.45 56.99 -91.84
C SER X 232 -53.32 57.86 -91.32
N ALA X 233 -52.50 58.41 -92.22
CA ALA X 233 -51.46 59.36 -91.82
C ALA X 233 -51.06 60.19 -93.05
N SER X 234 -51.47 61.45 -93.10
CA SER X 234 -50.98 62.33 -94.16
C SER X 234 -49.88 62.98 -93.38
N ILE X 235 -48.66 62.48 -93.51
CA ILE X 235 -47.60 62.97 -92.62
C ILE X 235 -46.19 63.32 -93.06
N ASP X 236 -45.70 64.50 -92.64
CA ASP X 236 -44.31 64.85 -92.83
C ASP X 236 -44.06 64.67 -91.36
N PRO X 237 -43.74 63.46 -90.92
CA PRO X 237 -43.69 63.15 -89.47
C PRO X 237 -43.05 64.10 -88.43
N ASP X 238 -42.17 65.02 -88.78
CA ASP X 238 -41.58 65.82 -87.70
C ASP X 238 -42.67 66.47 -86.86
N LYS X 239 -43.65 67.07 -87.52
CA LYS X 239 -44.81 67.62 -86.82
C LYS X 239 -45.78 66.54 -86.38
N ASP X 240 -45.89 65.47 -87.16
CA ASP X 240 -46.94 64.48 -86.93
C ASP X 240 -46.56 63.52 -85.81
N LYS X 241 -45.48 62.77 -86.00
CA LYS X 241 -45.00 61.80 -85.00
C LYS X 241 -45.92 60.59 -84.84
N LYS X 242 -47.04 60.56 -85.56
CA LYS X 242 -47.77 59.31 -85.76
C LYS X 242 -47.54 58.84 -87.18
N GLY X 243 -46.86 57.70 -87.33
CA GLY X 243 -46.78 57.06 -88.61
C GLY X 243 -48.07 56.31 -88.89
N TYR X 244 -48.10 55.66 -90.05
CA TYR X 244 -49.16 54.72 -90.30
C TYR X 244 -49.11 53.61 -89.26
N GLY X 245 -50.26 53.03 -88.96
CA GLY X 245 -50.31 51.80 -88.18
C GLY X 245 -49.90 50.65 -89.08
N ILE X 246 -50.57 49.50 -88.90
CA ILE X 246 -50.49 48.44 -89.88
C ILE X 246 -51.89 47.96 -90.19
N LYS X 247 -51.98 47.00 -91.12
CA LYS X 247 -53.25 46.65 -91.73
C LYS X 247 -53.93 45.43 -91.10
N ASP X 248 -53.18 44.56 -90.42
CA ASP X 248 -53.67 43.24 -90.08
C ASP X 248 -53.67 43.04 -88.57
N ALA X 249 -54.65 42.27 -88.07
CA ALA X 249 -54.75 41.98 -86.65
C ALA X 249 -54.01 40.71 -86.27
N SER X 250 -54.10 39.65 -87.09
CA SER X 250 -53.28 38.47 -86.85
C SER X 250 -51.81 38.82 -86.86
N LEU X 251 -51.43 39.86 -87.60
CA LEU X 251 -50.06 40.37 -87.55
C LEU X 251 -49.84 41.25 -86.33
N HIS X 252 -50.89 41.55 -85.55
CA HIS X 252 -50.77 42.29 -84.30
C HIS X 252 -50.36 41.31 -83.21
N ILE X 253 -49.03 41.14 -83.08
CA ILE X 253 -48.51 40.17 -82.12
C ILE X 253 -49.04 40.46 -80.71
N GLN X 254 -48.98 41.72 -80.30
CA GLN X 254 -49.60 42.17 -79.06
C GLN X 254 -50.17 43.56 -79.26
N THR X 255 -51.14 43.92 -78.42
CA THR X 255 -51.87 45.17 -78.58
C THR X 255 -51.45 46.17 -77.51
N ALA X 256 -51.56 47.46 -77.86
CA ALA X 256 -51.35 48.55 -76.91
C ALA X 256 -52.60 48.79 -76.10
N GLN X 257 -52.49 48.74 -74.78
CA GLN X 257 -53.60 49.10 -73.91
C GLN X 257 -53.09 49.40 -72.52
N ASN X 258 -53.97 50.00 -71.73
CA ASN X 258 -53.64 50.57 -70.43
C ASN X 258 -53.77 49.49 -69.35
N ALA X 259 -53.32 49.82 -68.14
CA ALA X 259 -53.57 48.98 -66.97
C ALA X 259 -54.61 49.65 -66.08
N GLU X 260 -55.27 48.85 -65.27
CA GLU X 260 -56.49 49.31 -64.62
C GLU X 260 -56.80 48.46 -63.39
N PHE X 261 -57.55 49.04 -62.47
CA PHE X 261 -57.89 48.37 -61.22
C PHE X 261 -58.85 49.24 -60.43
N THR X 262 -59.48 48.63 -59.42
CA THR X 262 -60.23 49.38 -58.43
C THR X 262 -59.51 49.32 -57.08
N LEU X 263 -59.98 50.15 -56.15
CA LEU X 263 -59.63 49.99 -54.74
C LEU X 263 -60.83 50.35 -53.87
N ASP X 264 -61.67 49.35 -53.61
CA ASP X 264 -62.72 49.33 -52.60
C ASP X 264 -63.90 50.25 -52.87
N GLY X 265 -63.71 51.32 -53.64
CA GLY X 265 -64.82 52.08 -54.20
C GLY X 265 -64.42 52.89 -55.41
N ILE X 266 -63.17 52.71 -55.84
CA ILE X 266 -62.46 53.66 -56.68
C ILE X 266 -61.77 52.91 -57.81
N LYS X 267 -61.72 53.56 -58.97
CA LYS X 267 -61.24 52.96 -60.20
C LYS X 267 -60.11 53.79 -60.77
N MET X 268 -59.05 53.12 -61.23
CA MET X 268 -57.87 53.85 -61.68
C MET X 268 -57.23 53.12 -62.85
N PHE X 269 -56.69 53.91 -63.79
CA PHE X 269 -56.05 53.41 -65.00
C PHE X 269 -54.58 53.79 -64.96
N ARG X 270 -53.72 52.94 -65.49
CA ARG X 270 -52.30 53.13 -65.26
C ARG X 270 -51.47 52.63 -66.45
N SER X 271 -50.53 53.47 -66.88
CA SER X 271 -49.72 53.16 -68.05
C SER X 271 -48.89 51.89 -67.88
N SER X 272 -48.74 51.39 -66.65
CA SER X 272 -47.86 50.26 -66.42
C SER X 272 -48.55 49.23 -65.53
N ASN X 273 -48.11 47.98 -65.66
CA ASN X 273 -48.58 46.92 -64.77
C ASN X 273 -47.90 46.96 -63.40
N THR X 274 -46.86 47.77 -63.25
CA THR X 274 -46.17 47.93 -61.97
C THR X 274 -46.79 49.10 -61.21
N VAL X 275 -47.43 48.79 -60.08
CA VAL X 275 -47.96 49.80 -59.18
C VAL X 275 -46.85 50.14 -58.21
N THR X 276 -46.43 51.40 -58.20
CA THR X 276 -45.13 51.77 -57.67
C THR X 276 -45.14 52.10 -56.18
N ASP X 277 -46.12 52.89 -55.72
CA ASP X 277 -46.03 53.49 -54.39
C ASP X 277 -47.33 53.32 -53.61
N LEU X 278 -47.87 52.11 -53.56
CA LEU X 278 -49.14 51.88 -52.89
C LEU X 278 -49.13 52.34 -51.43
N GLY X 279 -47.97 52.60 -50.86
CA GLY X 279 -47.89 53.03 -49.48
C GLY X 279 -46.44 53.27 -49.09
N VAL X 280 -46.18 53.16 -47.79
CA VAL X 280 -44.82 53.37 -47.29
C VAL X 280 -44.00 52.13 -47.65
N GLY X 281 -43.27 52.21 -48.75
CA GLY X 281 -42.54 51.07 -49.25
C GLY X 281 -43.45 49.95 -49.71
N MET X 282 -44.19 50.20 -50.79
CA MET X 282 -45.06 49.20 -51.39
C MET X 282 -44.79 49.15 -52.88
N THR X 283 -45.03 47.99 -53.47
CA THR X 283 -45.05 47.84 -54.92
C THR X 283 -45.86 46.60 -55.26
N LEU X 284 -46.45 46.60 -56.45
CA LEU X 284 -47.41 45.57 -56.80
C LEU X 284 -47.40 45.33 -58.29
N THR X 285 -47.82 44.13 -58.69
CA THR X 285 -47.92 43.73 -60.08
C THR X 285 -49.36 43.32 -60.39
N LEU X 286 -49.74 43.48 -61.65
CA LEU X 286 -51.03 43.01 -62.14
C LEU X 286 -50.82 41.74 -62.94
N ASN X 287 -51.65 40.73 -62.70
CA ASN X 287 -51.42 39.40 -63.25
C ASN X 287 -52.65 38.84 -63.94
N LYS X 288 -53.84 39.28 -63.51
CA LYS X 288 -55.07 38.92 -64.19
C LYS X 288 -56.05 40.07 -64.04
N THR X 289 -57.10 40.04 -64.84
CA THR X 289 -58.20 40.99 -64.72
C THR X 289 -59.25 40.34 -63.81
N GLY X 290 -59.13 40.60 -62.51
CA GLY X 290 -60.02 39.95 -61.55
C GLY X 290 -60.04 40.69 -60.23
N GLU X 291 -60.94 40.24 -59.35
CA GLU X 291 -61.15 40.82 -58.03
C GLU X 291 -60.34 40.07 -56.99
N ILE X 292 -59.87 40.78 -55.97
CA ILE X 292 -59.16 40.16 -54.87
C ILE X 292 -59.16 41.12 -53.68
N ASN X 293 -58.95 40.58 -52.48
CA ASN X 293 -58.93 41.34 -51.25
C ASN X 293 -57.63 41.09 -50.52
N PHE X 294 -57.22 42.06 -49.70
CA PHE X 294 -55.88 42.04 -49.13
C PHE X 294 -55.88 42.64 -47.72
N ASP X 295 -54.80 42.38 -46.98
CA ASP X 295 -54.62 42.90 -45.64
C ASP X 295 -53.14 43.04 -45.33
N VAL X 296 -52.77 44.07 -44.58
CA VAL X 296 -51.41 44.25 -44.13
C VAL X 296 -51.56 44.20 -42.63
N GLN X 297 -50.85 43.31 -41.95
CA GLN X 297 -51.13 43.14 -40.51
C GLN X 297 -50.12 42.48 -39.57
N GLN X 298 -49.06 43.16 -39.17
CA GLN X 298 -48.16 42.59 -38.14
C GLN X 298 -47.37 43.62 -37.38
N ASP X 299 -47.85 43.99 -36.20
CA ASP X 299 -47.10 44.91 -35.34
C ASP X 299 -46.95 44.27 -33.97
N PHE X 300 -47.53 43.10 -33.78
CA PHE X 300 -47.39 42.39 -32.50
C PHE X 300 -47.64 40.88 -32.63
N GLU X 301 -46.79 40.19 -33.38
CA GLU X 301 -46.92 38.74 -33.55
C GLU X 301 -45.58 38.12 -33.26
N GLY X 302 -44.66 38.23 -34.20
CA GLY X 302 -43.31 37.75 -33.98
C GLY X 302 -42.74 38.25 -32.66
N VAL X 303 -42.96 39.53 -32.37
CA VAL X 303 -42.50 40.09 -31.10
C VAL X 303 -43.22 39.44 -29.94
N THR X 304 -44.52 39.15 -30.09
CA THR X 304 -45.27 38.50 -29.02
C THR X 304 -44.54 37.25 -28.55
N LYS X 305 -44.08 36.42 -29.49
CA LYS X 305 -43.17 35.34 -29.13
C LYS X 305 -41.93 35.90 -28.46
N ALA X 306 -41.32 36.91 -29.09
CA ALA X 306 -40.08 37.47 -28.56
C ALA X 306 -40.29 38.05 -27.16
N MET X 307 -41.48 38.60 -26.89
CA MET X 307 -41.69 39.28 -25.62
C MET X 307 -41.47 38.33 -24.45
N GLN X 308 -42.03 37.12 -24.53
CA GLN X 308 -41.77 36.14 -23.48
C GLN X 308 -40.33 35.62 -23.55
N ASP X 309 -39.80 35.47 -24.76
CA ASP X 309 -38.45 34.95 -24.91
C ASP X 309 -37.45 35.76 -24.09
N LEU X 310 -37.72 37.04 -23.90
CA LEU X 310 -36.95 37.82 -22.94
C LEU X 310 -37.35 37.48 -21.50
N VAL X 311 -38.66 37.35 -21.25
CA VAL X 311 -39.13 37.25 -19.88
C VAL X 311 -38.51 36.06 -19.17
N ASP X 312 -38.48 34.91 -19.85
CA ASP X 312 -37.80 33.75 -19.28
C ASP X 312 -36.31 34.04 -19.12
N ALA X 313 -35.69 34.68 -20.11
CA ALA X 313 -34.30 35.06 -19.98
C ALA X 313 -34.09 35.89 -18.72
N TYR X 314 -35.04 36.79 -18.41
CA TYR X 314 -35.03 37.46 -17.13
C TYR X 314 -35.21 36.46 -15.99
N ASN X 315 -36.35 35.76 -16.00
CA ASN X 315 -36.71 34.92 -14.87
C ASN X 315 -35.58 33.96 -14.53
N ASP X 316 -34.98 33.35 -15.55
CA ASP X 316 -33.77 32.58 -15.32
C ASP X 316 -32.68 33.47 -14.74
N LEU X 317 -32.41 34.60 -15.38
CA LEU X 317 -31.32 35.46 -14.95
C LEU X 317 -31.49 35.89 -13.50
N VAL X 318 -32.65 36.43 -13.17
CA VAL X 318 -32.89 36.87 -11.79
C VAL X 318 -32.84 35.70 -10.84
N THR X 319 -33.35 34.54 -11.27
CA THR X 319 -33.31 33.36 -10.43
C THR X 319 -31.88 33.04 -10.04
N ASN X 320 -30.96 33.09 -11.00
CA ASN X 320 -29.56 32.83 -10.69
C ASN X 320 -29.01 33.88 -9.74
N LEU X 321 -29.48 35.12 -9.85
CA LEU X 321 -29.14 36.11 -8.84
C LEU X 321 -29.63 35.65 -7.47
N ASN X 322 -30.86 35.14 -7.41
CA ASN X 322 -31.39 34.67 -6.14
C ASN X 322 -30.53 33.55 -5.59
N ALA X 323 -30.29 32.51 -6.39
CA ALA X 323 -29.60 31.33 -5.90
C ALA X 323 -28.19 31.68 -5.44
N ALA X 324 -27.45 32.42 -6.26
CA ALA X 324 -26.03 32.62 -5.99
C ALA X 324 -25.79 33.45 -4.73
N THR X 325 -26.75 34.29 -4.34
CA THR X 325 -26.52 35.24 -3.26
C THR X 325 -27.17 34.80 -1.95
N ASP X 326 -28.34 34.19 -2.03
CA ASP X 326 -29.21 34.13 -0.86
C ASP X 326 -28.55 33.35 0.27
N TYR X 327 -29.24 33.32 1.41
CA TYR X 327 -28.59 33.22 2.72
C TYR X 327 -29.37 32.33 3.67
N ASN X 328 -28.65 31.77 4.64
CA ASN X 328 -29.22 31.29 5.88
C ASN X 328 -28.55 32.03 7.01
N SER X 329 -29.32 32.78 7.78
CA SER X 329 -28.75 33.64 8.80
C SER X 329 -28.35 32.84 10.04
N GLU X 330 -29.22 31.98 10.53
CA GLU X 330 -28.93 31.25 11.76
C GLU X 330 -27.80 30.23 11.56
N THR X 331 -27.66 29.66 10.37
CA THR X 331 -26.43 28.95 10.03
C THR X 331 -25.38 29.87 9.45
N GLY X 332 -25.73 31.11 9.15
CA GLY X 332 -24.81 32.04 8.54
C GLY X 332 -24.29 31.53 7.22
N THR X 333 -25.02 30.62 6.60
CA THR X 333 -24.61 29.99 5.35
C THR X 333 -25.10 30.86 4.20
N LYS X 334 -24.18 31.23 3.31
CA LYS X 334 -24.43 32.27 2.33
C LYS X 334 -24.11 31.78 0.92
N GLY X 335 -24.95 32.19 -0.03
CA GLY X 335 -24.55 32.16 -1.42
C GLY X 335 -23.31 33.02 -1.57
N THR X 336 -22.33 32.55 -2.33
CA THR X 336 -21.00 33.15 -2.31
C THR X 336 -21.02 34.66 -2.46
N LEU X 337 -22.04 35.22 -3.11
CA LEU X 337 -22.03 36.62 -3.50
C LEU X 337 -22.36 37.57 -2.36
N GLN X 338 -22.60 37.06 -1.16
CA GLN X 338 -22.88 37.94 -0.04
C GLN X 338 -21.59 38.60 0.46
N GLY X 339 -21.72 39.84 0.89
CA GLY X 339 -20.56 40.65 1.20
C GLY X 339 -20.16 41.46 -0.01
N ILE X 340 -20.50 40.94 -1.19
CA ILE X 340 -20.36 41.68 -2.44
C ILE X 340 -21.66 42.42 -2.65
N SER X 341 -21.81 43.57 -2.00
CA SER X 341 -23.11 44.24 -1.94
C SER X 341 -23.44 44.92 -3.25
N GLU X 342 -22.44 45.50 -3.92
CA GLU X 342 -22.71 46.23 -5.16
C GLU X 342 -23.41 45.34 -6.16
N VAL X 343 -23.02 44.08 -6.22
CA VAL X 343 -23.75 43.12 -7.04
C VAL X 343 -25.19 43.03 -6.56
N ASN X 344 -25.38 42.91 -5.25
CA ASN X 344 -26.73 42.88 -4.69
C ASN X 344 -27.47 44.18 -4.99
N SER X 345 -26.76 45.30 -4.92
CA SER X 345 -27.38 46.58 -5.28
C SER X 345 -27.84 46.59 -6.72
N ILE X 346 -27.02 46.06 -7.63
CA ILE X 346 -27.42 46.04 -9.04
C ILE X 346 -28.72 45.29 -9.21
N ARG X 347 -28.87 44.15 -8.53
CA ARG X 347 -30.17 43.48 -8.46
C ARG X 347 -31.28 44.50 -8.25
N SER X 348 -31.13 45.37 -7.26
CA SER X 348 -32.08 46.46 -7.09
C SER X 348 -31.99 47.45 -8.24
N SER X 349 -30.77 47.79 -8.68
CA SER X 349 -30.62 48.74 -9.77
C SER X 349 -31.41 48.29 -10.99
N ILE X 350 -31.44 46.98 -11.24
CA ILE X 350 -32.29 46.45 -12.30
C ILE X 350 -33.73 46.83 -12.06
N LEU X 351 -34.18 46.74 -10.80
CA LEU X 351 -35.56 47.09 -10.49
C LEU X 351 -35.83 48.57 -10.75
N ALA X 352 -34.95 49.45 -10.26
CA ALA X 352 -35.11 50.87 -10.53
C ALA X 352 -35.12 51.13 -12.03
N ASP X 353 -34.23 50.46 -12.77
CA ASP X 353 -34.25 50.55 -14.22
C ASP X 353 -35.58 50.07 -14.80
N LEU X 354 -36.32 49.26 -14.04
CA LEU X 354 -37.50 48.62 -14.58
C LEU X 354 -38.75 49.48 -14.47
N PHE X 355 -38.77 50.46 -13.55
CA PHE X 355 -40.01 51.14 -13.22
C PHE X 355 -40.02 52.64 -13.52
N ASP X 356 -39.13 53.12 -14.39
CA ASP X 356 -39.40 54.39 -15.05
C ASP X 356 -40.45 54.16 -16.13
N SER X 357 -41.33 55.14 -16.33
CA SER X 357 -42.48 54.91 -17.20
C SER X 357 -42.98 56.23 -17.74
N GLN X 358 -44.03 56.13 -18.56
CA GLN X 358 -44.67 57.27 -19.19
C GLN X 358 -46.16 57.23 -18.86
N VAL X 359 -46.77 58.41 -18.78
CA VAL X 359 -48.10 58.57 -18.20
C VAL X 359 -49.13 58.72 -19.30
N VAL X 360 -50.34 58.21 -19.06
CA VAL X 360 -51.42 58.25 -20.03
C VAL X 360 -52.68 58.78 -19.36
N ASP X 361 -53.60 59.28 -20.19
CA ASP X 361 -54.90 59.77 -19.75
C ASP X 361 -55.89 58.63 -19.68
N GLY X 362 -56.97 58.83 -18.94
CA GLY X 362 -57.95 57.78 -18.73
C GLY X 362 -59.27 58.32 -18.22
N THR X 363 -60.27 57.44 -18.17
CA THR X 363 -61.54 57.72 -17.51
C THR X 363 -61.96 56.47 -16.76
N THR X 364 -62.71 56.66 -15.67
CA THR X 364 -62.93 55.57 -14.74
C THR X 364 -64.25 55.76 -13.99
N GLU X 365 -64.76 54.64 -13.46
CA GLU X 365 -65.86 54.64 -12.51
C GLU X 365 -65.30 54.38 -11.12
N ASP X 366 -65.84 55.05 -10.11
CA ASP X 366 -65.40 54.78 -8.74
C ASP X 366 -66.47 54.12 -7.87
N ALA X 367 -67.63 54.76 -7.65
CA ALA X 367 -68.62 54.16 -6.76
C ALA X 367 -70.06 54.22 -7.24
N ASN X 368 -70.43 55.27 -7.97
CA ASN X 368 -71.84 55.60 -8.13
C ASN X 368 -72.20 56.02 -9.55
N GLY X 369 -71.66 55.34 -10.55
CA GLY X 369 -71.79 55.85 -11.90
C GLY X 369 -70.94 57.10 -12.01
N ASN X 370 -69.99 57.24 -11.09
CA ASN X 370 -69.12 58.40 -11.01
C ASN X 370 -68.07 58.26 -12.11
N LYS X 371 -68.40 58.78 -13.30
CA LYS X 371 -67.52 58.67 -14.46
C LYS X 371 -66.48 59.77 -14.36
N VAL X 372 -65.26 59.40 -14.00
CA VAL X 372 -64.18 60.35 -13.80
C VAL X 372 -63.25 60.28 -15.01
N ASN X 373 -62.42 61.32 -15.16
CA ASN X 373 -61.34 61.33 -16.11
C ASN X 373 -60.01 61.28 -15.36
N THR X 374 -59.05 60.56 -15.95
CA THR X 374 -57.91 60.08 -15.18
C THR X 374 -56.62 60.26 -15.98
N LYS X 375 -55.55 60.53 -15.25
CA LYS X 375 -54.18 60.43 -15.73
C LYS X 375 -53.54 59.28 -14.99
N VAL X 376 -52.66 58.52 -15.65
CA VAL X 376 -52.05 57.37 -15.02
C VAL X 376 -50.68 57.12 -15.63
N MET X 377 -49.86 56.38 -14.88
CA MET X 377 -48.56 55.92 -15.34
C MET X 377 -48.68 54.47 -15.82
N LEU X 378 -47.89 54.12 -16.83
CA LEU X 378 -47.98 52.80 -17.46
C LEU X 378 -46.66 52.05 -17.27
N SER X 379 -46.71 50.95 -16.53
CA SER X 379 -45.64 49.98 -16.53
C SER X 379 -46.00 48.83 -17.46
N MET X 380 -44.99 48.00 -17.77
CA MET X 380 -45.25 46.84 -18.62
C MET X 380 -46.40 46.01 -18.08
N GLN X 381 -46.54 45.94 -16.76
CA GLN X 381 -47.71 45.31 -16.17
C GLN X 381 -48.98 45.96 -16.68
N ASP X 382 -49.03 47.29 -16.63
CA ASP X 382 -50.17 47.98 -17.20
C ASP X 382 -50.32 47.64 -18.68
N PHE X 383 -49.21 47.64 -19.41
CA PHE X 383 -49.23 47.12 -20.77
C PHE X 383 -49.65 45.66 -20.78
N GLY X 384 -49.42 44.95 -19.67
CA GLY X 384 -49.96 43.62 -19.50
C GLY X 384 -49.06 42.67 -18.74
N LEU X 385 -47.77 42.97 -18.66
CA LEU X 385 -46.78 42.00 -18.25
C LEU X 385 -46.61 42.09 -16.74
N SER X 386 -47.22 41.16 -16.03
CA SER X 386 -47.46 41.31 -14.60
C SER X 386 -46.42 40.56 -13.80
N LEU X 387 -45.86 41.26 -12.82
CA LEU X 387 -44.86 40.71 -11.92
C LEU X 387 -45.53 40.18 -10.66
N ASN X 388 -45.00 39.08 -10.15
CA ASN X 388 -45.44 38.52 -8.88
C ASN X 388 -44.45 38.92 -7.78
N ASP X 389 -44.90 38.79 -6.54
CA ASP X 389 -43.99 38.92 -5.42
C ASP X 389 -42.82 37.97 -5.56
N ALA X 390 -43.02 36.88 -6.31
CA ALA X 390 -41.97 35.90 -6.55
C ALA X 390 -40.96 36.41 -7.57
N GLY X 391 -41.06 37.68 -7.95
CA GLY X 391 -40.05 38.29 -8.79
C GLY X 391 -39.99 37.69 -10.18
N THR X 392 -41.13 37.24 -10.69
CA THR X 392 -41.18 36.67 -12.03
C THR X 392 -42.43 37.18 -12.73
N LEU X 393 -42.38 37.12 -14.06
CA LEU X 393 -43.23 37.94 -14.91
C LEU X 393 -44.18 37.07 -15.72
N SER X 394 -45.46 37.46 -15.74
CA SER X 394 -46.47 36.81 -16.55
C SER X 394 -46.77 37.63 -17.79
N PHE X 395 -47.23 36.96 -18.83
CA PHE X 395 -47.34 37.55 -20.17
C PHE X 395 -48.77 37.37 -20.67
N ASP X 396 -49.58 38.42 -20.57
CA ASP X 396 -50.96 38.42 -21.08
C ASP X 396 -50.94 39.06 -22.46
N SER X 397 -50.53 38.27 -23.46
CA SER X 397 -50.21 38.83 -24.77
C SER X 397 -51.35 39.68 -25.31
N SER X 398 -52.59 39.17 -25.25
CA SER X 398 -53.73 39.94 -25.75
C SER X 398 -53.79 41.31 -25.08
N LYS X 399 -53.42 41.38 -23.81
CA LYS X 399 -53.53 42.64 -23.07
C LYS X 399 -52.57 43.68 -23.62
N PHE X 400 -51.40 43.24 -24.09
CA PHE X 400 -50.45 44.16 -24.72
C PHE X 400 -50.92 44.54 -26.11
N GLU X 401 -51.02 43.54 -26.99
CA GLU X 401 -51.47 43.77 -28.35
C GLU X 401 -52.62 44.77 -28.37
N GLN X 402 -53.49 44.68 -27.36
CA GLN X 402 -54.55 45.66 -27.22
C GLN X 402 -53.99 47.07 -27.03
N LYS X 403 -52.89 47.22 -26.28
CA LYS X 403 -52.24 48.52 -26.21
C LYS X 403 -51.65 48.91 -27.56
N VAL X 404 -50.96 47.96 -28.21
CA VAL X 404 -50.45 48.26 -29.55
C VAL X 404 -51.62 48.48 -30.50
N LYS X 405 -52.72 47.75 -30.30
CA LYS X 405 -53.97 48.14 -30.94
C LYS X 405 -54.42 49.50 -30.45
N GLU X 406 -54.26 49.79 -29.15
CA GLU X 406 -54.72 51.05 -28.62
C GLU X 406 -54.01 52.22 -29.27
N ASP X 407 -52.69 52.33 -29.10
CA ASP X 407 -51.96 53.42 -29.71
C ASP X 407 -50.50 53.03 -29.98
N PRO X 408 -50.14 52.75 -31.23
CA PRO X 408 -48.73 52.49 -31.52
C PRO X 408 -47.82 53.65 -31.19
N ASP X 409 -48.33 54.88 -31.24
CA ASP X 409 -47.48 56.04 -31.07
C ASP X 409 -46.90 56.10 -29.66
N SER X 410 -47.77 56.25 -28.66
CA SER X 410 -47.31 56.18 -27.28
C SER X 410 -46.63 54.86 -27.00
N THR X 411 -47.05 53.81 -27.71
CA THR X 411 -46.46 52.49 -27.50
C THR X 411 -44.96 52.52 -27.76
N GLU X 412 -44.54 53.10 -28.89
CA GLU X 412 -43.11 53.13 -29.18
C GLU X 412 -42.39 54.11 -28.27
N SER X 413 -42.94 55.31 -28.10
CA SER X 413 -42.30 56.27 -27.20
C SER X 413 -42.08 55.64 -25.85
N PHE X 414 -42.99 54.79 -25.40
CA PHE X 414 -42.70 53.95 -24.25
C PHE X 414 -41.64 52.92 -24.61
N PHE X 415 -41.61 52.43 -25.85
CA PHE X 415 -40.60 51.42 -26.17
C PHE X 415 -39.18 51.98 -26.15
N SER X 416 -38.78 52.66 -27.22
CA SER X 416 -37.36 52.97 -27.38
C SER X 416 -37.05 54.40 -27.80
N ASN X 417 -37.52 54.81 -28.98
CA ASN X 417 -36.87 55.89 -29.71
C ASN X 417 -37.72 56.52 -30.81
N ILE X 418 -38.21 57.74 -30.60
CA ILE X 418 -38.80 58.57 -31.66
C ILE X 418 -38.70 60.05 -31.29
N THR X 419 -38.77 60.89 -32.31
CA THR X 419 -38.50 62.32 -32.21
C THR X 419 -39.73 63.11 -32.63
N LYS X 420 -40.04 64.18 -31.89
CA LYS X 420 -41.18 65.03 -32.19
C LYS X 420 -40.76 66.47 -32.00
N TYR X 421 -41.49 67.40 -32.62
CA TYR X 421 -40.90 68.68 -32.98
C TYR X 421 -41.76 69.87 -32.59
N GLU X 422 -41.11 71.03 -32.51
CA GLU X 422 -41.77 72.33 -32.42
C GLU X 422 -41.72 72.97 -33.80
N ASP X 423 -42.87 73.41 -34.30
CA ASP X 423 -43.05 73.77 -35.70
C ASP X 423 -41.93 74.70 -36.20
N ILE X 424 -41.71 74.67 -37.51
CA ILE X 424 -40.88 75.65 -38.20
C ILE X 424 -41.87 76.66 -38.79
N ASN X 425 -42.14 77.71 -38.03
CA ASN X 425 -43.10 78.73 -38.42
C ASN X 425 -42.39 80.06 -38.64
N HIS X 426 -42.91 80.82 -39.60
CA HIS X 426 -42.38 82.15 -39.87
C HIS X 426 -43.50 83.02 -40.43
N THR X 427 -43.37 84.32 -40.18
CA THR X 427 -44.23 85.32 -40.77
C THR X 427 -43.37 86.52 -41.16
N GLY X 428 -43.16 86.71 -42.46
CA GLY X 428 -42.32 87.79 -42.92
C GLY X 428 -42.80 89.13 -42.38
N GLU X 429 -41.90 90.11 -42.44
CA GLU X 429 -42.25 91.42 -41.90
C GLU X 429 -43.36 92.02 -42.74
N VAL X 430 -43.69 93.27 -42.43
CA VAL X 430 -45.02 93.81 -42.65
C VAL X 430 -45.06 94.52 -43.99
N ILE X 431 -44.28 94.00 -44.96
CA ILE X 431 -43.83 94.73 -46.13
C ILE X 431 -44.93 95.66 -46.63
N LYS X 432 -44.59 96.93 -46.82
CA LYS X 432 -45.59 97.97 -47.05
C LYS X 432 -45.76 98.22 -48.55
N THR X 433 -46.99 98.56 -48.93
CA THR X 433 -47.33 98.74 -50.33
C THR X 433 -46.50 99.86 -50.96
N GLY X 434 -46.03 99.63 -52.18
CA GLY X 434 -45.27 100.61 -52.94
C GLY X 434 -43.81 100.25 -53.15
N SER X 435 -43.19 99.57 -52.18
CA SER X 435 -41.78 99.21 -52.32
C SER X 435 -41.56 98.35 -53.55
N LEU X 436 -42.35 97.27 -53.67
CA LEU X 436 -42.22 96.39 -54.83
C LEU X 436 -42.86 96.98 -56.08
N SER X 437 -43.65 98.05 -55.93
CA SER X 437 -44.37 98.59 -57.07
C SER X 437 -43.44 98.96 -58.21
N LYS X 438 -42.19 99.33 -57.89
CA LYS X 438 -41.24 99.74 -58.90
C LYS X 438 -40.98 98.64 -59.93
N TYR X 439 -41.24 97.39 -59.56
CA TYR X 439 -40.88 96.26 -60.43
C TYR X 439 -42.05 95.81 -61.30
N LEU X 440 -43.24 96.36 -61.09
CA LEU X 440 -44.44 95.71 -61.58
C LEU X 440 -44.55 95.79 -63.09
N ASN X 441 -45.41 94.92 -63.63
CA ASN X 441 -45.66 94.78 -65.07
C ASN X 441 -47.16 94.71 -65.33
N SER X 442 -47.89 95.68 -64.77
CA SER X 442 -49.35 95.71 -64.91
C SER X 442 -49.81 95.51 -66.35
N ASN X 443 -48.99 95.87 -67.32
CA ASN X 443 -49.31 95.72 -68.73
C ASN X 443 -49.30 94.29 -69.18
N GLY X 444 -49.15 93.29 -68.31
CA GLY X 444 -48.74 91.98 -68.76
C GLY X 444 -47.30 91.95 -69.22
N GLY X 445 -46.50 92.90 -68.78
CA GLY X 445 -45.15 93.05 -69.27
C GLY X 445 -44.23 91.94 -68.80
N ASN X 446 -43.05 91.89 -69.43
CA ASN X 446 -42.01 90.91 -69.13
C ASN X 446 -40.66 91.59 -69.02
N THR X 447 -40.62 92.88 -68.71
CA THR X 447 -39.39 93.66 -68.78
C THR X 447 -39.04 94.28 -67.44
N ASN X 448 -40.02 94.83 -66.73
CA ASN X 448 -39.76 95.42 -65.43
C ASN X 448 -39.59 94.33 -64.38
N GLY X 449 -39.01 94.71 -63.25
CA GLY X 449 -38.56 93.73 -62.29
C GLY X 449 -37.28 93.08 -62.78
N LEU X 450 -36.70 92.26 -61.91
CA LEU X 450 -35.29 91.90 -62.03
C LEU X 450 -35.12 90.41 -62.25
N GLU X 451 -34.07 90.06 -62.99
CA GLU X 451 -33.69 88.68 -63.18
C GLU X 451 -33.07 88.14 -61.90
N PHE X 452 -33.08 86.81 -61.75
CA PHE X 452 -32.90 86.18 -60.45
C PHE X 452 -32.00 84.95 -60.66
N LYS X 453 -30.73 85.08 -60.27
CA LYS X 453 -29.64 84.27 -60.80
C LYS X 453 -29.17 83.21 -59.80
N PRO X 454 -28.62 82.08 -60.29
CA PRO X 454 -28.15 81.02 -59.38
C PRO X 454 -27.32 81.55 -58.23
N GLY X 455 -27.71 81.20 -57.01
CA GLY X 455 -27.06 81.68 -55.82
C GLY X 455 -27.60 82.99 -55.30
N ASP X 456 -28.34 83.74 -56.13
CA ASP X 456 -29.02 84.93 -55.62
C ASP X 456 -29.89 84.55 -54.43
N PHE X 457 -30.47 83.36 -54.45
CA PHE X 457 -31.25 82.87 -53.33
C PHE X 457 -31.12 81.36 -53.25
N THR X 458 -30.91 80.89 -52.02
CA THR X 458 -30.83 79.47 -51.72
C THR X 458 -31.45 79.24 -50.36
N ILE X 459 -31.99 78.04 -50.15
CA ILE X 459 -32.64 77.69 -48.90
C ILE X 459 -32.26 76.27 -48.50
N VAL X 460 -32.25 76.04 -47.18
CA VAL X 460 -32.11 74.72 -46.60
C VAL X 460 -33.43 74.34 -45.96
N PHE X 461 -33.87 73.11 -46.20
CA PHE X 461 -34.91 72.50 -45.38
C PHE X 461 -34.65 71.00 -45.36
N ASN X 462 -35.13 70.35 -44.31
CA ASN X 462 -34.90 68.93 -44.11
C ASN X 462 -33.42 68.59 -44.00
N ASN X 463 -32.62 69.58 -43.61
CA ASN X 463 -31.16 69.47 -43.57
C ASN X 463 -30.55 69.33 -44.96
N GLN X 464 -31.32 69.70 -45.99
CA GLN X 464 -30.85 69.67 -47.37
C GLN X 464 -31.03 71.05 -47.98
N THR X 465 -30.11 71.40 -48.88
CA THR X 465 -29.97 72.76 -49.38
C THR X 465 -30.35 72.80 -50.85
N TYR X 466 -30.83 73.96 -51.30
CA TYR X 466 -31.34 74.09 -52.65
C TYR X 466 -31.09 75.51 -53.14
N ASP X 467 -30.93 75.65 -54.46
CA ASP X 467 -30.74 76.94 -55.09
C ASP X 467 -32.10 77.52 -55.42
N LEU X 468 -32.45 78.62 -54.76
CA LEU X 468 -33.79 79.19 -54.86
C LEU X 468 -33.82 80.48 -55.67
N SER X 469 -32.87 80.66 -56.58
CA SER X 469 -32.93 81.77 -57.51
C SER X 469 -33.75 81.36 -58.74
N LYS X 470 -34.45 80.24 -58.64
CA LYS X 470 -34.85 79.48 -59.81
C LYS X 470 -36.33 79.17 -59.82
N ASN X 471 -36.89 79.14 -61.02
CA ASN X 471 -38.18 78.49 -61.23
C ASN X 471 -38.09 77.03 -60.82
N SER X 472 -39.25 76.42 -60.58
CA SER X 472 -39.26 75.06 -60.04
C SER X 472 -38.42 74.12 -60.90
N ASP X 473 -38.45 74.29 -62.22
CA ASP X 473 -37.62 73.47 -63.09
C ASP X 473 -36.14 73.67 -62.80
N GLY X 474 -35.78 74.77 -62.13
CA GLY X 474 -34.41 75.14 -61.90
C GLY X 474 -33.94 76.29 -62.76
N THR X 475 -34.80 76.84 -63.59
CA THR X 475 -34.44 77.97 -64.45
C THR X 475 -34.63 79.29 -63.70
N ASN X 476 -33.84 80.28 -64.10
CA ASN X 476 -33.93 81.60 -63.46
C ASN X 476 -35.31 82.20 -63.64
N PHE X 477 -35.80 82.83 -62.57
CA PHE X 477 -36.97 83.68 -62.68
C PHE X 477 -36.55 85.13 -62.92
N LYS X 478 -37.37 85.85 -63.66
CA LYS X 478 -37.30 87.30 -63.68
C LYS X 478 -38.52 87.81 -62.92
N LEU X 479 -38.26 88.48 -61.79
CA LEU X 479 -39.36 88.96 -60.96
C LEU X 479 -40.25 89.86 -61.81
N THR X 480 -41.47 89.40 -62.09
CA THR X 480 -42.39 90.11 -62.96
C THR X 480 -43.81 89.87 -62.46
N GLY X 481 -44.68 90.84 -62.71
CA GLY X 481 -46.07 90.66 -62.38
C GLY X 481 -46.89 91.93 -62.51
N LYS X 482 -48.20 91.76 -62.62
CA LYS X 482 -49.09 92.90 -62.77
C LYS X 482 -49.17 93.73 -61.50
N THR X 483 -49.10 93.08 -60.35
CA THR X 483 -49.25 93.75 -59.07
C THR X 483 -48.19 93.21 -58.11
N GLU X 484 -47.98 93.94 -57.01
CA GLU X 484 -47.05 93.48 -55.99
C GLU X 484 -47.38 92.06 -55.56
N GLU X 485 -48.64 91.80 -55.24
CA GLU X 485 -49.04 90.44 -54.89
C GLU X 485 -48.82 89.48 -56.06
N GLU X 486 -49.24 89.88 -57.25
CA GLU X 486 -49.13 88.97 -58.40
C GLU X 486 -47.68 88.76 -58.79
N LEU X 487 -46.89 89.84 -58.83
CA LEU X 487 -45.45 89.69 -59.01
C LEU X 487 -44.86 88.83 -57.91
N LEU X 488 -45.25 89.10 -56.67
CA LEU X 488 -44.84 88.23 -55.56
C LEU X 488 -45.32 86.81 -55.79
N GLN X 489 -46.61 86.66 -56.10
CA GLN X 489 -47.17 85.31 -56.17
C GLN X 489 -46.64 84.55 -57.37
N ASN X 490 -46.25 85.26 -58.43
CA ASN X 490 -45.54 84.59 -59.53
C ASN X 490 -44.31 83.87 -59.00
N LEU X 491 -43.49 84.57 -58.22
CA LEU X 491 -42.36 83.91 -57.57
C LEU X 491 -42.84 82.88 -56.56
N ALA X 492 -43.75 83.29 -55.67
CA ALA X 492 -44.16 82.40 -54.58
C ALA X 492 -44.77 81.11 -55.12
N ASN X 493 -45.44 81.17 -56.26
CA ASN X 493 -46.12 79.99 -56.78
C ASN X 493 -45.12 78.89 -57.15
N HIS X 494 -44.11 79.23 -57.95
CA HIS X 494 -43.25 78.17 -58.47
C HIS X 494 -42.24 77.71 -57.42
N ILE X 495 -41.95 78.53 -56.42
CA ILE X 495 -41.19 78.01 -55.27
C ILE X 495 -42.09 77.10 -54.45
N ASN X 496 -43.39 77.39 -54.40
CA ASN X 496 -44.33 76.42 -53.84
C ASN X 496 -44.36 75.17 -54.71
N SER X 497 -44.18 75.32 -56.02
CA SER X 497 -44.10 74.14 -56.89
C SER X 497 -42.74 73.48 -56.80
N LYS X 498 -41.71 74.19 -56.34
CA LYS X 498 -40.52 73.51 -55.86
C LYS X 498 -40.92 72.51 -54.78
N GLY X 499 -41.83 72.92 -53.89
CA GLY X 499 -42.54 71.99 -53.04
C GLY X 499 -41.67 71.13 -52.15
N ILE X 500 -40.61 71.69 -51.58
CA ILE X 500 -39.82 70.95 -50.61
C ILE X 500 -40.71 70.70 -49.40
N GLU X 501 -41.06 69.43 -49.18
CA GLU X 501 -42.17 69.09 -48.30
C GLU X 501 -41.84 69.37 -46.85
N GLY X 502 -42.89 69.59 -46.05
CA GLY X 502 -42.76 69.73 -44.62
C GLY X 502 -43.35 71.01 -44.06
N LEU X 503 -43.97 71.83 -44.90
CA LEU X 503 -44.47 73.12 -44.45
C LEU X 503 -45.56 73.62 -45.39
N LYS X 504 -46.40 74.52 -44.87
CA LYS X 504 -47.42 75.21 -45.66
C LYS X 504 -47.09 76.70 -45.70
N VAL X 505 -47.21 77.30 -46.89
CA VAL X 505 -46.95 78.71 -47.11
C VAL X 505 -48.27 79.43 -47.30
N LYS X 506 -48.28 80.73 -47.01
CA LYS X 506 -49.40 81.58 -47.35
C LYS X 506 -48.94 83.03 -47.47
N VAL X 507 -49.55 83.75 -48.39
CA VAL X 507 -49.25 85.15 -48.66
C VAL X 507 -50.49 85.97 -48.34
N GLU X 508 -50.27 87.17 -47.82
CA GLU X 508 -51.39 88.00 -47.38
C GLU X 508 -51.04 89.47 -47.52
N SER X 509 -52.09 90.29 -47.59
CA SER X 509 -51.98 91.75 -47.58
C SER X 509 -52.81 92.27 -46.43
N TYR X 510 -52.65 93.56 -46.12
CA TYR X 510 -53.14 94.08 -44.85
C TYR X 510 -53.24 95.60 -44.90
N ASN X 511 -53.93 96.14 -43.91
CA ASN X 511 -53.69 97.50 -43.41
C ASN X 511 -53.66 97.45 -41.89
N GLN X 512 -52.50 97.80 -41.33
CA GLN X 512 -52.30 97.76 -39.89
C GLN X 512 -51.33 98.88 -39.54
N ASN X 513 -51.49 99.44 -38.35
CA ASN X 513 -50.78 100.65 -37.97
C ASN X 513 -51.03 101.75 -39.00
N ASN X 514 -52.18 101.68 -39.67
CA ASN X 514 -52.62 102.69 -40.62
C ASN X 514 -51.78 102.70 -41.89
N VAL X 515 -50.92 101.69 -42.07
CA VAL X 515 -50.14 101.56 -43.29
C VAL X 515 -50.56 100.28 -44.01
N THR X 516 -50.47 100.31 -45.34
CA THR X 516 -50.84 99.19 -46.19
C THR X 516 -49.59 98.39 -46.55
N GLY X 517 -49.79 97.14 -46.94
CA GLY X 517 -48.67 96.33 -47.39
C GLY X 517 -49.05 94.89 -47.63
N PHE X 518 -48.06 94.10 -48.03
CA PHE X 518 -48.21 92.68 -48.29
C PHE X 518 -47.25 91.91 -47.39
N ARG X 519 -47.56 90.63 -47.17
CA ARG X 519 -46.87 89.90 -46.11
C ARG X 519 -46.80 88.42 -46.45
N LEU X 520 -46.10 87.67 -45.60
CA LEU X 520 -45.80 86.27 -45.80
C LEU X 520 -46.06 85.48 -44.53
N ASN X 521 -46.29 84.17 -44.67
CA ASN X 521 -46.45 83.31 -43.51
C ASN X 521 -46.13 81.87 -43.86
N PHE X 522 -45.64 81.13 -42.88
CA PHE X 522 -45.14 79.77 -43.09
C PHE X 522 -45.33 78.98 -41.80
N SER X 523 -45.41 77.65 -41.91
CA SER X 523 -45.52 76.80 -40.71
C SER X 523 -45.24 75.35 -41.10
N GLY X 524 -44.16 74.76 -40.59
CA GLY X 524 -43.80 73.41 -41.03
C GLY X 524 -43.18 72.37 -40.10
N ASP X 525 -43.98 71.44 -39.58
CA ASP X 525 -43.50 70.30 -38.75
C ASP X 525 -42.26 70.34 -37.80
N GLY X 526 -41.63 71.48 -37.58
CA GLY X 526 -40.52 71.54 -36.66
C GLY X 526 -39.43 70.52 -36.90
N SER X 527 -39.46 69.81 -38.03
CA SER X 527 -38.74 68.54 -38.13
C SER X 527 -37.24 68.73 -38.27
N SER X 528 -36.80 69.76 -38.96
CA SER X 528 -35.45 69.76 -39.49
C SER X 528 -34.92 71.18 -39.53
N ASP X 529 -33.68 71.30 -40.03
CA ASP X 529 -33.01 72.59 -40.10
C ASP X 529 -33.49 73.33 -41.34
N PHE X 530 -34.21 74.42 -41.12
CA PHE X 530 -34.59 75.34 -42.19
C PHE X 530 -33.75 76.60 -42.09
N SER X 531 -33.46 77.19 -43.24
CA SER X 531 -32.67 78.43 -43.25
C SER X 531 -32.83 79.14 -44.58
N ILE X 532 -32.92 80.46 -44.50
CA ILE X 532 -32.92 81.33 -45.67
C ILE X 532 -31.48 81.67 -45.99
N LYS X 533 -31.12 81.56 -47.28
CA LYS X 533 -29.77 81.87 -47.75
C LYS X 533 -29.88 82.62 -49.07
N GLY X 534 -29.92 83.94 -48.99
CA GLY X 534 -29.95 84.79 -50.16
C GLY X 534 -29.50 86.17 -49.79
N ASP X 535 -29.19 86.98 -50.81
CA ASP X 535 -28.67 88.32 -50.56
C ASP X 535 -29.53 89.04 -49.55
N ALA X 536 -28.89 89.56 -48.51
CA ALA X 536 -29.63 90.18 -47.42
C ALA X 536 -30.56 91.26 -47.95
N ASN X 537 -30.07 92.12 -48.85
CA ASN X 537 -30.92 93.16 -49.39
C ASN X 537 -32.15 92.56 -50.08
N ILE X 538 -31.97 91.47 -50.83
CA ILE X 538 -33.13 90.74 -51.31
C ILE X 538 -34.00 90.30 -50.15
N LEU X 539 -33.37 89.76 -49.10
CA LEU X 539 -34.12 89.39 -47.91
C LEU X 539 -34.76 90.63 -47.28
N LYS X 540 -34.06 91.76 -47.31
CA LYS X 540 -34.60 92.97 -46.71
C LYS X 540 -35.88 93.40 -47.39
N GLU X 541 -35.86 93.55 -48.72
CA GLU X 541 -37.08 93.98 -49.41
C GLU X 541 -38.10 92.86 -49.49
N LEU X 542 -37.65 91.61 -49.55
CA LEU X 542 -38.57 90.50 -49.34
C LEU X 542 -39.23 90.59 -47.97
N GLY X 543 -38.61 91.30 -47.05
CA GLY X 543 -39.15 91.41 -45.70
C GLY X 543 -38.63 90.33 -44.78
N LEU X 544 -37.36 89.97 -44.91
CA LEU X 544 -36.80 88.83 -44.21
C LEU X 544 -35.42 89.16 -43.67
N SER X 545 -35.10 88.58 -42.52
CA SER X 545 -33.73 88.42 -42.09
C SER X 545 -33.22 87.06 -42.52
N ASP X 546 -31.90 86.89 -42.52
CA ASP X 546 -31.36 85.55 -42.67
C ASP X 546 -31.68 84.76 -41.41
N VAL X 547 -32.70 83.92 -41.50
CA VAL X 547 -33.21 83.20 -40.35
C VAL X 547 -32.95 81.72 -40.56
N ASN X 548 -32.81 81.00 -39.45
CA ASN X 548 -32.40 79.60 -39.49
C ASN X 548 -33.20 78.87 -38.42
N ILE X 549 -34.16 78.05 -38.84
CA ILE X 549 -35.10 77.40 -37.94
C ILE X 549 -34.73 75.93 -37.91
N THR X 550 -34.18 75.48 -36.79
CA THR X 550 -33.53 74.19 -36.72
C THR X 550 -34.54 73.06 -36.56
N SER X 551 -34.04 71.83 -36.67
CA SER X 551 -34.76 70.69 -36.11
C SER X 551 -35.01 70.96 -34.64
N LYS X 552 -36.26 70.85 -34.22
CA LYS X 552 -36.69 71.34 -32.92
C LYS X 552 -37.34 70.18 -32.17
N PRO X 553 -36.54 69.23 -31.72
CA PRO X 553 -37.09 67.94 -31.29
C PRO X 553 -37.76 67.94 -29.92
N ILE X 554 -38.63 66.96 -29.74
CA ILE X 554 -39.33 66.68 -28.50
C ILE X 554 -39.42 65.16 -28.48
N GLU X 555 -38.65 64.52 -27.63
CA GLU X 555 -38.25 63.15 -27.86
C GLU X 555 -39.20 62.22 -27.11
N GLY X 556 -39.95 61.41 -27.87
CA GLY X 556 -40.65 60.31 -27.27
C GLY X 556 -39.78 59.07 -27.33
N LYS X 557 -39.06 58.79 -26.25
CA LYS X 557 -38.16 57.67 -26.21
C LYS X 557 -38.45 56.88 -24.94
N GLY X 558 -38.26 55.57 -25.03
CA GLY X 558 -38.85 54.66 -24.08
C GLY X 558 -37.82 54.00 -23.19
N ILE X 559 -38.33 53.15 -22.31
CA ILE X 559 -37.51 52.50 -21.30
C ILE X 559 -36.48 51.59 -21.94
N PHE X 560 -36.77 51.06 -23.12
CA PHE X 560 -35.97 49.94 -23.60
C PHE X 560 -34.66 50.45 -24.17
N SER X 561 -34.71 51.57 -24.90
CA SER X 561 -33.51 52.33 -25.20
C SER X 561 -32.76 52.69 -23.93
N LYS X 562 -33.47 53.29 -22.96
CA LYS X 562 -32.84 53.67 -21.71
C LYS X 562 -32.32 52.45 -20.97
N LEU X 563 -33.18 51.46 -20.77
CA LEU X 563 -32.75 50.23 -20.12
C LEU X 563 -31.47 49.71 -20.75
N LYS X 564 -31.49 49.48 -22.06
CA LYS X 564 -30.31 48.94 -22.72
C LYS X 564 -29.14 49.90 -22.63
N ALA X 565 -29.37 51.21 -22.78
CA ALA X 565 -28.26 52.16 -22.69
C ALA X 565 -27.50 51.96 -21.39
N THR X 566 -28.21 51.84 -20.27
CA THR X 566 -27.56 51.54 -19.01
C THR X 566 -26.86 50.19 -19.06
N LEU X 567 -27.51 49.19 -19.67
CA LEU X 567 -26.99 47.83 -19.60
C LEU X 567 -25.59 47.73 -20.19
N GLN X 568 -25.40 48.22 -21.42
CA GLN X 568 -24.10 48.02 -22.06
C GLN X 568 -22.97 48.66 -21.27
N GLU X 569 -23.19 49.83 -20.68
CA GLU X 569 -22.16 50.40 -19.82
C GLU X 569 -22.14 49.70 -18.47
N MET X 570 -23.31 49.49 -17.87
CA MET X 570 -23.37 48.76 -16.61
C MET X 570 -22.86 47.33 -16.78
N THR X 571 -23.45 46.58 -17.71
CA THR X 571 -23.09 45.18 -17.88
C THR X 571 -21.80 45.02 -18.68
N GLY X 572 -21.57 45.88 -19.65
CA GLY X 572 -20.56 45.63 -20.66
C GLY X 572 -19.15 45.44 -20.14
N LYS X 573 -18.25 45.16 -21.09
CA LYS X 573 -16.83 45.02 -20.84
C LYS X 573 -16.35 46.04 -19.80
N ASP X 574 -16.88 47.25 -19.88
CA ASP X 574 -16.44 48.35 -19.01
C ASP X 574 -17.43 48.64 -17.89
N GLY X 575 -18.23 47.65 -17.50
CA GLY X 575 -19.06 47.82 -16.32
C GLY X 575 -18.20 48.08 -15.10
N SER X 576 -18.64 49.04 -14.27
CA SER X 576 -17.87 49.38 -13.09
C SER X 576 -17.65 48.14 -12.22
N ILE X 577 -18.69 47.33 -12.03
CA ILE X 577 -18.50 46.06 -11.36
C ILE X 577 -17.79 45.08 -12.27
N THR X 578 -18.02 45.18 -13.59
CA THR X 578 -17.14 44.47 -14.51
C THR X 578 -15.70 44.86 -14.24
N LYS X 579 -15.43 46.17 -14.13
CA LYS X 579 -14.10 46.61 -13.75
C LYS X 579 -13.66 45.98 -12.44
N TYR X 580 -14.57 45.86 -11.47
CA TYR X 580 -14.24 45.07 -10.29
C TYR X 580 -13.95 43.62 -10.67
N ASP X 581 -14.66 43.11 -11.67
CA ASP X 581 -14.43 41.72 -12.09
C ASP X 581 -12.95 41.49 -12.38
N GLU X 582 -12.32 42.41 -13.12
CA GLU X 582 -10.88 42.34 -13.28
C GLU X 582 -10.18 42.55 -11.95
N SER X 583 -10.68 43.47 -11.13
CA SER X 583 -10.08 43.72 -9.83
C SER X 583 -9.98 42.42 -9.05
N LEU X 584 -11.09 41.69 -8.93
CA LEU X 584 -11.03 40.37 -8.31
C LEU X 584 -9.96 39.51 -8.97
N THR X 585 -9.92 39.51 -10.30
CA THR X 585 -8.84 38.81 -10.99
C THR X 585 -7.49 39.36 -10.57
N ASN X 586 -7.35 40.68 -10.58
CA ASN X 586 -6.13 41.30 -10.09
C ASN X 586 -5.89 40.94 -8.63
N ASP X 587 -6.92 41.00 -7.81
CA ASP X 587 -6.79 40.53 -6.44
C ASP X 587 -6.26 39.11 -6.41
N ILE X 588 -6.82 38.24 -7.26
CA ILE X 588 -6.28 36.90 -7.39
C ILE X 588 -4.84 36.96 -7.89
N LYS X 589 -4.59 37.74 -8.93
CA LYS X 589 -3.26 37.78 -9.52
C LYS X 589 -2.23 38.26 -8.51
N SER X 590 -2.50 39.40 -7.86
CA SER X 590 -1.56 39.92 -6.88
C SER X 590 -1.33 38.94 -5.76
N LEU X 591 -2.42 38.30 -5.28
CA LEU X 591 -2.29 37.41 -4.14
C LEU X 591 -1.47 36.17 -4.46
N ASN X 592 -1.62 35.61 -5.66
CA ASN X 592 -0.79 34.48 -6.04
C ASN X 592 0.68 34.86 -6.06
N THR X 593 1.00 36.01 -6.65
CA THR X 593 2.39 36.44 -6.73
C THR X 593 3.00 36.56 -5.35
N SER X 594 2.30 37.23 -4.43
CA SER X 594 2.80 37.34 -3.06
C SER X 594 2.90 35.97 -2.41
N LYS X 595 1.89 35.13 -2.60
CA LYS X 595 1.92 33.79 -2.02
C LYS X 595 3.18 33.04 -2.45
N ASP X 596 3.41 32.97 -3.77
CA ASP X 596 4.56 32.24 -4.27
C ASP X 596 5.86 32.90 -3.81
N SER X 597 5.92 34.23 -3.88
CA SER X 597 7.07 34.94 -3.33
C SER X 597 7.24 34.61 -1.86
N THR X 598 6.15 34.68 -1.10
CA THR X 598 6.20 34.28 0.31
C THR X 598 6.57 32.81 0.44
N GLN X 599 5.98 31.96 -0.40
CA GLN X 599 6.28 30.54 -0.34
C GLN X 599 7.77 30.29 -0.55
N ALA X 600 8.36 30.93 -1.55
CA ALA X 600 9.79 30.77 -1.79
C ALA X 600 10.60 31.25 -0.59
N MET X 601 10.26 32.42 -0.05
CA MET X 601 10.96 32.91 1.13
C MET X 601 10.79 31.93 2.28
N ILE X 602 9.56 31.45 2.49
CA ILE X 602 9.32 30.45 3.53
C ILE X 602 10.33 29.31 3.37
N ASP X 603 10.34 28.69 2.19
CA ASP X 603 11.25 27.57 1.96
C ASP X 603 12.69 27.95 2.25
N THR X 604 13.06 29.20 1.99
CA THR X 604 14.44 29.63 2.19
C THR X 604 14.88 29.43 3.63
N ARG X 605 13.97 29.65 4.58
CA ARG X 605 14.35 29.56 5.98
C ARG X 605 14.60 28.12 6.42
N TYR X 606 14.11 27.13 5.68
CA TYR X 606 14.23 25.75 6.11
C TYR X 606 15.43 25.06 5.48
N ASP X 607 15.66 25.27 4.19
CA ASP X 607 16.86 24.70 3.58
C ASP X 607 18.12 25.25 4.24
N THR X 608 18.14 26.55 4.53
CA THR X 608 19.20 27.08 5.37
C THR X 608 19.20 26.42 6.74
N MET X 609 18.05 26.41 7.40
CA MET X 609 17.97 25.80 8.73
C MET X 609 18.35 24.33 8.65
N ALA X 610 17.82 23.62 7.66
CA ALA X 610 18.21 22.23 7.46
C ALA X 610 19.70 22.10 7.24
N ASN X 611 20.23 22.87 6.29
CA ASN X 611 21.67 22.82 6.01
C ASN X 611 22.46 23.14 7.27
N GLN X 612 22.07 24.20 7.98
CA GLN X 612 22.88 24.66 9.09
C GLN X 612 23.06 23.59 10.14
N TRP X 613 22.00 22.83 10.44
CA TRP X 613 22.20 21.71 11.37
C TRP X 613 22.97 20.57 10.70
N LEU X 614 22.64 20.23 9.45
CA LEU X 614 23.47 19.30 8.70
C LEU X 614 24.95 19.60 8.87
N GLN X 615 25.35 20.87 8.82
CA GLN X 615 26.71 21.20 9.16
C GLN X 615 27.05 20.68 10.55
N TYR X 616 26.13 20.87 11.50
CA TYR X 616 26.34 20.31 12.83
C TYR X 616 26.12 18.81 12.86
N GLU X 617 25.11 18.31 12.14
CA GLU X 617 24.86 16.87 12.13
C GLU X 617 26.08 16.11 11.67
N SER X 618 26.68 16.55 10.55
CA SER X 618 27.93 15.93 10.10
C SER X 618 29.03 16.10 11.14
N ILE X 619 29.12 17.30 11.73
CA ILE X 619 30.10 17.52 12.78
C ILE X 619 29.92 16.49 13.89
N LEU X 620 28.68 16.37 14.39
CA LEU X 620 28.43 15.48 15.52
C LEU X 620 28.80 14.05 15.16
N ASN X 621 28.59 13.65 13.91
CA ASN X 621 28.84 12.28 13.53
C ASN X 621 30.28 11.86 13.84
N LYS X 622 31.22 12.80 13.79
CA LYS X 622 32.59 12.47 14.16
C LYS X 622 32.66 12.07 15.62
N LEU X 623 32.05 12.89 16.50
CA LEU X 623 31.94 12.51 17.89
C LEU X 623 31.12 11.24 18.06
N ASN X 624 29.99 11.14 17.36
CA ASN X 624 29.13 9.98 17.51
C ASN X 624 29.92 8.69 17.35
N GLN X 625 30.67 8.59 16.25
CA GLN X 625 31.40 7.36 15.98
C GLN X 625 32.71 7.32 16.76
N GLN X 626 33.48 8.41 16.74
CA GLN X 626 34.75 8.41 17.42
C GLN X 626 34.57 8.33 18.94
N LEU X 627 33.65 9.12 19.49
CA LEU X 627 33.53 9.19 20.93
C LEU X 627 32.87 7.94 21.50
N ASN X 628 31.85 7.40 20.82
CA ASN X 628 31.30 6.13 21.27
C ASN X 628 32.34 5.02 21.17
N THR X 629 33.20 5.09 20.16
CA THR X 629 34.31 4.15 20.09
C THR X 629 35.13 4.20 21.36
N VAL X 630 35.37 5.40 21.89
CA VAL X 630 35.96 5.51 23.22
C VAL X 630 35.09 4.76 24.22
N THR X 631 33.78 4.94 24.12
CA THR X 631 32.86 4.17 24.95
C THR X 631 32.98 2.69 24.64
N ASN X 632 33.13 2.35 23.36
CA ASN X 632 33.30 0.94 22.98
C ASN X 632 34.63 0.40 23.49
N MET X 633 35.70 1.18 23.35
CA MET X 633 36.97 0.82 23.97
C MET X 633 36.82 0.51 25.45
N ILE X 634 36.26 1.45 26.22
CA ILE X 634 36.21 1.22 27.66
C ILE X 634 35.28 0.05 27.94
N ASN X 635 34.26 -0.13 27.09
CA ASN X 635 33.52 -1.38 27.08
C ASN X 635 34.44 -2.56 26.73
N ALA X 636 35.30 -2.37 25.73
CA ALA X 636 36.30 -3.40 25.46
C ALA X 636 37.18 -3.62 26.68
N ALA X 637 37.40 -2.56 27.47
CA ALA X 637 38.11 -2.73 28.73
C ALA X 637 37.29 -3.55 29.72
N ASN X 638 35.97 -3.37 29.74
CA ASN X 638 35.12 -4.28 30.51
C ASN X 638 35.33 -5.72 30.07
N ASN X 639 35.31 -5.95 28.76
CA ASN X 639 35.52 -7.31 28.27
C ASN X 639 36.91 -7.81 28.64
N SER X 640 37.91 -6.92 28.63
CA SER X 640 39.25 -7.31 29.06
C SER X 640 39.30 -7.67 30.53
N ASN X 641 38.52 -6.96 31.37
CA ASN X 641 38.53 -7.26 32.79
C ASN X 641 37.94 -8.63 33.09
N ASN X 642 37.09 -9.15 32.19
CA ASN X 642 36.52 -10.47 32.37
C ASN X 642 37.58 -11.53 32.13
N GLY Y 14 8.57 5.70 28.60
CA GLY Y 14 7.30 5.10 28.21
C GLY Y 14 6.61 5.88 27.11
N VAL Y 15 7.41 6.54 26.28
CA VAL Y 15 6.92 7.50 25.27
C VAL Y 15 5.73 6.92 24.51
N LEU Y 16 5.70 5.60 24.35
CA LEU Y 16 4.57 4.95 23.67
C LEU Y 16 3.26 5.15 24.41
N THR Y 17 3.30 5.55 25.69
CA THR Y 17 2.07 5.63 26.46
C THR Y 17 1.01 6.45 25.76
N GLN Y 18 1.40 7.59 25.19
CA GLN Y 18 0.43 8.49 24.57
C GLN Y 18 -0.42 7.74 23.54
N ASP Y 19 0.24 6.96 22.67
CA ASP Y 19 -0.52 6.12 21.76
C ASP Y 19 -1.26 5.03 22.51
N THR Y 20 -0.64 4.48 23.55
CA THR Y 20 -1.33 3.49 24.36
C THR Y 20 -2.63 4.07 24.92
N ILE Y 21 -2.62 5.34 25.28
CA ILE Y 21 -3.85 5.99 25.69
C ILE Y 21 -4.82 6.00 24.52
N ASP Y 22 -4.31 6.32 23.32
CA ASP Y 22 -5.16 6.40 22.14
C ASP Y 22 -5.98 5.14 21.95
N LYS Y 23 -5.38 3.98 22.21
CA LYS Y 23 -6.16 2.75 22.16
C LYS Y 23 -7.28 2.79 23.18
N LEU Y 24 -6.97 3.19 24.41
CA LEU Y 24 -7.97 3.16 25.48
C LEU Y 24 -9.05 4.21 25.24
N LYS Y 25 -8.64 5.46 24.97
CA LYS Y 25 -9.61 6.50 24.70
C LYS Y 25 -10.44 6.22 23.47
N GLU Y 26 -9.82 5.66 22.42
CA GLU Y 26 -10.58 5.37 21.21
C GLU Y 26 -11.79 4.51 21.52
N ALA Y 27 -11.67 3.63 22.52
CA ALA Y 27 -12.79 2.75 22.87
C ALA Y 27 -14.00 3.55 23.33
N GLU Y 28 -13.80 4.47 24.29
CA GLU Y 28 -14.92 5.29 24.72
C GLU Y 28 -15.30 6.31 23.66
N GLN Y 29 -14.31 6.87 22.96
CA GLN Y 29 -14.60 7.85 21.92
C GLN Y 29 -15.47 7.25 20.84
N LYS Y 30 -15.11 6.05 20.36
CA LYS Y 30 -15.89 5.42 19.31
C LYS Y 30 -17.31 5.15 19.77
N ALA Y 31 -17.46 4.69 21.02
CA ALA Y 31 -18.77 4.29 21.53
C ALA Y 31 -19.74 5.46 21.53
N ARG Y 32 -19.26 6.66 21.86
CA ARG Y 32 -20.14 7.82 21.94
C ARG Y 32 -20.56 8.28 20.55
N ILE Y 33 -19.60 8.36 19.63
CA ILE Y 33 -19.83 9.05 18.37
C ILE Y 33 -20.79 8.27 17.49
N ASP Y 34 -20.54 6.98 17.33
CA ASP Y 34 -21.34 6.22 16.36
C ASP Y 34 -22.83 6.25 16.67
N PRO Y 35 -23.28 6.01 17.90
CA PRO Y 35 -24.71 6.15 18.18
C PRO Y 35 -25.24 7.52 17.79
N TYR Y 36 -24.46 8.57 18.08
CA TYR Y 36 -24.80 9.88 17.56
C TYR Y 36 -24.91 9.84 16.05
N THR Y 37 -23.91 9.25 15.41
CA THR Y 37 -23.93 9.12 13.96
C THR Y 37 -25.18 8.41 13.50
N LYS Y 38 -25.48 7.25 14.09
CA LYS Y 38 -26.55 6.39 13.61
C LYS Y 38 -27.86 7.14 13.45
N LYS Y 39 -28.23 7.94 14.44
CA LYS Y 39 -29.52 8.63 14.39
C LYS Y 39 -29.58 9.60 13.22
N ILE Y 40 -28.41 10.08 12.77
CA ILE Y 40 -28.40 11.01 11.65
C ILE Y 40 -28.75 10.31 10.35
N GLU Y 41 -28.23 9.11 10.12
CA GLU Y 41 -28.53 8.41 8.88
C GLU Y 41 -30.02 8.21 8.70
N GLU Y 42 -30.65 7.48 9.63
CA GLU Y 42 -32.07 7.18 9.48
C GLU Y 42 -32.88 8.45 9.30
N ASN Y 43 -32.50 9.54 9.97
CA ASN Y 43 -33.02 10.84 9.61
C ASN Y 43 -32.70 11.14 8.14
N THR Y 44 -31.42 11.01 7.78
CA THR Y 44 -31.02 11.32 6.41
C THR Y 44 -31.71 10.41 5.41
N THR Y 45 -31.74 9.10 5.68
CA THR Y 45 -32.41 8.17 4.78
C THR Y 45 -33.86 8.58 4.59
N LYS Y 46 -34.58 8.78 5.70
CA LYS Y 46 -35.93 9.29 5.61
C LYS Y 46 -35.94 10.67 4.97
N GLN Y 47 -34.96 11.51 5.29
CA GLN Y 47 -34.91 12.85 4.72
C GLN Y 47 -34.70 12.81 3.21
N LYS Y 48 -33.85 11.90 2.72
CA LYS Y 48 -33.72 11.74 1.28
C LYS Y 48 -35.06 11.32 0.67
N ASP Y 49 -35.71 10.34 1.28
CA ASP Y 49 -36.89 9.76 0.65
C ASP Y 49 -38.05 10.75 0.64
N LEU Y 50 -38.30 11.40 1.76
CA LEU Y 50 -39.43 12.33 1.84
C LEU Y 50 -39.33 13.41 0.76
N THR Y 51 -38.11 13.83 0.43
CA THR Y 51 -37.95 14.73 -0.71
C THR Y 51 -38.60 14.14 -1.94
N GLU Y 52 -38.50 12.83 -2.12
CA GLU Y 52 -39.03 12.20 -3.31
C GLU Y 52 -40.52 11.91 -3.20
N ILE Y 53 -41.00 11.51 -2.02
CA ILE Y 53 -42.46 11.54 -1.80
C ILE Y 53 -42.97 12.95 -2.08
N LYS Y 54 -42.29 13.96 -1.54
CA LYS Y 54 -42.74 15.33 -1.75
C LYS Y 54 -42.65 15.69 -3.23
N THR Y 55 -41.65 15.14 -3.92
CA THR Y 55 -41.49 15.44 -5.34
C THR Y 55 -42.72 15.03 -6.13
N LYS Y 56 -43.13 13.76 -6.00
CA LYS Y 56 -44.35 13.31 -6.67
C LYS Y 56 -45.55 14.06 -6.13
N LEU Y 57 -45.58 14.28 -4.82
CA LEU Y 57 -46.69 14.98 -4.21
C LEU Y 57 -46.90 16.33 -4.87
N LEU Y 58 -45.83 17.12 -4.98
CA LEU Y 58 -45.94 18.45 -5.56
C LEU Y 58 -46.38 18.37 -7.02
N SER Y 59 -45.70 17.55 -7.81
CA SER Y 59 -46.10 17.36 -9.20
C SER Y 59 -47.52 16.82 -9.28
N PHE Y 60 -47.82 15.79 -8.48
CA PHE Y 60 -49.17 15.25 -8.45
C PHE Y 60 -50.15 16.30 -7.97
N GLN Y 61 -49.80 17.03 -6.92
CA GLN Y 61 -50.66 18.09 -6.42
C GLN Y 61 -50.91 19.14 -7.50
N THR Y 62 -49.88 19.47 -8.28
CA THR Y 62 -50.05 20.44 -9.35
C THR Y 62 -51.14 19.99 -10.32
N ALA Y 63 -51.12 18.71 -10.69
CA ALA Y 63 -52.16 18.18 -11.56
C ALA Y 63 -53.53 18.27 -10.88
N VAL Y 64 -53.59 17.99 -9.59
CA VAL Y 64 -54.84 18.16 -8.85
C VAL Y 64 -55.28 19.61 -8.93
N SER Y 65 -54.36 20.53 -8.64
CA SER Y 65 -54.69 21.95 -8.78
C SER Y 65 -55.05 22.30 -10.21
N SER Y 66 -54.56 21.51 -11.17
CA SER Y 66 -54.92 21.75 -12.57
C SER Y 66 -56.35 21.31 -12.84
N LEU Y 67 -56.79 20.21 -12.21
CA LEU Y 67 -58.19 19.82 -12.30
C LEU Y 67 -59.12 20.92 -11.82
N ALA Y 68 -58.58 21.93 -11.14
CA ALA Y 68 -59.39 23.02 -10.61
C ALA Y 68 -60.25 23.65 -11.70
N ASP Y 69 -59.84 23.50 -12.94
CA ASP Y 69 -60.63 23.93 -14.09
C ASP Y 69 -60.85 22.75 -15.03
N ALA Y 70 -62.06 22.66 -15.56
CA ALA Y 70 -62.40 21.65 -16.56
C ALA Y 70 -63.27 22.28 -17.64
N THR Y 71 -63.10 23.57 -17.88
CA THR Y 71 -63.86 24.28 -18.90
C THR Y 71 -62.93 24.77 -20.00
N VAL Y 72 -61.89 25.50 -19.62
CA VAL Y 72 -60.82 25.82 -20.57
C VAL Y 72 -60.19 24.52 -21.06
N PHE Y 73 -60.05 23.55 -20.16
CA PHE Y 73 -59.54 22.24 -20.48
C PHE Y 73 -60.62 21.29 -20.95
N ALA Y 74 -61.89 21.69 -20.85
CA ALA Y 74 -62.90 21.18 -21.76
C ALA Y 74 -62.78 21.83 -23.14
N LYS Y 75 -62.25 23.05 -23.19
CA LYS Y 75 -61.76 23.66 -24.42
C LYS Y 75 -62.86 23.72 -25.46
N ARG Y 76 -62.57 24.23 -26.66
CA ARG Y 76 -63.50 24.14 -27.77
C ARG Y 76 -62.76 23.82 -29.04
N LYS Y 77 -63.47 23.23 -30.00
CA LYS Y 77 -62.92 22.88 -31.29
C LYS Y 77 -63.86 23.47 -32.33
N VAL Y 78 -63.37 23.63 -33.57
CA VAL Y 78 -64.17 24.27 -34.61
C VAL Y 78 -63.96 23.56 -35.95
N VAL Y 79 -64.94 23.73 -36.84
CA VAL Y 79 -64.83 23.28 -38.24
C VAL Y 79 -65.13 24.45 -39.15
N GLY Y 80 -64.38 24.54 -40.24
CA GLY Y 80 -64.73 25.39 -41.37
C GLY Y 80 -64.90 24.52 -42.60
N SER Y 81 -66.03 24.66 -43.27
CA SER Y 81 -66.47 23.66 -44.24
C SER Y 81 -65.89 23.85 -45.63
N ILE Y 82 -64.94 24.76 -45.82
CA ILE Y 82 -64.33 24.96 -47.13
C ILE Y 82 -62.82 25.01 -46.97
N SER Y 83 -62.10 24.36 -47.90
CA SER Y 83 -60.67 24.21 -47.78
C SER Y 83 -59.90 25.43 -48.25
N ASP Y 84 -60.29 26.01 -49.38
CA ASP Y 84 -59.59 27.16 -49.95
C ASP Y 84 -60.58 28.29 -50.16
N ASN Y 85 -60.14 29.51 -49.84
CA ASN Y 85 -60.96 30.70 -49.92
C ASN Y 85 -62.32 30.52 -49.25
N PRO Y 86 -62.36 30.07 -48.00
CA PRO Y 86 -63.64 29.99 -47.28
C PRO Y 86 -64.22 31.38 -47.05
N PRO Y 87 -65.48 31.62 -47.45
CA PRO Y 87 -66.02 32.99 -47.38
C PRO Y 87 -66.28 33.53 -45.98
N ALA Y 88 -65.91 32.81 -44.93
CA ALA Y 88 -66.15 33.31 -43.58
C ALA Y 88 -65.10 32.78 -42.62
N SER Y 89 -64.92 33.49 -41.51
CA SER Y 89 -63.96 33.15 -40.47
C SER Y 89 -64.61 33.29 -39.10
N LEU Y 90 -64.14 32.49 -38.15
CA LEU Y 90 -64.79 32.37 -36.85
C LEU Y 90 -63.77 32.15 -35.75
N THR Y 91 -64.15 32.51 -34.53
CA THR Y 91 -63.37 32.26 -33.33
C THR Y 91 -64.30 31.79 -32.22
N VAL Y 92 -63.78 30.96 -31.32
CA VAL Y 92 -64.60 30.33 -30.28
C VAL Y 92 -63.89 30.42 -28.93
N ASN Y 93 -64.67 30.23 -27.87
CA ASN Y 93 -64.18 30.19 -26.50
C ASN Y 93 -64.49 28.83 -25.88
N SER Y 94 -63.60 28.41 -24.98
CA SER Y 94 -63.61 27.06 -24.43
C SER Y 94 -64.87 26.79 -23.62
N GLY Y 95 -65.12 25.50 -23.39
CA GLY Y 95 -66.12 25.04 -22.45
C GLY Y 95 -67.56 25.09 -22.93
N VAL Y 96 -67.87 26.04 -23.82
CA VAL Y 96 -69.25 26.31 -24.16
C VAL Y 96 -69.86 25.12 -24.88
N ALA Y 97 -71.18 24.99 -24.81
CA ALA Y 97 -71.88 23.90 -25.45
C ALA Y 97 -71.66 23.94 -26.97
N LEU Y 98 -72.11 22.87 -27.63
CA LEU Y 98 -71.85 22.68 -29.05
C LEU Y 98 -72.98 23.23 -29.90
N GLN Y 99 -72.63 23.63 -31.13
CA GLN Y 99 -73.62 24.09 -32.09
C GLN Y 99 -72.94 24.28 -33.44
N SER Y 100 -73.69 23.99 -34.51
CA SER Y 100 -73.20 24.08 -35.87
C SER Y 100 -74.06 25.05 -36.66
N MET Y 101 -73.48 25.67 -37.67
CA MET Y 101 -74.15 26.74 -38.39
C MET Y 101 -73.64 26.83 -39.83
N ASN Y 102 -74.55 27.20 -40.74
CA ASN Y 102 -74.22 27.46 -42.13
C ASN Y 102 -74.52 28.93 -42.44
N ILE Y 103 -73.68 29.54 -43.26
CA ILE Y 103 -73.73 30.97 -43.52
C ILE Y 103 -73.77 31.21 -45.02
N ASN Y 104 -74.72 32.05 -45.45
CA ASN Y 104 -74.64 32.75 -46.72
C ASN Y 104 -74.64 34.24 -46.40
N VAL Y 105 -74.07 35.03 -47.29
CA VAL Y 105 -73.86 36.47 -47.08
C VAL Y 105 -74.30 37.18 -48.35
N THR Y 106 -75.41 37.90 -48.30
CA THR Y 106 -75.93 38.54 -49.51
C THR Y 106 -76.15 40.04 -49.37
N GLN Y 107 -75.06 40.81 -49.42
CA GLN Y 107 -75.15 42.27 -49.32
C GLN Y 107 -73.78 42.84 -48.96
N LEU Y 108 -73.21 43.67 -49.83
CA LEU Y 108 -71.88 44.21 -49.56
C LEU Y 108 -71.98 45.37 -48.58
N ALA Y 109 -71.41 45.20 -47.38
CA ALA Y 109 -71.15 46.35 -46.54
C ALA Y 109 -70.24 47.31 -47.29
N GLN Y 110 -70.71 48.54 -47.47
CA GLN Y 110 -70.03 49.51 -48.30
C GLN Y 110 -69.85 50.80 -47.51
N LYS Y 111 -68.96 51.65 -48.00
CA LYS Y 111 -68.82 53.01 -47.50
C LYS Y 111 -69.42 53.99 -48.49
N ASP Y 112 -69.61 55.22 -48.04
CA ASP Y 112 -69.90 56.32 -48.95
C ASP Y 112 -68.62 56.74 -49.65
N VAL Y 113 -68.31 56.10 -50.78
CA VAL Y 113 -67.06 56.35 -51.49
C VAL Y 113 -67.35 57.32 -52.62
N TYR Y 114 -66.66 58.45 -52.60
CA TYR Y 114 -66.74 59.45 -53.64
C TYR Y 114 -65.43 59.51 -54.40
N GLN Y 115 -65.49 59.77 -55.70
CA GLN Y 115 -64.36 60.35 -56.41
C GLN Y 115 -64.91 61.28 -57.48
N SER Y 116 -64.19 62.38 -57.70
CA SER Y 116 -64.79 63.61 -58.22
C SER Y 116 -64.47 63.82 -59.70
N LYS Y 117 -64.83 65.01 -60.18
CA LYS Y 117 -64.39 65.56 -61.46
C LYS Y 117 -62.89 65.42 -61.64
N GLY Y 118 -62.44 65.26 -62.89
CA GLY Y 118 -61.02 65.28 -63.16
C GLY Y 118 -60.46 66.69 -63.03
N LEU Y 119 -59.34 66.80 -62.32
CA LEU Y 119 -58.66 68.07 -62.13
C LEU Y 119 -57.40 68.13 -62.99
N ALA Y 120 -57.26 69.25 -63.70
CA ALA Y 120 -55.96 69.58 -64.26
C ALA Y 120 -54.94 69.89 -63.16
N ASN Y 121 -55.40 70.10 -61.94
CA ASN Y 121 -54.55 70.59 -60.87
C ASN Y 121 -55.15 70.29 -59.50
N ASP Y 122 -54.50 69.42 -58.73
CA ASP Y 122 -54.86 69.30 -57.32
C ASP Y 122 -54.57 70.62 -56.61
N GLY Y 123 -53.45 71.26 -56.93
CA GLY Y 123 -53.20 72.61 -56.48
C GLY Y 123 -54.14 73.63 -57.07
N GLY Y 124 -55.00 73.21 -58.01
CA GLY Y 124 -56.05 74.09 -58.47
C GLY Y 124 -56.84 74.63 -57.29
N PHE Y 125 -57.22 75.90 -57.38
CA PHE Y 125 -57.85 76.54 -56.25
C PHE Y 125 -59.31 76.17 -56.16
N VAL Y 126 -59.70 75.57 -55.03
CA VAL Y 126 -61.11 75.47 -54.70
C VAL Y 126 -61.73 76.85 -54.63
N ASN Y 127 -60.98 77.81 -54.10
CA ASN Y 127 -61.35 79.23 -54.20
C ASN Y 127 -60.16 80.07 -53.78
N ALA Y 128 -59.83 81.07 -54.59
CA ALA Y 128 -58.71 81.96 -54.29
C ALA Y 128 -59.17 83.30 -53.74
N GLN Y 129 -60.35 83.78 -54.12
CA GLN Y 129 -60.85 85.06 -53.66
C GLN Y 129 -62.32 84.89 -53.25
N LEU Y 130 -62.61 83.86 -52.46
CA LEU Y 130 -63.96 83.68 -51.95
C LEU Y 130 -64.51 85.00 -51.42
N ASN Y 131 -65.78 85.25 -51.72
CA ASN Y 131 -66.41 86.49 -51.31
C ASN Y 131 -66.63 86.45 -49.80
N GLY Y 132 -65.54 86.51 -49.04
CA GLY Y 132 -65.60 86.31 -47.62
C GLY Y 132 -65.53 84.83 -47.27
N THR Y 133 -66.62 84.28 -46.76
CA THR Y 133 -66.67 82.88 -46.36
C THR Y 133 -68.05 82.32 -46.63
N ALA Y 134 -68.11 81.00 -46.78
CA ALA Y 134 -69.35 80.25 -46.89
C ALA Y 134 -69.52 79.37 -45.66
N ASP Y 135 -70.72 78.82 -45.50
CA ASP Y 135 -71.09 78.08 -44.30
C ASP Y 135 -71.70 76.75 -44.71
N LEU Y 136 -71.01 75.66 -44.38
CA LEU Y 136 -71.37 74.33 -44.85
C LEU Y 136 -71.61 73.41 -43.67
N THR Y 137 -72.38 72.34 -43.93
CA THR Y 137 -72.78 71.42 -42.88
C THR Y 137 -72.86 70.02 -43.46
N PHE Y 138 -72.43 69.04 -42.65
CA PHE Y 138 -72.41 67.66 -43.08
C PHE Y 138 -72.74 66.76 -41.91
N PHE Y 139 -73.32 65.60 -42.23
CA PHE Y 139 -73.51 64.53 -41.26
C PHE Y 139 -72.99 63.24 -41.87
N SER Y 140 -72.13 62.55 -41.16
CA SER Y 140 -71.66 61.24 -41.60
C SER Y 140 -71.13 60.49 -40.40
N ASN Y 141 -71.10 59.17 -40.51
CA ASN Y 141 -70.71 58.31 -39.39
C ASN Y 141 -71.56 58.61 -38.17
N GLY Y 142 -72.83 58.91 -38.42
CA GLY Y 142 -73.76 59.22 -37.34
C GLY Y 142 -73.39 60.49 -36.60
N LYS Y 143 -72.54 61.33 -37.20
CA LYS Y 143 -72.03 62.52 -36.56
C LYS Y 143 -72.30 63.73 -37.45
N GLU Y 144 -72.58 64.87 -36.81
CA GLU Y 144 -72.87 66.12 -37.49
C GLU Y 144 -71.61 66.95 -37.60
N TYR Y 145 -71.53 67.77 -38.65
CA TYR Y 145 -70.38 68.62 -38.89
C TYR Y 145 -70.81 69.99 -39.39
N THR Y 146 -70.04 71.01 -39.04
CA THR Y 146 -70.28 72.38 -39.46
C THR Y 146 -68.95 73.08 -39.69
N VAL Y 147 -68.88 73.89 -40.74
CA VAL Y 147 -67.64 74.59 -41.09
C VAL Y 147 -67.99 75.91 -41.78
N THR Y 148 -67.08 76.87 -41.66
CA THR Y 148 -67.10 78.09 -42.46
C THR Y 148 -65.85 78.10 -43.33
N VAL Y 149 -66.00 78.44 -44.61
CA VAL Y 149 -65.00 78.13 -45.62
C VAL Y 149 -64.29 79.40 -46.06
N ASP Y 150 -63.08 79.23 -46.61
CA ASP Y 150 -62.13 80.32 -46.81
C ASP Y 150 -61.77 80.47 -48.29
N LYS Y 151 -61.21 81.65 -48.61
CA LYS Y 151 -60.75 82.08 -49.93
C LYS Y 151 -59.37 81.57 -50.30
N ASN Y 152 -58.68 80.72 -49.54
CA ASN Y 152 -57.29 80.39 -49.80
C ASN Y 152 -57.10 78.88 -49.82
N THR Y 153 -57.93 78.19 -50.59
CA THR Y 153 -58.01 76.74 -50.57
C THR Y 153 -57.70 76.17 -51.94
N THR Y 154 -56.97 75.05 -51.97
CA THR Y 154 -56.76 74.24 -53.16
C THR Y 154 -57.34 72.86 -52.89
N TYR Y 155 -57.53 72.10 -53.98
CA TYR Y 155 -58.08 70.75 -53.83
C TYR Y 155 -57.16 69.89 -52.97
N ARG Y 156 -55.85 69.99 -53.18
CA ARG Y 156 -54.91 69.31 -52.30
C ARG Y 156 -55.01 69.85 -50.88
N ASP Y 157 -54.98 71.18 -50.72
CA ASP Y 157 -55.10 71.77 -49.40
C ASP Y 157 -56.50 71.58 -48.83
N LEU Y 158 -57.49 71.38 -49.70
CA LEU Y 158 -58.83 71.08 -49.22
C LEU Y 158 -58.86 69.73 -48.51
N ALA Y 159 -58.11 68.75 -49.03
CA ALA Y 159 -58.20 67.39 -48.50
C ALA Y 159 -57.86 67.35 -47.02
N ASP Y 160 -56.70 67.90 -46.65
CA ASP Y 160 -56.32 67.89 -45.24
C ASP Y 160 -57.20 68.82 -44.43
N LYS Y 161 -57.62 69.95 -45.02
CA LYS Y 161 -58.58 70.81 -44.35
C LYS Y 161 -59.84 70.04 -43.99
N ILE Y 162 -60.33 69.18 -44.90
CA ILE Y 162 -61.45 68.32 -44.56
C ILE Y 162 -61.08 67.39 -43.43
N ASN Y 163 -59.93 66.73 -43.53
CA ASN Y 163 -59.59 65.68 -42.57
C ASN Y 163 -59.40 66.24 -41.17
N GLU Y 164 -58.86 67.45 -41.06
CA GLU Y 164 -58.74 68.07 -39.74
C GLU Y 164 -60.11 68.36 -39.14
N ALA Y 165 -60.98 69.03 -39.90
CA ALA Y 165 -62.31 69.32 -39.40
C ALA Y 165 -63.16 68.07 -39.31
N SER Y 166 -63.04 67.16 -40.28
CA SER Y 166 -63.82 65.93 -40.25
C SER Y 166 -63.34 64.98 -39.17
N GLY Y 167 -62.04 64.95 -38.92
CA GLY Y 167 -61.48 63.97 -38.01
C GLY Y 167 -61.27 62.60 -38.63
N GLY Y 168 -61.33 62.51 -39.96
CA GLY Y 168 -61.13 61.25 -40.64
C GLY Y 168 -62.39 60.44 -40.77
N GLU Y 169 -63.37 60.68 -39.89
CA GLU Y 169 -64.66 60.03 -40.03
C GLU Y 169 -65.21 60.22 -41.43
N ILE Y 170 -65.03 61.40 -41.99
CA ILE Y 170 -65.14 61.62 -43.44
C ILE Y 170 -63.74 61.89 -43.95
N VAL Y 171 -63.31 61.10 -44.92
CA VAL Y 171 -61.95 61.16 -45.42
C VAL Y 171 -61.93 61.98 -46.69
N ALA Y 172 -60.81 62.65 -46.93
CA ALA Y 172 -60.60 63.42 -48.14
C ALA Y 172 -59.18 63.18 -48.62
N LYS Y 173 -59.02 62.99 -49.93
CA LYS Y 173 -57.72 62.67 -50.50
C LYS Y 173 -57.69 63.08 -51.98
N ILE Y 174 -56.50 63.47 -52.43
CA ILE Y 174 -56.23 63.67 -53.85
C ILE Y 174 -55.68 62.37 -54.41
N VAL Y 175 -56.09 62.03 -55.62
CA VAL Y 175 -55.51 60.92 -56.36
C VAL Y 175 -55.14 61.43 -57.75
N ASN Y 176 -54.06 60.90 -58.29
CA ASN Y 176 -53.65 61.18 -59.65
C ASN Y 176 -54.20 60.09 -60.57
N THR Y 177 -54.84 60.50 -61.65
CA THR Y 177 -55.70 59.59 -62.40
C THR Y 177 -54.92 58.42 -63.00
N GLY Y 178 -53.72 58.69 -63.52
CA GLY Y 178 -52.99 57.71 -64.29
C GLY Y 178 -53.43 57.75 -65.74
N GLU Y 179 -54.70 58.05 -65.96
CA GLU Y 179 -55.14 58.57 -67.25
C GLU Y 179 -54.59 59.98 -67.40
N LYS Y 180 -53.65 60.15 -68.32
CA LYS Y 180 -52.78 61.32 -68.30
C LYS Y 180 -53.55 62.62 -68.51
N GLY Y 181 -54.67 62.58 -69.24
CA GLY Y 181 -55.33 63.81 -69.63
C GLY Y 181 -55.79 64.67 -68.48
N THR Y 182 -56.48 64.08 -67.50
CA THR Y 182 -56.90 64.81 -66.32
C THR Y 182 -56.08 64.30 -65.14
N PRO Y 183 -55.00 64.99 -64.78
CA PRO Y 183 -54.00 64.38 -63.89
C PRO Y 183 -54.52 63.96 -62.53
N TYR Y 184 -55.60 64.56 -62.01
CA TYR Y 184 -56.01 64.28 -60.64
C TYR Y 184 -57.49 63.95 -60.55
N ARG Y 185 -57.81 63.08 -59.59
CA ARG Y 185 -59.16 62.88 -59.09
C ARG Y 185 -59.16 63.11 -57.59
N LEU Y 186 -60.22 63.75 -57.10
CA LEU Y 186 -60.40 63.97 -55.67
C LEU Y 186 -61.27 62.84 -55.11
N THR Y 187 -60.79 62.20 -54.05
CA THR Y 187 -61.44 61.04 -53.47
C THR Y 187 -61.87 61.36 -52.05
N LEU Y 188 -63.15 61.14 -51.74
CA LEU Y 188 -63.72 61.42 -50.44
C LEU Y 188 -64.50 60.19 -49.97
N THR Y 189 -64.62 60.05 -48.65
CA THR Y 189 -65.17 58.82 -48.10
C THR Y 189 -65.76 59.05 -46.72
N SER Y 190 -66.79 58.27 -46.39
CA SER Y 190 -67.23 58.06 -45.03
C SER Y 190 -66.48 56.85 -44.50
N LYS Y 191 -65.74 57.04 -43.41
CA LYS Y 191 -64.66 56.11 -43.08
C LYS Y 191 -65.15 54.71 -42.71
N GLU Y 192 -66.44 54.51 -42.49
CA GLU Y 192 -66.96 53.20 -42.10
C GLU Y 192 -68.09 52.80 -43.02
N THR Y 193 -68.49 51.53 -42.90
CA THR Y 193 -69.50 50.92 -43.76
C THR Y 193 -70.74 50.70 -42.91
N GLY Y 194 -71.84 51.35 -43.28
CA GLY Y 194 -73.09 51.12 -42.59
C GLY Y 194 -74.12 52.15 -42.97
N GLU Y 195 -75.36 51.85 -42.59
CA GLU Y 195 -76.43 52.84 -42.66
C GLU Y 195 -76.04 54.11 -41.92
N ASP Y 196 -75.30 53.97 -40.83
CA ASP Y 196 -74.87 55.13 -40.05
C ASP Y 196 -73.84 55.96 -40.81
N SER Y 197 -73.02 55.32 -41.63
CA SER Y 197 -71.81 55.97 -42.14
C SER Y 197 -72.12 56.96 -43.26
N ALA Y 198 -73.21 56.75 -44.00
CA ALA Y 198 -73.44 57.53 -45.20
C ALA Y 198 -73.46 59.03 -44.88
N ILE Y 199 -73.40 59.84 -45.95
CA ILE Y 199 -73.14 61.27 -45.85
C ILE Y 199 -74.39 62.06 -46.22
N SER Y 200 -74.53 63.24 -45.65
CA SER Y 200 -75.54 64.22 -46.02
C SER Y 200 -74.93 65.61 -46.01
N PHE Y 201 -75.49 66.51 -46.83
CA PHE Y 201 -75.00 67.88 -46.93
C PHE Y 201 -75.96 68.85 -46.27
N TYR Y 202 -75.44 70.04 -46.00
CA TYR Y 202 -76.25 71.21 -45.67
C TYR Y 202 -75.32 72.41 -45.61
N ALA Y 203 -75.89 73.59 -45.83
CA ALA Y 203 -75.14 74.84 -45.86
C ALA Y 203 -75.52 75.66 -44.63
N GLY Y 204 -74.61 75.73 -43.66
CA GLY Y 204 -74.89 76.53 -42.48
C GLY Y 204 -73.74 76.54 -41.50
N LYS Y 205 -73.73 77.56 -40.65
CA LYS Y 205 -72.88 77.62 -39.47
C LYS Y 205 -73.79 77.82 -38.26
N LYS Y 206 -73.36 77.29 -37.11
CA LYS Y 206 -74.25 77.14 -35.97
C LYS Y 206 -74.53 78.51 -35.36
N ASP Y 207 -75.81 78.86 -35.29
CA ASP Y 207 -76.23 80.16 -34.81
C ASP Y 207 -76.21 80.19 -33.28
N SER Y 208 -76.60 81.35 -32.72
CA SER Y 208 -76.67 81.49 -31.28
C SER Y 208 -77.57 80.45 -30.64
N ASN Y 209 -78.59 79.99 -31.36
CA ASN Y 209 -79.40 78.87 -30.93
C ASN Y 209 -78.69 77.54 -31.07
N GLY Y 210 -77.40 77.57 -31.42
CA GLY Y 210 -76.70 76.33 -31.72
C GLY Y 210 -77.39 75.56 -32.83
N LYS Y 211 -77.88 76.24 -33.85
CA LYS Y 211 -78.74 75.62 -34.84
C LYS Y 211 -78.21 75.90 -36.24
N TYR Y 212 -78.57 75.02 -37.16
CA TYR Y 212 -78.12 75.09 -38.56
C TYR Y 212 -79.04 76.05 -39.30
N GLN Y 213 -78.45 77.06 -39.93
CA GLN Y 213 -79.19 78.00 -40.76
C GLN Y 213 -78.58 78.02 -42.16
N LYS Y 214 -79.39 78.37 -43.14
CA LYS Y 214 -79.12 78.04 -44.54
C LYS Y 214 -78.26 79.13 -45.17
N ASP Y 215 -77.08 78.73 -45.67
CA ASP Y 215 -76.19 79.64 -46.37
C ASP Y 215 -76.19 79.34 -47.87
N ILE Y 216 -76.08 80.39 -48.68
CA ILE Y 216 -76.06 80.21 -50.13
C ILE Y 216 -74.63 80.08 -50.64
N ASN Y 217 -73.69 80.83 -50.05
CA ASN Y 217 -72.31 80.81 -50.52
C ASN Y 217 -71.74 79.41 -50.49
N ALA Y 218 -72.29 78.54 -49.63
CA ALA Y 218 -71.90 77.14 -49.61
C ALA Y 218 -72.21 76.45 -50.92
N GLU Y 219 -73.38 76.73 -51.50
CA GLU Y 219 -73.85 76.00 -52.67
C GLU Y 219 -72.80 76.03 -53.79
N LYS Y 220 -72.32 77.22 -54.13
CA LYS Y 220 -71.30 77.32 -55.17
C LYS Y 220 -70.06 76.55 -54.81
N ILE Y 221 -69.72 76.48 -53.51
CA ILE Y 221 -68.58 75.69 -53.08
C ILE Y 221 -68.93 74.21 -53.08
N PHE Y 222 -70.15 73.87 -52.68
CA PHE Y 222 -70.64 72.52 -52.91
C PHE Y 222 -70.49 72.14 -54.37
N ASP Y 223 -70.71 73.11 -55.27
CA ASP Y 223 -70.42 72.89 -56.67
C ASP Y 223 -68.92 72.85 -56.94
N ASP Y 224 -68.14 73.65 -56.21
CA ASP Y 224 -66.69 73.58 -56.34
C ASP Y 224 -66.19 72.18 -56.01
N LEU Y 225 -66.86 71.49 -55.08
CA LEU Y 225 -66.56 70.08 -54.85
C LEU Y 225 -66.90 69.23 -56.07
N GLY Y 226 -67.98 69.57 -56.76
CA GLY Y 226 -68.61 68.64 -57.67
C GLY Y 226 -69.80 67.93 -57.08
N TRP Y 227 -70.27 68.36 -55.90
CA TRP Y 227 -71.46 67.78 -55.27
C TRP Y 227 -72.27 68.93 -54.68
N GLY Y 228 -73.25 69.39 -55.44
CA GLY Y 228 -74.17 70.40 -54.95
C GLY Y 228 -75.09 69.84 -53.88
N LEU Y 229 -75.66 70.71 -53.05
CA LEU Y 229 -76.70 70.27 -52.13
C LEU Y 229 -77.84 69.65 -52.92
N ASP Y 230 -78.32 68.48 -52.48
CA ASP Y 230 -79.54 67.96 -53.04
C ASP Y 230 -80.70 68.75 -52.44
N VAL Y 231 -80.92 69.96 -52.95
CA VAL Y 231 -81.92 70.85 -52.38
C VAL Y 231 -83.31 70.23 -52.39
N SER Y 232 -83.52 69.17 -53.17
CA SER Y 232 -84.77 68.42 -53.10
C SER Y 232 -84.97 67.83 -51.70
N ALA Y 233 -83.87 67.45 -51.05
CA ALA Y 233 -83.93 66.92 -49.69
C ALA Y 233 -84.01 68.06 -48.69
N SER Y 234 -85.08 68.86 -48.77
CA SER Y 234 -85.26 70.04 -47.93
C SER Y 234 -85.77 69.60 -46.56
N ILE Y 235 -84.83 69.32 -45.65
CA ILE Y 235 -85.13 68.94 -44.29
C ILE Y 235 -84.21 69.68 -43.34
N ASP Y 236 -84.62 69.80 -42.09
CA ASP Y 236 -83.89 70.56 -41.09
C ASP Y 236 -82.82 69.69 -40.44
N PRO Y 237 -81.53 70.00 -40.62
CA PRO Y 237 -80.49 69.10 -40.10
C PRO Y 237 -80.41 69.06 -38.58
N ASP Y 238 -80.97 70.04 -37.86
CA ASP Y 238 -81.00 69.91 -36.40
C ASP Y 238 -82.26 69.20 -35.92
N LYS Y 239 -83.40 69.49 -36.54
CA LYS Y 239 -84.60 68.70 -36.25
C LYS Y 239 -84.44 67.27 -36.75
N ASP Y 240 -83.93 67.12 -37.97
CA ASP Y 240 -83.78 65.78 -38.54
C ASP Y 240 -82.46 65.13 -38.12
N LYS Y 241 -81.44 65.94 -37.83
CA LYS Y 241 -80.09 65.46 -37.49
C LYS Y 241 -79.42 64.76 -38.66
N LYS Y 242 -79.88 65.06 -39.88
CA LYS Y 242 -79.11 64.91 -41.10
C LYS Y 242 -79.74 65.80 -42.16
N GLY Y 243 -78.90 66.45 -42.95
CA GLY Y 243 -79.31 67.52 -43.84
C GLY Y 243 -79.61 67.07 -45.25
N TYR Y 244 -79.39 67.97 -46.20
CA TYR Y 244 -79.66 67.67 -47.60
C TYR Y 244 -78.85 66.47 -48.06
N GLY Y 245 -79.20 65.99 -49.25
CA GLY Y 245 -78.41 64.98 -49.93
C GLY Y 245 -77.34 65.61 -50.79
N ILE Y 246 -76.99 64.92 -51.86
CA ILE Y 246 -76.00 65.39 -52.81
C ILE Y 246 -76.59 65.32 -54.21
N LYS Y 247 -76.09 66.17 -55.09
CA LYS Y 247 -76.60 66.21 -56.46
C LYS Y 247 -75.93 65.16 -57.33
N ASP Y 248 -74.61 65.03 -57.23
CA ASP Y 248 -73.84 64.15 -58.11
C ASP Y 248 -73.64 62.80 -57.42
N ALA Y 249 -74.70 61.99 -57.49
CA ALA Y 249 -74.63 60.64 -56.92
C ALA Y 249 -73.70 59.75 -57.73
N SER Y 250 -73.45 60.09 -59.00
CA SER Y 250 -72.57 59.27 -59.82
C SER Y 250 -71.14 59.30 -59.30
N LEU Y 251 -70.58 60.51 -59.10
CA LEU Y 251 -69.26 60.60 -58.49
C LEU Y 251 -69.27 60.09 -57.07
N HIS Y 252 -70.46 60.02 -56.46
CA HIS Y 252 -70.64 59.23 -55.25
C HIS Y 252 -70.65 57.77 -55.66
N ILE Y 253 -69.46 57.18 -55.81
CA ILE Y 253 -69.35 55.86 -56.42
C ILE Y 253 -70.11 54.82 -55.63
N GLN Y 254 -69.94 54.82 -54.31
CA GLN Y 254 -70.41 53.72 -53.47
C GLN Y 254 -71.09 54.29 -52.25
N THR Y 255 -72.11 53.59 -51.76
CA THR Y 255 -72.95 54.06 -50.67
C THR Y 255 -72.65 53.27 -49.40
N ALA Y 256 -72.51 53.99 -48.29
CA ALA Y 256 -72.27 53.34 -47.01
C ALA Y 256 -73.50 52.56 -46.58
N GLN Y 257 -73.32 51.29 -46.23
CA GLN Y 257 -74.48 50.43 -46.01
C GLN Y 257 -74.06 49.17 -45.27
N ASN Y 258 -74.98 48.21 -45.23
CA ASN Y 258 -74.87 47.06 -44.35
C ASN Y 258 -74.25 45.85 -45.05
N ALA Y 259 -73.89 44.86 -44.24
CA ALA Y 259 -73.62 43.50 -44.70
C ALA Y 259 -74.65 42.56 -44.09
N GLU Y 260 -75.11 41.62 -44.90
CA GLU Y 260 -76.26 40.78 -44.57
C GLU Y 260 -75.88 39.33 -44.83
N PHE Y 261 -76.48 38.42 -44.07
CA PHE Y 261 -76.04 37.03 -44.12
C PHE Y 261 -77.04 36.15 -43.39
N THR Y 262 -76.85 34.84 -43.54
CA THR Y 262 -77.77 33.84 -42.98
C THR Y 262 -77.26 33.34 -41.64
N LEU Y 263 -78.18 32.72 -40.90
CA LEU Y 263 -77.84 31.83 -39.78
C LEU Y 263 -78.93 30.79 -39.67
N ASP Y 264 -78.67 29.59 -40.18
CA ASP Y 264 -79.51 28.43 -39.92
C ASP Y 264 -80.98 28.73 -40.21
N GLY Y 265 -81.25 29.39 -41.34
CA GLY Y 265 -82.59 29.73 -41.72
C GLY Y 265 -83.02 31.14 -41.35
N ILE Y 266 -82.15 31.93 -40.74
CA ILE Y 266 -82.46 33.30 -40.37
C ILE Y 266 -81.50 34.25 -41.08
N LYS Y 267 -82.04 35.36 -41.54
CA LYS Y 267 -81.25 36.42 -42.17
C LYS Y 267 -81.09 37.57 -41.20
N MET Y 268 -79.94 38.24 -41.29
CA MET Y 268 -79.66 39.39 -40.44
C MET Y 268 -78.72 40.33 -41.18
N PHE Y 269 -78.85 41.61 -40.84
CA PHE Y 269 -78.34 42.70 -41.67
C PHE Y 269 -77.73 43.75 -40.75
N ARG Y 270 -76.46 44.05 -40.95
CA ARG Y 270 -75.79 45.02 -40.09
C ARG Y 270 -74.73 45.75 -40.89
N SER Y 271 -74.38 46.94 -40.41
CA SER Y 271 -73.25 47.69 -40.95
C SER Y 271 -72.03 46.78 -40.99
N SER Y 272 -71.80 46.04 -39.91
CA SER Y 272 -70.70 45.09 -39.85
C SER Y 272 -70.99 43.87 -40.70
N ASN Y 273 -69.95 43.32 -41.33
CA ASN Y 273 -69.96 41.99 -41.90
C ASN Y 273 -69.34 40.96 -40.96
N THR Y 274 -69.35 41.26 -39.65
CA THR Y 274 -68.64 40.49 -38.64
C THR Y 274 -69.52 40.39 -37.40
N VAL Y 275 -69.31 39.33 -36.62
CA VAL Y 275 -70.23 38.97 -35.54
C VAL Y 275 -69.46 38.84 -34.24
N THR Y 276 -69.95 39.53 -33.20
CA THR Y 276 -69.38 39.37 -31.87
C THR Y 276 -70.41 39.40 -30.74
N ASP Y 277 -71.71 39.29 -31.04
CA ASP Y 277 -72.71 39.59 -30.03
C ASP Y 277 -73.14 38.37 -29.23
N LEU Y 278 -73.70 37.37 -29.90
CA LEU Y 278 -74.04 36.11 -29.23
C LEU Y 278 -72.86 35.17 -29.15
N GLY Y 279 -71.70 35.60 -29.62
CA GLY Y 279 -70.49 34.80 -29.57
C GLY Y 279 -69.83 34.87 -28.21
N VAL Y 280 -70.31 34.08 -27.25
CA VAL Y 280 -69.82 34.18 -25.89
C VAL Y 280 -68.36 33.75 -25.89
N GLY Y 281 -67.47 34.74 -25.81
CA GLY Y 281 -66.06 34.51 -26.08
C GLY Y 281 -65.79 34.12 -27.52
N MET Y 282 -66.67 34.49 -28.43
CA MET Y 282 -66.59 34.01 -29.81
C MET Y 282 -66.87 35.17 -30.76
N THR Y 283 -66.33 35.07 -31.96
CA THR Y 283 -66.44 36.14 -32.94
C THR Y 283 -66.32 35.55 -34.35
N LEU Y 284 -67.19 36.00 -35.25
CA LEU Y 284 -67.21 35.52 -36.63
C LEU Y 284 -67.07 36.70 -37.58
N THR Y 285 -66.21 36.53 -38.57
CA THR Y 285 -66.02 37.51 -39.63
C THR Y 285 -66.31 36.85 -40.97
N LEU Y 286 -67.03 37.58 -41.83
CA LEU Y 286 -67.40 37.08 -43.15
C LEU Y 286 -66.40 37.63 -44.16
N ASN Y 287 -65.86 36.73 -44.98
CA ASN Y 287 -64.77 37.08 -45.89
C ASN Y 287 -65.26 37.62 -47.23
N LYS Y 288 -66.42 37.17 -47.68
CA LYS Y 288 -67.09 37.78 -48.84
C LYS Y 288 -68.43 37.10 -48.99
N THR Y 289 -69.20 37.56 -49.98
CA THR Y 289 -70.52 36.99 -50.26
C THR Y 289 -70.35 35.55 -50.72
N GLY Y 290 -70.67 34.59 -49.86
CA GLY Y 290 -70.42 33.20 -50.20
C GLY Y 290 -71.05 32.24 -49.21
N GLU Y 291 -70.90 30.95 -49.50
CA GLU Y 291 -71.41 29.87 -48.66
C GLU Y 291 -70.27 29.23 -47.88
N ILE Y 292 -70.55 28.86 -46.63
CA ILE Y 292 -69.66 28.00 -45.88
C ILE Y 292 -70.37 27.58 -44.61
N ASN Y 293 -70.04 26.38 -44.13
CA ASN Y 293 -70.56 25.84 -42.88
C ASN Y 293 -69.44 25.76 -41.84
N PHE Y 294 -69.83 25.83 -40.58
CA PHE Y 294 -68.90 25.66 -39.48
C PHE Y 294 -69.58 24.84 -38.40
N ASP Y 295 -68.77 24.27 -37.50
CA ASP Y 295 -69.27 23.43 -36.43
C ASP Y 295 -68.33 23.52 -35.24
N VAL Y 296 -68.89 23.44 -34.03
CA VAL Y 296 -68.14 23.56 -32.79
C VAL Y 296 -68.46 22.37 -31.92
N GLN Y 297 -67.44 21.78 -31.30
CA GLN Y 297 -67.58 20.47 -30.70
C GLN Y 297 -66.69 20.32 -29.46
N GLN Y 298 -67.01 19.31 -28.66
CA GLN Y 298 -66.45 19.12 -27.32
C GLN Y 298 -65.10 18.41 -27.39
N ASP Y 299 -64.21 18.76 -26.46
CA ASP Y 299 -62.86 18.19 -26.45
C ASP Y 299 -62.22 18.21 -25.06
N PHE Y 300 -62.16 17.04 -24.41
CA PHE Y 300 -61.63 16.92 -23.05
C PHE Y 300 -60.15 16.53 -23.03
N GLU Y 301 -59.45 16.60 -24.17
CA GLU Y 301 -58.22 15.84 -24.33
C GLU Y 301 -57.23 16.13 -23.21
N GLY Y 302 -57.05 17.40 -22.86
CA GLY Y 302 -56.09 17.75 -21.82
C GLY Y 302 -56.46 17.13 -20.48
N VAL Y 303 -57.75 17.16 -20.13
CA VAL Y 303 -58.20 16.55 -18.89
C VAL Y 303 -57.96 15.05 -18.91
N THR Y 304 -58.17 14.41 -20.07
CA THR Y 304 -58.09 12.96 -20.15
C THR Y 304 -56.74 12.46 -19.66
N LYS Y 305 -55.65 13.04 -20.16
CA LYS Y 305 -54.33 12.63 -19.68
C LYS Y 305 -54.09 13.08 -18.25
N ALA Y 306 -54.62 14.25 -17.88
CA ALA Y 306 -54.49 14.70 -16.50
C ALA Y 306 -54.98 13.63 -15.52
N MET Y 307 -56.06 12.94 -15.88
CA MET Y 307 -56.51 11.80 -15.08
C MET Y 307 -55.40 10.78 -14.95
N GLN Y 308 -54.82 10.38 -16.09
CA GLN Y 308 -53.71 9.44 -16.05
C GLN Y 308 -52.50 10.06 -15.35
N ASP Y 309 -52.20 11.32 -15.65
CA ASP Y 309 -51.07 11.98 -15.01
C ASP Y 309 -51.15 11.84 -13.49
N LEU Y 310 -52.35 12.01 -12.94
CA LEU Y 310 -52.53 11.83 -11.50
C LEU Y 310 -52.43 10.37 -11.12
N VAL Y 311 -52.99 9.48 -11.95
CA VAL Y 311 -52.84 8.04 -11.71
C VAL Y 311 -51.36 7.68 -11.68
N ASP Y 312 -50.58 8.28 -12.57
CA ASP Y 312 -49.16 7.97 -12.65
C ASP Y 312 -48.43 8.39 -11.39
N ALA Y 313 -48.44 9.68 -11.08
CA ALA Y 313 -47.69 10.19 -9.94
C ALA Y 313 -48.16 9.57 -8.63
N TYR Y 314 -49.47 9.37 -8.49
CA TYR Y 314 -49.98 8.74 -7.28
C TYR Y 314 -49.38 7.35 -7.10
N ASN Y 315 -49.43 6.51 -8.13
CA ASN Y 315 -48.97 5.13 -8.00
C ASN Y 315 -47.50 5.08 -7.59
N ASP Y 316 -46.67 5.91 -8.22
CA ASP Y 316 -45.30 6.05 -7.74
C ASP Y 316 -45.29 6.57 -6.31
N LEU Y 317 -45.99 7.67 -6.07
CA LEU Y 317 -46.06 8.22 -4.73
C LEU Y 317 -46.52 7.15 -3.75
N VAL Y 318 -47.46 6.30 -4.17
CA VAL Y 318 -47.80 5.12 -3.39
C VAL Y 318 -46.57 4.27 -3.13
N THR Y 319 -45.79 4.00 -4.18
CA THR Y 319 -44.63 3.11 -4.03
C THR Y 319 -43.58 3.72 -3.13
N ASN Y 320 -43.29 5.02 -3.32
CA ASN Y 320 -42.33 5.69 -2.45
C ASN Y 320 -42.76 5.52 -1.00
N LEU Y 321 -44.02 5.83 -0.74
CA LEU Y 321 -44.59 5.71 0.60
C LEU Y 321 -44.51 4.28 1.09
N ASN Y 322 -44.82 3.31 0.23
CA ASN Y 322 -44.66 1.91 0.62
C ASN Y 322 -43.22 1.59 1.00
N ALA Y 323 -42.26 2.10 0.21
CA ALA Y 323 -40.86 2.01 0.62
C ALA Y 323 -40.63 2.78 1.91
N ALA Y 324 -41.22 3.97 2.01
CA ALA Y 324 -41.06 4.78 3.21
C ALA Y 324 -41.60 4.07 4.45
N THR Y 325 -42.55 3.16 4.27
CA THR Y 325 -43.21 2.52 5.40
C THR Y 325 -42.30 1.56 6.16
N ASP Y 326 -41.09 1.35 5.71
CA ASP Y 326 -40.15 0.42 6.37
C ASP Y 326 -40.83 -0.94 6.50
N TYR Y 327 -40.46 -1.72 7.52
CA TYR Y 327 -40.89 -3.11 7.57
C TYR Y 327 -41.02 -3.60 9.00
N ASN Y 328 -41.88 -4.62 9.18
CA ASN Y 328 -42.20 -5.23 10.46
C ASN Y 328 -41.31 -6.44 10.76
N SER Y 329 -41.77 -7.31 11.66
CA SER Y 329 -40.97 -8.44 12.11
C SER Y 329 -40.48 -9.29 10.94
N GLU Y 330 -39.59 -10.22 11.25
CA GLU Y 330 -38.81 -10.98 10.28
C GLU Y 330 -37.90 -10.00 9.53
N THR Y 331 -37.40 -10.34 8.35
CA THR Y 331 -36.19 -9.67 7.84
C THR Y 331 -35.11 -9.74 8.91
N GLY Y 332 -34.67 -10.96 9.17
CA GLY Y 332 -33.88 -11.28 10.34
C GLY Y 332 -34.79 -11.54 11.52
N THR Y 333 -35.25 -10.48 12.17
CA THR Y 333 -36.35 -10.57 13.12
C THR Y 333 -37.33 -9.42 12.92
N LYS Y 334 -36.92 -8.42 12.14
CA LYS Y 334 -37.70 -7.19 12.00
C LYS Y 334 -36.99 -6.27 11.02
N GLY Y 335 -37.74 -5.32 10.48
CA GLY Y 335 -37.17 -4.23 9.72
C GLY Y 335 -37.09 -2.98 10.58
N THR Y 336 -36.70 -1.88 9.94
CA THR Y 336 -36.68 -0.58 10.61
C THR Y 336 -38.08 0.03 10.57
N LEU Y 337 -38.20 1.23 11.10
CA LEU Y 337 -39.48 1.94 11.06
C LEU Y 337 -39.27 3.42 11.36
N GLN Y 338 -39.58 4.26 10.38
CA GLN Y 338 -39.85 5.66 10.66
C GLN Y 338 -40.97 5.70 11.71
N GLY Y 339 -40.77 6.45 12.78
CA GLY Y 339 -41.60 6.28 13.97
C GLY Y 339 -42.90 7.04 14.03
N ILE Y 340 -43.33 7.65 12.92
CA ILE Y 340 -44.50 8.51 12.91
C ILE Y 340 -45.62 7.81 12.12
N SER Y 341 -46.78 7.67 12.77
CA SER Y 341 -47.94 7.09 12.08
C SER Y 341 -48.57 8.10 11.14
N GLU Y 342 -48.44 9.40 11.45
CA GLU Y 342 -49.17 10.43 10.72
C GLU Y 342 -48.85 10.45 9.24
N VAL Y 343 -47.71 9.89 8.84
CA VAL Y 343 -47.32 9.92 7.43
C VAL Y 343 -48.41 9.26 6.58
N ASN Y 344 -48.68 7.98 6.85
CA ASN Y 344 -49.74 7.30 6.10
C ASN Y 344 -51.08 7.97 6.30
N SER Y 345 -51.30 8.55 7.49
CA SER Y 345 -52.57 9.22 7.75
C SER Y 345 -52.86 10.29 6.71
N ILE Y 346 -51.83 11.00 6.26
CA ILE Y 346 -51.99 11.89 5.13
C ILE Y 346 -52.56 11.12 3.95
N ARG Y 347 -51.99 9.95 3.67
CA ARG Y 347 -52.51 9.10 2.61
C ARG Y 347 -53.96 8.72 2.88
N SER Y 348 -54.27 8.33 4.12
CA SER Y 348 -55.65 8.03 4.48
C SER Y 348 -56.54 9.26 4.28
N SER Y 349 -56.12 10.42 4.77
CA SER Y 349 -56.86 11.64 4.51
C SER Y 349 -56.97 11.90 3.02
N ILE Y 350 -55.92 11.56 2.26
CA ILE Y 350 -55.95 11.77 0.81
C ILE Y 350 -57.05 10.93 0.19
N LEU Y 351 -57.20 9.68 0.61
CA LEU Y 351 -58.26 8.84 0.06
C LEU Y 351 -59.63 9.42 0.38
N ALA Y 352 -59.85 9.81 1.64
CA ALA Y 352 -61.08 10.50 1.97
C ALA Y 352 -61.23 11.77 1.13
N ASP Y 353 -60.10 12.36 0.75
CA ASP Y 353 -60.15 13.53 -0.13
C ASP Y 353 -60.52 13.14 -1.55
N LEU Y 354 -60.58 11.84 -1.85
CA LEU Y 354 -61.10 11.40 -3.16
C LEU Y 354 -62.32 10.51 -3.00
N PHE Y 355 -62.29 9.53 -2.10
CA PHE Y 355 -63.47 8.70 -1.88
C PHE Y 355 -63.97 8.06 -3.18
N ASP Y 356 -63.32 6.98 -3.59
CA ASP Y 356 -63.39 6.40 -4.94
C ASP Y 356 -64.76 6.54 -5.60
N SER Y 357 -65.81 6.01 -4.99
CA SER Y 357 -67.12 5.92 -5.63
C SER Y 357 -67.74 7.29 -5.81
N GLN Y 358 -68.99 7.35 -6.26
CA GLN Y 358 -69.67 8.62 -6.45
C GLN Y 358 -71.12 8.64 -5.99
N VAL Y 359 -71.71 7.49 -5.63
CA VAL Y 359 -73.00 7.43 -4.96
C VAL Y 359 -74.02 8.32 -5.66
N VAL Y 360 -74.83 7.73 -6.53
CA VAL Y 360 -75.82 8.48 -7.29
C VAL Y 360 -77.20 7.88 -7.11
N ASP Y 361 -77.25 6.58 -6.81
CA ASP Y 361 -78.44 5.74 -6.72
C ASP Y 361 -79.08 5.64 -8.09
N GLY Y 362 -79.79 4.55 -8.35
CA GLY Y 362 -80.54 4.45 -9.57
C GLY Y 362 -80.05 3.42 -10.57
N THR Y 363 -79.57 2.28 -10.08
CA THR Y 363 -79.39 1.12 -10.94
C THR Y 363 -79.78 -0.12 -10.14
N THR Y 364 -80.24 -1.13 -10.85
CA THR Y 364 -80.75 -2.35 -10.24
C THR Y 364 -80.63 -3.46 -11.28
N GLU Y 365 -80.91 -4.70 -10.86
CA GLU Y 365 -80.91 -5.83 -11.78
C GLU Y 365 -81.70 -5.47 -13.03
N ASP Y 366 -81.36 -6.10 -14.15
CA ASP Y 366 -81.82 -5.66 -15.46
C ASP Y 366 -83.33 -5.42 -15.48
N ALA Y 367 -83.71 -4.19 -15.79
CA ALA Y 367 -85.11 -3.83 -16.06
C ALA Y 367 -86.03 -4.23 -14.91
N ASN Y 368 -85.59 -3.96 -13.69
CA ASN Y 368 -86.44 -4.16 -12.51
C ASN Y 368 -85.94 -3.28 -11.38
N GLY Y 369 -86.85 -2.96 -10.47
CA GLY Y 369 -86.52 -2.07 -9.37
C GLY Y 369 -86.05 -0.72 -9.90
N ASN Y 370 -84.89 -0.28 -9.43
CA ASN Y 370 -84.23 0.91 -9.94
C ASN Y 370 -84.86 2.20 -9.45
N LYS Y 371 -84.16 3.32 -9.67
CA LYS Y 371 -84.48 4.61 -9.07
C LYS Y 371 -83.56 5.63 -9.76
N VAL Y 372 -83.57 6.88 -9.31
CA VAL Y 372 -82.60 7.87 -9.78
C VAL Y 372 -82.35 8.91 -8.70
N ASN Y 373 -81.15 9.51 -8.76
CA ASN Y 373 -80.81 10.84 -8.22
C ASN Y 373 -81.03 11.07 -6.73
N THR Y 374 -80.23 10.41 -5.88
CA THR Y 374 -79.94 10.90 -4.54
C THR Y 374 -78.45 11.09 -4.39
N LYS Y 375 -77.83 11.73 -5.38
CA LYS Y 375 -76.39 11.66 -5.56
C LYS Y 375 -75.64 12.55 -4.59
N VAL Y 376 -74.44 12.11 -4.21
CA VAL Y 376 -73.53 12.88 -3.37
C VAL Y 376 -72.23 13.01 -4.17
N MET Y 377 -71.20 13.67 -3.66
CA MET Y 377 -69.99 13.91 -4.51
C MET Y 377 -69.03 12.72 -4.59
N LEU Y 378 -67.80 12.84 -4.06
CA LEU Y 378 -66.81 11.75 -4.05
C LEU Y 378 -65.82 11.74 -5.24
N SER Y 379 -65.11 10.63 -5.47
CA SER Y 379 -64.05 10.57 -6.51
C SER Y 379 -64.51 10.21 -7.93
N MET Y 380 -63.61 9.67 -8.75
CA MET Y 380 -63.92 9.33 -10.13
C MET Y 380 -63.89 7.82 -10.42
N GLN Y 381 -64.17 7.01 -9.41
CA GLN Y 381 -64.16 5.56 -9.59
C GLN Y 381 -65.25 5.11 -10.56
N ASP Y 382 -66.49 5.43 -10.24
CA ASP Y 382 -67.62 5.04 -11.10
C ASP Y 382 -67.53 5.72 -12.45
N PHE Y 383 -66.69 6.74 -12.56
CA PHE Y 383 -66.50 7.44 -13.83
C PHE Y 383 -65.76 6.58 -14.85
N GLY Y 384 -64.97 5.61 -14.38
CA GLY Y 384 -64.20 4.78 -15.28
C GLY Y 384 -62.81 4.46 -14.76
N LEU Y 385 -62.46 5.01 -13.61
CA LEU Y 385 -61.19 4.72 -12.96
C LEU Y 385 -61.34 3.55 -12.01
N SER Y 386 -60.24 2.85 -11.78
CA SER Y 386 -60.23 1.67 -10.93
C SER Y 386 -58.98 1.68 -10.04
N LEU Y 387 -59.17 1.29 -8.78
CA LEU Y 387 -58.07 1.06 -7.86
C LEU Y 387 -57.97 -0.43 -7.58
N ASN Y 388 -56.76 -0.97 -7.76
CA ASN Y 388 -56.49 -2.35 -7.40
C ASN Y 388 -56.18 -2.44 -5.90
N ASP Y 389 -56.48 -3.59 -5.31
CA ASP Y 389 -56.33 -3.76 -3.88
C ASP Y 389 -54.89 -3.58 -3.41
N ALA Y 390 -53.94 -3.42 -4.33
CA ALA Y 390 -52.59 -3.01 -3.96
C ALA Y 390 -52.49 -1.52 -3.70
N GLY Y 391 -53.60 -0.79 -3.77
CA GLY Y 391 -53.58 0.64 -3.53
C GLY Y 391 -53.08 1.46 -4.68
N THR Y 392 -53.25 0.97 -5.91
CA THR Y 392 -52.81 1.67 -7.11
C THR Y 392 -53.94 1.72 -8.12
N LEU Y 393 -53.83 2.65 -9.06
CA LEU Y 393 -54.94 3.02 -9.92
C LEU Y 393 -54.73 2.56 -11.36
N SER Y 394 -55.85 2.28 -12.03
CA SER Y 394 -55.89 2.04 -13.46
C SER Y 394 -57.10 2.80 -14.02
N PHE Y 395 -57.01 3.16 -15.30
CA PHE Y 395 -57.94 4.12 -15.89
C PHE Y 395 -58.58 3.56 -17.15
N ASP Y 396 -59.91 3.67 -17.23
CA ASP Y 396 -60.68 3.35 -18.43
C ASP Y 396 -61.38 4.65 -18.83
N SER Y 397 -60.81 5.35 -19.81
CA SER Y 397 -61.31 6.68 -20.16
C SER Y 397 -62.72 6.61 -20.74
N SER Y 398 -63.01 5.63 -21.58
CA SER Y 398 -64.27 5.62 -22.33
C SER Y 398 -65.44 6.00 -21.43
N LYS Y 399 -65.51 5.43 -20.23
CA LYS Y 399 -66.57 5.82 -19.31
C LYS Y 399 -66.39 7.25 -18.84
N PHE Y 400 -65.15 7.73 -18.76
CA PHE Y 400 -64.93 9.11 -18.38
C PHE Y 400 -65.46 10.07 -19.44
N GLU Y 401 -64.91 10.01 -20.65
CA GLU Y 401 -65.41 10.85 -21.73
C GLU Y 401 -66.92 10.68 -21.85
N GLN Y 402 -67.40 9.44 -21.78
CA GLN Y 402 -68.82 9.21 -21.56
C GLN Y 402 -69.33 10.07 -20.43
N LYS Y 403 -68.87 9.79 -19.21
CA LYS Y 403 -69.46 10.41 -18.03
C LYS Y 403 -69.47 11.93 -18.12
N VAL Y 404 -68.31 12.53 -18.41
CA VAL Y 404 -68.24 13.98 -18.30
C VAL Y 404 -69.19 14.66 -19.27
N LYS Y 405 -69.36 14.10 -20.47
CA LYS Y 405 -70.17 14.81 -21.46
C LYS Y 405 -71.66 14.74 -21.16
N GLU Y 406 -72.11 13.85 -20.26
CA GLU Y 406 -73.48 13.99 -19.78
C GLU Y 406 -73.59 15.17 -18.83
N ASP Y 407 -72.66 15.26 -17.87
CA ASP Y 407 -72.77 16.19 -16.76
C ASP Y 407 -71.43 16.87 -16.54
N PRO Y 408 -71.07 17.83 -17.39
CA PRO Y 408 -69.90 18.67 -17.07
C PRO Y 408 -70.02 19.37 -15.73
N ASP Y 409 -71.24 19.74 -15.33
CA ASP Y 409 -71.43 20.45 -14.07
C ASP Y 409 -70.96 19.62 -12.88
N SER Y 410 -71.03 18.30 -12.98
CA SER Y 410 -70.69 17.45 -11.84
C SER Y 410 -69.24 17.65 -11.43
N THR Y 411 -68.29 17.36 -12.33
CA THR Y 411 -66.89 17.47 -11.97
C THR Y 411 -66.54 18.90 -11.56
N GLU Y 412 -67.05 19.88 -12.29
CA GLU Y 412 -66.72 21.27 -11.98
C GLU Y 412 -67.32 21.64 -10.63
N SER Y 413 -68.48 21.08 -10.30
CA SER Y 413 -69.02 21.22 -8.96
C SER Y 413 -68.31 20.29 -7.98
N PHE Y 414 -67.88 19.12 -8.45
CA PHE Y 414 -67.24 18.15 -7.56
C PHE Y 414 -65.83 18.58 -7.18
N PHE Y 415 -65.20 19.46 -7.97
CA PHE Y 415 -63.98 20.11 -7.50
C PHE Y 415 -64.31 21.32 -6.65
N SER Y 416 -65.53 21.85 -6.80
CA SER Y 416 -65.92 23.17 -6.29
C SER Y 416 -65.30 24.28 -7.12
N ASN Y 417 -64.46 25.10 -6.49
CA ASN Y 417 -63.96 26.36 -7.07
C ASN Y 417 -65.11 27.33 -7.36
N ILE Y 418 -66.31 27.05 -6.85
CA ILE Y 418 -67.50 27.76 -7.29
C ILE Y 418 -68.47 27.94 -6.15
N THR Y 419 -69.37 28.91 -6.33
CA THR Y 419 -70.54 29.09 -5.50
C THR Y 419 -71.69 29.45 -6.42
N LYS Y 420 -72.89 28.97 -6.09
CA LYS Y 420 -74.03 29.08 -6.99
C LYS Y 420 -75.20 29.69 -6.24
N TYR Y 421 -76.08 30.35 -6.98
CA TYR Y 421 -76.97 31.34 -6.42
C TYR Y 421 -78.38 31.12 -6.93
N GLU Y 422 -79.32 31.90 -6.40
CA GLU Y 422 -80.72 31.83 -6.82
C GLU Y 422 -81.41 33.15 -6.49
N ASP Y 423 -82.74 33.15 -6.56
CA ASP Y 423 -83.51 34.38 -6.76
C ASP Y 423 -83.42 35.33 -5.57
N ILE Y 424 -83.18 36.60 -5.88
CA ILE Y 424 -83.36 37.70 -4.92
C ILE Y 424 -84.63 38.43 -5.36
N ASN Y 425 -85.73 38.18 -4.66
CA ASN Y 425 -87.03 38.69 -5.06
C ASN Y 425 -87.52 39.70 -4.01
N HIS Y 426 -87.84 40.92 -4.46
CA HIS Y 426 -88.40 41.93 -3.59
C HIS Y 426 -89.21 42.92 -4.41
N THR Y 427 -90.20 43.54 -3.76
CA THR Y 427 -91.25 44.27 -4.43
C THR Y 427 -91.35 45.70 -3.90
N GLY Y 428 -91.73 46.62 -4.78
CA GLY Y 428 -92.17 47.93 -4.32
C GLY Y 428 -93.38 47.74 -3.42
N GLU Y 429 -93.25 48.08 -2.14
CA GLU Y 429 -94.14 47.53 -1.13
C GLU Y 429 -95.60 47.79 -1.48
N VAL Y 430 -96.03 49.04 -1.38
CA VAL Y 430 -97.30 49.45 -1.97
C VAL Y 430 -97.16 50.86 -2.50
N ILE Y 431 -97.14 51.00 -3.82
CA ILE Y 431 -97.20 52.32 -4.44
C ILE Y 431 -98.67 52.67 -4.56
N LYS Y 432 -99.24 53.25 -3.52
CA LYS Y 432 -100.68 53.40 -3.46
C LYS Y 432 -101.15 54.67 -4.17
N THR Y 433 -102.43 54.68 -4.53
CA THR Y 433 -102.97 55.69 -5.43
C THR Y 433 -102.89 57.08 -4.82
N GLY Y 434 -102.64 58.07 -5.69
CA GLY Y 434 -102.78 59.47 -5.33
C GLY Y 434 -101.53 60.15 -4.82
N SER Y 435 -100.45 59.40 -4.57
CA SER Y 435 -99.27 60.00 -3.95
C SER Y 435 -98.51 60.94 -4.88
N LEU Y 436 -98.75 60.86 -6.20
CA LEU Y 436 -97.95 61.61 -7.15
C LEU Y 436 -98.77 62.34 -8.20
N SER Y 437 -100.06 62.58 -7.96
CA SER Y 437 -100.80 63.47 -8.85
C SER Y 437 -100.10 64.82 -8.96
N LYS Y 438 -99.41 65.22 -7.90
CA LYS Y 438 -98.58 66.42 -7.96
C LYS Y 438 -97.55 66.34 -9.08
N TYR Y 439 -96.84 65.22 -9.16
CA TYR Y 439 -95.80 65.06 -10.17
C TYR Y 439 -96.34 64.40 -11.43
N LEU Y 440 -97.36 63.55 -11.29
CA LEU Y 440 -97.97 62.92 -12.44
C LEU Y 440 -98.63 63.96 -13.33
N ASN Y 441 -98.79 63.60 -14.61
CA ASN Y 441 -99.55 64.42 -15.54
C ASN Y 441 -101.05 64.22 -15.33
N SER Y 442 -101.50 64.68 -14.15
CA SER Y 442 -102.94 64.80 -13.91
C SER Y 442 -103.59 65.75 -14.90
N ASN Y 443 -102.80 66.51 -15.65
CA ASN Y 443 -103.28 67.34 -16.75
C ASN Y 443 -103.13 66.64 -18.09
N GLY Y 444 -102.71 65.38 -18.10
CA GLY Y 444 -102.76 64.55 -19.30
C GLY Y 444 -101.56 64.49 -20.21
N GLY Y 445 -100.98 65.64 -20.54
CA GLY Y 445 -99.97 65.69 -21.60
C GLY Y 445 -98.56 65.42 -21.14
N ASN Y 446 -97.62 66.23 -21.66
CA ASN Y 446 -96.19 66.06 -21.41
C ASN Y 446 -95.65 67.12 -20.46
N THR Y 447 -96.52 67.76 -19.68
CA THR Y 447 -96.12 68.93 -18.88
C THR Y 447 -95.41 68.50 -17.60
N ASN Y 448 -96.10 67.76 -16.74
CA ASN Y 448 -95.50 67.32 -15.49
C ASN Y 448 -94.73 66.01 -15.70
N GLY Y 449 -94.15 65.52 -14.62
CA GLY Y 449 -93.41 64.28 -14.68
C GLY Y 449 -92.41 64.21 -13.55
N LEU Y 450 -91.60 63.16 -13.56
CA LEU Y 450 -90.52 63.01 -12.61
C LEU Y 450 -89.21 63.42 -13.26
N GLU Y 451 -88.55 64.40 -12.67
CA GLU Y 451 -87.29 64.94 -13.18
C GLU Y 451 -86.16 64.19 -12.49
N PHE Y 452 -85.60 63.22 -13.19
CA PHE Y 452 -84.72 62.24 -12.56
C PHE Y 452 -83.47 62.94 -12.03
N LYS Y 453 -83.01 62.49 -10.87
CA LYS Y 453 -81.92 63.16 -10.17
C LYS Y 453 -80.60 62.45 -10.46
N PRO Y 454 -79.60 63.13 -10.99
CA PRO Y 454 -78.31 62.46 -11.27
C PRO Y 454 -77.57 62.14 -9.99
N GLY Y 455 -76.89 60.99 -9.99
CA GLY Y 455 -76.03 60.61 -8.87
C GLY Y 455 -76.81 60.18 -7.64
N ASP Y 456 -77.81 60.97 -7.27
CA ASP Y 456 -78.63 60.68 -6.10
C ASP Y 456 -79.49 59.45 -6.28
N PHE Y 457 -79.37 58.72 -7.40
CA PHE Y 457 -80.07 57.45 -7.56
C PHE Y 457 -79.21 56.55 -8.44
N THR Y 458 -78.69 55.47 -7.85
CA THR Y 458 -77.96 54.45 -8.59
C THR Y 458 -78.23 53.10 -7.95
N ILE Y 459 -78.08 52.03 -8.73
CA ILE Y 459 -78.35 50.68 -8.28
C ILE Y 459 -77.20 49.77 -8.71
N VAL Y 460 -77.05 48.67 -7.99
CA VAL Y 460 -75.98 47.71 -8.23
C VAL Y 460 -76.58 46.33 -8.47
N PHE Y 461 -76.10 45.65 -9.51
CA PHE Y 461 -76.19 44.21 -9.59
C PHE Y 461 -75.05 43.72 -10.47
N ASN Y 462 -74.72 42.43 -10.34
CA ASN Y 462 -73.47 41.91 -10.88
C ASN Y 462 -72.31 42.72 -10.31
N ASN Y 463 -72.52 43.27 -9.12
CA ASN Y 463 -71.62 44.24 -8.51
C ASN Y 463 -71.28 45.36 -9.47
N GLN Y 464 -72.18 45.65 -10.40
CA GLN Y 464 -72.02 46.73 -11.37
C GLN Y 464 -73.02 47.83 -11.05
N THR Y 465 -72.53 49.06 -10.93
CA THR Y 465 -73.35 50.20 -10.57
C THR Y 465 -73.75 50.96 -11.84
N TYR Y 466 -75.03 51.24 -11.97
CA TYR Y 466 -75.55 52.09 -13.03
C TYR Y 466 -76.51 53.11 -12.43
N ASP Y 467 -76.40 54.34 -12.92
CA ASP Y 467 -77.30 55.41 -12.51
C ASP Y 467 -78.51 55.36 -13.44
N LEU Y 468 -79.70 55.23 -12.86
CA LEU Y 468 -80.92 55.04 -13.63
C LEU Y 468 -81.76 56.30 -13.72
N SER Y 469 -81.44 57.35 -12.96
CA SER Y 469 -81.89 58.68 -13.35
C SER Y 469 -81.42 58.98 -14.76
N LYS Y 470 -80.19 58.59 -15.06
CA LYS Y 470 -79.68 58.60 -16.42
C LYS Y 470 -80.50 57.64 -17.28
N ASN Y 471 -80.59 57.95 -18.56
CA ASN Y 471 -80.86 56.92 -19.54
C ASN Y 471 -79.50 56.46 -20.05
N SER Y 472 -79.47 55.40 -20.86
CA SER Y 472 -78.17 54.91 -21.33
C SER Y 472 -77.35 56.02 -21.98
N ASP Y 473 -78.01 56.94 -22.68
CA ASP Y 473 -77.32 58.11 -23.22
C ASP Y 473 -76.83 59.04 -22.13
N GLY Y 474 -77.40 58.95 -20.91
CA GLY Y 474 -77.04 59.82 -19.83
C GLY Y 474 -78.07 60.87 -19.48
N THR Y 475 -79.31 60.73 -19.94
CA THR Y 475 -80.33 61.76 -19.74
C THR Y 475 -81.07 61.54 -18.43
N ASN Y 476 -80.98 62.51 -17.52
CA ASN Y 476 -81.94 62.61 -16.44
C ASN Y 476 -83.33 62.75 -17.05
N PHE Y 477 -84.18 61.74 -16.90
CA PHE Y 477 -85.38 61.73 -17.71
C PHE Y 477 -86.51 62.48 -17.00
N LYS Y 478 -87.55 62.78 -17.78
CA LYS Y 478 -88.67 63.63 -17.36
C LYS Y 478 -89.96 62.86 -17.62
N LEU Y 479 -90.02 61.63 -17.10
CA LEU Y 479 -91.08 60.69 -17.43
C LEU Y 479 -92.44 61.35 -17.22
N THR Y 480 -93.20 61.47 -18.30
CA THR Y 480 -94.59 61.92 -18.25
C THR Y 480 -95.48 60.71 -17.98
N GLY Y 481 -95.94 60.58 -16.73
CA GLY Y 481 -96.87 59.53 -16.35
C GLY Y 481 -98.15 60.15 -15.81
N LYS Y 482 -99.27 59.75 -16.41
CA LYS Y 482 -100.55 60.33 -16.04
C LYS Y 482 -101.04 59.82 -14.70
N THR Y 483 -100.78 58.55 -14.41
CA THR Y 483 -101.18 57.94 -13.14
C THR Y 483 -99.99 57.21 -12.55
N GLU Y 484 -100.17 56.75 -11.32
CA GLU Y 484 -99.07 56.06 -10.63
C GLU Y 484 -98.64 54.83 -11.40
N GLU Y 485 -99.59 53.95 -11.72
CA GLU Y 485 -99.23 52.67 -12.34
C GLU Y 485 -98.99 52.81 -13.83
N GLU Y 486 -99.77 53.65 -14.52
CA GLU Y 486 -99.47 53.92 -15.93
C GLU Y 486 -98.11 54.59 -16.08
N LEU Y 487 -97.64 55.28 -15.03
CA LEU Y 487 -96.23 55.64 -14.96
C LEU Y 487 -95.39 54.41 -14.67
N LEU Y 488 -95.90 53.50 -13.84
CA LEU Y 488 -95.14 52.31 -13.49
C LEU Y 488 -94.89 51.42 -14.69
N GLN Y 489 -95.86 51.31 -15.60
CA GLN Y 489 -95.58 50.61 -16.86
C GLN Y 489 -94.52 51.35 -17.65
N ASN Y 490 -94.57 52.69 -17.65
CA ASN Y 490 -93.51 53.46 -18.28
C ASN Y 490 -92.16 53.10 -17.68
N LEU Y 491 -92.13 52.80 -16.38
CA LEU Y 491 -90.92 52.26 -15.78
C LEU Y 491 -90.57 50.91 -16.40
N ALA Y 492 -91.57 50.06 -16.60
CA ALA Y 492 -91.33 48.84 -17.37
C ALA Y 492 -90.82 49.17 -18.76
N ASN Y 493 -91.39 50.20 -19.39
CA ASN Y 493 -90.84 50.66 -20.66
C ASN Y 493 -89.40 51.11 -20.50
N HIS Y 494 -89.13 51.87 -19.43
CA HIS Y 494 -87.75 52.27 -19.16
C HIS Y 494 -86.89 51.06 -18.83
N ILE Y 495 -87.44 50.08 -18.12
CA ILE Y 495 -86.71 48.83 -17.90
C ILE Y 495 -86.39 48.17 -19.24
N ASN Y 496 -87.38 48.10 -20.13
CA ASN Y 496 -87.15 47.48 -21.42
C ASN Y 496 -86.05 48.20 -22.19
N SER Y 497 -86.09 49.54 -22.20
CA SER Y 497 -85.03 50.29 -22.87
C SER Y 497 -83.69 50.10 -22.17
N LYS Y 498 -83.69 50.06 -20.84
CA LYS Y 498 -82.43 50.06 -20.12
C LYS Y 498 -81.85 48.64 -19.98
N GLY Y 499 -82.63 47.62 -20.32
CA GLY Y 499 -82.10 46.26 -20.43
C GLY Y 499 -81.04 45.92 -19.41
N ILE Y 500 -81.43 45.82 -18.13
CA ILE Y 500 -80.45 45.71 -17.06
C ILE Y 500 -79.95 44.28 -16.94
N GLU Y 501 -78.75 44.14 -16.36
CA GLU Y 501 -78.07 42.85 -16.30
C GLU Y 501 -78.63 41.95 -15.21
N GLY Y 502 -78.78 40.67 -15.56
CA GLY Y 502 -78.97 39.62 -14.58
C GLY Y 502 -80.19 39.74 -13.70
N LEU Y 503 -81.26 40.38 -14.18
CA LEU Y 503 -82.43 40.62 -13.34
C LEU Y 503 -83.72 40.31 -14.10
N LYS Y 504 -84.67 39.71 -13.39
CA LYS Y 504 -86.06 39.67 -13.80
C LYS Y 504 -86.87 40.64 -12.95
N VAL Y 505 -87.84 41.31 -13.57
CA VAL Y 505 -88.63 42.33 -12.91
C VAL Y 505 -90.05 42.29 -13.44
N LYS Y 506 -91.01 42.62 -12.58
CA LYS Y 506 -92.43 42.54 -12.91
C LYS Y 506 -93.20 43.59 -12.12
N VAL Y 507 -94.32 44.03 -12.70
CA VAL Y 507 -95.21 45.00 -12.08
C VAL Y 507 -96.32 44.23 -11.38
N GLU Y 508 -96.92 44.86 -10.36
CA GLU Y 508 -98.01 44.23 -9.62
C GLU Y 508 -98.98 45.30 -9.14
N SER Y 509 -100.25 44.93 -9.06
CA SER Y 509 -101.31 45.80 -8.56
C SER Y 509 -101.78 45.32 -7.19
N TYR Y 510 -102.41 46.23 -6.46
CA TYR Y 510 -102.86 45.97 -5.10
C TYR Y 510 -104.18 46.68 -4.87
N ASN Y 511 -105.11 46.00 -4.18
CA ASN Y 511 -106.43 46.59 -3.94
C ASN Y 511 -107.00 46.02 -2.65
N GLN Y 512 -106.85 46.77 -1.57
CA GLN Y 512 -107.66 46.58 -0.37
C GLN Y 512 -107.44 47.80 0.52
N ASN Y 513 -108.30 47.94 1.52
CA ASN Y 513 -108.30 49.11 2.39
C ASN Y 513 -108.71 50.36 1.63
N ASN Y 514 -109.83 50.28 0.92
CA ASN Y 514 -110.55 51.44 0.38
C ASN Y 514 -109.84 52.13 -0.78
N VAL Y 515 -108.65 51.68 -1.15
CA VAL Y 515 -107.89 52.34 -2.20
C VAL Y 515 -106.97 51.32 -2.87
N THR Y 516 -106.73 51.52 -4.16
CA THR Y 516 -105.88 50.66 -4.95
C THR Y 516 -104.41 50.94 -4.67
N GLY Y 517 -103.60 49.89 -4.72
CA GLY Y 517 -102.18 50.01 -4.51
C GLY Y 517 -101.44 49.43 -5.70
N PHE Y 518 -100.22 49.91 -5.91
CA PHE Y 518 -99.44 49.57 -7.09
C PHE Y 518 -98.05 49.14 -6.66
N ARG Y 519 -97.44 48.26 -7.44
CA ARG Y 519 -96.17 47.67 -7.05
C ARG Y 519 -95.37 47.29 -8.29
N LEU Y 520 -94.06 47.15 -8.10
CA LEU Y 520 -93.16 46.58 -9.10
C LEU Y 520 -92.06 45.81 -8.37
N ASN Y 521 -91.82 44.59 -8.85
CA ASN Y 521 -91.01 43.62 -8.13
C ASN Y 521 -89.92 43.08 -9.04
N PHE Y 522 -88.72 42.98 -8.50
CA PHE Y 522 -87.56 42.46 -9.22
C PHE Y 522 -87.19 41.09 -8.67
N SER Y 523 -86.45 40.33 -9.48
CA SER Y 523 -86.05 38.98 -9.09
C SER Y 523 -84.78 38.65 -9.88
N GLY Y 524 -83.69 38.39 -9.16
CA GLY Y 524 -82.40 38.19 -9.79
C GLY Y 524 -81.71 36.93 -9.27
N ASP Y 525 -80.83 36.40 -10.12
CA ASP Y 525 -80.25 35.07 -9.93
C ASP Y 525 -79.48 34.92 -8.62
N GLY Y 526 -79.21 36.01 -7.93
CA GLY Y 526 -78.40 35.97 -6.72
C GLY Y 526 -76.92 35.92 -6.96
N SER Y 527 -76.47 35.86 -8.22
CA SER Y 527 -75.05 35.79 -8.53
C SER Y 527 -74.27 36.90 -7.87
N SER Y 528 -74.92 38.02 -7.57
CA SER Y 528 -74.22 39.21 -7.15
C SER Y 528 -75.10 40.01 -6.20
N ASP Y 529 -74.54 41.12 -5.72
CA ASP Y 529 -75.19 41.96 -4.73
C ASP Y 529 -76.15 42.92 -5.41
N PHE Y 530 -77.41 42.92 -4.97
CA PHE Y 530 -78.38 43.91 -5.40
C PHE Y 530 -78.46 45.02 -4.38
N SER Y 531 -78.04 46.22 -4.78
CA SER Y 531 -78.01 47.36 -3.88
C SER Y 531 -78.58 48.58 -4.57
N ILE Y 532 -79.45 49.30 -3.87
CA ILE Y 532 -79.98 50.56 -4.35
C ILE Y 532 -79.21 51.68 -3.67
N LYS Y 533 -79.01 52.77 -4.41
CA LYS Y 533 -78.26 53.93 -3.92
C LYS Y 533 -79.04 55.18 -4.32
N GLY Y 534 -79.91 55.64 -3.44
CA GLY Y 534 -80.66 56.85 -3.70
C GLY Y 534 -81.28 57.40 -2.43
N ASP Y 535 -81.85 58.61 -2.54
CA ASP Y 535 -82.60 59.20 -1.44
C ASP Y 535 -83.72 58.26 -1.02
N ALA Y 536 -83.69 57.82 0.24
CA ALA Y 536 -84.76 56.96 0.72
C ALA Y 536 -86.11 57.67 0.67
N ASN Y 537 -86.12 58.98 0.92
CA ASN Y 537 -87.35 59.74 0.87
C ASN Y 537 -87.99 59.65 -0.51
N ILE Y 538 -87.18 59.78 -1.58
CA ILE Y 538 -87.75 59.70 -2.91
C ILE Y 538 -88.16 58.27 -3.23
N LEU Y 539 -87.39 57.27 -2.82
CA LEU Y 539 -87.88 55.90 -2.94
C LEU Y 539 -89.10 55.68 -2.04
N LYS Y 540 -89.17 56.40 -0.92
CA LYS Y 540 -90.45 56.49 -0.22
C LYS Y 540 -91.47 57.22 -1.08
N GLU Y 541 -91.05 58.26 -1.79
CA GLU Y 541 -91.92 58.84 -2.81
C GLU Y 541 -92.24 57.81 -3.88
N LEU Y 542 -91.26 56.98 -4.24
CA LEU Y 542 -91.49 55.93 -5.24
C LEU Y 542 -92.27 54.76 -4.66
N GLY Y 543 -92.67 54.84 -3.39
CA GLY Y 543 -93.31 53.70 -2.76
C GLY Y 543 -92.40 52.50 -2.66
N LEU Y 544 -91.10 52.72 -2.60
CA LEU Y 544 -90.11 51.66 -2.56
C LEU Y 544 -89.21 51.84 -1.36
N SER Y 545 -88.74 50.72 -0.81
CA SER Y 545 -87.69 50.77 0.18
C SER Y 545 -86.33 50.82 -0.52
N ASP Y 546 -85.54 51.82 -0.17
CA ASP Y 546 -84.16 51.90 -0.66
C ASP Y 546 -83.35 50.88 0.13
N VAL Y 547 -83.09 49.73 -0.48
CA VAL Y 547 -82.67 48.55 0.26
C VAL Y 547 -81.59 47.82 -0.51
N ASN Y 548 -80.69 47.18 0.23
CA ASN Y 548 -79.70 46.26 -0.30
C ASN Y 548 -80.01 44.85 0.20
N ILE Y 549 -80.22 43.94 -0.74
CA ILE Y 549 -80.31 42.52 -0.44
C ILE Y 549 -79.11 41.86 -1.09
N THR Y 550 -78.28 41.21 -0.29
CA THR Y 550 -77.00 40.73 -0.76
C THR Y 550 -77.19 39.64 -1.82
N SER Y 551 -76.07 39.25 -2.43
CA SER Y 551 -76.04 38.06 -3.27
C SER Y 551 -76.61 36.89 -2.48
N LYS Y 552 -77.11 35.87 -3.16
CA LYS Y 552 -77.63 34.67 -2.50
C LYS Y 552 -76.78 33.48 -2.90
N PRO Y 553 -75.61 33.30 -2.29
CA PRO Y 553 -74.72 32.22 -2.71
C PRO Y 553 -75.01 30.91 -2.00
N ILE Y 554 -74.87 29.81 -2.73
CA ILE Y 554 -75.01 28.48 -2.17
C ILE Y 554 -73.77 27.68 -2.55
N GLU Y 555 -73.25 26.92 -1.59
CA GLU Y 555 -71.90 26.38 -1.65
C GLU Y 555 -71.90 25.07 -2.40
N GLY Y 556 -71.53 25.11 -3.69
CA GLY Y 556 -71.26 23.91 -4.44
C GLY Y 556 -69.84 23.44 -4.18
N LYS Y 557 -69.58 23.01 -2.96
CA LYS Y 557 -68.20 22.78 -2.49
C LYS Y 557 -67.81 21.31 -2.69
N GLY Y 558 -67.52 21.00 -3.95
CA GLY Y 558 -66.96 19.72 -4.35
C GLY Y 558 -65.76 19.26 -3.58
N ILE Y 559 -65.39 17.99 -3.79
CA ILE Y 559 -64.41 17.33 -2.94
C ILE Y 559 -62.97 17.65 -3.35
N PHE Y 560 -62.69 17.74 -4.65
CA PHE Y 560 -61.29 17.77 -5.07
C PHE Y 560 -60.55 19.01 -4.57
N SER Y 561 -61.22 20.16 -4.50
CA SER Y 561 -60.53 21.33 -3.97
C SER Y 561 -60.12 21.11 -2.53
N LYS Y 562 -60.92 20.38 -1.75
CA LYS Y 562 -60.51 20.03 -0.40
C LYS Y 562 -59.17 19.29 -0.45
N LEU Y 563 -59.07 18.31 -1.34
CA LEU Y 563 -57.78 17.68 -1.59
C LEU Y 563 -56.76 18.74 -1.99
N LYS Y 564 -57.14 19.61 -2.92
CA LYS Y 564 -56.29 20.73 -3.31
C LYS Y 564 -55.87 21.52 -2.08
N ALA Y 565 -56.84 21.90 -1.25
CA ALA Y 565 -56.52 22.65 -0.03
C ALA Y 565 -55.65 21.83 0.91
N THR Y 566 -56.02 20.56 1.14
CA THR Y 566 -55.24 19.71 2.02
C THR Y 566 -53.79 19.62 1.57
N LEU Y 567 -53.59 19.34 0.28
CA LEU Y 567 -52.24 19.19 -0.24
C LEU Y 567 -51.45 20.49 -0.08
N GLN Y 568 -52.09 21.63 -0.34
CA GLN Y 568 -51.43 22.91 -0.13
C GLN Y 568 -50.83 22.98 1.27
N GLU Y 569 -51.64 22.68 2.28
CA GLU Y 569 -51.19 22.83 3.66
C GLU Y 569 -50.20 21.71 4.03
N MET Y 570 -50.46 20.50 3.53
CA MET Y 570 -49.42 19.46 3.57
C MET Y 570 -48.15 19.92 2.89
N THR Y 571 -48.25 20.44 1.67
CA THR Y 571 -47.07 21.00 1.03
C THR Y 571 -46.67 22.32 1.67
N GLY Y 572 -47.56 22.92 2.47
CA GLY Y 572 -47.22 24.12 3.20
C GLY Y 572 -46.00 23.93 4.08
N LYS Y 573 -45.38 25.04 4.46
CA LYS Y 573 -44.20 24.98 5.34
C LYS Y 573 -44.53 24.26 6.64
N ASP Y 574 -45.69 24.53 7.21
CA ASP Y 574 -46.13 23.84 8.41
C ASP Y 574 -46.89 22.56 8.09
N GLY Y 575 -46.93 22.15 6.82
CA GLY Y 575 -47.36 20.82 6.50
C GLY Y 575 -46.60 19.85 7.36
N SER Y 576 -47.30 18.85 7.91
CA SER Y 576 -46.72 18.02 8.96
C SER Y 576 -45.36 17.50 8.56
N ILE Y 577 -45.24 16.99 7.34
CA ILE Y 577 -43.95 16.45 6.91
C ILE Y 577 -42.91 17.54 6.83
N THR Y 578 -43.26 18.71 6.29
CA THR Y 578 -42.30 19.81 6.29
C THR Y 578 -41.95 20.22 7.71
N LYS Y 579 -42.94 20.17 8.61
CA LYS Y 579 -42.65 20.45 10.01
C LYS Y 579 -41.77 19.38 10.62
N TYR Y 580 -41.90 18.12 10.17
CA TYR Y 580 -40.96 17.09 10.59
C TYR Y 580 -39.53 17.52 10.30
N ASP Y 581 -39.22 17.74 9.02
CA ASP Y 581 -37.83 17.88 8.59
C ASP Y 581 -37.13 19.00 9.33
N GLU Y 582 -37.84 20.09 9.60
CA GLU Y 582 -37.29 21.16 10.41
C GLU Y 582 -36.83 20.62 11.76
N SER Y 583 -37.71 19.86 12.43
CA SER Y 583 -37.31 19.21 13.67
C SER Y 583 -36.13 18.27 13.45
N LEU Y 584 -36.21 17.45 12.39
CA LEU Y 584 -35.06 16.62 12.04
C LEU Y 584 -33.83 17.48 11.83
N THR Y 585 -33.93 18.53 11.02
CA THR Y 585 -32.80 19.41 10.80
C THR Y 585 -32.29 19.96 12.13
N ASN Y 586 -33.21 20.41 12.98
CA ASN Y 586 -32.83 20.85 14.32
C ASN Y 586 -32.20 19.68 15.08
N ASP Y 587 -32.79 18.49 14.96
CA ASP Y 587 -32.31 17.35 15.72
C ASP Y 587 -30.91 16.94 15.28
N ILE Y 588 -30.64 16.97 13.97
CA ILE Y 588 -29.31 16.59 13.50
C ILE Y 588 -28.26 17.51 14.10
N LYS Y 589 -28.54 18.82 14.11
CA LYS Y 589 -27.58 19.74 14.70
C LYS Y 589 -27.39 19.44 16.17
N SER Y 590 -28.46 19.13 16.89
CA SER Y 590 -28.30 18.67 18.27
C SER Y 590 -27.48 17.40 18.32
N LEU Y 591 -27.73 16.45 17.41
CA LEU Y 591 -26.85 15.30 17.29
C LEU Y 591 -25.43 15.74 16.97
N ASN Y 592 -25.27 16.79 16.17
CA ASN Y 592 -23.94 17.35 15.95
C ASN Y 592 -23.40 17.96 17.23
N THR Y 593 -24.24 18.75 17.92
CA THR Y 593 -23.82 19.32 19.19
C THR Y 593 -23.28 18.26 20.13
N SER Y 594 -24.00 17.13 20.23
CA SER Y 594 -23.51 16.03 21.05
C SER Y 594 -22.12 15.60 20.61
N LYS Y 595 -21.93 15.43 19.30
CA LYS Y 595 -20.59 15.16 18.79
C LYS Y 595 -19.66 16.35 19.04
N ASP Y 596 -20.16 17.57 18.83
CA ASP Y 596 -19.31 18.74 19.05
C ASP Y 596 -18.82 18.80 20.49
N SER Y 597 -19.75 18.73 21.44
CA SER Y 597 -19.35 18.67 22.83
C SER Y 597 -18.50 17.43 23.09
N THR Y 598 -18.86 16.32 22.46
CA THR Y 598 -18.14 15.06 22.66
C THR Y 598 -16.64 15.25 22.50
N GLN Y 599 -16.23 15.93 21.42
CA GLN Y 599 -14.81 16.17 21.21
C GLN Y 599 -14.27 17.19 22.20
N ALA Y 600 -15.12 18.11 22.65
CA ALA Y 600 -14.66 19.22 23.46
C ALA Y 600 -13.96 18.73 24.73
N MET Y 601 -14.55 17.73 25.39
CA MET Y 601 -13.89 17.17 26.57
C MET Y 601 -12.91 16.07 26.21
N ILE Y 602 -13.12 15.40 25.07
CA ILE Y 602 -12.16 14.40 24.62
C ILE Y 602 -10.79 15.03 24.45
N ASP Y 603 -10.69 15.99 23.53
CA ASP Y 603 -9.40 16.57 23.21
C ASP Y 603 -8.70 17.14 24.44
N THR Y 604 -9.41 17.96 25.22
CA THR Y 604 -8.78 18.51 26.42
C THR Y 604 -8.37 17.42 27.39
N ARG Y 605 -9.30 16.52 27.74
CA ARG Y 605 -9.01 15.55 28.80
C ARG Y 605 -7.75 14.76 28.47
N TYR Y 606 -7.54 14.42 27.20
CA TYR Y 606 -6.38 13.63 26.83
C TYR Y 606 -5.17 14.50 26.55
N ASP Y 607 -5.39 15.76 26.18
CA ASP Y 607 -4.28 16.71 26.13
C ASP Y 607 -3.65 16.79 27.50
N THR Y 608 -4.48 16.86 28.54
CA THR Y 608 -3.99 16.70 29.91
C THR Y 608 -3.30 15.35 30.10
N MET Y 609 -4.07 14.26 30.02
CA MET Y 609 -3.58 12.98 30.48
C MET Y 609 -2.23 12.66 29.85
N ALA Y 610 -2.06 13.02 28.58
CA ALA Y 610 -0.75 12.96 27.96
C ALA Y 610 0.21 13.93 28.64
N ASN Y 611 -0.22 15.18 28.86
CA ASN Y 611 0.73 16.19 29.33
C ASN Y 611 1.14 15.96 30.78
N GLN Y 612 0.20 15.81 31.72
CA GLN Y 612 0.64 15.60 33.09
C GLN Y 612 1.40 14.29 33.24
N TRP Y 613 1.21 13.35 32.31
CA TRP Y 613 2.09 12.19 32.24
C TRP Y 613 3.53 12.60 32.00
N LEU Y 614 3.75 13.69 31.26
CA LEU Y 614 5.12 14.07 30.92
C LEU Y 614 5.90 14.50 32.15
N GLN Y 615 5.25 15.17 33.10
CA GLN Y 615 5.90 15.48 34.37
C GLN Y 615 6.30 14.20 35.10
N TYR Y 616 5.44 13.19 35.08
CA TYR Y 616 5.83 11.89 35.59
C TYR Y 616 7.08 11.39 34.89
N GLU Y 617 7.12 11.51 33.56
CA GLU Y 617 8.32 11.14 32.82
C GLU Y 617 9.53 11.89 33.34
N SER Y 618 9.36 13.19 33.65
CA SER Y 618 10.48 13.96 34.17
C SER Y 618 10.99 13.36 35.47
N ILE Y 619 10.08 13.10 36.42
CA ILE Y 619 10.51 12.50 37.67
C ILE Y 619 10.92 11.05 37.43
N LEU Y 620 10.27 10.39 36.47
CA LEU Y 620 10.71 9.04 36.11
C LEU Y 620 12.17 9.05 35.69
N ASN Y 621 12.66 10.19 35.19
CA ASN Y 621 14.04 10.26 34.71
C ASN Y 621 15.03 10.17 35.86
N LYS Y 622 14.76 10.82 36.99
CA LYS Y 622 15.68 10.71 38.13
C LYS Y 622 15.82 9.24 38.52
N LEU Y 623 14.71 8.51 38.50
CA LEU Y 623 14.76 7.07 38.75
C LEU Y 623 15.61 6.38 37.70
N ASN Y 624 15.29 6.60 36.42
CA ASN Y 624 16.02 5.93 35.36
C ASN Y 624 17.52 6.19 35.49
N GLN Y 625 17.90 7.46 35.61
CA GLN Y 625 19.31 7.80 35.76
C GLN Y 625 19.93 7.04 36.93
N GLN Y 626 19.30 7.12 38.10
CA GLN Y 626 19.84 6.48 39.29
C GLN Y 626 19.87 4.96 39.15
N LEU Y 627 18.76 4.37 38.74
CA LEU Y 627 18.73 2.91 38.58
C LEU Y 627 19.74 2.47 37.53
N ASN Y 628 19.81 3.20 36.41
CA ASN Y 628 20.88 2.95 35.46
C ASN Y 628 22.23 3.05 36.16
N THR Y 629 22.45 4.14 36.90
CA THR Y 629 23.76 4.41 37.46
C THR Y 629 24.21 3.29 38.38
N VAL Y 630 23.38 2.94 39.36
CA VAL Y 630 23.80 1.94 40.33
C VAL Y 630 23.90 0.57 39.68
N THR Y 631 22.94 0.24 38.81
CA THR Y 631 23.02 -1.04 38.11
C THR Y 631 24.33 -1.17 37.36
N ASN Y 632 24.75 -0.11 36.67
CA ASN Y 632 26.08 -0.08 36.09
C ASN Y 632 27.13 -0.23 37.19
N MET Y 633 26.96 0.49 38.28
CA MET Y 633 27.87 0.35 39.42
C MET Y 633 27.81 -1.08 39.95
N ILE Y 634 26.61 -1.63 40.07
CA ILE Y 634 26.47 -3.00 40.58
C ILE Y 634 27.24 -3.95 39.68
N ASN Y 635 27.05 -3.81 38.35
CA ASN Y 635 27.78 -4.64 37.42
C ASN Y 635 29.28 -4.41 37.53
N ALA Y 636 29.68 -3.18 37.87
CA ALA Y 636 31.09 -2.93 38.13
C ALA Y 636 31.59 -3.73 39.32
N ALA Y 637 30.80 -3.79 40.39
CA ALA Y 637 31.16 -4.64 41.52
C ALA Y 637 31.25 -6.09 41.10
N ASN Y 638 30.34 -6.53 40.22
CA ASN Y 638 30.40 -7.89 39.70
C ASN Y 638 31.67 -8.10 38.89
N ASN Y 639 32.11 -7.08 38.17
CA ASN Y 639 33.36 -7.19 37.41
C ASN Y 639 34.52 -7.55 38.33
N SER Y 640 34.50 -7.03 39.56
CA SER Y 640 35.53 -7.40 40.53
C SER Y 640 35.34 -8.83 41.03
N ASN Y 641 34.09 -9.30 41.08
CA ASN Y 641 33.81 -10.62 41.63
C ASN Y 641 34.31 -11.74 40.74
N ASN Y 642 34.68 -11.45 39.50
CA ASN Y 642 35.15 -12.48 38.59
C ASN Y 642 36.50 -13.01 39.03
N SER Z 13 9.68 -18.97 26.62
CA SER Z 13 9.01 -18.03 25.73
C SER Z 13 7.81 -17.39 26.42
N GLY Z 14 7.31 -18.05 27.46
CA GLY Z 14 6.24 -17.51 28.28
C GLY Z 14 5.05 -17.01 27.50
N VAL Z 15 4.78 -15.71 27.60
CA VAL Z 15 3.62 -15.09 26.99
C VAL Z 15 3.53 -15.47 25.52
N LEU Z 16 4.69 -15.57 24.86
CA LEU Z 16 4.71 -15.92 23.45
C LEU Z 16 4.10 -17.30 23.23
N THR Z 17 4.45 -18.26 24.07
CA THR Z 17 3.80 -19.57 23.99
C THR Z 17 2.30 -19.44 24.21
N GLN Z 18 1.90 -18.64 25.21
CA GLN Z 18 0.49 -18.39 25.44
C GLN Z 18 -0.15 -17.73 24.22
N ASP Z 19 0.52 -16.72 23.66
CA ASP Z 19 0.02 -16.11 22.43
C ASP Z 19 0.03 -17.10 21.28
N THR Z 20 1.09 -17.89 21.16
CA THR Z 20 1.08 -19.00 20.22
C THR Z 20 -0.15 -19.86 20.45
N ILE Z 21 -0.48 -20.11 21.72
CA ILE Z 21 -1.70 -20.85 22.04
C ILE Z 21 -2.92 -20.03 21.66
N ASP Z 22 -2.85 -18.70 21.81
CA ASP Z 22 -3.93 -17.86 21.30
C ASP Z 22 -4.07 -17.98 19.80
N LYS Z 23 -2.95 -18.09 19.07
CA LYS Z 23 -3.06 -18.28 17.64
C LYS Z 23 -3.58 -19.67 17.30
N LEU Z 24 -3.41 -20.63 18.21
CA LEU Z 24 -4.08 -21.91 18.05
C LEU Z 24 -5.56 -21.81 18.39
N LYS Z 25 -5.91 -20.94 19.34
CA LYS Z 25 -7.32 -20.60 19.55
C LYS Z 25 -8.02 -20.42 18.22
N GLU Z 26 -7.45 -19.56 17.37
CA GLU Z 26 -8.02 -19.34 16.04
C GLU Z 26 -7.99 -20.62 15.20
N ALA Z 27 -7.03 -21.50 15.46
CA ALA Z 27 -6.97 -22.75 14.71
C ALA Z 27 -8.25 -23.56 14.90
N GLU Z 28 -8.74 -23.64 16.14
CA GLU Z 28 -10.02 -24.28 16.37
C GLU Z 28 -11.15 -23.49 15.71
N GLN Z 29 -11.02 -22.16 15.72
CA GLN Z 29 -12.02 -21.33 15.06
C GLN Z 29 -12.16 -21.71 13.60
N LYS Z 30 -11.08 -21.54 12.82
CA LYS Z 30 -11.12 -21.94 11.43
C LYS Z 30 -11.52 -23.41 11.29
N ALA Z 31 -11.03 -24.26 12.19
CA ALA Z 31 -11.50 -25.64 12.20
C ALA Z 31 -13.02 -25.68 12.36
N ARG Z 32 -13.56 -24.73 13.11
CA ARG Z 32 -15.00 -24.74 13.40
C ARG Z 32 -15.78 -23.99 12.34
N ILE Z 33 -15.44 -22.73 12.11
CA ILE Z 33 -16.24 -21.90 11.21
C ILE Z 33 -16.15 -22.37 9.77
N ASP Z 34 -15.03 -23.00 9.38
CA ASP Z 34 -14.95 -23.51 8.01
C ASP Z 34 -16.05 -24.50 7.72
N PRO Z 35 -16.23 -25.57 8.48
CA PRO Z 35 -17.42 -26.42 8.30
C PRO Z 35 -18.70 -25.62 8.22
N TYR Z 36 -18.90 -24.67 9.13
CA TYR Z 36 -20.01 -23.73 8.96
C TYR Z 36 -19.94 -23.08 7.60
N THR Z 37 -18.77 -22.52 7.27
CA THR Z 37 -18.64 -21.76 6.03
C THR Z 37 -18.81 -22.67 4.81
N LYS Z 38 -18.39 -23.93 4.91
CA LYS Z 38 -18.47 -24.82 3.76
C LYS Z 38 -19.90 -24.99 3.28
N LYS Z 39 -20.86 -24.96 4.20
CA LYS Z 39 -22.25 -25.03 3.80
C LYS Z 39 -22.88 -23.65 3.66
N ILE Z 40 -22.22 -22.61 4.17
CA ILE Z 40 -22.67 -21.26 3.89
C ILE Z 40 -22.46 -20.93 2.41
N GLU Z 41 -21.35 -21.37 1.84
CA GLU Z 41 -21.09 -21.09 0.43
C GLU Z 41 -22.11 -21.80 -0.45
N GLU Z 42 -22.60 -22.96 -0.02
CA GLU Z 42 -23.75 -23.56 -0.71
C GLU Z 42 -25.04 -22.83 -0.37
N ASN Z 43 -25.18 -22.36 0.87
CA ASN Z 43 -26.28 -21.49 1.20
C ASN Z 43 -26.27 -20.26 0.31
N THR Z 44 -25.10 -19.62 0.19
CA THR Z 44 -24.99 -18.42 -0.65
C THR Z 44 -25.01 -18.78 -2.12
N THR Z 45 -24.31 -19.85 -2.51
CA THR Z 45 -24.27 -20.26 -3.92
C THR Z 45 -25.68 -20.50 -4.45
N LYS Z 46 -26.45 -21.34 -3.74
CA LYS Z 46 -27.74 -21.74 -4.25
C LYS Z 46 -28.84 -20.78 -3.82
N GLN Z 47 -28.50 -19.79 -2.99
CA GLN Z 47 -29.37 -18.63 -2.83
C GLN Z 47 -29.14 -17.61 -3.94
N LYS Z 48 -27.88 -17.26 -4.20
CA LYS Z 48 -27.58 -16.24 -5.20
C LYS Z 48 -28.09 -16.66 -6.57
N ASP Z 49 -27.71 -17.84 -7.02
CA ASP Z 49 -28.10 -18.26 -8.37
C ASP Z 49 -29.61 -18.44 -8.46
N LEU Z 50 -30.27 -18.73 -7.35
CA LEU Z 50 -31.73 -18.73 -7.33
C LEU Z 50 -32.26 -17.36 -7.74
N THR Z 51 -31.70 -16.29 -7.16
CA THR Z 51 -32.20 -14.95 -7.47
C THR Z 51 -32.01 -14.62 -8.93
N GLU Z 52 -30.83 -14.89 -9.49
CA GLU Z 52 -30.54 -14.42 -10.85
C GLU Z 52 -31.42 -15.14 -11.87
N ILE Z 53 -31.63 -16.44 -11.72
CA ILE Z 53 -32.64 -17.10 -12.53
C ILE Z 53 -34.03 -16.62 -12.13
N LYS Z 54 -34.26 -16.46 -10.82
CA LYS Z 54 -35.55 -15.93 -10.37
C LYS Z 54 -35.83 -14.57 -10.99
N THR Z 55 -34.86 -13.66 -10.93
CA THR Z 55 -35.06 -12.33 -11.52
C THR Z 55 -35.29 -12.45 -13.02
N LYS Z 56 -34.49 -13.27 -13.70
CA LYS Z 56 -34.77 -13.57 -15.09
C LYS Z 56 -36.14 -14.20 -15.24
N LEU Z 57 -36.50 -15.07 -14.30
CA LEU Z 57 -37.81 -15.73 -14.36
C LEU Z 57 -38.94 -14.74 -14.10
N LEU Z 58 -38.74 -13.78 -13.19
CA LEU Z 58 -39.78 -12.78 -12.96
C LEU Z 58 -40.08 -11.99 -14.23
N SER Z 59 -39.03 -11.56 -14.93
CA SER Z 59 -39.24 -10.95 -16.25
C SER Z 59 -39.89 -11.93 -17.20
N PHE Z 60 -39.49 -13.20 -17.12
CA PHE Z 60 -40.13 -14.23 -17.94
C PHE Z 60 -41.62 -14.30 -17.63
N GLN Z 61 -41.97 -14.26 -16.34
CA GLN Z 61 -43.39 -14.13 -15.97
C GLN Z 61 -43.99 -12.86 -16.50
N THR Z 62 -43.29 -11.73 -16.39
CA THR Z 62 -43.86 -10.47 -16.82
C THR Z 62 -44.30 -10.55 -18.27
N ALA Z 63 -43.49 -11.21 -19.11
CA ALA Z 63 -43.88 -11.45 -20.49
C ALA Z 63 -45.06 -12.42 -20.58
N VAL Z 64 -45.00 -13.53 -19.84
CA VAL Z 64 -46.10 -14.49 -19.86
C VAL Z 64 -47.39 -13.82 -19.40
N SER Z 65 -47.31 -12.96 -18.39
CA SER Z 65 -48.52 -12.31 -17.88
C SER Z 65 -49.22 -11.53 -18.98
N SER Z 66 -48.46 -10.75 -19.76
CA SER Z 66 -49.05 -10.01 -20.87
C SER Z 66 -49.52 -10.95 -21.96
N LEU Z 67 -48.68 -11.93 -22.32
CA LEU Z 67 -49.00 -12.82 -23.43
C LEU Z 67 -50.21 -13.70 -23.12
N ALA Z 68 -50.59 -13.78 -21.85
CA ALA Z 68 -51.63 -14.73 -21.44
C ALA Z 68 -53.04 -14.26 -21.80
N ASP Z 69 -53.27 -12.94 -21.80
CA ASP Z 69 -54.61 -12.40 -21.66
C ASP Z 69 -55.34 -12.30 -22.98
N ALA Z 70 -56.67 -12.35 -22.91
CA ALA Z 70 -57.51 -12.23 -24.10
C ALA Z 70 -57.57 -10.80 -24.61
N THR Z 71 -57.28 -9.82 -23.75
CA THR Z 71 -57.39 -8.42 -24.15
C THR Z 71 -56.61 -8.13 -25.41
N VAL Z 72 -55.46 -8.79 -25.61
CA VAL Z 72 -54.69 -8.58 -26.82
C VAL Z 72 -55.46 -9.09 -28.04
N PHE Z 73 -56.34 -10.06 -27.86
CA PHE Z 73 -57.14 -10.55 -28.98
C PHE Z 73 -58.30 -9.61 -29.26
N ALA Z 74 -59.07 -9.95 -30.29
CA ALA Z 74 -60.28 -9.23 -30.65
C ALA Z 74 -59.96 -7.84 -31.21
N LYS Z 75 -58.69 -7.53 -31.42
CA LYS Z 75 -58.34 -6.23 -31.99
C LYS Z 75 -58.85 -6.14 -33.43
N ARG Z 76 -59.47 -5.00 -33.74
CA ARG Z 76 -60.00 -4.77 -35.08
C ARG Z 76 -59.73 -3.32 -35.45
N LYS Z 77 -59.77 -3.05 -36.76
CA LYS Z 77 -59.57 -1.70 -37.27
C LYS Z 77 -60.48 -1.49 -38.47
N VAL Z 78 -60.71 -0.22 -38.80
CA VAL Z 78 -61.67 0.16 -39.82
C VAL Z 78 -60.97 1.03 -40.87
N VAL Z 79 -61.35 0.83 -42.12
CA VAL Z 79 -60.87 1.64 -43.23
C VAL Z 79 -62.07 2.14 -44.01
N GLY Z 80 -61.91 3.26 -44.70
CA GLY Z 80 -62.96 3.81 -45.53
C GLY Z 80 -62.52 4.06 -46.95
N SER Z 81 -63.43 3.79 -47.88
CA SER Z 81 -63.16 4.06 -49.29
C SER Z 81 -63.20 5.55 -49.59
N ILE Z 82 -64.00 6.31 -48.83
CA ILE Z 82 -64.13 7.75 -49.03
C ILE Z 82 -64.32 8.41 -47.66
N SER Z 83 -63.75 9.60 -47.51
CA SER Z 83 -63.85 10.28 -46.21
C SER Z 83 -64.02 11.80 -46.31
N ASP Z 84 -64.60 12.34 -47.39
CA ASP Z 84 -64.68 13.79 -47.58
C ASP Z 84 -65.88 14.37 -46.83
N ASN Z 85 -65.74 14.43 -45.50
CA ASN Z 85 -66.92 14.64 -44.67
C ASN Z 85 -67.96 13.68 -45.23
N PRO Z 86 -67.67 12.39 -45.21
CA PRO Z 86 -68.27 11.47 -46.18
C PRO Z 86 -69.77 11.41 -46.05
N PRO Z 87 -70.45 10.68 -46.92
CA PRO Z 87 -71.87 10.40 -46.69
C PRO Z 87 -72.10 9.87 -45.28
N ALA Z 88 -71.14 9.11 -44.76
CA ALA Z 88 -71.14 8.66 -43.37
C ALA Z 88 -69.75 8.11 -43.08
N SER Z 89 -69.50 7.86 -41.79
CA SER Z 89 -68.26 7.24 -41.35
C SER Z 89 -68.57 6.08 -40.40
N LEU Z 90 -67.97 4.92 -40.66
CA LEU Z 90 -68.18 3.74 -39.84
C LEU Z 90 -66.97 3.42 -38.96
N THR Z 91 -67.27 2.88 -37.78
CA THR Z 91 -66.29 2.33 -36.85
C THR Z 91 -66.88 1.07 -36.25
N VAL Z 92 -66.01 0.09 -35.97
CA VAL Z 92 -66.41 -1.14 -35.28
C VAL Z 92 -65.44 -1.36 -34.13
N ASN Z 93 -65.90 -2.10 -33.14
CA ASN Z 93 -65.12 -2.35 -31.93
C ASN Z 93 -64.54 -3.76 -31.96
N SER Z 94 -63.94 -4.16 -30.85
CA SER Z 94 -63.18 -5.42 -30.81
C SER Z 94 -64.09 -6.62 -31.08
N GLY Z 95 -63.53 -7.63 -31.72
CA GLY Z 95 -64.21 -8.89 -31.96
C GLY Z 95 -65.12 -8.92 -33.17
N VAL Z 96 -65.40 -7.76 -33.78
CA VAL Z 96 -66.31 -7.73 -34.91
C VAL Z 96 -65.70 -8.49 -36.09
N ALA Z 97 -66.56 -9.02 -36.95
CA ALA Z 97 -66.12 -9.82 -38.08
C ALA Z 97 -65.37 -8.96 -39.10
N LEU Z 98 -64.59 -9.63 -39.94
CA LEU Z 98 -63.94 -8.98 -41.08
C LEU Z 98 -64.97 -8.79 -42.18
N GLN Z 99 -65.23 -7.54 -42.57
CA GLN Z 99 -66.38 -7.26 -43.39
C GLN Z 99 -66.19 -5.96 -44.18
N SER Z 100 -66.95 -5.84 -45.26
CA SER Z 100 -67.00 -4.64 -46.09
C SER Z 100 -68.46 -4.36 -46.43
N MET Z 101 -68.73 -3.15 -46.92
CA MET Z 101 -70.08 -2.60 -46.86
C MET Z 101 -70.32 -1.56 -47.94
N ASN Z 102 -71.60 -1.22 -48.11
CA ASN Z 102 -72.05 -0.03 -48.82
C ASN Z 102 -73.24 0.56 -48.08
N ILE Z 103 -73.47 1.86 -48.28
CA ILE Z 103 -74.57 2.55 -47.63
C ILE Z 103 -75.09 3.64 -48.57
N ASN Z 104 -76.40 3.77 -48.65
CA ASN Z 104 -77.03 4.81 -49.46
C ASN Z 104 -77.86 5.70 -48.53
N VAL Z 105 -77.50 6.98 -48.48
CA VAL Z 105 -78.10 7.93 -47.55
C VAL Z 105 -78.94 8.92 -48.35
N THR Z 106 -80.22 9.05 -47.98
CA THR Z 106 -81.05 10.10 -48.58
C THR Z 106 -82.04 10.59 -47.52
N GLN Z 107 -81.61 11.56 -46.71
CA GLN Z 107 -82.49 12.50 -46.03
C GLN Z 107 -81.62 13.45 -45.24
N LEU Z 108 -82.09 14.70 -45.11
CA LEU Z 108 -81.37 15.74 -44.39
C LEU Z 108 -82.02 15.94 -43.03
N ALA Z 109 -81.31 15.57 -41.97
CA ALA Z 109 -81.81 15.80 -40.62
C ALA Z 109 -82.04 17.29 -40.41
N GLN Z 110 -83.20 17.65 -39.86
CA GLN Z 110 -83.57 19.03 -39.66
C GLN Z 110 -84.46 19.15 -38.43
N LYS Z 111 -84.82 20.38 -38.08
CA LYS Z 111 -85.60 20.67 -36.90
C LYS Z 111 -86.75 21.61 -37.23
N ASP Z 112 -87.71 21.68 -36.32
CA ASP Z 112 -88.75 22.69 -36.40
C ASP Z 112 -88.21 24.04 -35.97
N VAL Z 113 -88.23 25.01 -36.88
CA VAL Z 113 -87.95 26.40 -36.56
C VAL Z 113 -89.14 27.23 -37.04
N TYR Z 114 -89.83 27.85 -36.09
CA TYR Z 114 -90.92 28.77 -36.39
C TYR Z 114 -90.49 30.18 -35.99
N GLN Z 115 -91.16 31.17 -36.56
CA GLN Z 115 -90.99 32.56 -36.17
C GLN Z 115 -92.29 33.09 -35.56
N SER Z 116 -92.19 33.67 -34.38
CA SER Z 116 -93.33 34.41 -33.86
C SER Z 116 -93.55 35.66 -34.70
N LYS Z 117 -94.81 36.10 -34.76
CA LYS Z 117 -95.12 37.31 -35.48
C LYS Z 117 -94.35 38.47 -34.88
N GLY Z 118 -93.94 39.41 -35.73
CA GLY Z 118 -92.97 40.41 -35.32
C GLY Z 118 -93.37 41.07 -34.01
N LEU Z 119 -92.38 41.22 -33.12
CA LEU Z 119 -92.59 41.77 -31.79
C LEU Z 119 -91.80 43.06 -31.63
N ALA Z 120 -92.47 44.11 -31.17
CA ALA Z 120 -91.79 45.32 -30.77
C ALA Z 120 -90.96 45.11 -29.50
N ASN Z 121 -91.28 44.08 -28.72
CA ASN Z 121 -90.53 43.71 -27.55
C ASN Z 121 -90.53 42.19 -27.42
N ASP Z 122 -89.48 41.67 -26.79
CA ASP Z 122 -89.38 40.24 -26.52
C ASP Z 122 -89.75 39.90 -25.09
N GLY Z 123 -90.34 40.84 -24.36
CA GLY Z 123 -90.66 40.62 -22.97
C GLY Z 123 -91.97 41.22 -22.51
N GLY Z 124 -92.90 41.42 -23.42
CA GLY Z 124 -94.23 41.80 -23.02
C GLY Z 124 -94.91 40.67 -22.28
N PHE Z 125 -95.70 41.04 -21.27
CA PHE Z 125 -96.48 40.05 -20.56
C PHE Z 125 -97.37 39.32 -21.56
N VAL Z 126 -97.16 38.01 -21.66
CA VAL Z 126 -97.78 37.22 -22.73
C VAL Z 126 -99.24 37.61 -22.91
N ASN Z 127 -99.90 37.99 -21.82
CA ASN Z 127 -101.15 38.74 -21.92
C ASN Z 127 -101.37 39.54 -20.66
N ALA Z 128 -102.32 40.47 -20.76
CA ALA Z 128 -102.73 41.39 -19.70
C ALA Z 128 -103.64 40.66 -18.71
N GLN Z 129 -104.55 41.40 -18.07
CA GLN Z 129 -105.21 40.94 -16.85
C GLN Z 129 -105.93 39.62 -17.12
N LEU Z 130 -105.15 38.54 -17.03
CA LEU Z 130 -105.54 37.20 -17.43
C LEU Z 130 -106.65 36.67 -16.51
N ASN Z 131 -107.07 35.44 -16.81
CA ASN Z 131 -108.01 34.69 -16.00
C ASN Z 131 -107.36 34.18 -14.72
N GLY Z 132 -106.21 34.74 -14.35
CA GLY Z 132 -105.38 34.17 -13.31
C GLY Z 132 -104.27 33.32 -13.89
N THR Z 133 -104.63 32.24 -14.59
CA THR Z 133 -103.65 31.38 -15.23
C THR Z 133 -104.25 30.72 -16.45
N ALA Z 134 -103.41 30.51 -17.47
CA ALA Z 134 -103.77 29.76 -18.67
C ALA Z 134 -102.66 28.78 -18.99
N ASP Z 135 -102.96 27.80 -19.86
CA ASP Z 135 -102.02 26.74 -20.18
C ASP Z 135 -101.95 26.53 -21.69
N LEU Z 136 -100.80 26.03 -22.13
CA LEU Z 136 -100.53 25.74 -23.53
C LEU Z 136 -100.11 24.27 -23.67
N THR Z 137 -100.44 23.67 -24.81
CA THR Z 137 -100.27 22.24 -25.00
C THR Z 137 -99.64 21.96 -26.35
N PHE Z 138 -98.97 20.81 -26.44
CA PHE Z 138 -98.32 20.40 -27.67
C PHE Z 138 -97.67 19.04 -27.49
N PHE Z 139 -97.41 18.37 -28.61
CA PHE Z 139 -96.74 17.08 -28.62
C PHE Z 139 -95.53 17.15 -29.54
N SER Z 140 -94.46 16.46 -29.16
CA SER Z 140 -93.27 16.39 -29.99
C SER Z 140 -92.31 15.40 -29.36
N ASN Z 141 -91.44 14.82 -30.20
CA ASN Z 141 -90.34 13.98 -29.73
C ASN Z 141 -90.87 12.85 -28.84
N GLY Z 142 -91.89 12.15 -29.32
CA GLY Z 142 -92.43 11.01 -28.62
C GLY Z 142 -92.97 11.35 -27.25
N LYS Z 143 -93.29 12.62 -27.02
CA LYS Z 143 -93.72 13.10 -25.71
C LYS Z 143 -94.75 14.20 -25.87
N GLU Z 144 -95.54 14.39 -24.82
CA GLU Z 144 -96.51 15.46 -24.71
C GLU Z 144 -96.10 16.40 -23.58
N TYR Z 145 -96.49 17.66 -23.68
CA TYR Z 145 -96.04 18.67 -22.73
C TYR Z 145 -97.08 19.76 -22.58
N THR Z 146 -97.02 20.45 -21.44
CA THR Z 146 -97.81 21.63 -21.17
C THR Z 146 -96.96 22.63 -20.39
N VAL Z 147 -97.20 23.91 -20.63
CA VAL Z 147 -96.50 24.98 -19.94
C VAL Z 147 -97.54 25.94 -19.39
N THR Z 148 -97.37 26.34 -18.14
CA THR Z 148 -98.36 27.12 -17.42
C THR Z 148 -98.05 28.61 -17.53
N VAL Z 149 -99.09 29.43 -17.52
CA VAL Z 149 -98.97 30.87 -17.75
C VAL Z 149 -99.70 31.61 -16.65
N ASP Z 150 -99.29 32.86 -16.42
CA ASP Z 150 -99.97 33.76 -15.51
C ASP Z 150 -99.82 35.19 -16.02
N LYS Z 151 -100.69 36.07 -15.52
CA LYS Z 151 -100.71 37.45 -16.01
C LYS Z 151 -99.38 38.16 -15.83
N ASN Z 152 -98.55 37.70 -14.89
CA ASN Z 152 -97.24 38.30 -14.66
C ASN Z 152 -96.14 37.61 -15.46
N THR Z 153 -96.49 36.97 -16.57
CA THR Z 153 -95.53 36.23 -17.39
C THR Z 153 -95.18 37.06 -18.62
N THR Z 154 -93.96 37.56 -18.67
CA THR Z 154 -93.44 38.18 -19.88
C THR Z 154 -93.19 37.11 -20.95
N TYR Z 155 -93.03 37.58 -22.18
CA TYR Z 155 -92.55 36.68 -23.22
C TYR Z 155 -91.29 35.97 -22.76
N ARG Z 156 -90.39 36.71 -22.11
CA ARG Z 156 -89.16 36.13 -21.60
C ARG Z 156 -89.44 35.10 -20.52
N ASP Z 157 -90.38 35.42 -19.61
CA ASP Z 157 -90.72 34.47 -18.56
C ASP Z 157 -91.29 33.19 -19.15
N LEU Z 158 -92.17 33.30 -20.14
CA LEU Z 158 -92.74 32.10 -20.74
C LEU Z 158 -91.69 31.31 -21.50
N ALA Z 159 -90.91 31.99 -22.34
CA ALA Z 159 -89.80 31.30 -23.01
C ALA Z 159 -88.94 30.56 -22.00
N ASP Z 160 -88.69 31.18 -20.85
CA ASP Z 160 -87.99 30.48 -19.77
C ASP Z 160 -88.82 29.29 -19.27
N LYS Z 161 -90.08 29.54 -18.91
CA LYS Z 161 -90.93 28.48 -18.37
C LYS Z 161 -90.97 27.28 -19.31
N ILE Z 162 -91.07 27.52 -20.62
CA ILE Z 162 -91.08 26.42 -21.57
C ILE Z 162 -89.85 25.56 -21.37
N ASN Z 163 -88.69 26.18 -21.18
CA ASN Z 163 -87.47 25.43 -20.99
C ASN Z 163 -87.52 24.60 -19.72
N GLU Z 164 -88.02 25.16 -18.62
CA GLU Z 164 -88.16 24.37 -17.40
C GLU Z 164 -89.26 23.33 -17.56
N ALA Z 165 -90.46 23.75 -17.99
CA ALA Z 165 -91.57 22.82 -18.12
C ALA Z 165 -91.24 21.70 -19.09
N SER Z 166 -90.62 22.03 -20.22
CA SER Z 166 -90.15 20.98 -21.12
C SER Z 166 -88.95 20.24 -20.55
N GLY Z 167 -88.16 20.90 -19.71
CA GLY Z 167 -86.92 20.33 -19.25
C GLY Z 167 -85.77 20.48 -20.20
N GLY Z 168 -85.84 21.44 -21.13
CA GLY Z 168 -84.80 21.65 -22.10
C GLY Z 168 -84.93 20.79 -23.34
N GLU Z 169 -85.75 19.74 -23.31
CA GLU Z 169 -86.02 18.99 -24.53
C GLU Z 169 -86.64 19.90 -25.58
N ILE Z 170 -87.26 21.00 -25.15
CA ILE Z 170 -87.64 22.11 -26.03
C ILE Z 170 -86.84 23.34 -25.64
N VAL Z 171 -86.33 24.06 -26.64
CA VAL Z 171 -85.39 25.15 -26.43
C VAL Z 171 -86.07 26.42 -26.92
N ALA Z 172 -86.56 27.21 -25.98
CA ALA Z 172 -87.30 28.43 -26.28
C ALA Z 172 -86.39 29.63 -26.08
N LYS Z 173 -86.26 30.44 -27.12
CA LYS Z 173 -85.39 31.61 -27.09
C LYS Z 173 -86.24 32.84 -27.36
N ILE Z 174 -85.80 33.98 -26.84
CA ILE Z 174 -86.60 35.19 -26.86
C ILE Z 174 -85.66 36.38 -27.00
N VAL Z 175 -85.72 37.09 -28.13
CA VAL Z 175 -84.56 37.84 -28.62
C VAL Z 175 -85.01 39.15 -29.24
N ASN Z 176 -84.07 40.11 -29.30
CA ASN Z 176 -84.11 41.24 -30.24
C ASN Z 176 -83.34 40.79 -31.47
N THR Z 177 -84.05 40.60 -32.58
CA THR Z 177 -83.46 39.96 -33.75
C THR Z 177 -82.43 40.84 -34.46
N GLY Z 178 -82.31 42.10 -34.09
CA GLY Z 178 -81.59 43.06 -34.88
C GLY Z 178 -82.46 43.77 -35.90
N GLU Z 179 -83.67 43.27 -36.13
CA GLU Z 179 -84.70 44.05 -36.78
C GLU Z 179 -85.03 45.26 -35.91
N LYS Z 180 -85.85 46.16 -36.44
CA LYS Z 180 -86.37 47.26 -35.65
C LYS Z 180 -87.80 47.54 -36.10
N GLY Z 181 -88.51 48.34 -35.29
CA GLY Z 181 -89.94 48.45 -35.43
C GLY Z 181 -90.61 47.25 -34.78
N THR Z 182 -90.19 46.07 -35.21
CA THR Z 182 -90.44 44.83 -34.50
C THR Z 182 -89.08 44.20 -34.23
N PRO Z 183 -88.26 44.80 -33.36
CA PRO Z 183 -86.88 44.31 -33.21
C PRO Z 183 -86.80 42.92 -32.63
N TYR Z 184 -87.92 42.37 -32.17
CA TYR Z 184 -87.90 41.22 -31.29
C TYR Z 184 -88.69 40.07 -31.90
N ARG Z 185 -88.36 38.87 -31.48
CA ARG Z 185 -89.07 37.67 -31.90
C ARG Z 185 -89.04 36.64 -30.79
N LEU Z 186 -90.01 35.74 -30.81
CA LEU Z 186 -89.98 34.53 -30.02
C LEU Z 186 -89.86 33.33 -30.95
N THR Z 187 -88.83 32.51 -30.74
CA THR Z 187 -88.58 31.34 -31.56
C THR Z 187 -88.48 30.12 -30.67
N LEU Z 188 -89.07 29.02 -31.15
CA LEU Z 188 -89.08 27.75 -30.44
C LEU Z 188 -88.38 26.70 -31.30
N THR Z 189 -87.67 25.80 -30.63
CA THR Z 189 -86.90 24.80 -31.35
C THR Z 189 -86.83 23.54 -30.51
N SER Z 190 -86.76 22.40 -31.20
CA SER Z 190 -86.68 21.10 -30.56
C SER Z 190 -85.23 20.80 -30.21
N LYS Z 191 -85.03 20.24 -29.02
CA LYS Z 191 -83.68 19.83 -28.62
C LYS Z 191 -83.16 18.70 -29.51
N GLU Z 192 -84.05 18.04 -30.24
CA GLU Z 192 -83.70 16.90 -31.07
C GLU Z 192 -83.99 17.19 -32.54
N THR Z 193 -83.72 16.21 -33.39
CA THR Z 193 -83.97 16.29 -34.82
C THR Z 193 -84.94 15.19 -35.22
N GLY Z 194 -85.17 15.07 -36.53
CA GLY Z 194 -85.99 14.01 -37.07
C GLY Z 194 -87.40 14.46 -37.39
N GLU Z 195 -88.09 13.63 -38.16
CA GLU Z 195 -89.51 13.87 -38.44
C GLU Z 195 -90.29 13.96 -37.14
N ASP Z 196 -90.01 13.05 -36.19
CA ASP Z 196 -90.68 13.08 -34.91
C ASP Z 196 -90.53 14.43 -34.23
N SER Z 197 -89.43 15.13 -34.49
CA SER Z 197 -89.20 16.42 -33.84
C SER Z 197 -90.16 17.48 -34.38
N ALA Z 198 -90.78 17.25 -35.53
CA ALA Z 198 -91.84 18.14 -35.99
C ALA Z 198 -92.94 18.16 -34.93
N ILE Z 199 -93.39 19.36 -34.60
CA ILE Z 199 -94.18 19.57 -33.40
C ILE Z 199 -95.67 19.62 -33.74
N SER Z 200 -96.50 19.19 -32.78
CA SER Z 200 -97.93 19.39 -32.82
C SER Z 200 -98.37 20.01 -31.49
N PHE Z 201 -99.44 20.79 -31.55
CA PHE Z 201 -99.66 21.88 -30.60
C PHE Z 201 -101.14 22.05 -30.27
N TYR Z 202 -101.40 22.70 -29.13
CA TYR Z 202 -102.75 22.86 -28.60
C TYR Z 202 -102.69 23.81 -27.42
N ALA Z 203 -103.85 24.34 -27.04
CA ALA Z 203 -103.98 25.24 -25.90
C ALA Z 203 -104.85 24.57 -24.84
N GLY Z 204 -104.23 24.04 -23.80
CA GLY Z 204 -104.97 23.30 -22.79
C GLY Z 204 -104.22 23.10 -21.50
N LYS Z 205 -104.97 22.74 -20.46
CA LYS Z 205 -104.44 22.37 -19.16
C LYS Z 205 -104.84 20.93 -18.86
N LYS Z 206 -104.02 20.25 -18.07
CA LYS Z 206 -104.24 18.84 -17.77
C LYS Z 206 -105.36 18.72 -16.74
N ASP Z 207 -106.49 18.19 -17.18
CA ASP Z 207 -107.66 17.99 -16.35
C ASP Z 207 -107.54 16.67 -15.56
N SER Z 208 -108.57 16.39 -14.75
CA SER Z 208 -108.49 15.30 -13.79
C SER Z 208 -108.44 13.93 -14.45
N ASN Z 209 -109.06 13.77 -15.61
CA ASN Z 209 -108.99 12.50 -16.34
C ASN Z 209 -107.71 12.38 -17.18
N GLY Z 210 -106.65 13.09 -16.82
CA GLY Z 210 -105.41 13.00 -17.57
C GLY Z 210 -105.56 13.41 -19.02
N LYS Z 211 -106.30 14.48 -19.28
CA LYS Z 211 -106.76 14.81 -20.61
C LYS Z 211 -106.65 16.34 -20.74
N TYR Z 212 -107.06 16.88 -21.89
CA TYR Z 212 -106.95 18.31 -22.12
C TYR Z 212 -108.33 18.96 -22.26
N GLN Z 213 -108.40 20.20 -21.83
CA GLN Z 213 -109.50 21.10 -22.13
C GLN Z 213 -108.95 22.32 -22.85
N LYS Z 214 -109.74 22.87 -23.75
CA LYS Z 214 -109.27 23.86 -24.72
C LYS Z 214 -109.24 25.24 -24.05
N ASP Z 215 -108.03 25.73 -23.76
CA ASP Z 215 -107.86 27.07 -23.22
C ASP Z 215 -107.86 28.09 -24.34
N ILE Z 216 -109.01 28.73 -24.57
CA ILE Z 216 -109.12 29.70 -25.66
C ILE Z 216 -108.18 30.87 -25.43
N ASN Z 217 -108.00 31.28 -24.18
CA ASN Z 217 -107.12 32.41 -23.90
C ASN Z 217 -105.71 32.13 -24.38
N ALA Z 218 -105.23 30.90 -24.15
CA ALA Z 218 -103.94 30.49 -24.70
C ALA Z 218 -103.97 30.45 -26.22
N GLU Z 219 -105.11 30.11 -26.81
CA GLU Z 219 -105.23 30.20 -28.26
C GLU Z 219 -105.05 31.65 -28.72
N LYS Z 220 -105.65 32.58 -28.00
CA LYS Z 220 -105.44 34.00 -28.30
C LYS Z 220 -103.96 34.35 -28.20
N ILE Z 221 -103.21 33.64 -27.37
CA ILE Z 221 -101.76 33.82 -27.36
C ILE Z 221 -101.15 33.25 -28.63
N PHE Z 222 -101.62 32.08 -29.07
CA PHE Z 222 -101.22 31.60 -30.39
C PHE Z 222 -101.56 32.64 -31.44
N ASP Z 223 -102.70 33.31 -31.29
CA ASP Z 223 -102.99 34.47 -32.12
C ASP Z 223 -101.99 35.58 -31.87
N ASP Z 224 -101.62 35.80 -30.61
CA ASP Z 224 -100.66 36.86 -30.29
C ASP Z 224 -99.32 36.61 -30.96
N LEU Z 225 -99.05 35.37 -31.36
CA LEU Z 225 -97.82 35.01 -32.03
C LEU Z 225 -98.02 34.61 -33.48
N GLY Z 226 -99.22 34.87 -34.04
CA GLY Z 226 -99.51 34.50 -35.41
C GLY Z 226 -99.74 33.03 -35.63
N TRP Z 227 -99.57 32.21 -34.59
CA TRP Z 227 -99.68 30.76 -34.75
C TRP Z 227 -101.08 30.27 -34.48
N GLY Z 228 -102.07 31.17 -34.44
CA GLY Z 228 -103.43 30.84 -34.06
C GLY Z 228 -103.89 29.49 -34.54
N LEU Z 229 -104.50 28.74 -33.63
CA LEU Z 229 -104.80 27.34 -33.85
C LEU Z 229 -105.90 27.18 -34.90
N ASP Z 230 -105.99 25.97 -35.46
CA ASP Z 230 -107.08 25.61 -36.34
C ASP Z 230 -107.68 24.29 -35.88
N VAL Z 231 -109.01 24.22 -35.89
CA VAL Z 231 -109.74 23.02 -35.48
C VAL Z 231 -110.30 22.26 -36.67
N SER Z 232 -110.20 22.81 -37.89
CA SER Z 232 -110.52 22.02 -39.07
C SER Z 232 -109.68 20.76 -39.10
N ALA Z 233 -108.47 20.82 -38.55
CA ALA Z 233 -107.77 19.62 -38.11
C ALA Z 233 -108.47 19.15 -36.84
N SER Z 234 -109.65 18.55 -37.01
CA SER Z 234 -110.57 18.32 -35.90
C SER Z 234 -110.08 17.20 -35.01
N ILE Z 235 -108.87 17.35 -34.49
CA ILE Z 235 -108.33 16.42 -33.51
C ILE Z 235 -108.80 16.81 -32.12
N ASP Z 236 -108.53 15.92 -31.17
CA ASP Z 236 -108.34 16.33 -29.79
C ASP Z 236 -106.99 15.80 -29.35
N PRO Z 237 -106.24 16.55 -28.55
CA PRO Z 237 -104.86 16.12 -28.27
C PRO Z 237 -104.76 14.73 -27.68
N ASP Z 238 -105.64 14.35 -26.75
CA ASP Z 238 -105.54 13.03 -26.15
C ASP Z 238 -106.09 11.93 -27.04
N LYS Z 239 -107.19 12.20 -27.75
CA LYS Z 239 -107.75 11.17 -28.63
C LYS Z 239 -106.75 10.78 -29.71
N ASP Z 240 -106.05 11.77 -30.26
CA ASP Z 240 -105.11 11.51 -31.34
C ASP Z 240 -103.67 11.46 -30.83
N LYS Z 241 -103.35 12.20 -29.77
CA LYS Z 241 -101.97 12.43 -29.36
C LYS Z 241 -101.20 13.18 -30.45
N LYS Z 242 -101.93 14.03 -31.17
CA LYS Z 242 -101.38 14.97 -32.14
C LYS Z 242 -102.00 16.34 -31.88
N GLY Z 243 -101.63 17.33 -32.70
CA GLY Z 243 -101.97 18.71 -32.44
C GLY Z 243 -102.68 19.41 -33.59
N TYR Z 244 -103.23 20.59 -33.27
CA TYR Z 244 -104.08 21.34 -34.18
C TYR Z 244 -103.29 21.89 -35.35
N GLY Z 245 -103.99 22.65 -36.20
CA GLY Z 245 -103.37 23.41 -37.27
C GLY Z 245 -103.12 24.85 -36.87
N ILE Z 246 -102.72 25.64 -37.88
CA ILE Z 246 -102.27 27.01 -37.68
C ILE Z 246 -102.91 27.93 -38.69
N LYS Z 247 -103.05 29.21 -38.30
CA LYS Z 247 -103.61 30.19 -39.21
C LYS Z 247 -102.60 30.67 -40.24
N ASP Z 248 -101.31 30.38 -40.03
CA ASP Z 248 -100.28 30.83 -40.95
C ASP Z 248 -99.10 29.88 -40.89
N ALA Z 249 -98.79 29.23 -42.01
CA ALA Z 249 -97.66 28.31 -42.05
C ALA Z 249 -96.36 29.03 -42.43
N SER Z 250 -96.46 30.23 -42.99
CA SER Z 250 -95.26 30.98 -43.33
C SER Z 250 -94.37 31.16 -42.11
N LEU Z 251 -94.98 31.22 -40.92
CA LEU Z 251 -94.19 31.36 -39.70
C LEU Z 251 -93.30 30.15 -39.46
N HIS Z 252 -93.57 29.04 -40.13
CA HIS Z 252 -92.77 27.82 -40.00
C HIS Z 252 -91.51 27.97 -40.86
N ILE Z 253 -90.49 28.58 -40.25
CA ILE Z 253 -89.23 28.82 -40.94
C ILE Z 253 -88.63 27.50 -41.39
N GLN Z 254 -88.59 26.52 -40.50
CA GLN Z 254 -87.98 25.24 -40.77
C GLN Z 254 -88.77 24.15 -40.08
N THR Z 255 -88.86 22.99 -40.72
CA THR Z 255 -89.57 21.84 -40.17
C THR Z 255 -88.60 20.70 -39.93
N ALA Z 256 -88.88 19.89 -38.91
CA ALA Z 256 -87.99 18.81 -38.55
C ALA Z 256 -88.23 17.58 -39.43
N GLN Z 257 -87.14 16.88 -39.75
CA GLN Z 257 -87.22 15.67 -40.55
C GLN Z 257 -86.01 14.80 -40.25
N ASN Z 258 -86.05 13.57 -40.77
CA ASN Z 258 -85.12 12.52 -40.40
C ASN Z 258 -83.87 12.54 -41.28
N ALA Z 259 -82.92 11.70 -40.90
CA ALA Z 259 -81.89 11.20 -41.80
C ALA Z 259 -82.24 9.78 -42.20
N GLU Z 260 -81.90 9.40 -43.43
CA GLU Z 260 -82.29 8.10 -43.93
C GLU Z 260 -81.10 7.45 -44.63
N PHE Z 261 -81.03 6.13 -44.55
CA PHE Z 261 -79.89 5.37 -45.04
C PHE Z 261 -80.31 3.95 -45.36
N THR Z 262 -79.43 3.23 -46.06
CA THR Z 262 -79.61 1.82 -46.32
C THR Z 262 -78.86 0.99 -45.28
N LEU Z 263 -79.38 -0.21 -45.02
CA LEU Z 263 -78.57 -1.28 -44.43
C LEU Z 263 -78.06 -2.07 -45.64
N ASP Z 264 -76.90 -1.66 -46.14
CA ASP Z 264 -76.24 -2.23 -47.31
C ASP Z 264 -77.25 -2.70 -48.36
N GLY Z 265 -78.07 -1.77 -48.85
CA GLY Z 265 -79.01 -2.07 -49.91
C GLY Z 265 -80.45 -1.73 -49.58
N ILE Z 266 -80.85 -1.94 -48.33
CA ILE Z 266 -82.23 -1.75 -47.91
C ILE Z 266 -82.30 -0.55 -46.97
N LYS Z 267 -83.26 0.33 -47.23
CA LYS Z 267 -83.25 1.69 -46.70
C LYS Z 267 -83.84 1.76 -45.30
N MET Z 268 -83.45 2.81 -44.57
CA MET Z 268 -83.80 2.96 -43.16
C MET Z 268 -83.78 4.45 -42.83
N PHE Z 269 -84.86 4.94 -42.24
CA PHE Z 269 -85.01 6.35 -41.88
C PHE Z 269 -84.92 6.52 -40.38
N ARG Z 270 -84.10 7.49 -39.95
CA ARG Z 270 -83.90 7.74 -38.52
C ARG Z 270 -83.79 9.23 -38.28
N SER Z 271 -84.03 9.62 -37.02
CA SER Z 271 -84.12 11.04 -36.68
C SER Z 271 -82.85 11.81 -37.01
N SER Z 272 -81.68 11.21 -36.82
CA SER Z 272 -80.43 11.95 -36.86
C SER Z 272 -79.39 11.18 -37.66
N ASN Z 273 -78.16 11.70 -37.64
CA ASN Z 273 -77.08 11.25 -38.50
C ASN Z 273 -76.17 10.22 -37.83
N THR Z 274 -76.65 9.58 -36.77
CA THR Z 274 -75.84 8.62 -36.03
C THR Z 274 -76.63 7.33 -35.87
N VAL Z 275 -75.93 6.20 -36.00
CA VAL Z 275 -76.58 4.89 -36.03
C VAL Z 275 -75.74 3.89 -35.24
N THR Z 276 -76.42 3.04 -34.46
CA THR Z 276 -75.76 1.89 -33.86
C THR Z 276 -76.63 0.64 -33.85
N ASP Z 277 -77.78 0.64 -34.52
CA ASP Z 277 -78.66 -0.53 -34.51
C ASP Z 277 -78.05 -1.75 -35.21
N LEU Z 278 -76.86 -1.59 -35.80
CA LEU Z 278 -76.23 -2.70 -36.51
C LEU Z 278 -75.94 -3.88 -35.60
N GLY Z 279 -75.72 -3.63 -34.31
CA GLY Z 279 -75.31 -4.71 -33.42
C GLY Z 279 -73.89 -5.12 -33.72
N VAL Z 280 -73.51 -6.30 -33.23
CA VAL Z 280 -72.18 -6.87 -33.47
C VAL Z 280 -71.10 -6.07 -32.74
N GLY Z 281 -71.28 -4.76 -32.60
CA GLY Z 281 -70.26 -3.91 -31.99
C GLY Z 281 -69.85 -2.80 -32.93
N MET Z 282 -70.77 -2.38 -33.80
CA MET Z 282 -70.48 -1.47 -34.89
C MET Z 282 -71.19 -0.14 -34.64
N THR Z 283 -70.50 0.96 -34.96
CA THR Z 283 -71.01 2.31 -34.73
C THR Z 283 -70.73 3.16 -35.97
N LEU Z 284 -71.61 4.13 -36.22
CA LEU Z 284 -71.55 4.91 -37.45
C LEU Z 284 -72.16 6.29 -37.24
N THR Z 285 -71.72 7.25 -38.08
CA THR Z 285 -72.28 8.59 -38.10
C THR Z 285 -72.34 9.09 -39.53
N LEU Z 286 -73.30 9.96 -39.81
CA LEU Z 286 -73.59 10.44 -41.16
C LEU Z 286 -73.14 11.89 -41.29
N ASN Z 287 -72.71 12.27 -42.50
CA ASN Z 287 -72.29 13.66 -42.73
C ASN Z 287 -72.81 14.23 -44.04
N LYS Z 288 -73.33 13.39 -44.94
CA LYS Z 288 -74.07 13.90 -46.09
C LYS Z 288 -74.81 12.76 -46.77
N THR Z 289 -75.67 13.12 -47.71
CA THR Z 289 -76.47 12.16 -48.47
C THR Z 289 -75.61 11.65 -49.63
N GLY Z 290 -75.16 10.40 -49.53
CA GLY Z 290 -74.36 9.82 -50.60
C GLY Z 290 -74.20 8.34 -50.42
N GLU Z 291 -73.47 7.74 -51.37
CA GLU Z 291 -73.14 6.32 -51.35
C GLU Z 291 -71.67 6.15 -51.02
N ILE Z 292 -71.34 5.13 -50.24
CA ILE Z 292 -69.99 4.97 -49.72
C ILE Z 292 -69.76 3.52 -49.32
N ASN Z 293 -68.49 3.11 -49.35
CA ASN Z 293 -68.06 1.78 -48.95
C ASN Z 293 -67.00 1.88 -47.87
N PHE Z 294 -67.04 0.94 -46.93
CA PHE Z 294 -66.12 0.94 -45.81
C PHE Z 294 -65.63 -0.48 -45.57
N ASP Z 295 -64.53 -0.60 -44.82
CA ASP Z 295 -63.81 -1.85 -44.69
C ASP Z 295 -63.37 -2.04 -43.24
N VAL Z 296 -63.21 -3.32 -42.85
CA VAL Z 296 -62.82 -3.70 -41.49
C VAL Z 296 -61.65 -4.66 -41.59
N GLN Z 297 -60.64 -4.47 -40.74
CA GLN Z 297 -59.39 -5.21 -40.85
C GLN Z 297 -58.88 -5.59 -39.47
N GLN Z 298 -58.11 -6.68 -39.40
CA GLN Z 298 -57.74 -7.29 -38.13
C GLN Z 298 -56.50 -6.70 -37.46
N ASP Z 299 -55.32 -6.88 -38.07
CA ASP Z 299 -54.04 -6.63 -37.43
C ASP Z 299 -53.88 -7.35 -36.10
N PHE Z 300 -52.81 -8.15 -35.97
CA PHE Z 300 -52.35 -8.66 -34.68
C PHE Z 300 -50.83 -8.55 -34.60
N GLU Z 301 -50.30 -7.38 -34.93
CA GLU Z 301 -48.85 -7.22 -35.08
C GLU Z 301 -48.11 -7.54 -33.78
N GLY Z 302 -48.64 -7.10 -32.65
CA GLY Z 302 -47.89 -7.24 -31.40
C GLY Z 302 -47.74 -8.67 -30.93
N VAL Z 303 -48.70 -9.53 -31.27
CA VAL Z 303 -48.72 -10.88 -30.71
C VAL Z 303 -47.49 -11.66 -31.15
N THR Z 304 -47.22 -11.69 -32.46
CA THR Z 304 -46.06 -12.42 -32.95
C THR Z 304 -44.76 -11.81 -32.43
N LYS Z 305 -44.72 -10.47 -32.35
CA LYS Z 305 -43.53 -9.81 -31.83
C LYS Z 305 -43.28 -10.19 -30.37
N ALA Z 306 -44.31 -10.03 -29.52
CA ALA Z 306 -44.13 -10.30 -28.10
C ALA Z 306 -43.80 -11.76 -27.82
N MET Z 307 -44.49 -12.68 -28.49
CA MET Z 307 -44.23 -14.10 -28.24
C MET Z 307 -42.80 -14.46 -28.64
N GLN Z 308 -42.33 -13.94 -29.78
CA GLN Z 308 -40.94 -14.15 -30.16
C GLN Z 308 -39.99 -13.61 -29.10
N ASP Z 309 -40.32 -12.44 -28.53
CA ASP Z 309 -39.52 -11.91 -27.45
C ASP Z 309 -39.40 -12.92 -26.32
N LEU Z 310 -40.45 -13.71 -26.10
CA LEU Z 310 -40.40 -14.75 -25.07
C LEU Z 310 -39.58 -15.95 -25.53
N VAL Z 311 -39.56 -16.24 -26.83
CA VAL Z 311 -38.90 -17.44 -27.32
C VAL Z 311 -37.44 -17.46 -26.89
N ASP Z 312 -36.73 -16.36 -27.15
CA ASP Z 312 -35.32 -16.30 -26.73
C ASP Z 312 -35.19 -16.10 -25.23
N ALA Z 313 -36.15 -15.41 -24.61
CA ALA Z 313 -36.16 -15.32 -23.16
C ALA Z 313 -36.28 -16.70 -22.53
N TYR Z 314 -37.14 -17.55 -23.09
CA TYR Z 314 -37.20 -18.94 -22.66
C TYR Z 314 -35.87 -19.63 -22.88
N ASN Z 315 -35.29 -19.49 -24.07
CA ASN Z 315 -34.08 -20.23 -24.40
C ASN Z 315 -32.94 -19.85 -23.46
N ASP Z 316 -32.76 -18.56 -23.21
CA ASP Z 316 -31.68 -18.13 -22.31
C ASP Z 316 -31.98 -18.53 -20.88
N LEU Z 317 -33.22 -18.38 -20.44
CA LEU Z 317 -33.62 -18.92 -19.14
C LEU Z 317 -33.24 -20.39 -19.06
N VAL Z 318 -33.59 -21.16 -20.09
CA VAL Z 318 -33.19 -22.57 -20.15
C VAL Z 318 -31.69 -22.69 -20.02
N THR Z 319 -30.96 -21.84 -20.75
CA THR Z 319 -29.50 -21.89 -20.68
C THR Z 319 -29.02 -21.65 -19.26
N ASN Z 320 -29.59 -20.67 -18.58
CA ASN Z 320 -29.23 -20.45 -17.17
C ASN Z 320 -29.51 -21.69 -16.35
N LEU Z 321 -30.63 -22.36 -16.62
CA LEU Z 321 -30.92 -23.62 -15.95
C LEU Z 321 -29.84 -24.65 -16.23
N ASN Z 322 -29.45 -24.77 -17.50
CA ASN Z 322 -28.47 -25.77 -17.89
C ASN Z 322 -27.13 -25.52 -17.21
N ALA Z 323 -26.64 -24.28 -17.29
CA ALA Z 323 -25.30 -23.98 -16.78
C ALA Z 323 -25.21 -24.20 -15.27
N ALA Z 324 -26.21 -23.73 -14.53
CA ALA Z 324 -26.10 -23.71 -13.07
C ALA Z 324 -26.31 -25.08 -12.45
N THR Z 325 -27.20 -25.89 -13.03
CA THR Z 325 -27.76 -27.02 -12.30
C THR Z 325 -27.04 -28.33 -12.56
N ASP Z 326 -26.17 -28.40 -13.56
CA ASP Z 326 -25.59 -29.67 -13.96
C ASP Z 326 -24.17 -29.82 -13.40
N TYR Z 327 -23.53 -30.94 -13.77
CA TYR Z 327 -22.35 -31.44 -13.08
C TYR Z 327 -21.52 -32.27 -14.04
N ASN Z 328 -20.24 -31.93 -14.18
CA ASN Z 328 -19.37 -32.67 -15.08
C ASN Z 328 -18.92 -33.96 -14.43
N SER Z 329 -19.03 -35.06 -15.17
CA SER Z 329 -18.62 -36.36 -14.66
C SER Z 329 -17.11 -36.56 -14.76
N GLU Z 330 -16.52 -36.22 -15.91
CA GLU Z 330 -15.11 -36.46 -16.13
C GLU Z 330 -14.22 -35.72 -15.13
N THR Z 331 -14.74 -34.66 -14.51
CA THR Z 331 -14.01 -33.94 -13.48
C THR Z 331 -14.76 -33.84 -12.17
N GLY Z 332 -16.02 -34.23 -12.12
CA GLY Z 332 -16.80 -34.06 -10.91
C GLY Z 332 -17.19 -32.63 -10.65
N THR Z 333 -17.14 -31.76 -11.67
CA THR Z 333 -17.36 -30.34 -11.49
C THR Z 333 -18.86 -30.07 -11.41
N LYS Z 334 -19.34 -29.75 -10.21
CA LYS Z 334 -20.74 -29.38 -10.04
C LYS Z 334 -20.98 -27.97 -10.57
N GLY Z 335 -22.20 -27.74 -11.03
CA GLY Z 335 -22.66 -26.39 -11.29
C GLY Z 335 -22.95 -25.68 -9.99
N THR Z 336 -23.20 -24.37 -10.10
CA THR Z 336 -23.48 -23.58 -8.90
C THR Z 336 -24.77 -24.05 -8.24
N LEU Z 337 -25.88 -23.98 -8.96
CA LEU Z 337 -27.13 -24.52 -8.44
C LEU Z 337 -27.11 -26.04 -8.34
N GLN Z 338 -26.13 -26.69 -8.97
CA GLN Z 338 -26.13 -28.14 -9.06
C GLN Z 338 -26.47 -28.75 -7.72
N GLY Z 339 -27.57 -29.48 -7.68
CA GLY Z 339 -28.10 -30.00 -6.44
C GLY Z 339 -29.19 -29.11 -5.89
N ILE Z 340 -30.14 -28.74 -6.74
CA ILE Z 340 -31.27 -27.91 -6.37
C ILE Z 340 -32.46 -28.33 -7.22
N SER Z 341 -33.64 -28.46 -6.59
CA SER Z 341 -34.75 -29.18 -7.22
C SER Z 341 -35.75 -28.23 -7.86
N GLU Z 342 -36.24 -27.25 -7.10
CA GLU Z 342 -37.37 -26.43 -7.55
C GLU Z 342 -37.14 -25.88 -8.94
N VAL Z 343 -35.93 -25.38 -9.20
CA VAL Z 343 -35.67 -24.65 -10.43
C VAL Z 343 -35.85 -25.56 -11.65
N ASN Z 344 -35.25 -26.74 -11.62
CA ASN Z 344 -35.37 -27.65 -12.75
C ASN Z 344 -36.73 -28.32 -12.80
N SER Z 345 -37.36 -28.57 -11.65
CA SER Z 345 -38.72 -29.07 -11.65
C SER Z 345 -39.63 -28.18 -12.48
N ILE Z 346 -39.39 -26.86 -12.44
CA ILE Z 346 -40.15 -25.94 -13.29
C ILE Z 346 -39.85 -26.23 -14.75
N ARG Z 347 -38.58 -26.51 -15.09
CA ARG Z 347 -38.26 -26.89 -16.45
C ARG Z 347 -39.04 -28.12 -16.86
N SER Z 348 -39.13 -29.11 -15.97
CA SER Z 348 -39.95 -30.29 -16.24
C SER Z 348 -41.40 -29.90 -16.44
N SER Z 349 -41.90 -28.97 -15.61
CA SER Z 349 -43.27 -28.51 -15.77
C SER Z 349 -43.47 -27.87 -17.14
N ILE Z 350 -42.55 -27.00 -17.54
CA ILE Z 350 -42.66 -26.35 -18.84
C ILE Z 350 -42.51 -27.37 -19.97
N LEU Z 351 -41.66 -28.37 -19.76
CA LEU Z 351 -41.50 -29.40 -20.78
C LEU Z 351 -42.82 -30.12 -21.05
N ALA Z 352 -43.76 -30.05 -20.12
CA ALA Z 352 -45.07 -30.65 -20.34
C ALA Z 352 -45.90 -29.82 -21.33
N ASP Z 353 -45.76 -28.49 -21.29
CA ASP Z 353 -46.70 -27.62 -21.99
C ASP Z 353 -46.13 -27.07 -23.29
N LEU Z 354 -44.87 -27.36 -23.62
CA LEU Z 354 -44.12 -26.53 -24.56
C LEU Z 354 -44.84 -26.35 -25.89
N PHE Z 355 -45.52 -27.38 -26.40
CA PHE Z 355 -46.10 -27.35 -27.74
C PHE Z 355 -47.56 -27.82 -27.70
N ASP Z 356 -48.35 -27.22 -26.80
CA ASP Z 356 -49.78 -27.49 -26.75
C ASP Z 356 -50.37 -27.49 -28.16
N SER Z 357 -51.46 -28.25 -28.34
CA SER Z 357 -51.92 -28.59 -29.67
C SER Z 357 -53.43 -28.79 -29.68
N GLN Z 358 -53.99 -28.85 -30.89
CA GLN Z 358 -55.35 -29.30 -31.13
C GLN Z 358 -55.32 -30.39 -32.21
N VAL Z 359 -56.34 -31.24 -32.19
CA VAL Z 359 -56.37 -32.43 -33.02
C VAL Z 359 -57.42 -32.26 -34.11
N VAL Z 360 -57.21 -32.93 -35.24
CA VAL Z 360 -58.14 -32.93 -36.36
C VAL Z 360 -58.48 -34.38 -36.71
N ASP Z 361 -59.67 -34.59 -37.25
CA ASP Z 361 -60.18 -35.95 -37.41
C ASP Z 361 -61.00 -36.08 -38.68
N GLY Z 362 -61.13 -37.31 -39.15
CA GLY Z 362 -61.97 -37.63 -40.28
C GLY Z 362 -61.63 -38.97 -40.92
N THR Z 363 -62.65 -39.66 -41.43
CA THR Z 363 -62.46 -40.91 -42.17
C THR Z 363 -61.93 -40.56 -43.57
N THR Z 364 -60.73 -40.00 -43.58
CA THR Z 364 -60.22 -39.35 -44.78
C THR Z 364 -58.74 -39.67 -44.95
N GLU Z 365 -58.11 -38.97 -45.90
CA GLU Z 365 -56.72 -39.19 -46.27
C GLU Z 365 -55.81 -38.40 -45.35
N ASP Z 366 -55.14 -39.10 -44.45
CA ASP Z 366 -54.07 -38.48 -43.68
C ASP Z 366 -52.92 -38.14 -44.61
N ALA Z 367 -52.15 -37.10 -44.23
CA ALA Z 367 -51.19 -36.50 -45.14
C ALA Z 367 -50.37 -37.55 -45.89
N ASN Z 368 -50.42 -37.49 -47.22
CA ASN Z 368 -49.71 -38.45 -48.05
C ASN Z 368 -48.20 -38.27 -47.99
N GLY Z 369 -47.70 -37.12 -47.52
CA GLY Z 369 -46.27 -36.91 -47.48
C GLY Z 369 -45.60 -37.99 -46.66
N ASN Z 370 -44.95 -38.93 -47.35
CA ASN Z 370 -44.40 -40.13 -46.72
C ASN Z 370 -45.37 -40.72 -45.69
N LYS Z 371 -46.66 -40.56 -45.94
CA LYS Z 371 -47.75 -41.31 -45.30
C LYS Z 371 -47.67 -41.38 -43.78
N VAL Z 372 -47.88 -40.26 -43.09
CA VAL Z 372 -48.11 -40.26 -41.65
C VAL Z 372 -49.29 -41.15 -41.28
N ASN Z 373 -49.27 -41.64 -40.05
CA ASN Z 373 -50.43 -42.31 -39.47
C ASN Z 373 -50.35 -42.23 -37.94
N THR Z 374 -51.26 -41.46 -37.34
CA THR Z 374 -51.41 -41.39 -35.90
C THR Z 374 -52.61 -40.51 -35.55
N LYS Z 375 -52.47 -39.19 -35.66
CA LYS Z 375 -53.54 -38.21 -35.49
C LYS Z 375 -53.10 -36.91 -36.12
N VAL Z 376 -54.06 -36.17 -36.65
CA VAL Z 376 -53.83 -34.90 -37.31
C VAL Z 376 -53.87 -33.81 -36.25
N MET Z 377 -52.96 -32.85 -36.36
CA MET Z 377 -52.78 -31.86 -35.32
C MET Z 377 -52.28 -30.57 -35.92
N LEU Z 378 -52.46 -29.49 -35.17
CA LEU Z 378 -51.70 -28.26 -35.36
C LEU Z 378 -51.22 -27.81 -33.99
N SER Z 379 -50.02 -27.23 -33.95
CA SER Z 379 -49.33 -27.07 -32.67
C SER Z 379 -48.46 -25.83 -32.70
N MET Z 380 -47.89 -25.55 -31.54
CA MET Z 380 -46.86 -24.52 -31.42
C MET Z 380 -45.56 -24.95 -32.02
N GLN Z 381 -45.45 -26.23 -32.40
CA GLN Z 381 -44.41 -26.63 -33.34
C GLN Z 381 -44.73 -26.21 -34.76
N ASP Z 382 -45.95 -25.70 -34.99
CA ASP Z 382 -46.42 -25.31 -36.32
C ASP Z 382 -46.77 -23.83 -36.40
N PHE Z 383 -47.33 -23.25 -35.35
CA PHE Z 383 -47.70 -21.85 -35.37
C PHE Z 383 -46.46 -20.97 -35.28
N GLY Z 384 -45.61 -21.05 -36.29
CA GLY Z 384 -44.41 -20.25 -36.34
C GLY Z 384 -43.31 -20.73 -35.43
N LEU Z 385 -43.69 -21.32 -34.29
CA LEU Z 385 -42.76 -21.71 -33.24
C LEU Z 385 -42.34 -23.17 -33.42
N SER Z 386 -41.21 -23.53 -32.83
CA SER Z 386 -40.66 -24.85 -33.02
C SER Z 386 -39.69 -25.17 -31.90
N LEU Z 387 -39.16 -26.38 -31.94
CA LEU Z 387 -38.21 -26.88 -30.96
C LEU Z 387 -36.80 -26.83 -31.52
N ASN Z 388 -35.83 -26.71 -30.61
CA ASN Z 388 -34.44 -27.06 -30.91
C ASN Z 388 -33.87 -27.78 -29.69
N ASP Z 389 -32.82 -28.55 -29.93
CA ASP Z 389 -32.51 -29.70 -29.09
C ASP Z 389 -32.25 -29.35 -27.63
N ALA Z 390 -31.93 -28.11 -27.32
CA ALA Z 390 -31.57 -27.77 -25.94
C ALA Z 390 -32.77 -27.66 -25.01
N GLY Z 391 -33.93 -28.21 -25.34
CA GLY Z 391 -35.13 -27.93 -24.57
C GLY Z 391 -35.44 -26.46 -24.75
N THR Z 392 -35.22 -25.99 -25.96
CA THR Z 392 -35.34 -24.58 -26.30
C THR Z 392 -36.28 -24.42 -27.47
N LEU Z 393 -36.75 -23.20 -27.68
CA LEU Z 393 -37.75 -22.91 -28.68
C LEU Z 393 -37.12 -22.24 -29.90
N SER Z 394 -37.80 -22.38 -31.04
CA SER Z 394 -37.38 -21.78 -32.30
C SER Z 394 -38.62 -21.35 -33.06
N PHE Z 395 -38.51 -20.24 -33.80
CA PHE Z 395 -39.69 -19.53 -34.27
C PHE Z 395 -39.48 -18.91 -35.64
N ASP Z 396 -40.60 -18.69 -36.35
CA ASP Z 396 -40.66 -17.81 -37.50
C ASP Z 396 -42.04 -17.17 -37.56
N SER Z 397 -42.08 -15.86 -37.82
CA SER Z 397 -43.35 -15.14 -37.84
C SER Z 397 -44.18 -15.46 -39.08
N SER Z 398 -43.55 -15.51 -40.25
CA SER Z 398 -44.30 -15.84 -41.46
C SER Z 398 -45.02 -17.17 -41.31
N LYS Z 399 -44.35 -18.16 -40.72
CA LYS Z 399 -45.00 -19.42 -40.41
C LYS Z 399 -46.03 -19.24 -39.31
N PHE Z 400 -45.79 -18.31 -38.38
CA PHE Z 400 -46.79 -18.01 -37.36
C PHE Z 400 -48.07 -17.46 -37.99
N GLU Z 401 -47.96 -16.37 -38.74
CA GLU Z 401 -49.15 -15.78 -39.33
C GLU Z 401 -49.80 -16.73 -40.33
N GLN Z 402 -48.99 -17.51 -41.04
CA GLN Z 402 -49.55 -18.51 -41.95
C GLN Z 402 -50.55 -19.41 -41.22
N LYS Z 403 -50.14 -19.94 -40.07
CA LYS Z 403 -51.03 -20.81 -39.31
C LYS Z 403 -52.19 -20.02 -38.73
N VAL Z 404 -51.93 -18.80 -38.27
CA VAL Z 404 -53.01 -17.98 -37.73
C VAL Z 404 -54.07 -17.74 -38.79
N LYS Z 405 -53.66 -17.58 -40.05
CA LYS Z 405 -54.62 -17.42 -41.13
C LYS Z 405 -55.40 -18.70 -41.40
N GLU Z 406 -54.83 -19.86 -41.10
CA GLU Z 406 -55.41 -21.13 -41.55
C GLU Z 406 -56.52 -21.62 -40.64
N ASP Z 407 -56.55 -21.19 -39.38
CA ASP Z 407 -57.63 -21.59 -38.49
C ASP Z 407 -58.04 -20.43 -37.59
N PRO Z 408 -58.43 -19.29 -38.19
CA PRO Z 408 -58.56 -18.06 -37.38
C PRO Z 408 -59.43 -18.18 -36.15
N ASP Z 409 -60.71 -18.57 -36.30
CA ASP Z 409 -61.62 -18.51 -35.16
C ASP Z 409 -61.17 -19.42 -34.03
N SER Z 410 -60.74 -20.64 -34.37
CA SER Z 410 -60.25 -21.55 -33.34
C SER Z 410 -59.01 -20.99 -32.65
N THR Z 411 -58.19 -20.22 -33.38
CA THR Z 411 -57.06 -19.55 -32.73
C THR Z 411 -57.54 -18.60 -31.65
N GLU Z 412 -58.50 -17.72 -32.00
CA GLU Z 412 -59.01 -16.76 -31.03
C GLU Z 412 -59.68 -17.48 -29.86
N SER Z 413 -60.29 -18.62 -30.12
CA SER Z 413 -61.02 -19.33 -29.07
C SER Z 413 -60.07 -20.08 -28.15
N PHE Z 414 -59.27 -20.99 -28.71
CA PHE Z 414 -58.43 -21.86 -27.89
C PHE Z 414 -57.37 -21.08 -27.14
N PHE Z 415 -56.73 -20.12 -27.81
CA PHE Z 415 -55.52 -19.53 -27.24
C PHE Z 415 -55.83 -18.46 -26.20
N SER Z 416 -57.00 -17.84 -26.27
CA SER Z 416 -57.54 -17.08 -25.14
C SER Z 416 -58.65 -17.91 -24.49
N ASN Z 417 -59.33 -17.32 -23.52
CA ASN Z 417 -60.42 -17.98 -22.82
C ASN Z 417 -61.74 -17.30 -23.21
N ILE Z 418 -62.58 -18.03 -23.94
CA ILE Z 418 -63.90 -17.55 -24.34
C ILE Z 418 -64.89 -18.70 -24.22
N THR Z 419 -66.18 -18.35 -24.15
CA THR Z 419 -67.25 -19.31 -23.97
C THR Z 419 -68.23 -19.24 -25.14
N LYS Z 420 -68.68 -20.40 -25.59
CA LYS Z 420 -69.69 -20.51 -26.62
C LYS Z 420 -70.73 -21.55 -26.19
N TYR Z 421 -71.94 -21.43 -26.72
CA TYR Z 421 -73.11 -21.95 -26.05
C TYR Z 421 -73.94 -22.83 -26.99
N GLU Z 422 -74.71 -23.73 -26.38
CA GLU Z 422 -75.62 -24.61 -27.09
C GLU Z 422 -76.98 -24.58 -26.41
N ASP Z 423 -78.02 -24.97 -27.15
CA ASP Z 423 -79.38 -24.55 -26.87
C ASP Z 423 -79.86 -24.98 -25.48
N ILE Z 424 -80.60 -24.08 -24.83
CA ILE Z 424 -81.40 -24.39 -23.65
C ILE Z 424 -82.87 -24.34 -24.08
N ASN Z 425 -83.62 -25.37 -23.74
CA ASN Z 425 -85.01 -25.50 -24.17
C ASN Z 425 -85.92 -25.76 -22.98
N HIS Z 426 -87.16 -25.29 -23.11
CA HIS Z 426 -88.23 -25.64 -22.17
C HIS Z 426 -89.55 -25.66 -22.93
N THR Z 427 -90.49 -26.44 -22.42
CA THR Z 427 -91.80 -26.58 -23.04
C THR Z 427 -92.84 -26.79 -21.95
N GLY Z 428 -94.11 -26.55 -22.29
CA GLY Z 428 -95.16 -26.64 -21.31
C GLY Z 428 -95.92 -27.95 -21.38
N GLU Z 429 -96.68 -28.21 -20.31
CA GLU Z 429 -97.52 -29.39 -20.22
C GLU Z 429 -98.71 -29.30 -21.17
N VAL Z 430 -99.39 -30.44 -21.34
CA VAL Z 430 -100.64 -30.51 -22.07
C VAL Z 430 -101.79 -30.11 -21.14
N ILE Z 431 -102.86 -29.59 -21.73
CA ILE Z 431 -104.10 -29.35 -21.00
C ILE Z 431 -105.27 -29.65 -21.94
N LYS Z 432 -106.26 -30.36 -21.44
CA LYS Z 432 -107.36 -30.83 -22.27
C LYS Z 432 -108.20 -29.66 -22.76
N THR Z 433 -108.79 -29.83 -23.95
CA THR Z 433 -109.67 -28.81 -24.50
C THR Z 433 -110.87 -28.58 -23.58
N GLY Z 434 -111.27 -27.32 -23.45
CA GLY Z 434 -112.39 -26.94 -22.63
C GLY Z 434 -112.01 -26.36 -21.28
N SER Z 435 -110.73 -26.42 -20.91
CA SER Z 435 -110.32 -25.92 -19.60
C SER Z 435 -110.45 -24.41 -19.50
N LEU Z 436 -110.32 -23.71 -20.63
CA LEU Z 436 -110.31 -22.25 -20.63
C LEU Z 436 -111.73 -21.67 -20.71
N SER Z 437 -112.72 -22.43 -20.24
CA SER Z 437 -114.11 -22.05 -20.44
C SER Z 437 -114.39 -20.61 -20.02
N LYS Z 438 -113.82 -20.16 -18.90
CA LYS Z 438 -114.07 -18.80 -18.43
C LYS Z 438 -113.34 -17.77 -19.28
N TYR Z 439 -112.16 -18.11 -19.80
CA TYR Z 439 -111.27 -17.10 -20.35
C TYR Z 439 -111.55 -16.82 -21.82
N LEU Z 440 -112.08 -17.80 -22.55
CA LEU Z 440 -112.12 -17.70 -24.00
C LEU Z 440 -113.32 -16.89 -24.47
N ASN Z 441 -113.27 -16.55 -25.76
CA ASN Z 441 -114.26 -15.71 -26.44
C ASN Z 441 -114.63 -16.31 -27.79
N SER Z 442 -114.94 -17.61 -27.79
CA SER Z 442 -115.36 -18.28 -29.02
C SER Z 442 -116.52 -17.57 -29.68
N ASN Z 443 -117.25 -16.71 -28.97
CA ASN Z 443 -118.23 -15.86 -29.62
C ASN Z 443 -117.57 -14.85 -30.54
N GLY Z 444 -116.29 -14.56 -30.35
CA GLY Z 444 -115.54 -13.75 -31.29
C GLY Z 444 -114.88 -12.51 -30.69
N GLY Z 445 -115.10 -12.25 -29.41
CA GLY Z 445 -114.65 -11.04 -28.76
C GLY Z 445 -113.38 -11.22 -27.96
N ASN Z 446 -113.13 -10.28 -27.07
CA ASN Z 446 -111.95 -10.32 -26.21
C ASN Z 446 -112.32 -9.95 -24.77
N THR Z 447 -113.62 -9.76 -24.52
CA THR Z 447 -114.04 -9.31 -23.19
C THR Z 447 -113.64 -10.33 -22.12
N ASN Z 448 -113.87 -11.61 -22.38
CA ASN Z 448 -113.45 -12.63 -21.44
C ASN Z 448 -111.96 -12.90 -21.62
N GLY Z 449 -111.37 -13.47 -20.58
CA GLY Z 449 -109.93 -13.68 -20.54
C GLY Z 449 -109.35 -12.95 -19.35
N LEU Z 450 -108.33 -13.54 -18.75
CA LEU Z 450 -107.85 -13.12 -17.44
C LEU Z 450 -106.79 -12.04 -17.56
N GLU Z 451 -107.00 -10.94 -16.82
CA GLU Z 451 -105.92 -10.01 -16.51
C GLU Z 451 -105.06 -10.65 -15.43
N PHE Z 452 -103.80 -10.92 -15.73
CA PHE Z 452 -102.99 -11.76 -14.85
C PHE Z 452 -102.77 -11.08 -13.50
N LYS Z 453 -102.64 -11.92 -12.47
CA LYS Z 453 -102.16 -11.45 -11.17
C LYS Z 453 -100.66 -11.23 -11.25
N PRO Z 454 -100.12 -10.26 -10.52
CA PRO Z 454 -98.68 -10.00 -10.59
C PRO Z 454 -97.88 -11.25 -10.28
N GLY Z 455 -96.84 -11.50 -11.07
CA GLY Z 455 -95.98 -12.63 -10.84
C GLY Z 455 -96.62 -13.98 -11.07
N ASP Z 456 -97.76 -14.03 -11.77
CA ASP Z 456 -98.38 -15.32 -12.07
C ASP Z 456 -97.46 -16.21 -12.89
N PHE Z 457 -96.47 -15.64 -13.56
CA PHE Z 457 -95.55 -16.39 -14.40
C PHE Z 457 -94.29 -15.55 -14.57
N THR Z 458 -93.14 -16.14 -14.22
CA THR Z 458 -91.86 -15.44 -14.28
C THR Z 458 -90.81 -16.36 -14.86
N ILE Z 459 -89.79 -15.75 -15.48
CA ILE Z 459 -88.73 -16.50 -16.14
C ILE Z 459 -87.41 -15.75 -15.98
N VAL Z 460 -86.32 -16.52 -15.96
CA VAL Z 460 -84.97 -15.99 -15.87
C VAL Z 460 -84.29 -16.14 -17.22
N PHE Z 461 -83.76 -15.05 -17.75
CA PHE Z 461 -82.82 -15.10 -18.86
C PHE Z 461 -81.93 -13.89 -18.78
N ASN Z 462 -80.78 -13.95 -19.44
CA ASN Z 462 -79.65 -13.10 -19.11
C ASN Z 462 -79.28 -13.27 -17.65
N ASN Z 463 -79.62 -14.44 -17.10
CA ASN Z 463 -79.43 -14.78 -15.70
C ASN Z 463 -80.26 -13.89 -14.77
N GLN Z 464 -81.32 -13.26 -15.29
CA GLN Z 464 -82.14 -12.37 -14.49
C GLN Z 464 -83.61 -12.61 -14.80
N THR Z 465 -84.44 -12.37 -13.78
CA THR Z 465 -85.86 -12.75 -13.80
C THR Z 465 -86.70 -11.66 -14.45
N TYR Z 466 -87.85 -12.06 -14.97
CA TYR Z 466 -88.80 -11.13 -15.57
C TYR Z 466 -90.22 -11.66 -15.36
N ASP Z 467 -91.11 -10.79 -14.89
CA ASP Z 467 -92.46 -11.16 -14.54
C ASP Z 467 -93.33 -11.17 -15.80
N LEU Z 468 -94.03 -12.28 -16.02
CA LEU Z 468 -94.80 -12.48 -17.24
C LEU Z 468 -96.29 -12.32 -17.03
N SER Z 469 -96.73 -11.86 -15.86
CA SER Z 469 -98.11 -11.38 -15.71
C SER Z 469 -98.33 -10.06 -16.42
N LYS Z 470 -97.28 -9.48 -16.97
CA LYS Z 470 -97.29 -8.10 -17.46
C LYS Z 470 -97.61 -8.05 -18.95
N ASN Z 471 -97.90 -6.83 -19.42
CA ASN Z 471 -97.77 -6.53 -20.83
C ASN Z 471 -96.29 -6.29 -21.11
N SER Z 472 -95.95 -5.72 -22.25
CA SER Z 472 -94.54 -5.52 -22.58
C SER Z 472 -93.95 -4.32 -21.86
N ASP Z 473 -94.64 -3.81 -20.83
CA ASP Z 473 -94.25 -2.56 -20.21
C ASP Z 473 -94.05 -2.71 -18.70
N GLY Z 474 -94.94 -3.44 -18.04
CA GLY Z 474 -94.96 -3.48 -16.59
C GLY Z 474 -96.36 -3.53 -16.03
N THR Z 475 -97.35 -3.19 -16.85
CA THR Z 475 -98.75 -3.38 -16.50
C THR Z 475 -99.18 -4.80 -16.84
N ASN Z 476 -100.18 -5.29 -16.12
CA ASN Z 476 -100.60 -6.69 -16.25
C ASN Z 476 -101.36 -6.92 -17.55
N PHE Z 477 -101.14 -8.11 -18.12
CA PHE Z 477 -101.66 -8.46 -19.43
C PHE Z 477 -102.93 -9.29 -19.34
N LYS Z 478 -103.84 -9.08 -20.28
CA LYS Z 478 -105.10 -9.81 -20.35
C LYS Z 478 -104.95 -10.95 -21.35
N LEU Z 479 -105.14 -12.18 -20.89
CA LEU Z 479 -105.04 -13.36 -21.74
C LEU Z 479 -106.41 -13.65 -22.34
N THR Z 480 -106.56 -13.37 -23.64
CA THR Z 480 -107.83 -13.52 -24.32
C THR Z 480 -107.61 -14.26 -25.64
N GLY Z 481 -108.70 -14.81 -26.17
CA GLY Z 481 -108.64 -15.43 -27.49
C GLY Z 481 -109.95 -16.06 -27.85
N LYS Z 482 -110.15 -16.27 -29.15
CA LYS Z 482 -111.32 -17.00 -29.62
C LYS Z 482 -111.15 -18.50 -29.44
N THR Z 483 -109.92 -19.00 -29.39
CA THR Z 483 -109.65 -20.41 -29.24
C THR Z 483 -108.48 -20.59 -28.28
N GLU Z 484 -108.37 -21.79 -27.72
CA GLU Z 484 -107.29 -22.07 -26.77
C GLU Z 484 -105.93 -21.81 -27.41
N GLU Z 485 -105.71 -22.35 -28.61
CA GLU Z 485 -104.41 -22.18 -29.25
C GLU Z 485 -104.18 -20.73 -29.67
N GLU Z 486 -105.16 -20.12 -30.34
CA GLU Z 486 -105.01 -18.73 -30.74
C GLU Z 486 -104.89 -17.82 -29.52
N LEU Z 487 -105.62 -18.13 -28.46
CA LEU Z 487 -105.40 -17.45 -27.19
C LEU Z 487 -103.92 -17.56 -26.78
N LEU Z 488 -103.34 -18.75 -26.91
CA LEU Z 488 -101.92 -18.91 -26.67
C LEU Z 488 -101.09 -18.17 -27.71
N GLN Z 489 -101.50 -18.20 -28.98
CA GLN Z 489 -100.77 -17.48 -30.01
C GLN Z 489 -100.79 -15.97 -29.74
N ASN Z 490 -101.94 -15.45 -29.33
CA ASN Z 490 -101.99 -14.05 -28.91
C ASN Z 490 -100.94 -13.78 -27.85
N LEU Z 491 -100.87 -14.67 -26.85
CA LEU Z 491 -99.82 -14.56 -25.84
C LEU Z 491 -98.44 -14.67 -26.49
N ALA Z 492 -98.28 -15.60 -27.42
CA ALA Z 492 -97.00 -15.76 -28.10
C ALA Z 492 -96.63 -14.49 -28.86
N ASN Z 493 -97.56 -13.93 -29.63
CA ASN Z 493 -97.31 -12.66 -30.29
C ASN Z 493 -96.88 -11.62 -29.27
N HIS Z 494 -97.59 -11.56 -28.14
CA HIS Z 494 -97.19 -10.67 -27.07
C HIS Z 494 -95.83 -11.06 -26.49
N ILE Z 495 -95.63 -12.36 -26.24
CA ILE Z 495 -94.41 -12.81 -25.60
C ILE Z 495 -93.19 -12.36 -26.40
N ASN Z 496 -93.25 -12.52 -27.71
CA ASN Z 496 -92.15 -12.08 -28.56
C ASN Z 496 -91.89 -10.59 -28.38
N SER Z 497 -92.95 -9.81 -28.24
CA SER Z 497 -92.80 -8.37 -28.02
C SER Z 497 -92.57 -8.05 -26.54
N LYS Z 498 -92.83 -9.00 -25.65
CA LYS Z 498 -92.91 -8.67 -24.23
C LYS Z 498 -91.59 -8.14 -23.68
N GLY Z 499 -90.46 -8.68 -24.15
CA GLY Z 499 -89.20 -8.25 -23.58
C GLY Z 499 -87.94 -8.75 -24.26
N ILE Z 500 -86.98 -9.19 -23.45
CA ILE Z 500 -85.60 -9.42 -23.89
C ILE Z 500 -85.53 -10.54 -24.91
N GLU Z 501 -84.38 -10.67 -25.57
CA GLU Z 501 -84.22 -11.58 -26.70
C GLU Z 501 -83.12 -12.58 -26.36
N GLY Z 502 -82.77 -13.42 -27.34
CA GLY Z 502 -81.79 -14.47 -27.17
C GLY Z 502 -82.41 -15.84 -27.09
N LEU Z 503 -83.50 -15.95 -26.34
CA LEU Z 503 -84.31 -17.15 -26.29
C LEU Z 503 -85.72 -16.82 -26.75
N LYS Z 504 -86.11 -17.36 -27.90
CA LYS Z 504 -87.37 -17.02 -28.53
C LYS Z 504 -88.30 -18.22 -28.54
N VAL Z 505 -89.59 -17.93 -28.66
CA VAL Z 505 -90.66 -18.81 -28.20
C VAL Z 505 -91.39 -19.38 -29.41
N LYS Z 506 -91.99 -20.54 -29.20
CA LYS Z 506 -92.90 -21.16 -30.15
C LYS Z 506 -94.09 -21.72 -29.38
N VAL Z 507 -95.24 -21.79 -30.05
CA VAL Z 507 -96.46 -22.29 -29.44
C VAL Z 507 -96.98 -23.44 -30.30
N GLU Z 508 -97.53 -24.45 -29.65
CA GLU Z 508 -97.82 -25.71 -30.30
C GLU Z 508 -99.02 -26.36 -29.63
N SER Z 509 -99.82 -27.06 -30.43
CA SER Z 509 -100.94 -27.83 -29.93
C SER Z 509 -100.57 -29.31 -29.88
N TYR Z 510 -101.28 -30.06 -29.06
CA TYR Z 510 -101.04 -31.48 -28.86
C TYR Z 510 -102.33 -32.25 -29.02
N ASN Z 511 -102.25 -33.40 -29.69
CA ASN Z 511 -103.40 -34.27 -29.89
C ASN Z 511 -102.99 -35.70 -29.62
N GLN Z 512 -103.83 -36.41 -28.87
CA GLN Z 512 -103.61 -37.80 -28.54
C GLN Z 512 -104.96 -38.41 -28.17
N ASN Z 513 -105.03 -39.73 -28.22
CA ASN Z 513 -106.22 -40.40 -27.71
C ASN Z 513 -106.46 -40.04 -26.25
N ASN Z 514 -105.39 -39.68 -25.54
CA ASN Z 514 -105.52 -39.30 -24.14
C ASN Z 514 -106.05 -37.88 -23.99
N VAL Z 515 -105.44 -36.91 -24.68
CA VAL Z 515 -105.73 -35.51 -24.40
C VAL Z 515 -105.48 -34.70 -25.67
N THR Z 516 -106.13 -33.54 -25.75
CA THR Z 516 -105.77 -32.47 -26.67
C THR Z 516 -105.06 -31.38 -25.89
N GLY Z 517 -103.98 -30.86 -26.46
CA GLY Z 517 -103.11 -29.95 -25.71
C GLY Z 517 -102.77 -28.71 -26.51
N PHE Z 518 -102.34 -27.68 -25.79
CA PHE Z 518 -102.05 -26.37 -26.37
C PHE Z 518 -100.96 -25.75 -25.51
N ARG Z 519 -99.79 -25.51 -26.10
CA ARG Z 519 -98.56 -25.41 -25.33
C ARG Z 519 -97.66 -24.31 -25.84
N LEU Z 520 -96.70 -23.93 -25.00
CA LEU Z 520 -95.67 -22.97 -25.31
C LEU Z 520 -94.31 -23.63 -25.22
N ASN Z 521 -93.41 -23.29 -26.16
CA ASN Z 521 -92.08 -23.87 -26.20
C ASN Z 521 -91.03 -22.78 -26.16
N PHE Z 522 -89.91 -23.07 -25.52
CA PHE Z 522 -88.84 -22.12 -25.27
C PHE Z 522 -87.53 -22.69 -25.81
N SER Z 523 -86.79 -21.86 -26.56
CA SER Z 523 -85.55 -22.31 -27.20
C SER Z 523 -84.59 -21.14 -27.29
N GLY Z 524 -83.38 -21.33 -26.76
CA GLY Z 524 -82.37 -20.29 -26.78
C GLY Z 524 -80.98 -20.89 -26.74
N ASP Z 525 -80.03 -20.18 -27.33
CA ASP Z 525 -78.70 -20.73 -27.59
C ASP Z 525 -78.00 -21.23 -26.32
N GLY Z 526 -78.57 -20.98 -25.13
CA GLY Z 526 -77.99 -21.46 -23.90
C GLY Z 526 -77.05 -20.48 -23.22
N SER Z 527 -77.09 -19.21 -23.60
CA SER Z 527 -76.13 -18.23 -23.10
C SER Z 527 -76.50 -17.67 -21.75
N SER Z 528 -77.59 -18.16 -21.15
CA SER Z 528 -78.08 -17.62 -19.90
C SER Z 528 -78.57 -18.72 -18.98
N ASP Z 529 -78.31 -18.56 -17.69
CA ASP Z 529 -79.04 -19.33 -16.69
C ASP Z 529 -80.51 -19.00 -16.80
N PHE Z 530 -81.35 -20.04 -16.78
CA PHE Z 530 -82.75 -19.89 -17.12
C PHE Z 530 -83.61 -20.64 -16.12
N SER Z 531 -84.82 -20.13 -15.87
CA SER Z 531 -85.72 -20.74 -14.91
C SER Z 531 -87.15 -20.33 -15.21
N ILE Z 532 -88.09 -21.13 -14.70
CA ILE Z 532 -89.51 -20.78 -14.64
C ILE Z 532 -89.99 -21.00 -13.22
N LYS Z 533 -90.71 -20.02 -12.69
CA LYS Z 533 -91.46 -20.19 -11.46
C LYS Z 533 -92.63 -19.21 -11.48
N GLY Z 534 -93.84 -19.74 -11.27
CA GLY Z 534 -95.03 -18.93 -11.36
C GLY Z 534 -96.19 -19.62 -10.69
N ASP Z 535 -97.34 -18.92 -10.69
CA ASP Z 535 -98.56 -19.47 -10.08
C ASP Z 535 -98.85 -20.84 -10.69
N ALA Z 536 -98.82 -21.88 -9.85
CA ALA Z 536 -98.98 -23.24 -10.36
C ALA Z 536 -100.31 -23.41 -11.10
N ASN Z 537 -101.39 -22.87 -10.55
CA ASN Z 537 -102.66 -22.92 -11.26
C ASN Z 537 -102.54 -22.33 -12.66
N ILE Z 538 -101.96 -21.13 -12.75
CA ILE Z 538 -101.76 -20.50 -14.05
C ILE Z 538 -100.92 -21.39 -14.94
N LEU Z 539 -99.88 -22.00 -14.37
CA LEU Z 539 -99.01 -22.87 -15.15
C LEU Z 539 -99.76 -24.09 -15.66
N LYS Z 540 -100.47 -24.79 -14.77
CA LYS Z 540 -101.27 -25.93 -15.22
C LYS Z 540 -102.38 -25.49 -16.16
N GLU Z 541 -103.01 -24.34 -15.86
CA GLU Z 541 -103.96 -23.77 -16.81
C GLU Z 541 -103.30 -23.54 -18.16
N LEU Z 542 -102.05 -23.06 -18.15
CA LEU Z 542 -101.29 -22.95 -19.39
C LEU Z 542 -100.74 -24.29 -19.83
N GLY Z 543 -100.74 -25.27 -18.94
CA GLY Z 543 -100.03 -26.50 -19.19
C GLY Z 543 -98.54 -26.21 -19.21
N LEU Z 544 -97.99 -25.83 -18.07
CA LEU Z 544 -96.60 -25.43 -17.98
C LEU Z 544 -96.08 -25.80 -16.60
N SER Z 545 -94.75 -25.80 -16.46
CA SER Z 545 -94.08 -26.22 -15.24
C SER Z 545 -92.88 -25.33 -14.98
N ASP Z 546 -92.46 -25.31 -13.71
CA ASP Z 546 -91.28 -24.56 -13.32
C ASP Z 546 -90.03 -25.22 -13.90
N VAL Z 547 -88.93 -24.47 -13.90
CA VAL Z 547 -87.65 -24.99 -14.35
C VAL Z 547 -86.57 -24.06 -13.82
N ASN Z 548 -85.34 -24.59 -13.76
CA ASN Z 548 -84.16 -23.78 -13.45
C ASN Z 548 -82.93 -24.54 -13.94
N ILE Z 549 -82.02 -23.83 -14.59
CA ILE Z 549 -80.84 -24.44 -15.16
C ILE Z 549 -79.75 -23.39 -15.28
N THR Z 550 -78.50 -23.84 -15.17
CA THR Z 550 -77.37 -23.00 -15.52
C THR Z 550 -77.32 -22.80 -17.03
N SER Z 551 -76.57 -21.78 -17.44
CA SER Z 551 -76.27 -21.64 -18.86
C SER Z 551 -75.56 -22.89 -19.35
N LYS Z 552 -75.51 -23.08 -20.66
CA LYS Z 552 -75.06 -24.35 -21.25
C LYS Z 552 -73.81 -24.13 -22.07
N PRO Z 553 -72.63 -23.96 -21.43
CA PRO Z 553 -71.43 -23.53 -22.17
C PRO Z 553 -70.64 -24.63 -22.87
N ILE Z 554 -69.82 -24.19 -23.83
CA ILE Z 554 -68.59 -24.87 -24.22
C ILE Z 554 -67.52 -23.79 -24.34
N GLU Z 555 -66.30 -24.12 -23.95
CA GLU Z 555 -65.25 -23.12 -23.77
C GLU Z 555 -64.04 -23.39 -24.66
N GLY Z 556 -63.44 -22.30 -25.11
CA GLY Z 556 -62.04 -22.28 -25.54
C GLY Z 556 -61.22 -21.73 -24.39
N LYS Z 557 -60.05 -22.34 -24.16
CA LYS Z 557 -59.31 -22.12 -22.92
C LYS Z 557 -57.85 -21.80 -23.26
N GLY Z 558 -57.44 -20.59 -22.90
CA GLY Z 558 -56.09 -20.12 -23.18
C GLY Z 558 -55.00 -20.96 -22.54
N ILE Z 559 -54.04 -21.41 -23.35
CA ILE Z 559 -52.90 -22.15 -22.82
C ILE Z 559 -52.00 -21.23 -22.01
N PHE Z 560 -51.95 -19.95 -22.40
CA PHE Z 560 -50.93 -19.05 -21.88
C PHE Z 560 -51.39 -18.36 -20.61
N SER Z 561 -52.71 -18.33 -20.36
CA SER Z 561 -53.19 -18.01 -19.02
C SER Z 561 -52.99 -19.18 -18.08
N LYS Z 562 -53.09 -20.41 -18.60
CA LYS Z 562 -52.82 -21.60 -17.79
C LYS Z 562 -51.41 -21.55 -17.22
N LEU Z 563 -50.41 -21.51 -18.10
CA LEU Z 563 -49.02 -21.46 -17.63
C LEU Z 563 -48.78 -20.26 -16.72
N LYS Z 564 -49.36 -19.11 -17.08
CA LYS Z 564 -49.26 -17.95 -16.22
C LYS Z 564 -49.71 -18.28 -14.81
N ALA Z 565 -50.82 -19.01 -14.67
CA ALA Z 565 -51.31 -19.39 -13.35
C ALA Z 565 -50.37 -20.36 -12.65
N THR Z 566 -49.90 -21.39 -13.37
CA THR Z 566 -48.93 -22.31 -12.76
C THR Z 566 -47.74 -21.53 -12.23
N LEU Z 567 -47.17 -20.68 -13.07
CA LEU Z 567 -46.06 -19.82 -12.65
C LEU Z 567 -46.47 -18.87 -11.55
N GLN Z 568 -47.69 -18.33 -11.57
CA GLN Z 568 -48.17 -17.52 -10.46
C GLN Z 568 -48.04 -18.29 -9.14
N GLU Z 569 -48.58 -19.51 -9.11
CA GLU Z 569 -48.50 -20.30 -7.89
C GLU Z 569 -47.07 -20.69 -7.59
N MET Z 570 -46.25 -20.88 -8.62
CA MET Z 570 -44.84 -21.19 -8.39
C MET Z 570 -44.13 -20.03 -7.72
N THR Z 571 -44.34 -18.81 -8.23
CA THR Z 571 -43.72 -17.64 -7.62
C THR Z 571 -44.48 -17.17 -6.39
N GLY Z 572 -45.63 -17.79 -6.09
CA GLY Z 572 -46.47 -17.38 -4.99
C GLY Z 572 -45.73 -17.21 -3.68
N LYS Z 573 -46.32 -16.42 -2.78
CA LYS Z 573 -45.71 -16.12 -1.48
C LYS Z 573 -45.31 -17.39 -0.76
N ASP Z 574 -46.17 -18.42 -0.79
CA ASP Z 574 -45.94 -19.65 -0.05
C ASP Z 574 -45.76 -20.85 -0.97
N GLY Z 575 -45.27 -20.64 -2.19
CA GLY Z 575 -44.83 -21.75 -3.00
C GLY Z 575 -43.53 -22.34 -2.50
N SER Z 576 -43.20 -23.52 -3.01
CA SER Z 576 -41.96 -24.17 -2.60
C SER Z 576 -40.75 -23.28 -2.85
N ILE Z 577 -40.81 -22.43 -3.88
CA ILE Z 577 -39.69 -21.55 -4.19
C ILE Z 577 -39.43 -20.61 -3.03
N THR Z 578 -40.47 -19.96 -2.52
CA THR Z 578 -40.29 -18.97 -1.48
C THR Z 578 -39.77 -19.60 -0.18
N LYS Z 579 -40.31 -20.75 0.19
CA LYS Z 579 -39.82 -21.45 1.37
C LYS Z 579 -38.35 -21.83 1.21
N TYR Z 580 -37.97 -22.29 0.02
CA TYR Z 580 -36.58 -22.65 -0.22
C TYR Z 580 -35.64 -21.47 -0.02
N ASP Z 581 -36.00 -20.30 -0.56
CA ASP Z 581 -35.17 -19.12 -0.34
C ASP Z 581 -35.15 -18.74 1.13
N GLU Z 582 -36.29 -18.86 1.81
CA GLU Z 582 -36.34 -18.56 3.23
C GLU Z 582 -35.36 -19.43 4.01
N SER Z 583 -35.28 -20.71 3.66
CA SER Z 583 -34.34 -21.60 4.33
C SER Z 583 -32.91 -21.10 4.16
N LEU Z 584 -32.51 -20.80 2.92
CA LEU Z 584 -31.16 -20.31 2.68
C LEU Z 584 -30.83 -19.13 3.58
N THR Z 585 -31.81 -18.24 3.78
CA THR Z 585 -31.64 -17.14 4.72
C THR Z 585 -31.49 -17.67 6.15
N ASN Z 586 -32.37 -18.61 6.53
CA ASN Z 586 -32.36 -19.09 7.92
C ASN Z 586 -31.24 -20.10 8.15
N ASP Z 587 -30.78 -20.79 7.11
CA ASP Z 587 -29.63 -21.67 7.28
C ASP Z 587 -28.41 -20.87 7.73
N ILE Z 588 -28.20 -19.70 7.11
CA ILE Z 588 -27.10 -18.84 7.52
C ILE Z 588 -27.35 -18.30 8.92
N LYS Z 589 -28.61 -18.02 9.26
CA LYS Z 589 -28.93 -17.58 10.62
C LYS Z 589 -28.47 -18.62 11.64
N SER Z 590 -28.88 -19.87 11.46
CA SER Z 590 -28.59 -20.90 12.46
C SER Z 590 -27.09 -21.09 12.61
N LEU Z 591 -26.34 -21.11 11.50
CA LEU Z 591 -24.90 -21.25 11.58
C LEU Z 591 -24.27 -20.08 12.33
N ASN Z 592 -24.74 -18.86 12.06
CA ASN Z 592 -24.19 -17.69 12.74
C ASN Z 592 -24.47 -17.76 14.24
N THR Z 593 -25.68 -18.16 14.62
CA THR Z 593 -25.99 -18.30 16.04
C THR Z 593 -25.07 -19.30 16.71
N SER Z 594 -24.73 -20.38 16.01
CA SER Z 594 -23.87 -21.40 16.59
C SER Z 594 -22.46 -20.87 16.82
N LYS Z 595 -21.87 -20.24 15.80
CA LYS Z 595 -20.48 -19.78 15.94
C LYS Z 595 -20.36 -18.70 17.00
N ASP Z 596 -21.30 -17.75 17.01
CA ASP Z 596 -21.18 -16.62 17.92
C ASP Z 596 -21.34 -17.05 19.37
N SER Z 597 -22.36 -17.87 19.66
CA SER Z 597 -22.50 -18.41 21.01
C SER Z 597 -21.27 -19.22 21.40
N THR Z 598 -20.77 -20.02 20.46
CA THR Z 598 -19.57 -20.82 20.72
C THR Z 598 -18.37 -19.92 20.99
N GLN Z 599 -18.27 -18.81 20.27
CA GLN Z 599 -17.13 -17.91 20.43
C GLN Z 599 -17.05 -17.38 21.85
N ALA Z 600 -18.18 -17.00 22.44
CA ALA Z 600 -18.17 -16.40 23.77
C ALA Z 600 -17.52 -17.34 24.79
N MET Z 601 -17.87 -18.62 24.74
CA MET Z 601 -17.26 -19.58 25.64
C MET Z 601 -15.76 -19.68 25.42
N ILE Z 602 -15.32 -19.70 24.16
CA ILE Z 602 -13.90 -19.86 23.87
C ILE Z 602 -13.12 -18.65 24.36
N ASP Z 603 -13.74 -17.47 24.34
CA ASP Z 603 -13.14 -16.32 25.01
C ASP Z 603 -13.05 -16.57 26.51
N THR Z 604 -14.12 -17.14 27.09
CA THR Z 604 -14.15 -17.35 28.53
C THR Z 604 -13.02 -18.26 28.98
N ARG Z 605 -12.79 -19.37 28.29
CA ARG Z 605 -11.76 -20.30 28.70
C ARG Z 605 -10.39 -19.65 28.66
N TYR Z 606 -10.08 -18.92 27.59
CA TYR Z 606 -8.78 -18.26 27.52
C TYR Z 606 -8.66 -17.19 28.60
N ASP Z 607 -9.74 -16.46 28.87
CA ASP Z 607 -9.75 -15.57 30.02
C ASP Z 607 -9.43 -16.33 31.29
N THR Z 608 -10.05 -17.50 31.46
CA THR Z 608 -9.75 -18.34 32.61
C THR Z 608 -8.31 -18.86 32.54
N MET Z 609 -7.88 -19.29 31.35
CA MET Z 609 -6.54 -19.85 31.21
C MET Z 609 -5.47 -18.83 31.60
N ALA Z 610 -5.57 -17.62 31.06
CA ALA Z 610 -4.55 -16.62 31.31
C ALA Z 610 -4.48 -16.24 32.78
N ASN Z 611 -5.64 -16.14 33.44
CA ASN Z 611 -5.68 -15.67 34.82
C ASN Z 611 -4.73 -16.45 35.71
N GLN Z 612 -4.82 -17.78 35.66
CA GLN Z 612 -3.92 -18.59 36.47
C GLN Z 612 -2.53 -18.64 35.85
N TRP Z 613 -2.45 -18.65 34.52
CA TRP Z 613 -1.15 -18.62 33.86
C TRP Z 613 -0.35 -17.39 34.28
N LEU Z 614 -1.01 -16.24 34.38
CA LEU Z 614 -0.31 -15.04 34.81
C LEU Z 614 0.14 -15.15 36.26
N GLN Z 615 -0.64 -15.84 37.11
CA GLN Z 615 -0.17 -16.12 38.45
C GLN Z 615 1.07 -16.99 38.43
N TYR Z 616 1.10 -17.99 37.52
CA TYR Z 616 2.33 -18.76 37.33
C TYR Z 616 3.50 -17.86 36.98
N GLU Z 617 3.36 -17.06 35.92
CA GLU Z 617 4.46 -16.23 35.47
C GLU Z 617 4.96 -15.33 36.59
N SER Z 618 4.04 -14.73 37.36
CA SER Z 618 4.43 -13.79 38.40
C SER Z 618 5.21 -14.49 39.51
N ILE Z 619 4.62 -15.53 40.10
CA ILE Z 619 5.19 -16.14 41.30
C ILE Z 619 6.53 -16.80 40.99
N LEU Z 620 6.63 -17.51 39.87
CA LEU Z 620 7.87 -18.24 39.60
C LEU Z 620 8.88 -17.40 38.81
N ASN Z 621 8.49 -16.22 38.32
CA ASN Z 621 9.51 -15.33 37.78
C ASN Z 621 10.29 -14.63 38.90
N LYS Z 622 9.65 -14.42 40.05
CA LYS Z 622 10.44 -13.91 41.18
C LYS Z 622 11.32 -15.00 41.77
N LEU Z 623 11.06 -16.27 41.44
CA LEU Z 623 12.08 -17.28 41.66
C LEU Z 623 13.24 -17.11 40.70
N ASN Z 624 12.95 -16.71 39.45
CA ASN Z 624 14.04 -16.45 38.51
C ASN Z 624 15.00 -15.40 39.05
N GLN Z 625 14.49 -14.47 39.87
CA GLN Z 625 15.38 -13.60 40.61
C GLN Z 625 16.30 -14.40 41.52
N GLN Z 626 15.74 -15.42 42.17
CA GLN Z 626 16.56 -16.27 43.03
C GLN Z 626 17.55 -17.08 42.23
N LEU Z 627 17.20 -17.45 40.99
CA LEU Z 627 18.18 -18.08 40.12
C LEU Z 627 19.34 -17.15 39.83
N ASN Z 628 19.06 -15.88 39.58
CA ASN Z 628 20.13 -14.89 39.51
C ASN Z 628 20.84 -14.76 40.84
N THR Z 629 20.11 -14.94 41.95
CA THR Z 629 20.76 -14.97 43.26
C THR Z 629 21.71 -16.16 43.36
N VAL Z 630 21.32 -17.31 42.82
CA VAL Z 630 22.25 -18.42 42.71
C VAL Z 630 23.44 -18.00 41.84
N THR Z 631 23.17 -17.31 40.74
CA THR Z 631 24.25 -16.78 39.92
C THR Z 631 25.12 -15.83 40.72
N ASN Z 632 24.52 -15.06 41.63
CA ASN Z 632 25.29 -14.14 42.46
C ASN Z 632 26.29 -14.89 43.32
N MET Z 633 25.86 -15.98 43.96
CA MET Z 633 26.79 -16.78 44.75
C MET Z 633 27.85 -17.41 43.87
N ILE Z 634 27.51 -17.71 42.61
CA ILE Z 634 28.50 -18.27 41.69
C ILE Z 634 29.56 -17.24 41.36
N ASN Z 635 29.14 -16.03 40.99
CA ASN Z 635 30.10 -14.99 40.64
C ASN Z 635 30.97 -14.62 41.84
N ALA Z 636 30.36 -14.53 43.03
CA ALA Z 636 31.13 -14.22 44.23
C ALA Z 636 32.25 -15.24 44.44
N ALA Z 637 32.03 -16.49 44.05
CA ALA Z 637 33.06 -17.51 44.21
C ALA Z 637 34.06 -17.51 43.07
N ASN Z 638 33.75 -16.82 41.96
CA ASN Z 638 34.62 -16.85 40.80
C ASN Z 638 35.99 -16.25 41.13
N ASN Z 639 36.02 -15.13 41.84
CA ASN Z 639 37.28 -14.47 42.15
C ASN Z 639 38.14 -15.27 43.11
N SER Z 640 37.54 -16.23 43.82
CA SER Z 640 38.13 -16.80 45.02
C SER Z 640 39.40 -17.62 44.76
N ASN Z 641 39.85 -17.74 43.51
CA ASN Z 641 41.14 -18.39 43.28
C ASN Z 641 42.29 -17.52 43.76
N ASN Z 642 42.09 -16.21 43.82
CA ASN Z 642 43.13 -15.27 44.22
C ASN Z 642 44.34 -15.37 43.28
N LEU AA 9 15.76 -14.62 3.04
CA LEU AA 9 16.57 -14.07 1.97
C LEU AA 9 16.95 -15.17 1.00
N GLY AA 10 17.55 -16.24 1.51
CA GLY AA 10 17.62 -17.46 0.73
C GLY AA 10 16.23 -17.95 0.37
N PHE AA 11 15.29 -17.86 1.33
CA PHE AA 11 13.88 -18.03 1.01
C PHE AA 11 13.41 -16.93 0.06
N GLY AA 12 13.85 -15.68 0.33
CA GLY AA 12 13.44 -14.58 -0.51
C GLY AA 12 13.86 -14.76 -1.96
N SER AA 13 15.12 -15.18 -2.17
CA SER AA 13 15.58 -15.43 -3.52
C SER AA 13 14.79 -16.55 -4.19
N GLY AA 14 14.38 -17.55 -3.43
CA GLY AA 14 13.63 -18.65 -4.03
C GLY AA 14 12.32 -18.19 -4.64
N VAL AA 15 11.54 -17.42 -3.89
CA VAL AA 15 10.30 -16.88 -4.43
C VAL AA 15 10.60 -15.82 -5.48
N LEU AA 16 11.61 -14.98 -5.23
CA LEU AA 16 12.02 -14.01 -6.22
C LEU AA 16 12.33 -14.67 -7.55
N THR AA 17 12.85 -15.89 -7.51
CA THR AA 17 13.09 -16.63 -8.74
C THR AA 17 11.78 -16.86 -9.49
N GLN AA 18 10.71 -17.18 -8.77
CA GLN AA 18 9.44 -17.48 -9.42
C GLN AA 18 8.89 -16.27 -10.15
N ASP AA 19 8.80 -15.13 -9.47
CA ASP AA 19 8.30 -13.93 -10.15
C ASP AA 19 9.24 -13.54 -11.28
N THR AA 20 10.55 -13.72 -11.07
CA THR AA 20 11.49 -13.57 -12.18
C THR AA 20 11.18 -14.56 -13.29
N ILE AA 21 10.91 -15.81 -12.93
CA ILE AA 21 10.46 -16.78 -13.93
C ILE AA 21 9.24 -16.24 -14.65
N ASP AA 22 8.30 -15.69 -13.89
CA ASP AA 22 7.12 -15.09 -14.49
C ASP AA 22 7.50 -13.91 -15.37
N LYS AA 23 8.37 -13.03 -14.85
CA LYS AA 23 8.83 -11.90 -15.65
C LYS AA 23 9.57 -12.38 -16.89
N LEU AA 24 10.40 -13.41 -16.74
CA LEU AA 24 11.08 -13.98 -17.90
C LEU AA 24 10.10 -14.58 -18.89
N LYS AA 25 9.08 -15.28 -18.40
CA LYS AA 25 8.07 -15.82 -19.29
C LYS AA 25 7.34 -14.70 -20.02
N GLU AA 26 7.01 -13.63 -19.30
CA GLU AA 26 6.34 -12.49 -19.92
C GLU AA 26 7.21 -11.87 -21.01
N ALA AA 27 8.50 -11.67 -20.72
CA ALA AA 27 9.39 -11.08 -21.71
C ALA AA 27 9.51 -11.98 -22.95
N GLU AA 28 9.66 -13.28 -22.73
CA GLU AA 28 9.75 -14.21 -23.86
C GLU AA 28 8.49 -14.16 -24.70
N GLN AA 29 7.32 -14.16 -24.05
CA GLN AA 29 6.07 -14.13 -24.79
C GLN AA 29 5.94 -12.86 -25.62
N LYS AA 30 6.11 -11.71 -24.98
CA LYS AA 30 5.95 -10.45 -25.70
C LYS AA 30 7.00 -10.29 -26.79
N ALA AA 31 8.16 -10.93 -26.63
CA ALA AA 31 9.17 -10.87 -27.68
C ALA AA 31 8.68 -11.53 -28.95
N ARG AA 32 8.07 -12.71 -28.84
CA ARG AA 32 7.58 -13.41 -30.01
C ARG AA 32 6.18 -12.92 -30.40
N ILE AA 33 5.26 -12.91 -29.43
CA ILE AA 33 3.86 -12.74 -29.76
C ILE AA 33 3.60 -11.35 -30.32
N ASP AA 34 4.22 -10.31 -29.76
CA ASP AA 34 3.95 -8.95 -30.26
C ASP AA 34 4.25 -8.84 -31.74
N PRO AA 35 5.38 -9.31 -32.25
CA PRO AA 35 5.55 -9.37 -33.70
C PRO AA 35 4.40 -10.08 -34.41
N TYR AA 36 3.91 -11.18 -33.81
CA TYR AA 36 2.73 -11.83 -34.38
C TYR AA 36 1.54 -10.88 -34.40
N THR AA 37 1.26 -10.22 -33.27
CA THR AA 37 0.06 -9.40 -33.17
C THR AA 37 0.05 -8.28 -34.21
N LYS AA 38 1.17 -7.57 -34.36
CA LYS AA 38 1.16 -6.40 -35.23
C LYS AA 38 0.83 -6.77 -36.66
N LYS AA 39 1.42 -7.85 -37.17
CA LYS AA 39 1.08 -8.31 -38.51
C LYS AA 39 -0.35 -8.80 -38.59
N ILE AA 40 -0.78 -9.56 -37.57
CA ILE AA 40 -2.17 -10.06 -37.56
C ILE AA 40 -3.13 -8.89 -37.55
N GLU AA 41 -2.93 -7.95 -36.63
CA GLU AA 41 -3.78 -6.76 -36.59
C GLU AA 41 -3.65 -5.96 -37.88
N GLU AA 42 -2.42 -5.76 -38.35
CA GLU AA 42 -2.21 -4.99 -39.56
C GLU AA 42 -2.88 -5.68 -40.76
N ASN AA 43 -2.70 -6.99 -40.87
CA ASN AA 43 -3.40 -7.74 -41.91
C ASN AA 43 -4.90 -7.74 -41.67
N THR AA 44 -5.32 -7.92 -40.42
CA THR AA 44 -6.75 -7.91 -40.11
C THR AA 44 -7.38 -6.57 -40.50
N THR AA 45 -6.71 -5.47 -40.15
CA THR AA 45 -7.24 -4.16 -40.50
C THR AA 45 -7.26 -3.94 -42.00
N LYS AA 46 -6.23 -4.42 -42.71
CA LYS AA 46 -6.27 -4.39 -44.16
C LYS AA 46 -7.52 -5.09 -44.68
N GLN AA 47 -7.81 -6.27 -44.11
CA GLN AA 47 -8.94 -7.06 -44.58
C GLN AA 47 -10.25 -6.31 -44.38
N LYS AA 48 -10.39 -5.56 -43.28
CA LYS AA 48 -11.62 -4.83 -43.03
C LYS AA 48 -11.86 -3.79 -44.12
N ASP AA 49 -10.85 -2.94 -44.39
CA ASP AA 49 -10.98 -1.97 -45.46
C ASP AA 49 -11.16 -2.66 -46.80
N LEU AA 50 -10.41 -3.73 -47.03
CA LEU AA 50 -10.55 -4.49 -48.27
C LEU AA 50 -11.96 -5.04 -48.42
N THR AA 51 -12.53 -5.57 -47.34
CA THR AA 51 -13.92 -6.02 -47.38
C THR AA 51 -14.84 -4.87 -47.77
N GLU AA 52 -14.69 -3.73 -47.11
CA GLU AA 52 -15.54 -2.57 -47.42
C GLU AA 52 -15.34 -2.12 -48.87
N ILE AA 53 -14.08 -1.96 -49.29
CA ILE AA 53 -13.81 -1.46 -50.62
C ILE AA 53 -14.33 -2.42 -51.68
N LYS AA 54 -14.07 -3.71 -51.51
CA LYS AA 54 -14.61 -4.69 -52.45
C LYS AA 54 -16.12 -4.54 -52.57
N THR AA 55 -16.79 -4.30 -51.44
CA THR AA 55 -18.22 -4.02 -51.49
C THR AA 55 -18.50 -2.78 -52.31
N LYS AA 56 -17.66 -1.75 -52.16
CA LYS AA 56 -17.82 -0.55 -52.97
C LYS AA 56 -17.69 -0.87 -54.45
N LEU AA 57 -16.65 -1.63 -54.81
CA LEU AA 57 -16.49 -2.02 -56.20
C LEU AA 57 -17.65 -2.89 -56.67
N LEU AA 58 -18.10 -3.82 -55.81
CA LEU AA 58 -19.27 -4.62 -56.13
C LEU AA 58 -20.48 -3.73 -56.37
N SER AA 59 -20.71 -2.76 -55.48
CA SER AA 59 -21.85 -1.85 -55.66
C SER AA 59 -21.64 -0.97 -56.88
N PHE AA 60 -20.45 -0.39 -57.03
CA PHE AA 60 -20.14 0.38 -58.22
C PHE AA 60 -20.25 -0.50 -59.47
N GLN AA 61 -19.70 -1.71 -59.38
CA GLN AA 61 -19.80 -2.67 -60.47
C GLN AA 61 -21.24 -2.85 -60.93
N THR AA 62 -22.17 -2.90 -59.98
CA THR AA 62 -23.58 -3.06 -60.34
C THR AA 62 -24.07 -1.87 -61.16
N ALA AA 63 -23.74 -0.65 -60.75
CA ALA AA 63 -24.12 0.52 -61.52
C ALA AA 63 -23.52 0.46 -62.93
N VAL AA 64 -22.25 0.07 -63.03
CA VAL AA 64 -21.65 -0.15 -64.34
C VAL AA 64 -22.44 -1.20 -65.09
N SER AA 65 -22.82 -2.28 -64.42
CA SER AA 65 -23.64 -3.30 -65.05
C SER AA 65 -24.99 -2.72 -65.46
N SER AA 66 -25.60 -1.91 -64.59
CA SER AA 66 -26.89 -1.33 -64.91
C SER AA 66 -26.81 -0.49 -66.18
N LEU AA 67 -25.75 0.31 -66.32
CA LEU AA 67 -25.68 1.22 -67.45
C LEU AA 67 -25.20 0.53 -68.73
N ALA AA 68 -24.60 -0.65 -68.60
CA ALA AA 68 -24.32 -1.44 -69.80
C ALA AA 68 -25.60 -1.69 -70.58
N ASP AA 69 -26.72 -1.79 -69.87
CA ASP AA 69 -27.98 -2.06 -70.52
C ASP AA 69 -28.58 -0.78 -71.04
N ALA AA 70 -28.91 -0.74 -72.33
CA ALA AA 70 -29.58 0.42 -72.86
C ALA AA 70 -31.05 0.26 -72.51
N THR AA 71 -31.34 0.23 -71.21
CA THR AA 71 -32.71 0.03 -70.76
C THR AA 71 -33.59 1.10 -71.35
N VAL AA 72 -33.10 2.33 -71.35
CA VAL AA 72 -33.84 3.40 -71.97
C VAL AA 72 -34.11 3.01 -73.40
N PHE AA 73 -35.32 3.26 -73.88
CA PHE AA 73 -35.69 2.86 -75.22
C PHE AA 73 -36.22 4.04 -76.01
N ALA AA 74 -36.25 3.92 -77.33
CA ALA AA 74 -36.79 4.98 -78.16
C ALA AA 74 -38.30 4.97 -78.12
N LYS AA 75 -38.87 5.20 -76.94
CA LYS AA 75 -40.32 5.26 -76.81
C LYS AA 75 -40.81 6.53 -76.17
N ARG AA 76 -41.95 7.04 -76.64
CA ARG AA 76 -42.56 8.18 -75.95
C ARG AA 76 -42.65 7.75 -74.51
N LYS AA 77 -42.78 8.69 -73.59
CA LYS AA 77 -42.66 8.35 -72.17
C LYS AA 77 -43.89 8.80 -71.40
N VAL AA 78 -44.54 7.87 -70.70
CA VAL AA 78 -45.69 8.15 -69.85
C VAL AA 78 -45.81 7.03 -68.82
N VAL AA 79 -46.50 7.31 -67.71
CA VAL AA 79 -46.59 6.40 -66.58
C VAL AA 79 -47.77 5.45 -66.76
N GLY AA 80 -47.60 4.21 -66.27
CA GLY AA 80 -48.71 3.26 -66.16
C GLY AA 80 -48.71 2.16 -67.20
N SER AA 81 -48.37 0.92 -66.81
CA SER AA 81 -48.33 -0.18 -67.76
C SER AA 81 -48.82 -1.52 -67.18
N ILE AA 82 -49.47 -1.52 -66.02
CA ILE AA 82 -49.80 -2.79 -65.37
C ILE AA 82 -50.69 -3.62 -66.29
N SER AA 83 -50.62 -4.95 -66.11
CA SER AA 83 -51.28 -5.86 -67.04
C SER AA 83 -52.63 -6.37 -66.52
N ASP AA 84 -52.79 -6.53 -65.21
CA ASP AA 84 -54.01 -7.13 -64.68
C ASP AA 84 -54.38 -6.52 -63.34
N ASN AA 85 -55.67 -6.21 -63.19
CA ASN AA 85 -56.29 -5.75 -61.96
C ASN AA 85 -55.49 -4.67 -61.23
N PRO AA 86 -55.18 -3.55 -61.88
CA PRO AA 86 -54.72 -2.37 -61.13
C PRO AA 86 -55.90 -1.49 -60.77
N PRO AA 87 -55.73 -0.58 -59.82
CA PRO AA 87 -56.84 0.35 -59.50
C PRO AA 87 -57.33 1.12 -60.71
N ALA AA 88 -56.43 1.57 -61.57
CA ALA AA 88 -56.80 2.33 -62.77
C ALA AA 88 -55.55 2.66 -63.56
N SER AA 89 -55.71 2.80 -64.88
CA SER AA 89 -54.59 3.19 -65.73
C SER AA 89 -55.09 3.56 -67.12
N LEU AA 90 -54.65 4.71 -67.61
CA LEU AA 90 -54.74 5.03 -69.03
C LEU AA 90 -53.33 5.01 -69.60
N THR AA 91 -53.18 4.37 -70.77
CA THR AA 91 -51.87 4.04 -71.30
C THR AA 91 -51.72 4.61 -72.70
N VAL AA 92 -50.51 5.06 -73.02
CA VAL AA 92 -50.14 5.48 -74.36
C VAL AA 92 -48.72 5.00 -74.65
N ASN AA 93 -48.33 5.05 -75.92
CA ASN AA 93 -47.18 4.25 -76.37
C ASN AA 93 -46.10 5.06 -77.09
N SER AA 94 -45.19 4.35 -77.77
CA SER AA 94 -43.83 4.79 -77.98
C SER AA 94 -43.61 5.64 -79.23
N GLY AA 95 -44.65 5.91 -80.02
CA GLY AA 95 -44.47 6.68 -81.25
C GLY AA 95 -45.40 7.87 -81.33
N VAL AA 96 -46.15 8.11 -80.25
CA VAL AA 96 -47.20 9.12 -80.23
C VAL AA 96 -46.63 10.49 -80.59
N ALA AA 97 -47.46 11.33 -81.20
CA ALA AA 97 -47.19 12.77 -81.19
C ALA AA 97 -47.37 13.27 -79.75
N LEU AA 98 -46.34 13.94 -79.24
CA LEU AA 98 -46.24 14.15 -77.81
C LEU AA 98 -47.19 15.25 -77.35
N GLN AA 99 -48.10 14.90 -76.44
CA GLN AA 99 -48.91 15.89 -75.73
C GLN AA 99 -49.44 15.28 -74.44
N SER AA 100 -50.41 15.92 -73.80
CA SER AA 100 -50.86 15.52 -72.46
C SER AA 100 -52.34 15.15 -72.49
N MET AA 101 -52.82 14.60 -71.38
CA MET AA 101 -54.19 14.09 -71.28
C MET AA 101 -54.66 14.17 -69.83
N ASN AA 102 -55.97 13.99 -69.64
CA ASN AA 102 -56.60 14.08 -68.32
C ASN AA 102 -57.67 12.98 -68.20
N ILE AA 103 -57.85 12.48 -66.97
CA ILE AA 103 -58.76 11.35 -66.72
C ILE AA 103 -59.40 11.50 -65.35
N ASN AA 104 -60.62 10.97 -65.22
CA ASN AA 104 -61.36 10.91 -63.96
C ASN AA 104 -62.23 9.67 -63.95
N VAL AA 105 -62.45 9.11 -62.75
CA VAL AA 105 -63.20 7.85 -62.61
C VAL AA 105 -63.93 7.88 -61.26
N THR AA 106 -65.22 7.54 -61.27
CA THR AA 106 -65.97 7.45 -60.02
C THR AA 106 -66.91 6.25 -59.95
N GLN AA 107 -67.21 5.61 -61.09
CA GLN AA 107 -68.19 4.54 -61.16
C GLN AA 107 -67.47 3.23 -61.44
N LEU AA 108 -67.77 2.18 -60.66
CA LEU AA 108 -66.87 1.04 -60.51
C LEU AA 108 -67.51 -0.33 -60.73
N ALA AA 109 -68.82 -0.49 -60.56
CA ALA AA 109 -69.51 -1.69 -61.02
C ALA AA 109 -69.02 -3.01 -60.40
N GLN AA 110 -69.27 -3.22 -59.11
CA GLN AA 110 -68.87 -4.47 -58.45
C GLN AA 110 -70.09 -5.10 -57.78
N LYS AA 111 -70.02 -6.42 -57.56
CA LYS AA 111 -71.04 -7.20 -56.87
C LYS AA 111 -72.38 -7.26 -57.61
N ASP AA 112 -73.17 -8.28 -57.30
CA ASP AA 112 -74.60 -8.33 -57.63
C ASP AA 112 -75.34 -8.84 -56.41
N VAL AA 113 -76.52 -8.27 -56.16
CA VAL AA 113 -77.30 -8.61 -54.97
C VAL AA 113 -78.78 -8.54 -55.34
N TYR AA 114 -79.60 -9.33 -54.65
CA TYR AA 114 -81.03 -9.34 -54.89
C TYR AA 114 -81.82 -9.19 -53.59
N GLN AA 115 -83.10 -8.84 -53.74
CA GLN AA 115 -83.97 -8.48 -52.63
C GLN AA 115 -85.24 -9.31 -52.65
N SER AA 116 -85.89 -9.39 -51.49
CA SER AA 116 -87.23 -9.95 -51.38
C SER AA 116 -88.20 -8.87 -50.87
N LYS AA 117 -89.48 -9.22 -50.80
CA LYS AA 117 -90.45 -8.31 -50.23
C LYS AA 117 -90.28 -8.26 -48.71
N GLY AA 118 -91.17 -7.52 -48.05
CA GLY AA 118 -91.19 -7.49 -46.61
C GLY AA 118 -91.67 -8.81 -46.02
N LEU AA 119 -90.76 -9.58 -45.44
CA LEU AA 119 -91.13 -10.80 -44.76
C LEU AA 119 -91.39 -10.50 -43.28
N ALA AA 120 -91.96 -11.48 -42.57
CA ALA AA 120 -92.56 -11.21 -41.27
C ALA AA 120 -91.57 -11.22 -40.11
N ASN AA 121 -91.06 -12.39 -39.75
CA ASN AA 121 -90.36 -12.51 -38.48
C ASN AA 121 -89.58 -13.83 -38.50
N ASP AA 122 -88.96 -14.16 -37.36
CA ASP AA 122 -88.07 -15.31 -37.29
C ASP AA 122 -88.78 -16.64 -37.47
N GLY AA 123 -90.11 -16.69 -37.39
CA GLY AA 123 -90.78 -17.97 -37.43
C GLY AA 123 -92.17 -17.98 -38.02
N GLY AA 124 -92.97 -18.94 -37.59
CA GLY AA 124 -94.26 -19.21 -38.20
C GLY AA 124 -94.15 -20.22 -39.32
N PHE AA 125 -95.28 -20.84 -39.65
CA PHE AA 125 -95.30 -21.85 -40.70
C PHE AA 125 -94.99 -21.22 -42.05
N VAL AA 126 -94.24 -21.96 -42.88
CA VAL AA 126 -93.89 -21.46 -44.21
C VAL AA 126 -95.15 -21.22 -45.03
N ASN AA 127 -95.89 -22.30 -45.30
CA ASN AA 127 -97.26 -22.23 -45.80
C ASN AA 127 -98.12 -22.95 -44.76
N ALA AA 128 -99.09 -22.24 -44.18
CA ALA AA 128 -99.78 -22.75 -43.00
C ALA AA 128 -100.29 -24.16 -43.23
N GLN AA 129 -100.94 -24.40 -44.35
CA GLN AA 129 -101.33 -25.75 -44.77
C GLN AA 129 -100.74 -26.00 -46.15
N LEU AA 130 -100.03 -27.12 -46.27
CA LEU AA 130 -99.16 -27.33 -47.41
C LEU AA 130 -99.10 -28.82 -47.73
N ASN AA 131 -98.36 -29.16 -48.78
CA ASN AA 131 -98.03 -30.53 -49.12
C ASN AA 131 -97.18 -31.19 -48.04
N GLY AA 132 -96.86 -30.46 -46.98
CA GLY AA 132 -96.03 -30.98 -45.90
C GLY AA 132 -94.57 -30.63 -46.05
N THR AA 133 -93.99 -30.90 -47.22
CA THR AA 133 -92.60 -30.56 -47.48
C THR AA 133 -92.47 -29.99 -48.89
N ALA AA 134 -91.43 -29.18 -49.08
CA ALA AA 134 -91.12 -28.59 -50.38
C ALA AA 134 -89.61 -28.67 -50.60
N ASP AA 135 -89.23 -28.73 -51.87
CA ASP AA 135 -87.83 -28.82 -52.28
C ASP AA 135 -87.47 -27.56 -53.06
N LEU AA 136 -86.40 -26.90 -52.63
CA LEU AA 136 -86.00 -25.61 -53.20
C LEU AA 136 -84.60 -25.72 -53.79
N THR AA 137 -84.42 -25.10 -54.97
CA THR AA 137 -83.14 -25.10 -55.67
C THR AA 137 -82.76 -23.66 -56.03
N PHE AA 138 -81.47 -23.36 -55.97
CA PHE AA 138 -80.98 -22.00 -56.20
C PHE AA 138 -79.57 -22.03 -56.78
N PHE AA 139 -79.22 -20.95 -57.46
CA PHE AA 139 -78.02 -20.89 -58.30
C PHE AA 139 -77.22 -19.63 -57.99
N SER AA 140 -75.92 -19.69 -58.32
CA SER AA 140 -75.07 -18.50 -58.29
C SER AA 140 -73.75 -18.83 -58.96
N ASN AA 141 -73.30 -17.93 -59.84
CA ASN AA 141 -72.02 -18.06 -60.52
C ASN AA 141 -71.84 -19.45 -61.11
N GLY AA 142 -72.82 -19.86 -61.91
CA GLY AA 142 -72.75 -21.15 -62.58
C GLY AA 142 -72.78 -22.34 -61.66
N LYS AA 143 -73.14 -22.16 -60.39
CA LYS AA 143 -73.21 -23.25 -59.43
C LYS AA 143 -74.60 -23.25 -58.78
N GLU AA 144 -75.10 -24.47 -58.55
CA GLU AA 144 -76.48 -24.68 -58.15
C GLU AA 144 -76.54 -25.44 -56.84
N TYR AA 145 -77.64 -25.25 -56.10
CA TYR AA 145 -77.78 -25.77 -54.75
C TYR AA 145 -79.25 -26.09 -54.50
N THR AA 146 -79.49 -26.94 -53.50
CA THR AA 146 -80.84 -27.38 -53.18
C THR AA 146 -81.04 -27.42 -51.68
N VAL AA 147 -82.28 -27.19 -51.24
CA VAL AA 147 -82.66 -27.31 -49.84
C VAL AA 147 -84.09 -27.80 -49.76
N THR AA 148 -84.37 -28.66 -48.79
CA THR AA 148 -85.70 -29.20 -48.56
C THR AA 148 -86.34 -28.48 -47.38
N VAL AA 149 -87.65 -28.23 -47.48
CA VAL AA 149 -88.37 -27.39 -46.54
C VAL AA 149 -89.61 -28.14 -46.03
N ASP AA 150 -90.00 -27.83 -44.80
CA ASP AA 150 -91.20 -28.38 -44.18
C ASP AA 150 -92.14 -27.23 -43.82
N LYS AA 151 -93.43 -27.56 -43.70
CA LYS AA 151 -94.44 -26.51 -43.55
C LYS AA 151 -94.53 -26.00 -42.13
N ASN AA 152 -94.02 -26.74 -41.14
CA ASN AA 152 -94.11 -26.32 -39.75
C ASN AA 152 -92.88 -25.59 -39.25
N THR AA 153 -91.82 -25.50 -40.05
CA THR AA 153 -90.54 -25.01 -39.57
C THR AA 153 -90.46 -23.48 -39.61
N THR AA 154 -89.61 -22.92 -38.76
CA THR AA 154 -89.40 -21.49 -38.66
C THR AA 154 -88.23 -21.06 -39.55
N TYR AA 155 -88.21 -19.76 -39.87
CA TYR AA 155 -87.07 -19.20 -40.60
C TYR AA 155 -85.77 -19.48 -39.85
N ARG AA 156 -85.79 -19.37 -38.53
CA ARG AA 156 -84.58 -19.56 -37.73
C ARG AA 156 -83.90 -20.88 -38.07
N ASP AA 157 -84.66 -21.98 -38.04
CA ASP AA 157 -84.09 -23.28 -38.33
C ASP AA 157 -83.60 -23.36 -39.78
N LEU AA 158 -84.41 -22.86 -40.71
CA LEU AA 158 -84.03 -22.92 -42.12
C LEU AA 158 -82.81 -22.08 -42.41
N ALA AA 159 -82.60 -21.00 -41.64
CA ALA AA 159 -81.43 -20.15 -41.87
C ALA AA 159 -80.13 -20.93 -41.70
N ASP AA 160 -80.03 -21.72 -40.63
CA ASP AA 160 -78.87 -22.57 -40.44
C ASP AA 160 -78.76 -23.61 -41.56
N LYS AA 161 -79.89 -24.19 -41.96
CA LYS AA 161 -79.87 -25.23 -42.98
C LYS AA 161 -79.35 -24.70 -44.31
N ILE AA 162 -79.82 -23.52 -44.73
CA ILE AA 162 -79.47 -23.03 -46.06
C ILE AA 162 -78.01 -22.63 -46.14
N ASN AA 163 -77.45 -22.09 -45.05
CA ASN AA 163 -76.01 -21.84 -45.02
C ASN AA 163 -75.24 -23.09 -45.43
N GLU AA 164 -75.70 -24.25 -44.97
CA GLU AA 164 -75.12 -25.52 -45.44
C GLU AA 164 -75.50 -25.77 -46.89
N ALA AA 165 -76.76 -25.53 -47.26
CA ALA AA 165 -77.20 -25.79 -48.63
C ALA AA 165 -76.42 -24.94 -49.62
N SER AA 166 -76.24 -23.66 -49.31
CA SER AA 166 -75.39 -22.81 -50.12
C SER AA 166 -73.92 -23.12 -49.93
N GLY AA 167 -73.55 -23.84 -48.88
CA GLY AA 167 -72.17 -24.13 -48.57
C GLY AA 167 -71.41 -22.88 -48.14
N GLY AA 168 -72.15 -21.80 -47.90
CA GLY AA 168 -71.53 -20.53 -47.60
C GLY AA 168 -70.99 -19.85 -48.84
N GLU AA 169 -71.04 -20.55 -49.98
CA GLU AA 169 -70.61 -19.97 -51.24
C GLU AA 169 -71.52 -18.81 -51.64
N ILE AA 170 -72.80 -18.89 -51.28
CA ILE AA 170 -73.74 -17.78 -51.43
C ILE AA 170 -74.05 -17.24 -50.05
N VAL AA 171 -73.93 -15.92 -49.89
CA VAL AA 171 -74.06 -15.26 -48.60
C VAL AA 171 -75.42 -14.59 -48.53
N ALA AA 172 -76.15 -14.85 -47.44
CA ALA AA 172 -77.49 -14.32 -47.26
C ALA AA 172 -77.66 -13.86 -45.82
N LYS AA 173 -78.48 -12.82 -45.64
CA LYS AA 173 -78.77 -12.29 -44.31
C LYS AA 173 -80.10 -11.56 -44.35
N ILE AA 174 -80.66 -11.32 -43.17
CA ILE AA 174 -81.98 -10.72 -43.03
C ILE AA 174 -81.80 -9.24 -42.73
N VAL AA 175 -82.56 -8.39 -43.42
CA VAL AA 175 -82.43 -6.94 -43.31
C VAL AA 175 -83.83 -6.33 -43.31
N ASN AA 176 -83.95 -5.16 -42.70
CA ASN AA 176 -85.23 -4.47 -42.56
C ASN AA 176 -85.31 -3.26 -43.49
N THR AA 177 -86.54 -2.91 -43.84
CA THR AA 177 -86.85 -1.69 -44.57
C THR AA 177 -87.39 -0.59 -43.66
N GLY AA 178 -87.23 -0.72 -42.35
CA GLY AA 178 -88.00 0.11 -41.44
C GLY AA 178 -89.48 -0.11 -41.58
N GLU AA 179 -89.89 -1.37 -41.80
CA GLU AA 179 -91.24 -1.73 -42.21
C GLU AA 179 -91.92 -2.46 -41.07
N LYS AA 180 -92.81 -1.77 -40.37
CA LYS AA 180 -93.60 -2.39 -39.31
C LYS AA 180 -94.47 -3.51 -39.88
N GLY AA 181 -94.61 -4.58 -39.11
CA GLY AA 181 -95.44 -5.70 -39.52
C GLY AA 181 -94.70 -6.73 -40.35
N THR AA 182 -93.93 -6.26 -41.33
CA THR AA 182 -93.12 -7.13 -42.19
C THR AA 182 -91.69 -6.62 -42.23
N PRO AA 183 -91.01 -6.63 -41.08
CA PRO AA 183 -89.66 -6.05 -41.00
C PRO AA 183 -88.54 -6.89 -41.60
N TYR AA 184 -88.80 -8.13 -42.02
CA TYR AA 184 -87.77 -8.98 -42.60
C TYR AA 184 -87.73 -8.76 -44.11
N ARG AA 185 -86.53 -8.57 -44.64
CA ARG AA 185 -86.26 -8.66 -46.07
C ARG AA 185 -84.97 -9.41 -46.29
N LEU AA 186 -84.91 -10.16 -47.39
CA LEU AA 186 -83.82 -11.10 -47.65
C LEU AA 186 -82.88 -10.51 -48.71
N THR AA 187 -81.59 -10.57 -48.43
CA THR AA 187 -80.56 -10.08 -49.33
C THR AA 187 -79.61 -11.22 -49.69
N LEU AA 188 -79.31 -11.34 -50.98
CA LEU AA 188 -78.43 -12.38 -51.51
C LEU AA 188 -77.35 -11.70 -52.31
N THR AA 189 -76.08 -12.05 -52.04
CA THR AA 189 -74.96 -11.29 -52.59
C THR AA 189 -73.93 -12.21 -53.23
N SER AA 190 -73.24 -11.67 -54.24
CA SER AA 190 -72.20 -12.38 -54.96
C SER AA 190 -71.28 -11.35 -55.60
N LYS AA 191 -70.08 -11.78 -56.01
CA LYS AA 191 -69.01 -10.87 -56.39
C LYS AA 191 -68.50 -11.10 -57.81
N GLU AA 192 -68.47 -10.03 -58.58
CA GLU AA 192 -67.58 -9.84 -59.72
C GLU AA 192 -67.82 -8.41 -60.19
N THR AA 193 -67.01 -7.97 -61.16
CA THR AA 193 -67.06 -6.57 -61.55
C THR AA 193 -68.29 -6.29 -62.40
N GLY AA 194 -69.48 -6.48 -61.83
CA GLY AA 194 -70.70 -6.12 -62.53
C GLY AA 194 -71.86 -6.99 -62.08
N GLU AA 195 -72.93 -6.92 -62.88
CA GLU AA 195 -74.12 -7.71 -62.62
C GLU AA 195 -73.84 -9.21 -62.72
N ASP AA 196 -72.77 -9.59 -63.44
CA ASP AA 196 -72.54 -11.00 -63.74
C ASP AA 196 -72.27 -11.82 -62.47
N SER AA 197 -72.15 -11.17 -61.31
CA SER AA 197 -72.01 -11.92 -60.08
C SER AA 197 -73.18 -12.88 -59.89
N ALA AA 198 -74.40 -12.40 -60.15
CA ALA AA 198 -75.55 -13.25 -60.38
C ALA AA 198 -76.04 -14.01 -59.16
N ILE AA 199 -77.35 -13.95 -58.92
CA ILE AA 199 -78.07 -14.89 -58.07
C ILE AA 199 -79.37 -15.22 -58.78
N SER AA 200 -79.56 -16.50 -59.14
CA SER AA 200 -80.68 -16.89 -59.98
C SER AA 200 -81.30 -18.15 -59.41
N PHE AA 201 -82.47 -18.52 -59.96
CA PHE AA 201 -83.32 -19.50 -59.32
C PHE AA 201 -84.12 -20.28 -60.36
N TYR AA 202 -84.44 -21.53 -60.02
CA TYR AA 202 -85.52 -22.27 -60.67
C TYR AA 202 -85.99 -23.34 -59.70
N ALA AA 203 -87.24 -23.75 -59.87
CA ALA AA 203 -87.89 -24.62 -58.90
C ALA AA 203 -87.34 -26.04 -58.95
N GLY AA 204 -87.60 -26.79 -57.87
CA GLY AA 204 -87.38 -28.22 -57.84
C GLY AA 204 -86.04 -28.65 -57.28
N LYS AA 205 -85.66 -29.88 -57.60
CA LYS AA 205 -84.40 -30.46 -57.17
C LYS AA 205 -83.85 -31.28 -58.32
N LYS AA 206 -82.55 -31.53 -58.29
CA LYS AA 206 -81.90 -32.40 -59.27
C LYS AA 206 -81.00 -33.39 -58.55
N ASP AA 207 -81.17 -34.67 -58.84
CA ASP AA 207 -80.15 -35.64 -58.47
C ASP AA 207 -78.99 -35.58 -59.46
N SER AA 208 -79.23 -35.98 -60.71
CA SER AA 208 -78.34 -35.64 -61.82
C SER AA 208 -79.12 -35.41 -63.11
N ASN AA 209 -80.46 -35.46 -63.03
CA ASN AA 209 -81.30 -35.58 -64.21
C ASN AA 209 -81.51 -34.21 -64.85
N GLY AA 210 -80.66 -33.90 -65.83
CA GLY AA 210 -80.86 -32.76 -66.70
C GLY AA 210 -81.21 -31.50 -65.95
N LYS AA 211 -82.40 -30.97 -66.18
CA LYS AA 211 -82.81 -29.78 -65.44
C LYS AA 211 -82.98 -30.08 -63.96
N TYR AA 212 -84.08 -30.74 -63.58
CA TYR AA 212 -84.51 -30.81 -62.19
C TYR AA 212 -85.75 -31.70 -62.08
N GLN AA 213 -86.03 -32.14 -60.87
CA GLN AA 213 -87.37 -32.62 -60.49
C GLN AA 213 -88.14 -31.45 -59.91
N LYS AA 214 -89.09 -30.92 -60.67
CA LYS AA 214 -89.73 -29.65 -60.31
C LYS AA 214 -90.58 -29.79 -59.06
N ASP AA 215 -90.66 -28.70 -58.29
CA ASP AA 215 -91.62 -28.54 -57.21
C ASP AA 215 -92.25 -27.16 -57.39
N ILE AA 216 -93.54 -27.14 -57.78
CA ILE AA 216 -94.18 -25.87 -58.12
C ILE AA 216 -94.28 -24.97 -56.90
N ASN AA 217 -94.43 -25.55 -55.71
CA ASN AA 217 -94.56 -24.72 -54.51
C ASN AA 217 -93.39 -23.76 -54.36
N ALA AA 218 -92.20 -24.18 -54.77
CA ALA AA 218 -91.06 -23.26 -54.76
C ALA AA 218 -91.37 -22.03 -55.59
N GLU AA 219 -91.90 -22.23 -56.80
CA GLU AA 219 -92.33 -21.10 -57.61
C GLU AA 219 -93.38 -20.28 -56.87
N LYS AA 220 -94.33 -20.94 -56.23
CA LYS AA 220 -95.29 -20.24 -55.40
C LYS AA 220 -94.60 -19.53 -54.24
N ILE AA 221 -93.64 -20.20 -53.61
CA ILE AA 221 -92.90 -19.58 -52.52
C ILE AA 221 -92.13 -18.38 -53.03
N PHE AA 222 -91.55 -18.48 -54.23
CA PHE AA 222 -90.92 -17.31 -54.84
C PHE AA 222 -91.94 -16.19 -55.01
N ASP AA 223 -93.15 -16.52 -55.43
CA ASP AA 223 -94.23 -15.55 -55.43
C ASP AA 223 -94.47 -15.01 -54.03
N ASP AA 224 -94.38 -15.88 -53.02
CA ASP AA 224 -94.48 -15.42 -51.65
C ASP AA 224 -93.35 -14.47 -51.30
N LEU AA 225 -92.17 -14.68 -51.90
CA LEU AA 225 -91.05 -13.77 -51.70
C LEU AA 225 -91.32 -12.40 -52.34
N GLY AA 226 -92.37 -12.29 -53.14
CA GLY AA 226 -92.62 -11.08 -53.90
C GLY AA 226 -91.97 -11.06 -55.26
N TRP AA 227 -91.17 -12.07 -55.60
CA TRP AA 227 -90.60 -12.16 -56.94
C TRP AA 227 -91.67 -12.58 -57.93
N GLY AA 228 -91.47 -12.20 -59.19
CA GLY AA 228 -92.44 -12.48 -60.21
C GLY AA 228 -91.80 -12.46 -61.59
N LEU AA 229 -92.67 -12.29 -62.59
CA LEU AA 229 -92.24 -12.34 -63.98
C LEU AA 229 -92.10 -10.93 -64.54
N ASP AA 230 -91.79 -10.83 -65.83
CA ASP AA 230 -91.68 -9.53 -66.48
C ASP AA 230 -93.00 -8.78 -66.29
N VAL AA 231 -92.95 -7.69 -65.52
CA VAL AA 231 -94.17 -6.96 -65.22
C VAL AA 231 -94.83 -6.44 -66.48
N SER AA 232 -94.06 -6.19 -67.54
CA SER AA 232 -94.68 -5.72 -68.77
C SER AA 232 -95.65 -6.74 -69.33
N ALA AA 233 -95.17 -7.90 -69.79
CA ALA AA 233 -96.08 -9.01 -70.07
C ALA AA 233 -95.74 -10.24 -69.23
N SER AA 234 -94.57 -10.83 -69.46
CA SER AA 234 -94.11 -12.01 -68.72
C SER AA 234 -92.79 -12.47 -69.32
N ILE AA 235 -92.14 -13.40 -68.59
CA ILE AA 235 -91.10 -14.25 -69.14
C ILE AA 235 -91.30 -15.64 -68.53
N ASP AA 236 -90.41 -16.57 -68.88
CA ASP AA 236 -90.59 -17.96 -68.50
C ASP AA 236 -89.29 -18.56 -67.96
N PRO AA 237 -89.09 -18.57 -66.64
CA PRO AA 237 -87.91 -19.26 -66.08
C PRO AA 237 -87.84 -20.72 -66.46
N ASP AA 238 -88.98 -21.41 -66.55
CA ASP AA 238 -88.94 -22.86 -66.73
C ASP AA 238 -88.23 -23.22 -68.03
N LYS AA 239 -88.52 -22.48 -69.12
CA LYS AA 239 -87.83 -22.73 -70.38
C LYS AA 239 -86.62 -21.81 -70.53
N ASP AA 240 -86.73 -20.56 -70.04
CA ASP AA 240 -85.64 -19.60 -70.22
C ASP AA 240 -84.62 -19.64 -69.08
N LYS AA 241 -85.01 -20.13 -67.91
CA LYS AA 241 -84.25 -19.97 -66.67
C LYS AA 241 -84.21 -18.51 -66.21
N LYS AA 242 -85.06 -17.66 -66.79
CA LYS AA 242 -85.20 -16.28 -66.35
C LYS AA 242 -85.95 -16.30 -65.02
N GLY AA 243 -85.21 -16.61 -63.96
CA GLY AA 243 -85.82 -16.82 -62.67
C GLY AA 243 -86.76 -15.69 -62.27
N TYR AA 244 -87.64 -16.00 -61.32
CA TYR AA 244 -88.55 -14.99 -60.80
C TYR AA 244 -87.76 -13.85 -60.21
N GLY AA 245 -88.31 -12.64 -60.31
CA GLY AA 245 -87.52 -11.46 -60.04
C GLY AA 245 -88.31 -10.18 -59.98
N ILE AA 246 -87.82 -9.15 -60.68
CA ILE AA 246 -88.24 -7.78 -60.46
C ILE AA 246 -89.62 -7.53 -61.05
N LYS AA 247 -90.66 -7.66 -60.22
CA LYS AA 247 -91.93 -7.05 -60.56
C LYS AA 247 -91.76 -5.54 -60.73
N ASP AA 248 -90.84 -4.96 -59.95
CA ASP AA 248 -90.31 -3.63 -60.19
C ASP AA 248 -88.80 -3.70 -60.01
N ALA AA 249 -88.08 -2.77 -60.63
CA ALA AA 249 -86.62 -2.84 -60.62
C ALA AA 249 -86.05 -2.83 -59.22
N SER AA 250 -86.81 -2.37 -58.23
CA SER AA 250 -86.29 -2.24 -56.87
C SER AA 250 -85.92 -3.57 -56.24
N LEU AA 251 -86.44 -4.69 -56.74
CA LEU AA 251 -86.12 -5.99 -56.13
C LEU AA 251 -84.71 -6.46 -56.46
N HIS AA 252 -84.00 -5.75 -57.32
CA HIS AA 252 -82.64 -6.13 -57.69
C HIS AA 252 -81.70 -5.21 -56.89
N ILE AA 253 -82.10 -4.91 -55.66
CA ILE AA 253 -81.35 -4.09 -54.71
C ILE AA 253 -81.01 -2.75 -55.37
N GLN AA 254 -79.73 -2.43 -55.50
CA GLN AA 254 -79.29 -1.16 -56.07
C GLN AA 254 -78.77 -1.33 -57.50
N THR AA 255 -79.10 -2.45 -58.15
CA THR AA 255 -79.00 -2.60 -59.60
C THR AA 255 -77.58 -2.41 -60.13
N ALA AA 256 -76.67 -3.35 -59.83
CA ALA AA 256 -75.34 -3.35 -60.43
C ALA AA 256 -75.42 -3.00 -61.91
N GLN AA 257 -74.52 -2.12 -62.36
CA GLN AA 257 -74.52 -1.65 -63.74
C GLN AA 257 -73.09 -1.29 -64.17
N ASN AA 258 -72.95 -0.47 -65.20
CA ASN AA 258 -71.68 -0.22 -65.88
C ASN AA 258 -70.68 0.46 -64.95
N ALA AA 259 -69.42 0.44 -65.40
CA ALA AA 259 -68.36 1.28 -64.84
C ALA AA 259 -67.98 2.32 -65.88
N GLU AA 260 -67.87 3.57 -65.47
CA GLU AA 260 -67.78 4.66 -66.44
C GLU AA 260 -66.80 5.72 -65.96
N PHE AA 261 -66.43 6.59 -66.89
CA PHE AA 261 -65.36 7.56 -66.72
C PHE AA 261 -65.70 8.79 -67.56
N THR AA 262 -64.70 9.63 -67.82
CA THR AA 262 -64.82 10.69 -68.82
C THR AA 262 -63.42 11.11 -69.23
N LEU AA 263 -63.27 11.41 -70.53
CA LEU AA 263 -62.00 11.84 -71.10
C LEU AA 263 -62.26 13.05 -72.01
N ASP AA 264 -62.23 14.24 -71.41
CA ASP AA 264 -62.34 15.52 -72.12
C ASP AA 264 -63.33 15.43 -73.28
N GLY AA 265 -64.58 15.08 -72.94
CA GLY AA 265 -65.63 14.97 -73.93
C GLY AA 265 -65.73 13.63 -74.60
N ILE AA 266 -65.07 12.60 -74.07
CA ILE AA 266 -65.12 11.26 -74.63
C ILE AA 266 -65.37 10.27 -73.49
N LYS AA 267 -66.23 9.28 -73.75
CA LYS AA 267 -66.76 8.41 -72.71
C LYS AA 267 -67.15 7.07 -73.34
N MET AA 268 -67.38 6.06 -72.50
CA MET AA 268 -67.88 4.77 -72.97
C MET AA 268 -68.10 3.84 -71.78
N PHE AA 269 -68.88 2.78 -72.02
CA PHE AA 269 -69.47 1.95 -70.97
C PHE AA 269 -68.96 0.51 -71.05
N ARG AA 270 -68.46 0.01 -69.92
CA ARG AA 270 -68.00 -1.37 -69.77
C ARG AA 270 -67.82 -1.66 -68.28
N SER AA 271 -68.34 -2.81 -67.84
CA SER AA 271 -68.14 -3.21 -66.44
C SER AA 271 -67.67 -4.65 -66.25
N SER AA 272 -68.18 -5.59 -67.03
CA SER AA 272 -68.16 -6.99 -66.62
C SER AA 272 -66.80 -7.62 -66.81
N ASN AA 273 -66.18 -8.04 -65.71
CA ASN AA 273 -64.94 -8.81 -65.70
C ASN AA 273 -63.75 -7.99 -66.21
N THR AA 274 -64.02 -6.80 -66.74
CA THR AA 274 -63.04 -6.08 -67.55
C THR AA 274 -63.60 -4.72 -67.91
N VAL AA 275 -62.70 -3.77 -68.14
CA VAL AA 275 -63.02 -2.56 -68.89
C VAL AA 275 -61.82 -2.30 -69.82
N THR AA 276 -61.86 -2.86 -71.03
CA THR AA 276 -60.66 -2.92 -71.86
C THR AA 276 -60.86 -2.43 -73.29
N ASP AA 277 -62.05 -2.63 -73.86
CA ASP AA 277 -62.20 -2.49 -75.30
C ASP AA 277 -62.52 -1.05 -75.68
N LEU AA 278 -62.04 -0.11 -74.87
CA LEU AA 278 -62.32 1.30 -75.05
C LEU AA 278 -61.51 1.85 -76.23
N GLY AA 279 -61.66 1.25 -77.41
CA GLY AA 279 -60.83 1.63 -78.54
C GLY AA 279 -59.39 1.23 -78.30
N VAL AA 280 -59.12 -0.08 -78.30
CA VAL AA 280 -57.86 -0.60 -77.78
C VAL AA 280 -56.66 -0.10 -78.57
N GLY AA 281 -55.47 -0.31 -78.01
CA GLY AA 281 -54.22 0.20 -78.56
C GLY AA 281 -53.64 1.27 -77.67
N MET AA 282 -54.49 2.19 -77.22
CA MET AA 282 -54.23 3.01 -76.05
C MET AA 282 -55.54 3.10 -75.28
N THR AA 283 -55.59 2.47 -74.11
CA THR AA 283 -56.88 2.18 -73.49
C THR AA 283 -56.84 2.55 -72.02
N LEU AA 284 -58.04 2.71 -71.46
CA LEU AA 284 -58.25 3.02 -70.05
C LEU AA 284 -58.93 1.85 -69.39
N THR AA 285 -58.56 1.58 -68.13
CA THR AA 285 -59.14 0.50 -67.36
C THR AA 285 -59.48 1.00 -65.97
N LEU AA 286 -60.54 0.44 -65.38
CA LEU AA 286 -61.15 1.00 -64.18
C LEU AA 286 -61.25 -0.07 -63.10
N ASN AA 287 -60.73 0.24 -61.91
CA ASN AA 287 -61.03 -0.51 -60.71
C ASN AA 287 -61.33 0.36 -59.49
N LYS AA 288 -60.91 1.61 -59.45
CA LYS AA 288 -61.10 2.46 -58.27
C LYS AA 288 -61.21 3.92 -58.70
N THR AA 289 -61.84 4.71 -57.84
CA THR AA 289 -61.99 6.14 -58.08
C THR AA 289 -60.61 6.78 -58.23
N GLY AA 290 -60.48 7.71 -59.19
CA GLY AA 290 -59.20 8.33 -59.44
C GLY AA 290 -59.31 9.58 -60.27
N GLU AA 291 -58.26 10.40 -60.22
CA GLU AA 291 -58.12 11.60 -61.03
C GLU AA 291 -56.62 11.79 -61.29
N ILE AA 292 -56.25 12.10 -62.54
CA ILE AA 292 -54.85 12.11 -62.90
C ILE AA 292 -54.64 12.93 -64.18
N ASN AA 293 -53.40 13.39 -64.35
CA ASN AA 293 -52.94 14.03 -65.58
C ASN AA 293 -51.56 13.47 -65.92
N PHE AA 294 -51.25 13.43 -67.22
CA PHE AA 294 -49.96 12.94 -67.70
C PHE AA 294 -49.41 13.90 -68.75
N ASP AA 295 -48.13 13.72 -69.08
CA ASP AA 295 -47.50 14.42 -70.19
C ASP AA 295 -46.41 13.52 -70.76
N VAL AA 296 -46.08 13.73 -72.04
CA VAL AA 296 -45.26 12.77 -72.79
C VAL AA 296 -43.83 13.29 -72.90
N GLN AA 297 -42.88 12.36 -72.82
CA GLN AA 297 -41.47 12.61 -73.09
C GLN AA 297 -40.98 11.43 -73.94
N GLN AA 298 -39.66 11.32 -74.12
CA GLN AA 298 -39.13 10.37 -75.09
C GLN AA 298 -38.10 9.41 -74.45
N ASP AA 299 -38.08 9.33 -73.13
CA ASP AA 299 -37.51 8.18 -72.43
C ASP AA 299 -35.98 8.13 -72.39
N PHE AA 300 -35.30 9.03 -73.10
CA PHE AA 300 -33.83 9.02 -73.07
C PHE AA 300 -33.30 9.55 -71.75
N GLU AA 301 -34.06 10.41 -71.07
CA GLU AA 301 -33.57 11.08 -69.88
C GLU AA 301 -33.30 10.11 -68.75
N GLY AA 302 -33.77 8.87 -68.87
CA GLY AA 302 -33.49 7.89 -67.83
C GLY AA 302 -32.01 7.68 -67.62
N VAL AA 303 -31.25 7.58 -68.71
CA VAL AA 303 -29.83 7.25 -68.59
C VAL AA 303 -28.99 8.51 -68.41
N THR AA 304 -29.43 9.65 -68.94
CA THR AA 304 -28.63 10.86 -68.81
C THR AA 304 -28.43 11.22 -67.34
N LYS AA 305 -29.42 10.92 -66.50
CA LYS AA 305 -29.28 11.14 -65.07
C LYS AA 305 -28.52 9.98 -64.42
N ALA AA 306 -28.94 8.75 -64.70
CA ALA AA 306 -28.30 7.59 -64.09
C ALA AA 306 -26.80 7.58 -64.35
N MET AA 307 -26.37 8.11 -65.50
CA MET AA 307 -24.95 8.01 -65.85
C MET AA 307 -24.13 9.07 -65.15
N GLN AA 308 -24.69 10.28 -64.99
CA GLN AA 308 -24.07 11.24 -64.07
C GLN AA 308 -23.97 10.63 -62.68
N ASP AA 309 -24.99 9.88 -62.27
CA ASP AA 309 -24.91 9.17 -60.99
C ASP AA 309 -23.74 8.19 -60.99
N LEU AA 310 -23.55 7.48 -62.10
CA LEU AA 310 -22.38 6.62 -62.21
C LEU AA 310 -21.09 7.43 -62.16
N VAL AA 311 -21.08 8.58 -62.84
CA VAL AA 311 -19.92 9.47 -62.77
C VAL AA 311 -19.61 9.81 -61.33
N ASP AA 312 -20.63 10.17 -60.57
CA ASP AA 312 -20.43 10.48 -59.15
C ASP AA 312 -19.94 9.26 -58.39
N ALA AA 313 -20.52 8.09 -58.69
CA ALA AA 313 -20.11 6.87 -57.99
C ALA AA 313 -18.63 6.59 -58.21
N TYR AA 314 -18.16 6.74 -59.45
CA TYR AA 314 -16.74 6.54 -59.71
C TYR AA 314 -15.90 7.47 -58.85
N ASN AA 315 -16.25 8.76 -58.84
CA ASN AA 315 -15.46 9.75 -58.15
C ASN AA 315 -15.24 9.36 -56.69
N ASP AA 316 -16.31 8.92 -56.02
CA ASP AA 316 -16.16 8.43 -54.65
C ASP AA 316 -15.29 7.18 -54.60
N LEU AA 317 -15.49 6.27 -55.55
CA LEU AA 317 -14.81 4.98 -55.47
C LEU AA 317 -13.30 5.14 -55.55
N VAL AA 318 -12.81 5.84 -56.57
CA VAL AA 318 -11.38 6.05 -56.68
C VAL AA 318 -10.89 6.93 -55.54
N THR AA 319 -11.67 7.93 -55.15
CA THR AA 319 -11.33 8.73 -53.99
C THR AA 319 -11.09 7.85 -52.77
N ASN AA 320 -12.01 6.93 -52.51
CA ASN AA 320 -11.81 5.97 -51.43
C ASN AA 320 -10.58 5.11 -51.68
N LEU AA 321 -10.44 4.61 -52.90
CA LEU AA 321 -9.27 3.80 -53.24
C LEU AA 321 -8.00 4.60 -53.06
N ASN AA 322 -7.99 5.84 -53.53
CA ASN AA 322 -6.81 6.69 -53.41
C ASN AA 322 -6.46 6.94 -51.96
N ALA AA 323 -7.47 7.21 -51.12
CA ALA AA 323 -7.20 7.54 -49.73
C ALA AA 323 -6.50 6.39 -49.01
N ALA AA 324 -6.96 5.16 -49.24
CA ALA AA 324 -6.42 4.02 -48.50
C ALA AA 324 -5.06 3.59 -49.06
N THR AA 325 -4.85 3.72 -50.36
CA THR AA 325 -3.61 3.21 -50.97
C THR AA 325 -2.70 4.21 -51.69
N ASP AA 326 -2.72 5.47 -51.27
CA ASP AA 326 -1.87 6.48 -51.92
C ASP AA 326 -0.91 7.13 -50.96
N TYR AA 327 -0.47 6.39 -49.96
CA TYR AA 327 0.42 6.98 -48.99
C TYR AA 327 1.55 6.06 -48.58
N ASN AA 328 2.74 6.35 -49.05
CA ASN AA 328 3.91 5.58 -48.61
C ASN AA 328 5.10 6.52 -48.41
N SER AA 329 4.88 7.61 -47.68
CA SER AA 329 5.80 8.74 -47.72
C SER AA 329 7.07 8.45 -46.93
N GLU AA 330 7.93 9.46 -46.91
CA GLU AA 330 9.00 9.52 -45.91
C GLU AA 330 8.41 9.72 -44.53
N THR AA 331 9.19 9.41 -43.50
CA THR AA 331 8.77 9.25 -42.12
C THR AA 331 8.14 7.88 -41.89
N GLY AA 332 7.98 7.05 -42.92
CA GLY AA 332 7.44 5.72 -42.77
C GLY AA 332 5.95 5.67 -42.56
N THR AA 333 5.29 6.81 -42.46
CA THR AA 333 3.84 6.81 -42.32
C THR AA 333 3.20 6.36 -43.62
N LYS AA 334 2.23 5.46 -43.52
CA LYS AA 334 1.72 4.72 -44.67
C LYS AA 334 0.19 4.72 -44.70
N GLY AA 335 -0.36 4.57 -45.90
CA GLY AA 335 -1.80 4.51 -46.05
C GLY AA 335 -2.38 3.21 -45.53
N THR AA 336 -3.70 3.21 -45.34
CA THR AA 336 -4.37 2.05 -44.73
C THR AA 336 -4.22 0.79 -45.56
N LEU AA 337 -4.07 0.91 -46.88
CA LEU AA 337 -3.92 -0.25 -47.75
C LEU AA 337 -2.70 -0.14 -48.65
N GLN AA 338 -1.79 0.79 -48.37
CA GLN AA 338 -0.59 0.94 -49.19
C GLN AA 338 0.44 -0.13 -48.83
N GLY AA 339 1.19 -0.57 -49.85
CA GLY AA 339 2.28 -1.50 -49.64
C GLY AA 339 2.29 -2.68 -50.59
N ILE AA 340 1.20 -2.89 -51.32
CA ILE AA 340 1.04 -4.05 -52.20
C ILE AA 340 1.08 -3.55 -53.64
N SER AA 341 2.00 -4.12 -54.43
CA SER AA 341 2.11 -3.74 -55.84
C SER AA 341 0.89 -4.19 -56.63
N GLU AA 342 0.34 -5.36 -56.32
CA GLU AA 342 -0.80 -5.86 -57.07
C GLU AA 342 -1.98 -4.90 -56.99
N VAL AA 343 -2.24 -4.36 -55.79
CA VAL AA 343 -3.35 -3.43 -55.62
C VAL AA 343 -3.13 -2.20 -56.48
N ASN AA 344 -1.92 -1.64 -56.44
CA ASN AA 344 -1.65 -0.40 -57.17
C ASN AA 344 -1.69 -0.61 -58.67
N SER AA 345 -1.09 -1.70 -59.16
CA SER AA 345 -1.13 -1.98 -60.59
C SER AA 345 -2.56 -2.18 -61.07
N ILE AA 346 -3.43 -2.73 -60.23
CA ILE AA 346 -4.83 -2.89 -60.59
C ILE AA 346 -5.47 -1.54 -60.83
N ARG AA 347 -5.17 -0.56 -59.96
CA ARG AA 347 -5.71 0.78 -60.14
C ARG AA 347 -5.27 1.36 -61.48
N SER AA 348 -3.99 1.20 -61.81
CA SER AA 348 -3.50 1.70 -63.10
C SER AA 348 -4.23 1.02 -64.25
N SER AA 349 -4.39 -0.31 -64.16
CA SER AA 349 -5.13 -1.03 -65.19
C SER AA 349 -6.57 -0.55 -65.26
N ILE AA 350 -7.20 -0.34 -64.09
CA ILE AA 350 -8.57 0.15 -64.07
C ILE AA 350 -8.67 1.48 -64.78
N LEU AA 351 -7.78 2.42 -64.44
CA LEU AA 351 -7.80 3.72 -65.09
C LEU AA 351 -7.49 3.59 -66.58
N ALA AA 352 -6.64 2.62 -66.95
CA ALA AA 352 -6.46 2.32 -68.36
C ALA AA 352 -7.76 1.80 -68.97
N ASP AA 353 -8.49 0.95 -68.24
CA ASP AA 353 -9.76 0.44 -68.73
C ASP AA 353 -10.84 1.51 -68.75
N LEU AA 354 -10.60 2.64 -68.09
CA LEU AA 354 -11.68 3.58 -67.83
C LEU AA 354 -12.25 4.19 -69.11
N PHE AA 355 -11.49 4.23 -70.20
CA PHE AA 355 -11.92 4.91 -71.40
C PHE AA 355 -11.69 4.02 -72.61
N ASP AA 356 -12.35 4.38 -73.72
CA ASP AA 356 -12.35 3.54 -74.91
C ASP AA 356 -12.95 4.32 -76.07
N SER AA 357 -12.77 3.78 -77.27
CA SER AA 357 -13.70 3.99 -78.37
C SER AA 357 -14.74 2.89 -78.24
N GLN AA 358 -15.51 2.61 -79.28
CA GLN AA 358 -16.30 1.39 -79.23
C GLN AA 358 -16.58 0.87 -80.62
N VAL AA 359 -16.62 -0.47 -80.72
CA VAL AA 359 -17.09 -1.15 -81.92
C VAL AA 359 -18.60 -0.97 -81.96
N VAL AA 360 -19.06 -0.07 -82.83
CA VAL AA 360 -20.43 0.42 -82.78
C VAL AA 360 -21.12 0.21 -84.12
N ASP AA 361 -22.43 0.04 -84.05
CA ASP AA 361 -23.31 0.18 -85.21
C ASP AA 361 -24.01 1.52 -85.10
N GLY AA 362 -23.57 2.49 -85.89
CA GLY AA 362 -24.12 3.82 -85.80
C GLY AA 362 -23.52 4.75 -86.83
N THR AA 363 -24.11 5.94 -86.92
CA THR AA 363 -23.76 6.94 -87.90
C THR AA 363 -23.99 8.33 -87.31
N THR AA 364 -24.10 9.34 -88.15
CA THR AA 364 -24.56 10.66 -87.72
C THR AA 364 -25.64 11.12 -88.67
N GLU AA 365 -26.25 12.26 -88.34
CA GLU AA 365 -27.35 12.81 -89.12
C GLU AA 365 -27.02 14.23 -89.55
N ASP AA 366 -27.41 14.56 -90.78
CA ASP AA 366 -27.17 15.90 -91.33
C ASP AA 366 -28.16 16.12 -92.47
N ALA AA 367 -28.38 17.39 -92.79
CA ALA AA 367 -29.28 17.74 -93.88
C ALA AA 367 -28.84 17.12 -95.21
N ASN AA 368 -27.54 16.87 -95.37
CA ASN AA 368 -27.01 16.26 -96.59
C ASN AA 368 -26.71 14.78 -96.42
N GLY AA 369 -27.05 14.19 -95.27
CA GLY AA 369 -26.85 12.77 -95.08
C GLY AA 369 -25.42 12.36 -94.81
N ASN AA 370 -24.61 13.22 -94.21
CA ASN AA 370 -23.22 12.90 -93.95
C ASN AA 370 -23.10 11.80 -92.91
N LYS AA 371 -22.22 10.84 -93.17
CA LYS AA 371 -21.92 9.76 -92.24
C LYS AA 371 -20.48 9.33 -92.44
N VAL AA 372 -19.84 8.86 -91.36
CA VAL AA 372 -18.40 8.62 -91.35
C VAL AA 372 -18.09 7.35 -90.58
N ASN AA 373 -16.84 6.92 -90.67
CA ASN AA 373 -16.29 5.79 -89.93
C ASN AA 373 -15.16 6.27 -89.03
N THR AA 374 -14.40 5.32 -88.48
CA THR AA 374 -13.25 5.66 -87.65
C THR AA 374 -12.18 6.42 -88.42
N LYS AA 375 -12.26 6.45 -89.76
CA LYS AA 375 -11.35 7.29 -90.55
C LYS AA 375 -11.22 8.67 -89.92
N VAL AA 376 -12.29 9.16 -89.31
CA VAL AA 376 -12.25 10.32 -88.43
C VAL AA 376 -12.38 9.79 -87.01
N MET AA 377 -11.40 10.10 -86.17
CA MET AA 377 -11.15 9.38 -84.92
C MET AA 377 -11.74 10.16 -83.75
N LEU AA 378 -12.47 9.45 -82.88
CA LEU AA 378 -13.06 10.04 -81.69
C LEU AA 378 -13.19 8.95 -80.65
N SER AA 379 -13.45 9.34 -79.40
CA SER AA 379 -13.43 8.41 -78.29
C SER AA 379 -14.53 8.77 -77.29
N MET AA 380 -14.72 7.87 -76.30
CA MET AA 380 -15.67 8.16 -75.22
C MET AA 380 -15.36 9.48 -74.56
N GLN AA 381 -14.09 9.84 -74.46
CA GLN AA 381 -13.71 11.15 -73.93
C GLN AA 381 -14.36 12.25 -74.76
N ASP AA 382 -14.23 12.17 -76.08
CA ASP AA 382 -14.81 13.18 -76.95
C ASP AA 382 -16.32 13.18 -76.89
N PHE AA 383 -16.93 12.05 -76.52
CA PHE AA 383 -18.39 11.98 -76.46
C PHE AA 383 -18.97 12.77 -75.30
N GLY AA 384 -18.14 13.36 -74.43
CA GLY AA 384 -18.62 14.30 -73.44
C GLY AA 384 -18.24 13.97 -72.02
N LEU AA 385 -17.26 13.08 -71.83
CA LEU AA 385 -16.86 12.62 -70.50
C LEU AA 385 -15.39 12.92 -70.30
N SER AA 386 -15.03 13.36 -69.09
CA SER AA 386 -13.68 13.77 -68.79
C SER AA 386 -13.29 13.35 -67.38
N LEU AA 387 -12.00 13.09 -67.19
CA LEU AA 387 -11.42 12.80 -65.89
C LEU AA 387 -10.44 13.90 -65.51
N ASN AA 388 -10.40 14.22 -64.22
CA ASN AA 388 -9.44 15.17 -63.68
C ASN AA 388 -8.36 14.41 -62.90
N ASP AA 389 -7.20 15.04 -62.74
CA ASP AA 389 -6.11 14.43 -62.00
C ASP AA 389 -6.48 14.16 -60.55
N ALA AA 390 -7.54 14.79 -60.04
CA ALA AA 390 -8.04 14.47 -58.70
C ALA AA 390 -8.70 13.11 -58.62
N GLY AA 391 -8.74 12.35 -59.71
CA GLY AA 391 -9.31 11.01 -59.68
C GLY AA 391 -10.82 10.96 -59.81
N THR AA 392 -11.43 11.98 -60.39
CA THR AA 392 -12.88 12.07 -60.49
C THR AA 392 -13.27 12.44 -61.92
N LEU AA 393 -14.43 11.94 -62.33
CA LEU AA 393 -14.97 12.18 -63.66
C LEU AA 393 -15.95 13.34 -63.67
N SER AA 394 -16.07 13.98 -64.84
CA SER AA 394 -16.99 15.08 -65.06
C SER AA 394 -17.65 14.87 -66.41
N PHE AA 395 -18.87 15.40 -66.58
CA PHE AA 395 -19.64 15.09 -67.77
C PHE AA 395 -20.53 16.26 -68.17
N ASP AA 396 -20.97 16.24 -69.43
CA ASP AA 396 -21.88 17.25 -69.99
C ASP AA 396 -23.06 16.53 -70.66
N SER AA 397 -24.27 16.72 -70.13
CA SER AA 397 -25.44 16.05 -70.67
C SER AA 397 -25.80 16.52 -72.06
N SER AA 398 -25.58 17.81 -72.37
CA SER AA 398 -25.86 18.27 -73.72
C SER AA 398 -25.17 17.41 -74.76
N LYS AA 399 -23.99 16.88 -74.42
CA LYS AA 399 -23.34 15.91 -75.29
C LYS AA 399 -24.13 14.61 -75.33
N PHE AA 400 -24.65 14.16 -74.19
CA PHE AA 400 -25.50 12.97 -74.17
C PHE AA 400 -26.68 13.15 -75.11
N GLU AA 401 -27.37 14.29 -75.00
CA GLU AA 401 -28.47 14.58 -75.91
C GLU AA 401 -27.96 14.66 -77.34
N GLN AA 402 -26.81 15.30 -77.54
CA GLN AA 402 -26.27 15.44 -78.88
C GLN AA 402 -26.09 14.09 -79.54
N LYS AA 403 -25.39 13.17 -78.85
CA LYS AA 403 -25.08 11.88 -79.46
C LYS AA 403 -26.33 11.07 -79.77
N VAL AA 404 -27.30 11.08 -78.84
CA VAL AA 404 -28.55 10.36 -79.08
C VAL AA 404 -29.27 10.95 -80.28
N LYS AA 405 -29.48 12.27 -80.26
CA LYS AA 405 -30.15 12.91 -81.40
C LYS AA 405 -29.29 12.83 -82.64
N GLU AA 406 -27.97 13.00 -82.48
CA GLU AA 406 -27.04 12.68 -83.56
C GLU AA 406 -27.25 11.25 -84.02
N ASP AA 407 -27.08 10.29 -83.13
CA ASP AA 407 -27.28 8.88 -83.47
C ASP AA 407 -27.56 8.02 -82.25
N PRO AA 408 -28.81 7.61 -82.01
CA PRO AA 408 -29.05 6.68 -80.90
C PRO AA 408 -28.29 5.38 -81.03
N ASP AA 409 -28.14 4.86 -82.25
CA ASP AA 409 -27.54 3.54 -82.41
C ASP AA 409 -26.11 3.50 -81.86
N SER AA 410 -25.27 4.44 -82.29
CA SER AA 410 -23.94 4.54 -81.72
C SER AA 410 -24.00 4.85 -80.23
N THR AA 411 -24.97 5.66 -79.82
CA THR AA 411 -25.12 5.96 -78.41
C THR AA 411 -25.44 4.69 -77.61
N GLU AA 412 -26.37 3.87 -78.11
CA GLU AA 412 -26.58 2.57 -77.52
C GLU AA 412 -25.33 1.71 -77.67
N SER AA 413 -24.61 1.91 -78.78
CA SER AA 413 -23.44 1.11 -79.05
C SER AA 413 -22.41 1.22 -77.93
N PHE AA 414 -22.45 2.32 -77.18
CA PHE AA 414 -21.52 2.48 -76.06
C PHE AA 414 -21.91 1.60 -74.88
N PHE AA 415 -23.20 1.55 -74.55
CA PHE AA 415 -23.69 0.69 -73.49
C PHE AA 415 -23.74 -0.76 -73.94
N SER AA 416 -24.43 -1.00 -75.05
CA SER AA 416 -24.66 -2.31 -75.66
C SER AA 416 -24.41 -2.10 -77.15
N ASN AA 417 -24.77 -3.03 -78.03
CA ASN AA 417 -24.99 -2.61 -79.42
C ASN AA 417 -26.37 -2.91 -79.99
N ILE AA 418 -26.80 -4.18 -80.00
CA ILE AA 418 -27.99 -4.55 -80.75
C ILE AA 418 -28.62 -5.80 -80.15
N THR AA 419 -29.90 -6.01 -80.47
CA THR AA 419 -30.59 -7.25 -80.14
C THR AA 419 -30.07 -8.36 -81.02
N LYS AA 420 -29.85 -9.53 -80.43
CA LYS AA 420 -29.33 -10.70 -81.14
C LYS AA 420 -30.37 -11.80 -81.13
N TYR AA 421 -30.68 -12.33 -82.31
CA TYR AA 421 -31.57 -13.47 -82.46
C TYR AA 421 -30.75 -14.75 -82.57
N GLU AA 422 -31.45 -15.87 -82.53
CA GLU AA 422 -30.83 -17.14 -82.87
C GLU AA 422 -30.37 -17.12 -84.32
N ASP AA 423 -29.22 -17.71 -84.59
CA ASP AA 423 -28.74 -17.78 -85.97
C ASP AA 423 -29.79 -18.44 -86.84
N ILE AA 424 -30.06 -17.84 -88.00
CA ILE AA 424 -31.14 -18.28 -88.85
C ILE AA 424 -30.65 -19.44 -89.71
N ASN AA 425 -30.76 -20.65 -89.17
CA ASN AA 425 -30.30 -21.86 -89.83
C ASN AA 425 -31.45 -22.86 -89.87
N HIS AA 426 -31.86 -23.24 -91.08
CA HIS AA 426 -32.89 -24.24 -91.26
C HIS AA 426 -32.82 -24.74 -92.70
N THR AA 427 -33.34 -25.94 -92.93
CA THR AA 427 -33.11 -26.66 -94.17
C THR AA 427 -34.43 -27.02 -94.86
N GLY AA 428 -34.48 -26.79 -96.17
CA GLY AA 428 -35.45 -27.46 -97.01
C GLY AA 428 -34.96 -28.88 -97.23
N GLU AA 429 -35.59 -29.84 -96.55
CA GLU AA 429 -34.91 -31.10 -96.28
C GLU AA 429 -34.87 -32.05 -97.47
N VAL AA 430 -35.93 -32.17 -98.26
CA VAL AA 430 -35.99 -33.19 -99.29
C VAL AA 430 -36.63 -32.66 -100.56
N ILE AA 431 -35.82 -32.52 -101.61
CA ILE AA 431 -36.30 -32.15 -102.94
C ILE AA 431 -35.48 -32.92 -103.97
N LYS AA 432 -36.14 -33.29 -105.07
CA LYS AA 432 -35.48 -33.96 -106.18
C LYS AA 432 -36.29 -33.72 -107.44
N THR AA 433 -35.62 -33.81 -108.59
CA THR AA 433 -36.30 -33.65 -109.86
C THR AA 433 -37.34 -34.73 -110.06
N GLY AA 434 -38.46 -34.36 -110.69
CA GLY AA 434 -39.53 -35.30 -110.95
C GLY AA 434 -40.51 -35.49 -109.81
N SER AA 435 -40.47 -34.64 -108.78
CA SER AA 435 -41.41 -34.76 -107.67
C SER AA 435 -42.72 -34.07 -107.98
N LEU AA 436 -42.65 -32.84 -108.51
CA LEU AA 436 -43.84 -32.08 -108.87
C LEU AA 436 -43.68 -31.40 -110.22
N SER AA 437 -42.80 -31.91 -111.09
CA SER AA 437 -42.34 -31.15 -112.24
C SER AA 437 -43.49 -30.69 -113.14
N LYS AA 438 -44.59 -31.43 -113.21
CA LYS AA 438 -45.67 -31.07 -114.11
C LYS AA 438 -46.84 -30.38 -113.41
N TYR AA 439 -47.02 -30.57 -112.11
CA TYR AA 439 -47.75 -29.55 -111.35
C TYR AA 439 -46.94 -28.26 -111.33
N LEU AA 440 -45.63 -28.38 -111.11
CA LEU AA 440 -44.70 -27.33 -111.48
C LEU AA 440 -44.78 -27.12 -112.99
N ASN AA 441 -44.26 -25.98 -113.44
CA ASN AA 441 -44.41 -25.59 -114.83
C ASN AA 441 -43.21 -26.02 -115.68
N SER AA 442 -43.03 -27.34 -115.82
CA SER AA 442 -42.00 -27.85 -116.71
C SER AA 442 -42.30 -27.50 -118.16
N ASN AA 443 -43.51 -27.02 -118.45
CA ASN AA 443 -43.86 -26.54 -119.78
C ASN AA 443 -43.08 -25.31 -120.20
N GLY AA 444 -42.26 -24.74 -119.32
CA GLY AA 444 -41.48 -23.56 -119.65
C GLY AA 444 -42.21 -22.28 -119.33
N GLY AA 445 -43.53 -22.28 -119.51
CA GLY AA 445 -44.34 -21.11 -119.25
C GLY AA 445 -45.02 -21.14 -117.90
N ASN AA 446 -46.36 -20.98 -117.91
CA ASN AA 446 -47.12 -20.93 -116.68
C ASN AA 446 -48.43 -21.72 -116.79
N THR AA 447 -48.43 -22.84 -117.51
CA THR AA 447 -49.66 -23.57 -117.80
C THR AA 447 -50.04 -24.57 -116.72
N ASN AA 448 -49.17 -24.82 -115.73
CA ASN AA 448 -49.38 -25.88 -114.77
C ASN AA 448 -49.62 -25.30 -113.39
N GLY AA 449 -50.29 -26.08 -112.53
CA GLY AA 449 -50.67 -25.63 -111.22
C GLY AA 449 -50.50 -26.72 -110.19
N LEU AA 450 -50.59 -26.31 -108.92
CA LEU AA 450 -50.50 -27.21 -107.78
C LEU AA 450 -51.49 -26.77 -106.70
N GLU AA 451 -52.03 -27.74 -105.97
CA GLU AA 451 -53.07 -27.46 -104.99
C GLU AA 451 -52.49 -26.87 -103.71
N PHE AA 452 -53.22 -25.93 -103.12
CA PHE AA 452 -52.81 -25.32 -101.85
C PHE AA 452 -54.03 -24.75 -101.14
N LYS AA 453 -53.96 -24.75 -99.82
CA LYS AA 453 -54.79 -23.87 -99.00
C LYS AA 453 -54.03 -22.56 -98.78
N PRO AA 454 -54.68 -21.41 -98.87
CA PRO AA 454 -53.94 -20.14 -98.82
C PRO AA 454 -53.05 -20.07 -97.59
N GLY AA 455 -51.81 -19.63 -97.81
CA GLY AA 455 -50.84 -19.63 -96.74
C GLY AA 455 -50.20 -20.98 -96.48
N ASP AA 456 -50.37 -21.94 -97.39
CA ASP AA 456 -49.66 -23.22 -97.26
C ASP AA 456 -48.17 -23.08 -97.49
N PHE AA 457 -47.72 -21.97 -98.08
CA PHE AA 457 -46.32 -21.80 -98.46
C PHE AA 457 -46.04 -20.32 -98.64
N THR AA 458 -45.20 -19.76 -97.78
CA THR AA 458 -45.10 -18.31 -97.61
C THR AA 458 -43.82 -17.97 -96.85
N ILE AA 459 -43.35 -16.73 -97.03
CA ILE AA 459 -42.25 -16.16 -96.25
C ILE AA 459 -42.81 -15.11 -95.30
N VAL AA 460 -42.14 -14.93 -94.17
CA VAL AA 460 -42.42 -13.83 -93.24
C VAL AA 460 -41.10 -13.15 -92.90
N PHE AA 461 -41.03 -11.85 -93.13
CA PHE AA 461 -39.83 -11.07 -92.87
C PHE AA 461 -40.23 -9.74 -92.26
N ASN AA 462 -39.56 -9.37 -91.15
CA ASN AA 462 -39.94 -8.21 -90.36
C ASN AA 462 -41.38 -8.35 -89.87
N ASN AA 463 -41.81 -9.60 -89.68
CA ASN AA 463 -43.18 -9.93 -89.31
C ASN AA 463 -44.15 -9.65 -90.46
N GLN AA 464 -43.63 -9.11 -91.57
CA GLN AA 464 -44.44 -8.90 -92.74
C GLN AA 464 -44.33 -10.11 -93.67
N THR AA 465 -45.45 -10.44 -94.31
CA THR AA 465 -45.45 -11.54 -95.27
C THR AA 465 -44.68 -11.11 -96.52
N TYR AA 466 -43.94 -12.05 -97.10
CA TYR AA 466 -43.06 -11.74 -98.21
C TYR AA 466 -43.34 -12.69 -99.37
N ASP AA 467 -42.76 -12.35 -100.52
CA ASP AA 467 -43.28 -12.78 -101.82
C ASP AA 467 -42.63 -14.07 -102.31
N LEU AA 468 -43.41 -14.85 -103.05
CA LEU AA 468 -42.94 -16.07 -103.69
C LEU AA 468 -43.51 -16.19 -105.10
N SER AA 469 -43.49 -15.09 -105.86
CA SER AA 469 -44.25 -15.02 -107.11
C SER AA 469 -43.49 -14.40 -108.28
N LYS AA 470 -42.16 -14.50 -108.32
CA LYS AA 470 -41.43 -14.09 -109.52
C LYS AA 470 -40.09 -14.80 -109.58
N ASN AA 471 -39.60 -15.01 -110.80
CA ASN AA 471 -38.26 -15.53 -110.99
C ASN AA 471 -37.22 -14.50 -110.55
N SER AA 472 -36.18 -14.97 -109.86
CA SER AA 472 -35.00 -14.16 -109.67
C SER AA 472 -34.20 -14.05 -110.96
N ASP AA 473 -34.30 -15.04 -111.84
CA ASP AA 473 -33.71 -14.96 -113.18
C ASP AA 473 -34.59 -14.18 -114.16
N GLY AA 474 -35.81 -13.82 -113.77
CA GLY AA 474 -36.66 -12.96 -114.58
C GLY AA 474 -37.55 -13.68 -115.57
N THR AA 475 -37.49 -15.00 -115.66
CA THR AA 475 -38.26 -15.73 -116.66
C THR AA 475 -39.69 -15.97 -116.15
N ASN AA 476 -40.43 -16.80 -116.86
CA ASN AA 476 -41.81 -17.09 -116.49
C ASN AA 476 -41.85 -17.78 -115.14
N PHE AA 477 -42.70 -17.28 -114.24
CA PHE AA 477 -42.73 -17.76 -112.87
C PHE AA 477 -44.16 -17.96 -112.38
N LYS AA 478 -44.28 -18.81 -111.37
CA LYS AA 478 -45.49 -18.97 -110.59
C LYS AA 478 -45.07 -19.51 -109.21
N LEU AA 479 -46.01 -19.44 -108.25
CA LEU AA 479 -45.72 -20.01 -106.94
C LEU AA 479 -45.37 -21.49 -107.07
N THR AA 480 -46.07 -22.20 -107.95
CA THR AA 480 -45.68 -23.56 -108.37
C THR AA 480 -44.87 -23.48 -109.65
N GLY AA 481 -43.62 -23.04 -109.49
CA GLY AA 481 -42.78 -22.63 -110.60
C GLY AA 481 -42.46 -23.72 -111.59
N LYS AA 482 -41.46 -23.46 -112.46
CA LYS AA 482 -41.18 -24.36 -113.57
C LYS AA 482 -40.76 -25.74 -113.07
N THR AA 483 -39.77 -25.80 -112.20
CA THR AA 483 -39.21 -27.08 -111.77
C THR AA 483 -38.70 -26.96 -110.34
N GLU AA 484 -38.43 -28.12 -109.74
CA GLU AA 484 -37.93 -28.17 -108.38
C GLU AA 484 -36.59 -27.46 -108.27
N GLU AA 485 -35.66 -27.76 -109.17
CA GLU AA 485 -34.33 -27.16 -109.11
C GLU AA 485 -34.40 -25.65 -109.35
N GLU AA 486 -35.22 -25.22 -110.31
CA GLU AA 486 -35.29 -23.79 -110.63
C GLU AA 486 -35.84 -22.99 -109.45
N LEU AA 487 -36.98 -23.42 -108.91
CA LEU AA 487 -37.62 -22.67 -107.84
C LEU AA 487 -36.65 -22.39 -106.71
N LEU AA 488 -35.98 -23.43 -106.23
CA LEU AA 488 -35.18 -23.29 -105.02
C LEU AA 488 -33.85 -22.61 -105.30
N GLN AA 489 -33.32 -22.77 -106.52
CA GLN AA 489 -32.16 -21.99 -106.93
C GLN AA 489 -32.49 -20.51 -107.01
N ASN AA 490 -33.67 -20.16 -107.53
CA ASN AA 490 -34.03 -18.75 -107.64
C ASN AA 490 -34.09 -18.06 -106.28
N LEU AA 491 -34.65 -18.74 -105.27
CA LEU AA 491 -34.75 -18.11 -103.95
C LEU AA 491 -33.38 -17.70 -103.44
N ALA AA 492 -32.42 -18.62 -103.46
CA ALA AA 492 -31.06 -18.26 -103.08
C ALA AA 492 -30.54 -17.12 -103.96
N ASN AA 493 -30.85 -17.16 -105.25
CA ASN AA 493 -30.51 -16.05 -106.12
C ASN AA 493 -31.24 -14.78 -105.68
N HIS AA 494 -32.47 -14.92 -105.21
CA HIS AA 494 -33.26 -13.75 -104.81
C HIS AA 494 -32.60 -13.01 -103.67
N ILE AA 495 -32.28 -13.71 -102.58
CA ILE AA 495 -31.65 -13.06 -101.43
C ILE AA 495 -30.28 -12.53 -101.81
N ASN AA 496 -29.46 -13.32 -102.50
CA ASN AA 496 -28.13 -12.87 -102.88
C ASN AA 496 -28.18 -11.75 -103.91
N SER AA 497 -29.07 -11.86 -104.90
CA SER AA 497 -29.23 -10.76 -105.85
C SER AA 497 -29.73 -9.51 -105.14
N LYS AA 498 -30.66 -9.65 -104.20
CA LYS AA 498 -31.08 -8.51 -103.40
C LYS AA 498 -29.96 -8.04 -102.47
N GLY AA 499 -28.97 -8.88 -102.22
CA GLY AA 499 -27.84 -8.47 -101.41
C GLY AA 499 -28.16 -8.17 -99.97
N ILE AA 500 -28.95 -9.02 -99.31
CA ILE AA 500 -29.30 -8.78 -97.93
C ILE AA 500 -28.06 -8.97 -97.07
N GLU AA 501 -27.76 -7.97 -96.23
CA GLU AA 501 -26.61 -8.07 -95.34
C GLU AA 501 -26.94 -8.94 -94.13
N GLY AA 502 -26.00 -9.80 -93.76
CA GLY AA 502 -26.15 -10.62 -92.57
C GLY AA 502 -26.93 -11.90 -92.80
N LEU AA 503 -27.90 -11.86 -93.72
CA LEU AA 503 -28.77 -13.00 -93.98
C LEU AA 503 -28.42 -13.60 -95.34
N LYS AA 504 -28.00 -14.87 -95.34
CA LYS AA 504 -27.68 -15.59 -96.56
C LYS AA 504 -28.62 -16.78 -96.72
N VAL AA 505 -28.99 -17.04 -97.97
CA VAL AA 505 -29.77 -18.22 -98.33
C VAL AA 505 -28.99 -18.95 -99.42
N LYS AA 506 -28.75 -20.25 -99.21
CA LYS AA 506 -27.82 -20.99 -100.05
C LYS AA 506 -28.39 -22.36 -100.40
N VAL AA 507 -27.73 -23.02 -101.35
CA VAL AA 507 -28.29 -24.13 -102.11
C VAL AA 507 -27.32 -25.29 -102.16
N GLU AA 508 -27.86 -26.50 -102.31
CA GLU AA 508 -27.10 -27.70 -102.58
C GLU AA 508 -27.70 -28.43 -103.77
N SER AA 509 -26.84 -29.09 -104.56
CA SER AA 509 -27.29 -29.82 -105.73
C SER AA 509 -26.18 -30.75 -106.21
N TYR AA 510 -26.59 -31.80 -106.94
CA TYR AA 510 -25.64 -32.62 -107.67
C TYR AA 510 -26.31 -33.13 -108.94
N ASN AA 511 -25.50 -33.36 -109.96
CA ASN AA 511 -25.98 -33.57 -111.32
C ASN AA 511 -26.04 -35.05 -111.67
N GLN AA 512 -27.05 -35.42 -112.46
CA GLN AA 512 -27.11 -36.73 -113.09
C GLN AA 512 -27.83 -36.57 -114.42
N ASN AA 513 -27.62 -37.52 -115.32
CA ASN AA 513 -28.04 -37.36 -116.71
C ASN AA 513 -29.56 -37.32 -116.87
N ASN AA 514 -30.33 -37.70 -115.86
CA ASN AA 514 -31.78 -37.77 -116.00
C ASN AA 514 -32.51 -36.98 -114.91
N VAL AA 515 -31.94 -36.94 -113.71
CA VAL AA 515 -32.59 -36.30 -112.57
C VAL AA 515 -31.54 -35.56 -111.75
N THR AA 516 -32.01 -34.67 -110.88
CA THR AA 516 -31.14 -33.88 -110.01
C THR AA 516 -31.72 -33.84 -108.59
N GLY AA 517 -30.85 -34.03 -107.61
CA GLY AA 517 -31.22 -33.91 -106.22
C GLY AA 517 -30.91 -32.50 -105.72
N PHE AA 518 -31.57 -32.09 -104.64
CA PHE AA 518 -31.49 -30.69 -104.25
C PHE AA 518 -31.72 -30.51 -102.76
N ARG AA 519 -31.20 -29.40 -102.23
CA ARG AA 519 -31.64 -28.82 -100.98
C ARG AA 519 -31.35 -27.33 -101.00
N LEU AA 520 -32.11 -26.58 -100.21
CA LEU AA 520 -31.84 -25.17 -99.97
C LEU AA 520 -31.78 -24.93 -98.46
N ASN AA 521 -30.98 -23.94 -98.07
CA ASN AA 521 -30.77 -23.63 -96.65
C ASN AA 521 -30.72 -22.13 -96.45
N PHE AA 522 -31.10 -21.71 -95.24
CA PHE AA 522 -30.89 -20.36 -94.76
C PHE AA 522 -29.73 -20.32 -93.78
N SER AA 523 -29.01 -19.20 -93.78
CA SER AA 523 -27.88 -19.02 -92.87
C SER AA 523 -27.66 -17.53 -92.70
N GLY AA 524 -27.89 -17.02 -91.50
CA GLY AA 524 -27.77 -15.59 -91.25
C GLY AA 524 -27.37 -15.32 -89.82
N ASP AA 525 -27.05 -14.06 -89.54
CA ASP AA 525 -26.60 -13.66 -88.21
C ASP AA 525 -27.75 -13.42 -87.24
N GLY AA 526 -28.99 -13.47 -87.71
CA GLY AA 526 -30.13 -13.33 -86.80
C GLY AA 526 -30.28 -11.94 -86.23
N SER AA 527 -30.68 -10.96 -87.07
CA SER AA 527 -30.80 -9.58 -86.62
C SER AA 527 -32.19 -8.98 -86.81
N SER AA 528 -33.20 -9.77 -87.16
CA SER AA 528 -34.57 -9.24 -87.30
C SER AA 528 -35.55 -10.39 -87.24
N ASP AA 529 -36.83 -10.05 -87.04
CA ASP AA 529 -37.88 -11.05 -86.95
C ASP AA 529 -37.96 -11.84 -88.25
N PHE AA 530 -38.24 -13.14 -88.12
CA PHE AA 530 -38.07 -14.06 -89.24
C PHE AA 530 -38.89 -15.32 -89.03
N SER AA 531 -39.31 -15.93 -90.15
CA SER AA 531 -39.98 -17.22 -90.13
C SER AA 531 -40.18 -17.71 -91.56
N ILE AA 532 -40.02 -19.01 -91.76
CA ILE AA 532 -40.51 -19.69 -92.95
C ILE AA 532 -41.88 -20.26 -92.61
N LYS AA 533 -42.89 -19.93 -93.43
CA LYS AA 533 -44.27 -20.17 -93.08
C LYS AA 533 -44.99 -20.96 -94.16
N GLY AA 534 -46.01 -21.68 -93.72
CA GLY AA 534 -46.86 -22.48 -94.59
C GLY AA 534 -47.75 -23.35 -93.73
N ASP AA 535 -48.25 -24.45 -94.28
CA ASP AA 535 -48.84 -25.52 -93.49
C ASP AA 535 -47.77 -26.60 -93.35
N ALA AA 536 -47.36 -26.87 -92.11
CA ALA AA 536 -46.12 -27.61 -91.87
C ALA AA 536 -46.08 -28.90 -92.67
N ASN AA 537 -47.13 -29.71 -92.58
CA ASN AA 537 -47.14 -30.96 -93.34
C ASN AA 537 -47.18 -30.70 -94.84
N ILE AA 538 -47.90 -29.68 -95.28
CA ILE AA 538 -47.91 -29.32 -96.69
C ILE AA 538 -46.50 -28.98 -97.15
N LEU AA 539 -45.76 -28.25 -96.31
CA LEU AA 539 -44.35 -28.00 -96.60
C LEU AA 539 -43.59 -29.32 -96.68
N LYS AA 540 -43.86 -30.23 -95.75
CA LYS AA 540 -43.16 -31.52 -95.72
C LYS AA 540 -43.40 -32.29 -97.02
N GLU AA 541 -44.65 -32.41 -97.43
CA GLU AA 541 -44.93 -33.01 -98.73
C GLU AA 541 -44.35 -32.18 -99.86
N LEU AA 542 -44.39 -30.86 -99.73
CA LEU AA 542 -43.78 -29.99 -100.73
C LEU AA 542 -42.26 -30.17 -100.76
N GLY AA 543 -41.67 -30.69 -99.69
CA GLY AA 543 -40.24 -30.92 -99.65
C GLY AA 543 -39.54 -29.97 -98.70
N LEU AA 544 -40.30 -29.39 -97.78
CA LEU AA 544 -39.83 -28.30 -96.92
C LEU AA 544 -40.44 -28.48 -95.54
N SER AA 545 -40.09 -27.59 -94.62
CA SER AA 545 -40.65 -27.64 -93.27
C SER AA 545 -40.64 -26.27 -92.63
N ASP AA 546 -41.68 -26.00 -91.84
CA ASP AA 546 -41.82 -24.71 -91.19
C ASP AA 546 -40.77 -24.53 -90.11
N VAL AA 547 -40.39 -23.28 -89.86
CA VAL AA 547 -39.47 -22.94 -88.79
C VAL AA 547 -39.71 -21.50 -88.35
N ASN AA 548 -39.66 -21.29 -87.04
CA ASN AA 548 -39.85 -19.98 -86.44
C ASN AA 548 -38.91 -19.87 -85.24
N ILE AA 549 -38.70 -18.64 -84.78
CA ILE AA 549 -37.83 -18.38 -83.63
C ILE AA 549 -38.69 -17.83 -82.50
N THR AA 550 -38.64 -18.47 -81.34
CA THR AA 550 -39.36 -18.00 -80.17
C THR AA 550 -38.55 -16.92 -79.47
N SER AA 551 -39.22 -15.83 -79.11
CA SER AA 551 -38.52 -14.64 -78.62
C SER AA 551 -37.80 -14.93 -77.31
N LYS AA 552 -36.56 -14.43 -77.21
CA LYS AA 552 -35.77 -14.51 -76.00
C LYS AA 552 -34.84 -13.30 -75.96
N PRO AA 553 -34.44 -12.84 -74.78
CA PRO AA 553 -33.60 -11.63 -74.68
C PRO AA 553 -32.12 -11.97 -74.78
N ILE AA 554 -31.43 -11.28 -75.68
CA ILE AA 554 -29.98 -11.42 -75.82
C ILE AA 554 -29.37 -10.08 -76.22
N GLU AA 555 -28.50 -9.53 -75.37
CA GLU AA 555 -27.82 -8.28 -75.65
C GLU AA 555 -26.48 -8.28 -74.94
N GLY AA 556 -25.58 -7.42 -75.40
CA GLY AA 556 -24.26 -7.33 -74.81
C GLY AA 556 -23.35 -6.40 -75.58
N LYS AA 557 -22.04 -6.62 -75.45
CA LYS AA 557 -21.03 -5.80 -76.14
C LYS AA 557 -21.06 -4.37 -75.59
N GLY AA 558 -20.22 -3.50 -76.13
CA GLY AA 558 -20.15 -2.15 -75.62
C GLY AA 558 -19.15 -2.06 -74.49
N ILE AA 559 -18.60 -0.86 -74.26
CA ILE AA 559 -17.54 -0.74 -73.28
C ILE AA 559 -18.06 -1.08 -71.89
N PHE AA 560 -19.25 -0.59 -71.55
CA PHE AA 560 -19.80 -0.85 -70.23
C PHE AA 560 -20.01 -2.33 -70.01
N SER AA 561 -20.33 -3.07 -71.07
CA SER AA 561 -20.51 -4.52 -70.94
C SER AA 561 -19.21 -5.18 -70.47
N LYS AA 562 -18.09 -4.77 -71.04
CA LYS AA 562 -16.80 -5.28 -70.57
C LYS AA 562 -16.38 -4.63 -69.28
N LEU AA 563 -16.70 -3.35 -69.09
CA LEU AA 563 -16.28 -2.65 -67.89
C LEU AA 563 -16.93 -3.26 -66.65
N LYS AA 564 -18.22 -3.57 -66.72
CA LYS AA 564 -18.85 -4.31 -65.63
C LYS AA 564 -18.19 -5.67 -65.46
N ALA AA 565 -17.85 -6.32 -66.58
CA ALA AA 565 -17.21 -7.62 -66.51
C ALA AA 565 -15.86 -7.54 -65.80
N THR AA 566 -15.09 -6.50 -66.12
CA THR AA 566 -13.81 -6.31 -65.44
C THR AA 566 -14.00 -6.19 -63.93
N LEU AA 567 -14.91 -5.31 -63.50
CA LEU AA 567 -15.17 -5.16 -62.08
C LEU AA 567 -15.61 -6.47 -61.47
N GLN AA 568 -16.44 -7.24 -62.19
CA GLN AA 568 -16.83 -8.56 -61.73
C GLN AA 568 -15.61 -9.47 -61.62
N GLU AA 569 -14.70 -9.40 -62.58
CA GLU AA 569 -13.50 -10.23 -62.53
C GLU AA 569 -12.69 -9.94 -61.28
N MET AA 570 -12.49 -8.67 -60.94
CA MET AA 570 -11.71 -8.32 -59.76
C MET AA 570 -12.43 -8.77 -58.48
N THR AA 571 -13.72 -8.47 -58.39
CA THR AA 571 -14.46 -8.74 -57.15
C THR AA 571 -14.75 -10.23 -56.98
N GLY AA 572 -14.64 -11.01 -58.05
CA GLY AA 572 -15.04 -12.40 -58.02
C GLY AA 572 -14.34 -13.25 -56.97
N LYS AA 573 -14.73 -14.51 -56.89
CA LYS AA 573 -14.15 -15.41 -55.88
C LYS AA 573 -12.65 -15.54 -56.07
N ASP AA 574 -12.22 -16.03 -57.24
CA ASP AA 574 -10.81 -15.96 -57.59
C ASP AA 574 -10.40 -14.57 -58.05
N GLY AA 575 -11.36 -13.66 -58.18
CA GLY AA 575 -11.01 -12.29 -58.50
C GLY AA 575 -9.89 -11.79 -57.60
N SER AA 576 -9.03 -10.94 -58.15
CA SER AA 576 -7.83 -10.51 -57.45
C SER AA 576 -8.15 -9.99 -56.06
N ILE AA 577 -9.22 -9.19 -55.93
CA ILE AA 577 -9.56 -8.61 -54.63
C ILE AA 577 -9.84 -9.73 -53.64
N THR AA 578 -10.70 -10.68 -54.02
CA THR AA 578 -10.96 -11.83 -53.17
C THR AA 578 -9.73 -12.72 -53.08
N LYS AA 579 -8.92 -12.79 -54.15
CA LYS AA 579 -7.67 -13.52 -54.06
C LYS AA 579 -6.80 -12.95 -52.95
N TYR AA 580 -6.76 -11.62 -52.84
CA TYR AA 580 -5.99 -11.02 -51.76
C TYR AA 580 -6.72 -11.14 -50.42
N ASP AA 581 -8.05 -11.13 -50.43
CA ASP AA 581 -8.79 -11.52 -49.23
C ASP AA 581 -8.29 -12.87 -48.73
N GLU AA 582 -8.16 -13.84 -49.64
CA GLU AA 582 -7.58 -15.13 -49.29
C GLU AA 582 -6.15 -14.95 -48.82
N SER AA 583 -5.36 -14.13 -49.52
CA SER AA 583 -3.97 -13.93 -49.13
C SER AA 583 -3.87 -13.45 -47.69
N LEU AA 584 -4.65 -12.43 -47.33
CA LEU AA 584 -4.69 -12.00 -45.94
C LEU AA 584 -5.15 -13.13 -45.04
N THR AA 585 -6.19 -13.85 -45.46
CA THR AA 585 -6.65 -15.00 -44.71
C THR AA 585 -5.53 -16.02 -44.54
N ASN AA 586 -4.77 -16.27 -45.61
CA ASN AA 586 -3.68 -17.23 -45.52
C ASN AA 586 -2.59 -16.73 -44.58
N ASP AA 587 -2.31 -15.44 -44.62
CA ASP AA 587 -1.35 -14.87 -43.68
C ASP AA 587 -1.86 -15.00 -42.24
N ILE AA 588 -3.13 -14.64 -42.03
CA ILE AA 588 -3.67 -14.62 -40.67
C ILE AA 588 -3.73 -16.03 -40.11
N LYS AA 589 -4.16 -17.01 -40.92
CA LYS AA 589 -4.25 -18.37 -40.41
C LYS AA 589 -2.87 -18.87 -40.00
N SER AA 590 -1.86 -18.64 -40.83
CA SER AA 590 -0.51 -19.08 -40.50
C SER AA 590 0.02 -18.32 -39.29
N LEU AA 591 -0.18 -17.00 -39.27
CA LEU AA 591 0.28 -16.21 -38.14
C LEU AA 591 -0.37 -16.67 -36.84
N ASN AA 592 -1.69 -16.80 -36.86
CA ASN AA 592 -2.39 -17.25 -35.65
C ASN AA 592 -1.91 -18.64 -35.25
N THR AA 593 -1.81 -19.55 -36.22
CA THR AA 593 -1.31 -20.89 -35.93
C THR AA 593 0.06 -20.83 -35.28
N SER AA 594 0.99 -20.11 -35.92
CA SER AA 594 2.32 -19.98 -35.36
C SER AA 594 2.30 -19.23 -34.03
N LYS AA 595 1.54 -18.14 -33.95
CA LYS AA 595 1.48 -17.37 -32.72
C LYS AA 595 1.02 -18.22 -31.55
N ASP AA 596 -0.12 -18.89 -31.71
CA ASP AA 596 -0.67 -19.67 -30.62
C ASP AA 596 0.16 -20.92 -30.37
N SER AA 597 0.61 -21.57 -31.45
CA SER AA 597 1.55 -22.67 -31.30
C SER AA 597 2.76 -22.23 -30.49
N THR AA 598 3.31 -21.06 -30.83
CA THR AA 598 4.39 -20.49 -30.04
C THR AA 598 3.94 -20.30 -28.59
N GLN AA 599 2.74 -19.75 -28.40
CA GLN AA 599 2.25 -19.52 -27.05
C GLN AA 599 2.14 -20.81 -26.28
N ALA AA 600 1.56 -21.85 -26.89
CA ALA AA 600 1.44 -23.13 -26.21
C ALA AA 600 2.81 -23.73 -25.91
N MET AA 601 3.71 -23.69 -26.89
CA MET AA 601 5.07 -24.18 -26.65
C MET AA 601 5.71 -23.42 -25.50
N ILE AA 602 5.52 -22.10 -25.47
CA ILE AA 602 6.05 -21.30 -24.37
C ILE AA 602 5.49 -21.80 -23.04
N ASP AA 603 4.17 -21.95 -22.97
CA ASP AA 603 3.54 -22.36 -21.73
C ASP AA 603 4.04 -23.73 -21.27
N THR AA 604 4.07 -24.69 -22.19
CA THR AA 604 4.48 -26.04 -21.84
C THR AA 604 5.92 -26.05 -21.34
N ARG AA 605 6.82 -25.35 -22.03
CA ARG AA 605 8.23 -25.39 -21.66
C ARG AA 605 8.45 -24.73 -20.30
N TYR AA 606 7.92 -23.52 -20.12
CA TYR AA 606 8.11 -22.83 -18.85
C TYR AA 606 7.52 -23.64 -17.70
N ASP AA 607 6.27 -24.08 -17.85
CA ASP AA 607 5.64 -24.86 -16.79
C ASP AA 607 6.43 -26.11 -16.48
N THR AA 608 7.03 -26.72 -17.50
CA THR AA 608 7.92 -27.86 -17.26
C THR AA 608 9.10 -27.46 -16.40
N MET AA 609 9.77 -26.37 -16.78
CA MET AA 609 10.92 -25.92 -16.02
C MET AA 609 10.52 -25.46 -14.62
N ALA AA 610 9.50 -24.62 -14.53
CA ALA AA 610 9.12 -24.07 -13.23
C ALA AA 610 8.78 -25.18 -12.25
N ASN AA 611 8.01 -26.17 -12.71
CA ASN AA 611 7.69 -27.30 -11.84
C ASN AA 611 8.95 -28.01 -11.39
N GLN AA 612 9.86 -28.30 -12.33
CA GLN AA 612 11.11 -28.96 -11.98
C GLN AA 612 11.91 -28.12 -11.01
N TRP AA 613 12.01 -26.82 -11.28
CA TRP AA 613 12.71 -25.93 -10.35
C TRP AA 613 12.01 -25.89 -9.01
N LEU AA 614 10.69 -25.74 -9.00
CA LEU AA 614 9.97 -25.59 -7.74
C LEU AA 614 10.25 -26.77 -6.81
N GLN AA 615 10.39 -27.97 -7.37
CA GLN AA 615 10.82 -29.10 -6.56
C GLN AA 615 12.11 -28.77 -5.83
N TYR AA 616 13.09 -28.25 -6.58
CA TYR AA 616 14.36 -27.88 -5.97
C TYR AA 616 14.19 -26.74 -4.99
N GLU AA 617 13.42 -25.72 -5.37
CA GLU AA 617 13.17 -24.60 -4.46
C GLU AA 617 12.47 -25.07 -3.19
N SER AA 618 11.44 -25.91 -3.35
CA SER AA 618 10.81 -26.52 -2.19
C SER AA 618 11.81 -27.41 -1.44
N ILE AA 619 12.58 -28.20 -2.20
CA ILE AA 619 13.67 -28.95 -1.59
C ILE AA 619 14.66 -27.99 -0.94
N LEU AA 620 15.01 -26.94 -1.66
CA LEU AA 620 15.92 -25.93 -1.12
C LEU AA 620 15.37 -25.36 0.18
N ASN AA 621 14.06 -25.15 0.25
CA ASN AA 621 13.45 -24.73 1.51
C ASN AA 621 13.68 -25.75 2.61
N LYS AA 622 13.14 -26.96 2.45
CA LYS AA 622 13.25 -27.96 3.49
C LYS AA 622 14.70 -28.15 3.89
N LEU AA 623 15.61 -28.08 2.92
CA LEU AA 623 17.03 -28.11 3.22
C LEU AA 623 17.41 -26.96 4.14
N ASN AA 624 16.83 -25.77 3.88
CA ASN AA 624 17.19 -24.60 4.68
C ASN AA 624 16.81 -24.76 6.13
N GLN AA 625 15.59 -25.23 6.41
CA GLN AA 625 15.24 -25.43 7.81
C GLN AA 625 16.19 -26.38 8.50
N GLN AA 626 16.79 -27.30 7.76
CA GLN AA 626 17.86 -28.12 8.33
C GLN AA 626 19.07 -27.25 8.64
N LEU AA 627 19.49 -26.42 7.69
CA LEU AA 627 20.66 -25.59 7.90
C LEU AA 627 20.47 -24.63 9.07
N ASN AA 628 19.38 -23.87 9.06
CA ASN AA 628 19.14 -22.96 10.17
C ASN AA 628 18.90 -23.74 11.46
N THR AA 629 18.28 -24.91 11.35
CA THR AA 629 18.10 -25.75 12.52
C THR AA 629 19.45 -26.10 13.14
N VAL AA 630 20.37 -26.63 12.33
CA VAL AA 630 21.69 -26.96 12.85
C VAL AA 630 22.43 -25.69 13.26
N THR AA 631 22.17 -24.58 12.57
CA THR AA 631 22.74 -23.31 13.01
C THR AA 631 22.25 -22.96 14.41
N ASN AA 632 20.97 -23.20 14.68
CA ASN AA 632 20.47 -23.01 16.05
C ASN AA 632 21.26 -23.86 17.03
N MET AA 633 21.58 -25.10 16.66
CA MET AA 633 22.44 -25.91 17.50
C MET AA 633 23.79 -25.24 17.70
N ILE AA 634 24.37 -24.69 16.64
CA ILE AA 634 25.61 -23.95 16.78
C ILE AA 634 25.42 -22.79 17.74
N ASN AA 635 24.30 -22.07 17.61
CA ASN AA 635 23.96 -21.06 18.59
C ASN AA 635 23.80 -21.68 19.96
N ALA AA 636 23.04 -22.77 20.05
CA ALA AA 636 22.88 -23.47 21.32
C ALA AA 636 24.23 -23.94 21.86
N ALA AA 637 25.13 -24.37 20.97
CA ALA AA 637 26.47 -24.73 21.41
C ALA AA 637 27.17 -23.54 22.07
N ASN AA 638 26.93 -22.33 21.56
CA ASN AA 638 27.47 -21.14 22.20
C ASN AA 638 26.67 -20.78 23.44
N ASN AA 639 25.37 -21.06 23.43
CA ASN AA 639 24.50 -20.63 24.53
C ASN AA 639 24.56 -21.60 25.71
N SER AA 640 24.38 -22.89 25.46
CA SER AA 640 24.33 -23.86 26.55
C SER AA 640 25.71 -24.06 27.18
#